data_5UK4
#
_entry.id   5UK4
#
_cell.length_a   147.555
_cell.length_b   156.008
_cell.length_c   217.450
_cell.angle_alpha   79.24
_cell.angle_beta   75.66
_cell.angle_gamma   62.27
#
_symmetry.space_group_name_H-M   'P 1'
#
loop_
_entity.id
_entity.type
_entity.pdbx_description
1 polymer Nucleoprotein
2 polymer 'Anti-vesicular stomatitis virus N VHH'
3 polymer 'RNA (45-MER)'
#
loop_
_entity_poly.entity_id
_entity_poly.type
_entity_poly.pdbx_seq_one_letter_code
_entity_poly.pdbx_strand_id
1 'polypeptide(L)'
;MSVTVKRIIDNTVIVPKLPANEDPVEYPADYFRKSKEIPLYINTTKSLSDLRGYVYQGLKSGNVSIIHVNSYLYGALKDI
RGKLDKDWSSFGINIGKAGDTIGIFDLVSLKALDGVLPDGVSDASRTSADDKWLPLYLLGLYRVGRTQMPEYRKKLMDGL
TNQCKMINEQFEPLVPEGRDIFDVWGNDSNYTKIVAAVDMFFHMFKKHECASFRYGTIVSRFKDCAALATFGHLCKITGM
STEDVTTWILNREVADEMVQMMLPGQEIDKADSYMPYLIDFGLSSKSPYSSVKNPAFHFWGQLTALLLRSTRARNARQPD
DIEYTSLTTAGLLYAYAVGSSADLAQQFCVGDNKYTPDDSTGGLTTNAPPQGRDVVEWLGWFEDQNRKPTPDMMQYAKRA
VMSLQGLREKTIGKYAKSEFDK
;
P,B,Q,C,R,D,S,E,T,K,L,N,M,F,G,H,I,O,J,A
2 'polypeptide(L)'
;QVQLVETGGGLVQTGGSLRLSCKASGRTFSNSIMGWFRQAPGKERDFVAKISWRNDYTTYADSVKGRFTISRDNASNMVY
LLMNNLKPEDTAVYYCAATKAYNGGETSGRGFYYWGQGTQVTVSSGGLPETGGHHHHHH
;
p,b,q,c,r,d,s,e,t,k,l,n,m,f,g,h,i,o,j,a
3 'polyribonucleotide' UUUUUUUUUUUUUUUUUUUUUUUUUUUUUUUUUUUUUUUUUUUUU u,v,w,x
#
loop_
_chem_comp.id
_chem_comp.type
_chem_comp.name
_chem_comp.formula
U RNA linking URIDINE-5'-MONOPHOSPHATE 'C9 H13 N2 O9 P'
#
# COMPACT_ATOMS: atom_id res chain seq x y z
N SER A 2 0.65 -25.46 -79.86
CA SER A 2 -0.76 -25.77 -79.72
C SER A 2 -1.07 -27.14 -80.32
N VAL A 3 -1.17 -28.15 -79.45
CA VAL A 3 -1.38 -29.53 -79.89
C VAL A 3 -2.68 -30.05 -79.26
N THR A 4 -3.30 -31.01 -79.94
CA THR A 4 -4.57 -31.55 -79.51
C THR A 4 -4.39 -32.55 -78.36
N VAL A 5 -5.23 -32.42 -77.33
CA VAL A 5 -5.20 -33.31 -76.17
C VAL A 5 -6.61 -33.85 -75.94
N LYS A 6 -6.71 -35.17 -75.77
CA LYS A 6 -7.99 -35.83 -75.55
C LYS A 6 -7.93 -36.71 -74.32
N ARG A 7 -9.05 -36.79 -73.62
CA ARG A 7 -9.22 -37.70 -72.48
C ARG A 7 -9.40 -39.11 -73.00
N ILE A 8 -8.50 -40.03 -72.61
CA ILE A 8 -8.45 -41.34 -73.23
C ILE A 8 -9.62 -42.24 -72.85
N ILE A 9 -10.40 -41.88 -71.82
CA ILE A 9 -11.47 -42.77 -71.39
C ILE A 9 -12.67 -42.68 -72.33
N ASP A 10 -12.95 -41.50 -72.88
CA ASP A 10 -14.10 -41.34 -73.77
C ASP A 10 -13.77 -40.51 -75.00
N ASN A 11 -12.49 -40.30 -75.31
CA ASN A 11 -12.04 -39.56 -76.50
C ASN A 11 -12.60 -38.14 -76.55
N THR A 12 -12.99 -37.58 -75.41
CA THR A 12 -13.37 -36.18 -75.35
C THR A 12 -12.16 -35.30 -75.66
N VAL A 13 -12.40 -34.14 -76.26
CA VAL A 13 -11.35 -33.21 -76.61
C VAL A 13 -11.28 -32.14 -75.53
N ILE A 14 -10.10 -31.94 -74.96
CA ILE A 14 -9.88 -30.94 -73.92
C ILE A 14 -8.81 -29.96 -74.39
N VAL A 15 -9.02 -28.68 -74.09
CA VAL A 15 -8.09 -27.63 -74.48
C VAL A 15 -7.55 -26.95 -73.24
N PRO A 16 -6.44 -27.42 -72.67
CA PRO A 16 -5.84 -26.74 -71.52
C PRO A 16 -5.28 -25.39 -71.93
N LYS A 17 -5.73 -24.33 -71.26
CA LYS A 17 -5.31 -22.97 -71.58
C LYS A 17 -5.22 -22.16 -70.30
N LEU A 18 -4.22 -21.28 -70.24
CA LEU A 18 -3.91 -20.50 -69.06
C LEU A 18 -4.34 -19.04 -69.24
N PRO A 19 -4.63 -18.34 -68.15
CA PRO A 19 -4.88 -16.89 -68.26
C PRO A 19 -3.62 -16.17 -68.71
N ALA A 20 -3.78 -15.28 -69.67
CA ALA A 20 -2.65 -14.55 -70.23
C ALA A 20 -2.36 -13.30 -69.42
N ASN A 21 -1.12 -12.84 -69.52
CA ASN A 21 -0.71 -11.55 -68.97
C ASN A 21 0.29 -10.94 -69.94
N GLU A 22 -0.07 -9.79 -70.52
CA GLU A 22 0.79 -9.14 -71.50
C GLU A 22 2.13 -8.76 -70.88
N ASP A 23 2.15 -7.66 -70.14
CA ASP A 23 3.37 -7.06 -69.62
C ASP A 23 4.44 -6.91 -70.72
N PRO A 24 4.11 -6.31 -71.86
CA PRO A 24 5.10 -6.20 -72.93
C PRO A 24 6.24 -5.28 -72.51
N VAL A 25 7.41 -5.57 -73.04
CA VAL A 25 8.62 -4.82 -72.73
C VAL A 25 8.75 -3.66 -73.70
N GLU A 26 9.20 -2.51 -73.19
CA GLU A 26 9.48 -1.33 -74.00
C GLU A 26 10.98 -1.08 -73.99
N TYR A 27 11.56 -0.94 -75.17
CA TYR A 27 13.00 -0.69 -75.30
C TYR A 27 13.27 0.81 -75.39
N PRO A 28 14.47 1.24 -75.00
CA PRO A 28 14.78 2.68 -75.06
C PRO A 28 14.86 3.22 -76.48
N ALA A 29 15.36 2.42 -77.43
CA ALA A 29 15.45 2.89 -78.81
C ALA A 29 14.09 3.02 -79.47
N ASP A 30 13.06 2.33 -78.95
CA ASP A 30 11.71 2.45 -79.47
C ASP A 30 11.02 3.74 -79.03
N TYR A 31 11.64 4.51 -78.16
CA TYR A 31 11.10 5.80 -77.75
C TYR A 31 11.65 6.95 -78.58
N PHE A 32 12.91 6.86 -79.00
CA PHE A 32 13.55 7.97 -79.70
C PHE A 32 13.19 8.03 -81.18
N ARG A 33 12.68 6.93 -81.75
CA ARG A 33 12.21 6.99 -83.13
C ARG A 33 10.89 7.73 -83.25
N LYS A 34 10.08 7.74 -82.19
CA LYS A 34 8.86 8.54 -82.18
C LYS A 34 9.17 10.01 -81.93
N SER A 35 9.73 10.33 -80.77
CA SER A 35 10.14 11.69 -80.43
C SER A 35 11.66 11.73 -80.28
N LYS A 36 12.28 12.77 -80.84
CA LYS A 36 13.73 12.91 -80.83
C LYS A 36 14.22 13.70 -79.62
N GLU A 37 13.43 13.80 -78.56
CA GLU A 37 13.81 14.56 -77.38
C GLU A 37 12.82 14.22 -76.26
N ILE A 38 13.29 14.33 -75.02
CA ILE A 38 12.49 14.02 -73.84
C ILE A 38 12.03 15.35 -73.23
N PRO A 39 10.72 15.62 -73.17
CA PRO A 39 10.26 16.92 -72.67
C PRO A 39 10.14 16.98 -71.15
N LEU A 40 10.82 17.95 -70.55
CA LEU A 40 10.71 18.22 -69.12
C LEU A 40 9.67 19.31 -68.88
N TYR A 41 8.80 19.09 -67.90
CA TYR A 41 7.75 20.04 -67.56
C TYR A 41 8.10 20.74 -66.25
N ILE A 42 8.26 22.06 -66.31
CA ILE A 42 8.75 22.84 -65.17
C ILE A 42 8.01 24.17 -65.12
N ASN A 43 7.99 24.76 -63.94
CA ASN A 43 7.45 26.10 -63.73
C ASN A 43 8.61 27.05 -63.48
N THR A 44 8.66 28.15 -64.23
CA THR A 44 9.77 29.10 -64.17
C THR A 44 9.33 30.48 -63.70
N THR A 45 8.14 30.62 -63.14
CA THR A 45 7.61 31.92 -62.74
C THR A 45 8.39 32.50 -61.57
N LYS A 46 8.27 31.89 -60.40
CA LYS A 46 8.88 32.43 -59.19
C LYS A 46 10.40 32.37 -59.27
N SER A 47 11.05 33.16 -58.41
CA SER A 47 12.49 33.32 -58.43
C SER A 47 13.16 32.27 -57.53
N LEU A 48 14.49 32.22 -57.65
CA LEU A 48 15.27 31.24 -56.88
C LEU A 48 15.30 31.61 -55.40
N SER A 49 15.44 32.90 -55.09
CA SER A 49 15.53 33.31 -53.69
C SER A 49 14.23 33.04 -52.94
N ASP A 50 13.09 33.20 -53.61
CA ASP A 50 11.81 32.90 -52.99
C ASP A 50 11.61 31.39 -52.85
N LEU A 51 11.85 30.65 -53.94
CA LEU A 51 11.67 29.21 -53.91
C LEU A 51 12.57 28.54 -52.87
N ARG A 52 13.72 29.14 -52.57
CA ARG A 52 14.58 28.61 -51.52
C ARG A 52 13.87 28.64 -50.16
N GLY A 53 13.08 29.68 -49.91
CA GLY A 53 12.31 29.76 -48.69
C GLY A 53 11.08 28.87 -48.73
N TYR A 54 10.42 28.81 -49.90
CA TYR A 54 9.31 27.90 -50.08
C TYR A 54 9.70 26.46 -49.76
N VAL A 55 10.87 26.03 -50.22
CA VAL A 55 11.28 24.65 -50.02
C VAL A 55 11.98 24.45 -48.68
N TYR A 56 12.65 25.48 -48.15
CA TYR A 56 13.24 25.34 -46.82
C TYR A 56 12.15 25.20 -45.76
N GLN A 57 11.21 26.13 -45.73
CA GLN A 57 10.07 25.99 -44.83
C GLN A 57 9.15 24.85 -45.25
N GLY A 58 9.19 24.45 -46.52
CA GLY A 58 8.42 23.29 -46.94
C GLY A 58 8.96 22.01 -46.34
N LEU A 59 10.28 21.91 -46.22
CA LEU A 59 10.88 20.79 -45.51
C LEU A 59 10.66 20.92 -44.02
N LYS A 60 10.76 22.14 -43.49
CA LYS A 60 10.65 22.34 -42.04
C LYS A 60 9.31 21.87 -41.50
N SER A 61 8.28 21.87 -42.33
CA SER A 61 6.95 21.41 -41.95
C SER A 61 6.65 20.10 -42.69
N GLY A 62 5.39 19.69 -42.65
CA GLY A 62 4.97 18.50 -43.35
C GLY A 62 4.61 18.77 -44.80
N ASN A 63 4.20 19.99 -45.10
CA ASN A 63 3.72 20.34 -46.44
C ASN A 63 4.86 20.89 -47.29
N VAL A 64 4.99 20.36 -48.50
CA VAL A 64 5.91 20.88 -49.50
C VAL A 64 5.44 20.37 -50.86
N SER A 65 5.57 21.21 -51.88
CA SER A 65 5.13 20.88 -53.23
C SER A 65 6.33 20.41 -54.04
N ILE A 66 6.14 19.30 -54.76
CA ILE A 66 7.20 18.80 -55.64
C ILE A 66 7.43 19.73 -56.81
N ILE A 67 6.41 20.52 -57.19
CA ILE A 67 6.63 21.55 -58.20
C ILE A 67 7.60 22.61 -57.70
N HIS A 68 7.54 22.91 -56.40
CA HIS A 68 8.48 23.88 -55.82
C HIS A 68 9.90 23.31 -55.76
N VAL A 69 10.04 22.00 -55.54
CA VAL A 69 11.38 21.44 -55.43
C VAL A 69 11.99 21.17 -56.80
N ASN A 70 11.15 20.89 -57.80
CA ASN A 70 11.65 20.78 -59.17
C ASN A 70 12.02 22.16 -59.71
N SER A 71 11.10 23.12 -59.54
CA SER A 71 11.37 24.48 -59.98
C SER A 71 12.56 25.09 -59.26
N TYR A 72 12.77 24.71 -57.99
CA TYR A 72 13.96 25.16 -57.29
C TYR A 72 15.20 24.45 -57.79
N LEU A 73 15.12 23.14 -58.00
CA LEU A 73 16.27 22.37 -58.44
C LEU A 73 16.78 22.86 -59.80
N TYR A 74 15.86 23.26 -60.68
CA TYR A 74 16.28 23.87 -61.94
C TYR A 74 17.14 25.11 -61.69
N GLY A 75 16.63 26.04 -60.87
CA GLY A 75 17.37 27.27 -60.64
C GLY A 75 18.72 27.04 -59.96
N ALA A 76 18.72 26.23 -58.89
CA ALA A 76 19.96 25.91 -58.19
C ALA A 76 20.88 25.03 -59.03
N LEU A 77 20.40 24.49 -60.14
CA LEU A 77 21.20 23.66 -61.04
C LEU A 77 21.05 24.15 -62.47
N LYS A 78 21.23 25.45 -62.68
CA LYS A 78 21.26 26.04 -64.02
C LYS A 78 22.66 26.41 -64.47
N ASP A 79 23.47 26.97 -63.58
CA ASP A 79 24.84 27.37 -63.89
C ASP A 79 25.77 26.25 -63.45
N ILE A 80 26.06 25.34 -64.38
CA ILE A 80 27.01 24.25 -64.17
C ILE A 80 27.96 24.25 -65.35
N ARG A 81 29.25 24.44 -65.08
CA ARG A 81 30.24 24.62 -66.14
C ARG A 81 30.87 23.28 -66.47
N GLY A 82 30.45 22.69 -67.57
CA GLY A 82 31.07 21.47 -68.08
C GLY A 82 31.51 21.65 -69.50
N LYS A 83 32.70 21.12 -69.81
CA LYS A 83 33.29 21.24 -71.14
C LYS A 83 33.74 19.86 -71.60
N LEU A 84 33.18 19.39 -72.71
CA LEU A 84 33.40 18.03 -73.15
C LEU A 84 34.82 17.83 -73.66
N ASP A 85 35.28 16.59 -73.60
CA ASP A 85 36.56 16.19 -74.21
C ASP A 85 36.40 15.74 -75.65
N LYS A 86 35.21 15.26 -76.02
CA LYS A 86 34.93 14.80 -77.37
C LYS A 86 33.42 14.90 -77.59
N ASP A 87 33.02 14.67 -78.84
CA ASP A 87 31.60 14.76 -79.19
C ASP A 87 30.78 13.78 -78.36
N TRP A 88 29.72 14.29 -77.74
CA TRP A 88 28.80 13.47 -76.94
C TRP A 88 27.46 13.42 -77.65
N SER A 89 27.04 12.21 -78.01
CA SER A 89 25.77 11.99 -78.69
C SER A 89 25.26 10.61 -78.35
N SER A 90 23.93 10.47 -78.35
CA SER A 90 23.31 9.20 -78.01
C SER A 90 21.92 9.14 -78.63
N PHE A 91 21.58 7.99 -79.21
CA PHE A 91 20.28 7.75 -79.83
C PHE A 91 19.94 8.83 -80.86
N GLY A 92 20.97 9.31 -81.56
CA GLY A 92 20.77 10.36 -82.54
C GLY A 92 20.49 11.73 -81.96
N ILE A 93 20.94 11.99 -80.74
CA ILE A 93 20.76 13.29 -80.09
C ILE A 93 22.15 13.82 -79.76
N ASN A 94 22.67 14.71 -80.60
CA ASN A 94 23.98 15.32 -80.38
C ASN A 94 23.84 16.38 -79.30
N ILE A 95 23.97 15.94 -78.04
CA ILE A 95 23.84 16.84 -76.90
C ILE A 95 25.07 17.70 -76.67
N GLY A 96 26.16 17.42 -77.38
CA GLY A 96 27.37 18.21 -77.28
C GLY A 96 28.32 17.84 -78.39
N LYS A 97 29.33 18.68 -78.59
CA LYS A 97 30.22 18.51 -79.74
C LYS A 97 31.62 18.99 -79.37
N ALA A 98 32.56 18.05 -79.35
CA ALA A 98 33.99 18.34 -79.17
C ALA A 98 34.25 19.14 -77.89
N GLY A 99 34.68 20.39 -78.04
CA GLY A 99 35.00 21.22 -76.89
C GLY A 99 33.87 22.14 -76.47
N ASP A 100 32.64 21.79 -76.86
CA ASP A 100 31.49 22.57 -76.47
C ASP A 100 31.33 22.58 -74.95
N THR A 101 30.75 23.66 -74.44
CA THR A 101 30.45 23.80 -73.03
C THR A 101 28.96 23.58 -72.81
N ILE A 102 28.62 22.46 -72.18
CA ILE A 102 27.22 22.09 -71.96
C ILE A 102 26.93 22.12 -70.48
N GLY A 103 25.65 22.33 -70.14
CA GLY A 103 25.17 22.31 -68.79
C GLY A 103 24.40 21.04 -68.47
N ILE A 104 23.95 20.96 -67.22
CA ILE A 104 23.26 19.76 -66.74
C ILE A 104 21.90 19.59 -67.41
N PHE A 105 21.38 20.62 -68.06
CA PHE A 105 20.06 20.57 -68.68
C PHE A 105 20.10 20.67 -70.20
N ASP A 106 21.25 20.38 -70.81
CA ASP A 106 21.28 20.23 -72.26
C ASP A 106 20.88 18.83 -72.70
N LEU A 107 20.78 17.88 -71.77
CA LEU A 107 20.35 16.53 -72.11
C LEU A 107 18.84 16.49 -72.36
N VAL A 108 18.08 17.29 -71.63
CA VAL A 108 16.63 17.35 -71.77
C VAL A 108 16.24 18.71 -72.36
N SER A 109 14.99 18.81 -72.79
CA SER A 109 14.43 20.05 -73.30
C SER A 109 13.40 20.58 -72.32
N LEU A 110 13.48 21.87 -72.03
CA LEU A 110 12.60 22.49 -71.06
C LEU A 110 11.27 22.87 -71.71
N LYS A 111 10.17 22.51 -71.05
CA LYS A 111 8.85 22.99 -71.41
C LYS A 111 8.31 23.82 -70.25
N ALA A 112 7.05 24.25 -70.37
CA ALA A 112 6.40 25.07 -69.36
C ALA A 112 5.25 24.28 -68.74
N LEU A 113 5.26 24.20 -67.40
CA LEU A 113 4.21 23.51 -66.69
C LEU A 113 3.04 24.45 -66.39
N VAL A 121 2.77 30.56 -47.72
CA VAL A 121 3.81 31.06 -46.84
C VAL A 121 5.15 31.13 -47.58
N SER A 122 6.05 31.98 -47.09
CA SER A 122 7.35 32.17 -47.72
C SER A 122 8.41 32.31 -46.62
N ASP A 123 9.64 32.60 -47.05
CA ASP A 123 10.77 32.80 -46.13
C ASP A 123 11.84 33.58 -46.89
N ALA A 124 12.78 34.14 -46.13
CA ALA A 124 13.81 34.97 -46.74
C ALA A 124 15.03 35.20 -45.86
N SER A 125 15.42 34.20 -45.06
CA SER A 125 16.54 34.35 -44.14
C SER A 125 17.81 33.65 -44.64
N ARG A 126 17.73 32.88 -45.72
CA ARG A 126 18.83 31.99 -46.08
C ARG A 126 19.88 32.65 -46.96
N THR A 127 19.46 33.41 -47.98
CA THR A 127 20.34 34.25 -48.80
C THR A 127 21.42 33.43 -49.52
N SER A 128 20.95 32.57 -50.43
CA SER A 128 21.76 31.96 -51.50
C SER A 128 23.03 31.28 -51.02
N ALA A 129 23.17 31.02 -49.72
CA ALA A 129 24.28 30.22 -49.22
C ALA A 129 23.92 28.75 -49.08
N ASP A 130 22.63 28.42 -49.07
CA ASP A 130 22.15 27.06 -48.90
C ASP A 130 21.92 26.35 -50.23
N ASP A 131 22.03 27.06 -51.35
CA ASP A 131 21.82 26.47 -52.67
C ASP A 131 22.94 25.53 -53.10
N LYS A 132 23.97 25.36 -52.28
CA LYS A 132 25.03 24.41 -52.60
C LYS A 132 24.75 23.02 -52.04
N TRP A 133 23.99 22.92 -50.94
CA TRP A 133 23.65 21.64 -50.35
C TRP A 133 22.19 21.27 -50.48
N LEU A 134 21.29 22.24 -50.62
CA LEU A 134 19.88 21.92 -50.79
C LEU A 134 19.62 21.04 -52.01
N PRO A 135 20.26 21.26 -53.16
CA PRO A 135 20.13 20.26 -54.24
C PRO A 135 20.63 18.88 -53.84
N LEU A 136 21.79 18.79 -53.18
CA LEU A 136 22.31 17.50 -52.74
C LEU A 136 21.32 16.81 -51.80
N TYR A 137 20.65 17.59 -50.95
CA TYR A 137 19.67 17.03 -50.03
C TYR A 137 18.44 16.52 -50.77
N LEU A 138 17.84 17.37 -51.60
CA LEU A 138 16.64 16.99 -52.33
C LEU A 138 16.90 15.82 -53.26
N LEU A 139 18.11 15.71 -53.80
CA LEU A 139 18.45 14.54 -54.63
C LEU A 139 18.66 13.31 -53.77
N GLY A 140 19.29 13.46 -52.61
CA GLY A 140 19.49 12.32 -51.72
C GLY A 140 18.19 11.75 -51.20
N LEU A 141 17.16 12.59 -51.06
CA LEU A 141 15.87 12.11 -50.57
C LEU A 141 15.22 11.14 -51.55
N TYR A 142 15.65 11.14 -52.82
CA TYR A 142 15.19 10.12 -53.77
C TYR A 142 15.72 8.74 -53.39
N ARG A 143 17.04 8.63 -53.24
CA ARG A 143 17.66 7.35 -52.88
C ARG A 143 17.22 6.89 -51.50
N VAL A 144 17.08 7.83 -50.57
CA VAL A 144 16.57 7.47 -49.24
C VAL A 144 15.14 6.98 -49.32
N GLY A 145 14.30 7.69 -50.09
CA GLY A 145 12.91 7.32 -50.23
C GLY A 145 12.66 6.07 -51.07
N ARG A 146 13.69 5.58 -51.76
CA ARG A 146 13.55 4.40 -52.61
C ARG A 146 13.62 3.08 -51.84
N THR A 147 13.57 3.10 -50.51
CA THR A 147 13.67 1.89 -49.71
C THR A 147 12.56 1.84 -48.67
N GLN A 148 12.20 0.61 -48.27
CA GLN A 148 11.17 0.39 -47.26
C GLN A 148 11.73 -0.25 -45.98
N MET A 149 13.04 -0.28 -45.82
CA MET A 149 13.64 -0.93 -44.66
C MET A 149 13.97 0.11 -43.60
N PRO A 150 13.46 -0.03 -42.38
CA PRO A 150 13.78 0.95 -41.33
C PRO A 150 15.20 0.82 -40.81
N GLU A 151 15.84 -0.34 -40.95
CA GLU A 151 17.24 -0.49 -40.58
C GLU A 151 18.16 0.11 -41.64
N TYR A 152 17.76 0.01 -42.91
CA TYR A 152 18.51 0.59 -44.03
C TYR A 152 18.35 2.09 -44.07
N ARG A 153 18.44 2.76 -42.91
CA ARG A 153 18.35 4.20 -42.84
C ARG A 153 19.72 4.84 -42.62
N LYS A 154 20.79 4.08 -42.84
CA LYS A 154 22.12 4.66 -42.98
C LYS A 154 22.20 5.58 -44.20
N LYS A 155 21.21 5.53 -45.09
CA LYS A 155 21.17 6.42 -46.24
C LYS A 155 20.83 7.85 -45.81
N LEU A 156 19.82 8.01 -44.95
CA LEU A 156 19.48 9.34 -44.44
C LEU A 156 20.63 9.96 -43.67
N MET A 157 21.58 9.15 -43.20
CA MET A 157 22.78 9.67 -42.56
C MET A 157 23.58 10.58 -43.50
N ASP A 158 23.27 10.57 -44.79
CA ASP A 158 23.84 11.56 -45.70
C ASP A 158 23.56 12.97 -45.20
N GLY A 159 22.30 13.23 -44.81
CA GLY A 159 21.99 14.51 -44.21
C GLY A 159 22.74 14.73 -42.92
N LEU A 160 23.00 13.65 -42.19
CA LEU A 160 23.79 13.73 -40.96
C LEU A 160 25.29 13.70 -41.24
N THR A 161 25.72 13.62 -42.50
CA THR A 161 27.14 13.55 -42.79
C THR A 161 27.53 14.22 -44.11
N ASN A 162 26.87 13.85 -45.21
CA ASN A 162 27.35 14.27 -46.52
C ASN A 162 27.04 15.74 -46.83
N GLN A 163 26.15 16.37 -46.08
CA GLN A 163 26.04 17.83 -46.14
C GLN A 163 26.91 18.52 -45.09
N CYS A 164 27.20 17.84 -43.99
CA CYS A 164 28.15 18.38 -43.01
C CYS A 164 29.54 18.51 -43.60
N LYS A 165 29.85 17.73 -44.64
CA LYS A 165 31.08 17.96 -45.40
C LYS A 165 31.07 19.32 -46.09
N MET A 166 29.88 19.82 -46.40
CA MET A 166 29.73 21.08 -47.13
C MET A 166 29.47 22.27 -46.21
N ILE A 167 28.64 22.10 -45.18
CA ILE A 167 28.44 23.12 -44.16
C ILE A 167 28.38 22.39 -42.82
N ASN A 168 29.33 22.73 -41.93
CA ASN A 168 29.55 21.94 -40.72
C ASN A 168 28.32 21.90 -39.82
N GLU A 169 27.42 22.88 -39.93
CA GLU A 169 26.25 22.95 -39.05
C GLU A 169 24.95 22.60 -39.76
N GLN A 170 25.02 21.83 -40.84
CA GLN A 170 23.79 21.39 -41.51
C GLN A 170 23.05 20.40 -40.61
N PHE A 171 21.73 20.50 -40.62
CA PHE A 171 20.88 19.58 -39.88
C PHE A 171 19.61 19.36 -40.69
N GLU A 172 19.16 18.10 -40.71
CA GLU A 172 18.00 17.65 -41.48
C GLU A 172 16.81 18.56 -41.23
N PRO A 173 16.48 19.45 -42.18
CA PRO A 173 15.38 20.38 -41.94
C PRO A 173 14.03 19.75 -42.27
N LEU A 174 13.90 18.45 -42.05
CA LEU A 174 12.69 17.72 -42.38
C LEU A 174 12.33 16.78 -41.24
N VAL A 175 11.04 16.70 -40.95
CA VAL A 175 10.49 15.99 -39.79
C VAL A 175 10.69 14.49 -39.98
N PRO A 176 10.76 13.69 -38.90
CA PRO A 176 10.67 12.22 -39.08
C PRO A 176 9.41 11.80 -39.81
N GLU A 177 8.27 12.38 -39.46
CA GLU A 177 7.05 12.20 -40.24
C GLU A 177 7.25 12.63 -41.69
N GLY A 178 8.26 13.45 -41.97
CA GLY A 178 8.61 13.80 -43.34
C GLY A 178 9.08 12.64 -44.18
N ARG A 179 9.30 11.47 -43.58
CA ARG A 179 9.49 10.26 -44.37
C ARG A 179 8.26 9.99 -45.23
N ASP A 180 7.08 10.36 -44.74
CA ASP A 180 5.86 10.29 -45.53
C ASP A 180 5.87 11.23 -46.72
N ILE A 181 6.89 12.07 -46.85
CA ILE A 181 6.94 13.11 -47.88
C ILE A 181 7.67 12.61 -49.11
N PHE A 182 9.01 12.53 -49.03
CA PHE A 182 9.82 12.28 -50.22
C PHE A 182 9.66 10.86 -50.79
N ASP A 183 8.65 10.09 -50.38
CA ASP A 183 8.33 8.85 -51.08
C ASP A 183 7.55 9.11 -52.35
N VAL A 184 6.63 10.08 -52.31
CA VAL A 184 5.84 10.44 -53.49
C VAL A 184 6.65 11.26 -54.50
N TRP A 185 7.80 11.80 -54.08
CA TRP A 185 8.62 12.56 -55.01
C TRP A 185 9.07 11.70 -56.19
N GLY A 186 9.25 10.40 -55.97
CA GLY A 186 9.59 9.51 -57.06
C GLY A 186 8.50 9.36 -58.09
N ASN A 187 7.25 9.65 -57.71
CA ASN A 187 6.13 9.57 -58.65
C ASN A 187 6.04 10.79 -59.56
N ASP A 188 6.75 11.88 -59.24
CA ASP A 188 6.78 13.05 -60.10
C ASP A 188 7.78 12.80 -61.22
N SER A 189 7.29 12.74 -62.46
CA SER A 189 8.15 12.35 -63.59
C SER A 189 9.32 13.31 -63.77
N ASN A 190 9.05 14.61 -63.69
CA ASN A 190 10.11 15.60 -63.94
C ASN A 190 11.21 15.52 -62.88
N TYR A 191 10.87 15.07 -61.67
CA TYR A 191 11.88 14.86 -60.64
C TYR A 191 12.83 13.74 -61.04
N THR A 192 12.29 12.59 -61.44
CA THR A 192 13.12 11.48 -61.91
C THR A 192 13.95 11.89 -63.12
N LYS A 193 13.38 12.73 -64.00
CA LYS A 193 14.16 13.26 -65.11
C LYS A 193 15.30 14.14 -64.61
N ILE A 194 15.05 14.91 -63.55
CA ILE A 194 16.10 15.77 -63.00
C ILE A 194 17.26 14.93 -62.48
N VAL A 195 16.96 13.95 -61.63
CA VAL A 195 18.04 13.12 -61.09
C VAL A 195 18.72 12.32 -62.20
N ALA A 196 17.97 11.91 -63.23
CA ALA A 196 18.56 11.18 -64.34
C ALA A 196 19.58 12.04 -65.09
N ALA A 197 19.17 13.25 -65.48
CA ALA A 197 20.09 14.15 -66.16
C ALA A 197 21.27 14.52 -65.26
N VAL A 198 21.05 14.60 -63.95
CA VAL A 198 22.13 14.92 -63.02
C VAL A 198 23.18 13.82 -63.04
N ASP A 199 22.77 12.58 -62.79
CA ASP A 199 23.75 11.50 -62.72
C ASP A 199 24.34 11.17 -64.09
N MET A 200 23.62 11.46 -65.17
CA MET A 200 24.20 11.31 -66.50
C MET A 200 25.30 12.34 -66.74
N PHE A 201 24.98 13.61 -66.51
CA PHE A 201 25.96 14.70 -66.66
C PHE A 201 27.19 14.44 -65.81
N PHE A 202 27.00 14.18 -64.51
CA PHE A 202 28.13 13.96 -63.61
C PHE A 202 28.79 12.61 -63.83
N HIS A 203 28.13 11.68 -64.54
CA HIS A 203 28.85 10.50 -65.01
C HIS A 203 29.80 10.88 -66.13
N MET A 204 29.40 11.83 -66.99
CA MET A 204 30.33 12.35 -67.99
C MET A 204 31.41 13.20 -67.33
N PHE A 205 31.01 14.08 -66.41
CA PHE A 205 31.94 14.97 -65.69
C PHE A 205 32.02 14.50 -64.25
N LYS A 206 32.93 13.56 -63.99
CA LYS A 206 33.09 12.99 -62.66
C LYS A 206 34.04 13.79 -61.77
N LYS A 207 35.01 14.48 -62.36
CA LYS A 207 35.95 15.27 -61.58
C LYS A 207 35.43 16.66 -61.25
N HIS A 208 34.19 16.98 -61.62
CA HIS A 208 33.61 18.27 -61.32
C HIS A 208 33.48 18.44 -59.81
N GLU A 209 33.50 19.70 -59.37
CA GLU A 209 33.42 19.99 -57.94
C GLU A 209 32.06 19.66 -57.34
N CYS A 210 31.04 19.49 -58.17
CA CYS A 210 29.70 19.16 -57.71
C CYS A 210 29.32 17.70 -57.97
N ALA A 211 30.32 16.85 -58.26
CA ALA A 211 30.04 15.44 -58.49
C ALA A 211 29.52 14.74 -57.24
N SER A 212 29.72 15.33 -56.06
CA SER A 212 29.15 14.78 -54.83
C SER A 212 27.63 14.72 -54.90
N PHE A 213 27.02 15.41 -55.86
CA PHE A 213 25.57 15.33 -56.05
C PHE A 213 25.12 13.97 -56.56
N ARG A 214 26.05 13.17 -57.10
CA ARG A 214 25.68 11.84 -57.58
C ARG A 214 25.13 10.98 -56.45
N TYR A 215 25.54 11.25 -55.21
CA TYR A 215 24.89 10.66 -54.05
C TYR A 215 23.40 10.96 -54.10
N GLY A 216 22.58 9.90 -54.02
CA GLY A 216 21.16 10.03 -54.13
C GLY A 216 20.62 9.86 -55.53
N THR A 217 21.42 10.20 -56.54
CA THR A 217 21.04 10.00 -57.94
C THR A 217 21.63 8.74 -58.54
N ILE A 218 22.61 8.12 -57.86
CA ILE A 218 23.32 6.98 -58.45
C ILE A 218 22.39 5.79 -58.61
N VAL A 219 21.34 5.70 -57.80
CA VAL A 219 20.39 4.60 -57.92
C VAL A 219 19.52 4.72 -59.16
N SER A 220 19.60 5.85 -59.86
CA SER A 220 18.86 5.99 -61.11
C SER A 220 19.58 5.33 -62.28
N ARG A 221 20.90 5.24 -62.21
CA ARG A 221 21.67 4.57 -63.27
C ARG A 221 21.42 3.07 -63.22
N PHE A 222 20.98 2.52 -64.35
CA PHE A 222 20.60 1.11 -64.45
C PHE A 222 19.51 0.76 -63.45
N LYS A 223 18.58 1.69 -63.23
CA LYS A 223 17.40 1.40 -62.44
C LYS A 223 16.54 0.39 -63.17
N ASP A 224 16.13 -0.67 -62.46
CA ASP A 224 15.41 -1.80 -63.04
C ASP A 224 16.28 -2.50 -64.10
N CYS A 225 17.53 -2.75 -63.74
CA CYS A 225 18.49 -3.42 -64.63
C CYS A 225 19.41 -4.31 -63.80
N ALA A 226 18.81 -5.31 -63.13
CA ALA A 226 19.59 -6.21 -62.28
C ALA A 226 20.17 -7.38 -63.07
N ALA A 227 19.34 -8.02 -63.90
CA ALA A 227 19.81 -9.21 -64.64
C ALA A 227 20.99 -8.87 -65.52
N LEU A 228 20.97 -7.72 -66.20
CA LEU A 228 22.10 -7.30 -67.01
C LEU A 228 23.36 -7.13 -66.17
N ALA A 229 23.20 -6.75 -64.91
CA ALA A 229 24.35 -6.64 -64.01
C ALA A 229 24.80 -8.00 -63.50
N THR A 230 23.86 -8.94 -63.31
CA THR A 230 24.24 -10.29 -62.93
C THR A 230 24.98 -10.99 -64.06
N PHE A 231 24.73 -10.59 -65.31
CA PHE A 231 25.50 -11.14 -66.42
C PHE A 231 26.96 -10.71 -66.31
N GLY A 232 27.20 -9.44 -65.97
CA GLY A 232 28.57 -9.00 -65.76
C GLY A 232 29.20 -9.61 -64.53
N HIS A 233 28.42 -9.77 -63.46
CA HIS A 233 28.92 -10.46 -62.28
C HIS A 233 29.30 -11.90 -62.60
N LEU A 234 28.58 -12.52 -63.53
CA LEU A 234 28.92 -13.88 -63.95
C LEU A 234 30.19 -13.88 -64.80
N CYS A 235 30.28 -12.96 -65.77
CA CYS A 235 31.49 -12.84 -66.58
C CYS A 235 32.71 -12.42 -65.78
N LYS A 236 32.52 -11.93 -64.56
CA LYS A 236 33.63 -11.56 -63.69
C LYS A 236 34.02 -12.68 -62.73
N ILE A 237 33.03 -13.30 -62.08
CA ILE A 237 33.34 -14.39 -61.16
C ILE A 237 33.84 -15.62 -61.92
N THR A 238 33.19 -15.96 -63.03
CA THR A 238 33.64 -17.10 -63.83
C THR A 238 35.02 -16.85 -64.42
N GLY A 239 35.28 -15.62 -64.84
CA GLY A 239 36.50 -15.31 -65.56
C GLY A 239 36.49 -15.63 -67.03
N MET A 240 35.31 -15.84 -67.61
CA MET A 240 35.15 -16.18 -69.01
C MET A 240 34.54 -15.01 -69.77
N SER A 241 34.80 -14.97 -71.07
CA SER A 241 34.29 -13.89 -71.90
C SER A 241 32.76 -13.93 -71.97
N THR A 242 32.19 -12.84 -72.49
CA THR A 242 30.74 -12.74 -72.58
C THR A 242 30.17 -13.84 -73.47
N GLU A 243 30.83 -14.14 -74.58
CA GLU A 243 30.34 -15.17 -75.49
C GLU A 243 30.49 -16.57 -74.92
N ASP A 244 31.66 -16.85 -74.32
CA ASP A 244 31.88 -18.15 -73.69
C ASP A 244 30.85 -18.41 -72.60
N VAL A 245 30.61 -17.41 -71.74
CA VAL A 245 29.57 -17.53 -70.73
C VAL A 245 28.20 -17.72 -71.39
N THR A 246 27.95 -17.02 -72.49
CA THR A 246 26.67 -17.12 -73.17
C THR A 246 26.43 -18.53 -73.70
N THR A 247 27.49 -19.24 -74.11
CA THR A 247 27.31 -20.60 -74.61
C THR A 247 26.90 -21.57 -73.50
N TRP A 248 27.21 -21.26 -72.25
CA TRP A 248 26.89 -22.14 -71.13
C TRP A 248 25.43 -22.03 -70.67
N ILE A 249 24.61 -21.28 -71.39
CA ILE A 249 23.18 -21.24 -71.09
C ILE A 249 22.56 -22.55 -71.55
N LEU A 250 21.96 -23.30 -70.61
CA LEU A 250 21.45 -24.63 -70.88
C LEU A 250 19.95 -24.73 -70.64
N ASN A 251 19.24 -23.60 -70.59
CA ASN A 251 17.81 -23.58 -70.36
C ASN A 251 17.15 -22.65 -71.37
N ARG A 252 15.96 -23.02 -71.84
CA ARG A 252 15.31 -22.26 -72.91
C ARG A 252 14.85 -20.89 -72.41
N GLU A 253 14.30 -20.83 -71.20
CA GLU A 253 13.89 -19.54 -70.65
C GLU A 253 15.07 -18.58 -70.56
N VAL A 254 16.23 -19.08 -70.09
CA VAL A 254 17.42 -18.24 -69.99
C VAL A 254 17.91 -17.84 -71.39
N ALA A 255 17.65 -18.67 -72.39
CA ALA A 255 18.01 -18.29 -73.76
C ALA A 255 17.13 -17.17 -74.27
N ASP A 256 15.81 -17.29 -74.08
CA ASP A 256 14.89 -16.24 -74.51
C ASP A 256 15.18 -14.93 -73.78
N GLU A 257 15.48 -15.00 -72.49
CA GLU A 257 15.81 -13.80 -71.74
C GLU A 257 17.14 -13.20 -72.19
N MET A 258 18.12 -14.05 -72.49
CA MET A 258 19.41 -13.56 -72.97
C MET A 258 19.28 -12.87 -74.32
N VAL A 259 18.43 -13.41 -75.20
CA VAL A 259 18.16 -12.72 -76.46
C VAL A 259 17.39 -11.44 -76.22
N GLN A 260 16.50 -11.45 -75.22
CA GLN A 260 15.70 -10.26 -74.91
C GLN A 260 16.58 -9.12 -74.43
N MET A 261 17.63 -9.42 -73.65
CA MET A 261 18.53 -8.37 -73.20
C MET A 261 19.46 -7.91 -74.31
N MET A 262 20.02 -8.84 -75.07
CA MET A 262 21.01 -8.54 -76.10
C MET A 262 20.39 -8.20 -77.45
N LEU A 263 19.21 -7.60 -77.47
CA LEU A 263 18.68 -7.06 -78.71
C LEU A 263 19.52 -5.87 -79.14
N PRO A 264 19.88 -5.77 -80.42
CA PRO A 264 20.78 -4.70 -80.85
C PRO A 264 20.08 -3.35 -80.95
N GLY A 265 20.88 -2.29 -80.78
CA GLY A 265 20.40 -0.94 -80.94
C GLY A 265 20.04 -0.20 -79.67
N GLN A 266 20.44 -0.70 -78.51
CA GLN A 266 20.10 -0.07 -77.23
C GLN A 266 21.30 0.54 -76.53
N GLU A 267 22.49 0.47 -77.13
CA GLU A 267 23.70 1.13 -76.62
C GLU A 267 24.05 0.68 -75.22
N ILE A 268 23.77 -0.59 -74.89
CA ILE A 268 24.10 -1.10 -73.57
C ILE A 268 25.60 -1.27 -73.37
N ASP A 269 26.40 -1.17 -74.43
CA ASP A 269 27.85 -1.17 -74.32
C ASP A 269 28.45 0.23 -74.32
N LYS A 270 27.67 1.24 -74.69
CA LYS A 270 28.16 2.61 -74.66
C LYS A 270 28.46 3.04 -73.22
N ALA A 271 29.55 3.78 -73.04
CA ALA A 271 29.91 4.25 -71.71
C ALA A 271 28.89 5.24 -71.17
N ASP A 272 28.69 6.35 -71.89
CA ASP A 272 27.79 7.42 -71.47
C ASP A 272 26.63 7.46 -72.46
N SER A 273 25.47 6.97 -72.02
CA SER A 273 24.30 6.89 -72.89
C SER A 273 23.04 7.19 -72.09
N TYR A 274 21.95 7.42 -72.81
CA TYR A 274 20.63 7.56 -72.19
C TYR A 274 20.07 6.23 -71.72
N MET A 275 20.74 5.12 -72.04
CA MET A 275 20.18 3.80 -71.71
C MET A 275 20.10 3.56 -70.20
N PRO A 276 21.17 3.74 -69.39
CA PRO A 276 21.08 3.39 -67.96
C PRO A 276 19.93 4.06 -67.22
N TYR A 277 19.44 5.18 -67.75
CA TYR A 277 18.37 5.96 -67.12
C TYR A 277 17.06 5.84 -67.89
N LEU A 278 16.81 4.69 -68.51
CA LEU A 278 15.64 4.54 -69.35
C LEU A 278 14.33 4.62 -68.56
N ILE A 279 14.36 4.25 -67.28
CA ILE A 279 13.14 4.25 -66.48
C ILE A 279 12.78 5.67 -66.04
N ASP A 280 13.72 6.36 -65.40
CA ASP A 280 13.43 7.70 -64.87
C ASP A 280 13.24 8.72 -65.99
N PHE A 281 14.02 8.61 -67.07
CA PHE A 281 13.87 9.52 -68.19
C PHE A 281 12.54 9.33 -68.92
N GLY A 282 11.85 8.21 -68.68
CA GLY A 282 10.61 7.94 -69.36
C GLY A 282 10.76 7.20 -70.67
N LEU A 283 11.94 6.65 -70.96
CA LEU A 283 12.15 5.92 -72.21
C LEU A 283 11.41 4.59 -72.23
N SER A 284 11.11 4.02 -71.07
CA SER A 284 10.47 2.71 -71.00
C SER A 284 9.75 2.58 -69.67
N SER A 285 8.49 2.15 -69.72
CA SER A 285 7.70 1.89 -68.52
C SER A 285 7.81 0.45 -68.04
N LYS A 286 8.60 -0.38 -68.74
CA LYS A 286 8.84 -1.76 -68.33
C LYS A 286 10.19 -2.15 -68.90
N SER A 287 11.20 -2.24 -68.04
CA SER A 287 12.56 -2.43 -68.50
C SER A 287 12.75 -3.81 -69.12
N PRO A 288 13.61 -3.92 -70.15
CA PRO A 288 13.96 -5.25 -70.69
C PRO A 288 15.00 -5.98 -69.86
N TYR A 289 15.76 -5.28 -69.03
CA TYR A 289 16.92 -5.84 -68.36
C TYR A 289 16.69 -6.07 -66.88
N SER A 290 15.44 -6.18 -66.46
CA SER A 290 15.09 -6.35 -65.06
C SER A 290 15.01 -7.83 -64.70
N SER A 291 15.26 -8.13 -63.43
CA SER A 291 15.10 -9.49 -62.89
C SER A 291 13.63 -9.88 -62.72
N VAL A 292 12.73 -9.08 -63.27
CA VAL A 292 11.31 -9.40 -63.31
C VAL A 292 10.88 -9.94 -64.67
N LYS A 293 11.46 -9.41 -65.74
CA LYS A 293 11.28 -9.96 -67.07
C LYS A 293 12.43 -10.87 -67.47
N ASN A 294 13.42 -11.07 -66.60
CA ASN A 294 14.49 -12.05 -66.82
C ASN A 294 14.76 -12.79 -65.52
N PRO A 295 13.77 -13.54 -65.01
CA PRO A 295 13.93 -14.16 -63.68
C PRO A 295 14.83 -15.40 -63.72
N ALA A 296 14.64 -16.26 -64.72
CA ALA A 296 15.40 -17.50 -64.80
C ALA A 296 16.89 -17.20 -65.01
N PHE A 297 17.20 -16.17 -65.79
CA PHE A 297 18.61 -15.79 -65.97
C PHE A 297 19.19 -15.25 -64.67
N HIS A 298 18.42 -14.46 -63.93
CA HIS A 298 18.91 -13.92 -62.67
C HIS A 298 19.20 -15.04 -61.67
N PHE A 299 18.25 -15.95 -61.50
CA PHE A 299 18.46 -17.09 -60.62
C PHE A 299 19.64 -17.94 -61.08
N TRP A 300 19.74 -18.17 -62.40
CA TRP A 300 20.80 -19.01 -62.95
C TRP A 300 22.18 -18.42 -62.68
N GLY A 301 22.41 -17.21 -63.18
CA GLY A 301 23.72 -16.59 -63.02
C GLY A 301 24.07 -16.28 -61.58
N GLN A 302 23.08 -15.86 -60.78
CA GLN A 302 23.35 -15.53 -59.39
C GLN A 302 23.67 -16.78 -58.58
N LEU A 303 22.88 -17.85 -58.76
CA LEU A 303 23.17 -19.10 -58.05
C LEU A 303 24.51 -19.67 -58.48
N THR A 304 24.77 -19.67 -59.79
CA THR A 304 26.06 -20.17 -60.29
C THR A 304 27.22 -19.37 -59.72
N ALA A 305 27.06 -18.04 -59.63
CA ALA A 305 28.10 -17.22 -59.02
C ALA A 305 28.26 -17.56 -57.55
N LEU A 306 27.16 -17.86 -56.86
CA LEU A 306 27.25 -18.25 -55.45
C LEU A 306 28.05 -19.54 -55.30
N LEU A 307 27.75 -20.56 -56.11
CA LEU A 307 28.54 -21.78 -56.09
C LEU A 307 30.01 -21.52 -56.43
N LEU A 308 30.30 -20.41 -57.13
CA LEU A 308 31.65 -19.97 -57.36
C LEU A 308 32.13 -18.97 -56.31
N ARG A 309 31.49 -18.97 -55.13
CA ARG A 309 31.95 -18.21 -53.96
C ARG A 309 31.86 -16.70 -54.18
N SER A 310 30.77 -16.26 -54.81
CA SER A 310 30.51 -14.84 -54.91
C SER A 310 30.06 -14.29 -53.56
N THR A 311 30.75 -13.25 -53.09
CA THR A 311 30.36 -12.62 -51.82
C THR A 311 29.04 -11.87 -51.93
N ARG A 312 28.57 -11.62 -53.16
CA ARG A 312 27.40 -10.80 -53.40
C ARG A 312 26.12 -11.62 -53.55
N ALA A 313 26.21 -12.82 -54.10
CA ALA A 313 25.03 -13.59 -54.44
C ALA A 313 24.21 -14.02 -53.21
N ARG A 314 24.81 -14.02 -52.02
CA ARG A 314 24.12 -14.51 -50.84
C ARG A 314 22.81 -13.78 -50.59
N ASN A 315 22.75 -12.50 -50.95
CA ASN A 315 21.59 -11.67 -50.67
C ASN A 315 20.67 -11.49 -51.88
N ALA A 316 21.03 -12.03 -53.04
CA ALA A 316 20.16 -11.96 -54.20
C ALA A 316 18.87 -12.70 -53.92
N ARG A 317 17.74 -12.06 -54.20
CA ARG A 317 16.44 -12.61 -53.84
C ARG A 317 15.96 -13.60 -54.89
N GLN A 318 15.38 -14.69 -54.40
CA GLN A 318 14.95 -15.79 -55.26
C GLN A 318 13.63 -15.45 -55.92
N PRO A 319 13.58 -15.36 -57.25
CA PRO A 319 12.31 -15.04 -57.94
C PRO A 319 11.32 -16.19 -57.82
N ASP A 320 10.08 -15.89 -58.18
CA ASP A 320 8.99 -16.85 -58.14
C ASP A 320 8.66 -17.37 -59.53
N ASP A 321 8.02 -18.53 -59.57
CA ASP A 321 7.49 -19.13 -60.80
C ASP A 321 8.59 -19.27 -61.86
N ILE A 322 9.60 -20.07 -61.53
CA ILE A 322 10.67 -20.43 -62.45
C ILE A 322 11.02 -21.90 -62.23
N GLU A 323 11.90 -22.42 -63.09
CA GLU A 323 12.33 -23.82 -63.03
C GLU A 323 13.51 -23.92 -62.08
N TYR A 324 13.21 -24.02 -60.77
CA TYR A 324 14.27 -24.09 -59.78
C TYR A 324 15.14 -25.33 -59.98
N THR A 325 14.53 -26.47 -60.31
CA THR A 325 15.29 -27.71 -60.45
C THR A 325 16.21 -27.65 -61.66
N SER A 326 15.65 -27.38 -62.84
CA SER A 326 16.45 -27.36 -64.07
C SER A 326 17.54 -26.28 -63.98
N LEU A 327 17.19 -25.11 -63.45
CA LEU A 327 18.18 -24.05 -63.35
C LEU A 327 19.26 -24.38 -62.33
N THR A 328 18.90 -25.10 -61.25
CA THR A 328 19.91 -25.48 -60.27
C THR A 328 20.87 -26.52 -60.84
N THR A 329 20.36 -27.47 -61.61
CA THR A 329 21.26 -28.43 -62.26
C THR A 329 22.14 -27.73 -63.29
N ALA A 330 21.56 -26.85 -64.09
CA ALA A 330 22.32 -26.14 -65.12
C ALA A 330 23.40 -25.26 -64.52
N GLY A 331 23.13 -24.66 -63.35
CA GLY A 331 24.14 -23.86 -62.68
C GLY A 331 25.16 -24.69 -61.93
N LEU A 332 24.75 -25.87 -61.46
CA LEU A 332 25.67 -26.76 -60.75
C LEU A 332 26.70 -27.36 -61.71
N LEU A 333 26.26 -27.74 -62.91
CA LEU A 333 27.20 -28.26 -63.90
C LEU A 333 28.19 -27.18 -64.33
N TYR A 334 27.69 -25.99 -64.67
CA TYR A 334 28.56 -24.88 -65.03
C TYR A 334 29.54 -24.57 -63.90
N ALA A 335 29.04 -24.52 -62.66
CA ALA A 335 29.89 -24.20 -61.52
C ALA A 335 30.97 -25.25 -61.31
N TYR A 336 30.61 -26.53 -61.42
CA TYR A 336 31.61 -27.58 -61.30
C TYR A 336 32.62 -27.53 -62.43
N ALA A 337 32.20 -27.06 -63.61
CA ALA A 337 33.13 -26.91 -64.73
C ALA A 337 34.14 -25.80 -64.46
N VAL A 338 33.67 -24.64 -63.96
CA VAL A 338 34.59 -23.55 -63.67
C VAL A 338 35.43 -23.84 -62.43
N GLY A 339 34.96 -24.70 -61.54
CA GLY A 339 35.70 -25.02 -60.34
C GLY A 339 36.76 -26.08 -60.54
N SER A 340 36.43 -27.12 -61.32
CA SER A 340 37.41 -28.17 -61.59
C SER A 340 38.48 -27.69 -62.55
N SER A 341 38.08 -26.91 -63.56
CA SER A 341 39.01 -26.45 -64.60
C SER A 341 39.60 -25.10 -64.19
N ALA A 342 40.67 -25.19 -63.39
CA ALA A 342 41.36 -23.96 -62.97
C ALA A 342 42.09 -23.31 -64.13
N ASP A 343 42.54 -24.11 -65.11
CA ASP A 343 43.23 -23.60 -66.31
C ASP A 343 44.45 -22.76 -65.94
N LEU A 344 45.26 -23.28 -65.03
CA LEU A 344 46.49 -22.61 -64.63
C LEU A 344 47.51 -22.71 -65.76
N ALA A 345 47.88 -21.56 -66.33
CA ALA A 345 48.83 -21.51 -67.44
C ALA A 345 49.94 -20.54 -67.07
N GLN A 346 51.18 -20.95 -67.28
CA GLN A 346 52.33 -20.10 -67.00
C GLN A 346 52.26 -18.82 -67.83
N GLN A 347 52.55 -17.69 -67.19
CA GLN A 347 52.45 -16.38 -67.83
C GLN A 347 53.81 -15.75 -68.12
N PHE A 348 54.79 -15.95 -67.25
CA PHE A 348 56.11 -15.36 -67.42
C PHE A 348 57.18 -16.44 -67.30
N CYS A 349 58.35 -16.14 -67.86
CA CYS A 349 59.49 -17.05 -67.82
C CYS A 349 60.77 -16.24 -67.70
N VAL A 350 61.79 -16.86 -67.11
CA VAL A 350 63.08 -16.20 -66.90
C VAL A 350 64.07 -16.65 -67.98
N GLY A 351 64.60 -17.87 -67.83
CA GLY A 351 65.56 -18.38 -68.79
C GLY A 351 64.91 -18.88 -70.06
N ASP A 352 63.79 -18.28 -70.42
CA ASP A 352 62.99 -18.68 -71.58
C ASP A 352 62.67 -20.17 -71.53
N ASN A 353 62.21 -20.62 -70.37
CA ASN A 353 61.74 -21.99 -70.17
C ASN A 353 60.28 -21.93 -69.74
N LYS A 354 59.39 -22.38 -70.61
CA LYS A 354 57.98 -22.51 -70.27
C LYS A 354 57.65 -23.96 -69.96
N TYR A 355 56.46 -24.17 -69.39
CA TYR A 355 55.98 -25.52 -69.14
C TYR A 355 55.74 -26.23 -70.47
N THR A 356 56.35 -27.40 -70.63
CA THR A 356 56.14 -28.22 -71.81
C THR A 356 55.33 -29.45 -71.42
N PRO A 357 54.07 -29.56 -71.86
CA PRO A 357 53.26 -30.71 -71.46
C PRO A 357 53.81 -32.01 -72.02
N ASP A 358 53.65 -33.08 -71.24
CA ASP A 358 54.13 -34.40 -71.63
C ASP A 358 52.99 -35.14 -72.32
N ASP A 359 53.15 -35.39 -73.61
CA ASP A 359 52.14 -36.10 -74.40
C ASP A 359 52.33 -37.61 -74.39
N SER A 360 53.37 -38.10 -73.71
CA SER A 360 53.66 -39.54 -73.65
C SER A 360 52.90 -40.25 -72.54
N THR A 361 51.75 -39.73 -72.12
CA THR A 361 50.92 -40.37 -71.10
C THR A 361 49.92 -41.27 -71.82
N GLY A 362 50.24 -42.55 -71.93
CA GLY A 362 49.44 -43.50 -72.67
C GLY A 362 48.59 -44.45 -71.87
N GLY A 363 48.48 -44.26 -70.55
CA GLY A 363 47.65 -45.13 -69.74
C GLY A 363 46.16 -44.98 -69.97
N LEU A 364 45.76 -44.00 -70.76
CA LEU A 364 44.35 -43.74 -71.11
C LEU A 364 43.52 -43.47 -69.84
N THR A 365 43.73 -42.28 -69.28
CA THR A 365 42.98 -41.84 -68.11
C THR A 365 41.62 -41.36 -68.59
N THR A 366 40.70 -42.30 -68.76
CA THR A 366 39.35 -42.01 -69.22
C THR A 366 38.40 -41.84 -68.04
N ASN A 367 37.13 -41.57 -68.36
CA ASN A 367 36.08 -41.34 -67.37
C ASN A 367 36.45 -40.24 -66.38
N ALA A 368 37.36 -39.35 -66.80
CA ALA A 368 37.84 -38.18 -66.10
C ALA A 368 37.24 -36.92 -66.71
N PRO A 369 36.92 -35.92 -65.90
CA PRO A 369 36.25 -34.70 -66.41
C PRO A 369 37.09 -34.03 -67.47
N PRO A 370 36.46 -33.20 -68.32
CA PRO A 370 37.21 -32.52 -69.38
C PRO A 370 38.31 -31.62 -68.82
N GLN A 371 39.26 -31.28 -69.69
CA GLN A 371 40.44 -30.52 -69.31
C GLN A 371 40.21 -29.01 -69.35
N GLY A 372 39.18 -28.55 -70.06
CA GLY A 372 38.89 -27.13 -70.12
C GLY A 372 37.50 -26.79 -69.63
N ARG A 373 36.90 -25.77 -70.25
CA ARG A 373 35.53 -25.35 -69.89
C ARG A 373 34.61 -25.35 -71.11
N ASP A 374 34.94 -26.13 -72.14
CA ASP A 374 34.11 -26.19 -73.33
C ASP A 374 32.76 -26.81 -72.99
N VAL A 375 31.68 -26.13 -73.40
CA VAL A 375 30.33 -26.63 -73.15
C VAL A 375 30.14 -27.99 -73.82
N VAL A 376 30.65 -28.14 -75.03
CA VAL A 376 30.40 -29.34 -75.83
C VAL A 376 31.03 -30.58 -75.18
N GLU A 377 32.12 -30.40 -74.44
CA GLU A 377 32.77 -31.53 -73.78
C GLU A 377 32.14 -31.85 -72.42
N TRP A 378 31.68 -30.83 -71.70
CA TRP A 378 31.10 -31.06 -70.38
C TRP A 378 29.67 -31.57 -70.49
N LEU A 379 28.96 -31.24 -71.57
CA LEU A 379 27.67 -31.87 -71.83
C LEU A 379 27.85 -33.36 -72.11
N GLY A 380 28.91 -33.72 -72.83
CA GLY A 380 29.15 -35.12 -73.13
C GLY A 380 29.62 -35.91 -71.92
N TRP A 381 30.50 -35.31 -71.11
CA TRP A 381 30.87 -35.94 -69.84
C TRP A 381 29.66 -36.05 -68.93
N PHE A 382 28.76 -35.07 -68.97
CA PHE A 382 27.56 -35.09 -68.15
C PHE A 382 26.60 -36.17 -68.63
N GLU A 383 26.57 -36.46 -69.93
CA GLU A 383 25.75 -37.56 -70.43
C GLU A 383 26.31 -38.92 -70.01
N ASP A 384 27.63 -39.01 -69.84
CA ASP A 384 28.23 -40.24 -69.30
C ASP A 384 27.86 -40.46 -67.84
N GLN A 385 27.31 -39.45 -67.17
CA GLN A 385 26.80 -39.59 -65.81
C GLN A 385 25.29 -39.76 -65.76
N ASN A 386 24.66 -40.05 -66.91
CA ASN A 386 23.21 -40.23 -67.00
C ASN A 386 22.46 -38.98 -66.57
N ARG A 387 23.03 -37.81 -66.89
CA ARG A 387 22.42 -36.50 -66.63
C ARG A 387 22.10 -36.30 -65.15
N LYS A 388 22.69 -37.09 -64.26
CA LYS A 388 22.51 -36.95 -62.82
C LYS A 388 23.82 -36.51 -62.18
N PRO A 389 23.80 -35.53 -61.29
CA PRO A 389 25.05 -35.02 -60.71
C PRO A 389 25.79 -36.09 -59.93
N THR A 390 27.09 -36.24 -60.24
CA THR A 390 27.93 -37.18 -59.53
C THR A 390 28.08 -36.77 -58.06
N PRO A 391 28.45 -37.71 -57.19
CA PRO A 391 28.65 -37.34 -55.78
C PRO A 391 29.69 -36.26 -55.56
N ASP A 392 30.72 -36.17 -56.41
CA ASP A 392 31.73 -35.14 -56.24
C ASP A 392 31.19 -33.76 -56.61
N MET A 393 30.22 -33.70 -57.51
CA MET A 393 29.59 -32.43 -57.84
C MET A 393 28.76 -31.92 -56.66
N MET A 394 27.87 -32.77 -56.14
CA MET A 394 27.05 -32.40 -54.99
C MET A 394 27.92 -32.10 -53.78
N GLN A 395 29.06 -32.79 -53.64
CA GLN A 395 29.98 -32.49 -52.55
C GLN A 395 30.67 -31.14 -52.78
N TYR A 396 30.98 -30.81 -54.04
CA TYR A 396 31.53 -29.51 -54.36
C TYR A 396 30.55 -28.40 -53.97
N ALA A 397 29.28 -28.56 -54.34
CA ALA A 397 28.27 -27.56 -53.97
C ALA A 397 28.08 -27.51 -52.46
N LYS A 398 28.14 -28.67 -51.79
CA LYS A 398 28.02 -28.68 -50.34
C LYS A 398 29.15 -27.88 -49.69
N ARG A 399 30.38 -28.11 -50.14
CA ARG A 399 31.51 -27.31 -49.65
C ARG A 399 31.32 -25.83 -49.99
N ALA A 400 30.62 -25.54 -51.09
CA ALA A 400 30.43 -24.14 -51.48
C ALA A 400 29.44 -23.44 -50.55
N VAL A 401 28.31 -24.07 -50.26
CA VAL A 401 27.24 -23.39 -49.52
C VAL A 401 27.34 -23.55 -48.01
N MET A 402 28.08 -24.54 -47.52
CA MET A 402 28.27 -24.66 -46.08
C MET A 402 29.13 -23.49 -45.58
N SER A 403 29.15 -23.33 -44.26
CA SER A 403 29.84 -22.25 -43.58
C SER A 403 29.30 -20.86 -43.97
N LEU A 404 28.14 -20.80 -44.62
CA LEU A 404 27.45 -19.55 -44.87
C LEU A 404 26.48 -19.28 -43.72
N GLN A 405 26.61 -18.12 -43.10
CA GLN A 405 25.80 -17.77 -41.93
C GLN A 405 25.09 -16.45 -42.16
N GLY A 406 23.94 -16.30 -41.51
CA GLY A 406 23.15 -15.09 -41.63
C GLY A 406 22.51 -14.93 -42.99
N LEU A 407 21.83 -15.98 -43.46
CA LEU A 407 21.20 -15.96 -44.78
C LEU A 407 19.76 -15.52 -44.66
N ARG A 408 19.42 -14.43 -45.35
CA ARG A 408 18.07 -13.89 -45.30
C ARG A 408 17.09 -14.84 -45.97
N GLU A 409 15.82 -14.76 -45.54
CA GLU A 409 14.78 -15.57 -46.15
C GLU A 409 14.56 -15.15 -47.60
N LYS A 410 14.14 -16.12 -48.42
CA LYS A 410 13.83 -15.90 -49.83
C LYS A 410 15.02 -15.29 -50.58
N THR A 411 16.20 -15.83 -50.34
CA THR A 411 17.40 -15.47 -51.07
C THR A 411 18.07 -16.73 -51.59
N ILE A 412 18.73 -16.60 -52.75
CA ILE A 412 19.38 -17.75 -53.36
C ILE A 412 20.51 -18.28 -52.48
N GLY A 413 20.97 -17.49 -51.52
CA GLY A 413 21.93 -18.00 -50.56
C GLY A 413 21.31 -19.05 -49.64
N LYS A 414 20.16 -18.72 -49.06
CA LYS A 414 19.45 -19.70 -48.23
C LYS A 414 18.90 -20.84 -49.07
N TYR A 415 18.51 -20.58 -50.31
CA TYR A 415 18.05 -21.65 -51.18
C TYR A 415 19.17 -22.63 -51.50
N ALA A 416 20.37 -22.11 -51.79
CA ALA A 416 21.49 -22.99 -52.08
C ALA A 416 21.96 -23.73 -50.84
N LYS A 417 22.06 -23.04 -49.71
CA LYS A 417 22.44 -23.71 -48.47
C LYS A 417 21.43 -24.79 -48.09
N SER A 418 20.14 -24.52 -48.29
CA SER A 418 19.12 -25.52 -47.98
C SER A 418 19.08 -26.63 -49.02
N GLU A 419 19.61 -26.38 -50.22
CA GLU A 419 19.58 -27.37 -51.29
C GLU A 419 20.80 -28.28 -51.31
N PHE A 420 21.94 -27.83 -50.77
CA PHE A 420 23.18 -28.59 -50.89
C PHE A 420 23.85 -28.94 -49.58
N ASP A 421 23.51 -28.29 -48.46
CA ASP A 421 24.17 -28.53 -47.19
C ASP A 421 23.32 -29.49 -46.36
N LYS A 422 23.44 -30.78 -46.68
CA LYS A 422 22.77 -31.85 -45.93
C LYS A 422 23.28 -33.21 -46.40
N GLN B 1 46.97 -24.81 -83.25
CA GLN B 1 48.01 -25.56 -82.57
C GLN B 1 47.68 -27.05 -82.57
N VAL B 2 46.39 -27.36 -82.45
CA VAL B 2 45.93 -28.74 -82.51
C VAL B 2 45.75 -29.14 -83.97
N GLN B 3 46.39 -30.24 -84.37
CA GLN B 3 46.38 -30.65 -85.76
C GLN B 3 46.57 -32.15 -85.87
N LEU B 4 46.23 -32.68 -87.05
CA LEU B 4 46.40 -34.09 -87.38
C LEU B 4 47.13 -34.15 -88.72
N VAL B 5 48.25 -34.87 -88.75
CA VAL B 5 49.11 -34.93 -89.93
C VAL B 5 48.96 -36.30 -90.58
N GLU B 6 48.60 -36.32 -91.86
CA GLU B 6 48.42 -37.55 -92.61
C GLU B 6 49.68 -37.89 -93.40
N THR B 7 50.12 -39.14 -93.27
CA THR B 7 51.18 -39.70 -94.09
C THR B 7 50.75 -41.06 -94.63
N GLY B 8 51.48 -41.57 -95.61
CA GLY B 8 51.28 -42.91 -96.12
C GLY B 8 50.58 -43.02 -97.46
N GLY B 9 50.12 -41.92 -98.05
CA GLY B 9 49.44 -41.99 -99.31
C GLY B 9 50.36 -42.40 -100.46
N GLY B 10 49.75 -42.71 -101.59
CA GLY B 10 50.50 -43.07 -102.77
C GLY B 10 49.61 -43.68 -103.83
N LEU B 11 50.27 -44.20 -104.86
CA LEU B 11 49.61 -44.87 -105.98
C LEU B 11 49.99 -46.34 -105.97
N VAL B 12 48.97 -47.22 -106.00
CA VAL B 12 49.17 -48.65 -105.96
C VAL B 12 48.30 -49.30 -107.02
N GLN B 13 48.64 -50.55 -107.35
CA GLN B 13 47.83 -51.34 -108.25
C GLN B 13 46.70 -52.01 -107.48
N THR B 14 45.67 -52.45 -108.22
CA THR B 14 44.54 -53.13 -107.60
C THR B 14 45.01 -54.41 -106.91
N GLY B 15 44.62 -54.56 -105.65
CA GLY B 15 45.12 -55.64 -104.82
C GLY B 15 46.31 -55.27 -103.97
N GLY B 16 46.85 -54.08 -104.12
CA GLY B 16 47.95 -53.62 -103.29
C GLY B 16 47.46 -53.19 -101.92
N SER B 17 48.39 -52.60 -101.15
CA SER B 17 48.10 -52.20 -99.79
C SER B 17 48.85 -50.92 -99.45
N LEU B 18 48.29 -50.20 -98.48
CA LEU B 18 48.91 -49.00 -97.93
C LEU B 18 48.64 -48.97 -96.44
N ARG B 19 49.29 -48.03 -95.75
CA ARG B 19 49.01 -47.80 -94.33
C ARG B 19 49.14 -46.32 -94.06
N LEU B 20 48.01 -45.67 -93.81
CA LEU B 20 47.98 -44.24 -93.52
C LEU B 20 48.21 -44.00 -92.04
N SER B 21 49.12 -43.09 -91.72
CA SER B 21 49.46 -42.74 -90.34
C SER B 21 48.99 -41.33 -90.06
N CYS B 22 48.16 -41.17 -89.04
CA CYS B 22 47.67 -39.86 -88.62
C CYS B 22 48.28 -39.51 -87.28
N LYS B 23 49.04 -38.42 -87.24
CA LYS B 23 49.70 -37.95 -86.03
C LYS B 23 48.84 -36.84 -85.42
N ALA B 24 48.29 -37.10 -84.24
CA ALA B 24 47.44 -36.15 -83.54
C ALA B 24 48.26 -35.40 -82.51
N SER B 25 48.19 -34.07 -82.54
CA SER B 25 48.95 -33.25 -81.61
C SER B 25 48.14 -32.01 -81.25
N GLY B 26 48.50 -31.41 -80.12
CA GLY B 26 47.87 -30.16 -79.71
C GLY B 26 47.10 -30.25 -78.40
N ARG B 27 46.37 -31.33 -78.20
CA ARG B 27 45.53 -31.48 -77.01
C ARG B 27 45.60 -32.94 -76.56
N THR B 28 44.63 -33.34 -75.75
CA THR B 28 44.51 -34.71 -75.27
C THR B 28 43.28 -35.36 -75.90
N PHE B 29 43.47 -36.54 -76.48
CA PHE B 29 42.41 -37.27 -77.17
C PHE B 29 41.99 -38.53 -76.43
N SER B 30 42.25 -38.59 -75.12
CA SER B 30 41.97 -39.82 -74.37
C SER B 30 40.48 -40.16 -74.36
N ASN B 31 39.61 -39.16 -74.33
CA ASN B 31 38.16 -39.35 -74.39
C ASN B 31 37.61 -38.90 -75.73
N SER B 32 38.32 -39.21 -76.81
CA SER B 32 38.01 -38.71 -78.15
C SER B 32 37.82 -39.87 -79.12
N ILE B 33 36.99 -39.63 -80.14
CA ILE B 33 36.72 -40.61 -81.19
C ILE B 33 37.53 -40.21 -82.41
N MET B 34 38.45 -41.08 -82.83
CA MET B 34 39.22 -40.83 -84.04
C MET B 34 38.53 -41.48 -85.22
N GLY B 35 38.88 -41.02 -86.42
CA GLY B 35 38.23 -41.55 -87.60
C GLY B 35 38.94 -41.13 -88.88
N TRP B 36 38.56 -41.80 -89.95
CA TRP B 36 39.04 -41.51 -91.29
C TRP B 36 37.86 -41.22 -92.20
N PHE B 37 38.01 -40.19 -93.04
CA PHE B 37 37.04 -39.87 -94.07
C PHE B 37 37.78 -39.81 -95.40
N ARG B 38 37.02 -39.83 -96.50
CA ARG B 38 37.63 -39.72 -97.81
C ARG B 38 36.71 -38.95 -98.74
N GLN B 39 37.33 -38.26 -99.70
CA GLN B 39 36.61 -37.45 -100.66
C GLN B 39 37.24 -37.66 -102.03
N ALA B 40 36.43 -38.02 -103.01
CA ALA B 40 36.90 -38.10 -104.38
C ALA B 40 36.76 -36.74 -105.05
N PRO B 41 37.78 -36.28 -105.78
CA PRO B 41 37.69 -34.97 -106.45
C PRO B 41 36.50 -34.93 -107.40
N GLY B 42 35.55 -34.05 -107.09
CA GLY B 42 34.28 -34.01 -107.78
C GLY B 42 33.15 -34.74 -107.08
N LYS B 43 33.39 -35.28 -105.88
CA LYS B 43 32.38 -36.00 -105.14
C LYS B 43 32.44 -35.56 -103.68
N GLU B 44 31.35 -35.83 -102.95
CA GLU B 44 31.25 -35.38 -101.57
C GLU B 44 32.06 -36.29 -100.64
N ARG B 45 32.29 -35.79 -99.44
CA ARG B 45 33.04 -36.55 -98.43
C ARG B 45 32.31 -37.84 -98.08
N ASP B 46 33.08 -38.89 -97.81
CA ASP B 46 32.50 -40.18 -97.43
C ASP B 46 33.30 -40.76 -96.27
N PHE B 47 32.62 -41.60 -95.50
CA PHE B 47 33.16 -42.20 -94.28
C PHE B 47 33.61 -43.62 -94.57
N VAL B 48 34.72 -44.03 -93.96
CA VAL B 48 35.30 -45.35 -94.16
C VAL B 48 35.38 -46.14 -92.86
N ALA B 49 35.88 -45.52 -91.80
CA ALA B 49 36.09 -46.24 -90.54
C ALA B 49 36.34 -45.23 -89.43
N LYS B 50 35.81 -45.53 -88.24
CA LYS B 50 36.05 -44.73 -87.06
C LYS B 50 36.33 -45.66 -85.89
N ILE B 51 37.19 -45.22 -84.97
CA ILE B 51 37.49 -45.95 -83.76
C ILE B 51 37.22 -45.04 -82.57
N SER B 52 36.41 -45.52 -81.63
CA SER B 52 36.06 -44.75 -80.45
C SER B 52 37.13 -44.93 -79.37
N TRP B 53 36.92 -44.27 -78.23
CA TRP B 53 37.80 -44.43 -77.08
C TRP B 53 37.25 -45.44 -76.08
N ARG B 54 36.08 -46.03 -76.36
CA ARG B 54 35.46 -47.03 -75.48
C ARG B 54 35.78 -48.41 -76.05
N ASN B 55 36.75 -49.09 -75.44
CA ASN B 55 37.14 -50.45 -75.82
C ASN B 55 37.59 -50.55 -77.27
N ASP B 56 37.99 -49.43 -77.87
CA ASP B 56 38.39 -49.38 -79.28
C ASP B 56 37.28 -49.92 -80.19
N TYR B 57 36.07 -49.41 -79.98
CA TYR B 57 34.93 -49.82 -80.78
C TYR B 57 35.08 -49.29 -82.20
N THR B 58 35.21 -50.20 -83.16
CA THR B 58 35.43 -49.83 -84.56
C THR B 58 34.11 -49.90 -85.34
N THR B 59 33.90 -48.92 -86.21
CA THR B 59 32.75 -48.87 -87.09
C THR B 59 33.25 -48.67 -88.51
N TYR B 60 32.87 -49.59 -89.41
CA TYR B 60 33.37 -49.60 -90.77
C TYR B 60 32.22 -49.34 -91.75
N ALA B 61 32.58 -48.75 -92.88
CA ALA B 61 31.62 -48.58 -93.96
C ALA B 61 31.52 -49.87 -94.78
N ASP B 62 30.31 -50.15 -95.27
CA ASP B 62 30.07 -51.39 -96.01
C ASP B 62 30.86 -51.48 -97.31
N SER B 63 31.58 -50.43 -97.71
CA SER B 63 32.44 -50.49 -98.89
C SER B 63 33.83 -51.01 -98.56
N VAL B 64 34.25 -50.94 -97.30
CA VAL B 64 35.61 -51.29 -96.90
C VAL B 64 35.64 -52.42 -95.89
N LYS B 65 34.50 -52.95 -95.48
CA LYS B 65 34.48 -54.01 -94.49
C LYS B 65 35.21 -55.25 -95.01
N GLY B 66 36.15 -55.75 -94.22
CA GLY B 66 36.97 -56.88 -94.61
C GLY B 66 38.23 -56.52 -95.38
N ARG B 67 38.41 -55.24 -95.72
CA ARG B 67 39.58 -54.80 -96.47
C ARG B 67 40.45 -53.83 -95.68
N PHE B 68 39.85 -52.93 -94.91
CA PHE B 68 40.60 -51.96 -94.12
C PHE B 68 40.64 -52.38 -92.65
N THR B 69 41.51 -51.72 -91.89
CA THR B 69 41.65 -52.00 -90.46
C THR B 69 42.13 -50.72 -89.78
N ILE B 70 41.26 -50.10 -89.00
CA ILE B 70 41.59 -48.87 -88.30
C ILE B 70 42.09 -49.21 -86.90
N SER B 71 43.16 -48.53 -86.47
CA SER B 71 43.72 -48.74 -85.14
C SER B 71 44.18 -47.40 -84.58
N ARG B 72 44.41 -47.39 -83.26
CA ARG B 72 44.88 -46.18 -82.60
C ARG B 72 45.81 -46.55 -81.45
N ASP B 73 46.83 -45.73 -81.25
CA ASP B 73 47.71 -45.79 -80.09
C ASP B 73 47.64 -44.43 -79.40
N ASN B 74 47.07 -44.41 -78.20
CA ASN B 74 47.01 -43.18 -77.41
C ASN B 74 48.37 -42.84 -76.83
N ALA B 75 49.22 -43.84 -76.58
CA ALA B 75 50.55 -43.58 -76.06
C ALA B 75 51.40 -42.86 -77.10
N SER B 76 51.24 -43.21 -78.37
CA SER B 76 51.91 -42.51 -79.46
C SER B 76 51.08 -41.39 -80.05
N ASN B 77 49.81 -41.27 -79.64
CA ASN B 77 48.89 -40.26 -80.16
C ASN B 77 48.80 -40.35 -81.68
N MET B 78 48.71 -41.57 -82.19
CA MET B 78 48.61 -41.79 -83.63
C MET B 78 47.45 -42.74 -83.91
N VAL B 79 46.82 -42.56 -85.07
CA VAL B 79 45.75 -43.43 -85.52
C VAL B 79 46.03 -43.83 -86.96
N TYR B 80 46.08 -45.14 -87.21
CA TYR B 80 46.45 -45.68 -88.51
C TYR B 80 45.26 -46.33 -89.19
N LEU B 81 45.30 -46.33 -90.52
CA LEU B 81 44.32 -47.03 -91.35
C LEU B 81 45.09 -47.96 -92.28
N LEU B 82 44.94 -49.27 -92.08
CA LEU B 82 45.56 -50.27 -92.93
C LEU B 82 44.63 -50.58 -94.08
N MET B 83 45.13 -50.37 -95.30
CA MET B 83 44.34 -50.51 -96.52
C MET B 83 44.86 -51.71 -97.31
N ASN B 84 44.28 -52.88 -97.06
CA ASN B 84 44.58 -54.09 -97.81
C ASN B 84 43.51 -54.32 -98.87
N ASN B 85 43.92 -54.95 -99.97
CA ASN B 85 43.02 -55.32 -101.06
C ASN B 85 42.28 -54.10 -101.59
N LEU B 86 43.06 -53.12 -102.04
CA LEU B 86 42.50 -51.86 -102.51
C LEU B 86 41.83 -52.02 -103.87
N LYS B 87 40.77 -51.25 -104.08
CA LYS B 87 40.09 -51.15 -105.35
C LYS B 87 40.30 -49.76 -105.94
N PRO B 88 40.19 -49.61 -107.26
CA PRO B 88 40.16 -48.26 -107.84
C PRO B 88 38.98 -47.43 -107.37
N GLU B 89 37.95 -48.07 -106.80
CA GLU B 89 36.87 -47.31 -106.16
C GLU B 89 37.38 -46.54 -104.96
N ASP B 90 38.43 -47.04 -104.30
CA ASP B 90 39.03 -46.37 -103.14
C ASP B 90 39.91 -45.19 -103.53
N THR B 91 39.96 -44.83 -104.81
CA THR B 91 40.83 -43.73 -105.26
C THR B 91 40.23 -42.40 -104.82
N ALA B 92 40.86 -41.77 -103.83
CA ALA B 92 40.36 -40.51 -103.27
C ALA B 92 41.42 -39.90 -102.37
N VAL B 93 41.07 -38.77 -101.75
CA VAL B 93 41.90 -38.11 -100.76
C VAL B 93 41.37 -38.47 -99.38
N TYR B 94 42.25 -38.90 -98.49
CA TYR B 94 41.86 -39.38 -97.18
C TYR B 94 42.24 -38.36 -96.11
N TYR B 95 41.26 -37.99 -95.29
CA TYR B 95 41.43 -37.06 -94.19
C TYR B 95 41.30 -37.80 -92.86
N CYS B 96 42.06 -37.35 -91.87
CA CYS B 96 41.97 -37.85 -90.52
C CYS B 96 41.20 -36.87 -89.65
N ALA B 97 40.31 -37.38 -88.81
CA ALA B 97 39.43 -36.56 -88.02
C ALA B 97 39.40 -37.02 -86.58
N ALA B 98 39.13 -36.09 -85.67
CA ALA B 98 39.03 -36.36 -84.24
C ALA B 98 37.84 -35.61 -83.67
N THR B 99 37.46 -35.96 -82.46
CA THR B 99 36.24 -35.47 -81.83
C THR B 99 36.57 -34.90 -80.46
N LYS B 100 35.90 -33.81 -80.09
CA LYS B 100 36.05 -33.23 -78.76
C LYS B 100 35.75 -34.28 -77.68
N ALA B 101 36.32 -34.07 -76.51
CA ALA B 101 36.20 -35.03 -75.42
C ALA B 101 34.74 -35.32 -75.10
N TYR B 102 34.42 -36.61 -74.96
CA TYR B 102 33.09 -37.08 -74.59
C TYR B 102 32.02 -36.70 -75.62
N ASN B 103 32.43 -36.06 -76.71
CA ASN B 103 31.52 -35.75 -77.79
C ASN B 103 31.41 -36.95 -78.74
N GLY B 104 30.50 -36.85 -79.71
CA GLY B 104 30.19 -37.95 -80.58
C GLY B 104 30.85 -37.83 -81.95
N GLY B 105 30.74 -38.92 -82.70
CA GLY B 105 31.21 -38.97 -84.07
C GLY B 105 30.28 -39.78 -84.95
N GLU B 106 29.73 -39.17 -85.99
CA GLU B 106 28.76 -39.81 -86.86
C GLU B 106 29.33 -39.95 -88.26
N THR B 107 28.70 -40.85 -89.03
CA THR B 107 29.15 -41.12 -90.39
C THR B 107 28.93 -39.93 -91.32
N SER B 108 27.97 -39.06 -91.00
CA SER B 108 27.69 -37.91 -91.85
C SER B 108 28.76 -36.83 -91.72
N GLY B 109 29.59 -36.89 -90.68
CA GLY B 109 30.51 -35.83 -90.37
C GLY B 109 30.10 -34.98 -89.19
N ARG B 110 28.88 -35.14 -88.69
CA ARG B 110 28.47 -34.49 -87.46
C ARG B 110 29.40 -34.89 -86.33
N GLY B 111 29.78 -33.91 -85.51
CA GLY B 111 30.94 -34.08 -84.66
C GLY B 111 32.21 -33.84 -85.46
N PHE B 112 33.28 -34.52 -85.06
CA PHE B 112 34.57 -34.45 -85.75
C PHE B 112 34.99 -33.00 -85.98
N TYR B 113 35.35 -32.34 -84.87
CA TYR B 113 35.67 -30.92 -84.94
C TYR B 113 36.99 -30.68 -85.65
N TYR B 114 37.96 -31.58 -85.47
CA TYR B 114 39.28 -31.43 -86.03
C TYR B 114 39.44 -32.27 -87.29
N TRP B 115 40.21 -31.75 -88.25
CA TRP B 115 40.51 -32.46 -89.48
C TRP B 115 41.96 -32.20 -89.86
N GLY B 116 42.49 -33.09 -90.70
CA GLY B 116 43.80 -32.91 -91.29
C GLY B 116 43.71 -32.35 -92.71
N GLN B 117 44.88 -32.21 -93.32
CA GLN B 117 44.93 -31.72 -94.69
C GLN B 117 44.61 -32.82 -95.70
N GLY B 118 44.90 -34.06 -95.36
CA GLY B 118 44.60 -35.20 -96.22
C GLY B 118 45.82 -35.67 -96.98
N THR B 119 45.75 -36.93 -97.43
CA THR B 119 46.79 -37.53 -98.25
C THR B 119 46.14 -38.25 -99.43
N GLN B 120 46.84 -38.26 -100.56
CA GLN B 120 46.29 -38.79 -101.79
C GLN B 120 46.47 -40.29 -101.86
N VAL B 121 45.41 -41.00 -102.25
CA VAL B 121 45.46 -42.44 -102.49
C VAL B 121 44.87 -42.70 -103.86
N THR B 122 45.67 -43.29 -104.75
CA THR B 122 45.24 -43.58 -106.11
C THR B 122 45.51 -45.06 -106.41
N VAL B 123 44.47 -45.77 -106.84
CA VAL B 123 44.57 -47.20 -107.13
C VAL B 123 44.26 -47.40 -108.62
N SER B 124 45.22 -47.93 -109.36
CA SER B 124 45.10 -48.14 -110.79
C SER B 124 45.10 -49.63 -111.11
N SER B 125 44.70 -49.94 -112.34
CA SER B 125 44.67 -51.33 -112.81
C SER B 125 46.06 -51.81 -113.18
N SER C 2 -3.18 23.85 79.85
CA SER C 2 -3.91 22.88 80.66
C SER C 2 -4.76 23.59 81.71
N VAL C 3 -6.07 23.69 81.43
CA VAL C 3 -7.00 24.38 82.30
C VAL C 3 -8.26 23.53 82.42
N THR C 4 -8.91 23.61 83.59
CA THR C 4 -10.06 22.76 83.88
C THR C 4 -11.22 23.08 82.95
N VAL C 5 -11.77 22.04 82.33
CA VAL C 5 -12.96 22.14 81.48
C VAL C 5 -14.04 21.24 82.06
N LYS C 6 -15.27 21.73 82.09
CA LYS C 6 -16.37 20.95 82.63
C LYS C 6 -17.64 21.18 81.83
N ARG C 7 -18.49 20.15 81.80
CA ARG C 7 -19.75 20.21 81.09
C ARG C 7 -20.80 20.84 81.98
N ILE C 8 -21.38 21.96 81.52
CA ILE C 8 -22.22 22.79 82.38
C ILE C 8 -23.55 22.15 82.73
N ILE C 9 -23.95 21.09 82.04
CA ILE C 9 -25.26 20.49 82.31
C ILE C 9 -25.24 19.69 83.61
N ASP C 10 -24.11 19.05 83.94
CA ASP C 10 -24.04 18.25 85.16
C ASP C 10 -22.71 18.41 85.89
N ASN C 11 -21.94 19.47 85.59
CA ASN C 11 -20.67 19.78 86.23
C ASN C 11 -19.64 18.68 86.08
N THR C 12 -19.85 17.72 85.20
CA THR C 12 -18.87 16.67 84.97
C THR C 12 -17.59 17.26 84.38
N VAL C 13 -16.46 16.78 84.85
CA VAL C 13 -15.16 17.27 84.40
C VAL C 13 -14.75 16.51 83.16
N ILE C 14 -14.24 17.26 82.16
CA ILE C 14 -13.71 16.67 80.94
C ILE C 14 -12.27 17.14 80.79
N VAL C 15 -11.46 16.31 80.13
CA VAL C 15 -10.06 16.63 79.87
C VAL C 15 -9.80 16.48 78.37
N PRO C 16 -10.04 17.51 77.56
CA PRO C 16 -9.76 17.39 76.13
C PRO C 16 -8.27 17.23 75.88
N LYS C 17 -7.91 16.13 75.22
CA LYS C 17 -6.52 15.82 74.90
C LYS C 17 -6.45 15.36 73.45
N LEU C 18 -5.22 15.29 72.94
CA LEU C 18 -4.98 14.93 71.56
C LEU C 18 -3.78 14.00 71.48
N PRO C 19 -3.76 13.09 70.50
CA PRO C 19 -2.54 12.30 70.27
C PRO C 19 -1.38 13.21 69.89
N ALA C 20 -0.27 13.05 70.63
CA ALA C 20 0.92 13.85 70.42
C ALA C 20 1.89 13.13 69.50
N ASN C 21 2.61 13.92 68.69
CA ASN C 21 3.67 13.40 67.83
C ASN C 21 4.91 14.24 68.09
N GLU C 22 5.95 13.61 68.63
CA GLU C 22 7.18 14.30 68.96
C GLU C 22 7.75 14.98 67.73
N ASP C 23 8.24 14.19 66.78
CA ASP C 23 8.96 14.68 65.61
C ASP C 23 9.99 15.75 66.01
N PRO C 24 10.94 15.42 66.90
CA PRO C 24 11.90 16.43 67.35
C PRO C 24 12.78 16.91 66.20
N VAL C 25 13.45 18.03 66.45
CA VAL C 25 14.28 18.70 65.45
C VAL C 25 15.73 18.65 65.90
N GLU C 26 16.61 18.26 64.99
CA GLU C 26 18.04 18.09 65.29
C GLU C 26 18.82 19.17 64.55
N TYR C 27 19.41 20.10 65.31
CA TYR C 27 20.19 21.18 64.76
C TYR C 27 21.59 20.68 64.37
N PRO C 28 22.29 21.41 63.48
CA PRO C 28 23.62 20.96 63.04
C PRO C 28 24.65 20.93 64.16
N ALA C 29 24.85 22.06 64.85
CA ALA C 29 25.91 22.16 65.83
C ALA C 29 25.76 21.18 66.98
N ASP C 30 24.57 20.61 67.18
CA ASP C 30 24.40 19.57 68.18
C ASP C 30 25.09 18.26 67.78
N TYR C 31 25.55 18.16 66.54
CA TYR C 31 26.27 16.97 66.08
C TYR C 31 27.77 17.09 66.31
N PHE C 32 28.35 18.28 66.09
CA PHE C 32 29.78 18.47 66.25
C PHE C 32 30.21 18.52 67.71
N ARG C 33 29.27 18.55 68.65
CA ARG C 33 29.60 18.38 70.06
C ARG C 33 29.66 16.92 70.47
N LYS C 34 29.10 16.02 69.65
CA LYS C 34 29.22 14.58 69.87
C LYS C 34 30.47 14.03 69.19
N SER C 35 30.57 14.19 67.87
CA SER C 35 31.71 13.76 67.10
C SER C 35 32.26 14.95 66.33
N LYS C 36 33.52 15.29 66.57
CA LYS C 36 34.18 16.40 65.89
C LYS C 36 34.58 16.08 64.46
N GLU C 37 34.01 15.03 63.87
CA GLU C 37 34.28 14.69 62.47
C GLU C 37 33.15 13.78 61.98
N ILE C 38 33.05 13.68 60.66
CA ILE C 38 32.03 12.89 59.98
C ILE C 38 32.71 11.75 59.25
N PRO C 39 32.22 10.50 59.38
CA PRO C 39 32.85 9.38 58.68
C PRO C 39 32.25 9.11 57.31
N LEU C 40 33.13 8.82 56.36
CA LEU C 40 32.75 8.38 55.02
C LEU C 40 33.19 6.92 54.89
N TYR C 41 32.22 6.02 54.78
CA TYR C 41 32.48 4.59 54.66
C TYR C 41 32.71 4.26 53.18
N ILE C 42 33.94 3.88 52.83
CA ILE C 42 34.32 3.61 51.46
C ILE C 42 35.20 2.36 51.44
N ASN C 43 35.23 1.69 50.31
CA ASN C 43 36.00 0.46 50.13
C ASN C 43 37.11 0.72 49.13
N THR C 44 38.36 0.68 49.60
CA THR C 44 39.52 0.96 48.76
C THR C 44 40.26 -0.31 48.33
N THR C 45 39.51 -1.40 48.10
CA THR C 45 40.14 -2.63 47.65
C THR C 45 40.36 -2.61 46.14
N LYS C 46 39.27 -2.63 45.37
CA LYS C 46 39.36 -2.67 43.92
C LYS C 46 40.04 -1.41 43.39
N SER C 47 40.65 -1.53 42.21
CA SER C 47 41.39 -0.44 41.61
C SER C 47 40.47 0.45 40.77
N LEU C 48 41.05 1.55 40.29
CA LEU C 48 40.27 2.55 39.56
C LEU C 48 39.79 2.01 38.22
N SER C 49 40.72 1.54 37.39
CA SER C 49 40.38 1.10 36.04
C SER C 49 39.46 -0.10 36.05
N ASP C 50 39.44 -0.88 37.14
CA ASP C 50 38.46 -1.96 37.25
C ASP C 50 37.08 -1.41 37.55
N LEU C 51 36.99 -0.50 38.53
CA LEU C 51 35.69 0.06 38.92
C LEU C 51 35.08 0.89 37.81
N ARG C 52 35.90 1.46 36.94
CA ARG C 52 35.38 2.25 35.82
C ARG C 52 34.56 1.36 34.87
N GLY C 53 35.12 0.21 34.50
CA GLY C 53 34.37 -0.73 33.69
C GLY C 53 33.22 -1.37 34.45
N TYR C 54 33.43 -1.64 35.74
CA TYR C 54 32.34 -2.14 36.60
C TYR C 54 31.12 -1.23 36.50
N VAL C 55 31.31 0.07 36.72
CA VAL C 55 30.19 1.00 36.71
C VAL C 55 29.72 1.33 35.30
N TYR C 56 30.58 1.18 34.28
CA TYR C 56 30.11 1.39 32.92
C TYR C 56 29.16 0.28 32.50
N GLN C 57 29.63 -0.97 32.52
CA GLN C 57 28.76 -2.07 32.14
C GLN C 57 27.59 -2.23 33.09
N GLY C 58 27.78 -1.92 34.38
CA GLY C 58 26.67 -1.91 35.30
C GLY C 58 25.64 -0.85 34.96
N LEU C 59 26.11 0.31 34.50
CA LEU C 59 25.19 1.33 34.00
C LEU C 59 24.44 0.85 32.77
N LYS C 60 25.14 0.22 31.83
CA LYS C 60 24.49 -0.30 30.63
C LYS C 60 23.39 -1.28 30.96
N SER C 61 23.51 -1.99 32.09
CA SER C 61 22.50 -2.96 32.50
C SER C 61 21.52 -2.35 33.50
N VAL C 64 24.53 -3.69 38.57
CA VAL C 64 25.24 -2.51 39.07
C VAL C 64 25.03 -2.36 40.57
N SER C 65 26.10 -2.05 41.29
CA SER C 65 26.06 -1.89 42.74
C SER C 65 26.41 -0.45 43.11
N ILE C 66 25.90 -0.02 44.27
CA ILE C 66 26.15 1.33 44.73
C ILE C 66 27.54 1.47 45.35
N ILE C 67 28.04 0.40 45.98
CA ILE C 67 29.36 0.45 46.60
C ILE C 67 30.45 0.66 45.56
N HIS C 68 30.19 0.22 44.32
CA HIS C 68 31.19 0.39 43.27
C HIS C 68 31.20 1.80 42.70
N VAL C 69 30.06 2.50 42.75
CA VAL C 69 30.04 3.89 42.32
C VAL C 69 30.46 4.85 43.43
N ASN C 70 30.30 4.45 44.71
CA ASN C 70 30.89 5.23 45.78
C ASN C 70 32.40 5.05 45.82
N SER C 71 32.85 3.79 45.82
CA SER C 71 34.28 3.51 45.81
C SER C 71 34.94 4.03 44.54
N TYR C 72 34.22 3.99 43.41
CA TYR C 72 34.76 4.56 42.18
C TYR C 72 34.79 6.09 42.24
N LEU C 73 33.71 6.70 42.74
CA LEU C 73 33.67 8.15 42.83
C LEU C 73 34.73 8.69 43.78
N TYR C 74 35.11 7.90 44.78
CA TYR C 74 36.20 8.33 45.66
C TYR C 74 37.53 8.39 44.91
N GLY C 75 37.71 7.53 43.92
CA GLY C 75 38.94 7.53 43.15
C GLY C 75 38.96 8.55 42.03
N ALA C 76 37.84 8.67 41.32
CA ALA C 76 37.76 9.64 40.23
C ALA C 76 37.76 11.07 40.76
N LEU C 77 37.27 11.28 41.98
CA LEU C 77 37.24 12.59 42.60
C LEU C 77 38.27 12.64 43.73
N LYS C 78 39.54 12.54 43.37
CA LYS C 78 40.64 12.65 44.32
C LYS C 78 41.62 13.70 43.86
N ASP C 79 41.10 14.81 43.32
CA ASP C 79 41.93 15.89 42.80
C ASP C 79 42.16 16.90 43.92
N ILE C 80 43.21 16.68 44.69
CA ILE C 80 43.61 17.63 45.73
C ILE C 80 44.00 18.93 45.06
N ARG C 81 43.01 19.78 44.78
CA ARG C 81 43.20 21.02 44.05
C ARG C 81 42.65 22.18 44.86
N GLY C 82 43.03 23.39 44.45
CA GLY C 82 42.54 24.59 45.09
C GLY C 82 43.38 25.05 46.25
N LYS C 83 44.12 26.14 46.06
CA LYS C 83 44.88 26.77 47.12
C LYS C 83 43.99 27.83 47.77
N LEU C 84 43.67 27.63 49.05
CA LEU C 84 42.81 28.57 49.76
C LEU C 84 43.48 29.93 49.89
N ASP C 85 42.70 30.99 49.70
CA ASP C 85 43.23 32.34 49.91
C ASP C 85 43.19 32.74 51.37
N LYS C 86 42.19 32.26 52.11
CA LYS C 86 42.07 32.50 53.54
C LYS C 86 41.74 31.19 54.24
N ASP C 87 41.70 31.25 55.57
CA ASP C 87 41.40 30.07 56.36
C ASP C 87 39.97 29.60 56.12
N TRP C 88 39.75 28.29 56.25
CA TRP C 88 38.44 27.69 56.11
C TRP C 88 38.18 26.84 57.35
N SER C 89 37.30 27.32 58.22
CA SER C 89 36.93 26.63 59.45
C SER C 89 35.42 26.62 59.61
N SER C 90 34.89 25.52 60.13
CA SER C 90 33.44 25.37 60.26
C SER C 90 33.16 24.41 61.41
N PHE C 91 32.38 24.89 62.39
CA PHE C 91 31.94 24.07 63.53
C PHE C 91 33.14 23.51 64.31
N GLY C 92 34.09 24.37 64.61
CA GLY C 92 35.27 23.95 65.36
C GLY C 92 36.14 22.93 64.62
N ILE C 93 36.09 22.94 63.29
CA ILE C 93 36.93 22.07 62.47
C ILE C 93 37.68 22.94 61.48
N ASN C 94 39.01 22.94 61.58
CA ASN C 94 39.85 23.74 60.70
C ASN C 94 40.33 22.84 59.55
N ILE C 95 39.48 22.74 58.53
CA ILE C 95 39.79 21.90 57.38
C ILE C 95 40.88 22.50 56.51
N GLY C 96 41.14 23.81 56.65
CA GLY C 96 42.17 24.47 55.89
C GLY C 96 42.64 25.71 56.61
N LYS C 97 43.76 26.26 56.14
CA LYS C 97 44.36 27.43 56.80
C LYS C 97 45.25 28.15 55.81
N ALA C 98 44.88 29.39 55.48
CA ALA C 98 45.69 30.28 54.63
C ALA C 98 45.93 29.57 53.29
N GLY C 99 47.16 29.54 52.77
CA GLY C 99 47.43 28.96 51.48
C GLY C 99 47.50 27.44 51.46
N ASP C 100 46.75 26.79 52.34
CA ASP C 100 46.71 25.33 52.36
C ASP C 100 46.02 24.81 51.11
N THR C 101 46.68 23.90 50.41
CA THR C 101 46.10 23.21 49.26
C THR C 101 45.39 21.96 49.76
N ILE C 102 44.07 22.01 49.80
CA ILE C 102 43.26 20.93 50.34
C ILE C 102 42.67 20.11 49.19
N GLY C 103 42.04 19.00 49.53
CA GLY C 103 41.37 18.15 48.58
C GLY C 103 39.86 18.16 48.77
N ILE C 104 39.19 17.44 47.88
CA ILE C 104 37.73 17.39 47.92
C ILE C 104 37.26 16.53 49.10
N PHE C 105 38.05 15.54 49.50
CA PHE C 105 37.69 14.67 50.62
C PHE C 105 38.38 15.04 51.92
N ASP C 106 38.91 16.27 52.01
CA ASP C 106 39.39 16.78 53.29
C ASP C 106 38.23 17.23 54.18
N LEU C 107 37.06 17.49 53.60
CA LEU C 107 35.92 17.95 54.38
C LEU C 107 35.42 16.85 55.32
N VAL C 108 35.58 15.59 54.93
CA VAL C 108 35.13 14.47 55.75
C VAL C 108 36.32 13.61 56.13
N SER C 109 36.08 12.57 56.92
CA SER C 109 37.11 11.61 57.30
C SER C 109 36.79 10.26 56.65
N LEU C 110 37.81 9.64 56.06
CA LEU C 110 37.63 8.37 55.36
C LEU C 110 37.71 7.21 56.34
N LYS C 111 36.70 6.34 56.30
CA LYS C 111 36.71 5.08 57.00
C LYS C 111 36.70 3.95 55.96
N ALA C 112 36.42 2.72 56.42
CA ALA C 112 36.45 1.55 55.56
C ALA C 112 35.14 0.80 55.69
N LEU C 113 34.46 0.58 54.57
CA LEU C 113 33.26 -0.24 54.56
C LEU C 113 33.65 -1.71 54.65
N ASP C 114 32.93 -2.46 55.48
CA ASP C 114 33.21 -3.87 55.68
C ASP C 114 31.98 -4.72 55.39
N SER C 122 33.05 -6.30 35.11
CA SER C 122 34.18 -5.50 34.67
C SER C 122 34.12 -5.26 33.16
N ASP C 123 34.97 -4.34 32.68
CA ASP C 123 35.00 -4.00 31.26
C ASP C 123 36.38 -3.47 30.92
N ALA C 124 36.79 -3.71 29.67
CA ALA C 124 38.03 -3.19 29.12
C ALA C 124 37.72 -2.09 28.11
N SER C 125 38.77 -1.58 27.47
CA SER C 125 38.68 -0.51 26.48
C SER C 125 38.03 0.76 27.05
N ARG C 126 38.06 0.93 28.36
CA ARG C 126 37.53 2.11 29.03
C ARG C 126 38.69 2.81 29.72
N THR C 127 39.25 3.84 29.07
CA THR C 127 40.42 4.53 29.58
C THR C 127 40.00 5.65 30.54
N SER C 128 40.87 6.66 30.68
CA SER C 128 40.60 7.75 31.61
C SER C 128 39.75 8.86 30.98
N ALA C 129 39.58 8.85 29.66
CA ALA C 129 38.75 9.87 29.01
C ALA C 129 37.29 9.78 29.47
N ASP C 130 36.91 8.68 30.10
CA ASP C 130 35.58 8.54 30.68
C ASP C 130 35.50 9.12 32.08
N ASP C 131 36.61 9.11 32.83
CA ASP C 131 36.65 9.75 34.14
C ASP C 131 36.46 11.25 34.07
N LYS C 132 36.53 11.84 32.86
CA LYS C 132 36.28 13.26 32.73
C LYS C 132 34.80 13.59 32.90
N TRP C 133 33.92 12.64 32.61
CA TRP C 133 32.49 12.92 32.61
C TRP C 133 31.68 11.92 33.44
N LEU C 134 32.14 10.67 33.56
CA LEU C 134 31.40 9.69 34.35
C LEU C 134 31.09 10.15 35.77
N PRO C 135 32.02 10.77 36.52
CA PRO C 135 31.62 11.31 37.83
C PRO C 135 30.56 12.40 37.72
N LEU C 136 30.64 13.27 36.71
CA LEU C 136 29.58 14.25 36.49
C LEU C 136 28.25 13.56 36.25
N TYR C 137 28.26 12.47 35.49
CA TYR C 137 27.07 11.67 35.28
C TYR C 137 26.50 11.17 36.60
N LEU C 138 27.27 10.34 37.32
CA LEU C 138 26.84 9.77 38.59
C LEU C 138 26.43 10.83 39.61
N LEU C 139 26.95 12.05 39.48
CA LEU C 139 26.57 13.12 40.39
C LEU C 139 25.23 13.73 40.00
N GLY C 140 25.04 14.03 38.71
CA GLY C 140 23.77 14.56 38.25
C GLY C 140 22.61 13.60 38.39
N LEU C 141 22.89 12.30 38.41
CA LEU C 141 21.83 11.32 38.58
C LEU C 141 21.16 11.41 39.95
N TYR C 142 21.79 12.05 40.92
CA TYR C 142 21.16 12.24 42.22
C TYR C 142 20.08 13.32 42.15
N ARG C 143 20.42 14.48 41.58
CA ARG C 143 19.42 15.52 41.35
C ARG C 143 18.32 15.03 40.40
N VAL C 144 18.68 14.18 39.44
CA VAL C 144 17.67 13.59 38.56
C VAL C 144 16.74 12.69 39.37
N GLY C 145 17.32 11.83 40.22
CA GLY C 145 16.51 10.90 40.99
C GLY C 145 15.70 11.56 42.07
N ARG C 146 16.05 12.79 42.47
CA ARG C 146 15.28 13.51 43.48
C ARG C 146 13.92 13.94 42.97
N THR C 147 13.74 14.01 41.66
CA THR C 147 12.49 14.50 41.09
C THR C 147 11.44 13.38 41.04
N GLN C 148 10.18 13.79 41.09
CA GLN C 148 9.07 12.86 41.12
C GLN C 148 8.16 12.93 39.89
N MET C 149 8.10 14.09 39.23
CA MET C 149 7.22 14.24 38.08
C MET C 149 7.92 13.77 36.80
N PRO C 150 7.15 13.36 35.78
CA PRO C 150 7.77 12.84 34.56
C PRO C 150 8.29 13.91 33.62
N GLU C 151 7.46 14.91 33.31
CA GLU C 151 7.84 15.90 32.31
C GLU C 151 8.97 16.80 32.80
N TYR C 152 8.97 17.13 34.10
CA TYR C 152 10.09 17.89 34.65
C TYR C 152 11.37 17.07 34.64
N ARG C 153 11.25 15.74 34.74
CA ARG C 153 12.43 14.87 34.72
C ARG C 153 13.08 14.89 33.34
N LYS C 154 13.39 16.09 32.86
CA LYS C 154 14.14 16.30 31.64
C LYS C 154 15.43 17.08 31.90
N LYS C 155 15.80 17.23 33.17
CA LYS C 155 17.17 17.61 33.49
C LYS C 155 18.16 16.55 33.07
N LEU C 156 17.67 15.34 32.75
CA LEU C 156 18.49 14.38 32.01
C LEU C 156 19.09 15.03 30.79
N MET C 157 18.23 15.60 29.92
CA MET C 157 18.69 16.27 28.71
C MET C 157 19.73 17.34 29.01
N ASP C 158 19.64 17.99 30.17
CA ASP C 158 20.68 18.92 30.59
C ASP C 158 21.92 18.19 31.06
N GLY C 159 21.75 16.99 31.64
CA GLY C 159 22.90 16.16 31.92
C GLY C 159 23.65 15.80 30.64
N LEU C 160 22.92 15.34 29.62
CA LEU C 160 23.50 15.02 28.32
C LEU C 160 24.20 16.22 27.71
N THR C 161 23.46 17.32 27.56
CA THR C 161 24.03 18.54 26.99
C THR C 161 25.25 19.00 27.78
N ASN C 162 25.27 18.76 29.09
CA ASN C 162 26.42 19.13 29.90
C ASN C 162 27.57 18.15 29.74
N GLN C 163 27.29 16.90 29.35
CA GLN C 163 28.35 15.93 29.11
C GLN C 163 28.99 16.14 27.74
N CYS C 164 28.18 16.48 26.73
CA CYS C 164 28.69 16.62 25.37
C CYS C 164 29.79 17.67 25.28
N LYS C 165 29.88 18.58 26.24
CA LYS C 165 31.04 19.45 26.35
C LYS C 165 32.28 18.66 26.76
N MET C 166 32.12 17.74 27.71
CA MET C 166 33.24 16.91 28.12
C MET C 166 33.66 15.94 27.02
N ILE C 167 32.69 15.44 26.25
CA ILE C 167 32.95 14.60 25.08
C ILE C 167 31.70 14.61 24.21
N ASN C 168 31.86 15.08 22.96
CA ASN C 168 30.72 15.19 22.06
C ASN C 168 30.06 13.83 21.82
N GLU C 169 30.84 12.76 21.83
CA GLU C 169 30.33 11.41 21.59
C GLU C 169 29.71 10.77 22.83
N GLN C 170 29.41 11.56 23.86
CA GLN C 170 28.81 11.01 25.06
C GLN C 170 27.36 10.61 24.80
N PHE C 171 26.99 9.43 25.27
CA PHE C 171 25.62 8.95 25.14
C PHE C 171 25.23 8.15 26.37
N GLU C 172 23.99 8.36 26.82
CA GLU C 172 23.41 7.82 28.05
C GLU C 172 23.66 6.33 28.19
N PRO C 173 24.54 5.90 29.10
CA PRO C 173 24.70 4.47 29.35
C PRO C 173 23.54 3.92 30.17
N LEU C 174 22.31 4.16 29.72
CA LEU C 174 21.12 3.79 30.45
C LEU C 174 19.91 3.88 29.54
N VAL C 175 18.85 3.19 29.93
CA VAL C 175 17.63 3.10 29.15
C VAL C 175 16.50 3.75 29.95
N PRO C 176 15.35 4.04 29.33
CA PRO C 176 14.21 4.57 30.11
C PRO C 176 13.78 3.68 31.28
N GLU C 177 14.24 2.43 31.32
CA GLU C 177 13.95 1.58 32.48
C GLU C 177 14.79 1.99 33.68
N GLY C 178 16.07 2.24 33.47
CA GLY C 178 17.03 2.40 34.54
C GLY C 178 16.86 3.61 35.44
N ARG C 179 15.72 4.28 35.36
CA ARG C 179 15.41 5.38 36.28
C ARG C 179 14.97 4.88 37.66
N ASP C 180 15.60 3.80 38.12
CA ASP C 180 15.37 3.23 39.44
C ASP C 180 16.61 3.27 40.32
N ILE C 181 17.80 3.21 39.72
CA ILE C 181 19.04 3.24 40.49
C ILE C 181 19.25 4.61 41.11
N PHE C 182 18.86 5.67 40.42
CA PHE C 182 18.96 7.02 40.99
C PHE C 182 18.08 7.13 42.23
N ASP C 183 16.84 6.67 42.14
CA ASP C 183 15.87 6.85 43.21
C ASP C 183 16.23 6.07 44.46
N VAL C 184 17.13 5.08 44.35
CA VAL C 184 17.59 4.34 45.52
C VAL C 184 19.00 4.74 45.93
N TRP C 185 19.72 5.48 45.09
CA TRP C 185 21.03 6.00 45.50
C TRP C 185 20.92 6.92 46.70
N GLY C 186 19.86 7.74 46.75
CA GLY C 186 19.73 8.74 47.80
C GLY C 186 19.64 8.17 49.19
N ASN C 187 19.31 6.88 49.33
CA ASN C 187 19.27 6.26 50.64
C ASN C 187 20.65 5.84 51.14
N ASP C 188 21.62 5.70 50.23
CA ASP C 188 22.98 5.39 50.62
C ASP C 188 23.62 6.59 51.29
N SER C 189 23.99 6.43 52.57
CA SER C 189 24.51 7.56 53.34
C SER C 189 25.80 8.10 52.73
N ASN C 190 26.72 7.20 52.37
CA ASN C 190 28.02 7.64 51.87
C ASN C 190 27.92 8.34 50.52
N TYR C 191 26.90 8.01 49.72
CA TYR C 191 26.71 8.70 48.44
C TYR C 191 26.29 10.14 48.67
N THR C 192 25.27 10.35 49.52
CA THR C 192 24.86 11.71 49.87
C THR C 192 26.01 12.49 50.49
N LYS C 193 26.83 11.82 51.33
CA LYS C 193 28.02 12.46 51.85
C LYS C 193 28.99 12.84 50.74
N ILE C 194 29.08 12.03 49.69
CA ILE C 194 29.97 12.34 48.57
C ILE C 194 29.48 13.61 47.87
N VAL C 195 28.20 13.63 47.46
CA VAL C 195 27.70 14.79 46.72
C VAL C 195 27.76 16.05 47.57
N ALA C 196 27.50 15.91 48.88
CA ALA C 196 27.60 17.07 49.77
C ALA C 196 29.03 17.56 49.88
N ALA C 197 30.00 16.62 49.88
CA ALA C 197 31.40 17.03 49.90
C ALA C 197 31.81 17.70 48.59
N VAL C 198 31.24 17.24 47.47
CA VAL C 198 31.56 17.86 46.18
C VAL C 198 31.03 19.28 46.13
N ASP C 199 29.75 19.48 46.47
CA ASP C 199 29.18 20.81 46.39
C ASP C 199 29.79 21.75 47.42
N MET C 200 30.02 21.25 48.64
CA MET C 200 30.70 22.07 49.64
C MET C 200 32.12 22.43 49.20
N PHE C 201 32.78 21.52 48.49
CA PHE C 201 34.11 21.79 47.96
C PHE C 201 34.08 22.88 46.89
N PHE C 202 33.40 22.60 45.77
CA PHE C 202 33.38 23.54 44.64
C PHE C 202 32.66 24.83 44.97
N HIS C 203 31.90 24.90 46.07
CA HIS C 203 31.31 26.16 46.48
C HIS C 203 32.40 27.17 46.83
N MET C 204 33.51 26.70 47.40
CA MET C 204 34.63 27.57 47.69
C MET C 204 35.45 27.87 46.43
N PHE C 205 35.66 26.86 45.59
CA PHE C 205 36.45 26.98 44.36
C PHE C 205 35.48 26.99 43.18
N LYS C 206 34.81 28.13 42.98
CA LYS C 206 33.93 28.28 41.82
C LYS C 206 34.69 28.66 40.57
N LYS C 207 35.94 29.10 40.69
CA LYS C 207 36.81 29.38 39.55
C LYS C 207 37.57 28.14 39.07
N HIS C 208 37.07 26.95 39.38
CA HIS C 208 37.74 25.71 39.03
C HIS C 208 37.32 25.25 37.64
N GLU C 209 38.19 24.43 37.02
CA GLU C 209 37.90 23.91 35.70
C GLU C 209 36.87 22.79 35.72
N CYS C 210 36.70 22.11 36.85
CA CYS C 210 35.73 21.03 37.00
C CYS C 210 34.54 21.45 37.84
N ALA C 211 34.21 22.75 37.84
CA ALA C 211 33.09 23.23 38.62
C ALA C 211 31.75 22.74 38.07
N SER C 212 31.72 22.27 36.81
CA SER C 212 30.51 21.70 36.25
C SER C 212 29.98 20.54 37.07
N PHE C 213 30.86 19.87 37.82
CA PHE C 213 30.45 18.80 38.72
C PHE C 213 29.41 19.26 39.73
N ARG C 214 29.33 20.56 40.01
CA ARG C 214 28.30 21.08 40.90
C ARG C 214 26.91 20.78 40.39
N TYR C 215 26.75 20.67 39.07
CA TYR C 215 25.48 20.23 38.51
C TYR C 215 25.10 18.88 39.09
N GLY C 216 23.88 18.78 39.60
CA GLY C 216 23.42 17.59 40.28
C GLY C 216 23.63 17.62 41.78
N THR C 217 24.74 18.21 42.22
CA THR C 217 25.01 18.37 43.64
C THR C 217 24.42 19.65 44.20
N ILE C 218 23.97 20.57 43.34
CA ILE C 218 23.45 21.85 43.81
C ILE C 218 22.15 21.69 44.59
N VAL C 219 21.38 20.63 44.34
CA VAL C 219 20.20 20.34 45.15
C VAL C 219 20.55 19.84 46.55
N SER C 220 21.84 19.62 46.85
CA SER C 220 22.25 19.23 48.19
C SER C 220 22.42 20.43 49.12
N ARG C 221 22.79 21.59 48.57
CA ARG C 221 22.95 22.78 49.38
C ARG C 221 21.58 23.30 49.81
N PHE C 222 21.40 23.44 51.13
CA PHE C 222 20.12 23.83 51.72
C PHE C 222 19.01 22.84 51.33
N LYS C 223 19.34 21.55 51.36
CA LYS C 223 18.34 20.51 51.19
C LYS C 223 17.46 20.44 52.42
N ASP C 224 16.14 20.46 52.23
CA ASP C 224 15.17 20.52 53.31
C ASP C 224 15.33 21.79 54.14
N CYS C 225 15.47 22.92 53.45
CA CYS C 225 15.62 24.22 54.09
C CYS C 225 14.85 25.27 53.27
N ALA C 226 13.55 25.03 53.10
CA ALA C 226 12.74 25.93 52.29
C ALA C 226 12.31 27.17 53.05
N ALA C 227 11.96 27.01 54.33
CA ALA C 227 11.44 28.14 55.10
C ALA C 227 12.45 29.29 55.18
N LEU C 228 13.73 28.96 55.39
CA LEU C 228 14.77 29.98 55.37
C LEU C 228 14.84 30.67 54.02
N ALA C 229 14.71 29.90 52.93
CA ALA C 229 14.71 30.48 51.60
C ALA C 229 13.53 31.42 51.40
N THR C 230 12.37 31.09 51.98
CA THR C 230 11.23 32.00 51.92
C THR C 230 11.44 33.23 52.78
N PHE C 231 12.26 33.10 53.83
CA PHE C 231 12.62 34.27 54.61
C PHE C 231 13.51 35.22 53.82
N GLY C 232 14.47 34.67 53.06
CA GLY C 232 15.26 35.51 52.19
C GLY C 232 14.46 36.12 51.06
N HIS C 233 13.57 35.31 50.45
CA HIS C 233 12.73 35.82 49.38
C HIS C 233 11.79 36.91 49.87
N LEU C 234 11.25 36.74 51.08
CA LEU C 234 10.40 37.78 51.66
C LEU C 234 11.21 39.03 51.99
N CYS C 235 12.42 38.86 52.52
CA CYS C 235 13.30 40.00 52.77
C CYS C 235 13.78 40.65 51.47
N LYS C 236 13.60 40.01 50.33
CA LYS C 236 13.97 40.59 49.04
C LYS C 236 12.81 41.26 48.34
N ILE C 237 11.61 40.69 48.41
CA ILE C 237 10.46 41.28 47.73
C ILE C 237 9.97 42.51 48.47
N THR C 238 9.98 42.48 49.80
CA THR C 238 9.58 43.65 50.58
C THR C 238 10.64 44.75 50.56
N GLY C 239 11.89 44.40 50.30
CA GLY C 239 12.98 45.35 50.40
C GLY C 239 13.38 45.71 51.81
N MET C 240 12.76 45.10 52.81
CA MET C 240 13.01 45.41 54.21
C MET C 240 14.11 44.52 54.77
N SER C 241 14.65 44.94 55.92
CA SER C 241 15.71 44.18 56.57
C SER C 241 15.14 42.93 57.22
N THR C 242 16.04 42.04 57.66
CA THR C 242 15.62 40.83 58.35
C THR C 242 14.88 41.15 59.63
N GLU C 243 15.30 42.20 60.33
CA GLU C 243 14.63 42.60 61.58
C GLU C 243 13.30 43.28 61.29
N ASP C 244 13.26 44.18 60.30
CA ASP C 244 12.01 44.85 59.97
C ASP C 244 10.96 43.86 59.48
N VAL C 245 11.39 42.83 58.75
CA VAL C 245 10.45 41.78 58.35
C VAL C 245 10.08 40.91 59.55
N THR C 246 11.04 40.67 60.45
CA THR C 246 10.74 39.89 61.64
C THR C 246 9.71 40.57 62.52
N THR C 247 9.65 41.90 62.51
CA THR C 247 8.66 42.61 63.31
C THR C 247 7.25 42.48 62.75
N TRP C 248 7.12 42.18 61.46
CA TRP C 248 5.80 42.06 60.84
C TRP C 248 5.16 40.70 61.07
N ILE C 249 5.76 39.85 61.89
CA ILE C 249 5.18 38.56 62.24
C ILE C 249 4.05 38.81 63.24
N LEU C 250 2.81 38.59 62.80
CA LEU C 250 1.63 38.85 63.61
C LEU C 250 0.89 37.57 63.98
N ASN C 251 1.62 36.45 64.07
CA ASN C 251 1.02 35.17 64.44
C ASN C 251 1.97 34.42 65.37
N ARG C 252 1.39 33.69 66.32
CA ARG C 252 2.19 33.01 67.34
C ARG C 252 2.95 31.82 66.76
N GLU C 253 2.31 31.06 65.86
CA GLU C 253 2.99 29.93 65.24
C GLU C 253 4.17 30.38 64.40
N VAL C 254 3.99 31.47 63.64
CA VAL C 254 5.07 32.02 62.84
C VAL C 254 6.19 32.55 63.74
N ALA C 255 5.84 33.01 64.95
CA ALA C 255 6.86 33.46 65.89
C ALA C 255 7.65 32.27 66.44
N ASP C 256 6.94 31.20 66.83
CA ASP C 256 7.61 29.98 67.29
C ASP C 256 8.56 29.45 66.23
N GLU C 257 8.08 29.36 64.98
CA GLU C 257 8.92 28.87 63.89
C GLU C 257 10.08 29.83 63.61
N MET C 258 9.85 31.14 63.77
CA MET C 258 10.92 32.10 63.53
C MET C 258 12.02 31.98 64.57
N VAL C 259 11.67 31.80 65.84
CA VAL C 259 12.68 31.54 66.86
C VAL C 259 13.30 30.17 66.64
N GLN C 260 12.56 29.25 66.02
CA GLN C 260 13.09 27.91 65.77
C GLN C 260 14.18 27.94 64.69
N MET C 261 14.02 28.77 63.67
CA MET C 261 15.04 28.88 62.64
C MET C 261 16.24 29.70 63.10
N MET C 262 16.04 30.63 64.01
CA MET C 262 17.09 31.59 64.39
C MET C 262 17.75 31.19 65.71
N LEU C 263 18.20 29.94 65.82
CA LEU C 263 19.04 29.60 66.96
C LEU C 263 20.44 30.16 66.75
N PRO C 264 21.06 30.71 67.79
CA PRO C 264 22.26 31.53 67.58
C PRO C 264 23.56 30.74 67.52
N GLY C 265 23.53 29.51 67.01
CA GLY C 265 24.75 28.73 66.94
C GLY C 265 24.79 27.72 65.82
N GLN C 266 24.15 28.02 64.69
CA GLN C 266 24.08 27.09 63.58
C GLN C 266 24.74 27.59 62.31
N GLU C 267 25.41 28.75 62.33
CA GLU C 267 26.18 29.27 61.21
C GLU C 267 25.35 29.43 59.94
N ILE C 268 24.07 29.79 60.07
CA ILE C 268 23.23 29.97 58.88
C ILE C 268 23.66 31.17 58.07
N ASP C 269 24.44 32.08 58.64
CA ASP C 269 24.90 33.27 57.94
C ASP C 269 26.30 33.14 57.37
N LYS C 270 27.07 32.14 57.79
CA LYS C 270 28.42 31.97 57.25
C LYS C 270 28.35 31.58 55.78
N ALA C 271 29.35 32.05 55.02
CA ALA C 271 29.35 31.84 53.57
C ALA C 271 29.52 30.36 53.22
N ASP C 272 30.61 29.76 53.69
CA ASP C 272 30.93 28.37 53.39
C ASP C 272 30.96 27.59 54.71
N SER C 273 29.91 26.82 54.95
CA SER C 273 29.79 26.05 56.18
C SER C 273 29.21 24.68 55.87
N TYR C 274 29.30 23.77 56.85
CA TYR C 274 28.66 22.46 56.73
C TYR C 274 27.15 22.56 56.83
N MET C 275 26.63 23.66 57.38
CA MET C 275 25.20 23.79 57.67
C MET C 275 24.29 23.53 56.47
N PRO C 276 24.51 24.11 55.28
CA PRO C 276 23.57 23.86 54.18
C PRO C 276 23.49 22.40 53.76
N TYR C 277 24.46 21.57 54.15
CA TYR C 277 24.50 20.17 53.78
C TYR C 277 24.19 19.26 54.97
N LEU C 278 23.46 19.78 55.97
CA LEU C 278 23.22 19.02 57.20
C LEU C 278 22.41 17.75 56.96
N ILE C 279 21.69 17.66 55.84
CA ILE C 279 20.93 16.45 55.55
C ILE C 279 21.81 15.38 54.94
N ASP C 280 22.54 15.73 53.88
CA ASP C 280 23.38 14.75 53.18
C ASP C 280 24.67 14.45 53.94
N PHE C 281 25.13 15.34 54.81
CA PHE C 281 26.27 15.09 55.67
C PHE C 281 25.88 14.40 56.96
N GLY C 282 24.70 13.80 57.02
CA GLY C 282 24.26 13.09 58.21
C GLY C 282 24.26 13.91 59.48
N LEU C 283 24.30 15.23 59.38
CA LEU C 283 24.29 16.07 60.57
C LEU C 283 22.91 16.11 61.22
N SER C 284 21.85 15.95 60.43
CA SER C 284 20.49 16.06 60.93
C SER C 284 19.59 15.06 60.21
N SER C 285 18.68 14.44 60.98
CA SER C 285 17.65 13.60 60.41
C SER C 285 16.31 14.31 60.29
N LYS C 286 16.14 15.45 60.96
CA LYS C 286 14.95 16.28 60.84
C LYS C 286 15.41 17.73 60.83
N SER C 287 15.28 18.40 59.68
CA SER C 287 15.83 19.73 59.51
C SER C 287 14.95 20.77 60.21
N PRO C 288 15.55 21.81 60.80
CA PRO C 288 14.75 22.85 61.47
C PRO C 288 14.11 23.82 60.50
N TYR C 289 14.80 24.12 59.41
CA TYR C 289 14.43 25.19 58.50
C TYR C 289 13.56 24.71 57.34
N SER C 290 12.88 23.58 57.49
CA SER C 290 12.09 23.02 56.42
C SER C 290 10.69 23.65 56.39
N SER C 291 10.00 23.42 55.28
CA SER C 291 8.61 23.86 55.13
C SER C 291 7.62 22.87 55.74
N VAL C 292 8.11 21.84 56.44
CA VAL C 292 7.27 20.89 57.14
C VAL C 292 7.21 21.18 58.62
N LYS C 293 8.33 21.58 59.21
CA LYS C 293 8.36 22.02 60.60
C LYS C 293 8.13 23.52 60.76
N ASN C 294 8.11 24.26 59.66
CA ASN C 294 7.80 25.69 59.68
C ASN C 294 6.74 26.00 58.62
N PRO C 295 5.54 25.42 58.76
CA PRO C 295 4.52 25.59 57.71
C PRO C 295 3.85 26.95 57.73
N ALA C 296 3.57 27.46 58.93
CA ALA C 296 2.89 28.75 59.04
C ALA C 296 3.76 29.88 58.49
N PHE C 297 5.07 29.80 58.70
CA PHE C 297 5.97 30.81 58.14
C PHE C 297 6.09 30.66 56.64
N HIS C 298 6.05 29.43 56.13
CA HIS C 298 6.15 29.22 54.69
C HIS C 298 4.92 29.77 53.98
N PHE C 299 3.72 29.38 54.44
CA PHE C 299 2.50 29.89 53.86
C PHE C 299 2.40 31.41 54.03
N TRP C 300 2.75 31.92 55.21
CA TRP C 300 2.67 33.35 55.48
C TRP C 300 3.58 34.14 54.56
N GLY C 301 4.89 33.89 54.65
CA GLY C 301 5.83 34.66 53.85
C GLY C 301 5.63 34.47 52.36
N GLN C 302 5.35 33.25 51.93
CA GLN C 302 5.13 33.00 50.51
C GLN C 302 3.88 33.71 50.00
N LEU C 303 2.81 33.73 50.79
CA LEU C 303 1.61 34.46 50.40
C LEU C 303 1.88 35.95 50.31
N THR C 304 2.51 36.51 51.35
CA THR C 304 2.83 37.93 51.34
C THR C 304 3.73 38.30 50.16
N ALA C 305 4.59 37.38 49.74
CA ALA C 305 5.39 37.61 48.54
C ALA C 305 4.51 37.56 47.29
N LEU C 306 3.56 36.62 47.25
CA LEU C 306 2.68 36.53 46.09
C LEU C 306 1.86 37.81 45.91
N LEU C 307 1.36 38.37 47.00
CA LEU C 307 0.64 39.64 46.92
C LEU C 307 1.56 40.81 46.61
N LEU C 308 2.88 40.60 46.61
CA LEU C 308 3.86 41.64 46.34
C LEU C 308 4.59 41.41 45.02
N ARG C 309 3.91 40.81 44.04
CA ARG C 309 4.38 40.63 42.67
C ARG C 309 5.52 39.62 42.54
N SER C 310 5.64 38.68 43.47
CA SER C 310 6.66 37.64 43.33
C SER C 310 6.25 36.66 42.22
N THR C 311 7.23 36.27 41.41
CA THR C 311 6.94 35.34 40.32
C THR C 311 6.98 33.89 40.77
N ARG C 312 7.82 33.54 41.74
CA ARG C 312 7.94 32.16 42.19
C ARG C 312 6.79 31.76 43.12
N ALA C 313 6.25 32.70 43.88
CA ALA C 313 5.25 32.36 44.90
C ALA C 313 4.02 31.70 44.32
N ARG C 314 3.78 31.83 43.01
CA ARG C 314 2.64 31.16 42.40
C ARG C 314 2.71 29.65 42.59
N ASN C 315 3.92 29.08 42.56
CA ASN C 315 4.08 27.63 42.58
C ASN C 315 4.41 27.09 43.96
N ALA C 316 4.49 27.93 44.98
CA ALA C 316 4.74 27.44 46.33
C ALA C 316 3.55 26.62 46.82
N ARG C 317 3.84 25.48 47.43
CA ARG C 317 2.79 24.56 47.85
C ARG C 317 2.16 25.02 49.15
N GLN C 318 0.86 24.73 49.28
CA GLN C 318 0.07 25.16 50.44
C GLN C 318 0.14 24.09 51.51
N PRO C 319 0.78 24.34 52.65
CA PRO C 319 0.88 23.32 53.69
C PRO C 319 -0.47 22.99 54.30
N ASP C 320 -0.52 21.85 54.98
CA ASP C 320 -1.71 21.38 55.66
C ASP C 320 -1.66 21.73 57.13
N ASP C 321 -2.85 21.81 57.74
CA ASP C 321 -3.02 22.00 59.18
C ASP C 321 -2.32 23.27 59.67
N ILE C 322 -2.83 24.40 59.18
CA ILE C 322 -2.40 25.72 59.62
C ILE C 322 -3.59 26.67 59.56
N GLU C 323 -3.52 27.73 60.36
CA GLU C 323 -4.59 28.73 60.35
C GLU C 323 -4.55 29.55 59.08
N TYR C 324 -5.19 29.07 58.01
CA TYR C 324 -5.17 29.82 56.76
C TYR C 324 -5.83 31.20 56.92
N THR C 325 -6.84 31.31 57.79
CA THR C 325 -7.54 32.57 57.96
C THR C 325 -6.64 33.63 58.58
N SER C 326 -6.18 33.37 59.81
CA SER C 326 -5.34 34.34 60.52
C SER C 326 -4.08 34.67 59.72
N LEU C 327 -3.45 33.65 59.12
CA LEU C 327 -2.25 33.87 58.33
C LEU C 327 -2.54 34.72 57.10
N THR C 328 -3.70 34.49 56.45
CA THR C 328 -4.04 35.25 55.26
C THR C 328 -4.35 36.70 55.59
N THR C 329 -4.99 36.96 56.73
CA THR C 329 -5.21 38.35 57.12
C THR C 329 -3.90 39.03 57.50
N ALA C 330 -3.06 38.34 58.26
CA ALA C 330 -1.76 38.89 58.64
C ALA C 330 -0.82 39.05 57.44
N GLY C 331 -1.10 38.37 56.32
CA GLY C 331 -0.32 38.56 55.12
C GLY C 331 -0.90 39.65 54.24
N LEU C 332 -2.23 39.79 54.28
CA LEU C 332 -2.89 40.86 53.55
C LEU C 332 -2.50 42.22 54.13
N LEU C 333 -2.45 42.33 55.46
CA LEU C 333 -2.10 43.61 56.07
C LEU C 333 -0.66 44.00 55.75
N TYR C 334 0.27 43.05 55.86
CA TYR C 334 1.66 43.32 55.49
C TYR C 334 1.78 43.69 54.02
N ALA C 335 1.08 42.95 53.15
CA ALA C 335 1.15 43.19 51.72
C ALA C 335 0.62 44.57 51.37
N TYR C 336 -0.54 44.94 51.92
CA TYR C 336 -1.11 46.26 51.67
C TYR C 336 -0.25 47.37 52.25
N ALA C 337 0.40 47.12 53.39
CA ALA C 337 1.28 48.11 53.98
C ALA C 337 2.50 48.35 53.12
N VAL C 338 3.04 47.30 52.50
CA VAL C 338 4.21 47.46 51.65
C VAL C 338 3.83 48.06 50.30
N GLY C 339 2.69 47.66 49.75
CA GLY C 339 2.26 48.20 48.47
C GLY C 339 1.72 49.61 48.52
N SER C 340 1.26 50.05 49.68
CA SER C 340 0.80 51.43 49.82
C SER C 340 1.96 52.36 50.11
N SER C 341 2.77 52.04 51.12
CA SER C 341 3.93 52.84 51.49
C SER C 341 5.08 52.51 50.55
N ALA C 342 5.00 53.06 49.34
CA ALA C 342 6.09 52.90 48.38
C ALA C 342 7.38 53.50 48.90
N ASP C 343 7.28 54.53 49.75
CA ASP C 343 8.42 55.14 50.42
C ASP C 343 9.44 55.68 49.43
N LEU C 344 8.95 56.29 48.36
CA LEU C 344 9.83 56.94 47.39
C LEU C 344 10.50 58.15 48.02
N ALA C 345 11.80 58.28 47.79
CA ALA C 345 12.56 59.40 48.32
C ALA C 345 13.73 59.69 47.38
N GLN C 346 13.96 60.98 47.12
CA GLN C 346 15.04 61.37 46.22
C GLN C 346 16.38 60.85 46.72
N GLN C 347 17.20 60.37 45.78
CA GLN C 347 18.51 59.82 46.10
C GLN C 347 19.67 60.68 45.62
N PHE C 348 19.51 61.37 44.48
CA PHE C 348 20.56 62.22 43.92
C PHE C 348 19.99 63.60 43.65
N CYS C 349 20.88 64.59 43.58
CA CYS C 349 20.48 65.96 43.32
C CYS C 349 21.57 66.65 42.51
N VAL C 350 21.16 67.66 41.73
CA VAL C 350 22.09 68.40 40.88
C VAL C 350 22.53 69.69 41.57
N GLY C 351 21.65 70.69 41.59
CA GLY C 351 22.00 71.98 42.14
C GLY C 351 21.94 72.02 43.65
N ASP C 352 22.25 70.89 44.28
CA ASP C 352 22.14 70.72 45.73
C ASP C 352 20.78 71.16 46.23
N ASN C 353 19.74 70.81 45.47
CA ASN C 353 18.36 71.06 45.85
C ASN C 353 17.66 69.72 46.02
N LYS C 354 17.23 69.42 47.24
CA LYS C 354 16.50 68.21 47.53
C LYS C 354 15.02 68.52 47.70
N TYR C 355 14.21 67.48 47.72
CA TYR C 355 12.79 67.66 48.01
C TYR C 355 12.62 68.04 49.46
N THR C 356 11.97 69.17 49.71
CA THR C 356 11.68 69.62 51.06
C THR C 356 10.18 69.53 51.32
N PRO C 357 9.73 68.60 52.15
CA PRO C 357 8.28 68.45 52.37
C PRO C 357 7.69 69.70 53.01
N ASP C 358 6.41 69.94 52.71
CA ASP C 358 5.69 71.11 53.22
C ASP C 358 4.96 70.70 54.49
N ASP C 359 5.39 71.26 55.62
CA ASP C 359 4.78 70.96 56.91
C ASP C 359 3.56 71.83 57.20
N SER C 360 3.22 72.78 56.33
CA SER C 360 2.10 73.68 56.53
C SER C 360 0.76 73.07 56.13
N THR C 361 0.70 71.75 55.98
CA THR C 361 -0.55 71.06 55.65
C THR C 361 -1.30 70.79 56.94
N GLY C 362 -2.31 71.61 57.21
CA GLY C 362 -3.03 71.52 58.47
C GLY C 362 -4.51 71.22 58.36
N GLY C 363 -4.95 70.69 57.20
CA GLY C 363 -6.34 70.32 57.03
C GLY C 363 -6.77 69.11 57.83
N LEU C 364 -5.83 68.47 58.53
CA LEU C 364 -6.08 67.28 59.33
C LEU C 364 -6.61 66.14 58.46
N THR C 365 -5.77 65.67 57.53
CA THR C 365 -6.11 64.51 56.69
C THR C 365 -5.91 63.25 57.52
N THR C 366 -6.86 63.01 58.41
CA THR C 366 -6.84 61.82 59.25
C THR C 366 -7.58 60.68 58.55
N ASN C 367 -7.70 59.56 59.25
CA ASN C 367 -8.34 58.34 58.73
C ASN C 367 -7.66 57.85 57.46
N ALA C 368 -6.41 58.26 57.22
CA ALA C 368 -5.55 57.83 56.14
C ALA C 368 -4.53 56.83 56.64
N PRO C 369 -4.14 55.87 55.82
CA PRO C 369 -3.15 54.87 56.25
C PRO C 369 -1.85 55.52 56.66
N PRO C 370 -1.04 54.85 57.48
CA PRO C 370 0.25 55.41 57.88
C PRO C 370 1.15 55.70 56.68
N GLN C 371 2.21 56.45 56.93
CA GLN C 371 3.09 56.92 55.87
C GLN C 371 4.31 56.03 55.68
N GLY C 372 4.64 55.18 56.65
CA GLY C 372 5.76 54.27 56.51
C GLY C 372 5.36 52.81 56.52
N ARG C 373 6.27 51.94 56.95
CA ARG C 373 6.01 50.52 57.06
C ARG C 373 6.19 50.03 58.49
N ASP C 374 5.98 50.92 59.45
CA ASP C 374 6.13 50.56 60.87
C ASP C 374 4.95 49.70 61.29
N VAL C 375 5.25 48.56 61.92
CA VAL C 375 4.18 47.67 62.40
C VAL C 375 3.37 48.34 63.50
N VAL C 376 4.02 49.17 64.31
CA VAL C 376 3.35 49.81 65.44
C VAL C 376 2.19 50.68 64.98
N GLU C 377 2.40 51.43 63.89
CA GLU C 377 1.34 52.32 63.40
C GLU C 377 0.32 51.58 62.56
N TRP C 378 0.75 50.56 61.80
CA TRP C 378 -0.18 49.84 60.94
C TRP C 378 -1.12 48.94 61.74
N LEU C 379 -0.66 48.40 62.87
CA LEU C 379 -1.58 47.68 63.74
C LEU C 379 -2.64 48.61 64.32
N GLY C 380 -2.27 49.86 64.61
CA GLY C 380 -3.24 50.82 65.10
C GLY C 380 -4.23 51.23 64.03
N TRP C 381 -3.75 51.49 62.81
CA TRP C 381 -4.65 51.74 61.70
C TRP C 381 -5.61 50.57 61.51
N PHE C 382 -5.09 49.34 61.59
CA PHE C 382 -5.94 48.16 61.44
C PHE C 382 -6.98 48.10 62.56
N GLU C 383 -6.61 48.49 63.77
CA GLU C 383 -7.60 48.58 64.84
C GLU C 383 -8.63 49.66 64.56
N ASP C 384 -8.23 50.75 63.90
CA ASP C 384 -9.19 51.75 63.47
C ASP C 384 -10.12 51.23 62.38
N GLN C 385 -9.69 50.21 61.63
CA GLN C 385 -10.53 49.56 60.64
C GLN C 385 -11.36 48.42 61.23
N ASN C 386 -11.50 48.38 62.56
CA ASN C 386 -12.24 47.33 63.27
C ASN C 386 -11.68 45.95 62.98
N ARG C 387 -10.37 45.87 62.73
CA ARG C 387 -9.66 44.61 62.48
C ARG C 387 -10.24 43.84 61.29
N LYS C 388 -11.06 44.49 60.47
CA LYS C 388 -11.62 43.90 59.27
C LYS C 388 -10.97 44.53 58.05
N PRO C 389 -10.45 43.75 57.11
CA PRO C 389 -9.78 44.32 55.95
C PRO C 389 -10.71 45.23 55.16
N THR C 390 -10.24 46.46 54.91
CA THR C 390 -11.02 47.43 54.17
C THR C 390 -11.24 46.95 52.73
N PRO C 391 -12.26 47.47 52.06
CA PRO C 391 -12.45 47.12 50.64
C PRO C 391 -11.26 47.50 49.76
N ASP C 392 -10.43 48.46 50.19
CA ASP C 392 -9.24 48.79 49.41
C ASP C 392 -8.12 47.78 49.61
N MET C 393 -8.07 47.13 50.78
CA MET C 393 -7.12 46.04 50.99
C MET C 393 -7.52 44.83 50.15
N MET C 394 -8.78 44.40 50.28
CA MET C 394 -9.26 43.26 49.52
C MET C 394 -9.20 43.52 48.02
N GLN C 395 -9.50 44.76 47.60
CA GLN C 395 -9.37 45.10 46.19
C GLN C 395 -7.92 45.12 45.75
N TYR C 396 -7.03 45.63 46.60
CA TYR C 396 -5.60 45.58 46.33
C TYR C 396 -5.14 44.15 46.10
N ALA C 397 -5.64 43.21 46.88
CA ALA C 397 -5.26 41.81 46.71
C ALA C 397 -5.89 41.22 45.44
N LYS C 398 -7.14 41.57 45.16
CA LYS C 398 -7.78 41.10 43.94
C LYS C 398 -6.99 41.52 42.71
N ARG C 399 -6.61 42.79 42.63
CA ARG C 399 -5.82 43.27 41.50
C ARG C 399 -4.48 42.54 41.39
N ALA C 400 -3.96 42.03 42.51
CA ALA C 400 -2.67 41.35 42.49
C ALA C 400 -2.82 39.91 41.99
N VAL C 401 -3.75 39.15 42.57
CA VAL C 401 -3.86 37.74 42.24
C VAL C 401 -4.65 37.48 40.96
N MET C 402 -5.46 38.44 40.51
CA MET C 402 -6.12 38.27 39.23
C MET C 402 -5.10 38.33 38.10
N SER C 403 -5.55 37.93 36.91
CA SER C 403 -4.69 37.80 35.73
C SER C 403 -3.53 36.84 35.97
N LEU C 404 -3.67 35.91 36.91
CA LEU C 404 -2.75 34.81 37.10
C LEU C 404 -3.34 33.56 36.47
N GLN C 405 -2.58 32.92 35.59
CA GLN C 405 -3.06 31.78 34.83
C GLN C 405 -2.13 30.59 35.03
N GLY C 406 -2.64 29.41 34.67
CA GLY C 406 -1.88 28.18 34.78
C GLY C 406 -1.44 27.87 36.19
N LEU C 407 -2.37 27.95 37.13
CA LEU C 407 -2.06 27.75 38.53
C LEU C 407 -2.17 26.27 38.90
N ARG C 408 -1.12 25.73 39.50
CA ARG C 408 -1.12 24.34 39.93
C ARG C 408 -1.97 24.17 41.18
N GLU C 409 -2.65 23.03 41.26
CA GLU C 409 -3.48 22.73 42.42
C GLU C 409 -2.61 22.62 43.68
N LYS C 410 -3.24 22.85 44.83
CA LYS C 410 -2.59 22.77 46.14
C LYS C 410 -1.41 23.73 46.26
N THR C 411 -1.38 24.79 45.46
CA THR C 411 -0.38 25.83 45.57
C THR C 411 -1.01 27.07 46.18
N ILE C 412 -0.19 27.89 46.83
CA ILE C 412 -0.70 29.13 47.41
C ILE C 412 -1.15 30.11 46.34
N GLY C 413 -0.65 29.95 45.10
CA GLY C 413 -1.13 30.80 44.02
C GLY C 413 -2.59 30.58 43.71
N LYS C 414 -2.98 29.31 43.56
CA LYS C 414 -4.40 29.01 43.36
C LYS C 414 -5.22 29.35 44.59
N TYR C 415 -4.63 29.26 45.78
CA TYR C 415 -5.36 29.59 46.99
C TYR C 415 -5.65 31.09 47.06
N ALA C 416 -4.69 31.92 46.66
CA ALA C 416 -4.91 33.36 46.69
C ALA C 416 -5.81 33.82 45.53
N LYS C 417 -5.64 33.21 44.35
CA LYS C 417 -6.52 33.51 43.23
C LYS C 417 -7.96 33.14 43.58
N SER C 418 -8.17 31.97 44.19
CA SER C 418 -9.49 31.55 44.63
C SER C 418 -9.96 32.29 45.87
N GLU C 419 -9.07 32.98 46.58
CA GLU C 419 -9.40 33.65 47.83
C GLU C 419 -9.83 35.10 47.62
N PHE C 420 -9.10 35.85 46.79
CA PHE C 420 -9.35 37.28 46.64
C PHE C 420 -10.05 37.65 45.35
N ASP C 421 -9.98 36.82 44.32
CA ASP C 421 -10.59 37.13 43.03
C ASP C 421 -12.00 36.55 42.98
N LYS C 422 -12.97 37.35 43.42
CA LYS C 422 -14.39 37.05 43.28
C LYS C 422 -15.23 38.24 43.74
N GLN D 1 16.00 63.29 63.38
CA GLN D 1 15.56 64.53 62.77
C GLN D 1 14.18 64.93 63.30
N VAL D 2 13.53 64.00 63.98
CA VAL D 2 12.25 64.25 64.64
C VAL D 2 12.54 64.79 66.04
N GLN D 3 11.87 65.88 66.41
CA GLN D 3 12.10 66.46 67.72
C GLN D 3 10.92 67.33 68.13
N LEU D 4 10.73 67.44 69.44
CA LEU D 4 9.72 68.28 70.05
C LEU D 4 10.45 69.26 70.97
N VAL D 5 10.24 70.56 70.74
CA VAL D 5 10.98 71.60 71.43
C VAL D 5 10.03 72.33 72.38
N GLU D 6 10.41 72.38 73.66
CA GLU D 6 9.60 73.05 74.67
C GLU D 6 10.18 74.43 74.97
N THR D 7 9.32 75.44 74.96
CA THR D 7 9.65 76.78 75.43
C THR D 7 8.53 77.27 76.35
N GLY D 8 8.80 78.35 77.07
CA GLY D 8 7.80 78.99 77.88
C GLY D 8 7.92 78.76 79.37
N GLY D 9 8.96 78.07 79.83
CA GLY D 9 9.14 77.85 81.26
C GLY D 9 9.71 79.07 81.96
N GLY D 10 9.66 79.01 83.29
CA GLY D 10 10.21 80.09 84.09
C GLY D 10 9.83 79.94 85.55
N LEU D 11 10.17 80.97 86.31
CA LEU D 11 9.86 81.06 87.74
C LEU D 11 8.77 82.11 87.93
N VAL D 12 7.74 81.76 88.70
CA VAL D 12 6.59 82.62 88.93
C VAL D 12 6.14 82.48 90.38
N GLN D 13 5.32 83.42 90.82
CA GLN D 13 4.77 83.42 92.16
C GLN D 13 3.51 82.56 92.23
N THR D 14 3.16 82.16 93.45
CA THR D 14 1.99 81.33 93.67
C THR D 14 0.72 82.07 93.26
N GLY D 15 0.06 81.60 92.21
CA GLY D 15 -1.10 82.25 91.65
C GLY D 15 -0.86 82.87 90.29
N GLY D 16 0.38 82.85 89.81
CA GLY D 16 0.69 83.37 88.49
C GLY D 16 0.22 82.46 87.37
N SER D 17 0.88 82.57 86.22
CA SER D 17 0.49 81.79 85.06
C SER D 17 1.62 81.78 84.04
N LEU D 18 1.81 80.63 83.40
CA LEU D 18 2.72 80.47 82.28
C LEU D 18 1.96 79.86 81.12
N ARG D 19 2.63 79.76 79.98
CA ARG D 19 2.10 79.03 78.83
C ARG D 19 3.26 78.38 78.10
N LEU D 20 3.22 77.05 78.00
CA LEU D 20 4.30 76.29 77.40
C LEU D 20 3.97 75.98 75.96
N SER D 21 4.93 76.20 75.07
CA SER D 21 4.76 75.98 73.64
C SER D 21 5.69 74.87 73.19
N CYS D 22 5.13 73.87 72.52
CA CYS D 22 5.89 72.74 72.00
C CYS D 22 5.82 72.73 70.48
N LYS D 23 7.00 72.69 69.86
CA LYS D 23 7.15 72.66 68.41
C LYS D 23 7.52 71.24 68.00
N ALA D 24 6.62 70.59 67.27
CA ALA D 24 6.80 69.20 66.85
C ALA D 24 7.18 69.15 65.38
N SER D 25 8.38 68.65 65.10
CA SER D 25 8.88 68.61 63.73
C SER D 25 9.56 67.27 63.48
N GLY D 26 9.78 66.98 62.19
CA GLY D 26 10.48 65.79 61.76
C GLY D 26 9.60 64.74 61.10
N ARG D 27 8.28 64.79 61.32
CA ARG D 27 7.36 63.81 60.75
C ARG D 27 5.97 64.43 60.73
N THR D 28 4.96 63.60 60.47
CA THR D 28 3.57 64.02 60.45
C THR D 28 2.87 63.52 61.70
N PHE D 29 2.18 64.42 62.39
CA PHE D 29 1.45 64.10 63.62
C PHE D 29 -0.06 64.16 63.42
N SER D 30 -0.53 63.96 62.18
CA SER D 30 -1.94 64.10 61.89
C SER D 30 -2.79 63.13 62.70
N ASN D 31 -2.34 61.88 62.84
CA ASN D 31 -3.05 60.86 63.60
C ASN D 31 -2.34 60.55 64.92
N SER D 32 -1.66 61.53 65.49
CA SER D 32 -0.88 61.35 66.70
C SER D 32 -1.60 61.94 67.92
N ILE D 33 -1.27 61.41 69.08
CA ILE D 33 -1.72 61.95 70.35
C ILE D 33 -0.57 62.75 70.97
N MET D 34 -0.81 64.03 71.20
CA MET D 34 0.19 64.88 71.83
C MET D 34 -0.11 64.98 73.33
N GLY D 35 0.93 65.28 74.11
CA GLY D 35 0.72 65.34 75.54
C GLY D 35 1.87 66.02 76.25
N TRP D 36 1.63 66.31 77.52
CA TRP D 36 2.63 66.88 78.40
C TRP D 36 2.88 65.95 79.58
N PHE D 37 4.11 65.92 80.04
CA PHE D 37 4.48 65.24 81.27
C PHE D 37 5.30 66.20 82.12
N ARG D 38 5.54 65.82 83.36
CA ARG D 38 6.40 66.62 84.24
C ARG D 38 7.07 65.71 85.25
N GLN D 39 8.27 66.11 85.66
CA GLN D 39 9.05 65.38 86.65
C GLN D 39 9.65 66.38 87.62
N ALA D 40 9.37 66.19 88.90
CA ALA D 40 10.07 66.95 89.93
C ALA D 40 11.34 66.20 90.33
N PRO D 41 12.49 66.87 90.37
CA PRO D 41 13.74 66.18 90.74
C PRO D 41 13.61 65.43 92.06
N GLY D 42 13.79 64.11 92.01
CA GLY D 42 13.61 63.25 93.16
C GLY D 42 12.32 62.46 93.15
N LYS D 43 11.37 62.80 92.28
CA LYS D 43 10.09 62.12 92.20
C LYS D 43 9.91 61.51 90.81
N GLU D 44 8.85 60.72 90.67
CA GLU D 44 8.61 60.01 89.43
C GLU D 44 8.02 60.93 88.37
N ARG D 45 8.30 60.61 87.11
CA ARG D 45 7.70 61.33 85.99
C ARG D 45 6.18 61.12 86.01
N ASP D 46 5.44 62.22 86.00
CA ASP D 46 4.00 62.17 86.19
C ASP D 46 3.28 62.82 85.03
N PHE D 47 2.01 62.46 84.88
CA PHE D 47 1.16 62.89 83.78
C PHE D 47 0.35 64.11 84.21
N VAL D 48 0.21 65.07 83.29
CA VAL D 48 -0.52 66.31 83.54
C VAL D 48 -1.69 66.47 82.58
N ALA D 49 -1.47 66.29 81.29
CA ALA D 49 -2.53 66.47 80.31
C ALA D 49 -2.14 65.81 78.99
N LYS D 50 -3.14 65.43 78.22
CA LYS D 50 -2.95 64.91 76.88
C LYS D 50 -4.12 65.34 76.00
N ILE D 51 -3.84 65.52 74.72
CA ILE D 51 -4.85 65.85 73.72
C ILE D 51 -4.63 64.93 72.52
N SER D 52 -5.70 64.30 72.07
CA SER D 52 -5.63 63.31 71.01
C SER D 52 -5.78 63.99 69.64
N TRP D 53 -5.93 63.18 68.60
CA TRP D 53 -6.22 63.67 67.26
C TRP D 53 -7.68 63.48 66.87
N ARG D 54 -8.47 62.80 67.71
CA ARG D 54 -9.89 62.56 67.44
C ARG D 54 -10.68 63.63 68.18
N ASN D 55 -11.11 64.67 67.45
CA ASN D 55 -11.91 65.76 67.98
C ASN D 55 -11.24 66.47 69.15
N ASP D 56 -9.90 66.40 69.22
CA ASP D 56 -9.11 67.06 70.26
C ASP D 56 -9.60 66.67 71.66
N TYR D 57 -9.74 65.36 71.87
CA TYR D 57 -10.20 64.85 73.15
C TYR D 57 -9.16 65.10 74.22
N THR D 58 -9.51 65.90 75.23
CA THR D 58 -8.60 66.30 76.28
C THR D 58 -8.74 65.40 77.50
N THR D 59 -7.62 65.01 78.08
CA THR D 59 -7.59 64.26 79.32
C THR D 59 -6.63 64.96 80.28
N TYR D 60 -7.16 65.35 81.44
CA TYR D 60 -6.39 66.09 82.44
C TYR D 60 -6.17 65.23 83.67
N ALA D 61 -5.10 65.53 84.39
CA ALA D 61 -4.87 64.91 85.68
C ALA D 61 -5.68 65.64 86.76
N ASP D 62 -6.05 64.89 87.81
CA ASP D 62 -6.83 65.50 88.89
C ASP D 62 -6.07 66.65 89.55
N SER D 63 -4.74 66.60 89.51
CA SER D 63 -3.94 67.64 90.14
C SER D 63 -4.00 68.97 89.40
N VAL D 64 -4.32 68.95 88.11
CA VAL D 64 -4.34 70.15 87.29
C VAL D 64 -5.72 70.43 86.70
N LYS D 65 -6.71 69.59 86.98
CA LYS D 65 -8.05 69.77 86.41
C LYS D 65 -8.64 71.08 86.86
N GLY D 66 -9.03 71.93 85.90
CA GLY D 66 -9.57 73.24 86.18
C GLY D 66 -8.55 74.36 86.17
N ARG D 67 -7.26 74.04 86.11
CA ARG D 67 -6.20 75.03 86.11
C ARG D 67 -5.43 75.10 84.81
N PHE D 68 -5.14 73.95 84.19
CA PHE D 68 -4.37 73.90 82.95
C PHE D 68 -5.30 73.66 81.77
N THR D 69 -4.90 74.17 80.60
CA THR D 69 -5.68 74.04 79.38
C THR D 69 -4.73 73.70 78.24
N ILE D 70 -4.77 72.45 77.78
CA ILE D 70 -3.87 71.96 76.73
C ILE D 70 -4.58 72.09 75.39
N SER D 71 -3.87 72.61 74.39
CA SER D 71 -4.42 72.79 73.06
C SER D 71 -3.37 72.38 72.03
N ARG D 72 -3.78 72.35 70.76
CA ARG D 72 -2.85 72.04 69.68
C ARG D 72 -3.33 72.68 68.39
N ASP D 73 -2.37 73.06 67.55
CA ASP D 73 -2.63 73.55 66.21
C ASP D 73 -1.83 72.70 65.24
N ASN D 74 -2.53 71.98 64.35
CA ASN D 74 -1.89 71.10 63.40
C ASN D 74 -1.23 71.86 62.27
N ALA D 75 -1.90 72.91 61.76
CA ALA D 75 -1.31 73.74 60.73
C ALA D 75 -0.03 74.41 61.21
N SER D 76 0.05 74.70 62.51
CA SER D 76 1.26 75.23 63.12
C SER D 76 2.18 74.14 63.64
N ASN D 77 1.70 72.90 63.72
CA ASN D 77 2.48 71.77 64.23
C ASN D 77 2.97 72.03 65.65
N MET D 78 2.14 72.69 66.46
CA MET D 78 2.52 73.04 67.82
C MET D 78 1.44 72.58 68.79
N VAL D 79 1.84 72.40 70.05
CA VAL D 79 0.91 72.02 71.11
C VAL D 79 1.25 72.84 72.35
N TYR D 80 0.25 73.50 72.91
CA TYR D 80 0.43 74.42 74.03
C TYR D 80 -0.18 73.86 75.30
N LEU D 81 0.35 74.31 76.44
CA LEU D 81 -0.22 74.04 77.76
C LEU D 81 -0.34 75.39 78.47
N LEU D 82 -1.56 75.89 78.57
CA LEU D 82 -1.83 77.14 79.28
C LEU D 82 -1.95 76.82 80.76
N MET D 83 -0.92 77.18 81.53
CA MET D 83 -0.89 76.94 82.97
C MET D 83 -1.39 78.20 83.67
N ASN D 84 -2.62 78.15 84.17
CA ASN D 84 -3.19 79.23 84.97
C ASN D 84 -3.37 78.76 86.41
N ASN D 85 -3.30 79.72 87.33
CA ASN D 85 -3.46 79.47 88.76
C ASN D 85 -2.48 78.39 89.23
N LEU D 86 -1.21 78.78 89.23
CA LEU D 86 -0.14 77.84 89.55
C LEU D 86 0.03 77.70 91.06
N LYS D 87 0.38 76.49 91.47
CA LYS D 87 0.68 76.14 92.85
C LYS D 87 2.15 75.76 92.99
N PRO D 88 2.72 75.88 94.19
CA PRO D 88 4.10 75.40 94.39
C PRO D 88 4.25 73.91 94.11
N GLU D 89 3.16 73.14 94.20
CA GLU D 89 3.22 71.72 93.85
C GLU D 89 3.46 71.51 92.36
N ASP D 90 3.19 72.51 91.52
CA ASP D 90 3.38 72.40 90.09
C ASP D 90 4.83 72.58 89.66
N THR D 91 5.74 72.86 90.59
CA THR D 91 7.14 73.08 90.26
C THR D 91 7.77 71.77 89.80
N ALA D 92 8.21 71.73 88.54
CA ALA D 92 8.81 70.53 87.96
C ALA D 92 9.41 70.89 86.61
N VAL D 93 9.93 69.88 85.92
CA VAL D 93 10.41 70.01 84.55
C VAL D 93 9.37 69.39 83.63
N TYR D 94 8.92 70.16 82.64
CA TYR D 94 7.84 69.74 81.77
C TYR D 94 8.37 69.27 80.43
N TYR D 95 7.82 68.16 79.95
CA TYR D 95 8.24 67.52 78.71
C TYR D 95 7.07 67.45 77.74
N CYS D 96 7.37 67.65 76.46
CA CYS D 96 6.40 67.46 75.39
C CYS D 96 6.58 66.06 74.82
N ALA D 97 5.48 65.32 74.70
CA ALA D 97 5.51 63.93 74.26
C ALA D 97 4.57 63.74 73.08
N ALA D 98 5.06 63.02 72.07
CA ALA D 98 4.29 62.70 70.88
C ALA D 98 4.18 61.19 70.72
N THR D 99 3.12 60.76 70.04
CA THR D 99 2.80 59.35 69.90
C THR D 99 2.82 58.96 68.42
N LYS D 100 3.33 57.77 68.13
CA LYS D 100 3.30 57.27 66.76
C LYS D 100 1.87 57.22 66.24
N ALA D 101 1.74 57.27 64.91
CA ALA D 101 0.42 57.41 64.30
C ALA D 101 -0.50 56.24 64.68
N TYR D 102 -1.76 56.57 65.00
CA TYR D 102 -2.79 55.63 65.37
C TYR D 102 -2.50 54.86 66.65
N ASN D 103 -1.35 55.10 67.27
CA ASN D 103 -1.08 54.47 68.55
C ASN D 103 -1.79 55.22 69.67
N GLY D 104 -1.76 54.62 70.86
CA GLY D 104 -2.43 55.18 72.02
C GLY D 104 -1.46 55.85 72.98
N GLY D 105 -1.95 56.90 73.64
CA GLY D 105 -1.18 57.58 74.66
C GLY D 105 -1.76 57.34 76.04
N GLU D 106 -0.97 56.75 76.92
CA GLU D 106 -1.43 56.40 78.25
C GLU D 106 -0.73 57.25 79.30
N THR D 107 -1.44 57.48 80.42
CA THR D 107 -0.94 58.36 81.48
C THR D 107 0.30 57.79 82.16
N SER D 108 0.51 56.49 82.07
CA SER D 108 1.69 55.86 82.69
C SER D 108 2.95 56.04 81.88
N GLY D 109 2.92 56.80 80.79
CA GLY D 109 4.04 56.92 79.90
C GLY D 109 4.01 55.94 78.73
N ARG D 110 3.15 54.94 78.77
CA ARG D 110 3.00 54.02 77.65
C ARG D 110 2.56 54.78 76.41
N GLY D 111 2.89 54.23 75.24
CA GLY D 111 2.80 55.08 74.09
C GLY D 111 3.85 56.17 74.20
N PHE D 112 3.58 57.31 73.57
CA PHE D 112 4.45 58.48 73.62
C PHE D 112 5.90 58.10 73.32
N TYR D 113 6.14 57.77 72.05
CA TYR D 113 7.47 57.33 71.63
C TYR D 113 8.47 58.48 71.64
N TYR D 114 8.01 59.69 71.38
CA TYR D 114 8.89 60.86 71.25
C TYR D 114 8.79 61.73 72.50
N TRP D 115 9.91 62.34 72.86
CA TRP D 115 10.00 63.17 74.05
C TRP D 115 10.94 64.34 73.79
N GLY D 116 10.60 65.50 74.35
CA GLY D 116 11.47 66.66 74.27
C GLY D 116 12.43 66.72 75.44
N GLN D 117 13.32 67.73 75.38
CA GLN D 117 14.33 67.88 76.41
C GLN D 117 13.74 68.42 77.71
N GLY D 118 12.70 69.24 77.63
CA GLY D 118 12.03 69.72 78.80
C GLY D 118 12.36 71.16 79.11
N THR D 119 11.38 71.87 79.69
CA THR D 119 11.54 73.25 80.12
C THR D 119 11.19 73.34 81.60
N GLN D 120 11.93 74.16 82.33
CA GLN D 120 11.79 74.24 83.78
C GLN D 120 10.65 75.17 84.18
N VAL D 121 9.88 74.76 85.18
CA VAL D 121 8.83 75.59 85.76
C VAL D 121 8.99 75.56 87.28
N THR D 122 9.21 76.73 87.87
CA THR D 122 9.40 76.86 89.32
C THR D 122 8.39 77.86 89.86
N VAL D 123 7.51 77.38 90.75
CA VAL D 123 6.46 78.20 91.34
C VAL D 123 6.77 78.37 92.82
N SER D 124 6.97 79.62 93.24
CA SER D 124 7.35 79.95 94.59
C SER D 124 6.33 80.89 95.22
N SER D 125 6.51 81.16 96.50
CA SER D 125 5.60 82.03 97.25
C SER D 125 6.02 83.49 97.13
N SER E 2 -23.13 -48.06 -59.78
CA SER E 2 -24.21 -48.78 -59.11
C SER E 2 -24.24 -50.24 -59.56
N VAL E 3 -23.76 -51.13 -58.69
CA VAL E 3 -23.70 -52.55 -58.98
C VAL E 3 -24.22 -53.32 -57.77
N THR E 4 -24.87 -54.45 -58.03
CA THR E 4 -25.52 -55.21 -56.98
C THR E 4 -24.51 -55.74 -55.97
N VAL E 5 -24.82 -55.60 -54.69
CA VAL E 5 -23.99 -56.08 -53.60
C VAL E 5 -24.85 -56.94 -52.69
N LYS E 6 -24.33 -58.11 -52.32
CA LYS E 6 -25.05 -59.05 -51.47
C LYS E 6 -24.18 -59.43 -50.28
N ARG E 7 -24.85 -59.80 -49.18
CA ARG E 7 -24.18 -60.28 -47.98
C ARG E 7 -24.08 -61.79 -48.06
N ILE E 8 -22.84 -62.31 -48.04
CA ILE E 8 -22.60 -63.71 -48.38
C ILE E 8 -23.09 -64.69 -47.32
N ILE E 9 -23.41 -64.22 -46.11
CA ILE E 9 -23.83 -65.14 -45.07
C ILE E 9 -25.27 -65.61 -45.27
N ASP E 10 -26.13 -64.75 -45.85
CA ASP E 10 -27.53 -65.12 -46.04
C ASP E 10 -28.09 -64.64 -47.37
N ASN E 11 -27.24 -64.29 -48.33
CA ASN E 11 -27.62 -63.82 -49.66
C ASN E 11 -28.49 -62.56 -49.62
N THR E 12 -28.54 -61.88 -48.48
CA THR E 12 -29.34 -60.67 -48.37
C THR E 12 -28.75 -59.54 -49.20
N VAL E 13 -29.59 -58.86 -49.97
CA VAL E 13 -29.15 -57.76 -50.79
C VAL E 13 -29.04 -56.49 -49.94
N ILE E 14 -27.95 -55.76 -50.13
CA ILE E 14 -27.74 -54.49 -49.44
C ILE E 14 -27.52 -53.40 -50.48
N VAL E 15 -27.96 -52.19 -50.14
CA VAL E 15 -27.84 -51.05 -51.03
C VAL E 15 -27.02 -49.97 -50.34
N PRO E 16 -25.70 -50.00 -50.44
CA PRO E 16 -24.87 -48.96 -49.81
C PRO E 16 -25.08 -47.62 -50.49
N LYS E 17 -25.60 -46.66 -49.72
CA LYS E 17 -25.89 -45.33 -50.25
C LYS E 17 -25.45 -44.28 -49.23
N LEU E 18 -25.06 -43.11 -49.74
CA LEU E 18 -24.54 -42.01 -48.96
C LEU E 18 -25.44 -40.79 -49.10
N PRO E 19 -25.41 -39.88 -48.13
CA PRO E 19 -26.11 -38.60 -48.30
C PRO E 19 -25.55 -37.82 -49.50
N ALA E 20 -26.44 -37.15 -50.21
CA ALA E 20 -26.08 -36.43 -51.42
C ALA E 20 -26.11 -34.92 -51.17
N ASN E 21 -25.15 -34.22 -51.76
CA ASN E 21 -25.11 -32.77 -51.73
C ASN E 21 -24.93 -32.28 -53.17
N GLU E 22 -25.89 -31.49 -53.65
CA GLU E 22 -25.80 -30.96 -55.00
C GLU E 22 -24.56 -30.09 -55.15
N ASP E 23 -24.58 -28.91 -54.55
CA ASP E 23 -23.53 -27.91 -54.72
C ASP E 23 -23.15 -27.77 -56.19
N PRO E 24 -24.08 -27.36 -57.06
CA PRO E 24 -23.77 -27.27 -58.50
C PRO E 24 -22.73 -26.21 -58.78
N VAL E 25 -22.33 -26.10 -60.04
CA VAL E 25 -21.29 -25.17 -60.47
C VAL E 25 -21.88 -24.24 -61.52
N GLU E 26 -21.67 -22.94 -61.35
CA GLU E 26 -22.18 -21.91 -62.25
C GLU E 26 -21.01 -21.26 -62.97
N TYR E 27 -21.00 -21.36 -64.30
CA TYR E 27 -19.99 -20.77 -65.15
C TYR E 27 -20.38 -19.35 -65.53
N PRO E 28 -19.40 -18.48 -65.83
CA PRO E 28 -19.74 -17.08 -66.14
C PRO E 28 -20.51 -16.92 -67.44
N ALA E 29 -20.12 -17.61 -68.50
CA ALA E 29 -20.78 -17.43 -69.79
C ALA E 29 -22.21 -17.94 -69.80
N ASP E 30 -22.60 -18.78 -68.83
CA ASP E 30 -23.99 -19.18 -68.71
C ASP E 30 -24.86 -18.11 -68.07
N TYR E 31 -24.25 -17.03 -67.58
CA TYR E 31 -24.99 -15.88 -67.07
C TYR E 31 -25.37 -14.91 -68.17
N PHE E 32 -24.54 -14.77 -69.20
CA PHE E 32 -24.73 -13.75 -70.22
C PHE E 32 -25.67 -14.18 -71.34
N ARG E 33 -26.00 -15.47 -71.44
CA ARG E 33 -27.00 -15.90 -72.41
C ARG E 33 -28.42 -15.59 -71.94
N LYS E 34 -28.60 -15.24 -70.66
CA LYS E 34 -29.88 -14.78 -70.16
C LYS E 34 -29.96 -13.25 -70.17
N SER E 35 -29.00 -12.59 -69.54
CA SER E 35 -28.93 -11.14 -69.49
C SER E 35 -27.66 -10.68 -70.19
N LYS E 36 -27.80 -9.75 -71.12
CA LYS E 36 -26.67 -9.20 -71.86
C LYS E 36 -26.04 -8.00 -71.15
N GLU E 37 -26.32 -7.82 -69.86
CA GLU E 37 -25.72 -6.73 -69.11
C GLU E 37 -25.91 -6.97 -67.61
N ILE E 38 -24.96 -6.50 -66.83
CA ILE E 38 -24.98 -6.60 -65.38
C ILE E 38 -25.37 -5.24 -64.80
N PRO E 39 -26.37 -5.18 -63.92
CA PRO E 39 -26.79 -3.89 -63.36
C PRO E 39 -26.05 -3.55 -62.07
N LEU E 40 -25.97 -2.24 -61.81
CA LEU E 40 -25.43 -1.70 -60.57
C LEU E 40 -26.51 -0.87 -59.90
N TYR E 41 -27.04 -1.37 -58.79
CA TYR E 41 -28.12 -0.67 -58.07
C TYR E 41 -27.51 0.41 -57.19
N ILE E 42 -27.91 1.66 -57.42
CA ILE E 42 -27.29 2.80 -56.78
C ILE E 42 -28.33 3.90 -56.62
N ASN E 43 -28.09 4.80 -55.66
CA ASN E 43 -28.99 5.90 -55.36
C ASN E 43 -28.35 7.20 -55.80
N THR E 44 -29.00 7.91 -56.72
CA THR E 44 -28.47 9.13 -57.30
C THR E 44 -29.22 10.37 -56.84
N THR E 45 -29.83 10.33 -55.66
CA THR E 45 -30.62 11.46 -55.18
C THR E 45 -29.73 12.54 -54.56
N LYS E 46 -29.00 12.19 -53.51
CA LYS E 46 -28.21 13.17 -52.79
C LYS E 46 -26.98 13.59 -53.60
N SER E 47 -26.41 14.72 -53.21
CA SER E 47 -25.30 15.32 -53.94
C SER E 47 -23.97 14.75 -53.47
N LEU E 48 -22.91 15.07 -54.22
CA LEU E 48 -21.58 14.56 -53.92
C LEU E 48 -21.06 15.12 -52.60
N SER E 49 -21.05 16.45 -52.46
CA SER E 49 -20.53 17.08 -51.26
C SER E 49 -21.36 16.74 -50.02
N ASP E 50 -22.61 16.31 -50.20
CA ASP E 50 -23.37 15.79 -49.09
C ASP E 50 -22.89 14.40 -48.69
N LEU E 51 -22.60 13.56 -49.68
CA LEU E 51 -22.14 12.20 -49.40
C LEU E 51 -20.74 12.20 -48.80
N ARG E 52 -19.92 13.21 -49.12
CA ARG E 52 -18.58 13.30 -48.57
C ARG E 52 -18.63 13.40 -47.05
N GLY E 53 -19.48 14.29 -46.52
CA GLY E 53 -19.65 14.38 -45.09
C GLY E 53 -20.46 13.23 -44.53
N TYR E 54 -21.40 12.70 -45.31
CA TYR E 54 -22.13 11.50 -44.94
C TYR E 54 -21.18 10.38 -44.54
N VAL E 55 -20.24 10.04 -45.42
CA VAL E 55 -19.36 8.91 -45.18
C VAL E 55 -18.11 9.29 -44.40
N TYR E 56 -17.75 10.59 -44.33
CA TYR E 56 -16.65 10.97 -43.47
C TYR E 56 -17.09 10.97 -42.00
N GLN E 57 -18.19 11.67 -41.69
CA GLN E 57 -18.69 11.64 -40.32
C GLN E 57 -19.25 10.27 -39.96
N GLY E 58 -19.80 9.55 -40.94
CA GLY E 58 -20.20 8.18 -40.68
C GLY E 58 -19.02 7.27 -40.42
N LEU E 59 -17.91 7.51 -41.14
CA LEU E 59 -16.70 6.72 -40.91
C LEU E 59 -16.10 7.00 -39.54
N LYS E 60 -16.05 8.28 -39.13
CA LYS E 60 -15.48 8.62 -37.83
C LYS E 60 -16.20 7.91 -36.69
N SER E 61 -17.49 7.67 -36.84
CA SER E 61 -18.26 6.91 -35.88
C SER E 61 -18.43 5.46 -36.36
N GLY E 62 -19.16 4.67 -35.59
CA GLY E 62 -19.41 3.30 -35.98
C GLY E 62 -20.54 3.12 -36.97
N ASN E 63 -21.37 4.14 -37.16
CA ASN E 63 -22.54 4.06 -38.02
C ASN E 63 -22.22 4.60 -39.41
N VAL E 64 -22.54 3.82 -40.43
CA VAL E 64 -22.38 4.27 -41.82
C VAL E 64 -23.28 3.40 -42.68
N SER E 65 -23.85 3.99 -43.72
CA SER E 65 -24.73 3.29 -44.64
C SER E 65 -23.94 2.87 -45.87
N ILE E 66 -24.00 1.57 -46.19
CA ILE E 66 -23.34 1.07 -47.39
C ILE E 66 -23.96 1.70 -48.63
N ILE E 67 -25.25 2.05 -48.56
CA ILE E 67 -25.90 2.76 -49.66
C ILE E 67 -25.22 4.10 -49.88
N HIS E 68 -24.76 4.75 -48.81
CA HIS E 68 -24.11 6.04 -48.92
C HIS E 68 -22.68 5.94 -49.43
N VAL E 69 -21.98 4.84 -49.15
CA VAL E 69 -20.64 4.68 -49.68
C VAL E 69 -20.68 4.19 -51.13
N ASN E 70 -21.74 3.49 -51.52
CA ASN E 70 -21.94 3.17 -52.94
C ASN E 70 -22.30 4.44 -53.72
N SER E 71 -23.34 5.14 -53.27
CA SER E 71 -23.77 6.37 -53.92
C SER E 71 -22.66 7.42 -53.91
N TYR E 72 -21.79 7.39 -52.90
CA TYR E 72 -20.66 8.32 -52.88
C TYR E 72 -19.54 7.85 -53.79
N LEU E 73 -19.28 6.54 -53.84
CA LEU E 73 -18.23 6.03 -54.71
C LEU E 73 -18.56 6.25 -56.18
N TYR E 74 -19.85 6.24 -56.54
CA TYR E 74 -20.27 6.52 -57.90
C TYR E 74 -19.77 7.89 -58.34
N GLY E 75 -20.40 8.96 -57.85
CA GLY E 75 -20.01 10.30 -58.22
C GLY E 75 -18.58 10.65 -57.85
N ALA E 76 -18.00 9.94 -56.89
CA ALA E 76 -16.60 10.14 -56.53
C ALA E 76 -15.66 9.49 -57.53
N LEU E 77 -16.15 8.54 -58.34
CA LEU E 77 -15.36 7.88 -59.37
C LEU E 77 -15.97 8.06 -60.75
N LYS E 78 -17.02 8.86 -60.88
CA LYS E 78 -17.78 8.89 -62.13
C LYS E 78 -17.00 9.55 -63.25
N ASP E 79 -16.21 10.58 -62.94
CA ASP E 79 -15.47 11.34 -63.95
C ASP E 79 -14.03 10.85 -64.06
N ILE E 80 -13.86 9.54 -64.20
CA ILE E 80 -12.55 8.94 -64.44
C ILE E 80 -12.63 8.16 -65.75
N ARG E 81 -11.59 8.28 -66.57
CA ARG E 81 -11.69 7.86 -67.96
C ARG E 81 -10.37 7.29 -68.46
N GLY E 82 -10.42 6.73 -69.67
CA GLY E 82 -9.23 6.26 -70.34
C GLY E 82 -9.50 6.06 -71.81
N LYS E 83 -8.45 6.18 -72.62
CA LYS E 83 -8.57 6.05 -74.06
C LYS E 83 -8.11 4.65 -74.48
N LEU E 84 -9.00 3.92 -75.16
CA LEU E 84 -8.70 2.57 -75.60
C LEU E 84 -7.79 2.59 -76.83
N ASP E 85 -6.68 1.86 -76.75
CA ASP E 85 -5.85 1.67 -77.94
C ASP E 85 -6.51 0.72 -78.93
N LYS E 86 -7.09 -0.37 -78.44
CA LYS E 86 -7.80 -1.32 -79.27
C LYS E 86 -9.17 -1.61 -78.65
N ASP E 87 -10.00 -2.29 -79.44
CA ASP E 87 -11.38 -2.57 -79.02
C ASP E 87 -11.39 -3.44 -77.77
N TRP E 88 -12.51 -3.38 -77.05
CA TRP E 88 -12.69 -4.13 -75.82
C TRP E 88 -14.09 -4.73 -75.80
N SER E 89 -14.17 -6.05 -75.83
CA SER E 89 -15.44 -6.77 -75.80
C SER E 89 -15.26 -8.05 -74.99
N SER E 90 -16.33 -8.44 -74.30
CA SER E 90 -16.28 -9.62 -73.44
C SER E 90 -17.68 -10.20 -73.29
N PHE E 91 -17.82 -11.48 -73.62
CA PHE E 91 -19.08 -12.21 -73.49
C PHE E 91 -20.21 -11.52 -74.26
N GLY E 92 -19.91 -11.07 -75.47
CA GLY E 92 -20.91 -10.43 -76.30
C GLY E 92 -21.25 -9.01 -75.91
N ILE E 93 -20.43 -8.36 -75.08
CA ILE E 93 -20.67 -6.99 -74.64
C ILE E 93 -19.51 -6.15 -75.15
N ASN E 94 -19.77 -5.34 -76.17
CA ASN E 94 -18.77 -4.43 -76.73
C ASN E 94 -18.76 -3.16 -75.89
N ILE E 95 -17.98 -3.17 -74.81
CA ILE E 95 -17.94 -2.04 -73.90
C ILE E 95 -17.16 -0.86 -74.49
N GLY E 96 -16.29 -1.11 -75.45
CA GLY E 96 -15.53 -0.06 -76.09
C GLY E 96 -15.16 -0.45 -77.51
N LYS E 97 -14.72 0.54 -78.28
CA LYS E 97 -14.40 0.30 -79.69
C LYS E 97 -13.40 1.33 -80.17
N ALA E 98 -12.20 0.88 -80.54
CA ALA E 98 -11.15 1.72 -81.14
C ALA E 98 -10.79 2.83 -80.15
N GLY E 99 -10.50 4.04 -80.62
CA GLY E 99 -10.05 5.11 -79.75
C GLY E 99 -11.15 5.75 -78.91
N ASP E 100 -12.14 4.96 -78.50
CA ASP E 100 -13.18 5.47 -77.63
C ASP E 100 -12.63 5.78 -76.25
N THR E 101 -13.10 6.88 -75.67
CA THR E 101 -12.77 7.24 -74.30
C THR E 101 -13.87 6.68 -73.40
N ILE E 102 -13.51 5.67 -72.61
CA ILE E 102 -14.48 4.96 -71.78
C ILE E 102 -14.25 5.31 -70.32
N GLY E 103 -15.29 5.08 -69.51
CA GLY E 103 -15.26 5.35 -68.09
C GLY E 103 -15.29 4.08 -67.26
N ILE E 104 -15.29 4.29 -65.94
CA ILE E 104 -15.20 3.18 -65.01
C ILE E 104 -16.54 2.48 -64.82
N PHE E 105 -17.65 3.12 -65.17
CA PHE E 105 -18.96 2.51 -65.07
C PHE E 105 -19.59 2.22 -66.43
N ASP E 106 -18.80 2.28 -67.51
CA ASP E 106 -19.28 1.76 -68.79
C ASP E 106 -19.44 0.24 -68.74
N LEU E 107 -18.70 -0.43 -67.84
CA LEU E 107 -18.72 -1.88 -67.76
C LEU E 107 -20.09 -2.39 -67.32
N VAL E 108 -20.70 -1.72 -66.34
CA VAL E 108 -22.01 -2.10 -65.82
C VAL E 108 -23.05 -1.14 -66.34
N SER E 109 -24.31 -1.46 -66.07
CA SER E 109 -25.44 -0.57 -66.38
C SER E 109 -25.96 0.03 -65.09
N LEU E 110 -26.26 1.33 -65.13
CA LEU E 110 -26.72 2.04 -63.94
C LEU E 110 -28.22 1.87 -63.77
N LYS E 111 -28.62 1.36 -62.62
CA LYS E 111 -30.00 1.30 -62.20
C LYS E 111 -30.17 2.09 -60.91
N ALA E 112 -31.42 2.37 -60.55
CA ALA E 112 -31.74 3.18 -59.39
C ALA E 112 -32.11 2.28 -58.21
N LEU E 113 -31.49 2.52 -57.07
CA LEU E 113 -31.85 1.81 -55.85
C LEU E 113 -33.08 2.46 -55.23
N ASP E 114 -34.09 1.65 -54.93
CA ASP E 114 -35.33 2.16 -54.36
C ASP E 114 -35.60 1.59 -52.97
N LEU E 117 -32.68 7.14 -48.87
CA LEU E 117 -33.50 6.37 -47.93
C LEU E 117 -32.87 6.25 -46.53
N PRO E 118 -31.56 6.00 -46.43
CA PRO E 118 -30.90 6.14 -45.13
C PRO E 118 -30.81 7.60 -44.72
N ASP E 119 -31.27 7.90 -43.50
CA ASP E 119 -31.33 9.29 -43.05
C ASP E 119 -29.94 9.89 -42.90
N GLY E 120 -29.04 9.17 -42.25
CA GLY E 120 -27.65 9.59 -42.13
C GLY E 120 -27.45 10.88 -41.37
N VAL E 121 -26.27 11.48 -41.57
CA VAL E 121 -25.92 12.75 -40.94
C VAL E 121 -24.82 13.39 -41.78
N SER E 122 -24.87 14.71 -41.92
CA SER E 122 -24.05 15.45 -42.86
C SER E 122 -22.91 16.17 -42.15
N ASP E 123 -22.03 16.76 -42.96
CA ASP E 123 -20.83 17.44 -42.48
C ASP E 123 -20.37 18.41 -43.54
N ALA E 124 -19.82 19.54 -43.10
CA ALA E 124 -19.27 20.56 -43.98
C ALA E 124 -17.76 20.63 -43.81
N SER E 125 -17.15 21.67 -44.36
CA SER E 125 -15.71 21.91 -44.32
C SER E 125 -14.93 20.82 -45.03
N ARG E 126 -15.62 19.84 -45.61
CA ARG E 126 -14.99 18.74 -46.33
C ARG E 126 -14.92 19.11 -47.81
N THR E 127 -13.72 19.43 -48.27
CA THR E 127 -13.52 19.96 -49.61
C THR E 127 -13.39 18.82 -50.62
N SER E 128 -13.02 19.15 -51.85
CA SER E 128 -12.76 18.16 -52.87
C SER E 128 -11.41 17.47 -52.71
N ALA E 129 -10.62 17.87 -51.72
CA ALA E 129 -9.36 17.21 -51.43
C ALA E 129 -9.54 15.88 -50.71
N ASP E 130 -10.76 15.57 -50.26
CA ASP E 130 -11.07 14.26 -49.69
C ASP E 130 -11.69 13.31 -50.70
N ASP E 131 -12.29 13.85 -51.77
CA ASP E 131 -12.69 13.04 -52.91
C ASP E 131 -11.51 12.30 -53.52
N LYS E 132 -10.28 12.76 -53.26
CA LYS E 132 -9.11 12.13 -53.84
C LYS E 132 -8.88 10.74 -53.26
N TRP E 133 -8.86 10.63 -51.92
CA TRP E 133 -8.45 9.39 -51.28
C TRP E 133 -9.59 8.64 -50.58
N LEU E 134 -10.74 9.28 -50.34
CA LEU E 134 -11.85 8.55 -49.73
C LEU E 134 -12.28 7.35 -50.57
N PRO E 135 -12.36 7.42 -51.90
CA PRO E 135 -12.54 6.18 -52.66
C PRO E 135 -11.44 5.17 -52.44
N LEU E 136 -10.18 5.59 -52.44
CA LEU E 136 -9.07 4.68 -52.20
C LEU E 136 -9.23 3.99 -50.84
N TYR E 137 -9.65 4.74 -49.83
CA TYR E 137 -9.87 4.20 -48.49
C TYR E 137 -10.97 3.14 -48.55
N LEU E 138 -12.18 3.57 -48.92
CA LEU E 138 -13.32 2.67 -48.93
C LEU E 138 -13.07 1.42 -49.77
N LEU E 139 -12.26 1.54 -50.83
CA LEU E 139 -11.90 0.37 -51.61
C LEU E 139 -10.90 -0.51 -50.88
N GLY E 140 -9.95 0.11 -50.17
CA GLY E 140 -8.97 -0.66 -49.42
C GLY E 140 -9.60 -1.45 -48.30
N LEU E 141 -10.64 -0.92 -47.65
CA LEU E 141 -11.27 -1.67 -46.57
C LEU E 141 -11.98 -2.92 -47.05
N TYR E 142 -12.27 -3.06 -48.34
CA TYR E 142 -12.81 -4.33 -48.83
C TYR E 142 -11.75 -5.42 -48.75
N ARG E 143 -10.51 -5.10 -49.11
CA ARG E 143 -9.42 -6.08 -49.01
C ARG E 143 -9.03 -6.30 -47.55
N VAL E 144 -9.05 -5.24 -46.74
CA VAL E 144 -8.70 -5.39 -45.33
C VAL E 144 -9.73 -6.25 -44.60
N GLY E 145 -11.01 -6.03 -44.90
CA GLY E 145 -12.09 -6.66 -44.15
C GLY E 145 -12.46 -8.07 -44.59
N ARG E 146 -11.57 -8.76 -45.29
CA ARG E 146 -11.81 -10.12 -45.71
C ARG E 146 -10.94 -11.14 -44.98
N THR E 147 -10.05 -10.70 -44.10
CA THR E 147 -9.15 -11.58 -43.37
C THR E 147 -9.33 -11.35 -41.87
N GLN E 148 -9.49 -12.45 -41.13
CA GLN E 148 -9.70 -12.39 -39.69
C GLN E 148 -8.42 -12.57 -38.89
N MET E 149 -7.28 -12.68 -39.55
CA MET E 149 -6.01 -12.77 -38.85
C MET E 149 -5.65 -11.40 -38.26
N PRO E 150 -5.18 -11.36 -37.01
CA PRO E 150 -4.96 -10.03 -36.39
C PRO E 150 -3.85 -9.23 -37.04
N GLU E 151 -2.76 -9.87 -37.45
CA GLU E 151 -1.63 -9.13 -38.04
C GLU E 151 -1.71 -9.02 -39.55
N TYR E 152 -2.39 -9.96 -40.23
CA TYR E 152 -2.56 -9.81 -41.67
C TYR E 152 -3.64 -8.79 -41.99
N ARG E 153 -4.59 -8.57 -41.07
CA ARG E 153 -5.52 -7.46 -41.24
C ARG E 153 -4.82 -6.11 -41.12
N LYS E 154 -3.54 -6.10 -40.73
CA LYS E 154 -2.77 -4.86 -40.70
C LYS E 154 -2.28 -4.50 -42.09
N LYS E 155 -3.08 -4.81 -43.11
CA LYS E 155 -2.93 -4.14 -44.40
C LYS E 155 -3.56 -2.76 -44.38
N LEU E 156 -4.39 -2.48 -43.36
CA LEU E 156 -4.87 -1.14 -43.11
C LEU E 156 -3.72 -0.16 -42.91
N MET E 157 -2.55 -0.65 -42.52
CA MET E 157 -1.36 0.21 -42.46
C MET E 157 -0.84 0.54 -43.86
N ASP E 158 -1.08 -0.35 -44.84
CA ASP E 158 -0.66 -0.08 -46.20
C ASP E 158 -1.69 0.72 -46.99
N GLY E 159 -2.98 0.61 -46.63
CA GLY E 159 -3.94 1.57 -47.15
C GLY E 159 -3.72 2.94 -46.54
N LEU E 160 -3.53 2.98 -45.22
CA LEU E 160 -3.16 4.22 -44.54
C LEU E 160 -1.89 4.83 -45.15
N THR E 161 -0.93 3.99 -45.51
CA THR E 161 0.30 4.49 -46.13
C THR E 161 0.04 4.99 -47.54
N ASN E 162 -0.69 4.21 -48.34
CA ASN E 162 -0.94 4.59 -49.72
C ASN E 162 -1.75 5.87 -49.82
N GLN E 163 -2.59 6.15 -48.82
CA GLN E 163 -3.28 7.44 -48.79
C GLN E 163 -2.42 8.53 -48.19
N CYS E 164 -1.56 8.20 -47.22
CA CYS E 164 -0.56 9.15 -46.75
C CYS E 164 0.30 9.65 -47.90
N LYS E 165 0.48 8.83 -48.93
CA LYS E 165 1.20 9.27 -50.12
C LYS E 165 0.39 10.33 -50.87
N MET E 166 -0.94 10.21 -50.87
CA MET E 166 -1.77 11.19 -51.53
C MET E 166 -1.83 12.49 -50.73
N ILE E 167 -2.02 12.37 -49.41
CA ILE E 167 -2.06 13.51 -48.51
C ILE E 167 -1.28 13.15 -47.26
N ASN E 168 -0.25 13.95 -46.95
CA ASN E 168 0.67 13.59 -45.87
C ASN E 168 -0.07 13.38 -44.56
N GLU E 169 -1.01 14.26 -44.23
CA GLU E 169 -1.75 14.16 -42.98
C GLU E 169 -3.05 13.40 -43.21
N GLN E 170 -2.90 12.12 -43.53
CA GLN E 170 -4.00 11.18 -43.61
C GLN E 170 -3.87 10.17 -42.48
N PHE E 171 -4.91 10.09 -41.64
CA PHE E 171 -4.95 9.10 -40.58
C PHE E 171 -6.34 8.48 -40.57
N GLU E 172 -6.39 7.18 -40.33
CA GLU E 172 -7.58 6.38 -40.59
C GLU E 172 -8.80 6.94 -39.87
N PRO E 173 -9.85 7.35 -40.58
CA PRO E 173 -11.04 7.90 -39.92
C PRO E 173 -11.96 6.81 -39.37
N LEU E 174 -11.40 5.74 -38.80
CA LEU E 174 -12.20 4.65 -38.28
C LEU E 174 -11.66 4.21 -36.93
N VAL E 175 -12.57 3.91 -36.00
CA VAL E 175 -12.23 3.49 -34.64
C VAL E 175 -11.62 2.10 -34.70
N PRO E 176 -10.88 1.67 -33.68
CA PRO E 176 -10.38 0.28 -33.67
C PRO E 176 -11.49 -0.75 -33.80
N GLU E 177 -12.61 -0.53 -33.11
CA GLU E 177 -13.80 -1.35 -33.32
C GLU E 177 -14.18 -1.44 -34.78
N GLY E 178 -13.74 -0.46 -35.59
CA GLY E 178 -13.93 -0.48 -37.02
C GLY E 178 -13.48 -1.75 -37.72
N ARG E 179 -12.69 -2.58 -37.04
CA ARG E 179 -12.31 -3.89 -37.58
C ARG E 179 -13.54 -4.73 -37.88
N ASP E 180 -14.69 -4.30 -37.37
CA ASP E 180 -15.96 -4.94 -37.64
C ASP E 180 -16.88 -4.09 -38.52
N ILE E 181 -16.46 -2.90 -38.92
CA ILE E 181 -17.36 -2.00 -39.63
C ILE E 181 -17.40 -2.31 -41.12
N PHE E 182 -16.22 -2.47 -41.75
CA PHE E 182 -16.18 -2.74 -43.18
C PHE E 182 -16.25 -4.24 -43.50
N ASP E 183 -16.35 -5.11 -42.49
CA ASP E 183 -16.52 -6.53 -42.75
C ASP E 183 -17.89 -6.83 -43.37
N VAL E 184 -18.87 -5.95 -43.16
CA VAL E 184 -20.20 -6.14 -43.71
C VAL E 184 -20.30 -5.60 -45.14
N TRP E 185 -19.42 -4.67 -45.53
CA TRP E 185 -19.48 -4.08 -46.86
C TRP E 185 -19.37 -5.13 -47.96
N GLY E 186 -18.58 -6.19 -47.74
CA GLY E 186 -18.45 -7.25 -48.71
C GLY E 186 -19.72 -8.04 -48.97
N ASN E 187 -20.80 -7.77 -48.23
CA ASN E 187 -22.06 -8.47 -48.43
C ASN E 187 -23.04 -7.69 -49.31
N ASP E 188 -22.76 -6.42 -49.60
CA ASP E 188 -23.60 -5.63 -50.48
C ASP E 188 -23.19 -5.90 -51.92
N SER E 189 -24.11 -6.48 -52.71
CA SER E 189 -23.79 -6.88 -54.08
C SER E 189 -23.31 -5.70 -54.91
N ASN E 190 -23.84 -4.50 -54.67
CA ASN E 190 -23.46 -3.34 -55.48
C ASN E 190 -22.06 -2.83 -55.14
N TYR E 191 -21.65 -2.95 -53.88
CA TYR E 191 -20.29 -2.58 -53.51
C TYR E 191 -19.26 -3.48 -54.18
N THR E 192 -19.53 -4.80 -54.20
CA THR E 192 -18.66 -5.72 -54.92
C THR E 192 -18.70 -5.45 -56.41
N LYS E 193 -19.88 -5.13 -56.95
CA LYS E 193 -19.97 -4.71 -58.36
C LYS E 193 -19.25 -3.40 -58.61
N ILE E 194 -18.93 -2.64 -57.56
CA ILE E 194 -18.12 -1.44 -57.73
C ILE E 194 -16.64 -1.80 -57.74
N VAL E 195 -16.18 -2.56 -56.75
CA VAL E 195 -14.75 -2.89 -56.67
C VAL E 195 -14.33 -3.73 -57.88
N ALA E 196 -15.21 -4.61 -58.36
CA ALA E 196 -14.87 -5.42 -59.52
C ALA E 196 -14.75 -4.57 -60.78
N ALA E 197 -15.61 -3.55 -60.92
CA ALA E 197 -15.51 -2.65 -62.05
C ALA E 197 -14.28 -1.76 -61.95
N VAL E 198 -13.88 -1.38 -60.73
CA VAL E 198 -12.67 -0.59 -60.55
C VAL E 198 -11.45 -1.39 -60.96
N ASP E 199 -11.34 -2.64 -60.46
CA ASP E 199 -10.18 -3.46 -60.79
C ASP E 199 -10.16 -3.82 -62.27
N MET E 200 -11.33 -4.16 -62.83
CA MET E 200 -11.38 -4.48 -64.25
C MET E 200 -11.02 -3.28 -65.11
N PHE E 201 -11.43 -2.08 -64.70
CA PHE E 201 -11.06 -0.88 -65.43
C PHE E 201 -9.57 -0.63 -65.35
N PHE E 202 -9.00 -0.63 -64.14
CA PHE E 202 -7.59 -0.30 -63.97
C PHE E 202 -6.66 -1.42 -64.42
N HIS E 203 -7.20 -2.59 -64.77
CA HIS E 203 -6.33 -3.60 -65.40
C HIS E 203 -6.04 -3.25 -66.85
N MET E 204 -7.04 -2.72 -67.57
CA MET E 204 -6.81 -2.27 -68.93
C MET E 204 -5.96 -0.99 -68.96
N PHE E 205 -6.39 0.03 -68.23
CA PHE E 205 -5.66 1.29 -68.14
C PHE E 205 -4.72 1.18 -66.96
N LYS E 206 -3.49 0.75 -67.25
CA LYS E 206 -2.57 0.28 -66.21
C LYS E 206 -1.81 1.44 -65.56
N LYS E 207 -1.33 2.39 -66.36
CA LYS E 207 -0.54 3.51 -65.86
C LYS E 207 -1.37 4.77 -65.68
N HIS E 208 -2.65 4.62 -65.30
CA HIS E 208 -3.46 5.78 -64.96
C HIS E 208 -2.93 6.44 -63.71
N GLU E 209 -3.12 7.76 -63.61
CA GLU E 209 -2.69 8.49 -62.42
C GLU E 209 -3.44 8.02 -61.18
N CYS E 210 -4.63 7.43 -61.35
CA CYS E 210 -5.40 6.88 -60.25
C CYS E 210 -5.34 5.36 -60.19
N ALA E 211 -4.31 4.75 -60.80
CA ALA E 211 -4.17 3.30 -60.75
C ALA E 211 -3.93 2.79 -59.34
N SER E 212 -3.46 3.64 -58.43
CA SER E 212 -3.26 3.25 -57.04
C SER E 212 -4.56 2.74 -56.43
N PHE E 213 -5.71 3.22 -56.92
CA PHE E 213 -7.01 2.75 -56.46
C PHE E 213 -7.15 1.23 -56.58
N ARG E 214 -6.37 0.60 -57.46
CA ARG E 214 -6.44 -0.86 -57.59
C ARG E 214 -6.07 -1.56 -56.29
N TYR E 215 -5.26 -0.93 -55.45
CA TYR E 215 -4.98 -1.47 -54.13
C TYR E 215 -6.28 -1.62 -53.35
N GLY E 216 -6.53 -2.83 -52.86
CA GLY E 216 -7.77 -3.16 -52.20
C GLY E 216 -8.77 -3.86 -53.10
N THR E 217 -8.77 -3.52 -54.39
CA THR E 217 -9.62 -4.21 -55.36
C THR E 217 -8.90 -5.34 -56.06
N ILE E 218 -7.57 -5.45 -55.91
CA ILE E 218 -6.82 -6.50 -56.59
C ILE E 218 -7.22 -7.88 -56.07
N VAL E 219 -7.72 -7.95 -54.84
CA VAL E 219 -8.20 -9.22 -54.30
C VAL E 219 -9.49 -9.69 -54.97
N SER E 220 -10.10 -8.85 -55.80
CA SER E 220 -11.29 -9.25 -56.53
C SER E 220 -10.97 -10.01 -57.80
N ARG E 221 -9.76 -9.85 -58.33
CA ARG E 221 -9.38 -10.55 -59.55
C ARG E 221 -9.12 -12.02 -59.24
N PHE E 222 -9.83 -12.91 -59.93
CA PHE E 222 -9.73 -14.36 -59.72
C PHE E 222 -10.04 -14.75 -58.27
N LYS E 223 -10.95 -14.03 -57.64
CA LYS E 223 -11.42 -14.41 -56.32
C LYS E 223 -12.19 -15.73 -56.42
N ASP E 224 -11.93 -16.63 -55.47
CA ASP E 224 -12.48 -17.99 -55.48
C ASP E 224 -12.08 -18.74 -56.74
N CYS E 225 -10.84 -18.54 -57.18
CA CYS E 225 -10.30 -19.19 -58.38
C CYS E 225 -8.86 -19.63 -58.12
N ALA E 226 -8.65 -20.33 -57.01
CA ALA E 226 -7.29 -20.71 -56.62
C ALA E 226 -6.75 -21.84 -57.50
N ALA E 227 -7.56 -22.87 -57.74
CA ALA E 227 -7.09 -24.06 -58.45
C ALA E 227 -6.50 -23.70 -59.82
N LEU E 228 -7.14 -22.75 -60.52
CA LEU E 228 -6.59 -22.27 -61.79
C LEU E 228 -5.20 -21.68 -61.58
N ALA E 229 -5.02 -20.88 -60.52
CA ALA E 229 -3.71 -20.31 -60.23
C ALA E 229 -2.69 -21.37 -59.84
N THR E 230 -3.15 -22.50 -59.28
CA THR E 230 -2.24 -23.62 -59.03
C THR E 230 -1.88 -24.31 -60.32
N PHE E 231 -2.78 -24.29 -61.32
CA PHE E 231 -2.41 -24.82 -62.63
C PHE E 231 -1.37 -23.94 -63.31
N GLY E 232 -1.52 -22.61 -63.19
CA GLY E 232 -0.47 -21.73 -63.68
C GLY E 232 0.84 -21.90 -62.93
N HIS E 233 0.77 -22.03 -61.61
CA HIS E 233 1.97 -22.20 -60.80
C HIS E 233 2.68 -23.51 -61.12
N LEU E 234 1.92 -24.56 -61.41
CA LEU E 234 2.53 -25.84 -61.79
C LEU E 234 3.12 -25.77 -63.19
N CYS E 235 2.39 -25.18 -64.14
CA CYS E 235 2.91 -24.99 -65.48
C CYS E 235 4.12 -24.05 -65.52
N LYS E 236 4.34 -23.27 -64.47
CA LYS E 236 5.54 -22.44 -64.39
C LYS E 236 6.68 -23.14 -63.67
N ILE E 237 6.39 -23.79 -62.55
CA ILE E 237 7.45 -24.45 -61.77
C ILE E 237 8.01 -25.63 -62.53
N THR E 238 7.14 -26.45 -63.13
CA THR E 238 7.62 -27.58 -63.92
C THR E 238 8.37 -27.12 -65.16
N GLY E 239 8.02 -25.94 -65.70
CA GLY E 239 8.54 -25.47 -66.95
C GLY E 239 7.97 -26.15 -68.17
N MET E 240 6.97 -27.01 -68.00
CA MET E 240 6.35 -27.73 -69.10
C MET E 240 5.13 -26.98 -69.61
N SER E 241 4.72 -27.31 -70.84
CA SER E 241 3.55 -26.69 -71.43
C SER E 241 2.29 -27.14 -70.71
N THR E 242 1.20 -26.40 -70.95
CA THR E 242 -0.08 -26.75 -70.34
C THR E 242 -0.55 -28.12 -70.82
N GLU E 243 -0.35 -28.41 -72.11
CA GLU E 243 -0.78 -29.70 -72.65
C GLU E 243 0.10 -30.85 -72.15
N ASP E 244 1.39 -30.58 -71.88
CA ASP E 244 2.26 -31.61 -71.34
C ASP E 244 1.92 -31.89 -69.87
N VAL E 245 1.74 -30.84 -69.08
CA VAL E 245 1.34 -31.01 -67.68
C VAL E 245 -0.02 -31.71 -67.60
N THR E 246 -0.92 -31.39 -68.54
CA THR E 246 -2.24 -32.01 -68.54
C THR E 246 -2.15 -33.53 -68.66
N THR E 247 -1.11 -34.04 -69.34
CA THR E 247 -0.96 -35.49 -69.48
C THR E 247 -0.50 -36.13 -68.19
N TRP E 248 0.29 -35.43 -67.38
CA TRP E 248 0.80 -35.98 -66.13
C TRP E 248 -0.24 -36.09 -65.04
N ILE E 249 -1.52 -35.98 -65.38
CA ILE E 249 -2.61 -36.20 -64.44
C ILE E 249 -2.92 -37.69 -64.42
N LEU E 250 -2.69 -38.34 -63.29
CA LEU E 250 -2.84 -39.78 -63.16
C LEU E 250 -4.01 -40.18 -62.27
N ASN E 251 -4.74 -39.22 -61.70
CA ASN E 251 -5.83 -39.50 -60.79
C ASN E 251 -7.16 -39.13 -61.44
N ARG E 252 -8.18 -39.97 -61.21
CA ARG E 252 -9.48 -39.77 -61.84
C ARG E 252 -10.14 -38.48 -61.38
N GLU E 253 -10.03 -38.17 -60.08
CA GLU E 253 -10.63 -36.94 -59.56
C GLU E 253 -9.99 -35.71 -60.20
N VAL E 254 -8.65 -35.69 -60.28
CA VAL E 254 -7.97 -34.57 -60.92
C VAL E 254 -8.32 -34.50 -62.40
N ALA E 255 -8.65 -35.64 -63.01
CA ALA E 255 -9.12 -35.63 -64.39
C ALA E 255 -10.47 -34.94 -64.51
N ASP E 256 -11.43 -35.34 -63.67
CA ASP E 256 -12.76 -34.72 -63.71
C ASP E 256 -12.69 -33.23 -63.40
N GLU E 257 -11.87 -32.85 -62.42
CA GLU E 257 -11.73 -31.43 -62.07
C GLU E 257 -11.04 -30.65 -63.18
N MET E 258 -10.02 -31.23 -63.80
CA MET E 258 -9.34 -30.56 -64.90
C MET E 258 -10.27 -30.40 -66.11
N VAL E 259 -11.14 -31.37 -66.34
CA VAL E 259 -12.17 -31.19 -67.36
C VAL E 259 -13.16 -30.11 -66.93
N GLN E 260 -13.39 -29.98 -65.62
CA GLN E 260 -14.35 -29.00 -65.12
C GLN E 260 -13.86 -27.57 -65.33
N MET E 261 -12.57 -27.33 -65.05
CA MET E 261 -12.05 -25.97 -65.19
C MET E 261 -11.94 -25.54 -66.65
N MET E 262 -11.61 -26.47 -67.54
CA MET E 262 -11.27 -26.13 -68.92
C MET E 262 -12.47 -26.20 -69.86
N LEU E 263 -13.64 -25.78 -69.43
CA LEU E 263 -14.76 -25.65 -70.35
C LEU E 263 -14.45 -24.53 -71.35
N PRO E 264 -14.80 -24.71 -72.63
CA PRO E 264 -14.19 -23.91 -73.70
C PRO E 264 -14.77 -22.53 -73.95
N GLY E 265 -15.80 -22.10 -73.22
CA GLY E 265 -16.41 -20.81 -73.55
C GLY E 265 -16.48 -19.81 -72.41
N GLN E 266 -15.48 -19.81 -71.53
CA GLN E 266 -15.50 -18.98 -70.33
C GLN E 266 -14.43 -17.89 -70.33
N GLU E 267 -13.76 -17.66 -71.47
CA GLU E 267 -12.78 -16.59 -71.62
C GLU E 267 -11.70 -16.62 -70.54
N ILE E 268 -11.32 -17.81 -70.09
CA ILE E 268 -10.28 -17.92 -69.08
C ILE E 268 -8.90 -17.58 -69.62
N ASP E 269 -8.76 -17.43 -70.95
CA ASP E 269 -7.49 -17.08 -71.56
C ASP E 269 -7.42 -15.62 -72.02
N LYS E 270 -8.54 -14.92 -72.07
CA LYS E 270 -8.53 -13.52 -72.47
C LYS E 270 -7.79 -12.68 -71.43
N ALA E 271 -7.04 -11.69 -71.90
CA ALA E 271 -6.29 -10.83 -71.00
C ALA E 271 -7.22 -10.00 -70.12
N ASP E 272 -8.11 -9.23 -70.74
CA ASP E 272 -9.05 -8.37 -70.04
C ASP E 272 -10.46 -8.87 -70.32
N SER E 273 -11.08 -9.49 -69.31
CA SER E 273 -12.39 -10.11 -69.50
C SER E 273 -13.19 -9.99 -68.20
N TYR E 274 -14.49 -10.29 -68.31
CA TYR E 274 -15.37 -10.35 -67.15
C TYR E 274 -15.16 -11.60 -66.32
N MET E 275 -14.44 -12.59 -66.83
CA MET E 275 -14.29 -13.86 -66.11
C MET E 275 -13.59 -13.72 -64.76
N PRO E 276 -12.46 -13.02 -64.63
CA PRO E 276 -11.79 -12.96 -63.33
C PRO E 276 -12.64 -12.39 -62.19
N TYR E 277 -13.76 -11.74 -62.51
CA TYR E 277 -14.61 -11.08 -61.52
C TYR E 277 -16.00 -11.69 -61.50
N LEU E 278 -16.08 -13.00 -61.72
CA LEU E 278 -17.37 -13.68 -61.80
C LEU E 278 -18.08 -13.77 -60.45
N ILE E 279 -17.40 -13.48 -59.35
CA ILE E 279 -17.97 -13.61 -58.02
C ILE E 279 -18.53 -12.28 -57.52
N ASP E 280 -17.73 -11.21 -57.60
CA ASP E 280 -18.19 -9.91 -57.13
C ASP E 280 -19.20 -9.29 -58.11
N PHE E 281 -19.04 -9.56 -59.40
CA PHE E 281 -20.03 -9.12 -60.38
C PHE E 281 -21.34 -9.89 -60.26
N GLY E 282 -21.34 -11.03 -59.57
CA GLY E 282 -22.53 -11.85 -59.50
C GLY E 282 -22.79 -12.70 -60.73
N LEU E 283 -21.77 -12.89 -61.58
CA LEU E 283 -21.90 -13.78 -62.72
C LEU E 283 -22.03 -15.24 -62.30
N SER E 284 -21.63 -15.56 -61.07
CA SER E 284 -21.65 -16.93 -60.59
C SER E 284 -21.66 -16.93 -59.06
N SER E 285 -22.51 -17.78 -58.48
CA SER E 285 -22.60 -17.92 -57.04
C SER E 285 -21.69 -19.01 -56.49
N LYS E 286 -21.32 -19.99 -57.32
CA LYS E 286 -20.40 -21.06 -56.94
C LYS E 286 -19.35 -21.16 -58.05
N SER E 287 -18.15 -20.67 -57.77
CA SER E 287 -17.12 -20.61 -58.80
C SER E 287 -16.71 -22.03 -59.23
N PRO E 288 -16.41 -22.23 -60.51
CA PRO E 288 -15.91 -23.54 -60.97
C PRO E 288 -14.41 -23.73 -60.80
N TYR E 289 -13.67 -22.69 -60.43
CA TYR E 289 -12.22 -22.72 -60.41
C TYR E 289 -11.66 -22.63 -59.00
N SER E 290 -12.50 -22.86 -57.99
CA SER E 290 -12.06 -22.76 -56.61
C SER E 290 -11.41 -24.05 -56.14
N SER E 291 -10.56 -23.94 -55.12
CA SER E 291 -9.99 -25.09 -54.47
C SER E 291 -10.97 -25.81 -53.55
N VAL E 292 -12.28 -25.56 -53.70
CA VAL E 292 -13.32 -26.22 -52.92
C VAL E 292 -14.05 -27.16 -53.86
N LYS E 293 -14.15 -26.76 -55.12
CA LYS E 293 -14.69 -27.63 -56.16
C LYS E 293 -13.60 -28.33 -56.95
N ASN E 294 -12.32 -28.01 -56.72
CA ASN E 294 -11.21 -28.72 -57.34
C ASN E 294 -10.18 -29.01 -56.26
N PRO E 295 -10.50 -29.88 -55.30
CA PRO E 295 -9.58 -30.09 -54.17
C PRO E 295 -8.38 -30.96 -54.52
N ALA E 296 -8.62 -32.08 -55.21
CA ALA E 296 -7.53 -32.99 -55.56
C ALA E 296 -6.55 -32.33 -56.51
N PHE E 297 -7.03 -31.43 -57.38
CA PHE E 297 -6.11 -30.69 -58.25
C PHE E 297 -5.26 -29.72 -57.45
N HIS E 298 -5.87 -29.02 -56.50
CA HIS E 298 -5.12 -28.09 -55.66
C HIS E 298 -4.05 -28.82 -54.86
N PHE E 299 -4.42 -29.92 -54.21
CA PHE E 299 -3.47 -30.70 -53.43
C PHE E 299 -2.37 -31.29 -54.30
N TRP E 300 -2.75 -31.88 -55.43
CA TRP E 300 -1.78 -32.54 -56.31
C TRP E 300 -0.80 -31.54 -56.89
N GLY E 301 -1.31 -30.48 -57.54
CA GLY E 301 -0.43 -29.50 -58.14
C GLY E 301 0.41 -28.76 -57.13
N GLN E 302 -0.19 -28.37 -56.00
CA GLN E 302 0.57 -27.64 -54.99
C GLN E 302 1.66 -28.52 -54.39
N LEU E 303 1.35 -29.79 -54.12
CA LEU E 303 2.36 -30.68 -53.56
C LEU E 303 3.49 -30.95 -54.54
N THR E 304 3.16 -31.18 -55.81
CA THR E 304 4.19 -31.39 -56.83
C THR E 304 5.07 -30.16 -56.95
N ALA E 305 4.47 -28.97 -56.95
CA ALA E 305 5.25 -27.74 -56.96
C ALA E 305 6.19 -27.68 -55.76
N LEU E 306 5.66 -27.95 -54.56
CA LEU E 306 6.48 -27.93 -53.36
C LEU E 306 7.67 -28.87 -53.47
N LEU E 307 7.44 -30.08 -53.99
CA LEU E 307 8.55 -31.00 -54.19
C LEU E 307 9.52 -30.49 -55.25
N LEU E 308 9.05 -29.66 -56.17
CA LEU E 308 9.94 -29.01 -57.14
C LEU E 308 10.40 -27.64 -56.68
N ARG E 309 10.72 -27.50 -55.39
CA ARG E 309 11.37 -26.32 -54.82
C ARG E 309 10.48 -25.08 -54.87
N SER E 310 9.19 -25.26 -54.63
CA SER E 310 8.30 -24.11 -54.61
C SER E 310 8.35 -23.41 -53.26
N THR E 311 8.01 -22.12 -53.29
CA THR E 311 7.90 -21.29 -52.09
C THR E 311 6.45 -21.00 -51.71
N ARG E 312 5.60 -20.77 -52.70
CA ARG E 312 4.19 -20.50 -52.45
C ARG E 312 3.51 -21.70 -51.80
N ALA E 313 3.89 -22.91 -52.22
CA ALA E 313 3.24 -24.12 -51.74
C ALA E 313 3.52 -24.40 -50.27
N ARG E 314 4.57 -23.80 -49.70
CA ARG E 314 4.92 -24.03 -48.30
C ARG E 314 3.79 -23.65 -47.36
N ASN E 315 2.85 -22.82 -47.81
CA ASN E 315 1.74 -22.36 -46.98
C ASN E 315 0.38 -22.66 -47.61
N ALA E 316 0.33 -23.37 -48.73
CA ALA E 316 -0.93 -23.76 -49.32
C ALA E 316 -1.64 -24.76 -48.41
N ARG E 317 -2.96 -24.62 -48.31
CA ARG E 317 -3.72 -25.38 -47.33
C ARG E 317 -4.16 -26.73 -47.88
N GLN E 318 -4.22 -27.71 -46.99
CA GLN E 318 -4.53 -29.09 -47.35
C GLN E 318 -6.03 -29.31 -47.32
N PRO E 319 -6.70 -29.55 -48.45
CA PRO E 319 -8.16 -29.73 -48.44
C PRO E 319 -8.58 -30.95 -47.64
N ASP E 320 -9.89 -31.07 -47.46
CA ASP E 320 -10.48 -32.16 -46.71
C ASP E 320 -11.17 -33.15 -47.64
N ASP E 321 -11.16 -34.43 -47.24
CA ASP E 321 -11.86 -35.51 -47.93
C ASP E 321 -11.37 -35.65 -49.38
N ILE E 322 -10.12 -36.07 -49.50
CA ILE E 322 -9.51 -36.44 -50.77
C ILE E 322 -8.60 -37.64 -50.54
N GLU E 323 -8.15 -38.25 -51.64
CA GLU E 323 -7.29 -39.42 -51.58
C GLU E 323 -5.84 -38.95 -51.45
N TYR E 324 -5.42 -38.72 -50.21
CA TYR E 324 -4.07 -38.22 -49.99
C TYR E 324 -3.01 -39.21 -50.48
N THR E 325 -3.29 -40.52 -50.38
CA THR E 325 -2.29 -41.52 -50.73
C THR E 325 -2.02 -41.54 -52.23
N SER E 326 -3.06 -41.76 -53.05
CA SER E 326 -2.88 -41.82 -54.49
C SER E 326 -2.38 -40.49 -55.04
N LEU E 327 -2.97 -39.38 -54.58
CA LEU E 327 -2.52 -38.06 -55.02
C LEU E 327 -1.05 -37.83 -54.70
N THR E 328 -0.63 -38.21 -53.49
CA THR E 328 0.76 -38.03 -53.10
C THR E 328 1.70 -38.89 -53.93
N THR E 329 1.31 -40.13 -54.21
CA THR E 329 2.14 -40.98 -55.06
C THR E 329 2.28 -40.39 -56.46
N ALA E 330 1.18 -39.88 -57.01
CA ALA E 330 1.22 -39.25 -58.33
C ALA E 330 2.15 -38.04 -58.32
N GLY E 331 2.00 -37.17 -57.32
CA GLY E 331 2.90 -36.03 -57.22
C GLY E 331 4.34 -36.42 -56.99
N LEU E 332 4.58 -37.58 -56.38
CA LEU E 332 5.95 -38.03 -56.16
C LEU E 332 6.57 -38.50 -57.47
N LEU E 333 5.82 -39.27 -58.27
CA LEU E 333 6.34 -39.70 -59.56
C LEU E 333 6.54 -38.51 -60.50
N TYR E 334 5.60 -37.57 -60.49
CA TYR E 334 5.72 -36.40 -61.35
C TYR E 334 6.91 -35.54 -60.95
N ALA E 335 6.99 -35.18 -59.67
CA ALA E 335 8.07 -34.33 -59.20
C ALA E 335 9.43 -35.02 -59.34
N TYR E 336 9.47 -36.34 -59.18
CA TYR E 336 10.72 -37.07 -59.38
C TYR E 336 11.12 -37.09 -60.85
N ALA E 337 10.14 -37.24 -61.74
CA ALA E 337 10.42 -37.20 -63.17
C ALA E 337 10.98 -35.84 -63.57
N VAL E 338 10.33 -34.76 -63.15
CA VAL E 338 10.81 -33.42 -63.49
C VAL E 338 12.14 -33.13 -62.82
N GLY E 339 12.37 -33.68 -61.63
CA GLY E 339 13.60 -33.46 -60.89
C GLY E 339 14.81 -34.14 -61.49
N SER E 340 14.67 -35.40 -61.88
CA SER E 340 15.80 -36.13 -62.47
C SER E 340 16.08 -35.66 -63.89
N SER E 341 15.04 -35.37 -64.66
CA SER E 341 15.18 -35.01 -66.07
C SER E 341 15.29 -33.49 -66.19
N ALA E 342 16.48 -32.97 -65.89
CA ALA E 342 16.72 -31.54 -66.05
C ALA E 342 16.68 -31.14 -67.52
N ASP E 343 16.98 -32.07 -68.42
CA ASP E 343 16.91 -31.85 -69.87
C ASP E 343 17.77 -30.66 -70.29
N LEU E 344 18.99 -30.58 -69.74
CA LEU E 344 19.92 -29.55 -70.14
C LEU E 344 20.33 -29.74 -71.59
N ALA E 345 20.24 -28.68 -72.38
CA ALA E 345 20.57 -28.74 -73.80
C ALA E 345 21.27 -27.45 -74.20
N GLN E 346 22.29 -27.58 -75.05
CA GLN E 346 23.05 -26.42 -75.50
C GLN E 346 22.15 -25.49 -76.29
N GLN E 347 22.31 -24.18 -76.06
CA GLN E 347 21.45 -23.17 -76.67
C GLN E 347 22.19 -22.25 -77.63
N PHE E 348 23.40 -21.80 -77.27
CA PHE E 348 24.20 -20.94 -78.13
C PHE E 348 25.56 -21.60 -78.38
N CYS E 349 26.08 -21.41 -79.59
CA CYS E 349 27.37 -21.95 -79.99
C CYS E 349 28.24 -20.85 -80.55
N VAL E 350 29.55 -21.08 -80.54
CA VAL E 350 30.51 -20.10 -81.06
C VAL E 350 30.91 -20.49 -82.48
N GLY E 351 31.83 -21.44 -82.62
CA GLY E 351 32.36 -21.80 -83.92
C GLY E 351 31.48 -22.80 -84.66
N ASP E 352 30.17 -22.64 -84.50
CA ASP E 352 29.19 -23.56 -85.07
C ASP E 352 29.51 -25.01 -84.69
N ASN E 353 29.85 -25.20 -83.42
CA ASN E 353 30.05 -26.53 -82.85
C ASN E 353 28.99 -26.74 -81.77
N LYS E 354 28.22 -27.81 -81.92
CA LYS E 354 27.18 -28.16 -80.96
C LYS E 354 27.54 -29.49 -80.31
N TYR E 355 26.86 -29.78 -79.20
CA TYR E 355 27.04 -31.07 -78.55
C TYR E 355 26.52 -32.18 -79.45
N THR E 356 27.40 -33.12 -79.80
CA THR E 356 27.01 -34.26 -80.62
C THR E 356 26.93 -35.49 -79.72
N PRO E 357 25.73 -35.99 -79.40
CA PRO E 357 25.63 -37.16 -78.53
C PRO E 357 26.24 -38.39 -79.18
N ASP E 358 26.79 -39.26 -78.33
CA ASP E 358 27.46 -40.47 -78.78
C ASP E 358 26.47 -41.63 -78.74
N ASP E 359 26.27 -42.29 -79.88
CA ASP E 359 25.35 -43.41 -79.99
C ASP E 359 26.05 -44.76 -79.89
N SER E 360 27.38 -44.78 -79.76
CA SER E 360 28.14 -46.02 -79.67
C SER E 360 28.18 -46.58 -78.25
N THR E 361 27.21 -46.23 -77.41
CA THR E 361 27.14 -46.74 -76.05
C THR E 361 26.18 -47.93 -76.04
N GLY E 362 26.73 -49.13 -76.07
CA GLY E 362 25.92 -50.33 -76.23
C GLY E 362 26.06 -51.36 -75.13
N GLY E 363 26.68 -50.97 -74.01
CA GLY E 363 26.74 -51.86 -72.86
C GLY E 363 25.41 -52.16 -72.21
N LEU E 364 24.32 -51.62 -72.75
CA LEU E 364 22.95 -51.84 -72.28
C LEU E 364 22.80 -51.34 -70.83
N THR E 365 22.78 -50.01 -70.72
CA THR E 365 22.53 -49.34 -69.44
C THR E 365 21.01 -49.29 -69.20
N THR E 366 20.44 -50.47 -69.01
CA THR E 366 19.02 -50.62 -68.75
C THR E 366 18.74 -50.42 -67.27
N ASN E 367 17.48 -50.63 -66.87
CA ASN E 367 17.03 -50.45 -65.49
C ASN E 367 17.31 -49.04 -64.98
N ALA E 368 17.47 -48.09 -65.89
CA ALA E 368 17.69 -46.68 -65.60
C ALA E 368 16.45 -45.87 -65.97
N PRO E 369 16.14 -44.81 -65.21
CA PRO E 369 14.93 -44.03 -65.47
C PRO E 369 14.94 -43.43 -66.87
N PRO E 370 13.77 -43.10 -67.42
CA PRO E 370 13.71 -42.50 -68.76
C PRO E 370 14.51 -41.22 -68.84
N GLN E 371 14.67 -40.74 -70.08
CA GLN E 371 15.54 -39.61 -70.37
C GLN E 371 14.79 -38.28 -70.50
N GLY E 372 13.52 -38.31 -70.86
CA GLY E 372 12.75 -37.09 -70.99
C GLY E 372 11.76 -36.89 -69.87
N ARG E 373 10.59 -36.35 -70.19
CA ARG E 373 9.51 -36.17 -69.22
C ARG E 373 8.20 -36.73 -69.76
N ASP E 374 8.27 -37.74 -70.62
CA ASP E 374 7.09 -38.34 -71.21
C ASP E 374 6.40 -39.24 -70.19
N VAL E 375 5.09 -39.09 -70.07
CA VAL E 375 4.32 -39.91 -69.12
C VAL E 375 4.32 -41.37 -69.56
N VAL E 376 4.29 -41.61 -70.87
CA VAL E 376 4.18 -42.97 -71.39
C VAL E 376 5.38 -43.81 -70.98
N GLU E 377 6.53 -43.18 -70.78
CA GLU E 377 7.74 -43.91 -70.37
C GLU E 377 7.90 -43.98 -68.86
N TRP E 378 7.49 -42.93 -68.14
CA TRP E 378 7.62 -42.95 -66.69
C TRP E 378 6.59 -43.87 -66.03
N LEU E 379 5.42 -44.02 -66.65
CA LEU E 379 4.48 -45.04 -66.16
C LEU E 379 5.02 -46.44 -66.36
N GLY E 380 5.76 -46.67 -67.46
CA GLY E 380 6.34 -47.99 -67.68
C GLY E 380 7.49 -48.28 -66.74
N TRP E 381 8.40 -47.31 -66.57
CA TRP E 381 9.46 -47.45 -65.59
C TRP E 381 8.87 -47.66 -64.19
N PHE E 382 7.83 -46.90 -63.84
CA PHE E 382 7.16 -47.06 -62.56
C PHE E 382 6.55 -48.45 -62.43
N GLU E 383 6.06 -49.01 -63.53
CA GLU E 383 5.60 -50.40 -63.51
C GLU E 383 6.76 -51.36 -63.28
N ASP E 384 7.92 -51.08 -63.86
CA ASP E 384 9.12 -51.85 -63.57
C ASP E 384 9.54 -51.71 -62.11
N GLN E 385 9.07 -50.66 -61.42
CA GLN E 385 9.26 -50.53 -59.98
C GLN E 385 8.10 -51.09 -59.18
N ASN E 386 7.25 -51.91 -59.80
CA ASN E 386 6.11 -52.56 -59.13
C ASN E 386 5.13 -51.54 -58.56
N ARG E 387 5.05 -50.36 -59.18
CA ARG E 387 4.14 -49.30 -58.75
C ARG E 387 4.35 -48.91 -57.29
N LYS E 388 5.57 -49.10 -56.79
CA LYS E 388 5.97 -48.66 -55.47
C LYS E 388 7.12 -47.67 -55.60
N PRO E 389 7.06 -46.51 -54.94
CA PRO E 389 8.13 -45.52 -55.09
C PRO E 389 9.47 -46.08 -54.63
N THR E 390 10.47 -45.94 -55.50
CA THR E 390 11.81 -46.42 -55.20
C THR E 390 12.42 -45.63 -54.05
N PRO E 391 13.39 -46.20 -53.34
CA PRO E 391 14.04 -45.45 -52.25
C PRO E 391 14.74 -44.18 -52.71
N ASP E 392 15.11 -44.07 -53.99
CA ASP E 392 15.68 -42.83 -54.49
C ASP E 392 14.61 -41.76 -54.65
N MET E 393 13.37 -42.17 -54.96
CA MET E 393 12.27 -41.21 -55.01
C MET E 393 11.92 -40.69 -53.63
N MET E 394 11.74 -41.60 -52.66
CA MET E 394 11.44 -41.19 -51.30
C MET E 394 12.59 -40.37 -50.71
N GLN E 395 13.83 -40.75 -51.02
CA GLN E 395 14.97 -39.96 -50.55
C GLN E 395 14.98 -38.59 -51.20
N TYR E 396 14.64 -38.51 -52.49
CA TYR E 396 14.55 -37.22 -53.16
C TYR E 396 13.51 -36.32 -52.50
N ALA E 397 12.33 -36.87 -52.22
CA ALA E 397 11.29 -36.09 -51.56
C ALA E 397 11.72 -35.65 -50.15
N LYS E 398 12.40 -36.54 -49.42
CA LYS E 398 12.93 -36.15 -48.12
C LYS E 398 13.92 -35.00 -48.26
N ARG E 399 14.79 -35.05 -49.28
CA ARG E 399 15.71 -33.96 -49.54
C ARG E 399 14.96 -32.66 -49.84
N ALA E 400 13.82 -32.76 -50.51
CA ALA E 400 13.07 -31.56 -50.86
C ALA E 400 12.34 -30.96 -49.66
N VAL E 401 11.78 -31.80 -48.79
CA VAL E 401 10.95 -31.30 -47.70
C VAL E 401 11.72 -31.04 -46.41
N MET E 402 12.87 -31.68 -46.22
CA MET E 402 13.69 -31.36 -45.06
C MET E 402 14.22 -29.93 -45.18
N SER E 403 14.75 -29.42 -44.07
CA SER E 403 15.20 -28.05 -43.93
C SER E 403 14.08 -27.03 -44.16
N LEU E 404 12.82 -27.48 -44.16
CA LEU E 404 11.69 -26.57 -44.14
C LEU E 404 11.36 -26.20 -42.70
N GLN E 405 11.33 -24.90 -42.42
CA GLN E 405 11.06 -24.40 -41.08
C GLN E 405 9.90 -23.43 -41.12
N GLY E 406 9.33 -23.17 -39.93
CA GLY E 406 8.22 -22.25 -39.80
C GLY E 406 7.01 -22.64 -40.63
N LEU E 407 6.55 -23.88 -40.46
CA LEU E 407 5.44 -24.42 -41.23
C LEU E 407 4.15 -24.29 -40.45
N ARG E 408 3.10 -23.83 -41.11
CA ARG E 408 1.79 -23.72 -40.49
C ARG E 408 1.09 -25.08 -40.48
N GLU E 409 0.17 -25.24 -39.53
CA GLU E 409 -0.63 -26.46 -39.48
C GLU E 409 -1.64 -26.47 -40.63
N LYS E 410 -2.09 -27.67 -40.98
CA LYS E 410 -3.07 -27.89 -42.05
C LYS E 410 -2.59 -27.38 -43.40
N THR E 411 -1.29 -27.24 -43.59
CA THR E 411 -0.71 -26.82 -44.86
C THR E 411 0.04 -27.99 -45.49
N ILE E 412 0.10 -27.98 -46.83
CA ILE E 412 0.79 -29.05 -47.55
C ILE E 412 2.29 -29.01 -47.35
N GLY E 413 2.83 -27.91 -46.83
CA GLY E 413 4.24 -27.90 -46.45
C GLY E 413 4.49 -28.78 -45.24
N LYS E 414 3.72 -28.58 -44.17
CA LYS E 414 3.82 -29.47 -43.02
C LYS E 414 3.36 -30.87 -43.35
N TYR E 415 2.44 -31.02 -44.31
CA TYR E 415 2.02 -32.36 -44.73
C TYR E 415 3.17 -33.10 -45.40
N ALA E 416 3.79 -32.48 -46.41
CA ALA E 416 4.91 -33.12 -47.11
C ALA E 416 6.06 -33.37 -46.17
N LYS E 417 6.39 -32.39 -45.31
CA LYS E 417 7.46 -32.58 -44.33
C LYS E 417 7.16 -33.76 -43.41
N SER E 418 5.93 -33.82 -42.89
CA SER E 418 5.54 -34.92 -42.01
C SER E 418 5.42 -36.24 -42.75
N GLU E 419 5.39 -36.22 -44.09
CA GLU E 419 5.21 -37.44 -44.87
C GLU E 419 6.53 -38.04 -45.33
N PHE E 420 7.48 -37.22 -45.79
CA PHE E 420 8.71 -37.73 -46.36
C PHE E 420 9.93 -37.55 -45.47
N ASP E 421 9.88 -36.68 -44.46
CA ASP E 421 11.06 -36.37 -43.65
C ASP E 421 11.05 -37.25 -42.40
N LYS E 422 11.46 -38.50 -42.60
CA LYS E 422 11.67 -39.44 -41.51
C LYS E 422 12.41 -40.68 -42.00
N GLN F 1 13.18 -36.11 -84.62
CA GLN F 1 14.20 -36.54 -85.57
C GLN F 1 14.61 -37.98 -85.33
N VAL F 2 13.68 -38.78 -84.82
CA VAL F 2 13.89 -40.20 -84.60
C VAL F 2 13.32 -40.96 -85.77
N GLN F 3 14.07 -41.94 -86.28
CA GLN F 3 13.63 -42.69 -87.45
C GLN F 3 14.30 -44.06 -87.48
N LEU F 4 13.61 -44.99 -88.13
CA LEU F 4 14.10 -46.34 -88.40
C LEU F 4 14.12 -46.56 -89.90
N VAL F 5 15.26 -47.00 -90.42
CA VAL F 5 15.46 -47.14 -91.86
C VAL F 5 15.68 -48.62 -92.17
N GLU F 6 14.87 -49.17 -93.06
CA GLU F 6 14.93 -50.59 -93.42
C GLU F 6 15.59 -50.76 -94.78
N THR F 7 16.60 -51.63 -94.83
CA THR F 7 17.26 -52.02 -96.07
C THR F 7 17.29 -53.54 -96.16
N GLY F 8 17.60 -54.03 -97.36
CA GLY F 8 17.85 -55.44 -97.56
C GLY F 8 16.73 -56.25 -98.19
N GLY F 9 15.76 -55.60 -98.84
CA GLY F 9 14.68 -56.30 -99.50
C GLY F 9 14.99 -56.64 -100.95
N GLY F 10 14.05 -57.33 -101.58
CA GLY F 10 14.19 -57.67 -102.98
C GLY F 10 13.25 -58.81 -103.35
N LEU F 11 13.43 -59.28 -104.59
CA LEU F 11 12.68 -60.42 -105.11
C LEU F 11 13.58 -61.64 -105.13
N VAL F 12 13.06 -62.76 -104.63
CA VAL F 12 13.81 -64.01 -104.56
C VAL F 12 12.90 -65.15 -104.99
N GLN F 13 13.53 -66.29 -105.29
CA GLN F 13 12.78 -67.49 -105.59
C GLN F 13 12.37 -68.20 -104.30
N THR F 14 11.34 -69.03 -104.41
CA THR F 14 10.88 -69.81 -103.26
C THR F 14 12.01 -70.66 -102.71
N GLY F 15 12.17 -70.63 -101.39
CA GLY F 15 13.28 -71.31 -100.74
C GLY F 15 14.51 -70.45 -100.55
N GLY F 16 14.59 -69.30 -101.22
CA GLY F 16 15.70 -68.39 -101.02
C GLY F 16 15.65 -67.73 -99.67
N SER F 17 16.63 -66.84 -99.44
CA SER F 17 16.76 -66.17 -98.16
C SER F 17 17.17 -64.72 -98.36
N LEU F 18 16.70 -63.86 -97.45
CA LEU F 18 17.07 -62.46 -97.40
C LEU F 18 17.46 -62.12 -95.97
N ARG F 19 17.98 -60.91 -95.79
CA ARG F 19 18.31 -60.39 -94.47
C ARG F 19 18.00 -58.90 -94.46
N LEU F 20 17.02 -58.50 -93.65
CA LEU F 20 16.61 -57.12 -93.54
C LEU F 20 17.33 -56.46 -92.37
N SER F 21 17.85 -55.27 -92.61
CA SER F 21 18.52 -54.48 -91.59
C SER F 21 17.68 -53.25 -91.27
N CYS F 22 17.66 -52.87 -89.99
CA CYS F 22 16.95 -51.69 -89.53
C CYS F 22 17.89 -50.82 -88.71
N LYS F 23 18.19 -49.63 -89.22
CA LYS F 23 19.04 -48.67 -88.54
C LYS F 23 18.16 -47.68 -87.78
N ALA F 24 18.33 -47.63 -86.47
CA ALA F 24 17.54 -46.76 -85.60
C ALA F 24 18.40 -45.59 -85.13
N SER F 25 17.89 -44.37 -85.31
CA SER F 25 18.62 -43.18 -84.90
C SER F 25 17.66 -42.13 -84.39
N GLY F 26 18.20 -41.21 -83.58
CA GLY F 26 17.46 -40.07 -83.07
C GLY F 26 17.25 -40.07 -81.56
N ARG F 27 17.43 -41.21 -80.89
CA ARG F 27 17.17 -41.29 -79.46
C ARG F 27 17.89 -42.52 -78.91
N THR F 28 17.58 -42.89 -77.69
CA THR F 28 18.10 -44.10 -77.06
C THR F 28 17.07 -45.21 -77.15
N PHE F 29 17.54 -46.44 -77.34
CA PHE F 29 16.66 -47.59 -77.51
C PHE F 29 17.00 -48.72 -76.54
N SER F 30 17.68 -48.41 -75.43
CA SER F 30 18.13 -49.46 -74.53
C SER F 30 16.96 -50.11 -73.79
N ASN F 31 15.94 -49.33 -73.44
CA ASN F 31 14.74 -49.84 -72.77
C ASN F 31 13.55 -49.89 -73.73
N SER F 32 13.82 -50.21 -74.98
CA SER F 32 12.82 -50.16 -76.04
C SER F 32 12.66 -51.53 -76.67
N ILE F 33 11.41 -51.89 -76.96
CA ILE F 33 11.10 -53.14 -77.66
C ILE F 33 11.12 -52.86 -79.15
N MET F 34 11.99 -53.55 -79.87
CA MET F 34 12.07 -53.43 -81.32
C MET F 34 11.26 -54.55 -81.97
N GLY F 35 10.93 -54.37 -83.25
CA GLY F 35 10.14 -55.38 -83.91
C GLY F 35 9.99 -55.12 -85.39
N TRP F 36 9.32 -56.06 -86.06
CA TRP F 36 9.03 -55.99 -87.47
C TRP F 36 7.55 -56.23 -87.71
N PHE F 37 7.04 -55.60 -88.76
CA PHE F 37 5.68 -55.85 -89.24
C PHE F 37 5.72 -55.95 -90.75
N ARG F 38 4.61 -56.36 -91.35
CA ARG F 38 4.54 -56.45 -92.80
C ARG F 38 3.12 -56.13 -93.27
N GLN F 39 3.04 -55.50 -94.43
CA GLN F 39 1.79 -55.11 -95.06
C GLN F 39 1.66 -55.83 -96.39
N ALA F 40 0.63 -56.66 -96.51
CA ALA F 40 0.34 -57.34 -97.76
C ALA F 40 -0.38 -56.39 -98.71
N PRO F 41 -0.28 -56.62 -100.03
CA PRO F 41 -1.01 -55.78 -100.98
C PRO F 41 -2.52 -55.88 -100.80
N GLY F 42 -3.11 -54.92 -100.11
CA GLY F 42 -4.54 -54.92 -99.90
C GLY F 42 -5.02 -55.74 -98.73
N LYS F 43 -4.30 -55.71 -97.62
CA LYS F 43 -4.72 -56.41 -96.41
C LYS F 43 -4.06 -55.75 -95.20
N GLU F 44 -4.61 -56.01 -94.03
CA GLU F 44 -4.17 -55.34 -92.81
C GLU F 44 -2.71 -55.64 -92.51
N ARG F 45 -2.00 -54.62 -92.03
CA ARG F 45 -0.62 -54.79 -91.59
C ARG F 45 -0.57 -55.81 -90.44
N ASP F 46 0.27 -56.83 -90.60
CA ASP F 46 0.32 -57.95 -89.68
C ASP F 46 1.66 -57.99 -88.95
N PHE F 47 1.66 -58.72 -87.84
CA PHE F 47 2.86 -58.93 -87.03
C PHE F 47 3.63 -60.14 -87.54
N VAL F 48 4.95 -60.08 -87.40
CA VAL F 48 5.81 -61.19 -87.83
C VAL F 48 6.77 -61.59 -86.72
N ALA F 49 7.42 -60.60 -86.11
CA ALA F 49 8.40 -60.89 -85.06
C ALA F 49 8.66 -59.63 -84.26
N LYS F 50 9.05 -59.82 -83.00
CA LYS F 50 9.49 -58.72 -82.15
C LYS F 50 10.57 -59.24 -81.22
N ILE F 51 11.38 -58.32 -80.72
CA ILE F 51 12.43 -58.63 -79.76
C ILE F 51 12.46 -57.53 -78.71
N SER F 52 12.50 -57.92 -77.45
CA SER F 52 12.45 -56.99 -76.34
C SER F 52 13.85 -56.50 -75.98
N TRP F 53 13.91 -55.62 -74.98
CA TRP F 53 15.18 -55.20 -74.39
C TRP F 53 15.57 -56.05 -73.19
N ARG F 54 14.66 -56.88 -72.69
CA ARG F 54 14.91 -57.75 -71.55
C ARG F 54 15.40 -59.10 -72.04
N ASN F 55 16.71 -59.34 -71.91
CA ASN F 55 17.33 -60.62 -72.25
C ASN F 55 17.09 -61.02 -73.70
N ASP F 56 16.77 -60.05 -74.56
CA ASP F 56 16.49 -60.30 -75.98
C ASP F 56 15.39 -61.35 -76.15
N TYR F 57 14.30 -61.18 -75.41
CA TYR F 57 13.19 -62.11 -75.50
C TYR F 57 12.46 -61.93 -76.83
N THR F 58 12.46 -62.96 -77.67
CA THR F 58 11.91 -62.90 -79.01
C THR F 58 10.52 -63.51 -79.03
N THR F 59 9.64 -62.90 -79.84
CA THR F 59 8.27 -63.38 -80.03
C THR F 59 7.99 -63.43 -81.52
N TYR F 60 7.79 -64.64 -82.05
CA TYR F 60 7.57 -64.85 -83.47
C TYR F 60 6.11 -65.18 -83.73
N ALA F 61 5.60 -64.72 -84.86
CA ALA F 61 4.29 -65.14 -85.31
C ALA F 61 4.34 -66.58 -85.80
N ASP F 62 3.21 -67.28 -85.67
CA ASP F 62 3.16 -68.69 -86.05
C ASP F 62 3.49 -68.88 -87.52
N SER F 63 3.22 -67.87 -88.35
CA SER F 63 3.46 -67.97 -89.79
C SER F 63 4.93 -68.04 -90.15
N VAL F 64 5.84 -67.71 -89.24
CA VAL F 64 7.26 -67.60 -89.57
C VAL F 64 8.13 -68.32 -88.55
N LYS F 65 7.52 -69.06 -87.63
CA LYS F 65 8.28 -69.75 -86.60
C LYS F 65 9.18 -70.81 -87.22
N GLY F 66 10.48 -70.71 -86.94
CA GLY F 66 11.46 -71.62 -87.49
C GLY F 66 12.14 -71.14 -88.75
N ARG F 67 11.52 -70.22 -89.49
CA ARG F 67 12.07 -69.73 -90.74
C ARG F 67 12.77 -68.38 -90.59
N PHE F 68 12.25 -67.50 -89.74
CA PHE F 68 12.84 -66.18 -89.53
C PHE F 68 13.58 -66.16 -88.19
N THR F 69 14.46 -65.17 -88.05
CA THR F 69 15.28 -65.03 -86.84
C THR F 69 15.58 -63.55 -86.64
N ILE F 70 14.97 -62.95 -85.62
CA ILE F 70 15.15 -61.53 -85.35
C ILE F 70 16.25 -61.37 -84.32
N SER F 71 17.09 -60.34 -84.52
CA SER F 71 18.17 -60.04 -83.60
C SER F 71 18.32 -58.52 -83.49
N ARG F 72 19.14 -58.08 -82.55
CA ARG F 72 19.36 -56.64 -82.38
C ARG F 72 20.75 -56.40 -81.81
N ASP F 73 21.35 -55.30 -82.24
CA ASP F 73 22.63 -54.81 -81.72
C ASP F 73 22.41 -53.41 -81.17
N ASN F 74 22.63 -53.24 -79.87
CA ASN F 74 22.40 -51.95 -79.22
C ASN F 74 23.54 -50.98 -79.51
N ALA F 75 24.79 -51.44 -79.47
CA ALA F 75 25.91 -50.58 -79.79
C ALA F 75 25.86 -50.12 -81.24
N SER F 76 25.40 -51.00 -82.14
CA SER F 76 25.21 -50.63 -83.54
C SER F 76 23.88 -49.93 -83.78
N ASN F 77 22.97 -49.95 -82.80
CA ASN F 77 21.65 -49.33 -82.94
C ASN F 77 20.90 -49.87 -84.15
N MET F 78 20.97 -51.18 -84.33
CA MET F 78 20.30 -51.84 -85.46
C MET F 78 19.52 -53.04 -84.97
N VAL F 79 18.57 -53.46 -85.78
CA VAL F 79 17.78 -54.67 -85.52
C VAL F 79 17.55 -55.38 -86.86
N TYR F 80 17.89 -56.67 -86.91
CA TYR F 80 17.87 -57.44 -88.13
C TYR F 80 16.78 -58.50 -88.10
N LEU F 81 16.28 -58.83 -89.30
CA LEU F 81 15.38 -59.96 -89.50
C LEU F 81 16.00 -60.86 -90.56
N LEU F 82 16.44 -62.05 -90.13
CA LEU F 82 17.00 -63.04 -91.03
C LEU F 82 15.87 -63.92 -91.55
N MET F 83 15.62 -63.86 -92.86
CA MET F 83 14.50 -64.56 -93.48
C MET F 83 15.04 -65.72 -94.31
N ASN F 84 14.97 -66.93 -93.75
CA ASN F 84 15.34 -68.14 -94.45
C ASN F 84 14.08 -68.92 -94.83
N ASN F 85 14.23 -69.79 -95.84
CA ASN F 85 13.15 -70.65 -96.33
C ASN F 85 11.91 -69.81 -96.64
N LEU F 86 12.07 -68.92 -97.61
CA LEU F 86 11.01 -67.98 -97.95
C LEU F 86 9.92 -68.64 -98.78
N LYS F 87 8.69 -68.18 -98.56
CA LYS F 87 7.52 -68.61 -99.28
C LYS F 87 6.90 -67.42 -100.01
N PRO F 88 6.11 -67.66 -101.07
CA PRO F 88 5.30 -66.58 -101.64
C PRO F 88 4.32 -65.98 -100.64
N GLU F 89 3.98 -66.73 -99.58
CA GLU F 89 3.15 -66.19 -98.51
C GLU F 89 3.79 -64.98 -97.85
N ASP F 90 5.12 -64.90 -97.85
CA ASP F 90 5.86 -63.82 -97.20
C ASP F 90 6.01 -62.59 -98.08
N THR F 91 5.30 -62.51 -99.20
CA THR F 91 5.40 -61.36 -100.11
C THR F 91 4.65 -60.18 -99.51
N ALA F 92 5.38 -59.14 -99.12
CA ALA F 92 4.77 -57.98 -98.47
C ALA F 92 5.81 -56.86 -98.38
N VAL F 93 5.39 -55.75 -97.77
CA VAL F 93 6.28 -54.63 -97.46
C VAL F 93 6.56 -54.66 -95.96
N TYR F 94 7.83 -54.85 -95.60
CA TYR F 94 8.22 -55.03 -94.21
C TYR F 94 8.66 -53.71 -93.62
N TYR F 95 8.10 -53.37 -92.46
CA TYR F 95 8.40 -52.16 -91.72
C TYR F 95 9.09 -52.50 -90.41
N CYS F 96 9.96 -51.60 -89.96
CA CYS F 96 10.62 -51.71 -88.67
C CYS F 96 9.88 -50.85 -87.66
N ALA F 97 9.57 -51.43 -86.50
CA ALA F 97 8.81 -50.75 -85.47
C ALA F 97 9.62 -50.67 -84.19
N ALA F 98 9.44 -49.56 -83.46
CA ALA F 98 10.14 -49.33 -82.21
C ALA F 98 9.16 -48.80 -81.18
N THR F 99 9.50 -49.01 -79.90
CA THR F 99 8.61 -48.72 -78.79
C THR F 99 9.25 -47.70 -77.87
N LYS F 100 8.44 -46.78 -77.35
CA LYS F 100 8.92 -45.85 -76.34
C LYS F 100 9.48 -46.61 -75.15
N ALA F 101 10.38 -45.95 -74.41
CA ALA F 101 11.08 -46.61 -73.30
C ALA F 101 10.09 -47.16 -72.29
N TYR F 102 10.38 -48.36 -71.80
CA TYR F 102 9.60 -49.07 -70.79
C TYR F 102 8.15 -49.27 -71.18
N ASN F 103 7.81 -49.08 -72.46
CA ASN F 103 6.47 -49.29 -72.95
C ASN F 103 6.35 -50.67 -73.60
N GLY F 104 5.11 -51.09 -73.84
CA GLY F 104 4.86 -52.41 -74.35
C GLY F 104 4.88 -52.49 -75.86
N GLY F 105 5.15 -53.70 -76.36
CA GLY F 105 5.07 -53.99 -77.78
C GLY F 105 4.10 -55.11 -78.04
N GLU F 106 3.01 -54.82 -78.74
CA GLU F 106 1.93 -55.78 -78.92
C GLU F 106 1.82 -56.20 -80.39
N THR F 107 1.23 -57.38 -80.60
CA THR F 107 1.10 -57.93 -81.93
C THR F 107 0.13 -57.13 -82.79
N SER F 108 -0.92 -56.58 -82.18
CA SER F 108 -1.91 -55.81 -82.93
C SER F 108 -1.39 -54.43 -83.34
N GLY F 109 -0.20 -54.05 -82.89
CA GLY F 109 0.33 -52.72 -83.14
C GLY F 109 0.28 -51.79 -81.95
N ARG F 110 -0.40 -52.19 -80.87
CA ARG F 110 -0.43 -51.38 -79.66
C ARG F 110 0.99 -51.16 -79.15
N GLY F 111 1.21 -49.98 -78.58
CA GLY F 111 2.59 -49.57 -78.40
C GLY F 111 3.18 -49.22 -79.75
N PHE F 112 4.50 -49.42 -79.88
CA PHE F 112 5.20 -49.17 -81.14
C PHE F 112 4.92 -47.79 -81.69
N TYR F 113 5.59 -46.77 -81.14
CA TYR F 113 5.33 -45.40 -81.54
C TYR F 113 6.08 -45.02 -82.82
N TYR F 114 7.20 -45.68 -83.11
CA TYR F 114 8.03 -45.36 -84.26
C TYR F 114 7.86 -46.41 -85.34
N TRP F 115 7.90 -45.95 -86.60
CA TRP F 115 7.76 -46.82 -87.75
C TRP F 115 8.70 -46.33 -88.84
N GLY F 116 9.05 -47.25 -89.74
CA GLY F 116 9.88 -46.93 -90.88
C GLY F 116 9.09 -46.89 -92.18
N GLN F 117 9.72 -46.33 -93.20
CA GLN F 117 9.06 -46.22 -94.50
C GLN F 117 8.74 -47.59 -95.08
N GLY F 118 9.64 -48.55 -94.89
CA GLY F 118 9.40 -49.92 -95.31
C GLY F 118 10.27 -50.32 -96.49
N THR F 119 10.45 -51.63 -96.63
CA THR F 119 11.19 -52.22 -97.74
C THR F 119 10.35 -53.31 -98.38
N GLN F 120 10.61 -53.55 -99.67
CA GLN F 120 9.81 -54.48 -100.45
C GLN F 120 10.42 -55.88 -100.41
N VAL F 121 9.60 -56.88 -100.08
CA VAL F 121 10.01 -58.28 -100.11
C VAL F 121 9.03 -59.02 -101.02
N THR F 122 9.54 -59.53 -102.14
CA THR F 122 8.74 -60.27 -103.11
C THR F 122 9.36 -61.65 -103.32
N VAL F 123 8.53 -62.68 -103.22
CA VAL F 123 8.97 -64.07 -103.37
C VAL F 123 8.14 -64.70 -104.48
N SER F 124 8.81 -65.36 -105.43
CA SER F 124 8.16 -66.01 -106.55
C SER F 124 8.63 -67.46 -106.64
N SER F 125 8.05 -68.19 -107.59
CA SER F 125 8.40 -69.59 -107.80
C SER F 125 9.58 -69.70 -108.77
N SER G 2 22.45 46.39 61.95
CA SER G 2 22.34 45.43 63.04
C SER G 2 21.82 46.09 64.30
N VAL G 3 20.54 45.88 64.61
CA VAL G 3 19.90 46.48 65.77
C VAL G 3 19.16 45.40 66.53
N THR G 4 19.07 45.57 67.84
CA THR G 4 18.54 44.52 68.72
C THR G 4 17.06 44.30 68.48
N VAL G 5 16.67 43.02 68.42
CA VAL G 5 15.27 42.61 68.28
C VAL G 5 14.93 41.71 69.45
N LYS G 6 13.73 41.90 70.01
CA LYS G 6 13.27 41.13 71.16
C LYS G 6 11.88 40.59 70.90
N ARG G 7 11.62 39.38 71.40
CA ARG G 7 10.29 38.80 71.39
C ARG G 7 9.52 39.32 72.60
N ILE G 8 8.43 40.05 72.34
CA ILE G 8 7.78 40.81 73.41
C ILE G 8 7.10 39.91 74.43
N ILE G 9 6.79 38.66 74.09
CA ILE G 9 6.04 37.82 75.02
C ILE G 9 6.90 37.41 76.21
N ASP G 10 8.21 37.29 76.03
CA ASP G 10 9.08 36.89 77.13
C ASP G 10 10.42 37.61 77.13
N ASN G 11 10.52 38.74 76.41
CA ASN G 11 11.75 39.54 76.37
C ASN G 11 12.97 38.71 75.98
N THR G 12 12.76 37.65 75.21
CA THR G 12 13.87 36.84 74.72
C THR G 12 14.49 37.48 73.50
N VAL G 13 15.82 37.44 73.42
CA VAL G 13 16.55 38.08 72.35
C VAL G 13 16.59 37.16 71.13
N ILE G 14 16.43 37.74 69.95
CA ILE G 14 16.48 37.01 68.69
C ILE G 14 17.28 37.83 67.69
N VAL G 15 18.08 37.16 66.88
CA VAL G 15 18.91 37.82 65.87
C VAL G 15 18.57 37.27 64.50
N PRO G 16 17.61 37.86 63.78
CA PRO G 16 17.29 37.39 62.42
C PRO G 16 18.46 37.63 61.49
N LYS G 17 18.94 36.55 60.86
CA LYS G 17 20.11 36.60 60.01
C LYS G 17 19.88 35.69 58.80
N LEU G 18 20.40 36.12 57.65
CA LEU G 18 20.17 35.43 56.39
C LEU G 18 21.46 34.83 55.86
N PRO G 19 21.37 33.74 55.09
CA PRO G 19 22.55 33.24 54.38
C PRO G 19 23.08 34.29 53.43
N ALA G 20 24.40 34.39 53.35
CA ALA G 20 25.06 35.39 52.52
C ALA G 20 25.62 34.77 51.26
N ASN G 21 25.70 35.59 50.21
CA ASN G 21 26.35 35.21 48.96
C ASN G 21 27.20 36.39 48.52
N GLU G 22 28.52 36.22 48.55
CA GLU G 22 29.42 37.31 48.21
C GLU G 22 29.17 37.81 46.79
N ASP G 23 29.41 36.95 45.81
CA ASP G 23 29.29 37.31 44.40
C ASP G 23 29.94 38.66 44.10
N PRO G 24 31.23 38.82 44.41
CA PRO G 24 31.86 40.14 44.24
C PRO G 24 31.90 40.57 42.79
N VAL G 25 32.07 41.87 42.59
CA VAL G 25 32.07 42.49 41.27
C VAL G 25 33.50 42.92 40.94
N GLU G 26 33.98 42.50 39.77
CA GLU G 26 35.33 42.81 39.32
C GLU G 26 35.26 43.85 38.21
N TYR G 27 35.93 44.98 38.41
CA TYR G 27 35.99 46.02 37.41
C TYR G 27 37.16 45.75 36.45
N PRO G 28 37.10 46.30 35.23
CA PRO G 28 38.23 46.07 34.30
C PRO G 28 39.52 46.72 34.77
N ALA G 29 39.45 47.95 35.29
CA ALA G 29 40.67 48.65 35.69
C ALA G 29 41.38 47.98 36.85
N ASP G 30 40.71 47.08 37.58
CA ASP G 30 41.37 46.33 38.63
C ASP G 30 42.27 45.23 38.08
N TYR G 31 42.26 45.02 36.77
CA TYR G 31 43.10 44.01 36.13
C TYR G 31 44.38 44.58 35.55
N PHE G 32 44.32 45.79 34.99
CA PHE G 32 45.50 46.40 34.37
C PHE G 32 46.49 46.93 35.39
N ARG G 33 46.05 47.20 36.62
CA ARG G 33 46.99 47.51 37.69
C ARG G 33 47.71 46.27 38.20
N LYS G 34 47.27 45.07 37.79
CA LYS G 34 47.99 43.83 38.07
C LYS G 34 48.91 43.49 36.91
N SER G 35 48.34 43.15 35.76
CA SER G 35 49.11 42.80 34.56
C SER G 35 48.84 43.85 33.50
N LYS G 36 49.90 44.48 33.01
CA LYS G 36 49.79 45.55 32.03
C LYS G 36 49.56 45.05 30.61
N GLU G 37 49.23 43.77 30.44
CA GLU G 37 48.95 43.21 29.13
C GLU G 37 48.25 41.88 29.30
N ILE G 38 47.38 41.56 28.35
CA ILE G 38 46.50 40.40 28.40
C ILE G 38 47.01 39.35 27.42
N PRO G 39 47.30 38.13 27.88
CA PRO G 39 47.92 37.13 27.01
C PRO G 39 46.93 36.27 26.25
N LEU G 40 47.34 35.85 25.06
CA LEU G 40 46.57 34.94 24.21
C LEU G 40 47.44 33.72 23.93
N TYR G 41 47.11 32.61 24.59
CA TYR G 41 47.82 31.35 24.37
C TYR G 41 47.44 30.77 23.02
N ILE G 42 48.40 30.70 22.09
CA ILE G 42 48.18 30.18 20.76
C ILE G 42 49.28 29.18 20.43
N ASN G 43 48.97 28.25 19.53
CA ASN G 43 49.95 27.29 19.05
C ASN G 43 50.37 27.69 17.64
N THR G 44 51.68 27.69 17.39
CA THR G 44 52.22 28.18 16.12
C THR G 44 53.11 27.14 15.44
N THR G 45 52.98 25.86 15.79
CA THR G 45 53.80 24.84 15.17
C THR G 45 53.33 24.51 13.76
N LYS G 46 52.10 24.02 13.64
CA LYS G 46 51.59 23.59 12.35
C LYS G 46 51.34 24.77 11.42
N SER G 47 51.39 24.49 10.12
CA SER G 47 51.33 25.51 9.10
C SER G 47 49.89 25.93 8.82
N LEU G 48 49.75 27.04 8.07
CA LEU G 48 48.44 27.55 7.71
C LEU G 48 47.69 26.58 6.81
N SER G 49 48.33 26.19 5.69
CA SER G 49 47.66 25.33 4.72
C SER G 49 47.27 23.98 5.31
N ASP G 50 47.99 23.53 6.35
CA ASP G 50 47.55 22.36 7.08
C ASP G 50 46.27 22.63 7.87
N LEU G 51 46.30 23.67 8.70
CA LEU G 51 45.16 23.98 9.56
C LEU G 51 43.89 24.26 8.75
N ARG G 52 44.04 24.75 7.53
CA ARG G 52 42.88 25.01 6.68
C ARG G 52 42.05 23.75 6.47
N GLY G 53 42.68 22.70 5.95
CA GLY G 53 41.99 21.42 5.81
C GLY G 53 41.71 20.75 7.14
N TYR G 54 42.57 20.99 8.14
CA TYR G 54 42.31 20.48 9.49
C TYR G 54 40.93 20.90 9.98
N VAL G 55 40.60 22.19 9.86
CA VAL G 55 39.32 22.69 10.34
C VAL G 55 38.22 22.58 9.30
N TYR G 56 38.56 22.40 8.02
CA TYR G 56 37.53 22.12 7.03
C TYR G 56 36.95 20.73 7.24
N GLN G 57 37.81 19.71 7.22
CA GLN G 57 37.34 18.36 7.51
C GLN G 57 36.88 18.24 8.96
N GLY G 58 37.52 18.96 9.87
CA GLY G 58 37.04 18.99 11.24
C GLY G 58 35.64 19.56 11.37
N LEU G 59 35.30 20.51 10.49
CA LEU G 59 33.94 21.03 10.47
C LEU G 59 32.96 20.07 9.81
N LYS G 60 33.38 19.41 8.72
CA LYS G 60 32.49 18.47 8.03
C LYS G 60 32.07 17.33 8.95
N SER G 61 32.96 16.89 9.82
CA SER G 61 32.62 15.89 10.83
C SER G 61 32.19 16.59 12.11
N GLY G 62 32.04 15.83 13.18
CA GLY G 62 31.71 16.43 14.46
C GLY G 62 32.94 16.84 15.24
N ASN G 63 34.07 16.19 14.97
CA ASN G 63 35.30 16.41 15.72
C ASN G 63 36.07 17.59 15.11
N VAL G 64 36.38 18.58 15.93
CA VAL G 64 37.27 19.66 15.55
C VAL G 64 37.85 20.28 16.82
N SER G 65 39.17 20.41 16.86
CA SER G 65 39.83 20.94 18.04
C SER G 65 39.76 22.46 18.04
N ILE G 66 39.36 23.04 19.17
CA ILE G 66 39.35 24.49 19.28
C ILE G 66 40.76 25.05 19.19
N ILE G 67 41.76 24.23 19.56
CA ILE G 67 43.15 24.65 19.41
C ILE G 67 43.51 24.80 17.94
N HIS G 68 42.94 23.94 17.08
CA HIS G 68 43.21 24.05 15.65
C HIS G 68 42.52 25.26 15.04
N VAL G 69 41.36 25.66 15.57
CA VAL G 69 40.64 26.80 15.01
C VAL G 69 41.13 28.12 15.59
N ASN G 70 41.75 28.11 16.77
CA ASN G 70 42.42 29.31 17.27
C ASN G 70 43.78 29.48 16.60
N SER G 71 44.57 28.40 16.59
CA SER G 71 45.84 28.41 15.87
C SER G 71 45.63 28.69 14.38
N TYR G 72 44.46 28.34 13.84
CA TYR G 72 44.16 28.64 12.45
C TYR G 72 43.63 30.06 12.29
N LEU G 73 42.79 30.51 13.23
CA LEU G 73 42.28 31.88 13.16
C LEU G 73 43.40 32.90 13.28
N TYR G 74 44.47 32.56 13.97
CA TYR G 74 45.61 33.48 14.04
C TYR G 74 46.23 33.68 12.66
N GLY G 75 46.83 32.62 12.10
CA GLY G 75 47.49 32.73 10.81
C GLY G 75 46.56 33.14 9.69
N ALA G 76 45.27 32.83 9.82
CA ALA G 76 44.29 33.26 8.82
C ALA G 76 43.92 34.72 8.98
N LEU G 77 43.98 35.24 10.21
CA LEU G 77 43.71 36.65 10.48
C LEU G 77 44.97 37.46 10.71
N LYS G 78 46.14 36.83 10.65
CA LYS G 78 47.41 37.55 10.72
C LYS G 78 47.65 38.29 9.41
N ASP G 79 48.80 38.96 9.33
CA ASP G 79 49.23 39.65 8.11
C ASP G 79 48.19 40.64 7.60
N ILE G 80 47.46 41.26 8.52
CA ILE G 80 46.50 42.30 8.19
C ILE G 80 46.83 43.53 9.04
N ARG G 81 46.75 44.71 8.42
CA ARG G 81 47.20 45.93 9.06
C ARG G 81 46.20 47.05 8.80
N GLY G 82 46.32 48.10 9.61
CA GLY G 82 45.51 49.29 9.46
C GLY G 82 46.22 50.52 9.97
N LYS G 83 46.10 51.63 9.23
CA LYS G 83 46.75 52.88 9.61
C LYS G 83 45.79 53.69 10.49
N LEU G 84 46.31 54.18 11.61
CA LEU G 84 45.51 54.91 12.58
C LEU G 84 45.44 56.39 12.21
N ASP G 85 44.27 57.00 12.45
CA ASP G 85 44.12 58.43 12.25
C ASP G 85 44.69 59.22 13.42
N LYS G 86 44.54 58.70 14.65
CA LYS G 86 45.03 59.36 15.84
C LYS G 86 45.60 58.31 16.79
N ASP G 87 46.06 58.76 17.95
CA ASP G 87 46.61 57.86 18.95
C ASP G 87 45.54 56.93 19.51
N TRP G 88 45.90 55.66 19.65
CA TRP G 88 45.01 54.66 20.24
C TRP G 88 45.64 54.18 21.55
N SER G 89 44.93 54.41 22.66
CA SER G 89 45.41 54.00 23.97
C SER G 89 44.20 53.73 24.86
N SER G 90 44.35 52.77 25.76
CA SER G 90 43.26 52.40 26.67
C SER G 90 43.85 51.71 27.89
N PHE G 91 43.49 52.19 29.07
CA PHE G 91 43.98 51.64 30.35
C PHE G 91 45.51 51.71 30.42
N GLY G 92 46.07 52.84 30.00
CA GLY G 92 47.51 52.99 30.00
C GLY G 92 48.26 52.09 29.05
N ILE G 93 47.61 51.61 27.99
CA ILE G 93 48.23 50.71 27.02
C ILE G 93 48.15 51.41 25.66
N ASN G 94 49.28 51.98 25.24
CA ASN G 94 49.35 52.62 23.92
C ASN G 94 49.57 51.53 22.87
N ILE G 95 48.47 51.06 22.27
CA ILE G 95 48.57 50.06 21.21
C ILE G 95 48.87 50.67 19.86
N GLY G 96 48.86 51.99 19.75
CA GLY G 96 49.17 52.66 18.51
C GLY G 96 49.35 54.14 18.76
N LYS G 97 49.92 54.82 17.76
CA LYS G 97 50.23 56.24 17.91
C LYS G 97 50.26 56.91 16.55
N ALA G 98 49.46 57.95 16.37
CA ALA G 98 49.47 58.81 15.18
C ALA G 98 49.25 57.93 13.95
N GLY G 99 50.09 57.99 12.92
CA GLY G 99 49.87 57.23 11.70
C GLY G 99 50.53 55.88 11.68
N ASP G 100 50.60 55.21 12.84
CA ASP G 100 51.11 53.85 12.89
C ASP G 100 50.15 52.91 12.19
N THR G 101 50.70 51.81 11.67
CA THR G 101 49.91 50.74 11.07
C THR G 101 50.00 49.52 11.98
N ILE G 102 48.92 49.24 12.69
CA ILE G 102 48.90 48.17 13.69
C ILE G 102 48.07 47.01 13.14
N GLY G 103 48.21 45.86 13.79
CA GLY G 103 47.49 44.66 13.42
C GLY G 103 46.38 44.32 14.39
N ILE G 104 45.60 43.31 14.01
CA ILE G 104 44.48 42.87 14.82
C ILE G 104 44.95 42.30 16.15
N PHE G 105 46.13 41.68 16.17
CA PHE G 105 46.67 41.08 17.39
C PHE G 105 47.66 42.00 18.11
N ASP G 106 47.74 43.27 17.72
CA ASP G 106 48.47 44.25 18.50
C ASP G 106 47.78 44.53 19.84
N LEU G 107 46.49 44.22 19.94
CA LEU G 107 45.75 44.47 21.18
C LEU G 107 46.22 43.54 22.29
N VAL G 108 46.34 42.25 21.99
CA VAL G 108 46.70 41.24 22.98
C VAL G 108 48.15 40.84 22.80
N SER G 109 48.77 40.39 23.89
CA SER G 109 50.08 39.77 23.79
C SER G 109 49.94 38.31 23.42
N LEU G 110 50.88 37.81 22.63
CA LEU G 110 50.87 36.43 22.18
C LEU G 110 51.82 35.60 23.03
N LYS G 111 51.42 34.36 23.31
CA LYS G 111 52.25 33.43 24.06
C LYS G 111 52.40 32.14 23.28
N ALA G 112 52.46 31.01 23.99
CA ALA G 112 52.60 29.71 23.35
C ALA G 112 51.79 28.69 24.14
N LEU G 113 50.87 28.00 23.46
CA LEU G 113 50.09 26.96 24.09
C LEU G 113 50.90 25.66 24.11
N ASP G 114 51.13 25.12 25.31
CA ASP G 114 51.90 23.91 25.48
C ASP G 114 50.96 22.74 25.82
N GLY G 115 51.24 21.60 25.21
CA GLY G 115 50.42 20.42 25.41
C GLY G 115 50.48 19.53 24.19
N VAL G 116 49.73 18.43 24.25
CA VAL G 116 49.68 17.47 23.15
C VAL G 116 48.70 17.98 22.10
N LEU G 117 49.14 17.99 20.85
CA LEU G 117 48.31 18.45 19.74
C LEU G 117 47.43 17.30 19.22
N GLY G 120 43.31 15.24 14.45
CA GLY G 120 44.38 15.19 13.47
C GLY G 120 43.93 14.70 12.10
N VAL G 121 42.87 15.30 11.58
CA VAL G 121 42.33 14.97 10.26
C VAL G 121 42.67 16.11 9.31
N SER G 122 43.28 15.78 8.18
CA SER G 122 43.75 16.77 7.24
C SER G 122 43.30 16.44 5.83
N ASP G 123 43.21 17.48 5.00
CA ASP G 123 42.83 17.35 3.60
C ASP G 123 43.41 18.52 2.83
N ALA G 124 43.89 18.25 1.62
CA ALA G 124 44.45 19.28 0.76
C ALA G 124 43.37 19.81 -0.17
N SER G 125 43.77 20.37 -1.32
CA SER G 125 42.87 20.91 -2.33
C SER G 125 41.98 22.02 -1.79
N ARG G 126 42.41 22.69 -0.73
CA ARG G 126 41.68 23.81 -0.15
C ARG G 126 42.46 25.08 -0.48
N THR G 127 41.96 25.85 -1.44
CA THR G 127 42.63 27.04 -1.91
C THR G 127 42.65 28.11 -0.81
N SER G 128 43.44 29.16 -1.05
CA SER G 128 43.42 30.33 -0.18
C SER G 128 42.09 31.06 -0.24
N ALA G 129 41.24 30.76 -1.23
CA ALA G 129 39.90 31.32 -1.27
C ALA G 129 39.04 30.85 -0.10
N ASP G 130 39.40 29.71 0.51
CA ASP G 130 38.73 29.30 1.74
C ASP G 130 39.00 30.30 2.86
N ASP G 131 40.21 30.85 2.93
CA ASP G 131 40.56 31.83 3.96
C ASP G 131 39.83 33.15 3.80
N LYS G 132 39.17 33.38 2.65
CA LYS G 132 38.40 34.60 2.47
C LYS G 132 37.23 34.66 3.45
N TRP G 133 36.64 33.51 3.80
CA TRP G 133 35.42 33.47 4.59
C TRP G 133 35.46 32.49 5.76
N LEU G 134 36.32 31.47 5.74
CA LEU G 134 36.38 30.53 6.85
C LEU G 134 36.61 31.21 8.20
N PRO G 135 37.45 32.24 8.31
CA PRO G 135 37.46 33.00 9.57
C PRO G 135 36.12 33.64 9.89
N LEU G 136 35.45 34.22 8.89
CA LEU G 136 34.13 34.82 9.14
C LEU G 136 33.15 33.77 9.64
N TYR G 137 33.24 32.55 9.12
CA TYR G 137 32.44 31.42 9.56
C TYR G 137 32.74 31.14 11.04
N LEU G 138 33.97 30.72 11.31
CA LEU G 138 34.36 30.37 12.68
C LEU G 138 34.01 31.46 13.68
N LEU G 139 34.10 32.73 13.28
CA LEU G 139 33.69 33.82 14.16
C LEU G 139 32.17 33.84 14.35
N GLY G 140 31.42 33.66 13.25
CA GLY G 140 29.98 33.70 13.35
C GLY G 140 29.40 32.59 14.20
N LEU G 141 30.04 31.42 14.22
CA LEU G 141 29.51 30.33 15.03
C LEU G 141 29.54 30.61 16.52
N TYR G 142 30.28 31.63 16.97
CA TYR G 142 30.20 32.04 18.37
C TYR G 142 28.86 32.71 18.65
N ARG G 143 28.48 33.68 17.82
CA ARG G 143 27.18 34.34 17.97
C ARG G 143 26.03 33.37 17.77
N VAL G 144 26.14 32.49 16.79
CA VAL G 144 25.06 31.52 16.56
C VAL G 144 24.99 30.52 17.72
N GLY G 145 26.15 30.09 18.23
CA GLY G 145 26.17 29.16 19.34
C GLY G 145 25.80 29.76 20.68
N ARG G 146 25.79 31.09 20.79
CA ARG G 146 25.44 31.75 22.03
C ARG G 146 23.94 31.73 22.32
N THR G 147 23.12 31.49 21.30
CA THR G 147 21.67 31.55 21.47
C THR G 147 21.13 30.18 21.89
N GLN G 148 19.86 30.19 22.34
CA GLN G 148 19.20 28.97 22.78
C GLN G 148 17.88 28.71 22.07
N MET G 149 17.36 29.67 21.31
CA MET G 149 16.07 29.51 20.65
C MET G 149 16.29 28.98 19.23
N PRO G 150 15.68 27.84 18.87
CA PRO G 150 15.94 27.27 17.53
C PRO G 150 15.56 28.22 16.39
N GLU G 151 14.43 28.91 16.50
CA GLU G 151 14.02 29.83 15.44
C GLU G 151 14.98 31.00 15.32
N TYR G 152 15.52 31.47 16.45
CA TYR G 152 16.45 32.60 16.40
C TYR G 152 17.72 32.25 15.66
N ARG G 153 18.02 30.96 15.48
CA ARG G 153 19.23 30.55 14.79
C ARG G 153 19.06 30.70 13.28
N LYS G 154 18.37 31.78 12.89
CA LYS G 154 18.35 32.22 11.51
C LYS G 154 19.58 33.07 11.17
N LYS G 155 20.28 33.56 12.19
CA LYS G 155 21.56 34.23 11.98
C LYS G 155 22.57 33.31 11.30
N LEU G 156 22.41 32.00 11.46
CA LEU G 156 23.20 31.05 10.69
C LEU G 156 22.97 31.21 9.20
N MET G 157 21.75 31.56 8.80
CA MET G 157 21.43 31.72 7.39
C MET G 157 21.94 33.04 6.84
N ASP G 158 22.01 34.09 7.68
CA ASP G 158 22.68 35.32 7.28
C ASP G 158 24.19 35.22 7.41
N GLY G 159 24.69 34.22 8.15
CA GLY G 159 26.08 33.84 7.98
C GLY G 159 26.31 33.15 6.65
N LEU G 160 25.38 32.30 6.24
CA LEU G 160 25.39 31.75 4.90
C LEU G 160 25.35 32.86 3.86
N THR G 161 24.63 33.95 4.15
CA THR G 161 24.56 35.07 3.23
C THR G 161 25.86 35.86 3.22
N ASN G 162 26.39 36.15 4.41
CA ASN G 162 27.63 36.92 4.50
C ASN G 162 28.83 36.16 3.93
N GLN G 163 28.76 34.83 3.89
CA GLN G 163 29.79 34.05 3.23
C GLN G 163 29.51 33.87 1.74
N CYS G 164 28.24 33.80 1.34
CA CYS G 164 27.89 33.84 -0.07
C CYS G 164 28.19 35.19 -0.69
N LYS G 165 28.47 36.22 0.12
CA LYS G 165 29.03 37.45 -0.39
C LYS G 165 30.47 37.25 -0.87
N MET G 166 31.14 36.21 -0.38
CA MET G 166 32.51 35.92 -0.77
C MET G 166 32.55 34.97 -1.96
N ILE G 167 32.03 33.76 -1.79
CA ILE G 167 31.92 32.78 -2.86
C ILE G 167 30.49 32.28 -2.89
N ASN G 168 29.83 32.40 -4.05
CA ASN G 168 28.43 32.03 -4.18
C ASN G 168 28.17 30.57 -3.87
N GLU G 169 29.20 29.73 -3.91
CA GLU G 169 29.07 28.30 -3.66
C GLU G 169 29.29 27.93 -2.20
N GLN G 170 29.39 28.91 -1.31
CA GLN G 170 29.64 28.63 0.10
C GLN G 170 28.45 27.88 0.69
N PHE G 171 28.71 26.68 1.19
CA PHE G 171 27.67 25.86 1.83
C PHE G 171 28.17 25.41 3.20
N GLU G 172 27.30 25.57 4.19
CA GLU G 172 27.51 25.24 5.61
C GLU G 172 28.23 23.90 5.77
N PRO G 173 29.53 23.92 6.07
CA PRO G 173 30.26 22.66 6.24
C PRO G 173 30.12 22.12 7.66
N LEU G 174 28.95 22.29 8.25
CA LEU G 174 28.71 21.83 9.62
C LEU G 174 27.23 21.58 9.85
N VAL G 175 26.67 20.61 9.13
CA VAL G 175 25.26 20.24 9.29
C VAL G 175 25.13 19.34 10.51
N PRO G 176 24.05 19.46 11.30
CA PRO G 176 23.84 18.63 12.48
C PRO G 176 23.48 17.19 12.14
N ARG G 179 24.91 22.17 15.30
CA ARG G 179 24.45 23.08 16.34
C ARG G 179 25.24 22.90 17.63
N ASP G 180 25.66 21.67 17.89
CA ASP G 180 26.30 21.32 19.15
C ASP G 180 27.83 21.45 19.11
N ILE G 181 28.43 21.59 17.94
CA ILE G 181 29.88 21.60 17.84
C ILE G 181 30.45 22.90 18.40
N PHE G 182 29.93 24.04 17.95
CA PHE G 182 30.52 25.33 18.24
C PHE G 182 30.05 25.94 19.55
N ASP G 183 29.01 25.38 20.18
CA ASP G 183 28.61 25.87 21.50
C ASP G 183 29.71 25.66 22.53
N VAL G 184 30.50 24.59 22.36
CA VAL G 184 31.61 24.31 23.27
C VAL G 184 32.68 25.40 23.16
N TRP G 185 32.83 26.01 21.99
CA TRP G 185 33.91 26.96 21.76
C TRP G 185 33.85 28.17 22.68
N GLY G 186 32.68 28.48 23.23
CA GLY G 186 32.52 29.65 24.08
C GLY G 186 33.27 29.58 25.40
N ASN G 187 33.78 28.40 25.77
CA ASN G 187 34.50 28.22 27.02
C ASN G 187 36.01 28.11 26.83
N ASP G 188 36.51 28.40 25.63
CA ASP G 188 37.95 28.48 25.38
C ASP G 188 38.34 29.94 25.48
N SER G 189 39.05 30.28 26.57
CA SER G 189 39.40 31.68 26.83
C SER G 189 40.11 32.33 25.65
N ASN G 190 40.97 31.57 24.97
CA ASN G 190 41.68 32.12 23.82
C ASN G 190 40.73 32.41 22.66
N TYR G 191 39.67 31.63 22.51
CA TYR G 191 38.67 31.90 21.49
C TYR G 191 37.93 33.21 21.77
N THR G 192 37.51 33.40 23.02
CA THR G 192 36.83 34.63 23.40
C THR G 192 37.75 35.85 23.22
N LYS G 193 39.02 35.70 23.61
CA LYS G 193 39.98 36.77 23.35
C LYS G 193 40.17 37.01 21.86
N ILE G 194 40.03 35.96 21.04
CA ILE G 194 40.15 36.12 19.59
C ILE G 194 39.00 36.96 19.05
N VAL G 195 37.75 36.56 19.35
CA VAL G 195 36.61 37.30 18.81
C VAL G 195 36.57 38.72 19.36
N ALA G 196 36.90 38.89 20.64
CA ALA G 196 36.93 40.24 21.21
C ALA G 196 38.02 41.08 20.57
N ALA G 197 39.15 40.46 20.22
CA ALA G 197 40.19 41.19 19.50
C ALA G 197 39.73 41.57 18.10
N VAL G 198 39.02 40.68 17.42
CA VAL G 198 38.50 40.98 16.08
C VAL G 198 37.56 42.18 16.13
N ASP G 199 36.60 42.16 17.05
CA ASP G 199 35.61 43.23 17.08
C ASP G 199 36.22 44.54 17.58
N MET G 200 37.06 44.47 18.62
CA MET G 200 37.73 45.69 19.07
C MET G 200 38.61 46.28 17.99
N PHE G 201 39.19 45.44 17.14
CA PHE G 201 40.00 45.94 16.03
C PHE G 201 39.13 46.59 14.96
N PHE G 202 38.10 45.88 14.49
CA PHE G 202 37.30 46.39 13.38
C PHE G 202 36.38 47.54 13.78
N HIS G 203 36.14 47.74 15.08
CA HIS G 203 35.34 48.88 15.49
C HIS G 203 36.04 50.19 15.13
N MET G 204 37.36 50.26 15.36
CA MET G 204 38.12 51.43 14.91
C MET G 204 38.15 51.52 13.39
N PHE G 205 38.48 50.42 12.73
CA PHE G 205 38.60 50.39 11.27
C PHE G 205 37.30 49.89 10.63
N LYS G 206 36.24 50.68 10.86
CA LYS G 206 34.96 50.44 10.21
C LYS G 206 35.05 50.53 8.69
N LYS G 207 36.10 51.17 8.17
CA LYS G 207 36.28 51.31 6.73
C LYS G 207 36.90 50.07 6.09
N HIS G 208 37.48 49.18 6.89
CA HIS G 208 38.24 48.06 6.35
C HIS G 208 37.31 47.08 5.65
N GLU G 209 37.75 46.57 4.49
CA GLU G 209 36.91 45.70 3.67
C GLU G 209 36.57 44.38 4.37
N CYS G 210 37.30 44.02 5.42
CA CYS G 210 36.99 42.84 6.21
C CYS G 210 36.11 43.17 7.41
N ALA G 211 35.38 44.28 7.38
CA ALA G 211 34.50 44.65 8.49
C ALA G 211 33.35 43.68 8.66
N SER G 212 32.98 42.95 7.61
CA SER G 212 31.94 41.93 7.73
C SER G 212 32.27 40.89 8.80
N PHE G 213 33.56 40.74 9.13
CA PHE G 213 33.97 39.83 10.17
C PHE G 213 33.36 40.17 11.52
N ARG G 214 32.94 41.44 11.71
CA ARG G 214 32.26 41.80 12.96
C ARG G 214 30.97 41.02 13.13
N TYR G 215 30.36 40.56 12.03
CA TYR G 215 29.25 39.63 12.13
C TYR G 215 29.68 38.40 12.91
N GLY G 216 29.04 38.16 14.05
CA GLY G 216 29.43 37.07 14.91
C GLY G 216 30.20 37.54 16.12
N THR G 217 31.09 38.50 15.92
CA THR G 217 31.87 39.07 17.01
C THR G 217 31.17 40.23 17.71
N ILE G 218 30.15 40.81 17.07
CA ILE G 218 29.50 42.00 17.61
C ILE G 218 28.81 41.71 18.94
N VAL G 219 28.49 40.45 19.23
CA VAL G 219 27.89 40.10 20.50
C VAL G 219 28.88 40.13 21.65
N SER G 220 30.18 40.28 21.36
CA SER G 220 31.16 40.38 22.43
C SER G 220 31.22 41.79 23.01
N ARG G 221 30.84 42.80 22.23
CA ARG G 221 30.88 44.17 22.71
C ARG G 221 29.77 44.40 23.73
N PHE G 222 30.14 44.86 24.92
CA PHE G 222 29.22 45.09 26.03
C PHE G 222 28.46 43.81 26.39
N LYS G 223 29.09 42.66 26.17
CA LYS G 223 28.52 41.39 26.61
C LYS G 223 28.45 41.37 28.14
N ASP G 224 27.32 40.89 28.66
CA ASP G 224 27.04 40.90 30.10
C ASP G 224 27.05 42.32 30.65
N CYS G 225 26.50 43.27 29.87
CA CYS G 225 26.42 44.68 30.25
C CYS G 225 25.08 45.24 29.78
N ALA G 226 24.00 44.71 30.35
CA ALA G 226 22.65 45.13 29.97
C ALA G 226 22.20 46.40 30.68
N ALA G 227 22.52 46.54 31.97
CA ALA G 227 22.04 47.69 32.74
C ALA G 227 22.62 48.99 32.19
N LEU G 228 23.93 49.02 31.95
CA LEU G 228 24.57 50.19 31.36
C LEU G 228 23.97 50.54 30.00
N ALA G 229 23.34 49.56 29.33
CA ALA G 229 22.66 49.84 28.07
C ALA G 229 21.27 50.43 28.31
N THR G 230 20.50 49.83 29.22
CA THR G 230 19.18 50.35 29.54
C THR G 230 19.24 51.76 30.12
N PHE G 231 20.39 52.15 30.70
CA PHE G 231 20.55 53.53 31.13
C PHE G 231 20.56 54.47 29.92
N GLY G 232 21.26 54.09 28.85
CA GLY G 232 21.21 54.90 27.64
C GLY G 232 19.86 54.87 26.96
N HIS G 233 19.22 53.69 26.96
CA HIS G 233 17.85 53.60 26.44
C HIS G 233 16.91 54.54 27.18
N LEU G 234 17.07 54.64 28.50
CA LEU G 234 16.23 55.54 29.28
C LEU G 234 16.58 57.00 29.00
N CYS G 235 17.87 57.31 28.89
CA CYS G 235 18.28 58.67 28.54
C CYS G 235 17.90 59.05 27.12
N LYS G 236 17.48 58.10 26.30
CA LYS G 236 17.02 58.38 24.94
C LYS G 236 15.50 58.46 24.83
N ILE G 237 14.78 57.56 25.49
CA ILE G 237 13.32 57.56 25.38
C ILE G 237 12.73 58.77 26.10
N THR G 238 13.34 59.18 27.22
CA THR G 238 12.87 60.37 27.93
C THR G 238 13.28 61.65 27.21
N GLY G 239 14.43 61.64 26.55
CA GLY G 239 15.00 62.86 26.00
C GLY G 239 15.75 63.70 27.02
N MET G 240 15.99 63.18 28.21
CA MET G 240 16.66 63.90 29.28
C MET G 240 18.14 63.53 29.32
N SER G 241 18.90 64.33 30.05
CA SER G 241 20.34 64.10 30.19
C SER G 241 20.61 62.99 31.21
N THR G 242 21.84 62.48 31.17
CA THR G 242 22.22 61.41 32.09
C THR G 242 22.10 61.87 33.54
N GLU G 243 22.40 63.13 33.82
CA GLU G 243 22.29 63.65 35.18
C GLU G 243 20.83 63.80 35.59
N ASP G 244 20.01 64.39 34.71
CA ASP G 244 18.59 64.55 35.01
C ASP G 244 17.93 63.20 35.28
N VAL G 245 18.21 62.22 34.42
CA VAL G 245 17.70 60.87 34.65
C VAL G 245 18.24 60.31 35.96
N THR G 246 19.51 60.57 36.26
CA THR G 246 20.11 60.07 37.49
C THR G 246 19.42 60.64 38.73
N THR G 247 18.91 61.87 38.64
CA THR G 247 18.21 62.44 39.79
C THR G 247 16.90 61.73 40.07
N TRP G 248 16.21 61.26 39.03
CA TRP G 248 14.90 60.63 39.19
C TRP G 248 14.97 59.23 39.80
N ILE G 249 16.14 58.76 40.23
CA ILE G 249 16.24 57.48 40.92
C ILE G 249 15.66 57.63 42.32
N LEU G 250 14.56 56.92 42.57
CA LEU G 250 13.80 57.08 43.81
C LEU G 250 13.83 55.83 44.68
N ASN G 251 14.79 54.93 44.45
CA ASN G 251 14.91 53.70 45.22
C ASN G 251 16.35 53.50 45.67
N ARG G 252 16.50 52.98 46.90
CA ARG G 252 17.84 52.81 47.46
C ARG G 252 18.66 51.80 46.67
N GLU G 253 18.05 50.68 46.28
CA GLU G 253 18.76 49.68 45.50
C GLU G 253 19.23 50.26 44.16
N VAL G 254 18.36 51.02 43.49
CA VAL G 254 18.71 51.62 42.21
C VAL G 254 19.82 52.65 42.37
N ALA G 255 19.89 53.32 43.53
CA ALA G 255 20.97 54.27 43.78
C ALA G 255 22.29 53.55 44.04
N ASP G 256 22.26 52.47 44.83
CA ASP G 256 23.46 51.69 45.07
C ASP G 256 24.00 51.11 43.77
N GLU G 257 23.11 50.55 42.95
CA GLU G 257 23.55 49.97 41.67
C GLU G 257 24.03 51.05 40.71
N MET G 258 23.35 52.20 40.69
CA MET G 258 23.81 53.30 39.84
C MET G 258 25.21 53.77 40.25
N VAL G 259 25.46 53.88 41.56
CA VAL G 259 26.81 54.19 42.03
C VAL G 259 27.78 53.09 41.64
N GLN G 260 27.32 51.84 41.62
CA GLN G 260 28.17 50.73 41.24
C GLN G 260 28.61 50.84 39.78
N MET G 261 27.69 51.20 38.88
CA MET G 261 28.04 51.29 37.47
C MET G 261 28.95 52.47 37.19
N MET G 262 28.66 53.63 37.79
CA MET G 262 29.37 54.87 37.48
C MET G 262 30.69 55.03 38.23
N LEU G 263 31.48 53.97 38.34
CA LEU G 263 32.82 54.12 38.89
C LEU G 263 33.70 54.84 37.87
N PRO G 264 34.43 55.87 38.27
CA PRO G 264 35.00 56.80 37.28
C PRO G 264 36.37 56.41 36.74
N GLY G 265 36.72 55.12 36.80
CA GLY G 265 38.01 54.71 36.30
C GLY G 265 37.97 53.53 35.36
N GLN G 266 36.84 53.34 34.66
CA GLN G 266 36.63 52.16 33.85
C GLN G 266 36.46 52.44 32.36
N GLU G 267 36.51 53.71 31.94
CA GLU G 267 36.46 54.10 30.53
C GLU G 267 35.16 53.67 29.86
N ILE G 268 34.05 53.78 30.59
CA ILE G 268 32.74 53.40 30.06
C ILE G 268 32.27 54.50 29.12
N ASP G 269 33.02 55.59 29.05
CA ASP G 269 32.69 56.71 28.16
C ASP G 269 33.60 56.79 26.95
N LYS G 270 34.72 56.08 26.93
CA LYS G 270 35.61 56.11 25.79
C LYS G 270 34.99 55.40 24.59
N ALA G 271 35.41 55.80 23.39
CA ALA G 271 34.87 55.22 22.17
C ALA G 271 35.46 53.84 21.90
N ASP G 272 36.77 53.79 21.70
CA ASP G 272 37.48 52.54 21.38
C ASP G 272 38.35 52.17 22.58
N SER G 273 37.83 51.29 23.43
CA SER G 273 38.52 50.90 24.66
C SER G 273 38.36 49.40 24.87
N TYR G 274 39.15 48.87 25.81
CA TYR G 274 39.05 47.46 26.18
C TYR G 274 37.80 47.18 27.01
N MET G 275 37.16 48.21 27.56
CA MET G 275 36.07 48.02 28.50
C MET G 275 34.91 47.20 27.93
N PRO G 276 34.37 47.47 26.74
CA PRO G 276 33.19 46.72 26.29
C PRO G 276 33.43 45.23 26.13
N TYR G 277 34.67 44.75 26.23
CA TYR G 277 34.98 43.34 26.03
C TYR G 277 35.57 42.69 27.27
N LEU G 278 35.32 43.28 28.45
CA LEU G 278 35.93 42.81 29.68
C LEU G 278 35.59 41.35 29.99
N ILE G 279 34.48 40.83 29.44
CA ILE G 279 34.10 39.45 29.70
C ILE G 279 34.95 38.49 28.87
N ASP G 280 34.87 38.62 27.53
CA ASP G 280 35.57 37.70 26.66
C ASP G 280 37.09 37.86 26.77
N PHE G 281 37.56 39.09 26.89
CA PHE G 281 38.99 39.29 27.14
C PHE G 281 39.42 38.65 28.45
N GLY G 282 38.52 38.58 29.42
CA GLY G 282 38.87 38.05 30.73
C GLY G 282 39.34 39.09 31.71
N LEU G 283 39.06 40.37 31.44
CA LEU G 283 39.39 41.42 32.40
C LEU G 283 38.57 41.32 33.67
N SER G 284 37.44 40.60 33.62
CA SER G 284 36.55 40.48 34.76
C SER G 284 35.67 39.24 34.57
N SER G 285 35.58 38.42 35.61
CA SER G 285 34.74 37.23 35.58
C SER G 285 33.33 37.48 36.09
N LYS G 286 33.07 38.66 36.66
CA LYS G 286 31.73 39.05 37.08
C LYS G 286 31.53 40.51 36.70
N SER G 287 30.60 40.78 35.80
CA SER G 287 30.47 42.11 35.23
C SER G 287 29.76 43.05 36.20
N PRO G 288 30.22 44.30 36.32
CA PRO G 288 29.54 45.27 37.19
C PRO G 288 28.25 45.80 36.59
N TYR G 289 28.17 45.77 35.25
CA TYR G 289 27.12 46.46 34.51
C TYR G 289 26.05 45.50 34.00
N SER G 290 25.93 44.33 34.61
CA SER G 290 24.97 43.34 34.14
C SER G 290 23.59 43.59 34.74
N SER G 291 22.58 42.96 34.13
CA SER G 291 21.24 42.95 34.69
C SER G 291 21.08 41.94 35.82
N VAL G 292 22.15 41.18 36.13
CA VAL G 292 22.13 40.28 37.27
C VAL G 292 22.65 40.96 38.52
N LYS G 293 23.73 41.72 38.40
CA LYS G 293 24.25 42.53 39.50
C LYS G 293 23.59 43.90 39.59
N ASN G 294 22.71 44.24 38.64
CA ASN G 294 21.91 45.46 38.72
C ASN G 294 20.49 45.13 38.29
N PRO G 295 19.76 44.36 39.10
CA PRO G 295 18.41 43.93 38.70
C PRO G 295 17.37 45.03 38.84
N ALA G 296 17.35 45.71 39.98
CA ALA G 296 16.33 46.71 40.24
C ALA G 296 16.42 47.87 39.26
N PHE G 297 17.64 48.29 38.92
CA PHE G 297 17.81 49.34 37.92
C PHE G 297 17.34 48.87 36.55
N HIS G 298 17.58 47.60 36.22
CA HIS G 298 17.12 47.06 34.95
C HIS G 298 15.60 47.09 34.86
N PHE G 299 14.94 46.57 35.90
CA PHE G 299 13.47 46.57 35.93
C PHE G 299 12.92 47.98 35.90
N TRP G 300 13.55 48.91 36.62
CA TRP G 300 13.04 50.28 36.70
C TRP G 300 13.19 51.00 35.37
N GLY G 301 14.42 51.05 34.84
CA GLY G 301 14.63 51.75 33.58
C GLY G 301 13.87 51.13 32.43
N GLN G 302 13.82 49.80 32.37
CA GLN G 302 13.12 49.15 31.27
C GLN G 302 11.60 49.32 31.39
N LEU G 303 11.07 49.22 32.61
CA LEU G 303 9.62 49.42 32.79
C LEU G 303 9.24 50.86 32.48
N THR G 304 10.04 51.82 32.96
CA THR G 304 9.77 53.23 32.68
C THR G 304 9.82 53.51 31.18
N ALA G 305 10.85 53.00 30.50
CA ALA G 305 10.92 53.15 29.04
C ALA G 305 9.72 52.49 28.37
N LEU G 306 9.25 51.37 28.92
CA LEU G 306 8.06 50.72 28.38
C LEU G 306 6.84 51.64 28.47
N LEU G 307 6.58 52.20 29.65
CA LEU G 307 5.46 53.12 29.81
C LEU G 307 5.62 54.36 28.95
N LEU G 308 6.84 54.68 28.52
CA LEU G 308 7.09 55.75 27.57
C LEU G 308 7.08 55.25 26.12
N ARG G 309 6.51 54.07 25.88
CA ARG G 309 6.22 53.57 24.53
C ARG G 309 7.51 53.20 23.79
N SER G 310 8.35 52.42 24.46
CA SER G 310 9.54 51.85 23.83
C SER G 310 9.19 50.49 23.24
N THR G 311 9.60 50.27 21.98
CA THR G 311 9.39 48.97 21.34
C THR G 311 10.31 47.90 21.89
N ARG G 312 11.37 48.29 22.61
CA ARG G 312 12.38 47.36 23.08
C ARG G 312 12.04 46.71 24.40
N ALA G 313 11.38 47.45 25.31
CA ALA G 313 11.12 46.92 26.65
C ALA G 313 10.10 45.79 26.65
N ARG G 314 9.33 45.63 25.57
CA ARG G 314 8.31 44.59 25.52
C ARG G 314 8.89 43.20 25.73
N ASN G 315 10.19 43.01 25.49
CA ASN G 315 10.82 41.70 25.57
C ASN G 315 11.94 41.65 26.60
N ALA G 316 12.10 42.70 27.40
CA ALA G 316 13.08 42.68 28.48
C ALA G 316 12.55 41.80 29.61
N ARG G 317 13.41 40.92 30.12
CA ARG G 317 12.99 39.94 31.11
C ARG G 317 12.83 40.58 32.48
N GLN G 318 11.96 39.97 33.29
CA GLN G 318 11.63 40.49 34.61
C GLN G 318 12.53 39.82 35.65
N PRO G 319 13.43 40.55 36.30
CA PRO G 319 14.35 39.92 37.25
C PRO G 319 13.62 39.31 38.44
N ASP G 320 14.37 38.52 39.20
CA ASP G 320 13.84 37.84 40.38
C ASP G 320 14.35 38.52 41.65
N ASP G 321 13.49 38.50 42.67
CA ASP G 321 13.83 38.97 44.02
C ASP G 321 14.23 40.44 44.01
N ILE G 322 13.25 41.28 43.68
CA ILE G 322 13.40 42.74 43.72
C ILE G 322 12.09 43.35 44.18
N GLU G 323 12.17 44.62 44.58
CA GLU G 323 11.01 45.37 45.06
C GLU G 323 10.14 45.77 43.87
N TYR G 324 9.33 44.81 43.40
CA TYR G 324 8.48 45.09 42.25
C TYR G 324 7.51 46.24 42.53
N THR G 325 6.96 46.29 43.75
CA THR G 325 5.95 47.31 44.05
C THR G 325 6.56 48.71 44.05
N SER G 326 7.57 48.93 44.89
CA SER G 326 8.19 50.26 44.99
C SER G 326 8.82 50.69 43.68
N LEU G 327 9.46 49.75 42.98
CA LEU G 327 10.07 50.08 41.69
C LEU G 327 9.00 50.43 40.67
N THR G 328 7.86 49.75 40.70
CA THR G 328 6.80 50.03 39.75
C THR G 328 6.14 51.38 40.02
N THR G 329 6.00 51.75 41.29
CA THR G 329 5.47 53.07 41.60
C THR G 329 6.48 54.16 41.19
N ALA G 330 7.75 53.95 41.50
CA ALA G 330 8.78 54.91 41.12
C ALA G 330 8.93 55.03 39.61
N GLY G 331 8.58 54.00 38.86
CA GLY G 331 8.60 54.08 37.41
C GLY G 331 7.33 54.70 36.86
N LEU G 332 6.21 54.44 37.53
CA LEU G 332 4.93 55.04 37.14
C LEU G 332 4.99 56.55 37.29
N LEU G 333 5.59 57.04 38.38
CA LEU G 333 5.69 58.48 38.59
C LEU G 333 6.54 59.14 37.50
N TYR G 334 7.75 58.61 37.28
CA TYR G 334 8.63 59.16 36.25
C TYR G 334 7.96 59.12 34.88
N ALA G 335 7.27 58.03 34.57
CA ALA G 335 6.58 57.92 33.30
C ALA G 335 5.47 58.96 33.16
N TYR G 336 4.68 59.13 34.22
CA TYR G 336 3.59 60.11 34.18
C TYR G 336 4.13 61.53 34.05
N ALA G 337 5.29 61.81 34.65
CA ALA G 337 5.88 63.14 34.54
C ALA G 337 6.41 63.40 33.14
N VAL G 338 7.21 62.48 32.60
CA VAL G 338 7.80 62.69 31.28
C VAL G 338 6.72 62.71 30.21
N GLY G 339 5.69 61.87 30.36
CA GLY G 339 4.60 61.85 29.39
C GLY G 339 3.64 63.01 29.52
N SER G 340 3.50 63.55 30.74
CA SER G 340 2.64 64.71 30.93
C SER G 340 3.33 65.99 30.47
N SER G 341 4.57 66.20 30.91
CA SER G 341 5.32 67.40 30.55
C SER G 341 6.02 67.16 29.21
N ALA G 342 5.26 67.41 28.14
CA ALA G 342 5.84 67.35 26.80
C ALA G 342 6.86 68.46 26.60
N ASP G 343 6.69 69.58 27.31
CA ASP G 343 7.64 70.70 27.30
C ASP G 343 7.86 71.23 25.88
N LEU G 344 6.78 71.35 25.12
CA LEU G 344 6.88 71.92 23.79
C LEU G 344 7.34 73.37 23.87
N ALA G 345 8.26 73.74 22.99
CA ALA G 345 8.79 75.10 22.95
C ALA G 345 9.17 75.43 21.52
N GLN G 346 8.86 76.66 21.10
CA GLN G 346 9.18 77.08 19.75
C GLN G 346 10.67 77.06 19.50
N GLN G 347 11.08 76.59 18.33
CA GLN G 347 12.47 76.44 17.97
C GLN G 347 12.93 77.43 16.91
N PHE G 348 12.08 77.77 15.95
CA PHE G 348 12.40 78.73 14.91
C PHE G 348 11.26 79.73 14.78
N CYS G 349 11.59 80.92 14.28
CA CYS G 349 10.61 82.00 14.14
C CYS G 349 10.85 82.76 12.85
N VAL G 350 9.78 83.34 12.31
CA VAL G 350 9.87 84.10 11.07
C VAL G 350 10.16 85.57 11.38
N GLY G 351 9.10 86.36 11.57
CA GLY G 351 9.25 87.80 11.74
C GLY G 351 9.80 88.20 13.10
N ASP G 352 10.78 87.43 13.59
CA ASP G 352 11.36 87.64 14.92
C ASP G 352 10.27 87.74 15.98
N ASN G 353 9.26 86.87 15.87
CA ASN G 353 8.20 86.77 16.85
C ASN G 353 8.16 85.34 17.38
N LYS G 354 8.36 85.19 18.68
CA LYS G 354 8.27 83.91 19.35
C LYS G 354 7.06 83.90 20.27
N TYR G 355 6.71 82.71 20.75
CA TYR G 355 5.60 82.58 21.69
C TYR G 355 5.95 83.30 22.99
N THR G 356 5.17 84.31 23.35
CA THR G 356 5.36 85.04 24.58
C THR G 356 4.30 84.61 25.59
N PRO G 357 4.66 83.90 26.66
CA PRO G 357 3.64 83.44 27.60
C PRO G 357 3.04 84.58 28.40
N ASP G 358 1.80 84.40 28.83
CA ASP G 358 1.07 85.38 29.61
C ASP G 358 1.20 85.03 31.09
N ASP G 359 1.52 86.03 31.91
CA ASP G 359 1.67 85.85 33.35
C ASP G 359 0.50 86.40 34.15
N SER G 360 -0.51 86.96 33.49
CA SER G 360 -1.65 87.57 34.16
C SER G 360 -2.76 86.56 34.47
N THR G 361 -2.46 85.27 34.45
CA THR G 361 -3.44 84.24 34.80
C THR G 361 -3.57 84.22 36.31
N GLY G 362 -4.53 84.98 36.83
CA GLY G 362 -4.73 85.15 38.26
C GLY G 362 -5.80 84.30 38.88
N GLY G 363 -6.29 83.28 38.18
CA GLY G 363 -7.34 82.42 38.73
C GLY G 363 -6.87 81.39 39.72
N LEU G 364 -5.55 81.27 39.92
CA LEU G 364 -4.95 80.28 40.83
C LEU G 364 -5.34 78.85 40.42
N THR G 365 -4.72 78.40 39.33
CA THR G 365 -4.90 77.03 38.86
C THR G 365 -3.92 76.13 39.60
N THR G 366 -4.26 75.85 40.86
CA THR G 366 -3.45 74.99 41.69
C THR G 366 -3.96 73.55 41.61
N ASN G 367 -3.34 72.67 42.40
CA ASN G 367 -3.65 71.24 42.41
C ASN G 367 -3.52 70.60 41.04
N ALA G 368 -2.78 71.23 40.13
CA ALA G 368 -2.40 70.77 38.81
C ALA G 368 -0.97 70.27 38.81
N PRO G 369 -0.66 69.24 38.02
CA PRO G 369 0.69 68.67 38.05
C PRO G 369 1.71 69.71 37.66
N PRO G 370 2.96 69.55 38.11
CA PRO G 370 4.01 70.52 37.77
C PRO G 370 4.20 70.65 36.26
N GLN G 371 4.80 71.77 35.87
CA GLN G 371 4.96 72.09 34.46
C GLN G 371 6.23 71.54 33.84
N GLY G 372 7.24 71.21 34.67
CA GLY G 372 8.47 70.65 34.21
C GLY G 372 8.65 69.20 34.61
N ARG G 373 9.90 68.74 34.55
CA ARG G 373 10.25 67.38 34.94
C ARG G 373 11.20 67.37 36.13
N ASP G 374 11.11 68.39 36.98
CA ASP G 374 11.98 68.50 38.14
C ASP G 374 11.51 67.52 39.22
N VAL G 375 12.45 66.71 39.72
CA VAL G 375 12.12 65.74 40.76
C VAL G 375 11.62 66.46 42.01
N VAL G 376 12.22 67.61 42.31
CA VAL G 376 11.89 68.33 43.54
C VAL G 376 10.43 68.77 43.54
N GLU G 377 9.85 68.98 42.36
CA GLU G 377 8.44 69.38 42.26
C GLU G 377 7.50 68.18 42.17
N TRP G 378 7.87 67.16 41.41
CA TRP G 378 6.99 66.00 41.25
C TRP G 378 6.91 65.16 42.52
N LEU G 379 7.97 65.16 43.33
CA LEU G 379 7.87 64.52 44.64
C LEU G 379 6.90 65.27 45.54
N GLY G 380 6.83 66.60 45.39
CA GLY G 380 5.88 67.36 46.20
C GLY G 380 4.45 67.19 45.73
N TRP G 381 4.23 67.18 44.41
CA TRP G 381 2.92 66.87 43.88
C TRP G 381 2.47 65.48 44.30
N PHE G 382 3.38 64.51 44.22
CA PHE G 382 3.08 63.15 44.64
C PHE G 382 2.76 63.10 46.14
N GLU G 383 3.44 63.94 46.93
CA GLU G 383 3.11 64.01 48.35
C GLU G 383 1.75 64.65 48.58
N ASP G 384 1.37 65.60 47.73
CA ASP G 384 0.01 66.13 47.77
C ASP G 384 -1.02 65.05 47.43
N GLN G 385 -0.65 64.11 46.57
CA GLN G 385 -1.52 62.99 46.23
C GLN G 385 -1.42 61.83 47.23
N ASN G 386 -0.97 62.10 48.45
CA ASN G 386 -0.90 61.11 49.53
C ASN G 386 -0.05 59.90 49.15
N ARG G 387 0.95 60.12 48.30
CA ARG G 387 1.89 59.08 47.85
C ARG G 387 1.18 57.90 47.19
N LYS G 388 -0.08 58.07 46.80
CA LYS G 388 -0.83 57.05 46.10
C LYS G 388 -1.08 57.51 44.67
N PRO G 389 -0.82 56.67 43.67
CA PRO G 389 -0.99 57.10 42.28
C PRO G 389 -2.43 57.54 42.00
N THR G 390 -2.56 58.72 41.40
CA THR G 390 -3.87 59.25 41.05
C THR G 390 -4.54 58.37 40.01
N PRO G 391 -5.88 58.43 39.89
CA PRO G 391 -6.55 57.66 38.84
C PRO G 391 -6.09 58.03 37.44
N ASP G 392 -5.61 59.26 37.23
CA ASP G 392 -5.11 59.64 35.91
C ASP G 392 -3.75 59.02 35.63
N MET G 393 -2.94 58.80 36.68
CA MET G 393 -1.70 58.06 36.50
C MET G 393 -1.98 56.63 36.08
N MET G 394 -2.86 55.95 36.82
CA MET G 394 -3.18 54.55 36.50
C MET G 394 -3.86 54.43 35.15
N GLN G 395 -4.68 55.42 34.77
CA GLN G 395 -5.30 55.38 33.44
C GLN G 395 -4.27 55.63 32.35
N TYR G 396 -3.31 56.53 32.60
CA TYR G 396 -2.22 56.74 31.66
C TYR G 396 -1.43 55.46 31.45
N ALA G 397 -1.13 54.75 32.54
CA ALA G 397 -0.44 53.47 32.42
C ALA G 397 -1.28 52.45 31.68
N LYS G 398 -2.60 52.42 31.92
CA LYS G 398 -3.47 51.51 31.21
C LYS G 398 -3.42 51.78 29.71
N ARG G 399 -3.50 53.06 29.32
CA ARG G 399 -3.42 53.42 27.91
C ARG G 399 -2.03 53.15 27.32
N ALA G 400 -0.99 53.13 28.16
CA ALA G 400 0.35 52.87 27.68
C ALA G 400 0.67 51.38 27.53
N VAL G 401 0.03 50.52 28.31
CA VAL G 401 0.31 49.09 28.25
C VAL G 401 -0.75 48.31 27.48
N MET G 402 -1.95 48.86 27.31
CA MET G 402 -2.95 48.17 26.50
C MET G 402 -2.52 48.15 25.03
N SER G 403 -3.27 47.41 24.23
CA SER G 403 -2.99 47.18 22.81
C SER G 403 -1.64 46.49 22.57
N LEU G 404 -0.96 46.05 23.63
CA LEU G 404 0.25 45.28 23.51
C LEU G 404 -0.11 43.81 23.33
N GLN G 405 0.25 43.25 22.18
CA GLN G 405 -0.05 41.86 21.86
C GLN G 405 1.25 41.09 21.66
N GLY G 406 1.16 39.77 21.81
CA GLY G 406 2.30 38.91 21.65
C GLY G 406 3.40 39.18 22.67
N LEU G 407 3.07 39.04 23.95
CA LEU G 407 4.00 39.29 25.03
C LEU G 407 4.54 37.97 25.56
N ARG G 408 5.88 37.86 25.60
CA ARG G 408 6.51 36.64 26.10
C ARG G 408 6.43 36.58 27.61
N GLU G 409 6.43 35.36 28.14
CA GLU G 409 6.41 35.16 29.58
C GLU G 409 7.69 35.70 30.21
N LYS G 410 7.59 36.03 31.51
CA LYS G 410 8.71 36.52 32.31
C LYS G 410 9.29 37.83 31.76
N THR G 411 8.55 38.55 30.93
CA THR G 411 8.97 39.83 30.42
C THR G 411 8.23 40.96 31.14
N ILE G 412 8.89 42.12 31.23
CA ILE G 412 8.29 43.26 31.88
C ILE G 412 7.10 43.80 31.09
N GLY G 413 6.97 43.44 29.82
CA GLY G 413 5.79 43.83 29.07
C GLY G 413 4.55 43.10 29.55
N LYS G 414 4.66 41.79 29.72
CA LYS G 414 3.55 41.03 30.30
C LYS G 414 3.29 41.44 31.74
N TYR G 415 4.34 41.80 32.48
CA TYR G 415 4.15 42.31 33.84
C TYR G 415 3.34 43.60 33.82
N ALA G 416 3.76 44.57 33.02
CA ALA G 416 3.09 45.87 32.99
C ALA G 416 1.66 45.74 32.48
N LYS G 417 1.44 44.90 31.46
CA LYS G 417 0.08 44.66 31.00
C LYS G 417 -0.77 43.99 32.08
N SER G 418 -0.20 43.01 32.79
CA SER G 418 -0.91 42.34 33.85
C SER G 418 -1.05 43.19 35.11
N GLU G 419 -0.44 44.37 35.14
CA GLU G 419 -0.50 45.26 36.29
C GLU G 419 -1.37 46.49 36.06
N PHE G 420 -1.39 47.03 34.84
CA PHE G 420 -2.10 48.28 34.57
C PHE G 420 -3.31 48.13 33.65
N ASP G 421 -3.52 46.96 33.05
CA ASP G 421 -4.64 46.75 32.13
C ASP G 421 -5.69 45.90 32.85
N LYS G 422 -6.50 46.57 33.66
CA LYS G 422 -7.66 45.96 34.31
C LYS G 422 -8.50 47.02 35.02
N GLN H 1 15.05 83.58 32.08
CA GLN H 1 15.65 83.98 33.34
C GLN H 1 14.57 84.26 34.39
N VAL H 2 14.72 83.64 35.56
CA VAL H 2 13.77 83.77 36.66
C VAL H 2 14.39 84.66 37.73
N GLN H 3 13.61 85.61 38.24
CA GLN H 3 14.14 86.55 39.21
C GLN H 3 13.02 87.14 40.07
N LEU H 4 13.43 87.62 41.25
CA LEU H 4 12.55 88.30 42.20
C LEU H 4 13.17 89.65 42.52
N VAL H 5 12.41 90.73 42.32
CA VAL H 5 12.92 92.09 42.44
C VAL H 5 12.22 92.77 43.60
N GLU H 6 13.00 93.22 44.59
CA GLU H 6 12.47 93.90 45.76
C GLU H 6 12.64 95.41 45.63
N THR H 7 11.58 96.14 45.93
CA THR H 7 11.61 97.60 45.99
C THR H 7 10.93 98.05 47.28
N GLY H 8 11.11 99.33 47.61
CA GLY H 8 10.39 99.95 48.71
C GLY H 8 11.16 100.15 49.99
N GLY H 9 12.46 99.88 50.01
CA GLY H 9 13.25 100.08 51.20
C GLY H 9 13.58 101.53 51.45
N GLY H 10 14.35 101.77 52.51
CA GLY H 10 14.77 103.11 52.86
C GLY H 10 15.05 103.22 54.35
N LEU H 11 15.17 104.47 54.79
CA LEU H 11 15.48 104.80 56.18
C LEU H 11 14.33 105.60 56.77
N VAL H 12 13.91 105.23 57.97
CA VAL H 12 12.79 105.89 58.65
C VAL H 12 13.11 106.00 60.14
N GLN H 13 12.30 106.79 60.83
CA GLN H 13 12.38 106.92 62.27
C GLN H 13 11.64 105.78 62.95
N THR H 14 11.97 105.56 64.22
CA THR H 14 11.31 104.52 64.99
C THR H 14 9.82 104.84 65.13
N GLY H 15 8.98 103.84 64.86
CA GLY H 15 7.56 104.03 64.79
C GLY H 15 7.01 104.29 63.41
N GLY H 16 7.88 104.54 62.43
CA GLY H 16 7.45 104.74 61.06
C GLY H 16 7.07 103.43 60.39
N SER H 17 6.76 103.53 59.10
CA SER H 17 6.30 102.38 58.35
C SER H 17 6.94 102.37 56.97
N LEU H 18 7.15 101.16 56.45
CA LEU H 18 7.61 100.95 55.09
C LEU H 18 6.75 99.85 54.47
N ARG H 19 6.78 99.75 53.14
CA ARG H 19 6.10 98.70 52.41
C ARG H 19 7.04 98.14 51.36
N LEU H 20 7.51 96.91 51.57
CA LEU H 20 8.41 96.26 50.63
C LEU H 20 7.59 95.47 49.62
N SER H 21 7.89 95.66 48.35
CA SER H 21 7.22 94.96 47.26
C SER H 21 8.21 94.02 46.59
N CYS H 22 7.69 92.87 46.13
CA CYS H 22 8.50 91.89 45.42
C CYS H 22 7.78 91.48 44.14
N LYS H 23 8.46 91.65 43.01
CA LYS H 23 7.97 91.23 41.70
C LYS H 23 8.63 89.91 41.34
N ALA H 24 7.83 88.87 41.15
CA ALA H 24 8.31 87.52 40.84
C ALA H 24 8.05 87.23 39.37
N SER H 25 9.11 87.03 38.60
CA SER H 25 8.97 86.78 37.17
C SER H 25 9.89 85.63 36.76
N GLY H 26 9.58 85.05 35.60
CA GLY H 26 10.40 84.00 35.01
C GLY H 26 9.71 82.66 34.90
N ARG H 27 8.81 82.36 35.82
CA ARG H 27 8.15 81.05 35.86
C ARG H 27 6.75 81.23 36.44
N THR H 28 6.12 80.11 36.77
CA THR H 28 4.79 80.09 37.38
C THR H 28 4.93 79.75 38.86
N PHE H 29 4.42 80.63 39.71
CA PHE H 29 4.43 80.44 41.16
C PHE H 29 3.06 80.04 41.69
N SER H 30 2.29 79.29 40.90
CA SER H 30 0.93 78.91 41.31
C SER H 30 0.96 78.08 42.58
N ASN H 31 1.81 77.05 42.62
CA ASN H 31 1.92 76.15 43.76
C ASN H 31 3.23 76.36 44.51
N SER H 32 3.60 77.62 44.73
CA SER H 32 4.88 77.97 45.33
C SER H 32 4.66 78.78 46.60
N ILE H 33 5.52 78.56 47.60
CA ILE H 33 5.49 79.31 48.84
C ILE H 33 6.38 80.53 48.69
N MET H 34 5.79 81.72 48.86
CA MET H 34 6.54 82.97 48.81
C MET H 34 6.92 83.38 50.22
N GLY H 35 8.04 84.09 50.35
CA GLY H 35 8.50 84.45 51.67
C GLY H 35 9.43 85.64 51.67
N TRP H 36 9.75 86.09 52.87
CA TRP H 36 10.70 87.18 53.09
C TRP H 36 11.73 86.75 54.11
N PHE H 37 12.95 87.26 53.94
CA PHE H 37 14.03 87.05 54.90
C PHE H 37 14.72 88.39 55.15
N ARG H 38 15.54 88.43 56.18
CA ARG H 38 16.32 89.63 56.47
C ARG H 38 17.68 89.23 57.02
N GLN H 39 18.67 90.08 56.76
CA GLN H 39 20.05 89.83 57.12
C GLN H 39 20.62 91.10 57.75
N ALA H 40 21.08 90.97 58.99
CA ALA H 40 21.75 92.07 59.67
C ALA H 40 23.24 92.10 59.29
N PRO H 41 23.84 93.28 59.26
CA PRO H 41 25.26 93.36 58.86
C PRO H 41 26.16 92.55 59.79
N GLY H 42 26.79 91.53 59.23
CA GLY H 42 27.64 90.66 60.03
C GLY H 42 26.90 89.71 60.94
N LYS H 43 25.62 89.44 60.66
CA LYS H 43 24.83 88.52 61.46
C LYS H 43 24.13 87.53 60.53
N GLU H 44 23.71 86.41 61.12
CA GLU H 44 23.09 85.35 60.34
C GLU H 44 21.78 85.83 59.71
N ARG H 45 21.48 85.28 58.53
CA ARG H 45 20.21 85.56 57.89
C ARG H 45 19.07 85.00 58.71
N ASP H 46 18.05 85.82 58.95
CA ASP H 46 16.95 85.43 59.82
C ASP H 46 15.62 85.61 59.09
N PHE H 47 14.67 84.76 59.46
CA PHE H 47 13.36 84.68 58.82
C PHE H 47 12.39 85.65 59.48
N VAL H 48 11.45 86.17 58.68
CA VAL H 48 10.47 87.12 59.18
C VAL H 48 9.05 86.60 58.95
N ALA H 49 8.71 86.31 57.70
CA ALA H 49 7.36 85.89 57.37
C ALA H 49 7.36 85.13 56.06
N LYS H 50 6.37 84.25 55.90
CA LYS H 50 6.14 83.53 54.67
C LYS H 50 4.64 83.35 54.46
N ILE H 51 4.23 83.35 53.21
CA ILE H 51 2.85 83.10 52.82
C ILE H 51 2.85 81.97 51.80
N SER H 52 1.98 80.99 52.00
CA SER H 52 1.90 79.84 51.14
C SER H 52 0.87 80.07 50.03
N TRP H 53 0.66 79.04 49.21
CA TRP H 53 -0.40 79.05 48.22
C TRP H 53 -1.68 78.40 48.72
N ARG H 54 -1.63 77.73 49.87
CA ARG H 54 -2.79 77.07 50.46
C ARG H 54 -3.50 78.08 51.35
N ASN H 55 -4.56 78.68 50.83
CA ASN H 55 -5.43 79.60 51.57
C ASN H 55 -4.67 80.79 52.15
N ASP H 56 -3.54 81.15 51.54
CA ASP H 56 -2.71 82.26 52.01
C ASP H 56 -2.31 82.08 53.47
N TYR H 57 -1.89 80.86 53.83
CA TYR H 57 -1.49 80.56 55.19
C TYR H 57 -0.23 81.34 55.54
N THR H 58 -0.34 82.22 56.54
CA THR H 58 0.73 83.13 56.90
C THR H 58 1.48 82.62 58.12
N THR H 59 2.81 82.75 58.09
CA THR H 59 3.67 82.37 59.19
C THR H 59 4.63 83.52 59.48
N TYR H 60 4.54 84.09 60.67
CA TYR H 60 5.36 85.22 61.07
C TYR H 60 6.37 84.80 62.12
N ALA H 61 7.50 85.51 62.14
CA ALA H 61 8.46 85.35 63.22
C ALA H 61 7.95 86.05 64.48
N ASP H 62 8.39 85.57 65.63
CA ASP H 62 7.96 86.16 66.90
C ASP H 62 8.37 87.62 67.00
N SER H 63 9.50 87.98 66.39
CA SER H 63 9.99 89.35 66.48
C SER H 63 9.14 90.33 65.69
N VAL H 64 8.31 89.86 64.77
CA VAL H 64 7.63 90.74 63.83
C VAL H 64 6.12 90.59 63.83
N LYS H 65 5.58 89.50 64.39
CA LYS H 65 4.14 89.31 64.37
C LYS H 65 3.44 90.37 65.21
N GLY H 66 2.26 90.78 64.76
CA GLY H 66 1.58 91.93 65.30
C GLY H 66 2.05 93.25 64.72
N ARG H 67 3.15 93.27 63.98
CA ARG H 67 3.68 94.46 63.35
C ARG H 67 3.68 94.38 61.83
N PHE H 68 4.21 93.29 61.27
CA PHE H 68 4.28 93.13 59.82
C PHE H 68 3.01 92.47 59.29
N THR H 69 2.87 92.47 57.96
CA THR H 69 1.70 91.91 57.30
C THR H 69 2.12 91.51 55.88
N ILE H 70 2.31 90.22 55.68
CA ILE H 70 2.72 89.69 54.37
C ILE H 70 1.48 89.29 53.59
N SER H 71 1.48 89.61 52.29
CA SER H 71 0.37 89.26 51.41
C SER H 71 0.95 88.91 50.04
N ARG H 72 0.08 88.51 49.12
CA ARG H 72 0.52 88.18 47.78
C ARG H 72 -0.63 88.35 46.80
N ASP H 73 -0.28 88.67 45.56
CA ASP H 73 -1.21 88.70 44.44
C ASP H 73 -0.62 87.87 43.31
N ASN H 74 -1.26 86.72 43.04
CA ASN H 74 -0.83 85.86 41.94
C ASN H 74 -1.26 86.41 40.59
N ALA H 75 -2.27 87.27 40.55
CA ALA H 75 -2.66 87.91 39.30
C ALA H 75 -1.65 88.96 38.87
N SER H 76 -0.99 89.60 39.84
CA SER H 76 0.06 90.58 39.56
C SER H 76 1.46 89.99 39.73
N ASN H 77 1.57 88.75 40.20
CA ASN H 77 2.85 88.09 40.43
C ASN H 77 3.72 88.91 41.38
N MET H 78 3.13 89.35 42.49
CA MET H 78 3.85 90.13 43.48
C MET H 78 3.55 89.60 44.88
N VAL H 79 4.47 89.88 45.79
CA VAL H 79 4.28 89.56 47.20
C VAL H 79 4.73 90.77 48.02
N TYR H 80 3.89 91.18 48.98
CA TYR H 80 4.08 92.40 49.73
C TYR H 80 4.40 92.10 51.20
N LEU H 81 5.20 93.00 51.79
CA LEU H 81 5.50 92.98 53.21
C LEU H 81 5.22 94.37 53.77
N LEU H 82 4.16 94.49 54.58
CA LEU H 82 3.81 95.75 55.22
C LEU H 82 4.48 95.82 56.58
N MET H 83 5.22 96.90 56.81
CA MET H 83 6.04 97.06 58.01
C MET H 83 5.60 98.32 58.75
N ASN H 84 4.60 98.17 59.62
CA ASN H 84 4.20 99.23 60.54
C ASN H 84 4.91 99.03 61.88
N ASN H 85 5.02 100.14 62.62
CA ASN H 85 5.64 100.15 63.95
C ASN H 85 7.03 99.51 63.89
N LEU H 86 7.91 100.12 63.12
CA LEU H 86 9.25 99.60 62.91
C LEU H 86 10.14 99.91 64.10
N LYS H 87 11.11 99.04 64.33
CA LYS H 87 12.07 99.15 65.41
C LYS H 87 13.49 99.22 64.83
N PRO H 88 14.44 99.78 65.60
CA PRO H 88 15.84 99.69 65.17
C PRO H 88 16.33 98.25 65.06
N GLU H 89 15.71 97.30 65.76
CA GLU H 89 16.05 95.90 65.61
C GLU H 89 15.68 95.36 64.23
N ASP H 90 14.71 95.99 63.55
CA ASP H 90 14.31 95.58 62.21
C ASP H 90 15.24 96.12 61.12
N THR H 91 16.29 96.85 61.49
CA THR H 91 17.23 97.37 60.51
C THR H 91 18.06 96.22 59.93
N ALA H 92 17.91 95.97 58.64
CA ALA H 92 18.58 94.85 57.98
C ALA H 92 18.39 95.01 56.47
N VAL H 93 18.83 94.00 55.72
CA VAL H 93 18.58 93.89 54.29
C VAL H 93 17.58 92.78 54.07
N TYR H 94 16.47 93.10 53.41
CA TYR H 94 15.37 92.17 53.25
C TYR H 94 15.39 91.56 51.84
N TYR H 95 15.22 90.24 51.78
CA TYR H 95 15.22 89.48 50.55
C TYR H 95 13.86 88.85 50.32
N CYS H 96 13.44 88.81 49.06
CA CYS H 96 12.26 88.08 48.65
C CYS H 96 12.67 86.68 48.21
N ALA H 97 12.02 85.67 48.76
CA ALA H 97 12.37 84.28 48.50
C ALA H 97 11.17 83.54 47.93
N ALA H 98 11.46 82.56 47.06
CA ALA H 98 10.43 81.76 46.42
C ALA H 98 10.83 80.30 46.45
N THR H 99 9.84 79.42 46.41
CA THR H 99 10.04 77.99 46.52
C THR H 99 9.65 77.30 45.22
N LYS H 100 10.31 76.19 44.92
CA LYS H 100 9.86 75.36 43.81
C LYS H 100 8.48 74.80 44.11
N ALA H 101 7.77 74.41 43.04
CA ALA H 101 6.36 74.05 43.17
C ALA H 101 6.18 72.85 44.09
N TYR H 102 5.10 72.91 44.88
CA TYR H 102 4.72 71.83 45.81
C TYR H 102 5.84 71.48 46.79
N ASN H 103 6.72 72.44 47.05
CA ASN H 103 7.81 72.23 48.00
C ASN H 103 7.58 73.07 49.24
N GLY H 104 8.34 72.73 50.29
CA GLY H 104 8.20 73.41 51.55
C GLY H 104 9.12 74.61 51.71
N GLY H 105 8.70 75.53 52.57
CA GLY H 105 9.51 76.68 52.90
C GLY H 105 9.67 76.82 54.40
N GLU H 106 10.87 76.56 54.90
CA GLU H 106 11.12 76.54 56.34
C GLU H 106 11.78 77.84 56.80
N THR H 107 11.89 77.97 58.12
CA THR H 107 12.47 79.18 58.70
C THR H 107 13.97 79.24 58.50
N SER H 108 14.63 78.09 58.42
CA SER H 108 16.09 78.04 58.33
C SER H 108 16.62 78.45 56.96
N GLY H 109 15.77 78.53 55.94
CA GLY H 109 16.20 78.74 54.57
C GLY H 109 16.11 77.50 53.72
N ARG H 110 15.76 76.34 54.30
CA ARG H 110 15.51 75.15 53.52
C ARG H 110 14.36 75.39 52.55
N GLY H 111 14.36 74.64 51.45
CA GLY H 111 13.52 75.08 50.37
C GLY H 111 14.04 76.42 49.89
N PHE H 112 13.11 77.27 49.45
CA PHE H 112 13.42 78.65 49.02
C PHE H 112 14.63 78.67 48.09
N TYR H 113 14.39 78.17 46.87
CA TYR H 113 15.45 78.04 45.89
C TYR H 113 15.81 79.38 45.26
N TYR H 114 14.84 80.27 45.12
CA TYR H 114 15.04 81.57 44.48
C TYR H 114 15.21 82.66 45.53
N TRP H 115 16.14 83.56 45.29
CA TRP H 115 16.41 84.67 46.21
C TRP H 115 16.66 85.94 45.41
N GLY H 116 16.11 87.05 45.91
CA GLY H 116 16.32 88.34 45.28
C GLY H 116 17.61 89.00 45.75
N GLN H 117 17.95 90.10 45.08
CA GLN H 117 19.17 90.83 45.41
C GLN H 117 19.07 91.46 46.80
N GLY H 118 17.88 91.91 47.18
CA GLY H 118 17.64 92.47 48.49
C GLY H 118 17.51 93.99 48.45
N THR H 119 16.82 94.51 49.46
CA THR H 119 16.63 95.95 49.62
C THR H 119 16.98 96.35 51.05
N GLN H 120 17.54 97.55 51.19
CA GLN H 120 18.03 98.03 52.48
C GLN H 120 16.91 98.68 53.27
N VAL H 121 16.82 98.34 54.56
CA VAL H 121 15.87 98.95 55.47
C VAL H 121 16.61 99.37 56.73
N THR H 122 16.56 100.66 57.05
CA THR H 122 17.24 101.22 58.21
C THR H 122 16.23 102.02 59.03
N VAL H 123 16.15 101.70 60.32
CA VAL H 123 15.27 102.39 61.26
C VAL H 123 16.13 103.00 62.34
N SER H 124 16.08 104.33 62.47
CA SER H 124 16.91 105.04 63.43
C SER H 124 16.03 105.91 64.33
N SER H 125 16.63 106.39 65.41
CA SER H 125 15.92 107.22 66.38
C SER H 125 15.72 108.63 65.85
N SER I 2 -25.26 -71.58 -29.58
CA SER I 2 -25.49 -71.67 -28.15
C SER I 2 -25.75 -73.11 -27.72
N VAL I 3 -24.88 -74.01 -28.16
CA VAL I 3 -25.03 -75.43 -27.85
C VAL I 3 -24.51 -75.69 -26.45
N THR I 4 -24.64 -76.94 -25.97
CA THR I 4 -24.39 -77.26 -24.57
C THR I 4 -22.93 -77.02 -24.19
N VAL I 5 -22.72 -76.57 -22.95
CA VAL I 5 -21.41 -76.42 -22.36
C VAL I 5 -21.42 -77.10 -21.00
N LYS I 6 -20.40 -77.92 -20.73
CA LYS I 6 -20.35 -78.68 -19.49
C LYS I 6 -18.95 -78.63 -18.90
N ARG I 7 -18.87 -78.52 -17.58
CA ARG I 7 -17.60 -78.63 -16.88
C ARG I 7 -17.06 -80.04 -17.03
N ILE I 8 -15.75 -80.15 -17.32
CA ILE I 8 -15.18 -81.44 -17.66
C ILE I 8 -14.68 -82.23 -16.45
N ILE I 9 -14.57 -81.59 -15.28
CA ILE I 9 -14.09 -82.33 -14.11
C ILE I 9 -15.17 -83.26 -13.58
N ASP I 10 -16.44 -82.90 -13.73
CA ASP I 10 -17.52 -83.73 -13.19
C ASP I 10 -18.76 -83.76 -14.08
N ASN I 11 -18.63 -83.37 -15.35
CA ASN I 11 -19.71 -83.42 -16.33
C ASN I 11 -20.93 -82.59 -15.93
N THR I 12 -20.76 -81.64 -15.01
CA THR I 12 -21.85 -80.76 -14.66
C THR I 12 -22.09 -79.74 -15.77
N VAL I 13 -23.36 -79.46 -16.04
CA VAL I 13 -23.74 -78.53 -17.09
C VAL I 13 -23.76 -77.11 -16.54
N ILE I 14 -23.26 -76.17 -17.34
CA ILE I 14 -23.25 -74.75 -16.98
C ILE I 14 -23.86 -73.97 -18.13
N VAL I 15 -24.61 -72.91 -17.79
CA VAL I 15 -25.25 -72.07 -18.80
C VAL I 15 -24.77 -70.64 -18.63
N PRO I 16 -23.71 -70.24 -19.33
CA PRO I 16 -23.21 -68.86 -19.21
C PRO I 16 -24.15 -67.88 -19.90
N LYS I 17 -24.68 -66.94 -19.14
CA LYS I 17 -25.60 -65.92 -19.66
C LYS I 17 -25.19 -64.55 -19.13
N LEU I 18 -25.48 -63.52 -19.92
CA LEU I 18 -25.04 -62.17 -19.64
C LEU I 18 -26.23 -61.25 -19.41
N PRO I 19 -26.06 -60.20 -18.61
CA PRO I 19 -27.13 -59.19 -18.48
C PRO I 19 -27.41 -58.54 -19.82
N ALA I 20 -28.69 -58.53 -20.19
CA ALA I 20 -29.11 -58.01 -21.48
C ALA I 20 -29.63 -56.57 -21.33
N ASN I 21 -29.45 -55.79 -22.40
CA ASN I 21 -30.04 -54.47 -22.50
C ASN I 21 -30.59 -54.33 -23.91
N GLU I 22 -31.91 -54.10 -24.01
CA GLU I 22 -32.55 -53.99 -25.32
C GLU I 22 -31.91 -52.89 -26.15
N ASP I 23 -32.03 -51.65 -25.69
CA ASP I 23 -31.60 -50.46 -26.42
C ASP I 23 -32.02 -50.54 -27.89
N PRO I 24 -33.30 -50.74 -28.19
CA PRO I 24 -33.71 -50.87 -29.59
C PRO I 24 -33.50 -49.57 -30.34
N VAL I 25 -33.61 -49.67 -31.66
CA VAL I 25 -33.34 -48.55 -32.56
C VAL I 25 -34.63 -48.18 -33.28
N GLU I 26 -34.93 -46.89 -33.32
CA GLU I 26 -36.12 -46.38 -33.97
C GLU I 26 -35.70 -45.67 -35.26
N TYR I 27 -36.30 -46.09 -36.37
CA TYR I 27 -36.01 -45.51 -37.67
C TYR I 27 -36.99 -44.39 -37.99
N PRO I 28 -36.61 -43.46 -38.86
CA PRO I 28 -37.52 -42.32 -39.13
C PRO I 28 -38.80 -42.72 -39.85
N ALA I 29 -38.70 -43.60 -40.86
CA ALA I 29 -39.89 -43.95 -41.63
C ALA I 29 -40.92 -44.75 -40.83
N ASP I 30 -40.50 -45.40 -39.74
CA ASP I 30 -41.45 -46.08 -38.86
C ASP I 30 -42.34 -45.11 -38.10
N TYR I 31 -42.00 -43.82 -38.10
CA TYR I 31 -42.79 -42.80 -37.41
C TYR I 31 -43.88 -42.23 -38.30
N PHE I 32 -43.60 -42.05 -39.60
CA PHE I 32 -44.57 -41.46 -40.51
C PHE I 32 -45.67 -42.42 -40.93
N ARG I 33 -45.46 -43.73 -40.78
CA ARG I 33 -46.54 -44.67 -41.01
C ARG I 33 -47.49 -44.76 -39.83
N LYS I 34 -47.13 -44.18 -38.69
CA LYS I 34 -48.04 -44.04 -37.56
C LYS I 34 -48.81 -42.72 -37.66
N SER I 35 -48.09 -41.60 -37.59
CA SER I 35 -48.68 -40.27 -37.72
C SER I 35 -48.03 -39.57 -38.91
N LYS I 36 -48.85 -39.09 -39.84
CA LYS I 36 -48.37 -38.50 -41.08
C LYS I 36 -47.99 -37.03 -40.94
N GLU I 37 -47.85 -36.52 -39.73
CA GLU I 37 -47.45 -35.13 -39.53
C GLU I 37 -46.94 -34.95 -38.11
N ILE I 38 -45.92 -34.11 -37.98
CA ILE I 38 -45.27 -33.84 -36.70
C ILE I 38 -45.87 -32.57 -36.09
N PRO I 39 -46.31 -32.61 -34.83
CA PRO I 39 -46.90 -31.42 -34.22
C PRO I 39 -45.90 -30.57 -33.45
N LEU I 40 -46.14 -29.26 -33.49
CA LEU I 40 -45.35 -28.27 -32.75
C LEU I 40 -46.30 -27.52 -31.82
N TYR I 41 -46.22 -27.84 -30.52
CA TYR I 41 -47.04 -27.15 -29.54
C TYR I 41 -46.50 -25.74 -29.30
N ILE I 42 -47.31 -24.73 -29.61
CA ILE I 42 -46.90 -23.34 -29.47
C ILE I 42 -48.05 -22.55 -28.85
N ASN I 43 -47.72 -21.38 -28.31
CA ASN I 43 -48.67 -20.55 -27.58
C ASN I 43 -48.83 -19.23 -28.32
N THR I 44 -49.97 -19.08 -29.03
CA THR I 44 -50.22 -17.93 -29.89
C THR I 44 -51.04 -16.85 -29.20
N THR I 45 -51.03 -16.80 -27.86
CA THR I 45 -51.84 -15.81 -27.15
C THR I 45 -51.20 -14.42 -27.21
N LYS I 46 -50.13 -14.22 -26.43
CA LYS I 46 -49.48 -12.92 -26.34
C LYS I 46 -48.98 -12.47 -27.72
N SER I 47 -48.83 -11.16 -27.87
CA SER I 47 -48.48 -10.57 -29.15
C SER I 47 -46.97 -10.62 -29.36
N LEU I 48 -46.55 -10.28 -30.59
CA LEU I 48 -45.13 -10.27 -30.94
C LEU I 48 -44.39 -9.18 -30.18
N SER I 49 -44.90 -7.95 -30.22
CA SER I 49 -44.24 -6.84 -29.55
C SER I 49 -44.21 -7.01 -28.04
N ASP I 50 -45.03 -7.90 -27.49
CA ASP I 50 -44.93 -8.26 -26.08
C ASP I 50 -43.78 -9.24 -25.86
N LEU I 51 -43.80 -10.37 -26.59
CA LEU I 51 -42.80 -11.41 -26.41
C LEU I 51 -41.39 -10.94 -26.73
N ARG I 52 -41.24 -9.91 -27.58
CA ARG I 52 -39.92 -9.37 -27.87
C ARG I 52 -39.25 -8.84 -26.61
N GLY I 53 -39.92 -7.92 -25.92
CA GLY I 53 -39.40 -7.44 -24.65
C GLY I 53 -39.39 -8.50 -23.56
N TYR I 54 -40.38 -9.39 -23.58
CA TYR I 54 -40.39 -10.53 -22.65
C TYR I 54 -39.07 -11.28 -22.69
N VAL I 55 -38.65 -11.72 -23.89
CA VAL I 55 -37.43 -12.51 -24.00
C VAL I 55 -36.18 -11.63 -23.97
N TYR I 56 -36.29 -10.33 -24.26
CA TYR I 56 -35.12 -9.47 -24.13
C TYR I 56 -34.75 -9.27 -22.67
N GLN I 57 -35.67 -8.72 -21.88
CA GLN I 57 -35.41 -8.57 -20.45
C GLN I 57 -35.27 -9.91 -19.76
N GLY I 58 -35.88 -10.96 -20.31
CA GLY I 58 -35.64 -12.29 -19.79
C GLY I 58 -34.19 -12.73 -19.99
N LEU I 59 -33.66 -12.51 -21.20
CA LEU I 59 -32.27 -12.84 -21.46
C LEU I 59 -31.32 -12.01 -20.60
N LYS I 60 -31.65 -10.72 -20.40
CA LYS I 60 -30.78 -9.84 -19.62
C LYS I 60 -30.53 -10.40 -18.23
N SER I 61 -31.53 -11.03 -17.62
CA SER I 61 -31.38 -11.68 -16.33
C SER I 61 -31.19 -13.18 -16.55
N GLY I 62 -31.20 -13.94 -15.45
CA GLY I 62 -31.09 -15.38 -15.55
C GLY I 62 -32.40 -16.11 -15.73
N ASN I 63 -33.52 -15.41 -15.63
CA ASN I 63 -34.84 -16.01 -15.75
C ASN I 63 -35.42 -15.76 -17.14
N VAL I 64 -35.94 -16.82 -17.76
CA VAL I 64 -36.56 -16.73 -19.07
C VAL I 64 -37.38 -18.00 -19.30
N SER I 65 -38.53 -17.86 -19.94
CA SER I 65 -39.39 -19.01 -20.23
C SER I 65 -39.09 -19.54 -21.61
N ILE I 66 -38.84 -20.86 -21.70
CA ILE I 66 -38.64 -21.48 -23.00
C ILE I 66 -39.93 -21.41 -23.81
N ILE I 67 -41.07 -21.35 -23.13
CA ILE I 67 -42.34 -21.13 -23.83
C ILE I 67 -42.35 -19.77 -24.50
N HIS I 68 -41.81 -18.75 -23.83
CA HIS I 68 -41.77 -17.41 -24.40
C HIS I 68 -40.85 -17.34 -25.61
N VAL I 69 -39.72 -18.06 -25.56
CA VAL I 69 -38.79 -18.01 -26.69
C VAL I 69 -39.27 -18.90 -27.84
N ASN I 70 -40.05 -19.93 -27.54
CA ASN I 70 -40.63 -20.74 -28.61
C ASN I 70 -41.73 -19.97 -29.33
N SER I 71 -42.72 -19.46 -28.56
CA SER I 71 -43.77 -18.65 -29.15
C SER I 71 -43.20 -17.42 -29.86
N TYR I 72 -42.15 -16.82 -29.28
CA TYR I 72 -41.55 -15.65 -29.90
C TYR I 72 -40.83 -16.02 -31.19
N LEU I 73 -40.00 -17.07 -31.16
CA LEU I 73 -39.32 -17.52 -32.37
C LEU I 73 -40.31 -17.79 -33.49
N TYR I 74 -41.43 -18.44 -33.16
CA TYR I 74 -42.53 -18.54 -34.11
C TYR I 74 -42.98 -17.15 -34.57
N GLY I 75 -43.04 -16.19 -33.64
CA GLY I 75 -43.54 -14.87 -33.98
C GLY I 75 -42.66 -14.14 -34.98
N ALA I 76 -41.35 -14.25 -34.84
CA ALA I 76 -40.42 -13.52 -35.69
C ALA I 76 -40.11 -14.27 -36.98
N LEU I 77 -40.15 -15.60 -36.96
CA LEU I 77 -39.77 -16.37 -38.14
C LEU I 77 -40.95 -16.75 -39.02
N LYS I 78 -42.19 -16.49 -38.59
CA LYS I 78 -43.34 -17.02 -39.31
C LYS I 78 -43.55 -16.37 -40.67
N ASP I 79 -43.09 -15.12 -40.86
CA ASP I 79 -43.29 -14.41 -42.12
C ASP I 79 -42.12 -14.58 -43.08
N ILE I 80 -41.44 -15.71 -43.04
CA ILE I 80 -40.36 -16.03 -43.98
C ILE I 80 -40.93 -16.93 -45.06
N ARG I 81 -40.64 -16.62 -46.32
CA ARG I 81 -41.21 -17.33 -47.45
C ARG I 81 -40.12 -17.72 -48.44
N GLY I 82 -40.48 -18.61 -49.36
CA GLY I 82 -39.61 -19.05 -50.42
C GLY I 82 -40.33 -19.97 -51.38
N LYS I 83 -40.30 -19.65 -52.66
CA LYS I 83 -40.98 -20.45 -53.67
C LYS I 83 -40.09 -21.57 -54.16
N LEU I 84 -40.67 -22.76 -54.27
CA LEU I 84 -39.94 -23.96 -54.62
C LEU I 84 -39.59 -23.98 -56.10
N ASP I 85 -38.38 -24.47 -56.41
CA ASP I 85 -38.02 -24.69 -57.79
C ASP I 85 -38.78 -25.88 -58.37
N LYS I 86 -38.69 -27.03 -57.72
CA LYS I 86 -39.46 -28.21 -58.05
C LYS I 86 -40.27 -28.66 -56.83
N ASP I 87 -40.97 -29.78 -56.98
CA ASP I 87 -41.79 -30.30 -55.89
C ASP I 87 -40.89 -30.73 -54.73
N TRP I 88 -41.33 -30.42 -53.51
CA TRP I 88 -40.62 -30.79 -52.29
C TRP I 88 -41.50 -31.74 -51.49
N SER I 89 -41.01 -32.96 -51.29
CA SER I 89 -41.76 -33.98 -50.57
C SER I 89 -40.78 -34.95 -49.91
N SER I 90 -41.25 -35.62 -48.86
CA SER I 90 -40.44 -36.60 -48.15
C SER I 90 -41.34 -37.44 -47.25
N PHE I 91 -41.08 -38.74 -47.22
CA PHE I 91 -41.86 -39.69 -46.41
C PHE I 91 -43.35 -39.62 -46.73
N GLY I 92 -43.68 -39.17 -47.93
CA GLY I 92 -45.06 -39.06 -48.34
C GLY I 92 -45.76 -37.80 -47.89
N ILE I 93 -45.03 -36.73 -47.61
CA ILE I 93 -45.59 -35.47 -47.17
C ILE I 93 -45.23 -34.42 -48.21
N ASN I 94 -46.19 -34.02 -49.04
CA ASN I 94 -45.97 -32.98 -50.05
C ASN I 94 -46.12 -31.62 -49.39
N ILE I 95 -45.04 -31.20 -48.72
CA ILE I 95 -45.03 -29.90 -48.06
C ILE I 95 -45.11 -28.75 -49.06
N GLY I 96 -44.77 -29.00 -50.32
CA GLY I 96 -44.88 -28.00 -51.36
C GLY I 96 -44.77 -28.64 -52.72
N LYS I 97 -45.21 -27.91 -53.73
CA LYS I 97 -45.31 -28.47 -55.07
C LYS I 97 -45.11 -27.36 -56.10
N ALA I 98 -44.07 -27.51 -56.93
CA ALA I 98 -43.80 -26.64 -58.08
C ALA I 98 -43.64 -25.20 -57.59
N GLY I 99 -44.34 -24.22 -58.16
CA GLY I 99 -44.11 -22.83 -57.83
C GLY I 99 -44.79 -22.35 -56.55
N ASP I 100 -45.08 -23.26 -55.64
CA ASP I 100 -45.66 -22.88 -54.36
C ASP I 100 -44.65 -22.10 -53.53
N THR I 101 -45.06 -20.93 -53.03
CA THR I 101 -44.23 -20.15 -52.11
C THR I 101 -44.55 -20.60 -50.69
N ILE I 102 -43.68 -21.43 -50.14
CA ILE I 102 -43.93 -22.04 -48.84
C ILE I 102 -43.14 -21.29 -47.77
N GLY I 103 -43.59 -21.41 -46.53
CA GLY I 103 -42.94 -20.80 -45.40
C GLY I 103 -42.17 -21.81 -44.57
N ILE I 104 -41.47 -21.29 -43.55
CA ILE I 104 -40.60 -22.11 -42.73
C ILE I 104 -41.41 -23.12 -41.91
N PHE I 105 -42.66 -22.79 -41.56
CA PHE I 105 -43.50 -23.67 -40.76
C PHE I 105 -44.45 -24.50 -41.62
N ASP I 106 -44.23 -24.56 -42.93
CA ASP I 106 -44.95 -25.53 -43.76
C ASP I 106 -44.45 -26.95 -43.55
N LEU I 107 -43.35 -27.12 -42.81
CA LEU I 107 -42.82 -28.45 -42.55
C LEU I 107 -43.59 -29.16 -41.44
N VAL I 108 -43.96 -28.43 -40.40
CA VAL I 108 -44.66 -29.00 -39.25
C VAL I 108 -46.07 -28.43 -39.20
N SER I 109 -46.90 -29.04 -38.37
CA SER I 109 -48.26 -28.57 -38.11
C SER I 109 -48.30 -27.88 -36.76
N LEU I 110 -48.83 -26.66 -36.73
CA LEU I 110 -48.90 -25.90 -35.49
C LEU I 110 -50.06 -26.37 -34.63
N LYS I 111 -49.76 -26.73 -33.38
CA LYS I 111 -50.75 -27.03 -32.36
C LYS I 111 -50.71 -25.95 -31.29
N ALA I 112 -51.55 -26.11 -30.28
CA ALA I 112 -51.65 -25.14 -29.19
C ALA I 112 -51.21 -25.77 -27.89
N LEU I 113 -50.21 -25.17 -27.25
CA LEU I 113 -49.85 -25.55 -25.89
C LEU I 113 -50.86 -24.99 -24.91
N ASP I 114 -51.15 -25.75 -23.86
CA ASP I 114 -52.13 -25.36 -22.86
C ASP I 114 -51.53 -25.50 -21.47
N GLY I 115 -51.64 -24.44 -20.69
CA GLY I 115 -51.09 -24.41 -19.36
C GLY I 115 -50.93 -22.98 -18.89
N VAL I 116 -50.38 -22.85 -17.68
CA VAL I 116 -50.14 -21.53 -17.11
C VAL I 116 -48.97 -20.86 -17.83
N LEU I 117 -49.14 -19.58 -18.16
CA LEU I 117 -48.11 -18.80 -18.86
C LEU I 117 -47.23 -18.08 -17.85
N PRO I 118 -45.90 -18.26 -17.90
CA PRO I 118 -44.98 -17.56 -17.00
C PRO I 118 -45.03 -16.04 -17.16
N VAL I 121 -41.02 -10.68 -16.66
CA VAL I 121 -41.02 -9.22 -16.69
C VAL I 121 -41.39 -8.72 -18.08
N SER I 122 -41.39 -7.40 -18.26
CA SER I 122 -41.77 -6.77 -19.52
C SER I 122 -40.76 -5.70 -19.88
N ASP I 123 -40.92 -5.15 -21.08
CA ASP I 123 -40.08 -4.06 -21.56
C ASP I 123 -40.67 -3.50 -22.84
N ALA I 124 -40.40 -2.22 -23.09
CA ALA I 124 -40.77 -1.58 -24.34
C ALA I 124 -39.52 -1.00 -25.00
N SER I 125 -39.71 -0.04 -25.91
CA SER I 125 -38.63 0.62 -26.65
C SER I 125 -37.87 -0.34 -27.55
N ARG I 126 -38.27 -1.61 -27.57
CA ARG I 126 -37.64 -2.61 -28.42
C ARG I 126 -38.28 -2.53 -29.81
N THR I 127 -37.62 -1.85 -30.73
CA THR I 127 -38.11 -1.75 -32.09
C THR I 127 -38.09 -3.11 -32.77
N SER I 128 -38.65 -3.16 -33.99
CA SER I 128 -38.63 -4.39 -34.77
C SER I 128 -37.22 -4.77 -35.19
N ALA I 129 -36.25 -3.85 -35.08
CA ALA I 129 -34.87 -4.16 -35.45
C ALA I 129 -34.31 -5.31 -34.64
N ASP I 130 -34.75 -5.46 -33.38
CA ASP I 130 -34.30 -6.58 -32.57
C ASP I 130 -34.73 -7.91 -33.17
N ASP I 131 -35.86 -7.92 -33.89
CA ASP I 131 -36.29 -9.13 -34.58
C ASP I 131 -35.41 -9.48 -35.78
N LYS I 132 -34.46 -8.62 -36.13
CA LYS I 132 -33.53 -8.93 -37.20
C LYS I 132 -32.45 -9.91 -36.77
N TRP I 133 -32.21 -10.04 -35.46
CA TRP I 133 -31.11 -10.85 -34.97
C TRP I 133 -31.45 -11.66 -33.72
N LEU I 134 -32.44 -11.26 -32.93
CA LEU I 134 -32.80 -12.03 -31.74
C LEU I 134 -33.16 -13.47 -32.08
N PRO I 135 -33.87 -13.77 -33.17
CA PRO I 135 -34.01 -15.19 -33.55
C PRO I 135 -32.67 -15.85 -33.86
N LEU I 136 -31.77 -15.16 -34.56
CA LEU I 136 -30.45 -15.74 -34.82
C LEU I 136 -29.72 -16.02 -33.52
N TYR I 137 -29.86 -15.14 -32.53
CA TYR I 137 -29.27 -15.36 -31.22
C TYR I 137 -29.85 -16.61 -30.56
N LEU I 138 -31.16 -16.60 -30.32
CA LEU I 138 -31.83 -17.71 -29.66
C LEU I 138 -31.53 -19.04 -30.34
N LEU I 139 -31.44 -19.04 -31.68
CA LEU I 139 -31.08 -20.27 -32.39
C LEU I 139 -29.61 -20.62 -32.19
N GLY I 140 -28.74 -19.61 -32.04
CA GLY I 140 -27.34 -19.89 -31.81
C GLY I 140 -27.06 -20.48 -30.44
N LEU I 141 -27.85 -20.11 -29.43
CA LEU I 141 -27.64 -20.70 -28.11
C LEU I 141 -27.95 -22.19 -28.09
N TYR I 142 -28.66 -22.72 -29.08
CA TYR I 142 -28.83 -24.17 -29.15
C TYR I 142 -27.52 -24.86 -29.49
N ARG I 143 -26.71 -24.24 -30.36
CA ARG I 143 -25.41 -24.80 -30.70
C ARG I 143 -24.40 -24.54 -29.59
N VAL I 144 -24.42 -23.35 -28.99
CA VAL I 144 -23.49 -23.08 -27.89
C VAL I 144 -23.84 -23.95 -26.67
N GLY I 145 -25.11 -24.34 -26.53
CA GLY I 145 -25.58 -25.07 -25.38
C GLY I 145 -25.46 -26.59 -25.45
N ARG I 146 -24.72 -27.13 -26.42
CA ARG I 146 -24.53 -28.57 -26.54
C ARG I 146 -23.07 -28.98 -26.33
N THR I 147 -22.28 -28.13 -25.66
CA THR I 147 -20.89 -28.45 -25.38
C THR I 147 -20.59 -28.08 -23.93
N GLN I 148 -19.46 -28.61 -23.43
CA GLN I 148 -19.05 -28.34 -22.07
C GLN I 148 -17.63 -27.79 -22.01
N MET I 149 -16.81 -28.10 -23.00
CA MET I 149 -15.44 -27.59 -23.03
C MET I 149 -15.46 -26.07 -23.09
N PRO I 150 -14.86 -25.39 -22.11
CA PRO I 150 -15.01 -23.92 -22.04
C PRO I 150 -14.47 -23.18 -23.25
N GLU I 151 -13.34 -23.63 -23.80
CA GLU I 151 -12.74 -22.92 -24.92
C GLU I 151 -13.59 -23.02 -26.18
N TYR I 152 -14.15 -24.20 -26.44
CA TYR I 152 -14.99 -24.37 -27.63
C TYR I 152 -16.25 -23.52 -27.57
N ARG I 153 -16.59 -22.95 -26.42
CA ARG I 153 -17.64 -21.94 -26.34
C ARG I 153 -17.17 -20.57 -26.80
N LYS I 154 -15.98 -20.50 -27.40
CA LYS I 154 -15.59 -19.31 -28.16
C LYS I 154 -16.46 -19.13 -29.40
N LYS I 155 -17.17 -20.18 -29.81
CA LYS I 155 -18.19 -20.07 -30.85
C LYS I 155 -19.42 -19.34 -30.36
N LEU I 156 -19.49 -18.99 -29.08
CA LEU I 156 -20.51 -18.06 -28.61
C LEU I 156 -20.39 -16.72 -29.31
N MET I 157 -19.26 -16.46 -29.96
CA MET I 157 -19.14 -15.34 -30.89
C MET I 157 -19.96 -15.60 -32.13
N ASP I 158 -21.21 -16.02 -31.95
CA ASP I 158 -22.16 -16.10 -33.06
C ASP I 158 -22.67 -14.71 -33.40
N GLY I 159 -23.25 -14.02 -32.41
CA GLY I 159 -23.62 -12.63 -32.60
C GLY I 159 -22.49 -11.66 -32.44
N LEU I 160 -21.46 -12.04 -31.69
CA LEU I 160 -20.26 -11.22 -31.59
C LEU I 160 -19.51 -11.13 -32.91
N THR I 161 -20.01 -11.81 -33.95
CA THR I 161 -19.51 -11.69 -35.31
C THR I 161 -20.61 -11.64 -36.37
N ASN I 162 -21.74 -12.31 -36.18
CA ASN I 162 -22.83 -12.28 -37.15
C ASN I 162 -23.95 -11.31 -36.79
N GLN I 163 -24.15 -11.01 -35.50
CA GLN I 163 -25.11 -9.96 -35.14
C GLN I 163 -24.56 -8.57 -35.43
N CYS I 164 -23.24 -8.37 -35.30
CA CYS I 164 -22.65 -7.11 -35.73
C CYS I 164 -22.75 -6.92 -37.23
N LYS I 165 -23.10 -7.99 -37.97
CA LYS I 165 -23.48 -7.83 -39.37
C LYS I 165 -24.94 -7.42 -39.50
N MET I 166 -25.76 -7.74 -38.51
CA MET I 166 -27.16 -7.31 -38.49
C MET I 166 -27.31 -5.95 -37.83
N ILE I 167 -26.62 -5.72 -36.70
CA ILE I 167 -26.56 -4.42 -36.05
C ILE I 167 -25.21 -4.30 -35.36
N ASN I 168 -24.45 -3.25 -35.70
CA ASN I 168 -23.08 -3.12 -35.21
C ASN I 168 -23.01 -3.04 -33.69
N GLU I 169 -24.03 -2.47 -33.05
CA GLU I 169 -24.02 -2.24 -31.61
C GLU I 169 -24.65 -3.38 -30.82
N GLN I 170 -24.59 -4.61 -31.34
CA GLN I 170 -25.13 -5.75 -30.62
C GLN I 170 -24.12 -6.29 -29.63
N PHE I 171 -24.58 -6.57 -28.41
CA PHE I 171 -23.77 -7.18 -27.38
C PHE I 171 -24.57 -8.30 -26.72
N GLU I 172 -23.83 -9.24 -26.11
CA GLU I 172 -24.42 -10.41 -25.47
C GLU I 172 -25.35 -10.01 -24.33
N PRO I 173 -26.68 -10.16 -24.50
CA PRO I 173 -27.62 -9.86 -23.42
C PRO I 173 -27.71 -10.98 -22.40
N LEU I 174 -26.56 -11.50 -21.98
CA LEU I 174 -26.49 -12.57 -20.99
C LEU I 174 -25.38 -12.23 -20.00
N VAL I 175 -25.35 -13.00 -18.90
CA VAL I 175 -24.30 -12.88 -17.90
C VAL I 175 -23.24 -13.93 -18.19
N PRO I 176 -22.02 -13.82 -17.65
CA PRO I 176 -21.06 -14.93 -17.78
C PRO I 176 -21.60 -16.23 -17.20
N GLU I 177 -22.44 -16.15 -16.17
CA GLU I 177 -23.19 -17.32 -15.72
C GLU I 177 -24.14 -17.82 -16.79
N GLY I 178 -24.52 -16.96 -17.74
CA GLY I 178 -25.53 -17.26 -18.74
C GLY I 178 -25.42 -18.57 -19.48
N ARG I 179 -24.26 -19.22 -19.43
CA ARG I 179 -24.13 -20.53 -20.07
C ARG I 179 -25.06 -21.56 -19.44
N ASP I 180 -25.41 -21.38 -18.17
CA ASP I 180 -26.38 -22.26 -17.53
C ASP I 180 -27.79 -22.04 -18.04
N ILE I 181 -28.05 -20.89 -18.67
CA ILE I 181 -29.42 -20.51 -19.01
C ILE I 181 -29.94 -21.33 -20.18
N PHE I 182 -29.29 -21.22 -21.34
CA PHE I 182 -29.84 -21.76 -22.56
C PHE I 182 -29.62 -23.26 -22.72
N ASP I 183 -28.68 -23.86 -21.98
CA ASP I 183 -28.49 -25.31 -22.06
C ASP I 183 -29.78 -26.06 -21.76
N VAL I 184 -30.57 -25.55 -20.81
CA VAL I 184 -31.86 -26.16 -20.49
C VAL I 184 -32.73 -26.29 -21.73
N TRP I 185 -32.70 -25.26 -22.59
CA TRP I 185 -33.52 -25.27 -23.80
C TRP I 185 -33.27 -26.49 -24.66
N GLY I 186 -32.18 -27.22 -24.42
CA GLY I 186 -31.91 -28.41 -25.20
C GLY I 186 -32.98 -29.48 -25.07
N ASN I 187 -33.67 -29.54 -23.93
CA ASN I 187 -34.66 -30.60 -23.74
C ASN I 187 -36.05 -30.23 -24.23
N ASP I 188 -36.34 -28.95 -24.40
CA ASP I 188 -37.67 -28.53 -24.83
C ASP I 188 -37.92 -29.02 -26.26
N SER I 189 -38.84 -29.99 -26.40
CA SER I 189 -39.05 -30.63 -27.69
C SER I 189 -39.46 -29.61 -28.76
N ASN I 190 -40.28 -28.64 -28.40
CA ASN I 190 -40.73 -27.64 -29.37
C ASN I 190 -39.58 -26.77 -29.86
N TYR I 191 -38.61 -26.50 -29.00
CA TYR I 191 -37.42 -25.76 -29.42
C TYR I 191 -36.63 -26.55 -30.47
N THR I 192 -36.43 -27.85 -30.21
CA THR I 192 -35.71 -28.69 -31.16
C THR I 192 -36.46 -28.77 -32.48
N LYS I 193 -37.78 -28.90 -32.43
CA LYS I 193 -38.57 -28.87 -33.66
C LYS I 193 -38.45 -27.54 -34.38
N ILE I 194 -38.31 -26.45 -33.63
CA ILE I 194 -38.13 -25.14 -34.24
C ILE I 194 -36.81 -25.06 -35.00
N VAL I 195 -35.70 -25.36 -34.32
CA VAL I 195 -34.39 -25.25 -34.97
C VAL I 195 -34.29 -26.24 -36.14
N ALA I 196 -34.84 -27.43 -35.97
CA ALA I 196 -34.82 -28.41 -37.07
C ALA I 196 -35.63 -27.93 -38.25
N ALA I 197 -36.76 -27.26 -38.00
CA ALA I 197 -37.54 -26.69 -39.08
C ALA I 197 -36.78 -25.55 -39.77
N VAL I 198 -36.07 -24.74 -39.00
CA VAL I 198 -35.28 -23.65 -39.58
C VAL I 198 -34.21 -24.21 -40.51
N ASP I 199 -33.42 -25.17 -40.01
CA ASP I 199 -32.31 -25.68 -40.81
C ASP I 199 -32.81 -26.48 -42.02
N MET I 200 -33.84 -27.30 -41.82
CA MET I 200 -34.42 -28.02 -42.94
C MET I 200 -34.97 -27.05 -43.99
N PHE I 201 -35.51 -25.92 -43.55
CA PHE I 201 -36.01 -24.92 -44.47
C PHE I 201 -34.87 -24.29 -45.27
N PHE I 202 -33.93 -23.63 -44.58
CA PHE I 202 -32.86 -22.90 -45.25
C PHE I 202 -31.87 -23.82 -45.96
N HIS I 203 -31.94 -25.13 -45.74
CA HIS I 203 -31.12 -26.05 -46.53
C HIS I 203 -31.54 -26.04 -47.99
N MET I 204 -32.84 -25.87 -48.26
CA MET I 204 -33.32 -25.72 -49.63
C MET I 204 -33.14 -24.29 -50.11
N PHE I 205 -33.53 -23.32 -49.28
CA PHE I 205 -33.40 -21.90 -49.62
C PHE I 205 -32.13 -21.33 -49.01
N LYS I 206 -30.99 -21.71 -49.58
CA LYS I 206 -29.74 -21.06 -49.24
C LYS I 206 -29.54 -19.77 -50.03
N LYS I 207 -30.37 -19.53 -51.03
CA LYS I 207 -30.41 -18.25 -51.74
C LYS I 207 -31.33 -17.26 -51.06
N HIS I 208 -31.29 -17.20 -49.73
CA HIS I 208 -32.15 -16.32 -48.95
C HIS I 208 -31.28 -15.36 -48.15
N GLU I 209 -31.85 -14.21 -47.81
CA GLU I 209 -31.12 -13.22 -47.03
C GLU I 209 -31.08 -13.56 -45.55
N CYS I 210 -32.04 -14.34 -45.05
CA CYS I 210 -32.03 -14.84 -43.68
C CYS I 210 -31.30 -16.17 -43.55
N ALA I 211 -30.34 -16.44 -44.44
CA ALA I 211 -29.66 -17.73 -44.44
C ALA I 211 -28.69 -17.87 -43.26
N SER I 212 -28.12 -16.75 -42.80
CA SER I 212 -27.21 -16.78 -41.66
C SER I 212 -27.85 -17.44 -40.44
N PHE I 213 -29.18 -17.50 -40.40
CA PHE I 213 -29.88 -18.14 -39.30
C PHE I 213 -29.49 -19.60 -39.13
N ARG I 214 -28.96 -20.24 -40.18
CA ARG I 214 -28.51 -21.62 -40.04
C ARG I 214 -27.37 -21.75 -39.02
N TYR I 215 -26.64 -20.67 -38.77
CA TYR I 215 -25.68 -20.67 -37.67
C TYR I 215 -26.40 -21.04 -36.37
N GLY I 216 -25.93 -22.12 -35.74
CA GLY I 216 -26.58 -22.61 -34.55
C GLY I 216 -27.46 -23.80 -34.81
N THR I 217 -28.21 -23.76 -35.91
CA THR I 217 -29.14 -24.83 -36.22
C THR I 217 -28.48 -25.97 -37.00
N ILE I 218 -27.27 -25.75 -37.54
CA ILE I 218 -26.65 -26.75 -38.40
C ILE I 218 -26.21 -27.98 -37.60
N VAL I 219 -26.12 -27.87 -36.26
CA VAL I 219 -25.84 -29.04 -35.45
C VAL I 219 -27.05 -29.94 -35.29
N SER I 220 -28.21 -29.52 -35.80
CA SER I 220 -29.40 -30.34 -35.80
C SER I 220 -29.52 -31.23 -37.03
N ARG I 221 -28.74 -30.97 -38.07
CA ARG I 221 -28.71 -31.81 -39.26
C ARG I 221 -27.71 -32.93 -39.05
N PHE I 222 -28.18 -34.18 -39.21
CA PHE I 222 -27.38 -35.36 -38.92
C PHE I 222 -26.91 -35.39 -37.46
N LYS I 223 -27.68 -34.77 -36.58
CA LYS I 223 -27.39 -34.85 -35.15
C LYS I 223 -27.57 -36.28 -34.68
N ASP I 224 -26.56 -36.80 -33.98
CA ASP I 224 -26.52 -38.20 -33.55
C ASP I 224 -26.45 -39.15 -34.75
N CYS I 225 -25.61 -38.80 -35.72
CA CYS I 225 -25.45 -39.60 -36.94
C CYS I 225 -23.97 -39.58 -37.37
N ALA I 226 -23.09 -39.98 -36.46
CA ALA I 226 -21.66 -39.87 -36.74
C ALA I 226 -21.16 -41.02 -37.62
N ALA I 227 -21.64 -42.24 -37.37
CA ALA I 227 -21.15 -43.40 -38.11
C ALA I 227 -21.34 -43.23 -39.61
N LEU I 228 -22.50 -42.73 -40.02
CA LEU I 228 -22.73 -42.44 -41.44
C LEU I 228 -21.71 -41.44 -41.96
N ALA I 229 -21.41 -40.40 -41.18
CA ALA I 229 -20.41 -39.41 -41.58
C ALA I 229 -19.03 -40.05 -41.73
N THR I 230 -18.70 -41.05 -40.91
CA THR I 230 -17.46 -41.76 -41.09
C THR I 230 -17.50 -42.70 -42.29
N PHE I 231 -18.69 -43.13 -42.70
CA PHE I 231 -18.79 -43.90 -43.93
C PHE I 231 -18.53 -43.01 -45.14
N GLY I 232 -19.10 -41.80 -45.15
CA GLY I 232 -18.76 -40.86 -46.22
C GLY I 232 -17.30 -40.46 -46.20
N HIS I 233 -16.76 -40.20 -45.01
CA HIS I 233 -15.34 -39.88 -44.88
C HIS I 233 -14.46 -41.01 -45.40
N LEU I 234 -14.83 -42.25 -45.10
CA LEU I 234 -14.06 -43.39 -45.59
C LEU I 234 -14.16 -43.52 -47.10
N CYS I 235 -15.36 -43.34 -47.65
CA CYS I 235 -15.51 -43.37 -49.11
C CYS I 235 -14.87 -42.17 -49.79
N LYS I 236 -14.48 -41.15 -49.04
CA LYS I 236 -13.80 -39.99 -49.63
C LYS I 236 -12.28 -40.11 -49.56
N ILE I 237 -11.74 -40.56 -48.42
CA ILE I 237 -10.29 -40.66 -48.27
C ILE I 237 -9.75 -41.82 -49.11
N THR I 238 -10.47 -42.94 -49.14
CA THR I 238 -10.03 -44.09 -49.91
C THR I 238 -10.16 -43.88 -51.41
N GLY I 239 -11.00 -42.93 -51.83
CA GLY I 239 -11.28 -42.73 -53.24
C GLY I 239 -12.09 -43.83 -53.88
N MET I 240 -12.52 -44.83 -53.12
CA MET I 240 -13.30 -45.94 -53.63
C MET I 240 -14.78 -45.63 -53.58
N SER I 241 -15.59 -46.54 -54.12
CA SER I 241 -17.03 -46.36 -54.17
C SER I 241 -17.68 -46.96 -52.92
N THR I 242 -18.95 -46.61 -52.72
CA THR I 242 -19.68 -47.13 -51.56
C THR I 242 -19.77 -48.65 -51.59
N GLU I 243 -20.09 -49.21 -52.77
CA GLU I 243 -20.21 -50.66 -52.89
C GLU I 243 -18.86 -51.36 -52.79
N ASP I 244 -17.80 -50.73 -53.30
CA ASP I 244 -16.46 -51.32 -53.17
C ASP I 244 -15.96 -51.23 -51.73
N VAL I 245 -16.17 -50.08 -51.08
CA VAL I 245 -15.80 -49.95 -49.67
C VAL I 245 -16.56 -50.95 -48.82
N THR I 246 -17.83 -51.20 -49.15
CA THR I 246 -18.64 -52.13 -48.36
C THR I 246 -18.03 -53.53 -48.34
N THR I 247 -17.31 -53.91 -49.40
CA THR I 247 -16.70 -55.23 -49.45
C THR I 247 -15.51 -55.38 -48.52
N TRP I 248 -14.84 -54.29 -48.17
CA TRP I 248 -13.67 -54.34 -47.29
C TRP I 248 -14.05 -54.42 -45.81
N ILE I 249 -15.30 -54.73 -45.51
CA ILE I 249 -15.72 -54.99 -44.14
C ILE I 249 -15.39 -56.45 -43.83
N LEU I 250 -14.40 -56.66 -42.95
CA LEU I 250 -13.92 -57.99 -42.63
C LEU I 250 -14.30 -58.44 -41.22
N ASN I 251 -15.16 -57.69 -40.53
CA ASN I 251 -15.58 -58.01 -39.18
C ASN I 251 -17.09 -58.21 -39.14
N ARG I 252 -17.54 -59.19 -38.36
CA ARG I 252 -18.96 -59.52 -38.31
C ARG I 252 -19.78 -58.37 -37.73
N GLU I 253 -19.33 -57.83 -36.59
CA GLU I 253 -20.06 -56.73 -35.96
C GLU I 253 -20.20 -55.54 -36.90
N VAL I 254 -19.12 -55.18 -37.61
CA VAL I 254 -19.17 -54.09 -38.55
C VAL I 254 -20.16 -54.39 -39.68
N ALA I 255 -20.28 -55.67 -40.07
CA ALA I 255 -21.26 -56.03 -41.08
C ALA I 255 -22.68 -55.85 -40.55
N ASP I 256 -22.93 -56.27 -39.30
CA ASP I 256 -24.26 -56.07 -38.71
C ASP I 256 -24.60 -54.60 -38.61
N GLU I 257 -23.61 -53.76 -38.27
CA GLU I 257 -23.86 -52.32 -38.18
C GLU I 257 -24.10 -51.72 -39.56
N MET I 258 -23.39 -52.22 -40.57
CA MET I 258 -23.56 -51.70 -41.91
C MET I 258 -24.94 -52.07 -42.48
N VAL I 259 -25.39 -53.30 -42.25
CA VAL I 259 -26.75 -53.68 -42.60
C VAL I 259 -27.74 -52.87 -41.78
N GLN I 260 -27.36 -52.50 -40.56
CA GLN I 260 -28.25 -51.71 -39.71
C GLN I 260 -28.44 -50.29 -40.27
N MET I 261 -27.38 -49.70 -40.81
CA MET I 261 -27.50 -48.34 -41.34
C MET I 261 -28.23 -48.32 -42.67
N MET I 262 -27.97 -49.30 -43.53
CA MET I 262 -28.47 -49.28 -44.90
C MET I 262 -29.91 -49.74 -45.03
N LEU I 263 -30.79 -49.41 -44.10
CA LEU I 263 -32.18 -49.78 -44.27
C LEU I 263 -32.75 -49.05 -45.48
N PRO I 264 -33.48 -49.72 -46.35
CA PRO I 264 -33.78 -49.14 -47.67
C PRO I 264 -35.05 -48.32 -47.73
N GLY I 265 -35.43 -47.68 -46.63
CA GLY I 265 -36.64 -46.86 -46.64
C GLY I 265 -36.55 -45.61 -45.80
N GLN I 266 -35.33 -45.11 -45.58
CA GLN I 266 -35.11 -44.00 -44.65
C GLN I 266 -34.65 -42.73 -45.36
N GLU I 267 -34.61 -42.72 -46.68
CA GLU I 267 -34.27 -41.53 -47.47
C GLU I 267 -32.92 -40.94 -47.09
N ILE I 268 -31.98 -41.78 -46.67
CA ILE I 268 -30.67 -41.30 -46.26
C ILE I 268 -29.84 -40.78 -47.43
N ASP I 269 -30.32 -40.96 -48.67
CA ASP I 269 -29.67 -40.41 -49.85
C ASP I 269 -30.45 -39.26 -50.47
N LYS I 270 -31.65 -38.96 -49.97
CA LYS I 270 -32.40 -37.82 -50.46
C LYS I 270 -31.69 -36.51 -50.11
N ALA I 271 -31.88 -35.51 -50.97
CA ALA I 271 -31.21 -34.22 -50.77
C ALA I 271 -31.84 -33.45 -49.62
N ASP I 272 -33.12 -33.11 -49.74
CA ASP I 272 -33.84 -32.32 -48.74
C ASP I 272 -34.96 -33.19 -48.18
N SER I 273 -34.66 -33.89 -47.09
CA SER I 273 -35.59 -34.83 -46.47
C SER I 273 -35.64 -34.58 -44.96
N TYR I 274 -36.62 -35.22 -44.32
CA TYR I 274 -36.76 -35.16 -42.88
C TYR I 274 -35.78 -36.06 -42.15
N MET I 275 -35.06 -36.93 -42.87
CA MET I 275 -34.16 -37.88 -42.23
C MET I 275 -33.03 -37.22 -41.45
N PRO I 276 -32.30 -36.23 -41.97
CA PRO I 276 -31.19 -35.65 -41.20
C PRO I 276 -31.59 -35.04 -39.87
N TYR I 277 -32.89 -34.86 -39.61
CA TYR I 277 -33.38 -34.25 -38.39
C TYR I 277 -34.29 -35.20 -37.62
N LEU I 278 -33.97 -36.50 -37.64
CA LEU I 278 -34.82 -37.48 -36.98
C LEU I 278 -34.76 -37.41 -35.47
N ILE I 279 -33.79 -36.68 -34.91
CA ILE I 279 -33.62 -36.62 -33.46
C ILE I 279 -34.42 -35.44 -32.89
N ASP I 280 -34.15 -34.25 -33.41
CA ASP I 280 -34.82 -33.05 -32.90
C ASP I 280 -36.30 -33.01 -33.29
N PHE I 281 -36.62 -33.49 -34.50
CA PHE I 281 -38.02 -33.65 -34.89
C PHE I 281 -38.71 -34.83 -34.17
N GLY I 282 -38.05 -35.49 -33.22
CA GLY I 282 -38.67 -36.55 -32.46
C GLY I 282 -39.07 -37.75 -33.28
N LEU I 283 -38.52 -37.87 -34.50
CA LEU I 283 -38.80 -39.03 -35.33
C LEU I 283 -38.19 -40.29 -34.72
N SER I 284 -37.09 -40.15 -33.98
CA SER I 284 -36.40 -41.28 -33.39
C SER I 284 -35.82 -40.86 -32.05
N SER I 285 -36.12 -41.64 -31.00
CA SER I 285 -35.54 -41.42 -29.69
C SER I 285 -34.18 -42.10 -29.52
N LYS I 286 -33.77 -42.89 -30.50
CA LYS I 286 -32.45 -43.54 -30.50
C LYS I 286 -32.04 -43.74 -31.95
N SER I 287 -30.93 -43.13 -32.34
CA SER I 287 -30.60 -43.07 -33.76
C SER I 287 -29.93 -44.37 -34.21
N PRO I 288 -30.24 -44.84 -35.43
CA PRO I 288 -29.56 -46.03 -35.96
C PRO I 288 -28.15 -45.75 -36.44
N TYR I 289 -27.84 -44.50 -36.79
CA TYR I 289 -26.58 -44.15 -37.46
C TYR I 289 -25.60 -43.48 -36.52
N SER I 290 -25.71 -43.71 -35.22
CA SER I 290 -24.85 -43.08 -34.23
C SER I 290 -23.68 -43.99 -33.89
N SER I 291 -22.56 -43.37 -33.50
CA SER I 291 -21.38 -44.11 -33.09
C SER I 291 -21.59 -44.87 -31.78
N VAL I 292 -22.71 -44.66 -31.10
CA VAL I 292 -23.03 -45.44 -29.91
C VAL I 292 -23.62 -46.79 -30.30
N LYS I 293 -24.46 -46.81 -31.32
CA LYS I 293 -25.05 -48.06 -31.82
C LYS I 293 -24.26 -48.69 -32.95
N ASN I 294 -23.29 -47.97 -33.53
CA ASN I 294 -22.38 -48.50 -34.53
C ASN I 294 -20.94 -48.21 -34.11
N PRO I 295 -20.48 -48.80 -33.00
CA PRO I 295 -19.13 -48.44 -32.53
C PRO I 295 -18.02 -49.06 -33.35
N ALA I 296 -18.16 -50.32 -33.75
CA ALA I 296 -17.09 -50.99 -34.48
C ALA I 296 -16.88 -50.40 -35.86
N PHE I 297 -17.96 -49.93 -36.51
CA PHE I 297 -17.81 -49.27 -37.80
C PHE I 297 -17.16 -47.89 -37.63
N HIS I 298 -17.51 -47.18 -36.56
CA HIS I 298 -16.90 -45.89 -36.28
C HIS I 298 -15.39 -46.04 -36.06
N PHE I 299 -15.01 -46.94 -35.15
CA PHE I 299 -13.60 -47.17 -34.87
C PHE I 299 -12.86 -47.71 -36.10
N TRP I 300 -13.49 -48.64 -36.82
CA TRP I 300 -12.84 -49.25 -37.98
C TRP I 300 -12.61 -48.23 -39.09
N GLY I 301 -13.68 -47.58 -39.54
CA GLY I 301 -13.54 -46.62 -40.63
C GLY I 301 -12.69 -45.42 -40.26
N GLN I 302 -12.83 -44.94 -39.02
CA GLN I 302 -12.04 -43.78 -38.61
C GLN I 302 -10.56 -44.13 -38.49
N LEU I 303 -10.25 -45.32 -37.96
CA LEU I 303 -8.85 -45.74 -37.89
C LEU I 303 -8.27 -45.97 -39.29
N THR I 304 -9.04 -46.60 -40.17
CA THR I 304 -8.58 -46.82 -41.54
C THR I 304 -8.30 -45.50 -42.24
N ALA I 305 -9.20 -44.53 -42.08
CA ALA I 305 -8.96 -43.21 -42.68
C ALA I 305 -7.76 -42.53 -42.04
N LEU I 306 -7.57 -42.72 -40.74
CA LEU I 306 -6.41 -42.15 -40.06
C LEU I 306 -5.11 -42.69 -40.65
N LEU I 307 -5.02 -44.01 -40.82
CA LEU I 307 -3.87 -44.60 -41.47
C LEU I 307 -3.71 -44.13 -42.91
N LEU I 308 -4.79 -43.66 -43.53
CA LEU I 308 -4.76 -43.08 -44.86
C LEU I 308 -4.59 -41.57 -44.85
N ARG I 309 -3.94 -41.03 -43.81
CA ARG I 309 -3.53 -39.62 -43.75
C ARG I 309 -4.74 -38.69 -43.66
N SER I 310 -5.73 -39.06 -42.86
CA SER I 310 -6.83 -38.16 -42.58
C SER I 310 -6.44 -37.15 -41.52
N THR I 311 -7.00 -35.94 -41.63
CA THR I 311 -6.71 -34.87 -40.68
C THR I 311 -7.70 -34.83 -39.53
N ARG I 312 -8.95 -35.23 -39.77
CA ARG I 312 -9.98 -35.20 -38.75
C ARG I 312 -10.06 -36.49 -37.94
N ALA I 313 -9.54 -37.60 -38.46
CA ALA I 313 -9.67 -38.88 -37.78
C ALA I 313 -8.95 -38.88 -36.44
N ARG I 314 -7.84 -38.14 -36.33
CA ARG I 314 -7.05 -38.14 -35.11
C ARG I 314 -7.84 -37.64 -33.90
N ASN I 315 -8.92 -36.89 -34.12
CA ASN I 315 -9.74 -36.37 -33.04
C ASN I 315 -11.00 -37.18 -32.79
N ALA I 316 -11.26 -38.20 -33.58
CA ALA I 316 -12.41 -39.08 -33.35
C ALA I 316 -12.19 -39.87 -32.06
N ARG I 317 -13.29 -40.09 -31.33
CA ARG I 317 -13.22 -40.73 -30.02
C ARG I 317 -13.34 -42.24 -30.14
N GLN I 318 -12.53 -42.95 -29.35
CA GLN I 318 -12.43 -44.40 -29.36
C GLN I 318 -13.55 -45.01 -28.53
N PRO I 319 -14.49 -45.73 -29.15
CA PRO I 319 -15.61 -46.31 -28.40
C PRO I 319 -15.14 -47.36 -27.40
N ASP I 320 -16.06 -47.77 -26.54
CA ASP I 320 -15.80 -48.74 -25.50
C ASP I 320 -16.49 -50.07 -25.83
N ASP I 321 -15.91 -51.16 -25.32
CA ASP I 321 -16.45 -52.51 -25.47
C ASP I 321 -16.58 -52.89 -26.96
N ILE I 322 -15.43 -53.00 -27.60
CA ILE I 322 -15.34 -53.47 -28.99
C ILE I 322 -14.06 -54.28 -29.14
N GLU I 323 -13.98 -55.03 -30.23
CA GLU I 323 -12.81 -55.86 -30.52
C GLU I 323 -11.72 -54.97 -31.13
N TYR I 324 -10.93 -54.32 -30.27
CA TYR I 324 -9.89 -53.43 -30.77
C TYR I 324 -8.88 -54.17 -31.64
N THR I 325 -8.50 -55.38 -31.24
CA THR I 325 -7.45 -56.11 -31.94
C THR I 325 -7.85 -56.44 -33.38
N SER I 326 -8.93 -57.22 -33.53
CA SER I 326 -9.35 -57.66 -34.86
C SER I 326 -9.72 -56.48 -35.75
N LEU I 327 -10.40 -55.49 -35.20
CA LEU I 327 -10.73 -54.28 -35.97
C LEU I 327 -9.47 -53.58 -36.46
N THR I 328 -8.45 -53.46 -35.61
CA THR I 328 -7.20 -52.84 -36.03
C THR I 328 -6.49 -53.67 -37.09
N THR I 329 -6.61 -55.00 -37.04
CA THR I 329 -6.02 -55.82 -38.09
C THR I 329 -6.72 -55.63 -39.42
N ALA I 330 -8.07 -55.60 -39.41
CA ALA I 330 -8.82 -55.40 -40.64
C ALA I 330 -8.55 -54.02 -41.25
N GLY I 331 -8.65 -52.97 -40.43
CA GLY I 331 -8.35 -51.64 -40.92
C GLY I 331 -6.90 -51.48 -41.34
N LEU I 332 -6.00 -52.24 -40.72
CA LEU I 332 -4.60 -52.21 -41.14
C LEU I 332 -4.43 -52.82 -42.52
N LEU I 333 -5.06 -53.97 -42.76
CA LEU I 333 -4.99 -54.59 -44.09
C LEU I 333 -5.60 -53.70 -45.15
N TYR I 334 -6.80 -53.17 -44.87
CA TYR I 334 -7.45 -52.27 -45.81
C TYR I 334 -6.58 -51.05 -46.10
N ALA I 335 -6.02 -50.45 -45.05
CA ALA I 335 -5.18 -49.27 -45.22
C ALA I 335 -3.91 -49.58 -46.01
N TYR I 336 -3.34 -50.77 -45.81
CA TYR I 336 -2.18 -51.17 -46.58
C TYR I 336 -2.53 -51.40 -48.04
N ALA I 337 -3.74 -51.91 -48.31
CA ALA I 337 -4.17 -52.12 -49.68
C ALA I 337 -4.37 -50.78 -50.41
N VAL I 338 -5.07 -49.84 -49.76
CA VAL I 338 -5.30 -48.55 -50.41
C VAL I 338 -4.00 -47.76 -50.52
N GLY I 339 -3.11 -47.88 -49.54
CA GLY I 339 -1.85 -47.15 -49.60
C GLY I 339 -0.91 -47.69 -50.66
N SER I 340 -0.77 -49.01 -50.73
CA SER I 340 0.15 -49.61 -51.69
C SER I 340 -0.36 -49.46 -53.12
N SER I 341 -1.61 -49.86 -53.37
CA SER I 341 -2.17 -49.85 -54.72
C SER I 341 -2.68 -48.44 -55.03
N ALA I 342 -1.73 -47.57 -55.39
CA ALA I 342 -2.09 -46.21 -55.79
C ALA I 342 -2.87 -46.19 -57.09
N ASP I 343 -2.70 -47.21 -57.94
CA ASP I 343 -3.49 -47.38 -59.15
C ASP I 343 -3.42 -46.15 -60.06
N LEU I 344 -2.19 -45.67 -60.30
CA LEU I 344 -1.99 -44.54 -61.17
C LEU I 344 -2.24 -44.95 -62.62
N ALA I 345 -3.09 -44.19 -63.31
CA ALA I 345 -3.44 -44.48 -64.69
C ALA I 345 -3.48 -43.19 -65.49
N GLN I 346 -2.89 -43.21 -66.68
CA GLN I 346 -2.89 -42.04 -67.55
C GLN I 346 -4.32 -41.63 -67.88
N GLN I 347 -4.55 -40.32 -67.97
CA GLN I 347 -5.87 -39.77 -68.20
C GLN I 347 -5.99 -39.03 -69.52
N PHE I 348 -5.04 -38.14 -69.81
CA PHE I 348 -5.05 -37.36 -71.05
C PHE I 348 -3.80 -37.65 -71.85
N CYS I 349 -3.97 -37.77 -73.17
CA CYS I 349 -2.86 -38.09 -74.08
C CYS I 349 -2.77 -37.01 -75.16
N VAL I 350 -1.57 -36.86 -75.71
CA VAL I 350 -1.31 -35.87 -76.76
C VAL I 350 -1.36 -36.53 -78.13
N GLY I 351 -0.25 -37.17 -78.52
CA GLY I 351 -0.14 -37.74 -79.85
C GLY I 351 -0.89 -39.04 -80.04
N ASP I 352 -2.03 -39.16 -79.36
CA ASP I 352 -2.83 -40.39 -79.34
C ASP I 352 -1.97 -41.60 -79.00
N ASN I 353 -1.05 -41.40 -78.06
CA ASN I 353 -0.22 -42.47 -77.52
C ASN I 353 -0.48 -42.54 -76.02
N LYS I 354 -0.94 -43.70 -75.56
CA LYS I 354 -1.17 -43.94 -74.14
C LYS I 354 -0.11 -44.90 -73.63
N TYR I 355 -0.11 -45.10 -72.31
CA TYR I 355 0.77 -46.10 -71.73
C TYR I 355 0.32 -47.49 -72.13
N THR I 356 1.23 -48.28 -72.69
CA THR I 356 0.94 -49.65 -73.10
C THR I 356 1.71 -50.61 -72.21
N PRO I 357 1.05 -51.30 -71.29
CA PRO I 357 1.79 -52.16 -70.35
C PRO I 357 2.43 -53.35 -71.06
N ASP I 358 3.62 -53.71 -70.57
CA ASP I 358 4.40 -54.79 -71.17
C ASP I 358 4.03 -56.11 -70.51
N ASP I 359 3.46 -57.02 -71.30
CA ASP I 359 3.04 -58.33 -70.80
C ASP I 359 4.14 -59.39 -70.94
N SER I 360 5.33 -59.01 -71.41
CA SER I 360 6.42 -59.95 -71.61
C SER I 360 7.28 -60.14 -70.37
N THR I 361 6.79 -59.73 -69.19
CA THR I 361 7.52 -59.93 -67.94
C THR I 361 7.29 -61.35 -67.46
N GLY I 362 8.30 -62.20 -67.60
CA GLY I 362 8.17 -63.61 -67.28
C GLY I 362 9.10 -64.13 -66.20
N GLY I 363 9.63 -63.24 -65.37
CA GLY I 363 10.45 -63.66 -64.25
C GLY I 363 9.67 -64.27 -63.11
N LEU I 364 8.34 -64.29 -63.19
CA LEU I 364 7.46 -64.76 -62.13
C LEU I 364 7.76 -64.03 -60.83
N THR I 365 7.39 -62.75 -60.82
CA THR I 365 7.53 -61.91 -59.64
C THR I 365 6.31 -62.14 -58.74
N THR I 366 6.30 -63.31 -58.10
CA THR I 366 5.28 -63.63 -57.13
C THR I 366 5.70 -63.17 -55.73
N ASN I 367 4.94 -63.59 -54.72
CA ASN I 367 5.16 -63.20 -53.34
C ASN I 367 5.12 -61.68 -53.15
N ALA I 368 4.54 -60.96 -54.12
CA ALA I 368 4.37 -59.53 -54.11
C ALA I 368 2.90 -59.18 -53.97
N PRO I 369 2.58 -58.05 -53.32
CA PRO I 369 1.17 -57.69 -53.10
C PRO I 369 0.41 -57.58 -54.40
N PRO I 370 -0.91 -57.73 -54.37
CA PRO I 370 -1.72 -57.61 -55.60
C PRO I 370 -1.57 -56.22 -56.22
N GLN I 371 -2.17 -56.08 -57.40
CA GLN I 371 -2.02 -54.88 -58.21
C GLN I 371 -3.14 -53.87 -58.02
N GLY I 372 -4.34 -54.32 -57.62
CA GLY I 372 -5.44 -53.41 -57.41
C GLY I 372 -5.91 -53.36 -55.97
N ARG I 373 -7.19 -53.06 -55.76
CA ARG I 373 -7.77 -52.98 -54.43
C ARG I 373 -8.94 -53.95 -54.29
N ASP I 374 -8.77 -55.16 -54.81
CA ASP I 374 -9.78 -56.20 -54.69
C ASP I 374 -9.62 -56.92 -53.36
N VAL I 375 -10.73 -57.12 -52.66
CA VAL I 375 -10.69 -57.83 -51.38
C VAL I 375 -10.38 -59.31 -51.60
N VAL I 376 -10.91 -59.89 -52.68
CA VAL I 376 -10.76 -61.31 -52.95
C VAL I 376 -9.29 -61.68 -53.10
N GLU I 377 -8.47 -60.77 -53.62
CA GLU I 377 -7.05 -61.04 -53.79
C GLU I 377 -6.24 -60.72 -52.53
N TRP I 378 -6.50 -59.57 -51.92
CA TRP I 378 -5.73 -59.17 -50.74
C TRP I 378 -5.99 -60.09 -49.55
N LEU I 379 -7.16 -60.73 -49.51
CA LEU I 379 -7.40 -61.73 -48.47
C LEU I 379 -6.50 -62.94 -48.68
N GLY I 380 -6.36 -63.40 -49.92
CA GLY I 380 -5.46 -64.51 -50.20
C GLY I 380 -4.00 -64.15 -49.94
N TRP I 381 -3.61 -62.94 -50.30
CA TRP I 381 -2.26 -62.47 -49.97
C TRP I 381 -2.05 -62.47 -48.46
N PHE I 382 -3.04 -61.96 -47.70
CA PHE I 382 -2.94 -61.97 -46.25
C PHE I 382 -2.86 -63.39 -45.70
N GLU I 383 -3.50 -64.35 -46.36
CA GLU I 383 -3.38 -65.74 -45.95
C GLU I 383 -1.99 -66.30 -46.25
N ASP I 384 -1.40 -65.88 -47.38
CA ASP I 384 -0.02 -66.24 -47.66
C ASP I 384 0.93 -65.62 -46.64
N GLN I 385 0.56 -64.50 -46.05
CA GLN I 385 1.32 -63.92 -44.95
C GLN I 385 0.99 -64.54 -43.60
N ASN I 386 0.31 -65.68 -43.59
CA ASN I 386 -0.08 -66.40 -42.37
C ASN I 386 -1.00 -65.56 -41.48
N ARG I 387 -1.78 -64.67 -42.08
CA ARG I 387 -2.74 -63.81 -41.37
C ARG I 387 -2.07 -62.99 -40.28
N LYS I 388 -0.74 -62.90 -40.30
CA LYS I 388 0.02 -62.04 -39.41
C LYS I 388 0.57 -60.88 -40.20
N PRO I 389 0.30 -59.64 -39.80
CA PRO I 389 0.73 -58.49 -40.60
C PRO I 389 2.23 -58.45 -40.81
N THR I 390 2.63 -58.24 -42.07
CA THR I 390 4.04 -58.20 -42.44
C THR I 390 4.72 -57.00 -41.80
N PRO I 391 6.05 -57.05 -41.65
CA PRO I 391 6.76 -55.89 -41.08
C PRO I 391 6.64 -54.63 -41.92
N ASP I 392 6.42 -54.74 -43.23
CA ASP I 392 6.20 -53.55 -44.04
C ASP I 392 4.82 -52.95 -43.80
N MET I 393 3.85 -53.75 -43.38
CA MET I 393 2.54 -53.21 -43.01
C MET I 393 2.63 -52.42 -41.71
N MET I 394 3.23 -53.03 -40.67
CA MET I 394 3.42 -52.32 -39.42
C MET I 394 4.33 -51.12 -39.58
N GLN I 395 5.28 -51.17 -40.53
CA GLN I 395 6.12 -50.02 -40.80
C GLN I 395 5.34 -48.94 -41.54
N TYR I 396 4.42 -49.33 -42.42
CA TYR I 396 3.55 -48.36 -43.09
C TYR I 396 2.68 -47.63 -42.07
N ALA I 397 2.03 -48.39 -41.18
CA ALA I 397 1.21 -47.78 -40.15
C ALA I 397 2.04 -46.91 -39.21
N LYS I 398 3.26 -47.36 -38.88
CA LYS I 398 4.15 -46.55 -38.07
C LYS I 398 4.45 -45.22 -38.75
N ARG I 399 4.78 -45.27 -40.05
CA ARG I 399 5.07 -44.05 -40.79
C ARG I 399 3.85 -43.16 -40.95
N ALA I 400 2.64 -43.73 -40.86
CA ALA I 400 1.42 -42.92 -40.94
C ALA I 400 1.02 -42.31 -39.61
N VAL I 401 1.31 -42.97 -38.49
CA VAL I 401 0.91 -42.47 -37.19
C VAL I 401 2.01 -41.73 -36.44
N MET I 402 3.27 -41.96 -36.79
CA MET I 402 4.32 -41.14 -36.21
C MET I 402 4.23 -39.72 -36.75
N SER I 403 4.96 -38.81 -36.11
CA SER I 403 4.91 -37.38 -36.38
C SER I 403 3.54 -36.77 -36.10
N LEU I 404 2.65 -37.51 -35.45
CA LEU I 404 1.38 -36.98 -34.98
C LEU I 404 1.60 -36.35 -33.60
N GLN I 405 1.27 -35.07 -33.48
CA GLN I 405 1.44 -34.34 -32.24
C GLN I 405 0.11 -33.71 -31.84
N GLY I 406 -0.01 -33.42 -30.55
CA GLY I 406 -1.22 -32.82 -30.01
C GLY I 406 -2.41 -33.76 -30.09
N LEU I 407 -2.30 -34.93 -29.48
CA LEU I 407 -3.35 -35.95 -29.51
C LEU I 407 -4.13 -35.90 -28.21
N ARG I 408 -5.46 -35.76 -28.33
CA ARG I 408 -6.32 -35.78 -27.16
C ARG I 408 -6.46 -37.21 -26.64
N GLU I 409 -6.66 -37.33 -25.33
CA GLU I 409 -6.88 -38.64 -24.73
C GLU I 409 -8.18 -39.24 -25.25
N LYS I 410 -8.25 -40.58 -25.17
CA LYS I 410 -9.45 -41.33 -25.56
C LYS I 410 -9.82 -41.10 -27.02
N THR I 411 -8.84 -40.84 -27.87
CA THR I 411 -9.05 -40.66 -29.30
C THR I 411 -8.33 -41.75 -30.07
N ILE I 412 -8.90 -42.10 -31.23
CA ILE I 412 -8.27 -43.12 -32.07
C ILE I 412 -6.92 -42.66 -32.61
N GLY I 413 -6.68 -41.35 -32.61
CA GLY I 413 -5.35 -40.87 -32.97
C GLY I 413 -4.31 -41.27 -31.95
N LYS I 414 -4.60 -41.05 -30.67
CA LYS I 414 -3.70 -41.51 -29.63
C LYS I 414 -3.62 -43.04 -29.59
N TYR I 415 -4.73 -43.72 -29.88
CA TYR I 415 -4.72 -45.18 -29.90
C TYR I 415 -3.78 -45.71 -30.98
N ALA I 416 -3.92 -45.21 -32.21
CA ALA I 416 -3.06 -45.66 -33.30
C ALA I 416 -1.61 -45.26 -33.07
N LYS I 417 -1.39 -44.05 -32.56
CA LYS I 417 -0.03 -43.62 -32.24
C LYS I 417 0.61 -44.54 -31.20
N SER I 418 -0.14 -44.90 -30.16
CA SER I 418 0.37 -45.80 -29.14
C SER I 418 0.43 -47.25 -29.61
N GLU I 419 -0.23 -47.59 -30.71
CA GLU I 419 -0.28 -48.96 -31.20
C GLU I 419 0.81 -49.26 -32.21
N PHE I 420 1.09 -48.34 -33.13
CA PHE I 420 2.03 -48.60 -34.21
C PHE I 420 3.38 -47.91 -34.05
N ASP I 421 3.44 -46.80 -33.32
CA ASP I 421 4.68 -46.02 -33.19
C ASP I 421 5.47 -46.53 -31.98
N LYS I 422 6.18 -47.63 -32.20
CA LYS I 422 7.13 -48.17 -31.22
C LYS I 422 8.00 -49.23 -31.85
N GLN J 1 -10.52 -55.88 -72.69
CA GLN J 1 -10.62 -56.41 -71.33
C GLN J 1 -9.73 -57.64 -71.16
N VAL J 2 -9.94 -58.36 -70.07
CA VAL J 2 -9.21 -59.59 -69.78
C VAL J 2 -9.98 -60.77 -70.37
N GLN J 3 -9.27 -61.64 -71.09
CA GLN J 3 -9.92 -62.77 -71.73
C GLN J 3 -8.93 -63.93 -71.85
N LEU J 4 -9.50 -65.13 -71.97
CA LEU J 4 -8.75 -66.37 -72.17
C LEU J 4 -9.22 -66.98 -73.48
N VAL J 5 -8.30 -67.15 -74.42
CA VAL J 5 -8.61 -67.67 -75.75
C VAL J 5 -8.05 -69.08 -75.86
N GLU J 6 -8.86 -70.00 -76.39
CA GLU J 6 -8.46 -71.40 -76.53
C GLU J 6 -8.38 -71.78 -77.99
N THR J 7 -7.26 -72.40 -78.38
CA THR J 7 -7.09 -72.99 -79.69
C THR J 7 -6.54 -74.41 -79.52
N GLY J 8 -6.59 -75.18 -80.60
CA GLY J 8 -5.93 -76.47 -80.64
C GLY J 8 -6.81 -77.69 -80.57
N GLY J 9 -8.14 -77.54 -80.66
CA GLY J 9 -9.04 -78.66 -80.65
C GLY J 9 -9.43 -79.12 -82.05
N GLY J 10 -10.17 -80.21 -82.09
CA GLY J 10 -10.66 -80.74 -83.36
C GLY J 10 -11.13 -82.17 -83.22
N LEU J 11 -11.34 -82.78 -84.39
CA LEU J 11 -11.79 -84.17 -84.48
C LEU J 11 -10.60 -85.07 -84.77
N VAL J 12 -10.46 -86.14 -84.00
CA VAL J 12 -9.40 -87.13 -84.18
C VAL J 12 -9.99 -88.52 -83.96
N GLN J 13 -9.20 -89.52 -84.31
CA GLN J 13 -9.54 -90.91 -84.05
C GLN J 13 -8.99 -91.35 -82.70
N THR J 14 -9.56 -92.42 -82.16
CA THR J 14 -9.14 -92.92 -80.86
C THR J 14 -7.68 -93.33 -80.88
N GLY J 15 -6.90 -92.79 -79.94
CA GLY J 15 -5.47 -92.98 -79.92
C GLY J 15 -4.67 -91.83 -80.49
N GLY J 16 -5.32 -90.78 -80.97
CA GLY J 16 -4.64 -89.63 -81.51
C GLY J 16 -4.07 -88.73 -80.42
N SER J 17 -3.76 -87.50 -80.81
CA SER J 17 -3.16 -86.55 -79.91
C SER J 17 -3.48 -85.13 -80.36
N LEU J 18 -3.84 -84.28 -79.40
CA LEU J 18 -4.08 -82.86 -79.66
C LEU J 18 -3.36 -82.05 -78.60
N ARG J 19 -3.15 -80.77 -78.89
CA ARG J 19 -2.55 -79.85 -77.94
C ARG J 19 -3.37 -78.56 -77.91
N LEU J 20 -3.81 -78.18 -76.72
CA LEU J 20 -4.60 -76.97 -76.53
C LEU J 20 -3.69 -75.84 -76.04
N SER J 21 -3.81 -74.68 -76.68
CA SER J 21 -3.05 -73.49 -76.33
C SER J 21 -4.03 -72.40 -75.91
N CYS J 22 -3.88 -71.92 -74.68
CA CYS J 22 -4.76 -70.88 -74.12
C CYS J 22 -3.93 -69.62 -73.90
N LYS J 23 -4.26 -68.57 -74.66
CA LYS J 23 -3.63 -67.27 -74.52
C LYS J 23 -4.44 -66.44 -73.52
N ALA J 24 -3.80 -66.03 -72.44
CA ALA J 24 -4.43 -65.21 -71.41
C ALA J 24 -3.97 -63.77 -71.56
N SER J 25 -4.91 -62.84 -71.59
CA SER J 25 -4.58 -61.43 -71.78
C SER J 25 -5.48 -60.56 -70.92
N GLY J 26 -5.04 -59.32 -70.70
CA GLY J 26 -5.85 -58.32 -70.02
C GLY J 26 -5.47 -58.07 -68.57
N ARG J 27 -4.67 -58.93 -67.96
CA ARG J 27 -4.28 -58.74 -66.57
C ARG J 27 -3.03 -59.56 -66.30
N THR J 28 -2.48 -59.40 -65.10
CA THR J 28 -1.31 -60.14 -64.68
C THR J 28 -1.73 -61.43 -63.97
N PHE J 29 -1.16 -62.55 -64.39
CA PHE J 29 -1.47 -63.86 -63.84
C PHE J 29 -0.30 -64.45 -63.06
N SER J 30 0.54 -63.60 -62.48
CA SER J 30 1.72 -64.09 -61.76
C SER J 30 1.33 -64.95 -60.57
N ASN J 31 0.35 -64.50 -59.78
CA ASN J 31 -0.12 -65.22 -58.61
C ASN J 31 -1.47 -65.88 -58.85
N SER J 32 -1.74 -66.27 -60.10
CA SER J 32 -3.02 -66.86 -60.48
C SER J 32 -2.85 -68.34 -60.78
N ILE J 33 -3.88 -69.12 -60.47
CA ILE J 33 -3.92 -70.54 -60.74
C ILE J 33 -4.66 -70.76 -62.06
N MET J 34 -3.99 -71.37 -63.02
CA MET J 34 -4.58 -71.61 -64.33
C MET J 34 -5.10 -73.04 -64.40
N GLY J 35 -6.05 -73.27 -65.30
CA GLY J 35 -6.64 -74.59 -65.38
C GLY J 35 -7.44 -74.79 -66.64
N TRP J 36 -7.86 -76.04 -66.83
CA TRP J 36 -8.71 -76.46 -67.93
C TRP J 36 -9.94 -77.17 -67.37
N PHE J 37 -11.06 -76.99 -68.05
CA PHE J 37 -12.28 -77.73 -67.76
C PHE J 37 -12.84 -78.26 -69.08
N ARG J 38 -13.84 -79.13 -68.98
CA ARG J 38 -14.50 -79.63 -70.18
C ARG J 38 -15.99 -79.80 -69.91
N GLN J 39 -16.77 -79.76 -70.99
CA GLN J 39 -18.22 -79.78 -70.92
C GLN J 39 -18.73 -80.65 -72.06
N ALA J 40 -19.23 -81.84 -71.73
CA ALA J 40 -19.86 -82.69 -72.72
C ALA J 40 -21.30 -82.21 -72.93
N PRO J 41 -21.68 -81.81 -74.14
CA PRO J 41 -23.01 -81.22 -74.34
C PRO J 41 -24.13 -82.18 -73.95
N GLY J 42 -24.76 -81.89 -72.82
CA GLY J 42 -25.80 -82.75 -72.27
C GLY J 42 -25.53 -83.25 -70.87
N LYS J 43 -24.37 -82.94 -70.28
CA LYS J 43 -24.04 -83.41 -68.94
C LYS J 43 -23.39 -82.26 -68.17
N GLU J 44 -22.76 -82.61 -67.04
CA GLU J 44 -22.19 -81.62 -66.14
C GLU J 44 -20.80 -81.20 -66.59
N ARG J 45 -20.41 -79.98 -66.19
CA ARG J 45 -19.03 -79.54 -66.37
C ARG J 45 -18.14 -80.24 -65.36
N ASP J 46 -17.08 -80.86 -65.83
CA ASP J 46 -16.14 -81.56 -64.97
C ASP J 46 -14.74 -80.98 -65.13
N PHE J 47 -13.86 -81.40 -64.23
CA PHE J 47 -12.50 -80.90 -64.13
C PHE J 47 -11.53 -81.90 -64.75
N VAL J 48 -10.46 -81.40 -65.36
CA VAL J 48 -9.48 -82.26 -66.00
C VAL J 48 -8.08 -82.02 -65.46
N ALA J 49 -7.65 -80.77 -65.40
CA ALA J 49 -6.29 -80.47 -64.99
C ALA J 49 -6.20 -79.02 -64.55
N LYS J 50 -5.38 -78.76 -63.54
CA LYS J 50 -5.07 -77.41 -63.10
C LYS J 50 -3.58 -77.34 -62.77
N ILE J 51 -3.01 -76.16 -62.97
CA ILE J 51 -1.63 -75.88 -62.61
C ILE J 51 -1.61 -74.58 -61.80
N SER J 52 -0.94 -74.61 -60.66
CA SER J 52 -0.88 -73.48 -59.75
C SER J 52 0.26 -72.55 -60.17
N TRP J 53 0.40 -71.44 -59.44
CA TRP J 53 1.53 -70.55 -59.60
C TRP J 53 2.69 -70.90 -58.69
N ARG J 54 2.50 -71.85 -57.77
CA ARG J 54 3.54 -72.29 -56.85
C ARG J 54 4.22 -73.53 -57.43
N ASN J 55 5.46 -73.36 -57.88
CA ASN J 55 6.32 -74.47 -58.32
C ASN J 55 5.68 -75.29 -59.45
N ASP J 56 4.71 -74.71 -60.15
CA ASP J 56 3.95 -75.41 -61.19
C ASP J 56 3.31 -76.69 -60.65
N TYR J 57 2.66 -76.57 -59.49
CA TYR J 57 1.98 -77.72 -58.90
C TYR J 57 0.77 -78.10 -59.76
N THR J 58 0.68 -79.38 -60.09
CA THR J 58 -0.31 -79.87 -61.04
C THR J 58 -1.32 -80.78 -60.34
N THR J 59 -2.53 -80.82 -60.91
CA THR J 59 -3.60 -81.65 -60.37
C THR J 59 -4.47 -82.12 -61.52
N TYR J 60 -4.55 -83.43 -61.70
CA TYR J 60 -5.30 -84.03 -62.81
C TYR J 60 -6.48 -84.82 -62.29
N ALA J 61 -7.55 -84.85 -63.10
CA ALA J 61 -8.65 -85.75 -62.82
C ALA J 61 -8.22 -87.19 -63.09
N ASP J 62 -8.83 -88.12 -62.36
CA ASP J 62 -8.46 -89.54 -62.50
C ASP J 62 -8.71 -90.03 -63.92
N SER J 63 -9.67 -89.45 -64.63
CA SER J 63 -9.97 -89.86 -65.99
C SER J 63 -8.85 -89.52 -66.96
N VAL J 64 -8.03 -88.51 -66.64
CA VAL J 64 -6.97 -88.05 -67.53
C VAL J 64 -5.59 -88.25 -66.95
N LYS J 65 -5.47 -88.88 -65.78
CA LYS J 65 -4.16 -89.16 -65.20
C LYS J 65 -3.36 -90.09 -66.11
N GLY J 66 -2.16 -89.67 -66.48
CA GLY J 66 -1.29 -90.42 -67.35
C GLY J 66 -1.43 -90.10 -68.82
N ARG J 67 -2.60 -89.60 -69.23
CA ARG J 67 -2.85 -89.28 -70.64
C ARG J 67 -2.70 -87.80 -70.95
N PHE J 68 -3.02 -86.92 -70.00
CA PHE J 68 -2.94 -85.48 -70.22
C PHE J 68 -1.79 -84.89 -69.43
N THR J 69 -1.25 -83.78 -69.94
CA THR J 69 -0.13 -83.08 -69.30
C THR J 69 -0.34 -81.58 -69.46
N ILE J 70 -0.62 -80.90 -68.36
CA ILE J 70 -0.86 -79.46 -68.37
C ILE J 70 0.45 -78.75 -68.04
N SER J 71 0.62 -77.56 -68.61
CA SER J 71 1.80 -76.74 -68.35
C SER J 71 1.44 -75.29 -68.59
N ARG J 72 2.33 -74.39 -68.15
CA ARG J 72 2.12 -72.97 -68.33
C ARG J 72 3.46 -72.30 -68.64
N ASP J 73 3.38 -71.21 -69.41
CA ASP J 73 4.49 -70.31 -69.66
C ASP J 73 4.04 -68.91 -69.28
N ASN J 74 4.60 -68.38 -68.20
CA ASN J 74 4.25 -67.04 -67.73
C ASN J 74 4.86 -65.96 -68.60
N ALA J 75 6.00 -66.25 -69.25
CA ALA J 75 6.59 -65.28 -70.16
C ALA J 75 5.71 -65.07 -71.39
N SER J 76 5.16 -66.15 -71.94
CA SER J 76 4.23 -66.06 -73.06
C SER J 76 2.79 -65.87 -72.61
N ASN J 77 2.53 -65.93 -71.29
CA ASN J 77 1.18 -65.78 -70.74
C ASN J 77 0.21 -66.81 -71.30
N MET J 78 0.71 -68.02 -71.57
CA MET J 78 -0.11 -69.06 -72.18
C MET J 78 -0.08 -70.31 -71.31
N VAL J 79 -1.14 -71.12 -71.41
CA VAL J 79 -1.23 -72.39 -70.71
C VAL J 79 -1.62 -73.46 -71.72
N TYR J 80 -0.86 -74.56 -71.74
CA TYR J 80 -1.05 -75.63 -72.71
C TYR J 80 -1.57 -76.89 -72.02
N LEU J 81 -2.45 -77.60 -72.71
CA LEU J 81 -2.94 -78.91 -72.26
C LEU J 81 -2.62 -79.92 -73.35
N LEU J 82 -1.67 -80.81 -73.06
CA LEU J 82 -1.26 -81.86 -73.99
C LEU J 82 -2.15 -83.08 -73.78
N MET J 83 -2.84 -83.49 -74.84
CA MET J 83 -3.81 -84.58 -74.80
C MET J 83 -3.30 -85.71 -75.68
N ASN J 84 -2.58 -86.65 -75.06
CA ASN J 84 -2.14 -87.87 -75.70
C ASN J 84 -3.03 -89.03 -75.30
N ASN J 85 -3.09 -90.05 -76.16
CA ASN J 85 -3.89 -91.25 -75.91
C ASN J 85 -5.35 -90.89 -75.66
N LEU J 86 -5.95 -90.21 -76.63
CA LEU J 86 -7.31 -89.72 -76.50
C LEU J 86 -8.31 -90.87 -76.54
N LYS J 87 -9.51 -90.59 -76.06
CA LYS J 87 -10.62 -91.53 -76.05
C LYS J 87 -11.88 -90.80 -76.48
N PRO J 88 -12.89 -91.53 -76.95
CA PRO J 88 -14.21 -90.91 -77.15
C PRO J 88 -14.82 -90.40 -75.87
N GLU J 89 -14.38 -90.90 -74.71
CA GLU J 89 -14.85 -90.37 -73.44
C GLU J 89 -14.38 -88.93 -73.22
N ASP J 90 -13.25 -88.55 -73.82
CA ASP J 90 -12.74 -87.19 -73.70
C ASP J 90 -13.40 -86.22 -74.67
N THR J 91 -14.41 -86.66 -75.42
CA THR J 91 -15.13 -85.78 -76.33
C THR J 91 -15.93 -84.76 -75.53
N ALA J 92 -15.57 -83.49 -75.68
CA ALA J 92 -16.24 -82.41 -74.94
C ALA J 92 -15.83 -81.08 -75.53
N VAL J 93 -16.29 -80.01 -74.89
CA VAL J 93 -15.87 -78.65 -75.20
C VAL J 93 -14.96 -78.18 -74.06
N TYR J 94 -13.70 -77.90 -74.39
CA TYR J 94 -12.71 -77.59 -73.39
C TYR J 94 -12.61 -76.07 -73.20
N TYR J 95 -12.58 -75.65 -71.94
CA TYR J 95 -12.52 -74.25 -71.55
C TYR J 95 -11.26 -73.98 -70.75
N CYS J 96 -10.69 -72.79 -70.94
CA CYS J 96 -9.56 -72.31 -70.16
C CYS J 96 -10.08 -71.45 -69.01
N ALA J 97 -9.64 -71.74 -67.79
CA ALA J 97 -10.11 -71.06 -66.60
C ALA J 97 -8.94 -70.43 -65.86
N ALA J 98 -9.17 -69.21 -65.35
CA ALA J 98 -8.16 -68.46 -64.63
C ALA J 98 -8.73 -67.98 -63.30
N THR J 99 -7.84 -67.79 -62.33
CA THR J 99 -8.19 -67.47 -60.96
C THR J 99 -7.66 -66.08 -60.60
N LYS J 100 -8.39 -65.39 -59.73
CA LYS J 100 -7.90 -64.12 -59.18
C LYS J 100 -6.61 -64.36 -58.40
N ALA J 101 -5.89 -63.26 -58.15
CA ALA J 101 -4.57 -63.36 -57.53
C ALA J 101 -4.66 -63.93 -56.12
N TYR J 102 -3.69 -64.79 -55.78
CA TYR J 102 -3.57 -65.40 -54.47
C TYR J 102 -4.81 -66.20 -54.07
N ASN J 103 -5.79 -66.28 -54.96
CA ASN J 103 -6.98 -67.09 -54.71
C ASN J 103 -6.72 -68.54 -55.09
N GLY J 104 -7.61 -69.42 -54.63
CA GLY J 104 -7.47 -70.83 -54.90
C GLY J 104 -8.29 -71.28 -56.10
N GLY J 105 -8.07 -72.53 -56.49
CA GLY J 105 -8.79 -73.14 -57.60
C GLY J 105 -9.23 -74.55 -57.28
N GLU J 106 -10.52 -74.74 -57.09
CA GLU J 106 -11.07 -76.04 -56.72
C GLU J 106 -11.60 -76.79 -57.95
N THR J 107 -11.80 -78.10 -57.77
CA THR J 107 -12.28 -78.93 -58.86
C THR J 107 -13.68 -78.54 -59.31
N SER J 108 -14.49 -78.01 -58.38
CA SER J 108 -15.84 -77.58 -58.71
C SER J 108 -15.87 -76.25 -59.45
N GLY J 109 -14.74 -75.56 -59.56
CA GLY J 109 -14.71 -74.23 -60.14
C GLY J 109 -15.05 -73.12 -59.18
N ARG J 110 -14.79 -73.31 -57.88
CA ARG J 110 -15.17 -72.31 -56.88
C ARG J 110 -14.34 -71.04 -57.03
N GLY J 111 -13.06 -71.17 -57.34
CA GLY J 111 -12.18 -70.02 -57.36
C GLY J 111 -11.95 -69.42 -58.74
N PHE J 112 -12.31 -70.15 -59.79
CA PHE J 112 -12.02 -69.72 -61.16
C PHE J 112 -12.99 -68.62 -61.56
N TYR J 113 -12.49 -67.38 -61.59
CA TYR J 113 -13.28 -66.21 -61.92
C TYR J 113 -13.30 -65.91 -63.41
N TYR J 114 -12.29 -66.34 -64.16
CA TYR J 114 -12.21 -66.10 -65.59
C TYR J 114 -12.41 -67.39 -66.36
N TRP J 115 -13.18 -67.30 -67.45
CA TRP J 115 -13.49 -68.44 -68.29
C TRP J 115 -13.40 -68.04 -69.75
N GLY J 116 -13.03 -68.99 -70.59
CA GLY J 116 -12.94 -68.76 -72.02
C GLY J 116 -14.21 -69.15 -72.77
N GLN J 117 -14.18 -68.91 -74.07
CA GLN J 117 -15.30 -69.28 -74.92
C GLN J 117 -15.31 -70.77 -75.23
N GLY J 118 -14.14 -71.39 -75.31
CA GLY J 118 -14.03 -72.82 -75.45
C GLY J 118 -13.53 -73.22 -76.84
N THR J 119 -13.07 -74.48 -76.92
CA THR J 119 -12.70 -75.09 -78.19
C THR J 119 -13.22 -76.53 -78.19
N GLN J 120 -13.67 -76.98 -79.35
CA GLN J 120 -14.32 -78.28 -79.47
C GLN J 120 -13.30 -79.39 -79.65
N VAL J 121 -13.51 -80.49 -78.93
CA VAL J 121 -12.65 -81.67 -79.03
C VAL J 121 -13.55 -82.89 -79.21
N THR J 122 -13.44 -83.55 -80.36
CA THR J 122 -14.23 -84.72 -80.67
C THR J 122 -13.31 -85.87 -81.05
N VAL J 123 -13.46 -87.01 -80.39
CA VAL J 123 -12.66 -88.20 -80.63
C VAL J 123 -13.58 -89.35 -80.99
N SER J 124 -13.34 -89.97 -82.14
CA SER J 124 -14.16 -91.07 -82.62
C SER J 124 -13.29 -92.31 -82.84
N SER J 125 -13.92 -93.37 -83.33
CA SER J 125 -13.22 -94.62 -83.62
C SER J 125 -12.77 -94.67 -85.07
N SER K 2 27.31 69.33 31.13
CA SER K 2 27.82 68.68 32.34
C SER K 2 27.60 69.57 33.56
N VAL K 3 27.06 68.98 34.62
CA VAL K 3 26.80 69.68 35.87
C VAL K 3 27.04 68.72 37.02
N THR K 4 27.51 69.26 38.15
CA THR K 4 27.87 68.43 39.29
C THR K 4 26.64 67.72 39.87
N VAL K 5 26.77 66.42 40.12
CA VAL K 5 25.71 65.61 40.68
C VAL K 5 26.25 64.87 41.90
N LYS K 6 25.47 64.85 42.98
CA LYS K 6 25.90 64.25 44.22
C LYS K 6 24.77 63.41 44.81
N ARG K 7 25.13 62.51 45.71
CA ARG K 7 24.19 61.64 46.40
C ARG K 7 23.87 62.27 47.76
N ILE K 8 22.58 62.58 47.98
CA ILE K 8 22.18 63.37 49.14
C ILE K 8 22.37 62.65 50.46
N ILE K 9 22.67 61.35 50.45
CA ILE K 9 22.78 60.61 51.70
C ILE K 9 24.17 60.73 52.32
N ASP K 10 25.22 60.89 51.51
CA ASP K 10 26.57 61.03 52.05
C ASP K 10 27.39 62.07 51.28
N ASN K 11 26.74 62.92 50.49
CA ASN K 11 27.41 63.98 49.73
C ASN K 11 28.55 63.45 48.88
N THR K 12 28.39 62.23 48.36
CA THR K 12 29.38 61.65 47.46
C THR K 12 29.11 62.12 46.04
N VAL K 13 30.16 62.58 45.36
CA VAL K 13 30.05 63.04 43.99
C VAL K 13 29.91 61.84 43.07
N ILE K 14 28.97 61.92 42.13
CA ILE K 14 28.77 60.87 41.13
C ILE K 14 28.90 61.50 39.75
N VAL K 15 29.46 60.73 38.82
CA VAL K 15 29.67 61.21 37.46
C VAL K 15 28.92 60.28 36.50
N PRO K 16 27.64 60.54 36.24
CA PRO K 16 26.91 59.72 35.26
C PRO K 16 27.38 60.01 33.85
N LYS K 17 27.66 58.96 33.08
CA LYS K 17 28.17 59.11 31.73
C LYS K 17 27.79 57.88 30.91
N LEU K 18 27.65 58.09 29.61
CA LEU K 18 27.18 57.06 28.68
C LEU K 18 28.27 56.74 27.66
N PRO K 19 28.29 55.50 27.15
CA PRO K 19 29.22 55.17 26.06
C PRO K 19 28.91 55.95 24.80
N ALA K 20 29.74 56.95 24.50
CA ALA K 20 29.49 57.80 23.34
C ALA K 20 29.71 57.03 22.05
N ASN K 21 29.13 57.57 20.96
CA ASN K 21 29.31 57.02 19.63
C ASN K 21 29.47 58.18 18.65
N GLU K 22 30.56 58.17 17.89
CA GLU K 22 30.80 59.24 16.93
C GLU K 22 29.75 59.22 15.83
N ASP K 23 29.93 58.35 14.85
CA ASP K 23 29.10 58.32 13.65
C ASP K 23 28.89 59.72 13.06
N PRO K 24 29.97 60.44 12.73
CA PRO K 24 29.80 61.81 12.23
C PRO K 24 29.10 61.85 10.88
N VAL K 25 28.82 63.05 10.41
CA VAL K 25 28.06 63.28 9.18
C VAL K 25 28.98 63.91 8.14
N GLU K 26 28.95 63.39 6.93
CA GLU K 26 29.78 63.87 5.83
C GLU K 26 28.89 64.55 4.80
N TYR K 27 29.17 65.83 4.53
CA TYR K 27 28.43 66.60 3.54
C TYR K 27 29.09 66.51 2.17
N PRO K 28 28.30 66.63 1.10
CA PRO K 28 28.91 66.53 -0.25
C PRO K 28 29.88 67.65 -0.56
N ALA K 29 29.59 68.88 -0.11
CA ALA K 29 30.48 70.00 -0.40
C ALA K 29 31.84 69.84 0.25
N ASP K 30 31.92 69.09 1.36
CA ASP K 30 33.21 68.82 1.98
C ASP K 30 34.07 67.89 1.14
N TYR K 31 33.48 67.21 0.16
CA TYR K 31 34.25 66.32 -0.70
C TYR K 31 34.92 67.09 -1.84
N PHE K 32 34.22 68.09 -2.41
CA PHE K 32 34.73 68.78 -3.58
C PHE K 32 35.80 69.81 -3.26
N ARG K 33 35.84 70.31 -2.01
CA ARG K 33 36.96 71.14 -1.60
C ARG K 33 38.26 70.34 -1.55
N LYS K 34 38.17 69.02 -1.40
CA LYS K 34 39.35 68.17 -1.45
C LYS K 34 39.74 67.86 -2.90
N SER K 35 38.85 67.21 -3.64
CA SER K 35 39.09 66.85 -5.03
C SER K 35 38.07 67.53 -5.93
N LYS K 36 38.55 68.07 -7.04
CA LYS K 36 37.70 68.73 -8.02
C LYS K 36 37.14 67.76 -9.05
N GLU K 37 37.24 66.46 -8.81
CA GLU K 37 36.72 65.45 -9.72
C GLU K 37 36.53 64.14 -8.98
N ILE K 38 35.63 63.33 -9.48
CA ILE K 38 35.32 62.01 -8.91
C ILE K 38 35.87 60.95 -9.85
N PRO K 39 36.69 60.03 -9.36
CA PRO K 39 37.23 58.98 -10.23
C PRO K 39 36.30 57.79 -10.40
N LEU K 40 36.38 57.18 -11.58
CA LEU K 40 35.68 55.94 -11.89
C LEU K 40 36.72 55.00 -12.50
N TYR K 41 37.19 54.04 -11.71
CA TYR K 41 38.18 53.09 -12.17
C TYR K 41 37.52 52.04 -13.06
N ILE K 42 38.14 51.79 -14.22
CA ILE K 42 37.56 50.90 -15.23
C ILE K 42 38.69 50.17 -15.94
N ASN K 43 38.34 49.08 -16.63
CA ASN K 43 39.30 48.27 -17.36
C ASN K 43 38.94 48.30 -18.84
N THR K 44 39.75 49.00 -19.63
CA THR K 44 39.47 49.24 -21.05
C THR K 44 40.21 48.27 -21.96
N THR K 45 40.81 47.21 -21.41
CA THR K 45 41.66 46.34 -22.22
C THR K 45 40.84 45.51 -23.21
N LYS K 46 39.90 44.72 -22.70
CA LYS K 46 39.17 43.79 -23.53
C LYS K 46 38.12 44.51 -24.37
N SER K 47 37.74 43.88 -25.47
CA SER K 47 36.84 44.48 -26.45
C SER K 47 35.38 44.26 -26.07
N LEU K 48 34.51 45.12 -26.62
CA LEU K 48 33.09 45.06 -26.32
C LEU K 48 32.49 43.74 -26.80
N SER K 49 32.88 43.28 -28.00
CA SER K 49 32.34 42.03 -28.53
C SER K 49 32.65 40.85 -27.63
N ASP K 50 33.80 40.88 -26.94
CA ASP K 50 34.11 39.83 -25.98
C ASP K 50 33.30 40.00 -24.70
N LEU K 51 33.27 41.22 -24.16
CA LEU K 51 32.59 41.46 -22.89
C LEU K 51 31.11 41.14 -22.97
N ARG K 52 30.50 41.26 -24.16
CA ARG K 52 29.10 40.93 -24.33
C ARG K 52 28.84 39.46 -23.99
N GLY K 53 29.58 38.56 -24.63
CA GLY K 53 29.46 37.14 -24.30
C GLY K 53 29.95 36.81 -22.91
N TYR K 54 30.97 37.54 -22.44
CA TYR K 54 31.44 37.40 -21.07
C TYR K 54 30.29 37.55 -20.07
N VAL K 55 29.59 38.69 -20.14
CA VAL K 55 28.52 38.94 -19.18
C VAL K 55 27.25 38.16 -19.50
N TYR K 56 27.04 37.76 -20.75
CA TYR K 56 25.88 36.94 -21.06
C TYR K 56 26.04 35.53 -20.49
N GLN K 57 27.06 34.81 -20.96
CA GLN K 57 27.27 33.44 -20.48
C GLN K 57 27.59 33.43 -18.99
N GLY K 58 28.26 34.47 -18.50
CA GLY K 58 28.47 34.59 -17.06
C GLY K 58 27.18 34.84 -16.30
N LEU K 59 26.24 35.54 -16.93
CA LEU K 59 24.93 35.75 -16.30
C LEU K 59 24.13 34.45 -16.27
N LYS K 60 24.19 33.65 -17.33
CA LYS K 60 23.45 32.39 -17.34
C LYS K 60 23.95 31.43 -16.28
N SER K 61 25.20 31.57 -15.84
CA SER K 61 25.75 30.76 -14.79
C SER K 61 25.86 31.58 -13.50
N GLY K 62 26.38 30.95 -12.44
CA GLY K 62 26.54 31.64 -11.18
C GLY K 62 27.77 32.52 -11.09
N ASN K 63 28.71 32.35 -12.00
CA ASN K 63 29.97 33.08 -11.97
C ASN K 63 29.95 34.23 -12.99
N VAL K 64 30.31 35.42 -12.52
CA VAL K 64 30.49 36.58 -13.37
C VAL K 64 31.26 37.62 -12.56
N SER K 65 32.13 38.35 -13.25
CA SER K 65 32.98 39.34 -12.60
C SER K 65 32.37 40.73 -12.73
N ILE K 66 32.24 41.42 -11.60
CA ILE K 66 31.71 42.78 -11.60
C ILE K 66 32.62 43.70 -12.41
N ILE K 67 33.90 43.35 -12.52
CA ILE K 67 34.80 44.10 -13.39
C ILE K 67 34.37 43.96 -14.85
N HIS K 68 33.86 42.78 -15.22
CA HIS K 68 33.37 42.59 -16.58
C HIS K 68 32.07 43.35 -16.83
N VAL K 69 31.22 43.48 -15.80
CA VAL K 69 29.96 44.17 -16.02
C VAL K 69 30.14 45.68 -15.97
N ASN K 70 31.12 46.18 -15.22
CA ASN K 70 31.43 47.60 -15.26
C ASN K 70 32.16 47.96 -16.54
N SER K 71 33.25 47.25 -16.83
CA SER K 71 34.02 47.47 -18.04
C SER K 71 33.23 47.18 -19.31
N TYR K 72 32.13 46.42 -19.19
CA TYR K 72 31.21 46.29 -20.31
C TYR K 72 30.19 47.42 -20.34
N LEU K 73 29.69 47.83 -19.16
CA LEU K 73 28.72 48.91 -19.11
C LEU K 73 29.29 50.20 -19.67
N TYR K 74 30.60 50.42 -19.51
CA TYR K 74 31.24 51.56 -20.15
C TYR K 74 31.03 51.49 -21.65
N GLY K 75 31.61 50.47 -22.31
CA GLY K 75 31.54 50.40 -23.76
C GLY K 75 30.12 50.37 -24.29
N ALA K 76 29.21 49.68 -23.59
CA ALA K 76 27.82 49.64 -24.03
C ALA K 76 27.17 51.01 -23.91
N LEU K 77 27.50 51.76 -22.86
CA LEU K 77 26.98 53.10 -22.66
C LEU K 77 27.99 54.19 -23.06
N LYS K 78 29.09 53.80 -23.72
CA LYS K 78 30.13 54.75 -24.09
C LYS K 78 29.62 55.81 -25.05
N ASP K 79 29.58 57.06 -24.57
CA ASP K 79 29.30 58.22 -25.41
C ASP K 79 27.93 58.13 -26.08
N ILE K 80 26.93 57.70 -25.33
CA ILE K 80 25.54 57.97 -25.66
C ILE K 80 25.27 59.39 -25.19
N ARG K 81 25.17 60.32 -26.13
CA ARG K 81 25.33 61.74 -25.84
C ARG K 81 24.05 62.52 -26.07
N GLY K 82 23.92 63.62 -25.33
CA GLY K 82 22.80 64.52 -25.50
C GLY K 82 23.27 65.96 -25.46
N LYS K 83 22.48 66.82 -26.08
CA LYS K 83 22.82 68.23 -26.23
C LYS K 83 22.12 69.06 -25.16
N LEU K 84 22.90 69.90 -24.47
CA LEU K 84 22.36 70.75 -23.42
C LEU K 84 21.57 71.92 -24.01
N ASP K 85 20.60 72.40 -23.23
CA ASP K 85 19.93 73.65 -23.54
C ASP K 85 20.57 74.84 -22.85
N LYS K 86 21.27 74.62 -21.74
CA LYS K 86 21.96 75.67 -21.02
C LYS K 86 23.16 75.07 -20.30
N ASP K 87 23.92 75.92 -19.63
CA ASP K 87 25.08 75.46 -18.88
C ASP K 87 24.65 74.57 -17.73
N TRP K 88 25.54 73.64 -17.34
CA TRP K 88 25.25 72.68 -16.28
C TRP K 88 26.50 72.59 -15.41
N SER K 89 26.46 73.25 -14.26
CA SER K 89 27.57 73.24 -13.31
C SER K 89 27.04 72.85 -11.93
N SER K 90 27.90 72.19 -11.15
CA SER K 90 27.53 71.76 -9.81
C SER K 90 28.81 71.60 -9.00
N PHE K 91 28.88 72.29 -7.86
CA PHE K 91 30.04 72.25 -6.97
C PHE K 91 31.31 72.70 -7.69
N GLY K 92 31.19 73.75 -8.49
CA GLY K 92 32.34 74.29 -9.19
C GLY K 92 32.90 73.40 -10.27
N ILE K 93 32.08 72.54 -10.87
CA ILE K 93 32.51 71.61 -11.91
C ILE K 93 31.61 71.85 -13.12
N ASN K 94 32.16 72.51 -14.15
CA ASN K 94 31.41 72.82 -15.36
C ASN K 94 31.53 71.62 -16.31
N ILE K 95 30.62 70.65 -16.12
CA ILE K 95 30.61 69.48 -17.00
C ILE K 95 30.07 69.80 -18.38
N GLY K 96 29.30 70.89 -18.51
CA GLY K 96 28.76 71.28 -19.80
C GLY K 96 28.60 72.78 -19.87
N LYS K 97 28.30 73.27 -21.07
CA LYS K 97 28.21 74.71 -21.30
C LYS K 97 27.45 74.97 -22.60
N ALA K 98 26.32 75.67 -22.50
CA ALA K 98 25.56 76.16 -23.65
C ALA K 98 25.17 74.96 -24.51
N GLY K 99 25.36 75.02 -25.83
CA GLY K 99 24.92 73.94 -26.71
C GLY K 99 25.94 72.83 -26.88
N ASP K 100 26.68 72.52 -25.82
CA ASP K 100 27.61 71.40 -25.87
C ASP K 100 26.85 70.09 -25.86
N THR K 101 27.32 69.13 -26.65
CA THR K 101 26.79 67.78 -26.68
C THR K 101 27.67 66.91 -25.79
N ILE K 102 27.19 66.63 -24.58
CA ILE K 102 27.97 65.94 -23.58
C ILE K 102 27.54 64.48 -23.51
N GLY K 103 28.43 63.65 -22.98
CA GLY K 103 28.17 62.23 -22.83
C GLY K 103 27.85 61.85 -21.40
N ILE K 104 27.33 60.63 -21.26
CA ILE K 104 26.89 60.14 -19.96
C ILE K 104 28.07 60.06 -18.98
N PHE K 105 29.24 59.70 -19.49
CA PHE K 105 30.44 59.59 -18.66
C PHE K 105 31.26 60.88 -18.64
N ASP K 106 30.72 61.98 -19.13
CA ASP K 106 31.36 63.28 -18.93
C ASP K 106 31.25 63.75 -17.49
N LEU K 107 30.41 63.10 -16.68
CA LEU K 107 30.22 63.51 -15.30
C LEU K 107 31.45 63.17 -14.45
N VAL K 108 31.95 61.94 -14.60
CA VAL K 108 33.06 61.45 -13.79
C VAL K 108 34.37 61.60 -14.54
N SER K 109 35.44 61.05 -13.98
CA SER K 109 36.76 61.06 -14.60
C SER K 109 37.20 59.61 -14.79
N LEU K 110 37.56 59.26 -16.03
CA LEU K 110 37.86 57.88 -16.38
C LEU K 110 39.30 57.55 -16.01
N LYS K 111 39.47 56.65 -15.04
CA LYS K 111 40.76 56.14 -14.64
C LYS K 111 40.89 54.69 -15.06
N ALA K 112 42.06 54.11 -14.82
CA ALA K 112 42.36 52.73 -15.20
C ALA K 112 42.38 51.84 -13.98
N LEU K 113 41.65 50.72 -14.05
CA LEU K 113 41.62 49.74 -12.97
C LEU K 113 42.79 48.77 -13.14
N ASP K 114 43.59 48.65 -12.09
CA ASP K 114 44.77 47.79 -12.10
C ASP K 114 44.49 46.51 -11.33
N GLY K 115 44.81 45.38 -11.93
CA GLY K 115 44.60 44.09 -11.30
C GLY K 115 44.59 42.99 -12.33
N VAL K 116 44.50 41.76 -11.84
CA VAL K 116 44.44 40.59 -12.70
C VAL K 116 43.02 40.46 -13.25
N LEU K 117 42.91 39.89 -14.45
CA LEU K 117 41.62 39.85 -15.13
C LEU K 117 41.08 38.43 -15.18
N PRO K 118 39.78 38.25 -14.90
CA PRO K 118 39.18 36.92 -15.03
C PRO K 118 38.56 36.69 -16.41
N ASP K 119 39.06 35.71 -17.15
CA ASP K 119 38.56 35.45 -18.50
C ASP K 119 37.13 34.93 -18.46
N GLY K 120 36.90 33.84 -17.72
CA GLY K 120 35.58 33.25 -17.64
C GLY K 120 35.23 32.41 -18.85
N VAL K 121 34.35 32.94 -19.70
CA VAL K 121 33.96 32.27 -20.93
C VAL K 121 33.29 33.30 -21.83
N SER K 122 33.41 33.09 -23.14
CA SER K 122 32.95 34.07 -24.12
C SER K 122 31.89 33.45 -25.04
N ASP K 123 31.30 34.31 -25.86
CA ASP K 123 30.29 33.91 -26.83
C ASP K 123 30.19 34.95 -27.94
N THR K 127 25.64 39.12 -30.84
CA THR K 127 25.09 40.14 -31.74
C THR K 127 25.03 41.48 -31.02
N SER K 128 24.89 42.57 -31.80
CA SER K 128 24.75 43.89 -31.22
C SER K 128 23.34 44.19 -30.73
N ALA K 129 22.39 43.27 -30.95
CA ALA K 129 21.03 43.49 -30.47
C ALA K 129 20.93 43.29 -28.96
N ASP K 130 21.82 42.49 -28.38
CA ASP K 130 21.83 42.31 -26.93
C ASP K 130 22.28 43.58 -26.21
N ASP K 131 23.13 44.39 -26.88
CA ASP K 131 23.59 45.64 -26.31
C ASP K 131 22.46 46.64 -26.05
N LYS K 132 21.28 46.42 -26.63
CA LYS K 132 20.15 47.29 -26.34
C LYS K 132 19.71 47.14 -24.89
N TRP K 133 19.36 45.92 -24.49
CA TRP K 133 18.70 45.68 -23.21
C TRP K 133 19.62 45.16 -22.12
N LEU K 134 20.73 44.52 -22.47
CA LEU K 134 21.66 44.02 -21.45
C LEU K 134 22.08 45.09 -20.45
N PRO K 135 22.42 46.33 -20.85
CA PRO K 135 22.66 47.36 -19.84
C PRO K 135 21.45 47.62 -18.95
N LEU K 136 20.24 47.73 -19.53
CA LEU K 136 19.05 47.94 -18.72
C LEU K 136 18.86 46.81 -17.72
N TYR K 137 19.21 45.59 -18.10
CA TYR K 137 19.14 44.45 -17.20
C TYR K 137 20.13 44.60 -16.06
N LEU K 138 21.41 44.84 -16.39
CA LEU K 138 22.44 45.01 -15.37
C LEU K 138 22.09 46.12 -14.40
N LEU K 139 21.51 47.21 -14.90
CA LEU K 139 21.14 48.34 -14.05
C LEU K 139 19.93 48.03 -13.18
N GLY K 140 18.89 47.41 -13.75
CA GLY K 140 17.74 47.04 -12.97
C GLY K 140 18.07 46.08 -11.84
N LEU K 141 19.09 45.23 -12.04
CA LEU K 141 19.52 44.34 -10.98
C LEU K 141 20.07 45.09 -9.77
N TYR K 142 20.41 46.38 -9.92
CA TYR K 142 20.81 47.17 -8.76
C TYR K 142 19.61 47.49 -7.86
N ARG K 143 18.48 47.88 -8.48
CA ARG K 143 17.27 48.12 -7.70
C ARG K 143 16.71 46.81 -7.15
N VAL K 144 16.72 45.75 -7.94
CA VAL K 144 16.24 44.46 -7.45
C VAL K 144 17.15 43.92 -6.36
N GLY K 145 18.44 44.30 -6.37
CA GLY K 145 19.40 43.75 -5.43
C GLY K 145 19.38 44.35 -4.05
N ARG K 146 18.89 45.58 -3.90
CA ARG K 146 18.92 46.27 -2.61
C ARG K 146 17.74 45.94 -1.72
N THR K 147 16.78 45.14 -2.17
CA THR K 147 15.62 44.78 -1.39
C THR K 147 15.71 43.33 -0.94
N GLN K 148 15.15 43.06 0.24
CA GLN K 148 15.21 41.73 0.83
C GLN K 148 13.84 41.18 1.19
N MET K 149 12.78 41.68 0.56
CA MET K 149 11.47 41.10 0.80
C MET K 149 11.11 40.13 -0.31
N PRO K 150 10.74 38.89 0.01
CA PRO K 150 10.53 37.89 -1.05
C PRO K 150 9.41 38.26 -2.02
N GLU K 151 8.24 38.64 -1.52
CA GLU K 151 7.16 39.06 -2.42
C GLU K 151 7.53 40.31 -3.20
N TYR K 152 8.47 41.11 -2.68
CA TYR K 152 8.94 42.29 -3.38
C TYR K 152 10.11 42.00 -4.31
N ARG K 153 10.68 40.78 -4.25
CA ARG K 153 11.71 40.38 -5.19
C ARG K 153 11.15 40.26 -6.60
N LYS K 154 9.84 40.09 -6.74
CA LYS K 154 9.23 39.96 -8.06
C LYS K 154 9.06 41.32 -8.72
N LYS K 155 9.91 42.28 -8.33
CA LYS K 155 10.27 43.35 -9.23
C LYS K 155 11.17 42.85 -10.35
N LEU K 156 11.64 41.61 -10.27
CA LEU K 156 12.37 40.98 -11.36
C LEU K 156 11.58 40.99 -12.66
N MET K 157 10.26 41.19 -12.58
CA MET K 157 9.46 41.46 -13.77
C MET K 157 9.73 42.86 -14.33
N ASP K 158 10.76 43.53 -13.79
CA ASP K 158 11.25 44.77 -14.37
C ASP K 158 11.49 44.61 -15.87
N GLY K 159 12.03 43.46 -16.26
CA GLY K 159 12.35 43.21 -17.64
C GLY K 159 11.41 42.22 -18.29
N LEU K 160 10.88 41.30 -17.48
CA LEU K 160 9.79 40.46 -17.95
C LEU K 160 8.61 41.29 -18.44
N THR K 161 8.53 42.55 -17.99
CA THR K 161 7.63 43.54 -18.55
C THR K 161 8.35 44.59 -19.39
N ASN K 162 9.58 44.96 -19.03
CA ASN K 162 10.27 46.08 -19.66
C ASN K 162 11.28 45.69 -20.73
N GLN K 163 11.95 44.53 -20.61
CA GLN K 163 12.86 44.14 -21.68
C GLN K 163 12.12 43.62 -22.91
N CYS K 164 10.90 43.10 -22.73
CA CYS K 164 10.08 42.73 -23.87
C CYS K 164 9.75 43.94 -24.73
N LYS K 165 9.95 45.15 -24.19
CA LYS K 165 9.85 46.36 -24.99
C LYS K 165 11.00 46.49 -25.97
N MET K 166 12.20 46.06 -25.57
CA MET K 166 13.37 46.11 -26.43
C MET K 166 13.55 44.86 -27.28
N ILE K 167 13.13 43.70 -26.76
CA ILE K 167 13.08 42.48 -27.54
C ILE K 167 12.06 41.55 -26.91
N ASN K 168 11.06 41.13 -27.70
CA ASN K 168 9.92 40.40 -27.14
C ASN K 168 10.34 39.08 -26.52
N GLU K 169 11.42 38.47 -27.01
CA GLU K 169 11.86 37.16 -26.53
C GLU K 169 12.98 37.27 -25.50
N GLN K 170 13.09 38.39 -24.80
CA GLN K 170 14.07 38.50 -23.73
C GLN K 170 13.63 37.66 -22.54
N PHE K 171 14.52 36.77 -22.10
CA PHE K 171 14.26 35.96 -20.92
C PHE K 171 15.51 35.97 -20.05
N GLU K 172 15.30 36.17 -18.75
CA GLU K 172 16.39 36.47 -17.84
C GLU K 172 17.43 35.35 -17.85
N PRO K 173 18.72 35.68 -18.00
CA PRO K 173 19.75 34.64 -18.02
C PRO K 173 20.11 34.14 -16.63
N LEU K 174 19.95 34.97 -15.60
CA LEU K 174 20.39 34.59 -14.27
C LEU K 174 19.59 33.41 -13.74
N VAL K 175 20.25 32.64 -12.87
CA VAL K 175 19.70 31.44 -12.25
C VAL K 175 18.45 31.77 -11.45
N PRO K 176 17.27 31.26 -11.82
CA PRO K 176 16.04 31.65 -11.13
C PRO K 176 15.97 31.21 -9.67
N GLU K 177 17.10 31.28 -8.95
CA GLU K 177 17.15 30.92 -7.55
C GLU K 177 18.41 31.48 -6.89
N GLY K 178 19.52 31.49 -7.64
CA GLY K 178 20.76 32.05 -7.15
C GLY K 178 20.78 33.57 -7.25
N ARG K 179 19.90 34.23 -6.50
CA ARG K 179 19.82 35.68 -6.53
C ARG K 179 21.09 36.37 -6.06
N ASP K 180 21.96 35.65 -5.34
CA ASP K 180 23.10 36.24 -4.64
C ASP K 180 24.12 36.84 -5.60
N ILE K 181 23.90 36.70 -6.90
CA ILE K 181 24.89 37.17 -7.88
C ILE K 181 24.92 38.70 -7.91
N PHE K 182 23.79 39.33 -8.26
CA PHE K 182 23.77 40.78 -8.41
C PHE K 182 23.51 41.53 -7.12
N ASP K 183 23.38 40.84 -5.99
CA ASP K 183 23.16 41.52 -4.72
C ASP K 183 24.46 42.09 -4.16
N VAL K 184 25.60 41.47 -4.49
CA VAL K 184 26.89 41.95 -3.99
C VAL K 184 27.46 43.04 -4.89
N TRP K 185 26.86 43.27 -6.07
CA TRP K 185 27.36 44.29 -6.98
C TRP K 185 27.41 45.66 -6.32
N GLY K 186 26.48 45.95 -5.40
CA GLY K 186 26.48 47.23 -4.70
C GLY K 186 27.75 47.50 -3.91
N ASN K 187 28.51 46.46 -3.57
CA ASN K 187 29.77 46.63 -2.86
C ASN K 187 30.90 47.08 -3.76
N ASP K 188 30.66 47.24 -5.05
CA ASP K 188 31.67 47.73 -5.99
C ASP K 188 31.56 49.24 -6.09
N SER K 189 32.63 49.95 -5.70
CA SER K 189 32.62 51.41 -5.69
C SER K 189 32.48 52.01 -7.08
N ASN K 190 32.59 51.21 -8.14
CA ASN K 190 32.48 51.70 -9.50
C ASN K 190 31.12 51.45 -10.13
N TYR K 191 30.46 50.34 -9.77
CA TYR K 191 29.12 50.06 -10.27
C TYR K 191 28.13 51.12 -9.79
N THR K 192 28.22 51.49 -8.52
CA THR K 192 27.36 52.53 -7.97
C THR K 192 27.61 53.88 -8.65
N LYS K 193 28.88 54.20 -8.93
CA LYS K 193 29.18 55.42 -9.66
C LYS K 193 28.64 55.37 -11.08
N ILE K 194 28.63 54.18 -11.69
CA ILE K 194 28.04 54.05 -13.02
C ILE K 194 26.54 54.34 -12.98
N VAL K 195 25.80 53.66 -12.09
CA VAL K 195 24.36 53.86 -12.06
C VAL K 195 24.02 55.30 -11.67
N ALA K 196 24.83 55.91 -10.80
CA ALA K 196 24.59 57.30 -10.44
C ALA K 196 24.89 58.24 -11.61
N ALA K 197 25.87 57.89 -12.44
CA ALA K 197 26.13 58.68 -13.64
C ALA K 197 24.99 58.56 -14.65
N VAL K 198 24.47 57.34 -14.83
CA VAL K 198 23.34 57.13 -15.74
C VAL K 198 22.13 57.92 -15.27
N ASP K 199 21.76 57.77 -13.99
CA ASP K 199 20.58 58.44 -13.48
C ASP K 199 20.75 59.95 -13.49
N MET K 200 21.92 60.44 -13.07
CA MET K 200 22.17 61.87 -13.10
C MET K 200 22.10 62.43 -14.52
N PHE K 201 22.57 61.64 -15.49
CA PHE K 201 22.50 62.08 -16.88
C PHE K 201 21.07 62.15 -17.38
N PHE K 202 20.33 61.05 -17.25
CA PHE K 202 18.97 60.99 -17.80
C PHE K 202 17.97 61.80 -16.98
N HIS K 203 18.36 62.32 -15.82
CA HIS K 203 17.50 63.30 -15.15
C HIS K 203 17.56 64.64 -15.87
N MET K 204 18.74 65.03 -16.34
CA MET K 204 18.87 66.23 -17.15
C MET K 204 18.30 66.03 -18.54
N PHE K 205 18.37 64.81 -19.07
CA PHE K 205 17.88 64.49 -20.41
C PHE K 205 16.76 63.46 -20.29
N LYS K 206 15.52 63.94 -20.32
CA LYS K 206 14.34 63.09 -20.32
C LYS K 206 13.77 62.86 -21.72
N LYS K 207 14.25 63.59 -22.72
CA LYS K 207 13.80 63.42 -24.09
C LYS K 207 14.43 62.21 -24.76
N HIS K 208 15.59 61.77 -24.29
CA HIS K 208 16.33 60.70 -24.94
C HIS K 208 15.53 59.41 -24.98
N GLU K 209 15.90 58.53 -25.91
CA GLU K 209 15.22 57.24 -26.06
C GLU K 209 15.70 56.23 -25.02
N CYS K 210 16.97 56.32 -24.62
CA CYS K 210 17.52 55.43 -23.61
C CYS K 210 17.17 55.84 -22.19
N ALA K 211 16.25 56.79 -22.02
CA ALA K 211 15.85 57.24 -20.69
C ALA K 211 15.17 56.13 -19.89
N SER K 212 14.62 55.12 -20.56
CA SER K 212 14.11 53.95 -19.85
C SER K 212 15.18 53.29 -18.99
N PHE K 213 16.45 53.49 -19.34
CA PHE K 213 17.57 52.98 -18.53
C PHE K 213 17.55 53.55 -17.12
N ARG K 214 16.73 54.58 -16.86
CA ARG K 214 16.57 55.06 -15.49
C ARG K 214 15.97 54.00 -14.58
N TYR K 215 15.24 53.04 -15.14
CA TYR K 215 14.71 51.93 -14.35
C TYR K 215 15.86 51.22 -13.65
N GLY K 216 15.77 51.09 -12.34
CA GLY K 216 16.81 50.49 -11.55
C GLY K 216 17.82 51.48 -11.00
N THR K 217 18.08 52.56 -11.73
CA THR K 217 19.01 53.58 -11.28
C THR K 217 18.33 54.68 -10.47
N ILE K 218 16.99 54.78 -10.54
CA ILE K 218 16.28 55.86 -9.86
C ILE K 218 16.42 55.74 -8.35
N VAL K 219 16.63 54.53 -7.82
CA VAL K 219 16.84 54.35 -6.39
C VAL K 219 18.16 54.93 -5.93
N SER K 220 19.06 55.27 -6.86
CA SER K 220 20.29 55.96 -6.49
C SER K 220 20.04 57.42 -6.16
N ARG K 221 19.03 58.04 -6.77
CA ARG K 221 18.74 59.43 -6.53
C ARG K 221 18.15 59.62 -5.14
N PHE K 222 18.78 60.49 -4.35
CA PHE K 222 18.42 60.70 -2.94
C PHE K 222 18.44 59.40 -2.16
N LYS K 223 19.37 58.51 -2.52
CA LYS K 223 19.58 57.30 -1.74
C LYS K 223 20.14 57.68 -0.37
N ASP K 224 19.55 57.09 0.68
CA ASP K 224 19.85 57.46 2.07
C ASP K 224 19.51 58.93 2.33
N CYS K 225 18.35 59.36 1.84
CA CYS K 225 17.87 60.72 2.03
C CYS K 225 16.36 60.71 2.27
N ALA K 226 15.95 60.07 3.35
CA ALA K 226 14.52 59.92 3.63
C ALA K 226 13.95 61.15 4.35
N ALA K 227 14.64 61.64 5.38
CA ALA K 227 14.13 62.76 6.16
C ALA K 227 13.88 63.99 5.28
N LEU K 228 14.79 64.25 4.35
CA LEU K 228 14.61 65.37 3.43
C LEU K 228 13.36 65.17 2.56
N ALA K 229 12.96 63.93 2.33
CA ALA K 229 11.74 63.67 1.59
C ALA K 229 10.50 63.79 2.46
N THR K 230 10.62 63.48 3.75
CA THR K 230 9.48 63.67 4.66
C THR K 230 9.24 65.14 4.96
N PHE K 231 10.29 65.96 4.89
CA PHE K 231 10.08 67.41 4.99
C PHE K 231 9.22 67.92 3.83
N GLY K 232 9.51 67.46 2.61
CA GLY K 232 8.69 67.85 1.47
C GLY K 232 7.30 67.25 1.51
N HIS K 233 7.19 66.01 1.98
CA HIS K 233 5.88 65.39 2.12
C HIS K 233 5.05 66.11 3.18
N LEU K 234 5.69 66.68 4.18
CA LEU K 234 4.96 67.45 5.19
C LEU K 234 4.54 68.80 4.62
N CYS K 235 5.46 69.50 3.96
CA CYS K 235 5.12 70.76 3.32
C CYS K 235 4.11 70.58 2.20
N LYS K 236 3.90 69.36 1.73
CA LYS K 236 2.88 69.08 0.72
C LYS K 236 1.55 68.71 1.36
N ILE K 237 1.57 67.85 2.38
CA ILE K 237 0.33 67.41 3.02
C ILE K 237 -0.33 68.56 3.77
N THR K 238 0.47 69.32 4.53
CA THR K 238 -0.09 70.45 5.26
C THR K 238 -0.55 71.54 4.31
N GLY K 239 0.15 71.72 3.20
CA GLY K 239 -0.09 72.85 2.32
C GLY K 239 0.61 74.12 2.72
N MET K 240 1.50 74.06 3.70
CA MET K 240 2.21 75.23 4.21
C MET K 240 3.59 75.33 3.57
N SER K 241 4.14 76.54 3.58
CA SER K 241 5.47 76.78 3.04
C SER K 241 6.53 76.09 3.90
N THR K 242 7.76 76.06 3.38
CA THR K 242 8.84 75.40 4.11
C THR K 242 9.17 76.13 5.40
N GLU K 243 9.16 77.45 5.39
CA GLU K 243 9.47 78.22 6.60
C GLU K 243 8.35 78.10 7.63
N ASP K 244 7.09 78.17 7.19
CA ASP K 244 5.98 77.99 8.11
C ASP K 244 6.02 76.62 8.78
N VAL K 245 6.32 75.58 8.00
CA VAL K 245 6.49 74.24 8.58
C VAL K 245 7.67 74.23 9.55
N THR K 246 8.75 74.92 9.20
CA THR K 246 9.93 74.93 10.05
C THR K 246 9.65 75.60 11.40
N THR K 247 8.75 76.60 11.42
CA THR K 247 8.40 77.22 12.69
C THR K 247 7.69 76.25 13.62
N TRP K 248 6.86 75.37 13.05
CA TRP K 248 6.06 74.41 13.83
C TRP K 248 6.88 73.31 14.47
N ILE K 249 8.21 73.38 14.42
CA ILE K 249 9.04 72.41 15.13
C ILE K 249 9.08 72.78 16.60
N LEU K 250 8.68 71.83 17.45
CA LEU K 250 8.55 72.10 18.89
C LEU K 250 9.42 71.17 19.74
N ASN K 251 10.36 70.44 19.12
CA ASN K 251 11.27 69.58 19.85
C ASN K 251 12.70 70.00 19.55
N ARG K 252 13.59 69.77 20.52
CA ARG K 252 14.98 70.18 20.37
C ARG K 252 15.72 69.29 19.37
N GLU K 253 15.53 67.97 19.46
CA GLU K 253 16.19 67.07 18.53
C GLU K 253 15.77 67.35 17.09
N VAL K 254 14.47 67.58 16.88
CA VAL K 254 13.98 67.89 15.53
C VAL K 254 14.59 69.20 15.03
N ALA K 255 14.90 70.12 15.93
CA ALA K 255 15.54 71.38 15.54
C ALA K 255 17.00 71.19 15.18
N ASP K 256 17.73 70.39 15.98
CA ASP K 256 19.13 70.12 15.66
C ASP K 256 19.24 69.37 14.33
N GLU K 257 18.37 68.39 14.11
CA GLU K 257 18.34 67.68 12.83
C GLU K 257 17.94 68.61 11.69
N MET K 258 16.97 69.49 11.94
CA MET K 258 16.52 70.40 10.89
C MET K 258 17.61 71.38 10.49
N VAL K 259 18.39 71.86 11.45
CA VAL K 259 19.56 72.68 11.13
C VAL K 259 20.61 71.84 10.42
N GLN K 260 20.73 70.56 10.81
CA GLN K 260 21.71 69.67 10.20
C GLN K 260 21.45 69.51 8.70
N MET K 261 20.20 69.23 8.33
CA MET K 261 19.89 69.03 6.92
C MET K 261 20.00 70.34 6.14
N MET K 262 19.79 71.47 6.79
CA MET K 262 19.72 72.76 6.10
C MET K 262 21.04 73.51 6.12
N LEU K 263 22.15 72.81 5.94
CA LEU K 263 23.41 73.49 5.76
C LEU K 263 23.44 74.17 4.39
N PRO K 264 23.88 75.44 4.31
CA PRO K 264 23.63 76.29 3.13
C PRO K 264 24.73 76.22 2.07
N GLY K 265 25.16 75.02 1.72
CA GLY K 265 26.17 74.87 0.69
C GLY K 265 26.18 73.50 0.05
N GLN K 266 25.04 72.82 0.04
CA GLN K 266 24.97 71.43 -0.42
C GLN K 266 24.09 71.23 -1.65
N GLU K 267 23.53 72.31 -2.21
CA GLU K 267 22.75 72.25 -3.44
C GLU K 267 21.56 71.30 -3.31
N ILE K 268 20.94 71.26 -2.13
CA ILE K 268 19.73 70.45 -1.96
C ILE K 268 18.53 71.07 -2.65
N ASP K 269 18.64 72.32 -3.08
CA ASP K 269 17.58 72.99 -3.85
C ASP K 269 17.88 73.04 -5.34
N LYS K 270 19.05 72.57 -5.76
CA LYS K 270 19.37 72.53 -7.19
C LYS K 270 18.67 71.35 -7.85
N ALA K 271 18.27 71.56 -9.11
CA ALA K 271 17.62 70.52 -9.89
C ALA K 271 18.60 69.43 -10.27
N ASP K 272 19.58 69.76 -11.11
CA ASP K 272 20.57 68.82 -11.60
C ASP K 272 21.88 69.08 -10.85
N SER K 273 22.15 68.26 -9.85
CA SER K 273 23.34 68.42 -9.01
C SER K 273 23.87 67.06 -8.62
N TYR K 274 25.12 67.04 -8.15
CA TYR K 274 25.75 65.81 -7.69
C TYR K 274 25.23 65.36 -6.32
N MET K 275 24.50 66.21 -5.62
CA MET K 275 24.10 65.90 -4.24
C MET K 275 23.19 64.68 -4.12
N PRO K 276 22.11 64.54 -4.90
CA PRO K 276 21.21 63.39 -4.68
C PRO K 276 21.89 62.04 -4.78
N TYR K 277 23.05 61.95 -5.43
CA TYR K 277 23.78 60.70 -5.59
C TYR K 277 25.02 60.65 -4.70
N LEU K 278 24.98 61.36 -3.57
CA LEU K 278 26.16 61.50 -2.73
C LEU K 278 26.64 60.18 -2.14
N ILE K 279 25.78 59.17 -2.09
CA ILE K 279 26.17 57.88 -1.53
C ILE K 279 26.85 57.01 -2.58
N ASP K 280 26.26 56.91 -3.77
CA ASP K 280 26.84 56.08 -4.82
C ASP K 280 28.00 56.77 -5.52
N PHE K 281 28.03 58.11 -5.52
CA PHE K 281 29.18 58.85 -6.01
C PHE K 281 30.28 59.00 -4.95
N GLY K 282 30.17 58.27 -3.84
CA GLY K 282 31.19 58.28 -2.80
C GLY K 282 31.41 59.64 -2.17
N LEU K 283 30.52 60.60 -2.42
CA LEU K 283 30.66 61.91 -1.82
C LEU K 283 30.51 61.89 -0.31
N SER K 284 29.81 60.89 0.24
CA SER K 284 29.53 60.84 1.66
C SER K 284 29.28 59.39 2.06
N SER K 285 29.97 58.93 3.10
CA SER K 285 29.75 57.58 3.62
C SER K 285 28.67 57.54 4.69
N LYS K 286 28.25 58.69 5.22
CA LYS K 286 27.15 58.77 6.18
C LYS K 286 26.35 60.02 5.84
N SER K 287 25.13 59.83 5.34
CA SER K 287 24.38 60.94 4.79
C SER K 287 23.88 61.87 5.89
N PRO K 288 23.86 63.18 5.64
CA PRO K 288 23.23 64.10 6.60
C PRO K 288 21.72 64.06 6.56
N TYR K 289 21.14 63.52 5.50
CA TYR K 289 19.72 63.63 5.22
C TYR K 289 18.97 62.32 5.44
N SER K 290 19.54 61.42 6.24
CA SER K 290 18.98 60.09 6.41
C SER K 290 18.03 60.04 7.60
N SER K 291 17.08 59.11 7.54
CA SER K 291 16.19 58.82 8.65
C SER K 291 16.88 58.04 9.77
N VAL K 292 18.21 57.94 9.73
CA VAL K 292 18.98 57.32 10.78
C VAL K 292 19.75 58.37 11.59
N LYS K 293 20.27 59.39 10.92
CA LYS K 293 20.83 60.56 11.59
C LYS K 293 19.79 61.65 11.83
N ASN K 294 18.54 61.43 11.41
CA ASN K 294 17.44 62.34 11.69
C ASN K 294 16.20 61.53 12.01
N PRO K 295 16.20 60.82 13.15
CA PRO K 295 15.06 59.94 13.46
C PRO K 295 13.87 60.69 14.03
N ALA K 296 14.12 61.67 14.90
CA ALA K 296 13.03 62.40 15.53
C ALA K 296 12.24 63.22 14.51
N PHE K 297 12.93 63.77 13.51
CA PHE K 297 12.22 64.50 12.46
C PHE K 297 11.42 63.55 11.57
N HIS K 298 11.99 62.39 11.26
CA HIS K 298 11.26 61.38 10.49
C HIS K 298 9.97 60.99 11.21
N PHE K 299 10.08 60.72 12.52
CA PHE K 299 8.92 60.33 13.32
C PHE K 299 7.90 61.46 13.39
N TRP K 300 8.37 62.68 13.70
CA TRP K 300 7.46 63.80 13.89
C TRP K 300 6.73 64.16 12.60
N GLY K 301 7.47 64.31 11.50
CA GLY K 301 6.85 64.68 10.24
C GLY K 301 5.99 63.57 9.65
N GLN K 302 6.45 62.32 9.77
CA GLN K 302 5.67 61.22 9.22
C GLN K 302 4.38 61.00 10.02
N LEU K 303 4.46 61.06 11.35
CA LEU K 303 3.25 60.95 12.16
C LEU K 303 2.31 62.13 11.91
N THR K 304 2.86 63.34 11.80
CA THR K 304 2.02 64.50 11.53
C THR K 304 1.35 64.40 10.17
N ALA K 305 2.03 63.80 9.19
CA ALA K 305 1.40 63.60 7.89
C ALA K 305 0.32 62.51 7.97
N LEU K 306 0.59 61.44 8.72
CA LEU K 306 -0.39 60.37 8.85
C LEU K 306 -1.67 60.86 9.52
N LEU K 307 -1.53 61.64 10.59
CA LEU K 307 -2.69 62.22 11.25
C LEU K 307 -3.46 63.13 10.30
N LEU K 308 -2.74 63.84 9.43
CA LEU K 308 -3.33 64.64 8.37
C LEU K 308 -3.72 63.80 7.15
N ARG K 309 -3.90 62.49 7.34
CA ARG K 309 -4.50 61.60 6.35
C ARG K 309 -3.58 61.42 5.14
N SER K 310 -2.30 61.17 5.42
CA SER K 310 -1.37 60.77 4.37
C SER K 310 -1.56 59.30 4.05
N THR K 311 -1.36 58.94 2.78
CA THR K 311 -1.51 57.56 2.35
C THR K 311 -0.23 56.76 2.46
N ARG K 312 0.93 57.41 2.27
CA ARG K 312 2.21 56.72 2.34
C ARG K 312 2.76 56.61 3.77
N ALA K 313 2.25 57.42 4.70
CA ALA K 313 2.85 57.48 6.03
C ALA K 313 2.59 56.21 6.84
N ARG K 314 1.49 55.50 6.55
CA ARG K 314 1.14 54.32 7.34
C ARG K 314 2.25 53.28 7.37
N ASN K 315 3.11 53.28 6.34
CA ASN K 315 4.17 52.29 6.22
C ASN K 315 5.55 52.85 6.57
N ALA K 316 5.64 54.12 6.93
CA ALA K 316 6.91 54.67 7.39
C ALA K 316 7.28 54.05 8.73
N ARG K 317 8.55 53.66 8.87
CA ARG K 317 8.96 52.87 10.02
C ARG K 317 9.24 53.74 11.23
N GLN K 318 8.97 53.16 12.41
CA GLN K 318 9.11 53.86 13.67
C GLN K 318 10.55 53.74 14.16
N PRO K 319 11.30 54.84 14.26
CA PRO K 319 12.70 54.74 14.69
C PRO K 319 12.81 54.30 16.14
N ASP K 320 14.02 53.87 16.51
CA ASP K 320 14.33 53.48 17.87
C ASP K 320 15.04 54.60 18.61
N ASP K 321 14.86 54.63 19.94
CA ASP K 321 15.55 55.57 20.83
C ASP K 321 15.30 57.02 20.42
N ILE K 322 14.04 57.44 20.62
CA ILE K 322 13.62 58.81 20.44
C ILE K 322 12.55 59.12 21.49
N GLU K 323 12.12 60.38 21.52
CA GLU K 323 11.17 60.86 22.53
C GLU K 323 9.74 60.69 21.99
N TYR K 324 9.27 59.44 22.03
CA TYR K 324 7.97 59.12 21.44
C TYR K 324 6.86 59.98 22.02
N THR K 325 6.88 60.23 23.33
CA THR K 325 5.80 60.98 23.96
C THR K 325 5.78 62.43 23.51
N SER K 326 6.89 63.16 23.75
CA SER K 326 6.95 64.57 23.38
C SER K 326 6.74 64.77 21.88
N LEU K 327 7.35 63.91 21.07
CA LEU K 327 7.16 64.00 19.62
C LEU K 327 5.71 63.78 19.24
N THR K 328 5.05 62.80 19.86
CA THR K 328 3.65 62.53 19.55
C THR K 328 2.76 63.70 19.90
N THR K 329 3.00 64.34 21.05
CA THR K 329 2.22 65.52 21.39
C THR K 329 2.49 66.67 20.41
N ALA K 330 3.77 66.84 20.03
CA ALA K 330 4.13 67.92 19.11
C ALA K 330 3.55 67.70 17.71
N GLY K 331 3.29 66.45 17.33
CA GLY K 331 2.68 66.17 16.06
C GLY K 331 1.16 66.21 16.15
N LEU K 332 0.63 65.91 17.33
CA LEU K 332 -0.80 65.98 17.55
C LEU K 332 -1.30 67.41 17.53
N LEU K 333 -0.56 68.32 18.16
CA LEU K 333 -0.96 69.73 18.15
C LEU K 333 -0.86 70.32 16.76
N TYR K 334 0.24 70.04 16.05
CA TYR K 334 0.39 70.50 14.67
C TYR K 334 -0.73 69.95 13.78
N ALA K 335 -1.04 68.66 13.94
CA ALA K 335 -2.09 68.03 13.14
C ALA K 335 -3.45 68.67 13.42
N TYR K 336 -3.76 68.89 14.71
CA TYR K 336 -5.02 69.53 15.06
C TYR K 336 -5.08 70.96 14.54
N ALA K 337 -3.94 71.65 14.50
CA ALA K 337 -3.92 73.02 14.02
C ALA K 337 -4.18 73.08 12.52
N VAL K 338 -3.54 72.19 11.74
CA VAL K 338 -3.73 72.23 10.29
C VAL K 338 -5.12 71.72 9.93
N GLY K 339 -5.59 70.65 10.59
CA GLY K 339 -6.90 70.11 10.28
C GLY K 339 -8.04 71.01 10.70
N SER K 340 -7.86 71.75 11.81
CA SER K 340 -8.92 72.62 12.29
C SER K 340 -9.03 73.88 11.43
N SER K 341 -7.92 74.61 11.29
CA SER K 341 -7.91 75.86 10.53
C SER K 341 -7.80 75.54 9.05
N ALA K 342 -8.95 75.36 8.40
CA ALA K 342 -8.96 75.09 6.97
C ALA K 342 -8.56 76.30 6.15
N ASP K 343 -8.78 77.51 6.69
CA ASP K 343 -8.41 78.76 6.03
C ASP K 343 -9.06 78.87 4.65
N LEU K 344 -10.33 78.49 4.58
CA LEU K 344 -11.08 78.59 3.32
C LEU K 344 -11.36 80.06 3.02
N ALA K 345 -10.89 80.53 1.87
CA ALA K 345 -11.13 81.89 1.43
C ALA K 345 -11.51 81.88 -0.04
N GLN K 346 -12.37 82.82 -0.43
CA GLN K 346 -12.81 82.91 -1.81
C GLN K 346 -11.64 83.24 -2.73
N GLN K 347 -11.62 82.60 -3.90
CA GLN K 347 -10.55 82.77 -4.87
C GLN K 347 -11.01 83.45 -6.15
N PHE K 348 -12.18 83.07 -6.67
CA PHE K 348 -12.75 83.65 -7.87
C PHE K 348 -14.09 84.30 -7.53
N CYS K 349 -14.38 85.43 -8.17
CA CYS K 349 -15.62 86.14 -7.98
C CYS K 349 -16.29 86.39 -9.33
N VAL K 350 -17.61 86.27 -9.36
CA VAL K 350 -18.37 86.52 -10.58
C VAL K 350 -18.29 88.01 -10.90
N GLY K 351 -19.23 88.78 -10.36
CA GLY K 351 -19.25 90.21 -10.58
C GLY K 351 -18.28 90.97 -9.71
N ASP K 352 -18.79 91.91 -8.92
CA ASP K 352 -17.98 92.69 -8.00
C ASP K 352 -18.14 92.23 -6.56
N ASN K 353 -18.85 91.14 -6.32
CA ASN K 353 -19.14 90.69 -4.97
C ASN K 353 -18.10 89.64 -4.54
N LYS K 354 -17.36 89.96 -3.48
CA LYS K 354 -16.46 89.03 -2.82
C LYS K 354 -16.87 88.90 -1.36
N TYR K 355 -16.41 87.84 -0.71
CA TYR K 355 -16.76 87.65 0.69
C TYR K 355 -16.18 88.76 1.54
N THR K 356 -17.03 89.44 2.29
CA THR K 356 -16.62 90.52 3.18
C THR K 356 -16.87 90.09 4.63
N PRO K 357 -15.83 89.90 5.43
CA PRO K 357 -16.05 89.40 6.80
C PRO K 357 -16.74 90.42 7.67
N ASP K 358 -17.53 89.91 8.61
CA ASP K 358 -18.27 90.76 9.55
C ASP K 358 -17.47 90.92 10.83
N ASP K 359 -17.24 92.17 11.22
CA ASP K 359 -16.51 92.48 12.45
C ASP K 359 -17.43 92.93 13.58
N SER K 360 -18.75 92.97 13.35
CA SER K 360 -19.70 93.43 14.34
C SER K 360 -20.11 92.34 15.33
N THR K 361 -19.28 91.32 15.52
CA THR K 361 -19.58 90.23 16.46
C THR K 361 -18.90 90.55 17.78
N GLY K 362 -19.68 91.00 18.75
CA GLY K 362 -19.15 91.40 20.04
C GLY K 362 -19.55 90.49 21.18
N GLY K 363 -19.97 89.27 20.86
CA GLY K 363 -20.36 88.32 21.89
C GLY K 363 -19.19 87.74 22.67
N LEU K 364 -17.96 88.06 22.28
CA LEU K 364 -16.74 87.60 22.94
C LEU K 364 -16.69 86.07 22.96
N THR K 365 -16.54 85.50 21.75
CA THR K 365 -16.39 84.05 21.59
C THR K 365 -14.94 83.67 21.88
N THR K 366 -14.60 83.70 23.16
CA THR K 366 -13.27 83.36 23.62
C THR K 366 -13.19 81.86 23.90
N ASN K 367 -12.04 81.43 24.41
CA ASN K 367 -11.76 80.03 24.73
C ASN K 367 -11.93 79.11 23.53
N ALA K 368 -11.99 79.68 22.32
CA ALA K 368 -12.03 79.01 21.04
C ALA K 368 -10.64 78.95 20.44
N PRO K 369 -10.31 77.90 19.69
CA PRO K 369 -8.96 77.77 19.12
C PRO K 369 -8.64 78.95 18.21
N PRO K 370 -7.36 79.22 17.96
CA PRO K 370 -6.98 80.30 17.05
C PRO K 370 -7.56 80.09 15.66
N GLN K 371 -7.48 81.17 14.87
CA GLN K 371 -8.10 81.18 13.55
C GLN K 371 -7.15 80.80 12.42
N GLY K 372 -5.84 80.90 12.63
CA GLY K 372 -4.90 80.52 11.59
C GLY K 372 -4.07 79.31 11.97
N ARG K 373 -2.87 79.19 11.40
CA ARG K 373 -1.95 78.12 11.74
C ARG K 373 -0.66 78.66 12.35
N ASP K 374 -0.72 79.87 12.91
CA ASP K 374 0.45 80.47 13.54
C ASP K 374 0.83 79.68 14.79
N VAL K 375 2.12 79.40 14.93
CA VAL K 375 2.60 78.67 16.10
C VAL K 375 2.48 79.54 17.35
N VAL K 376 2.74 80.84 17.20
CA VAL K 376 2.76 81.75 18.35
C VAL K 376 1.40 81.78 19.04
N GLU K 377 0.32 81.53 18.31
CA GLU K 377 -1.02 81.52 18.88
C GLU K 377 -1.42 80.14 19.39
N TRP K 378 -1.14 79.09 18.61
CA TRP K 378 -1.53 77.75 19.02
C TRP K 378 -0.78 77.28 20.26
N LEU K 379 0.44 77.77 20.46
CA LEU K 379 1.16 77.46 21.69
C LEU K 379 0.48 78.12 22.89
N GLY K 380 -0.03 79.34 22.71
CA GLY K 380 -0.73 80.00 23.79
C GLY K 380 -2.05 79.33 24.12
N TRP K 381 -2.83 78.97 23.09
CA TRP K 381 -4.04 78.19 23.31
C TRP K 381 -3.72 76.89 24.03
N PHE K 382 -2.64 76.22 23.61
CA PHE K 382 -2.22 74.98 24.28
C PHE K 382 -1.82 75.24 25.72
N GLU K 383 -1.33 76.44 26.03
CA GLU K 383 -1.06 76.78 27.42
C GLU K 383 -2.35 77.07 28.19
N ASP K 384 -3.39 77.57 27.52
CA ASP K 384 -4.70 77.64 28.14
C ASP K 384 -5.24 76.24 28.44
N GLN K 385 -4.91 75.26 27.61
CA GLN K 385 -5.32 73.88 27.86
C GLN K 385 -4.38 73.13 28.79
N ASN K 386 -3.56 73.85 29.57
CA ASN K 386 -2.64 73.27 30.54
C ASN K 386 -1.68 72.26 29.90
N ARG K 387 -1.35 72.49 28.63
CA ARG K 387 -0.41 71.67 27.87
C ARG K 387 -0.84 70.21 27.77
N LYS K 388 -2.12 69.92 27.99
CA LYS K 388 -2.66 68.59 27.80
C LYS K 388 -3.61 68.59 26.61
N PRO K 389 -3.54 67.58 25.74
CA PRO K 389 -4.42 67.55 24.57
C PRO K 389 -5.89 67.48 24.98
N THR K 390 -6.67 68.42 24.45
CA THR K 390 -8.10 68.46 24.73
C THR K 390 -8.77 67.17 24.26
N PRO K 391 -9.95 66.84 24.82
CA PRO K 391 -10.66 65.65 24.33
C PRO K 391 -10.99 65.70 22.85
N ASP K 392 -11.19 66.90 22.29
CA ASP K 392 -11.46 67.01 20.86
C ASP K 392 -10.20 66.82 20.03
N MET K 393 -9.01 67.08 20.61
CA MET K 393 -7.78 66.77 19.91
C MET K 393 -7.56 65.26 19.83
N MET K 394 -7.67 64.57 20.97
CA MET K 394 -7.50 63.13 20.98
C MET K 394 -8.59 62.44 20.17
N GLN K 395 -9.81 62.97 20.17
CA GLN K 395 -10.86 62.42 19.31
C GLN K 395 -10.54 62.69 17.84
N TYR K 396 -10.01 63.88 17.54
CA TYR K 396 -9.58 64.17 16.18
C TYR K 396 -8.53 63.17 15.69
N ALA K 397 -7.59 62.81 16.57
CA ALA K 397 -6.59 61.82 16.19
C ALA K 397 -7.20 60.43 16.04
N LYS K 398 -8.08 60.05 16.97
CA LYS K 398 -8.72 58.74 16.88
C LYS K 398 -9.50 58.59 15.58
N ARG K 399 -10.23 59.64 15.17
CA ARG K 399 -11.00 59.58 13.94
C ARG K 399 -10.13 59.46 12.70
N ALA K 400 -8.84 59.78 12.81
CA ALA K 400 -7.92 59.66 11.68
C ALA K 400 -7.13 58.37 11.69
N VAL K 401 -6.80 57.84 12.87
CA VAL K 401 -6.07 56.57 12.94
C VAL K 401 -7.00 55.37 12.98
N MET K 402 -8.27 55.55 13.33
CA MET K 402 -9.22 54.47 13.20
C MET K 402 -9.53 54.21 11.72
N SER K 403 -10.20 53.10 11.45
CA SER K 403 -10.47 52.64 10.09
C SER K 403 -9.19 52.47 9.28
N LEU K 404 -8.05 52.30 9.96
CA LEU K 404 -6.78 52.00 9.32
C LEU K 404 -6.49 50.52 9.51
N GLN K 405 -6.46 49.77 8.42
CA GLN K 405 -6.23 48.34 8.45
C GLN K 405 -5.00 47.99 7.63
N GLY K 406 -4.57 46.74 7.77
CA GLY K 406 -3.38 46.28 7.06
C GLY K 406 -2.12 47.01 7.48
N LEU K 407 -2.01 47.36 8.76
CA LEU K 407 -0.86 48.10 9.25
C LEU K 407 0.29 47.15 9.56
N ARG K 408 1.45 47.42 8.97
CA ARG K 408 2.62 46.59 9.20
C ARG K 408 3.16 46.82 10.61
N GLU K 409 3.96 45.88 11.08
CA GLU K 409 4.60 46.00 12.38
C GLU K 409 5.76 46.98 12.30
N LYS K 410 6.00 47.67 13.41
CA LYS K 410 7.12 48.61 13.57
C LYS K 410 7.00 49.81 12.65
N THR K 411 5.79 50.16 12.22
CA THR K 411 5.56 51.36 11.42
C THR K 411 4.75 52.37 12.22
N ILE K 412 4.86 53.64 11.82
CA ILE K 412 4.16 54.70 12.54
C ILE K 412 2.65 54.60 12.35
N GLY K 413 2.19 53.89 11.32
CA GLY K 413 0.76 53.67 11.18
C GLY K 413 0.18 52.87 12.32
N LYS K 414 0.77 51.69 12.58
CA LYS K 414 0.35 50.89 13.72
C LYS K 414 0.60 51.61 15.04
N TYR K 415 1.61 52.47 15.09
CA TYR K 415 1.89 53.20 16.32
C TYR K 415 0.80 54.21 16.62
N ALA K 416 0.41 55.01 15.62
CA ALA K 416 -0.65 55.99 15.81
C ALA K 416 -1.99 55.31 16.07
N LYS K 417 -2.29 54.25 15.31
CA LYS K 417 -3.52 53.49 15.55
C LYS K 417 -3.55 52.92 16.96
N SER K 418 -2.44 52.34 17.40
CA SER K 418 -2.35 51.77 18.75
C SER K 418 -2.25 52.84 19.82
N GLU K 419 -2.03 54.10 19.45
CA GLU K 419 -1.89 55.18 20.41
C GLU K 419 -3.16 55.99 20.60
N PHE K 420 -3.99 56.13 19.56
CA PHE K 420 -5.16 56.99 19.64
C PHE K 420 -6.49 56.26 19.56
N ASP K 421 -6.52 55.03 19.04
CA ASP K 421 -7.78 54.29 18.90
C ASP K 421 -7.99 53.45 20.15
N LYS K 422 -8.57 54.07 21.18
CA LYS K 422 -8.98 53.38 22.39
C LYS K 422 -9.83 54.31 23.25
N GLN L 1 -4.47 96.31 5.89
CA GLN L 1 -4.80 95.08 6.60
C GLN L 1 -4.07 95.01 7.94
N VAL L 2 -4.80 94.57 8.97
CA VAL L 2 -4.43 94.56 10.39
C VAL L 2 -3.61 95.79 10.78
N GLN L 3 -4.27 96.76 11.41
CA GLN L 3 -3.62 97.98 11.84
C GLN L 3 -4.40 98.57 13.01
N LEU L 4 -3.71 99.41 13.78
CA LEU L 4 -4.28 100.13 14.91
C LEU L 4 -4.13 101.62 14.66
N VAL L 5 -5.24 102.34 14.70
CA VAL L 5 -5.27 103.76 14.34
C VAL L 5 -5.56 104.57 15.60
N GLU L 6 -4.63 105.46 15.97
CA GLU L 6 -4.78 106.31 17.14
C GLU L 6 -5.30 107.68 16.74
N THR L 7 -6.25 108.18 17.52
CA THR L 7 -6.79 109.53 17.36
C THR L 7 -7.06 110.12 18.74
N GLY L 8 -7.16 111.44 18.80
CA GLY L 8 -7.56 112.12 20.01
C GLY L 8 -6.45 112.77 20.82
N GLY L 9 -5.32 113.11 20.20
CA GLY L 9 -4.24 113.78 20.89
C GLY L 9 -4.24 115.27 20.64
N GLY L 10 -3.32 115.96 21.31
CA GLY L 10 -3.19 117.39 21.17
C GLY L 10 -2.41 117.99 22.31
N LEU L 11 -2.48 119.32 22.39
CA LEU L 11 -1.80 120.10 23.42
C LEU L 11 -2.82 120.60 24.43
N VAL L 12 -2.52 120.41 25.71
CA VAL L 12 -3.41 120.81 26.80
C VAL L 12 -2.57 121.39 27.94
N GLN L 13 -3.27 122.05 28.86
CA GLN L 13 -2.63 122.59 30.05
C GLN L 13 -2.51 121.52 31.13
N THR L 14 -1.62 121.77 32.09
CA THR L 14 -1.44 120.84 33.20
C THR L 14 -2.69 120.81 34.06
N GLY L 15 -3.12 119.59 34.41
CA GLY L 15 -4.38 119.40 35.09
C GLY L 15 -5.57 119.19 34.17
N GLY L 16 -5.35 119.18 32.85
CA GLY L 16 -6.39 118.94 31.89
C GLY L 16 -6.63 117.46 31.66
N SER L 17 -7.32 117.16 30.55
CA SER L 17 -7.70 115.78 30.26
C SER L 17 -7.80 115.59 28.76
N LEU L 18 -7.39 114.41 28.31
CA LEU L 18 -7.58 113.95 26.94
C LEU L 18 -8.21 112.57 26.96
N ARG L 19 -8.65 112.12 25.79
CA ARG L 19 -9.16 110.75 25.64
C ARG L 19 -8.69 110.22 24.29
N LEU L 20 -7.82 109.21 24.33
CA LEU L 20 -7.28 108.61 23.13
C LEU L 20 -8.17 107.45 22.69
N SER L 21 -8.52 107.44 21.40
CA SER L 21 -9.30 106.37 20.80
C SER L 21 -8.41 105.58 19.85
N CYS L 22 -8.46 104.25 19.95
CA CYS L 22 -7.69 103.37 19.08
C CYS L 22 -8.65 102.44 18.35
N LYS L 23 -8.55 102.43 17.02
CA LYS L 23 -9.39 101.61 16.15
C LYS L 23 -8.54 100.46 15.62
N ALA L 24 -8.85 99.25 16.07
CA ALA L 24 -8.15 98.04 15.64
C ALA L 24 -8.94 97.38 14.52
N SER L 25 -8.24 97.03 13.44
CA SER L 25 -8.92 96.41 12.31
C SER L 25 -8.00 95.42 11.63
N GLY L 26 -8.58 94.55 10.81
CA GLY L 26 -7.84 93.62 9.98
C GLY L 26 -7.85 92.18 10.45
N ARG L 27 -8.08 91.93 11.73
CA ARG L 27 -8.12 90.57 12.26
C ARG L 27 -9.11 90.53 13.42
N THR L 28 -9.11 89.43 14.16
CA THR L 28 -9.95 89.26 15.34
C THR L 28 -9.09 89.37 16.59
N PHE L 29 -9.53 90.19 17.54
CA PHE L 29 -8.79 90.44 18.78
C PHE L 29 -9.50 89.86 19.99
N SER L 30 -10.26 88.77 19.80
CA SER L 30 -11.07 88.23 20.89
C SER L 30 -10.20 87.69 22.01
N ASN L 31 -9.09 87.06 21.69
CA ASN L 31 -8.16 86.51 22.67
C ASN L 31 -6.83 87.26 22.67
N SER L 32 -6.88 88.57 22.47
CA SER L 32 -5.69 89.39 22.33
C SER L 32 -5.65 90.47 23.41
N ILE L 33 -4.44 90.79 23.84
CA ILE L 33 -4.22 91.83 24.85
C ILE L 33 -3.95 93.14 24.13
N MET L 34 -4.73 94.17 24.43
CA MET L 34 -4.61 95.47 23.80
C MET L 34 -4.01 96.45 24.80
N GLY L 35 -2.95 97.15 24.40
CA GLY L 35 -2.23 98.03 25.31
C GLY L 35 -1.91 99.37 24.68
N TRP L 36 -1.34 100.23 25.51
CA TRP L 36 -0.84 101.54 25.11
C TRP L 36 0.61 101.66 25.54
N PHE L 37 1.43 102.29 24.70
CA PHE L 37 2.78 102.67 25.06
C PHE L 37 2.98 104.13 24.71
N ARG L 38 4.06 104.72 25.22
CA ARG L 38 4.37 106.10 24.89
C ARG L 38 5.89 106.26 24.84
N GLN L 39 6.32 107.22 24.02
CA GLN L 39 7.73 107.49 23.81
C GLN L 39 7.97 108.99 23.90
N ALA L 40 8.88 109.39 24.79
CA ALA L 40 9.33 110.76 24.85
C ALA L 40 10.31 111.03 23.72
N PRO L 41 10.48 112.29 23.33
CA PRO L 41 11.48 112.61 22.29
C PRO L 41 12.88 112.24 22.74
N GLY L 42 13.51 111.34 22.00
CA GLY L 42 14.86 110.93 22.31
C GLY L 42 15.01 110.14 23.60
N LYS L 43 13.98 109.38 23.98
CA LYS L 43 14.03 108.57 25.19
C LYS L 43 13.37 107.23 24.92
N GLU L 44 13.53 106.31 25.87
CA GLU L 44 13.03 104.95 25.72
C GLU L 44 11.51 104.93 25.70
N ARG L 45 10.98 103.83 25.15
CA ARG L 45 9.54 103.61 25.22
C ARG L 45 9.12 103.31 26.65
N ASP L 46 7.93 103.78 27.02
CA ASP L 46 7.41 103.60 28.37
C ASP L 46 6.04 102.95 28.31
N PHE L 47 5.88 101.88 29.07
CA PHE L 47 4.57 101.26 29.25
C PHE L 47 3.71 102.14 30.14
N VAL L 48 2.42 102.23 29.81
CA VAL L 48 1.47 103.02 30.58
C VAL L 48 0.31 102.17 31.09
N ALA L 49 -0.34 101.42 30.22
CA ALA L 49 -1.49 100.63 30.60
C ALA L 49 -1.77 99.58 29.55
N LYS L 50 -2.13 98.38 29.99
CA LYS L 50 -2.57 97.31 29.11
C LYS L 50 -3.85 96.71 29.67
N ILE L 51 -4.73 96.27 28.77
CA ILE L 51 -5.95 95.59 29.15
C ILE L 51 -6.00 94.26 28.40
N SER L 52 -6.34 93.20 29.12
CA SER L 52 -6.38 91.86 28.56
C SER L 52 -7.81 91.49 28.19
N TRP L 53 -7.93 90.33 27.52
CA TRP L 53 -9.24 89.77 27.21
C TRP L 53 -9.83 88.98 28.36
N ARG L 54 -9.06 88.75 29.43
CA ARG L 54 -9.51 87.99 30.58
C ARG L 54 -10.13 88.94 31.59
N ASN L 55 -11.47 89.07 31.53
CA ASN L 55 -12.24 89.87 32.48
C ASN L 55 -11.77 91.33 32.52
N ASP L 56 -11.22 91.81 31.40
CA ASP L 56 -10.72 93.19 31.29
C ASP L 56 -9.71 93.49 32.40
N TYR L 57 -8.76 92.58 32.59
CA TYR L 57 -7.75 92.75 33.63
C TYR L 57 -6.79 93.86 33.22
N THR L 58 -6.86 94.99 33.94
CA THR L 58 -6.07 96.16 33.62
C THR L 58 -4.76 96.16 34.39
N THR L 59 -3.70 96.64 33.74
CA THR L 59 -2.40 96.84 34.36
C THR L 59 -1.95 98.26 34.04
N TYR L 60 -1.67 99.03 35.09
CA TYR L 60 -1.31 100.44 34.94
C TYR L 60 0.11 100.67 35.42
N ALA L 61 0.81 101.57 34.74
CA ALA L 61 2.13 101.99 35.22
C ALA L 61 1.97 102.84 36.47
N ASP L 62 2.99 102.79 37.33
CA ASP L 62 2.94 103.54 38.58
C ASP L 62 2.84 105.04 38.32
N SER L 63 3.51 105.51 37.26
CA SER L 63 3.50 106.94 36.93
C SER L 63 2.11 107.42 36.53
N VAL L 64 1.20 106.51 36.20
CA VAL L 64 -0.14 106.87 35.73
C VAL L 64 -1.24 106.32 36.62
N LYS L 65 -0.89 105.67 37.74
CA LYS L 65 -1.88 105.04 38.58
C LYS L 65 -2.79 106.08 39.23
N GLY L 66 -4.09 105.92 39.04
CA GLY L 66 -5.09 106.84 39.54
C GLY L 66 -5.49 107.92 38.55
N ARG L 67 -4.63 108.25 37.59
CA ARG L 67 -4.91 109.32 36.65
C ARG L 67 -5.51 108.80 35.34
N PHE L 68 -4.95 107.71 34.79
CA PHE L 68 -5.41 107.19 33.52
C PHE L 68 -6.35 106.00 33.74
N THR L 69 -7.17 105.73 32.72
CA THR L 69 -8.14 104.63 32.78
C THR L 69 -8.30 104.06 31.38
N ILE L 70 -7.76 102.87 31.15
CA ILE L 70 -7.84 102.21 29.85
C ILE L 70 -9.05 101.30 29.84
N SER L 71 -9.73 101.24 28.69
CA SER L 71 -10.88 100.36 28.51
C SER L 71 -10.87 99.83 27.08
N ARG L 72 -11.77 98.89 26.81
CA ARG L 72 -11.88 98.34 25.47
C ARG L 72 -13.33 97.99 25.17
N ASP L 73 -13.61 97.84 23.88
CA ASP L 73 -14.93 97.43 23.38
C ASP L 73 -14.69 96.55 22.17
N ASN L 74 -14.95 95.26 22.33
CA ASN L 74 -14.71 94.30 21.25
C ASN L 74 -15.77 94.40 20.16
N ALA L 75 -17.01 94.77 20.52
CA ALA L 75 -18.06 94.91 19.53
C ALA L 75 -17.70 95.99 18.51
N SER L 76 -17.12 97.11 18.97
CA SER L 76 -16.66 98.16 18.10
C SER L 76 -15.17 98.03 17.75
N ASN L 77 -14.48 97.07 18.36
CA ASN L 77 -13.06 96.83 18.09
C ASN L 77 -12.22 98.07 18.35
N MET L 78 -12.49 98.76 19.45
CA MET L 78 -11.77 99.98 19.80
C MET L 78 -11.33 99.94 21.25
N VAL L 79 -10.11 100.42 21.51
CA VAL L 79 -9.56 100.50 22.86
C VAL L 79 -9.27 101.96 23.17
N TYR L 80 -9.75 102.41 24.33
CA TYR L 80 -9.66 103.81 24.74
C TYR L 80 -8.71 103.98 25.92
N LEU L 81 -8.13 105.17 26.00
CA LEU L 81 -7.33 105.58 27.15
C LEU L 81 -7.85 106.93 27.63
N LEU L 82 -8.46 106.95 28.80
CA LEU L 82 -8.98 108.18 29.40
C LEU L 82 -7.86 108.79 30.27
N MET L 83 -7.31 109.90 29.81
CA MET L 83 -6.22 110.58 30.50
C MET L 83 -6.79 111.77 31.27
N ASN L 84 -6.85 111.65 32.60
CA ASN L 84 -7.28 112.73 33.47
C ASN L 84 -6.13 113.15 34.37
N ASN L 85 -6.15 114.42 34.77
CA ASN L 85 -5.10 115.03 35.59
C ASN L 85 -3.73 114.82 34.94
N LEU L 86 -3.58 115.47 33.79
CA LEU L 86 -2.37 115.33 33.01
C LEU L 86 -1.24 116.19 33.58
N LYS L 87 -0.02 115.70 33.43
CA LYS L 87 1.19 116.38 33.87
C LYS L 87 2.09 116.64 32.67
N PRO L 88 3.00 117.61 32.76
CA PRO L 88 4.04 117.74 31.72
C PRO L 88 4.94 116.52 31.64
N GLU L 89 5.02 115.73 32.70
CA GLU L 89 5.78 114.48 32.68
C GLU L 89 5.21 113.51 31.65
N ASP L 90 3.91 113.62 31.34
CA ASP L 90 3.23 112.70 30.44
C ASP L 90 3.25 113.17 28.99
N THR L 91 4.06 114.17 28.65
CA THR L 91 4.13 114.69 27.29
C THR L 91 4.96 113.74 26.42
N ALA L 92 4.32 113.10 25.44
CA ALA L 92 5.00 112.10 24.63
C ALA L 92 4.12 111.71 23.45
N VAL L 93 4.55 110.69 22.72
CA VAL L 93 3.82 110.13 21.59
C VAL L 93 3.27 108.77 22.01
N TYR L 94 1.96 108.60 21.86
CA TYR L 94 1.28 107.40 22.33
C TYR L 94 0.98 106.46 21.16
N TYR L 95 1.45 105.23 21.27
CA TYR L 95 1.19 104.18 20.29
C TYR L 95 0.23 103.15 20.86
N CYS L 96 -0.74 102.75 20.04
CA CYS L 96 -1.65 101.67 20.38
C CYS L 96 -1.01 100.35 19.97
N ALA L 97 -1.01 99.38 20.88
CA ALA L 97 -0.37 98.09 20.65
C ALA L 97 -1.37 96.97 20.86
N ALA L 98 -1.07 95.83 20.24
CA ALA L 98 -1.90 94.63 20.36
C ALA L 98 -1.01 93.41 20.18
N THR L 99 -1.42 92.30 20.79
CA THR L 99 -0.63 91.08 20.78
C THR L 99 -1.38 89.97 20.05
N LYS L 100 -0.64 88.92 19.70
CA LYS L 100 -1.24 87.79 19.02
C LYS L 100 -2.15 87.02 19.98
N ALA L 101 -3.03 86.21 19.40
CA ALA L 101 -4.03 85.50 20.18
C ALA L 101 -3.39 84.57 21.20
N TYR L 102 -3.95 84.56 22.41
CA TYR L 102 -3.51 83.74 23.53
C TYR L 102 -2.06 84.02 23.94
N ASN L 103 -1.46 85.09 23.42
CA ASN L 103 -0.10 85.46 23.75
C ASN L 103 -0.08 86.56 24.80
N GLY L 104 0.97 86.57 25.61
CA GLY L 104 1.07 87.53 26.68
C GLY L 104 1.45 88.91 26.19
N GLY L 105 1.37 89.86 27.12
CA GLY L 105 1.81 91.22 26.88
C GLY L 105 2.57 91.75 28.08
N GLU L 106 3.87 91.99 27.91
CA GLU L 106 4.71 92.39 29.03
C GLU L 106 5.00 93.88 28.98
N THR L 107 5.40 94.42 30.14
CA THR L 107 5.66 95.86 30.25
C THR L 107 6.80 96.29 29.36
N SER L 108 7.79 95.41 29.14
CA SER L 108 8.92 95.75 28.30
C SER L 108 8.53 95.91 26.83
N GLY L 109 7.39 95.35 26.43
CA GLY L 109 6.98 95.32 25.04
C GLY L 109 7.04 93.95 24.42
N ARG L 110 7.58 92.96 25.13
CA ARG L 110 7.59 91.58 24.64
C ARG L 110 6.17 91.15 24.30
N GLY L 111 6.05 90.27 23.32
CA GLY L 111 4.74 90.12 22.72
C GLY L 111 4.40 91.39 21.97
N PHE L 112 3.11 91.73 21.98
CA PHE L 112 2.62 92.94 21.32
C PHE L 112 3.14 93.03 19.89
N TYR L 113 2.56 92.23 19.00
CA TYR L 113 3.05 92.14 17.63
C TYR L 113 2.65 93.36 16.80
N TYR L 114 1.45 93.89 17.03
CA TYR L 114 0.91 94.98 16.23
C TYR L 114 1.11 96.31 16.93
N TRP L 115 1.49 97.32 16.16
CA TRP L 115 1.78 98.65 16.69
C TRP L 115 1.17 99.70 15.76
N GLY L 116 0.61 100.75 16.37
CA GLY L 116 0.10 101.86 15.60
C GLY L 116 1.17 102.89 15.28
N GLN L 117 0.82 103.81 14.38
CA GLN L 117 1.76 104.87 14.03
C GLN L 117 1.92 105.87 15.17
N GLY L 118 0.85 106.12 15.92
CA GLY L 118 0.93 106.92 17.11
C GLY L 118 0.22 108.27 16.96
N THR L 119 -0.08 108.87 18.10
CA THR L 119 -0.65 110.21 18.17
C THR L 119 0.17 111.04 19.14
N GLN L 120 0.10 112.36 18.98
CA GLN L 120 0.93 113.28 19.74
C GLN L 120 0.16 113.84 20.93
N VAL L 121 0.78 113.82 22.11
CA VAL L 121 0.21 114.41 23.31
C VAL L 121 1.25 115.33 23.93
N THR L 122 0.88 116.60 24.11
CA THR L 122 1.77 117.61 24.68
C THR L 122 1.03 118.36 25.77
N VAL L 123 1.54 118.30 26.99
CA VAL L 123 0.96 118.98 28.15
C VAL L 123 1.96 120.05 28.59
N SER L 124 1.50 121.30 28.66
CA SER L 124 2.35 122.41 29.07
C SER L 124 1.65 123.21 30.17
N SER L 125 2.41 124.09 30.81
CA SER L 125 1.87 124.90 31.90
C SER L 125 1.03 126.06 31.37
N SER M 2 -7.84 -83.67 1.57
CA SER M 2 -7.08 -83.95 2.78
C SER M 2 -6.34 -85.29 2.65
N VAL M 3 -5.02 -85.25 2.84
CA VAL M 3 -4.17 -86.42 2.69
C VAL M 3 -3.12 -86.41 3.79
N THR M 4 -2.68 -87.60 4.20
CA THR M 4 -1.74 -87.74 5.30
C THR M 4 -0.36 -87.24 4.91
N VAL M 5 0.26 -86.48 5.80
CA VAL M 5 1.59 -85.90 5.59
C VAL M 5 2.49 -86.35 6.73
N LYS M 6 3.69 -86.79 6.38
CA LYS M 6 4.64 -87.30 7.36
C LYS M 6 5.97 -86.57 7.23
N ARG M 7 6.65 -86.41 8.37
CA ARG M 7 7.98 -85.83 8.42
C ARG M 7 8.99 -86.98 8.31
N ILE M 8 9.71 -87.02 7.18
CA ILE M 8 10.51 -88.18 6.84
C ILE M 8 11.69 -88.41 7.78
N ILE M 9 11.97 -87.48 8.68
CA ILE M 9 13.10 -87.66 9.59
C ILE M 9 12.81 -88.77 10.61
N ASP M 10 11.53 -88.98 10.94
CA ASP M 10 11.21 -89.99 11.96
C ASP M 10 9.80 -90.56 11.83
N ASN M 11 9.17 -90.49 10.65
CA ASN M 11 7.84 -91.04 10.41
C ASN M 11 6.77 -90.41 11.29
N THR M 12 7.03 -89.25 11.85
CA THR M 12 6.02 -88.55 12.65
C THR M 12 4.96 -87.96 11.72
N VAL M 13 3.71 -87.97 12.18
CA VAL M 13 2.59 -87.50 11.38
C VAL M 13 2.35 -86.02 11.69
N ILE M 14 2.09 -85.24 10.63
CA ILE M 14 1.75 -83.82 10.78
C ILE M 14 0.47 -83.55 10.00
N VAL M 15 -0.34 -82.64 10.53
CA VAL M 15 -1.61 -82.26 9.91
C VAL M 15 -1.64 -80.76 9.70
N PRO M 16 -1.24 -80.26 8.53
CA PRO M 16 -1.30 -78.81 8.27
C PRO M 16 -2.74 -78.35 8.06
N LYS M 17 -3.18 -77.41 8.89
CA LYS M 17 -4.53 -76.87 8.83
C LYS M 17 -4.46 -75.35 8.90
N LEU M 18 -5.47 -74.70 8.34
CA LEU M 18 -5.49 -73.25 8.23
C LEU M 18 -6.71 -72.66 8.91
N PRO M 19 -6.60 -71.45 9.48
CA PRO M 19 -7.78 -70.76 10.00
C PRO M 19 -8.83 -70.55 8.92
N ALA M 20 -9.90 -71.35 8.97
CA ALA M 20 -10.94 -71.25 7.95
C ALA M 20 -11.70 -69.94 8.09
N ASN M 21 -12.48 -69.64 7.06
CA ASN M 21 -13.37 -68.47 7.07
C ASN M 21 -14.60 -68.82 6.25
N GLU M 22 -15.76 -68.75 6.88
CA GLU M 22 -17.00 -69.10 6.18
C GLU M 22 -17.27 -68.12 5.06
N ASP M 23 -17.73 -66.92 5.41
CA ASP M 23 -18.16 -65.89 4.47
C ASP M 23 -19.06 -66.50 3.37
N PRO M 24 -20.15 -67.16 3.73
CA PRO M 24 -20.98 -67.80 2.69
C PRO M 24 -21.61 -66.76 1.77
N VAL M 25 -22.17 -67.27 0.68
CA VAL M 25 -22.72 -66.43 -0.38
C VAL M 25 -24.24 -66.63 -0.42
N GLU M 26 -24.97 -65.52 -0.44
CA GLU M 26 -26.43 -65.54 -0.45
C GLU M 26 -26.93 -65.07 -1.82
N TYR M 27 -27.82 -65.86 -2.41
CA TYR M 27 -28.39 -65.59 -3.73
C TYR M 27 -29.76 -64.95 -3.60
N PRO M 28 -30.20 -64.21 -4.62
CA PRO M 28 -31.50 -63.53 -4.51
C PRO M 28 -32.69 -64.46 -4.48
N ALA M 29 -32.70 -65.53 -5.29
CA ALA M 29 -33.85 -66.43 -5.31
C ALA M 29 -34.03 -67.16 -3.98
N ASP M 30 -32.95 -67.37 -3.23
CA ASP M 30 -33.06 -67.97 -1.90
C ASP M 30 -33.75 -67.06 -0.91
N TYR M 31 -34.01 -65.81 -1.27
CA TYR M 31 -34.76 -64.90 -0.42
C TYR M 31 -36.27 -65.00 -0.65
N PHE M 32 -36.69 -65.08 -1.91
CA PHE M 32 -38.11 -65.06 -2.22
C PHE M 32 -38.80 -66.40 -1.99
N ARG M 33 -38.03 -67.49 -1.87
CA ARG M 33 -38.62 -68.73 -1.40
C ARG M 33 -38.94 -68.68 0.09
N LYS M 34 -38.30 -67.77 0.83
CA LYS M 34 -38.63 -67.56 2.23
C LYS M 34 -39.82 -66.60 2.35
N SER M 35 -39.63 -65.35 1.93
CA SER M 35 -40.67 -64.33 1.94
C SER M 35 -40.99 -63.93 0.52
N LYS M 36 -42.27 -63.92 0.18
CA LYS M 36 -42.72 -63.59 -1.17
C LYS M 36 -42.85 -62.10 -1.41
N GLU M 37 -42.25 -61.27 -0.56
CA GLU M 37 -42.30 -59.82 -0.71
C GLU M 37 -41.27 -59.19 0.22
N ILE M 38 -40.73 -58.05 -0.21
CA ILE M 38 -39.76 -57.28 0.56
C ILE M 38 -40.49 -56.14 1.25
N PRO M 39 -40.41 -56.01 2.58
CA PRO M 39 -41.07 -54.92 3.28
C PRO M 39 -40.27 -53.63 3.29
N LEU M 40 -41.00 -52.52 3.23
CA LEU M 40 -40.43 -51.18 3.38
C LEU M 40 -41.08 -50.54 4.60
N TYR M 41 -40.28 -50.28 5.63
CA TYR M 41 -40.75 -49.63 6.85
C TYR M 41 -40.71 -48.13 6.67
N ILE M 42 -41.82 -47.46 6.98
CA ILE M 42 -41.92 -46.01 6.79
C ILE M 42 -42.99 -45.47 7.72
N ASN M 43 -42.91 -44.19 8.03
CA ASN M 43 -43.84 -43.51 8.93
C ASN M 43 -44.73 -42.58 8.12
N THR M 44 -46.04 -42.81 8.17
CA THR M 44 -47.01 -42.07 7.38
C THR M 44 -47.80 -41.06 8.22
N THR M 45 -47.37 -40.80 9.46
CA THR M 45 -48.12 -39.90 10.33
C THR M 45 -47.95 -38.45 9.91
N LYS M 46 -46.70 -37.97 9.84
CA LYS M 46 -46.46 -36.58 9.52
C LYS M 46 -46.76 -36.30 8.05
N SER M 47 -47.39 -35.15 7.80
CA SER M 47 -47.85 -34.80 6.46
C SER M 47 -46.66 -34.50 5.55
N LEU M 48 -46.96 -34.25 4.27
CA LEU M 48 -45.91 -34.01 3.28
C LEU M 48 -45.31 -32.62 3.45
N SER M 49 -46.15 -31.58 3.48
CA SER M 49 -45.64 -30.21 3.56
C SER M 49 -44.85 -29.98 4.83
N ASP M 50 -45.15 -30.72 5.90
CA ASP M 50 -44.34 -30.65 7.10
C ASP M 50 -42.95 -31.22 6.85
N LEU M 51 -42.88 -32.41 6.23
CA LEU M 51 -41.60 -33.06 5.99
C LEU M 51 -40.74 -32.28 5.00
N ARG M 52 -41.37 -31.57 4.06
CA ARG M 52 -40.61 -30.77 3.10
C ARG M 52 -39.81 -29.68 3.81
N GLY M 53 -40.32 -29.15 4.91
CA GLY M 53 -39.60 -28.19 5.71
C GLY M 53 -38.67 -28.83 6.72
N TYR M 54 -39.13 -29.94 7.32
CA TYR M 54 -38.27 -30.74 8.19
C TYR M 54 -36.95 -31.04 7.51
N VAL M 55 -37.02 -31.73 6.38
CA VAL M 55 -35.78 -32.04 5.70
C VAL M 55 -35.09 -30.78 5.19
N TYR M 56 -35.81 -29.73 4.78
CA TYR M 56 -35.10 -28.59 4.20
C TYR M 56 -34.25 -27.90 5.28
N GLN M 57 -34.86 -27.48 6.38
CA GLN M 57 -34.09 -26.79 7.42
C GLN M 57 -33.11 -27.74 8.13
N GLY M 58 -33.42 -29.04 8.15
CA GLY M 58 -32.46 -30.01 8.66
C GLY M 58 -31.26 -30.23 7.75
N LEU M 59 -31.47 -30.18 6.43
CA LEU M 59 -30.36 -30.06 5.47
C LEU M 59 -29.55 -28.78 5.68
N LYS M 60 -30.17 -27.61 5.86
CA LYS M 60 -29.34 -26.41 6.04
C LYS M 60 -28.34 -26.56 7.20
N SER M 61 -28.72 -27.29 8.24
CA SER M 61 -27.85 -27.59 9.36
C SER M 61 -27.30 -29.01 9.22
N GLY M 62 -26.50 -29.42 10.21
CA GLY M 62 -25.94 -30.77 10.17
C GLY M 62 -26.87 -31.85 10.64
N ASN M 63 -27.94 -31.50 11.36
CA ASN M 63 -28.86 -32.47 11.91
C ASN M 63 -30.03 -32.70 10.96
N VAL M 64 -30.25 -33.96 10.59
CA VAL M 64 -31.38 -34.33 9.76
C VAL M 64 -31.65 -35.81 9.96
N SER M 65 -32.92 -36.18 10.07
CA SER M 65 -33.32 -37.54 10.35
C SER M 65 -33.50 -38.32 9.06
N ILE M 66 -32.91 -39.52 9.00
CA ILE M 66 -33.11 -40.38 7.84
C ILE M 66 -34.54 -40.86 7.76
N ILE M 67 -35.21 -41.05 8.90
CA ILE M 67 -36.61 -41.41 8.89
C ILE M 67 -37.44 -40.29 8.28
N HIS M 68 -37.02 -39.03 8.47
CA HIS M 68 -37.71 -37.91 7.86
C HIS M 68 -37.52 -37.89 6.34
N VAL M 69 -36.35 -38.29 5.86
CA VAL M 69 -36.12 -38.25 4.41
C VAL M 69 -36.77 -39.45 3.71
N ASN M 70 -36.88 -40.59 4.40
CA ASN M 70 -37.66 -41.70 3.85
C ASN M 70 -39.14 -41.35 3.84
N SER M 71 -39.69 -40.98 5.00
CA SER M 71 -41.09 -40.61 5.10
C SER M 71 -41.44 -39.47 4.15
N TYR M 72 -40.47 -38.60 3.85
CA TYR M 72 -40.70 -37.54 2.88
C TYR M 72 -40.69 -38.10 1.46
N LEU M 73 -39.64 -38.87 1.12
CA LEU M 73 -39.49 -39.37 -0.24
C LEU M 73 -40.69 -40.20 -0.67
N TYR M 74 -41.29 -40.95 0.27
CA TYR M 74 -42.54 -41.64 -0.05
C TYR M 74 -43.62 -40.65 -0.49
N GLY M 75 -43.72 -39.52 0.21
CA GLY M 75 -44.73 -38.53 -0.15
C GLY M 75 -44.43 -37.85 -1.48
N ALA M 76 -43.15 -37.59 -1.75
CA ALA M 76 -42.77 -36.90 -2.98
C ALA M 76 -42.80 -37.81 -4.20
N LEU M 77 -42.77 -39.13 -4.02
CA LEU M 77 -42.73 -40.06 -5.13
C LEU M 77 -43.99 -40.90 -5.29
N LYS M 78 -44.89 -40.90 -4.30
CA LYS M 78 -46.05 -41.80 -4.34
C LYS M 78 -46.97 -41.47 -5.50
N ASP M 79 -47.19 -40.19 -5.78
CA ASP M 79 -48.15 -39.79 -6.80
C ASP M 79 -47.69 -40.15 -8.21
N ILE M 80 -46.40 -40.39 -8.41
CA ILE M 80 -45.89 -40.74 -9.73
C ILE M 80 -46.21 -42.20 -10.03
N ARG M 81 -46.79 -42.46 -11.20
CA ARG M 81 -47.10 -43.81 -11.64
C ARG M 81 -46.86 -43.92 -13.14
N GLY M 82 -46.81 -45.16 -13.63
CA GLY M 82 -46.63 -45.44 -15.03
C GLY M 82 -47.53 -46.58 -15.48
N LYS M 83 -47.42 -46.91 -16.77
CA LYS M 83 -48.20 -47.97 -17.36
C LYS M 83 -47.28 -48.91 -18.12
N LEU M 84 -47.54 -50.21 -18.03
CA LEU M 84 -46.68 -51.22 -18.60
C LEU M 84 -47.06 -51.52 -20.05
N ASP M 85 -46.03 -51.69 -20.88
CA ASP M 85 -46.26 -52.11 -22.27
C ASP M 85 -46.53 -53.60 -22.36
N LYS M 86 -45.85 -54.39 -21.54
CA LYS M 86 -46.09 -55.82 -21.41
C LYS M 86 -46.04 -56.20 -19.94
N ASP M 87 -46.27 -57.48 -19.66
CA ASP M 87 -46.25 -57.96 -18.28
C ASP M 87 -44.90 -57.70 -17.64
N TRP M 88 -44.91 -57.57 -16.31
CA TRP M 88 -43.69 -57.40 -15.53
C TRP M 88 -43.81 -58.26 -14.28
N SER M 89 -42.96 -59.28 -14.18
CA SER M 89 -42.93 -60.17 -13.03
C SER M 89 -41.49 -60.61 -12.79
N SER M 90 -41.18 -60.89 -11.53
CA SER M 90 -39.81 -61.26 -11.16
C SER M 90 -39.85 -62.09 -9.88
N PHE M 91 -39.16 -63.23 -9.90
CA PHE M 91 -39.12 -64.14 -8.76
C PHE M 91 -40.51 -64.54 -8.30
N GLY M 92 -41.42 -64.69 -9.25
CA GLY M 92 -42.80 -65.05 -8.93
C GLY M 92 -43.56 -63.97 -8.20
N ILE M 93 -43.35 -62.70 -8.57
CA ILE M 93 -44.06 -61.57 -7.98
C ILE M 93 -44.63 -60.76 -9.13
N ASN M 94 -45.91 -61.00 -9.44
CA ASN M 94 -46.57 -60.30 -10.54
C ASN M 94 -46.90 -58.88 -10.09
N ILE M 95 -45.89 -58.01 -10.17
CA ILE M 95 -46.08 -56.61 -9.80
C ILE M 95 -46.95 -55.88 -10.82
N GLY M 96 -47.06 -56.41 -12.04
CA GLY M 96 -47.90 -55.80 -13.05
C GLY M 96 -48.30 -56.85 -14.07
N LYS M 97 -49.18 -56.43 -14.99
CA LYS M 97 -49.74 -57.36 -15.96
C LYS M 97 -50.31 -56.58 -17.14
N ALA M 98 -49.76 -56.80 -18.32
CA ALA M 98 -50.26 -56.23 -19.58
C ALA M 98 -50.30 -54.71 -19.44
N GLY M 99 -51.47 -54.07 -19.49
CA GLY M 99 -51.56 -52.63 -19.35
C GLY M 99 -52.01 -52.20 -17.98
N ASP M 100 -51.28 -52.61 -16.95
CA ASP M 100 -51.53 -52.16 -15.58
C ASP M 100 -50.74 -50.89 -15.31
N THR M 101 -51.37 -49.95 -14.62
CA THR M 101 -50.72 -48.70 -14.22
C THR M 101 -50.22 -48.88 -12.78
N ILE M 102 -48.91 -49.09 -12.65
CA ILE M 102 -48.30 -49.38 -11.36
C ILE M 102 -47.54 -48.15 -10.88
N GLY M 103 -47.29 -48.10 -9.57
CA GLY M 103 -46.55 -47.03 -8.96
C GLY M 103 -45.12 -47.45 -8.62
N ILE M 104 -44.30 -46.44 -8.30
CA ILE M 104 -42.90 -46.68 -7.98
C ILE M 104 -42.78 -47.54 -6.72
N PHE M 105 -43.74 -47.44 -5.81
CA PHE M 105 -43.73 -48.25 -4.59
C PHE M 105 -44.55 -49.53 -4.72
N ASP M 106 -44.92 -49.92 -5.95
CA ASP M 106 -45.49 -51.24 -6.18
C ASP M 106 -44.44 -52.35 -6.02
N LEU M 107 -43.16 -52.01 -6.18
CA LEU M 107 -42.10 -53.01 -6.13
C LEU M 107 -41.95 -53.59 -4.73
N VAL M 108 -42.35 -52.84 -3.71
CA VAL M 108 -42.23 -53.28 -2.33
C VAL M 108 -43.61 -53.24 -1.68
N SER M 109 -43.67 -53.72 -0.45
CA SER M 109 -44.87 -53.63 0.38
C SER M 109 -44.60 -52.68 1.53
N LEU M 110 -45.50 -51.71 1.71
CA LEU M 110 -45.30 -50.69 2.73
C LEU M 110 -45.72 -51.21 4.10
N LYS M 111 -44.79 -51.12 5.06
CA LYS M 111 -45.06 -51.39 6.46
C LYS M 111 -44.80 -50.10 7.26
N ALA M 112 -45.06 -50.16 8.56
CA ALA M 112 -44.98 -48.99 9.42
C ALA M 112 -43.76 -49.09 10.32
N LEU M 113 -43.02 -47.99 10.43
CA LEU M 113 -41.92 -47.89 11.37
C LEU M 113 -42.44 -47.36 12.71
N ASP M 114 -42.18 -48.10 13.78
CA ASP M 114 -42.61 -47.74 15.12
C ASP M 114 -41.43 -47.19 15.91
N GLY M 115 -41.55 -45.96 16.37
CA GLY M 115 -40.50 -45.34 17.15
C GLY M 115 -40.82 -43.88 17.43
N VAL M 116 -40.02 -43.30 18.31
CA VAL M 116 -40.17 -41.90 18.67
C VAL M 116 -39.35 -41.04 17.71
N LEU M 117 -39.92 -39.92 17.29
CA LEU M 117 -39.27 -39.04 16.34
C LEU M 117 -39.89 -37.65 16.38
N PRO M 118 -39.09 -36.59 16.51
CA PRO M 118 -39.66 -35.24 16.60
C PRO M 118 -39.86 -34.59 15.24
N ASP M 119 -40.31 -33.33 15.26
CA ASP M 119 -40.43 -32.56 14.04
C ASP M 119 -39.13 -31.86 13.66
N GLY M 120 -38.14 -31.86 14.54
CA GLY M 120 -36.89 -31.17 14.28
C GLY M 120 -37.08 -29.68 14.09
N VAL M 121 -37.17 -29.25 12.84
CA VAL M 121 -37.42 -27.86 12.50
C VAL M 121 -38.52 -27.82 11.43
N SER M 122 -39.57 -27.06 11.69
CA SER M 122 -40.63 -26.85 10.71
C SER M 122 -40.28 -25.63 9.85
N ASP M 123 -40.73 -25.67 8.59
CA ASP M 123 -40.48 -24.57 7.68
C ASP M 123 -41.63 -24.45 6.69
N ALA M 124 -42.09 -23.22 6.48
CA ALA M 124 -43.09 -22.90 5.47
C ALA M 124 -42.43 -22.11 4.35
N SER M 125 -43.26 -21.48 3.52
CA SER M 125 -42.83 -20.70 2.35
C SER M 125 -42.19 -21.59 1.28
N ARG M 126 -41.65 -22.74 1.68
CA ARG M 126 -41.10 -23.70 0.73
C ARG M 126 -42.23 -24.27 -0.13
N THR M 127 -42.19 -23.98 -1.42
CA THR M 127 -43.28 -24.29 -2.33
C THR M 127 -43.26 -25.77 -2.71
N SER M 128 -44.24 -26.19 -3.50
CA SER M 128 -44.27 -27.54 -4.02
C SER M 128 -43.22 -27.77 -5.11
N ALA M 129 -42.68 -26.69 -5.68
CA ALA M 129 -41.59 -26.83 -6.64
C ALA M 129 -40.36 -27.46 -6.00
N ASP M 130 -40.20 -27.29 -4.69
CA ASP M 130 -39.13 -27.96 -3.98
C ASP M 130 -39.30 -29.47 -3.99
N ASP M 131 -40.55 -29.95 -4.09
CA ASP M 131 -40.80 -31.37 -4.27
C ASP M 131 -40.34 -31.88 -5.63
N LYS M 132 -39.97 -30.98 -6.55
CA LYS M 132 -39.50 -31.37 -7.86
C LYS M 132 -38.00 -31.66 -7.90
N TRP M 133 -37.25 -31.20 -6.89
CA TRP M 133 -35.81 -31.38 -6.90
C TRP M 133 -35.28 -31.99 -5.60
N LEU M 134 -36.00 -31.80 -4.49
CA LEU M 134 -35.58 -32.42 -3.23
C LEU M 134 -35.42 -33.93 -3.33
N PRO M 135 -36.32 -34.69 -3.96
CA PRO M 135 -36.03 -36.12 -4.15
C PRO M 135 -34.76 -36.37 -4.94
N LEU M 136 -34.58 -35.68 -6.07
CA LEU M 136 -33.37 -35.86 -6.87
C LEU M 136 -32.11 -35.58 -6.04
N TYR M 137 -32.16 -34.55 -5.20
CA TYR M 137 -31.03 -34.22 -4.33
C TYR M 137 -30.77 -35.34 -3.34
N LEU M 138 -31.79 -35.73 -2.57
CA LEU M 138 -31.63 -36.78 -1.56
C LEU M 138 -31.12 -38.07 -2.18
N LEU M 139 -31.57 -38.40 -3.40
CA LEU M 139 -31.13 -39.64 -4.04
C LEU M 139 -29.70 -39.50 -4.53
N GLY M 140 -29.34 -38.35 -5.12
CA GLY M 140 -27.97 -38.17 -5.57
C GLY M 140 -26.97 -38.22 -4.43
N LEU M 141 -27.37 -37.75 -3.24
CA LEU M 141 -26.47 -37.81 -2.08
C LEU M 141 -26.05 -39.23 -1.73
N TYR M 142 -26.79 -40.25 -2.20
CA TYR M 142 -26.33 -41.63 -2.02
C TYR M 142 -25.12 -41.91 -2.89
N ARG M 143 -25.21 -41.58 -4.18
CA ARG M 143 -24.08 -41.78 -5.09
C ARG M 143 -22.87 -40.96 -4.66
N VAL M 144 -23.11 -39.72 -4.21
CA VAL M 144 -21.99 -38.91 -3.72
C VAL M 144 -21.42 -39.50 -2.44
N GLY M 145 -22.28 -40.08 -1.59
CA GLY M 145 -21.83 -40.67 -0.35
C GLY M 145 -21.12 -41.99 -0.49
N ARG M 146 -21.28 -42.66 -1.64
CA ARG M 146 -20.57 -43.93 -1.85
C ARG M 146 -19.07 -43.72 -2.02
N THR M 147 -18.68 -42.72 -2.81
CA THR M 147 -17.27 -42.45 -3.06
C THR M 147 -16.66 -41.68 -1.90
N GLN M 148 -15.33 -41.81 -1.75
CA GLN M 148 -14.59 -41.18 -0.63
C GLN M 148 -13.23 -40.68 -1.15
N MET M 149 -13.25 -39.53 -1.83
CA MET M 149 -12.06 -38.80 -2.26
C MET M 149 -12.48 -37.55 -3.03
N PRO M 150 -11.59 -36.55 -3.25
CA PRO M 150 -12.02 -35.26 -3.80
C PRO M 150 -12.85 -35.30 -5.08
N GLU M 151 -13.08 -36.49 -5.65
CA GLU M 151 -14.08 -36.63 -6.70
C GLU M 151 -15.48 -36.81 -6.15
N TYR M 152 -15.59 -37.05 -4.83
CA TYR M 152 -16.80 -36.75 -4.07
C TYR M 152 -17.44 -35.46 -4.58
N ARG M 153 -16.63 -34.39 -4.65
CA ARG M 153 -17.10 -33.12 -5.16
C ARG M 153 -17.34 -33.18 -6.67
N LYS M 154 -16.60 -34.03 -7.39
CA LYS M 154 -16.81 -34.15 -8.83
C LYS M 154 -18.23 -34.65 -9.13
N LYS M 155 -18.71 -35.64 -8.37
CA LYS M 155 -20.09 -36.08 -8.54
C LYS M 155 -21.09 -35.12 -7.90
N LEU M 156 -20.69 -34.47 -6.81
CA LEU M 156 -21.57 -33.49 -6.18
C LEU M 156 -21.91 -32.36 -7.13
N MET M 157 -20.92 -31.82 -7.83
CA MET M 157 -21.14 -30.71 -8.74
C MET M 157 -22.04 -31.08 -9.91
N ASP M 158 -22.10 -32.36 -10.27
CA ASP M 158 -23.11 -32.80 -11.23
C ASP M 158 -24.47 -32.97 -10.57
N GLY M 159 -24.48 -33.37 -9.29
CA GLY M 159 -25.70 -33.28 -8.52
C GLY M 159 -26.27 -31.88 -8.50
N LEU M 160 -25.40 -30.88 -8.61
CA LEU M 160 -25.85 -29.49 -8.77
C LEU M 160 -26.25 -29.21 -10.22
N THR M 161 -25.40 -29.59 -11.17
CA THR M 161 -25.64 -29.32 -12.58
C THR M 161 -26.99 -29.85 -13.05
N ASN M 162 -27.43 -30.97 -12.48
CA ASN M 162 -28.74 -31.52 -12.84
C ASN M 162 -29.89 -30.78 -12.17
N GLN M 163 -29.63 -29.94 -11.18
CA GLN M 163 -30.71 -29.24 -10.49
C GLN M 163 -31.09 -27.93 -11.18
N CYS M 164 -30.11 -27.18 -11.67
CA CYS M 164 -30.41 -25.97 -12.43
C CYS M 164 -31.28 -26.25 -13.64
N LYS M 165 -31.34 -27.51 -14.08
CA LYS M 165 -32.32 -27.92 -15.07
C LYS M 165 -33.73 -27.85 -14.49
N MET M 166 -33.90 -28.23 -13.24
CA MET M 166 -35.23 -28.23 -12.62
C MET M 166 -35.57 -26.86 -12.05
N ILE M 167 -34.60 -26.18 -11.45
CA ILE M 167 -34.77 -24.83 -10.94
C ILE M 167 -33.43 -24.12 -11.03
N ASN M 168 -33.36 -23.09 -11.86
CA ASN M 168 -32.08 -22.46 -12.18
C ASN M 168 -31.37 -21.92 -10.94
N GLU M 169 -32.13 -21.53 -9.92
CA GLU M 169 -31.56 -20.93 -8.72
C GLU M 169 -31.35 -21.94 -7.60
N GLN M 170 -31.12 -23.21 -7.94
CA GLN M 170 -30.87 -24.19 -6.91
C GLN M 170 -29.45 -24.04 -6.37
N PHE M 171 -29.30 -24.23 -5.06
CA PHE M 171 -28.00 -24.25 -4.41
C PHE M 171 -28.01 -25.30 -3.32
N GLU M 172 -26.92 -26.07 -3.25
CA GLU M 172 -26.74 -27.18 -2.32
C GLU M 172 -27.04 -26.73 -0.89
N PRO M 173 -28.15 -27.20 -0.31
CA PRO M 173 -28.52 -26.82 1.06
C PRO M 173 -27.74 -27.58 2.14
N LEU M 174 -26.42 -27.66 1.96
CA LEU M 174 -25.56 -28.29 2.94
C LEU M 174 -24.23 -27.53 3.01
N VAL M 175 -23.53 -27.71 4.12
CA VAL M 175 -22.27 -27.02 4.38
C VAL M 175 -21.15 -27.80 3.70
N PRO M 176 -19.95 -27.22 3.54
CA PRO M 176 -18.80 -28.03 3.10
C PRO M 176 -18.54 -29.21 4.01
N GLU M 177 -18.82 -29.07 5.31
CA GLU M 177 -18.83 -30.20 6.23
C GLU M 177 -19.84 -31.26 5.81
N GLY M 178 -20.85 -30.87 5.02
CA GLY M 178 -21.92 -31.75 4.60
C GLY M 178 -21.50 -33.09 4.02
N ARG M 179 -20.22 -33.24 3.71
CA ARG M 179 -19.72 -34.52 3.22
C ARG M 179 -19.79 -35.62 4.28
N ASP M 180 -19.93 -35.26 5.55
CA ASP M 180 -20.13 -36.23 6.61
C ASP M 180 -21.60 -36.57 6.82
N ILE M 181 -22.52 -35.74 6.30
CA ILE M 181 -23.91 -35.83 6.71
C ILE M 181 -24.58 -37.06 6.09
N PHE M 182 -24.55 -37.17 4.76
CA PHE M 182 -25.38 -38.16 4.08
C PHE M 182 -24.70 -39.48 3.83
N ASP M 183 -23.39 -39.60 4.11
CA ASP M 183 -22.75 -40.92 4.10
C ASP M 183 -23.48 -41.87 5.04
N VAL M 184 -23.88 -41.36 6.21
CA VAL M 184 -24.69 -42.10 7.16
C VAL M 184 -25.86 -42.79 6.45
N TRP M 185 -26.48 -42.11 5.49
CA TRP M 185 -27.70 -42.62 4.86
C TRP M 185 -27.48 -43.96 4.18
N GLY M 186 -26.23 -44.36 3.96
CA GLY M 186 -25.96 -45.65 3.35
C GLY M 186 -26.32 -46.83 4.23
N ASN M 187 -26.41 -46.62 5.54
CA ASN M 187 -26.64 -47.74 6.46
C ASN M 187 -28.10 -47.93 6.84
N ASP M 188 -29.00 -47.05 6.39
CA ASP M 188 -30.42 -47.20 6.66
C ASP M 188 -31.03 -48.10 5.59
N SER M 189 -31.58 -49.24 6.02
CA SER M 189 -32.10 -50.23 5.07
C SER M 189 -33.21 -49.64 4.20
N ASN M 190 -34.13 -48.90 4.81
CA ASN M 190 -35.28 -48.37 4.06
C ASN M 190 -34.85 -47.39 2.97
N TYR M 191 -33.75 -46.66 3.21
CA TYR M 191 -33.24 -45.75 2.19
C TYR M 191 -32.72 -46.52 0.97
N THR M 192 -31.89 -47.53 1.21
CA THR M 192 -31.38 -48.36 0.12
C THR M 192 -32.53 -49.04 -0.63
N LYS M 193 -33.55 -49.50 0.09
CA LYS M 193 -34.72 -50.06 -0.57
C LYS M 193 -35.43 -49.01 -1.42
N ILE M 194 -35.48 -47.76 -0.94
CA ILE M 194 -36.13 -46.70 -1.70
C ILE M 194 -35.39 -46.46 -3.01
N VAL M 195 -34.08 -46.20 -2.93
CA VAL M 195 -33.33 -45.90 -4.16
C VAL M 195 -33.34 -47.09 -5.10
N ALA M 196 -33.27 -48.31 -4.57
CA ALA M 196 -33.35 -49.49 -5.41
C ALA M 196 -34.70 -49.57 -6.12
N ALA M 197 -35.78 -49.20 -5.42
CA ALA M 197 -37.09 -49.16 -6.06
C ALA M 197 -37.16 -48.08 -7.13
N VAL M 198 -36.49 -46.95 -6.91
CA VAL M 198 -36.50 -45.87 -7.90
C VAL M 198 -35.80 -46.33 -9.18
N ASP M 199 -34.61 -46.91 -9.04
CA ASP M 199 -33.86 -47.32 -10.23
C ASP M 199 -34.52 -48.51 -10.92
N MET M 200 -35.06 -49.46 -10.14
CA MET M 200 -35.79 -50.57 -10.75
C MET M 200 -37.03 -50.09 -11.48
N PHE M 201 -37.65 -49.02 -10.98
CA PHE M 201 -38.83 -48.46 -11.64
C PHE M 201 -38.44 -47.76 -12.93
N PHE M 202 -37.57 -46.74 -12.84
CA PHE M 202 -37.21 -45.96 -14.03
C PHE M 202 -36.40 -46.75 -15.03
N HIS M 203 -35.85 -47.90 -14.66
CA HIS M 203 -35.20 -48.76 -15.64
C HIS M 203 -36.20 -49.36 -16.61
N MET M 204 -37.48 -49.40 -16.24
CA MET M 204 -38.54 -49.87 -17.12
C MET M 204 -39.20 -48.73 -17.88
N PHE M 205 -39.49 -47.62 -17.20
CA PHE M 205 -40.12 -46.47 -17.83
C PHE M 205 -39.06 -45.40 -18.10
N LYS M 206 -38.22 -45.69 -19.07
CA LYS M 206 -37.14 -44.79 -19.44
C LYS M 206 -37.67 -43.67 -20.34
N LYS M 207 -36.98 -42.54 -20.29
CA LYS M 207 -37.43 -41.30 -20.94
C LYS M 207 -38.84 -40.93 -20.48
N HIS M 208 -39.10 -41.16 -19.20
CA HIS M 208 -40.22 -40.55 -18.49
C HIS M 208 -39.68 -39.30 -17.82
N GLU M 209 -40.52 -38.25 -17.77
CA GLU M 209 -40.03 -36.91 -17.46
C GLU M 209 -39.24 -36.83 -16.16
N CYS M 210 -39.43 -37.77 -15.24
CA CYS M 210 -38.69 -37.78 -13.99
C CYS M 210 -37.57 -38.82 -13.98
N ALA M 211 -37.18 -39.33 -15.15
CA ALA M 211 -36.09 -40.30 -15.21
C ALA M 211 -34.76 -39.69 -14.78
N SER M 212 -34.67 -38.37 -14.72
CA SER M 212 -33.49 -37.73 -14.15
C SER M 212 -33.30 -38.07 -12.69
N PHE M 213 -34.31 -38.64 -12.03
CA PHE M 213 -34.18 -39.03 -10.63
C PHE M 213 -33.22 -40.19 -10.46
N ARG M 214 -33.18 -41.12 -11.43
CA ARG M 214 -32.33 -42.29 -11.30
C ARG M 214 -30.85 -41.95 -11.37
N TYR M 215 -30.50 -40.70 -11.66
CA TYR M 215 -29.15 -40.23 -11.37
C TYR M 215 -28.90 -40.34 -9.87
N GLY M 216 -27.82 -41.02 -9.50
CA GLY M 216 -27.53 -41.29 -8.12
C GLY M 216 -28.05 -42.62 -7.63
N THR M 217 -29.17 -43.09 -8.19
CA THR M 217 -29.68 -44.41 -7.89
C THR M 217 -29.21 -45.46 -8.90
N ILE M 218 -28.47 -45.04 -9.94
CA ILE M 218 -27.95 -45.99 -10.91
C ILE M 218 -26.78 -46.77 -10.33
N VAL M 219 -26.08 -46.21 -9.34
CA VAL M 219 -25.03 -46.95 -8.65
C VAL M 219 -25.60 -48.05 -7.78
N SER M 220 -26.92 -48.12 -7.65
CA SER M 220 -27.57 -49.21 -6.93
C SER M 220 -27.81 -50.43 -7.81
N ARG M 221 -27.92 -50.23 -9.13
CA ARG M 221 -28.10 -51.34 -10.05
C ARG M 221 -26.77 -52.05 -10.25
N PHE M 222 -26.76 -53.37 -10.00
CA PHE M 222 -25.54 -54.17 -10.05
C PHE M 222 -24.48 -53.64 -9.09
N LYS M 223 -24.93 -53.17 -7.93
CA LYS M 223 -24.02 -52.88 -6.84
C LYS M 223 -23.49 -54.17 -6.25
N ASP M 224 -22.18 -54.20 -5.98
CA ASP M 224 -21.49 -55.39 -5.47
C ASP M 224 -21.57 -56.55 -6.46
N CYS M 225 -21.68 -56.24 -7.76
CA CYS M 225 -21.73 -57.24 -8.82
C CYS M 225 -20.77 -56.82 -9.94
N ALA M 226 -19.48 -56.87 -9.65
CA ALA M 226 -18.47 -56.43 -10.61
C ALA M 226 -17.95 -57.55 -11.49
N ALA M 227 -17.87 -58.77 -10.96
CA ALA M 227 -17.25 -59.87 -11.71
C ALA M 227 -18.00 -60.17 -13.00
N LEU M 228 -19.34 -60.21 -12.95
CA LEU M 228 -20.10 -60.46 -14.17
C LEU M 228 -19.97 -59.30 -15.16
N ALA M 229 -19.76 -58.08 -14.66
CA ALA M 229 -19.46 -56.97 -15.56
C ALA M 229 -18.14 -57.16 -16.26
N THR M 230 -17.17 -57.81 -15.60
CA THR M 230 -15.93 -58.18 -16.27
C THR M 230 -16.13 -59.34 -17.23
N PHE M 231 -17.14 -60.19 -16.98
CA PHE M 231 -17.47 -61.23 -17.93
C PHE M 231 -18.04 -60.65 -19.20
N GLY M 232 -18.99 -59.72 -19.07
CA GLY M 232 -19.51 -59.04 -20.25
C GLY M 232 -18.46 -58.20 -20.95
N HIS M 233 -17.58 -57.56 -20.17
CA HIS M 233 -16.50 -56.78 -20.76
C HIS M 233 -15.55 -57.66 -21.54
N LEU M 234 -15.27 -58.86 -21.03
CA LEU M 234 -14.41 -59.79 -21.75
C LEU M 234 -15.10 -60.31 -23.02
N CYS M 235 -16.39 -60.63 -22.92
CA CYS M 235 -17.13 -61.07 -24.09
C CYS M 235 -17.28 -59.97 -25.14
N LYS M 236 -17.14 -58.70 -24.74
CA LYS M 236 -17.19 -57.61 -25.70
C LYS M 236 -15.81 -57.30 -26.29
N ILE M 237 -14.76 -57.33 -25.46
CA ILE M 237 -13.42 -57.03 -25.95
C ILE M 237 -12.91 -58.13 -26.85
N THR M 238 -13.15 -59.39 -26.48
CA THR M 238 -12.67 -60.51 -27.29
C THR M 238 -13.50 -60.66 -28.56
N GLY M 239 -14.80 -60.43 -28.47
CA GLY M 239 -15.69 -60.64 -29.59
C GLY M 239 -16.26 -62.04 -29.71
N MET M 240 -16.08 -62.87 -28.70
CA MET M 240 -16.54 -64.25 -28.70
C MET M 240 -17.86 -64.35 -27.94
N SER M 241 -18.44 -65.56 -27.96
CA SER M 241 -19.69 -65.80 -27.24
C SER M 241 -19.40 -66.09 -25.77
N THR M 242 -20.46 -66.13 -24.97
CA THR M 242 -20.30 -66.41 -23.54
C THR M 242 -19.76 -67.82 -23.31
N GLU M 243 -20.19 -68.77 -24.13
CA GLU M 243 -19.71 -70.14 -23.99
C GLU M 243 -18.26 -70.26 -24.43
N ASP M 244 -17.92 -69.69 -25.59
CA ASP M 244 -16.54 -69.74 -26.07
C ASP M 244 -15.59 -69.09 -25.08
N VAL M 245 -15.97 -67.94 -24.52
CA VAL M 245 -15.17 -67.31 -23.48
C VAL M 245 -15.09 -68.20 -22.25
N THR M 246 -16.20 -68.88 -21.92
CA THR M 246 -16.20 -69.79 -20.77
C THR M 246 -15.17 -70.90 -20.96
N THR M 247 -14.99 -71.37 -22.19
CA THR M 247 -14.05 -72.46 -22.43
C THR M 247 -12.60 -72.03 -22.17
N TRP M 248 -12.31 -70.74 -22.30
CA TRP M 248 -10.94 -70.25 -22.13
C TRP M 248 -10.55 -70.04 -20.68
N ILE M 249 -11.32 -70.58 -19.73
CA ILE M 249 -10.94 -70.57 -18.32
C ILE M 249 -10.04 -71.76 -18.08
N LEU M 250 -8.79 -71.50 -17.68
CA LEU M 250 -7.78 -72.53 -17.53
C LEU M 250 -7.29 -72.65 -16.09
N ASN M 251 -8.02 -72.10 -15.13
CA ASN M 251 -7.64 -72.14 -13.73
C ASN M 251 -8.81 -72.66 -12.91
N ARG M 252 -8.51 -73.58 -11.99
CA ARG M 252 -9.57 -74.22 -11.20
C ARG M 252 -10.34 -73.21 -10.37
N GLU M 253 -9.64 -72.21 -9.82
CA GLU M 253 -10.33 -71.19 -9.02
C GLU M 253 -11.30 -70.39 -9.87
N VAL M 254 -10.85 -69.92 -11.04
CA VAL M 254 -11.72 -69.19 -11.94
C VAL M 254 -12.90 -70.05 -12.39
N ALA M 255 -12.70 -71.37 -12.46
CA ALA M 255 -13.79 -72.27 -12.79
C ALA M 255 -14.81 -72.33 -11.67
N ASP M 256 -14.34 -72.52 -10.43
CA ASP M 256 -15.25 -72.55 -9.29
C ASP M 256 -16.04 -71.26 -9.18
N GLU M 257 -15.37 -70.11 -9.35
CA GLU M 257 -16.06 -68.83 -9.27
C GLU M 257 -17.04 -68.66 -10.44
N MET M 258 -16.67 -69.16 -11.62
CA MET M 258 -17.55 -69.01 -12.77
C MET M 258 -18.81 -69.85 -12.62
N VAL M 259 -18.69 -71.06 -12.07
CA VAL M 259 -19.88 -71.85 -11.77
C VAL M 259 -20.66 -71.19 -10.63
N GLN M 260 -19.97 -70.54 -9.70
CA GLN M 260 -20.67 -69.85 -8.62
C GLN M 260 -21.54 -68.72 -9.14
N MET M 261 -21.04 -67.97 -10.13
CA MET M 261 -21.82 -66.85 -10.67
C MET M 261 -22.99 -67.34 -11.51
N MET M 262 -22.80 -68.39 -12.30
CA MET M 262 -23.80 -68.85 -13.26
C MET M 262 -24.79 -69.83 -12.65
N LEU M 263 -25.33 -69.51 -11.48
CA LEU M 263 -26.39 -70.36 -10.92
C LEU M 263 -27.67 -70.14 -11.72
N PRO M 264 -28.35 -71.22 -12.13
CA PRO M 264 -29.42 -71.09 -13.13
C PRO M 264 -30.71 -70.45 -12.61
N GLY M 265 -30.77 -70.01 -11.37
CA GLY M 265 -32.04 -69.53 -10.85
C GLY M 265 -32.03 -68.13 -10.28
N GLN M 266 -31.16 -67.25 -10.77
CA GLN M 266 -31.02 -65.91 -10.22
C GLN M 266 -31.39 -64.81 -11.21
N GLU M 267 -31.96 -65.15 -12.36
CA GLU M 267 -32.47 -64.17 -13.33
C GLU M 267 -31.38 -63.18 -13.74
N ILE M 268 -30.15 -63.68 -13.91
CA ILE M 268 -29.04 -62.81 -14.28
C ILE M 268 -29.10 -62.35 -15.73
N ASP M 269 -30.05 -62.87 -16.52
CA ASP M 269 -30.22 -62.45 -17.90
C ASP M 269 -31.55 -61.75 -18.14
N LYS M 270 -32.42 -61.67 -17.13
CA LYS M 270 -33.67 -60.95 -17.28
C LYS M 270 -33.42 -59.46 -17.46
N ALA M 271 -34.26 -58.83 -18.28
CA ALA M 271 -34.13 -57.40 -18.54
C ALA M 271 -34.36 -56.59 -17.26
N ASP M 272 -35.59 -56.57 -16.79
CA ASP M 272 -35.97 -55.83 -15.59
C ASP M 272 -36.32 -56.84 -14.49
N SER M 273 -35.42 -56.97 -13.52
CA SER M 273 -35.57 -57.99 -12.48
C SER M 273 -35.11 -57.42 -11.14
N TYR M 274 -35.45 -58.14 -10.07
CA TYR M 274 -35.00 -57.77 -8.73
C TYR M 274 -33.52 -58.06 -8.50
N MET M 275 -32.92 -58.88 -9.37
CA MET M 275 -31.55 -59.33 -9.14
C MET M 275 -30.52 -58.19 -9.06
N PRO M 276 -30.49 -57.23 -9.99
CA PRO M 276 -29.42 -56.20 -9.93
C PRO M 276 -29.39 -55.42 -8.62
N TYR M 277 -30.48 -55.42 -7.85
CA TYR M 277 -30.57 -54.65 -6.61
C TYR M 277 -30.59 -55.58 -5.39
N LEU M 278 -29.94 -56.75 -5.50
CA LEU M 278 -29.98 -57.73 -4.41
C LEU M 278 -29.34 -57.20 -3.13
N ILE M 279 -28.51 -56.17 -3.21
CA ILE M 279 -27.86 -55.63 -2.02
C ILE M 279 -28.78 -54.66 -1.30
N ASP M 280 -29.22 -53.61 -2.01
CA ASP M 280 -30.04 -52.57 -1.38
C ASP M 280 -31.43 -53.06 -1.04
N PHE M 281 -31.99 -53.96 -1.86
CA PHE M 281 -33.29 -54.59 -1.58
C PHE M 281 -33.15 -55.69 -0.55
N GLY M 282 -32.07 -55.66 0.22
CA GLY M 282 -31.82 -56.59 1.30
C GLY M 282 -31.99 -58.04 0.91
N LEU M 283 -31.90 -58.35 -0.38
CA LEU M 283 -32.06 -59.73 -0.84
C LEU M 283 -30.84 -60.57 -0.48
N SER M 284 -29.67 -59.95 -0.34
CA SER M 284 -28.44 -60.68 -0.09
C SER M 284 -27.49 -59.81 0.72
N SER M 285 -26.96 -60.37 1.80
CA SER M 285 -25.94 -59.69 2.60
C SER M 285 -24.54 -59.91 2.07
N LYS M 286 -24.33 -60.93 1.23
CA LYS M 286 -23.05 -61.19 0.59
C LYS M 286 -23.33 -61.55 -0.86
N SER M 287 -22.81 -60.74 -1.79
CA SER M 287 -23.19 -60.92 -3.19
C SER M 287 -22.40 -62.06 -3.82
N PRO M 288 -23.05 -62.88 -4.66
CA PRO M 288 -22.32 -63.96 -5.33
C PRO M 288 -21.40 -63.48 -6.43
N TYR M 289 -21.62 -62.28 -6.97
CA TYR M 289 -20.97 -61.84 -8.20
C TYR M 289 -20.01 -60.68 -7.95
N SER M 290 -19.43 -60.59 -6.77
CA SER M 290 -18.54 -59.50 -6.42
C SER M 290 -17.09 -59.87 -6.68
N SER M 291 -16.26 -58.86 -6.96
CA SER M 291 -14.81 -59.02 -7.06
C SER M 291 -14.15 -59.32 -5.71
N VAL M 292 -14.94 -59.62 -4.68
CA VAL M 292 -14.43 -60.07 -3.40
C VAL M 292 -14.63 -61.57 -3.21
N LYS M 293 -15.72 -62.14 -3.73
CA LYS M 293 -15.95 -63.57 -3.74
C LYS M 293 -15.55 -64.23 -5.05
N ASN M 294 -15.19 -63.45 -6.06
CA ASN M 294 -14.66 -63.95 -7.34
C ASN M 294 -13.44 -63.12 -7.72
N PRO M 295 -12.34 -63.23 -6.95
CA PRO M 295 -11.17 -62.42 -7.25
C PRO M 295 -10.38 -62.92 -8.45
N ALA M 296 -10.26 -64.24 -8.58
CA ALA M 296 -9.48 -64.81 -9.68
C ALA M 296 -10.12 -64.53 -11.02
N PHE M 297 -11.45 -64.66 -11.11
CA PHE M 297 -12.13 -64.34 -12.36
C PHE M 297 -12.03 -62.85 -12.69
N HIS M 298 -12.01 -62.00 -11.66
CA HIS M 298 -11.87 -60.57 -11.89
C HIS M 298 -10.49 -60.24 -12.45
N PHE M 299 -9.44 -60.72 -11.77
CA PHE M 299 -8.07 -60.46 -12.22
C PHE M 299 -7.82 -61.04 -13.60
N TRP M 300 -8.31 -62.26 -13.84
CA TRP M 300 -8.12 -62.91 -15.14
C TRP M 300 -8.86 -62.16 -16.24
N GLY M 301 -10.18 -62.06 -16.11
CA GLY M 301 -11.00 -61.42 -17.13
C GLY M 301 -10.68 -59.95 -17.33
N GLN M 302 -10.01 -59.32 -16.37
CA GLN M 302 -9.62 -57.92 -16.55
C GLN M 302 -8.23 -57.77 -17.15
N LEU M 303 -7.26 -58.57 -16.70
CA LEU M 303 -5.93 -58.53 -17.30
C LEU M 303 -5.98 -58.93 -18.77
N THR M 304 -6.77 -59.97 -19.09
CA THR M 304 -6.92 -60.38 -20.48
C THR M 304 -7.49 -59.25 -21.32
N ALA M 305 -8.43 -58.48 -20.76
CA ALA M 305 -8.98 -57.34 -21.48
C ALA M 305 -7.92 -56.25 -21.68
N LEU M 306 -7.14 -55.97 -20.63
CA LEU M 306 -6.10 -54.95 -20.74
C LEU M 306 -5.08 -55.31 -21.83
N LEU M 307 -4.66 -56.58 -21.87
CA LEU M 307 -3.72 -56.98 -22.91
C LEU M 307 -4.35 -56.89 -24.30
N LEU M 308 -5.68 -56.95 -24.37
CA LEU M 308 -6.42 -56.68 -25.60
C LEU M 308 -6.73 -55.21 -25.79
N ARG M 309 -5.99 -54.33 -25.09
CA ARG M 309 -6.12 -52.88 -25.26
C ARG M 309 -7.49 -52.37 -24.84
N SER M 310 -7.96 -52.85 -23.69
CA SER M 310 -9.15 -52.28 -23.08
C SER M 310 -8.78 -51.02 -22.29
N THR M 311 -9.71 -50.07 -22.25
CA THR M 311 -9.51 -48.85 -21.49
C THR M 311 -10.08 -48.95 -20.07
N ARG M 312 -11.12 -49.75 -19.89
CA ARG M 312 -11.70 -49.96 -18.55
C ARG M 312 -10.75 -50.72 -17.65
N ALA M 313 -9.92 -51.59 -18.23
CA ALA M 313 -9.15 -52.54 -17.41
C ALA M 313 -8.02 -51.87 -16.64
N ARG M 314 -7.36 -50.88 -17.25
CA ARG M 314 -6.15 -50.31 -16.66
C ARG M 314 -6.38 -49.71 -15.28
N ASN M 315 -7.63 -49.46 -14.90
CA ASN M 315 -7.94 -48.89 -13.59
C ASN M 315 -8.60 -49.89 -12.65
N ALA M 316 -8.81 -51.13 -13.08
CA ALA M 316 -9.35 -52.14 -12.20
C ALA M 316 -8.33 -52.53 -11.14
N ARG M 317 -8.83 -52.85 -9.94
CA ARG M 317 -7.96 -53.09 -8.80
C ARG M 317 -7.48 -54.54 -8.76
N GLN M 318 -6.26 -54.72 -8.26
CA GLN M 318 -5.63 -56.02 -8.22
C GLN M 318 -6.03 -56.74 -6.93
N PRO M 319 -6.82 -57.82 -7.00
CA PRO M 319 -7.24 -58.50 -5.77
C PRO M 319 -6.06 -59.11 -5.04
N ASP M 320 -6.27 -59.41 -3.76
CA ASP M 320 -5.25 -59.97 -2.89
C ASP M 320 -5.48 -61.47 -2.70
N ASP M 321 -4.38 -62.18 -2.43
CA ASP M 321 -4.39 -63.61 -2.13
C ASP M 321 -5.06 -64.41 -3.26
N ILE M 322 -4.40 -64.40 -4.41
CA ILE M 322 -4.79 -65.19 -5.57
C ILE M 322 -3.54 -65.74 -6.23
N GLU M 323 -3.75 -66.54 -7.29
CA GLU M 323 -2.66 -67.16 -8.04
C GLU M 323 -2.23 -66.19 -9.15
N TYR M 324 -1.33 -65.27 -8.81
CA TYR M 324 -0.96 -64.23 -9.78
C TYR M 324 -0.26 -64.84 -10.99
N THR M 325 0.72 -65.72 -10.76
CA THR M 325 1.52 -66.25 -11.87
C THR M 325 0.67 -67.04 -12.86
N SER M 326 -0.03 -68.07 -12.36
CA SER M 326 -0.85 -68.90 -13.24
C SER M 326 -1.90 -68.08 -13.97
N LEU M 327 -2.56 -67.17 -13.26
CA LEU M 327 -3.58 -66.34 -13.90
C LEU M 327 -2.99 -65.45 -14.98
N THR M 328 -1.77 -64.94 -14.76
CA THR M 328 -1.12 -64.12 -15.78
C THR M 328 -0.77 -64.94 -17.01
N THR M 329 -0.28 -66.17 -16.83
CA THR M 329 0.02 -67.03 -17.97
C THR M 329 -1.25 -67.35 -18.74
N ALA M 330 -2.33 -67.73 -18.03
CA ALA M 330 -3.59 -68.05 -18.68
C ALA M 330 -4.19 -66.85 -19.39
N GLY M 331 -3.94 -65.64 -18.88
CA GLY M 331 -4.40 -64.45 -19.58
C GLY M 331 -3.53 -64.09 -20.76
N LEU M 332 -2.24 -64.42 -20.70
CA LEU M 332 -1.33 -64.14 -21.81
C LEU M 332 -1.63 -65.06 -22.99
N LEU M 333 -1.88 -66.34 -22.72
CA LEU M 333 -2.23 -67.27 -23.78
C LEU M 333 -3.55 -66.88 -24.44
N TYR M 334 -4.55 -66.52 -23.64
CA TYR M 334 -5.84 -66.09 -24.17
C TYR M 334 -5.69 -64.83 -25.01
N ALA M 335 -5.04 -63.81 -24.45
CA ALA M 335 -4.89 -62.54 -25.14
C ALA M 335 -4.08 -62.69 -26.42
N TYR M 336 -3.08 -63.58 -26.40
CA TYR M 336 -2.25 -63.79 -27.57
C TYR M 336 -3.00 -64.57 -28.65
N ALA M 337 -3.87 -65.50 -28.24
CA ALA M 337 -4.70 -66.20 -29.21
C ALA M 337 -5.70 -65.26 -29.85
N VAL M 338 -6.33 -64.39 -29.06
CA VAL M 338 -7.30 -63.46 -29.63
C VAL M 338 -6.61 -62.40 -30.48
N GLY M 339 -5.40 -62.00 -30.11
CA GLY M 339 -4.69 -60.99 -30.88
C GLY M 339 -4.08 -61.51 -32.16
N SER M 340 -3.65 -62.78 -32.17
CA SER M 340 -3.10 -63.37 -33.39
C SER M 340 -4.21 -63.80 -34.34
N SER M 341 -5.24 -64.47 -33.82
CA SER M 341 -6.35 -64.96 -34.63
C SER M 341 -7.32 -63.81 -34.88
N ALA M 342 -6.93 -62.94 -35.82
CA ALA M 342 -7.83 -61.87 -36.23
C ALA M 342 -9.09 -62.42 -36.88
N ASP M 343 -8.96 -63.55 -37.59
CA ASP M 343 -10.08 -64.24 -38.20
C ASP M 343 -10.86 -63.32 -39.15
N LEU M 344 -10.13 -62.59 -39.99
CA LEU M 344 -10.76 -61.74 -40.98
C LEU M 344 -11.45 -62.61 -42.03
N ALA M 345 -12.68 -62.23 -42.37
CA ALA M 345 -13.47 -62.96 -43.35
C ALA M 345 -14.32 -61.96 -44.13
N GLN M 346 -14.41 -62.18 -45.44
CA GLN M 346 -15.20 -61.29 -46.28
C GLN M 346 -16.68 -61.38 -45.89
N GLN M 347 -17.32 -60.22 -45.78
CA GLN M 347 -18.72 -60.14 -45.37
C GLN M 347 -19.67 -59.82 -46.51
N PHE M 348 -19.23 -59.05 -47.51
CA PHE M 348 -20.06 -58.67 -48.63
C PHE M 348 -19.32 -58.97 -49.93
N CYS M 349 -20.08 -59.23 -50.99
CA CYS M 349 -19.51 -59.52 -52.30
C CYS M 349 -20.28 -58.75 -53.37
N VAL M 350 -19.56 -58.35 -54.43
CA VAL M 350 -20.16 -57.59 -55.52
C VAL M 350 -20.66 -58.53 -56.60
N GLY M 351 -19.76 -58.95 -57.50
CA GLY M 351 -20.14 -59.82 -58.59
C GLY M 351 -20.31 -61.26 -58.17
N ASP M 352 -20.79 -61.46 -56.94
CA ASP M 352 -20.93 -62.78 -56.33
C ASP M 352 -19.63 -63.58 -56.45
N ASN M 353 -18.52 -62.91 -56.19
CA ASN M 353 -17.21 -63.55 -56.10
C ASN M 353 -16.68 -63.35 -54.69
N LYS M 354 -16.33 -64.44 -54.03
CA LYS M 354 -15.82 -64.41 -52.66
C LYS M 354 -14.40 -64.93 -52.65
N TYR M 355 -13.71 -64.66 -51.55
CA TYR M 355 -12.36 -65.18 -51.37
C TYR M 355 -12.40 -66.70 -51.26
N THR M 356 -11.71 -67.37 -52.17
CA THR M 356 -11.61 -68.83 -52.15
C THR M 356 -10.23 -69.23 -51.69
N PRO M 357 -10.09 -69.80 -50.49
CA PRO M 357 -8.75 -70.17 -49.99
C PRO M 357 -8.12 -71.26 -50.84
N ASP M 358 -6.79 -71.29 -50.80
CA ASP M 358 -6.00 -72.24 -51.58
C ASP M 358 -5.53 -73.36 -50.67
N ASP M 359 -6.02 -74.58 -50.93
CA ASP M 359 -5.65 -75.75 -50.15
C ASP M 359 -4.42 -76.46 -50.69
N SER M 360 -3.78 -75.92 -51.73
CA SER M 360 -2.63 -76.57 -52.36
C SER M 360 -1.32 -75.97 -51.85
N THR M 361 -1.17 -76.01 -50.52
CA THR M 361 0.05 -75.58 -49.84
C THR M 361 0.53 -76.73 -48.97
N GLY M 362 1.61 -77.40 -49.40
CA GLY M 362 2.09 -78.58 -48.73
C GLY M 362 3.35 -78.43 -47.90
N GLY M 363 3.78 -77.21 -47.59
CA GLY M 363 4.95 -77.04 -46.75
C GLY M 363 4.66 -77.44 -45.32
N LEU M 364 5.56 -78.22 -44.72
CA LEU M 364 5.39 -78.69 -43.35
C LEU M 364 5.57 -77.50 -42.40
N THR M 365 4.50 -76.72 -42.25
CA THR M 365 4.51 -75.58 -41.35
C THR M 365 4.48 -76.06 -39.90
N THR M 366 5.59 -75.90 -39.20
CA THR M 366 5.70 -76.29 -37.80
C THR M 366 5.73 -75.04 -36.94
N ASN M 367 5.19 -75.17 -35.72
CA ASN M 367 5.14 -74.09 -34.73
C ASN M 367 4.34 -72.89 -35.19
N ALA M 368 3.68 -72.98 -36.34
CA ALA M 368 2.75 -71.94 -36.75
C ALA M 368 1.55 -71.96 -35.81
N PRO M 369 1.23 -70.87 -35.13
CA PRO M 369 0.12 -70.87 -34.17
C PRO M 369 -1.17 -71.31 -34.83
N PRO M 370 -2.13 -71.81 -34.06
CA PRO M 370 -3.40 -72.27 -34.64
C PRO M 370 -4.10 -71.15 -35.40
N GLN M 371 -5.02 -71.57 -36.27
CA GLN M 371 -5.68 -70.65 -37.19
C GLN M 371 -6.91 -69.98 -36.58
N GLY M 372 -7.48 -70.53 -35.52
CA GLY M 372 -8.66 -69.95 -34.91
C GLY M 372 -8.44 -69.58 -33.45
N ARG M 373 -9.51 -69.66 -32.65
CA ARG M 373 -9.45 -69.36 -31.23
C ARG M 373 -9.92 -70.54 -30.39
N ASP M 374 -9.73 -71.75 -30.91
CA ASP M 374 -10.11 -72.95 -30.18
C ASP M 374 -9.14 -73.19 -29.02
N VAL M 375 -9.68 -73.39 -27.82
CA VAL M 375 -8.85 -73.71 -26.66
C VAL M 375 -8.14 -75.03 -26.88
N VAL M 376 -8.80 -75.97 -27.57
CA VAL M 376 -8.26 -77.31 -27.73
C VAL M 376 -6.98 -77.30 -28.55
N GLU M 377 -6.91 -76.45 -29.56
CA GLU M 377 -5.71 -76.37 -30.39
C GLU M 377 -4.63 -75.52 -29.73
N TRP M 378 -5.02 -74.41 -29.10
CA TRP M 378 -4.04 -73.51 -28.49
C TRP M 378 -3.40 -74.14 -27.25
N LEU M 379 -4.09 -75.06 -26.58
CA LEU M 379 -3.46 -75.79 -25.50
C LEU M 379 -2.41 -76.76 -26.01
N GLY M 380 -2.64 -77.35 -27.19
CA GLY M 380 -1.63 -78.21 -27.78
C GLY M 380 -0.43 -77.44 -28.28
N TRP M 381 -0.67 -76.31 -28.96
CA TRP M 381 0.43 -75.44 -29.37
C TRP M 381 1.22 -74.96 -28.17
N PHE M 382 0.52 -74.51 -27.11
CA PHE M 382 1.19 -74.11 -25.89
C PHE M 382 1.92 -75.26 -25.23
N GLU M 383 1.46 -76.49 -25.46
CA GLU M 383 2.19 -77.66 -24.99
C GLU M 383 3.47 -77.88 -25.80
N ASP M 384 3.44 -77.54 -27.09
CA ASP M 384 4.65 -77.63 -27.91
C ASP M 384 5.71 -76.64 -27.46
N GLN M 385 5.30 -75.51 -26.87
CA GLN M 385 6.22 -74.49 -26.39
C GLN M 385 6.75 -74.81 -24.99
N ASN M 386 6.60 -76.04 -24.53
CA ASN M 386 7.03 -76.47 -23.20
C ASN M 386 6.32 -75.67 -22.11
N ARG M 387 5.08 -75.27 -22.36
CA ARG M 387 4.24 -74.55 -21.38
C ARG M 387 4.91 -73.27 -20.88
N LYS M 388 5.81 -72.71 -21.69
CA LYS M 388 6.44 -71.44 -21.40
C LYS M 388 6.06 -70.44 -22.49
N PRO M 389 5.67 -69.21 -22.12
CA PRO M 389 5.29 -68.23 -23.14
C PRO M 389 6.44 -67.96 -24.11
N THR M 390 6.12 -68.01 -25.40
CA THR M 390 7.11 -67.75 -26.42
C THR M 390 7.59 -66.30 -26.34
N PRO M 391 8.80 -66.01 -26.83
CA PRO M 391 9.27 -64.61 -26.82
C PRO M 391 8.39 -63.68 -27.64
N ASP M 392 7.65 -64.20 -28.63
CA ASP M 392 6.69 -63.36 -29.34
C ASP M 392 5.45 -63.11 -28.49
N MET M 393 5.12 -64.04 -27.59
CA MET M 393 4.03 -63.80 -26.66
C MET M 393 4.38 -62.69 -25.67
N MET M 394 5.51 -62.86 -24.97
CA MET M 394 5.95 -61.84 -24.01
C MET M 394 6.19 -60.51 -24.71
N GLN M 395 6.74 -60.54 -25.93
CA GLN M 395 6.90 -59.32 -26.70
C GLN M 395 5.55 -58.68 -27.01
N TYR M 396 4.56 -59.48 -27.37
CA TYR M 396 3.22 -58.98 -27.62
C TYR M 396 2.66 -58.28 -26.37
N ALA M 397 2.78 -58.94 -25.22
CA ALA M 397 2.31 -58.34 -23.98
C ALA M 397 3.03 -57.02 -23.70
N LYS M 398 4.34 -56.97 -23.97
CA LYS M 398 5.08 -55.73 -23.81
C LYS M 398 4.51 -54.63 -24.72
N ARG M 399 4.29 -54.96 -26.00
CA ARG M 399 3.72 -53.98 -26.93
C ARG M 399 2.33 -53.53 -26.50
N ALA M 400 1.60 -54.37 -25.77
CA ALA M 400 0.27 -54.01 -25.30
C ALA M 400 0.28 -53.17 -24.02
N VAL M 401 1.27 -53.36 -23.15
CA VAL M 401 1.31 -52.64 -21.89
C VAL M 401 2.23 -51.43 -21.90
N MET M 402 3.22 -51.39 -22.79
CA MET M 402 4.06 -50.22 -22.89
C MET M 402 3.26 -49.03 -23.41
N SER M 403 3.81 -47.83 -23.22
CA SER M 403 3.18 -46.57 -23.57
C SER M 403 1.88 -46.35 -22.80
N LEU M 404 1.68 -47.05 -21.69
CA LEU M 404 0.61 -46.77 -20.75
C LEU M 404 1.12 -45.77 -19.71
N GLN M 405 0.39 -44.68 -19.53
CA GLN M 405 0.82 -43.61 -18.64
C GLN M 405 -0.28 -43.28 -17.65
N GLY M 406 0.12 -42.93 -16.43
CA GLY M 406 -0.82 -42.58 -15.38
C GLY M 406 -1.55 -43.77 -14.82
N LEU M 407 -0.80 -44.78 -14.37
CA LEU M 407 -1.36 -46.01 -13.84
C LEU M 407 -1.44 -45.91 -12.33
N ARG M 408 -2.66 -45.93 -11.80
CA ARG M 408 -2.86 -45.85 -10.36
C ARG M 408 -2.31 -47.09 -9.67
N GLU M 409 -1.76 -46.90 -8.48
CA GLU M 409 -1.18 -48.01 -7.74
C GLU M 409 -2.26 -49.02 -7.37
N LYS M 410 -1.83 -50.25 -7.10
CA LYS M 410 -2.71 -51.36 -6.73
C LYS M 410 -3.72 -51.70 -7.82
N THR M 411 -3.43 -51.34 -9.07
CA THR M 411 -4.29 -51.68 -10.20
C THR M 411 -3.61 -52.72 -11.09
N ILE M 412 -4.43 -53.35 -11.93
CA ILE M 412 -3.90 -54.34 -12.85
C ILE M 412 -3.17 -53.67 -14.01
N GLY M 413 -3.39 -52.38 -14.22
CA GLY M 413 -2.64 -51.68 -15.25
C GLY M 413 -1.16 -51.57 -14.90
N LYS M 414 -0.87 -51.10 -13.68
CA LYS M 414 0.51 -51.07 -13.22
C LYS M 414 1.08 -52.47 -13.07
N TYR M 415 0.24 -53.45 -12.75
CA TYR M 415 0.73 -54.82 -12.63
C TYR M 415 1.15 -55.37 -14.00
N ALA M 416 0.34 -55.15 -15.03
CA ALA M 416 0.70 -55.62 -16.36
C ALA M 416 1.88 -54.85 -16.92
N LYS M 417 1.93 -53.54 -16.68
CA LYS M 417 3.06 -52.74 -17.15
C LYS M 417 4.37 -53.17 -16.47
N SER M 418 4.34 -53.34 -15.15
CA SER M 418 5.55 -53.71 -14.42
C SER M 418 5.91 -55.18 -14.62
N GLU M 419 4.95 -56.00 -15.05
CA GLU M 419 5.20 -57.42 -15.26
C GLU M 419 5.71 -57.72 -16.66
N PHE M 420 5.21 -56.99 -17.66
CA PHE M 420 5.54 -57.25 -19.06
C PHE M 420 6.52 -56.25 -19.64
N ASP M 421 6.27 -54.95 -19.47
CA ASP M 421 7.16 -53.92 -20.00
C ASP M 421 8.43 -53.90 -19.16
N LYS M 422 9.52 -54.42 -19.74
CA LYS M 422 10.92 -54.26 -19.30
C LYS M 422 11.79 -55.24 -20.08
N GLN N 1 -17.60 -76.63 -44.92
CA GLN N 1 -17.71 -77.82 -44.09
C GLN N 1 -16.45 -78.68 -44.20
N VAL N 2 -15.95 -79.13 -43.06
CA VAL N 2 -14.79 -80.02 -42.99
C VAL N 2 -15.26 -81.46 -43.08
N GLN N 3 -14.65 -82.22 -43.98
CA GLN N 3 -15.09 -83.60 -44.21
C GLN N 3 -13.93 -84.43 -44.73
N LEU N 4 -13.95 -85.72 -44.39
CA LEU N 4 -12.99 -86.69 -44.88
C LEU N 4 -13.74 -87.72 -45.72
N VAL N 5 -13.32 -87.89 -46.96
CA VAL N 5 -14.02 -88.74 -47.92
C VAL N 5 -13.16 -89.97 -48.19
N GLU N 6 -13.71 -91.15 -47.91
CA GLU N 6 -13.01 -92.41 -48.15
C GLU N 6 -13.49 -93.05 -49.45
N THR N 7 -12.54 -93.53 -50.25
CA THR N 7 -12.81 -94.33 -51.43
C THR N 7 -11.83 -95.49 -51.46
N GLY N 8 -12.09 -96.46 -52.33
CA GLY N 8 -11.16 -97.53 -52.58
C GLY N 8 -11.47 -98.86 -51.92
N GLY N 9 -12.61 -98.99 -51.24
CA GLY N 9 -13.01 -100.25 -50.65
C GLY N 9 -13.56 -101.21 -51.68
N GLY N 10 -13.90 -102.41 -51.21
CA GLY N 10 -14.50 -103.41 -52.06
C GLY N 10 -14.38 -104.80 -51.47
N LEU N 11 -14.66 -105.78 -52.32
CA LEU N 11 -14.63 -107.19 -51.97
C LEU N 11 -13.46 -107.85 -52.70
N VAL N 12 -12.60 -108.53 -51.94
CA VAL N 12 -11.43 -109.21 -52.50
C VAL N 12 -11.25 -110.55 -51.81
N GLN N 13 -10.66 -111.49 -52.54
CA GLN N 13 -10.32 -112.78 -51.95
C GLN N 13 -9.20 -112.63 -50.93
N THR N 14 -8.98 -113.69 -50.16
CA THR N 14 -7.95 -113.65 -49.13
C THR N 14 -6.56 -113.61 -49.78
N GLY N 15 -5.71 -112.72 -49.27
CA GLY N 15 -4.40 -112.52 -49.82
C GLY N 15 -4.29 -111.38 -50.83
N GLY N 16 -5.41 -110.80 -51.23
CA GLY N 16 -5.39 -109.70 -52.18
C GLY N 16 -4.89 -108.40 -51.58
N SER N 17 -5.19 -107.29 -52.24
CA SER N 17 -4.72 -105.99 -51.79
C SER N 17 -5.68 -104.91 -52.26
N LEU N 18 -5.88 -103.90 -51.41
CA LEU N 18 -6.70 -102.75 -51.71
C LEU N 18 -5.94 -101.48 -51.34
N ARG N 19 -6.45 -100.34 -51.80
CA ARG N 19 -5.86 -99.04 -51.50
C ARG N 19 -6.99 -98.08 -51.15
N LEU N 20 -7.06 -97.69 -49.87
CA LEU N 20 -8.05 -96.74 -49.41
C LEU N 20 -7.48 -95.32 -49.49
N SER N 21 -8.24 -94.42 -50.11
CA SER N 21 -7.86 -93.02 -50.24
C SER N 21 -8.81 -92.18 -49.41
N CYS N 22 -8.28 -91.15 -48.76
CA CYS N 22 -9.07 -90.26 -47.91
C CYS N 22 -8.75 -88.82 -48.30
N LYS N 23 -9.71 -88.15 -48.91
CA LYS N 23 -9.61 -86.74 -49.27
C LYS N 23 -10.14 -85.91 -48.11
N ALA N 24 -9.24 -85.20 -47.44
CA ALA N 24 -9.60 -84.33 -46.33
C ALA N 24 -9.80 -82.90 -46.85
N SER N 25 -10.83 -82.23 -46.33
CA SER N 25 -11.15 -80.89 -46.80
C SER N 25 -11.88 -80.14 -45.71
N GLY N 26 -12.02 -78.83 -45.93
CA GLY N 26 -12.75 -77.95 -45.04
C GLY N 26 -11.88 -77.08 -44.16
N ARG N 27 -10.68 -77.54 -43.82
CA ARG N 27 -9.77 -76.80 -42.97
C ARG N 27 -8.34 -77.12 -43.39
N THR N 28 -7.38 -76.70 -42.57
CA THR N 28 -5.97 -77.02 -42.77
C THR N 28 -5.58 -78.15 -41.83
N PHE N 29 -4.80 -79.10 -42.35
CA PHE N 29 -4.33 -80.25 -41.59
C PHE N 29 -2.81 -80.27 -41.47
N SER N 30 -2.19 -79.09 -41.43
CA SER N 30 -0.73 -79.03 -41.32
C SER N 30 -0.26 -79.60 -40.00
N ASN N 31 -0.81 -79.13 -38.89
CA ASN N 31 -0.46 -79.58 -37.55
C ASN N 31 -1.50 -80.56 -37.01
N SER N 32 -1.93 -81.50 -37.83
CA SER N 32 -2.96 -82.46 -37.47
C SER N 32 -2.45 -83.88 -37.67
N ILE N 33 -2.95 -84.79 -36.85
CA ILE N 33 -2.63 -86.21 -36.97
C ILE N 33 -3.73 -86.91 -37.73
N MET N 34 -3.37 -87.65 -38.77
CA MET N 34 -4.34 -88.41 -39.55
C MET N 34 -4.27 -89.88 -39.14
N GLY N 35 -5.32 -90.61 -39.45
CA GLY N 35 -5.33 -92.02 -39.09
C GLY N 35 -6.55 -92.72 -39.64
N TRP N 36 -6.57 -94.04 -39.45
CA TRP N 36 -7.67 -94.88 -39.86
C TRP N 36 -8.17 -95.69 -38.68
N PHE N 37 -9.47 -95.94 -38.66
CA PHE N 37 -10.08 -96.89 -37.73
C PHE N 37 -10.91 -97.88 -38.55
N ARG N 38 -11.30 -98.97 -37.93
CA ARG N 38 -12.19 -99.92 -38.60
C ARG N 38 -13.19 -100.47 -37.60
N GLN N 39 -14.41 -100.69 -38.08
CA GLN N 39 -15.50 -101.20 -37.27
C GLN N 39 -15.97 -102.52 -37.86
N ALA N 40 -15.82 -103.60 -37.11
CA ALA N 40 -16.33 -104.89 -37.52
C ALA N 40 -17.85 -104.90 -37.41
N PRO N 41 -18.52 -105.84 -38.10
CA PRO N 41 -19.98 -105.92 -37.98
C PRO N 41 -20.44 -106.20 -36.56
N GLY N 42 -21.03 -105.19 -35.92
CA GLY N 42 -21.55 -105.36 -34.58
C GLY N 42 -20.51 -105.47 -33.49
N LYS N 43 -19.26 -105.09 -33.78
CA LYS N 43 -18.19 -105.10 -32.79
C LYS N 43 -17.59 -103.72 -32.68
N GLU N 44 -16.76 -103.54 -31.65
CA GLU N 44 -16.26 -102.22 -31.32
C GLU N 44 -15.29 -101.70 -32.38
N ARG N 45 -15.44 -100.42 -32.72
CA ARG N 45 -14.53 -99.77 -33.66
C ARG N 45 -13.11 -99.82 -33.11
N ASP N 46 -12.18 -100.37 -33.89
CA ASP N 46 -10.84 -100.63 -33.43
C ASP N 46 -9.82 -99.85 -34.27
N PHE N 47 -8.61 -99.77 -33.74
CA PHE N 47 -7.53 -99.00 -34.33
C PHE N 47 -6.69 -99.86 -35.27
N VAL N 48 -6.20 -99.25 -36.34
CA VAL N 48 -5.37 -99.97 -37.31
C VAL N 48 -4.05 -99.25 -37.53
N ALA N 49 -4.10 -97.94 -37.79
CA ALA N 49 -2.89 -97.20 -38.10
C ALA N 49 -3.16 -95.70 -37.95
N LYS N 50 -2.10 -94.96 -37.63
CA LYS N 50 -2.16 -93.52 -37.60
C LYS N 50 -0.81 -92.97 -38.03
N ILE N 51 -0.84 -91.81 -38.69
CA ILE N 51 0.36 -91.09 -39.09
C ILE N 51 0.26 -89.67 -38.55
N SER N 52 1.34 -89.21 -37.92
CA SER N 52 1.37 -87.89 -37.31
C SER N 52 1.71 -86.85 -38.37
N TRP N 53 1.90 -85.61 -37.93
CA TRP N 53 2.44 -84.55 -38.76
C TRP N 53 3.90 -84.26 -38.47
N ARG N 54 4.46 -84.86 -37.43
CA ARG N 54 5.86 -84.72 -37.06
C ARG N 54 6.64 -85.86 -37.68
N ASN N 55 7.36 -85.58 -38.76
CA ASN N 55 8.23 -86.54 -39.44
C ASN N 55 7.49 -87.79 -39.89
N ASP N 56 6.18 -87.70 -40.07
CA ASP N 56 5.34 -88.81 -40.52
C ASP N 56 5.53 -90.05 -39.64
N TYR N 57 5.32 -89.85 -38.34
CA TYR N 57 5.46 -90.94 -37.38
C TYR N 57 4.24 -91.85 -37.46
N THR N 58 4.49 -93.14 -37.74
CA THR N 58 3.42 -94.11 -37.94
C THR N 58 3.30 -95.02 -36.73
N THR N 59 2.05 -95.31 -36.36
CA THR N 59 1.74 -96.24 -35.28
C THR N 59 0.72 -97.23 -35.81
N TYR N 60 1.06 -98.52 -35.78
CA TYR N 60 0.24 -99.57 -36.35
C TYR N 60 -0.31 -100.48 -35.26
N ALA N 61 -1.50 -101.02 -35.51
CA ALA N 61 -2.03 -102.07 -34.66
C ALA N 61 -1.31 -103.38 -34.94
N ASP N 62 -1.13 -104.18 -33.88
CA ASP N 62 -0.40 -105.44 -34.04
C ASP N 62 -1.09 -106.37 -35.05
N SER N 63 -2.40 -106.23 -35.21
CA SER N 63 -3.13 -107.05 -36.17
C SER N 63 -2.75 -106.74 -37.62
N VAL N 64 -2.25 -105.53 -37.90
CA VAL N 64 -1.96 -105.11 -39.26
C VAL N 64 -0.50 -104.74 -39.46
N LYS N 65 0.33 -104.83 -38.43
CA LYS N 65 1.74 -104.45 -38.56
C LYS N 65 2.45 -105.41 -39.50
N GLY N 66 2.94 -104.89 -40.61
CA GLY N 66 3.58 -105.68 -41.65
C GLY N 66 2.73 -105.86 -42.89
N ARG N 67 1.41 -105.72 -42.78
CA ARG N 67 0.50 -105.87 -43.90
C ARG N 67 -0.04 -104.56 -44.44
N PHE N 68 -0.24 -103.56 -43.57
CA PHE N 68 -0.80 -102.28 -43.97
C PHE N 68 0.29 -101.21 -43.95
N THR N 69 0.10 -100.17 -44.76
CA THR N 69 1.06 -99.07 -44.88
C THR N 69 0.27 -97.77 -45.05
N ILE N 70 0.20 -96.97 -43.99
CA ILE N 70 -0.50 -95.70 -44.02
C ILE N 70 0.47 -94.62 -44.48
N SER N 71 -0.04 -93.69 -45.30
CA SER N 71 0.78 -92.60 -45.80
C SER N 71 -0.08 -91.34 -45.88
N ARG N 72 0.57 -90.22 -46.16
CA ARG N 72 -0.15 -88.96 -46.29
C ARG N 72 0.61 -88.05 -47.26
N ASP N 73 -0.15 -87.14 -47.87
CA ASP N 73 0.39 -86.09 -48.73
C ASP N 73 -0.35 -84.81 -48.36
N ASN N 74 0.38 -83.85 -47.77
CA ASN N 74 -0.23 -82.59 -47.35
C ASN N 74 -0.47 -81.64 -48.51
N ALA N 75 0.39 -81.69 -49.53
CA ALA N 75 0.17 -80.87 -50.71
C ALA N 75 -1.10 -81.28 -51.45
N SER N 76 -1.44 -82.57 -51.42
CA SER N 76 -2.67 -83.07 -52.01
C SER N 76 -3.81 -83.18 -51.00
N ASN N 77 -3.53 -82.92 -49.71
CA ASN N 77 -4.54 -83.02 -48.66
C ASN N 77 -5.22 -84.38 -48.63
N MET N 78 -4.44 -85.44 -48.82
CA MET N 78 -4.98 -86.78 -48.87
C MET N 78 -4.16 -87.70 -47.98
N VAL N 79 -4.82 -88.71 -47.41
CA VAL N 79 -4.17 -89.71 -46.58
C VAL N 79 -4.60 -91.09 -47.07
N TYR N 80 -3.62 -91.97 -47.32
CA TYR N 80 -3.86 -93.27 -47.90
C TYR N 80 -3.59 -94.38 -46.89
N LEU N 81 -4.22 -95.53 -47.15
CA LEU N 81 -3.95 -96.77 -46.44
C LEU N 81 -3.80 -97.89 -47.46
N LEU N 82 -2.60 -98.46 -47.54
CA LEU N 82 -2.29 -99.54 -48.45
C LEU N 82 -2.47 -100.87 -47.74
N MET N 83 -3.37 -101.70 -48.23
CA MET N 83 -3.74 -102.96 -47.59
C MET N 83 -3.24 -104.12 -48.45
N ASN N 84 -2.04 -104.60 -48.15
CA ASN N 84 -1.49 -105.78 -48.78
C ASN N 84 -1.62 -106.98 -47.86
N ASN N 85 -1.70 -108.17 -48.46
CA ASN N 85 -1.84 -109.43 -47.74
C ASN N 85 -3.04 -109.37 -46.79
N LEU N 86 -4.22 -109.42 -47.39
CA LEU N 86 -5.47 -109.28 -46.66
C LEU N 86 -5.94 -110.63 -46.14
N LYS N 87 -6.54 -110.59 -44.95
CA LYS N 87 -7.20 -111.73 -44.33
C LYS N 87 -8.69 -111.45 -44.18
N PRO N 88 -9.52 -112.47 -44.03
CA PRO N 88 -10.92 -112.21 -43.68
C PRO N 88 -11.09 -111.49 -42.36
N GLU N 89 -10.09 -111.56 -41.47
CA GLU N 89 -10.15 -110.82 -40.22
C GLU N 89 -10.21 -109.31 -40.47
N ASP N 90 -9.70 -108.84 -41.61
CA ASP N 90 -9.73 -107.42 -41.95
C ASP N 90 -11.05 -106.97 -42.53
N THR N 91 -12.06 -107.84 -42.57
CA THR N 91 -13.38 -107.45 -43.07
C THR N 91 -14.06 -106.52 -42.08
N ALA N 92 -14.28 -105.28 -42.49
CA ALA N 92 -14.87 -104.26 -41.62
C ALA N 92 -15.22 -103.04 -42.47
N VAL N 93 -15.70 -102.00 -41.79
CA VAL N 93 -15.93 -100.69 -42.40
C VAL N 93 -14.85 -99.76 -41.89
N TYR N 94 -14.04 -99.24 -42.81
CA TYR N 94 -12.90 -98.40 -42.45
C TYR N 94 -13.28 -96.93 -42.53
N TYR N 95 -12.91 -96.17 -41.49
CA TYR N 95 -13.23 -94.76 -41.37
C TYR N 95 -11.93 -93.97 -41.32
N CYS N 96 -11.88 -92.88 -42.08
CA CYS N 96 -10.79 -91.91 -42.00
C CYS N 96 -11.02 -90.98 -40.81
N ALA N 97 -9.94 -90.64 -40.13
CA ALA N 97 -10.03 -89.84 -38.91
C ALA N 97 -8.94 -88.77 -38.89
N ALA N 98 -9.33 -87.56 -38.52
CA ALA N 98 -8.42 -86.42 -38.45
C ALA N 98 -8.47 -85.81 -37.05
N THR N 99 -7.38 -85.14 -36.68
CA THR N 99 -7.19 -84.61 -35.34
C THR N 99 -7.19 -83.08 -35.40
N LYS N 100 -7.74 -82.45 -34.36
CA LYS N 100 -7.65 -81.00 -34.24
C LYS N 100 -6.20 -80.58 -34.08
N ALA N 101 -5.91 -79.34 -34.48
CA ALA N 101 -4.54 -78.86 -34.56
C ALA N 101 -3.81 -79.01 -33.23
N TYR N 102 -2.60 -79.56 -33.28
CA TYR N 102 -1.69 -79.73 -32.15
C TYR N 102 -2.26 -80.62 -31.05
N ASN N 103 -3.40 -81.27 -31.29
CA ASN N 103 -3.94 -82.21 -30.32
C ASN N 103 -3.30 -83.59 -30.53
N GLY N 104 -3.75 -84.56 -29.73
CA GLY N 104 -3.25 -85.90 -29.80
C GLY N 104 -4.19 -86.84 -30.56
N GLY N 105 -3.65 -88.01 -30.86
CA GLY N 105 -4.43 -89.04 -31.53
C GLY N 105 -4.17 -90.40 -30.93
N GLU N 106 -5.10 -90.90 -30.11
CA GLU N 106 -4.92 -92.14 -29.38
C GLU N 106 -5.66 -93.29 -30.06
N THR N 107 -5.22 -94.51 -29.73
CA THR N 107 -5.81 -95.71 -30.33
C THR N 107 -7.27 -95.87 -29.93
N SER N 108 -7.63 -95.47 -28.71
CA SER N 108 -9.00 -95.59 -28.24
C SER N 108 -9.97 -94.70 -29.02
N GLY N 109 -9.46 -93.77 -29.81
CA GLY N 109 -10.29 -92.80 -30.48
C GLY N 109 -10.30 -91.43 -29.83
N ARG N 110 -9.61 -91.27 -28.70
CA ARG N 110 -9.49 -89.96 -28.08
C ARG N 110 -8.85 -88.98 -29.05
N GLY N 111 -9.23 -87.71 -28.93
CA GLY N 111 -8.94 -86.81 -30.03
C GLY N 111 -9.77 -87.25 -31.23
N PHE N 112 -9.16 -87.11 -32.41
CA PHE N 112 -9.82 -87.49 -33.67
C PHE N 112 -11.23 -86.93 -33.74
N TYR N 113 -11.30 -85.59 -33.73
CA TYR N 113 -12.58 -84.90 -33.70
C TYR N 113 -13.36 -85.10 -34.99
N TYR N 114 -12.67 -85.31 -36.10
CA TYR N 114 -13.30 -85.45 -37.40
C TYR N 114 -13.33 -86.92 -37.82
N TRP N 115 -14.38 -87.28 -38.57
CA TRP N 115 -14.55 -88.65 -39.03
C TRP N 115 -15.21 -88.63 -40.41
N GLY N 116 -15.04 -89.74 -41.14
CA GLY N 116 -15.66 -89.91 -42.44
C GLY N 116 -16.81 -90.89 -42.39
N GLN N 117 -17.60 -90.90 -43.47
CA GLN N 117 -18.76 -91.78 -43.54
C GLN N 117 -18.35 -93.24 -43.57
N GLY N 118 -17.19 -93.56 -44.13
CA GLY N 118 -16.66 -94.90 -44.11
C GLY N 118 -16.74 -95.56 -45.48
N THR N 119 -15.88 -96.56 -45.66
CA THR N 119 -15.87 -97.37 -46.87
C THR N 119 -15.77 -98.85 -46.48
N GLN N 120 -16.44 -99.70 -47.25
CA GLN N 120 -16.55 -101.11 -46.93
C GLN N 120 -15.35 -101.89 -47.45
N VAL N 121 -14.83 -102.79 -46.61
CA VAL N 121 -13.78 -103.70 -47.01
C VAL N 121 -14.21 -105.11 -46.60
N THR N 122 -14.39 -105.99 -47.58
CA THR N 122 -14.78 -107.37 -47.35
C THR N 122 -13.77 -108.29 -48.00
N VAL N 123 -13.25 -109.25 -47.24
CA VAL N 123 -12.22 -110.17 -47.69
C VAL N 123 -12.76 -111.59 -47.51
N SER N 124 -13.01 -112.27 -48.63
CA SER N 124 -13.51 -113.63 -48.63
C SER N 124 -12.37 -114.60 -48.90
N SER N 125 -12.71 -115.88 -49.07
CA SER N 125 -11.71 -116.92 -49.30
C SER N 125 -11.77 -117.44 -50.73
N SER O 2 9.96 83.55 -0.14
CA SER O 2 11.21 83.65 0.59
C SER O 2 11.11 84.66 1.73
N VAL O 3 11.45 84.21 2.95
CA VAL O 3 11.44 85.09 4.12
C VAL O 3 12.49 84.57 5.08
N THR O 4 13.04 85.48 5.89
CA THR O 4 14.13 85.15 6.79
C THR O 4 13.60 84.39 8.02
N VAL O 5 14.27 83.31 8.36
CA VAL O 5 13.91 82.48 9.51
C VAL O 5 15.19 82.15 10.28
N LYS O 6 15.19 82.45 11.58
CA LYS O 6 16.37 82.22 12.41
C LYS O 6 16.01 81.44 13.66
N ARG O 7 16.88 80.52 14.04
CA ARG O 7 16.72 79.75 15.26
C ARG O 7 16.77 80.69 16.47
N ILE O 8 15.76 80.59 17.34
CA ILE O 8 15.61 81.57 18.41
C ILE O 8 16.58 81.33 19.56
N ILE O 9 17.15 80.14 19.69
CA ILE O 9 17.97 79.84 20.87
C ILE O 9 19.31 80.57 20.78
N ASP O 10 19.86 80.74 19.57
CA ASP O 10 21.13 81.43 19.42
C ASP O 10 21.16 82.38 18.21
N ASN O 11 20.00 82.80 17.73
CA ASN O 11 19.87 83.74 16.61
C ASN O 11 20.60 83.24 15.36
N THR O 12 20.72 81.92 15.21
CA THR O 12 21.35 81.35 14.02
C THR O 12 20.38 81.39 12.85
N VAL O 13 20.84 81.97 11.73
CA VAL O 13 20.02 82.01 10.52
C VAL O 13 19.91 80.60 9.94
N ILE O 14 18.72 80.23 9.49
CA ILE O 14 18.48 78.95 8.84
C ILE O 14 17.70 79.20 7.56
N VAL O 15 17.99 78.40 6.53
CA VAL O 15 17.35 78.57 5.24
C VAL O 15 16.65 77.26 4.86
N PRO O 16 15.39 77.06 5.25
CA PRO O 16 14.66 75.85 4.85
C PRO O 16 14.39 75.85 3.36
N LYS O 17 14.87 74.81 2.68
CA LYS O 17 14.71 74.68 1.24
C LYS O 17 14.43 73.23 0.90
N LEU O 18 13.81 73.02 -0.26
CA LEU O 18 13.35 71.71 -0.68
C LEU O 18 13.88 71.36 -2.07
N PRO O 19 14.19 70.09 -2.32
CA PRO O 19 14.56 69.67 -3.67
C PRO O 19 13.41 69.92 -4.65
N ALA O 20 13.72 70.57 -5.75
CA ALA O 20 12.72 70.97 -6.72
C ALA O 20 12.64 69.98 -7.87
N ASN O 21 11.45 69.91 -8.47
CA ASN O 21 11.22 69.14 -9.69
C ASN O 21 10.60 70.07 -10.71
N GLU O 22 11.23 70.18 -11.89
CA GLU O 22 10.74 71.09 -12.90
C GLU O 22 9.37 70.67 -13.42
N ASP O 23 9.31 69.49 -14.05
CA ASP O 23 8.11 68.91 -14.63
C ASP O 23 7.26 69.95 -15.36
N PRO O 24 7.80 70.70 -16.31
CA PRO O 24 7.00 71.74 -16.95
C PRO O 24 5.87 71.14 -17.77
N VAL O 25 4.85 71.96 -18.00
CA VAL O 25 3.65 71.55 -18.71
C VAL O 25 3.66 72.20 -20.08
N GLU O 26 3.38 71.41 -21.11
CA GLU O 26 3.38 71.88 -22.49
C GLU O 26 1.95 71.94 -23.01
N TYR O 27 1.56 73.10 -23.56
CA TYR O 27 0.24 73.31 -24.13
C TYR O 27 0.23 72.97 -25.61
N PRO O 28 -0.93 72.57 -26.15
CA PRO O 28 -0.96 72.20 -27.58
C PRO O 28 -0.67 73.37 -28.52
N ALA O 29 -1.20 74.56 -28.24
CA ALA O 29 -0.95 75.71 -29.11
C ALA O 29 0.51 76.12 -29.13
N ASP O 30 1.29 75.76 -28.11
CA ASP O 30 2.72 76.01 -28.12
C ASP O 30 3.46 75.15 -29.14
N TYR O 31 2.79 74.14 -29.70
CA TYR O 31 3.40 73.25 -30.68
C TYR O 31 3.22 73.74 -32.11
N PHE O 32 2.02 74.23 -32.44
CA PHE O 32 1.73 74.61 -33.82
C PHE O 32 2.44 75.90 -34.23
N ARG O 33 2.72 76.79 -33.27
CA ARG O 33 3.48 77.99 -33.62
C ARG O 33 4.91 77.67 -33.99
N LYS O 34 5.41 76.50 -33.60
CA LYS O 34 6.72 76.05 -34.09
C LYS O 34 6.60 75.40 -35.45
N SER O 35 5.79 74.35 -35.56
CA SER O 35 5.58 73.63 -36.81
C SER O 35 4.09 73.65 -37.15
N LYS O 36 3.77 74.11 -38.36
CA LYS O 36 2.38 74.23 -38.80
C LYS O 36 1.82 72.93 -39.37
N GLU O 37 2.44 71.79 -39.08
CA GLU O 37 1.94 70.51 -39.54
C GLU O 37 2.65 69.40 -38.77
N ILE O 38 1.91 68.33 -38.50
CA ILE O 38 2.39 67.19 -37.74
C ILE O 38 2.77 66.06 -38.70
N PRO O 39 3.96 65.48 -38.58
CA PRO O 39 4.38 64.45 -39.53
C PRO O 39 4.04 63.04 -39.09
N LEU O 40 3.81 62.18 -40.10
CA LEU O 40 3.63 60.74 -39.90
C LEU O 40 4.73 60.01 -40.67
N TYR O 41 5.53 59.24 -39.96
CA TYR O 41 6.62 58.47 -40.56
C TYR O 41 6.10 57.08 -40.92
N ILE O 42 5.98 56.81 -42.22
CA ILE O 42 5.43 55.55 -42.72
C ILE O 42 6.35 55.02 -43.81
N ASN O 43 6.21 53.73 -44.10
CA ASN O 43 7.03 53.05 -45.09
C ASN O 43 6.13 52.54 -46.22
N THR O 44 6.22 53.17 -47.39
CA THR O 44 5.37 52.85 -48.53
C THR O 44 6.05 51.96 -49.55
N THR O 45 6.98 51.11 -49.11
CA THR O 45 7.69 50.23 -50.05
C THR O 45 6.85 49.01 -50.39
N LYS O 46 6.57 48.16 -49.41
CA LYS O 46 5.81 46.95 -49.64
C LYS O 46 4.38 47.28 -50.08
N SER O 47 3.80 46.40 -50.88
CA SER O 47 2.43 46.56 -51.35
C SER O 47 1.46 46.17 -50.25
N LEU O 48 0.16 46.32 -50.53
CA LEU O 48 -0.86 46.03 -49.54
C LEU O 48 -1.02 44.53 -49.33
N SER O 49 -1.14 43.77 -50.43
CA SER O 49 -1.37 42.34 -50.32
C SER O 49 -0.18 41.63 -49.69
N ASP O 50 1.02 42.18 -49.85
CA ASP O 50 2.19 41.60 -49.19
C ASP O 50 2.14 41.82 -47.68
N LEU O 51 1.77 43.04 -47.25
CA LEU O 51 1.74 43.35 -45.83
C LEU O 51 0.59 42.64 -45.12
N ARG O 52 -0.53 42.44 -45.83
CA ARG O 52 -1.70 41.80 -45.22
C ARG O 52 -1.36 40.40 -44.70
N GLY O 53 -0.40 39.73 -45.33
CA GLY O 53 0.06 38.45 -44.84
C GLY O 53 1.17 38.57 -43.81
N TYR O 54 2.03 39.58 -43.98
CA TYR O 54 3.05 39.89 -42.98
C TYR O 54 2.43 40.06 -41.60
N VAL O 55 1.34 40.82 -41.53
CA VAL O 55 0.73 41.11 -40.23
C VAL O 55 -0.09 39.94 -39.72
N TYR O 56 -0.64 39.11 -40.61
CA TYR O 56 -1.42 37.96 -40.15
C TYR O 56 -0.49 36.88 -39.60
N GLN O 57 0.47 36.43 -40.41
CA GLN O 57 1.46 35.47 -39.92
C GLN O 57 2.33 36.06 -38.81
N GLY O 58 2.37 37.38 -38.70
CA GLY O 58 3.04 38.02 -37.58
C GLY O 58 2.23 37.95 -36.30
N LEU O 59 0.92 38.15 -36.42
CA LEU O 59 0.05 38.10 -35.25
C LEU O 59 -0.15 36.67 -34.75
N LYS O 60 -0.19 35.70 -35.67
CA LYS O 60 -0.35 34.30 -35.25
C LYS O 60 0.78 33.87 -34.34
N SER O 61 2.00 34.33 -34.62
CA SER O 61 3.16 34.03 -33.80
C SER O 61 3.43 35.19 -32.84
N GLY O 62 4.52 35.06 -32.08
CA GLY O 62 4.89 36.10 -31.14
C GLY O 62 5.88 37.10 -31.70
N ASN O 63 5.88 37.29 -33.02
CA ASN O 63 6.78 38.23 -33.68
C ASN O 63 6.00 39.03 -34.72
N VAL O 64 6.05 40.35 -34.59
CA VAL O 64 5.47 41.25 -35.60
C VAL O 64 6.16 42.59 -35.46
N SER O 65 6.28 43.30 -36.57
CA SER O 65 6.91 44.61 -36.60
C SER O 65 5.85 45.70 -36.58
N ILE O 66 6.00 46.65 -35.66
CA ILE O 66 5.04 47.76 -35.58
C ILE O 66 5.16 48.63 -36.83
N ILE O 67 6.32 48.66 -37.47
CA ILE O 67 6.46 49.37 -38.74
C ILE O 67 5.61 48.69 -39.80
N HIS O 68 5.52 47.36 -39.76
CA HIS O 68 4.63 46.63 -40.68
C HIS O 68 3.18 47.00 -40.45
N VAL O 69 2.76 47.11 -39.19
CA VAL O 69 1.35 47.37 -38.91
C VAL O 69 1.01 48.84 -39.15
N ASN O 70 1.99 49.74 -39.05
CA ASN O 70 1.73 51.14 -39.39
C ASN O 70 1.65 51.30 -40.91
N SER O 71 2.67 50.79 -41.61
CA SER O 71 2.67 50.86 -43.07
C SER O 71 1.47 50.12 -43.67
N TYR O 72 0.93 49.14 -42.95
CA TYR O 72 -0.26 48.44 -43.41
C TYR O 72 -1.52 49.21 -43.07
N LEU O 73 -1.60 49.76 -41.85
CA LEU O 73 -2.77 50.54 -41.47
C LEU O 73 -2.94 51.76 -42.38
N TYR O 74 -1.84 52.30 -42.92
CA TYR O 74 -1.97 53.30 -43.97
C TYR O 74 -2.74 52.72 -45.16
N GLY O 75 -2.34 51.54 -45.63
CA GLY O 75 -2.97 50.98 -46.81
C GLY O 75 -4.43 50.63 -46.61
N ALA O 76 -4.75 50.01 -45.49
CA ALA O 76 -6.13 49.62 -45.23
C ALA O 76 -7.01 50.81 -44.91
N LEU O 77 -6.45 51.83 -44.23
CA LEU O 77 -7.21 53.02 -43.87
C LEU O 77 -7.15 54.11 -44.93
N LYS O 78 -6.46 53.88 -46.04
CA LYS O 78 -6.24 54.95 -47.01
C LYS O 78 -7.53 55.40 -47.68
N ASP O 79 -8.36 54.45 -48.12
CA ASP O 79 -9.44 54.78 -49.04
C ASP O 79 -10.55 55.58 -48.39
N ILE O 80 -10.84 55.32 -47.11
CA ILE O 80 -12.03 55.92 -46.48
C ILE O 80 -11.94 57.43 -46.52
N ARG O 81 -12.98 58.07 -47.07
CA ARG O 81 -13.03 59.51 -47.20
C ARG O 81 -14.44 59.99 -46.91
N GLY O 82 -14.55 61.25 -46.51
CA GLY O 82 -15.83 61.85 -46.22
C GLY O 82 -15.94 63.27 -46.72
N LYS O 83 -17.10 63.64 -47.24
CA LYS O 83 -17.35 64.99 -47.70
C LYS O 83 -17.77 65.84 -46.51
N LEU O 84 -16.99 66.88 -46.21
CA LEU O 84 -17.24 67.70 -45.04
C LEU O 84 -18.61 68.39 -45.14
N ASP O 85 -19.15 68.71 -43.97
CA ASP O 85 -20.40 69.47 -43.89
C ASP O 85 -20.16 70.97 -43.76
N LYS O 86 -18.98 71.36 -43.27
CA LYS O 86 -18.64 72.76 -43.08
C LYS O 86 -17.13 72.84 -42.90
N ASP O 87 -16.61 74.07 -42.98
CA ASP O 87 -15.16 74.29 -42.83
C ASP O 87 -14.65 73.69 -41.53
N TRP O 88 -13.55 72.94 -41.64
CA TRP O 88 -12.91 72.30 -40.50
C TRP O 88 -11.47 72.80 -40.42
N SER O 89 -11.20 73.67 -39.46
CA SER O 89 -9.86 74.18 -39.21
C SER O 89 -9.54 74.05 -37.73
N SER O 90 -8.26 73.97 -37.42
CA SER O 90 -7.82 73.79 -36.04
C SER O 90 -6.39 74.25 -35.90
N PHE O 91 -6.16 75.22 -35.01
CA PHE O 91 -4.82 75.77 -34.74
C PHE O 91 -4.19 76.33 -36.02
N GLY O 92 -5.01 76.96 -36.85
CA GLY O 92 -4.53 77.55 -38.08
C GLY O 92 -4.25 76.58 -39.20
N ILE O 93 -4.85 75.39 -39.17
CA ILE O 93 -4.65 74.37 -40.19
C ILE O 93 -6.00 74.07 -40.80
N ASN O 94 -6.29 74.68 -41.94
CA ASN O 94 -7.54 74.42 -42.67
C ASN O 94 -7.40 73.06 -43.36
N ILE O 95 -7.64 72.01 -42.58
CA ILE O 95 -7.53 70.65 -43.09
C ILE O 95 -8.61 70.36 -44.13
N GLY O 96 -9.70 71.12 -44.13
CA GLY O 96 -10.74 70.97 -45.13
C GLY O 96 -11.45 72.29 -45.30
N LYS O 97 -12.43 72.31 -46.21
CA LYS O 97 -13.15 73.54 -46.50
C LYS O 97 -14.45 73.21 -47.22
N ALA O 98 -15.57 73.42 -46.55
CA ALA O 98 -16.91 73.33 -47.14
C ALA O 98 -17.11 71.92 -47.70
N GLY O 99 -17.62 71.76 -48.92
CA GLY O 99 -17.97 70.44 -49.43
C GLY O 99 -16.82 69.66 -50.04
N ASP O 100 -15.61 69.85 -49.52
CA ASP O 100 -14.47 69.07 -49.98
C ASP O 100 -14.49 67.68 -49.35
N THR O 101 -14.21 66.67 -50.16
CA THR O 101 -14.15 65.29 -49.69
C THR O 101 -12.74 65.00 -49.20
N ILE O 102 -12.54 65.06 -47.90
CA ILE O 102 -11.21 64.88 -47.32
C ILE O 102 -11.05 63.42 -46.90
N GLY O 103 -9.82 63.04 -46.57
CA GLY O 103 -9.53 61.70 -46.13
C GLY O 103 -9.00 61.68 -44.70
N ILE O 104 -8.95 60.47 -44.14
CA ILE O 104 -8.48 60.30 -42.76
C ILE O 104 -7.05 60.80 -42.60
N PHE O 105 -6.23 60.68 -43.63
CA PHE O 105 -4.83 61.07 -43.57
C PHE O 105 -4.58 62.47 -44.13
N ASP O 106 -5.63 63.24 -44.38
CA ASP O 106 -5.45 64.66 -44.64
C ASP O 106 -5.08 65.42 -43.38
N LEU O 107 -5.29 64.83 -42.20
CA LEU O 107 -4.97 65.50 -40.94
C LEU O 107 -3.47 65.67 -40.78
N VAL O 108 -2.71 64.59 -40.95
CA VAL O 108 -1.27 64.62 -40.83
C VAL O 108 -0.64 64.65 -42.21
N SER O 109 0.62 65.08 -42.28
CA SER O 109 1.38 65.06 -43.51
C SER O 109 2.20 63.77 -43.58
N LEU O 110 2.16 63.11 -44.73
CA LEU O 110 2.81 61.81 -44.88
C LEU O 110 4.30 62.00 -45.16
N LYS O 111 5.13 61.40 -44.32
CA LYS O 111 6.58 61.38 -44.48
C LYS O 111 7.05 59.95 -44.67
N ALA O 112 8.35 59.79 -44.89
CA ALA O 112 8.93 58.47 -45.10
C ALA O 112 9.84 58.07 -43.94
N VAL O 121 8.77 36.09 -42.39
CA VAL O 121 7.82 35.18 -43.01
C VAL O 121 6.60 35.96 -43.51
N SER O 122 5.91 35.42 -44.51
CA SER O 122 4.76 36.09 -45.10
C SER O 122 3.69 35.04 -45.42
N ASP O 123 2.53 35.52 -45.88
CA ASP O 123 1.43 34.66 -46.28
C ASP O 123 0.69 35.29 -47.46
N ALA O 124 0.20 34.44 -48.35
CA ALA O 124 -0.69 34.88 -49.42
C ALA O 124 -2.06 34.25 -49.25
N SER O 125 -2.82 34.17 -50.34
CA SER O 125 -4.13 33.53 -50.37
C SER O 125 -5.14 34.23 -49.47
N ARG O 126 -4.73 35.26 -48.75
CA ARG O 126 -5.63 36.02 -47.88
C ARG O 126 -6.19 37.19 -48.70
N THR O 127 -7.49 37.12 -48.99
CA THR O 127 -8.12 38.07 -49.89
C THR O 127 -8.20 39.46 -49.24
N SER O 128 -8.83 40.40 -49.97
CA SER O 128 -8.97 41.75 -49.47
C SER O 128 -10.02 41.88 -48.38
N ALA O 129 -10.89 40.87 -48.24
CA ALA O 129 -11.91 40.91 -47.18
C ALA O 129 -11.29 41.03 -45.80
N ASP O 130 -10.06 40.53 -45.63
CA ASP O 130 -9.38 40.66 -44.33
C ASP O 130 -9.22 42.11 -43.92
N ASP O 131 -9.11 43.02 -44.89
CA ASP O 131 -8.96 44.44 -44.58
C ASP O 131 -10.24 45.09 -44.12
N LYS O 132 -11.33 44.33 -44.00
CA LYS O 132 -12.55 44.89 -43.42
C LYS O 132 -12.43 45.06 -41.92
N TRP O 133 -11.79 44.10 -41.24
CA TRP O 133 -11.74 44.06 -39.79
C TRP O 133 -10.33 44.08 -39.20
N LEU O 134 -9.31 43.70 -39.97
CA LEU O 134 -7.95 43.74 -39.45
C LEU O 134 -7.54 45.12 -38.94
N PRO O 135 -7.88 46.23 -39.61
CA PRO O 135 -7.63 47.54 -38.98
C PRO O 135 -8.35 47.71 -37.65
N LEU O 136 -9.64 47.33 -37.59
CA LEU O 136 -10.37 47.38 -36.33
C LEU O 136 -9.65 46.59 -35.24
N TYR O 137 -9.08 45.44 -35.61
CA TYR O 137 -8.30 44.64 -34.67
C TYR O 137 -7.11 45.43 -34.16
N LEU O 138 -6.20 45.79 -35.08
CA LEU O 138 -4.97 46.48 -34.69
C LEU O 138 -5.24 47.76 -33.92
N LEU O 139 -6.37 48.43 -34.17
CA LEU O 139 -6.72 49.61 -33.39
C LEU O 139 -7.22 49.23 -32.01
N GLY O 140 -8.07 48.20 -31.93
CA GLY O 140 -8.57 47.76 -30.65
C GLY O 140 -7.48 47.27 -29.70
N LEU O 141 -6.40 46.70 -30.26
CA LEU O 141 -5.29 46.29 -29.41
C LEU O 141 -4.61 47.47 -28.73
N TYR O 142 -4.73 48.69 -29.28
CA TYR O 142 -4.18 49.85 -28.57
C TYR O 142 -4.92 50.11 -27.26
N ARG O 143 -6.24 49.93 -27.27
CA ARG O 143 -7.03 50.08 -26.05
C ARG O 143 -6.85 48.90 -25.11
N VAL O 144 -6.82 47.68 -25.65
CA VAL O 144 -6.63 46.50 -24.80
C VAL O 144 -5.24 46.51 -24.17
N GLY O 145 -4.26 47.12 -24.84
CA GLY O 145 -2.90 47.17 -24.33
C GLY O 145 -2.61 48.25 -23.31
N ARG O 146 -3.59 49.09 -22.97
CA ARG O 146 -3.38 50.19 -22.04
C ARG O 146 -3.77 49.86 -20.61
N THR O 147 -4.45 48.74 -20.37
CA THR O 147 -4.98 48.40 -19.06
C THR O 147 -4.23 47.20 -18.51
N GLN O 148 -3.54 47.40 -17.38
CA GLN O 148 -2.77 46.33 -16.75
C GLN O 148 -3.62 45.44 -15.85
N MET O 149 -4.92 45.68 -15.78
CA MET O 149 -5.78 44.81 -15.00
C MET O 149 -6.07 43.53 -15.79
N PRO O 150 -5.80 42.36 -15.23
CA PRO O 150 -5.96 41.12 -16.02
C PRO O 150 -7.40 40.84 -16.40
N GLU O 151 -8.35 41.09 -15.49
CA GLU O 151 -9.76 40.84 -15.79
C GLU O 151 -10.41 41.97 -16.58
N TYR O 152 -9.77 43.13 -16.66
CA TYR O 152 -10.29 44.20 -17.52
C TYR O 152 -9.98 43.93 -18.99
N ARG O 153 -8.90 43.20 -19.27
CA ARG O 153 -8.59 42.81 -20.65
C ARG O 153 -9.62 41.85 -21.22
N LYS O 154 -10.61 41.45 -20.42
CA LYS O 154 -11.80 40.79 -20.94
C LYS O 154 -12.53 41.67 -21.94
N LYS O 155 -12.30 42.99 -21.89
CA LYS O 155 -12.82 43.89 -22.91
C LYS O 155 -12.24 43.58 -24.28
N LEU O 156 -11.14 42.82 -24.35
CA LEU O 156 -10.67 42.31 -25.64
C LEU O 156 -11.76 41.49 -26.33
N MET O 157 -12.59 40.80 -25.56
CA MET O 157 -13.74 40.10 -26.12
C MET O 157 -14.60 41.03 -26.97
N ASP O 158 -14.73 42.30 -26.55
CA ASP O 158 -15.47 43.27 -27.35
C ASP O 158 -14.92 43.32 -28.77
N GLY O 159 -13.60 43.40 -28.90
CA GLY O 159 -12.94 43.29 -30.19
C GLY O 159 -13.49 42.12 -30.95
N LEU O 160 -13.45 40.94 -30.32
CA LEU O 160 -14.05 39.74 -30.92
C LEU O 160 -15.46 40.03 -31.40
N THR O 161 -16.34 40.49 -30.50
CA THR O 161 -17.74 40.68 -30.85
C THR O 161 -17.93 41.81 -31.84
N ASN O 162 -16.92 42.65 -32.06
CA ASN O 162 -17.01 43.70 -33.07
C ASN O 162 -16.36 43.30 -34.39
N GLN O 163 -15.60 42.20 -34.40
CA GLN O 163 -15.15 41.62 -35.66
C GLN O 163 -16.14 40.59 -36.20
N CYS O 164 -16.86 39.90 -35.32
CA CYS O 164 -17.91 38.99 -35.75
C CYS O 164 -19.08 39.73 -36.39
N LYS O 165 -19.14 41.05 -36.26
CA LYS O 165 -20.10 41.83 -37.02
C LYS O 165 -19.67 41.97 -38.48
N MET O 166 -18.37 41.93 -38.73
CA MET O 166 -17.84 42.00 -40.09
C MET O 166 -17.66 40.63 -40.72
N ILE O 167 -17.32 39.62 -39.91
CA ILE O 167 -17.23 38.24 -40.37
C ILE O 167 -17.36 37.31 -39.17
N ASN O 168 -18.34 36.40 -39.22
CA ASN O 168 -18.59 35.51 -38.10
C ASN O 168 -17.39 34.61 -37.82
N GLU O 169 -16.79 34.06 -38.87
CA GLU O 169 -15.66 33.14 -38.72
C GLU O 169 -14.38 33.84 -38.34
N GLN O 170 -14.48 35.01 -37.69
CA GLN O 170 -13.30 35.71 -37.20
C GLN O 170 -12.97 35.20 -35.81
N PHE O 171 -11.74 34.72 -35.64
CA PHE O 171 -11.19 34.41 -34.33
C PHE O 171 -9.99 35.32 -34.08
N GLU O 172 -9.63 35.45 -32.81
CA GLU O 172 -8.49 36.27 -32.44
C GLU O 172 -7.20 35.62 -32.94
N PRO O 173 -6.42 36.29 -33.78
CA PRO O 173 -5.12 35.73 -34.19
C PRO O 173 -3.98 36.24 -33.34
N LEU O 174 -3.95 35.84 -32.07
CA LEU O 174 -2.87 36.23 -31.17
C LEU O 174 -2.87 35.29 -29.99
N VAL O 175 -1.66 34.89 -29.57
CA VAL O 175 -1.47 33.92 -28.50
C VAL O 175 -2.12 34.43 -27.22
N PRO O 176 -3.12 33.71 -26.66
CA PRO O 176 -3.77 34.20 -25.43
C PRO O 176 -2.91 34.07 -24.19
N GLU O 177 -1.60 34.31 -24.34
CA GLU O 177 -0.68 34.38 -23.23
C GLU O 177 0.38 35.44 -23.54
N GLY O 178 0.49 35.80 -24.82
CA GLY O 178 1.38 36.84 -25.23
C GLY O 178 0.70 38.20 -25.34
N ARG O 179 0.19 38.70 -24.21
CA ARG O 179 -0.39 40.05 -24.18
C ARG O 179 0.70 41.13 -24.17
N ASP O 180 1.76 40.93 -24.95
CA ASP O 180 2.88 41.85 -25.03
C ASP O 180 3.17 42.29 -26.46
N ILE O 181 2.57 41.63 -27.45
CA ILE O 181 2.74 42.00 -28.84
C ILE O 181 2.19 43.39 -29.10
N PHE O 182 1.11 43.77 -28.41
CA PHE O 182 0.47 45.05 -28.64
C PHE O 182 0.61 46.04 -27.50
N ASP O 183 1.02 45.59 -26.30
CA ASP O 183 1.37 46.55 -25.26
C ASP O 183 2.62 47.35 -25.64
N VAL O 184 3.46 46.79 -26.50
CA VAL O 184 4.65 47.48 -26.98
C VAL O 184 4.28 48.56 -28.00
N TRP O 185 3.17 48.38 -28.72
CA TRP O 185 2.76 49.33 -29.76
C TRP O 185 2.50 50.73 -29.21
N GLY O 186 2.50 50.92 -27.90
CA GLY O 186 2.13 52.20 -27.33
C GLY O 186 3.20 53.27 -27.47
N ASN O 187 4.47 52.86 -27.50
CA ASN O 187 5.56 53.82 -27.59
C ASN O 187 5.93 54.18 -29.02
N ASP O 188 5.42 53.46 -30.02
CA ASP O 188 5.64 53.83 -31.41
C ASP O 188 4.85 55.10 -31.71
N SER O 189 5.57 56.20 -31.98
CA SER O 189 4.91 57.48 -32.19
C SER O 189 3.93 57.43 -33.36
N ASN O 190 4.32 56.74 -34.44
CA ASN O 190 3.48 56.72 -35.63
C ASN O 190 2.18 55.96 -35.41
N TYR O 191 2.19 54.96 -34.53
CA TYR O 191 0.97 54.22 -34.21
C TYR O 191 -0.04 55.11 -33.52
N THR O 192 0.40 55.86 -32.50
CA THR O 192 -0.48 56.81 -31.83
C THR O 192 -0.94 57.91 -32.78
N LYS O 193 -0.02 58.40 -33.63
CA LYS O 193 -0.39 59.36 -34.66
C LYS O 193 -1.37 58.77 -35.66
N ILE O 194 -1.48 57.45 -35.74
CA ILE O 194 -2.50 56.82 -36.57
C ILE O 194 -3.83 56.78 -35.84
N VAL O 195 -3.86 56.19 -34.64
CA VAL O 195 -5.13 56.02 -33.94
C VAL O 195 -5.78 57.36 -33.64
N ALA O 196 -4.97 58.39 -33.35
CA ALA O 196 -5.54 59.71 -33.09
C ALA O 196 -6.14 60.32 -34.35
N ALA O 197 -5.56 60.02 -35.52
CA ALA O 197 -6.14 60.49 -36.77
C ALA O 197 -7.42 59.73 -37.10
N VAL O 198 -7.46 58.43 -36.80
CA VAL O 198 -8.68 57.65 -37.02
C VAL O 198 -9.82 58.19 -36.16
N ASP O 199 -9.57 58.31 -34.85
CA ASP O 199 -10.61 58.78 -33.94
C ASP O 199 -11.01 60.21 -34.25
N MET O 200 -10.03 61.09 -34.48
CA MET O 200 -10.34 62.47 -34.82
C MET O 200 -11.14 62.57 -36.11
N PHE O 201 -10.88 61.67 -37.06
CA PHE O 201 -11.61 61.67 -38.32
C PHE O 201 -13.04 61.20 -38.11
N PHE O 202 -13.22 60.09 -37.39
CA PHE O 202 -14.56 59.54 -37.19
C PHE O 202 -15.36 60.29 -36.15
N HIS O 203 -14.78 61.26 -35.45
CA HIS O 203 -15.58 62.12 -34.58
C HIS O 203 -16.40 63.11 -35.39
N MET O 204 -15.87 63.57 -36.53
CA MET O 204 -16.63 64.43 -37.42
C MET O 204 -17.62 63.62 -38.26
N PHE O 205 -17.22 62.42 -38.69
CA PHE O 205 -18.06 61.55 -39.50
C PHE O 205 -18.46 60.36 -38.62
N LYS O 206 -19.56 60.54 -37.88
CA LYS O 206 -20.00 59.55 -36.90
C LYS O 206 -20.92 58.49 -37.48
N LYS O 207 -21.68 58.82 -38.53
CA LYS O 207 -22.57 57.86 -39.17
C LYS O 207 -21.88 57.10 -40.30
N HIS O 208 -20.56 57.22 -40.43
CA HIS O 208 -19.83 56.48 -41.44
C HIS O 208 -19.91 54.98 -41.16
N GLU O 209 -19.80 54.19 -42.22
CA GLU O 209 -19.89 52.73 -42.07
C GLU O 209 -18.68 52.16 -41.34
N CYS O 210 -17.56 52.87 -41.32
CA CYS O 210 -16.36 52.41 -40.63
C CYS O 210 -16.15 53.10 -39.29
N ALA O 211 -17.19 53.75 -38.76
CA ALA O 211 -17.08 54.40 -37.45
C ALA O 211 -16.83 53.39 -36.33
N SER O 212 -17.16 52.11 -36.56
CA SER O 212 -16.84 51.08 -35.57
C SER O 212 -15.34 50.99 -35.32
N PHE O 213 -14.53 51.35 -36.32
CA PHE O 213 -13.08 51.42 -36.14
C PHE O 213 -12.71 52.27 -34.93
N ARG O 214 -13.56 53.23 -34.58
CA ARG O 214 -13.28 54.11 -33.46
C ARG O 214 -13.14 53.36 -32.14
N TYR O 215 -13.70 52.16 -32.04
CA TYR O 215 -13.44 51.34 -30.87
C TYR O 215 -11.93 51.07 -30.76
N GLY O 216 -11.39 51.25 -29.56
CA GLY O 216 -9.97 51.18 -29.35
C GLY O 216 -9.29 52.52 -29.50
N THR O 217 -9.73 53.31 -30.49
CA THR O 217 -9.22 54.66 -30.65
C THR O 217 -9.91 55.65 -29.72
N ILE O 218 -11.05 55.27 -29.13
CA ILE O 218 -11.80 56.17 -28.26
C ILE O 218 -11.00 56.52 -27.01
N VAL O 219 -10.04 55.68 -26.62
CA VAL O 219 -9.20 55.99 -25.46
C VAL O 219 -8.10 56.98 -25.81
N SER O 220 -8.04 57.45 -27.06
CA SER O 220 -7.14 58.53 -27.42
C SER O 220 -7.77 59.90 -27.25
N ARG O 221 -9.10 59.96 -27.16
CA ARG O 221 -9.78 61.22 -26.91
C ARG O 221 -9.56 61.65 -25.47
N PHE O 222 -8.98 62.83 -25.28
CA PHE O 222 -8.69 63.39 -23.96
C PHE O 222 -7.87 62.43 -23.10
N LYS O 223 -7.01 61.65 -23.74
CA LYS O 223 -6.04 60.86 -23.01
C LYS O 223 -5.14 61.77 -22.19
N ASP O 224 -4.99 61.45 -20.91
CA ASP O 224 -4.26 62.30 -19.96
C ASP O 224 -4.92 63.67 -19.82
N CYS O 225 -6.25 63.68 -19.78
CA CYS O 225 -7.04 64.89 -19.59
C CYS O 225 -8.19 64.60 -18.62
N ALA O 226 -7.84 64.23 -17.39
CA ALA O 226 -8.83 63.78 -16.41
C ALA O 226 -9.48 64.93 -15.65
N ALA O 227 -8.68 65.85 -15.13
CA ALA O 227 -9.22 66.95 -14.33
C ALA O 227 -10.18 67.80 -15.15
N LEU O 228 -9.87 68.01 -16.44
CA LEU O 228 -10.77 68.71 -17.33
C LEU O 228 -12.11 68.00 -17.45
N ALA O 229 -12.15 66.69 -17.19
CA ALA O 229 -13.39 65.92 -17.22
C ALA O 229 -14.14 65.97 -15.89
N THR O 230 -13.40 65.94 -14.77
CA THR O 230 -14.05 66.11 -13.47
C THR O 230 -14.62 67.51 -13.30
N PHE O 231 -14.08 68.49 -14.04
CA PHE O 231 -14.70 69.82 -14.07
C PHE O 231 -16.13 69.73 -14.59
N GLY O 232 -16.31 69.18 -15.80
CA GLY O 232 -17.64 69.02 -16.34
C GLY O 232 -18.50 68.06 -15.55
N HIS O 233 -17.89 67.05 -14.92
CA HIS O 233 -18.65 66.15 -14.06
C HIS O 233 -19.21 66.90 -12.86
N LEU O 234 -18.42 67.81 -12.28
CA LEU O 234 -18.93 68.63 -11.18
C LEU O 234 -19.99 69.60 -11.66
N CYS O 235 -19.77 70.25 -12.81
CA CYS O 235 -20.74 71.19 -13.36
C CYS O 235 -22.06 70.50 -13.68
N LYS O 236 -22.02 69.20 -13.97
CA LYS O 236 -23.24 68.45 -14.25
C LYS O 236 -23.89 67.89 -13.00
N ILE O 237 -23.09 67.49 -12.01
CA ILE O 237 -23.66 66.93 -10.78
C ILE O 237 -24.30 68.03 -9.93
N THR O 238 -23.57 69.13 -9.72
CA THR O 238 -24.13 70.25 -8.96
C THR O 238 -25.31 70.87 -9.70
N GLY O 239 -25.14 71.14 -10.99
CA GLY O 239 -26.13 71.83 -11.78
C GLY O 239 -25.87 73.31 -11.99
N MET O 240 -24.72 73.81 -11.52
CA MET O 240 -24.38 75.21 -11.66
C MET O 240 -23.60 75.46 -12.95
N SER O 241 -23.45 76.73 -13.29
CA SER O 241 -22.71 77.10 -14.48
C SER O 241 -21.21 76.87 -14.26
N THR O 242 -20.44 77.02 -15.35
CA THR O 242 -18.99 76.88 -15.24
C THR O 242 -18.40 77.98 -14.35
N GLU O 243 -18.94 79.20 -14.45
CA GLU O 243 -18.43 80.30 -13.65
C GLU O 243 -18.81 80.14 -12.17
N ASP O 244 -20.08 79.81 -11.91
CA ASP O 244 -20.53 79.59 -10.53
C ASP O 244 -19.72 78.49 -9.87
N VAL O 245 -19.46 77.40 -10.59
CA VAL O 245 -18.60 76.35 -10.07
C VAL O 245 -17.18 76.86 -9.86
N THR O 246 -16.72 77.73 -10.76
CA THR O 246 -15.37 78.28 -10.64
C THR O 246 -15.22 79.15 -9.40
N THR O 247 -16.31 79.78 -8.94
CA THR O 247 -16.20 80.62 -7.75
C THR O 247 -16.03 79.79 -6.49
N TRP O 248 -16.70 78.64 -6.42
CA TRP O 248 -16.64 77.78 -5.24
C TRP O 248 -15.28 77.13 -5.01
N ILE O 249 -14.24 77.59 -5.70
CA ILE O 249 -12.88 77.13 -5.43
C ILE O 249 -12.36 77.93 -4.24
N LEU O 250 -12.11 77.24 -3.12
CA LEU O 250 -11.70 77.89 -1.88
C LEU O 250 -10.30 77.48 -1.46
N ASN O 251 -9.47 77.10 -2.41
CA ASN O 251 -8.07 76.76 -2.16
C ASN O 251 -7.19 77.42 -3.21
N ARG O 252 -5.99 77.82 -2.80
CA ARG O 252 -5.06 78.44 -3.73
C ARG O 252 -4.50 77.44 -4.73
N GLU O 253 -4.28 76.19 -4.30
CA GLU O 253 -3.77 75.17 -5.21
C GLU O 253 -4.79 74.87 -6.31
N VAL O 254 -6.05 74.63 -5.92
CA VAL O 254 -7.11 74.39 -6.90
C VAL O 254 -7.28 75.58 -7.83
N ALA O 255 -7.03 76.79 -7.33
CA ALA O 255 -7.10 77.97 -8.19
C ALA O 255 -5.95 78.00 -9.20
N ASP O 256 -4.72 77.70 -8.75
CA ASP O 256 -3.59 77.68 -9.66
C ASP O 256 -3.77 76.61 -10.73
N GLU O 257 -4.24 75.42 -10.34
CA GLU O 257 -4.48 74.37 -11.32
C GLU O 257 -5.63 74.75 -12.25
N MET O 258 -6.64 75.44 -11.73
CA MET O 258 -7.78 75.84 -12.54
C MET O 258 -7.37 76.86 -13.61
N VAL O 259 -6.57 77.86 -13.23
CA VAL O 259 -6.04 78.79 -14.21
C VAL O 259 -5.10 78.08 -15.18
N GLN O 260 -4.36 77.09 -14.68
CA GLN O 260 -3.52 76.29 -15.56
C GLN O 260 -4.34 75.59 -16.63
N MET O 261 -5.53 75.11 -16.27
CA MET O 261 -6.37 74.40 -17.24
C MET O 261 -7.05 75.35 -18.22
N MET O 262 -7.41 76.55 -17.78
CA MET O 262 -8.23 77.45 -18.59
C MET O 262 -7.41 78.50 -19.33
N LEU O 263 -6.30 78.10 -19.95
CA LEU O 263 -5.57 79.02 -20.80
C LEU O 263 -6.35 79.23 -22.10
N PRO O 264 -6.42 80.46 -22.61
CA PRO O 264 -7.44 80.79 -23.61
C PRO O 264 -7.04 80.50 -25.05
N GLY O 265 -6.04 79.66 -25.28
CA GLY O 265 -5.61 79.43 -26.65
C GLY O 265 -5.48 77.97 -27.05
N GLN O 266 -6.15 77.08 -26.32
CA GLN O 266 -5.99 75.64 -26.54
C GLN O 266 -7.24 74.97 -27.08
N GLU O 267 -8.29 75.75 -27.38
CA GLU O 267 -9.50 75.24 -28.02
C GLU O 267 -10.12 74.08 -27.25
N ILE O 268 -10.16 74.21 -25.91
CA ILE O 268 -10.79 73.18 -25.10
C ILE O 268 -12.31 73.23 -25.16
N ASP O 269 -12.88 74.24 -25.81
CA ASP O 269 -14.32 74.32 -26.02
C ASP O 269 -14.72 73.99 -27.45
N LYS O 270 -13.76 73.88 -28.37
CA LYS O 270 -14.08 73.53 -29.74
C LYS O 270 -14.54 72.08 -29.84
N ALA O 271 -15.55 71.84 -30.67
CA ALA O 271 -16.10 70.50 -30.80
C ALA O 271 -15.09 69.55 -31.41
N ASP O 272 -14.68 69.81 -32.65
CA ASP O 272 -13.76 68.96 -33.40
C ASP O 272 -12.44 69.71 -33.55
N SER O 273 -11.39 69.23 -32.89
CA SER O 273 -10.08 69.86 -32.98
C SER O 273 -9.01 68.85 -32.59
N TYR O 274 -7.75 69.28 -32.73
CA TYR O 274 -6.61 68.43 -32.41
C TYR O 274 -6.40 68.30 -30.91
N MET O 275 -6.92 69.24 -30.11
CA MET O 275 -6.61 69.32 -28.69
C MET O 275 -6.83 68.01 -27.92
N PRO O 276 -7.97 67.31 -28.07
CA PRO O 276 -8.14 66.05 -27.32
C PRO O 276 -7.05 65.03 -27.57
N TYR O 277 -6.35 65.12 -28.69
CA TYR O 277 -5.32 64.17 -29.07
C TYR O 277 -3.91 64.76 -28.93
N LEU O 278 -3.73 65.68 -27.97
CA LEU O 278 -2.45 66.37 -27.83
C LEU O 278 -1.33 65.43 -27.39
N ILE O 279 -1.65 64.26 -26.85
CA ILE O 279 -0.64 63.34 -26.35
C ILE O 279 -0.22 62.39 -27.46
N ASP O 280 -1.19 61.68 -28.05
CA ASP O 280 -0.88 60.70 -29.08
C ASP O 280 -0.31 61.36 -30.33
N PHE O 281 -0.77 62.57 -30.67
CA PHE O 281 -0.21 63.29 -31.79
C PHE O 281 1.17 63.86 -31.48
N GLY O 282 1.57 63.90 -30.21
CA GLY O 282 2.83 64.51 -29.86
C GLY O 282 2.79 66.01 -29.68
N LEU O 283 1.59 66.59 -29.60
CA LEU O 283 1.46 68.02 -29.37
C LEU O 283 1.94 68.43 -27.99
N SER O 284 2.02 67.49 -27.05
CA SER O 284 2.43 67.79 -25.69
C SER O 284 2.91 66.51 -25.01
N SER O 285 4.10 66.56 -24.43
CA SER O 285 4.64 65.44 -23.66
C SER O 285 4.21 65.48 -22.20
N LYS O 286 3.53 66.54 -21.78
CA LYS O 286 3.02 66.66 -20.41
C LYS O 286 1.77 67.53 -20.47
N SER O 287 0.61 66.94 -20.19
CA SER O 287 -0.65 67.63 -20.44
C SER O 287 -0.99 68.60 -19.32
N PRO O 288 -1.59 69.75 -19.65
CA PRO O 288 -2.04 70.68 -18.60
C PRO O 288 -3.32 70.25 -17.91
N TYR O 289 -4.02 69.23 -18.42
CA TYR O 289 -5.35 68.87 -17.95
C TYR O 289 -5.37 67.49 -17.30
N SER O 290 -4.21 66.98 -16.89
CA SER O 290 -4.10 65.67 -16.29
C SER O 290 -4.36 65.72 -14.79
N SER O 291 -4.69 64.55 -14.23
CA SER O 291 -4.85 64.42 -12.79
C SER O 291 -3.52 64.38 -12.05
N VAL O 292 -2.41 64.23 -12.77
CA VAL O 292 -1.10 64.27 -12.13
C VAL O 292 -0.66 65.72 -11.90
N LYS O 293 -0.96 66.60 -12.84
CA LYS O 293 -0.64 68.02 -12.72
C LYS O 293 -1.78 68.83 -12.13
N ASN O 294 -2.93 68.22 -11.88
CA ASN O 294 -4.06 68.87 -11.21
C ASN O 294 -4.61 67.93 -10.14
N PRO O 295 -3.83 67.63 -9.10
CA PRO O 295 -4.32 66.69 -8.09
C PRO O 295 -5.34 67.28 -7.14
N ALA O 296 -5.13 68.53 -6.72
CA ALA O 296 -6.05 69.15 -5.76
C ALA O 296 -7.42 69.39 -6.38
N PHE O 297 -7.45 69.76 -7.66
CA PHE O 297 -8.73 69.96 -8.34
C PHE O 297 -9.42 68.62 -8.60
N HIS O 298 -8.65 67.61 -8.99
CA HIS O 298 -9.22 66.27 -9.19
C HIS O 298 -9.86 65.75 -7.90
N PHE O 299 -9.09 65.78 -6.81
CA PHE O 299 -9.59 65.32 -5.51
C PHE O 299 -10.78 66.16 -5.04
N TRP O 300 -10.70 67.48 -5.23
CA TRP O 300 -11.75 68.37 -4.75
C TRP O 300 -13.06 68.15 -5.50
N GLY O 301 -13.03 68.27 -6.83
CA GLY O 301 -14.24 68.09 -7.61
C GLY O 301 -14.79 66.68 -7.52
N GLN O 302 -13.90 65.69 -7.46
CA GLN O 302 -14.36 64.30 -7.37
C GLN O 302 -15.02 64.03 -6.01
N LEU O 303 -14.44 64.55 -4.93
CA LEU O 303 -15.04 64.33 -3.61
C LEU O 303 -16.36 65.09 -3.48
N THR O 304 -16.38 66.36 -3.92
CA THR O 304 -17.62 67.12 -3.89
C THR O 304 -18.71 66.43 -4.71
N ALA O 305 -18.35 65.90 -5.87
CA ALA O 305 -19.32 65.17 -6.68
C ALA O 305 -19.79 63.90 -5.97
N LEU O 306 -18.87 63.20 -5.30
CA LEU O 306 -19.25 61.99 -4.57
C LEU O 306 -20.25 62.30 -3.47
N LEU O 307 -20.02 63.37 -2.72
CA LEU O 307 -20.94 63.75 -1.64
C LEU O 307 -22.28 64.23 -2.18
N LEU O 308 -22.39 64.46 -3.49
CA LEU O 308 -23.65 64.83 -4.12
C LEU O 308 -24.22 63.68 -4.96
N ARG O 309 -23.93 62.44 -4.54
CA ARG O 309 -24.51 61.22 -5.12
C ARG O 309 -24.01 60.96 -6.55
N SER O 310 -22.71 61.04 -6.74
CA SER O 310 -22.11 60.62 -8.00
C SER O 310 -21.88 59.13 -7.99
N THR O 311 -22.14 58.49 -9.13
CA THR O 311 -21.95 57.04 -9.26
C THR O 311 -20.56 56.68 -9.75
N ARG O 312 -19.88 57.59 -10.44
CA ARG O 312 -18.54 57.35 -10.96
C ARG O 312 -17.45 57.90 -10.06
N ALA O 313 -17.79 58.68 -9.04
CA ALA O 313 -16.78 59.25 -8.18
C ALA O 313 -16.22 58.24 -7.19
N ARG O 314 -16.91 57.12 -6.98
CA ARG O 314 -16.45 56.13 -6.02
C ARG O 314 -15.08 55.56 -6.40
N ASN O 315 -14.86 55.35 -7.70
CA ASN O 315 -13.67 54.68 -8.18
C ASN O 315 -12.58 55.65 -8.62
N ALA O 316 -12.80 56.95 -8.50
CA ALA O 316 -11.73 57.91 -8.76
C ALA O 316 -10.63 57.74 -7.72
N ARG O 317 -9.38 57.68 -8.18
CA ARG O 317 -8.28 57.38 -7.29
C ARG O 317 -7.81 58.64 -6.56
N GLN O 318 -7.36 58.43 -5.32
CA GLN O 318 -6.99 59.53 -4.44
C GLN O 318 -5.57 59.98 -4.73
N PRO O 319 -5.36 61.23 -5.15
CA PRO O 319 -3.99 61.68 -5.47
C PRO O 319 -3.07 61.69 -4.26
N ASP O 320 -1.79 62.02 -4.49
CA ASP O 320 -0.78 62.00 -3.45
C ASP O 320 -0.24 63.40 -3.21
N ASP O 321 0.16 63.65 -1.96
CA ASP O 321 0.81 64.90 -1.56
C ASP O 321 -0.04 66.12 -1.90
N ILE O 322 -1.21 66.18 -1.27
CA ILE O 322 -2.11 67.32 -1.35
C ILE O 322 -2.66 67.60 0.05
N GLU O 323 -3.46 68.66 0.16
CA GLU O 323 -4.05 69.04 1.44
C GLU O 323 -5.40 68.36 1.58
N TYR O 324 -5.37 67.09 1.98
CA TYR O 324 -6.62 66.35 2.14
C TYR O 324 -7.56 67.03 3.11
N THR O 325 -7.03 67.70 4.14
CA THR O 325 -7.87 68.32 5.14
C THR O 325 -8.62 69.54 4.58
N SER O 326 -7.87 70.50 4.05
CA SER O 326 -8.51 71.71 3.52
C SER O 326 -9.41 71.38 2.34
N LEU O 327 -9.00 70.44 1.49
CA LEU O 327 -9.83 70.06 0.35
C LEU O 327 -11.09 69.33 0.80
N THR O 328 -10.98 68.51 1.84
CA THR O 328 -12.18 67.82 2.36
C THR O 328 -13.15 68.81 2.99
N THR O 329 -12.63 69.79 3.75
CA THR O 329 -13.52 70.79 4.34
C THR O 329 -14.18 71.65 3.26
N ALA O 330 -13.41 72.03 2.24
CA ALA O 330 -13.95 72.82 1.14
C ALA O 330 -15.04 72.05 0.39
N GLY O 331 -14.76 70.80 0.05
CA GLY O 331 -15.77 69.97 -0.59
C GLY O 331 -16.95 69.64 0.29
N LEU O 332 -16.78 69.70 1.61
CA LEU O 332 -17.88 69.50 2.53
C LEU O 332 -18.78 70.72 2.57
N LEU O 333 -18.19 71.92 2.57
CA LEU O 333 -18.99 73.14 2.53
C LEU O 333 -19.71 73.29 1.20
N TYR O 334 -19.01 73.02 0.09
CA TYR O 334 -19.64 73.06 -1.22
C TYR O 334 -20.76 72.03 -1.33
N ALA O 335 -20.46 70.78 -0.94
CA ALA O 335 -21.44 69.71 -1.05
C ALA O 335 -22.65 69.96 -0.16
N TYR O 336 -22.44 70.52 1.03
CA TYR O 336 -23.57 70.83 1.89
C TYR O 336 -24.35 72.03 1.38
N ALA O 337 -23.68 72.97 0.71
CA ALA O 337 -24.39 74.10 0.11
C ALA O 337 -25.29 73.65 -1.03
N VAL O 338 -24.79 72.76 -1.89
CA VAL O 338 -25.61 72.27 -2.99
C VAL O 338 -26.67 71.29 -2.50
N GLY O 339 -26.39 70.58 -1.42
CA GLY O 339 -27.33 69.64 -0.84
C GLY O 339 -28.51 70.30 -0.17
N SER O 340 -28.21 71.30 0.68
CA SER O 340 -29.27 72.03 1.38
C SER O 340 -30.12 72.83 0.41
N SER O 341 -29.50 73.73 -0.34
CA SER O 341 -30.22 74.61 -1.27
C SER O 341 -30.61 73.81 -2.50
N ALA O 342 -31.83 73.28 -2.52
CA ALA O 342 -32.33 72.60 -3.71
C ALA O 342 -32.79 73.58 -4.77
N ASP O 343 -33.17 74.80 -4.36
CA ASP O 343 -33.61 75.85 -5.28
C ASP O 343 -34.78 75.39 -6.15
N LEU O 344 -35.78 74.83 -5.51
CA LEU O 344 -36.99 74.43 -6.22
C LEU O 344 -37.77 75.68 -6.64
N ALA O 345 -38.14 75.74 -7.92
CA ALA O 345 -38.86 76.87 -8.48
C ALA O 345 -39.85 76.38 -9.52
N GLN O 346 -41.07 76.91 -9.45
CA GLN O 346 -42.10 76.53 -10.41
C GLN O 346 -41.66 76.88 -11.83
N GLN O 347 -42.05 76.02 -12.77
CA GLN O 347 -41.65 76.18 -14.16
C GLN O 347 -42.84 76.43 -15.09
N PHE O 348 -43.90 75.64 -14.97
CA PHE O 348 -45.09 75.81 -15.77
C PHE O 348 -46.28 76.13 -14.86
N CYS O 349 -47.22 76.90 -15.38
CA CYS O 349 -48.41 77.30 -14.63
C CYS O 349 -49.63 77.19 -15.52
N VAL O 350 -50.76 76.83 -14.92
CA VAL O 350 -52.00 76.61 -15.65
C VAL O 350 -52.83 77.89 -15.70
N GLY O 351 -53.47 78.23 -14.59
CA GLY O 351 -54.36 79.39 -14.57
C GLY O 351 -53.62 80.70 -14.50
N ASP O 352 -52.42 80.73 -15.10
CA ASP O 352 -51.49 81.86 -14.98
C ASP O 352 -51.35 82.29 -13.52
N ASN O 353 -51.29 81.30 -12.64
CA ASN O 353 -51.03 81.51 -11.22
C ASN O 353 -49.70 80.86 -10.87
N LYS O 354 -48.73 81.68 -10.48
CA LYS O 354 -47.45 81.17 -10.03
C LYS O 354 -47.39 81.22 -8.51
N TYR O 355 -46.40 80.53 -7.96
CA TYR O 355 -46.16 80.62 -6.53
C TYR O 355 -45.70 82.03 -6.17
N THR O 356 -46.37 82.64 -5.20
CA THR O 356 -46.03 83.98 -4.74
C THR O 356 -45.47 83.89 -3.33
N PRO O 357 -44.18 84.15 -3.12
CA PRO O 357 -43.61 84.02 -1.77
C PRO O 357 -44.17 85.06 -0.81
N ASP O 358 -44.17 84.70 0.46
CA ASP O 358 -44.73 85.54 1.52
C ASP O 358 -43.60 86.32 2.18
N ASP O 359 -43.56 87.62 1.94
CA ASP O 359 -42.57 88.50 2.56
C ASP O 359 -42.98 89.00 3.93
N SER O 360 -44.20 88.68 4.38
CA SER O 360 -44.72 89.12 5.67
C SER O 360 -44.26 88.25 6.84
N THR O 361 -43.11 87.60 6.72
CA THR O 361 -42.53 86.81 7.81
C THR O 361 -41.51 87.66 8.54
N GLY O 362 -41.77 87.94 9.82
CA GLY O 362 -40.90 88.82 10.58
C GLY O 362 -40.42 88.24 11.89
N GLY O 363 -40.66 86.94 12.10
CA GLY O 363 -40.19 86.27 13.30
C GLY O 363 -38.68 86.17 13.40
N LEU O 364 -37.96 86.51 12.32
CA LEU O 364 -36.52 86.46 12.24
C LEU O 364 -36.04 85.05 12.55
N THR O 365 -35.92 84.23 11.50
CA THR O 365 -35.33 82.90 11.64
C THR O 365 -33.88 82.97 11.14
N THR O 366 -33.07 83.65 11.93
CA THR O 366 -31.66 83.83 11.59
C THR O 366 -30.87 82.61 12.05
N ASN O 367 -29.54 82.70 11.94
CA ASN O 367 -28.63 81.61 12.26
C ASN O 367 -28.92 80.35 11.45
N ALA O 368 -29.68 80.49 10.34
CA ALA O 368 -30.13 79.51 9.37
C ALA O 368 -29.29 79.58 8.11
N PRO O 369 -29.08 78.46 7.42
CA PRO O 369 -28.26 78.46 6.21
C PRO O 369 -28.82 79.39 5.15
N PRO O 370 -27.98 79.87 4.24
CA PRO O 370 -28.47 80.75 3.17
C PRO O 370 -29.50 80.06 2.29
N GLN O 371 -30.17 80.87 1.46
CA GLN O 371 -31.29 80.41 0.64
C GLN O 371 -30.88 79.99 -0.76
N GLY O 372 -29.73 80.46 -1.25
CA GLY O 372 -29.24 80.06 -2.56
C GLY O 372 -27.95 79.29 -2.47
N ARG O 373 -27.07 79.48 -3.47
CA ARG O 373 -25.78 78.80 -3.50
C ARG O 373 -24.65 79.81 -3.66
N ASP O 374 -24.86 81.04 -3.21
CA ASP O 374 -23.85 82.09 -3.33
C ASP O 374 -22.67 81.78 -2.41
N VAL O 375 -21.45 81.91 -2.95
CA VAL O 375 -20.26 81.64 -2.16
C VAL O 375 -20.07 82.71 -1.09
N VAL O 376 -20.41 83.95 -1.41
CA VAL O 376 -20.21 85.06 -0.49
C VAL O 376 -21.01 84.85 0.79
N GLU O 377 -22.21 84.26 0.67
CA GLU O 377 -23.07 84.08 1.83
C GLU O 377 -22.70 82.82 2.61
N TRP O 378 -22.35 81.73 1.90
CA TRP O 378 -22.01 80.49 2.59
C TRP O 378 -20.66 80.60 3.30
N LEU O 379 -19.75 81.41 2.78
CA LEU O 379 -18.51 81.66 3.49
C LEU O 379 -18.76 82.43 4.79
N GLY O 380 -19.75 83.33 4.80
CA GLY O 380 -20.08 84.07 6.01
C GLY O 380 -20.82 83.22 7.02
N TRP O 381 -21.78 82.42 6.55
CA TRP O 381 -22.43 81.44 7.43
C TRP O 381 -21.39 80.52 8.05
N PHE O 382 -20.47 80.01 7.23
CA PHE O 382 -19.39 79.17 7.74
C PHE O 382 -18.51 79.93 8.72
N GLU O 383 -18.35 81.25 8.51
CA GLU O 383 -17.60 82.06 9.47
C GLU O 383 -18.32 82.12 10.82
N ASP O 384 -19.63 82.37 10.79
CA ASP O 384 -20.41 82.39 12.03
C ASP O 384 -20.43 81.03 12.70
N GLN O 385 -20.24 79.95 11.94
CA GLN O 385 -20.11 78.62 12.51
C GLN O 385 -18.68 78.31 12.95
N ASN O 386 -17.84 79.34 13.10
CA ASN O 386 -16.46 79.19 13.56
C ASN O 386 -15.66 78.24 12.66
N ARG O 387 -15.89 78.35 11.35
CA ARG O 387 -15.16 77.60 10.32
C ARG O 387 -15.05 76.10 10.64
N LYS O 388 -15.93 75.59 11.49
CA LYS O 388 -15.96 74.20 11.88
C LYS O 388 -17.26 73.57 11.39
N PRO O 389 -17.20 72.39 10.78
CA PRO O 389 -18.43 71.79 10.22
C PRO O 389 -19.46 71.48 11.30
N THR O 390 -20.67 72.03 11.12
CA THR O 390 -21.75 71.77 12.04
C THR O 390 -22.16 70.30 11.96
N PRO O 391 -22.72 69.75 13.06
CA PRO O 391 -23.12 68.33 13.05
C PRO O 391 -24.07 67.96 11.93
N ASP O 392 -24.85 68.91 11.40
CA ASP O 392 -25.72 68.60 10.28
C ASP O 392 -24.92 68.47 8.98
N MET O 393 -23.76 69.12 8.90
CA MET O 393 -22.88 68.94 7.75
C MET O 393 -22.19 67.58 7.82
N MET O 394 -21.47 67.33 8.91
CA MET O 394 -20.80 66.04 9.10
C MET O 394 -21.77 64.88 9.20
N GLN O 395 -23.06 65.16 9.36
CA GLN O 395 -24.10 64.13 9.26
C GLN O 395 -24.60 64.00 7.82
N TYR O 396 -24.71 65.13 7.11
CA TYR O 396 -25.08 65.08 5.70
C TYR O 396 -24.06 64.28 4.89
N ALA O 397 -22.77 64.39 5.24
CA ALA O 397 -21.77 63.60 4.55
C ALA O 397 -21.88 62.12 4.92
N LYS O 398 -22.19 61.83 6.18
CA LYS O 398 -22.35 60.44 6.61
C LYS O 398 -23.50 59.77 5.86
N ARG O 399 -24.65 60.45 5.77
CA ARG O 399 -25.79 59.88 5.07
C ARG O 399 -25.51 59.61 3.60
N ALA O 400 -24.48 60.24 3.03
CA ALA O 400 -24.12 60.05 1.64
C ALA O 400 -23.06 58.99 1.44
N VAL O 401 -22.02 58.95 2.29
CA VAL O 401 -20.95 57.98 2.09
C VAL O 401 -21.27 56.63 2.71
N MET O 402 -22.22 56.57 3.65
CA MET O 402 -22.68 55.28 4.13
C MET O 402 -23.50 54.59 3.05
N SER O 403 -23.71 53.29 3.23
CA SER O 403 -24.36 52.44 2.22
C SER O 403 -23.58 52.45 0.91
N LEU O 404 -22.29 52.71 0.98
CA LEU O 404 -21.37 52.55 -0.16
C LEU O 404 -20.58 51.27 0.05
N GLN O 405 -20.76 50.31 -0.85
CA GLN O 405 -20.16 49.00 -0.72
C GLN O 405 -19.34 48.68 -1.97
N GLY O 406 -18.38 47.78 -1.79
CA GLY O 406 -17.50 47.38 -2.88
C GLY O 406 -16.53 48.47 -3.27
N LEU O 407 -15.87 49.06 -2.28
CA LEU O 407 -14.98 50.20 -2.50
C LEU O 407 -13.56 49.72 -2.73
N ARG O 408 -12.90 50.28 -3.74
CA ARG O 408 -11.52 49.93 -4.06
C ARG O 408 -10.56 50.76 -3.23
N GLU O 409 -9.41 50.16 -2.92
CA GLU O 409 -8.39 50.86 -2.16
C GLU O 409 -7.84 52.05 -2.95
N LYS O 410 -7.30 53.02 -2.23
CA LYS O 410 -6.68 54.21 -2.80
C LYS O 410 -7.65 55.05 -3.64
N THR O 411 -8.95 54.87 -3.44
CA THR O 411 -9.97 55.65 -4.13
C THR O 411 -10.60 56.64 -3.17
N ILE O 412 -11.06 57.76 -3.73
CA ILE O 412 -11.72 58.78 -2.91
C ILE O 412 -13.05 58.28 -2.35
N GLY O 413 -13.62 57.22 -2.94
CA GLY O 413 -14.83 56.64 -2.39
C GLY O 413 -14.58 56.01 -1.03
N LYS O 414 -13.57 55.13 -0.95
CA LYS O 414 -13.18 54.57 0.34
C LYS O 414 -12.62 55.64 1.27
N TYR O 415 -12.09 56.74 0.71
CA TYR O 415 -11.61 57.82 1.56
C TYR O 415 -12.78 58.55 2.23
N ALA O 416 -13.84 58.84 1.48
CA ALA O 416 -15.00 59.50 2.06
C ALA O 416 -15.76 58.58 3.00
N LYS O 417 -15.89 57.30 2.64
CA LYS O 417 -16.48 56.32 3.55
C LYS O 417 -15.66 56.21 4.82
N SER O 418 -14.33 56.25 4.71
CA SER O 418 -13.47 56.16 5.87
C SER O 418 -13.46 57.45 6.68
N GLU O 419 -13.86 58.57 6.08
CA GLU O 419 -13.81 59.86 6.75
C GLU O 419 -15.12 60.22 7.45
N PHE O 420 -16.27 59.98 6.81
CA PHE O 420 -17.54 60.46 7.31
C PHE O 420 -18.45 59.36 7.86
N ASP O 421 -18.04 58.10 7.81
CA ASP O 421 -18.87 57.00 8.30
C ASP O 421 -18.29 56.49 9.62
N LYS O 422 -18.54 57.24 10.69
CA LYS O 422 -18.17 56.85 12.05
C LYS O 422 -18.78 57.82 13.06
N GLN P 1 -36.77 91.14 -9.19
CA GLN P 1 -35.54 91.89 -8.93
C GLN P 1 -35.53 92.48 -7.53
N VAL P 2 -34.37 92.44 -6.89
CA VAL P 2 -34.20 92.95 -5.53
C VAL P 2 -33.86 94.43 -5.58
N GLN P 3 -34.60 95.24 -4.82
CA GLN P 3 -34.41 96.68 -4.84
C GLN P 3 -34.75 97.28 -3.49
N LEU P 4 -34.22 98.47 -3.26
CA LEU P 4 -34.47 99.26 -2.06
C LEU P 4 -34.94 100.64 -2.50
N VAL P 5 -36.10 101.07 -2.03
CA VAL P 5 -36.71 102.33 -2.46
C VAL P 5 -36.77 103.28 -1.27
N GLU P 6 -36.24 104.48 -1.45
CA GLU P 6 -36.21 105.49 -0.40
C GLU P 6 -37.33 106.51 -0.59
N THR P 7 -37.86 106.99 0.53
CA THR P 7 -38.88 108.03 0.55
C THR P 7 -38.64 108.95 1.74
N GLY P 8 -39.23 110.15 1.67
CA GLY P 8 -39.29 111.04 2.81
C GLY P 8 -38.23 112.11 2.89
N GLY P 9 -37.60 112.49 1.78
CA GLY P 9 -36.60 113.54 1.79
C GLY P 9 -37.17 114.88 1.31
N GLY P 10 -36.37 115.92 1.48
CA GLY P 10 -36.78 117.23 1.02
C GLY P 10 -35.92 118.33 1.65
N LEU P 11 -36.46 119.54 1.60
CA LEU P 11 -35.80 120.74 2.10
C LEU P 11 -36.36 121.11 3.46
N VAL P 12 -35.48 121.42 4.41
CA VAL P 12 -35.86 121.80 5.76
C VAL P 12 -34.94 122.92 6.24
N GLN P 13 -35.34 123.57 7.33
CA GLN P 13 -34.55 124.60 7.96
C GLN P 13 -33.67 123.98 9.05
N THR P 14 -32.57 124.67 9.36
CA THR P 14 -31.61 124.15 10.33
C THR P 14 -32.28 123.95 11.68
N GLY P 15 -32.02 122.81 12.31
CA GLY P 15 -32.74 122.39 13.49
C GLY P 15 -33.98 121.58 13.20
N GLY P 16 -34.41 121.51 11.95
CA GLY P 16 -35.56 120.71 11.57
C GLY P 16 -35.26 119.23 11.66
N SER P 17 -36.19 118.45 11.10
CA SER P 17 -36.09 117.00 11.19
C SER P 17 -36.80 116.35 10.02
N LEU P 18 -36.26 115.23 9.57
CA LEU P 18 -36.85 114.41 8.53
C LEU P 18 -36.82 112.95 8.98
N ARG P 19 -37.39 112.08 8.16
CA ARG P 19 -37.36 110.64 8.43
C ARG P 19 -37.40 109.92 7.08
N LEU P 20 -36.28 109.33 6.69
CA LEU P 20 -36.19 108.61 5.43
C LEU P 20 -36.60 107.16 5.65
N SER P 21 -37.33 106.61 4.70
CA SER P 21 -37.79 105.22 4.77
C SER P 21 -37.22 104.45 3.59
N CYS P 22 -36.85 103.20 3.85
CA CYS P 22 -36.27 102.31 2.84
C CYS P 22 -37.08 101.02 2.77
N LYS P 23 -37.82 100.86 1.69
CA LYS P 23 -38.58 99.63 1.43
C LYS P 23 -37.65 98.65 0.72
N ALA P 24 -37.34 97.55 1.40
CA ALA P 24 -36.39 96.55 0.91
C ALA P 24 -37.17 95.32 0.46
N SER P 25 -37.16 95.05 -0.85
CA SER P 25 -37.88 93.91 -1.38
C SER P 25 -37.01 93.18 -2.39
N GLY P 26 -37.45 91.97 -2.75
CA GLY P 26 -36.78 91.16 -3.74
C GLY P 26 -36.15 89.90 -3.20
N ARG P 27 -35.87 89.84 -1.91
CA ARG P 27 -35.22 88.68 -1.31
C ARG P 27 -35.44 88.74 0.20
N THR P 28 -34.72 87.89 0.94
CA THR P 28 -34.76 87.88 2.39
C THR P 28 -33.58 88.68 2.94
N PHE P 29 -33.85 89.53 3.93
CA PHE P 29 -32.83 90.33 4.58
C PHE P 29 -32.69 89.96 6.06
N SER P 30 -33.04 88.72 6.41
CA SER P 30 -32.99 88.29 7.81
C SER P 30 -31.57 88.33 8.35
N ASN P 31 -30.61 87.82 7.57
CA ASN P 31 -29.20 87.84 7.97
C ASN P 31 -28.42 88.91 7.23
N SER P 32 -29.05 90.04 6.93
CA SER P 32 -28.44 91.13 6.19
C SER P 32 -28.15 92.31 7.12
N ILE P 33 -27.17 93.11 6.74
CA ILE P 33 -26.84 94.35 7.45
C ILE P 33 -27.36 95.50 6.59
N MET P 34 -28.36 96.22 7.11
CA MET P 34 -28.95 97.33 6.38
C MET P 34 -28.28 98.63 6.82
N GLY P 35 -27.93 99.49 5.87
CA GLY P 35 -27.20 100.69 6.20
C GLY P 35 -27.67 101.87 5.36
N TRP P 36 -27.28 103.06 5.83
CA TRP P 36 -27.52 104.30 5.12
C TRP P 36 -26.19 104.95 4.77
N PHE P 37 -26.11 105.51 3.57
CA PHE P 37 -24.96 106.30 3.14
C PHE P 37 -25.45 107.63 2.61
N ARG P 38 -24.53 108.56 2.39
CA ARG P 38 -24.90 109.83 1.80
C ARG P 38 -23.73 110.36 0.97
N GLN P 39 -24.06 111.26 0.05
CA GLN P 39 -23.07 111.86 -0.84
C GLN P 39 -23.59 113.21 -1.29
N ALA P 40 -22.85 114.26 -0.97
CA ALA P 40 -23.21 115.56 -1.50
C ALA P 40 -22.57 115.76 -2.87
N PRO P 41 -23.31 116.33 -3.82
CA PRO P 41 -22.75 116.54 -5.17
C PRO P 41 -21.45 117.33 -5.12
N GLY P 42 -20.39 116.74 -5.66
CA GLY P 42 -19.07 117.31 -5.60
C GLY P 42 -18.18 116.76 -4.49
N LYS P 43 -18.70 115.85 -3.68
CA LYS P 43 -17.94 115.26 -2.59
C LYS P 43 -18.02 113.74 -2.64
N GLU P 44 -17.05 113.10 -2.02
CA GLU P 44 -17.03 111.64 -1.97
C GLU P 44 -18.16 111.13 -1.08
N ARG P 45 -18.59 109.90 -1.35
CA ARG P 45 -19.66 109.30 -0.57
C ARG P 45 -19.19 109.02 0.84
N ASP P 46 -20.08 109.23 1.81
CA ASP P 46 -19.75 109.07 3.22
C ASP P 46 -20.81 108.21 3.91
N PHE P 47 -20.40 107.64 5.04
CA PHE P 47 -21.22 106.73 5.82
C PHE P 47 -21.83 107.47 7.00
N VAL P 48 -23.11 107.23 7.26
CA VAL P 48 -23.84 107.92 8.32
C VAL P 48 -24.22 106.97 9.46
N ALA P 49 -24.74 105.80 9.13
CA ALA P 49 -25.20 104.85 10.14
C ALA P 49 -25.47 103.50 9.48
N LYS P 50 -25.29 102.44 10.26
CA LYS P 50 -25.63 101.09 9.82
C LYS P 50 -26.26 100.34 10.97
N ILE P 51 -27.18 99.43 10.64
CA ILE P 51 -27.81 98.55 11.62
C ILE P 51 -27.65 97.12 11.14
N SER P 52 -27.20 96.26 12.03
CA SER P 52 -26.97 94.85 11.72
C SER P 52 -28.21 94.04 12.02
N TRP P 53 -28.11 92.72 11.83
CA TRP P 53 -29.16 91.79 12.17
C TRP P 53 -28.91 91.10 13.51
N ARG P 54 -27.76 91.35 14.13
CA ARG P 54 -27.40 90.75 15.42
C ARG P 54 -27.82 91.70 16.53
N ASN P 55 -29.02 91.46 17.08
CA ASN P 55 -29.57 92.28 18.17
C ASN P 55 -29.68 93.74 17.77
N ASP P 56 -29.81 94.01 16.47
CA ASP P 56 -29.93 95.37 15.94
C ASP P 56 -28.77 96.25 16.38
N TYR P 57 -27.55 95.77 16.16
CA TYR P 57 -26.36 96.53 16.52
C TYR P 57 -26.19 97.71 15.56
N THR P 58 -26.11 98.91 16.11
CA THR P 58 -26.05 100.13 15.33
C THR P 58 -24.66 100.75 15.42
N THR P 59 -24.22 101.34 14.31
CA THR P 59 -22.92 102.02 14.24
C THR P 59 -23.14 103.33 13.51
N TYR P 60 -23.01 104.44 14.23
CA TYR P 60 -23.20 105.77 13.68
C TYR P 60 -21.84 106.41 13.40
N ALA P 61 -21.82 107.27 12.38
CA ALA P 61 -20.66 108.11 12.18
C ALA P 61 -20.63 109.22 13.22
N ASP P 62 -19.43 109.72 13.50
CA ASP P 62 -19.28 110.81 14.47
C ASP P 62 -20.03 112.07 14.04
N SER P 63 -20.35 112.19 12.76
CA SER P 63 -21.00 113.39 12.25
C SER P 63 -22.45 113.51 12.73
N VAL P 64 -23.11 112.39 12.98
CA VAL P 64 -24.53 112.41 13.31
C VAL P 64 -24.78 111.68 14.64
N LYS P 65 -23.70 111.40 15.37
CA LYS P 65 -23.81 110.71 16.65
C LYS P 65 -24.60 111.54 17.65
N GLY P 66 -25.82 111.09 17.97
CA GLY P 66 -26.71 111.81 18.85
C GLY P 66 -27.81 112.56 18.14
N ARG P 67 -27.72 112.73 16.82
CA ARG P 67 -28.72 113.43 16.03
C ARG P 67 -29.58 112.51 15.19
N PHE P 68 -29.00 111.43 14.65
CA PHE P 68 -29.73 110.49 13.81
C PHE P 68 -29.97 109.19 14.59
N THR P 69 -31.04 108.49 14.21
CA THR P 69 -31.40 107.23 14.86
C THR P 69 -31.87 106.27 13.77
N ILE P 70 -31.07 105.25 13.49
CA ILE P 70 -31.40 104.26 12.47
C ILE P 70 -32.16 103.12 13.13
N SER P 71 -33.20 102.64 12.45
CA SER P 71 -34.00 101.53 12.95
C SER P 71 -34.43 100.66 11.78
N ARG P 72 -34.82 99.42 12.08
CA ARG P 72 -35.28 98.50 11.06
C ARG P 72 -36.46 97.69 11.57
N ASP P 73 -37.32 97.30 10.65
CA ASP P 73 -38.45 96.42 10.90
C ASP P 73 -38.40 95.32 9.86
N ASN P 74 -38.02 94.11 10.30
CA ASN P 74 -37.90 92.99 9.39
C ASN P 74 -39.27 92.47 8.96
N ALA P 75 -40.27 92.59 9.82
CA ALA P 75 -41.63 92.15 9.47
C ALA P 75 -42.16 92.95 8.29
N SER P 76 -41.90 94.25 8.26
CA SER P 76 -42.29 95.10 7.14
C SER P 76 -41.20 95.21 6.08
N ASN P 77 -40.02 94.64 6.33
CA ASN P 77 -38.87 94.75 5.42
C ASN P 77 -38.58 96.20 5.10
N MET P 78 -38.55 97.04 6.13
CA MET P 78 -38.27 98.45 5.96
C MET P 78 -37.15 98.85 6.92
N VAL P 79 -36.38 99.85 6.54
CA VAL P 79 -35.36 100.41 7.42
C VAL P 79 -35.45 101.94 7.34
N TYR P 80 -35.68 102.57 8.49
CA TYR P 80 -35.85 104.01 8.59
C TYR P 80 -34.62 104.67 9.18
N LEU P 81 -34.39 105.91 8.75
CA LEU P 81 -33.37 106.79 9.31
C LEU P 81 -34.07 108.03 9.84
N LEU P 82 -34.03 108.22 11.16
CA LEU P 82 -34.62 109.38 11.80
C LEU P 82 -33.58 110.48 11.89
N MET P 83 -33.87 111.62 11.28
CA MET P 83 -32.92 112.73 11.19
C MET P 83 -33.44 113.90 12.02
N ASN P 84 -33.07 113.92 13.29
CA ASN P 84 -33.38 115.02 14.18
C ASN P 84 -32.16 115.94 14.32
N ASN P 85 -32.43 117.22 14.56
CA ASN P 85 -31.39 118.24 14.75
C ASN P 85 -30.47 118.29 13.52
N LEU P 86 -31.07 118.68 12.40
CA LEU P 86 -30.35 118.70 11.13
C LEU P 86 -29.48 119.95 11.01
N LYS P 87 -28.32 119.78 10.41
CA LYS P 87 -27.38 120.84 10.09
C LYS P 87 -27.26 120.99 8.57
N PRO P 88 -26.82 122.16 8.10
CA PRO P 88 -26.51 122.28 6.66
C PRO P 88 -25.42 121.32 6.21
N GLU P 89 -24.55 120.89 7.15
CA GLU P 89 -23.56 119.87 6.86
C GLU P 89 -24.21 118.56 6.41
N ASP P 90 -25.45 118.31 6.84
CA ASP P 90 -26.18 117.10 6.48
C ASP P 90 -26.82 117.16 5.10
N THR P 91 -26.60 118.23 4.34
CA THR P 91 -27.20 118.38 3.02
C THR P 91 -26.49 117.44 2.03
N ALA P 92 -27.22 116.45 1.52
CA ALA P 92 -26.64 115.48 0.58
C ALA P 92 -27.76 114.62 0.00
N VAL P 93 -27.35 113.62 -0.78
CA VAL P 93 -28.23 112.60 -1.32
C VAL P 93 -28.00 111.32 -0.51
N TYR P 94 -29.06 110.80 0.09
CA TYR P 94 -28.97 109.64 0.96
C TYR P 94 -29.40 108.39 0.20
N TYR P 95 -28.57 107.35 0.29
CA TYR P 95 -28.84 106.07 -0.34
C TYR P 95 -29.01 105.00 0.73
N CYS P 96 -29.98 104.11 0.51
CA CYS P 96 -30.16 102.94 1.34
C CYS P 96 -29.42 101.75 0.74
N ALA P 97 -28.77 100.98 1.60
CA ALA P 97 -27.92 99.88 1.14
C ALA P 97 -28.20 98.63 1.97
N ALA P 98 -28.01 97.47 1.34
CA ALA P 98 -28.22 96.18 1.96
C ALA P 98 -27.04 95.26 1.66
N THR P 99 -26.80 94.32 2.56
CA THR P 99 -25.65 93.42 2.48
C THR P 99 -26.14 91.99 2.31
N LYS P 100 -25.41 91.20 1.52
CA LYS P 100 -25.75 89.80 1.33
C LYS P 100 -25.76 89.06 2.66
N ALA P 101 -26.47 87.93 2.68
CA ALA P 101 -26.69 87.18 3.92
C ALA P 101 -25.38 86.76 4.55
N TYR P 102 -25.26 86.96 5.87
CA TYR P 102 -24.10 86.61 6.68
C TYR P 102 -22.82 87.32 6.22
N ASN P 103 -22.93 88.21 5.25
CA ASN P 103 -21.80 89.02 4.80
C ASN P 103 -21.71 90.30 5.63
N GLY P 104 -20.59 90.98 5.52
CA GLY P 104 -20.33 92.16 6.33
C GLY P 104 -20.57 93.45 5.56
N GLY P 105 -20.94 94.49 6.31
CA GLY P 105 -21.09 95.82 5.75
C GLY P 105 -20.18 96.82 6.44
N GLU P 106 -19.09 97.17 5.78
CA GLU P 106 -18.09 98.04 6.40
C GLU P 106 -18.46 99.51 6.21
N THR P 107 -17.78 100.37 6.97
CA THR P 107 -18.02 101.81 6.92
C THR P 107 -17.44 102.46 5.68
N SER P 108 -16.68 101.73 4.87
CA SER P 108 -16.10 102.28 3.66
C SER P 108 -17.01 102.10 2.45
N GLY P 109 -17.96 101.19 2.53
CA GLY P 109 -18.75 100.76 1.39
C GLY P 109 -18.49 99.33 1.02
N ARG P 110 -17.41 98.75 1.54
CA ARG P 110 -17.14 97.32 1.35
C ARG P 110 -18.32 96.52 1.88
N GLY P 111 -18.69 95.49 1.12
CA GLY P 111 -19.99 94.89 1.32
C GLY P 111 -21.05 95.74 0.66
N PHE P 112 -22.24 95.72 1.25
CA PHE P 112 -23.38 96.50 0.76
C PHE P 112 -23.56 96.31 -0.75
N TYR P 113 -23.91 95.07 -1.11
CA TYR P 113 -24.06 94.72 -2.51
C TYR P 113 -25.19 95.50 -3.16
N TYR P 114 -26.31 95.66 -2.45
CA TYR P 114 -27.48 96.33 -2.99
C TYR P 114 -27.50 97.80 -2.60
N TRP P 115 -28.01 98.64 -3.50
CA TRP P 115 -28.11 100.06 -3.27
C TRP P 115 -29.40 100.58 -3.88
N GLY P 116 -29.82 101.75 -3.41
CA GLY P 116 -31.01 102.41 -3.93
C GLY P 116 -30.64 103.64 -4.76
N GLN P 117 -31.66 104.16 -5.46
CA GLN P 117 -31.43 105.35 -6.27
C GLN P 117 -31.20 106.59 -5.42
N GLY P 118 -31.76 106.63 -4.22
CA GLY P 118 -31.49 107.69 -3.26
C GLY P 118 -32.62 108.68 -3.15
N THR P 119 -32.52 109.51 -2.12
CA THR P 119 -33.47 110.59 -1.86
C THR P 119 -32.70 111.83 -1.42
N GLN P 120 -33.18 112.99 -1.84
CA GLN P 120 -32.48 114.25 -1.60
C GLN P 120 -32.86 114.84 -0.26
N VAL P 121 -31.86 115.32 0.48
CA VAL P 121 -32.08 116.02 1.75
C VAL P 121 -31.27 117.31 1.72
N THR P 122 -31.95 118.45 1.83
CA THR P 122 -31.31 119.75 1.80
C THR P 122 -31.69 120.52 3.06
N VAL P 123 -30.69 121.04 3.75
CA VAL P 123 -30.89 121.78 5.00
C VAL P 123 -30.37 123.19 4.80
N SER P 124 -31.27 124.18 4.87
CA SER P 124 -30.95 125.57 4.65
C SER P 124 -31.16 126.36 5.95
N SER P 125 -30.82 127.65 5.89
CA SER P 125 -30.97 128.54 7.03
C SER P 125 -32.41 129.06 7.13
N SER Q 2 25.80 -83.17 20.35
CA SER Q 2 27.05 -82.99 21.08
C SER Q 2 28.07 -84.08 20.71
N VAL Q 3 29.21 -83.65 20.18
CA VAL Q 3 30.26 -84.56 19.74
C VAL Q 3 31.61 -84.00 20.20
N THR Q 4 32.52 -84.89 20.54
CA THR Q 4 33.82 -84.49 21.06
C THR Q 4 34.57 -83.64 20.04
N VAL Q 5 35.09 -82.50 20.49
CA VAL Q 5 35.86 -81.59 19.66
C VAL Q 5 37.21 -81.37 20.32
N LYS Q 6 38.28 -81.43 19.53
CA LYS Q 6 39.62 -81.22 20.06
C LYS Q 6 40.45 -80.43 19.07
N ARG Q 7 41.49 -79.79 19.60
CA ARG Q 7 42.42 -79.00 18.81
C ARG Q 7 43.54 -79.90 18.30
N ILE Q 8 43.78 -79.88 16.99
CA ILE Q 8 44.67 -80.86 16.38
C ILE Q 8 46.13 -80.65 16.76
N ILE Q 9 46.51 -79.43 17.16
CA ILE Q 9 47.93 -79.14 17.38
C ILE Q 9 48.45 -79.85 18.63
N ASP Q 10 47.59 -80.09 19.63
CA ASP Q 10 48.03 -80.73 20.85
C ASP Q 10 46.98 -81.66 21.46
N ASN Q 11 45.98 -82.07 20.67
CA ASN Q 11 44.91 -82.97 21.10
C ASN Q 11 44.16 -82.43 22.32
N THR Q 12 44.23 -81.13 22.58
CA THR Q 12 43.48 -80.54 23.68
C THR Q 12 41.98 -80.53 23.35
N VAL Q 13 41.18 -80.99 24.29
CA VAL Q 13 39.74 -81.07 24.09
C VAL Q 13 39.12 -79.72 24.39
N ILE Q 14 38.22 -79.27 23.52
CA ILE Q 14 37.47 -78.04 23.72
C ILE Q 14 35.99 -78.36 23.61
N VAL Q 15 35.18 -77.69 24.41
CA VAL Q 15 33.73 -77.90 24.43
C VAL Q 15 33.04 -76.62 24.01
N PRO Q 16 32.73 -76.44 22.72
CA PRO Q 16 32.05 -75.21 22.29
C PRO Q 16 30.60 -75.22 22.76
N LYS Q 17 30.23 -74.17 23.50
CA LYS Q 17 28.88 -74.03 24.03
C LYS Q 17 28.46 -72.57 23.92
N LEU Q 18 27.14 -72.36 23.91
CA LEU Q 18 26.58 -71.05 23.69
C LEU Q 18 25.71 -70.62 24.86
N PRO Q 19 25.66 -69.32 25.16
CA PRO Q 19 24.69 -68.82 26.16
C PRO Q 19 23.27 -69.20 25.75
N ALA Q 20 22.60 -69.94 26.61
CA ALA Q 20 21.28 -70.46 26.30
C ALA Q 20 20.21 -69.42 26.60
N ASN Q 21 19.09 -69.55 25.88
CA ASN Q 21 17.89 -68.75 26.12
C ASN Q 21 16.70 -69.69 26.09
N GLU Q 22 16.04 -69.85 27.23
CA GLU Q 22 14.88 -70.73 27.32
C GLU Q 22 13.77 -70.23 26.40
N ASP Q 23 13.09 -69.17 26.82
CA ASP Q 23 11.93 -68.63 26.12
C ASP Q 23 10.95 -69.74 25.73
N PRO Q 24 10.45 -70.51 26.70
CA PRO Q 24 9.50 -71.58 26.36
C PRO Q 24 8.21 -70.99 25.82
N VAL Q 25 7.53 -71.79 25.00
CA VAL Q 25 6.33 -71.35 24.31
C VAL Q 25 5.12 -72.02 24.96
N GLU Q 26 4.08 -71.24 25.21
CA GLU Q 26 2.87 -71.70 25.87
C GLU Q 26 1.73 -71.80 24.85
N TYR Q 27 1.13 -72.98 24.74
CA TYR Q 27 0.00 -73.24 23.87
C TYR Q 27 -1.31 -72.98 24.60
N PRO Q 28 -2.38 -72.66 23.88
CA PRO Q 28 -3.65 -72.37 24.56
C PRO Q 28 -4.25 -73.59 25.26
N ALA Q 29 -4.10 -74.78 24.69
CA ALA Q 29 -4.69 -75.96 25.31
C ALA Q 29 -4.01 -76.32 26.62
N ASP Q 30 -2.73 -75.94 26.79
CA ASP Q 30 -2.04 -76.19 28.04
C ASP Q 30 -2.51 -75.29 29.18
N TYR Q 31 -3.55 -74.47 28.95
CA TYR Q 31 -4.11 -73.58 29.95
C TYR Q 31 -5.44 -74.09 30.50
N PHE Q 32 -6.35 -74.49 29.62
CA PHE Q 32 -7.67 -74.94 30.06
C PHE Q 32 -7.63 -76.30 30.74
N ARG Q 33 -6.55 -77.07 30.61
CA ARG Q 33 -6.36 -78.23 31.45
C ARG Q 33 -5.95 -77.86 32.87
N LYS Q 34 -5.56 -76.61 33.09
CA LYS Q 34 -5.30 -76.09 34.43
C LYS Q 34 -6.55 -75.47 35.03
N SER Q 35 -7.14 -74.50 34.34
CA SER Q 35 -8.34 -73.80 34.78
C SER Q 35 -9.41 -73.91 33.70
N LYS Q 36 -10.59 -74.38 34.09
CA LYS Q 36 -11.71 -74.57 33.16
C LYS Q 36 -12.47 -73.28 32.88
N GLU Q 37 -11.87 -72.12 33.16
CA GLU Q 37 -12.48 -70.82 32.87
C GLU Q 37 -11.47 -69.72 33.13
N ILE Q 38 -11.57 -68.67 32.33
CA ILE Q 38 -10.70 -67.49 32.44
C ILE Q 38 -11.41 -66.42 33.26
N PRO Q 39 -10.79 -65.90 34.31
CA PRO Q 39 -11.44 -64.86 35.12
C PRO Q 39 -11.18 -63.45 34.62
N LEU Q 40 -12.16 -62.58 34.85
CA LEU Q 40 -12.07 -61.16 34.55
C LEU Q 40 -12.33 -60.41 35.84
N TYR Q 41 -11.32 -59.71 36.35
CA TYR Q 41 -11.44 -58.95 37.59
C TYR Q 41 -12.02 -57.57 37.29
N ILE Q 42 -13.12 -57.23 37.96
CA ILE Q 42 -13.83 -55.99 37.68
C ILE Q 42 -14.47 -55.50 38.98
N ASN Q 43 -14.74 -54.21 39.04
CA ASN Q 43 -15.29 -53.55 40.22
C ASN Q 43 -16.71 -53.12 39.92
N THR Q 44 -17.66 -53.59 40.73
CA THR Q 44 -19.09 -53.42 40.46
C THR Q 44 -19.78 -52.50 41.47
N THR Q 45 -19.02 -51.71 42.21
CA THR Q 45 -19.62 -50.85 43.24
C THR Q 45 -20.27 -49.62 42.62
N LYS Q 46 -19.51 -48.84 41.86
CA LYS Q 46 -20.03 -47.63 41.25
C LYS Q 46 -21.13 -47.96 40.25
N SER Q 47 -21.98 -46.97 39.98
CA SER Q 47 -23.08 -47.13 39.06
C SER Q 47 -22.65 -46.78 37.63
N LEU Q 48 -23.55 -47.03 36.69
CA LEU Q 48 -23.27 -46.73 35.29
C LEU Q 48 -23.20 -45.23 35.05
N SER Q 49 -24.21 -44.50 35.50
CA SER Q 49 -24.26 -43.06 35.25
C SER Q 49 -23.11 -42.32 35.91
N ASP Q 50 -22.57 -42.87 37.00
CA ASP Q 50 -21.39 -42.27 37.62
C ASP Q 50 -20.16 -42.53 36.76
N LEU Q 51 -19.96 -43.78 36.33
CA LEU Q 51 -18.77 -44.12 35.54
C LEU Q 51 -18.75 -43.40 34.20
N ARG Q 52 -19.94 -43.10 33.64
CA ARG Q 52 -20.01 -42.41 32.37
C ARG Q 52 -19.29 -41.07 32.43
N GLY Q 53 -19.67 -40.21 33.37
CA GLY Q 53 -18.98 -38.95 33.55
C GLY Q 53 -17.59 -39.12 34.12
N TYR Q 54 -17.39 -40.17 34.93
CA TYR Q 54 -16.06 -40.49 35.44
C TYR Q 54 -15.05 -40.58 34.31
N VAL Q 55 -15.35 -41.41 33.30
CA VAL Q 55 -14.42 -41.59 32.19
C VAL Q 55 -14.58 -40.54 31.10
N TYR Q 56 -15.68 -39.78 31.10
CA TYR Q 56 -15.76 -38.65 30.19
C TYR Q 56 -14.81 -37.54 30.62
N GLN Q 57 -14.99 -37.03 31.85
CA GLN Q 57 -14.08 -36.01 32.34
C GLN Q 57 -12.68 -36.58 32.55
N GLY Q 58 -12.57 -37.86 32.83
CA GLY Q 58 -11.25 -38.50 32.84
C GLY Q 58 -10.61 -38.50 31.47
N LEU Q 59 -11.43 -38.63 30.42
CA LEU Q 59 -10.90 -38.57 29.05
C LEU Q 59 -10.48 -37.16 28.67
N LYS Q 60 -11.33 -36.17 28.98
CA LYS Q 60 -11.02 -34.79 28.62
C LYS Q 60 -9.69 -34.34 29.20
N SER Q 61 -9.40 -34.69 30.45
CA SER Q 61 -8.12 -34.40 31.06
C SER Q 61 -7.11 -35.47 30.69
N GLY Q 62 -6.00 -35.53 31.43
CA GLY Q 62 -5.02 -36.57 31.19
C GLY Q 62 -5.16 -37.73 32.16
N ASN Q 63 -5.76 -37.47 33.30
CA ASN Q 63 -5.92 -38.48 34.34
C ASN Q 63 -7.16 -39.33 34.08
N VAL Q 64 -7.00 -40.65 34.19
CA VAL Q 64 -8.11 -41.58 34.03
C VAL Q 64 -7.66 -42.93 34.58
N SER Q 65 -8.58 -43.66 35.23
CA SER Q 65 -8.27 -44.96 35.80
C SER Q 65 -8.75 -46.05 34.84
N ILE Q 66 -7.88 -47.04 34.60
CA ILE Q 66 -8.25 -48.16 33.74
C ILE Q 66 -9.27 -49.04 34.45
N ILE Q 67 -9.27 -49.04 35.79
CA ILE Q 67 -10.33 -49.73 36.52
C ILE Q 67 -11.68 -49.08 36.26
N HIS Q 68 -11.69 -47.76 36.04
CA HIS Q 68 -12.94 -47.07 35.73
C HIS Q 68 -13.40 -47.38 34.31
N VAL Q 69 -12.46 -47.53 33.37
CA VAL Q 69 -12.88 -47.78 31.99
C VAL Q 69 -13.28 -49.25 31.80
N ASN Q 70 -12.64 -50.17 32.54
CA ASN Q 70 -13.09 -51.56 32.51
C ASN Q 70 -14.43 -51.71 33.22
N SER Q 71 -14.52 -51.23 34.46
CA SER Q 71 -15.76 -51.29 35.22
C SER Q 71 -16.89 -50.52 34.53
N TYR Q 72 -16.56 -49.58 33.66
CA TYR Q 72 -17.59 -48.92 32.86
C TYR Q 72 -17.95 -49.73 31.63
N LEU Q 73 -16.95 -50.35 30.98
CA LEU Q 73 -17.23 -51.17 29.81
C LEU Q 73 -18.11 -52.36 30.15
N TYR Q 74 -17.97 -52.92 31.36
CA TYR Q 74 -18.82 -54.03 31.77
C TYR Q 74 -20.28 -53.59 31.87
N GLY Q 75 -20.52 -52.43 32.49
CA GLY Q 75 -21.89 -51.95 32.61
C GLY Q 75 -22.49 -51.52 31.29
N ALA Q 76 -21.67 -50.94 30.41
CA ALA Q 76 -22.16 -50.48 29.11
C ALA Q 76 -22.49 -51.65 28.20
N LEU Q 77 -21.61 -52.66 28.16
CA LEU Q 77 -21.79 -53.80 27.28
C LEU Q 77 -22.43 -54.99 27.99
N LYS Q 78 -22.95 -54.79 29.21
CA LYS Q 78 -23.38 -55.92 30.02
C LYS Q 78 -24.70 -56.52 29.51
N ASP Q 79 -25.66 -55.67 29.18
CA ASP Q 79 -26.99 -56.12 28.79
C ASP Q 79 -27.11 -56.17 27.26
N ILE Q 80 -26.26 -56.99 26.65
CA ILE Q 80 -26.31 -57.24 25.22
C ILE Q 80 -26.40 -58.75 25.01
N ARG Q 81 -27.14 -59.16 23.98
CA ARG Q 81 -27.51 -60.56 23.84
C ARG Q 81 -27.48 -60.98 22.37
N GLY Q 82 -27.47 -62.30 22.18
CA GLY Q 82 -27.56 -62.91 20.86
C GLY Q 82 -27.94 -64.36 20.95
N LYS Q 83 -28.88 -64.79 20.11
CA LYS Q 83 -29.32 -66.18 20.10
C LYS Q 83 -28.48 -66.98 19.11
N LEU Q 84 -27.95 -68.10 19.57
CA LEU Q 84 -27.08 -68.92 18.74
C LEU Q 84 -27.90 -69.74 17.74
N ASP Q 85 -27.37 -69.87 16.53
CA ASP Q 85 -27.98 -70.77 15.55
C ASP Q 85 -27.55 -72.21 15.75
N LYS Q 86 -26.37 -72.41 16.34
CA LYS Q 86 -25.87 -73.75 16.64
C LYS Q 86 -25.09 -73.70 17.95
N ASP Q 87 -24.72 -74.88 18.44
CA ASP Q 87 -23.98 -74.98 19.68
C ASP Q 87 -22.65 -74.26 19.58
N TRP Q 88 -22.23 -73.64 20.68
CA TRP Q 88 -20.93 -72.97 20.77
C TRP Q 88 -20.18 -73.57 21.95
N SER Q 89 -19.00 -74.12 21.67
CA SER Q 89 -18.14 -74.67 22.70
C SER Q 89 -16.69 -74.61 22.22
N SER Q 90 -15.76 -74.48 23.16
CA SER Q 90 -14.36 -74.33 22.82
C SER Q 90 -13.50 -74.74 24.00
N PHE Q 91 -12.53 -75.62 23.73
CA PHE Q 91 -11.57 -76.09 24.74
C PHE Q 91 -12.29 -76.71 25.95
N GLY Q 92 -13.29 -77.54 25.66
CA GLY Q 92 -14.05 -78.18 26.72
C GLY Q 92 -14.85 -77.23 27.58
N ILE Q 93 -15.38 -76.16 26.98
CA ILE Q 93 -16.17 -75.15 27.70
C ILE Q 93 -17.38 -74.81 26.83
N ASN Q 94 -18.56 -75.25 27.27
CA ASN Q 94 -19.80 -74.98 26.55
C ASN Q 94 -20.33 -73.62 26.98
N ILE Q 95 -19.94 -72.58 26.25
CA ILE Q 95 -20.41 -71.23 26.55
C ILE Q 95 -21.83 -71.00 26.05
N GLY Q 96 -22.32 -71.84 25.14
CA GLY Q 96 -23.68 -71.76 24.64
C GLY Q 96 -24.12 -73.09 24.11
N LYS Q 97 -25.41 -73.19 23.80
CA LYS Q 97 -25.96 -74.46 23.35
C LYS Q 97 -27.26 -74.21 22.58
N ALA Q 98 -27.22 -74.49 21.27
CA ALA Q 98 -28.40 -74.50 20.40
C ALA Q 98 -29.06 -73.13 20.44
N GLY Q 99 -30.33 -73.02 20.82
CA GLY Q 99 -31.05 -71.75 20.76
C GLY Q 99 -30.91 -70.89 22.01
N ASP Q 100 -29.80 -71.06 22.74
CA ASP Q 100 -29.53 -70.19 23.87
C ASP Q 100 -29.30 -68.77 23.40
N THR Q 101 -29.62 -67.81 24.25
CA THR Q 101 -29.35 -66.40 24.01
C THR Q 101 -28.29 -65.95 25.01
N ILE Q 102 -27.04 -65.89 24.56
CA ILE Q 102 -25.92 -65.62 25.43
C ILE Q 102 -25.55 -64.14 25.33
N GLY Q 103 -24.70 -63.69 26.26
CA GLY Q 103 -24.19 -62.34 26.26
C GLY Q 103 -22.68 -62.33 26.04
N ILE Q 104 -22.14 -61.11 25.92
CA ILE Q 104 -20.72 -60.94 25.61
C ILE Q 104 -19.86 -61.52 26.71
N PHE Q 105 -20.23 -61.30 27.97
CA PHE Q 105 -19.44 -61.75 29.10
C PHE Q 105 -19.81 -63.16 29.57
N ASP Q 106 -20.56 -63.91 28.75
CA ASP Q 106 -20.72 -65.33 29.01
C ASP Q 106 -19.46 -66.12 28.66
N LEU Q 107 -18.48 -65.48 28.01
CA LEU Q 107 -17.25 -66.15 27.65
C LEU Q 107 -16.26 -66.23 28.81
N VAL Q 108 -16.27 -65.22 29.68
CA VAL Q 108 -15.38 -65.18 30.84
C VAL Q 108 -16.21 -65.20 32.11
N SER Q 109 -15.61 -65.68 33.19
CA SER Q 109 -16.27 -65.70 34.50
C SER Q 109 -15.95 -64.41 35.24
N LEU Q 110 -16.98 -63.64 35.52
CA LEU Q 110 -16.81 -62.36 36.23
C LEU Q 110 -16.39 -62.63 37.67
N LYS Q 111 -15.26 -62.06 38.07
CA LYS Q 111 -14.84 -62.02 39.46
C LYS Q 111 -14.89 -60.56 39.94
N ALA Q 112 -14.25 -60.29 41.06
CA ALA Q 112 -14.30 -58.96 41.68
C ALA Q 112 -12.90 -58.46 41.95
N LEU Q 113 -12.63 -57.22 41.52
CA LEU Q 113 -11.38 -56.55 41.85
C LEU Q 113 -11.53 -55.85 43.20
N ASP Q 114 -10.47 -55.91 44.00
CA ASP Q 114 -10.51 -55.45 45.38
C ASP Q 114 -9.34 -54.50 45.66
N GLY Q 115 -9.63 -53.41 46.34
CA GLY Q 115 -8.61 -52.46 46.72
C GLY Q 115 -9.17 -51.05 46.72
N VAL Q 116 -8.24 -50.08 46.79
CA VAL Q 116 -8.62 -48.67 46.79
C VAL Q 116 -9.11 -48.27 45.42
N LEU Q 117 -10.15 -47.42 45.38
CA LEU Q 117 -10.70 -46.91 44.13
C LEU Q 117 -10.42 -45.42 44.00
N PRO Q 118 -10.21 -44.94 42.77
CA PRO Q 118 -9.96 -43.50 42.59
C PRO Q 118 -11.22 -42.67 42.81
N ASP Q 119 -11.01 -41.44 43.26
CA ASP Q 119 -12.14 -40.52 43.42
C ASP Q 119 -12.82 -40.27 42.09
N GLY Q 120 -12.08 -39.71 41.13
CA GLY Q 120 -12.46 -39.80 39.73
C GLY Q 120 -13.09 -38.59 39.07
N VAL Q 121 -13.13 -37.44 39.75
CA VAL Q 121 -13.78 -36.20 39.28
C VAL Q 121 -15.01 -36.50 38.42
N SER Q 122 -16.09 -36.92 39.06
CA SER Q 122 -17.30 -37.31 38.33
C SER Q 122 -17.95 -36.11 37.67
N ASP Q 123 -18.72 -36.39 36.62
CA ASP Q 123 -19.49 -35.37 35.91
C ASP Q 123 -20.91 -35.87 35.71
N ALA Q 124 -21.86 -34.94 35.76
CA ALA Q 124 -23.26 -35.22 35.48
C ALA Q 124 -23.62 -34.64 34.11
N SER Q 125 -24.91 -34.47 33.85
CA SER Q 125 -25.45 -33.96 32.59
C SER Q 125 -25.02 -34.79 31.39
N ARG Q 126 -24.46 -35.97 31.62
CA ARG Q 126 -23.97 -36.84 30.54
C ARG Q 126 -25.03 -37.90 30.31
N THR Q 127 -25.82 -37.72 29.25
CA THR Q 127 -26.98 -38.56 29.00
C THR Q 127 -26.53 -39.96 28.56
N SER Q 128 -27.51 -40.79 28.16
CA SER Q 128 -27.25 -42.18 27.83
C SER Q 128 -26.76 -42.41 26.42
N ALA Q 129 -27.01 -41.47 25.50
CA ALA Q 129 -26.55 -41.63 24.12
C ALA Q 129 -25.03 -41.75 24.05
N ASP Q 130 -24.30 -41.24 25.04
CA ASP Q 130 -22.85 -41.43 25.09
C ASP Q 130 -22.48 -42.91 25.08
N ASP Q 131 -23.25 -43.73 25.82
CA ASP Q 131 -22.98 -45.16 25.84
C ASP Q 131 -23.20 -45.82 24.48
N LYS Q 132 -23.80 -45.11 23.53
CA LYS Q 132 -23.89 -45.63 22.16
C LYS Q 132 -22.52 -45.67 21.50
N TRP Q 133 -21.63 -44.75 21.88
CA TRP Q 133 -20.31 -44.64 21.27
C TRP Q 133 -19.16 -44.64 22.25
N LEU Q 134 -19.37 -44.28 23.52
CA LEU Q 134 -18.27 -44.24 24.47
C LEU Q 134 -17.53 -45.57 24.61
N PRO Q 135 -18.18 -46.74 24.59
CA PRO Q 135 -17.41 -47.98 24.50
C PRO Q 135 -16.61 -48.08 23.21
N LEU Q 136 -17.24 -47.84 22.06
CA LEU Q 136 -16.56 -47.90 20.77
C LEU Q 136 -15.29 -47.05 20.80
N TYR Q 137 -15.33 -45.90 21.47
CA TYR Q 137 -14.13 -45.10 21.68
C TYR Q 137 -13.12 -45.89 22.50
N LEU Q 138 -13.48 -46.23 23.74
CA LEU Q 138 -12.57 -46.93 24.63
C LEU Q 138 -11.99 -48.17 23.98
N LEU Q 139 -12.81 -48.90 23.22
CA LEU Q 139 -12.33 -50.09 22.53
C LEU Q 139 -11.33 -49.72 21.43
N GLY Q 140 -11.69 -48.74 20.60
CA GLY Q 140 -10.84 -48.40 19.47
C GLY Q 140 -9.45 -47.95 19.89
N LEU Q 141 -9.34 -47.28 21.04
CA LEU Q 141 -8.02 -46.85 21.48
C LEU Q 141 -7.11 -48.00 21.86
N TYR Q 142 -7.62 -49.22 21.99
CA TYR Q 142 -6.72 -50.37 22.11
C TYR Q 142 -5.94 -50.60 20.83
N ARG Q 143 -6.55 -50.31 19.68
CA ARG Q 143 -5.88 -50.44 18.40
C ARG Q 143 -4.88 -49.30 18.19
N VAL Q 144 -5.36 -48.06 18.31
CA VAL Q 144 -4.52 -46.89 18.06
C VAL Q 144 -3.26 -46.92 18.92
N GLY Q 145 -3.40 -47.37 20.18
CA GLY Q 145 -2.28 -47.38 21.10
C GLY Q 145 -1.23 -48.43 20.81
N ARG Q 146 -1.48 -49.35 19.87
CA ARG Q 146 -0.54 -50.42 19.58
C ARG Q 146 0.34 -50.15 18.37
N THR Q 147 0.17 -49.00 17.72
CA THR Q 147 1.02 -48.59 16.60
C THR Q 147 1.87 -47.41 17.03
N GLN Q 148 3.17 -47.49 16.78
CA GLN Q 148 4.10 -46.46 17.19
C GLN Q 148 4.45 -45.47 16.08
N MET Q 149 4.05 -45.74 14.84
CA MET Q 149 4.25 -44.76 13.78
C MET Q 149 3.21 -43.65 13.89
N PRO Q 150 3.61 -42.39 13.97
CA PRO Q 150 2.61 -41.32 14.13
C PRO Q 150 1.73 -41.16 12.90
N GLU Q 151 2.31 -41.26 11.70
CA GLU Q 151 1.53 -41.15 10.48
C GLU Q 151 0.45 -42.22 10.41
N TYR Q 152 0.73 -43.41 10.94
CA TYR Q 152 -0.22 -44.51 10.90
C TYR Q 152 -1.45 -44.24 11.75
N ARG Q 153 -1.38 -43.33 12.72
CA ARG Q 153 -2.51 -43.11 13.60
C ARG Q 153 -3.59 -42.29 12.92
N LYS Q 154 -3.83 -42.61 11.64
CA LYS Q 154 -5.09 -42.31 10.98
C LYS Q 154 -6.22 -43.18 11.50
N LYS Q 155 -5.90 -44.23 12.26
CA LYS Q 155 -6.93 -45.05 12.89
C LYS Q 155 -7.77 -44.24 13.86
N LEU Q 156 -7.14 -43.28 14.56
CA LEU Q 156 -7.89 -42.38 15.43
C LEU Q 156 -8.85 -41.52 14.61
N MET Q 157 -8.44 -41.12 13.41
CA MET Q 157 -9.33 -40.33 12.55
C MET Q 157 -10.53 -41.16 12.07
N ASP Q 158 -10.30 -42.43 11.73
CA ASP Q 158 -11.39 -43.28 11.30
C ASP Q 158 -12.26 -43.72 12.47
N GLY Q 159 -11.68 -43.83 13.65
CA GLY Q 159 -12.50 -43.92 14.86
C GLY Q 159 -13.41 -42.72 15.01
N LEU Q 160 -12.85 -41.52 14.81
CA LEU Q 160 -13.66 -40.30 14.78
C LEU Q 160 -14.72 -40.36 13.69
N THR Q 161 -14.45 -41.09 12.61
CA THR Q 161 -15.44 -41.23 11.55
C THR Q 161 -16.59 -42.14 11.98
N ASN Q 162 -16.27 -43.26 12.63
CA ASN Q 162 -17.32 -44.20 13.04
C ASN Q 162 -18.15 -43.64 14.18
N GLN Q 163 -17.50 -43.03 15.19
CA GLN Q 163 -18.24 -42.37 16.25
C GLN Q 163 -19.03 -41.20 15.72
N CYS Q 164 -18.42 -40.42 14.82
CA CYS Q 164 -19.16 -39.34 14.14
C CYS Q 164 -20.33 -39.87 13.34
N LYS Q 165 -20.29 -41.15 12.94
CA LYS Q 165 -21.45 -41.82 12.38
C LYS Q 165 -22.48 -42.17 13.44
N MET Q 166 -22.03 -42.56 14.64
CA MET Q 166 -22.97 -42.82 15.73
C MET Q 166 -23.65 -41.52 16.19
N ILE Q 167 -22.87 -40.48 16.44
CA ILE Q 167 -23.40 -39.16 16.77
C ILE Q 167 -22.71 -38.14 15.87
N ASN Q 168 -23.51 -37.35 15.14
CA ASN Q 168 -22.97 -36.47 14.12
C ASN Q 168 -21.97 -35.47 14.68
N GLU Q 169 -22.10 -35.10 15.95
CA GLU Q 169 -21.28 -34.07 16.55
C GLU Q 169 -20.22 -34.64 17.49
N GLN Q 170 -19.73 -35.84 17.20
CA GLN Q 170 -18.71 -36.44 18.05
C GLN Q 170 -17.37 -35.74 17.83
N PHE Q 171 -16.66 -35.50 18.93
CA PHE Q 171 -15.35 -34.87 18.89
C PHE Q 171 -14.46 -35.51 19.94
N GLU Q 172 -13.23 -35.84 19.55
CA GLU Q 172 -12.24 -36.54 20.35
C GLU Q 172 -12.09 -35.91 21.73
N PRO Q 173 -12.53 -36.59 22.79
CA PRO Q 173 -12.32 -36.12 24.16
C PRO Q 173 -10.91 -36.40 24.68
N LEU Q 174 -9.91 -36.12 23.84
CA LEU Q 174 -8.52 -36.29 24.21
C LEU Q 174 -7.70 -35.12 23.71
N VAL Q 175 -6.73 -34.69 24.49
CA VAL Q 175 -5.79 -33.65 24.10
C VAL Q 175 -4.87 -34.22 23.02
N PRO Q 176 -4.14 -33.39 22.27
CA PRO Q 176 -3.11 -33.94 21.38
C PRO Q 176 -2.06 -34.74 22.13
N GLU Q 177 -1.87 -34.47 23.43
CA GLU Q 177 -1.11 -35.34 24.31
C GLU Q 177 -1.83 -36.65 24.57
N GLY Q 178 -3.10 -36.77 24.15
CA GLY Q 178 -3.89 -37.95 24.45
C GLY Q 178 -3.30 -39.25 23.96
N ARG Q 179 -2.39 -39.20 22.98
CA ARG Q 179 -1.75 -40.43 22.50
C ARG Q 179 -0.90 -41.07 23.59
N ASP Q 180 -0.52 -40.32 24.62
CA ASP Q 180 0.16 -40.88 25.78
C ASP Q 180 -0.79 -41.59 26.74
N ILE Q 181 -2.07 -41.23 26.72
CA ILE Q 181 -3.01 -41.68 27.75
C ILE Q 181 -3.27 -43.18 27.62
N PHE Q 182 -3.84 -43.60 26.50
CA PHE Q 182 -4.38 -44.95 26.37
C PHE Q 182 -3.34 -46.00 26.01
N ASP Q 183 -2.08 -45.62 25.77
CA ASP Q 183 -1.07 -46.61 25.41
C ASP Q 183 -0.89 -47.65 26.52
N VAL Q 184 -0.98 -47.22 27.78
CA VAL Q 184 -0.86 -48.16 28.89
C VAL Q 184 -2.11 -49.00 29.10
N TRP Q 185 -3.21 -48.67 28.39
CA TRP Q 185 -4.44 -49.43 28.55
C TRP Q 185 -4.26 -50.89 28.17
N GLY Q 186 -3.45 -51.16 27.15
CA GLY Q 186 -3.15 -52.53 26.76
C GLY Q 186 -2.36 -53.32 27.78
N ASN Q 187 -1.90 -52.67 28.86
CA ASN Q 187 -1.15 -53.34 29.91
C ASN Q 187 -2.03 -53.89 31.03
N ASP Q 188 -3.29 -53.45 31.10
CA ASP Q 188 -4.23 -54.00 32.07
C ASP Q 188 -4.82 -55.28 31.49
N SER Q 189 -4.48 -56.42 32.10
CA SER Q 189 -4.92 -57.72 31.57
C SER Q 189 -6.43 -57.80 31.47
N ASN Q 190 -7.15 -57.10 32.35
CA ASN Q 190 -8.61 -57.13 32.30
C ASN Q 190 -9.14 -56.37 31.09
N TYR Q 191 -8.47 -55.29 30.69
CA TYR Q 191 -8.87 -54.56 29.50
C TYR Q 191 -8.72 -55.43 28.24
N THR Q 192 -7.58 -56.11 28.12
CA THR Q 192 -7.37 -57.04 27.02
C THR Q 192 -8.40 -58.17 27.06
N LYS Q 193 -8.71 -58.67 28.26
CA LYS Q 193 -9.76 -59.67 28.41
C LYS Q 193 -11.13 -59.10 28.07
N ILE Q 194 -11.28 -57.79 28.02
CA ILE Q 194 -12.54 -57.17 27.60
C ILE Q 194 -12.61 -57.07 26.07
N VAL Q 195 -11.58 -56.50 25.44
CA VAL Q 195 -11.61 -56.36 23.98
C VAL Q 195 -11.62 -57.72 23.30
N ALA Q 196 -10.87 -58.68 23.85
CA ALA Q 196 -10.87 -60.02 23.29
C ALA Q 196 -12.24 -60.67 23.39
N ALA Q 197 -12.95 -60.41 24.50
CA ALA Q 197 -14.31 -60.91 24.62
C ALA Q 197 -15.26 -60.20 23.66
N VAL Q 198 -15.00 -58.93 23.37
CA VAL Q 198 -15.84 -58.20 22.41
C VAL Q 198 -15.68 -58.80 21.02
N ASP Q 199 -14.44 -58.89 20.54
CA ASP Q 199 -14.24 -59.39 19.18
C ASP Q 199 -14.61 -60.86 19.07
N MET Q 200 -14.31 -61.65 20.10
CA MET Q 200 -14.72 -63.05 20.10
C MET Q 200 -16.24 -63.18 20.10
N PHE Q 201 -16.93 -62.22 20.73
CA PHE Q 201 -18.39 -62.24 20.72
C PHE Q 201 -18.93 -61.89 19.34
N PHE Q 202 -18.61 -60.70 18.83
CA PHE Q 202 -19.15 -60.24 17.56
C PHE Q 202 -18.58 -60.98 16.36
N HIS Q 203 -17.58 -61.85 16.55
CA HIS Q 203 -17.13 -62.70 15.46
C HIS Q 203 -18.15 -63.81 15.18
N MET Q 204 -18.89 -64.22 16.21
CA MET Q 204 -19.99 -65.17 16.02
C MET Q 204 -21.25 -64.47 15.54
N PHE Q 205 -21.51 -63.25 16.04
CA PHE Q 205 -22.67 -62.47 15.68
C PHE Q 205 -22.21 -61.32 14.78
N LYS Q 206 -22.06 -61.61 13.49
CA LYS Q 206 -21.64 -60.62 12.52
C LYS Q 206 -22.79 -59.75 12.03
N LYS Q 207 -24.03 -60.14 12.34
CA LYS Q 207 -25.20 -59.39 11.91
C LYS Q 207 -25.68 -58.38 12.95
N HIS Q 208 -25.16 -58.46 14.17
CA HIS Q 208 -25.62 -57.60 15.24
C HIS Q 208 -25.35 -56.14 14.93
N GLU Q 209 -26.23 -55.26 15.44
CA GLU Q 209 -26.13 -53.83 15.15
C GLU Q 209 -24.93 -53.18 15.82
N CYS Q 210 -24.35 -53.81 16.85
CA CYS Q 210 -23.17 -53.28 17.51
C CYS Q 210 -21.88 -53.89 16.99
N ALA Q 211 -21.93 -54.48 15.79
CA ALA Q 211 -20.73 -55.08 15.21
C ALA Q 211 -19.65 -54.06 14.91
N SER Q 212 -20.01 -52.78 14.77
CA SER Q 212 -19.01 -51.74 14.57
C SER Q 212 -18.03 -51.68 15.74
N PHE Q 213 -18.46 -52.15 16.91
CA PHE Q 213 -17.58 -52.19 18.08
C PHE Q 213 -16.35 -53.05 17.82
N ARG Q 214 -16.40 -53.95 16.83
CA ARG Q 214 -15.21 -54.72 16.48
C ARG Q 214 -14.05 -53.85 16.04
N TYR Q 215 -14.34 -52.64 15.55
CA TYR Q 215 -13.28 -51.68 15.25
C TYR Q 215 -12.42 -51.46 16.49
N GLY Q 216 -11.13 -51.75 16.36
CA GLY Q 216 -10.22 -51.63 17.48
C GLY Q 216 -9.93 -52.96 18.15
N THR Q 217 -10.94 -53.82 18.25
CA THR Q 217 -10.77 -55.12 18.86
C THR Q 217 -10.34 -56.19 17.86
N ILE Q 218 -10.41 -55.90 16.56
CA ILE Q 218 -10.07 -56.91 15.56
C ILE Q 218 -8.58 -57.24 15.61
N VAL Q 219 -7.76 -56.33 16.13
CA VAL Q 219 -6.31 -56.54 16.21
C VAL Q 219 -6.04 -57.49 17.36
N SER Q 220 -7.09 -57.86 18.09
CA SER Q 220 -6.92 -58.83 19.16
C SER Q 220 -6.99 -60.26 18.63
N ARG Q 221 -7.70 -60.47 17.52
CA ARG Q 221 -7.80 -61.80 16.92
C ARG Q 221 -6.51 -62.12 16.18
N PHE Q 222 -5.90 -63.26 16.52
CA PHE Q 222 -4.61 -63.69 15.97
C PHE Q 222 -3.52 -62.66 16.24
N LYS Q 223 -3.66 -61.92 17.34
CA LYS Q 223 -2.59 -61.04 17.79
C LYS Q 223 -1.38 -61.89 18.19
N ASP Q 224 -0.20 -61.47 17.73
CA ASP Q 224 1.03 -62.25 17.90
C ASP Q 224 0.94 -63.59 17.19
N CYS Q 225 0.26 -63.62 16.04
CA CYS Q 225 0.11 -64.81 15.22
C CYS Q 225 0.34 -64.43 13.75
N ALA Q 226 1.59 -64.11 13.42
CA ALA Q 226 1.92 -63.65 12.08
C ALA Q 226 2.28 -64.80 11.14
N ALA Q 227 3.11 -65.73 11.60
CA ALA Q 227 3.57 -66.83 10.73
C ALA Q 227 2.40 -67.69 10.26
N LEU Q 228 1.46 -67.99 11.17
CA LEU Q 228 0.28 -68.74 10.79
C LEU Q 228 -0.50 -68.06 9.67
N ALA Q 229 -0.41 -66.73 9.58
CA ALA Q 229 -1.08 -65.99 8.51
C ALA Q 229 -0.29 -66.06 7.21
N THR Q 230 1.05 -66.02 7.28
CA THR Q 230 1.85 -66.19 6.08
C THR Q 230 1.76 -67.60 5.52
N PHE Q 231 1.42 -68.58 6.35
CA PHE Q 231 1.15 -69.92 5.81
C PHE Q 231 -0.06 -69.90 4.91
N GLY Q 232 -1.15 -69.24 5.34
CA GLY Q 232 -2.31 -69.10 4.48
C GLY Q 232 -2.05 -68.20 3.29
N HIS Q 233 -1.20 -67.19 3.46
CA HIS Q 233 -0.84 -66.32 2.34
C HIS Q 233 -0.09 -67.10 1.27
N LEU Q 234 0.85 -67.96 1.68
CA LEU Q 234 1.56 -68.79 0.72
C LEU Q 234 0.64 -69.84 0.11
N CYS Q 235 -0.29 -70.37 0.91
CA CYS Q 235 -1.28 -71.31 0.39
C CYS Q 235 -2.29 -70.63 -0.53
N LYS Q 236 -2.34 -69.31 -0.55
CA LYS Q 236 -3.22 -68.56 -1.45
C LYS Q 236 -2.51 -68.06 -2.70
N ILE Q 237 -1.26 -67.62 -2.58
CA ILE Q 237 -0.54 -67.06 -3.71
C ILE Q 237 -0.13 -68.16 -4.68
N THR Q 238 0.41 -69.26 -4.15
CA THR Q 238 0.79 -70.39 -4.99
C THR Q 238 -0.45 -71.03 -5.62
N GLY Q 239 -1.41 -71.41 -4.78
CA GLY Q 239 -2.56 -72.16 -5.22
C GLY Q 239 -2.53 -73.63 -4.85
N MET Q 240 -1.59 -74.03 -4.00
CA MET Q 240 -1.39 -75.42 -3.62
C MET Q 240 -1.96 -75.66 -2.23
N SER Q 241 -2.49 -76.86 -2.03
CA SER Q 241 -3.09 -77.21 -0.75
C SER Q 241 -2.06 -77.12 0.37
N THR Q 242 -2.55 -76.97 1.60
CA THR Q 242 -1.67 -76.78 2.75
C THR Q 242 -0.67 -77.91 2.88
N GLU Q 243 -1.07 -79.14 2.52
CA GLU Q 243 -0.14 -80.26 2.56
C GLU Q 243 0.92 -80.13 1.47
N ASP Q 244 0.50 -79.80 0.24
CA ASP Q 244 1.46 -79.64 -0.86
C ASP Q 244 2.47 -78.54 -0.54
N VAL Q 245 2.04 -77.46 0.09
CA VAL Q 245 2.97 -76.42 0.50
C VAL Q 245 3.84 -76.91 1.66
N THR Q 246 3.29 -77.75 2.54
CA THR Q 246 4.10 -78.33 3.60
C THR Q 246 5.21 -79.21 3.05
N THR Q 247 5.00 -79.81 1.87
CA THR Q 247 6.03 -80.65 1.28
C THR Q 247 7.20 -79.83 0.75
N TRP Q 248 6.95 -78.59 0.32
CA TRP Q 248 8.00 -77.74 -0.23
C TRP Q 248 8.89 -77.12 0.84
N ILE Q 249 8.66 -77.43 2.12
CA ILE Q 249 9.56 -77.00 3.18
C ILE Q 249 10.85 -77.82 3.08
N LEU Q 250 11.95 -77.16 2.75
CA LEU Q 250 13.22 -77.83 2.50
C LEU Q 250 14.31 -77.45 3.49
N ASN Q 251 13.95 -76.76 4.58
CA ASN Q 251 14.91 -76.38 5.60
C ASN Q 251 14.53 -77.01 6.93
N ARG Q 252 15.55 -77.30 7.74
CA ARG Q 252 15.32 -77.97 9.03
C ARG Q 252 14.57 -77.07 9.99
N GLU Q 253 15.01 -75.81 10.11
CA GLU Q 253 14.36 -74.89 11.05
C GLU Q 253 12.92 -74.62 10.65
N VAL Q 254 12.66 -74.45 9.35
CA VAL Q 254 11.30 -74.22 8.88
C VAL Q 254 10.42 -75.43 9.17
N ALA Q 255 10.99 -76.62 9.12
CA ALA Q 255 10.22 -77.83 9.44
C ALA Q 255 9.91 -77.91 10.93
N ASP Q 256 10.92 -77.66 11.77
CA ASP Q 256 10.70 -77.68 13.22
C ASP Q 256 9.67 -76.64 13.62
N GLU Q 257 9.74 -75.44 13.03
CA GLU Q 257 8.75 -74.41 13.31
C GLU Q 257 7.38 -74.77 12.76
N MET Q 258 7.33 -75.51 11.65
CA MET Q 258 6.04 -75.96 11.13
C MET Q 258 5.40 -76.98 12.04
N VAL Q 259 6.19 -77.90 12.58
CA VAL Q 259 5.67 -78.85 13.57
C VAL Q 259 5.23 -78.11 14.82
N GLN Q 260 6.00 -77.11 15.23
CA GLN Q 260 5.62 -76.31 16.40
C GLN Q 260 4.29 -75.59 16.18
N MET Q 261 4.06 -75.11 14.97
CA MET Q 261 2.81 -74.42 14.65
C MET Q 261 1.65 -75.40 14.49
N MET Q 262 1.91 -76.60 13.98
CA MET Q 262 0.87 -77.58 13.71
C MET Q 262 0.75 -78.62 14.83
N LEU Q 263 0.80 -78.18 16.08
CA LEU Q 263 0.46 -79.06 17.18
C LEU Q 263 -1.05 -79.31 17.15
N PRO Q 264 -1.49 -80.56 17.29
CA PRO Q 264 -2.86 -80.89 16.89
C PRO Q 264 -3.91 -80.76 17.99
N GLY Q 265 -3.72 -79.85 18.93
CA GLY Q 265 -4.68 -79.72 20.01
C GLY Q 265 -5.07 -78.30 20.36
N GLN Q 266 -4.90 -77.38 19.40
CA GLN Q 266 -5.06 -75.95 19.68
C GLN Q 266 -6.20 -75.30 18.90
N GLU Q 267 -6.97 -76.06 18.12
CA GLU Q 267 -8.17 -75.57 17.45
C GLU Q 267 -7.87 -74.43 16.48
N ILE Q 268 -6.77 -74.53 15.74
CA ILE Q 268 -6.42 -73.49 14.78
C ILE Q 268 -7.27 -73.55 13.51
N ASP Q 269 -8.13 -74.55 13.36
CA ASP Q 269 -9.06 -74.63 12.25
C ASP Q 269 -10.50 -74.34 12.64
N LYS Q 270 -10.80 -74.32 13.94
CA LYS Q 270 -12.15 -74.00 14.38
C LYS Q 270 -12.46 -72.52 14.14
N ALA Q 271 -13.69 -72.25 13.73
CA ALA Q 271 -14.11 -70.89 13.41
C ALA Q 271 -14.09 -69.99 14.63
N ASP Q 272 -15.00 -70.22 15.56
CA ASP Q 272 -15.18 -69.37 16.74
C ASP Q 272 -14.58 -70.10 17.94
N SER Q 273 -13.33 -69.77 18.29
CA SER Q 273 -12.62 -70.44 19.36
C SER Q 273 -11.86 -69.43 20.19
N TYR Q 274 -11.41 -69.87 21.37
CA TYR Q 274 -10.58 -69.05 22.23
C TYR Q 274 -9.15 -68.91 21.71
N MET Q 275 -8.78 -69.66 20.67
CA MET Q 275 -7.39 -69.68 20.23
C MET Q 275 -6.93 -68.34 19.65
N PRO Q 276 -7.65 -67.70 18.73
CA PRO Q 276 -7.13 -66.43 18.15
C PRO Q 276 -6.85 -65.36 19.19
N TYR Q 277 -7.48 -65.42 20.35
CA TYR Q 277 -7.30 -64.44 21.41
C TYR Q 277 -6.48 -65.00 22.56
N LEU Q 278 -5.53 -65.88 22.27
CA LEU Q 278 -4.74 -66.54 23.30
C LEU Q 278 -3.76 -65.60 24.01
N ILE Q 279 -3.58 -64.39 23.50
CA ILE Q 279 -2.66 -63.42 24.10
C ILE Q 279 -3.39 -62.47 25.04
N ASP Q 280 -4.48 -61.86 24.57
CA ASP Q 280 -5.24 -60.96 25.42
C ASP Q 280 -5.96 -61.70 26.54
N PHE Q 281 -6.49 -62.88 26.24
CA PHE Q 281 -7.12 -63.74 27.24
C PHE Q 281 -6.10 -64.36 28.20
N GLY Q 282 -4.82 -64.01 28.08
CA GLY Q 282 -3.80 -64.54 28.97
C GLY Q 282 -3.66 -66.04 28.87
N LEU Q 283 -4.16 -66.63 27.78
CA LEU Q 283 -3.98 -68.05 27.57
C LEU Q 283 -2.53 -68.39 27.34
N SER Q 284 -1.76 -67.45 26.79
CA SER Q 284 -0.35 -67.67 26.48
C SER Q 284 0.42 -66.38 26.67
N SER Q 285 1.59 -66.48 27.30
CA SER Q 285 2.50 -65.34 27.41
C SER Q 285 3.51 -65.29 26.27
N LYS Q 286 3.81 -66.44 25.67
CA LYS Q 286 4.68 -66.53 24.49
C LYS Q 286 3.95 -67.36 23.45
N SER Q 287 3.58 -66.74 22.33
CA SER Q 287 2.74 -67.40 21.35
C SER Q 287 3.53 -68.43 20.53
N PRO Q 288 2.89 -69.52 20.13
CA PRO Q 288 3.55 -70.49 19.25
C PRO Q 288 3.48 -70.13 17.77
N TYR Q 289 2.71 -69.12 17.39
CA TYR Q 289 2.40 -68.83 15.99
C TYR Q 289 2.94 -67.47 15.58
N SER Q 290 3.96 -66.99 16.26
CA SER Q 290 4.51 -65.65 16.02
C SER Q 290 5.75 -65.72 15.13
N SER Q 291 5.99 -64.63 14.41
CA SER Q 291 7.19 -64.45 13.60
C SER Q 291 8.43 -64.16 14.43
N VAL Q 292 8.31 -64.24 15.76
CA VAL Q 292 9.45 -64.11 16.65
C VAL Q 292 10.00 -65.47 17.06
N LYS Q 293 9.11 -66.44 17.29
CA LYS Q 293 9.51 -67.81 17.55
C LYS Q 293 9.52 -68.67 16.28
N ASN Q 294 9.06 -68.13 15.16
CA ASN Q 294 9.10 -68.82 13.86
C ASN Q 294 9.64 -67.87 12.81
N PRO Q 295 10.92 -67.48 12.91
CA PRO Q 295 11.45 -66.48 11.98
C PRO Q 295 11.76 -67.05 10.60
N ALA Q 296 12.38 -68.23 10.54
CA ALA Q 296 12.75 -68.81 9.26
C ALA Q 296 11.54 -69.10 8.40
N PHE Q 297 10.42 -69.47 9.01
CA PHE Q 297 9.19 -69.71 8.24
C PHE Q 297 8.60 -68.41 7.73
N HIS Q 298 8.66 -67.34 8.52
CA HIS Q 298 8.16 -66.05 8.07
C HIS Q 298 8.99 -65.52 6.90
N PHE Q 299 10.31 -65.53 7.06
CA PHE Q 299 11.19 -65.10 5.97
C PHE Q 299 11.01 -65.97 4.73
N TRP Q 300 10.92 -67.28 4.91
CA TRP Q 300 10.81 -68.20 3.78
C TRP Q 300 9.50 -68.01 3.03
N GLY Q 301 8.38 -68.17 3.73
CA GLY Q 301 7.09 -68.05 3.06
C GLY Q 301 6.83 -66.65 2.53
N GLN Q 302 7.30 -65.63 3.25
CA GLN Q 302 7.09 -64.26 2.79
C GLN Q 302 7.91 -63.97 1.55
N LEU Q 303 9.16 -64.42 1.51
CA LEU Q 303 9.99 -64.21 0.31
C LEU Q 303 9.44 -65.01 -0.87
N THR Q 304 9.07 -66.27 -0.65
CA THR Q 304 8.49 -67.07 -1.72
C THR Q 304 7.21 -66.43 -2.25
N ALA Q 305 6.42 -65.82 -1.35
CA ALA Q 305 5.22 -65.11 -1.79
C ALA Q 305 5.58 -63.87 -2.60
N LEU Q 306 6.59 -63.12 -2.16
CA LEU Q 306 7.00 -61.91 -2.86
C LEU Q 306 7.47 -62.22 -4.28
N LEU Q 307 8.28 -63.26 -4.42
CA LEU Q 307 8.75 -63.66 -5.76
C LEU Q 307 7.61 -64.06 -6.66
N LEU Q 308 6.46 -64.47 -6.10
CA LEU Q 308 5.27 -64.80 -6.86
C LEU Q 308 4.32 -63.62 -7.00
N ARG Q 309 4.84 -62.39 -6.96
CA ARG Q 309 4.07 -61.17 -7.18
C ARG Q 309 3.03 -60.93 -6.07
N SER Q 310 3.46 -61.04 -4.83
CA SER Q 310 2.61 -60.68 -3.70
C SER Q 310 2.70 -59.20 -3.43
N THR Q 311 1.55 -58.54 -3.27
CA THR Q 311 1.52 -57.14 -2.89
C THR Q 311 1.58 -56.93 -1.38
N ARG Q 312 1.28 -57.97 -0.60
CA ARG Q 312 1.37 -57.89 0.85
C ARG Q 312 2.79 -58.13 1.33
N ALA Q 313 3.56 -58.94 0.61
CA ALA Q 313 4.86 -59.38 1.10
C ALA Q 313 5.94 -58.31 1.03
N ARG Q 314 5.72 -57.21 0.30
CA ARG Q 314 6.77 -56.22 0.11
C ARG Q 314 7.22 -55.63 1.45
N ASN Q 315 6.28 -55.41 2.37
CA ASN Q 315 6.56 -54.68 3.60
C ASN Q 315 6.76 -55.57 4.81
N ALA Q 316 6.71 -56.90 4.64
CA ALA Q 316 6.98 -57.79 5.75
C ALA Q 316 8.43 -57.64 6.21
N ARG Q 317 8.65 -57.78 7.51
CA ARG Q 317 9.95 -57.50 8.10
C ARG Q 317 10.88 -58.72 8.00
N GLN Q 318 12.17 -58.43 7.86
CA GLN Q 318 13.19 -59.46 7.73
C GLN Q 318 13.72 -59.81 9.12
N PRO Q 319 13.41 -60.99 9.66
CA PRO Q 319 13.87 -61.33 11.01
C PRO Q 319 15.38 -61.48 11.08
N ASP Q 320 15.89 -61.47 12.31
CA ASP Q 320 17.31 -61.55 12.58
C ASP Q 320 17.70 -62.99 12.93
N ASP Q 321 18.99 -63.28 12.74
CA ASP Q 321 19.61 -64.54 13.17
C ASP Q 321 18.91 -65.76 12.56
N ILE Q 322 18.90 -65.80 11.23
CA ILE Q 322 18.40 -66.93 10.46
C ILE Q 322 19.32 -67.15 9.27
N GLU Q 323 19.19 -68.32 8.65
CA GLU Q 323 20.01 -68.68 7.48
C GLU Q 323 19.41 -68.02 6.24
N TYR Q 324 19.82 -66.78 5.98
CA TYR Q 324 19.28 -66.07 4.82
C TYR Q 324 19.64 -66.76 3.52
N THR Q 325 20.86 -67.32 3.43
CA THR Q 325 21.31 -67.93 2.19
C THR Q 325 20.49 -69.16 1.83
N SER Q 326 20.46 -70.15 2.71
CA SER Q 326 19.73 -71.38 2.43
C SER Q 326 18.24 -71.12 2.24
N LEU Q 327 17.66 -70.27 3.10
CA LEU Q 327 16.24 -69.93 2.96
C LEU Q 327 15.96 -69.23 1.64
N THR Q 328 16.91 -68.42 1.15
CA THR Q 328 16.71 -67.73 -0.12
C THR Q 328 16.83 -68.69 -1.30
N THR Q 329 17.73 -69.68 -1.21
CA THR Q 329 17.79 -70.69 -2.26
C THR Q 329 16.53 -71.54 -2.27
N ALA Q 330 15.99 -71.84 -1.10
CA ALA Q 330 14.75 -72.61 -1.01
C ALA Q 330 13.59 -71.83 -1.61
N GLY Q 331 13.42 -70.57 -1.19
CA GLY Q 331 12.36 -69.75 -1.77
C GLY Q 331 12.56 -69.47 -3.24
N LEU Q 332 13.81 -69.46 -3.70
CA LEU Q 332 14.10 -69.28 -5.12
C LEU Q 332 13.65 -70.49 -5.92
N LEU Q 333 13.99 -71.69 -5.44
CA LEU Q 333 13.58 -72.91 -6.14
C LEU Q 333 12.06 -73.07 -6.11
N TYR Q 334 11.44 -72.90 -4.94
CA TYR Q 334 9.99 -72.99 -4.83
C TYR Q 334 9.32 -71.98 -5.74
N ALA Q 335 9.75 -70.72 -5.69
CA ALA Q 335 9.13 -69.67 -6.47
C ALA Q 335 9.28 -69.93 -7.97
N TYR Q 336 10.49 -70.33 -8.40
CA TYR Q 336 10.69 -70.63 -9.81
C TYR Q 336 9.89 -71.84 -10.26
N ALA Q 337 9.65 -72.78 -9.34
CA ALA Q 337 8.85 -73.96 -9.68
C ALA Q 337 7.38 -73.60 -9.82
N VAL Q 338 6.87 -72.69 -9.00
CA VAL Q 338 5.48 -72.27 -9.13
C VAL Q 338 5.30 -71.35 -10.34
N GLY Q 339 6.30 -70.54 -10.65
CA GLY Q 339 6.23 -69.63 -11.78
C GLY Q 339 6.38 -70.32 -13.12
N SER Q 340 7.31 -71.27 -13.20
CA SER Q 340 7.50 -72.01 -14.45
C SER Q 340 6.30 -72.92 -14.72
N SER Q 341 5.93 -73.76 -13.76
CA SER Q 341 4.83 -74.70 -13.92
C SER Q 341 3.52 -73.99 -13.60
N ALA Q 342 2.97 -73.32 -14.62
CA ALA Q 342 1.69 -72.66 -14.45
C ALA Q 342 0.55 -73.67 -14.34
N ASP Q 343 0.75 -74.87 -14.89
CA ASP Q 343 -0.23 -75.95 -14.84
C ASP Q 343 -1.58 -75.51 -15.41
N LEU Q 344 -1.56 -75.08 -16.67
CA LEU Q 344 -2.77 -74.71 -17.36
C LEU Q 344 -3.51 -75.97 -17.84
N ALA Q 345 -4.82 -75.98 -17.63
CA ALA Q 345 -5.64 -77.11 -18.05
C ALA Q 345 -7.04 -76.61 -18.37
N GLN Q 346 -7.60 -77.12 -19.47
CA GLN Q 346 -8.96 -76.75 -19.84
C GLN Q 346 -9.93 -77.14 -18.73
N GLN Q 347 -10.97 -76.33 -18.56
CA GLN Q 347 -11.93 -76.55 -17.48
C GLN Q 347 -13.34 -76.79 -18.00
N PHE Q 348 -13.76 -76.10 -19.06
CA PHE Q 348 -15.08 -76.27 -19.65
C PHE Q 348 -14.94 -76.63 -21.11
N CYS Q 349 -15.90 -77.41 -21.62
CA CYS Q 349 -15.91 -77.84 -23.00
C CYS Q 349 -17.28 -77.58 -23.61
N VAL Q 350 -17.31 -77.43 -24.94
CA VAL Q 350 -18.54 -77.15 -25.66
C VAL Q 350 -19.06 -78.43 -26.31
N GLY Q 351 -18.39 -78.88 -27.37
CA GLY Q 351 -18.82 -80.06 -28.08
C GLY Q 351 -18.30 -81.35 -27.48
N ASP Q 352 -18.08 -81.34 -26.17
CA ASP Q 352 -17.40 -82.42 -25.46
C ASP Q 352 -16.11 -82.82 -26.19
N ASN Q 353 -15.36 -81.81 -26.63
CA ASN Q 353 -14.02 -82.00 -27.15
C ASN Q 353 -13.04 -81.32 -26.20
N LYS Q 354 -12.17 -82.11 -25.60
CA LYS Q 354 -11.17 -81.60 -24.67
C LYS Q 354 -9.80 -81.64 -25.33
N TYR Q 355 -8.87 -80.87 -24.75
CA TYR Q 355 -7.49 -80.93 -25.21
C TYR Q 355 -6.93 -82.33 -24.94
N THR Q 356 -6.65 -83.07 -26.01
CA THR Q 356 -6.04 -84.39 -25.88
C THR Q 356 -4.55 -84.26 -26.12
N PRO Q 357 -3.70 -84.50 -25.12
CA PRO Q 357 -2.27 -84.32 -25.31
C PRO Q 357 -1.70 -85.35 -26.28
N ASP Q 358 -0.51 -85.04 -26.79
CA ASP Q 358 0.19 -85.88 -27.75
C ASP Q 358 1.36 -86.54 -27.05
N ASP Q 359 1.35 -87.88 -27.00
CA ASP Q 359 2.43 -88.64 -26.39
C ASP Q 359 3.47 -89.11 -27.41
N SER Q 360 3.26 -88.84 -28.69
CA SER Q 360 4.16 -89.30 -29.75
C SER Q 360 5.40 -88.43 -29.90
N THR Q 361 5.64 -87.49 -28.98
CA THR Q 361 6.80 -86.61 -29.05
C THR Q 361 8.02 -87.41 -28.60
N GLY Q 362 8.68 -88.07 -29.54
CA GLY Q 362 9.82 -88.92 -29.26
C GLY Q 362 11.18 -88.27 -29.38
N GLY Q 363 11.24 -86.94 -29.57
CA GLY Q 363 12.51 -86.26 -29.69
C GLY Q 363 13.34 -86.26 -28.42
N LEU Q 364 12.76 -86.65 -27.28
CA LEU Q 364 13.44 -86.66 -26.00
C LEU Q 364 14.00 -85.28 -25.67
N THR Q 365 13.15 -84.38 -25.20
CA THR Q 365 13.57 -83.04 -24.78
C THR Q 365 13.95 -83.12 -23.30
N THR Q 366 15.13 -83.68 -23.05
CA THR Q 366 15.64 -83.81 -21.69
C THR Q 366 16.29 -82.50 -21.24
N ASN Q 367 16.85 -82.53 -20.03
CA ASN Q 367 17.50 -81.37 -19.42
C ASN Q 367 16.57 -80.17 -19.35
N ALA Q 368 15.26 -80.42 -19.36
CA ALA Q 368 14.20 -79.44 -19.24
C ALA Q 368 13.57 -79.51 -17.85
N PRO Q 369 13.09 -78.39 -17.32
CA PRO Q 369 12.49 -78.39 -15.98
C PRO Q 369 11.31 -79.32 -15.89
N PRO Q 370 10.97 -79.80 -14.70
CA PRO Q 370 9.82 -80.70 -14.55
C PRO Q 370 8.53 -80.04 -15.01
N GLN Q 371 7.53 -80.89 -15.28
CA GLN Q 371 6.27 -80.42 -15.84
C GLN Q 371 5.31 -79.89 -14.79
N GLY Q 372 5.42 -80.35 -13.54
CA GLY Q 372 4.50 -79.94 -12.49
C GLY Q 372 5.17 -79.23 -11.34
N ARG Q 373 4.63 -79.41 -10.14
CA ARG Q 373 5.14 -78.77 -8.93
C ARG Q 373 5.49 -79.80 -7.85
N ASP Q 374 5.93 -80.98 -8.28
CA ASP Q 374 6.32 -82.02 -7.33
C ASP Q 374 7.68 -81.70 -6.74
N VAL Q 375 7.77 -81.74 -5.40
CA VAL Q 375 9.05 -81.49 -4.73
C VAL Q 375 10.09 -82.50 -5.17
N VAL Q 376 9.66 -83.75 -5.38
CA VAL Q 376 10.60 -84.83 -5.69
C VAL Q 376 11.29 -84.57 -7.03
N GLU Q 377 10.53 -84.12 -8.03
CA GLU Q 377 11.11 -83.89 -9.36
C GLU Q 377 11.97 -82.63 -9.37
N TRP Q 378 11.49 -81.55 -8.77
CA TRP Q 378 12.24 -80.30 -8.79
C TRP Q 378 13.52 -80.39 -7.96
N LEU Q 379 13.53 -81.23 -6.93
CA LEU Q 379 14.78 -81.46 -6.19
C LEU Q 379 15.81 -82.17 -7.04
N GLY Q 380 15.37 -83.15 -7.84
CA GLY Q 380 16.31 -83.84 -8.72
C GLY Q 380 16.81 -82.96 -9.84
N TRP Q 381 15.89 -82.23 -10.49
CA TRP Q 381 16.30 -81.25 -11.48
C TRP Q 381 17.27 -80.25 -10.90
N PHE Q 382 17.05 -79.83 -9.65
CA PHE Q 382 17.97 -78.93 -8.98
C PHE Q 382 19.30 -79.61 -8.65
N GLU Q 383 19.31 -80.94 -8.52
CA GLU Q 383 20.55 -81.66 -8.34
C GLU Q 383 21.29 -81.85 -9.65
N ASP Q 384 20.60 -81.78 -10.79
CA ASP Q 384 21.28 -81.78 -12.07
C ASP Q 384 22.04 -80.48 -12.31
N GLN Q 385 21.57 -79.38 -11.73
CA GLN Q 385 22.26 -78.11 -11.80
C GLN Q 385 23.32 -77.94 -10.70
N ASN Q 386 23.72 -79.05 -10.07
CA ASN Q 386 24.72 -79.03 -9.00
C ASN Q 386 24.30 -78.16 -7.82
N ARG Q 387 22.99 -78.07 -7.58
CA ARG Q 387 22.41 -77.32 -6.47
C ARG Q 387 22.75 -75.84 -6.51
N LYS Q 388 23.13 -75.32 -7.70
CA LYS Q 388 23.37 -73.90 -7.94
C LYS Q 388 22.28 -73.36 -8.85
N PRO Q 389 21.72 -72.19 -8.53
CA PRO Q 389 20.61 -71.66 -9.33
C PRO Q 389 21.04 -71.33 -10.75
N THR Q 390 20.21 -71.73 -11.70
CA THR Q 390 20.47 -71.48 -13.11
C THR Q 390 20.26 -69.99 -13.42
N PRO Q 391 20.83 -69.51 -14.53
CA PRO Q 391 20.62 -68.09 -14.89
C PRO Q 391 19.17 -67.73 -15.14
N ASP Q 392 18.35 -68.69 -15.62
CA ASP Q 392 16.93 -68.41 -15.81
C ASP Q 392 16.21 -68.24 -14.48
N MET Q 393 16.71 -68.88 -13.42
CA MET Q 393 16.12 -68.71 -12.10
C MET Q 393 16.43 -67.32 -11.54
N MET Q 394 17.71 -66.93 -11.56
CA MET Q 394 18.09 -65.61 -11.06
C MET Q 394 17.48 -64.50 -11.90
N GLN Q 395 17.33 -64.72 -13.21
CA GLN Q 395 16.64 -63.74 -14.04
C GLN Q 395 15.15 -63.71 -13.74
N TYR Q 396 14.56 -64.87 -13.42
CA TYR Q 396 13.16 -64.89 -13.00
C TYR Q 396 12.96 -64.06 -11.74
N ALA Q 397 13.83 -64.26 -10.74
CA ALA Q 397 13.72 -63.48 -9.51
C ALA Q 397 13.97 -61.99 -9.78
N LYS Q 398 14.96 -61.67 -10.62
CA LYS Q 398 15.22 -60.29 -10.96
C LYS Q 398 14.01 -59.63 -11.58
N ARG Q 399 13.37 -60.29 -12.55
CA ARG Q 399 12.19 -59.72 -13.20
C ARG Q 399 11.01 -59.57 -12.25
N ALA Q 400 11.02 -60.27 -11.11
CA ALA Q 400 9.96 -60.15 -10.12
C ALA Q 400 10.24 -59.07 -9.08
N VAL Q 401 11.50 -58.88 -8.71
CA VAL Q 401 11.84 -57.88 -7.70
C VAL Q 401 12.21 -56.53 -8.30
N MET Q 402 12.57 -56.47 -9.58
CA MET Q 402 12.78 -55.18 -10.22
C MET Q 402 11.44 -54.46 -10.37
N SER Q 403 11.53 -53.14 -10.55
CA SER Q 403 10.35 -52.27 -10.54
C SER Q 403 9.57 -52.41 -9.22
N LEU Q 404 10.32 -52.49 -8.12
CA LEU Q 404 9.76 -52.45 -6.77
C LEU Q 404 10.21 -51.13 -6.14
N GLN Q 405 9.27 -50.20 -5.98
CA GLN Q 405 9.57 -48.85 -5.52
C GLN Q 405 8.92 -48.61 -4.17
N GLY Q 406 9.50 -47.67 -3.42
CA GLY Q 406 9.02 -47.35 -2.08
C GLY Q 406 9.23 -48.49 -1.10
N LEU Q 407 10.46 -49.00 -1.03
CA LEU Q 407 10.78 -50.14 -0.19
C LEU Q 407 11.32 -49.66 1.15
N ARG Q 408 10.67 -50.06 2.23
CA ARG Q 408 11.10 -49.70 3.57
C ARG Q 408 12.31 -50.52 3.98
N GLU Q 409 13.11 -49.97 4.89
CA GLU Q 409 14.24 -50.69 5.43
C GLU Q 409 13.75 -51.85 6.30
N LYS Q 410 14.65 -52.83 6.50
CA LYS Q 410 14.39 -53.99 7.34
C LYS Q 410 13.16 -54.77 6.88
N THR Q 411 12.87 -54.71 5.58
CA THR Q 411 11.78 -55.47 4.98
C THR Q 411 12.36 -56.52 4.03
N ILE Q 412 11.56 -57.56 3.77
CA ILE Q 412 12.01 -58.59 2.85
C ILE Q 412 11.93 -58.11 1.41
N GLY Q 413 11.12 -57.07 1.14
CA GLY Q 413 11.08 -56.51 -0.20
C GLY Q 413 12.39 -55.87 -0.59
N LYS Q 414 12.93 -55.02 0.29
CA LYS Q 414 14.25 -54.45 0.05
C LYS Q 414 15.32 -55.52 0.05
N TYR Q 415 15.11 -56.62 0.78
CA TYR Q 415 16.09 -57.70 0.78
C TYR Q 415 16.14 -58.39 -0.57
N ALA Q 416 14.97 -58.81 -1.10
CA ALA Q 416 14.94 -59.47 -2.40
C ALA Q 416 15.37 -58.51 -3.50
N LYS Q 417 14.96 -57.26 -3.43
CA LYS Q 417 15.40 -56.26 -4.40
C LYS Q 417 16.91 -56.09 -4.36
N SER Q 418 17.50 -56.07 -3.16
CA SER Q 418 18.94 -55.92 -3.03
C SER Q 418 19.69 -57.20 -3.36
N GLU Q 419 19.00 -58.34 -3.41
CA GLU Q 419 19.63 -59.64 -3.65
C GLU Q 419 19.57 -60.08 -5.10
N PHE Q 420 18.52 -59.72 -5.84
CA PHE Q 420 18.30 -60.26 -7.17
C PHE Q 420 18.36 -59.22 -8.29
N ASP Q 421 18.41 -57.93 -7.98
CA ASP Q 421 18.37 -56.88 -8.99
C ASP Q 421 19.76 -56.29 -9.19
N LYS Q 422 20.66 -57.11 -9.73
CA LYS Q 422 22.01 -56.68 -10.08
C LYS Q 422 22.72 -57.72 -10.94
N GLN R 1 -3.94 -90.50 -14.34
CA GLN R 1 -4.19 -91.80 -14.94
C GLN R 1 -2.93 -92.39 -15.55
N VAL R 2 -1.89 -92.47 -14.75
CA VAL R 2 -0.62 -93.04 -15.15
C VAL R 2 -0.61 -94.53 -14.82
N GLN R 3 -0.14 -95.34 -15.76
CA GLN R 3 -0.14 -96.79 -15.55
C GLN R 3 0.88 -97.44 -16.48
N LEU R 4 1.37 -98.60 -16.06
CA LEU R 4 2.28 -99.44 -16.83
C LEU R 4 1.59 -100.76 -17.09
N VAL R 5 1.55 -101.18 -18.36
CA VAL R 5 0.86 -102.40 -18.76
C VAL R 5 1.89 -103.37 -19.35
N GLU R 6 2.05 -104.51 -18.70
CA GLU R 6 3.02 -105.52 -19.11
C GLU R 6 2.34 -106.63 -19.90
N THR R 7 2.97 -107.03 -20.99
CA THR R 7 2.54 -108.16 -21.80
C THR R 7 3.77 -108.97 -22.21
N GLY R 8 3.52 -110.17 -22.74
CA GLY R 8 4.57 -110.98 -23.32
C GLY R 8 5.00 -112.17 -22.50
N GLY R 9 4.51 -112.33 -21.27
CA GLY R 9 4.88 -113.45 -20.44
C GLY R 9 4.30 -114.77 -20.93
N GLY R 10 4.66 -115.83 -20.24
CA GLY R 10 4.13 -117.14 -20.56
C GLY R 10 4.99 -118.25 -19.99
N LEU R 11 4.66 -119.47 -20.39
CA LEU R 11 5.39 -120.67 -19.98
C LEU R 11 6.25 -121.15 -21.15
N VAL R 12 7.54 -121.34 -20.87
CA VAL R 12 8.48 -121.83 -21.87
C VAL R 12 9.40 -122.85 -21.22
N GLN R 13 10.10 -123.61 -22.07
CA GLN R 13 11.03 -124.60 -21.59
C GLN R 13 12.36 -123.94 -21.23
N THR R 14 13.27 -124.74 -20.66
CA THR R 14 14.59 -124.23 -20.33
C THR R 14 15.39 -123.97 -21.59
N GLY R 15 16.01 -122.79 -21.65
CA GLY R 15 16.75 -122.36 -22.81
C GLY R 15 15.95 -121.56 -23.81
N GLY R 16 14.64 -121.43 -23.63
CA GLY R 16 13.81 -120.64 -24.52
C GLY R 16 14.03 -119.16 -24.31
N SER R 17 13.21 -118.38 -25.01
CA SER R 17 13.29 -116.93 -24.96
C SER R 17 11.90 -116.32 -24.97
N LEU R 18 11.75 -115.23 -24.24
CA LEU R 18 10.52 -114.44 -24.20
C LEU R 18 10.86 -112.98 -24.45
N ARG R 19 9.85 -112.19 -24.74
CA ARG R 19 10.00 -110.75 -24.87
C ARG R 19 8.88 -110.07 -24.11
N LEU R 20 9.24 -109.20 -23.17
CA LEU R 20 8.29 -108.52 -22.31
C LEU R 20 8.13 -107.07 -22.74
N SER R 21 6.90 -106.66 -22.98
CA SER R 21 6.58 -105.28 -23.37
C SER R 21 5.91 -104.56 -22.21
N CYS R 22 6.19 -103.27 -22.10
CA CYS R 22 5.63 -102.44 -21.05
C CYS R 22 5.17 -101.12 -21.68
N LYS R 23 3.85 -100.94 -21.76
CA LYS R 23 3.27 -99.70 -22.26
C LYS R 23 3.07 -98.75 -21.08
N ALA R 24 3.85 -97.67 -21.07
CA ALA R 24 3.75 -96.64 -20.05
C ALA R 24 2.87 -95.51 -20.56
N SER R 25 1.89 -95.09 -19.75
CA SER R 25 0.95 -94.08 -20.21
C SER R 25 0.53 -93.21 -19.02
N GLY R 26 -0.08 -92.06 -19.35
CA GLY R 26 -0.64 -91.15 -18.37
C GLY R 26 0.14 -89.87 -18.18
N ARG R 27 1.45 -89.92 -18.37
CA ARG R 27 2.30 -88.75 -18.16
C ARG R 27 3.44 -88.79 -19.18
N THR R 28 4.54 -88.13 -18.85
CA THR R 28 5.73 -88.09 -19.69
C THR R 28 6.90 -88.66 -18.90
N PHE R 29 7.62 -89.60 -19.53
CA PHE R 29 8.75 -90.27 -18.90
C PHE R 29 10.08 -89.89 -19.55
N SER R 30 10.21 -88.64 -19.99
CA SER R 30 11.41 -88.20 -20.68
C SER R 30 12.63 -88.27 -19.77
N ASN R 31 12.50 -87.75 -18.55
CA ASN R 31 13.60 -87.72 -17.58
C ASN R 31 13.44 -88.80 -16.52
N SER R 32 12.77 -89.90 -16.86
CA SER R 32 12.45 -90.96 -15.92
C SER R 32 13.31 -92.19 -16.19
N ILE R 33 13.71 -92.87 -15.11
CA ILE R 33 14.39 -94.15 -15.21
C ILE R 33 13.35 -95.26 -15.19
N MET R 34 13.41 -96.16 -16.17
CA MET R 34 12.46 -97.25 -16.27
C MET R 34 13.15 -98.55 -15.87
N GLY R 35 12.36 -99.53 -15.43
CA GLY R 35 12.99 -100.74 -14.96
C GLY R 35 12.05 -101.92 -14.94
N TRP R 36 12.62 -103.07 -14.54
CA TRP R 36 11.90 -104.32 -14.39
C TRP R 36 12.27 -104.93 -13.05
N PHE R 37 11.29 -105.53 -12.39
CA PHE R 37 11.53 -106.31 -11.19
C PHE R 37 10.83 -107.66 -11.35
N ARG R 38 11.16 -108.61 -10.48
CA ARG R 38 10.50 -109.91 -10.54
C ARG R 38 10.27 -110.44 -9.14
N GLN R 39 9.11 -111.05 -8.95
CA GLN R 39 8.66 -111.57 -7.67
C GLN R 39 8.63 -113.09 -7.76
N ALA R 40 9.54 -113.74 -7.05
CA ALA R 40 9.55 -115.19 -7.00
C ALA R 40 8.41 -115.69 -6.09
N PRO R 41 7.94 -116.91 -6.30
CA PRO R 41 6.91 -117.46 -5.42
C PRO R 41 7.44 -117.64 -4.00
N GLY R 42 6.81 -116.94 -3.06
CA GLY R 42 7.24 -117.00 -1.67
C GLY R 42 8.45 -116.16 -1.34
N LYS R 43 8.93 -115.35 -2.28
CA LYS R 43 10.09 -114.50 -2.06
C LYS R 43 9.72 -113.06 -2.40
N GLU R 44 10.49 -112.13 -1.84
CA GLU R 44 10.27 -110.72 -2.13
C GLU R 44 10.77 -110.39 -3.53
N ARG R 45 10.18 -109.34 -4.12
CA ARG R 45 10.53 -108.98 -5.49
C ARG R 45 11.97 -108.49 -5.57
N ASP R 46 12.65 -108.87 -6.64
CA ASP R 46 14.07 -108.60 -6.79
C ASP R 46 14.33 -107.87 -8.10
N PHE R 47 15.53 -107.30 -8.18
CA PHE R 47 15.95 -106.48 -9.31
C PHE R 47 16.48 -107.36 -10.43
N VAL R 48 16.23 -106.93 -11.67
CA VAL R 48 16.73 -107.66 -12.84
C VAL R 48 17.41 -106.70 -13.82
N ALA R 49 16.80 -105.54 -14.06
CA ALA R 49 17.34 -104.61 -15.03
C ALA R 49 16.69 -103.26 -14.86
N LYS R 50 17.46 -102.20 -15.10
CA LYS R 50 16.94 -100.85 -15.19
C LYS R 50 17.67 -100.12 -16.30
N ILE R 51 16.92 -99.36 -17.08
CA ILE R 51 17.45 -98.51 -18.14
C ILE R 51 17.12 -97.07 -17.80
N SER R 52 18.14 -96.22 -17.81
CA SER R 52 17.99 -94.82 -17.43
C SER R 52 17.53 -94.02 -18.64
N TRP R 53 17.44 -92.70 -18.45
CA TRP R 53 17.19 -91.77 -19.55
C TRP R 53 18.46 -91.05 -19.99
N ARG R 54 19.56 -91.19 -19.25
CA ARG R 54 20.83 -90.56 -19.58
C ARG R 54 21.63 -91.54 -20.44
N ASN R 55 21.54 -91.36 -21.76
CA ASN R 55 22.29 -92.17 -22.73
C ASN R 55 21.95 -93.65 -22.61
N ASP R 56 20.74 -93.96 -22.16
CA ASP R 56 20.25 -95.34 -22.03
C ASP R 56 21.22 -96.19 -21.21
N TYR R 57 21.73 -95.63 -20.12
CA TYR R 57 22.65 -96.35 -19.25
C TYR R 57 21.91 -97.47 -18.54
N THR R 58 22.32 -98.71 -18.78
CA THR R 58 21.63 -99.88 -18.27
C THR R 58 22.40 -100.50 -17.11
N THR R 59 21.66 -101.01 -16.13
CA THR R 59 22.22 -101.73 -14.99
C THR R 59 21.45 -103.04 -14.85
N TYR R 60 22.20 -104.14 -14.73
CA TYR R 60 21.60 -105.46 -14.69
C TYR R 60 21.87 -106.13 -13.34
N ALA R 61 21.02 -107.11 -13.02
CA ALA R 61 21.28 -107.98 -11.89
C ALA R 61 22.28 -109.05 -12.30
N ASP R 62 23.10 -109.48 -11.34
CA ASP R 62 24.09 -110.52 -11.60
C ASP R 62 23.44 -111.82 -12.06
N SER R 63 22.18 -112.05 -11.70
CA SER R 63 21.50 -113.29 -12.06
C SER R 63 21.12 -113.33 -13.53
N VAL R 64 21.13 -112.19 -14.23
CA VAL R 64 20.64 -112.12 -15.59
C VAL R 64 21.65 -111.51 -16.57
N LYS R 65 22.86 -111.16 -16.10
CA LYS R 65 23.85 -110.59 -16.99
C LYS R 65 24.24 -111.58 -18.07
N GLY R 66 24.11 -111.16 -19.33
CA GLY R 66 24.36 -112.01 -20.48
C GLY R 66 23.13 -112.68 -21.04
N ARG R 67 21.99 -112.58 -20.36
CA ARG R 67 20.77 -113.26 -20.77
C ARG R 67 19.63 -112.31 -21.09
N PHE R 68 19.49 -111.21 -20.37
CA PHE R 68 18.41 -110.26 -20.57
C PHE R 68 18.94 -108.97 -21.18
N THR R 69 18.21 -108.43 -22.15
CA THR R 69 18.56 -107.18 -22.82
C THR R 69 17.38 -106.22 -22.65
N ILE R 70 17.56 -105.20 -21.81
CA ILE R 70 16.53 -104.21 -21.54
C ILE R 70 16.69 -103.05 -22.50
N SER R 71 15.57 -102.50 -22.97
CA SER R 71 15.61 -101.36 -23.88
C SER R 71 14.35 -100.53 -23.67
N ARG R 72 14.34 -99.34 -24.28
CA ARG R 72 13.19 -98.46 -24.18
C ARG R 72 13.03 -97.69 -25.48
N ASP R 73 11.81 -97.23 -25.72
CA ASP R 73 11.48 -96.39 -26.88
C ASP R 73 10.60 -95.26 -26.38
N ASN R 74 11.12 -94.03 -26.43
CA ASN R 74 10.38 -92.87 -25.94
C ASN R 74 9.33 -92.42 -26.94
N ALA R 75 9.57 -92.62 -28.24
CA ALA R 75 8.56 -92.26 -29.24
C ALA R 75 7.35 -93.17 -29.16
N SER R 76 7.54 -94.43 -28.79
CA SER R 76 6.44 -95.37 -28.60
C SER R 76 6.03 -95.50 -27.15
N ASN R 77 6.77 -94.90 -26.21
CA ASN R 77 6.49 -95.00 -24.79
C ASN R 77 6.41 -96.46 -24.34
N MET R 78 7.42 -97.23 -24.73
CA MET R 78 7.46 -98.66 -24.42
C MET R 78 8.79 -99.01 -23.77
N VAL R 79 8.77 -100.05 -22.93
CA VAL R 79 9.98 -100.56 -22.29
C VAL R 79 9.98 -102.07 -22.47
N TYR R 80 11.04 -102.61 -23.07
CA TYR R 80 11.12 -104.02 -23.40
C TYR R 80 12.20 -104.72 -22.58
N LEU R 81 11.94 -105.98 -22.26
CA LEU R 81 12.89 -106.86 -21.59
C LEU R 81 13.01 -108.13 -22.42
N LEU R 82 14.17 -108.33 -23.03
CA LEU R 82 14.43 -109.50 -23.86
C LEU R 82 15.04 -110.59 -23.00
N MET R 83 14.36 -111.73 -22.90
CA MET R 83 14.76 -112.83 -22.03
C MET R 83 15.25 -113.99 -22.89
N ASN R 84 16.55 -114.02 -23.15
CA ASN R 84 17.18 -115.11 -23.87
C ASN R 84 17.88 -116.06 -22.89
N ASN R 85 17.97 -117.33 -23.29
CA ASN R 85 18.69 -118.35 -22.53
C ASN R 85 18.14 -118.43 -21.10
N LEU R 86 16.86 -118.77 -21.00
CA LEU R 86 16.16 -118.73 -19.73
C LEU R 86 16.55 -119.90 -18.83
N LYS R 87 16.15 -119.80 -17.57
CA LYS R 87 16.41 -120.81 -16.55
C LYS R 87 15.15 -120.96 -15.71
N PRO R 88 14.98 -122.09 -15.03
CA PRO R 88 13.89 -122.19 -14.06
C PRO R 88 14.05 -121.24 -12.89
N GLU R 89 15.29 -120.83 -12.59
CA GLU R 89 15.52 -119.79 -11.60
C GLU R 89 14.80 -118.50 -11.96
N ASP R 90 14.63 -118.24 -13.25
CA ASP R 90 13.97 -117.03 -13.73
C ASP R 90 12.45 -117.09 -13.63
N THR R 91 11.89 -118.17 -13.09
CA THR R 91 10.44 -118.30 -12.98
C THR R 91 9.90 -117.38 -11.89
N ALA R 92 9.12 -116.39 -12.28
CA ALA R 92 8.62 -115.38 -11.34
C ALA R 92 7.53 -114.56 -12.01
N VAL R 93 7.11 -113.49 -11.33
CA VAL R 93 6.13 -112.54 -11.83
C VAL R 93 6.85 -111.22 -12.06
N TYR R 94 6.98 -110.82 -13.33
CA TYR R 94 7.76 -109.65 -13.70
C TYR R 94 6.86 -108.41 -13.74
N TYR R 95 7.32 -107.36 -13.07
CA TYR R 95 6.63 -106.07 -13.03
C TYR R 95 7.47 -105.00 -13.72
N CYS R 96 6.78 -104.08 -14.37
CA CYS R 96 7.40 -102.90 -14.98
C CYS R 96 7.37 -101.75 -13.96
N ALA R 97 8.46 -101.00 -13.91
CA ALA R 97 8.61 -99.93 -12.94
C ALA R 97 9.00 -98.64 -13.63
N ALA R 98 8.52 -97.52 -13.07
CA ALA R 98 8.82 -96.19 -13.60
C ALA R 98 9.10 -95.26 -12.42
N THR R 99 9.84 -94.20 -12.72
CA THR R 99 10.33 -93.27 -11.70
C THR R 99 9.87 -91.85 -12.02
N LYS R 100 9.67 -91.06 -10.98
CA LYS R 100 9.40 -89.63 -11.17
C LYS R 100 10.60 -88.96 -11.82
N ALA R 101 10.37 -87.76 -12.35
CA ALA R 101 11.39 -87.07 -13.13
C ALA R 101 12.61 -86.73 -12.28
N TYR R 102 13.79 -86.90 -12.87
CA TYR R 102 15.07 -86.58 -12.24
C TYR R 102 15.25 -87.26 -10.89
N ASN R 103 14.40 -88.24 -10.59
CA ASN R 103 14.47 -89.01 -9.37
C ASN R 103 15.21 -90.31 -9.65
N GLY R 104 16.05 -90.72 -8.69
CA GLY R 104 16.87 -91.89 -8.90
C GLY R 104 16.10 -93.19 -8.83
N GLY R 105 16.68 -94.22 -9.43
CA GLY R 105 16.14 -95.57 -9.35
C GLY R 105 17.16 -96.53 -8.78
N GLU R 106 16.82 -97.16 -7.65
CA GLU R 106 17.73 -98.03 -6.95
C GLU R 106 17.28 -99.49 -7.06
N THR R 107 18.25 -100.40 -6.94
CA THR R 107 17.98 -101.82 -7.13
C THR R 107 17.08 -102.37 -6.04
N SER R 108 17.15 -101.82 -4.82
CA SER R 108 16.31 -102.29 -3.73
C SER R 108 14.85 -101.92 -3.93
N GLY R 109 14.55 -101.00 -4.83
CA GLY R 109 13.21 -100.50 -5.02
C GLY R 109 13.03 -99.04 -4.65
N ARG R 110 14.02 -98.43 -3.99
CA ARG R 110 13.94 -97.00 -3.68
C ARG R 110 13.76 -96.20 -4.95
N GLY R 111 12.99 -95.12 -4.84
CA GLY R 111 12.47 -94.51 -6.06
C GLY R 111 11.36 -95.38 -6.62
N PHE R 112 11.23 -95.36 -7.94
CA PHE R 112 10.22 -96.16 -8.64
C PHE R 112 8.84 -95.97 -8.02
N TYR R 113 8.22 -94.82 -8.29
CA TYR R 113 6.92 -94.52 -7.74
C TYR R 113 5.81 -95.31 -8.44
N TYR R 114 5.97 -95.59 -9.72
CA TYR R 114 4.95 -96.23 -10.52
C TYR R 114 5.27 -97.70 -10.73
N TRP R 115 4.25 -98.55 -10.62
CA TRP R 115 4.38 -99.97 -10.87
C TRP R 115 3.18 -100.44 -11.70
N GLY R 116 3.32 -101.63 -12.28
CA GLY R 116 2.25 -102.26 -13.02
C GLY R 116 1.67 -103.45 -12.26
N GLN R 117 0.70 -104.10 -12.91
CA GLN R 117 0.11 -105.29 -12.32
C GLN R 117 1.00 -106.51 -12.50
N GLY R 118 1.81 -106.54 -13.55
CA GLY R 118 2.79 -107.59 -13.75
C GLY R 118 2.29 -108.68 -14.69
N THR R 119 3.22 -109.54 -15.08
CA THR R 119 2.95 -110.67 -15.94
C THR R 119 3.64 -111.90 -15.38
N GLN R 120 3.14 -113.07 -15.79
CA GLN R 120 3.67 -114.34 -15.30
C GLN R 120 4.71 -114.89 -16.27
N VAL R 121 5.85 -115.31 -15.74
CA VAL R 121 6.88 -115.99 -16.51
C VAL R 121 7.22 -117.29 -15.82
N THR R 122 6.92 -118.41 -16.49
CA THR R 122 7.17 -119.75 -15.97
C THR R 122 8.11 -120.48 -16.92
N VAL R 123 9.19 -121.02 -16.37
CA VAL R 123 10.22 -121.70 -17.15
C VAL R 123 10.40 -123.10 -16.59
N SER R 124 10.15 -124.12 -17.40
CA SER R 124 10.22 -125.51 -16.97
C SER R 124 11.26 -126.25 -17.79
N SER R 125 11.46 -127.53 -17.45
CA SER R 125 12.41 -128.38 -18.15
C SER R 125 11.79 -128.99 -19.40
N SER S 2 61.20 -68.03 20.15
CA SER S 2 62.59 -67.64 20.40
C SER S 2 63.54 -68.54 19.61
N VAL S 3 64.18 -67.98 18.59
CA VAL S 3 65.13 -68.70 17.76
C VAL S 3 66.22 -67.72 17.34
N THR S 4 67.43 -68.26 17.12
CA THR S 4 68.58 -67.43 16.79
C THR S 4 68.38 -66.76 15.44
N VAL S 5 68.62 -65.44 15.39
CA VAL S 5 68.53 -64.66 14.16
C VAL S 5 69.86 -63.92 13.99
N LYS S 6 70.49 -64.12 12.84
CA LYS S 6 71.81 -63.56 12.56
C LYS S 6 71.74 -62.60 11.39
N ARG S 7 72.63 -61.61 11.40
CA ARG S 7 72.80 -60.70 10.28
C ARG S 7 73.83 -61.28 9.33
N ILE S 8 73.41 -61.56 8.09
CA ILE S 8 74.24 -62.32 7.17
C ILE S 8 75.41 -61.53 6.61
N ILE S 9 75.43 -60.21 6.79
CA ILE S 9 76.56 -59.43 6.28
C ILE S 9 77.79 -59.60 7.16
N ASP S 10 77.61 -59.88 8.46
CA ASP S 10 78.76 -59.99 9.35
C ASP S 10 78.53 -60.98 10.50
N ASN S 11 77.60 -61.92 10.37
CA ASN S 11 77.34 -62.98 11.34
C ASN S 11 76.97 -62.44 12.73
N THR S 12 76.69 -61.15 12.85
CA THR S 12 76.26 -60.61 14.14
C THR S 12 74.87 -61.14 14.49
N VAL S 13 74.65 -61.36 15.78
CA VAL S 13 73.40 -61.90 16.29
C VAL S 13 72.52 -60.77 16.79
N ILE S 14 71.24 -60.81 16.44
CA ILE S 14 70.27 -59.82 16.86
C ILE S 14 69.14 -60.54 17.59
N VAL S 15 68.57 -59.87 18.58
CA VAL S 15 67.49 -60.45 19.38
C VAL S 15 66.23 -59.59 19.21
N PRO S 16 65.41 -59.85 18.19
CA PRO S 16 64.20 -59.04 17.99
C PRO S 16 63.21 -59.27 19.12
N LYS S 17 62.87 -58.20 19.82
CA LYS S 17 61.93 -58.25 20.94
C LYS S 17 61.01 -57.05 20.87
N LEU S 18 59.76 -57.27 21.29
CA LEU S 18 58.74 -56.23 21.24
C LEU S 18 58.31 -55.83 22.65
N PRO S 19 57.85 -54.57 22.83
CA PRO S 19 57.29 -54.18 24.13
C PRO S 19 56.08 -55.03 24.50
N ALA S 20 56.22 -55.83 25.55
CA ALA S 20 55.14 -56.70 25.98
C ALA S 20 54.11 -55.92 26.78
N ASN S 21 52.86 -56.36 26.70
CA ASN S 21 51.76 -55.80 27.47
C ASN S 21 51.00 -56.95 28.10
N GLU S 22 50.86 -56.93 29.42
CA GLU S 22 50.18 -58.01 30.13
C GLU S 22 48.70 -58.07 29.75
N ASP S 23 47.89 -57.22 30.38
CA ASP S 23 46.44 -57.27 30.27
C ASP S 23 45.91 -58.68 30.50
N PRO S 24 46.15 -59.26 31.69
CA PRO S 24 45.65 -60.61 31.95
C PRO S 24 44.14 -60.64 31.99
N VAL S 25 43.58 -61.81 31.67
CA VAL S 25 42.14 -62.01 31.59
C VAL S 25 41.68 -62.68 32.87
N GLU S 26 40.60 -62.15 33.47
CA GLU S 26 40.07 -62.64 34.74
C GLU S 26 38.73 -63.32 34.48
N TYR S 27 38.64 -64.62 34.87
CA TYR S 27 37.43 -65.43 34.76
C TYR S 27 36.59 -65.32 36.04
N PRO S 28 35.27 -65.44 35.92
CA PRO S 28 34.43 -65.27 37.11
C PRO S 28 34.64 -66.33 38.17
N ALA S 29 34.75 -67.60 37.77
CA ALA S 29 34.90 -68.67 38.75
C ALA S 29 36.23 -68.64 39.48
N ASP S 30 37.21 -67.88 39.00
CA ASP S 30 38.44 -67.66 39.74
C ASP S 30 38.27 -66.66 40.87
N TYR S 31 37.15 -65.93 40.89
CA TYR S 31 36.82 -65.02 41.98
C TYR S 31 36.12 -65.73 43.12
N PHE S 32 35.13 -66.58 42.79
CA PHE S 32 34.33 -67.24 43.83
C PHE S 32 35.15 -68.24 44.65
N ARG S 33 36.24 -68.76 44.10
CA ARG S 33 37.12 -69.59 44.92
C ARG S 33 37.91 -68.78 45.94
N LYS S 34 37.95 -67.45 45.79
CA LYS S 34 38.55 -66.57 46.78
C LYS S 34 37.53 -66.17 47.84
N SER S 35 36.46 -65.49 47.44
CA SER S 35 35.39 -65.07 48.34
C SER S 35 34.09 -65.70 47.86
N LYS S 36 33.43 -66.44 48.76
CA LYS S 36 32.19 -67.12 48.44
C LYS S 36 30.99 -66.18 48.43
N GLU S 37 31.21 -64.87 48.50
CA GLU S 37 30.10 -63.92 48.51
C GLU S 37 30.58 -62.57 48.01
N ILE S 38 29.72 -61.91 47.25
CA ILE S 38 29.99 -60.58 46.70
C ILE S 38 29.39 -59.52 47.62
N PRO S 39 30.18 -58.57 48.11
CA PRO S 39 29.66 -57.56 49.03
C PRO S 39 29.12 -56.31 48.33
N LEU S 40 28.14 -55.70 48.98
CA LEU S 40 27.57 -54.43 48.55
C LEU S 40 27.70 -53.44 49.70
N TYR S 41 28.34 -52.30 49.44
CA TYR S 41 28.57 -51.28 50.45
C TYR S 41 27.45 -50.25 50.37
N ILE S 42 26.52 -50.29 51.33
CA ILE S 42 25.37 -49.41 51.36
C ILE S 42 25.35 -48.69 52.70
N ASN S 43 24.57 -47.60 52.76
CA ASN S 43 24.40 -46.80 53.96
C ASN S 43 22.95 -46.89 54.42
N THR S 44 22.74 -47.35 55.65
CA THR S 44 21.41 -47.64 56.17
C THR S 44 20.99 -46.68 57.27
N THR S 45 21.55 -45.47 57.30
CA THR S 45 21.22 -44.53 58.37
C THR S 45 19.91 -43.80 58.11
N LYS S 46 19.87 -42.98 57.05
CA LYS S 46 18.71 -42.16 56.77
C LYS S 46 17.50 -43.02 56.44
N SER S 47 16.32 -42.39 56.49
CA SER S 47 15.07 -43.07 56.21
C SER S 47 14.71 -42.94 54.73
N LEU S 48 13.75 -43.78 54.30
CA LEU S 48 13.35 -43.80 52.91
C LEU S 48 12.77 -42.46 52.48
N SER S 49 11.85 -41.91 53.27
CA SER S 49 11.22 -40.64 52.93
C SER S 49 12.24 -39.51 52.85
N ASP S 50 13.32 -39.60 53.63
CA ASP S 50 14.37 -38.60 53.55
C ASP S 50 15.14 -38.72 52.23
N LEU S 51 15.66 -39.91 51.95
CA LEU S 51 16.46 -40.11 50.74
C LEU S 51 15.67 -39.83 49.48
N ARG S 52 14.35 -40.07 49.51
CA ARG S 52 13.51 -39.80 48.35
C ARG S 52 13.59 -38.33 47.94
N GLY S 53 13.40 -37.43 48.89
CA GLY S 53 13.55 -36.02 48.60
C GLY S 53 14.99 -35.60 48.38
N TYR S 54 15.93 -36.24 49.08
CA TYR S 54 17.35 -36.00 48.85
C TYR S 54 17.69 -36.18 47.37
N VAL S 55 17.26 -37.28 46.78
CA VAL S 55 17.58 -37.56 45.39
C VAL S 55 16.61 -36.90 44.41
N TYR S 56 15.42 -36.48 44.85
CA TYR S 56 14.56 -35.73 43.96
C TYR S 56 15.10 -34.31 43.77
N GLN S 57 15.36 -33.60 44.86
CA GLN S 57 15.90 -32.25 44.73
C GLN S 57 17.37 -32.26 44.33
N GLY S 58 18.11 -33.29 44.72
CA GLY S 58 19.45 -33.48 44.18
C GLY S 58 19.43 -33.78 42.70
N LEU S 59 18.37 -34.43 42.23
CA LEU S 59 18.19 -34.64 40.79
C LEU S 59 17.82 -33.34 40.09
N LYS S 60 16.98 -32.51 40.73
CA LYS S 60 16.53 -31.26 40.12
C LYS S 60 17.68 -30.28 39.89
N SER S 61 18.84 -30.49 40.51
CA SER S 61 20.01 -29.66 40.31
C SER S 61 21.16 -30.53 39.80
N GLY S 62 22.37 -29.95 39.83
CA GLY S 62 23.53 -30.69 39.38
C GLY S 62 24.10 -31.60 40.45
N ASN S 63 24.09 -31.14 41.70
CA ASN S 63 24.70 -31.90 42.78
C ASN S 63 23.78 -33.01 43.26
N VAL S 64 24.32 -34.22 43.37
CA VAL S 64 23.62 -35.36 43.96
C VAL S 64 24.68 -36.40 44.30
N SER S 65 24.48 -37.10 45.42
CA SER S 65 25.45 -38.06 45.91
C SER S 65 25.11 -39.45 45.39
N ILE S 66 26.14 -40.14 44.86
CA ILE S 66 25.96 -41.53 44.43
C ILE S 66 25.60 -42.40 45.62
N ILE S 67 26.12 -42.07 46.80
CA ILE S 67 25.77 -42.81 48.01
C ILE S 67 24.29 -42.60 48.36
N HIS S 68 23.74 -41.43 48.01
CA HIS S 68 22.32 -41.19 48.25
C HIS S 68 21.45 -41.99 47.29
N VAL S 69 21.88 -42.13 46.04
CA VAL S 69 21.07 -42.86 45.07
C VAL S 69 21.22 -44.37 45.27
N ASN S 70 22.34 -44.82 45.84
CA ASN S 70 22.48 -46.23 46.19
C ASN S 70 21.70 -46.56 47.45
N SER S 71 21.92 -45.77 48.51
CA SER S 71 21.19 -45.95 49.76
C SER S 71 19.69 -45.79 49.55
N TYR S 72 19.28 -45.02 48.54
CA TYR S 72 17.87 -44.90 48.22
C TYR S 72 17.40 -46.09 47.38
N LEU S 73 18.17 -46.46 46.36
CA LEU S 73 17.79 -47.58 45.50
C LEU S 73 17.64 -48.86 46.30
N TYR S 74 18.38 -49.00 47.40
CA TYR S 74 18.16 -50.12 48.29
C TYR S 74 16.75 -50.04 48.88
N GLY S 75 16.47 -48.98 49.66
CA GLY S 75 15.21 -48.92 50.38
C GLY S 75 14.01 -48.92 49.46
N ALA S 76 14.19 -48.50 48.21
CA ALA S 76 13.08 -48.53 47.26
C ALA S 76 12.95 -49.89 46.60
N LEU S 77 14.07 -50.50 46.21
CA LEU S 77 14.04 -51.82 45.59
C LEU S 77 13.99 -52.95 46.62
N LYS S 78 14.18 -52.65 47.90
CA LYS S 78 14.05 -53.67 48.93
C LYS S 78 12.61 -54.16 48.98
N ASP S 79 12.42 -55.31 49.64
CA ASP S 79 11.17 -56.03 49.84
C ASP S 79 10.47 -56.41 48.54
N ILE S 80 11.13 -56.31 47.40
CA ILE S 80 10.62 -56.86 46.15
C ILE S 80 10.86 -58.36 46.17
N ARG S 81 9.78 -59.14 46.18
CA ARG S 81 9.85 -60.56 46.47
C ARG S 81 9.37 -61.38 45.27
N GLY S 82 10.01 -62.53 45.07
CA GLY S 82 9.62 -63.46 44.03
C GLY S 82 9.83 -64.89 44.44
N LYS S 83 8.90 -65.77 44.08
CA LYS S 83 8.98 -67.18 44.45
C LYS S 83 9.66 -67.99 43.36
N LEU S 84 10.53 -68.91 43.77
CA LEU S 84 11.26 -69.75 42.85
C LEU S 84 10.44 -70.98 42.49
N ASP S 85 10.38 -71.32 41.20
CA ASP S 85 9.77 -72.57 40.78
C ASP S 85 10.74 -73.73 40.93
N LYS S 86 12.04 -73.46 40.88
CA LYS S 86 13.07 -74.47 41.08
C LYS S 86 14.22 -73.86 41.85
N ASP S 87 15.13 -74.72 42.30
CA ASP S 87 16.31 -74.25 43.01
C ASP S 87 17.14 -73.34 42.11
N TRP S 88 17.71 -72.29 42.71
CA TRP S 88 18.55 -71.33 42.01
C TRP S 88 19.93 -71.35 42.66
N SER S 89 20.93 -71.83 41.92
CA SER S 89 22.30 -71.87 42.40
C SER S 89 23.24 -71.52 41.27
N SER S 90 24.35 -70.87 41.62
CA SER S 90 25.33 -70.45 40.62
C SER S 90 26.68 -70.29 41.30
N PHE S 91 27.70 -70.93 40.72
CA PHE S 91 29.08 -70.89 41.25
C PHE S 91 29.14 -71.39 42.69
N GLY S 92 28.28 -72.35 43.03
CA GLY S 92 28.28 -72.90 44.37
C GLY S 92 27.66 -72.02 45.43
N ILE S 93 26.68 -71.19 45.06
CA ILE S 93 26.01 -70.29 45.98
C ILE S 93 24.51 -70.56 45.86
N ASN S 94 23.94 -71.27 46.83
CA ASN S 94 22.52 -71.58 46.84
C ASN S 94 21.75 -70.36 47.31
N ILE S 95 21.44 -69.46 46.36
CA ILE S 95 20.71 -68.25 46.69
C ILE S 95 19.22 -68.50 46.90
N GLY S 96 18.73 -69.67 46.53
CA GLY S 96 17.35 -70.04 46.75
C GLY S 96 17.21 -71.55 46.72
N LYS S 97 15.97 -72.01 46.89
CA LYS S 97 15.72 -73.45 46.96
C LYS S 97 14.24 -73.79 46.84
N ALA S 98 13.84 -74.30 45.69
CA ALA S 98 12.47 -74.81 45.44
C ALA S 98 11.48 -73.68 45.75
N GLY S 99 10.45 -73.92 46.56
CA GLY S 99 9.42 -72.93 46.79
C GLY S 99 9.82 -71.77 47.68
N ASP S 100 11.12 -71.52 47.81
CA ASP S 100 11.58 -70.37 48.57
C ASP S 100 11.19 -69.07 47.86
N THR S 101 10.95 -68.03 48.66
CA THR S 101 10.59 -66.71 48.16
C THR S 101 11.76 -65.77 48.46
N ILE S 102 12.53 -65.45 47.44
CA ILE S 102 13.75 -64.67 47.59
C ILE S 102 13.48 -63.23 47.19
N GLY S 103 14.45 -62.36 47.46
CA GLY S 103 14.40 -60.97 47.07
C GLY S 103 15.50 -60.60 46.10
N ILE S 104 15.44 -59.34 45.66
CA ILE S 104 16.39 -58.84 44.68
C ILE S 104 17.80 -58.79 45.25
N PHE S 105 17.93 -58.38 46.51
CA PHE S 105 19.23 -58.28 47.16
C PHE S 105 19.66 -59.56 47.86
N ASP S 106 18.92 -60.65 47.69
CA ASP S 106 19.39 -61.95 48.16
C ASP S 106 20.50 -62.50 47.29
N LEU S 107 20.82 -61.83 46.17
CA LEU S 107 21.91 -62.26 45.31
C LEU S 107 23.27 -61.81 45.85
N VAL S 108 23.31 -60.67 46.53
CA VAL S 108 24.53 -60.14 47.12
C VAL S 108 24.35 -60.07 48.63
N SER S 109 25.42 -59.69 49.32
CA SER S 109 25.42 -59.52 50.77
C SER S 109 25.49 -58.03 51.09
N LEU S 110 24.75 -57.62 52.12
CA LEU S 110 24.68 -56.22 52.51
C LEU S 110 25.76 -55.92 53.54
N LYS S 111 26.68 -55.04 53.18
CA LYS S 111 27.66 -54.49 54.09
C LYS S 111 27.32 -53.02 54.35
N ALA S 112 28.14 -52.37 55.18
CA ALA S 112 27.88 -51.00 55.60
C ALA S 112 28.99 -50.09 55.08
N LEU S 113 28.60 -49.00 54.44
CA LEU S 113 29.55 -48.00 53.98
C LEU S 113 29.89 -47.04 55.11
N ASP S 114 31.18 -46.76 55.27
CA ASP S 114 31.68 -45.91 56.36
C ASP S 114 32.37 -44.69 55.78
N GLY S 115 32.10 -43.54 56.38
CA GLY S 115 32.66 -42.27 55.95
C GLY S 115 31.79 -41.11 56.39
N VAL S 116 31.65 -40.11 55.53
CA VAL S 116 30.74 -39.00 55.78
C VAL S 116 29.49 -39.19 54.93
N LEU S 117 28.34 -38.91 55.52
CA LEU S 117 27.08 -38.93 54.77
C LEU S 117 26.83 -37.53 54.24
N PRO S 118 27.05 -37.29 52.95
CA PRO S 118 27.11 -35.91 52.44
C PRO S 118 25.80 -35.16 52.61
N ASP S 119 25.87 -33.86 52.36
CA ASP S 119 24.70 -33.00 52.50
C ASP S 119 23.59 -33.44 51.57
N GLY S 120 22.35 -33.25 52.03
CA GLY S 120 21.19 -33.55 51.22
C GLY S 120 20.16 -32.45 51.29
N VAL S 121 19.94 -31.77 50.17
CA VAL S 121 18.91 -30.72 50.09
C VAL S 121 17.55 -31.36 50.35
N SER S 122 17.09 -31.27 51.59
CA SER S 122 15.89 -31.99 52.02
C SER S 122 14.67 -31.48 51.27
N ASP S 123 13.87 -32.41 50.74
CA ASP S 123 12.63 -32.10 50.06
C ASP S 123 11.50 -32.89 50.69
N ALA S 124 10.31 -32.30 50.67
CA ALA S 124 9.11 -32.90 51.24
C ALA S 124 8.03 -32.99 50.17
N SER S 125 6.81 -33.34 50.61
CA SER S 125 5.64 -33.51 49.76
C SER S 125 5.79 -34.72 48.84
N ARG S 126 7.01 -35.20 48.63
CA ARG S 126 7.21 -36.39 47.83
C ARG S 126 6.75 -37.62 48.57
N THR S 127 5.99 -38.49 47.90
CA THR S 127 5.30 -39.58 48.56
C THR S 127 5.65 -40.94 47.96
N SER S 128 4.79 -41.94 48.21
CA SER S 128 5.05 -43.27 47.70
C SER S 128 4.84 -43.36 46.20
N ALA S 129 4.20 -42.36 45.60
CA ALA S 129 4.00 -42.35 44.16
C ALA S 129 5.32 -42.21 43.41
N ASP S 130 6.32 -41.62 44.05
CA ASP S 130 7.63 -41.45 43.40
C ASP S 130 8.48 -42.71 43.51
N ASP S 131 8.35 -43.45 44.61
CA ASP S 131 9.08 -44.69 44.79
C ASP S 131 8.81 -45.72 43.69
N LYS S 132 7.77 -45.49 42.89
CA LYS S 132 7.47 -46.36 41.76
C LYS S 132 8.49 -46.17 40.65
N TRP S 133 8.54 -44.97 40.07
CA TRP S 133 9.32 -44.70 38.87
C TRP S 133 10.72 -44.19 39.15
N LEU S 134 10.98 -43.63 40.33
CA LEU S 134 12.30 -43.12 40.65
C LEU S 134 13.40 -44.18 40.52
N PRO S 135 13.24 -45.41 41.04
CA PRO S 135 14.26 -46.43 40.76
C PRO S 135 14.40 -46.72 39.27
N LEU S 136 13.28 -46.81 38.54
CA LEU S 136 13.36 -47.03 37.10
C LEU S 136 14.16 -45.92 36.42
N TYR S 137 13.97 -44.68 36.87
CA TYR S 137 14.72 -43.53 36.37
C TYR S 137 16.20 -43.73 36.60
N LEU S 138 16.58 -43.83 37.88
CA LEU S 138 18.00 -43.94 38.24
C LEU S 138 18.67 -45.13 37.57
N LEU S 139 17.94 -46.23 37.38
CA LEU S 139 18.49 -47.37 36.66
C LEU S 139 18.63 -47.06 35.17
N GLY S 140 17.71 -46.27 34.63
CA GLY S 140 17.79 -45.91 33.22
C GLY S 140 18.96 -44.99 32.91
N LEU S 141 19.30 -44.09 33.84
CA LEU S 141 20.44 -43.21 33.59
C LEU S 141 21.77 -43.96 33.49
N TYR S 142 21.84 -45.21 33.96
CA TYR S 142 23.03 -46.01 33.69
C TYR S 142 23.09 -46.42 32.22
N ARG S 143 21.96 -46.82 31.66
CA ARG S 143 21.88 -47.10 30.23
C ARG S 143 22.22 -45.88 29.41
N VAL S 144 21.63 -44.73 29.75
CA VAL S 144 21.90 -43.50 29.00
C VAL S 144 23.35 -43.05 29.20
N GLY S 145 23.94 -43.33 30.36
CA GLY S 145 25.27 -42.87 30.71
C GLY S 145 26.42 -43.56 30.02
N ARG S 146 26.18 -44.60 29.22
CA ARG S 146 27.26 -45.35 28.58
C ARG S 146 27.34 -45.12 27.08
N THR S 147 26.76 -44.04 26.58
CA THR S 147 26.79 -43.74 25.15
C THR S 147 27.24 -42.30 24.95
N GLN S 148 28.39 -42.14 24.28
CA GLN S 148 28.93 -40.81 24.01
C GLN S 148 28.20 -40.15 22.85
N MET S 149 27.69 -40.94 21.90
CA MET S 149 26.97 -40.44 20.74
C MET S 149 25.71 -39.71 21.19
N PRO S 150 25.64 -38.39 20.99
CA PRO S 150 24.49 -37.65 21.52
C PRO S 150 23.19 -37.93 20.79
N GLU S 151 23.24 -38.16 19.48
CA GLU S 151 22.01 -38.45 18.74
C GLU S 151 21.38 -39.77 19.18
N TYR S 152 22.20 -40.70 19.67
CA TYR S 152 21.70 -41.99 20.14
C TYR S 152 21.00 -41.89 21.48
N ARG S 153 21.11 -40.76 22.18
CA ARG S 153 20.47 -40.63 23.49
C ARG S 153 18.96 -40.47 23.33
N LYS S 154 18.41 -41.17 22.33
CA LYS S 154 16.97 -41.34 22.22
C LYS S 154 16.42 -42.17 23.37
N LYS S 155 17.26 -43.02 23.96
CA LYS S 155 16.81 -43.84 25.09
C LYS S 155 16.45 -43.01 26.30
N LEU S 156 16.85 -41.74 26.33
CA LEU S 156 16.41 -40.86 27.40
C LEU S 156 14.91 -40.60 27.28
N MET S 157 14.46 -40.18 26.10
CA MET S 157 13.03 -39.98 25.88
C MET S 157 12.27 -41.31 25.83
N ASP S 158 12.92 -42.37 25.34
CA ASP S 158 12.27 -43.67 25.28
C ASP S 158 12.04 -44.23 26.69
N GLY S 159 13.01 -44.05 27.59
CA GLY S 159 12.79 -44.39 28.98
C GLY S 159 11.85 -43.43 29.67
N LEU S 160 11.82 -42.17 29.21
CA LEU S 160 10.80 -41.23 29.68
C LEU S 160 9.40 -41.75 29.42
N THR S 161 9.16 -42.26 28.21
CA THR S 161 7.86 -42.88 27.93
C THR S 161 7.58 -44.04 28.88
N ASN S 162 8.63 -44.77 29.27
CA ASN S 162 8.46 -45.84 30.26
C ASN S 162 8.19 -45.29 31.65
N GLN S 163 8.59 -44.05 31.93
CA GLN S 163 8.22 -43.40 33.19
C GLN S 163 6.77 -42.93 33.17
N CYS S 164 6.33 -42.39 32.03
CA CYS S 164 4.94 -41.95 31.90
C CYS S 164 3.97 -43.12 31.98
N LYS S 165 4.45 -44.35 31.78
CA LYS S 165 3.62 -45.52 32.01
C LYS S 165 3.35 -45.76 33.49
N MET S 166 4.22 -45.25 34.37
CA MET S 166 4.02 -45.36 35.80
C MET S 166 3.24 -44.17 36.35
N ILE S 167 3.52 -42.97 35.83
CA ILE S 167 2.72 -41.79 36.11
C ILE S 167 2.79 -40.86 34.90
N ASN S 168 1.63 -40.48 34.36
CA ASN S 168 1.60 -39.68 33.14
C ASN S 168 2.29 -38.33 33.31
N GLU S 169 2.39 -37.83 34.54
CA GLU S 169 2.89 -36.48 34.79
C GLU S 169 4.37 -36.45 35.18
N GLN S 170 5.08 -37.55 35.05
CA GLN S 170 6.51 -37.54 35.34
C GLN S 170 7.25 -36.77 34.24
N PHE S 171 8.23 -35.97 34.65
CA PHE S 171 9.06 -35.25 33.70
C PHE S 171 10.45 -35.06 34.26
N GLU S 172 11.45 -35.46 33.47
CA GLU S 172 12.89 -35.47 33.71
C GLU S 172 13.32 -34.54 34.85
N PRO S 173 13.45 -35.05 36.07
CA PRO S 173 14.09 -34.25 37.14
C PRO S 173 15.58 -34.16 36.92
N LEU S 174 15.99 -33.55 35.80
CA LEU S 174 17.40 -33.46 35.44
C LEU S 174 17.58 -32.32 34.46
N VAL S 175 18.55 -31.46 34.75
CA VAL S 175 18.90 -30.34 33.87
C VAL S 175 19.71 -30.86 32.70
N PRO S 176 19.53 -30.33 31.49
CA PRO S 176 20.25 -30.84 30.32
C PRO S 176 21.77 -30.72 30.40
N GLU S 177 22.29 -30.16 31.50
CA GLU S 177 23.71 -30.32 31.80
C GLU S 177 24.00 -31.67 32.44
N GLY S 178 22.96 -32.43 32.81
CA GLY S 178 23.11 -33.71 33.47
C GLY S 178 23.69 -34.81 32.61
N ARG S 179 23.91 -34.55 31.32
CA ARG S 179 24.50 -35.55 30.44
C ARG S 179 25.88 -36.00 30.91
N ASP S 180 26.45 -35.35 31.91
CA ASP S 180 27.67 -35.80 32.56
C ASP S 180 27.46 -36.06 34.06
N ILE S 181 26.26 -35.84 34.57
CA ILE S 181 26.01 -36.02 36.00
C ILE S 181 25.99 -37.50 36.36
N PHE S 182 25.25 -38.30 35.60
CA PHE S 182 25.08 -39.71 35.91
C PHE S 182 26.07 -40.61 35.19
N ASP S 183 26.91 -40.07 34.31
CA ASP S 183 27.96 -40.88 33.69
C ASP S 183 28.90 -41.46 34.72
N VAL S 184 29.12 -40.72 35.83
CA VAL S 184 30.04 -41.16 36.87
C VAL S 184 29.43 -42.24 37.74
N TRP S 185 28.14 -42.52 37.59
CA TRP S 185 27.50 -43.55 38.39
C TRP S 185 28.00 -44.94 38.02
N GLY S 186 28.49 -45.11 36.78
CA GLY S 186 29.09 -46.37 36.39
C GLY S 186 30.42 -46.63 37.05
N ASN S 187 31.07 -45.59 37.58
CA ASN S 187 32.34 -45.77 38.27
C ASN S 187 32.15 -46.35 39.65
N ASP S 188 31.08 -45.96 40.35
CA ASP S 188 30.82 -46.46 41.69
C ASP S 188 30.49 -47.95 41.61
N SER S 189 31.30 -48.77 42.29
CA SER S 189 31.12 -50.22 42.25
C SER S 189 29.73 -50.61 42.74
N ASN S 190 29.26 -49.98 43.83
CA ASN S 190 28.01 -50.40 44.46
C ASN S 190 26.82 -50.18 43.54
N TYR S 191 26.81 -49.09 42.77
CA TYR S 191 25.72 -48.82 41.85
C TYR S 191 25.67 -49.89 40.75
N THR S 192 26.83 -50.23 40.19
CA THR S 192 26.88 -51.29 39.19
C THR S 192 26.41 -52.62 39.78
N LYS S 193 26.75 -52.88 41.04
CA LYS S 193 26.23 -54.08 41.71
C LYS S 193 24.72 -54.01 41.87
N ILE S 194 24.16 -52.80 42.04
CA ILE S 194 22.73 -52.65 42.14
C ILE S 194 22.06 -52.99 40.81
N VAL S 195 22.47 -52.33 39.72
CA VAL S 195 21.83 -52.58 38.43
C VAL S 195 22.01 -54.04 38.02
N ALA S 196 23.18 -54.61 38.29
CA ALA S 196 23.43 -56.01 37.95
C ALA S 196 22.53 -56.93 38.76
N ALA S 197 22.36 -56.65 40.05
CA ALA S 197 21.45 -57.47 40.87
C ALA S 197 20.01 -57.33 40.39
N VAL S 198 19.62 -56.14 39.93
CA VAL S 198 18.26 -55.95 39.41
C VAL S 198 18.05 -56.82 38.18
N ASP S 199 18.96 -56.72 37.20
CA ASP S 199 18.78 -57.46 35.96
C ASP S 199 18.85 -58.97 36.20
N MET S 200 19.81 -59.41 37.01
CA MET S 200 19.89 -60.82 37.36
C MET S 200 18.64 -61.30 38.07
N PHE S 201 18.00 -60.43 38.85
CA PHE S 201 16.76 -60.81 39.52
C PHE S 201 15.61 -60.94 38.53
N PHE S 202 15.34 -59.87 37.76
CA PHE S 202 14.20 -59.87 36.86
C PHE S 202 14.41 -60.74 35.63
N HIS S 203 15.60 -61.30 35.42
CA HIS S 203 15.77 -62.27 34.34
C HIS S 203 15.15 -63.61 34.71
N MET S 204 15.29 -64.02 35.97
CA MET S 204 14.59 -65.21 36.45
C MET S 204 13.10 -64.94 36.57
N PHE S 205 12.73 -63.74 36.99
CA PHE S 205 11.33 -63.34 37.18
C PHE S 205 10.97 -62.35 36.08
N LYS S 206 10.57 -62.87 34.92
CA LYS S 206 10.24 -62.03 33.78
C LYS S 206 8.83 -61.47 33.88
N LYS S 207 7.93 -62.14 34.60
CA LYS S 207 6.52 -61.79 34.62
C LYS S 207 6.14 -60.90 35.80
N HIS S 208 7.12 -60.39 36.54
CA HIS S 208 6.81 -59.53 37.68
C HIS S 208 6.25 -58.18 37.20
N GLU S 209 5.45 -57.55 38.07
CA GLU S 209 4.88 -56.26 37.74
C GLU S 209 5.93 -55.16 37.61
N CYS S 210 7.13 -55.39 38.16
CA CYS S 210 8.20 -54.41 38.12
C CYS S 210 9.26 -54.74 37.08
N ALA S 211 8.95 -55.65 36.14
CA ALA S 211 9.92 -56.02 35.10
C ALA S 211 10.33 -54.82 34.25
N SER S 212 9.51 -53.76 34.22
CA SER S 212 9.87 -52.54 33.52
C SER S 212 11.20 -52.00 34.02
N PHE S 213 11.56 -52.28 35.27
CA PHE S 213 12.82 -51.81 35.83
C PHE S 213 14.02 -52.37 35.10
N ARG S 214 13.86 -53.47 34.36
CA ARG S 214 14.98 -54.01 33.59
C ARG S 214 15.44 -53.07 32.49
N TYR S 215 14.60 -52.11 32.10
CA TYR S 215 15.03 -51.05 31.18
C TYR S 215 16.18 -50.28 31.80
N GLY S 216 17.36 -50.37 31.18
CA GLY S 216 18.52 -49.70 31.71
C GLY S 216 19.55 -50.65 32.30
N THR S 217 19.08 -51.65 33.04
CA THR S 217 19.96 -52.66 33.62
C THR S 217 20.28 -53.77 32.63
N ILE S 218 19.57 -53.83 31.50
CA ILE S 218 19.77 -54.93 30.54
C ILE S 218 21.11 -54.81 29.83
N VAL S 219 21.69 -53.61 29.77
CA VAL S 219 23.03 -53.44 29.18
C VAL S 219 24.13 -53.91 30.10
N SER S 220 23.79 -54.38 31.30
CA SER S 220 24.74 -55.05 32.17
C SER S 220 24.80 -56.54 31.95
N ARG S 221 23.77 -57.12 31.33
CA ARG S 221 23.78 -58.54 30.99
C ARG S 221 24.71 -58.75 29.79
N PHE S 222 25.77 -59.52 30.00
CA PHE S 222 26.83 -59.72 29.01
C PHE S 222 27.48 -58.40 28.60
N LYS S 223 27.59 -57.48 29.55
CA LYS S 223 28.38 -56.26 29.33
C LYS S 223 29.85 -56.64 29.19
N ASP S 224 30.51 -56.05 28.19
CA ASP S 224 31.89 -56.39 27.85
C ASP S 224 32.03 -57.86 27.47
N CYS S 225 31.04 -58.37 26.70
CA CYS S 225 31.02 -59.76 26.25
C CYS S 225 30.45 -59.81 24.83
N ALA S 226 31.19 -59.24 23.87
CA ALA S 226 30.71 -59.16 22.50
C ALA S 226 31.09 -60.38 21.68
N ALA S 227 32.36 -60.82 21.78
CA ALA S 227 32.81 -61.95 20.98
C ALA S 227 31.97 -63.19 21.24
N LEU S 228 31.65 -63.44 22.51
CA LEU S 228 30.79 -64.57 22.86
C LEU S 228 29.41 -64.44 22.20
N ALA S 229 28.98 -63.21 21.91
CA ALA S 229 27.71 -63.01 21.22
C ALA S 229 27.86 -63.15 19.71
N THR S 230 29.00 -62.75 19.16
CA THR S 230 29.24 -62.93 17.73
C THR S 230 29.41 -64.40 17.38
N PHE S 231 29.85 -65.22 18.34
CA PHE S 231 29.88 -66.66 18.12
C PHE S 231 28.47 -67.22 17.95
N GLY S 232 27.51 -66.74 18.76
CA GLY S 232 26.13 -67.15 18.60
C GLY S 232 25.46 -66.59 17.38
N HIS S 233 25.78 -65.34 17.02
CA HIS S 233 25.25 -64.77 15.78
C HIS S 233 25.81 -65.50 14.56
N LEU S 234 27.04 -66.02 14.66
CA LEU S 234 27.59 -66.82 13.58
C LEU S 234 26.92 -68.19 13.52
N CYS S 235 26.79 -68.86 14.66
CA CYS S 235 26.09 -70.14 14.71
C CYS S 235 24.64 -70.02 14.28
N LYS S 236 24.06 -68.83 14.38
CA LYS S 236 22.68 -68.60 13.94
C LYS S 236 22.61 -68.25 12.46
N ILE S 237 23.54 -67.42 11.97
CA ILE S 237 23.52 -67.02 10.57
C ILE S 237 23.85 -68.21 9.67
N THR S 238 24.93 -68.93 9.99
CA THR S 238 25.35 -70.05 9.17
C THR S 238 24.37 -71.21 9.24
N GLY S 239 23.60 -71.32 10.32
CA GLY S 239 22.75 -72.48 10.52
C GLY S 239 23.49 -73.74 10.88
N MET S 240 24.70 -73.60 11.43
CA MET S 240 25.54 -74.73 11.79
C MET S 240 25.72 -74.79 13.29
N SER S 241 25.93 -76.00 13.80
CA SER S 241 26.08 -76.19 15.24
C SER S 241 27.34 -75.50 15.75
N THR S 242 27.43 -75.35 17.07
CA THR S 242 28.58 -74.67 17.67
C THR S 242 29.88 -75.39 17.34
N GLU S 243 29.86 -76.72 17.35
CA GLU S 243 31.06 -77.48 17.02
C GLU S 243 31.37 -77.44 15.52
N ASP S 244 30.33 -77.53 14.68
CA ASP S 244 30.54 -77.45 13.24
C ASP S 244 31.13 -76.09 12.85
N VAL S 245 30.66 -75.02 13.48
CA VAL S 245 31.27 -73.71 13.26
C VAL S 245 32.68 -73.69 13.82
N THR S 246 32.88 -74.31 14.99
CA THR S 246 34.20 -74.36 15.60
C THR S 246 35.22 -75.08 14.72
N THR S 247 34.77 -75.97 13.85
CA THR S 247 35.70 -76.63 12.93
C THR S 247 36.18 -75.70 11.83
N TRP S 248 35.37 -74.70 11.45
CA TRP S 248 35.69 -73.82 10.35
C TRP S 248 36.68 -72.71 10.71
N ILE S 249 37.26 -72.76 11.91
CA ILE S 249 38.29 -71.79 12.28
C ILE S 249 39.60 -72.21 11.62
N LEU S 250 40.19 -71.30 10.83
CA LEU S 250 41.38 -71.61 10.05
C LEU S 250 42.54 -70.66 10.38
N ASN S 251 42.45 -69.95 11.51
CA ASN S 251 43.49 -69.02 11.92
C ASN S 251 43.91 -69.34 13.35
N ARG S 252 45.21 -69.19 13.62
CA ARG S 252 45.74 -69.58 14.93
C ARG S 252 45.27 -68.64 16.03
N GLU S 253 45.27 -67.33 15.76
CA GLU S 253 44.81 -66.37 16.76
C GLU S 253 43.34 -66.61 17.10
N VAL S 254 42.52 -66.92 16.10
CA VAL S 254 41.11 -67.18 16.34
C VAL S 254 40.92 -68.46 17.13
N ALA S 255 41.82 -69.43 16.96
CA ALA S 255 41.74 -70.65 17.76
C ALA S 255 42.14 -70.37 19.21
N ASP S 256 43.19 -69.57 19.40
CA ASP S 256 43.59 -69.18 20.76
C ASP S 256 42.45 -68.45 21.47
N GLU S 257 41.81 -67.50 20.78
CA GLU S 257 40.69 -66.78 21.38
C GLU S 257 39.50 -67.69 21.60
N MET S 258 39.27 -68.64 20.70
CA MET S 258 38.15 -69.57 20.86
C MET S 258 38.34 -70.47 22.08
N VAL S 259 39.57 -70.93 22.31
CA VAL S 259 39.86 -71.65 23.55
C VAL S 259 39.71 -70.71 24.74
N GLN S 260 40.10 -69.44 24.57
CA GLN S 260 40.00 -68.49 25.67
C GLN S 260 38.56 -68.31 26.15
N MET S 261 37.62 -68.19 25.21
CA MET S 261 36.23 -68.01 25.61
C MET S 261 35.62 -69.29 26.18
N MET S 262 36.14 -70.46 25.78
CA MET S 262 35.50 -71.73 26.10
C MET S 262 36.18 -72.47 27.24
N LEU S 263 36.57 -71.76 28.30
CA LEU S 263 37.05 -72.45 29.49
C LEU S 263 35.87 -73.17 30.16
N PRO S 264 36.07 -74.40 30.65
CA PRO S 264 34.92 -75.24 30.98
C PRO S 264 34.09 -74.76 32.16
N GLY S 265 34.72 -74.24 33.21
CA GLY S 265 34.01 -73.96 34.44
C GLY S 265 33.66 -72.51 34.70
N GLN S 266 32.99 -71.86 33.74
CA GLN S 266 32.59 -70.47 33.91
C GLN S 266 31.08 -70.26 33.76
N GLU S 267 30.31 -71.31 33.54
CA GLU S 267 28.85 -71.24 33.43
C GLU S 267 28.41 -70.28 32.33
N ILE S 268 29.02 -70.42 31.15
CA ILE S 268 28.63 -69.58 30.03
C ILE S 268 27.36 -70.10 29.35
N ASP S 269 26.98 -71.35 29.59
CA ASP S 269 25.76 -71.91 29.04
C ASP S 269 24.62 -71.95 30.04
N LYS S 270 24.87 -71.59 31.29
CA LYS S 270 23.81 -71.53 32.29
C LYS S 270 22.80 -70.45 31.92
N ALA S 271 21.52 -70.76 32.16
CA ALA S 271 20.46 -69.80 31.84
C ALA S 271 20.51 -68.59 32.76
N ASP S 272 20.39 -68.82 34.07
CA ASP S 272 20.41 -67.75 35.06
C ASP S 272 21.62 -67.97 35.95
N SER S 273 22.66 -67.15 35.76
CA SER S 273 23.89 -67.31 36.51
C SER S 273 24.53 -65.93 36.71
N TYR S 274 25.54 -65.90 37.58
CA TYR S 274 26.29 -64.67 37.85
C TYR S 274 27.22 -64.30 36.70
N MET S 275 27.43 -65.19 35.73
CA MET S 275 28.43 -64.94 34.70
C MET S 275 28.09 -63.75 33.81
N PRO S 276 26.89 -63.61 33.25
CA PRO S 276 26.63 -62.45 32.36
C PRO S 276 26.89 -61.11 33.01
N TYR S 277 26.90 -61.04 34.34
CA TYR S 277 27.10 -59.81 35.07
C TYR S 277 28.48 -59.77 35.74
N LEU S 278 29.46 -60.45 35.15
CA LEU S 278 30.78 -60.57 35.75
C LEU S 278 31.55 -59.25 35.80
N ILE S 279 31.10 -58.24 35.07
CA ILE S 279 31.81 -56.95 35.03
C ILE S 279 31.26 -56.00 36.09
N ASP S 280 29.95 -55.76 36.08
CA ASP S 280 29.33 -54.84 37.02
C ASP S 280 29.25 -55.40 38.44
N PHE S 281 29.26 -56.71 38.59
CA PHE S 281 29.30 -57.30 39.91
C PHE S 281 30.71 -57.26 40.51
N GLY S 282 31.73 -56.98 39.69
CA GLY S 282 33.09 -57.03 40.19
C GLY S 282 33.70 -58.42 40.16
N LEU S 283 33.13 -59.34 39.40
CA LEU S 283 33.67 -60.69 39.27
C LEU S 283 34.90 -60.73 38.37
N SER S 284 35.12 -59.68 37.58
CA SER S 284 36.24 -59.64 36.65
C SER S 284 36.51 -58.20 36.24
N SER S 285 37.79 -57.91 36.02
CA SER S 285 38.20 -56.60 35.52
C SER S 285 38.54 -56.61 34.04
N LYS S 286 39.04 -57.73 33.52
CA LYS S 286 39.27 -57.92 32.09
C LYS S 286 38.45 -59.13 31.65
N SER S 287 37.44 -58.89 30.83
CA SER S 287 36.51 -59.95 30.48
C SER S 287 37.15 -60.91 29.48
N PRO S 288 36.90 -62.22 29.62
CA PRO S 288 37.42 -63.20 28.66
C PRO S 288 36.61 -63.30 27.38
N TYR S 289 35.50 -62.56 27.26
CA TYR S 289 34.55 -62.74 26.18
C TYR S 289 34.31 -61.45 25.39
N SER S 290 35.22 -60.50 25.48
CA SER S 290 35.06 -59.20 24.84
C SER S 290 35.73 -59.17 23.47
N SER S 291 35.34 -58.18 22.67
CA SER S 291 35.93 -57.95 21.36
C SER S 291 37.24 -57.16 21.44
N VAL S 292 37.78 -56.99 22.65
CA VAL S 292 39.09 -56.37 22.83
C VAL S 292 40.17 -57.39 23.13
N LYS S 293 39.85 -58.46 23.86
CA LYS S 293 40.74 -59.60 24.03
C LYS S 293 40.46 -60.72 23.05
N ASN S 294 39.48 -60.55 22.17
CA ASN S 294 39.20 -61.50 21.09
C ASN S 294 38.86 -60.72 19.83
N PRO S 295 39.84 -60.02 19.26
CA PRO S 295 39.55 -59.18 18.08
C PRO S 295 39.49 -59.98 16.79
N ALA S 296 40.34 -61.00 16.66
CA ALA S 296 40.38 -61.78 15.43
C ALA S 296 39.11 -62.61 15.25
N PHE S 297 38.62 -63.21 16.34
CA PHE S 297 37.35 -63.94 16.25
C PHE S 297 36.19 -62.99 16.00
N HIS S 298 36.24 -61.78 16.58
CA HIS S 298 35.19 -60.80 16.35
C HIS S 298 35.12 -60.39 14.89
N PHE S 299 36.26 -59.97 14.34
CA PHE S 299 36.31 -59.54 12.94
C PHE S 299 36.01 -60.69 12.00
N TRP S 300 36.49 -61.89 12.32
CA TRP S 300 36.28 -63.05 11.45
C TRP S 300 34.83 -63.48 11.43
N GLY S 301 34.25 -63.70 12.62
CA GLY S 301 32.86 -64.12 12.68
C GLY S 301 31.90 -63.05 12.17
N GLN S 302 32.22 -61.78 12.44
CA GLN S 302 31.33 -60.71 11.99
C GLN S 302 31.42 -60.52 10.48
N LEU S 303 32.63 -60.60 9.91
CA LEU S 303 32.77 -60.50 8.46
C LEU S 303 32.11 -61.69 7.77
N THR S 304 32.43 -62.90 8.22
CA THR S 304 31.79 -64.10 7.67
C THR S 304 30.28 -64.00 7.76
N ALA S 305 29.77 -63.50 8.88
CA ALA S 305 28.33 -63.29 9.02
C ALA S 305 27.83 -62.16 8.13
N LEU S 306 28.72 -61.26 7.69
CA LEU S 306 28.29 -60.15 6.83
C LEU S 306 28.24 -60.56 5.36
N LEU S 307 29.14 -61.42 4.91
CA LEU S 307 29.07 -61.92 3.54
C LEU S 307 27.79 -62.73 3.33
N LEU S 308 27.43 -63.55 4.31
CA LEU S 308 26.05 -64.01 4.41
C LEU S 308 25.17 -62.83 4.82
N ARG S 309 23.94 -62.83 4.34
CA ARG S 309 23.17 -61.59 4.35
C ARG S 309 22.70 -61.16 5.75
N SER S 310 23.62 -60.89 6.66
CA SER S 310 23.24 -60.40 7.98
C SER S 310 22.79 -58.95 7.91
N THR S 311 21.98 -58.57 8.91
CA THR S 311 21.45 -57.22 9.01
C THR S 311 22.32 -56.34 9.91
N ARG S 312 22.75 -56.88 11.05
CA ARG S 312 23.44 -56.09 12.05
C ARG S 312 24.95 -56.02 11.85
N ALA S 313 25.54 -56.96 11.10
CA ALA S 313 26.98 -57.01 10.95
C ALA S 313 27.55 -55.80 10.24
N ARG S 314 26.71 -55.02 9.56
CA ARG S 314 27.21 -53.87 8.79
C ARG S 314 27.85 -52.83 9.70
N ASN S 315 27.41 -52.73 10.95
CA ASN S 315 27.86 -51.68 11.86
C ASN S 315 28.81 -52.19 12.93
N ALA S 316 29.29 -53.42 12.82
CA ALA S 316 30.28 -53.93 13.77
C ALA S 316 31.64 -53.31 13.48
N ARG S 317 32.31 -52.84 14.53
CA ARG S 317 33.54 -52.07 14.36
C ARG S 317 34.72 -52.98 14.04
N GLN S 318 35.69 -52.40 13.34
CA GLN S 318 36.84 -53.15 12.83
C GLN S 318 37.99 -53.01 13.81
N PRO S 319 38.36 -54.06 14.55
CA PRO S 319 39.45 -53.95 15.52
C PRO S 319 40.78 -53.65 14.84
N ASP S 320 41.71 -53.12 15.63
CA ASP S 320 43.03 -52.75 15.15
C ASP S 320 44.03 -53.87 15.46
N ASP S 321 45.12 -53.88 14.67
CA ASP S 321 46.26 -54.77 14.90
C ASP S 321 45.85 -56.24 14.88
N ILE S 322 45.29 -56.65 13.75
CA ILE S 322 44.97 -58.06 13.49
C ILE S 322 45.34 -58.37 12.05
N GLU S 323 45.26 -59.65 11.70
CA GLU S 323 45.65 -60.13 10.37
C GLU S 323 44.45 -60.05 9.44
N TYR S 324 44.18 -58.84 8.97
CA TYR S 324 42.98 -58.60 8.17
C TYR S 324 42.94 -59.51 6.94
N THR S 325 44.09 -59.74 6.31
CA THR S 325 44.13 -60.47 5.05
C THR S 325 43.73 -61.94 5.23
N SER S 326 44.49 -62.66 6.07
CA SER S 326 44.20 -64.07 6.30
C SER S 326 42.79 -64.27 6.84
N LEU S 327 42.36 -63.40 7.75
CA LEU S 327 41.01 -63.51 8.30
C LEU S 327 39.97 -63.30 7.21
N THR S 328 40.19 -62.35 6.30
CA THR S 328 39.25 -62.13 5.21
C THR S 328 39.20 -63.32 4.26
N THR S 329 40.33 -63.98 4.03
CA THR S 329 40.30 -65.14 3.14
C THR S 329 39.59 -66.31 3.80
N ALA S 330 39.83 -66.53 5.10
CA ALA S 330 39.14 -67.60 5.81
C ALA S 330 37.63 -67.37 5.85
N GLY S 331 37.21 -66.15 6.20
CA GLY S 331 35.79 -65.83 6.15
C GLY S 331 35.21 -65.87 4.76
N LEU S 332 36.04 -65.63 3.74
CA LEU S 332 35.58 -65.70 2.36
C LEU S 332 35.29 -67.16 1.99
N LEU S 333 36.19 -68.07 2.33
CA LEU S 333 35.97 -69.48 2.02
C LEU S 333 34.80 -70.05 2.83
N TYR S 334 34.68 -69.65 4.10
CA TYR S 334 33.56 -70.12 4.92
C TYR S 334 32.23 -69.60 4.36
N ALA S 335 32.16 -68.30 4.08
CA ALA S 335 30.92 -67.72 3.57
C ALA S 335 30.56 -68.27 2.19
N TYR S 336 31.57 -68.54 1.36
CA TYR S 336 31.31 -69.13 0.05
C TYR S 336 30.87 -70.58 0.17
N ALA S 337 31.34 -71.28 1.21
CA ALA S 337 30.92 -72.65 1.45
C ALA S 337 29.47 -72.70 1.92
N VAL S 338 29.10 -71.84 2.86
CA VAL S 338 27.72 -71.81 3.34
C VAL S 338 26.78 -71.31 2.26
N GLY S 339 27.23 -70.37 1.43
CA GLY S 339 26.43 -69.82 0.36
C GLY S 339 26.22 -70.78 -0.78
N SER S 340 27.27 -71.51 -1.15
CA SER S 340 27.15 -72.50 -2.22
C SER S 340 26.33 -73.70 -1.76
N SER S 341 26.71 -74.32 -0.65
CA SER S 341 26.03 -75.51 -0.13
C SER S 341 24.78 -75.09 0.62
N ALA S 342 23.67 -74.97 -0.11
CA ALA S 342 22.38 -74.71 0.54
C ALA S 342 21.89 -75.93 1.31
N ASP S 343 22.35 -77.12 0.94
CA ASP S 343 22.01 -78.37 1.64
C ASP S 343 20.50 -78.54 1.74
N LEU S 344 19.80 -78.26 0.65
CA LEU S 344 18.36 -78.44 0.61
C LEU S 344 18.01 -79.93 0.63
N ALA S 345 17.03 -80.29 1.45
CA ALA S 345 16.61 -81.67 1.58
C ALA S 345 15.12 -81.71 1.89
N GLN S 346 14.41 -82.63 1.25
CA GLN S 346 12.98 -82.77 1.49
C GLN S 346 12.73 -83.12 2.95
N GLN S 347 11.71 -82.48 3.54
CA GLN S 347 11.40 -82.64 4.95
C GLN S 347 10.07 -83.33 5.19
N PHE S 348 9.04 -83.00 4.40
CA PHE S 348 7.73 -83.63 4.53
C PHE S 348 7.36 -84.30 3.21
N CYS S 349 6.60 -85.39 3.30
CA CYS S 349 6.15 -86.13 2.13
C CYS S 349 4.68 -86.48 2.27
N VAL S 350 4.04 -86.77 1.13
CA VAL S 350 2.62 -87.10 1.10
C VAL S 350 2.45 -88.61 0.95
N GLY S 351 2.56 -89.11 -0.28
CA GLY S 351 2.32 -90.51 -0.53
C GLY S 351 3.53 -91.37 -0.22
N ASP S 352 4.29 -90.97 0.79
CA ASP S 352 5.55 -91.62 1.16
C ASP S 352 6.47 -91.74 -0.06
N ASN S 353 6.59 -90.64 -0.78
CA ASN S 353 7.52 -90.52 -1.90
C ASN S 353 8.53 -89.43 -1.55
N LYS S 354 9.78 -89.83 -1.32
CA LYS S 354 10.85 -88.91 -0.99
C LYS S 354 11.76 -88.75 -2.20
N TYR S 355 12.56 -87.68 -2.18
CA TYR S 355 13.55 -87.49 -3.23
C TYR S 355 14.63 -88.56 -3.10
N THR S 356 14.73 -89.40 -4.13
CA THR S 356 15.80 -90.40 -4.19
C THR S 356 16.85 -89.91 -5.17
N PRO S 357 18.04 -89.51 -4.71
CA PRO S 357 19.05 -89.01 -5.63
C PRO S 357 19.50 -90.09 -6.61
N ASP S 358 20.08 -89.64 -7.72
CA ASP S 358 20.54 -90.53 -8.78
C ASP S 358 22.04 -90.74 -8.63
N ASP S 359 22.45 -92.00 -8.50
CA ASP S 359 23.85 -92.37 -8.38
C ASP S 359 24.46 -92.82 -9.70
N SER S 360 23.68 -92.85 -10.78
CA SER S 360 24.15 -93.28 -12.09
C SER S 360 24.78 -92.15 -12.89
N THR S 361 25.19 -91.08 -12.21
CA THR S 361 25.83 -89.94 -12.88
C THR S 361 27.33 -90.16 -12.86
N GLY S 362 27.88 -90.63 -13.98
CA GLY S 362 29.27 -91.01 -14.04
C GLY S 362 30.10 -90.31 -15.10
N GLY S 363 29.64 -89.15 -15.57
CA GLY S 363 30.42 -88.36 -16.49
C GLY S 363 31.64 -87.71 -15.89
N LEU S 364 31.90 -87.93 -14.60
CA LEU S 364 33.03 -87.36 -13.87
C LEU S 364 32.95 -85.83 -13.85
N THR S 365 31.97 -85.33 -13.09
CA THR S 365 31.78 -83.90 -12.89
C THR S 365 32.70 -83.43 -11.76
N THR S 366 34.00 -83.52 -12.04
CA THR S 366 35.02 -83.09 -11.09
C THR S 366 35.19 -81.57 -11.19
N ASN S 367 36.19 -81.06 -10.47
CA ASN S 367 36.53 -79.63 -10.47
C ASN S 367 35.35 -78.75 -10.09
N ALA S 368 34.38 -79.31 -9.36
CA ALA S 368 33.23 -78.63 -8.81
C ALA S 368 33.34 -78.57 -7.30
N PRO S 369 32.84 -77.49 -6.68
CA PRO S 369 32.96 -77.38 -5.23
C PRO S 369 32.27 -78.54 -4.54
N PRO S 370 32.70 -78.88 -3.32
CA PRO S 370 32.07 -79.99 -2.59
C PRO S 370 30.58 -79.75 -2.37
N GLN S 371 29.92 -80.81 -1.89
CA GLN S 371 28.46 -80.80 -1.81
C GLN S 371 27.95 -80.25 -0.48
N GLY S 372 28.57 -80.61 0.63
CA GLY S 372 28.17 -80.18 1.95
C GLY S 372 28.98 -79.01 2.45
N ARG S 373 29.18 -78.97 3.77
CA ARG S 373 29.94 -77.91 4.42
C ARG S 373 31.04 -78.50 5.30
N ASP S 374 31.67 -79.57 4.84
CA ASP S 374 32.78 -80.17 5.57
C ASP S 374 34.03 -79.32 5.37
N VAL S 375 34.68 -78.97 6.48
CA VAL S 375 35.89 -78.16 6.41
C VAL S 375 36.99 -78.88 5.66
N VAL S 376 37.04 -80.21 5.77
CA VAL S 376 38.11 -80.98 5.15
C VAL S 376 38.00 -80.91 3.63
N GLU S 377 36.82 -81.20 3.09
CA GLU S 377 36.64 -81.18 1.63
C GLU S 377 36.84 -79.79 1.06
N TRP S 378 36.36 -78.76 1.76
CA TRP S 378 36.51 -77.40 1.26
C TRP S 378 37.95 -76.93 1.35
N LEU S 379 38.71 -77.38 2.35
CA LEU S 379 40.14 -77.09 2.38
C LEU S 379 40.85 -77.80 1.23
N GLY S 380 40.42 -79.01 0.88
CA GLY S 380 41.01 -79.68 -0.27
C GLY S 380 40.73 -78.96 -1.57
N TRP S 381 39.46 -78.59 -1.80
CA TRP S 381 39.10 -77.84 -2.98
C TRP S 381 39.85 -76.52 -3.04
N PHE S 382 39.99 -75.84 -1.90
CA PHE S 382 40.76 -74.61 -1.84
C PHE S 382 42.22 -74.86 -2.21
N GLU S 383 42.76 -76.01 -1.81
CA GLU S 383 44.11 -76.37 -2.23
C GLU S 383 44.18 -76.73 -3.70
N ASP S 384 43.05 -77.11 -4.32
CA ASP S 384 43.02 -77.26 -5.77
C ASP S 384 42.96 -75.92 -6.49
N GLN S 385 42.38 -74.91 -5.85
CA GLN S 385 42.36 -73.56 -6.41
C GLN S 385 43.65 -72.78 -6.09
N ASN S 386 44.73 -73.48 -5.76
CA ASN S 386 46.03 -72.88 -5.47
C ASN S 386 45.97 -71.90 -4.30
N ARG S 387 45.05 -72.15 -3.35
CA ARG S 387 44.90 -71.34 -2.14
C ARG S 387 44.68 -69.86 -2.47
N LYS S 388 44.16 -69.60 -3.66
CA LYS S 388 43.77 -68.26 -4.08
C LYS S 388 42.29 -68.25 -4.39
N PRO S 389 41.54 -67.26 -3.91
CA PRO S 389 40.09 -67.27 -4.12
C PRO S 389 39.74 -67.21 -5.60
N THR S 390 38.82 -68.09 -6.01
CA THR S 390 38.37 -68.15 -7.38
C THR S 390 37.61 -66.87 -7.75
N PRO S 391 37.48 -66.59 -9.04
CA PRO S 391 36.63 -65.44 -9.44
C PRO S 391 35.19 -65.56 -8.99
N ASP S 392 34.69 -66.79 -8.78
CA ASP S 392 33.33 -66.96 -8.29
C ASP S 392 33.22 -66.65 -6.80
N MET S 393 34.30 -66.86 -6.04
CA MET S 393 34.30 -66.45 -4.64
C MET S 393 34.30 -64.93 -4.52
N MET S 394 35.17 -64.26 -5.27
CA MET S 394 35.24 -62.81 -5.22
C MET S 394 33.98 -62.16 -5.80
N GLN S 395 33.35 -62.82 -6.78
CA GLN S 395 32.08 -62.32 -7.29
C GLN S 395 30.94 -62.58 -6.32
N TYR S 396 31.01 -63.69 -5.58
CA TYR S 396 30.02 -63.95 -4.55
C TYR S 396 30.12 -62.94 -3.42
N ALA S 397 31.33 -62.55 -3.04
CA ALA S 397 31.49 -61.52 -2.02
C ALA S 397 31.09 -60.15 -2.56
N LYS S 398 31.44 -59.85 -3.81
CA LYS S 398 31.04 -58.59 -4.43
C LYS S 398 29.53 -58.46 -4.46
N ARG S 399 28.83 -59.51 -4.87
CA ARG S 399 27.37 -59.48 -4.94
C ARG S 399 26.73 -59.31 -3.57
N ALA S 400 27.46 -59.61 -2.48
CA ALA S 400 26.90 -59.45 -1.15
C ALA S 400 27.21 -58.08 -0.55
N VAL S 401 28.43 -57.58 -0.74
CA VAL S 401 28.81 -56.30 -0.16
C VAL S 401 28.27 -55.12 -0.95
N MET S 402 27.97 -55.29 -2.24
CA MET S 402 27.40 -54.20 -3.01
C MET S 402 25.95 -53.97 -2.60
N SER S 403 25.38 -52.86 -3.08
CA SER S 403 24.04 -52.42 -2.69
C SER S 403 23.93 -52.23 -1.18
N LEU S 404 25.05 -51.94 -0.52
CA LEU S 404 25.08 -51.56 0.88
C LEU S 404 25.22 -50.04 0.98
N GLN S 405 24.35 -49.42 1.76
CA GLN S 405 24.32 -47.97 1.88
C GLN S 405 24.27 -47.57 3.34
N GLY S 406 24.80 -46.38 3.63
CA GLY S 406 24.83 -45.87 4.98
C GLY S 406 25.87 -46.50 5.88
N LEU S 407 27.01 -46.88 5.33
CA LEU S 407 28.04 -47.58 6.10
C LEU S 407 28.85 -46.59 6.92
N ARG S 408 29.00 -46.88 8.21
CA ARG S 408 29.75 -46.02 9.11
C ARG S 408 31.24 -46.33 9.02
N GLU S 409 32.06 -45.33 9.32
CA GLU S 409 33.50 -45.50 9.30
C GLU S 409 33.95 -46.46 10.40
N LYS S 410 35.12 -47.07 10.19
CA LYS S 410 35.74 -48.01 11.12
C LYS S 410 34.89 -49.24 11.38
N THR S 411 33.91 -49.52 10.52
CA THR S 411 33.08 -50.71 10.64
C THR S 411 33.53 -51.76 9.62
N ILE S 412 33.23 -53.02 9.94
CA ILE S 412 33.55 -54.10 9.01
C ILE S 412 32.67 -54.04 7.78
N GLY S 413 31.56 -53.32 7.83
CA GLY S 413 30.72 -53.17 6.65
C GLY S 413 31.41 -52.37 5.56
N LYS S 414 31.88 -51.17 5.90
CA LYS S 414 32.66 -50.39 4.94
C LYS S 414 33.94 -51.10 4.55
N TYR S 415 34.46 -51.96 5.44
CA TYR S 415 35.65 -52.74 5.11
C TYR S 415 35.36 -53.75 4.01
N ALA S 416 34.26 -54.50 4.17
CA ALA S 416 33.93 -55.53 3.18
C ALA S 416 33.46 -54.91 1.87
N LYS S 417 32.69 -53.83 1.95
CA LYS S 417 32.30 -53.12 0.73
C LYS S 417 33.52 -52.56 0.01
N SER S 418 34.38 -51.85 0.73
CA SER S 418 35.60 -51.32 0.14
C SER S 418 36.59 -52.39 -0.27
N GLU S 419 36.39 -53.63 0.17
CA GLU S 419 37.30 -54.74 -0.12
C GLU S 419 36.87 -55.57 -1.31
N PHE S 420 35.56 -55.82 -1.47
CA PHE S 420 35.08 -56.70 -2.51
C PHE S 420 34.29 -56.01 -3.62
N ASP S 421 33.77 -54.81 -3.39
CA ASP S 421 32.98 -54.10 -4.38
C ASP S 421 33.90 -53.23 -5.24
N LYS S 422 34.57 -53.90 -6.18
CA LYS S 422 35.40 -53.21 -7.17
C LYS S 422 35.79 -54.19 -8.28
N GLN T 1 24.06 -94.37 6.04
CA GLN T 1 25.28 -93.64 5.79
C GLN T 1 25.99 -94.20 4.56
N VAL T 2 27.07 -93.53 4.14
CA VAL T 2 27.96 -94.04 3.12
C VAL T 2 28.64 -95.31 3.61
N GLN T 3 28.64 -96.35 2.77
CA GLN T 3 29.23 -97.63 3.10
C GLN T 3 29.87 -98.26 1.86
N LEU T 4 30.87 -99.10 2.11
CA LEU T 4 31.63 -99.78 1.08
C LEU T 4 31.52 -101.28 1.29
N VAL T 5 31.13 -102.00 0.24
CA VAL T 5 30.85 -103.44 0.33
C VAL T 5 31.88 -104.18 -0.52
N GLU T 6 32.61 -105.11 0.09
CA GLU T 6 33.61 -105.92 -0.60
C GLU T 6 33.07 -107.33 -0.82
N THR T 7 33.14 -107.80 -2.07
CA THR T 7 32.77 -109.17 -2.42
C THR T 7 33.85 -109.77 -3.29
N GLY T 8 33.90 -111.10 -3.30
CA GLY T 8 34.75 -111.83 -4.24
C GLY T 8 35.99 -112.48 -3.67
N GLY T 9 36.13 -112.56 -2.34
CA GLY T 9 37.25 -113.24 -1.74
C GLY T 9 37.08 -114.75 -1.76
N GLY T 10 38.08 -115.43 -1.20
CA GLY T 10 37.99 -116.87 -1.08
C GLY T 10 39.37 -117.51 -0.94
N LEU T 11 39.34 -118.83 -0.91
CA LEU T 11 40.54 -119.65 -0.76
C LEU T 11 40.92 -120.25 -2.10
N VAL T 12 42.15 -120.00 -2.54
CA VAL T 12 42.66 -120.49 -3.82
C VAL T 12 44.07 -121.03 -3.62
N GLN T 13 44.60 -121.64 -4.67
CA GLN T 13 45.96 -122.15 -4.67
C GLN T 13 46.93 -121.07 -5.15
N THR T 14 48.23 -121.31 -4.91
CA THR T 14 49.25 -120.38 -5.34
C THR T 14 49.28 -120.31 -6.87
N GLY T 15 49.28 -119.09 -7.40
CA GLY T 15 49.24 -118.86 -8.83
C GLY T 15 47.86 -118.61 -9.40
N GLY T 16 46.81 -118.82 -8.61
CA GLY T 16 45.47 -118.55 -9.06
C GLY T 16 45.17 -117.07 -9.16
N SER T 17 43.89 -116.70 -9.13
CA SER T 17 43.53 -115.30 -9.26
C SER T 17 42.15 -115.08 -8.66
N LEU T 18 41.94 -113.88 -8.12
CA LEU T 18 40.65 -113.48 -7.58
C LEU T 18 40.29 -112.10 -8.12
N ARG T 19 39.02 -111.74 -7.97
CA ARG T 19 38.51 -110.46 -8.43
C ARG T 19 37.66 -109.85 -7.30
N LEU T 20 38.21 -108.86 -6.61
CA LEU T 20 37.50 -108.20 -5.52
C LEU T 20 36.71 -107.02 -6.08
N SER T 21 35.43 -106.96 -5.75
CA SER T 21 34.56 -105.87 -6.14
C SER T 21 34.15 -105.08 -4.91
N CYS T 22 34.13 -103.75 -5.03
CA CYS T 22 33.75 -102.87 -3.93
C CYS T 22 32.67 -101.91 -4.42
N LYS T 23 31.53 -101.93 -3.74
CA LYS T 23 30.40 -101.05 -4.04
C LYS T 23 30.40 -99.92 -3.02
N ALA T 24 30.62 -98.70 -3.49
CA ALA T 24 30.61 -97.52 -2.64
C ALA T 24 29.29 -96.79 -2.82
N SER T 25 28.58 -96.56 -1.71
CA SER T 25 27.27 -95.93 -1.77
C SER T 25 27.13 -94.96 -0.61
N GLY T 26 26.11 -94.11 -0.68
CA GLY T 26 25.78 -93.18 0.38
C GLY T 26 26.10 -91.72 0.08
N ARG T 27 26.97 -91.47 -0.90
CA ARG T 27 27.35 -90.11 -1.25
C ARG T 27 27.90 -90.13 -2.68
N THR T 28 28.68 -89.11 -3.04
CA THR T 28 29.32 -89.03 -4.34
C THR T 28 30.83 -89.07 -4.14
N PHE T 29 31.51 -89.91 -4.92
CA PHE T 29 32.95 -90.08 -4.85
C PHE T 29 33.65 -89.55 -6.10
N SER T 30 33.06 -88.52 -6.72
CA SER T 30 33.63 -87.98 -7.95
C SER T 30 35.02 -87.41 -7.72
N ASN T 31 35.23 -86.74 -6.59
CA ASN T 31 36.51 -86.15 -6.23
C ASN T 31 37.16 -86.88 -5.07
N SER T 32 36.91 -88.19 -4.97
CA SER T 32 37.41 -89.01 -3.87
C SER T 32 38.34 -90.09 -4.38
N ILE T 33 39.43 -90.31 -3.65
CA ILE T 33 40.39 -91.36 -3.99
C ILE T 33 39.89 -92.67 -3.41
N MET T 34 39.80 -93.70 -4.25
CA MET T 34 39.46 -95.04 -3.81
C MET T 34 40.74 -95.84 -3.58
N GLY T 35 40.62 -96.91 -2.81
CA GLY T 35 41.80 -97.70 -2.50
C GLY T 35 41.45 -98.99 -1.80
N TRP T 36 42.46 -99.85 -1.68
CA TRP T 36 42.36 -101.13 -1.02
C TRP T 36 43.45 -101.25 0.02
N PHE T 37 43.12 -101.84 1.16
CA PHE T 37 44.08 -102.22 2.18
C PHE T 37 43.90 -103.69 2.49
N ARG T 38 44.83 -104.25 3.26
CA ARG T 38 44.70 -105.62 3.71
C ARG T 38 45.34 -105.75 5.08
N GLN T 39 44.94 -106.80 5.81
CA GLN T 39 45.45 -107.03 7.16
C GLN T 39 45.58 -108.53 7.38
N ALA T 40 46.79 -108.96 7.72
CA ALA T 40 46.99 -110.34 8.16
C ALA T 40 46.81 -110.41 9.67
N PRO T 41 46.14 -111.44 10.18
CA PRO T 41 45.94 -111.56 11.64
C PRO T 41 47.28 -111.66 12.36
N GLY T 42 47.42 -110.87 13.42
CA GLY T 42 48.67 -110.79 14.14
C GLY T 42 49.71 -109.87 13.54
N LYS T 43 49.47 -109.34 12.34
CA LYS T 43 50.37 -108.42 11.69
C LYS T 43 49.67 -107.09 11.45
N GLU T 44 50.42 -106.12 10.93
CA GLU T 44 49.87 -104.80 10.70
C GLU T 44 48.96 -104.80 9.48
N ARG T 45 47.99 -103.88 9.49
CA ARG T 45 47.20 -103.61 8.30
C ARG T 45 48.04 -102.81 7.32
N ASP T 46 48.13 -103.28 6.07
CA ASP T 46 49.03 -102.70 5.10
C ASP T 46 48.29 -102.25 3.84
N PHE T 47 49.03 -101.53 3.00
CA PHE T 47 48.51 -100.91 1.79
C PHE T 47 48.92 -101.75 0.58
N VAL T 48 48.00 -101.89 -0.38
CA VAL T 48 48.22 -102.71 -1.56
C VAL T 48 48.09 -101.89 -2.85
N ALA T 49 47.04 -101.09 -2.96
CA ALA T 49 46.82 -100.31 -4.17
C ALA T 49 45.82 -99.21 -3.88
N LYS T 50 45.93 -98.12 -4.64
CA LYS T 50 44.99 -97.03 -4.57
C LYS T 50 44.86 -96.42 -5.97
N ILE T 51 43.70 -95.82 -6.22
CA ILE T 51 43.42 -95.15 -7.49
C ILE T 51 42.74 -93.83 -7.19
N SER T 52 43.27 -92.75 -7.76
CA SER T 52 42.74 -91.42 -7.52
C SER T 52 41.60 -91.11 -8.47
N TRP T 53 40.96 -89.96 -8.25
CA TRP T 53 39.96 -89.46 -9.18
C TRP T 53 40.59 -88.68 -10.33
N ARG T 54 41.85 -88.26 -10.18
CA ARG T 54 42.56 -87.55 -11.22
C ARG T 54 43.16 -88.55 -12.21
N ASN T 55 42.55 -88.67 -13.38
CA ASN T 55 43.09 -89.48 -14.48
C ASN T 55 43.27 -90.95 -14.11
N ASP T 56 42.61 -91.39 -13.03
CA ASP T 56 42.74 -92.76 -12.53
C ASP T 56 44.20 -93.11 -12.26
N TYR T 57 44.89 -92.23 -11.55
CA TYR T 57 46.29 -92.44 -11.22
C TYR T 57 46.41 -93.57 -10.20
N THR T 58 47.16 -94.61 -10.56
CA THR T 58 47.26 -95.83 -9.75
C THR T 58 48.58 -95.85 -9.00
N THR T 59 48.52 -96.16 -7.71
CA THR T 59 49.69 -96.32 -6.87
C THR T 59 49.65 -97.70 -6.23
N TYR T 60 50.74 -98.45 -6.39
CA TYR T 60 50.81 -99.83 -5.93
C TYR T 60 51.89 -99.97 -4.86
N ALA T 61 51.69 -100.93 -3.97
CA ALA T 61 52.75 -101.35 -3.07
C ALA T 61 53.70 -102.29 -3.80
N ASP T 62 54.98 -102.21 -3.43
CA ASP T 62 56.00 -103.02 -4.10
C ASP T 62 55.72 -104.51 -3.99
N SER T 63 54.92 -104.92 -3.01
CA SER T 63 54.62 -106.34 -2.81
C SER T 63 53.64 -106.89 -3.84
N VAL T 64 53.03 -106.04 -4.67
CA VAL T 64 51.99 -106.48 -5.58
C VAL T 64 52.16 -105.88 -6.97
N LYS T 65 53.23 -105.10 -7.16
CA LYS T 65 53.45 -104.46 -8.46
C LYS T 65 53.68 -105.52 -9.54
N GLY T 66 52.90 -105.42 -10.62
CA GLY T 66 52.95 -106.41 -11.68
C GLY T 66 51.99 -107.57 -11.52
N ARG T 67 51.37 -107.71 -10.34
CA ARG T 67 50.45 -108.80 -10.07
C ARG T 67 49.01 -108.36 -9.85
N PHE T 68 48.81 -107.20 -9.21
CA PHE T 68 47.47 -106.68 -8.97
C PHE T 68 47.15 -105.55 -9.95
N THR T 69 45.85 -105.31 -10.14
CA THR T 69 45.39 -104.30 -11.10
C THR T 69 44.12 -103.68 -10.53
N ILE T 70 44.24 -102.47 -10.01
CA ILE T 70 43.11 -101.76 -9.40
C ILE T 70 42.47 -100.86 -10.43
N SER T 71 41.14 -100.79 -10.40
CA SER T 71 40.39 -99.94 -11.32
C SER T 71 39.15 -99.41 -10.62
N ARG T 72 38.50 -98.44 -11.24
CA ARG T 72 37.28 -97.87 -10.68
C ARG T 72 36.35 -97.43 -11.79
N ASP T 73 35.05 -97.61 -11.57
CA ASP T 73 34.01 -97.11 -12.45
C ASP T 73 33.10 -96.20 -11.63
N ASN T 74 33.07 -94.92 -11.99
CA ASN T 74 32.28 -93.95 -11.22
C ASN T 74 30.80 -94.01 -11.58
N ALA T 75 30.48 -94.30 -12.84
CA ALA T 75 29.08 -94.47 -13.21
C ALA T 75 28.46 -95.69 -12.54
N SER T 76 29.26 -96.71 -12.28
CA SER T 76 28.82 -97.89 -11.55
C SER T 76 29.04 -97.77 -10.04
N ASN T 77 29.77 -96.72 -9.60
CA ASN T 77 30.09 -96.52 -8.19
C ASN T 77 30.79 -97.74 -7.59
N MET T 78 31.74 -98.29 -8.33
CA MET T 78 32.45 -99.48 -7.89
C MET T 78 33.95 -99.32 -8.11
N VAL T 79 34.72 -100.08 -7.36
CA VAL T 79 36.16 -100.13 -7.49
C VAL T 79 36.61 -101.58 -7.33
N TYR T 80 37.38 -102.07 -8.31
CA TYR T 80 37.78 -103.46 -8.36
C TYR T 80 39.28 -103.61 -8.13
N LEU T 81 39.66 -104.74 -7.55
CA LEU T 81 41.05 -105.15 -7.43
C LEU T 81 41.20 -106.52 -8.08
N LEU T 82 41.96 -106.57 -9.16
CA LEU T 82 42.21 -107.81 -9.89
C LEU T 82 43.51 -108.42 -9.36
N MET T 83 43.40 -109.59 -8.73
CA MET T 83 44.51 -110.25 -8.06
C MET T 83 44.97 -111.43 -8.91
N ASN T 84 45.97 -111.19 -9.75
CA ASN T 84 46.59 -112.22 -10.56
C ASN T 84 47.90 -112.68 -9.94
N ASN T 85 48.25 -113.94 -10.17
CA ASN T 85 49.48 -114.55 -9.67
C ASN T 85 49.60 -114.37 -8.15
N LEU T 86 48.69 -115.05 -7.46
CA LEU T 86 48.61 -114.93 -6.01
C LEU T 86 49.71 -115.74 -5.33
N LYS T 87 50.09 -115.29 -4.15
CA LYS T 87 51.11 -115.91 -3.32
C LYS T 87 50.52 -116.18 -1.94
N PRO T 88 51.11 -117.10 -1.18
CA PRO T 88 50.66 -117.28 0.21
C PRO T 88 50.85 -116.05 1.06
N GLU T 89 51.83 -115.19 0.74
CA GLU T 89 52.01 -113.95 1.49
C GLU T 89 50.83 -113.00 1.31
N ASP T 90 50.04 -113.17 0.24
CA ASP T 90 48.87 -112.33 -0.02
C ASP T 90 47.65 -112.78 0.77
N THR T 91 47.80 -113.72 1.70
CA THR T 91 46.70 -114.14 2.56
C THR T 91 46.39 -113.06 3.58
N ALA T 92 45.17 -112.53 3.55
CA ALA T 92 44.79 -111.45 4.45
C ALA T 92 43.29 -111.19 4.34
N VAL T 93 42.84 -110.22 5.12
CA VAL T 93 41.49 -109.67 5.01
C VAL T 93 41.60 -108.33 4.30
N TYR T 94 40.95 -108.20 3.16
CA TYR T 94 41.06 -107.02 2.31
C TYR T 94 39.90 -106.08 2.56
N TYR T 95 40.22 -104.81 2.78
CA TYR T 95 39.24 -103.77 3.07
C TYR T 95 39.22 -102.75 1.94
N CYS T 96 38.03 -102.24 1.63
CA CYS T 96 37.87 -101.14 0.68
C CYS T 96 37.85 -99.82 1.44
N ALA T 97 38.62 -98.86 0.96
CA ALA T 97 38.71 -97.54 1.59
C ALA T 97 38.41 -96.46 0.56
N ALA T 98 37.77 -95.39 1.04
CA ALA T 98 37.40 -94.26 0.18
C ALA T 98 37.61 -92.99 0.97
N THR T 99 38.58 -92.17 0.57
CA THR T 99 38.85 -90.92 1.27
C THR T 99 37.74 -89.91 0.99
N LYS T 100 37.69 -88.88 1.82
CA LYS T 100 36.72 -87.81 1.63
C LYS T 100 37.09 -87.00 0.39
N ALA T 101 36.19 -86.10 0.00
CA ALA T 101 36.37 -85.35 -1.23
C ALA T 101 37.61 -84.46 -1.15
N TYR T 102 38.31 -84.36 -2.28
CA TYR T 102 39.47 -83.49 -2.44
C TYR T 102 40.54 -83.73 -1.38
N ASN T 103 40.59 -84.94 -0.82
CA ASN T 103 41.52 -85.27 0.24
C ASN T 103 42.49 -86.34 -0.22
N GLY T 104 43.69 -86.30 0.34
CA GLY T 104 44.71 -87.26 -0.04
C GLY T 104 44.42 -88.65 0.50
N GLY T 105 44.94 -89.64 -0.20
CA GLY T 105 44.91 -91.01 0.26
C GLY T 105 46.32 -91.55 0.44
N GLU T 106 46.80 -91.58 1.68
CA GLU T 106 48.18 -91.96 1.94
C GLU T 106 48.28 -93.45 2.24
N THR T 107 49.52 -93.96 2.18
CA THR T 107 49.76 -95.37 2.41
C THR T 107 49.54 -95.75 3.88
N SER T 108 49.76 -94.81 4.79
CA SER T 108 49.66 -95.09 6.22
C SER T 108 48.23 -95.30 6.68
N GLY T 109 47.24 -94.99 5.83
CA GLY T 109 45.87 -94.90 6.27
C GLY T 109 45.40 -93.48 6.51
N ARG T 110 46.30 -92.51 6.45
CA ARG T 110 45.91 -91.11 6.51
C ARG T 110 44.91 -90.79 5.42
N GLY T 111 44.04 -89.83 5.69
CA GLY T 111 42.84 -89.70 4.87
C GLY T 111 41.98 -90.93 5.04
N PHE T 112 41.35 -91.37 3.95
CA PHE T 112 40.58 -92.60 3.92
C PHE T 112 39.60 -92.67 5.09
N TYR T 113 38.62 -91.79 5.03
CA TYR T 113 37.66 -91.66 6.13
C TYR T 113 36.73 -92.87 6.21
N TYR T 114 36.38 -93.46 5.06
CA TYR T 114 35.43 -94.56 5.03
C TYR T 114 36.15 -95.88 4.87
N TRP T 115 35.56 -96.93 5.44
CA TRP T 115 36.13 -98.27 5.39
C TRP T 115 35.00 -99.28 5.22
N GLY T 116 35.37 -100.47 4.73
CA GLY T 116 34.43 -101.56 4.62
C GLY T 116 34.73 -102.67 5.60
N GLN T 117 33.75 -103.53 5.85
CA GLN T 117 33.95 -104.63 6.80
C GLN T 117 35.02 -105.60 6.31
N GLY T 118 35.18 -105.75 5.00
CA GLY T 118 36.25 -106.51 4.43
C GLY T 118 35.78 -107.85 3.87
N THR T 119 36.68 -108.48 3.11
CA THR T 119 36.46 -109.79 2.54
C THR T 119 37.72 -110.63 2.71
N GLN T 120 37.54 -111.91 3.00
CA GLN T 120 38.67 -112.79 3.29
C GLN T 120 39.29 -113.32 2.01
N VAL T 121 40.62 -113.36 1.97
CA VAL T 121 41.37 -113.91 0.86
C VAL T 121 42.46 -114.81 1.43
N THR T 122 42.35 -116.11 1.16
CA THR T 122 43.32 -117.10 1.63
C THR T 122 43.94 -117.79 0.42
N VAL T 123 45.28 -117.89 0.43
CA VAL T 123 46.03 -118.50 -0.65
C VAL T 123 46.91 -119.59 -0.05
N SER T 124 46.79 -120.80 -0.56
CA SER T 124 47.52 -121.96 -0.04
C SER T 124 48.27 -122.66 -1.18
N SER T 125 48.99 -123.71 -0.83
CA SER T 125 49.76 -124.48 -1.80
C SER T 125 48.91 -125.54 -2.46
N SER U 2 85.30 -45.63 0.95
CA SER U 2 86.35 -44.78 0.38
C SER U 2 87.11 -45.51 -0.72
N VAL U 3 86.80 -45.17 -1.97
CA VAL U 3 87.45 -45.76 -3.13
C VAL U 3 87.82 -44.65 -4.10
N THR U 4 88.93 -44.84 -4.81
CA THR U 4 89.47 -43.81 -5.68
C THR U 4 88.57 -43.60 -6.89
N VAL U 5 88.24 -42.34 -7.18
CA VAL U 5 87.45 -41.95 -8.35
C VAL U 5 88.25 -40.91 -9.12
N LYS U 6 88.28 -41.05 -10.45
CA LYS U 6 88.99 -40.10 -11.28
C LYS U 6 88.18 -39.79 -12.54
N ARG U 7 88.30 -38.54 -12.98
CA ARG U 7 87.64 -38.10 -14.20
C ARG U 7 88.36 -38.67 -15.41
N ILE U 8 87.60 -39.31 -16.31
CA ILE U 8 88.22 -40.08 -17.39
C ILE U 8 88.79 -39.20 -18.49
N ILE U 9 88.38 -37.93 -18.57
CA ILE U 9 88.83 -37.08 -19.67
C ILE U 9 90.30 -36.70 -19.50
N ASP U 10 90.78 -36.65 -18.26
CA ASP U 10 92.18 -36.28 -18.04
C ASP U 10 92.80 -36.94 -16.81
N ASN U 11 92.28 -38.09 -16.37
CA ASN U 11 92.80 -38.84 -15.23
C ASN U 11 92.90 -37.98 -13.97
N THR U 12 92.12 -36.90 -13.89
CA THR U 12 92.14 -36.05 -12.71
C THR U 12 91.37 -36.71 -11.57
N VAL U 13 92.01 -36.75 -10.41
CA VAL U 13 91.40 -37.36 -9.23
C VAL U 13 90.33 -36.43 -8.67
N ILE U 14 89.21 -36.99 -8.25
CA ILE U 14 88.14 -36.25 -7.59
C ILE U 14 87.75 -37.00 -6.33
N VAL U 15 87.42 -36.26 -5.28
CA VAL U 15 87.02 -36.85 -4.01
C VAL U 15 85.63 -36.35 -3.65
N PRO U 16 84.57 -37.00 -4.12
CA PRO U 16 83.21 -36.56 -3.77
C PRO U 16 82.93 -36.80 -2.29
N LYS U 17 82.60 -35.73 -1.58
CA LYS U 17 82.28 -35.81 -0.15
C LYS U 17 81.06 -34.94 0.13
N LEU U 18 80.42 -35.23 1.25
CA LEU U 18 79.18 -34.57 1.65
C LEU U 18 79.35 -33.91 3.02
N PRO U 19 78.57 -32.89 3.32
CA PRO U 19 78.51 -32.39 4.70
C PRO U 19 77.98 -33.47 5.63
N ALA U 20 78.73 -33.74 6.68
CA ALA U 20 78.38 -34.78 7.64
C ALA U 20 77.73 -34.18 8.88
N ASN U 21 76.76 -34.89 9.43
CA ASN U 21 76.08 -34.48 10.65
C ASN U 21 76.12 -35.63 11.65
N GLU U 22 76.62 -35.35 12.85
CA GLU U 22 76.66 -36.35 13.91
C GLU U 22 75.24 -36.77 14.27
N ASP U 23 74.55 -35.92 15.03
CA ASP U 23 73.26 -36.26 15.62
C ASP U 23 73.29 -37.65 16.25
N PRO U 24 74.18 -37.89 17.22
CA PRO U 24 74.30 -39.24 17.78
C PRO U 24 73.09 -39.61 18.62
N VAL U 25 72.89 -40.92 18.77
CA VAL U 25 71.75 -41.48 19.49
C VAL U 25 72.21 -41.86 20.90
N GLU U 26 71.42 -41.49 21.89
CA GLU U 26 71.71 -41.78 23.30
C GLU U 26 70.72 -42.82 23.81
N TYR U 27 71.25 -43.88 24.43
CA TYR U 27 70.43 -44.96 24.95
C TYR U 27 70.18 -44.78 26.44
N PRO U 28 69.06 -45.31 26.96
CA PRO U 28 68.77 -45.12 28.38
C PRO U 28 69.76 -45.81 29.31
N ALA U 29 70.20 -47.03 28.98
CA ALA U 29 71.08 -47.78 29.88
C ALA U 29 72.46 -47.14 30.02
N ASP U 30 72.89 -46.35 29.04
CA ASP U 30 74.14 -45.62 29.19
C ASP U 30 74.03 -44.50 30.21
N TYR U 31 72.80 -44.11 30.56
CA TYR U 31 72.58 -43.10 31.59
C TYR U 31 72.70 -43.67 33.00
N PHE U 32 72.36 -44.95 33.18
CA PHE U 32 72.32 -45.53 34.51
C PHE U 32 73.65 -46.10 34.97
N ARG U 33 74.58 -46.36 34.06
CA ARG U 33 75.96 -46.64 34.47
C ARG U 33 76.70 -45.38 34.87
N LYS U 34 76.14 -44.20 34.57
CA LYS U 34 76.66 -42.92 35.03
C LYS U 34 76.02 -42.50 36.35
N SER U 35 74.70 -42.34 36.36
CA SER U 35 73.95 -41.95 37.54
C SER U 35 73.07 -43.11 37.99
N LYS U 36 73.07 -43.38 39.29
CA LYS U 36 72.26 -44.44 39.86
C LYS U 36 70.87 -43.97 40.28
N GLU U 37 70.48 -42.76 39.91
CA GLU U 37 69.15 -42.23 40.16
C GLU U 37 68.96 -40.96 39.33
N ILE U 38 67.71 -40.55 39.20
CA ILE U 38 67.28 -39.39 38.42
C ILE U 38 66.74 -38.34 39.37
N PRO U 39 67.28 -37.12 39.36
CA PRO U 39 66.83 -36.09 40.29
C PRO U 39 65.61 -35.33 39.80
N LEU U 40 64.82 -34.85 40.76
CA LEU U 40 63.64 -34.02 40.50
C LEU U 40 63.80 -32.77 41.35
N TYR U 41 64.22 -31.67 40.74
CA TYR U 41 64.45 -30.41 41.45
C TYR U 41 63.11 -29.76 41.76
N ILE U 42 62.67 -29.87 43.00
CA ILE U 42 61.41 -29.29 43.46
C ILE U 42 61.70 -28.25 44.52
N ASN U 43 60.76 -27.33 44.69
CA ASN U 43 60.86 -26.25 45.68
C ASN U 43 59.85 -26.51 46.77
N THR U 44 60.33 -26.62 48.02
CA THR U 44 59.51 -27.10 49.13
C THR U 44 59.20 -26.00 50.15
N THR U 45 59.39 -24.74 49.80
CA THR U 45 59.18 -23.67 50.78
C THR U 45 57.70 -23.41 51.01
N LYS U 46 57.01 -22.88 50.02
CA LYS U 46 55.62 -22.48 50.19
C LYS U 46 54.72 -23.69 50.47
N SER U 47 53.68 -23.46 51.25
CA SER U 47 52.78 -24.52 51.68
C SER U 47 51.86 -24.94 50.53
N LEU U 48 50.97 -25.90 50.84
CA LEU U 48 50.05 -26.43 49.83
C LEU U 48 48.87 -25.49 49.61
N SER U 49 48.19 -25.11 50.69
CA SER U 49 47.02 -24.24 50.58
C SER U 49 47.37 -22.92 49.92
N ASP U 50 48.61 -22.46 50.06
CA ASP U 50 49.06 -21.30 49.31
C ASP U 50 49.15 -21.60 47.83
N LEU U 51 49.95 -22.62 47.46
CA LEU U 51 50.21 -22.92 46.06
C LEU U 51 48.94 -23.21 45.28
N ARG U 52 47.91 -23.73 45.95
CA ARG U 52 46.64 -24.00 45.29
C ARG U 52 46.06 -22.70 44.71
N GLY U 53 46.05 -21.64 45.50
CA GLY U 53 45.60 -20.34 44.99
C GLY U 53 46.62 -19.69 44.08
N TYR U 54 47.92 -19.89 44.36
CA TYR U 54 48.97 -19.41 43.47
C TYR U 54 48.71 -19.85 42.03
N VAL U 55 48.51 -21.16 41.84
CA VAL U 55 48.28 -21.68 40.48
C VAL U 55 46.84 -21.54 40.05
N TYR U 56 45.90 -21.30 40.97
CA TYR U 56 44.52 -21.04 40.56
C TYR U 56 44.40 -19.67 39.91
N GLN U 57 44.68 -18.61 40.67
CA GLN U 57 44.66 -17.28 40.10
C GLN U 57 45.79 -17.08 39.09
N GLY U 58 46.85 -17.89 39.19
CA GLY U 58 47.85 -17.90 38.12
C GLY U 58 47.32 -18.49 36.84
N LEU U 59 46.42 -19.46 36.94
CA LEU U 59 45.77 -20.01 35.74
C LEU U 59 44.75 -19.04 35.18
N LYS U 60 43.94 -18.42 36.05
CA LYS U 60 42.91 -17.50 35.58
C LYS U 60 43.50 -16.35 34.77
N SER U 61 44.74 -15.97 35.07
CA SER U 61 45.43 -14.94 34.33
C SER U 61 46.44 -15.58 33.38
N GLY U 62 47.14 -14.73 32.60
CA GLY U 62 48.16 -15.23 31.71
C GLY U 62 49.48 -15.55 32.37
N ASN U 63 49.67 -15.08 33.61
CA ASN U 63 50.93 -15.27 34.33
C ASN U 63 50.80 -16.46 35.28
N VAL U 64 51.66 -17.46 35.10
CA VAL U 64 51.73 -18.60 36.00
C VAL U 64 53.12 -19.20 35.89
N SER U 65 53.70 -19.56 37.02
CA SER U 65 55.05 -20.09 37.06
C SER U 65 55.02 -21.61 36.98
N ILE U 66 55.99 -22.18 36.25
CA ILE U 66 56.13 -23.63 36.23
C ILE U 66 56.65 -24.13 37.56
N ILE U 67 57.36 -23.28 38.30
CA ILE U 67 57.85 -23.68 39.62
C ILE U 67 56.69 -23.87 40.58
N HIS U 68 55.68 -22.99 40.52
CA HIS U 68 54.52 -23.12 41.39
C HIS U 68 53.72 -24.39 41.07
N VAL U 69 53.64 -24.75 39.79
CA VAL U 69 52.85 -25.93 39.43
C VAL U 69 53.63 -27.22 39.65
N ASN U 70 54.96 -27.17 39.58
CA ASN U 70 55.76 -28.33 39.95
C ASN U 70 55.67 -28.56 41.46
N SER U 71 56.02 -27.53 42.23
CA SER U 71 55.97 -27.62 43.69
C SER U 71 54.55 -27.85 44.20
N TYR U 72 53.53 -27.52 43.42
CA TYR U 72 52.16 -27.80 43.82
C TYR U 72 51.73 -29.20 43.43
N LEU U 73 52.15 -29.68 42.25
CA LEU U 73 51.85 -31.06 41.86
C LEU U 73 52.49 -32.04 42.82
N TYR U 74 53.71 -31.74 43.28
CA TYR U 74 54.36 -32.61 44.27
C TYR U 74 53.52 -32.72 45.53
N GLY U 75 53.11 -31.58 46.10
CA GLY U 75 52.33 -31.60 47.32
C GLY U 75 50.93 -32.17 47.14
N ALA U 76 50.38 -32.08 45.93
CA ALA U 76 49.05 -32.62 45.68
C ALA U 76 49.09 -34.12 45.43
N LEU U 77 50.21 -34.65 44.96
CA LEU U 77 50.36 -36.08 44.72
C LEU U 77 51.33 -36.74 45.70
N LYS U 78 51.72 -36.02 46.77
CA LYS U 78 52.71 -36.55 47.70
C LYS U 78 52.20 -37.79 48.41
N ASP U 79 50.92 -37.82 48.75
CA ASP U 79 50.35 -38.85 49.63
C ASP U 79 49.35 -39.69 48.84
N ILE U 80 49.85 -40.47 47.88
CA ILE U 80 49.06 -41.49 47.20
C ILE U 80 49.90 -42.76 47.15
N ARG U 81 49.28 -43.90 47.41
CA ARG U 81 50.01 -45.13 47.66
C ARG U 81 49.42 -46.30 46.88
N GLY U 82 50.24 -47.33 46.71
CA GLY U 82 49.82 -48.57 46.11
C GLY U 82 50.71 -49.71 46.54
N LYS U 83 50.11 -50.80 47.03
CA LYS U 83 50.89 -51.94 47.47
C LYS U 83 51.21 -52.83 46.27
N LEU U 84 52.50 -53.10 46.06
CA LEU U 84 52.93 -53.90 44.92
C LEU U 84 52.61 -55.38 45.16
N ASP U 85 52.08 -56.03 44.13
CA ASP U 85 51.96 -57.48 44.15
C ASP U 85 53.35 -58.09 44.07
N LYS U 86 53.92 -58.12 42.87
CA LYS U 86 55.31 -58.53 42.69
C LYS U 86 56.21 -57.30 42.63
N ASP U 87 57.46 -57.51 42.29
CA ASP U 87 58.50 -56.48 42.44
C ASP U 87 58.35 -55.40 41.38
N TRP U 88 59.33 -54.49 41.39
CA TRP U 88 59.42 -53.42 40.39
C TRP U 88 60.86 -52.91 40.44
N SER U 89 61.68 -53.40 39.51
CA SER U 89 63.06 -52.97 39.36
C SER U 89 63.32 -52.63 37.91
N SER U 90 64.22 -51.67 37.68
CA SER U 90 64.50 -51.22 36.33
C SER U 90 65.88 -50.59 36.29
N PHE U 91 66.76 -51.14 35.46
CA PHE U 91 68.13 -50.64 35.30
C PHE U 91 68.89 -50.67 36.63
N GLY U 92 68.64 -51.70 37.43
CA GLY U 92 69.31 -51.82 38.71
C GLY U 92 68.84 -50.85 39.77
N ILE U 93 67.56 -50.50 39.76
CA ILE U 93 66.97 -49.60 40.76
C ILE U 93 65.76 -50.33 41.34
N ASN U 94 65.90 -50.86 42.55
CA ASN U 94 64.82 -51.59 43.22
C ASN U 94 63.90 -50.58 43.88
N ILE U 95 63.03 -49.99 43.06
CA ILE U 95 62.09 -48.99 43.57
C ILE U 95 61.01 -49.62 44.44
N GLY U 96 60.78 -50.92 44.30
CA GLY U 96 59.83 -51.63 45.14
C GLY U 96 60.28 -53.05 45.35
N LYS U 97 59.59 -53.74 46.26
CA LYS U 97 59.94 -55.12 46.59
C LYS U 97 58.77 -55.80 47.28
N ALA U 98 58.17 -56.78 46.60
CA ALA U 98 57.13 -57.64 47.16
C ALA U 98 55.98 -56.75 47.63
N GLY U 99 55.42 -56.96 48.82
CA GLY U 99 54.29 -56.17 49.27
C GLY U 99 54.63 -54.78 49.79
N ASP U 100 55.70 -54.19 49.26
CA ASP U 100 56.02 -52.81 49.59
C ASP U 100 54.90 -51.89 49.13
N THR U 101 54.72 -50.81 49.88
CA THR U 101 53.77 -49.75 49.53
C THR U 101 54.58 -48.52 49.14
N ILE U 102 54.61 -48.22 47.85
CA ILE U 102 55.47 -47.17 47.31
C ILE U 102 54.61 -45.98 46.90
N GLY U 103 55.25 -44.82 46.83
CA GLY U 103 54.62 -43.61 46.36
C GLY U 103 55.02 -43.28 44.93
N ILE U 104 54.31 -42.30 44.37
CA ILE U 104 54.56 -41.89 42.99
C ILE U 104 55.96 -41.28 42.84
N PHE U 105 56.51 -40.71 43.91
CA PHE U 105 57.82 -40.09 43.87
C PHE U 105 58.91 -40.98 44.44
N ASP U 106 58.61 -42.26 44.70
CA ASP U 106 59.67 -43.23 44.97
C ASP U 106 60.44 -43.57 43.69
N LEU U 107 59.89 -43.22 42.52
CA LEU U 107 60.59 -43.49 41.27
C LEU U 107 61.82 -42.61 41.13
N VAL U 108 61.67 -41.31 41.38
CA VAL U 108 62.79 -40.37 41.30
C VAL U 108 63.25 -40.02 42.70
N SER U 109 64.29 -39.19 42.79
CA SER U 109 64.80 -38.72 44.08
C SER U 109 64.64 -37.20 44.15
N LEU U 110 64.07 -36.73 45.25
CA LEU U 110 63.76 -35.32 45.39
C LEU U 110 65.01 -34.52 45.71
N LYS U 111 65.22 -33.42 44.98
CA LYS U 111 66.24 -32.43 45.26
C LYS U 111 65.56 -31.08 45.49
N ALA U 112 66.37 -30.07 45.82
CA ALA U 112 65.87 -28.74 46.15
C ALA U 112 66.18 -27.77 45.03
N LEU U 113 65.18 -26.98 44.63
CA LEU U 113 65.37 -25.96 43.62
C LEU U 113 65.91 -24.68 44.27
N ASP U 114 66.99 -24.15 43.70
CA ASP U 114 67.67 -22.98 44.25
C ASP U 114 67.59 -21.84 43.24
N GLY U 115 66.99 -20.73 43.65
CA GLY U 115 66.88 -19.58 42.78
C GLY U 115 65.73 -18.69 43.21
N VAL U 116 65.48 -17.68 42.38
CA VAL U 116 64.42 -16.71 42.66
C VAL U 116 63.07 -17.41 42.59
N LEU U 117 62.31 -17.34 43.68
CA LEU U 117 60.94 -17.81 43.68
C LEU U 117 60.03 -16.72 43.15
N PRO U 118 59.37 -16.92 42.00
CA PRO U 118 58.39 -15.93 41.53
C PRO U 118 57.29 -15.74 42.56
N ASP U 119 57.09 -14.48 42.98
CA ASP U 119 56.11 -14.19 44.02
C ASP U 119 54.70 -14.57 43.58
N GLY U 120 54.33 -14.24 42.35
CA GLY U 120 52.99 -14.55 41.88
C GLY U 120 51.93 -13.82 42.69
N VAL U 121 50.69 -14.30 42.51
CA VAL U 121 49.54 -13.76 43.22
C VAL U 121 49.32 -14.56 44.49
N SER U 122 48.07 -14.62 44.95
CA SER U 122 47.67 -15.41 46.11
C SER U 122 46.15 -15.42 46.16
N ASP U 123 45.60 -16.48 46.76
CA ASP U 123 44.16 -16.66 46.69
C ASP U 123 43.72 -17.66 47.76
N ALA U 124 42.60 -17.34 48.42
CA ALA U 124 41.97 -18.26 49.37
C ALA U 124 40.56 -18.58 48.89
N SER U 125 39.67 -18.92 49.82
CA SER U 125 38.30 -19.34 49.51
C SER U 125 38.25 -20.59 48.64
N ARG U 126 39.41 -21.20 48.36
CA ARG U 126 39.51 -22.48 47.70
C ARG U 126 39.93 -23.52 48.72
N THR U 127 39.34 -24.71 48.62
CA THR U 127 39.51 -25.75 49.63
C THR U 127 40.34 -26.90 49.06
N SER U 128 40.34 -28.02 49.79
CA SER U 128 41.06 -29.21 49.34
C SER U 128 40.35 -29.93 48.20
N ALA U 129 39.11 -29.54 47.87
CA ALA U 129 38.39 -30.17 46.77
C ALA U 129 39.00 -29.83 45.42
N ASP U 130 39.82 -28.78 45.36
CA ASP U 130 40.51 -28.47 44.10
C ASP U 130 41.63 -29.45 43.82
N ASP U 131 42.24 -30.02 44.86
CA ASP U 131 43.31 -30.99 44.67
C ASP U 131 42.83 -32.29 44.04
N LYS U 132 41.52 -32.45 43.85
CA LYS U 132 41.01 -33.64 43.17
C LYS U 132 41.28 -33.57 41.67
N TRP U 133 41.12 -32.39 41.07
CA TRP U 133 41.19 -32.25 39.62
C TRP U 133 42.24 -31.27 39.12
N LEU U 134 42.71 -30.35 39.96
CA LEU U 134 43.80 -29.46 39.55
C LEU U 134 45.03 -30.21 39.06
N PRO U 135 45.51 -31.26 39.72
CA PRO U 135 46.60 -32.05 39.10
C PRO U 135 46.19 -32.70 37.80
N LEU U 136 44.95 -33.20 37.71
CA LEU U 136 44.45 -33.74 36.44
C LEU U 136 44.48 -32.66 35.36
N TYR U 137 44.15 -31.42 35.73
CA TYR U 137 44.15 -30.31 34.76
C TYR U 137 45.56 -30.00 34.29
N LEU U 138 46.47 -29.71 35.22
CA LEU U 138 47.84 -29.39 34.86
C LEU U 138 48.50 -30.52 34.08
N LEU U 139 48.16 -31.78 34.40
CA LEU U 139 48.73 -32.91 33.67
C LEU U 139 48.13 -33.03 32.28
N GLY U 140 46.83 -32.75 32.14
CA GLY U 140 46.23 -32.76 30.81
C GLY U 140 46.75 -31.68 29.91
N LEU U 141 47.15 -30.54 30.48
CA LEU U 141 47.70 -29.45 29.67
C LEU U 141 49.02 -29.82 29.02
N TYR U 142 49.74 -30.84 29.53
CA TYR U 142 50.93 -31.32 28.84
C TYR U 142 50.56 -31.99 27.54
N ARG U 143 49.43 -32.69 27.50
CA ARG U 143 48.98 -33.36 26.29
C ARG U 143 48.31 -32.38 25.33
N VAL U 144 47.51 -31.45 25.85
CA VAL U 144 46.91 -30.45 24.99
C VAL U 144 47.96 -29.49 24.44
N GLY U 145 49.08 -29.32 25.16
CA GLY U 145 50.13 -28.42 24.77
C GLY U 145 51.18 -28.98 23.84
N ARG U 146 50.93 -30.12 23.19
CA ARG U 146 51.88 -30.71 22.26
C ARG U 146 51.28 -30.91 20.87
N THR U 147 50.24 -30.16 20.53
CA THR U 147 49.61 -30.24 19.22
C THR U 147 49.36 -28.83 18.70
N GLN U 148 49.65 -28.63 17.41
CA GLN U 148 49.44 -27.33 16.76
C GLN U 148 48.31 -27.36 15.75
N MET U 149 47.61 -28.47 15.59
CA MET U 149 46.40 -28.50 14.79
C MET U 149 45.25 -27.91 15.59
N PRO U 150 44.72 -26.76 15.20
CA PRO U 150 43.67 -26.12 16.02
C PRO U 150 42.42 -26.96 16.18
N GLU U 151 42.13 -27.85 15.23
CA GLU U 151 41.01 -28.76 15.40
C GLU U 151 41.31 -29.82 16.45
N TYR U 152 42.52 -30.40 16.38
CA TYR U 152 42.93 -31.41 17.36
C TYR U 152 42.94 -30.84 18.77
N ARG U 153 42.94 -29.52 18.92
CA ARG U 153 42.81 -28.92 20.24
C ARG U 153 41.46 -29.21 20.90
N LYS U 154 40.60 -30.03 20.28
CA LYS U 154 39.44 -30.61 20.96
C LYS U 154 39.93 -31.58 22.03
N LYS U 155 41.26 -31.73 22.11
CA LYS U 155 41.86 -32.34 23.29
C LYS U 155 41.50 -31.57 24.55
N LEU U 156 41.32 -30.25 24.46
CA LEU U 156 41.00 -29.47 25.65
C LEU U 156 39.57 -29.70 26.15
N MET U 157 38.87 -30.71 25.65
CA MET U 157 37.81 -31.35 26.42
C MET U 157 38.39 -32.44 27.30
N ASP U 158 39.60 -32.19 27.82
CA ASP U 158 40.30 -33.18 28.63
C ASP U 158 39.55 -33.45 29.93
N GLY U 159 39.19 -32.39 30.65
CA GLY U 159 38.47 -32.51 31.89
C GLY U 159 37.07 -31.96 31.77
N LEU U 160 36.81 -31.23 30.68
CA LEU U 160 35.46 -30.79 30.37
C LEU U 160 34.51 -31.97 30.22
N THR U 161 35.04 -33.17 30.06
CA THR U 161 34.29 -34.42 30.25
C THR U 161 34.78 -35.22 31.45
N ASN U 162 36.09 -35.19 31.75
CA ASN U 162 36.66 -35.97 32.83
C ASN U 162 36.57 -35.26 34.18
N GLN U 163 37.04 -34.01 34.26
CA GLN U 163 36.98 -33.29 35.53
C GLN U 163 35.55 -32.96 35.94
N CYS U 164 34.61 -32.95 34.99
CA CYS U 164 33.21 -32.86 35.36
C CYS U 164 32.74 -34.13 36.06
N LYS U 165 33.51 -35.21 35.98
CA LYS U 165 33.22 -36.39 36.77
C LYS U 165 33.73 -36.23 38.20
N MET U 166 34.80 -35.46 38.40
CA MET U 166 35.32 -35.23 39.74
C MET U 166 34.55 -34.12 40.45
N ILE U 167 34.24 -33.04 39.75
CA ILE U 167 33.40 -31.96 40.28
C ILE U 167 32.49 -31.49 39.15
N ASN U 168 31.20 -31.35 39.45
CA ASN U 168 30.22 -31.04 38.41
C ASN U 168 30.50 -29.70 37.74
N GLU U 169 31.00 -28.72 38.48
CA GLU U 169 31.13 -27.36 37.99
C GLU U 169 32.56 -26.98 37.64
N GLN U 170 33.36 -27.94 37.18
CA GLN U 170 34.69 -27.61 36.69
C GLN U 170 34.58 -26.90 35.35
N PHE U 171 35.12 -25.69 35.28
CA PHE U 171 35.21 -24.95 34.04
C PHE U 171 36.65 -24.52 33.82
N GLU U 172 36.97 -24.20 32.58
CA GLU U 172 38.35 -23.93 32.17
C GLU U 172 38.88 -22.67 32.84
N PRO U 173 39.87 -22.78 33.74
CA PRO U 173 40.47 -21.59 34.35
C PRO U 173 41.52 -20.90 33.48
N LEU U 174 41.60 -21.22 32.19
CA LEU U 174 42.57 -20.62 31.31
C LEU U 174 41.87 -19.83 30.20
N VAL U 175 42.44 -18.70 29.83
CA VAL U 175 41.82 -17.83 28.83
C VAL U 175 41.79 -18.55 27.48
N PRO U 176 40.71 -18.42 26.71
CA PRO U 176 40.62 -19.18 25.44
C PRO U 176 41.71 -18.83 24.45
N GLU U 177 41.87 -17.53 24.12
CA GLU U 177 42.93 -17.13 23.20
C GLU U 177 44.31 -17.49 23.74
N GLY U 178 44.45 -17.55 25.06
CA GLY U 178 45.70 -17.95 25.66
C GLY U 178 45.87 -19.46 25.73
N ARG U 179 45.32 -20.18 24.75
CA ARG U 179 45.42 -21.64 24.71
C ARG U 179 46.85 -22.08 24.45
N ASP U 180 47.79 -21.13 24.48
CA ASP U 180 49.20 -21.43 24.28
C ASP U 180 50.04 -21.12 25.53
N ILE U 181 49.39 -20.87 26.67
CA ILE U 181 50.14 -20.57 27.89
C ILE U 181 50.91 -21.78 28.38
N PHE U 182 50.28 -22.95 28.35
CA PHE U 182 50.86 -24.16 28.95
C PHE U 182 51.86 -24.87 28.05
N ASP U 183 51.95 -24.49 26.78
CA ASP U 183 52.94 -25.12 25.89
C ASP U 183 54.35 -24.94 26.43
N VAL U 184 54.65 -23.77 27.02
CA VAL U 184 55.95 -23.52 27.60
C VAL U 184 56.26 -24.53 28.69
N TRP U 185 55.23 -25.04 29.37
CA TRP U 185 55.43 -26.05 30.41
C TRP U 185 56.17 -27.27 29.87
N GLY U 186 56.05 -27.53 28.56
CA GLY U 186 56.74 -28.66 27.96
C GLY U 186 58.25 -28.57 28.03
N ASN U 187 58.79 -27.36 28.22
CA ASN U 187 60.25 -27.20 28.23
C ASN U 187 60.85 -27.47 29.61
N ASP U 188 60.09 -27.28 30.68
CA ASP U 188 60.63 -27.46 32.02
C ASP U 188 60.93 -28.93 32.27
N SER U 189 62.18 -29.23 32.63
CA SER U 189 62.61 -30.61 32.82
C SER U 189 61.83 -31.29 33.95
N ASN U 190 61.71 -30.60 35.10
CA ASN U 190 61.08 -31.21 36.26
C ASN U 190 59.61 -31.50 36.03
N TYR U 191 58.93 -30.71 35.19
CA TYR U 191 57.54 -31.00 34.86
C TYR U 191 57.42 -32.29 34.04
N THR U 192 58.30 -32.46 33.05
CA THR U 192 58.32 -33.69 32.28
C THR U 192 58.65 -34.89 33.17
N LYS U 193 59.53 -34.69 34.15
CA LYS U 193 59.78 -35.75 35.12
C LYS U 193 58.56 -36.04 35.99
N ILE U 194 57.76 -35.01 36.28
CA ILE U 194 56.52 -35.23 37.02
C ILE U 194 55.56 -36.09 36.20
N VAL U 195 55.27 -35.68 34.96
CA VAL U 195 54.30 -36.42 34.15
C VAL U 195 54.79 -37.83 33.88
N ALA U 196 56.10 -38.00 33.67
CA ALA U 196 56.65 -39.33 33.45
C ALA U 196 56.54 -40.19 34.71
N ALA U 197 56.73 -39.58 35.89
CA ALA U 197 56.55 -40.31 37.13
C ALA U 197 55.09 -40.69 37.35
N VAL U 198 54.17 -39.83 36.97
CA VAL U 198 52.74 -40.12 37.11
C VAL U 198 52.36 -41.30 36.22
N ASP U 199 52.66 -41.21 34.93
CA ASP U 199 52.27 -42.29 34.02
C ASP U 199 52.98 -43.59 34.37
N MET U 200 54.27 -43.52 34.69
CA MET U 200 55.00 -44.72 35.08
C MET U 200 54.40 -45.34 36.34
N PHE U 201 53.94 -44.50 37.27
CA PHE U 201 53.29 -45.03 38.47
C PHE U 201 51.98 -45.71 38.15
N PHE U 202 51.03 -44.97 37.55
CA PHE U 202 49.70 -45.50 37.32
C PHE U 202 49.65 -46.57 36.23
N HIS U 203 50.76 -46.82 35.52
CA HIS U 203 50.79 -47.95 34.61
C HIS U 203 50.87 -49.26 35.37
N MET U 204 51.61 -49.28 36.48
CA MET U 204 51.65 -50.46 37.34
C MET U 204 50.35 -50.60 38.12
N PHE U 205 49.90 -49.52 38.74
CA PHE U 205 48.66 -49.50 39.53
C PHE U 205 47.55 -48.99 38.61
N LYS U 206 46.89 -49.93 37.94
CA LYS U 206 45.90 -49.62 36.92
C LYS U 206 44.51 -49.43 37.48
N LYS U 207 44.20 -50.07 38.61
CA LYS U 207 42.88 -50.00 39.22
C LYS U 207 42.82 -48.98 40.36
N HIS U 208 43.86 -48.16 40.53
CA HIS U 208 43.85 -47.13 41.55
C HIS U 208 42.78 -46.09 41.25
N GLU U 209 42.20 -45.53 42.32
CA GLU U 209 41.12 -44.56 42.18
C GLU U 209 41.54 -43.33 41.40
N CYS U 210 42.84 -43.03 41.33
CA CYS U 210 43.35 -41.85 40.66
C CYS U 210 44.04 -42.18 39.34
N ALA U 211 43.67 -43.30 38.71
CA ALA U 211 44.23 -43.65 37.41
C ALA U 211 43.81 -42.67 36.32
N SER U 212 42.73 -41.90 36.55
CA SER U 212 42.28 -40.92 35.57
C SER U 212 43.36 -39.90 35.25
N PHE U 213 44.27 -39.66 36.20
CA PHE U 213 45.37 -38.71 35.96
C PHE U 213 46.24 -39.12 34.80
N ARG U 214 46.18 -40.39 34.36
CA ARG U 214 46.93 -40.80 33.18
C ARG U 214 46.50 -40.02 31.94
N TYR U 215 45.25 -39.56 31.90
CA TYR U 215 44.82 -38.67 30.82
C TYR U 215 45.73 -37.46 30.78
N GLY U 216 46.50 -37.33 29.71
CA GLY U 216 47.44 -36.23 29.59
C GLY U 216 48.88 -36.67 29.70
N THR U 217 49.15 -37.62 30.61
CA THR U 217 50.51 -38.13 30.79
C THR U 217 50.80 -39.33 29.91
N ILE U 218 49.76 -39.93 29.29
CA ILE U 218 49.97 -41.13 28.48
C ILE U 218 50.81 -40.81 27.24
N VAL U 219 50.82 -39.54 26.81
CA VAL U 219 51.55 -39.14 25.63
C VAL U 219 53.03 -39.07 25.97
N SER U 220 53.35 -39.31 27.24
CA SER U 220 54.76 -39.37 27.64
C SER U 220 55.33 -40.77 27.51
N ARG U 221 54.49 -41.81 27.51
CA ARG U 221 54.96 -43.17 27.37
C ARG U 221 55.27 -43.47 25.91
N PHE U 222 56.47 -44.01 25.67
CA PHE U 222 56.98 -44.24 24.31
C PHE U 222 56.99 -42.95 23.50
N LYS U 223 57.18 -41.82 24.17
CA LYS U 223 57.34 -40.55 23.50
C LYS U 223 58.65 -40.55 22.71
N ASP U 224 58.57 -40.15 21.44
CA ASP U 224 59.70 -40.21 20.51
C ASP U 224 60.18 -41.65 20.30
N CYS U 225 59.22 -42.59 20.25
CA CYS U 225 59.50 -44.00 19.98
C CYS U 225 58.45 -44.52 19.00
N ALA U 226 58.55 -44.07 17.74
CA ALA U 226 57.55 -44.39 16.73
C ALA U 226 57.91 -45.64 15.92
N ALA U 227 59.16 -45.75 15.46
CA ALA U 227 59.56 -46.91 14.68
C ALA U 227 59.40 -48.19 15.49
N LEU U 228 59.67 -48.13 16.80
CA LEU U 228 59.42 -49.27 17.67
C LEU U 228 57.94 -49.62 17.70
N ALA U 229 57.06 -48.65 17.47
CA ALA U 229 55.63 -48.92 17.44
C ALA U 229 55.21 -49.53 16.10
N THR U 230 55.80 -49.07 15.00
CA THR U 230 55.50 -49.65 13.70
C THR U 230 56.07 -51.06 13.55
N PHE U 231 57.12 -51.38 14.29
CA PHE U 231 57.58 -52.77 14.34
C PHE U 231 56.48 -53.66 14.92
N GLY U 232 55.88 -53.25 16.04
CA GLY U 232 54.80 -54.03 16.62
C GLY U 232 53.56 -54.06 15.75
N HIS U 233 53.23 -52.93 15.12
CA HIS U 233 52.10 -52.89 14.21
C HIS U 233 52.31 -53.82 13.03
N LEU U 234 53.56 -53.91 12.53
CA LEU U 234 53.85 -54.84 11.46
C LEU U 234 53.77 -56.29 11.94
N CYS U 235 54.25 -56.56 13.16
CA CYS U 235 54.14 -57.90 13.73
C CYS U 235 52.70 -58.29 14.00
N LYS U 236 51.79 -57.33 14.15
CA LYS U 236 50.38 -57.62 14.36
C LYS U 236 49.63 -57.80 13.05
N ILE U 237 49.83 -56.90 12.09
CA ILE U 237 49.07 -56.94 10.85
C ILE U 237 49.48 -58.14 10.01
N THR U 238 50.76 -58.50 10.04
CA THR U 238 51.22 -59.66 9.28
C THR U 238 50.90 -60.98 9.97
N GLY U 239 50.76 -60.95 11.30
CA GLY U 239 50.59 -62.18 12.05
C GLY U 239 51.83 -63.02 12.17
N MET U 240 52.97 -62.52 11.74
CA MET U 240 54.23 -63.25 11.79
C MET U 240 54.99 -62.93 13.08
N SER U 241 55.85 -63.86 13.49
CA SER U 241 56.61 -63.69 14.71
C SER U 241 57.61 -62.53 14.56
N THR U 242 58.05 -62.01 15.71
CA THR U 242 59.00 -60.91 15.71
C THR U 242 60.32 -61.26 15.04
N GLU U 243 60.67 -62.54 14.99
CA GLU U 243 61.88 -62.98 14.31
C GLU U 243 61.68 -63.24 12.83
N ASP U 244 60.49 -63.70 12.44
CA ASP U 244 60.21 -63.91 11.02
C ASP U 244 60.15 -62.59 10.27
N VAL U 245 59.45 -61.60 10.85
CA VAL U 245 59.36 -60.28 10.23
C VAL U 245 60.74 -59.67 10.04
N THR U 246 61.66 -59.97 10.95
CA THR U 246 63.00 -59.38 10.88
C THR U 246 63.76 -59.85 9.63
N THR U 247 63.41 -61.02 9.10
CA THR U 247 64.09 -61.53 7.92
C THR U 247 63.59 -60.88 6.64
N TRP U 248 62.32 -60.46 6.61
CA TRP U 248 61.75 -59.80 5.43
C TRP U 248 62.30 -58.40 5.23
N ILE U 249 63.24 -57.96 6.06
CA ILE U 249 63.91 -56.68 5.87
C ILE U 249 64.94 -56.86 4.74
N LEU U 250 64.69 -56.19 3.62
CA LEU U 250 65.48 -56.41 2.40
C LEU U 250 66.33 -55.22 2.01
N ASN U 251 66.37 -54.17 2.83
CA ASN U 251 67.16 -52.97 2.56
C ASN U 251 68.20 -52.79 3.65
N ARG U 252 69.40 -52.36 3.25
CA ARG U 252 70.49 -52.24 4.22
C ARG U 252 70.21 -51.16 5.26
N GLU U 253 69.54 -50.08 4.86
CA GLU U 253 69.17 -49.04 5.82
C GLU U 253 68.24 -49.60 6.90
N VAL U 254 67.18 -50.27 6.47
CA VAL U 254 66.21 -50.83 7.42
C VAL U 254 66.85 -51.89 8.30
N ALA U 255 67.89 -52.57 7.79
CA ALA U 255 68.63 -53.52 8.62
C ALA U 255 69.51 -52.81 9.65
N ASP U 256 70.12 -51.70 9.26
CA ASP U 256 70.92 -50.92 10.22
C ASP U 256 70.05 -50.35 11.32
N GLU U 257 68.90 -49.77 10.94
CA GLU U 257 67.98 -49.26 11.95
C GLU U 257 67.38 -50.37 12.79
N MET U 258 67.15 -51.54 12.20
CA MET U 258 66.67 -52.68 12.97
C MET U 258 67.70 -53.13 13.99
N VAL U 259 68.98 -53.12 13.62
CA VAL U 259 70.03 -53.38 14.59
C VAL U 259 70.06 -52.28 15.64
N GLN U 260 69.72 -51.05 15.25
CA GLN U 260 69.77 -49.91 16.18
C GLN U 260 68.69 -50.03 17.25
N MET U 261 67.48 -50.40 16.88
CA MET U 261 66.39 -50.48 17.85
C MET U 261 66.51 -51.71 18.75
N MET U 262 67.33 -52.69 18.38
CA MET U 262 67.42 -53.96 19.11
C MET U 262 68.74 -54.12 19.84
N LEU U 263 69.24 -53.03 20.44
CA LEU U 263 70.35 -53.16 21.37
C LEU U 263 69.86 -53.89 22.62
N PRO U 264 70.67 -54.79 23.18
CA PRO U 264 70.12 -55.77 24.13
C PRO U 264 70.16 -55.36 25.60
N GLY U 265 70.28 -54.07 25.89
CA GLY U 265 70.37 -53.66 27.28
C GLY U 265 69.43 -52.54 27.67
N GLN U 266 68.34 -52.36 26.91
CA GLN U 266 67.47 -51.21 27.11
C GLN U 266 66.08 -51.56 27.61
N GLU U 267 65.81 -52.84 27.93
CA GLU U 267 64.55 -53.25 28.54
C GLU U 267 63.33 -52.88 27.69
N ILE U 268 63.47 -52.95 26.37
CA ILE U 268 62.36 -52.59 25.49
C ILE U 268 61.21 -53.57 25.63
N ASP U 269 61.47 -54.80 26.09
CA ASP U 269 60.42 -55.79 26.29
C ASP U 269 59.90 -55.81 27.73
N LYS U 270 60.56 -55.11 28.65
CA LYS U 270 60.09 -55.06 30.03
C LYS U 270 58.75 -54.34 30.11
N ALA U 271 57.83 -54.89 30.89
CA ALA U 271 56.49 -54.33 30.98
C ALA U 271 56.52 -52.95 31.63
N ASP U 272 57.02 -52.87 32.87
CA ASP U 272 57.07 -51.63 33.63
C ASP U 272 58.54 -51.25 33.82
N SER U 273 58.99 -50.23 33.10
CA SER U 273 60.39 -49.85 33.11
C SER U 273 60.51 -48.35 32.89
N TYR U 274 61.71 -47.83 33.13
CA TYR U 274 62.03 -46.44 32.85
C TYR U 274 62.21 -46.17 31.37
N MET U 275 62.36 -47.22 30.55
CA MET U 275 62.67 -47.03 29.13
C MET U 275 61.62 -46.22 28.38
N PRO U 276 60.32 -46.51 28.48
CA PRO U 276 59.35 -45.73 27.67
C PRO U 276 59.40 -44.24 27.89
N TYR U 277 59.88 -43.78 29.04
CA TYR U 277 59.90 -42.36 29.40
C TYR U 277 61.31 -41.77 29.33
N LEU U 278 62.14 -42.31 28.43
CA LEU U 278 63.53 -41.86 28.36
C LEU U 278 63.65 -40.40 27.93
N ILE U 279 62.61 -39.83 27.31
CA ILE U 279 62.68 -38.46 26.84
C ILE U 279 62.34 -37.48 27.95
N ASP U 280 61.24 -37.75 28.67
CA ASP U 280 60.80 -36.84 29.72
C ASP U 280 61.56 -37.05 31.02
N PHE U 281 62.03 -38.27 31.27
CA PHE U 281 62.92 -38.54 32.40
C PHE U 281 64.36 -38.11 32.11
N GLY U 282 64.61 -37.54 30.93
CA GLY U 282 65.95 -37.09 30.60
C GLY U 282 66.98 -38.19 30.45
N LEU U 283 66.55 -39.44 30.28
CA LEU U 283 67.49 -40.54 30.05
C LEU U 283 68.17 -40.42 28.69
N SER U 284 67.59 -39.66 27.77
CA SER U 284 68.14 -39.53 26.43
C SER U 284 67.62 -38.24 25.79
N SER U 285 68.48 -37.55 25.05
CA SER U 285 68.10 -36.37 24.30
C SER U 285 67.89 -36.63 22.82
N LYS U 286 68.34 -37.80 22.33
CA LYS U 286 68.09 -38.21 20.95
C LYS U 286 67.67 -39.68 21.00
N SER U 287 66.39 -39.94 20.77
CA SER U 287 65.86 -41.28 20.99
C SER U 287 66.35 -42.25 19.91
N PRO U 288 66.63 -43.51 20.27
CA PRO U 288 67.02 -44.49 19.26
C PRO U 288 65.85 -45.05 18.46
N TYR U 289 64.64 -44.99 19.01
CA TYR U 289 63.49 -45.67 18.45
C TYR U 289 62.53 -44.71 17.76
N SER U 290 63.00 -43.55 17.35
CA SER U 290 62.14 -42.51 16.78
C SER U 290 62.10 -42.62 15.26
N SER U 291 60.98 -42.17 14.70
CA SER U 291 60.79 -42.12 13.25
C SER U 291 61.64 -41.04 12.57
N VAL U 292 62.62 -40.47 13.27
CA VAL U 292 63.51 -39.45 12.72
C VAL U 292 64.88 -40.11 12.58
N LYS U 293 65.20 -40.99 13.52
CA LYS U 293 66.43 -41.77 13.43
C LYS U 293 66.23 -43.14 12.81
N ASN U 294 64.99 -43.56 12.58
CA ASN U 294 64.69 -44.77 11.82
C ASN U 294 63.60 -44.47 10.79
N PRO U 295 63.88 -43.57 9.84
CA PRO U 295 62.82 -43.21 8.88
C PRO U 295 62.56 -44.29 7.86
N ALA U 296 63.60 -45.01 7.42
CA ALA U 296 63.41 -46.04 6.41
C ALA U 296 62.58 -47.21 6.95
N PHE U 297 62.86 -47.64 8.19
CA PHE U 297 62.04 -48.67 8.80
C PHE U 297 60.59 -48.20 8.97
N HIS U 298 60.41 -46.91 9.28
CA HIS U 298 59.07 -46.36 9.44
C HIS U 298 58.29 -46.42 8.14
N PHE U 299 58.91 -45.97 7.03
CA PHE U 299 58.23 -45.99 5.74
C PHE U 299 58.00 -47.41 5.25
N TRP U 300 59.00 -48.29 5.41
CA TRP U 300 58.87 -49.66 4.94
C TRP U 300 57.79 -50.41 5.70
N GLY U 301 57.89 -50.43 7.04
CA GLY U 301 56.91 -51.15 7.83
C GLY U 301 55.53 -50.54 7.73
N GLN U 302 55.45 -49.20 7.74
CA GLN U 302 54.15 -48.55 7.68
C GLN U 302 53.47 -48.76 6.34
N LEU U 303 54.22 -48.63 5.24
CA LEU U 303 53.65 -48.89 3.92
C LEU U 303 53.25 -50.35 3.79
N THR U 304 54.10 -51.27 4.26
CA THR U 304 53.77 -52.69 4.20
C THR U 304 52.48 -52.98 4.96
N ALA U 305 52.30 -52.35 6.12
CA ALA U 305 51.05 -52.52 6.85
C ALA U 305 49.87 -51.86 6.13
N LEU U 306 50.13 -50.77 5.41
CA LEU U 306 49.05 -50.12 4.66
C LEU U 306 48.56 -51.01 3.52
N LEU U 307 49.48 -51.69 2.84
CA LEU U 307 49.06 -52.61 1.78
C LEU U 307 48.31 -53.81 2.34
N LEU U 308 48.58 -54.17 3.60
CA LEU U 308 47.84 -55.22 4.28
C LEU U 308 46.58 -54.70 4.94
N ARG U 309 46.12 -53.51 4.56
CA ARG U 309 44.83 -52.96 4.98
C ARG U 309 44.83 -52.60 6.47
N SER U 310 45.67 -51.65 6.84
CA SER U 310 45.69 -51.10 8.19
C SER U 310 44.98 -49.75 8.19
N THR U 311 44.10 -49.54 9.17
CA THR U 311 43.43 -48.26 9.30
C THR U 311 44.34 -47.20 9.90
N ARG U 312 45.31 -47.63 10.72
CA ARG U 312 46.25 -46.67 11.32
C ARG U 312 47.22 -46.13 10.28
N ALA U 313 47.62 -46.97 9.33
CA ALA U 313 48.74 -46.64 8.45
C ALA U 313 48.44 -45.51 7.47
N ARG U 314 47.17 -45.13 7.29
CA ARG U 314 46.86 -44.11 6.29
C ARG U 314 47.53 -42.78 6.61
N ASN U 315 47.47 -42.36 7.88
CA ASN U 315 47.89 -41.02 8.28
C ASN U 315 49.34 -40.96 8.75
N ALA U 316 50.09 -42.05 8.66
CA ALA U 316 51.51 -42.00 9.00
C ALA U 316 52.24 -41.13 8.00
N ARG U 317 53.07 -40.22 8.51
CA ARG U 317 53.72 -39.24 7.66
C ARG U 317 54.88 -39.86 6.89
N GLN U 318 55.12 -39.32 5.69
CA GLN U 318 56.11 -39.85 4.78
C GLN U 318 57.46 -39.20 5.07
N PRO U 319 58.43 -39.93 5.62
CA PRO U 319 59.71 -39.31 5.96
C PRO U 319 60.44 -38.79 4.74
N ASP U 320 61.44 -37.95 5.00
CA ASP U 320 62.19 -37.28 3.95
C ASP U 320 63.58 -37.92 3.79
N ASP U 321 64.10 -37.84 2.57
CA ASP U 321 65.44 -38.35 2.23
C ASP U 321 65.59 -39.83 2.59
N ILE U 322 64.78 -40.65 1.92
CA ILE U 322 64.88 -42.10 2.00
C ILE U 322 64.67 -42.68 0.62
N GLU U 323 65.07 -43.94 0.46
CA GLU U 323 65.00 -44.62 -0.84
C GLU U 323 63.58 -45.13 -1.06
N TYR U 324 62.70 -44.20 -1.48
CA TYR U 324 61.30 -44.55 -1.66
C TYR U 324 61.12 -45.69 -2.65
N THR U 325 61.95 -45.77 -3.68
CA THR U 325 61.80 -46.79 -4.71
C THR U 325 62.04 -48.18 -4.16
N SER U 326 63.27 -48.43 -3.67
CA SER U 326 63.61 -49.76 -3.16
C SER U 326 62.71 -50.15 -2.00
N LEU U 327 62.42 -49.20 -1.10
CA LEU U 327 61.57 -49.50 0.05
C LEU U 327 60.17 -49.87 -0.40
N THR U 328 59.65 -49.19 -1.43
CA THR U 328 58.33 -49.53 -1.94
C THR U 328 58.32 -50.89 -2.62
N THR U 329 59.39 -51.24 -3.33
CA THR U 329 59.46 -52.56 -3.94
C THR U 329 59.50 -53.66 -2.88
N ALA U 330 60.30 -53.47 -1.84
CA ALA U 330 60.36 -54.47 -0.76
C ALA U 330 59.03 -54.58 -0.04
N GLY U 331 58.39 -53.45 0.26
CA GLY U 331 57.07 -53.49 0.89
C GLY U 331 56.01 -54.12 0.01
N LEU U 332 56.13 -53.96 -1.30
CA LEU U 332 55.18 -54.59 -2.22
C LEU U 332 55.38 -56.09 -2.24
N LEU U 333 56.63 -56.55 -2.26
CA LEU U 333 56.89 -57.98 -2.26
C LEU U 333 56.44 -58.63 -0.95
N TYR U 334 56.83 -58.02 0.18
CA TYR U 334 56.38 -58.52 1.48
C TYR U 334 54.86 -58.54 1.58
N ALA U 335 54.21 -57.47 1.10
CA ALA U 335 52.76 -57.37 1.15
C ALA U 335 52.10 -58.43 0.28
N TYR U 336 52.66 -58.67 -0.90
CA TYR U 336 52.11 -59.70 -1.79
C TYR U 336 52.31 -61.09 -1.21
N ALA U 337 53.43 -61.31 -0.52
CA ALA U 337 53.68 -62.61 0.10
C ALA U 337 52.70 -62.88 1.24
N VAL U 338 52.52 -61.90 2.12
CA VAL U 338 51.58 -62.10 3.23
C VAL U 338 50.14 -62.14 2.73
N GLY U 339 49.84 -61.40 1.67
CA GLY U 339 48.48 -61.37 1.16
C GLY U 339 48.09 -62.64 0.44
N SER U 340 48.99 -63.19 -0.38
CA SER U 340 48.69 -64.40 -1.11
C SER U 340 48.75 -65.64 -0.21
N SER U 341 49.72 -65.69 0.69
CA SER U 341 49.91 -66.85 1.57
C SER U 341 49.07 -66.66 2.82
N ALA U 342 47.76 -66.86 2.67
CA ALA U 342 46.86 -66.82 3.82
C ALA U 342 47.16 -67.93 4.82
N ASP U 343 47.81 -69.01 4.37
CA ASP U 343 48.24 -70.10 5.25
C ASP U 343 47.08 -70.69 6.04
N LEU U 344 45.93 -70.84 5.40
CA LEU U 344 44.78 -71.42 6.06
C LEU U 344 45.04 -72.88 6.39
N ALA U 345 44.78 -73.25 7.64
CA ALA U 345 44.97 -74.62 8.10
C ALA U 345 43.91 -74.94 9.13
N GLN U 346 43.33 -76.14 9.03
CA GLN U 346 42.31 -76.56 9.97
C GLN U 346 42.84 -76.53 11.40
N GLN U 347 42.00 -76.10 12.33
CA GLN U 347 42.40 -75.91 13.72
C GLN U 347 41.76 -76.91 14.68
N PHE U 348 40.47 -77.19 14.54
CA PHE U 348 39.77 -78.14 15.38
C PHE U 348 39.22 -79.28 14.51
N CYS U 349 38.82 -80.36 15.17
CA CYS U 349 38.25 -81.52 14.49
C CYS U 349 37.11 -82.08 15.32
N VAL U 350 36.17 -82.75 14.64
CA VAL U 350 34.99 -83.34 15.27
C VAL U 350 35.09 -84.87 15.32
N GLY U 351 35.24 -85.51 14.17
CA GLY U 351 35.31 -86.96 14.12
C GLY U 351 36.74 -87.46 14.08
N ASP U 352 37.66 -86.65 14.62
CA ASP U 352 39.09 -86.91 14.54
C ASP U 352 39.52 -87.11 13.09
N ASN U 353 38.92 -86.35 12.19
CA ASN U 353 39.31 -86.33 10.79
C ASN U 353 39.82 -84.93 10.46
N LYS U 354 41.10 -84.84 10.12
CA LYS U 354 41.74 -83.58 9.78
C LYS U 354 41.91 -83.49 8.27
N TYR U 355 42.26 -82.31 7.80
CA TYR U 355 42.50 -82.12 6.37
C TYR U 355 43.78 -82.84 5.96
N THR U 356 43.65 -83.80 5.05
CA THR U 356 44.78 -84.53 4.52
C THR U 356 45.07 -84.08 3.09
N PRO U 357 46.15 -83.33 2.86
CA PRO U 357 46.41 -82.85 1.49
C PRO U 357 46.83 -83.98 0.58
N ASP U 358 46.55 -83.80 -0.71
CA ASP U 358 46.90 -84.79 -1.73
C ASP U 358 48.25 -84.44 -2.33
N ASP U 359 49.17 -85.40 -2.31
CA ASP U 359 50.49 -85.25 -2.88
C ASP U 359 50.61 -85.83 -4.28
N SER U 360 49.52 -86.40 -4.82
CA SER U 360 49.56 -87.13 -6.07
C SER U 360 49.26 -86.25 -7.28
N THR U 361 49.49 -84.94 -7.19
CA THR U 361 49.41 -84.08 -8.36
C THR U 361 50.67 -84.26 -9.20
N GLY U 362 50.47 -84.39 -10.52
CA GLY U 362 51.54 -84.83 -11.40
C GLY U 362 52.20 -83.76 -12.22
N GLY U 363 51.52 -83.29 -13.27
CA GLY U 363 52.04 -82.19 -14.06
C GLY U 363 52.24 -80.96 -13.21
N LEU U 364 53.33 -80.95 -12.43
CA LEU U 364 53.53 -79.94 -11.41
C LEU U 364 53.55 -78.55 -12.03
N THR U 365 52.72 -77.67 -11.46
CA THR U 365 52.48 -76.36 -12.08
C THR U 365 53.77 -75.57 -12.24
N THR U 366 54.65 -75.62 -11.24
CA THR U 366 55.77 -74.70 -11.13
C THR U 366 55.18 -73.29 -11.24
N ASN U 367 55.95 -72.33 -11.77
CA ASN U 367 55.51 -70.97 -12.09
C ASN U 367 54.41 -70.43 -11.18
N ALA U 368 54.41 -70.85 -9.91
CA ALA U 368 53.41 -70.41 -8.94
C ALA U 368 54.11 -69.80 -7.74
N PRO U 369 53.50 -68.78 -7.11
CA PRO U 369 54.10 -68.20 -5.91
C PRO U 369 54.26 -69.26 -4.85
N PRO U 370 55.29 -69.13 -3.99
CA PRO U 370 55.48 -70.10 -2.91
C PRO U 370 54.25 -70.19 -2.01
N GLN U 371 54.16 -71.32 -1.29
CA GLN U 371 52.98 -71.57 -0.47
C GLN U 371 53.06 -70.86 0.87
N GLY U 372 54.25 -70.78 1.45
CA GLY U 372 54.44 -70.16 2.74
C GLY U 372 54.77 -68.69 2.64
N ARG U 373 55.42 -68.18 3.69
CA ARG U 373 55.87 -66.80 3.75
C ARG U 373 57.38 -66.74 3.97
N ASP U 374 58.09 -67.70 3.37
CA ASP U 374 59.54 -67.78 3.52
C ASP U 374 60.21 -66.75 2.62
N VAL U 375 61.11 -65.96 3.20
CA VAL U 375 61.86 -64.99 2.41
C VAL U 375 62.77 -65.71 1.41
N VAL U 376 63.38 -66.82 1.87
CA VAL U 376 64.34 -67.54 1.04
C VAL U 376 63.69 -68.03 -0.25
N GLU U 377 62.39 -68.30 -0.22
CA GLU U 377 61.68 -68.75 -1.43
C GLU U 377 61.11 -67.59 -2.23
N TRP U 378 60.46 -66.63 -1.56
CA TRP U 378 59.85 -65.52 -2.27
C TRP U 378 60.88 -64.66 -2.98
N LEU U 379 62.12 -64.62 -2.46
CA LEU U 379 63.18 -63.94 -3.18
C LEU U 379 63.55 -64.69 -4.45
N GLY U 380 63.54 -66.02 -4.41
CA GLY U 380 63.82 -66.79 -5.60
C GLY U 380 62.74 -66.64 -6.66
N TRP U 381 61.47 -66.69 -6.23
CA TRP U 381 60.37 -66.42 -7.14
C TRP U 381 60.48 -65.01 -7.73
N PHE U 382 60.87 -64.05 -6.89
CA PHE U 382 61.07 -62.68 -7.37
C PHE U 382 62.17 -62.63 -8.43
N GLU U 383 63.23 -63.41 -8.25
CA GLU U 383 64.26 -63.50 -9.29
C GLU U 383 63.73 -64.18 -10.55
N ASP U 384 62.79 -65.12 -10.40
CA ASP U 384 62.12 -65.69 -11.57
C ASP U 384 61.22 -64.68 -12.25
N GLN U 385 60.81 -63.62 -11.56
CA GLN U 385 60.10 -62.51 -12.17
C GLN U 385 61.04 -61.43 -12.68
N ASN U 386 62.35 -61.70 -12.74
CA ASN U 386 63.37 -60.75 -13.16
C ASN U 386 63.43 -59.53 -12.24
N ARG U 387 63.10 -59.74 -10.95
CA ARG U 387 63.13 -58.68 -9.94
C ARG U 387 62.28 -57.48 -10.33
N LYS U 388 61.27 -57.70 -11.18
CA LYS U 388 60.28 -56.70 -11.52
C LYS U 388 58.93 -57.14 -11.00
N PRO U 389 58.20 -56.27 -10.30
CA PRO U 389 56.88 -56.68 -9.77
C PRO U 389 55.94 -57.07 -10.89
N THR U 390 55.38 -58.28 -10.78
CA THR U 390 54.46 -58.79 -11.78
C THR U 390 53.20 -57.93 -11.84
N PRO U 391 52.47 -57.95 -12.96
CA PRO U 391 51.21 -57.21 -13.02
C PRO U 391 50.21 -57.62 -11.95
N ASP U 392 50.25 -58.87 -11.50
CA ASP U 392 49.36 -59.30 -10.42
C ASP U 392 49.73 -58.64 -9.09
N MET U 393 51.03 -58.38 -8.88
CA MET U 393 51.45 -57.67 -7.68
C MET U 393 50.96 -56.23 -7.69
N MET U 394 51.27 -55.50 -8.77
CA MET U 394 50.83 -54.11 -8.88
C MET U 394 49.31 -54.01 -8.84
N GLN U 395 48.61 -55.01 -9.39
CA GLN U 395 47.15 -55.01 -9.30
C GLN U 395 46.69 -55.26 -7.87
N TYR U 396 47.40 -56.12 -7.14
CA TYR U 396 47.07 -56.35 -5.73
C TYR U 396 47.21 -55.06 -4.93
N ALA U 397 48.34 -54.37 -5.10
CA ALA U 397 48.54 -53.10 -4.38
C ALA U 397 47.51 -52.06 -4.81
N LYS U 398 47.17 -52.02 -6.10
CA LYS U 398 46.14 -51.11 -6.57
C LYS U 398 44.81 -51.38 -5.89
N ARG U 399 44.42 -52.65 -5.81
CA ARG U 399 43.19 -53.02 -5.12
C ARG U 399 43.26 -52.76 -3.61
N ALA U 400 44.47 -52.68 -3.06
CA ALA U 400 44.59 -52.37 -1.64
C ALA U 400 44.51 -50.88 -1.36
N VAL U 401 45.05 -50.05 -2.24
CA VAL U 401 45.10 -48.62 -1.98
C VAL U 401 43.94 -47.84 -2.60
N MET U 402 43.28 -48.40 -3.62
CA MET U 402 42.07 -47.76 -4.12
C MET U 402 40.98 -47.83 -3.05
N SER U 403 39.94 -47.02 -3.24
CA SER U 403 38.86 -46.85 -2.27
C SER U 403 39.38 -46.28 -0.94
N LEU U 404 40.53 -45.62 -0.96
CA LEU U 404 41.03 -44.85 0.18
C LEU U 404 40.66 -43.39 -0.04
N GLN U 405 39.96 -42.80 0.92
CA GLN U 405 39.46 -41.45 0.79
C GLN U 405 39.87 -40.62 2.00
N GLY U 406 39.93 -39.31 1.80
CA GLY U 406 40.30 -38.41 2.87
C GLY U 406 41.75 -38.50 3.28
N LEU U 407 42.64 -38.84 2.36
CA LEU U 407 44.05 -38.95 2.68
C LEU U 407 44.67 -37.57 2.89
N ARG U 408 45.41 -37.42 3.99
CA ARG U 408 46.09 -36.17 4.26
C ARG U 408 47.37 -36.08 3.45
N GLU U 409 47.79 -34.85 3.15
CA GLU U 409 49.03 -34.64 2.42
C GLU U 409 50.22 -35.10 3.24
N LYS U 410 51.29 -35.46 2.54
CA LYS U 410 52.55 -35.89 3.16
C LYS U 410 52.38 -37.14 4.02
N THR U 411 51.46 -38.01 3.65
CA THR U 411 51.27 -39.29 4.32
C THR U 411 51.50 -40.42 3.34
N ILE U 412 51.84 -41.59 3.89
CA ILE U 412 52.04 -42.78 3.06
C ILE U 412 50.73 -43.30 2.46
N GLY U 413 49.58 -42.84 2.98
CA GLY U 413 48.32 -43.18 2.34
C GLY U 413 48.19 -42.55 0.96
N LYS U 414 48.42 -41.24 0.87
CA LYS U 414 48.42 -40.59 -0.44
C LYS U 414 49.60 -41.01 -1.29
N TYR U 415 50.72 -41.39 -0.66
CA TYR U 415 51.85 -41.88 -1.43
C TYR U 415 51.53 -43.21 -2.09
N ALA U 416 50.92 -44.14 -1.35
CA ALA U 416 50.58 -45.44 -1.91
C ALA U 416 49.44 -45.33 -2.90
N LYS U 417 48.41 -44.53 -2.58
CA LYS U 417 47.30 -44.33 -3.52
C LYS U 417 47.80 -43.68 -4.81
N SER U 418 48.68 -42.69 -4.69
CA SER U 418 49.24 -42.02 -5.85
C SER U 418 50.32 -42.84 -6.55
N GLU U 419 50.79 -43.91 -5.93
CA GLU U 419 51.81 -44.77 -6.52
C GLU U 419 51.24 -46.01 -7.19
N PHE U 420 50.07 -46.48 -6.77
CA PHE U 420 49.51 -47.72 -7.29
C PHE U 420 48.17 -47.56 -7.99
N ASP U 421 47.35 -46.58 -7.61
CA ASP U 421 46.01 -46.44 -8.15
C ASP U 421 46.07 -45.57 -9.42
N LYS U 422 46.53 -46.20 -10.50
CA LYS U 422 46.55 -45.57 -11.81
C LYS U 422 46.81 -46.61 -12.91
N GLN V 1 56.49 -84.28 9.32
CA GLN V 1 57.23 -83.19 8.68
C GLN V 1 57.77 -83.61 7.32
N VAL V 2 58.73 -82.85 6.82
CA VAL V 2 59.34 -83.09 5.52
C VAL V 2 60.58 -83.95 5.69
N GLN V 3 60.66 -85.05 4.94
CA GLN V 3 61.78 -85.96 5.02
C GLN V 3 62.07 -86.57 3.66
N LEU V 4 63.33 -86.97 3.48
CA LEU V 4 63.81 -87.64 2.27
C LEU V 4 64.38 -88.98 2.69
N VAL V 5 63.80 -90.06 2.18
CA VAL V 5 64.19 -91.42 2.55
C VAL V 5 64.91 -92.07 1.37
N GLU V 6 66.10 -92.60 1.62
CA GLU V 6 66.91 -93.24 0.59
C GLU V 6 66.88 -94.75 0.76
N THR V 7 66.60 -95.46 -0.33
CA THR V 7 66.67 -96.91 -0.39
C THR V 7 67.47 -97.31 -1.62
N GLY V 8 67.91 -98.57 -1.63
CA GLY V 8 68.55 -99.15 -2.80
C GLY V 8 70.05 -99.29 -2.75
N GLY V 9 70.66 -99.26 -1.57
CA GLY V 9 72.09 -99.45 -1.44
C GLY V 9 72.46 -100.92 -1.30
N GLY V 10 73.75 -101.14 -1.04
CA GLY V 10 74.24 -102.48 -0.79
C GLY V 10 75.68 -102.64 -1.25
N LEU V 11 76.13 -103.89 -1.20
CA LEU V 11 77.46 -104.28 -1.63
C LEU V 11 77.38 -105.00 -2.97
N VAL V 12 78.21 -104.58 -3.92
CA VAL V 12 78.21 -105.15 -5.27
C VAL V 12 79.65 -105.28 -5.76
N GLN V 13 79.82 -106.14 -6.77
CA GLN V 13 81.11 -106.32 -7.41
C GLN V 13 81.34 -105.24 -8.45
N THR V 14 82.61 -105.04 -8.80
CA THR V 14 82.97 -104.03 -9.79
C THR V 14 82.40 -104.41 -11.15
N GLY V 15 81.78 -103.44 -11.82
CA GLY V 15 81.08 -103.67 -13.05
C GLY V 15 79.58 -103.83 -12.89
N GLY V 16 79.11 -104.12 -11.67
CA GLY V 16 77.69 -104.25 -11.41
C GLY V 16 76.99 -102.91 -11.47
N SER V 17 75.75 -102.91 -10.97
CA SER V 17 74.92 -101.72 -11.04
C SER V 17 73.90 -101.74 -9.90
N LEU V 18 73.49 -100.54 -9.50
CA LEU V 18 72.46 -100.35 -8.48
C LEU V 18 71.49 -99.28 -8.98
N ARG V 19 70.42 -99.07 -8.21
CA ARG V 19 69.46 -98.01 -8.48
C ARG V 19 68.96 -97.46 -7.15
N LEU V 20 69.38 -96.24 -6.82
CA LEU V 20 68.97 -95.59 -5.59
C LEU V 20 67.63 -94.88 -5.80
N SER V 21 66.74 -95.01 -4.82
CA SER V 21 65.45 -94.36 -4.83
C SER V 21 65.35 -93.42 -3.63
N CYS V 22 64.79 -92.23 -3.86
CA CYS V 22 64.62 -91.24 -2.81
C CYS V 22 63.16 -90.81 -2.78
N LYS V 23 62.48 -91.11 -1.68
CA LYS V 23 61.10 -90.69 -1.46
C LYS V 23 61.12 -89.35 -0.71
N ALA V 24 60.52 -88.34 -1.32
CA ALA V 24 60.43 -87.01 -0.74
C ALA V 24 59.01 -86.75 -0.28
N SER V 25 58.84 -86.38 0.99
CA SER V 25 57.52 -86.15 1.54
C SER V 25 57.55 -84.97 2.52
N GLY V 26 56.36 -84.46 2.82
CA GLY V 26 56.18 -83.44 3.84
C GLY V 26 55.94 -82.04 3.32
N ARG V 27 56.14 -81.78 2.04
CA ARG V 27 55.93 -80.46 1.47
C ARG V 27 55.75 -80.62 -0.04
N THR V 28 55.76 -79.50 -0.75
CA THR V 28 55.68 -79.48 -2.20
C THR V 28 57.05 -79.21 -2.80
N PHE V 29 57.43 -80.01 -3.79
CA PHE V 29 58.72 -79.86 -4.47
C PHE V 29 58.51 -79.47 -5.94
N SER V 30 57.57 -78.56 -6.19
CA SER V 30 57.28 -78.16 -7.56
C SER V 30 58.41 -77.32 -8.14
N ASN V 31 59.02 -76.48 -7.32
CA ASN V 31 60.10 -75.61 -7.75
C ASN V 31 61.37 -75.92 -6.96
N SER V 32 61.67 -77.21 -6.82
CA SER V 32 62.78 -77.69 -6.02
C SER V 32 63.80 -78.41 -6.90
N ILE V 33 65.07 -78.19 -6.62
CA ILE V 33 66.16 -78.87 -7.32
C ILE V 33 66.55 -80.09 -6.48
N MET V 34 66.25 -81.28 -6.99
CA MET V 34 66.50 -82.52 -6.26
C MET V 34 67.84 -83.09 -6.70
N GLY V 35 68.75 -83.29 -5.74
CA GLY V 35 70.09 -83.74 -6.05
C GLY V 35 70.52 -84.91 -5.18
N TRP V 36 71.68 -85.44 -5.50
CA TRP V 36 72.31 -86.52 -4.75
C TRP V 36 73.73 -86.10 -4.37
N PHE V 37 74.16 -86.49 -3.19
CA PHE V 37 75.53 -86.27 -2.75
C PHE V 37 76.06 -87.58 -2.17
N ARG V 38 77.38 -87.65 -1.97
CA ARG V 38 77.97 -88.84 -1.38
C ARG V 38 79.09 -88.44 -0.43
N GLN V 39 79.23 -89.22 0.64
CA GLN V 39 80.22 -88.98 1.68
C GLN V 39 80.95 -90.29 1.95
N ALA V 40 82.23 -90.33 1.61
CA ALA V 40 83.05 -91.47 1.98
C ALA V 40 83.51 -91.34 3.43
N PRO V 41 83.35 -92.37 4.24
CA PRO V 41 83.81 -92.28 5.64
C PRO V 41 85.28 -91.93 5.75
N GLY V 42 85.57 -90.68 6.09
CA GLY V 42 86.93 -90.19 6.19
C GLY V 42 87.27 -89.08 5.23
N LYS V 43 86.41 -88.74 4.29
CA LYS V 43 86.67 -87.69 3.31
C LYS V 43 85.48 -86.74 3.26
N GLU V 44 85.66 -85.65 2.53
CA GLU V 44 84.64 -84.61 2.44
C GLU V 44 83.43 -85.09 1.66
N ARG V 45 82.28 -84.50 1.96
CA ARG V 45 81.06 -84.82 1.22
C ARG V 45 81.11 -84.17 -0.16
N ASP V 46 80.86 -84.96 -1.19
CA ASP V 46 81.03 -84.52 -2.57
C ASP V 46 79.71 -84.59 -3.32
N PHE V 47 79.74 -84.03 -4.54
CA PHE V 47 78.58 -83.92 -5.41
C PHE V 47 78.67 -84.95 -6.52
N VAL V 48 77.52 -85.52 -6.90
CA VAL V 48 77.50 -86.52 -7.96
C VAL V 48 76.54 -86.13 -9.08
N ALA V 49 75.35 -85.62 -8.72
CA ALA V 49 74.35 -85.27 -9.72
C ALA V 49 73.28 -84.43 -9.08
N LYS V 50 72.60 -83.64 -9.91
CA LYS V 50 71.41 -82.91 -9.50
C LYS V 50 70.50 -82.76 -10.69
N ILE V 51 69.19 -82.87 -10.46
CA ILE V 51 68.18 -82.64 -11.47
C ILE V 51 67.30 -81.49 -11.00
N SER V 52 67.11 -80.51 -11.89
CA SER V 52 66.37 -79.31 -11.56
C SER V 52 64.88 -79.57 -11.73
N TRP V 53 64.08 -78.51 -11.60
CA TRP V 53 62.67 -78.54 -11.96
C TRP V 53 62.40 -77.84 -13.28
N ARG V 54 63.42 -77.23 -13.88
CA ARG V 54 63.30 -76.57 -15.17
C ARG V 54 63.71 -77.56 -16.25
N ASN V 55 62.72 -78.21 -16.85
CA ASN V 55 62.93 -79.15 -17.96
C ASN V 55 63.84 -80.30 -17.57
N ASP V 56 63.88 -80.63 -16.28
CA ASP V 56 64.72 -81.70 -15.75
C ASP V 56 66.18 -81.51 -16.17
N TYR V 57 66.67 -80.28 -16.05
CA TYR V 57 68.06 -79.99 -16.40
C TYR V 57 68.99 -80.70 -15.43
N THR V 58 69.83 -81.60 -15.96
CA THR V 58 70.69 -82.44 -15.15
C THR V 58 72.12 -81.92 -15.17
N THR V 59 72.77 -81.97 -14.01
CA THR V 59 74.17 -81.60 -13.87
C THR V 59 74.89 -82.74 -13.14
N TYR V 60 75.87 -83.33 -13.81
CA TYR V 60 76.63 -84.46 -13.27
C TYR V 60 78.04 -84.02 -12.91
N ALA V 61 78.61 -84.67 -11.90
CA ALA V 61 80.03 -84.53 -11.62
C ALA V 61 80.84 -85.32 -12.63
N ASP V 62 82.06 -84.85 -12.90
CA ASP V 62 82.91 -85.50 -13.89
C ASP V 62 83.25 -86.93 -13.51
N SER V 63 83.13 -87.29 -12.24
CA SER V 63 83.43 -88.65 -11.81
C SER V 63 82.39 -89.65 -12.26
N VAL V 64 81.16 -89.22 -12.52
CA VAL V 64 80.05 -90.13 -12.78
C VAL V 64 79.42 -89.87 -14.14
N LYS V 65 79.99 -88.98 -14.95
CA LYS V 65 79.42 -88.70 -16.26
C LYS V 65 79.47 -89.94 -17.15
N GLY V 66 78.32 -90.30 -17.72
CA GLY V 66 78.20 -91.49 -18.53
C GLY V 66 77.95 -92.77 -17.76
N ARG V 67 78.12 -92.76 -16.44
CA ARG V 67 77.91 -93.93 -15.62
C ARG V 67 76.61 -93.86 -14.82
N PHE V 68 76.29 -92.71 -14.23
CA PHE V 68 75.06 -92.53 -13.48
C PHE V 68 74.04 -91.75 -14.32
N THR V 69 72.77 -91.95 -14.01
CA THR V 69 71.68 -91.27 -14.71
C THR V 69 70.60 -90.95 -13.69
N ILE V 70 70.44 -89.66 -13.38
CA ILE V 70 69.52 -89.20 -12.35
C ILE V 70 68.19 -88.82 -12.98
N SER V 71 67.10 -89.15 -12.30
CA SER V 71 65.76 -88.86 -12.80
C SER V 71 64.87 -88.45 -11.63
N ARG V 72 63.71 -87.90 -11.95
CA ARG V 72 62.74 -87.50 -10.94
C ARG V 72 61.33 -87.72 -11.47
N ASP V 73 60.44 -88.18 -10.60
CA ASP V 73 59.02 -88.30 -10.89
C ASP V 73 58.28 -87.39 -9.92
N ASN V 74 57.66 -86.34 -10.45
CA ASN V 74 56.92 -85.39 -9.62
C ASN V 74 55.57 -85.95 -9.19
N ALA V 75 54.92 -86.71 -10.07
CA ALA V 75 53.65 -87.33 -9.71
C ALA V 75 53.82 -88.32 -8.57
N SER V 76 54.98 -88.96 -8.47
CA SER V 76 55.28 -89.88 -7.39
C SER V 76 56.12 -89.26 -6.29
N ASN V 77 56.55 -88.00 -6.46
CA ASN V 77 57.35 -87.28 -5.46
C ASN V 77 58.61 -88.06 -5.10
N MET V 78 59.30 -88.58 -6.11
CA MET V 78 60.51 -89.36 -5.88
C MET V 78 61.60 -88.91 -6.85
N VAL V 79 62.84 -89.30 -6.53
CA VAL V 79 64.00 -89.01 -7.37
C VAL V 79 64.95 -90.19 -7.30
N TYR V 80 65.33 -90.72 -8.46
CA TYR V 80 66.17 -91.90 -8.56
C TYR V 80 67.55 -91.55 -9.10
N LEU V 81 68.53 -92.38 -8.74
CA LEU V 81 69.89 -92.30 -9.26
C LEU V 81 70.26 -93.68 -9.79
N LEU V 82 70.39 -93.79 -11.11
CA LEU V 82 70.76 -95.05 -11.75
C LEU V 82 72.28 -95.17 -11.76
N MET V 83 72.79 -96.24 -11.15
CA MET V 83 74.22 -96.43 -10.94
C MET V 83 74.70 -97.60 -11.79
N ASN V 84 74.96 -97.32 -13.07
CA ASN V 84 75.57 -98.29 -13.96
C ASN V 84 77.08 -98.08 -14.03
N ASN V 85 77.79 -99.17 -14.33
CA ASN V 85 79.25 -99.16 -14.42
C ASN V 85 79.87 -98.62 -13.14
N LEU V 86 79.94 -99.47 -12.12
CA LEU V 86 80.37 -99.05 -10.78
C LEU V 86 81.85 -99.35 -10.59
N LYS V 87 82.57 -98.36 -10.09
CA LYS V 87 83.95 -98.49 -9.65
C LYS V 87 84.01 -98.56 -8.14
N PRO V 88 85.09 -99.12 -7.57
CA PRO V 88 85.28 -99.01 -6.12
C PRO V 88 85.43 -97.58 -5.63
N GLU V 89 85.76 -96.65 -6.53
CA GLU V 89 85.81 -95.24 -6.16
C GLU V 89 84.45 -94.71 -5.74
N ASP V 90 83.36 -95.29 -6.26
CA ASP V 90 82.01 -94.87 -5.93
C ASP V 90 81.52 -95.40 -4.58
N THR V 91 82.40 -96.01 -3.79
CA THR V 91 82.01 -96.51 -2.48
C THR V 91 81.85 -95.35 -1.51
N ALA V 92 80.62 -95.11 -1.06
CA ALA V 92 80.33 -93.98 -0.19
C ALA V 92 78.93 -94.13 0.37
N VAL V 93 78.54 -93.15 1.19
CA VAL V 93 77.18 -93.06 1.73
C VAL V 93 76.45 -91.98 0.95
N TYR V 94 75.41 -92.38 0.24
CA TYR V 94 74.69 -91.47 -0.65
C TYR V 94 73.50 -90.84 0.08
N TYR V 95 73.38 -89.53 -0.06
CA TYR V 95 72.34 -88.74 0.59
C TYR V 95 71.50 -88.05 -0.47
N CYS V 96 70.18 -88.12 -0.29
CA CYS V 96 69.25 -87.35 -1.10
C CYS V 96 69.17 -85.93 -0.55
N ALA V 97 69.23 -84.95 -1.44
CA ALA V 97 69.19 -83.55 -1.06
C ALA V 97 68.08 -82.84 -1.81
N ALA V 98 67.40 -81.91 -1.14
CA ALA V 98 66.32 -81.14 -1.73
C ALA V 98 66.54 -79.66 -1.44
N THR V 99 65.88 -78.82 -2.24
CA THR V 99 66.08 -77.38 -2.22
C THR V 99 64.74 -76.68 -2.07
N LYS V 100 64.71 -75.60 -1.28
CA LYS V 100 63.50 -74.82 -1.10
C LYS V 100 63.00 -74.30 -2.44
N ALA V 101 61.73 -73.86 -2.45
CA ALA V 101 61.10 -73.42 -3.69
C ALA V 101 61.85 -72.25 -4.30
N TYR V 102 62.10 -72.35 -5.61
CA TYR V 102 62.75 -71.30 -6.40
C TYR V 102 64.18 -71.00 -5.93
N ASN V 103 64.64 -71.70 -4.89
CA ASN V 103 66.02 -71.57 -4.47
C ASN V 103 66.93 -72.37 -5.39
N GLY V 104 68.23 -72.17 -5.23
CA GLY V 104 69.22 -72.84 -6.04
C GLY V 104 69.87 -74.00 -5.31
N GLY V 105 70.56 -74.83 -6.11
CA GLY V 105 71.31 -75.95 -5.57
C GLY V 105 72.68 -76.04 -6.19
N GLU V 106 73.72 -75.89 -5.37
CA GLU V 106 75.09 -75.83 -5.87
C GLU V 106 75.86 -77.09 -5.50
N THR V 107 77.00 -77.27 -6.17
CA THR V 107 77.80 -78.47 -5.99
C THR V 107 78.46 -78.51 -4.62
N SER V 108 78.82 -77.35 -4.07
CA SER V 108 79.49 -77.31 -2.77
C SER V 108 78.54 -77.63 -1.62
N GLY V 109 77.24 -77.47 -1.84
CA GLY V 109 76.25 -77.63 -0.78
C GLY V 109 75.41 -76.41 -0.51
N ARG V 110 75.68 -75.28 -1.17
CA ARG V 110 74.83 -74.11 -1.02
C ARG V 110 73.41 -74.43 -1.47
N GLY V 111 72.45 -73.74 -0.87
CA GLY V 111 71.11 -74.24 -1.02
C GLY V 111 71.01 -75.60 -0.36
N PHE V 112 70.19 -76.47 -0.93
CA PHE V 112 70.01 -77.84 -0.45
C PHE V 112 69.74 -77.86 1.06
N TYR V 113 68.56 -77.35 1.41
CA TYR V 113 68.19 -77.22 2.81
C TYR V 113 67.82 -78.56 3.43
N TYR V 114 67.24 -79.47 2.64
CA TYR V 114 66.80 -80.77 3.14
C TYR V 114 67.81 -81.85 2.78
N TRP V 115 67.99 -82.80 3.70
CA TRP V 115 68.94 -83.88 3.52
C TRP V 115 68.37 -85.16 4.13
N GLY V 116 68.70 -86.29 3.50
CA GLY V 116 68.27 -87.57 4.01
C GLY V 116 69.31 -88.22 4.90
N GLN V 117 68.90 -89.27 5.60
CA GLN V 117 69.80 -89.96 6.52
C GLN V 117 70.88 -90.74 5.79
N GLY V 118 70.60 -91.17 4.56
CA GLY V 118 71.62 -91.75 3.72
C GLY V 118 71.45 -93.26 3.54
N THR V 119 72.14 -93.79 2.52
CA THR V 119 72.17 -95.22 2.27
C THR V 119 73.58 -95.61 1.84
N GLN V 120 74.00 -96.80 2.24
CA GLN V 120 75.38 -97.25 2.02
C GLN V 120 75.53 -97.90 0.66
N VAL V 121 76.58 -97.52 -0.07
CA VAL V 121 76.94 -98.14 -1.35
C VAL V 121 78.39 -98.57 -1.25
N THR V 122 78.63 -99.87 -1.36
CA THR V 122 79.97 -100.45 -1.28
C THR V 122 80.22 -101.29 -2.53
N VAL V 123 81.28 -100.95 -3.27
CA VAL V 123 81.66 -101.64 -4.49
C VAL V 123 83.05 -102.23 -4.30
N SER V 124 83.20 -103.51 -4.62
CA SER V 124 84.47 -104.20 -4.43
C SER V 124 84.77 -105.05 -5.67
N SER V 125 85.92 -105.71 -5.64
CA SER V 125 86.35 -106.58 -6.74
C SER V 125 85.57 -107.88 -6.75
N SER W 2 69.88 -9.73 -61.24
CA SER W 2 69.03 -9.15 -62.27
C SER W 2 69.09 -9.98 -63.55
N VAL W 3 67.95 -10.58 -63.91
CA VAL W 3 67.87 -11.46 -65.07
C VAL W 3 66.59 -11.14 -65.83
N THR W 4 66.64 -11.31 -67.15
CA THR W 4 65.54 -10.90 -68.02
C THR W 4 64.31 -11.77 -67.79
N VAL W 5 63.15 -11.13 -67.68
CA VAL W 5 61.87 -11.81 -67.56
C VAL W 5 61.01 -11.40 -68.74
N LYS W 6 60.31 -12.37 -69.33
CA LYS W 6 59.50 -12.14 -70.50
C LYS W 6 58.10 -12.72 -70.30
N ARG W 7 57.11 -12.09 -70.93
CA ARG W 7 55.73 -12.55 -70.89
C ARG W 7 55.48 -13.42 -72.11
N ILE W 8 55.25 -14.71 -71.89
CA ILE W 8 55.24 -15.69 -72.97
C ILE W 8 54.12 -15.46 -73.98
N ILE W 9 53.08 -14.70 -73.62
CA ILE W 9 51.95 -14.54 -74.52
C ILE W 9 52.30 -13.65 -75.70
N ASP W 10 53.20 -12.69 -75.51
CA ASP W 10 53.61 -11.80 -76.59
C ASP W 10 55.10 -11.48 -76.56
N ASN W 11 55.89 -12.23 -75.78
CA ASN W 11 57.33 -12.01 -75.66
C ASN W 11 57.67 -10.59 -75.23
N THR W 12 56.73 -9.93 -74.55
CA THR W 12 57.02 -8.61 -73.98
C THR W 12 57.94 -8.76 -72.77
N VAL W 13 58.88 -7.84 -72.66
CA VAL W 13 59.84 -7.83 -71.55
C VAL W 13 59.21 -7.08 -70.38
N ILE W 14 59.47 -7.56 -69.18
CA ILE W 14 59.00 -6.92 -67.95
C ILE W 14 60.17 -6.82 -66.99
N VAL W 15 60.17 -5.76 -66.18
CA VAL W 15 61.22 -5.54 -65.19
C VAL W 15 60.58 -5.50 -63.81
N PRO W 16 60.36 -6.66 -63.17
CA PRO W 16 59.76 -6.66 -61.82
C PRO W 16 60.71 -6.03 -60.81
N LYS W 17 60.22 -5.01 -60.12
CA LYS W 17 61.01 -4.28 -59.15
C LYS W 17 60.14 -3.93 -57.94
N LEU W 18 60.80 -3.62 -56.83
CA LEU W 18 60.13 -3.38 -55.56
C LEU W 18 60.57 -2.05 -54.97
N PRO W 19 59.73 -1.44 -54.13
CA PRO W 19 60.17 -0.27 -53.38
C PRO W 19 61.29 -0.65 -52.41
N ALA W 20 62.48 -0.09 -52.66
CA ALA W 20 63.63 -0.38 -51.82
C ALA W 20 63.63 0.51 -50.59
N ASN W 21 64.27 0.01 -49.53
CA ASN W 21 64.44 0.76 -48.29
C ASN W 21 65.89 0.59 -47.84
N GLU W 22 66.60 1.70 -47.72
CA GLU W 22 68.00 1.65 -47.29
C GLU W 22 68.09 1.10 -45.89
N ASP W 23 67.75 1.91 -44.90
CA ASP W 23 67.94 1.59 -43.49
C ASP W 23 69.33 1.00 -43.23
N PRO W 24 70.40 1.73 -43.56
CA PRO W 24 71.74 1.17 -43.39
C PRO W 24 72.06 0.90 -41.93
N VAL W 25 73.12 0.14 -41.71
CA VAL W 25 73.56 -0.28 -40.39
C VAL W 25 74.89 0.38 -40.09
N GLU W 26 75.00 0.99 -38.90
CA GLU W 26 76.22 1.65 -38.46
C GLU W 26 76.83 0.86 -37.31
N TYR W 27 78.04 0.39 -37.50
CA TYR W 27 78.78 -0.34 -36.48
C TYR W 27 79.51 0.64 -35.56
N PRO W 28 79.74 0.26 -34.30
CA PRO W 28 80.38 1.21 -33.37
C PRO W 28 81.83 1.53 -33.72
N ALA W 29 82.56 0.59 -34.32
CA ALA W 29 83.96 0.86 -34.66
C ALA W 29 84.10 1.88 -35.78
N ASP W 30 83.06 2.12 -36.56
CA ASP W 30 83.09 3.17 -37.56
C ASP W 30 82.95 4.55 -36.95
N TYR W 31 82.53 4.64 -35.69
CA TYR W 31 82.39 5.91 -35.01
C TYR W 31 83.71 6.39 -34.43
N PHE W 32 84.50 5.48 -33.85
CA PHE W 32 85.75 5.87 -33.22
C PHE W 32 86.84 6.18 -34.25
N ARG W 33 86.71 5.71 -35.48
CA ARG W 33 87.62 6.15 -36.53
C ARG W 33 87.32 7.56 -36.98
N LYS W 34 86.12 8.07 -36.70
CA LYS W 34 85.75 9.45 -37.02
C LYS W 34 86.08 10.39 -35.86
N SER W 35 85.61 10.06 -34.66
CA SER W 35 85.86 10.86 -33.47
C SER W 35 86.48 9.97 -32.40
N LYS W 36 87.61 10.38 -31.85
CA LYS W 36 88.33 9.60 -30.86
C LYS W 36 87.80 9.77 -29.44
N GLU W 37 86.63 10.39 -29.29
CA GLU W 37 86.01 10.58 -27.98
C GLU W 37 84.59 11.07 -28.17
N ILE W 38 83.72 10.69 -27.23
CA ILE W 38 82.30 11.02 -27.28
C ILE W 38 82.04 12.24 -26.40
N PRO W 39 81.31 13.25 -26.89
CA PRO W 39 81.03 14.43 -26.06
C PRO W 39 79.72 14.34 -25.31
N LEU W 40 79.74 14.82 -24.07
CA LEU W 40 78.55 14.95 -23.24
C LEU W 40 78.30 16.43 -22.98
N TYR W 41 77.15 16.93 -23.41
CA TYR W 41 76.81 18.34 -23.26
C TYR W 41 76.14 18.56 -21.91
N ILE W 42 76.78 19.37 -21.06
CA ILE W 42 76.30 19.61 -19.70
C ILE W 42 76.44 21.09 -19.39
N ASN W 43 75.64 21.55 -18.42
CA ASN W 43 75.60 22.96 -18.03
C ASN W 43 76.07 23.07 -16.59
N THR W 44 77.31 23.51 -16.40
CA THR W 44 77.96 23.52 -15.10
C THR W 44 77.83 24.88 -14.39
N THR W 45 76.87 25.71 -14.77
CA THR W 45 76.74 27.03 -14.19
C THR W 45 76.22 26.97 -12.76
N LYS W 46 74.93 26.66 -12.60
CA LYS W 46 74.31 26.67 -11.28
C LYS W 46 74.95 25.63 -10.36
N SER W 47 74.77 25.86 -9.06
CA SER W 47 75.40 25.01 -8.06
C SER W 47 74.61 23.73 -7.84
N LEU W 48 75.20 22.81 -7.07
CA LEU W 48 74.55 21.53 -6.78
C LEU W 48 73.34 21.73 -5.87
N SER W 49 73.55 22.42 -4.74
CA SER W 49 72.47 22.60 -3.76
C SER W 49 71.28 23.35 -4.36
N ASP W 50 71.49 24.13 -5.43
CA ASP W 50 70.37 24.71 -6.15
C ASP W 50 69.66 23.66 -6.99
N LEU W 51 70.43 22.85 -7.73
CA LEU W 51 69.84 21.88 -8.63
C LEU W 51 69.07 20.80 -7.89
N ARG W 52 69.44 20.53 -6.63
CA ARG W 52 68.71 19.54 -5.84
C ARG W 52 67.26 19.97 -5.64
N GLY W 53 67.06 21.18 -5.14
CA GLY W 53 65.70 21.71 -5.02
C GLY W 53 65.05 21.95 -6.36
N TYR W 54 65.84 22.31 -7.37
CA TYR W 54 65.32 22.46 -8.73
C TYR W 54 64.60 21.19 -9.19
N VAL W 55 65.31 20.07 -9.16
CA VAL W 55 64.73 18.81 -9.63
C VAL W 55 63.78 18.19 -8.61
N TYR W 56 63.84 18.61 -7.35
CA TYR W 56 62.88 18.11 -6.38
C TYR W 56 61.52 18.77 -6.58
N GLN W 57 61.48 20.10 -6.56
CA GLN W 57 60.21 20.80 -6.75
C GLN W 57 59.70 20.66 -8.19
N GLY W 58 60.62 20.63 -9.16
CA GLY W 58 60.21 20.28 -10.51
C GLY W 58 59.74 18.84 -10.62
N LEU W 59 60.29 17.96 -9.78
CA LEU W 59 59.86 16.57 -9.79
C LEU W 59 58.43 16.43 -9.27
N LYS W 60 58.15 17.02 -8.11
CA LYS W 60 56.81 16.94 -7.53
C LYS W 60 55.75 17.51 -8.47
N SER W 61 56.11 18.55 -9.23
CA SER W 61 55.20 19.12 -10.22
C SER W 61 55.37 18.40 -11.56
N GLY W 62 54.51 18.75 -12.51
CA GLY W 62 54.62 18.15 -13.83
C GLY W 62 55.81 18.68 -14.61
N ASN W 63 56.12 19.95 -14.45
CA ASN W 63 57.20 20.58 -15.21
C ASN W 63 58.56 20.27 -14.60
N VAL W 64 59.50 19.86 -15.44
CA VAL W 64 60.88 19.63 -15.03
C VAL W 64 61.74 19.65 -16.29
N SER W 65 62.93 20.23 -16.17
CA SER W 65 63.83 20.40 -17.31
C SER W 65 64.88 19.30 -17.29
N ILE W 66 65.05 18.62 -18.43
CA ILE W 66 66.00 17.52 -18.52
C ILE W 66 67.43 18.04 -18.43
N ILE W 67 67.67 19.28 -18.85
CA ILE W 67 69.00 19.87 -18.70
C ILE W 67 69.34 20.02 -17.23
N HIS W 68 68.35 20.30 -16.39
CA HIS W 68 68.60 20.44 -14.96
C HIS W 68 68.84 19.09 -14.30
N VAL W 69 68.21 18.01 -14.80
CA VAL W 69 68.45 16.69 -14.23
C VAL W 69 69.75 16.09 -14.77
N ASN W 70 70.21 16.53 -15.94
CA ASN W 70 71.52 16.08 -16.43
C ASN W 70 72.65 16.84 -15.75
N SER W 71 72.47 18.15 -15.55
CA SER W 71 73.47 18.92 -14.82
C SER W 71 73.52 18.49 -13.36
N TYR W 72 72.35 18.39 -12.72
CA TYR W 72 72.30 17.87 -11.36
C TYR W 72 72.86 16.46 -11.28
N LEU W 73 72.51 15.61 -12.24
CA LEU W 73 73.04 14.26 -12.25
C LEU W 73 74.54 14.24 -12.42
N TYR W 74 75.10 15.25 -13.10
CA TYR W 74 76.55 15.40 -13.13
C TYR W 74 77.10 15.85 -11.78
N GLY W 75 76.33 16.66 -11.05
CA GLY W 75 76.81 17.14 -9.76
C GLY W 75 76.74 16.10 -8.65
N ALA W 76 75.76 15.20 -8.71
CA ALA W 76 75.56 14.25 -7.62
C ALA W 76 76.67 13.20 -7.59
N LEU W 77 77.00 12.64 -8.75
CA LEU W 77 78.06 11.64 -8.84
C LEU W 77 79.19 12.13 -9.73
N LYS W 78 79.62 13.37 -9.52
CA LYS W 78 80.67 13.97 -10.33
C LYS W 78 81.95 13.16 -10.26
N ASP W 79 82.54 13.07 -9.06
CA ASP W 79 83.83 12.41 -8.92
C ASP W 79 83.77 11.27 -7.91
N ILE W 80 82.94 10.27 -8.19
CA ILE W 80 82.99 9.01 -7.48
C ILE W 80 83.93 8.08 -8.25
N ARG W 81 84.96 7.60 -7.57
CA ARG W 81 86.10 6.98 -8.22
C ARG W 81 86.09 5.47 -8.01
N GLY W 82 87.11 4.83 -8.58
CA GLY W 82 87.37 3.41 -8.39
C GLY W 82 88.80 3.09 -8.79
N LYS W 83 89.53 2.41 -7.91
CA LYS W 83 90.90 2.02 -8.21
C LYS W 83 90.88 0.82 -9.15
N LEU W 84 91.38 1.01 -10.37
CA LEU W 84 91.30 -0.02 -11.39
C LEU W 84 92.00 -1.29 -10.95
N ASP W 85 91.44 -2.42 -11.38
CA ASP W 85 92.10 -3.71 -11.14
C ASP W 85 93.29 -3.88 -12.08
N LYS W 86 93.13 -3.49 -13.34
CA LYS W 86 94.17 -3.61 -14.35
C LYS W 86 93.96 -2.48 -15.35
N ASP W 87 94.46 -2.63 -16.57
CA ASP W 87 94.22 -1.65 -17.61
C ASP W 87 92.77 -1.71 -18.08
N TRP W 88 92.31 -0.60 -18.65
CA TRP W 88 90.97 -0.52 -19.23
C TRP W 88 91.08 0.32 -20.50
N SER W 89 90.97 -0.34 -21.65
CA SER W 89 91.00 0.33 -22.95
C SER W 89 89.85 -0.20 -23.79
N SER W 90 89.32 0.66 -24.66
CA SER W 90 88.18 0.29 -25.48
C SER W 90 88.20 1.13 -26.76
N PHE W 91 88.27 0.44 -27.90
CA PHE W 91 88.34 1.09 -29.22
C PHE W 91 89.52 2.06 -29.29
N GLY W 92 90.68 1.61 -28.85
CA GLY W 92 91.87 2.43 -28.88
C GLY W 92 91.84 3.62 -27.94
N ILE W 93 90.99 3.60 -26.92
CA ILE W 93 90.86 4.69 -25.97
C ILE W 93 91.27 4.16 -24.60
N ASN W 94 92.43 4.59 -24.12
CA ASN W 94 92.91 4.21 -22.79
C ASN W 94 92.24 5.11 -21.75
N ILE W 95 91.14 4.61 -21.18
CA ILE W 95 90.43 5.36 -20.14
C ILE W 95 91.00 5.10 -18.75
N GLY W 96 91.99 4.21 -18.64
CA GLY W 96 92.62 3.91 -17.37
C GLY W 96 93.79 2.99 -17.60
N LYS W 97 94.58 2.80 -16.53
CA LYS W 97 95.80 2.00 -16.67
C LYS W 97 96.31 1.62 -15.28
N ALA W 98 96.49 0.32 -15.06
CA ALA W 98 97.13 -0.23 -13.85
C ALA W 98 96.36 0.27 -12.63
N GLY W 99 97.01 0.88 -11.65
CA GLY W 99 96.35 1.30 -10.42
C GLY W 99 95.75 2.69 -10.49
N ASP W 100 95.25 3.08 -11.66
CA ASP W 100 94.54 4.35 -11.78
C ASP W 100 93.20 4.28 -11.06
N THR W 101 92.84 5.39 -10.43
CA THR W 101 91.54 5.55 -9.76
C THR W 101 90.70 6.48 -10.64
N ILE W 102 89.83 5.89 -11.44
CA ILE W 102 89.11 6.64 -12.47
C ILE W 102 87.71 6.98 -11.98
N GLY W 103 87.08 7.92 -12.67
CA GLY W 103 85.75 8.38 -12.32
C GLY W 103 84.70 7.94 -13.32
N ILE W 104 83.44 8.03 -12.89
CA ILE W 104 82.32 7.59 -13.72
C ILE W 104 82.25 8.37 -15.02
N PHE W 105 82.68 9.63 -15.01
CA PHE W 105 82.69 10.46 -16.22
C PHE W 105 84.06 10.54 -16.86
N ASP W 106 85.00 9.67 -16.48
CA ASP W 106 86.23 9.52 -17.25
C ASP W 106 85.98 8.79 -18.56
N LEU W 107 84.83 8.11 -18.69
CA LEU W 107 84.51 7.40 -19.92
C LEU W 107 84.19 8.36 -21.06
N VAL W 108 83.63 9.53 -20.75
CA VAL W 108 83.22 10.50 -21.75
C VAL W 108 84.02 11.78 -21.55
N SER W 109 83.87 12.70 -22.49
CA SER W 109 84.49 14.03 -22.43
C SER W 109 83.41 15.06 -22.13
N LEU W 110 83.69 15.94 -21.17
CA LEU W 110 82.73 16.97 -20.78
C LEU W 110 82.80 18.16 -21.71
N LYS W 111 81.66 18.53 -22.27
CA LYS W 111 81.49 19.77 -23.03
C LYS W 111 80.45 20.64 -22.32
N ALA W 112 80.20 21.81 -22.88
CA ALA W 112 79.28 22.78 -22.29
C ALA W 112 78.07 22.95 -23.20
N LEU W 113 76.88 22.86 -22.62
CA LEU W 113 75.64 23.12 -23.36
C LEU W 113 75.30 24.60 -23.27
N ASP W 114 75.04 25.20 -24.43
CA ASP W 114 74.80 26.64 -24.53
C ASP W 114 73.38 26.90 -25.00
N GLY W 115 72.73 27.87 -24.39
CA GLY W 115 71.38 28.24 -24.77
C GLY W 115 70.63 28.84 -23.59
N VAL W 116 69.31 28.68 -23.64
CA VAL W 116 68.42 29.26 -22.63
C VAL W 116 68.29 28.29 -21.47
N LEU W 117 68.31 28.83 -20.24
CA LEU W 117 68.17 28.03 -19.03
C LEU W 117 66.84 28.34 -18.36
N PRO W 118 66.09 27.32 -17.91
CA PRO W 118 64.92 27.57 -17.08
C PRO W 118 65.27 27.61 -15.60
N ASP W 119 64.61 28.51 -14.87
CA ASP W 119 64.84 28.59 -13.43
C ASP W 119 64.17 27.42 -12.71
N GLY W 120 62.85 27.33 -12.81
CA GLY W 120 62.12 26.23 -12.22
C GLY W 120 62.22 26.15 -10.71
N VAL W 121 61.52 27.08 -10.04
CA VAL W 121 61.36 27.20 -8.58
C VAL W 121 62.29 26.32 -7.76
N SER W 122 63.28 26.94 -7.11
CA SER W 122 64.20 26.22 -6.24
C SER W 122 63.61 26.08 -4.84
N ASP W 123 64.30 25.29 -4.01
CA ASP W 123 63.88 25.07 -2.64
C ASP W 123 65.09 24.74 -1.75
N THR W 127 69.07 19.27 1.60
CA THR W 127 70.19 18.64 2.30
C THR W 127 70.89 17.63 1.41
N SER W 128 72.03 17.12 1.87
CA SER W 128 72.81 16.15 1.11
C SER W 128 72.25 14.74 1.18
N ALA W 129 71.29 14.48 2.08
CA ALA W 129 70.69 13.15 2.16
C ALA W 129 69.93 12.81 0.89
N ASP W 130 69.24 13.80 0.31
CA ASP W 130 68.54 13.58 -0.95
C ASP W 130 69.48 13.14 -2.07
N ASP W 131 70.77 13.49 -1.96
CA ASP W 131 71.74 13.07 -2.97
C ASP W 131 72.10 11.59 -2.87
N LYS W 132 71.61 10.89 -1.84
CA LYS W 132 71.87 9.45 -1.76
C LYS W 132 71.00 8.67 -2.74
N TRP W 133 69.78 9.13 -2.99
CA TRP W 133 68.80 8.37 -3.77
C TRP W 133 68.21 9.11 -4.96
N LEU W 134 68.28 10.44 -5.00
CA LEU W 134 67.76 11.16 -6.16
C LEU W 134 68.41 10.75 -7.48
N PRO W 135 69.74 10.59 -7.58
CA PRO W 135 70.29 10.05 -8.83
C PRO W 135 69.78 8.67 -9.17
N LEU W 136 69.67 7.78 -8.20
CA LEU W 136 69.14 6.44 -8.47
C LEU W 136 67.71 6.52 -8.96
N TYR W 137 66.93 7.47 -8.44
CA TYR W 137 65.57 7.72 -8.89
C TYR W 137 65.59 8.12 -10.36
N LEU W 138 66.23 9.26 -10.65
CA LEU W 138 66.28 9.78 -12.02
C LEU W 138 66.76 8.72 -13.00
N LEU W 139 67.75 7.92 -12.60
CA LEU W 139 68.21 6.85 -13.48
C LEU W 139 67.14 5.78 -13.65
N GLY W 140 66.41 5.46 -12.57
CA GLY W 140 65.37 4.44 -12.66
C GLY W 140 64.22 4.83 -13.56
N LEU W 141 63.86 6.12 -13.58
CA LEU W 141 62.78 6.54 -14.48
C LEU W 141 63.10 6.32 -15.94
N TYR W 142 64.36 6.07 -16.30
CA TYR W 142 64.67 5.69 -17.68
C TYR W 142 64.15 4.29 -17.97
N ARG W 143 64.48 3.32 -17.11
CA ARG W 143 63.96 1.96 -17.26
C ARG W 143 62.45 1.92 -17.13
N VAL W 144 61.88 2.79 -16.29
CA VAL W 144 60.42 2.82 -16.16
C VAL W 144 59.78 3.39 -17.42
N GLY W 145 60.26 4.55 -17.88
CA GLY W 145 59.65 5.20 -19.03
C GLY W 145 59.95 4.52 -20.35
N ARG W 146 60.92 3.61 -20.37
CA ARG W 146 61.29 2.96 -21.63
C ARG W 146 60.20 2.03 -22.12
N THR W 147 59.47 1.38 -21.21
CA THR W 147 58.42 0.43 -21.57
C THR W 147 57.06 1.03 -21.23
N GLN W 148 56.12 0.96 -22.19
CA GLN W 148 54.80 1.55 -22.04
C GLN W 148 53.76 0.55 -21.56
N MET W 149 54.18 -0.56 -20.96
CA MET W 149 53.23 -1.54 -20.46
C MET W 149 52.73 -1.11 -19.09
N PRO W 150 51.41 -0.96 -18.89
CA PRO W 150 50.91 -0.40 -17.63
C PRO W 150 51.16 -1.30 -16.42
N GLU W 151 51.31 -2.61 -16.60
CA GLU W 151 51.63 -3.48 -15.49
C GLU W 151 53.14 -3.61 -15.28
N TYR W 152 53.93 -3.54 -16.36
CA TYR W 152 55.36 -3.35 -16.22
C TYR W 152 55.70 -1.99 -15.63
N ARG W 153 54.71 -1.08 -15.53
CA ARG W 153 54.88 0.14 -14.74
C ARG W 153 55.00 -0.16 -13.25
N LYS W 154 54.54 -1.33 -12.80
CA LYS W 154 54.86 -1.77 -11.46
C LYS W 154 56.34 -2.08 -11.32
N LYS W 155 57.05 -2.19 -12.44
CA LYS W 155 58.50 -2.14 -12.46
C LYS W 155 59.03 -0.87 -11.80
N LEU W 156 58.21 0.19 -11.80
CA LEU W 156 58.55 1.41 -11.08
C LEU W 156 58.52 1.19 -9.57
N MET W 157 57.58 0.35 -9.09
CA MET W 157 57.37 0.19 -7.66
C MET W 157 58.61 -0.32 -6.96
N ASP W 158 59.32 -1.28 -7.56
CA ASP W 158 60.53 -1.79 -6.94
C ASP W 158 61.58 -0.68 -6.79
N GLY W 159 61.62 0.27 -7.72
CA GLY W 159 62.40 1.47 -7.53
C GLY W 159 62.10 2.06 -6.17
N LEU W 160 60.82 2.34 -5.93
CA LEU W 160 60.32 2.67 -4.59
C LEU W 160 61.03 1.84 -3.53
N THR W 161 60.86 0.52 -3.62
CA THR W 161 61.50 -0.38 -2.65
C THR W 161 62.99 -0.11 -2.55
N ASN W 162 63.69 -0.08 -3.68
CA ASN W 162 65.12 0.21 -3.67
C ASN W 162 65.40 1.57 -3.04
N GLN W 163 64.58 2.57 -3.40
CA GLN W 163 64.72 3.89 -2.77
C GLN W 163 64.64 3.76 -1.25
N CYS W 164 63.69 2.95 -0.77
CA CYS W 164 63.48 2.83 0.66
C CYS W 164 64.68 2.20 1.38
N LYS W 165 65.59 1.58 0.63
CA LYS W 165 66.76 1.01 1.27
C LYS W 165 67.85 2.04 1.52
N MET W 166 67.64 3.29 1.11
CA MET W 166 68.55 4.38 1.46
C MET W 166 67.95 5.34 2.47
N ILE W 167 66.66 5.65 2.32
CA ILE W 167 65.89 6.36 3.33
C ILE W 167 64.56 5.63 3.48
N ASN W 168 64.24 5.20 4.70
CA ASN W 168 63.03 4.43 4.92
C ASN W 168 61.78 5.21 4.49
N GLU W 169 61.82 6.53 4.61
CA GLU W 169 60.65 7.38 4.37
C GLU W 169 60.65 7.99 2.97
N GLN W 170 61.30 7.35 2.01
CA GLN W 170 61.23 7.85 0.64
C GLN W 170 59.83 7.67 0.09
N PHE W 171 59.41 8.61 -0.76
CA PHE W 171 58.14 8.52 -1.43
C PHE W 171 58.28 9.14 -2.82
N GLU W 172 57.73 8.46 -3.82
CA GLU W 172 57.79 8.86 -5.21
C GLU W 172 57.31 10.30 -5.37
N PRO W 173 58.21 11.23 -5.72
CA PRO W 173 57.83 12.64 -5.91
C PRO W 173 57.30 12.92 -7.30
N LEU W 174 56.41 12.06 -7.80
CA LEU W 174 55.74 12.28 -9.07
C LEU W 174 54.26 11.94 -8.93
N VAL W 175 53.44 12.69 -9.66
CA VAL W 175 51.99 12.52 -9.64
C VAL W 175 51.63 11.26 -10.41
N PRO W 176 50.42 10.70 -10.23
CA PRO W 176 50.01 9.57 -11.08
C PRO W 176 49.98 9.90 -12.56
N GLU W 177 49.96 11.19 -12.93
CA GLU W 177 50.19 11.57 -14.32
C GLU W 177 51.55 11.06 -14.78
N GLY W 178 52.55 11.07 -13.88
CA GLY W 178 53.85 10.45 -14.02
C GLY W 178 54.37 10.07 -15.39
N ARG W 179 53.57 9.32 -16.16
CA ARG W 179 54.00 8.93 -17.49
C ARG W 179 54.13 10.15 -18.39
N ASP W 180 55.11 10.08 -19.30
CA ASP W 180 55.52 11.16 -20.20
C ASP W 180 56.27 12.28 -19.48
N ILE W 181 56.29 12.26 -18.14
CA ILE W 181 57.15 13.19 -17.42
C ILE W 181 58.61 12.79 -17.58
N PHE W 182 58.89 11.49 -17.56
CA PHE W 182 60.24 10.97 -17.74
C PHE W 182 60.41 10.17 -19.03
N ASP W 183 59.32 9.94 -19.78
CA ASP W 183 59.44 9.22 -21.04
C ASP W 183 60.22 10.01 -22.08
N VAL W 184 60.13 11.35 -22.03
CA VAL W 184 60.87 12.19 -22.96
C VAL W 184 62.34 12.24 -22.60
N TRP W 185 62.72 11.82 -21.39
CA TRP W 185 64.12 11.83 -20.99
C TRP W 185 64.95 10.90 -21.86
N GLY W 186 64.35 9.82 -22.36
CA GLY W 186 65.06 8.96 -23.28
C GLY W 186 65.43 9.65 -24.59
N ASN W 187 64.67 10.69 -24.96
CA ASN W 187 64.98 11.44 -26.17
C ASN W 187 66.19 12.33 -26.00
N ASP W 188 66.49 12.74 -24.77
CA ASP W 188 67.63 13.62 -24.52
C ASP W 188 68.92 12.87 -24.83
N SER W 189 69.75 13.45 -25.71
CA SER W 189 70.96 12.77 -26.16
C SER W 189 71.99 12.66 -25.04
N ASN W 190 71.95 13.57 -24.06
CA ASN W 190 72.92 13.56 -22.97
C ASN W 190 72.47 12.74 -21.77
N TYR W 191 71.16 12.48 -21.65
CA TYR W 191 70.66 11.61 -20.59
C TYR W 191 71.05 10.15 -20.85
N THR W 192 70.88 9.70 -22.08
CA THR W 192 71.26 8.33 -22.44
C THR W 192 72.75 8.10 -22.25
N LYS W 193 73.58 9.07 -22.67
CA LYS W 193 75.02 8.97 -22.41
C LYS W 193 75.32 8.91 -20.93
N ILE W 194 74.54 9.61 -20.11
CA ILE W 194 74.73 9.57 -18.66
C ILE W 194 74.46 8.17 -18.13
N VAL W 195 73.28 7.61 -18.45
CA VAL W 195 72.93 6.30 -17.89
C VAL W 195 73.87 5.22 -18.41
N ALA W 196 74.30 5.34 -19.68
CA ALA W 196 75.23 4.36 -20.23
C ALA W 196 76.61 4.48 -19.61
N ALA W 197 77.02 5.70 -19.26
CA ALA W 197 78.28 5.86 -18.53
C ALA W 197 78.19 5.29 -17.12
N VAL W 198 77.04 5.47 -16.47
CA VAL W 198 76.83 4.89 -15.15
C VAL W 198 76.94 3.37 -15.20
N ASP W 199 76.19 2.75 -16.12
CA ASP W 199 76.18 1.29 -16.19
C ASP W 199 77.53 0.74 -16.64
N MET W 200 78.16 1.38 -17.63
CA MET W 200 79.49 0.95 -18.05
C MET W 200 80.50 1.12 -16.93
N PHE W 201 80.29 2.07 -16.03
CA PHE W 201 81.18 2.28 -14.91
C PHE W 201 81.00 1.19 -13.85
N PHE W 202 79.77 1.02 -13.36
CA PHE W 202 79.53 0.05 -12.30
C PHE W 202 79.61 -1.39 -12.79
N HIS W 203 79.62 -1.62 -14.10
CA HIS W 203 79.87 -2.96 -14.60
C HIS W 203 81.30 -3.40 -14.31
N MET W 204 82.24 -2.45 -14.26
CA MET W 204 83.60 -2.73 -13.85
C MET W 204 83.72 -2.82 -12.34
N PHE W 205 83.01 -1.96 -11.62
CA PHE W 205 83.05 -1.90 -10.16
C PHE W 205 81.73 -2.43 -9.62
N LYS W 206 81.59 -3.76 -9.66
CA LYS W 206 80.36 -4.40 -9.18
C LYS W 206 80.28 -4.37 -7.66
N LYS W 207 81.42 -4.51 -6.98
CA LYS W 207 81.45 -4.48 -5.52
C LYS W 207 81.39 -3.07 -4.95
N HIS W 208 81.26 -2.05 -5.79
CA HIS W 208 81.14 -0.69 -5.30
C HIS W 208 79.86 -0.52 -4.49
N GLU W 209 79.91 0.38 -3.51
CA GLU W 209 78.76 0.60 -2.65
C GLU W 209 77.62 1.31 -3.37
N CYS W 210 77.87 1.89 -4.54
CA CYS W 210 76.83 2.53 -5.35
C CYS W 210 76.47 1.72 -6.58
N ALA W 211 76.76 0.42 -6.59
CA ALA W 211 76.37 -0.43 -7.71
C ALA W 211 74.87 -0.53 -7.86
N SER W 212 74.11 -0.24 -6.80
CA SER W 212 72.65 -0.23 -6.90
C SER W 212 72.16 0.74 -7.95
N PHE W 213 72.93 1.81 -8.19
CA PHE W 213 72.59 2.77 -9.25
C PHE W 213 72.43 2.11 -10.60
N ARG W 214 73.04 0.94 -10.80
CA ARG W 214 72.88 0.21 -12.06
C ARG W 214 71.42 -0.11 -12.35
N TYR W 215 70.57 -0.18 -11.33
CA TYR W 215 69.14 -0.37 -11.56
C TYR W 215 68.62 0.78 -12.40
N GLY W 216 67.93 0.43 -13.49
CA GLY W 216 67.46 1.43 -14.43
C GLY W 216 68.42 1.66 -15.58
N THR W 217 69.72 1.57 -15.34
CA THR W 217 70.71 1.72 -16.39
C THR W 217 71.05 0.39 -17.07
N ILE W 218 70.63 -0.73 -16.50
CA ILE W 218 70.99 -2.03 -17.06
C ILE W 218 70.30 -2.28 -18.39
N VAL W 219 69.18 -1.60 -18.67
CA VAL W 219 68.57 -1.72 -19.99
C VAL W 219 69.39 -1.01 -21.04
N SER W 220 70.32 -0.14 -20.64
CA SER W 220 71.19 0.52 -21.61
C SER W 220 72.22 -0.46 -22.17
N ARG W 221 72.71 -1.38 -21.35
CA ARG W 221 73.67 -2.37 -21.81
C ARG W 221 73.00 -3.31 -22.80
N PHE W 222 73.61 -3.44 -23.98
CA PHE W 222 73.05 -4.21 -25.08
C PHE W 222 71.65 -3.74 -25.45
N LYS W 223 71.46 -2.42 -25.46
CA LYS W 223 70.21 -1.84 -25.91
C LYS W 223 70.09 -2.02 -27.42
N ASP W 224 68.96 -2.58 -27.86
CA ASP W 224 68.72 -2.91 -29.27
C ASP W 224 69.77 -3.89 -29.78
N CYS W 225 69.96 -4.99 -29.03
CA CYS W 225 70.90 -6.05 -29.41
C CYS W 225 70.30 -7.40 -29.05
N ALA W 226 69.16 -7.73 -29.66
CA ALA W 226 68.44 -8.94 -29.29
C ALA W 226 69.03 -10.18 -29.95
N ALA W 227 69.27 -10.12 -31.27
CA ALA W 227 69.68 -11.31 -32.00
C ALA W 227 70.97 -11.92 -31.44
N LEU W 228 71.88 -11.09 -30.94
CA LEU W 228 73.05 -11.62 -30.24
C LEU W 228 72.64 -12.39 -29.00
N ALA W 229 71.68 -11.84 -28.23
CA ALA W 229 71.22 -12.49 -27.01
C ALA W 229 70.52 -13.81 -27.30
N THR W 230 69.85 -13.92 -28.47
CA THR W 230 69.28 -15.19 -28.87
C THR W 230 70.32 -16.13 -29.46
N PHE W 231 71.45 -15.60 -29.93
CA PHE W 231 72.55 -16.47 -30.34
C PHE W 231 73.21 -17.10 -29.11
N GLY W 232 73.42 -16.31 -28.06
CA GLY W 232 73.92 -16.87 -26.82
C GLY W 232 72.91 -17.77 -26.14
N HIS W 233 71.63 -17.40 -26.19
CA HIS W 233 70.58 -18.24 -25.63
C HIS W 233 70.50 -19.58 -26.36
N LEU W 234 70.61 -19.54 -27.69
CA LEU W 234 70.58 -20.78 -28.47
C LEU W 234 71.83 -21.62 -28.20
N CYS W 235 73.00 -20.98 -28.15
CA CYS W 235 74.23 -21.71 -27.84
C CYS W 235 74.21 -22.31 -26.43
N LYS W 236 73.43 -21.72 -25.52
CA LYS W 236 73.32 -22.26 -24.17
C LYS W 236 72.25 -23.34 -24.05
N ILE W 237 71.18 -23.24 -24.83
CA ILE W 237 70.11 -24.22 -24.76
C ILE W 237 70.50 -25.50 -25.52
N THR W 238 71.12 -25.34 -26.69
CA THR W 238 71.57 -26.51 -27.44
C THR W 238 72.80 -27.15 -26.80
N GLY W 239 73.58 -26.37 -26.05
CA GLY W 239 74.80 -26.85 -25.45
C GLY W 239 75.96 -27.00 -26.41
N MET W 240 75.82 -26.54 -27.65
CA MET W 240 76.87 -26.66 -28.65
C MET W 240 77.72 -25.39 -28.69
N SER W 241 78.88 -25.51 -29.34
CA SER W 241 79.78 -24.38 -29.45
C SER W 241 79.24 -23.35 -30.44
N THR W 242 79.81 -22.14 -30.37
CA THR W 242 79.38 -21.07 -31.27
C THR W 242 79.59 -21.47 -32.73
N GLU W 243 80.68 -22.17 -33.03
CA GLU W 243 80.94 -22.60 -34.40
C GLU W 243 79.97 -23.71 -34.81
N ASP W 244 79.81 -24.72 -33.97
CA ASP W 244 78.90 -25.82 -34.31
C ASP W 244 77.46 -25.35 -34.40
N VAL W 245 77.07 -24.42 -33.54
CA VAL W 245 75.75 -23.80 -33.66
C VAL W 245 75.66 -23.01 -34.97
N THR W 246 76.74 -22.33 -35.35
CA THR W 246 76.75 -21.55 -36.58
C THR W 246 76.60 -22.44 -37.80
N THR W 247 77.15 -23.65 -37.77
CA THR W 247 77.04 -24.54 -38.91
C THR W 247 75.60 -24.94 -39.19
N TRP W 248 74.78 -25.08 -38.14
CA TRP W 248 73.40 -25.50 -38.27
C TRP W 248 72.49 -24.43 -38.87
N ILE W 249 73.03 -23.35 -39.42
CA ILE W 249 72.23 -22.36 -40.13
C ILE W 249 71.96 -22.88 -41.53
N LEU W 250 70.70 -23.10 -41.86
CA LEU W 250 70.31 -23.70 -43.13
C LEU W 250 69.53 -22.76 -44.03
N ASN W 251 69.32 -21.51 -43.60
CA ASN W 251 68.67 -20.50 -44.42
C ASN W 251 69.69 -19.43 -44.78
N ARG W 252 69.57 -18.89 -46.01
CA ARG W 252 70.56 -17.91 -46.47
C ARG W 252 70.40 -16.58 -45.74
N GLU W 253 69.16 -16.15 -45.49
CA GLU W 253 68.93 -14.90 -44.77
C GLU W 253 69.59 -14.94 -43.40
N VAL W 254 69.43 -16.06 -42.68
CA VAL W 254 70.04 -16.21 -41.36
C VAL W 254 71.56 -16.18 -41.47
N ALA W 255 72.11 -16.57 -42.63
CA ALA W 255 73.56 -16.51 -42.83
C ALA W 255 74.02 -15.09 -43.11
N ASP W 256 73.28 -14.33 -43.92
CA ASP W 256 73.61 -12.93 -44.16
C ASP W 256 73.55 -12.13 -42.85
N GLU W 257 72.54 -12.41 -42.03
CA GLU W 257 72.45 -11.76 -40.72
C GLU W 257 73.53 -12.25 -39.76
N MET W 258 73.90 -13.52 -39.85
CA MET W 258 74.95 -14.05 -38.98
C MET W 258 76.31 -13.44 -39.31
N VAL W 259 76.59 -13.23 -40.60
CA VAL W 259 77.80 -12.50 -40.98
C VAL W 259 77.66 -11.03 -40.61
N GLN W 260 76.45 -10.49 -40.67
CA GLN W 260 76.23 -9.10 -40.29
C GLN W 260 76.55 -8.88 -38.81
N MET W 261 76.28 -9.88 -37.97
CA MET W 261 76.53 -9.74 -36.54
C MET W 261 78.02 -9.91 -36.21
N MET W 262 78.68 -10.88 -36.82
CA MET W 262 80.06 -11.21 -36.48
C MET W 262 81.08 -10.42 -37.31
N LEU W 263 80.94 -9.10 -37.33
CA LEU W 263 81.95 -8.28 -37.99
C LEU W 263 83.20 -8.21 -37.10
N PRO W 264 84.39 -8.36 -37.69
CA PRO W 264 85.59 -8.61 -36.87
C PRO W 264 86.23 -7.37 -36.26
N GLY W 265 85.44 -6.38 -35.86
CA GLY W 265 86.04 -5.18 -35.29
C GLY W 265 85.22 -4.45 -34.25
N GLN W 266 84.16 -5.07 -33.75
CA GLN W 266 83.21 -4.39 -32.88
C GLN W 266 83.34 -4.79 -31.41
N GLU W 267 84.33 -5.60 -31.05
CA GLU W 267 84.59 -5.97 -29.65
C GLU W 267 83.37 -6.61 -28.99
N ILE W 268 82.57 -7.36 -29.75
CA ILE W 268 81.36 -7.95 -29.18
C ILE W 268 81.69 -9.00 -28.13
N ASP W 269 82.93 -9.49 -28.07
CA ASP W 269 83.33 -10.46 -27.07
C ASP W 269 84.11 -9.83 -25.91
N LYS W 270 84.48 -8.55 -26.01
CA LYS W 270 85.16 -7.89 -24.91
C LYS W 270 84.23 -7.71 -23.73
N ALA W 271 84.75 -7.97 -22.54
CA ALA W 271 83.96 -7.86 -21.31
C ALA W 271 83.52 -6.42 -21.09
N ASP W 272 84.46 -5.55 -20.74
CA ASP W 272 84.18 -4.13 -20.52
C ASP W 272 84.59 -3.36 -21.77
N SER W 273 83.61 -2.80 -22.47
CA SER W 273 83.85 -2.08 -23.71
C SER W 273 82.68 -1.14 -23.96
N TYR W 274 82.87 -0.22 -24.91
CA TYR W 274 81.83 0.71 -25.30
C TYR W 274 80.74 0.06 -26.15
N MET W 275 80.92 -1.20 -26.54
CA MET W 275 80.02 -1.81 -27.53
C MET W 275 78.58 -1.94 -27.06
N PRO W 276 78.27 -2.54 -25.90
CA PRO W 276 76.85 -2.76 -25.56
C PRO W 276 76.02 -1.48 -25.51
N TYR W 277 76.65 -0.35 -25.21
CA TYR W 277 75.97 0.93 -25.09
C TYR W 277 76.03 1.74 -26.38
N LEU W 278 76.10 1.07 -27.53
CA LEU W 278 76.25 1.75 -28.82
C LEU W 278 75.02 2.57 -29.21
N ILE W 279 73.90 2.39 -28.52
CA ILE W 279 72.69 3.16 -28.83
C ILE W 279 72.59 4.41 -27.97
N ASP W 280 72.89 4.29 -26.67
CA ASP W 280 72.80 5.43 -25.78
C ASP W 280 74.05 6.31 -25.85
N PHE W 281 75.20 5.72 -26.13
CA PHE W 281 76.43 6.47 -26.36
C PHE W 281 76.50 7.04 -27.78
N GLY W 282 75.39 7.02 -28.52
CA GLY W 282 75.35 7.58 -29.86
C GLY W 282 76.35 6.98 -30.82
N LEU W 283 76.94 5.84 -30.46
CA LEU W 283 77.90 5.18 -31.34
C LEU W 283 77.24 4.68 -32.61
N SER W 284 75.92 4.53 -32.62
CA SER W 284 75.20 4.01 -33.76
C SER W 284 73.74 4.46 -33.68
N SER W 285 73.20 4.89 -34.83
CA SER W 285 71.79 5.25 -34.92
C SER W 285 70.94 4.11 -35.44
N LYS W 286 71.54 3.00 -35.84
CA LYS W 286 70.81 1.81 -36.29
C LYS W 286 71.65 0.60 -35.91
N SER W 287 71.09 -0.28 -35.08
CA SER W 287 71.90 -1.33 -34.47
C SER W 287 72.07 -2.51 -35.44
N PRO W 288 73.26 -3.11 -35.48
CA PRO W 288 73.46 -4.29 -36.33
C PRO W 288 72.94 -5.58 -35.72
N TYR W 289 72.81 -5.64 -34.40
CA TYR W 289 72.51 -6.88 -33.68
C TYR W 289 71.07 -6.97 -33.22
N SER W 290 70.18 -6.14 -33.79
CA SER W 290 68.81 -6.07 -33.32
C SER W 290 67.95 -7.15 -33.98
N SER W 291 66.85 -7.48 -33.31
CA SER W 291 65.82 -8.37 -33.85
C SER W 291 64.96 -7.71 -34.90
N VAL W 292 65.39 -6.53 -35.37
CA VAL W 292 64.76 -5.84 -36.49
C VAL W 292 65.62 -5.92 -37.74
N LYS W 293 66.93 -5.69 -37.59
CA LYS W 293 67.87 -5.91 -38.68
C LYS W 293 68.34 -7.36 -38.77
N ASN W 294 67.89 -8.23 -37.85
CA ASN W 294 68.14 -9.67 -37.92
C ASN W 294 66.90 -10.41 -37.50
N PRO W 295 65.84 -10.37 -38.32
CA PRO W 295 64.58 -11.03 -37.93
C PRO W 295 64.61 -12.54 -38.13
N ALA W 296 65.15 -13.01 -39.25
CA ALA W 296 65.17 -14.43 -39.53
C ALA W 296 65.99 -15.19 -38.51
N PHE W 297 67.11 -14.61 -38.06
CA PHE W 297 67.91 -15.26 -37.02
C PHE W 297 67.16 -15.30 -35.69
N HIS W 298 66.49 -14.21 -35.33
CA HIS W 298 65.72 -14.17 -34.09
C HIS W 298 64.64 -15.26 -34.09
N PHE W 299 63.83 -15.28 -35.15
CA PHE W 299 62.78 -16.30 -35.26
C PHE W 299 63.37 -17.70 -35.25
N TRP W 300 64.47 -17.90 -35.98
CA TRP W 300 65.05 -19.24 -36.11
C TRP W 300 65.57 -19.75 -34.78
N GLY W 301 66.52 -19.01 -34.18
CA GLY W 301 67.09 -19.44 -32.90
C GLY W 301 66.09 -19.47 -31.77
N GLN W 302 65.14 -18.54 -31.75
CA GLN W 302 64.14 -18.54 -30.68
C GLN W 302 63.19 -19.73 -30.82
N LEU W 303 62.77 -20.04 -32.04
CA LEU W 303 61.89 -21.19 -32.24
C LEU W 303 62.62 -22.49 -31.93
N THR W 304 63.85 -22.64 -32.42
CA THR W 304 64.65 -23.81 -32.07
C THR W 304 64.86 -23.90 -30.56
N ALA W 305 64.93 -22.76 -29.88
CA ALA W 305 65.06 -22.78 -28.42
C ALA W 305 63.76 -23.25 -27.77
N LEU W 306 62.61 -22.76 -28.24
CA LEU W 306 61.34 -23.17 -27.67
C LEU W 306 61.11 -24.67 -27.86
N LEU W 307 61.39 -25.18 -29.07
CA LEU W 307 61.26 -26.61 -29.32
C LEU W 307 62.20 -27.40 -28.41
N LEU W 308 63.34 -26.83 -28.06
CA LEU W 308 64.24 -27.41 -27.08
C LEU W 308 63.88 -27.02 -25.66
N ARG W 309 62.64 -26.58 -25.44
CA ARG W 309 62.09 -26.31 -24.12
C ARG W 309 62.80 -25.15 -23.43
N SER W 310 62.78 -24.00 -24.09
CA SER W 310 63.23 -22.75 -23.49
C SER W 310 62.07 -22.06 -22.78
N THR W 311 62.39 -21.36 -21.70
CA THR W 311 61.37 -20.70 -20.91
C THR W 311 61.05 -19.29 -21.44
N ARG W 312 62.08 -18.51 -21.77
CA ARG W 312 61.86 -17.17 -22.30
C ARG W 312 61.27 -17.21 -23.71
N ALA W 313 61.61 -18.25 -24.48
CA ALA W 313 61.26 -18.28 -25.90
C ALA W 313 59.75 -18.18 -26.13
N ARG W 314 58.94 -18.60 -25.15
CA ARG W 314 57.49 -18.51 -25.32
C ARG W 314 57.05 -17.08 -25.60
N ASN W 315 57.72 -16.11 -24.99
CA ASN W 315 57.29 -14.71 -25.07
C ASN W 315 58.10 -13.90 -26.08
N ALA W 316 58.96 -14.54 -26.86
CA ALA W 316 59.67 -13.83 -27.91
C ALA W 316 58.71 -13.48 -29.05
N ARG W 317 58.91 -12.31 -29.64
CA ARG W 317 57.99 -11.82 -30.65
C ARG W 317 58.26 -12.45 -32.01
N GLN W 318 57.19 -12.62 -32.79
CA GLN W 318 57.27 -13.20 -34.12
C GLN W 318 57.51 -12.08 -35.13
N PRO W 319 58.70 -11.99 -35.72
CA PRO W 319 58.97 -10.89 -36.66
C PRO W 319 58.11 -10.97 -37.90
N ASP W 320 57.90 -9.81 -38.52
CA ASP W 320 57.11 -9.70 -39.73
C ASP W 320 58.00 -9.86 -40.96
N ASP W 321 57.39 -10.32 -42.05
CA ASP W 321 58.02 -10.40 -43.37
C ASP W 321 59.32 -11.21 -43.32
N ILE W 322 59.15 -12.50 -43.04
CA ILE W 322 60.23 -13.47 -43.07
C ILE W 322 59.69 -14.78 -43.63
N GLU W 323 60.61 -15.70 -43.93
CA GLU W 323 60.26 -17.01 -44.47
C GLU W 323 59.87 -17.93 -43.31
N TYR W 324 58.61 -17.83 -42.89
CA TYR W 324 58.17 -18.62 -41.75
C TYR W 324 58.29 -20.11 -42.01
N THR W 325 57.90 -20.57 -43.20
CA THR W 325 57.91 -22.00 -43.49
C THR W 325 59.33 -22.57 -43.43
N SER W 326 60.24 -21.99 -44.22
CA SER W 326 61.61 -22.51 -44.30
C SER W 326 62.31 -22.40 -42.95
N LEU W 327 62.12 -21.29 -42.23
CA LEU W 327 62.75 -21.14 -40.93
C LEU W 327 62.21 -22.16 -39.93
N THR W 328 60.90 -22.46 -40.01
CA THR W 328 60.32 -23.46 -39.11
C THR W 328 60.84 -24.86 -39.42
N THR W 329 61.02 -25.18 -40.70
CA THR W 329 61.55 -26.50 -41.06
C THR W 329 63.00 -26.64 -40.64
N ALA W 330 63.83 -25.63 -40.95
CA ALA W 330 65.23 -25.66 -40.58
C ALA W 330 65.43 -25.59 -39.06
N GLY W 331 64.45 -25.06 -38.33
CA GLY W 331 64.51 -25.08 -36.88
C GLY W 331 64.01 -26.40 -36.31
N LEU W 332 63.12 -27.05 -37.07
CA LEU W 332 62.60 -28.35 -36.64
C LEU W 332 63.64 -29.44 -36.81
N LEU W 333 64.40 -29.40 -37.91
CA LEU W 333 65.47 -30.38 -38.09
C LEU W 333 66.54 -30.22 -37.01
N TYR W 334 66.91 -28.97 -36.71
CA TYR W 334 67.87 -28.71 -35.64
C TYR W 334 67.33 -29.20 -34.29
N ALA W 335 66.07 -28.87 -34.00
CA ALA W 335 65.48 -29.23 -32.71
C ALA W 335 65.40 -30.74 -32.54
N TYR W 336 64.91 -31.44 -33.56
CA TYR W 336 64.84 -32.90 -33.51
C TYR W 336 66.23 -33.51 -33.44
N ALA W 337 67.22 -32.86 -34.05
CA ALA W 337 68.59 -33.38 -34.02
C ALA W 337 69.20 -33.27 -32.62
N VAL W 338 68.96 -32.16 -31.93
CA VAL W 338 69.52 -32.01 -30.59
C VAL W 338 68.71 -32.80 -29.56
N GLY W 339 67.40 -32.92 -29.77
CA GLY W 339 66.58 -33.69 -28.83
C GLY W 339 66.77 -35.19 -28.99
N SER W 340 67.08 -35.65 -30.19
CA SER W 340 67.32 -37.07 -30.41
C SER W 340 68.70 -37.47 -29.91
N SER W 341 69.75 -36.79 -30.39
CA SER W 341 71.13 -37.10 -30.00
C SER W 341 71.42 -36.43 -28.66
N ALA W 342 71.01 -37.11 -27.58
CA ALA W 342 71.35 -36.65 -26.24
C ALA W 342 72.86 -36.71 -26.02
N ASP W 343 73.54 -37.62 -26.71
CA ASP W 343 75.00 -37.75 -26.65
C ASP W 343 75.48 -38.00 -25.21
N LEU W 344 74.81 -38.91 -24.53
CA LEU W 344 75.17 -39.27 -23.17
C LEU W 344 76.49 -40.03 -23.17
N ALA W 345 77.50 -39.49 -22.49
CA ALA W 345 78.80 -40.12 -22.38
C ALA W 345 79.24 -40.13 -20.92
N GLN W 346 79.85 -41.24 -20.51
CA GLN W 346 80.35 -41.35 -19.14
C GLN W 346 81.42 -40.30 -18.88
N GLN W 347 81.50 -39.84 -17.64
CA GLN W 347 82.40 -38.75 -17.28
C GLN W 347 83.39 -39.11 -16.19
N PHE W 348 82.96 -39.86 -15.17
CA PHE W 348 83.84 -40.31 -14.10
C PHE W 348 83.83 -41.83 -14.04
N CYS W 349 84.84 -42.38 -13.35
CA CYS W 349 84.96 -43.82 -13.19
C CYS W 349 85.51 -44.13 -11.81
N VAL W 350 85.21 -45.33 -11.33
CA VAL W 350 85.66 -45.77 -10.01
C VAL W 350 86.77 -46.81 -10.17
N GLY W 351 86.41 -47.99 -10.62
CA GLY W 351 87.38 -49.07 -10.76
C GLY W 351 88.19 -48.98 -12.04
N ASP W 352 88.34 -47.75 -12.56
CA ASP W 352 89.00 -47.51 -13.83
C ASP W 352 88.37 -48.35 -14.95
N ASN W 353 87.06 -48.55 -14.86
CA ASN W 353 86.29 -49.23 -15.90
C ASN W 353 85.42 -48.20 -16.60
N LYS W 354 85.67 -48.00 -17.89
CA LYS W 354 84.89 -47.10 -18.72
C LYS W 354 83.99 -47.92 -19.63
N TYR W 355 82.91 -47.29 -20.09
CA TYR W 355 82.00 -47.95 -21.00
C TYR W 355 82.71 -48.27 -22.32
N THR W 356 82.70 -49.54 -22.70
CA THR W 356 83.31 -49.98 -23.94
C THR W 356 82.21 -50.31 -24.94
N PRO W 357 82.01 -49.52 -25.98
CA PRO W 357 80.92 -49.79 -26.92
C PRO W 357 81.18 -51.06 -27.72
N ASP W 358 80.10 -51.77 -28.01
CA ASP W 358 80.18 -53.02 -28.77
C ASP W 358 80.17 -52.70 -30.26
N ASP W 359 81.22 -53.14 -30.97
CA ASP W 359 81.34 -52.94 -32.40
C ASP W 359 80.82 -54.12 -33.22
N SER W 360 80.53 -55.25 -32.57
CA SER W 360 80.07 -56.47 -33.26
C SER W 360 78.57 -56.48 -33.51
N THR W 361 77.94 -55.32 -33.67
CA THR W 361 76.53 -55.22 -34.06
C THR W 361 76.49 -55.07 -35.58
N GLY W 362 76.17 -56.15 -36.28
CA GLY W 362 76.27 -56.18 -37.72
C GLY W 362 74.97 -56.43 -38.46
N GLY W 363 73.85 -56.40 -37.72
CA GLY W 363 72.55 -56.57 -38.35
C GLY W 363 72.16 -55.46 -39.30
N LEU W 364 72.96 -54.40 -39.39
CA LEU W 364 72.74 -53.26 -40.28
C LEU W 364 71.47 -52.51 -39.89
N THR W 365 71.49 -51.84 -38.74
CA THR W 365 70.37 -51.00 -38.31
C THR W 365 70.48 -49.65 -39.02
N THR W 366 70.21 -49.69 -40.33
CA THR W 366 70.16 -48.48 -41.13
C THR W 366 68.80 -47.83 -40.97
N ASN W 367 68.53 -46.80 -41.79
CA ASN W 367 67.27 -46.06 -41.74
C ASN W 367 66.99 -45.50 -40.36
N ALA W 368 68.05 -45.25 -39.59
CA ALA W 368 67.99 -44.63 -38.28
C ALA W 368 68.69 -43.27 -38.32
N PRO W 369 68.21 -42.30 -37.55
CA PRO W 369 68.83 -40.97 -37.53
C PRO W 369 70.29 -41.06 -37.13
N PRO W 370 71.10 -40.06 -37.49
CA PRO W 370 72.52 -40.08 -37.11
C PRO W 370 72.70 -40.11 -35.60
N GLN W 371 73.93 -40.40 -35.19
CA GLN W 371 74.25 -40.61 -33.78
C GLN W 371 74.73 -39.34 -33.08
N GLY W 372 75.34 -38.43 -33.81
CA GLY W 372 75.82 -37.17 -33.28
C GLY W 372 74.93 -36.01 -33.67
N ARG W 373 75.52 -34.82 -33.68
CA ARG W 373 74.83 -33.59 -34.08
C ARG W 373 75.57 -32.92 -35.24
N ASP W 374 76.04 -33.73 -36.18
CA ASP W 374 76.77 -33.23 -37.34
C ASP W 374 75.76 -32.84 -38.43
N VAL W 375 75.84 -31.59 -38.89
CA VAL W 375 74.95 -31.14 -39.95
C VAL W 375 75.19 -31.94 -41.22
N VAL W 376 76.43 -32.36 -41.46
CA VAL W 376 76.76 -33.11 -42.66
C VAL W 376 75.96 -34.42 -42.72
N GLU W 377 75.77 -35.06 -41.57
CA GLU W 377 75.03 -36.32 -41.55
C GLU W 377 73.52 -36.09 -41.50
N TRP W 378 73.08 -35.14 -40.67
CA TRP W 378 71.64 -34.89 -40.52
C TRP W 378 71.03 -34.35 -41.81
N LEU W 379 71.79 -33.62 -42.62
CA LEU W 379 71.27 -33.16 -43.90
C LEU W 379 71.03 -34.33 -44.85
N GLY W 380 71.94 -35.31 -44.85
CA GLY W 380 71.73 -36.50 -45.67
C GLY W 380 70.57 -37.34 -45.19
N TRP W 381 70.47 -37.54 -43.87
CA TRP W 381 69.31 -38.24 -43.33
C TRP W 381 68.01 -37.52 -43.70
N PHE W 382 68.01 -36.19 -43.62
CA PHE W 382 66.84 -35.42 -44.02
C PHE W 382 66.57 -35.51 -45.52
N GLU W 383 67.61 -35.78 -46.32
CA GLU W 383 67.38 -36.04 -47.74
C GLU W 383 66.80 -37.43 -47.97
N ASP W 384 67.08 -38.38 -47.06
CA ASP W 384 66.43 -39.69 -47.15
C ASP W 384 64.94 -39.58 -46.87
N GLN W 385 64.51 -38.57 -46.12
CA GLN W 385 63.11 -38.35 -45.83
C GLN W 385 62.41 -37.49 -46.88
N ASN W 386 63.01 -37.34 -48.06
CA ASN W 386 62.46 -36.57 -49.16
C ASN W 386 62.21 -35.11 -48.77
N ARG W 387 63.04 -34.59 -47.85
CA ARG W 387 62.95 -33.21 -47.37
C ARG W 387 61.56 -32.88 -46.84
N LYS W 388 60.91 -33.88 -46.22
CA LYS W 388 59.67 -33.70 -45.50
C LYS W 388 59.87 -34.18 -44.07
N PRO W 389 59.45 -33.40 -43.07
CA PRO W 389 59.64 -33.82 -41.68
C PRO W 389 58.91 -35.13 -41.41
N THR W 390 59.64 -36.09 -40.84
CA THR W 390 59.05 -37.38 -40.50
C THR W 390 57.92 -37.18 -39.48
N PRO W 391 56.95 -38.09 -39.43
CA PRO W 391 55.89 -37.95 -38.42
C PRO W 391 56.42 -37.99 -37.00
N ASP W 392 57.58 -38.62 -36.77
CA ASP W 392 58.20 -38.58 -35.46
C ASP W 392 58.75 -37.20 -35.15
N MET W 393 59.18 -36.46 -36.17
CA MET W 393 59.63 -35.08 -35.96
C MET W 393 58.46 -34.19 -35.57
N MET W 394 57.39 -34.21 -36.37
CA MET W 394 56.21 -33.40 -36.04
C MET W 394 55.60 -33.83 -34.71
N GLN W 395 55.71 -35.11 -34.36
CA GLN W 395 55.24 -35.54 -33.05
C GLN W 395 56.15 -35.04 -31.93
N TYR W 396 57.45 -34.94 -32.18
CA TYR W 396 58.35 -34.31 -31.22
C TYR W 396 57.97 -32.86 -31.00
N ALA W 397 57.76 -32.12 -32.10
CA ALA W 397 57.38 -30.72 -31.99
C ALA W 397 56.03 -30.56 -31.26
N LYS W 398 55.07 -31.42 -31.58
CA LYS W 398 53.80 -31.38 -30.87
C LYS W 398 54.00 -31.64 -29.38
N ARG W 399 54.81 -32.65 -29.04
CA ARG W 399 55.12 -32.94 -27.65
C ARG W 399 55.90 -31.81 -26.97
N ALA W 400 56.48 -30.89 -27.75
CA ALA W 400 57.19 -29.77 -27.18
C ALA W 400 56.32 -28.53 -27.02
N VAL W 401 55.35 -28.32 -27.91
CA VAL W 401 54.50 -27.12 -27.85
C VAL W 401 53.17 -27.37 -27.16
N MET W 402 52.79 -28.62 -26.92
CA MET W 402 51.60 -28.87 -26.14
C MET W 402 51.89 -28.64 -24.66
N SER W 403 50.81 -28.48 -23.88
CA SER W 403 50.88 -28.11 -22.47
C SER W 403 51.56 -26.75 -22.26
N LEU W 404 51.48 -25.88 -23.27
CA LEU W 404 51.93 -24.50 -23.17
C LEU W 404 50.69 -23.62 -23.09
N GLN W 405 50.47 -23.03 -21.92
CA GLN W 405 49.29 -22.20 -21.67
C GLN W 405 49.73 -20.77 -21.37
N GLY W 406 48.79 -19.84 -21.55
CA GLY W 406 49.06 -18.44 -21.29
C GLY W 406 50.02 -17.80 -22.26
N LEU W 407 49.93 -18.16 -23.54
CA LEU W 407 50.82 -17.63 -24.57
C LEU W 407 50.26 -16.33 -25.13
N ARG W 408 51.13 -15.32 -25.22
CA ARG W 408 50.72 -14.02 -25.74
C ARG W 408 50.63 -14.04 -27.25
N GLU W 409 49.70 -13.24 -27.79
CA GLU W 409 49.55 -13.12 -29.23
C GLU W 409 50.82 -12.55 -29.85
N LYS W 410 51.02 -12.89 -31.13
CA LYS W 410 52.17 -12.42 -31.92
C LYS W 410 53.50 -12.86 -31.31
N THR W 411 53.50 -13.97 -30.57
CA THR W 411 54.72 -14.56 -30.04
C THR W 411 55.00 -15.89 -30.75
N ILE W 412 56.28 -16.25 -30.80
CA ILE W 412 56.66 -17.53 -31.39
C ILE W 412 56.11 -18.70 -30.58
N GLY W 413 55.78 -18.48 -29.32
CA GLY W 413 55.17 -19.54 -28.53
C GLY W 413 53.78 -19.90 -29.01
N LYS W 414 52.93 -18.88 -29.20
CA LYS W 414 51.61 -19.12 -29.77
C LYS W 414 51.70 -19.58 -31.22
N TYR W 415 52.73 -19.14 -31.95
CA TYR W 415 52.92 -19.58 -33.32
C TYR W 415 53.22 -21.08 -33.38
N ALA W 416 54.17 -21.53 -32.56
CA ALA W 416 54.52 -22.94 -32.53
C ALA W 416 53.38 -23.79 -31.97
N LYS W 417 52.69 -23.28 -30.93
CA LYS W 417 51.53 -23.97 -30.40
C LYS W 417 50.47 -24.16 -31.48
N SER W 418 50.11 -23.08 -32.18
CA SER W 418 49.13 -23.15 -33.25
C SER W 418 49.66 -23.86 -34.49
N GLU W 419 50.94 -24.19 -34.54
CA GLU W 419 51.54 -24.80 -35.72
C GLU W 419 51.73 -26.30 -35.59
N PHE W 420 52.20 -26.79 -34.45
CA PHE W 420 52.48 -28.21 -34.28
C PHE W 420 51.47 -28.95 -33.43
N ASP W 421 50.62 -28.23 -32.68
CA ASP W 421 49.63 -28.87 -31.82
C ASP W 421 48.32 -29.00 -32.61
N LYS W 422 48.31 -29.95 -33.53
CA LYS W 422 47.11 -30.31 -34.28
C LYS W 422 47.35 -31.59 -35.07
N GLN X 1 89.29 -40.92 -32.81
CA GLN X 1 89.49 -42.35 -32.57
C GLN X 1 89.15 -43.15 -33.82
N VAL X 2 88.56 -42.47 -34.81
CA VAL X 2 88.17 -43.10 -36.06
C VAL X 2 89.37 -43.21 -36.97
N GLN X 3 89.57 -44.39 -37.54
CA GLN X 3 90.67 -44.63 -38.46
C GLN X 3 90.36 -45.86 -39.31
N LEU X 4 90.98 -45.90 -40.48
CA LEU X 4 90.89 -47.03 -41.40
C LEU X 4 92.28 -47.61 -41.60
N VAL X 5 92.39 -48.93 -41.54
CA VAL X 5 93.67 -49.63 -41.62
C VAL X 5 93.67 -50.49 -42.87
N GLU X 6 94.76 -50.43 -43.64
CA GLU X 6 94.91 -51.21 -44.87
C GLU X 6 96.01 -52.24 -44.68
N THR X 7 95.69 -53.51 -44.93
CA THR X 7 96.65 -54.60 -44.93
C THR X 7 96.47 -55.40 -46.22
N GLY X 8 97.52 -56.14 -46.58
CA GLY X 8 97.45 -57.06 -47.70
C GLY X 8 98.03 -56.57 -49.00
N GLY X 9 99.09 -55.77 -48.97
CA GLY X 9 99.76 -55.31 -50.17
C GLY X 9 101.14 -55.94 -50.32
N GLY X 10 101.77 -55.61 -51.44
CA GLY X 10 103.10 -56.11 -51.72
C GLY X 10 103.35 -56.17 -53.21
N LEU X 11 104.38 -56.93 -53.58
CA LEU X 11 104.80 -57.08 -54.96
C LEU X 11 104.36 -58.44 -55.50
N VAL X 12 103.73 -58.44 -56.66
CA VAL X 12 103.36 -59.67 -57.36
C VAL X 12 103.71 -59.49 -58.84
N GLN X 13 103.80 -60.62 -59.53
CA GLN X 13 104.04 -60.59 -60.97
C GLN X 13 102.76 -60.20 -61.71
N THR X 14 102.91 -59.89 -63.00
CA THR X 14 101.77 -59.51 -63.82
C THR X 14 100.81 -60.69 -63.96
N GLY X 15 99.54 -60.47 -63.64
CA GLY X 15 98.54 -61.51 -63.66
C GLY X 15 98.30 -62.19 -62.34
N GLY X 16 98.99 -61.78 -61.28
CA GLY X 16 98.81 -62.36 -59.97
C GLY X 16 97.52 -61.91 -59.31
N SER X 17 97.49 -62.02 -57.98
CA SER X 17 96.31 -61.65 -57.22
C SER X 17 96.72 -61.13 -55.85
N LEU X 18 95.90 -60.23 -55.31
CA LEU X 18 96.07 -59.72 -53.96
C LEU X 18 94.69 -59.54 -53.34
N ARG X 19 94.68 -59.39 -52.01
CA ARG X 19 93.44 -59.16 -51.27
C ARG X 19 93.70 -58.08 -50.24
N LEU X 20 93.16 -56.89 -50.47
CA LEU X 20 93.30 -55.77 -49.54
C LEU X 20 92.19 -55.83 -48.50
N SER X 21 92.56 -55.66 -47.24
CA SER X 21 91.62 -55.66 -46.12
C SER X 21 91.71 -54.32 -45.39
N CYS X 22 90.56 -53.70 -45.15
CA CYS X 22 90.50 -52.41 -44.48
C CYS X 22 89.66 -52.55 -43.22
N LYS X 23 90.32 -52.43 -42.06
CA LYS X 23 89.64 -52.45 -40.76
C LYS X 23 89.23 -51.03 -40.41
N ALA X 24 87.92 -50.80 -40.31
CA ALA X 24 87.36 -49.49 -40.02
C ALA X 24 86.96 -49.45 -38.55
N SER X 25 87.63 -48.62 -37.77
CA SER X 25 87.38 -48.54 -36.34
C SER X 25 87.11 -47.09 -35.93
N GLY X 26 86.48 -46.93 -34.77
CA GLY X 26 86.26 -45.62 -34.21
C GLY X 26 84.80 -45.20 -34.07
N ARG X 27 83.99 -45.51 -35.07
CA ARG X 27 82.60 -45.07 -35.08
C ARG X 27 81.74 -46.15 -35.74
N THR X 28 80.48 -45.82 -35.99
CA THR X 28 79.55 -46.71 -36.66
C THR X 28 79.44 -46.32 -38.14
N PHE X 29 79.55 -47.31 -39.02
CA PHE X 29 79.49 -47.11 -40.46
C PHE X 29 78.25 -47.75 -41.08
N SER X 30 77.13 -47.74 -40.35
CA SER X 30 75.92 -48.38 -40.85
C SER X 30 75.42 -47.71 -42.12
N ASN X 31 75.34 -46.39 -42.11
CA ASN X 31 74.88 -45.62 -43.27
C ASN X 31 76.05 -44.90 -43.95
N SER X 32 77.17 -45.61 -44.11
CA SER X 32 78.41 -45.04 -44.62
C SER X 32 78.86 -45.78 -45.86
N ILE X 33 79.18 -45.04 -46.91
CA ILE X 33 79.76 -45.62 -48.13
C ILE X 33 81.24 -45.87 -47.89
N MET X 34 81.71 -47.06 -48.24
CA MET X 34 83.10 -47.45 -48.04
C MET X 34 83.73 -47.70 -49.40
N GLY X 35 84.86 -47.04 -49.67
CA GLY X 35 85.48 -47.11 -50.98
C GLY X 35 86.98 -47.26 -50.91
N TRP X 36 87.57 -47.49 -52.08
CA TRP X 36 89.01 -47.60 -52.26
C TRP X 36 89.48 -46.59 -53.29
N PHE X 37 90.68 -46.06 -53.08
CA PHE X 37 91.33 -45.16 -54.02
C PHE X 37 92.76 -45.64 -54.22
N ARG X 38 93.44 -45.07 -55.22
CA ARG X 38 94.83 -45.40 -55.44
C ARG X 38 95.56 -44.16 -55.96
N GLN X 39 96.87 -44.11 -55.69
CA GLN X 39 97.71 -42.98 -56.07
C GLN X 39 99.04 -43.53 -56.56
N ALA X 40 99.36 -43.25 -57.81
CA ALA X 40 100.69 -43.55 -58.33
C ALA X 40 101.65 -42.44 -57.89
N PRO X 41 102.94 -42.75 -57.78
CA PRO X 41 103.91 -41.72 -57.37
C PRO X 41 103.97 -40.59 -58.39
N GLY X 42 103.81 -39.36 -57.91
CA GLY X 42 103.84 -38.20 -58.78
C GLY X 42 102.66 -38.06 -59.71
N LYS X 43 101.61 -38.85 -59.52
CA LYS X 43 100.40 -38.76 -60.31
C LYS X 43 99.22 -38.46 -59.38
N GLU X 44 98.10 -38.06 -59.97
CA GLU X 44 96.92 -37.73 -59.19
C GLU X 44 96.29 -39.00 -58.62
N ARG X 45 95.66 -38.86 -57.45
CA ARG X 45 94.95 -39.96 -56.83
C ARG X 45 93.64 -40.21 -57.57
N ASP X 46 93.38 -41.47 -57.91
CA ASP X 46 92.23 -41.83 -58.73
C ASP X 46 91.36 -42.86 -58.03
N PHE X 47 90.11 -42.92 -58.47
CA PHE X 47 89.09 -43.78 -57.90
C PHE X 47 89.11 -45.14 -58.59
N VAL X 48 88.90 -46.20 -57.79
CA VAL X 48 88.95 -47.56 -58.31
C VAL X 48 87.66 -48.33 -58.04
N ALA X 49 87.08 -48.17 -56.85
CA ALA X 49 85.89 -48.94 -56.50
C ALA X 49 85.27 -48.34 -55.24
N LYS X 50 83.98 -48.57 -55.07
CA LYS X 50 83.27 -48.16 -53.87
C LYS X 50 82.06 -49.06 -53.70
N ILE X 51 81.58 -49.14 -52.46
CA ILE X 51 80.40 -49.94 -52.14
C ILE X 51 79.57 -49.14 -51.13
N SER X 52 78.28 -49.03 -51.39
CA SER X 52 77.39 -48.21 -50.58
C SER X 52 76.91 -49.02 -49.38
N TRP X 53 75.91 -48.48 -48.68
CA TRP X 53 75.22 -49.20 -47.62
C TRP X 53 73.81 -49.58 -48.02
N ARG X 54 73.38 -49.21 -49.24
CA ARG X 54 72.06 -49.57 -49.77
C ARG X 54 72.25 -50.80 -50.66
N ASN X 55 72.00 -51.98 -50.11
CA ASN X 55 72.06 -53.24 -50.84
C ASN X 55 73.45 -53.50 -51.42
N ASP X 56 74.48 -52.94 -50.78
CA ASP X 56 75.87 -53.12 -51.20
C ASP X 56 76.06 -52.75 -52.66
N TYR X 57 75.51 -51.61 -53.05
CA TYR X 57 75.63 -51.13 -54.43
C TYR X 57 77.08 -50.81 -54.74
N THR X 58 77.65 -51.52 -55.70
CA THR X 58 79.06 -51.41 -56.05
C THR X 58 79.24 -50.51 -57.26
N THR X 59 80.35 -49.78 -57.28
CA THR X 59 80.68 -48.86 -58.37
C THR X 59 82.17 -48.99 -58.66
N TYR X 60 82.50 -49.40 -59.88
CA TYR X 60 83.88 -49.64 -60.28
C TYR X 60 84.32 -48.65 -61.34
N ALA X 61 85.62 -48.39 -61.39
CA ALA X 61 86.19 -47.61 -62.47
C ALA X 61 86.35 -48.48 -63.71
N ASP X 62 86.33 -47.84 -64.89
CA ASP X 62 86.48 -48.59 -66.13
C ASP X 62 87.81 -49.33 -66.19
N SER X 63 88.85 -48.78 -65.57
CA SER X 63 90.17 -49.41 -65.63
C SER X 63 90.19 -50.76 -64.92
N VAL X 64 89.35 -50.95 -63.92
CA VAL X 64 89.37 -52.13 -63.08
C VAL X 64 88.14 -52.99 -63.22
N LYS X 65 87.14 -52.56 -64.00
CA LYS X 65 85.91 -53.32 -64.13
C LYS X 65 86.18 -54.69 -64.74
N GLY X 66 85.69 -55.73 -64.08
CA GLY X 66 85.92 -57.10 -64.47
C GLY X 66 87.11 -57.75 -63.80
N ARG X 67 88.04 -56.96 -63.27
CA ARG X 67 89.24 -57.47 -62.62
C ARG X 67 89.21 -57.37 -61.11
N PHE X 68 88.67 -56.28 -60.56
CA PHE X 68 88.57 -56.11 -59.12
C PHE X 68 87.16 -56.44 -58.65
N THR X 69 87.05 -56.74 -57.35
CA THR X 69 85.75 -57.02 -56.73
C THR X 69 85.77 -56.51 -55.31
N ILE X 70 84.87 -55.59 -54.98
CA ILE X 70 84.85 -54.93 -53.68
C ILE X 70 83.72 -55.51 -52.85
N SER X 71 83.97 -55.69 -51.55
CA SER X 71 82.95 -56.19 -50.63
C SER X 71 83.10 -55.48 -49.29
N ARG X 72 82.08 -55.62 -48.44
CA ARG X 72 82.12 -55.04 -47.11
C ARG X 72 81.40 -55.94 -46.14
N ASP X 73 81.83 -55.90 -44.87
CA ASP X 73 81.22 -56.65 -43.79
C ASP X 73 81.05 -55.71 -42.59
N ASN X 74 79.80 -55.40 -42.27
CA ASN X 74 79.52 -54.54 -41.13
C ASN X 74 79.69 -55.28 -39.82
N ALA X 75 79.38 -56.58 -39.80
CA ALA X 75 79.56 -57.37 -38.58
C ALA X 75 81.02 -57.46 -38.17
N SER X 76 81.93 -57.46 -39.15
CA SER X 76 83.36 -57.43 -38.88
C SER X 76 83.95 -56.02 -38.95
N ASN X 77 83.17 -55.04 -39.39
CA ASN X 77 83.64 -53.66 -39.58
C ASN X 77 84.86 -53.63 -40.48
N MET X 78 84.81 -54.39 -41.57
CA MET X 78 85.91 -54.43 -42.52
C MET X 78 85.34 -54.21 -43.93
N VAL X 79 86.24 -53.85 -44.84
CA VAL X 79 85.90 -53.72 -46.26
C VAL X 79 87.08 -54.22 -47.09
N TYR X 80 86.80 -55.14 -48.01
CA TYR X 80 87.81 -55.85 -48.76
C TYR X 80 87.80 -55.43 -50.23
N LEU X 81 88.98 -55.49 -50.84
CA LEU X 81 89.16 -55.33 -52.28
C LEU X 81 89.93 -56.52 -52.80
N LEU X 82 89.24 -57.40 -53.53
CA LEU X 82 89.86 -58.56 -54.17
C LEU X 82 90.40 -58.12 -55.52
N MET X 83 91.73 -58.17 -55.66
CA MET X 83 92.43 -57.73 -56.87
C MET X 83 92.91 -58.97 -57.62
N ASN X 84 92.09 -59.44 -58.56
CA ASN X 84 92.46 -60.51 -59.46
C ASN X 84 92.84 -59.94 -60.82
N ASN X 85 93.75 -60.63 -61.51
CA ASN X 85 94.22 -60.25 -62.83
C ASN X 85 94.82 -58.84 -62.80
N LEU X 86 96.01 -58.76 -62.20
CA LEU X 86 96.68 -57.49 -62.01
C LEU X 86 97.57 -57.14 -63.19
N LYS X 87 97.68 -55.84 -63.46
CA LYS X 87 98.54 -55.28 -64.49
C LYS X 87 99.53 -54.32 -63.87
N PRO X 88 100.68 -54.09 -64.51
CA PRO X 88 101.59 -53.03 -64.02
C PRO X 88 100.94 -51.67 -63.98
N GLU X 89 99.90 -51.44 -64.78
CA GLU X 89 99.12 -50.22 -64.68
C GLU X 89 98.53 -50.04 -63.29
N ASP X 90 98.20 -51.14 -62.62
CA ASP X 90 97.59 -51.10 -61.29
C ASP X 90 98.60 -50.86 -60.17
N THR X 91 99.88 -50.67 -60.49
CA THR X 91 100.89 -50.45 -59.46
C THR X 91 100.75 -49.05 -58.89
N ALA X 92 100.46 -48.95 -57.59
CA ALA X 92 100.24 -47.68 -56.93
C ALA X 92 100.14 -47.93 -55.43
N VAL X 93 99.71 -46.90 -54.69
CA VAL X 93 99.45 -47.00 -53.26
C VAL X 93 97.95 -46.89 -53.05
N TYR X 94 97.36 -47.90 -52.42
CA TYR X 94 95.91 -47.99 -52.28
C TYR X 94 95.49 -47.48 -50.90
N TYR X 95 94.46 -46.62 -50.90
CA TYR X 95 93.94 -46.00 -49.69
C TYR X 95 92.50 -46.44 -49.47
N CYS X 96 92.16 -46.69 -48.21
CA CYS X 96 90.79 -46.97 -47.82
C CYS X 96 90.10 -45.66 -47.44
N ALA X 97 88.81 -45.55 -47.78
CA ALA X 97 88.07 -44.32 -47.55
C ALA X 97 86.68 -44.63 -47.01
N ALA X 98 86.25 -43.83 -46.04
CA ALA X 98 84.92 -43.94 -45.45
C ALA X 98 84.22 -42.61 -45.52
N THR X 99 82.89 -42.65 -45.42
CA THR X 99 82.04 -41.49 -45.65
C THR X 99 81.15 -41.24 -44.45
N LYS X 100 80.97 -39.97 -44.09
CA LYS X 100 80.08 -39.62 -42.99
C LYS X 100 78.66 -40.11 -43.27
N ALA X 101 77.90 -40.31 -42.20
CA ALA X 101 76.60 -40.97 -42.30
C ALA X 101 75.67 -40.23 -43.26
N TYR X 102 74.96 -41.00 -44.07
CA TYR X 102 73.97 -40.52 -45.04
C TYR X 102 74.53 -39.52 -46.03
N ASN X 103 75.85 -39.40 -46.12
CA ASN X 103 76.50 -38.57 -47.12
C ASN X 103 76.93 -39.42 -48.30
N GLY X 104 77.12 -38.76 -49.44
CA GLY X 104 77.54 -39.46 -50.64
C GLY X 104 79.04 -39.44 -50.82
N GLY X 105 79.51 -40.41 -51.60
CA GLY X 105 80.91 -40.49 -51.97
C GLY X 105 81.08 -40.50 -53.47
N GLU X 106 81.78 -39.50 -54.01
CA GLU X 106 81.94 -39.34 -55.44
C GLU X 106 83.33 -39.74 -55.88
N THR X 107 83.48 -39.93 -57.19
CA THR X 107 84.75 -40.40 -57.75
C THR X 107 85.88 -39.40 -57.56
N SER X 108 85.55 -38.10 -57.55
CA SER X 108 86.56 -37.06 -57.42
C SER X 108 87.16 -36.99 -56.02
N GLY X 109 86.62 -37.71 -55.05
CA GLY X 109 87.01 -37.59 -53.68
C GLY X 109 86.05 -36.79 -52.83
N ARG X 110 85.05 -36.16 -53.44
CA ARG X 110 84.00 -35.48 -52.69
C ARG X 110 83.33 -36.46 -51.73
N GLY X 111 82.91 -35.94 -50.58
CA GLY X 111 82.60 -36.86 -49.50
C GLY X 111 83.90 -37.47 -49.01
N PHE X 112 83.81 -38.73 -48.56
CA PHE X 112 84.96 -39.51 -48.10
C PHE X 112 85.82 -38.70 -47.12
N TYR X 113 85.27 -38.51 -45.93
CA TYR X 113 85.94 -37.70 -44.93
C TYR X 113 87.08 -38.46 -44.26
N TYR X 114 86.94 -39.76 -44.08
CA TYR X 114 87.94 -40.58 -43.40
C TYR X 114 88.81 -41.28 -44.41
N TRP X 115 90.13 -41.15 -44.26
CA TRP X 115 91.09 -41.76 -45.16
C TRP X 115 92.13 -42.54 -44.36
N GLY X 116 92.68 -43.59 -44.99
CA GLY X 116 93.69 -44.38 -44.35
C GLY X 116 95.09 -44.12 -44.89
N GLN X 117 96.11 -44.54 -44.14
CA GLN X 117 97.49 -44.32 -44.58
C GLN X 117 97.79 -45.04 -45.88
N GLY X 118 97.13 -46.16 -46.14
CA GLY X 118 97.28 -46.89 -47.38
C GLY X 118 98.31 -48.00 -47.29
N THR X 119 98.39 -48.77 -48.38
CA THR X 119 99.36 -49.85 -48.49
C THR X 119 99.92 -49.87 -49.91
N GLN X 120 101.13 -50.38 -50.05
CA GLN X 120 101.84 -50.39 -51.33
C GLN X 120 101.46 -51.61 -52.15
N VAL X 121 101.19 -51.39 -53.43
CA VAL X 121 100.87 -52.47 -54.37
C VAL X 121 101.75 -52.31 -55.60
N THR X 122 102.60 -53.31 -55.85
CA THR X 122 103.55 -53.30 -56.95
C THR X 122 103.32 -54.52 -57.83
N VAL X 123 103.18 -54.29 -59.14
CA VAL X 123 102.96 -55.36 -60.10
C VAL X 123 104.09 -55.31 -61.12
N SER X 124 104.87 -56.38 -61.19
CA SER X 124 106.01 -56.49 -62.09
C SER X 124 105.71 -57.50 -63.19
N SER X 125 106.64 -57.62 -64.13
CA SER X 125 106.49 -58.54 -65.25
C SER X 125 107.25 -59.84 -64.99
N SER Y 2 88.06 -23.13 -30.29
CA SER Y 2 88.47 -22.25 -31.38
C SER Y 2 88.89 -23.06 -32.61
N VAL Y 3 88.10 -22.97 -33.67
CA VAL Y 3 88.36 -23.71 -34.90
C VAL Y 3 87.91 -22.85 -36.08
N THR Y 4 88.58 -23.01 -37.21
CA THR Y 4 88.35 -22.16 -38.37
C THR Y 4 86.98 -22.47 -38.98
N VAL Y 5 86.15 -21.43 -39.10
CA VAL Y 5 84.83 -21.52 -39.71
C VAL Y 5 84.82 -20.64 -40.95
N LYS Y 6 84.26 -21.16 -42.04
CA LYS Y 6 84.21 -20.42 -43.30
C LYS Y 6 82.85 -20.60 -43.95
N ARG Y 7 82.38 -19.54 -44.60
CA ARG Y 7 81.13 -19.58 -45.34
C ARG Y 7 81.35 -20.26 -46.68
N ILE Y 8 80.53 -21.27 -46.98
CA ILE Y 8 80.80 -22.13 -48.13
C ILE Y 8 80.50 -21.44 -49.45
N ILE Y 9 79.73 -20.35 -49.45
CA ILE Y 9 79.31 -19.77 -50.73
C ILE Y 9 80.46 -19.01 -51.39
N ASP Y 10 81.38 -18.46 -50.61
CA ASP Y 10 82.47 -17.68 -51.18
C ASP Y 10 83.75 -17.81 -50.35
N ASN Y 11 83.87 -18.90 -49.61
CA ASN Y 11 85.03 -19.18 -48.76
C ASN Y 11 85.34 -18.03 -47.81
N THR Y 12 84.33 -17.24 -47.46
CA THR Y 12 84.51 -16.14 -46.53
C THR Y 12 84.75 -16.67 -45.12
N VAL Y 13 85.84 -16.25 -44.49
CA VAL Y 13 86.10 -16.63 -43.11
C VAL Y 13 85.15 -15.88 -42.20
N ILE Y 14 84.62 -16.58 -41.20
CA ILE Y 14 83.76 -15.98 -40.18
C ILE Y 14 84.27 -16.41 -38.82
N VAL Y 15 84.17 -15.51 -37.84
CA VAL Y 15 84.60 -15.80 -36.48
C VAL Y 15 83.40 -15.61 -35.55
N PRO Y 16 82.63 -16.67 -35.28
CA PRO Y 16 81.50 -16.54 -34.34
C PRO Y 16 82.01 -16.46 -32.91
N LYS Y 17 81.65 -15.38 -32.22
CA LYS Y 17 82.09 -15.15 -30.85
C LYS Y 17 80.95 -14.55 -30.05
N LEU Y 18 80.92 -14.84 -28.76
CA LEU Y 18 79.84 -14.41 -27.89
C LEU Y 18 80.36 -13.44 -26.83
N PRO Y 19 79.51 -12.52 -26.37
CA PRO Y 19 79.89 -11.68 -25.24
C PRO Y 19 80.20 -12.53 -24.02
N ALA Y 20 81.29 -12.18 -23.34
CA ALA Y 20 81.77 -12.94 -22.19
C ALA Y 20 81.39 -12.24 -20.89
N ASN Y 21 81.02 -13.04 -19.90
CA ASN Y 21 80.77 -12.56 -18.55
C ASN Y 21 81.69 -13.32 -17.60
N GLU Y 22 82.55 -12.60 -16.90
CA GLU Y 22 83.54 -13.22 -16.03
C GLU Y 22 82.86 -14.05 -14.94
N ASP Y 23 82.26 -13.37 -13.96
CA ASP Y 23 81.63 -13.99 -12.80
C ASP Y 23 82.50 -15.11 -12.21
N PRO Y 24 83.70 -14.76 -11.71
CA PRO Y 24 84.56 -15.80 -11.12
C PRO Y 24 83.98 -16.35 -9.84
N VAL Y 25 84.64 -17.35 -9.27
CA VAL Y 25 84.17 -18.04 -8.08
C VAL Y 25 85.27 -18.01 -7.03
N GLU Y 26 84.92 -17.62 -5.81
CA GLU Y 26 85.86 -17.50 -4.70
C GLU Y 26 85.60 -18.63 -3.70
N TYR Y 27 86.67 -19.34 -3.32
CA TYR Y 27 86.64 -20.42 -2.34
C TYR Y 27 87.11 -19.92 -0.99
N PRO Y 28 86.58 -20.48 0.11
CA PRO Y 28 86.94 -19.96 1.44
C PRO Y 28 88.42 -20.14 1.79
N ALA Y 29 89.06 -21.21 1.33
CA ALA Y 29 90.48 -21.41 1.61
C ALA Y 29 91.33 -20.32 0.97
N ASP Y 30 90.89 -19.77 -0.16
CA ASP Y 30 91.64 -18.68 -0.80
C ASP Y 30 91.57 -17.39 0.00
N TYR Y 31 90.63 -17.30 0.95
CA TYR Y 31 90.53 -16.11 1.79
C TYR Y 31 91.51 -16.15 2.96
N PHE Y 32 91.52 -17.27 3.69
CA PHE Y 32 92.33 -17.35 4.90
C PHE Y 32 93.83 -17.41 4.61
N ARG Y 33 94.23 -17.77 3.38
CA ARG Y 33 95.63 -17.63 3.01
C ARG Y 33 96.05 -16.18 2.86
N LYS Y 34 95.10 -15.26 2.78
CA LYS Y 34 95.37 -13.83 2.80
C LYS Y 34 95.27 -13.27 4.22
N SER Y 35 94.07 -13.33 4.80
CA SER Y 35 93.82 -12.84 6.16
C SER Y 35 93.51 -14.03 7.05
N LYS Y 36 94.33 -14.22 8.09
CA LYS Y 36 94.19 -15.35 9.00
C LYS Y 36 93.10 -15.12 10.05
N GLU Y 37 92.16 -14.21 9.81
CA GLU Y 37 91.08 -13.91 10.75
C GLU Y 37 90.09 -12.97 10.07
N ILE Y 38 88.84 -13.06 10.49
CA ILE Y 38 87.76 -12.22 9.98
C ILE Y 38 87.50 -11.10 10.97
N PRO Y 39 87.46 -9.84 10.53
CA PRO Y 39 87.19 -8.74 11.46
C PRO Y 39 85.71 -8.39 11.54
N LEU Y 40 85.30 -7.97 12.74
CA LEU Y 40 83.94 -7.50 12.99
C LEU Y 40 84.02 -6.05 13.45
N TYR Y 41 83.57 -5.12 12.62
CA TYR Y 41 83.58 -3.70 12.95
C TYR Y 41 82.41 -3.41 13.87
N ILE Y 42 82.71 -3.12 15.14
CA ILE Y 42 81.68 -2.84 16.13
C ILE Y 42 82.14 -1.69 17.02
N ASN Y 43 81.17 -0.91 17.50
CA ASN Y 43 81.45 0.31 18.27
C ASN Y 43 81.27 0.01 19.75
N THR Y 44 82.38 0.00 20.49
CA THR Y 44 82.36 -0.31 21.91
C THR Y 44 82.72 0.93 22.73
N THR Y 45 81.82 1.92 22.68
CA THR Y 45 81.98 3.14 23.48
C THR Y 45 80.74 3.51 24.28
N LYS Y 46 79.57 2.98 23.96
CA LYS Y 46 78.34 3.35 24.67
C LYS Y 46 78.04 2.36 25.79
N SER Y 47 76.77 2.25 26.17
CA SER Y 47 76.34 1.41 27.26
C SER Y 47 75.24 0.47 26.80
N LEU Y 48 75.13 -0.67 27.49
CA LEU Y 48 74.09 -1.65 27.17
C LEU Y 48 72.70 -1.08 27.44
N SER Y 49 72.52 -0.47 28.62
CA SER Y 49 71.19 -0.08 29.06
C SER Y 49 70.60 1.04 28.20
N ASP Y 50 71.46 1.89 27.62
CA ASP Y 50 70.95 2.92 26.71
C ASP Y 50 70.70 2.36 25.32
N LEU Y 51 71.58 1.48 24.83
CA LEU Y 51 71.36 0.83 23.54
C LEU Y 51 70.06 0.04 23.54
N ARG Y 52 69.67 -0.51 24.69
CA ARG Y 52 68.42 -1.25 24.79
C ARG Y 52 67.22 -0.39 24.43
N GLY Y 53 67.06 0.75 25.14
CA GLY Y 53 65.99 1.66 24.80
C GLY Y 53 66.14 2.25 23.41
N TYR Y 54 67.37 2.45 22.96
CA TYR Y 54 67.61 2.92 21.60
C TYR Y 54 66.97 2.00 20.58
N VAL Y 55 67.24 0.70 20.67
CA VAL Y 55 66.69 -0.24 19.70
C VAL Y 55 65.22 -0.53 19.96
N TYR Y 56 64.71 -0.36 21.19
CA TYR Y 56 63.29 -0.58 21.42
C TYR Y 56 62.46 0.54 20.82
N GLN Y 57 62.74 1.79 21.23
CA GLN Y 57 62.00 2.92 20.68
C GLN Y 57 62.29 3.11 19.19
N GLY Y 58 63.49 2.77 18.75
CA GLY Y 58 63.75 2.76 17.33
C GLY Y 58 63.02 1.64 16.61
N LEU Y 59 62.69 0.58 17.34
CA LEU Y 59 61.93 -0.51 16.74
C LEU Y 59 60.46 -0.14 16.56
N LYS Y 60 59.80 0.36 17.62
CA LYS Y 60 58.39 0.69 17.51
C LYS Y 60 58.13 1.76 16.45
N SER Y 61 59.13 2.59 16.16
CA SER Y 61 59.05 3.56 15.07
C SER Y 61 59.72 3.02 13.82
N GLY Y 62 59.47 3.70 12.70
CA GLY Y 62 60.08 3.28 11.44
C GLY Y 62 61.58 3.51 11.38
N ASN Y 63 62.10 4.44 12.17
CA ASN Y 63 63.50 4.79 12.13
C ASN Y 63 64.30 3.94 13.11
N VAL Y 64 65.37 3.32 12.62
CA VAL Y 64 66.27 2.54 13.46
C VAL Y 64 67.62 2.44 12.76
N SER Y 65 68.69 2.73 13.50
CA SER Y 65 70.03 2.66 12.96
C SER Y 65 70.51 1.21 12.95
N ILE Y 66 70.94 0.73 11.79
CA ILE Y 66 71.50 -0.61 11.69
C ILE Y 66 72.73 -0.72 12.58
N ILE Y 67 73.53 0.36 12.64
CA ILE Y 67 74.69 0.40 13.51
C ILE Y 67 74.29 0.29 14.97
N HIS Y 68 73.06 0.67 15.30
CA HIS Y 68 72.61 0.58 16.69
C HIS Y 68 72.09 -0.81 17.05
N VAL Y 69 71.61 -1.57 16.06
CA VAL Y 69 71.15 -2.93 16.35
C VAL Y 69 72.30 -3.92 16.28
N ASN Y 70 73.25 -3.73 15.37
CA ASN Y 70 74.45 -4.57 15.41
C ASN Y 70 75.37 -4.14 16.55
N SER Y 71 75.43 -2.83 16.83
CA SER Y 71 76.14 -2.35 18.01
C SER Y 71 75.50 -2.90 19.28
N TYR Y 72 74.17 -2.94 19.31
CA TYR Y 72 73.47 -3.51 20.46
C TYR Y 72 73.78 -4.99 20.62
N LEU Y 73 73.62 -5.75 19.53
CA LEU Y 73 73.69 -7.22 19.62
C LEU Y 73 74.99 -7.70 20.25
N TYR Y 74 76.07 -6.93 20.14
CA TYR Y 74 77.27 -7.25 20.92
C TYR Y 74 77.06 -6.93 22.39
N GLY Y 75 76.24 -5.92 22.70
CA GLY Y 75 75.97 -5.61 24.10
C GLY Y 75 75.04 -6.61 24.75
N ALA Y 76 73.99 -7.02 24.04
CA ALA Y 76 73.06 -8.02 24.55
C ALA Y 76 73.77 -9.31 24.93
N LEU Y 77 74.99 -9.51 24.46
CA LEU Y 77 75.80 -10.64 24.88
C LEU Y 77 77.26 -10.45 24.47
N LYS Y 78 78.14 -10.28 25.45
CA LYS Y 78 79.57 -10.18 25.15
C LYS Y 78 80.19 -11.56 25.02
N ASP Y 79 79.87 -12.48 25.92
CA ASP Y 79 80.37 -13.86 25.84
C ASP Y 79 79.39 -14.79 26.54
N ILE Y 80 79.19 -15.96 25.96
CA ILE Y 80 78.37 -17.02 26.52
C ILE Y 80 79.27 -18.19 26.91
N ARG Y 81 78.95 -18.80 28.06
CA ARG Y 81 79.65 -20.01 28.48
C ARG Y 81 79.59 -21.08 27.39
N GLY Y 82 80.75 -21.54 26.96
CA GLY Y 82 80.83 -22.57 25.94
C GLY Y 82 81.98 -23.51 26.12
N LYS Y 83 81.79 -24.57 26.90
CA LYS Y 83 82.82 -25.58 27.11
C LYS Y 83 82.84 -26.54 25.92
N LEU Y 84 84.03 -26.81 25.40
CA LEU Y 84 84.18 -27.68 24.25
C LEU Y 84 84.32 -29.13 24.66
N ASP Y 85 83.80 -30.03 23.84
CA ASP Y 85 84.01 -31.45 24.05
C ASP Y 85 85.38 -31.88 23.57
N LYS Y 86 85.85 -31.29 22.47
CA LYS Y 86 87.17 -31.58 21.93
C LYS Y 86 87.71 -30.31 21.28
N ASP Y 87 88.87 -30.45 20.63
CA ASP Y 87 89.49 -29.32 19.95
C ASP Y 87 88.60 -28.82 18.82
N TRP Y 88 88.66 -27.51 18.57
CA TRP Y 88 87.86 -26.87 17.54
C TRP Y 88 88.76 -25.95 16.73
N SER Y 89 89.02 -26.32 15.48
CA SER Y 89 89.87 -25.54 14.61
C SER Y 89 89.35 -25.64 13.18
N SER Y 90 89.49 -24.55 12.42
CA SER Y 90 88.98 -24.50 11.06
C SER Y 90 89.80 -23.49 10.26
N PHE Y 91 90.38 -23.97 9.14
CA PHE Y 91 91.17 -23.14 8.23
C PHE Y 91 92.39 -22.53 8.92
N GLY Y 92 93.20 -23.39 9.53
CA GLY Y 92 94.39 -22.92 10.23
C GLY Y 92 94.14 -22.00 11.41
N ILE Y 93 92.91 -21.89 11.88
CA ILE Y 93 92.56 -21.05 13.02
C ILE Y 93 92.13 -21.98 14.14
N ASN Y 94 92.93 -22.07 15.20
CA ASN Y 94 92.59 -22.89 16.36
C ASN Y 94 91.70 -22.05 17.27
N ILE Y 95 90.38 -22.18 17.05
CA ILE Y 95 89.41 -21.41 17.83
C ILE Y 95 89.52 -21.77 19.30
N GLY Y 96 89.42 -23.05 19.62
CA GLY Y 96 89.54 -23.51 20.98
C GLY Y 96 90.06 -24.93 21.06
N LYS Y 97 90.94 -25.19 22.03
CA LYS Y 97 91.52 -26.51 22.24
C LYS Y 97 91.14 -27.00 23.63
N ALA Y 98 91.11 -28.33 23.78
CA ALA Y 98 90.70 -28.98 25.02
C ALA Y 98 89.29 -28.55 25.41
N GLY Y 99 89.15 -27.75 26.47
CA GLY Y 99 87.85 -27.35 26.94
C GLY Y 99 87.77 -25.90 27.40
N ASP Y 100 88.13 -24.98 26.52
CA ASP Y 100 88.01 -23.56 26.84
C ASP Y 100 86.55 -23.13 26.83
N THR Y 101 86.27 -22.02 27.51
CA THR Y 101 84.93 -21.44 27.54
C THR Y 101 84.81 -20.48 26.35
N ILE Y 102 84.48 -21.07 25.20
CA ILE Y 102 84.44 -20.32 23.94
C ILE Y 102 83.30 -19.31 24.00
N GLY Y 103 83.64 -18.03 23.98
CA GLY Y 103 82.64 -17.00 23.76
C GLY Y 103 82.19 -17.00 22.31
N ILE Y 104 80.96 -16.53 22.10
CA ILE Y 104 80.38 -16.51 20.75
C ILE Y 104 81.23 -15.68 19.82
N PHE Y 105 81.93 -14.67 20.34
CA PHE Y 105 82.77 -13.81 19.53
C PHE Y 105 84.25 -14.18 19.61
N ASP Y 106 84.57 -15.38 20.11
CA ASP Y 106 85.91 -15.91 19.94
C ASP Y 106 86.19 -16.27 18.49
N LEU Y 107 85.14 -16.57 17.72
CA LEU Y 107 85.30 -16.90 16.31
C LEU Y 107 85.91 -15.74 15.54
N VAL Y 108 85.21 -14.60 15.52
CA VAL Y 108 85.67 -13.42 14.79
C VAL Y 108 86.61 -12.60 15.66
N SER Y 109 87.32 -11.66 15.04
CA SER Y 109 88.10 -10.68 15.77
C SER Y 109 87.31 -9.39 15.88
N LEU Y 110 87.55 -8.65 16.97
CA LEU Y 110 86.82 -7.44 17.27
C LEU Y 110 87.62 -6.23 16.81
N LYS Y 111 87.02 -5.42 15.94
CA LYS Y 111 87.58 -4.14 15.52
C LYS Y 111 86.63 -3.03 15.97
N ALA Y 112 86.91 -1.81 15.54
CA ALA Y 112 86.15 -0.64 15.96
C ALA Y 112 85.67 0.13 14.75
N LEU Y 113 84.36 0.24 14.59
CA LEU Y 113 83.79 1.10 13.56
C LEU Y 113 83.92 2.56 13.98
N ASP Y 114 84.38 3.39 13.06
CA ASP Y 114 84.62 4.79 13.33
C ASP Y 114 83.65 5.66 12.54
N GLY Y 115 83.46 6.89 13.02
CA GLY Y 115 82.62 7.85 12.34
C GLY Y 115 81.41 8.28 13.15
N VAL Y 116 80.39 8.81 12.46
CA VAL Y 116 79.20 9.32 13.13
C VAL Y 116 78.44 8.16 13.78
N LEU Y 117 77.62 8.51 14.77
CA LEU Y 117 76.74 7.55 15.41
C LEU Y 117 75.57 8.27 16.08
N PRO Y 118 74.58 8.71 15.30
CA PRO Y 118 73.42 9.37 15.91
C PRO Y 118 72.58 8.38 16.70
N ASP Y 119 72.09 8.84 17.85
CA ASP Y 119 71.32 7.97 18.73
C ASP Y 119 69.88 7.80 18.25
N GLY Y 120 69.22 8.90 17.89
CA GLY Y 120 67.86 8.85 17.40
C GLY Y 120 66.83 9.11 18.49
N VAL Y 121 66.57 8.11 19.32
CA VAL Y 121 65.58 8.24 20.39
C VAL Y 121 65.92 7.32 21.57
N THR Y 127 64.82 -2.55 31.32
CA THR Y 127 65.14 -3.64 32.23
C THR Y 127 66.03 -4.68 31.55
N SER Y 128 66.68 -5.51 32.37
CA SER Y 128 67.48 -6.61 31.84
C SER Y 128 66.63 -7.76 31.33
N ALA Y 129 65.31 -7.70 31.49
CA ALA Y 129 64.44 -8.73 30.95
C ALA Y 129 64.36 -8.67 29.43
N ASP Y 130 64.63 -7.52 28.82
CA ASP Y 130 64.61 -7.42 27.37
C ASP Y 130 65.80 -8.12 26.73
N ASP Y 131 66.92 -8.22 27.45
CA ASP Y 131 68.06 -8.98 26.95
C ASP Y 131 67.79 -10.47 26.87
N LYS Y 132 66.65 -10.94 27.37
CA LYS Y 132 66.30 -12.35 27.29
C LYS Y 132 65.75 -12.75 25.93
N TRP Y 133 65.19 -11.79 25.18
CA TRP Y 133 64.54 -12.11 23.91
C TRP Y 133 64.85 -11.15 22.78
N LEU Y 134 65.31 -9.93 23.06
CA LEU Y 134 65.61 -8.99 21.97
C LEU Y 134 66.66 -9.50 21.00
N PRO Y 135 67.77 -10.13 21.43
CA PRO Y 135 68.67 -10.73 20.44
C PRO Y 135 67.98 -11.77 19.57
N LEU Y 136 67.10 -12.61 20.16
CA LEU Y 136 66.35 -13.57 19.36
C LEU Y 136 65.52 -12.86 18.30
N TYR Y 137 64.88 -11.74 18.66
CA TYR Y 137 64.13 -10.94 17.71
C TYR Y 137 65.03 -10.48 16.56
N LEU Y 138 66.05 -9.70 16.90
CA LEU Y 138 66.94 -9.14 15.89
C LEU Y 138 67.52 -10.21 14.98
N LEU Y 139 67.85 -11.37 15.52
CA LEU Y 139 68.38 -12.44 14.69
C LEU Y 139 67.30 -13.04 13.80
N GLY Y 140 66.07 -13.12 14.30
CA GLY Y 140 64.98 -13.66 13.49
C GLY Y 140 64.59 -12.74 12.35
N LEU Y 141 64.70 -11.42 12.55
CA LEU Y 141 64.40 -10.49 11.47
C LEU Y 141 65.28 -10.70 10.24
N TYR Y 142 66.48 -11.28 10.41
CA TYR Y 142 67.30 -11.61 9.25
C TYR Y 142 66.66 -12.74 8.45
N ARG Y 143 66.10 -13.74 9.13
CA ARG Y 143 65.45 -14.84 8.45
C ARG Y 143 64.15 -14.39 7.78
N VAL Y 144 63.42 -13.47 8.42
CA VAL Y 144 62.19 -12.98 7.81
C VAL Y 144 62.46 -11.97 6.70
N GLY Y 145 63.61 -11.30 6.74
CA GLY Y 145 63.92 -10.28 5.76
C GLY Y 145 64.52 -10.75 4.46
N ARG Y 146 64.64 -12.07 4.26
CA ARG Y 146 65.24 -12.62 3.06
C ARG Y 146 64.21 -13.08 2.04
N THR Y 147 62.93 -12.77 2.24
CA THR Y 147 61.87 -13.20 1.35
C THR Y 147 61.01 -12.01 0.95
N GLN Y 148 60.00 -12.29 0.13
CA GLN Y 148 59.03 -11.28 -0.28
C GLN Y 148 57.62 -11.84 -0.37
N MET Y 149 57.42 -13.14 -0.26
CA MET Y 149 56.09 -13.72 -0.33
C MET Y 149 55.32 -13.39 0.93
N PRO Y 150 54.09 -12.86 0.82
CA PRO Y 150 53.31 -12.56 2.04
C PRO Y 150 53.06 -13.79 2.89
N GLU Y 151 52.55 -14.87 2.29
CA GLU Y 151 52.26 -16.09 3.06
C GLU Y 151 53.51 -16.60 3.77
N TYR Y 152 54.66 -16.57 3.08
CA TYR Y 152 55.91 -16.98 3.72
C TYR Y 152 56.41 -15.93 4.70
N ARG Y 153 56.03 -14.66 4.52
CA ARG Y 153 56.32 -13.66 5.53
C ARG Y 153 55.43 -13.77 6.76
N LYS Y 154 54.38 -14.59 6.71
CA LYS Y 154 53.61 -14.91 7.90
C LYS Y 154 54.27 -15.99 8.74
N LYS Y 155 55.54 -16.25 8.50
CA LYS Y 155 56.38 -17.00 9.43
C LYS Y 155 57.04 -16.09 10.47
N LEU Y 156 57.04 -14.78 10.22
CA LEU Y 156 57.38 -13.84 11.28
C LEU Y 156 56.47 -14.04 12.49
N MET Y 157 55.23 -14.49 12.26
CA MET Y 157 54.36 -14.90 13.36
C MET Y 157 55.03 -15.97 14.21
N ASP Y 158 55.68 -16.95 13.57
CA ASP Y 158 56.42 -17.95 14.32
C ASP Y 158 57.65 -17.33 14.99
N GLY Y 159 58.28 -16.35 14.33
CA GLY Y 159 59.31 -15.57 14.99
C GLY Y 159 58.84 -14.91 16.28
N LEU Y 160 57.58 -14.50 16.32
CA LEU Y 160 56.99 -13.97 17.54
C LEU Y 160 56.75 -15.08 18.55
N THR Y 161 56.04 -16.14 18.13
CA THR Y 161 55.68 -17.23 19.02
C THR Y 161 56.91 -17.85 19.69
N ASN Y 162 58.06 -17.80 19.01
CA ASN Y 162 59.29 -18.26 19.65
C ASN Y 162 59.76 -17.32 20.75
N GLN Y 163 59.20 -16.12 20.84
CA GLN Y 163 59.49 -15.22 21.95
C GLN Y 163 58.44 -15.26 23.03
N CYS Y 164 57.18 -15.51 22.68
CA CYS Y 164 56.14 -15.68 23.69
C CYS Y 164 56.46 -16.80 24.66
N LYS Y 165 57.42 -17.67 24.33
CA LYS Y 165 57.95 -18.66 25.25
C LYS Y 165 59.11 -18.12 26.09
N MET Y 166 59.43 -16.83 25.94
CA MET Y 166 60.35 -16.14 26.85
C MET Y 166 59.56 -15.26 27.83
N ILE Y 167 58.74 -14.37 27.29
CA ILE Y 167 57.81 -13.56 28.07
C ILE Y 167 56.46 -13.61 27.37
N ASN Y 168 55.41 -13.95 28.12
CA ASN Y 168 54.09 -14.12 27.53
C ASN Y 168 53.56 -12.81 26.96
N GLU Y 169 53.95 -11.68 27.53
CA GLU Y 169 53.46 -10.38 27.12
C GLU Y 169 54.29 -9.77 25.99
N GLN Y 170 55.10 -10.57 25.30
CA GLN Y 170 55.83 -10.05 24.16
C GLN Y 170 54.89 -9.81 22.99
N PHE Y 171 55.07 -8.67 22.33
CA PHE Y 171 54.36 -8.37 21.10
C PHE Y 171 55.29 -7.60 20.18
N GLU Y 172 55.12 -7.82 18.87
CA GLU Y 172 55.96 -7.29 17.82
C GLU Y 172 56.13 -5.77 17.95
N PRO Y 173 57.33 -5.29 18.28
CA PRO Y 173 57.55 -3.84 18.36
C PRO Y 173 57.81 -3.22 16.98
N LEU Y 174 57.02 -3.62 15.99
CA LEU Y 174 57.12 -3.07 14.65
C LEU Y 174 55.73 -2.88 14.07
N VAL Y 175 55.56 -1.78 13.34
CA VAL Y 175 54.30 -1.47 12.65
C VAL Y 175 54.10 -2.49 11.53
N PRO Y 176 52.89 -2.62 10.97
CA PRO Y 176 52.75 -3.47 9.77
C PRO Y 176 53.65 -3.05 8.63
N GLU Y 177 54.06 -1.77 8.60
CA GLU Y 177 55.15 -1.33 7.73
C GLU Y 177 56.47 -1.98 8.10
N GLY Y 178 56.52 -2.71 9.22
CA GLY Y 178 57.77 -3.34 9.64
C GLY Y 178 58.40 -4.23 8.58
N ARG Y 179 57.56 -4.90 7.78
CA ARG Y 179 58.06 -5.72 6.67
C ARG Y 179 59.08 -5.00 5.81
N ASP Y 180 59.06 -3.67 5.80
CA ASP Y 180 59.89 -2.87 4.93
C ASP Y 180 61.19 -2.39 5.57
N ILE Y 181 61.36 -2.55 6.89
CA ILE Y 181 62.50 -1.96 7.57
C ILE Y 181 63.70 -2.91 7.61
N PHE Y 182 63.51 -4.09 8.21
CA PHE Y 182 64.65 -4.94 8.54
C PHE Y 182 65.31 -5.57 7.32
N ASP Y 183 64.70 -5.47 6.13
CA ASP Y 183 65.32 -6.03 4.93
C ASP Y 183 66.71 -5.46 4.71
N VAL Y 184 66.86 -4.14 4.87
CA VAL Y 184 68.14 -3.47 4.68
C VAL Y 184 69.21 -4.06 5.59
N TRP Y 185 68.81 -4.67 6.71
CA TRP Y 185 69.76 -5.29 7.62
C TRP Y 185 70.60 -6.35 6.92
N GLY Y 186 70.12 -6.91 5.81
CA GLY Y 186 70.91 -7.88 5.07
C GLY Y 186 72.18 -7.32 4.47
N ASN Y 187 72.25 -6.00 4.27
CA ASN Y 187 73.40 -5.40 3.62
C ASN Y 187 74.55 -5.09 4.57
N ASP Y 188 74.28 -5.00 5.87
CA ASP Y 188 75.34 -4.72 6.83
C ASP Y 188 76.24 -5.95 6.99
N SER Y 189 77.52 -5.79 6.66
CA SER Y 189 78.45 -6.90 6.79
C SER Y 189 78.59 -7.35 8.23
N ASN Y 190 78.62 -6.41 9.17
CA ASN Y 190 78.80 -6.76 10.57
C ASN Y 190 77.61 -7.52 11.11
N TYR Y 191 76.40 -7.19 10.66
CA TYR Y 191 75.20 -7.90 11.10
C TYR Y 191 75.23 -9.36 10.63
N THR Y 192 75.55 -9.58 9.36
CA THR Y 192 75.63 -10.94 8.84
C THR Y 192 76.74 -11.72 9.52
N LYS Y 193 77.87 -11.05 9.81
CA LYS Y 193 78.91 -11.70 10.61
C LYS Y 193 78.41 -12.05 11.99
N ILE Y 194 77.50 -11.25 12.55
CA ILE Y 194 76.94 -11.56 13.86
C ILE Y 194 76.06 -12.79 13.81
N VAL Y 195 75.11 -12.82 12.86
CA VAL Y 195 74.21 -13.98 12.78
C VAL Y 195 74.98 -15.24 12.43
N ALA Y 196 76.06 -15.11 11.64
CA ALA Y 196 76.88 -16.27 11.33
C ALA Y 196 77.71 -16.72 12.53
N ALA Y 197 78.11 -15.78 13.39
CA ALA Y 197 78.78 -16.15 14.63
C ALA Y 197 77.83 -16.85 15.58
N VAL Y 198 76.57 -16.41 15.63
CA VAL Y 198 75.56 -17.07 16.46
C VAL Y 198 75.33 -18.49 15.96
N ASP Y 199 75.05 -18.64 14.66
CA ASP Y 199 74.70 -19.96 14.13
C ASP Y 199 75.90 -20.91 14.20
N MET Y 200 77.07 -20.46 13.76
CA MET Y 200 78.26 -21.29 13.86
C MET Y 200 78.58 -21.63 15.31
N PHE Y 201 78.31 -20.70 16.23
CA PHE Y 201 78.56 -20.94 17.64
C PHE Y 201 77.65 -22.06 18.17
N PHE Y 202 76.34 -21.89 18.04
CA PHE Y 202 75.40 -22.86 18.59
C PHE Y 202 75.37 -24.17 17.81
N HIS Y 203 75.94 -24.20 16.59
CA HIS Y 203 76.03 -25.47 15.88
C HIS Y 203 76.98 -26.44 16.58
N MET Y 204 77.87 -25.93 17.43
CA MET Y 204 78.68 -26.77 18.31
C MET Y 204 77.97 -27.04 19.63
N PHE Y 205 77.39 -25.99 20.22
CA PHE Y 205 76.65 -26.11 21.48
C PHE Y 205 75.17 -26.20 21.15
N LYS Y 206 74.77 -27.40 20.70
CA LYS Y 206 73.38 -27.62 20.31
C LYS Y 206 72.44 -27.69 21.51
N LYS Y 207 72.90 -28.23 22.64
CA LYS Y 207 72.08 -28.35 23.83
C LYS Y 207 72.26 -27.18 24.80
N HIS Y 208 73.04 -26.17 24.42
CA HIS Y 208 73.15 -24.98 25.25
C HIS Y 208 71.79 -24.28 25.31
N GLU Y 209 71.46 -23.74 26.48
CA GLU Y 209 70.11 -23.26 26.74
C GLU Y 209 69.72 -22.08 25.86
N CYS Y 210 70.67 -21.43 25.19
CA CYS Y 210 70.37 -20.33 24.28
C CYS Y 210 70.35 -20.75 22.82
N ALA Y 211 70.28 -22.06 22.56
CA ALA Y 211 70.28 -22.55 21.18
C ALA Y 211 69.03 -22.11 20.42
N SER Y 212 67.98 -21.69 21.12
CA SER Y 212 66.82 -21.12 20.45
C SER Y 212 67.20 -19.91 19.62
N PHE Y 213 68.30 -19.24 19.98
CA PHE Y 213 68.80 -18.11 19.22
C PHE Y 213 69.20 -18.50 17.80
N ARG Y 214 69.28 -19.79 17.49
CA ARG Y 214 69.52 -20.22 16.11
C ARG Y 214 68.32 -19.99 15.22
N TYR Y 215 67.11 -19.90 15.77
CA TYR Y 215 65.96 -19.53 14.96
C TYR Y 215 66.20 -18.14 14.36
N GLY Y 216 66.34 -18.09 13.04
CA GLY Y 216 66.65 -16.83 12.38
C GLY Y 216 68.02 -16.86 11.74
N THR Y 217 68.97 -17.52 12.39
CA THR Y 217 70.33 -17.62 11.88
C THR Y 217 70.59 -18.91 11.11
N ILE Y 218 69.66 -19.86 11.16
CA ILE Y 218 69.87 -21.14 10.47
C ILE Y 218 69.87 -20.97 8.96
N VAL Y 219 69.28 -19.89 8.44
CA VAL Y 219 69.36 -19.60 7.01
C VAL Y 219 70.73 -19.10 6.60
N SER Y 220 71.58 -18.76 7.56
CA SER Y 220 72.95 -18.36 7.25
C SER Y 220 73.86 -19.57 7.01
N ARG Y 221 73.44 -20.76 7.41
CA ARG Y 221 74.22 -21.96 7.20
C ARG Y 221 73.98 -22.51 5.80
N PHE Y 222 75.07 -22.73 5.07
CA PHE Y 222 75.01 -23.14 3.66
C PHE Y 222 74.14 -22.19 2.84
N LYS Y 223 74.20 -20.90 3.19
CA LYS Y 223 73.59 -19.87 2.38
C LYS Y 223 74.27 -19.81 1.02
N ASP Y 224 73.45 -19.71 -0.03
CA ASP Y 224 73.94 -19.73 -1.42
C ASP Y 224 74.68 -21.02 -1.72
N CYS Y 225 74.16 -22.14 -1.22
CA CYS Y 225 74.75 -23.46 -1.41
C CYS Y 225 73.65 -24.50 -1.64
N ALA Y 226 72.86 -24.29 -2.69
CA ALA Y 226 71.74 -25.19 -2.95
C ALA Y 226 72.20 -26.45 -3.68
N ALA Y 227 73.10 -26.31 -4.66
CA ALA Y 227 73.56 -27.48 -5.42
C ALA Y 227 74.23 -28.49 -4.51
N LEU Y 228 75.07 -28.03 -3.58
CA LEU Y 228 75.70 -28.91 -2.61
C LEU Y 228 74.65 -29.65 -1.78
N ALA Y 229 73.47 -29.06 -1.62
CA ALA Y 229 72.38 -29.74 -0.92
C ALA Y 229 71.69 -30.76 -1.84
N THR Y 230 71.51 -30.42 -3.11
CA THR Y 230 70.91 -31.37 -4.05
C THR Y 230 71.79 -32.60 -4.23
N PHE Y 231 73.11 -32.46 -4.06
CA PHE Y 231 73.98 -33.63 -4.12
C PHE Y 231 73.65 -34.61 -3.00
N GLY Y 232 73.58 -34.12 -1.76
CA GLY Y 232 73.19 -34.98 -0.66
C GLY Y 232 71.79 -35.51 -0.79
N HIS Y 233 70.88 -34.71 -1.34
CA HIS Y 233 69.50 -35.17 -1.54
C HIS Y 233 69.46 -36.32 -2.54
N LEU Y 234 70.24 -36.23 -3.62
CA LEU Y 234 70.28 -37.31 -4.59
C LEU Y 234 70.97 -38.54 -4.01
N CYS Y 235 72.03 -38.35 -3.23
CA CYS Y 235 72.68 -39.48 -2.57
C CYS Y 235 71.78 -40.12 -1.53
N LYS Y 236 70.79 -39.40 -1.01
CA LYS Y 236 69.85 -39.97 -0.05
C LYS Y 236 68.70 -40.68 -0.74
N ILE Y 237 68.10 -40.06 -1.76
CA ILE Y 237 66.98 -40.68 -2.45
C ILE Y 237 67.45 -41.90 -3.24
N THR Y 238 68.58 -41.79 -3.93
CA THR Y 238 69.12 -42.94 -4.65
C THR Y 238 69.61 -44.02 -3.69
N GLY Y 239 70.07 -43.63 -2.51
CA GLY Y 239 70.74 -44.54 -1.60
C GLY Y 239 72.13 -44.95 -2.00
N MET Y 240 72.60 -44.53 -3.18
CA MET Y 240 73.94 -44.87 -3.64
C MET Y 240 74.96 -43.94 -2.99
N SER Y 241 76.19 -44.44 -2.88
CA SER Y 241 77.27 -43.65 -2.28
C SER Y 241 77.59 -42.45 -3.15
N THR Y 242 78.33 -41.50 -2.56
CA THR Y 242 78.71 -40.30 -3.29
C THR Y 242 79.55 -40.64 -4.52
N GLU Y 243 80.50 -41.57 -4.36
CA GLU Y 243 81.33 -41.97 -5.49
C GLU Y 243 80.52 -42.69 -6.56
N ASP Y 244 79.58 -43.54 -6.15
CA ASP Y 244 78.73 -44.23 -7.12
C ASP Y 244 77.82 -43.26 -7.86
N VAL Y 245 77.26 -42.28 -7.15
CA VAL Y 245 76.45 -41.26 -7.81
C VAL Y 245 77.30 -40.43 -8.76
N THR Y 246 78.57 -40.21 -8.43
CA THR Y 246 79.42 -39.35 -9.25
C THR Y 246 79.58 -39.92 -10.66
N THR Y 247 79.66 -41.25 -10.79
CA THR Y 247 79.83 -41.85 -12.10
C THR Y 247 78.61 -41.67 -12.99
N TRP Y 248 77.41 -41.68 -12.40
CA TRP Y 248 76.17 -41.51 -13.18
C TRP Y 248 76.00 -40.10 -13.76
N ILE Y 249 77.00 -39.23 -13.62
CA ILE Y 249 77.00 -37.94 -14.30
C ILE Y 249 77.39 -38.16 -15.75
N LEU Y 250 76.45 -37.89 -16.67
CA LEU Y 250 76.65 -38.18 -18.08
C LEU Y 250 76.79 -36.93 -18.94
N ASN Y 251 76.59 -35.74 -18.38
CA ASN Y 251 76.74 -34.50 -19.13
C ASN Y 251 78.06 -33.82 -18.75
N ARG Y 252 78.56 -33.01 -19.69
CA ARG Y 252 79.86 -32.38 -19.47
C ARG Y 252 79.77 -31.19 -18.53
N GLU Y 253 78.76 -30.33 -18.70
CA GLU Y 253 78.58 -29.20 -17.80
C GLU Y 253 78.44 -29.67 -16.36
N VAL Y 254 77.66 -30.71 -16.13
CA VAL Y 254 77.48 -31.26 -14.78
C VAL Y 254 78.81 -31.79 -14.24
N ALA Y 255 79.67 -32.30 -15.12
CA ALA Y 255 80.97 -32.81 -14.67
C ALA Y 255 81.89 -31.65 -14.29
N ASP Y 256 81.89 -30.57 -15.07
CA ASP Y 256 82.71 -29.41 -14.74
C ASP Y 256 82.23 -28.76 -13.44
N GLU Y 257 80.91 -28.72 -13.23
CA GLU Y 257 80.38 -28.20 -11.98
C GLU Y 257 80.74 -29.12 -10.81
N MET Y 258 80.69 -30.43 -11.03
CA MET Y 258 81.05 -31.38 -9.98
C MET Y 258 82.52 -31.25 -9.61
N VAL Y 259 83.39 -31.00 -10.59
CA VAL Y 259 84.78 -30.69 -10.28
C VAL Y 259 84.88 -29.34 -9.59
N GLN Y 260 83.97 -28.42 -9.90
CA GLN Y 260 84.01 -27.10 -9.28
C GLN Y 260 83.72 -27.18 -7.79
N MET Y 261 82.68 -27.92 -7.40
CA MET Y 261 82.32 -28.00 -5.98
C MET Y 261 83.38 -28.73 -5.18
N MET Y 262 83.81 -29.90 -5.66
CA MET Y 262 84.67 -30.78 -4.88
C MET Y 262 86.13 -30.37 -4.88
N LEU Y 263 86.42 -29.08 -4.70
CA LEU Y 263 87.79 -28.64 -4.54
C LEU Y 263 88.33 -29.13 -3.20
N PRO Y 264 89.54 -29.69 -3.17
CA PRO Y 264 90.01 -30.43 -1.98
C PRO Y 264 90.70 -29.55 -0.94
N GLY Y 265 90.03 -28.46 -0.53
CA GLY Y 265 90.60 -27.60 0.48
C GLY Y 265 89.62 -26.69 1.19
N GLN Y 266 88.32 -26.96 1.01
CA GLN Y 266 87.29 -26.09 1.54
C GLN Y 266 86.56 -26.67 2.75
N GLU Y 267 86.94 -27.87 3.20
CA GLU Y 267 86.36 -28.47 4.40
C GLU Y 267 84.84 -28.58 4.32
N ILE Y 268 84.35 -29.02 3.15
CA ILE Y 268 82.91 -29.19 2.99
C ILE Y 268 82.36 -30.37 3.77
N ASP Y 269 83.23 -31.24 4.28
CA ASP Y 269 82.80 -32.40 5.06
C ASP Y 269 83.05 -32.25 6.56
N LYS Y 270 83.65 -31.14 6.98
CA LYS Y 270 83.87 -30.91 8.41
C LYS Y 270 82.56 -30.57 9.10
N ALA Y 271 82.37 -31.13 10.30
CA ALA Y 271 81.14 -30.90 11.05
C ALA Y 271 80.98 -29.43 11.42
N ASP Y 272 81.95 -28.89 12.14
CA ASP Y 272 81.91 -27.50 12.60
C ASP Y 272 83.06 -26.74 11.94
N SER Y 273 82.74 -26.00 10.88
CA SER Y 273 83.74 -25.28 10.11
C SER Y 273 83.18 -23.94 9.67
N TYR Y 274 84.08 -23.06 9.22
CA TYR Y 274 83.69 -21.75 8.71
C TYR Y 274 83.05 -21.82 7.33
N MET Y 275 83.19 -22.95 6.64
CA MET Y 275 82.75 -23.04 5.24
C MET Y 275 81.27 -22.76 5.03
N PRO Y 276 80.33 -23.34 5.79
CA PRO Y 276 78.91 -23.11 5.50
C PRO Y 276 78.47 -21.66 5.60
N TYR Y 277 79.29 -20.77 6.17
CA TYR Y 277 78.93 -19.38 6.39
C TYR Y 277 79.80 -18.44 5.56
N LEU Y 278 80.32 -18.93 4.44
CA LEU Y 278 81.25 -18.14 3.62
C LEU Y 278 80.61 -16.85 3.11
N ILE Y 279 79.29 -16.81 2.97
CA ILE Y 279 78.64 -15.63 2.43
C ILE Y 279 78.50 -14.56 3.51
N ASP Y 280 77.95 -14.92 4.66
CA ASP Y 280 77.76 -13.95 5.73
C ASP Y 280 79.07 -13.61 6.44
N PHE Y 281 80.03 -14.52 6.46
CA PHE Y 281 81.36 -14.23 6.99
C PHE Y 281 82.26 -13.57 5.96
N GLY Y 282 81.71 -13.14 4.82
CA GLY Y 282 82.47 -12.43 3.81
C GLY Y 282 83.66 -13.18 3.27
N LEU Y 283 83.65 -14.52 3.36
CA LEU Y 283 84.77 -15.30 2.85
C LEU Y 283 84.75 -15.40 1.33
N SER Y 284 83.61 -15.12 0.71
CA SER Y 284 83.47 -15.26 -0.74
C SER Y 284 82.26 -14.47 -1.19
N SER Y 285 82.45 -13.58 -2.17
CA SER Y 285 81.35 -12.80 -2.73
C SER Y 285 80.55 -13.56 -3.77
N LYS Y 286 81.04 -14.73 -4.22
CA LYS Y 286 80.32 -15.56 -5.18
C LYS Y 286 80.54 -17.02 -4.78
N SER Y 287 79.46 -17.79 -4.73
CA SER Y 287 79.63 -19.12 -4.15
C SER Y 287 79.84 -20.17 -5.23
N PRO Y 288 80.74 -21.13 -4.97
CA PRO Y 288 80.92 -22.26 -5.89
C PRO Y 288 79.88 -23.35 -5.77
N TYR Y 289 79.02 -23.31 -4.75
CA TYR Y 289 78.10 -24.40 -4.45
C TYR Y 289 76.64 -24.00 -4.65
N SER Y 290 76.39 -22.90 -5.35
CA SER Y 290 75.04 -22.38 -5.51
C SER Y 290 74.32 -23.05 -6.67
N SER Y 291 73.02 -22.72 -6.81
CA SER Y 291 72.23 -23.12 -7.95
C SER Y 291 72.31 -22.12 -9.10
N VAL Y 292 73.14 -21.10 -8.96
CA VAL Y 292 73.36 -20.12 -10.01
C VAL Y 292 74.65 -20.40 -10.78
N LYS Y 293 75.67 -20.92 -10.11
CA LYS Y 293 76.91 -21.35 -10.75
C LYS Y 293 76.96 -22.85 -10.99
N ASN Y 294 75.88 -23.57 -10.65
CA ASN Y 294 75.76 -24.99 -10.93
C ASN Y 294 74.33 -25.31 -11.34
N PRO Y 295 73.87 -24.78 -12.48
CA PRO Y 295 72.47 -24.96 -12.87
C PRO Y 295 72.18 -26.34 -13.45
N ALA Y 296 73.13 -26.89 -14.21
CA ALA Y 296 72.90 -28.20 -14.84
C ALA Y 296 72.88 -29.32 -13.80
N PHE Y 297 73.80 -29.27 -12.83
CA PHE Y 297 73.80 -30.27 -11.77
C PHE Y 297 72.56 -30.14 -10.89
N HIS Y 298 72.13 -28.90 -10.62
CA HIS Y 298 70.90 -28.69 -9.86
C HIS Y 298 69.71 -29.29 -10.58
N PHE Y 299 69.56 -28.97 -11.87
CA PHE Y 299 68.43 -29.47 -12.65
C PHE Y 299 68.47 -30.98 -12.79
N TRP Y 300 69.67 -31.55 -12.91
CA TRP Y 300 69.81 -32.99 -13.14
C TRP Y 300 69.58 -33.79 -11.87
N GLY Y 301 70.21 -33.38 -10.77
CA GLY Y 301 70.00 -34.08 -9.51
C GLY Y 301 68.60 -33.88 -8.95
N GLN Y 302 68.04 -32.68 -9.13
CA GLN Y 302 66.69 -32.42 -8.67
C GLN Y 302 65.65 -33.12 -9.54
N LEU Y 303 65.87 -33.17 -10.86
CA LEU Y 303 64.95 -33.89 -11.73
C LEU Y 303 65.01 -35.38 -11.49
N THR Y 304 66.23 -35.94 -11.37
CA THR Y 304 66.38 -37.35 -11.04
C THR Y 304 65.75 -37.67 -9.69
N ALA Y 305 65.90 -36.76 -8.72
CA ALA Y 305 65.29 -36.96 -7.41
C ALA Y 305 63.77 -36.92 -7.51
N LEU Y 306 63.22 -36.03 -8.35
CA LEU Y 306 61.77 -35.96 -8.52
C LEU Y 306 61.23 -37.23 -9.17
N LEU Y 307 61.93 -37.75 -10.18
CA LEU Y 307 61.50 -38.98 -10.81
C LEU Y 307 61.61 -40.16 -9.85
N LEU Y 308 62.49 -40.07 -8.84
CA LEU Y 308 62.58 -41.04 -7.77
C LEU Y 308 61.64 -40.73 -6.61
N ARG Y 309 60.64 -39.87 -6.84
CA ARG Y 309 59.54 -39.63 -5.91
C ARG Y 309 60.02 -38.91 -4.65
N SER Y 310 60.77 -37.83 -4.85
CA SER Y 310 61.09 -36.92 -3.76
C SER Y 310 59.94 -35.95 -3.54
N THR Y 311 59.78 -35.51 -2.29
CA THR Y 311 58.71 -34.59 -1.94
C THR Y 311 59.17 -33.13 -1.95
N ARG Y 312 60.47 -32.88 -1.90
CA ARG Y 312 60.99 -31.52 -1.90
C ARG Y 312 61.38 -31.04 -3.29
N ALA Y 313 61.57 -31.95 -4.25
CA ALA Y 313 62.01 -31.57 -5.58
C ALA Y 313 60.90 -30.93 -6.41
N ARG Y 314 59.64 -31.12 -6.02
CA ARG Y 314 58.53 -30.56 -6.80
C ARG Y 314 58.65 -29.04 -6.90
N ASN Y 315 59.10 -28.39 -5.84
CA ASN Y 315 59.13 -26.93 -5.75
C ASN Y 315 60.48 -26.34 -6.13
N ALA Y 316 61.47 -27.15 -6.47
CA ALA Y 316 62.76 -26.63 -6.89
C ALA Y 316 62.62 -25.88 -8.21
N ARG Y 317 63.35 -24.78 -8.33
CA ARG Y 317 63.19 -23.87 -9.47
C ARG Y 317 63.96 -24.35 -10.68
N GLN Y 318 63.37 -24.16 -11.86
CA GLN Y 318 64.00 -24.56 -13.10
C GLN Y 318 64.99 -23.49 -13.54
N PRO Y 319 66.29 -23.78 -13.63
CA PRO Y 319 67.27 -22.75 -14.02
C PRO Y 319 67.08 -22.24 -15.44
N ASP Y 320 67.95 -21.32 -15.86
CA ASP Y 320 67.90 -20.73 -17.18
C ASP Y 320 69.14 -21.10 -17.98
N ASP Y 321 68.95 -21.27 -19.29
CA ASP Y 321 70.04 -21.47 -20.25
C ASP Y 321 70.90 -22.67 -19.87
N ILE Y 322 70.31 -23.86 -20.03
CA ILE Y 322 71.01 -25.13 -19.86
C ILE Y 322 70.44 -26.13 -20.85
N GLU Y 323 71.20 -27.20 -21.09
CA GLU Y 323 70.80 -28.24 -22.03
C GLU Y 323 69.67 -29.06 -21.41
N TYR Y 324 68.45 -28.51 -21.47
CA TYR Y 324 67.30 -29.18 -20.85
C TYR Y 324 67.11 -30.58 -21.42
N THR Y 325 67.36 -30.77 -22.72
CA THR Y 325 67.11 -32.05 -23.36
C THR Y 325 68.08 -33.12 -22.86
N SER Y 326 69.38 -32.90 -23.06
CA SER Y 326 70.38 -33.88 -22.65
C SER Y 326 70.32 -34.16 -21.15
N LEU Y 327 70.07 -33.12 -20.35
CA LEU Y 327 69.97 -33.31 -18.91
C LEU Y 327 68.73 -34.13 -18.55
N THR Y 328 67.60 -33.86 -19.22
CA THR Y 328 66.39 -34.64 -18.96
C THR Y 328 66.59 -36.11 -19.31
N THR Y 329 67.22 -36.40 -20.45
CA THR Y 329 67.45 -37.79 -20.83
C THR Y 329 68.41 -38.47 -19.87
N ALA Y 330 69.52 -37.81 -19.55
CA ALA Y 330 70.48 -38.37 -18.59
C ALA Y 330 69.85 -38.60 -17.23
N GLY Y 331 68.87 -37.79 -16.86
CA GLY Y 331 68.15 -38.00 -15.62
C GLY Y 331 67.17 -39.15 -15.70
N LEU Y 332 66.53 -39.30 -16.87
CA LEU Y 332 65.58 -40.39 -17.06
C LEU Y 332 66.27 -41.74 -17.00
N LEU Y 333 67.44 -41.86 -17.63
CA LEU Y 333 68.16 -43.13 -17.58
C LEU Y 333 68.56 -43.48 -16.15
N TYR Y 334 69.01 -42.49 -15.38
CA TYR Y 334 69.39 -42.71 -13.99
C TYR Y 334 68.19 -43.12 -13.15
N ALA Y 335 67.07 -42.41 -13.31
CA ALA Y 335 65.87 -42.71 -12.53
C ALA Y 335 65.29 -44.07 -12.89
N TYR Y 336 65.42 -44.48 -14.16
CA TYR Y 336 64.95 -45.79 -14.57
C TYR Y 336 65.87 -46.89 -14.09
N ALA Y 337 67.18 -46.62 -14.01
CA ALA Y 337 68.11 -47.59 -13.46
C ALA Y 337 67.89 -47.79 -11.97
N VAL Y 338 67.65 -46.70 -11.24
CA VAL Y 338 67.40 -46.82 -9.80
C VAL Y 338 66.02 -47.41 -9.54
N GLY Y 339 65.05 -47.10 -10.41
CA GLY Y 339 63.69 -47.59 -10.24
C GLY Y 339 63.54 -49.06 -10.55
N SER Y 340 64.21 -49.53 -11.61
CA SER Y 340 64.15 -50.94 -11.97
C SER Y 340 64.93 -51.79 -10.97
N SER Y 341 66.23 -51.52 -10.83
CA SER Y 341 67.11 -52.32 -9.98
C SER Y 341 66.91 -51.90 -8.53
N ALA Y 342 65.88 -52.50 -7.90
CA ALA Y 342 65.67 -52.29 -6.48
C ALA Y 342 66.77 -52.93 -5.64
N ASP Y 343 67.46 -53.93 -6.19
CA ASP Y 343 68.59 -54.59 -5.53
C ASP Y 343 68.21 -55.11 -4.16
N LEU Y 344 67.07 -55.80 -4.09
CA LEU Y 344 66.64 -56.43 -2.85
C LEU Y 344 67.59 -57.56 -2.47
N ALA Y 345 67.95 -57.62 -1.19
CA ALA Y 345 68.85 -58.66 -0.70
C ALA Y 345 68.47 -58.99 0.74
N GLN Y 346 68.54 -60.28 1.06
CA GLN Y 346 68.25 -60.71 2.42
C GLN Y 346 69.27 -60.12 3.38
N GLN Y 347 68.81 -59.77 4.59
CA GLN Y 347 69.66 -59.14 5.59
C GLN Y 347 69.80 -59.94 6.87
N PHE Y 348 68.73 -60.59 7.32
CA PHE Y 348 68.76 -61.43 8.51
C PHE Y 348 68.24 -62.81 8.16
N CYS Y 349 68.86 -63.84 8.75
CA CYS Y 349 68.48 -65.23 8.50
C CYS Y 349 68.21 -65.93 9.84
N VAL Y 350 67.26 -66.86 9.81
CA VAL Y 350 66.84 -67.56 11.02
C VAL Y 350 67.61 -68.87 11.16
N GLY Y 351 67.26 -69.87 10.34
CA GLY Y 351 67.89 -71.17 10.44
C GLY Y 351 69.23 -71.22 9.74
N ASP Y 352 69.89 -70.05 9.66
CA ASP Y 352 71.15 -69.89 8.93
C ASP Y 352 71.01 -70.37 7.49
N ASN Y 353 69.81 -70.19 6.92
CA ASN Y 353 69.57 -70.43 5.51
C ASN Y 353 69.38 -69.09 4.82
N LYS Y 354 70.20 -68.85 3.79
CA LYS Y 354 70.10 -67.64 3.00
C LYS Y 354 69.64 -67.98 1.60
N TYR Y 355 69.09 -66.98 0.92
CA TYR Y 355 68.61 -67.17 -0.45
C TYR Y 355 69.76 -67.57 -1.36
N THR Y 356 69.73 -68.80 -1.87
CA THR Y 356 70.72 -69.28 -2.81
C THR Y 356 70.20 -69.09 -4.23
N PRO Y 357 70.79 -68.21 -5.03
CA PRO Y 357 70.28 -67.98 -6.38
C PRO Y 357 70.57 -69.16 -7.30
N ASP Y 358 69.69 -69.32 -8.28
CA ASP Y 358 69.78 -70.43 -9.23
C ASP Y 358 70.56 -69.99 -10.46
N ASP Y 359 71.62 -70.73 -10.80
CA ASP Y 359 72.45 -70.44 -11.94
C ASP Y 359 72.13 -71.32 -13.15
N SER Y 360 71.16 -72.22 -13.03
CA SER Y 360 70.79 -73.12 -14.11
C SER Y 360 69.83 -72.50 -15.11
N THR Y 361 69.53 -71.21 -14.99
CA THR Y 361 68.62 -70.53 -15.91
C THR Y 361 69.35 -70.23 -17.19
N GLY Y 362 69.15 -71.09 -18.20
CA GLY Y 362 69.86 -70.97 -19.46
C GLY Y 362 69.03 -70.62 -20.68
N GLY Y 363 67.78 -70.18 -20.50
CA GLY Y 363 66.97 -69.78 -21.63
C GLY Y 363 67.46 -68.52 -22.33
N LEU Y 364 68.48 -67.87 -21.79
CA LEU Y 364 69.09 -66.68 -22.37
C LEU Y 364 68.05 -65.56 -22.49
N THR Y 365 67.55 -65.11 -21.34
CA THR Y 365 66.65 -63.96 -21.28
C THR Y 365 67.49 -62.70 -21.49
N THR Y 366 67.89 -62.50 -22.75
CA THR Y 366 68.64 -61.32 -23.13
C THR Y 366 67.69 -60.18 -23.49
N ASN Y 367 68.27 -59.07 -23.94
CA ASN Y 367 67.51 -57.85 -24.24
C ASN Y 367 66.69 -57.40 -23.03
N ALA Y 368 67.18 -57.68 -21.83
CA ALA Y 368 66.62 -57.25 -20.57
C ALA Y 368 67.57 -56.28 -19.89
N PRO Y 369 67.06 -55.26 -19.19
CA PRO Y 369 67.93 -54.26 -18.57
C PRO Y 369 68.92 -54.91 -17.61
N PRO Y 370 70.04 -54.24 -17.33
CA PRO Y 370 71.03 -54.81 -16.40
C PRO Y 370 70.44 -55.04 -15.01
N GLN Y 371 71.23 -55.74 -14.19
CA GLN Y 371 70.77 -56.18 -12.88
C GLN Y 371 71.15 -55.21 -11.76
N GLY Y 372 72.38 -54.70 -11.76
CA GLY Y 372 72.81 -53.73 -10.77
C GLY Y 372 72.50 -52.31 -11.19
N ARG Y 373 73.24 -51.37 -10.58
CA ARG Y 373 73.13 -49.96 -10.91
C ARG Y 373 74.43 -49.45 -11.52
N ASP Y 374 75.13 -50.31 -12.24
CA ASP Y 374 76.40 -49.95 -12.86
C ASP Y 374 76.14 -49.12 -14.11
N VAL Y 375 76.83 -47.98 -14.22
CA VAL Y 375 76.67 -47.12 -15.40
C VAL Y 375 77.22 -47.81 -16.63
N VAL Y 376 78.25 -48.64 -16.46
CA VAL Y 376 78.91 -49.27 -17.60
C VAL Y 376 77.97 -50.23 -18.32
N GLU Y 377 77.02 -50.83 -17.60
CA GLU Y 377 76.07 -51.75 -18.20
C GLU Y 377 74.82 -51.03 -18.71
N TRP Y 378 74.36 -50.00 -18.00
CA TRP Y 378 73.17 -49.27 -18.42
C TRP Y 378 73.43 -48.37 -19.62
N LEU Y 379 74.67 -47.89 -19.79
CA LEU Y 379 75.01 -47.15 -21.00
C LEU Y 379 75.04 -48.09 -22.21
N GLY Y 380 75.49 -49.33 -22.00
CA GLY Y 380 75.46 -50.29 -23.10
C GLY Y 380 74.04 -50.71 -23.47
N TRP Y 381 73.23 -51.02 -22.45
CA TRP Y 381 71.81 -51.29 -22.71
C TRP Y 381 71.15 -50.10 -23.42
N PHE Y 382 71.50 -48.88 -23.00
CA PHE Y 382 70.98 -47.69 -23.66
C PHE Y 382 71.41 -47.62 -25.12
N GLU Y 383 72.66 -48.04 -25.39
CA GLU Y 383 73.12 -48.08 -26.78
C GLU Y 383 72.33 -49.10 -27.59
N ASP Y 384 72.06 -50.27 -27.01
CA ASP Y 384 71.19 -51.25 -27.68
C ASP Y 384 69.80 -50.69 -27.92
N GLN Y 385 69.34 -49.78 -27.06
CA GLN Y 385 68.08 -49.09 -27.29
C GLN Y 385 68.22 -47.92 -28.25
N ASN Y 386 69.35 -47.81 -28.95
CA ASN Y 386 69.61 -46.77 -29.95
C ASN Y 386 69.57 -45.37 -29.33
N ARG Y 387 69.94 -45.26 -28.06
CA ARG Y 387 70.07 -43.97 -27.37
C ARG Y 387 68.77 -43.16 -27.41
N LYS Y 388 67.64 -43.85 -27.50
CA LYS Y 388 66.32 -43.26 -27.40
C LYS Y 388 65.53 -43.95 -26.29
N PRO Y 389 64.84 -43.19 -25.44
CA PRO Y 389 64.16 -43.80 -24.29
C PRO Y 389 63.03 -44.71 -24.75
N THR Y 390 63.03 -45.95 -24.25
CA THR Y 390 62.01 -46.91 -24.57
C THR Y 390 60.66 -46.48 -24.00
N PRO Y 391 59.55 -47.03 -24.50
CA PRO Y 391 58.24 -46.68 -23.94
C PRO Y 391 58.08 -47.07 -22.48
N ASP Y 392 58.85 -48.04 -21.98
CA ASP Y 392 58.76 -48.38 -20.56
C ASP Y 392 59.45 -47.33 -19.70
N MET Y 393 60.48 -46.68 -20.24
CA MET Y 393 61.13 -45.58 -19.51
C MET Y 393 60.22 -44.36 -19.45
N MET Y 394 59.75 -43.90 -20.61
CA MET Y 394 58.85 -42.75 -20.64
C MET Y 394 57.56 -43.04 -19.87
N GLN Y 395 57.09 -44.29 -19.91
CA GLN Y 395 55.93 -44.65 -19.10
C GLN Y 395 56.26 -44.63 -17.62
N TYR Y 396 57.48 -45.05 -17.25
CA TYR Y 396 57.91 -44.94 -15.86
C TYR Y 396 57.88 -43.49 -15.39
N ALA Y 397 58.43 -42.59 -16.20
CA ALA Y 397 58.42 -41.17 -15.83
C ALA Y 397 56.99 -40.62 -15.77
N LYS Y 398 56.13 -41.06 -16.69
CA LYS Y 398 54.73 -40.64 -16.65
C LYS Y 398 54.08 -41.06 -15.34
N ARG Y 399 54.23 -42.34 -14.97
CA ARG Y 399 53.71 -42.83 -13.70
C ARG Y 399 54.35 -42.12 -12.51
N ALA Y 400 55.54 -41.54 -12.69
CA ALA Y 400 56.20 -40.85 -11.57
C ALA Y 400 55.70 -39.42 -11.41
N VAL Y 401 55.43 -38.72 -12.51
CA VAL Y 401 55.08 -37.31 -12.44
C VAL Y 401 53.58 -37.04 -12.49
N MET Y 402 52.78 -38.00 -12.95
CA MET Y 402 51.34 -37.83 -12.86
C MET Y 402 50.91 -37.85 -11.39
N SER Y 403 49.69 -37.40 -11.15
CA SER Y 403 49.12 -37.25 -9.81
C SER Y 403 49.88 -36.23 -8.97
N LEU Y 404 50.59 -35.30 -9.61
CA LEU Y 404 51.20 -34.16 -8.93
C LEU Y 404 50.34 -32.93 -9.21
N GLN Y 405 49.84 -32.31 -8.13
CA GLN Y 405 48.93 -31.19 -8.24
C GLN Y 405 49.47 -30.00 -7.44
N GLY Y 406 48.97 -28.82 -7.77
CA GLY Y 406 49.39 -27.60 -7.10
C GLY Y 406 50.83 -27.22 -7.37
N LEU Y 407 51.29 -27.41 -8.61
CA LEU Y 407 52.68 -27.14 -8.96
C LEU Y 407 52.90 -25.65 -9.23
N ARG Y 408 53.97 -25.12 -8.66
CA ARG Y 408 54.33 -23.73 -8.89
C ARG Y 408 54.97 -23.58 -10.27
N GLU Y 409 54.70 -22.46 -10.93
CA GLU Y 409 55.31 -22.18 -12.21
C GLU Y 409 56.83 -22.04 -12.06
N LYS Y 410 57.54 -22.25 -13.16
CA LYS Y 410 59.00 -22.14 -13.22
C LYS Y 410 59.69 -23.11 -12.27
N THR Y 411 59.02 -24.20 -11.88
CA THR Y 411 59.62 -25.24 -11.07
C THR Y 411 59.86 -26.48 -11.93
N ILE Y 412 60.82 -27.31 -11.48
CA ILE Y 412 61.09 -28.55 -12.18
C ILE Y 412 59.94 -29.54 -12.01
N GLY Y 413 59.09 -29.34 -11.00
CA GLY Y 413 57.93 -30.20 -10.85
C GLY Y 413 56.94 -30.05 -11.97
N LYS Y 414 56.57 -28.80 -12.30
CA LYS Y 414 55.70 -28.57 -13.44
C LYS Y 414 56.41 -28.85 -14.77
N TYR Y 415 57.74 -28.79 -14.79
CA TYR Y 415 58.45 -29.11 -16.02
C TYR Y 415 58.41 -30.61 -16.30
N ALA Y 416 58.58 -31.43 -15.26
CA ALA Y 416 58.48 -32.89 -15.45
C ALA Y 416 57.03 -33.30 -15.67
N LYS Y 417 56.10 -32.72 -14.91
CA LYS Y 417 54.68 -32.99 -15.11
C LYS Y 417 54.24 -32.62 -16.53
N SER Y 418 54.75 -31.51 -17.06
CA SER Y 418 54.44 -31.12 -18.42
C SER Y 418 55.21 -31.92 -19.46
N GLU Y 419 56.35 -32.50 -19.09
CA GLU Y 419 57.21 -33.20 -20.03
C GLU Y 419 56.82 -34.66 -20.23
N PHE Y 420 56.45 -35.36 -19.16
CA PHE Y 420 56.23 -36.80 -19.24
C PHE Y 420 54.78 -37.22 -19.12
N ASP Y 421 53.85 -36.28 -18.86
CA ASP Y 421 52.44 -36.62 -18.67
C ASP Y 421 51.65 -36.14 -19.88
N LYS Y 422 51.62 -36.98 -20.93
CA LYS Y 422 50.81 -36.74 -22.11
C LYS Y 422 50.77 -38.00 -22.99
N GLN Z 1 83.26 -63.95 -4.62
CA GLN Z 1 82.95 -62.85 -5.53
C GLN Z 1 82.53 -63.37 -6.90
N VAL Z 2 83.26 -62.95 -7.92
CA VAL Z 2 83.03 -63.38 -9.30
C VAL Z 2 84.37 -63.83 -9.88
N GLN Z 3 84.42 -65.07 -10.37
CA GLN Z 3 85.67 -65.65 -10.85
C GLN Z 3 85.41 -66.54 -12.04
N LEU Z 4 86.45 -66.69 -12.87
CA LEU Z 4 86.45 -67.55 -14.04
C LEU Z 4 87.58 -68.55 -13.86
N VAL Z 5 87.25 -69.84 -13.83
CA VAL Z 5 88.21 -70.89 -13.51
C VAL Z 5 88.53 -71.65 -14.80
N GLU Z 6 89.81 -71.69 -15.16
CA GLU Z 6 90.26 -72.37 -16.36
C GLU Z 6 90.82 -73.75 -16.03
N THR Z 7 90.42 -74.74 -16.82
CA THR Z 7 90.95 -76.10 -16.72
C THR Z 7 91.26 -76.62 -18.10
N GLY Z 8 92.05 -77.69 -18.17
CA GLY Z 8 92.31 -78.38 -19.41
C GLY Z 8 93.63 -78.08 -20.09
N GLY Z 9 94.62 -77.57 -19.37
CA GLY Z 9 95.91 -77.26 -19.95
C GLY Z 9 96.92 -78.36 -19.69
N GLY Z 10 97.98 -78.35 -20.52
CA GLY Z 10 99.02 -79.33 -20.37
C GLY Z 10 100.03 -79.23 -21.50
N LEU Z 11 100.99 -80.15 -21.46
CA LEU Z 11 102.05 -80.23 -22.46
C LEU Z 11 101.74 -81.35 -23.43
N VAL Z 12 101.64 -81.01 -24.72
CA VAL Z 12 101.34 -81.97 -25.77
C VAL Z 12 102.38 -81.82 -26.88
N GLN Z 13 102.22 -82.61 -27.93
CA GLN Z 13 103.10 -82.57 -29.09
C GLN Z 13 102.47 -81.73 -30.20
N THR Z 14 103.30 -81.39 -31.19
CA THR Z 14 102.82 -80.65 -32.34
C THR Z 14 101.86 -81.52 -33.15
N GLY Z 15 100.71 -80.95 -33.52
CA GLY Z 15 99.65 -81.70 -34.16
C GLY Z 15 98.60 -82.24 -33.23
N GLY Z 16 98.89 -82.33 -31.94
CA GLY Z 16 97.92 -82.77 -30.96
C GLY Z 16 96.87 -81.70 -30.70
N SER Z 17 96.02 -82.00 -29.72
CA SER Z 17 94.88 -81.14 -29.44
C SER Z 17 94.70 -81.01 -27.93
N LEU Z 18 93.96 -79.96 -27.54
CA LEU Z 18 93.56 -79.73 -26.16
C LEU Z 18 92.16 -79.15 -26.16
N ARG Z 19 91.62 -78.94 -24.95
CA ARG Z 19 90.33 -78.30 -24.79
C ARG Z 19 90.33 -77.59 -23.44
N LEU Z 20 90.20 -76.27 -23.47
CA LEU Z 20 90.19 -75.46 -22.25
C LEU Z 20 88.75 -75.13 -21.87
N SER Z 21 88.39 -75.42 -20.62
CA SER Z 21 87.06 -75.15 -20.10
C SER Z 21 87.14 -74.02 -19.09
N CYS Z 22 86.27 -73.02 -19.24
CA CYS Z 22 86.22 -71.87 -18.33
C CYS Z 22 84.86 -71.88 -17.63
N LYS Z 23 84.89 -72.08 -16.31
CA LYS Z 23 83.70 -72.02 -15.47
C LYS Z 23 83.55 -70.57 -14.99
N ALA Z 24 82.52 -69.90 -15.47
CA ALA Z 24 82.22 -68.52 -15.09
C ALA Z 24 81.19 -68.53 -13.96
N SER Z 25 81.58 -68.03 -12.81
CA SER Z 25 80.71 -68.06 -11.63
C SER Z 25 80.76 -66.70 -10.94
N GLY Z 26 79.66 -66.36 -10.28
CA GLY Z 26 79.62 -65.14 -9.50
C GLY Z 26 78.48 -64.19 -9.86
N ARG Z 27 78.13 -64.13 -11.14
CA ARG Z 27 77.10 -63.20 -11.60
C ARG Z 27 76.38 -63.84 -12.78
N THR Z 28 75.59 -63.02 -13.49
CA THR Z 28 74.89 -63.45 -14.69
C THR Z 28 75.67 -63.00 -15.92
N PHE Z 29 75.87 -63.92 -16.86
CA PHE Z 29 76.58 -63.65 -18.11
C PHE Z 29 75.66 -63.74 -19.32
N SER Z 30 74.39 -63.38 -19.16
CA SER Z 30 73.45 -63.48 -20.26
C SER Z 30 73.78 -62.48 -21.36
N ASN Z 31 73.97 -61.21 -20.99
CA ASN Z 31 74.30 -60.15 -21.94
C ASN Z 31 75.78 -59.80 -21.90
N SER Z 32 76.64 -60.80 -21.71
CA SER Z 32 78.06 -60.61 -21.55
C SER Z 32 78.82 -61.22 -22.73
N ILE Z 33 79.94 -60.61 -23.08
CA ILE Z 33 80.81 -61.11 -24.14
C ILE Z 33 81.95 -61.89 -23.51
N MET Z 34 82.01 -63.19 -23.82
CA MET Z 34 83.08 -64.03 -23.29
C MET Z 34 84.24 -64.09 -24.28
N GLY Z 35 85.39 -64.52 -23.79
CA GLY Z 35 86.55 -64.58 -24.67
C GLY Z 35 87.73 -65.23 -23.99
N TRP Z 36 88.80 -65.37 -24.77
CA TRP Z 36 90.03 -65.97 -24.32
C TRP Z 36 91.21 -65.12 -24.77
N PHE Z 37 92.30 -65.19 -23.99
CA PHE Z 37 93.55 -64.51 -24.30
C PHE Z 37 94.69 -65.47 -23.98
N ARG Z 38 95.92 -65.01 -24.19
CA ARG Z 38 97.09 -65.81 -23.85
C ARG Z 38 98.30 -64.89 -23.73
N GLN Z 39 99.22 -65.26 -22.83
CA GLN Z 39 100.44 -64.51 -22.61
C GLN Z 39 101.60 -65.48 -22.47
N ALA Z 40 102.67 -65.23 -23.23
CA ALA Z 40 103.84 -66.09 -23.12
C ALA Z 40 104.87 -65.47 -22.19
N PRO Z 41 105.50 -66.27 -21.34
CA PRO Z 41 106.51 -65.73 -20.41
C PRO Z 41 107.67 -65.08 -21.15
N GLY Z 42 107.79 -63.75 -21.03
CA GLY Z 42 108.75 -62.98 -21.78
C GLY Z 42 108.15 -62.14 -22.88
N LYS Z 43 106.87 -62.30 -23.18
CA LYS Z 43 106.17 -61.51 -24.17
C LYS Z 43 104.86 -61.00 -23.57
N GLU Z 44 104.14 -60.21 -24.36
CA GLU Z 44 102.91 -59.57 -23.90
C GLU Z 44 101.69 -60.42 -24.27
N ARG Z 45 100.61 -60.18 -23.54
CA ARG Z 45 99.37 -60.94 -23.73
C ARG Z 45 98.80 -60.73 -25.13
N ASP Z 46 98.36 -61.82 -25.75
CA ASP Z 46 97.74 -61.80 -27.07
C ASP Z 46 96.27 -62.18 -26.98
N PHE Z 47 95.52 -61.78 -28.00
CA PHE Z 47 94.13 -62.18 -28.18
C PHE Z 47 94.07 -63.39 -29.09
N VAL Z 48 93.13 -64.30 -28.79
CA VAL Z 48 92.97 -65.49 -29.62
C VAL Z 48 91.57 -65.54 -30.21
N ALA Z 49 90.55 -65.61 -29.36
CA ALA Z 49 89.18 -65.70 -29.85
C ALA Z 49 88.25 -65.10 -28.81
N LYS Z 50 87.05 -64.74 -29.26
CA LYS Z 50 86.01 -64.23 -28.39
C LYS Z 50 84.67 -64.64 -28.97
N ILE Z 51 83.70 -64.89 -28.08
CA ILE Z 51 82.34 -65.23 -28.47
C ILE Z 51 81.39 -64.26 -27.79
N SER Z 52 80.51 -63.65 -28.58
CA SER Z 52 79.54 -62.71 -28.07
C SER Z 52 78.29 -63.45 -27.60
N TRP Z 53 77.34 -62.69 -27.05
CA TRP Z 53 76.05 -63.24 -26.66
C TRP Z 53 74.99 -63.07 -27.75
N ARG Z 54 75.26 -62.24 -28.75
CA ARG Z 54 74.33 -62.01 -29.86
C ARG Z 54 74.58 -63.08 -30.91
N ASN Z 55 73.72 -64.10 -30.94
CA ASN Z 55 73.77 -65.18 -31.92
C ASN Z 55 75.10 -65.92 -31.91
N ASP Z 56 75.84 -65.84 -30.80
CA ASP Z 56 77.13 -66.49 -30.63
C ASP Z 56 78.10 -66.10 -31.76
N TYR Z 57 78.24 -64.80 -31.97
CA TYR Z 57 79.14 -64.28 -33.00
C TYR Z 57 80.58 -64.45 -32.54
N THR Z 58 81.37 -65.20 -33.31
CA THR Z 58 82.73 -65.54 -32.94
C THR Z 58 83.73 -64.71 -33.71
N THR Z 59 84.82 -64.33 -33.05
CA THR Z 59 85.91 -63.58 -33.65
C THR Z 59 87.22 -64.26 -33.28
N TYR Z 60 87.97 -64.71 -34.28
CA TYR Z 60 89.21 -65.43 -34.07
C TYR Z 60 90.39 -64.60 -34.55
N ALA Z 61 91.53 -64.77 -33.87
CA ALA Z 61 92.77 -64.17 -34.35
C ALA Z 61 93.25 -64.90 -35.59
N ASP Z 62 93.98 -64.18 -36.44
CA ASP Z 62 94.50 -64.77 -37.68
C ASP Z 62 95.47 -65.89 -37.39
N SER Z 63 96.13 -65.87 -36.23
CA SER Z 63 97.09 -66.91 -35.89
C SER Z 63 96.42 -68.24 -35.60
N VAL Z 64 95.12 -68.25 -35.31
CA VAL Z 64 94.44 -69.44 -34.83
C VAL Z 64 93.23 -69.81 -35.67
N LYS Z 65 92.93 -69.07 -36.73
CA LYS Z 65 91.79 -69.41 -37.58
C LYS Z 65 91.97 -70.79 -38.20
N GLY Z 66 90.89 -71.56 -38.22
CA GLY Z 66 90.90 -72.90 -38.74
C GLY Z 66 91.45 -73.96 -37.81
N ARG Z 67 92.08 -73.57 -36.71
CA ARG Z 67 92.64 -74.51 -35.75
C ARG Z 67 91.89 -74.53 -34.43
N PHE Z 68 91.46 -73.37 -33.92
CA PHE Z 68 90.75 -73.28 -32.66
C PHE Z 68 89.26 -73.02 -32.92
N THR Z 69 88.44 -73.39 -31.94
CA THR Z 69 86.99 -73.21 -32.04
C THR Z 69 86.46 -72.86 -30.65
N ILE Z 70 85.93 -71.65 -30.50
CA ILE Z 70 85.41 -71.17 -29.22
C ILE Z 70 83.91 -71.36 -29.19
N SER Z 71 83.40 -71.82 -28.05
CA SER Z 71 81.96 -71.99 -27.86
C SER Z 71 81.59 -71.60 -26.44
N ARG Z 72 80.31 -71.43 -26.19
CA ARG Z 72 79.83 -71.08 -24.86
C ARG Z 72 78.51 -71.79 -24.56
N ASP Z 73 78.25 -72.00 -23.28
CA ASP Z 73 77.00 -72.54 -22.79
C ASP Z 73 76.56 -71.70 -21.61
N ASN Z 74 75.41 -71.04 -21.74
CA ASN Z 74 74.90 -70.17 -20.69
C ASN Z 74 74.20 -70.96 -19.59
N ALA Z 75 73.50 -72.05 -19.97
CA ALA Z 75 72.84 -72.88 -18.96
C ALA Z 75 73.86 -73.51 -18.02
N SER Z 76 75.05 -73.83 -18.52
CA SER Z 76 76.13 -74.37 -17.70
C SER Z 76 77.10 -73.29 -17.23
N ASN Z 77 76.97 -72.06 -17.73
CA ASN Z 77 77.85 -70.95 -17.36
C ASN Z 77 79.32 -71.28 -17.65
N MET Z 78 79.55 -71.97 -18.76
CA MET Z 78 80.91 -72.34 -19.14
C MET Z 78 81.20 -71.83 -20.55
N VAL Z 79 82.49 -71.75 -20.88
CA VAL Z 79 82.93 -71.35 -22.21
C VAL Z 79 84.19 -72.14 -22.54
N TYR Z 80 84.18 -72.82 -23.69
CA TYR Z 80 85.23 -73.74 -24.09
C TYR Z 80 86.03 -73.18 -25.27
N LEU Z 81 87.30 -73.57 -25.31
CA LEU Z 81 88.19 -73.33 -26.44
C LEU Z 81 88.76 -74.68 -26.87
N LEU Z 82 88.34 -75.15 -28.04
CA LEU Z 82 88.84 -76.39 -28.61
C LEU Z 82 90.07 -76.09 -29.45
N MET Z 83 91.19 -76.73 -29.09
CA MET Z 83 92.49 -76.43 -29.70
C MET Z 83 92.97 -77.66 -30.48
N ASN Z 84 92.41 -77.83 -31.68
CA ASN Z 84 92.90 -78.84 -32.61
C ASN Z 84 94.04 -78.26 -33.43
N ASN Z 85 94.94 -79.16 -33.87
CA ASN Z 85 96.07 -78.79 -34.73
C ASN Z 85 96.93 -77.72 -34.06
N LEU Z 86 97.60 -78.13 -32.99
CA LEU Z 86 98.42 -77.22 -32.21
C LEU Z 86 99.80 -77.05 -32.84
N LYS Z 87 100.40 -75.89 -32.59
CA LYS Z 87 101.72 -75.54 -33.07
C LYS Z 87 102.57 -75.07 -31.90
N PRO Z 88 103.90 -75.13 -32.02
CA PRO Z 88 104.76 -74.61 -30.95
C PRO Z 88 104.54 -73.14 -30.67
N GLU Z 89 104.10 -72.36 -31.68
CA GLU Z 89 103.81 -70.95 -31.46
C GLU Z 89 102.66 -70.74 -30.48
N ASP Z 90 101.79 -71.75 -30.31
CA ASP Z 90 100.68 -71.66 -29.37
C ASP Z 90 101.11 -71.80 -27.91
N THR Z 91 102.40 -71.97 -27.65
CA THR Z 91 102.89 -72.12 -26.29
C THR Z 91 102.73 -70.80 -25.53
N ALA Z 92 101.89 -70.81 -24.50
CA ALA Z 92 101.63 -69.62 -23.68
C ALA Z 92 100.76 -70.04 -22.50
N VAL Z 93 100.30 -69.06 -21.74
CA VAL Z 93 99.35 -69.26 -20.66
C VAL Z 93 98.03 -68.62 -21.09
N TYR Z 94 96.99 -69.43 -21.18
CA TYR Z 94 95.70 -68.98 -21.69
C TYR Z 94 94.79 -68.52 -20.56
N TYR Z 95 94.11 -67.41 -20.78
CA TYR Z 95 93.28 -66.76 -19.77
C TYR Z 95 91.84 -66.66 -20.28
N CYS Z 96 90.90 -66.91 -19.38
CA CYS Z 96 89.49 -66.69 -19.67
C CYS Z 96 89.11 -65.26 -19.29
N ALA Z 97 88.31 -64.62 -20.15
CA ALA Z 97 87.92 -63.24 -19.93
C ALA Z 97 86.42 -63.08 -20.14
N ALA Z 98 85.81 -62.25 -19.30
CA ALA Z 98 84.39 -61.94 -19.39
C ALA Z 98 84.21 -60.43 -19.39
N THR Z 99 83.09 -59.99 -19.96
CA THR Z 99 82.80 -58.57 -20.15
C THR Z 99 81.51 -58.21 -19.43
N LYS Z 100 81.47 -57.02 -18.85
CA LYS Z 100 80.25 -56.54 -18.20
C LYS Z 100 79.08 -56.53 -19.18
N ALA Z 101 77.87 -56.52 -18.63
CA ALA Z 101 76.67 -56.66 -19.44
C ALA Z 101 76.55 -55.52 -20.44
N TYR Z 102 76.14 -55.86 -21.66
CA TYR Z 102 75.93 -54.94 -22.77
C TYR Z 102 77.19 -54.14 -23.12
N ASN Z 103 78.34 -54.54 -22.58
CA ASN Z 103 79.61 -53.89 -22.90
C ASN Z 103 80.34 -54.65 -23.99
N GLY Z 104 81.35 -54.00 -24.55
CA GLY Z 104 82.10 -54.54 -25.66
C GLY Z 104 83.36 -55.28 -25.22
N GLY Z 105 83.81 -56.18 -26.09
CA GLY Z 105 85.06 -56.89 -25.90
C GLY Z 105 85.97 -56.73 -27.10
N GLU Z 106 87.06 -56.01 -26.93
CA GLU Z 106 87.97 -55.70 -28.02
C GLU Z 106 89.22 -56.56 -27.95
N THR Z 107 89.86 -56.74 -29.11
CA THR Z 107 91.06 -57.57 -29.17
C THR Z 107 92.20 -56.97 -28.35
N SER Z 108 92.20 -55.65 -28.16
CA SER Z 108 93.26 -55.00 -27.40
C SER Z 108 93.19 -55.31 -25.91
N GLY Z 109 92.07 -55.82 -25.42
CA GLY Z 109 91.83 -56.00 -24.01
C GLY Z 109 90.86 -55.00 -23.43
N ARG Z 110 90.44 -54.01 -24.20
CA ARG Z 110 89.41 -53.09 -23.75
C ARG Z 110 88.13 -53.85 -23.41
N GLY Z 111 87.34 -53.28 -22.51
CA GLY Z 111 86.31 -54.12 -21.95
C GLY Z 111 86.96 -55.24 -21.16
N PHE Z 112 86.32 -56.41 -21.16
CA PHE Z 112 86.83 -57.61 -20.50
C PHE Z 112 87.28 -57.28 -19.07
N TYR Z 113 86.27 -57.02 -18.22
CA TYR Z 113 86.55 -56.61 -16.85
C TYR Z 113 86.96 -57.79 -15.98
N TYR Z 114 86.47 -58.99 -16.28
CA TYR Z 114 86.72 -60.17 -15.48
C TYR Z 114 87.79 -61.03 -16.14
N TRP Z 115 88.67 -61.61 -15.32
CA TRP Z 115 89.77 -62.42 -15.81
C TRP Z 115 89.91 -63.66 -14.93
N GLY Z 116 90.65 -64.64 -15.46
CA GLY Z 116 90.95 -65.84 -14.71
C GLY Z 116 92.43 -66.01 -14.45
N GLN Z 117 92.77 -66.88 -13.49
CA GLN Z 117 94.17 -67.10 -13.16
C GLN Z 117 94.93 -67.78 -14.30
N GLY Z 118 94.23 -68.39 -15.25
CA GLY Z 118 94.85 -68.93 -16.44
C GLY Z 118 95.34 -70.36 -16.26
N THR Z 119 95.60 -71.01 -17.40
CA THR Z 119 96.14 -72.35 -17.42
C THR Z 119 97.28 -72.42 -18.42
N GLN Z 120 98.29 -73.22 -18.11
CA GLN Z 120 99.49 -73.30 -18.93
C GLN Z 120 99.27 -74.26 -20.11
N VAL Z 121 99.74 -73.86 -21.28
CA VAL Z 121 99.70 -74.68 -22.49
C VAL Z 121 101.06 -74.62 -23.15
N THR Z 122 101.71 -75.78 -23.28
CA THR Z 122 103.03 -75.88 -23.87
C THR Z 122 102.99 -76.90 -25.01
N VAL Z 123 103.59 -76.54 -26.14
CA VAL Z 123 103.64 -77.42 -27.31
C VAL Z 123 105.09 -77.57 -27.73
N SER Z 124 105.57 -78.82 -27.76
CA SER Z 124 106.92 -79.14 -28.18
C SER Z 124 106.85 -80.09 -29.38
N SER Z 125 108.02 -80.43 -29.92
CA SER Z 125 108.10 -81.33 -31.06
C SER Z 125 108.00 -82.79 -30.62
N SER AA 2 -22.87 83.45 -20.19
CA SER AA 2 -21.49 83.91 -20.10
C SER AA 2 -21.40 85.21 -19.30
N VAL AA 3 -20.58 85.20 -18.25
CA VAL AA 3 -20.38 86.36 -17.40
C VAL AA 3 -18.90 86.44 -17.06
N THR AA 4 -18.36 87.65 -16.98
CA THR AA 4 -16.94 87.85 -16.73
C THR AA 4 -16.58 87.37 -15.32
N VAL AA 5 -15.51 86.58 -15.23
CA VAL AA 5 -15.04 86.03 -13.97
C VAL AA 5 -13.59 86.45 -13.77
N LYS AA 6 -13.25 86.79 -12.52
CA LYS AA 6 -11.92 87.30 -12.20
C LYS AA 6 -11.36 86.56 -11.00
N ARG AA 7 -10.04 86.67 -10.85
CA ARG AA 7 -9.31 86.09 -9.71
C ARG AA 7 -8.94 87.24 -8.77
N ILE AA 8 -9.48 87.20 -7.55
CA ILE AA 8 -9.41 88.35 -6.67
C ILE AA 8 -8.02 88.64 -6.14
N ILE AA 9 -7.06 87.71 -6.30
CA ILE AA 9 -5.73 87.93 -5.75
C ILE AA 9 -4.94 88.92 -6.61
N ASP AA 10 -5.15 88.90 -7.93
CA ASP AA 10 -4.44 89.84 -8.81
C ASP AA 10 -5.32 90.36 -9.94
N ASN AA 11 -6.64 90.14 -9.87
CA ASN AA 11 -7.60 90.64 -10.86
C ASN AA 11 -7.28 90.17 -12.28
N THR AA 12 -6.72 88.97 -12.41
CA THR AA 12 -6.59 88.36 -13.72
C THR AA 12 -7.93 87.80 -14.16
N VAL AA 13 -8.18 87.85 -15.47
CA VAL AA 13 -9.43 87.36 -16.04
C VAL AA 13 -9.28 85.90 -16.39
N ILE AA 14 -10.27 85.09 -15.99
CA ILE AA 14 -10.34 83.69 -16.35
C ILE AA 14 -11.67 83.44 -17.05
N VAL AA 15 -11.65 82.59 -18.06
CA VAL AA 15 -12.85 82.26 -18.83
C VAL AA 15 -13.15 80.77 -18.66
N PRO AA 16 -13.94 80.38 -17.66
CA PRO AA 16 -14.26 78.96 -17.49
C PRO AA 16 -15.09 78.44 -18.65
N LYS AA 17 -14.64 77.35 -19.25
CA LYS AA 17 -15.30 76.76 -20.40
C LYS AA 17 -15.12 75.25 -20.35
N LEU AA 18 -15.96 74.54 -21.11
CA LEU AA 18 -16.00 73.10 -21.08
C LEU AA 18 -15.91 72.51 -22.48
N PRO AA 19 -15.43 71.28 -22.60
CA PRO AA 19 -15.51 70.59 -23.89
C PRO AA 19 -16.96 70.34 -24.27
N ALA AA 20 -17.36 70.87 -25.41
CA ALA AA 20 -18.74 70.78 -25.87
C ALA AA 20 -18.98 69.47 -26.62
N ASN AA 21 -20.25 69.08 -26.67
CA ASN AA 21 -20.67 67.92 -27.44
C ASN AA 21 -22.00 68.26 -28.10
N GLU AA 22 -22.03 68.22 -29.43
CA GLU AA 22 -23.24 68.54 -30.18
C GLU AA 22 -24.35 67.55 -29.85
N ASP AA 23 -24.29 66.37 -30.47
CA ASP AA 23 -25.32 65.36 -30.36
C ASP AA 23 -26.72 65.96 -30.50
N PRO AA 24 -27.02 66.64 -31.61
CA PRO AA 24 -28.34 67.25 -31.77
C PRO AA 24 -29.44 66.20 -31.82
N VAL AA 25 -30.67 66.67 -31.65
CA VAL AA 25 -31.85 65.82 -31.65
C VAL AA 25 -32.59 66.03 -32.96
N GLU AA 26 -32.97 64.93 -33.62
CA GLU AA 26 -33.68 64.96 -34.88
C GLU AA 26 -35.12 64.47 -34.66
N TYR AA 27 -36.09 65.32 -35.00
CA TYR AA 27 -37.51 65.04 -34.89
C TYR AA 27 -38.02 64.34 -36.14
N PRO AA 28 -39.07 63.53 -36.03
CA PRO AA 28 -39.56 62.80 -37.22
C PRO AA 28 -40.07 63.71 -38.32
N ALA AA 29 -40.85 64.75 -37.99
CA ALA AA 29 -41.43 65.61 -39.01
C ALA AA 29 -40.38 66.41 -39.77
N ASP AA 30 -39.17 66.55 -39.23
CA ASP AA 30 -38.09 67.22 -39.94
C ASP AA 30 -37.58 66.38 -41.10
N TYR AA 31 -38.02 65.13 -41.23
CA TYR AA 31 -37.64 64.23 -42.31
C TYR AA 31 -38.66 64.22 -43.44
N PHE AA 32 -39.95 64.30 -43.11
CA PHE AA 32 -41.00 64.26 -44.14
C PHE AA 32 -41.13 65.56 -44.90
N ARG AA 33 -40.53 66.66 -44.44
CA ARG AA 33 -40.46 67.87 -45.23
C ARG AA 33 -39.34 67.83 -46.26
N LYS AA 34 -38.45 66.84 -46.18
CA LYS AA 34 -37.38 66.64 -47.15
C LYS AA 34 -37.74 65.60 -48.18
N SER AA 35 -38.03 64.36 -47.75
CA SER AA 35 -38.46 63.29 -48.62
C SER AA 35 -39.84 62.83 -48.18
N LYS AA 36 -40.82 62.91 -49.08
CA LYS AA 36 -42.21 62.62 -48.76
C LYS AA 36 -42.51 61.14 -48.65
N GLU AA 37 -41.49 60.28 -48.66
CA GLU AA 37 -41.68 58.85 -48.48
C GLU AA 37 -40.35 58.22 -48.10
N ILE AA 38 -40.44 57.06 -47.46
CA ILE AA 38 -39.29 56.36 -46.89
C ILE AA 38 -38.99 55.15 -47.76
N PRO AA 39 -37.76 54.98 -48.24
CA PRO AA 39 -37.44 53.87 -49.14
C PRO AA 39 -37.09 52.59 -48.41
N LEU AA 40 -37.33 51.47 -49.10
CA LEU AA 40 -37.01 50.13 -48.59
C LEU AA 40 -36.27 49.37 -49.69
N TYR AA 41 -34.94 49.40 -49.63
CA TYR AA 41 -34.12 48.72 -50.64
C TYR AA 41 -34.25 47.21 -50.49
N ILE AA 42 -34.79 46.56 -51.53
CA ILE AA 42 -35.00 45.13 -51.54
C ILE AA 42 -34.46 44.57 -52.86
N ASN AA 43 -34.28 43.25 -52.89
CA ASN AA 43 -33.74 42.55 -54.05
C ASN AA 43 -34.76 41.53 -54.52
N THR AA 44 -35.39 41.80 -55.68
CA THR AA 44 -36.49 41.00 -56.19
C THR AA 44 -36.06 40.09 -57.34
N THR AA 45 -34.77 39.73 -57.42
CA THR AA 45 -34.32 38.86 -58.50
C THR AA 45 -34.73 37.42 -58.25
N LYS AA 46 -34.22 36.83 -57.16
CA LYS AA 46 -34.45 35.42 -56.88
C LYS AA 46 -35.93 35.17 -56.58
N SER AA 47 -36.33 33.91 -56.73
CA SER AA 47 -37.71 33.49 -56.50
C SER AA 47 -37.91 33.09 -55.05
N LEU AA 48 -39.19 33.01 -54.66
CA LEU AA 48 -39.53 32.76 -53.27
C LEU AA 48 -39.05 31.39 -52.82
N SER AA 49 -39.41 30.34 -53.56
CA SER AA 49 -39.04 28.98 -53.16
C SER AA 49 -37.52 28.77 -53.14
N ASP AA 50 -36.76 29.64 -53.83
CA ASP AA 50 -35.32 29.60 -53.72
C ASP AA 50 -34.85 30.25 -52.41
N LEU AA 51 -35.37 31.44 -52.12
CA LEU AA 51 -34.96 32.17 -50.92
C LEU AA 51 -35.38 31.46 -49.65
N ARG AA 52 -36.43 30.63 -49.71
CA ARG AA 52 -36.89 29.93 -48.52
C ARG AA 52 -35.86 28.92 -48.04
N GLY AA 53 -35.45 28.01 -48.92
CA GLY AA 53 -34.38 27.09 -48.57
C GLY AA 53 -33.06 27.80 -48.37
N TYR AA 54 -32.82 28.86 -49.16
CA TYR AA 54 -31.64 29.71 -48.97
C TYR AA 54 -31.50 30.12 -47.51
N VAL AA 55 -32.53 30.76 -46.96
CA VAL AA 55 -32.44 31.27 -45.60
C VAL AA 55 -32.66 30.18 -44.55
N TYR AA 56 -33.29 29.06 -44.92
CA TYR AA 56 -33.42 27.97 -43.95
C TYR AA 56 -32.07 27.30 -43.71
N GLN AA 57 -31.49 26.72 -44.75
CA GLN AA 57 -30.16 26.13 -44.61
C GLN AA 57 -29.09 27.19 -44.36
N GLY AA 58 -29.41 28.48 -44.56
CA GLY AA 58 -28.56 29.53 -44.06
C GLY AA 58 -28.76 29.85 -42.60
N LEU AA 59 -29.90 29.44 -42.04
CA LEU AA 59 -30.12 29.61 -40.61
C LEU AA 59 -29.51 28.47 -39.82
N LYS AA 60 -29.72 27.23 -40.28
CA LYS AA 60 -29.10 26.09 -39.59
C LYS AA 60 -27.59 26.21 -39.57
N SER AA 61 -26.99 26.61 -40.69
CA SER AA 61 -25.58 26.92 -40.72
C SER AA 61 -25.34 28.34 -40.18
N GLY AA 62 -24.07 28.61 -39.85
CA GLY AA 62 -23.74 29.92 -39.30
C GLY AA 62 -23.74 31.03 -40.32
N ASN AA 63 -23.63 30.70 -41.60
CA ASN AA 63 -23.55 31.71 -42.65
C ASN AA 63 -24.93 32.00 -43.22
N VAL AA 64 -25.24 33.29 -43.33
CA VAL AA 64 -26.52 33.74 -43.90
C VAL AA 64 -26.29 35.17 -44.37
N SER AA 65 -27.20 35.66 -45.22
CA SER AA 65 -27.11 37.02 -45.74
C SER AA 65 -28.38 37.79 -45.36
N ILE AA 66 -28.20 38.99 -44.83
CA ILE AA 66 -29.33 39.84 -44.47
C ILE AA 66 -30.13 40.19 -45.72
N ILE AA 67 -29.48 40.24 -46.88
CA ILE AA 67 -30.20 40.46 -48.13
C ILE AA 67 -31.19 39.33 -48.39
N HIS AA 68 -30.81 38.10 -48.02
CA HIS AA 68 -31.70 36.96 -48.24
C HIS AA 68 -32.87 36.97 -47.27
N VAL AA 69 -32.65 37.40 -46.03
CA VAL AA 69 -33.77 37.43 -45.08
C VAL AA 69 -34.70 38.61 -45.39
N ASN AA 70 -34.17 39.72 -45.89
CA ASN AA 70 -35.03 40.84 -46.26
C ASN AA 70 -35.83 40.50 -47.52
N SER AA 71 -35.11 40.12 -48.59
CA SER AA 71 -35.78 39.75 -49.83
C SER AA 71 -36.76 38.61 -49.63
N TYR AA 72 -36.46 37.69 -48.70
CA TYR AA 72 -37.40 36.62 -48.41
C TYR AA 72 -38.60 37.13 -47.62
N LEU AA 73 -38.37 37.98 -46.62
CA LEU AA 73 -39.47 38.52 -45.84
C LEU AA 73 -40.43 39.33 -46.70
N TYR AA 74 -39.93 39.93 -47.78
CA TYR AA 74 -40.82 40.61 -48.71
C TYR AA 74 -41.82 39.63 -49.29
N GLY AA 75 -41.34 38.71 -50.14
CA GLY AA 75 -42.25 37.77 -50.80
C GLY AA 75 -43.06 36.93 -49.83
N ALA AA 76 -42.54 36.71 -48.62
CA ALA AA 76 -43.31 36.00 -47.61
C ALA AA 76 -44.41 36.88 -47.01
N LEU AA 77 -44.21 38.20 -47.02
CA LEU AA 77 -45.19 39.13 -46.47
C LEU AA 77 -45.77 40.08 -47.50
N LYS AA 78 -45.43 39.90 -48.79
CA LYS AA 78 -45.85 40.86 -49.80
C LYS AA 78 -47.36 40.84 -50.02
N ASP AA 79 -47.98 39.67 -49.92
CA ASP AA 79 -49.39 39.54 -50.24
C ASP AA 79 -50.24 39.30 -48.99
N ILE AA 80 -50.15 40.21 -48.03
CA ILE AA 80 -51.01 40.20 -46.84
C ILE AA 80 -51.71 41.56 -46.77
N ARG AA 81 -53.03 41.54 -46.60
CA ARG AA 81 -53.83 42.73 -46.77
C ARG AA 81 -54.81 42.90 -45.61
N GLY AA 82 -55.27 44.14 -45.45
CA GLY AA 82 -56.29 44.47 -44.46
C GLY AA 82 -57.11 45.66 -44.92
N LYS AA 83 -58.42 45.62 -44.66
CA LYS AA 83 -59.31 46.70 -45.05
C LYS AA 83 -59.53 47.64 -43.88
N LEU AA 84 -59.44 48.94 -44.15
CA LEU AA 84 -59.51 49.94 -43.11
C LEU AA 84 -60.95 50.28 -42.74
N ASP AA 85 -61.18 50.52 -41.45
CA ASP AA 85 -62.48 51.01 -41.00
C ASP AA 85 -62.62 52.51 -41.27
N LYS AA 86 -61.53 53.25 -41.13
CA LYS AA 86 -61.51 54.68 -41.39
C LYS AA 86 -60.22 55.04 -42.12
N ASP AA 87 -60.08 56.32 -42.46
CA ASP AA 87 -58.89 56.79 -43.13
C ASP AA 87 -57.65 56.57 -42.27
N TRP AA 88 -56.50 56.56 -42.93
CA TRP AA 88 -55.22 56.36 -42.23
C TRP AA 88 -54.17 57.19 -42.94
N SER AA 89 -53.73 58.27 -42.30
CA SER AA 89 -52.72 59.15 -42.85
C SER AA 89 -51.76 59.58 -41.74
N SER AA 90 -50.55 59.95 -42.13
CA SER AA 90 -49.55 60.33 -41.15
C SER AA 90 -48.47 61.17 -41.83
N PHE AA 91 -48.13 62.30 -41.21
CA PHE AA 91 -47.12 63.22 -41.72
C PHE AA 91 -47.39 63.62 -43.17
N GLY AA 92 -48.67 63.76 -43.49
CA GLY AA 92 -49.07 64.13 -44.85
C GLY AA 92 -48.93 63.02 -45.86
N ILE AA 93 -49.10 61.77 -45.44
CA ILE AA 93 -49.00 60.61 -46.33
C ILE AA 93 -50.29 59.80 -46.15
N ASN AA 94 -51.20 59.93 -47.12
CA ASN AA 94 -52.46 59.18 -47.09
C ASN AA 94 -52.17 57.74 -47.54
N ILE AA 95 -51.73 56.93 -46.57
CA ILE AA 95 -51.37 55.55 -46.87
C ILE AA 95 -52.59 54.68 -47.12
N GLY AA 96 -53.77 55.14 -46.72
CA GLY AA 96 -55.01 54.41 -46.94
C GLY AA 96 -56.18 55.37 -46.80
N LYS AA 97 -57.37 54.86 -47.11
CA LYS AA 97 -58.55 55.72 -47.11
C LYS AA 97 -59.81 54.86 -47.13
N ALA AA 98 -60.63 54.98 -46.09
CA ALA AA 98 -61.99 54.43 -46.02
C ALA AA 98 -61.90 52.91 -46.23
N GLY AA 99 -62.68 52.34 -47.14
CA GLY AA 99 -62.69 50.90 -47.33
C GLY AA 99 -61.54 50.36 -48.15
N ASP AA 100 -60.44 51.10 -48.18
CA ASP AA 100 -59.24 50.62 -48.87
C ASP AA 100 -58.72 49.35 -48.21
N THR AA 101 -58.18 48.45 -49.02
CA THR AA 101 -57.57 47.22 -48.56
C THR AA 101 -56.05 47.34 -48.80
N ILE AA 102 -55.36 47.88 -47.81
CA ILE AA 102 -53.94 48.17 -47.95
C ILE AA 102 -53.12 46.97 -47.47
N GLY AA 103 -51.90 46.86 -47.99
CA GLY AA 103 -51.00 45.81 -47.60
C GLY AA 103 -49.99 46.26 -46.56
N ILE AA 104 -49.12 45.32 -46.18
CA ILE AA 104 -48.12 45.59 -45.16
C ILE AA 104 -46.98 46.45 -45.70
N PHE AA 105 -46.85 46.57 -47.03
CA PHE AA 105 -45.78 47.36 -47.63
C PHE AA 105 -46.29 48.59 -48.37
N ASP AA 106 -47.55 48.97 -48.14
CA ASP AA 106 -48.00 50.30 -48.57
C ASP AA 106 -47.46 51.39 -47.66
N LEU AA 107 -47.01 51.03 -46.46
CA LEU AA 107 -46.44 52.01 -45.55
C LEU AA 107 -45.13 52.56 -46.07
N VAL AA 108 -44.34 51.71 -46.74
CA VAL AA 108 -43.05 52.10 -47.26
C VAL AA 108 -43.11 52.08 -48.79
N SER AA 109 -42.12 52.70 -49.42
CA SER AA 109 -41.98 52.69 -50.87
C SER AA 109 -40.94 51.65 -51.26
N LEU AA 110 -41.35 50.68 -52.08
CA LEU AA 110 -40.42 49.66 -52.55
C LEU AA 110 -39.38 50.28 -53.47
N LYS AA 111 -38.11 49.96 -53.24
CA LYS AA 111 -37.04 50.40 -54.11
C LYS AA 111 -36.29 49.17 -54.63
N ALA AA 112 -35.01 49.33 -54.96
CA ALA AA 112 -34.22 48.23 -55.50
C ALA AA 112 -32.81 48.30 -54.95
N LEU AA 113 -32.33 47.19 -54.42
CA LEU AA 113 -30.96 47.08 -53.91
C LEU AA 113 -30.06 46.55 -55.02
N ASP AA 114 -28.91 47.20 -55.21
CA ASP AA 114 -27.98 46.88 -56.28
C ASP AA 114 -26.62 46.50 -55.69
N GLY AA 115 -26.03 45.45 -56.25
CA GLY AA 115 -24.72 45.01 -55.81
C GLY AA 115 -24.56 43.52 -56.02
N VAL AA 116 -23.44 43.01 -55.52
CA VAL AA 116 -23.14 41.58 -55.64
C VAL AA 116 -24.07 40.80 -54.72
N LEU AA 117 -24.72 39.77 -55.28
CA LEU AA 117 -25.69 38.98 -54.54
C LEU AA 117 -25.06 37.71 -54.02
N PRO AA 118 -24.90 37.55 -52.70
CA PRO AA 118 -24.35 36.31 -52.16
C PRO AA 118 -25.43 35.23 -52.08
N ASP AA 119 -25.20 34.13 -52.80
CA ASP AA 119 -26.08 32.98 -52.77
C ASP AA 119 -25.42 31.84 -52.00
N GLY AA 120 -26.19 31.19 -51.13
CA GLY AA 120 -25.63 30.14 -50.30
C GLY AA 120 -26.57 28.97 -50.08
N VAL AA 121 -26.00 27.76 -50.09
CA VAL AA 121 -26.66 26.46 -49.93
C VAL AA 121 -28.08 26.48 -50.50
N SER AA 122 -28.20 26.19 -51.79
CA SER AA 122 -29.51 26.12 -52.42
C SER AA 122 -30.30 24.95 -51.86
N ASP AA 123 -31.61 25.14 -51.72
CA ASP AA 123 -32.47 24.11 -51.16
C ASP AA 123 -33.88 24.29 -51.71
N ALA AA 124 -34.50 23.20 -52.14
CA ALA AA 124 -35.86 23.23 -52.67
C ALA AA 124 -36.80 22.26 -51.96
N SER AA 125 -36.31 21.47 -51.01
CA SER AA 125 -37.20 20.60 -50.25
C SER AA 125 -38.18 21.41 -49.41
N ARG AA 126 -37.79 22.63 -49.01
CA ARG AA 126 -38.66 23.49 -48.22
C ARG AA 126 -39.86 23.92 -49.05
N THR AA 127 -41.02 24.03 -48.39
CA THR AA 127 -42.28 24.26 -49.10
C THR AA 127 -43.08 25.40 -48.48
N SER AA 128 -44.35 25.51 -48.89
CA SER AA 128 -45.21 26.61 -48.45
C SER AA 128 -45.60 26.53 -46.98
N ALA AA 129 -45.30 25.43 -46.29
CA ALA AA 129 -45.64 25.33 -44.88
C ALA AA 129 -44.74 26.20 -44.03
N ASP AA 130 -43.45 26.26 -44.37
CA ASP AA 130 -42.50 27.03 -43.57
C ASP AA 130 -42.75 28.53 -43.67
N ASP AA 131 -43.27 29.00 -44.81
CA ASP AA 131 -43.54 30.41 -45.02
C ASP AA 131 -44.45 31.02 -43.95
N LYS AA 132 -45.12 30.20 -43.15
CA LYS AA 132 -46.03 30.71 -42.14
C LYS AA 132 -45.34 30.97 -40.81
N TRP AA 133 -44.15 30.40 -40.56
CA TRP AA 133 -43.43 30.68 -39.34
C TRP AA 133 -42.03 31.23 -39.56
N LEU AA 134 -41.46 31.09 -40.75
CA LEU AA 134 -40.15 31.67 -41.02
C LEU AA 134 -40.12 33.19 -40.82
N PRO AA 135 -41.14 33.97 -41.20
CA PRO AA 135 -41.15 35.39 -40.82
C PRO AA 135 -41.15 35.57 -39.31
N LEU AA 136 -42.14 34.96 -38.64
CA LEU AA 136 -42.23 35.02 -37.18
C LEU AA 136 -40.89 34.69 -36.52
N TYR AA 137 -40.11 33.80 -37.12
CA TYR AA 137 -38.76 33.53 -36.67
C TYR AA 137 -37.88 34.75 -36.93
N LEU AA 138 -37.65 35.06 -38.20
CA LEU AA 138 -36.71 36.12 -38.57
C LEU AA 138 -37.04 37.45 -37.89
N LEU AA 139 -38.32 37.73 -37.69
CA LEU AA 139 -38.71 38.95 -36.99
C LEU AA 139 -38.38 38.84 -35.50
N GLY AA 140 -38.77 37.73 -34.88
CA GLY AA 140 -38.58 37.57 -33.45
C GLY AA 140 -37.12 37.68 -33.02
N LEU AA 141 -36.19 37.24 -33.87
CA LEU AA 141 -34.78 37.35 -33.51
C LEU AA 141 -34.36 38.80 -33.31
N TYR AA 142 -35.01 39.74 -34.00
CA TYR AA 142 -34.71 41.16 -33.76
C TYR AA 142 -34.91 41.53 -32.29
N ARG AA 143 -35.85 40.87 -31.61
CA ARG AA 143 -36.06 41.11 -30.19
C ARG AA 143 -35.03 40.37 -29.34
N VAL AA 144 -34.52 39.24 -29.83
CA VAL AA 144 -33.53 38.47 -29.08
C VAL AA 144 -32.12 38.98 -29.33
N GLY AA 145 -31.86 39.55 -30.50
CA GLY AA 145 -30.56 40.11 -30.81
C GLY AA 145 -30.43 41.56 -30.41
N ARG AA 146 -31.10 41.94 -29.32
CA ARG AA 146 -31.04 43.30 -28.80
C ARG AA 146 -30.70 43.36 -27.32
N THR AA 147 -30.69 42.22 -26.63
CA THR AA 147 -30.33 42.15 -25.22
C THR AA 147 -29.24 41.12 -25.05
N GLN AA 148 -28.44 41.29 -24.00
CA GLN AA 148 -27.33 40.37 -23.72
C GLN AA 148 -27.31 39.99 -22.24
N MET AA 149 -28.44 39.68 -21.70
CA MET AA 149 -28.54 39.09 -20.38
C MET AA 149 -28.49 37.57 -20.51
N PRO AA 150 -28.00 36.85 -19.48
CA PRO AA 150 -27.83 35.38 -19.63
C PRO AA 150 -29.09 34.65 -20.05
N GLU AA 151 -30.16 34.74 -19.25
CA GLU AA 151 -31.38 34.01 -19.53
C GLU AA 151 -32.51 34.87 -20.09
N TYR AA 152 -32.37 36.20 -20.07
CA TYR AA 152 -33.33 37.03 -20.80
C TYR AA 152 -33.19 36.81 -22.31
N ARG AA 153 -31.98 36.49 -22.76
CA ARG AA 153 -31.81 36.01 -24.13
C ARG AA 153 -32.57 34.72 -24.37
N LYS AA 154 -32.74 33.91 -23.31
CA LYS AA 154 -33.52 32.69 -23.38
C LYS AA 154 -35.02 32.93 -23.24
N LYS AA 155 -35.49 34.15 -23.52
CA LYS AA 155 -36.89 34.38 -23.88
C LYS AA 155 -37.19 33.86 -25.28
N LEU AA 156 -36.16 33.37 -25.96
CA LEU AA 156 -36.32 32.66 -27.23
C LEU AA 156 -37.21 31.44 -27.08
N MET AA 157 -37.43 30.95 -25.86
CA MET AA 157 -38.35 29.85 -25.62
C MET AA 157 -39.77 30.19 -26.03
N ASP AA 158 -40.13 31.48 -26.03
CA ASP AA 158 -41.47 31.88 -26.40
C ASP AA 158 -41.62 32.19 -27.89
N GLY AA 159 -40.51 32.47 -28.59
CA GLY AA 159 -40.55 32.36 -30.04
C GLY AA 159 -40.80 30.95 -30.48
N LEU AA 160 -40.15 29.99 -29.81
CA LEU AA 160 -40.40 28.57 -30.06
C LEU AA 160 -41.83 28.21 -29.73
N THR AA 161 -42.33 28.63 -28.55
CA THR AA 161 -43.69 28.28 -28.15
C THR AA 161 -44.71 28.93 -29.06
N ASN AA 162 -44.47 30.18 -29.49
CA ASN AA 162 -45.39 30.85 -30.40
C ASN AA 162 -45.30 30.29 -31.82
N GLN AA 163 -44.22 29.59 -32.16
CA GLN AA 163 -44.13 28.92 -33.45
C GLN AA 163 -44.60 27.48 -33.41
N CYS AA 164 -44.74 26.89 -32.23
CA CYS AA 164 -45.37 25.57 -32.12
C CYS AA 164 -46.85 25.61 -32.47
N LYS AA 165 -47.43 26.80 -32.60
CA LYS AA 165 -48.79 26.92 -33.12
C LYS AA 165 -48.80 26.86 -34.65
N MET AA 166 -47.71 27.30 -35.29
CA MET AA 166 -47.59 27.14 -36.74
C MET AA 166 -47.31 25.69 -37.10
N ILE AA 167 -46.21 25.14 -36.59
CA ILE AA 167 -45.88 23.73 -36.75
C ILE AA 167 -45.55 23.17 -35.38
N ASN AA 168 -46.34 22.19 -34.92
CA ASN AA 168 -46.11 21.57 -33.61
C ASN AA 168 -44.69 21.05 -33.48
N GLU AA 169 -44.11 20.54 -34.58
CA GLU AA 169 -42.74 20.04 -34.58
C GLU AA 169 -41.72 21.12 -34.92
N GLN AA 170 -42.02 22.38 -34.62
CA GLN AA 170 -41.07 23.45 -34.87
C GLN AA 170 -39.91 23.36 -33.89
N PHE AA 171 -38.69 23.31 -34.43
CA PHE AA 171 -37.48 23.43 -33.64
C PHE AA 171 -36.62 24.52 -34.24
N GLU AA 172 -35.91 25.24 -33.37
CA GLU AA 172 -35.10 26.39 -33.75
C GLU AA 172 -34.00 25.97 -34.73
N PRO AA 173 -34.08 26.40 -35.99
CA PRO AA 173 -33.03 26.04 -36.97
C PRO AA 173 -31.83 26.97 -36.87
N LEU AA 174 -31.11 26.87 -35.76
CA LEU AA 174 -29.98 27.74 -35.50
C LEU AA 174 -29.10 27.11 -34.43
N VAL AA 175 -27.80 27.39 -34.51
CA VAL AA 175 -26.85 26.87 -33.54
C VAL AA 175 -26.97 27.66 -32.25
N PRO AA 176 -26.63 27.08 -31.09
CA PRO AA 176 -26.66 27.88 -29.84
C PRO AA 176 -25.71 29.06 -29.88
N GLU AA 177 -24.45 28.83 -30.26
CA GLU AA 177 -23.53 29.94 -30.53
C GLU AA 177 -24.15 30.95 -31.48
N GLY AA 178 -25.11 30.52 -32.30
CA GLY AA 178 -25.89 31.41 -33.14
C GLY AA 178 -26.56 32.56 -32.44
N ARG AA 179 -26.40 32.68 -31.12
CA ARG AA 179 -26.73 33.92 -30.45
C ARG AA 179 -25.95 35.10 -31.02
N ASP AA 180 -24.89 34.83 -31.78
CA ASP AA 180 -24.08 35.89 -32.38
C ASP AA 180 -24.57 36.32 -33.76
N ILE AA 181 -25.35 35.50 -34.45
CA ILE AA 181 -25.73 35.78 -35.83
C ILE AA 181 -26.69 36.96 -35.89
N PHE AA 182 -27.94 36.73 -35.50
CA PHE AA 182 -29.03 37.68 -35.74
C PHE AA 182 -28.86 38.99 -34.97
N ASP AA 183 -27.77 39.14 -34.22
CA ASP AA 183 -27.51 40.41 -33.56
C ASP AA 183 -27.22 41.52 -34.57
N VAL AA 184 -26.39 41.21 -35.57
CA VAL AA 184 -25.99 42.21 -36.55
C VAL AA 184 -27.09 42.56 -37.54
N TRP AA 185 -28.15 41.75 -37.61
CA TRP AA 185 -29.30 42.10 -38.46
C TRP AA 185 -29.86 43.46 -38.09
N GLY AA 186 -29.84 43.80 -36.80
CA GLY AA 186 -30.31 45.11 -36.36
C GLY AA 186 -29.52 46.26 -36.93
N ASN AA 187 -28.30 46.02 -37.40
CA ASN AA 187 -27.50 47.06 -38.03
C ASN AA 187 -27.95 47.36 -39.45
N ASP AA 188 -28.75 46.49 -40.06
CA ASP AA 188 -29.22 46.69 -41.43
C ASP AA 188 -30.46 47.58 -41.43
N SER AA 189 -30.40 48.65 -42.22
CA SER AA 189 -31.51 49.61 -42.25
C SER AA 189 -32.79 48.97 -42.78
N ASN AA 190 -32.68 48.16 -43.84
CA ASN AA 190 -33.86 47.58 -44.46
C ASN AA 190 -34.57 46.61 -43.52
N TYR AA 191 -33.82 45.87 -42.71
CA TYR AA 191 -34.44 44.96 -41.74
C TYR AA 191 -35.26 45.74 -40.71
N THR AA 192 -34.70 46.83 -40.19
CA THR AA 192 -35.42 47.66 -39.23
C THR AA 192 -36.67 48.28 -39.86
N LYS AA 193 -36.56 48.69 -41.13
CA LYS AA 193 -37.75 49.18 -41.83
C LYS AA 193 -38.79 48.08 -42.01
N ILE AA 194 -38.34 46.82 -42.16
CA ILE AA 194 -39.28 45.72 -42.32
C ILE AA 194 -40.03 45.46 -41.02
N VAL AA 195 -39.30 45.30 -39.91
CA VAL AA 195 -39.96 45.04 -38.62
C VAL AA 195 -40.86 46.20 -38.24
N ALA AA 196 -40.39 47.44 -38.49
CA ALA AA 196 -41.22 48.61 -38.19
C ALA AA 196 -42.48 48.61 -39.04
N ALA AA 197 -42.37 48.20 -40.31
CA ALA AA 197 -43.54 48.13 -41.17
C ALA AA 197 -44.53 47.06 -40.70
N VAL AA 198 -44.02 45.92 -40.26
CA VAL AA 198 -44.89 44.85 -39.77
C VAL AA 198 -45.64 45.30 -38.53
N ASP AA 199 -44.92 45.87 -37.56
CA ASP AA 199 -45.58 46.29 -36.32
C ASP AA 199 -46.56 47.42 -36.58
N MET AA 200 -46.17 48.40 -37.40
CA MET AA 200 -47.08 49.50 -37.71
C MET AA 200 -48.33 49.00 -38.43
N PHE AA 201 -48.17 47.99 -39.28
CA PHE AA 201 -49.33 47.43 -39.98
C PHE AA 201 -50.26 46.71 -39.01
N PHE AA 202 -49.72 45.77 -38.22
CA PHE AA 202 -50.55 44.96 -37.36
C PHE AA 202 -51.06 45.70 -36.12
N HIS AA 203 -50.53 46.89 -35.83
CA HIS AA 203 -51.10 47.67 -34.73
C HIS AA 203 -52.46 48.22 -35.10
N MET AA 204 -52.65 48.57 -36.38
CA MET AA 204 -53.99 48.96 -36.85
C MET AA 204 -54.89 47.75 -37.00
N PHE AA 205 -54.35 46.64 -37.51
CA PHE AA 205 -55.11 45.41 -37.72
C PHE AA 205 -54.77 44.44 -36.59
N LYS AA 206 -55.47 44.61 -35.47
CA LYS AA 206 -55.13 43.88 -34.26
C LYS AA 206 -55.67 42.45 -34.28
N LYS AA 207 -56.88 42.25 -34.81
CA LYS AA 207 -57.51 40.94 -34.82
C LYS AA 207 -57.19 40.14 -36.08
N HIS AA 208 -56.14 40.51 -36.80
CA HIS AA 208 -55.72 39.76 -37.97
C HIS AA 208 -55.10 38.43 -37.54
N GLU AA 209 -55.24 37.41 -38.39
CA GLU AA 209 -54.78 36.07 -38.04
C GLU AA 209 -53.25 36.00 -37.94
N CYS AA 210 -52.53 36.92 -38.56
CA CYS AA 210 -51.08 36.96 -38.48
C CYS AA 210 -50.57 38.06 -37.55
N ALA AA 211 -51.39 38.50 -36.60
CA ALA AA 211 -50.96 39.52 -35.65
C ALA AA 211 -49.88 39.02 -34.71
N SER AA 212 -49.77 37.70 -34.53
CA SER AA 212 -48.70 37.14 -33.71
C SER AA 212 -47.31 37.55 -34.20
N PHE AA 213 -47.20 37.93 -35.48
CA PHE AA 213 -45.94 38.41 -36.01
C PHE AA 213 -45.41 39.62 -35.25
N ARG AA 214 -46.29 40.34 -34.55
CA ARG AA 214 -45.84 41.46 -33.72
C ARG AA 214 -44.85 41.03 -32.65
N TYR AA 215 -44.89 39.76 -32.23
CA TYR AA 215 -43.85 39.23 -31.34
C TYR AA 215 -42.49 39.43 -31.98
N GLY AA 216 -41.62 40.15 -31.28
CA GLY AA 216 -40.31 40.49 -31.80
C GLY AA 216 -40.26 41.84 -32.49
N THR AA 217 -41.32 42.22 -33.18
CA THR AA 217 -41.38 43.54 -33.81
C THR AA 217 -42.05 44.58 -32.92
N ILE AA 218 -42.45 44.20 -31.70
CA ILE AA 218 -43.06 45.16 -30.80
C ILE AA 218 -42.03 46.01 -30.07
N VAL AA 219 -40.78 45.56 -30.01
CA VAL AA 219 -39.71 46.29 -29.33
C VAL AA 219 -39.27 47.44 -30.22
N SER AA 220 -39.88 47.54 -31.40
CA SER AA 220 -39.60 48.66 -32.28
C SER AA 220 -40.50 49.85 -32.02
N ARG AA 221 -41.70 49.61 -31.51
CA ARG AA 221 -42.62 50.70 -31.19
C ARG AA 221 -42.12 51.46 -29.97
N PHE AA 222 -41.95 52.78 -30.12
CA PHE AA 222 -41.37 53.64 -29.09
C PHE AA 222 -39.98 53.16 -28.67
N LYS AA 223 -39.26 52.54 -29.61
CA LYS AA 223 -37.85 52.25 -29.40
C LYS AA 223 -37.08 53.56 -29.32
N ASP AA 224 -36.28 53.69 -28.25
CA ASP AA 224 -35.60 54.94 -27.90
C ASP AA 224 -36.62 56.04 -27.57
N CYS AA 225 -37.61 55.68 -26.75
CA CYS AA 225 -38.65 56.62 -26.35
C CYS AA 225 -39.07 56.35 -24.91
N ALA AA 226 -38.10 56.34 -23.99
CA ALA AA 226 -38.39 55.95 -22.61
C ALA AA 226 -38.95 57.11 -21.80
N ALA AA 227 -38.35 58.30 -21.92
CA ALA AA 227 -38.77 59.44 -21.10
C ALA AA 227 -40.25 59.74 -21.29
N LEU AA 228 -40.74 59.63 -22.53
CA LEU AA 228 -42.18 59.75 -22.78
C LEU AA 228 -42.96 58.71 -21.99
N ALA AA 229 -42.45 57.48 -21.92
CA ALA AA 229 -43.13 56.41 -21.19
C ALA AA 229 -43.12 56.65 -19.69
N THR AA 230 -42.09 57.32 -19.17
CA THR AA 230 -42.09 57.70 -17.76
C THR AA 230 -43.00 58.89 -17.50
N PHE AA 231 -43.23 59.73 -18.51
CA PHE AA 231 -44.23 60.78 -18.37
C PHE AA 231 -45.62 60.17 -18.30
N GLY AA 232 -45.93 59.22 -19.18
CA GLY AA 232 -47.21 58.53 -19.09
C GLY AA 232 -47.36 57.74 -17.80
N HIS AA 233 -46.29 57.05 -17.38
CA HIS AA 233 -46.33 56.28 -16.15
C HIS AA 233 -46.55 57.19 -14.94
N LEU AA 234 -45.89 58.34 -14.91
CA LEU AA 234 -46.09 59.29 -13.83
C LEU AA 234 -47.51 59.83 -13.84
N CYS AA 235 -48.03 60.17 -15.04
CA CYS AA 235 -49.41 60.63 -15.15
C CYS AA 235 -50.41 59.55 -14.77
N LYS AA 236 -50.00 58.28 -14.76
CA LYS AA 236 -50.91 57.21 -14.35
C LYS AA 236 -50.83 56.93 -12.86
N ILE AA 237 -49.62 56.88 -12.29
CA ILE AA 237 -49.48 56.61 -10.86
C ILE AA 237 -50.00 57.79 -10.04
N THR AA 238 -49.67 59.02 -10.46
CA THR AA 238 -50.12 60.19 -9.73
C THR AA 238 -51.62 60.39 -9.86
N GLY AA 239 -52.23 59.92 -10.94
CA GLY AA 239 -53.62 60.17 -11.21
C GLY AA 239 -53.96 61.58 -11.64
N MET AA 240 -52.96 62.44 -11.79
CA MET AA 240 -53.16 63.82 -12.21
C MET AA 240 -53.04 63.94 -13.71
N SER AA 241 -53.65 65.00 -14.26
CA SER AA 241 -53.63 65.22 -15.69
C SER AA 241 -52.22 65.56 -16.17
N THR AA 242 -52.02 65.48 -17.49
CA THR AA 242 -50.72 65.79 -18.07
C THR AA 242 -50.29 67.21 -17.76
N GLU AA 243 -51.24 68.15 -17.77
CA GLU AA 243 -50.92 69.54 -17.45
C GLU AA 243 -50.60 69.72 -15.97
N ASP AA 244 -51.40 69.11 -15.09
CA ASP AA 244 -51.14 69.20 -13.65
C ASP AA 244 -49.78 68.62 -13.31
N VAL AA 245 -49.47 67.43 -13.86
CA VAL AA 245 -48.15 66.83 -13.65
C VAL AA 245 -47.06 67.73 -14.23
N THR AA 246 -47.35 68.37 -15.37
CA THR AA 246 -46.37 69.28 -15.96
C THR AA 246 -46.08 70.47 -15.06
N THR AA 247 -47.08 70.94 -14.29
CA THR AA 247 -46.84 72.05 -13.38
C THR AA 247 -45.90 71.66 -12.24
N TRP AA 248 -45.90 70.39 -11.85
CA TRP AA 248 -45.08 69.92 -10.74
C TRP AA 248 -43.62 69.72 -11.13
N ILE AA 249 -43.21 70.17 -12.32
CA ILE AA 249 -41.81 70.20 -12.69
C ILE AA 249 -41.18 71.42 -12.02
N LEU AA 250 -40.19 71.17 -11.15
CA LEU AA 250 -39.58 72.22 -10.34
C LEU AA 250 -38.09 72.37 -10.60
N ASN AA 251 -37.59 71.81 -11.70
CA ASN AA 251 -36.18 71.86 -12.03
C ASN AA 251 -36.01 72.36 -13.47
N ARG AA 252 -34.93 73.12 -13.68
CA ARG AA 252 -34.69 73.72 -14.99
C ARG AA 252 -34.51 72.65 -16.07
N GLU AA 253 -33.67 71.64 -15.78
CA GLU AA 253 -33.43 70.57 -16.74
C GLU AA 253 -34.72 69.87 -17.14
N VAL AA 254 -35.52 69.49 -16.15
CA VAL AA 254 -36.77 68.76 -16.43
C VAL AA 254 -37.72 69.61 -17.26
N ALA AA 255 -37.68 70.93 -17.10
CA ALA AA 255 -38.52 71.80 -17.91
C ALA AA 255 -38.00 71.89 -19.34
N ASP AA 256 -36.67 72.02 -19.52
CA ASP AA 256 -36.09 72.05 -20.85
C ASP AA 256 -36.39 70.77 -21.61
N GLU AA 257 -36.18 69.62 -20.97
CA GLU AA 257 -36.47 68.34 -21.59
C GLU AA 257 -37.96 68.16 -21.84
N MET AA 258 -38.81 68.67 -20.95
CA MET AA 258 -40.25 68.58 -21.15
C MET AA 258 -40.70 69.38 -22.36
N VAL AA 259 -40.14 70.58 -22.54
CA VAL AA 259 -40.45 71.36 -23.74
C VAL AA 259 -39.89 70.66 -24.97
N GLN AA 260 -38.69 70.07 -24.85
CA GLN AA 260 -38.08 69.38 -25.97
C GLN AA 260 -38.93 68.20 -26.44
N MET AA 261 -39.55 67.49 -25.51
CA MET AA 261 -40.41 66.38 -25.90
C MET AA 261 -41.71 66.87 -26.53
N MET AA 262 -42.24 67.98 -26.04
CA MET AA 262 -43.59 68.43 -26.42
C MET AA 262 -43.56 69.40 -27.60
N LEU AA 263 -42.90 69.02 -28.69
CA LEU AA 263 -42.99 69.83 -29.89
C LEU AA 263 -44.30 69.53 -30.62
N PRO AA 264 -44.96 70.55 -31.17
CA PRO AA 264 -46.36 70.39 -31.59
C PRO AA 264 -46.56 69.69 -32.93
N GLY AA 265 -45.52 69.18 -33.57
CA GLY AA 265 -45.72 68.59 -34.88
C GLY AA 265 -45.10 67.22 -35.08
N GLN AA 266 -45.18 66.35 -34.06
CA GLN AA 266 -44.55 65.04 -34.13
C GLN AA 266 -45.52 63.88 -33.96
N GLU AA 267 -46.81 64.15 -33.79
CA GLU AA 267 -47.85 63.11 -33.76
C GLU AA 267 -47.63 62.10 -32.63
N ILE AA 268 -47.15 62.59 -31.48
CA ILE AA 268 -46.96 61.69 -30.34
C ILE AA 268 -48.29 61.25 -29.76
N ASP AA 269 -49.32 62.09 -29.88
CA ASP AA 269 -50.66 61.75 -29.40
C ASP AA 269 -51.50 61.01 -30.43
N LYS AA 270 -50.96 60.80 -31.63
CA LYS AA 270 -51.67 60.02 -32.65
C LYS AA 270 -51.59 58.53 -32.31
N ALA AA 271 -52.72 57.84 -32.49
CA ALA AA 271 -52.77 56.42 -32.15
C ALA AA 271 -51.92 55.58 -33.10
N ASP AA 272 -52.10 55.78 -34.40
CA ASP AA 272 -51.37 55.04 -35.43
C ASP AA 272 -50.63 56.04 -36.31
N SER AA 273 -49.31 56.06 -36.20
CA SER AA 273 -48.50 57.03 -36.92
C SER AA 273 -47.09 56.49 -37.10
N TYR AA 274 -46.33 57.17 -37.96
CA TYR AA 274 -44.93 56.82 -38.15
C TYR AA 274 -44.04 57.25 -36.98
N MET AA 275 -44.59 58.00 -36.02
CA MET AA 275 -43.77 58.54 -34.93
C MET AA 275 -43.13 57.46 -34.07
N PRO AA 276 -43.86 56.46 -33.53
CA PRO AA 276 -43.20 55.51 -32.61
C PRO AA 276 -42.04 54.77 -33.24
N TYR AA 277 -42.04 54.61 -34.57
CA TYR AA 277 -40.99 53.87 -35.28
C TYR AA 277 -39.98 54.81 -35.94
N LEU AA 278 -39.76 55.98 -35.36
CA LEU AA 278 -38.86 56.98 -35.94
C LEU AA 278 -37.41 56.50 -35.97
N ILE AA 279 -37.06 55.45 -35.24
CA ILE AA 279 -35.68 54.98 -35.15
C ILE AA 279 -35.44 53.88 -36.18
N ASP AA 280 -36.23 52.81 -36.11
CA ASP AA 280 -36.03 51.68 -37.00
C ASP AA 280 -36.37 52.02 -38.44
N PHE AA 281 -37.39 52.86 -38.65
CA PHE AA 281 -37.69 53.31 -40.00
C PHE AA 281 -36.53 54.11 -40.58
N GLY AA 282 -35.91 54.95 -39.77
CA GLY AA 282 -34.87 55.84 -40.24
C GLY AA 282 -35.28 57.29 -40.28
N LEU AA 283 -36.36 57.67 -39.60
CA LEU AA 283 -36.79 59.07 -39.58
C LEU AA 283 -35.91 59.92 -38.69
N SER AA 284 -35.26 59.31 -37.70
CA SER AA 284 -34.41 60.02 -36.75
C SER AA 284 -33.22 59.15 -36.38
N SER AA 285 -32.04 59.77 -36.32
CA SER AA 285 -30.83 59.11 -35.85
C SER AA 285 -30.51 59.42 -34.41
N LYS AA 286 -31.37 60.21 -33.74
CA LYS AA 286 -31.20 60.55 -32.33
C LYS AA 286 -32.56 60.97 -31.81
N SER AA 287 -33.17 60.12 -30.98
CA SER AA 287 -34.57 60.31 -30.63
C SER AA 287 -34.74 61.44 -29.63
N PRO AA 288 -35.78 62.26 -29.80
CA PRO AA 288 -36.05 63.34 -28.83
C PRO AA 288 -36.67 62.87 -27.53
N TYR AA 289 -37.06 61.60 -27.42
CA TYR AA 289 -37.89 61.14 -26.32
C TYR AA 289 -37.20 60.06 -25.48
N SER AA 290 -35.86 60.02 -25.50
CA SER AA 290 -35.13 58.96 -24.83
C SER AA 290 -34.74 59.37 -23.41
N SER AA 291 -34.24 58.40 -22.66
CA SER AA 291 -33.66 58.65 -21.34
C SER AA 291 -32.20 59.08 -21.41
N VAL AA 292 -31.70 59.36 -22.62
CA VAL AA 292 -30.35 59.86 -22.81
C VAL AA 292 -30.34 61.36 -23.12
N LYS AA 293 -31.33 61.83 -23.89
CA LYS AA 293 -31.52 63.25 -24.12
C LYS AA 293 -32.57 63.86 -23.20
N ASN AA 294 -33.23 63.05 -22.37
CA ASN AA 294 -34.08 63.53 -21.28
C ASN AA 294 -33.80 62.72 -20.03
N PRO AA 295 -32.57 62.81 -19.48
CA PRO AA 295 -32.23 61.97 -18.31
C PRO AA 295 -32.79 62.51 -17.01
N ALA AA 296 -32.76 63.84 -16.82
CA ALA AA 296 -33.26 64.43 -15.58
C ALA AA 296 -34.75 64.15 -15.41
N PHE AA 297 -35.52 64.19 -16.50
CA PHE AA 297 -36.93 63.82 -16.43
C PHE AA 297 -37.09 62.35 -16.11
N HIS AA 298 -36.25 61.49 -16.70
CA HIS AA 298 -36.30 60.06 -16.43
C HIS AA 298 -36.13 59.81 -14.92
N PHE AA 299 -35.08 60.36 -14.34
CA PHE AA 299 -34.82 60.17 -12.92
C PHE AA 299 -35.91 60.78 -12.06
N TRP AA 300 -36.39 61.98 -12.44
CA TRP AA 300 -37.39 62.66 -11.62
C TRP AA 300 -38.70 61.88 -11.60
N GLY AA 301 -39.29 61.68 -12.78
CA GLY AA 301 -40.57 60.97 -12.84
C GLY AA 301 -40.47 59.54 -12.33
N GLN AA 302 -39.36 58.86 -12.61
CA GLN AA 302 -39.23 57.48 -12.17
C GLN AA 302 -39.07 57.38 -10.66
N LEU AA 303 -38.26 58.26 -10.07
CA LEU AA 303 -38.11 58.27 -8.61
C LEU AA 303 -39.43 58.63 -7.93
N THR AA 304 -40.10 59.67 -8.43
CA THR AA 304 -41.39 60.06 -7.89
C THR AA 304 -42.40 58.91 -7.98
N ALA AA 305 -42.35 58.15 -9.09
CA ALA AA 305 -43.24 57.01 -9.23
C ALA AA 305 -42.87 55.88 -8.28
N LEU AA 306 -41.58 55.72 -7.99
CA LEU AA 306 -41.16 54.68 -7.04
C LEU AA 306 -41.63 55.01 -5.63
N LEU AA 307 -41.41 56.25 -5.19
CA LEU AA 307 -41.91 56.66 -3.87
C LEU AA 307 -43.43 56.55 -3.79
N LEU AA 308 -44.11 56.77 -4.92
CA LEU AA 308 -45.56 56.55 -5.02
C LEU AA 308 -45.90 55.09 -5.24
N ARG AA 309 -44.95 54.18 -4.97
CA ARG AA 309 -45.18 52.75 -4.96
C ARG AA 309 -45.49 52.20 -6.35
N SER AA 310 -44.57 52.40 -7.28
CA SER AA 310 -44.62 51.74 -8.58
C SER AA 310 -43.93 50.39 -8.49
N THR AA 311 -44.38 49.45 -9.33
CA THR AA 311 -43.76 48.13 -9.37
C THR AA 311 -42.66 48.03 -10.43
N ARG AA 312 -42.64 48.93 -11.41
CA ARG AA 312 -41.64 48.91 -12.46
C ARG AA 312 -40.51 49.89 -12.23
N ALA AA 313 -40.69 50.87 -11.35
CA ALA AA 313 -39.65 51.86 -11.12
C ALA AA 313 -38.43 51.29 -10.42
N ARG AA 314 -38.57 50.15 -9.73
CA ARG AA 314 -37.44 49.56 -9.03
C ARG AA 314 -36.29 49.22 -9.97
N ASN AA 315 -36.60 48.90 -11.22
CA ASN AA 315 -35.60 48.43 -12.16
C ASN AA 315 -35.19 49.49 -13.18
N ALA AA 316 -35.79 50.67 -13.14
CA ALA AA 316 -35.32 51.76 -13.99
C ALA AA 316 -33.91 52.17 -13.57
N ARG AA 317 -33.11 52.56 -14.56
CA ARG AA 317 -31.70 52.81 -14.32
C ARG AA 317 -31.44 54.27 -13.98
N GLN AA 318 -30.38 54.50 -13.19
CA GLN AA 318 -30.03 55.83 -12.71
C GLN AA 318 -29.11 56.50 -13.73
N PRO AA 319 -29.57 57.53 -14.43
CA PRO AA 319 -28.72 58.17 -15.44
C PRO AA 319 -27.51 58.85 -14.82
N ASP AA 320 -26.56 59.19 -15.68
CA ASP AA 320 -25.31 59.80 -15.27
C ASP AA 320 -25.33 61.30 -15.54
N ASP AA 321 -24.64 62.05 -14.66
CA ASP AA 321 -24.45 63.49 -14.81
C ASP AA 321 -25.78 64.23 -14.83
N ILE AA 322 -26.47 64.16 -13.69
CA ILE AA 322 -27.71 64.90 -13.47
C ILE AA 322 -27.74 65.38 -12.03
N GLU AA 323 -28.47 66.46 -11.78
CA GLU AA 323 -28.63 66.98 -10.43
C GLU AA 323 -29.36 66.00 -9.52
N TYR AA 324 -28.64 65.05 -8.93
CA TYR AA 324 -29.31 64.02 -8.13
C TYR AA 324 -30.01 64.62 -6.92
N THR AA 325 -29.35 65.57 -6.24
CA THR AA 325 -29.91 66.14 -5.01
C THR AA 325 -31.19 66.93 -5.27
N SER AA 326 -31.11 67.92 -6.17
CA SER AA 326 -32.28 68.75 -6.46
C SER AA 326 -33.44 67.91 -6.98
N LEU AA 327 -33.15 66.92 -7.83
CA LEU AA 327 -34.21 66.08 -8.38
C LEU AA 327 -34.81 65.17 -7.31
N THR AA 328 -34.00 64.72 -6.35
CA THR AA 328 -34.55 63.92 -5.26
C THR AA 328 -35.40 64.76 -4.32
N THR AA 329 -35.04 66.02 -4.12
CA THR AA 329 -35.87 66.89 -3.30
C THR AA 329 -37.19 67.22 -4.00
N ALA AA 330 -37.14 67.48 -5.31
CA ALA AA 330 -38.37 67.75 -6.06
C ALA AA 330 -39.27 66.52 -6.09
N GLY AA 331 -38.72 65.35 -6.41
CA GLY AA 331 -39.51 64.14 -6.39
C GLY AA 331 -40.01 63.77 -5.01
N LEU AA 332 -39.26 64.11 -3.97
CA LEU AA 332 -39.71 63.89 -2.60
C LEU AA 332 -40.91 64.77 -2.27
N LEU AA 333 -40.81 66.05 -2.62
CA LEU AA 333 -41.93 66.96 -2.34
C LEU AA 333 -43.17 66.58 -3.12
N TYR AA 334 -43.01 66.25 -4.41
CA TYR AA 334 -44.15 65.81 -5.21
C TYR AA 334 -44.76 64.53 -4.65
N ALA AA 335 -43.90 63.55 -4.35
CA ALA AA 335 -44.38 62.27 -3.84
C ALA AA 335 -45.11 62.43 -2.50
N TYR AA 336 -44.60 63.32 -1.65
CA TYR AA 336 -45.26 63.58 -0.37
C TYR AA 336 -46.60 64.29 -0.58
N ALA AA 337 -46.65 65.21 -1.56
CA ALA AA 337 -47.90 65.91 -1.83
C ALA AA 337 -48.98 64.94 -2.30
N VAL AA 338 -48.65 64.06 -3.26
CA VAL AA 338 -49.62 63.09 -3.71
C VAL AA 338 -49.90 62.03 -2.65
N GLY AA 339 -48.96 61.80 -1.73
CA GLY AA 339 -49.18 60.80 -0.69
C GLY AA 339 -50.15 61.28 0.38
N SER AA 340 -49.95 62.51 0.84
CA SER AA 340 -50.83 63.06 1.88
C SER AA 340 -52.21 63.37 1.30
N SER AA 341 -52.25 64.19 0.25
CA SER AA 341 -53.51 64.62 -0.36
C SER AA 341 -54.07 63.47 -1.20
N ALA AA 342 -54.64 62.49 -0.50
CA ALA AA 342 -55.37 61.43 -1.20
C ALA AA 342 -56.60 61.96 -1.90
N ASP AA 343 -57.14 63.10 -1.44
CA ASP AA 343 -58.26 63.78 -2.09
C ASP AA 343 -59.46 62.86 -2.23
N LEU AA 344 -59.85 62.24 -1.12
CA LEU AA 344 -61.03 61.38 -1.10
C LEU AA 344 -62.28 62.23 -1.24
N ALA AA 345 -63.18 61.83 -2.13
CA ALA AA 345 -64.43 62.54 -2.34
C ALA AA 345 -65.50 61.54 -2.72
N GLN AA 346 -66.69 61.70 -2.14
CA GLN AA 346 -67.80 60.80 -2.43
C GLN AA 346 -68.17 60.88 -3.90
N GLN AA 347 -68.57 59.75 -4.47
CA GLN AA 347 -68.91 59.65 -5.88
C GLN AA 347 -70.37 59.34 -6.13
N PHE AA 348 -70.94 58.38 -5.41
CA PHE AA 348 -72.34 57.99 -5.56
C PHE AA 348 -73.09 58.23 -4.27
N CYS AA 349 -74.40 58.48 -4.38
CA CYS AA 349 -75.25 58.76 -3.23
C CYS AA 349 -76.56 58.01 -3.37
N VAL AA 350 -77.08 57.55 -2.24
CA VAL AA 350 -78.34 56.82 -2.20
C VAL AA 350 -79.51 57.79 -2.05
N GLY AA 351 -79.73 58.27 -0.83
CA GLY AA 351 -80.90 59.10 -0.55
C GLY AA 351 -80.70 60.56 -0.91
N ASP AA 352 -79.94 60.81 -1.97
CA ASP AA 352 -79.61 62.16 -2.42
C ASP AA 352 -79.03 62.98 -1.26
N ASN AA 353 -78.19 62.34 -0.46
CA ASN AA 353 -77.47 63.00 0.63
C ASN AA 353 -76.00 62.72 0.45
N LYS AA 354 -75.22 63.76 0.16
CA LYS AA 354 -73.78 63.66 0.00
C LYS AA 354 -73.10 64.28 1.21
N TYR AA 355 -71.81 63.96 1.37
CA TYR AA 355 -71.05 64.53 2.47
C TYR AA 355 -71.00 66.06 2.34
N THR AA 356 -71.41 66.75 3.40
CA THR AA 356 -71.40 68.20 3.42
C THR AA 356 -70.32 68.67 4.39
N PRO AA 357 -69.27 69.33 3.91
CA PRO AA 357 -68.18 69.72 4.80
C PRO AA 357 -68.63 70.73 5.84
N ASP AA 358 -67.94 70.74 6.97
CA ASP AA 358 -68.26 71.60 8.10
C ASP AA 358 -67.31 72.79 8.10
N ASP AA 359 -67.79 73.93 7.62
CA ASP AA 359 -67.01 75.16 7.60
C ASP AA 359 -66.96 75.87 8.94
N SER AA 360 -67.53 75.28 9.98
CA SER AA 360 -67.59 75.90 11.31
C SER AA 360 -66.38 75.58 12.17
N THR AA 361 -65.32 74.99 11.59
CA THR AA 361 -64.11 74.72 12.33
C THR AA 361 -63.29 76.00 12.43
N GLY AA 362 -63.19 76.54 13.65
CA GLY AA 362 -62.57 77.84 13.83
C GLY AA 362 -61.33 77.85 14.69
N GLY AA 363 -60.86 76.67 15.11
CA GLY AA 363 -59.64 76.60 15.90
C GLY AA 363 -58.39 77.03 15.16
N LEU AA 364 -58.50 77.32 13.86
CA LEU AA 364 -57.37 77.71 13.03
C LEU AA 364 -56.29 76.64 13.05
N THR AA 365 -56.49 75.57 12.27
CA THR AA 365 -55.49 74.51 12.16
C THR AA 365 -54.43 74.92 11.15
N THR AA 366 -53.62 75.89 11.56
CA THR AA 366 -52.52 76.38 10.74
C THR AA 366 -51.29 75.49 10.91
N ASN AA 367 -50.22 75.86 10.21
CA ASN AA 367 -48.99 75.06 10.17
C ASN AA 367 -49.27 73.63 9.74
N ALA AA 368 -50.33 73.44 8.94
CA ALA AA 368 -50.78 72.17 8.42
C ALA AA 368 -50.58 72.12 6.91
N PRO AA 369 -50.14 70.97 6.38
CA PRO AA 369 -49.91 70.87 4.93
C PRO AA 369 -51.16 71.18 4.14
N PRO AA 370 -51.02 71.58 2.87
CA PRO AA 370 -52.19 71.93 2.06
C PRO AA 370 -53.17 70.76 1.93
N GLN AA 371 -54.37 71.10 1.48
CA GLN AA 371 -55.47 70.15 1.42
C GLN AA 371 -55.58 69.46 0.06
N GLY AA 372 -55.01 70.05 -0.99
CA GLY AA 372 -55.05 69.46 -2.31
C GLY AA 372 -53.69 69.15 -2.88
N ARG AA 373 -53.55 69.18 -4.20
CA ARG AA 373 -52.30 68.87 -4.88
C ARG AA 373 -51.82 70.04 -5.73
N ASP AA 374 -52.11 71.27 -5.31
CA ASP AA 374 -51.68 72.44 -6.06
C ASP AA 374 -50.21 72.72 -5.79
N VAL AA 375 -49.46 73.03 -6.85
CA VAL AA 375 -48.06 73.38 -6.69
C VAL AA 375 -47.92 74.73 -5.99
N VAL AA 376 -48.84 75.66 -6.28
CA VAL AA 376 -48.72 77.01 -5.78
C VAL AA 376 -48.79 77.05 -4.26
N GLU AA 377 -49.51 76.10 -3.65
CA GLU AA 377 -49.61 76.03 -2.20
C GLU AA 377 -48.51 75.19 -1.57
N TRP AA 378 -48.18 74.04 -2.17
CA TRP AA 378 -47.15 73.18 -1.62
C TRP AA 378 -45.77 73.84 -1.68
N LEU AA 379 -45.53 74.70 -2.66
CA LEU AA 379 -44.28 75.46 -2.68
C LEU AA 379 -44.20 76.41 -1.50
N GLY AA 380 -45.31 77.08 -1.19
CA GLY AA 380 -45.33 77.98 -0.04
C GLY AA 380 -45.16 77.25 1.28
N TRP AA 381 -45.87 76.13 1.45
CA TRP AA 381 -45.66 75.29 2.63
C TRP AA 381 -44.20 74.86 2.73
N PHE AA 382 -43.60 74.49 1.60
CA PHE AA 382 -42.18 74.14 1.59
C PHE AA 382 -41.32 75.31 2.03
N GLU AA 383 -41.71 76.53 1.68
CA GLU AA 383 -40.98 77.70 2.16
C GLU AA 383 -41.18 77.90 3.66
N ASP AA 384 -42.35 77.53 4.18
CA ASP AA 384 -42.54 77.54 5.62
C ASP AA 384 -41.64 76.52 6.32
N GLN AA 385 -41.34 75.41 5.65
CA GLN AA 385 -40.43 74.40 6.18
C GLN AA 385 -38.96 74.73 5.89
N ASN AA 386 -38.64 75.99 5.59
CA ASN AA 386 -37.27 76.43 5.31
C ASN AA 386 -36.65 75.68 4.14
N ARG AA 387 -37.48 75.23 3.20
CA ARG AA 387 -37.05 74.49 2.01
C ARG AA 387 -36.27 73.22 2.35
N LYS AA 388 -36.37 72.75 3.59
CA LYS AA 388 -35.78 71.49 4.01
C LYS AA 388 -36.86 70.45 4.22
N PRO AA 389 -36.61 69.19 3.84
CA PRO AA 389 -37.64 68.16 3.97
C PRO AA 389 -37.94 67.88 5.45
N THR AA 390 -39.22 68.00 5.81
CA THR AA 390 -39.62 67.72 7.17
C THR AA 390 -39.33 66.25 7.50
N PRO AA 391 -39.08 65.94 8.78
CA PRO AA 391 -38.81 64.54 9.15
C PRO AA 391 -39.97 63.60 8.84
N ASP AA 392 -41.20 64.13 8.69
CA ASP AA 392 -42.31 63.28 8.27
C ASP AA 392 -42.28 63.01 6.78
N MET AA 393 -41.69 63.91 5.99
CA MET AA 393 -41.47 63.62 4.57
C MET AA 393 -40.42 62.53 4.41
N MET AA 394 -39.28 62.69 5.08
CA MET AA 394 -38.24 61.67 5.03
C MET AA 394 -38.74 60.35 5.60
N GLN AA 395 -39.58 60.40 6.63
CA GLN AA 395 -40.17 59.16 7.15
C GLN AA 395 -41.15 58.55 6.16
N TYR AA 396 -41.88 59.38 5.42
CA TYR AA 396 -42.76 58.87 4.37
C TYR AA 396 -41.96 58.14 3.31
N ALA AA 397 -40.90 58.76 2.81
CA ALA AA 397 -40.06 58.11 1.80
C ALA AA 397 -39.44 56.84 2.36
N LYS AA 398 -39.01 56.85 3.62
CA LYS AA 398 -38.47 55.64 4.24
C LYS AA 398 -39.50 54.53 4.25
N ARG AA 399 -40.75 54.85 4.64
CA ARG AA 399 -41.81 53.85 4.59
C ARG AA 399 -42.13 53.41 3.17
N ALA AA 400 -41.78 54.21 2.17
CA ALA AA 400 -42.04 53.85 0.78
C ALA AA 400 -40.94 53.01 0.15
N VAL AA 401 -39.70 53.13 0.63
CA VAL AA 401 -38.58 52.40 0.04
C VAL AA 401 -38.10 51.23 0.89
N MET AA 402 -38.38 51.23 2.19
CA MET AA 402 -38.05 50.05 2.99
C MET AA 402 -38.91 48.88 2.56
N SER AA 403 -38.49 47.68 2.96
CA SER AA 403 -39.09 46.42 2.51
C SER AA 403 -38.99 46.25 0.99
N LEU AA 404 -38.02 46.90 0.36
CA LEU AA 404 -37.70 46.69 -1.04
C LEU AA 404 -36.50 45.76 -1.12
N GLN AA 405 -36.66 44.63 -1.80
CA GLN AA 405 -35.62 43.61 -1.89
C GLN AA 405 -35.38 43.23 -3.33
N GLY AA 406 -34.22 42.60 -3.57
CA GLY AA 406 -33.84 42.20 -4.91
C GLY AA 406 -33.61 43.39 -5.81
N LEU AA 407 -32.84 44.36 -5.35
CA LEU AA 407 -32.60 45.60 -6.08
C LEU AA 407 -31.35 45.47 -6.93
N ARG AA 408 -31.50 45.71 -8.23
CA ARG AA 408 -30.36 45.65 -9.14
C ARG AA 408 -29.48 46.88 -8.97
N GLU AA 409 -28.17 46.68 -9.16
CA GLU AA 409 -27.23 47.79 -9.09
C GLU AA 409 -27.50 48.79 -10.20
N LYS AA 410 -27.07 50.03 -9.96
CA LYS AA 410 -27.20 51.13 -10.93
C LYS AA 410 -28.65 51.41 -11.30
N THR AA 411 -29.58 51.09 -10.42
CA THR AA 411 -30.98 51.39 -10.62
C THR AA 411 -31.42 52.50 -9.68
N ILE AA 412 -32.57 53.12 -9.99
CA ILE AA 412 -33.12 54.13 -9.10
C ILE AA 412 -33.75 53.49 -7.88
N GLY AA 413 -34.06 52.20 -7.94
CA GLY AA 413 -34.60 51.51 -6.78
C GLY AA 413 -33.59 51.42 -5.66
N LYS AA 414 -32.41 50.86 -5.97
CA LYS AA 414 -31.34 50.83 -4.99
C LYS AA 414 -30.92 52.22 -4.55
N TYR AA 415 -31.06 53.21 -5.44
CA TYR AA 415 -30.72 54.57 -5.07
C TYR AA 415 -31.69 55.12 -4.02
N ALA AA 416 -32.99 54.98 -4.26
CA ALA AA 416 -33.98 55.47 -3.31
C ALA AA 416 -33.88 54.72 -1.98
N LYS AA 417 -33.68 53.40 -2.04
CA LYS AA 417 -33.50 52.61 -0.83
C LYS AA 417 -32.26 53.07 -0.06
N SER AA 418 -31.16 53.32 -0.77
CA SER AA 418 -29.92 53.74 -0.12
C SER AA 418 -30.00 55.18 0.38
N GLU AA 419 -30.92 55.98 -0.14
CA GLU AA 419 -31.03 57.38 0.25
C GLU AA 419 -32.04 57.60 1.36
N PHE AA 420 -33.09 56.78 1.45
CA PHE AA 420 -34.16 57.02 2.40
C PHE AA 420 -34.30 55.97 3.48
N ASP AA 421 -33.56 54.87 3.44
CA ASP AA 421 -33.70 53.80 4.41
C ASP AA 421 -32.48 53.79 5.32
N LYS AA 422 -32.49 54.72 6.28
CA LYS AA 422 -31.45 54.78 7.32
C LYS AA 422 -31.85 55.79 8.40
N GLN BA 1 -67.83 75.92 -5.64
CA GLN BA 1 -67.13 77.07 -6.18
C GLN BA 1 -66.72 78.03 -5.07
N VAL BA 2 -65.52 78.61 -5.19
CA VAL BA 2 -65.01 79.55 -4.22
C VAL BA 2 -65.52 80.95 -4.58
N GLN BA 3 -65.96 81.70 -3.58
CA GLN BA 3 -66.51 83.02 -3.80
C GLN BA 3 -66.34 83.88 -2.55
N LEU BA 4 -66.09 85.16 -2.77
CA LEU BA 4 -65.98 86.16 -1.72
C LEU BA 4 -67.08 87.20 -1.92
N VAL BA 5 -67.93 87.36 -0.92
CA VAL BA 5 -69.10 88.24 -1.01
C VAL BA 5 -68.84 89.48 -0.16
N GLU BA 6 -69.13 90.65 -0.71
CA GLU BA 6 -68.97 91.92 0.00
C GLU BA 6 -70.33 92.55 0.23
N THR BA 7 -70.61 92.92 1.48
CA THR BA 7 -71.81 93.67 1.83
C THR BA 7 -71.43 94.85 2.70
N GLY BA 8 -72.32 95.83 2.76
CA GLY BA 8 -72.17 96.94 3.68
C GLY BA 8 -71.63 98.23 3.09
N GLY BA 9 -71.82 98.47 1.79
CA GLY BA 9 -71.40 99.71 1.19
C GLY BA 9 -72.57 100.68 1.00
N GLY BA 10 -72.23 101.91 0.64
CA GLY BA 10 -73.26 102.91 0.40
C GLY BA 10 -72.66 104.30 0.31
N LEU BA 11 -73.55 105.28 0.46
CA LEU BA 11 -73.21 106.70 0.37
C LEU BA 11 -73.25 107.33 1.76
N VAL BA 12 -72.17 108.02 2.12
CA VAL BA 12 -72.05 108.69 3.41
C VAL BA 12 -71.43 110.06 3.21
N GLN BA 13 -71.52 110.89 4.24
CA GLN BA 13 -70.89 112.19 4.27
C GLN BA 13 -69.45 112.06 4.77
N THR BA 14 -68.64 113.06 4.42
CA THR BA 14 -67.25 113.08 4.87
C THR BA 14 -67.19 113.10 6.38
N GLY BA 15 -66.36 112.21 6.93
CA GLY BA 15 -66.32 111.98 8.36
C GLY BA 15 -67.22 110.86 8.85
N GLY BA 16 -68.11 110.37 8.00
CA GLY BA 16 -68.95 109.24 8.35
C GLY BA 16 -68.14 107.96 8.48
N SER BA 17 -68.86 106.86 8.62
CA SER BA 17 -68.21 105.57 8.84
C SER BA 17 -69.09 104.45 8.32
N LEU BA 18 -68.44 103.43 7.75
CA LEU BA 18 -69.10 102.23 7.27
C LEU BA 18 -68.33 101.01 7.78
N ARG BA 19 -68.91 99.83 7.56
CA ARG BA 19 -68.24 98.58 7.88
C ARG BA 19 -68.52 97.59 6.77
N LEU BA 20 -67.49 97.18 6.04
CA LEU BA 20 -67.63 96.22 4.96
C LEU BA 20 -67.42 94.81 5.49
N SER BA 21 -68.35 93.92 5.18
CA SER BA 21 -68.30 92.52 5.58
C SER BA 21 -68.00 91.66 4.36
N CYS BA 22 -66.98 90.81 4.48
CA CYS BA 22 -66.62 89.86 3.44
C CYS BA 22 -66.87 88.45 3.95
N LYS BA 23 -67.81 87.75 3.30
CA LYS BA 23 -68.12 86.35 3.58
C LYS BA 23 -67.38 85.50 2.56
N ALA BA 24 -66.41 84.71 3.03
CA ALA BA 24 -65.59 83.87 2.18
C ALA BA 24 -66.11 82.44 2.26
N SER BA 25 -66.47 81.87 1.11
CA SER BA 25 -66.96 80.50 1.07
C SER BA 25 -66.32 79.78 -0.11
N GLY BA 26 -66.42 78.45 -0.11
CA GLY BA 26 -65.96 77.60 -1.19
C GLY BA 26 -64.80 76.70 -0.81
N ARG BA 27 -63.91 77.16 0.07
CA ARG BA 27 -62.75 76.36 0.43
C ARG BA 27 -62.34 76.74 1.86
N THR BA 28 -61.12 76.38 2.24
CA THR BA 28 -60.56 76.68 3.54
C THR BA 28 -59.51 77.78 3.42
N PHE BA 29 -59.55 78.72 4.38
CA PHE BA 29 -58.65 79.88 4.37
C PHE BA 29 -57.78 79.92 5.62
N SER BA 30 -57.45 78.76 6.19
CA SER BA 30 -56.69 78.73 7.43
C SER BA 30 -55.32 79.37 7.26
N ASN BA 31 -54.61 79.01 6.19
CA ASN BA 31 -53.27 79.52 5.92
C ASN BA 31 -53.29 80.53 4.78
N SER BA 32 -54.36 81.35 4.73
CA SER BA 32 -54.59 82.26 3.61
C SER BA 32 -54.58 83.69 4.11
N ILE BA 33 -53.92 84.57 3.34
CA ILE BA 33 -53.91 86.00 3.65
C ILE BA 33 -55.15 86.64 3.02
N MET BA 34 -55.97 87.27 3.85
CA MET BA 34 -57.11 88.02 3.35
C MET BA 34 -56.71 89.47 3.13
N GLY BA 35 -57.54 90.19 2.36
CA GLY BA 35 -57.21 91.57 2.07
C GLY BA 35 -58.35 92.29 1.39
N TRP BA 36 -58.15 93.60 1.22
CA TRP BA 36 -59.10 94.48 0.56
C TRP BA 36 -58.39 95.32 -0.48
N PHE BA 37 -59.04 95.52 -1.62
CA PHE BA 37 -58.55 96.44 -2.64
C PHE BA 37 -59.68 97.37 -3.04
N ARG BA 38 -59.33 98.54 -3.54
CA ARG BA 38 -60.33 99.49 -4.01
C ARG BA 38 -59.95 100.01 -5.38
N GLN BA 39 -60.97 100.39 -6.15
CA GLN BA 39 -60.78 100.88 -7.50
C GLN BA 39 -61.78 101.99 -7.77
N ALA BA 40 -61.28 103.16 -8.17
CA ALA BA 40 -62.15 104.22 -8.64
C ALA BA 40 -62.34 104.12 -10.13
N PRO BA 41 -63.57 104.30 -10.63
CA PRO BA 41 -63.80 104.23 -12.08
C PRO BA 41 -62.96 105.27 -12.82
N GLY BA 42 -62.16 104.79 -13.76
CA GLY BA 42 -61.21 105.63 -14.45
C GLY BA 42 -59.83 105.67 -13.81
N LYS BA 43 -59.64 104.99 -12.68
CA LYS BA 43 -58.35 104.93 -12.00
C LYS BA 43 -57.99 103.46 -11.76
N GLU BA 44 -56.71 103.24 -11.45
CA GLU BA 44 -56.22 101.89 -11.24
C GLU BA 44 -56.68 101.35 -9.90
N ARG BA 45 -56.70 100.02 -9.79
CA ARG BA 45 -57.08 99.37 -8.55
C ARG BA 45 -55.96 99.51 -7.52
N ASP BA 46 -56.29 100.02 -6.35
CA ASP BA 46 -55.31 100.32 -5.31
C ASP BA 46 -55.47 99.37 -4.13
N PHE BA 47 -54.44 99.36 -3.29
CA PHE BA 47 -54.39 98.55 -2.09
C PHE BA 47 -54.67 99.43 -0.88
N VAL BA 48 -55.42 98.88 0.09
CA VAL BA 48 -55.78 99.59 1.31
C VAL BA 48 -55.34 98.85 2.57
N ALA BA 49 -55.52 97.54 2.63
CA ALA BA 49 -55.19 96.78 3.82
C ALA BA 49 -55.19 95.30 3.49
N LYS BA 50 -54.40 94.54 4.24
CA LYS BA 50 -54.42 93.09 4.17
C LYS BA 50 -54.12 92.56 5.56
N ILE BA 51 -54.76 91.44 5.90
CA ILE BA 51 -54.56 90.78 7.18
C ILE BA 51 -54.12 89.35 6.90
N SER BA 52 -52.99 88.96 7.46
CA SER BA 52 -52.44 87.63 7.24
C SER BA 52 -53.05 86.63 8.21
N TRP BA 53 -52.71 85.36 8.01
CA TRP BA 53 -53.07 84.31 8.95
C TRP BA 53 -52.05 84.15 10.07
N ARG BA 54 -50.88 84.79 9.95
CA ARG BA 54 -49.84 84.73 10.96
C ARG BA 54 -50.09 85.84 11.98
N ASN BA 55 -50.67 85.48 13.12
CA ASN BA 55 -50.90 86.39 14.24
C ASN BA 55 -51.74 87.61 13.84
N ASP BA 56 -52.54 87.49 12.79
CA ASP BA 56 -53.39 88.57 12.29
C ASP BA 56 -52.58 89.83 12.01
N TYR BA 57 -51.47 89.64 11.30
CA TYR BA 57 -50.58 90.74 10.95
C TYR BA 57 -51.28 91.66 9.95
N THR BA 58 -51.39 92.94 10.30
CA THR BA 58 -52.12 93.92 9.50
C THR BA 58 -51.14 94.80 8.72
N THR BA 59 -51.50 95.09 7.47
CA THR BA 59 -50.69 95.97 6.63
C THR BA 59 -51.64 96.95 5.93
N TYR BA 60 -51.42 98.24 6.16
CA TYR BA 60 -52.27 99.28 5.61
C TYR BA 60 -51.47 100.18 4.66
N ALA BA 61 -52.15 100.66 3.63
CA ALA BA 61 -51.58 101.73 2.82
C ALA BA 61 -51.56 103.03 3.62
N ASP BA 62 -50.62 103.91 3.25
CA ASP BA 62 -50.49 105.17 3.99
C ASP BA 62 -51.71 106.06 3.85
N SER BA 63 -52.55 105.82 2.85
CA SER BA 63 -53.74 106.65 2.64
C SER BA 63 -54.78 106.44 3.74
N VAL BA 64 -54.79 105.28 4.39
CA VAL BA 64 -55.84 104.92 5.34
C VAL BA 64 -55.30 104.56 6.70
N LYS BA 65 -53.99 104.67 6.93
CA LYS BA 65 -53.43 104.35 8.24
C LYS BA 65 -54.01 105.29 9.30
N GLY BA 66 -54.69 104.71 10.28
CA GLY BA 66 -55.34 105.46 11.34
C GLY BA 66 -56.83 105.65 11.16
N ARG BA 67 -57.35 105.44 9.96
CA ARG BA 67 -58.77 105.60 9.67
C ARG BA 67 -59.49 104.28 9.44
N PHE BA 68 -58.84 103.30 8.81
CA PHE BA 68 -59.42 101.99 8.57
C PHE BA 68 -58.81 100.97 9.51
N THR BA 69 -59.57 99.90 9.76
CA THR BA 69 -59.08 98.81 10.60
C THR BA 69 -59.65 97.50 10.07
N ILE BA 70 -58.78 96.64 9.56
CA ILE BA 70 -59.19 95.36 9.00
C ILE BA 70 -59.12 94.30 10.08
N SER BA 71 -60.06 93.35 10.03
CA SER BA 71 -60.08 92.23 10.96
C SER BA 71 -60.50 90.99 10.21
N ARG BA 72 -60.35 89.83 10.84
CA ARG BA 72 -60.78 88.58 10.24
C ARG BA 72 -61.26 87.63 11.32
N ASP BA 73 -62.22 86.78 10.95
CA ASP BA 73 -62.76 85.75 11.82
C ASP BA 73 -62.72 84.43 11.06
N ASN BA 74 -61.84 83.53 11.50
CA ASN BA 74 -61.73 82.21 10.88
C ASN BA 74 -62.84 81.26 11.32
N ALA BA 75 -63.43 81.49 12.50
CA ALA BA 75 -64.53 80.66 12.94
C ALA BA 75 -65.78 80.90 12.09
N SER BA 76 -66.00 82.14 11.65
CA SER BA 76 -67.15 82.48 10.83
C SER BA 76 -66.81 82.63 9.36
N ASN BA 77 -65.53 82.46 8.99
CA ASN BA 77 -65.08 82.60 7.61
C ASN BA 77 -65.44 83.97 7.04
N MET BA 78 -65.07 85.02 7.76
CA MET BA 78 -65.34 86.38 7.32
C MET BA 78 -64.12 87.25 7.53
N VAL BA 79 -64.13 88.42 6.89
CA VAL BA 79 -63.09 89.43 7.06
C VAL BA 79 -63.73 90.80 6.88
N TYR BA 80 -63.51 91.68 7.85
CA TYR BA 80 -64.18 92.97 7.93
C TYR BA 80 -63.21 94.11 7.67
N LEU BA 81 -63.75 95.20 7.12
CA LEU BA 81 -63.02 96.46 6.96
C LEU BA 81 -63.83 97.54 7.65
N LEU BA 82 -63.29 98.07 8.76
CA LEU BA 82 -63.93 99.15 9.51
C LEU BA 82 -63.44 100.49 8.96
N MET BA 83 -64.36 101.27 8.42
CA MET BA 83 -64.05 102.53 7.73
C MET BA 83 -64.55 103.68 8.58
N ASN BA 84 -63.67 104.23 9.40
CA ASN BA 84 -63.95 105.41 10.21
C ASN BA 84 -63.23 106.62 9.62
N ASN BA 85 -63.81 107.80 9.86
CA ASN BA 85 -63.21 109.07 9.45
C ASN BA 85 -62.99 109.10 7.94
N LEU BA 86 -64.07 108.89 7.20
CA LEU BA 86 -64.00 108.76 5.75
C LEU BA 86 -63.73 110.12 5.09
N LYS BA 87 -63.29 110.04 3.84
CA LYS BA 87 -63.03 111.19 2.99
C LYS BA 87 -63.62 110.93 1.62
N PRO BA 88 -63.89 111.98 0.84
CA PRO BA 88 -64.22 111.77 -0.58
C PRO BA 88 -63.07 111.14 -1.35
N GLU BA 89 -61.84 111.23 -0.81
CA GLU BA 89 -60.71 110.50 -1.38
C GLU BA 89 -60.97 109.00 -1.39
N ASP BA 90 -61.75 108.49 -0.43
CA ASP BA 90 -62.00 107.07 -0.28
C ASP BA 90 -63.18 106.57 -1.11
N THR BA 91 -63.73 107.40 -1.99
CA THR BA 91 -64.84 106.96 -2.83
C THR BA 91 -64.33 106.03 -3.91
N ALA BA 92 -64.83 104.79 -3.91
CA ALA BA 92 -64.40 103.78 -4.87
C ALA BA 92 -65.30 102.56 -4.73
N VAL BA 93 -65.00 101.53 -5.52
CA VAL BA 93 -65.61 100.22 -5.40
C VAL BA 93 -64.60 99.29 -4.73
N TYR BA 94 -65.03 98.61 -3.68
CA TYR BA 94 -64.14 97.81 -2.85
C TYR BA 94 -64.36 96.33 -3.11
N TYR BA 95 -63.26 95.60 -3.27
CA TYR BA 95 -63.26 94.16 -3.52
C TYR BA 95 -62.52 93.45 -2.41
N CYS BA 96 -63.05 92.29 -2.03
CA CYS BA 96 -62.42 91.41 -1.05
C CYS BA 96 -61.54 90.41 -1.79
N ALA BA 97 -60.30 90.26 -1.31
CA ALA BA 97 -59.31 89.41 -1.96
C ALA BA 97 -58.83 88.34 -0.98
N ALA BA 98 -58.61 87.14 -1.52
CA ALA BA 98 -58.10 86.02 -0.74
C ALA BA 98 -56.92 85.40 -1.48
N THR BA 99 -56.06 84.73 -0.72
CA THR BA 99 -54.82 84.18 -1.22
C THR BA 99 -54.84 82.66 -1.10
N LYS BA 100 -54.25 81.98 -2.07
CA LYS BA 100 -54.06 80.54 -1.97
C LYS BA 100 -53.24 80.21 -0.72
N ALA BA 101 -53.41 78.98 -0.24
CA ALA BA 101 -52.76 78.56 1.00
C ALA BA 101 -51.24 78.71 0.90
N TYR BA 102 -50.65 79.24 1.97
CA TYR BA 102 -49.22 79.44 2.11
C TYR BA 102 -48.62 80.32 1.00
N ASN BA 103 -49.46 81.02 0.26
CA ASN BA 103 -49.01 81.93 -0.78
C ASN BA 103 -48.99 83.36 -0.25
N GLY BA 104 -48.32 84.24 -0.99
CA GLY BA 104 -48.14 85.60 -0.57
C GLY BA 104 -49.27 86.52 -0.97
N GLY BA 105 -49.46 87.57 -0.19
CA GLY BA 105 -50.38 88.64 -0.52
C GLY BA 105 -49.62 89.93 -0.72
N GLU BA 106 -49.53 90.40 -1.96
CA GLU BA 106 -48.69 91.55 -2.30
C GLU BA 106 -49.56 92.78 -2.56
N THR BA 107 -48.98 93.95 -2.33
CA THR BA 107 -49.70 95.21 -2.49
C THR BA 107 -50.05 95.49 -3.95
N SER BA 108 -49.32 94.91 -4.89
CA SER BA 108 -49.61 95.14 -6.31
C SER BA 108 -50.80 94.32 -6.79
N GLY BA 109 -51.08 93.19 -6.14
CA GLY BA 109 -52.05 92.23 -6.62
C GLY BA 109 -51.45 90.89 -6.94
N ARG BA 110 -50.12 90.79 -7.02
CA ARG BA 110 -49.46 89.50 -7.17
C ARG BA 110 -49.87 88.57 -6.04
N GLY BA 111 -50.20 87.34 -6.39
CA GLY BA 111 -50.97 86.51 -5.48
C GLY BA 111 -52.44 86.85 -5.60
N PHE BA 112 -53.15 86.72 -4.48
CA PHE BA 112 -54.58 87.05 -4.40
C PHE BA 112 -55.35 86.47 -5.59
N TYR BA 113 -55.46 85.13 -5.55
CA TYR BA 113 -56.07 84.41 -6.67
C TYR BA 113 -57.58 84.58 -6.70
N TYR BA 114 -58.21 84.94 -5.57
CA TYR BA 114 -59.65 85.09 -5.48
C TYR BA 114 -60.02 86.54 -5.32
N TRP BA 115 -61.13 86.94 -5.95
CA TRP BA 115 -61.61 88.31 -5.89
C TRP BA 115 -63.13 88.29 -5.88
N GLY BA 116 -63.72 89.31 -5.25
CA GLY BA 116 -65.16 89.47 -5.21
C GLY BA 116 -65.65 90.47 -6.24
N GLN BA 117 -66.97 90.44 -6.46
CA GLN BA 117 -67.56 91.35 -7.45
C GLN BA 117 -67.50 92.80 -6.99
N GLY BA 118 -67.53 93.04 -5.69
CA GLY BA 118 -67.29 94.37 -5.15
C GLY BA 118 -68.56 94.98 -4.57
N THR BA 119 -68.35 95.98 -3.71
CA THR BA 119 -69.42 96.78 -3.13
C THR BA 119 -69.05 98.25 -3.25
N GLN BA 120 -70.05 99.09 -3.51
CA GLN BA 120 -69.82 100.49 -3.84
C GLN BA 120 -69.78 101.34 -2.58
N VAL BA 121 -68.79 102.24 -2.51
CA VAL BA 121 -68.66 103.17 -1.39
C VAL BA 121 -68.45 104.56 -1.96
N THR BA 122 -69.39 105.47 -1.67
CA THR BA 122 -69.32 106.85 -2.12
C THR BA 122 -69.38 107.77 -0.90
N VAL BA 123 -68.48 108.74 -0.85
CA VAL BA 123 -68.37 109.68 0.26
C VAL BA 123 -68.41 111.08 -0.31
N SER BA 124 -69.39 111.88 0.10
CA SER BA 124 -69.56 113.23 -0.41
C SER BA 124 -69.68 114.22 0.74
N SER BA 125 -69.69 115.50 0.41
CA SER BA 125 -69.78 116.55 1.41
C SER BA 125 -71.23 116.80 1.82
N SER CA 2 -58.64 69.90 -21.39
CA SER CA 2 -57.68 70.74 -22.09
C SER CA 2 -57.67 72.16 -21.53
N VAL CA 3 -56.50 72.59 -21.04
CA VAL CA 3 -56.32 73.92 -20.48
C VAL CA 3 -54.93 74.41 -20.83
N THR CA 4 -54.78 75.72 -21.00
CA THR CA 4 -53.54 76.28 -21.48
C THR CA 4 -52.47 76.25 -20.40
N VAL CA 5 -51.29 75.75 -20.77
CA VAL CA 5 -50.13 75.69 -19.89
C VAL CA 5 -49.02 76.54 -20.48
N LYS CA 6 -48.39 77.37 -19.65
CA LYS CA 6 -47.34 78.27 -20.11
C LYS CA 6 -46.11 78.11 -19.24
N ARG CA 7 -44.94 78.30 -19.86
CA ARG CA 7 -43.67 78.26 -19.16
C ARG CA 7 -43.37 79.66 -18.62
N ILE CA 8 -43.30 79.78 -17.29
CA ILE CA 8 -43.25 81.09 -16.66
C ILE CA 8 -41.95 81.84 -16.95
N ILE CA 9 -40.90 81.14 -17.41
CA ILE CA 9 -39.64 81.80 -17.67
C ILE CA 9 -39.72 82.72 -18.89
N ASP CA 10 -40.68 82.48 -19.80
CA ASP CA 10 -40.74 83.28 -21.02
C ASP CA 10 -42.14 83.29 -21.65
N ASN CA 11 -43.19 82.95 -20.90
CA ASN CA 11 -44.56 82.91 -21.40
C ASN CA 11 -44.69 82.01 -22.63
N THR CA 12 -43.79 81.04 -22.78
CA THR CA 12 -43.83 80.13 -23.93
C THR CA 12 -44.86 79.05 -23.66
N VAL CA 13 -45.92 79.02 -24.48
CA VAL CA 13 -46.96 78.03 -24.32
C VAL CA 13 -46.38 76.63 -24.54
N ILE CA 14 -46.94 75.65 -23.82
CA ILE CA 14 -46.61 74.25 -24.02
C ILE CA 14 -47.91 73.46 -24.12
N VAL CA 15 -47.84 72.34 -24.81
CA VAL CA 15 -49.00 71.47 -24.98
C VAL CA 15 -48.63 70.06 -24.54
N PRO CA 16 -48.70 69.75 -23.24
CA PRO CA 16 -48.41 68.38 -22.79
C PRO CA 16 -49.49 67.43 -23.27
N LYS CA 17 -49.10 66.44 -24.05
CA LYS CA 17 -50.00 65.45 -24.59
C LYS CA 17 -49.36 64.08 -24.53
N LEU CA 18 -50.19 63.05 -24.33
CA LEU CA 18 -49.69 61.70 -24.11
C LEU CA 18 -50.07 60.79 -25.27
N PRO CA 19 -49.24 59.78 -25.57
CA PRO CA 19 -49.65 58.76 -26.54
C PRO CA 19 -50.91 58.05 -26.11
N ALA CA 20 -52.00 58.27 -26.84
CA ALA CA 20 -53.28 57.66 -26.50
C ALA CA 20 -53.29 56.19 -26.91
N ASN CA 21 -54.24 55.45 -26.35
CA ASN CA 21 -54.47 54.05 -26.70
C ASN CA 21 -55.97 53.81 -26.67
N GLU CA 22 -56.52 53.36 -27.79
CA GLU CA 22 -57.95 53.14 -27.88
C GLU CA 22 -58.38 52.00 -26.97
N ASP CA 23 -58.15 50.77 -27.41
CA ASP CA 23 -58.60 49.57 -26.70
C ASP CA 23 -60.07 49.68 -26.30
N PRO CA 24 -60.98 49.91 -27.23
CA PRO CA 24 -62.39 50.11 -26.87
C PRO CA 24 -63.00 48.86 -26.27
N VAL CA 25 -64.17 49.05 -25.67
CA VAL CA 25 -64.89 47.98 -24.97
C VAL CA 25 -66.14 47.66 -25.76
N GLU CA 26 -66.38 46.36 -25.97
CA GLU CA 26 -67.53 45.88 -26.73
C GLU CA 26 -68.46 45.13 -25.79
N TYR CA 27 -69.70 45.61 -25.68
CA TYR CA 27 -70.69 45.00 -24.81
C TYR CA 27 -71.44 43.88 -25.53
N PRO CA 28 -71.93 42.87 -24.80
CA PRO CA 28 -72.60 41.75 -25.46
C PRO CA 28 -73.87 42.13 -26.21
N ALA CA 29 -74.70 43.01 -25.64
CA ALA CA 29 -75.96 43.36 -26.28
C ALA CA 29 -75.77 44.18 -27.55
N ASP CA 30 -74.59 44.74 -27.78
CA ASP CA 30 -74.31 45.42 -29.04
C ASP CA 30 -74.03 44.45 -30.18
N TYR CA 31 -73.80 43.17 -29.86
CA TYR CA 31 -73.61 42.14 -30.88
C TYR CA 31 -74.92 41.56 -31.38
N PHE CA 32 -75.90 41.39 -30.48
CA PHE CA 32 -77.17 40.78 -30.87
C PHE CA 32 -78.07 41.74 -31.65
N ARG CA 33 -77.84 43.06 -31.54
CA ARG CA 33 -78.58 43.99 -32.38
C ARG CA 33 -78.09 43.99 -33.81
N LYS CA 34 -76.92 43.39 -34.09
CA LYS CA 34 -76.43 43.20 -35.44
C LYS CA 34 -76.77 41.82 -35.98
N SER CA 35 -76.54 40.78 -35.19
CA SER CA 35 -76.84 39.40 -35.58
C SER CA 35 -77.75 38.79 -34.51
N LYS CA 36 -78.92 38.33 -34.92
CA LYS CA 36 -79.86 37.69 -34.01
C LYS CA 36 -79.47 36.26 -33.65
N GLU CA 37 -78.40 35.73 -34.24
CA GLU CA 37 -77.90 34.40 -33.91
C GLU CA 37 -76.38 34.42 -33.96
N ILE CA 38 -75.79 33.34 -33.43
CA ILE CA 38 -74.34 33.17 -33.37
C ILE CA 38 -73.99 31.89 -34.13
N PRO CA 39 -73.08 31.95 -35.10
CA PRO CA 39 -72.78 30.75 -35.90
C PRO CA 39 -71.65 29.92 -35.33
N LEU CA 40 -71.80 28.60 -35.51
CA LEU CA 40 -70.76 27.63 -35.18
C LEU CA 40 -70.40 26.90 -36.47
N TYR CA 41 -69.16 27.06 -36.91
CA TYR CA 41 -68.69 26.48 -38.16
C TYR CA 41 -68.17 25.07 -37.90
N ILE CA 42 -68.80 24.08 -38.54
CA ILE CA 42 -68.52 22.67 -38.30
C ILE CA 42 -68.45 21.95 -39.64
N ASN CA 43 -67.96 20.70 -39.60
CA ASN CA 43 -67.85 19.87 -40.79
C ASN CA 43 -68.54 18.54 -40.51
N THR CA 44 -69.75 18.37 -41.07
CA THR CA 44 -70.55 17.17 -40.88
C THR CA 44 -70.36 16.15 -41.99
N THR CA 45 -69.20 16.16 -42.66
CA THR CA 45 -68.97 15.21 -43.75
C THR CA 45 -68.73 13.81 -43.22
N LYS CA 46 -67.62 13.60 -42.51
CA LYS CA 46 -67.27 12.28 -42.02
C LYS CA 46 -68.24 11.83 -40.94
N SER CA 47 -68.18 10.54 -40.62
CA SER CA 47 -69.08 9.93 -39.66
C SER CA 47 -68.48 9.95 -38.26
N LEU CA 48 -69.30 9.58 -37.28
CA LEU CA 48 -68.87 9.61 -35.88
C LEU CA 48 -67.82 8.53 -35.62
N SER CA 49 -68.15 7.28 -35.91
CA SER CA 49 -67.24 6.18 -35.62
C SER CA 49 -65.90 6.33 -36.33
N ASP CA 50 -65.84 7.13 -37.40
CA ASP CA 50 -64.55 7.49 -37.98
C ASP CA 50 -63.81 8.49 -37.10
N LEU CA 51 -64.46 9.61 -36.77
CA LEU CA 51 -63.82 10.67 -36.00
C LEU CA 51 -63.39 10.19 -34.61
N ARG CA 52 -64.01 9.14 -34.08
CA ARG CA 52 -63.59 8.59 -32.80
C ARG CA 52 -62.15 8.09 -32.87
N GLY CA 53 -61.85 7.22 -33.84
CA GLY CA 53 -60.48 6.79 -34.03
C GLY CA 53 -59.57 7.88 -34.56
N TYR CA 54 -60.11 8.76 -35.41
CA TYR CA 54 -59.35 9.92 -35.88
C TYR CA 54 -58.75 10.69 -34.71
N VAL CA 55 -59.59 11.09 -33.76
CA VAL CA 55 -59.10 11.88 -32.64
C VAL CA 55 -58.45 11.03 -31.57
N TYR CA 56 -58.69 9.72 -31.54
CA TYR CA 56 -57.97 8.89 -30.58
C TYR CA 56 -56.51 8.72 -31.00
N GLN CA 57 -56.27 8.25 -32.22
CA GLN CA 57 -54.89 8.13 -32.68
C GLN CA 57 -54.25 9.48 -32.89
N GLY CA 58 -55.03 10.50 -33.25
CA GLY CA 58 -54.51 11.86 -33.26
C GLY CA 58 -54.13 12.35 -31.88
N LEU CA 59 -54.83 11.85 -30.86
CA LEU CA 59 -54.44 12.17 -29.48
C LEU CA 59 -53.17 11.44 -29.09
N LYS CA 60 -53.05 10.16 -29.45
CA LYS CA 60 -51.88 9.37 -29.08
C LYS CA 60 -50.59 9.95 -29.64
N SER CA 61 -50.67 10.73 -30.71
CA SER CA 61 -49.52 11.43 -31.26
C SER CA 61 -49.67 12.92 -31.01
N GLY CA 62 -48.63 13.66 -31.39
CA GLY CA 62 -48.68 15.11 -31.26
C GLY CA 62 -49.50 15.81 -32.31
N ASN CA 63 -49.93 15.09 -33.35
CA ASN CA 63 -50.67 15.68 -34.45
C ASN CA 63 -52.16 15.36 -34.32
N VAL CA 64 -52.99 16.40 -34.41
CA VAL CA 64 -54.44 16.24 -34.35
C VAL CA 64 -55.06 17.52 -34.91
N SER CA 65 -56.20 17.38 -35.58
CA SER CA 65 -56.88 18.51 -36.19
C SER CA 65 -57.96 19.02 -35.25
N ILE CA 66 -57.94 20.34 -35.00
CA ILE CA 66 -58.99 20.95 -34.19
C ILE CA 66 -60.34 20.79 -34.87
N ILE CA 67 -60.36 20.78 -36.20
CA ILE CA 67 -61.62 20.56 -36.92
C ILE CA 67 -62.11 19.14 -36.71
N HIS CA 68 -61.21 18.20 -36.44
CA HIS CA 68 -61.60 16.83 -36.15
C HIS CA 68 -62.19 16.70 -34.74
N VAL CA 69 -61.68 17.49 -33.79
CA VAL CA 69 -62.23 17.44 -32.43
C VAL CA 69 -63.45 18.33 -32.28
N ASN CA 70 -63.69 19.25 -33.20
CA ASN CA 70 -64.93 20.00 -33.22
C ASN CA 70 -66.02 19.24 -33.96
N SER CA 71 -65.68 18.69 -35.13
CA SER CA 71 -66.60 17.82 -35.84
C SER CA 71 -66.90 16.55 -35.05
N TYR CA 72 -65.95 16.12 -34.21
CA TYR CA 72 -66.19 14.96 -33.36
C TYR CA 72 -66.92 15.36 -32.08
N LEU CA 73 -66.47 16.45 -31.43
CA LEU CA 73 -67.16 16.94 -30.24
C LEU CA 73 -68.63 17.17 -30.53
N TYR CA 74 -68.95 17.66 -31.74
CA TYR CA 74 -70.34 17.70 -32.17
C TYR CA 74 -70.94 16.30 -32.20
N GLY CA 75 -70.16 15.29 -32.57
CA GLY CA 75 -70.70 13.95 -32.71
C GLY CA 75 -71.03 13.29 -31.38
N ALA CA 76 -70.12 13.38 -30.40
CA ALA CA 76 -70.33 12.71 -29.12
C ALA CA 76 -71.51 13.29 -28.34
N LEU CA 77 -71.98 14.48 -28.71
CA LEU CA 77 -73.12 15.10 -28.05
C LEU CA 77 -73.97 15.85 -29.07
N LYS CA 78 -74.33 15.16 -30.15
CA LYS CA 78 -75.16 15.76 -31.20
C LYS CA 78 -76.45 16.33 -30.63
N ASP CA 79 -77.19 15.53 -29.85
CA ASP CA 79 -78.45 15.99 -29.31
C ASP CA 79 -78.68 15.36 -27.93
N ILE CA 80 -77.86 15.75 -26.95
CA ILE CA 80 -78.24 15.56 -25.56
C ILE CA 80 -79.39 16.50 -25.25
N ARG CA 81 -80.47 15.95 -24.71
CA ARG CA 81 -81.72 16.68 -24.60
C ARG CA 81 -82.02 17.03 -23.14
N GLY CA 82 -82.69 18.16 -22.97
CA GLY CA 82 -83.14 18.61 -21.66
C GLY CA 82 -84.52 19.19 -21.73
N LYS CA 83 -85.38 18.80 -20.77
CA LYS CA 83 -86.76 19.28 -20.72
C LYS CA 83 -86.79 20.58 -19.92
N LEU CA 84 -87.04 21.69 -20.62
CA LEU CA 84 -87.12 22.99 -19.98
C LEU CA 84 -88.31 23.04 -19.01
N ASP CA 85 -88.20 23.92 -18.02
CA ASP CA 85 -89.28 24.17 -17.08
C ASP CA 85 -89.77 25.60 -17.11
N LYS CA 86 -89.12 26.48 -17.89
CA LYS CA 86 -89.51 27.88 -17.98
C LYS CA 86 -89.29 28.34 -19.42
N ASP CA 87 -89.65 29.59 -19.69
CA ASP CA 87 -89.30 30.24 -20.95
C ASP CA 87 -87.85 30.70 -20.85
N TRP CA 88 -86.97 30.08 -21.63
CA TRP CA 88 -85.55 30.41 -21.63
C TRP CA 88 -85.26 31.33 -22.81
N SER CA 89 -85.14 32.62 -22.52
CA SER CA 89 -84.83 33.63 -23.52
C SER CA 89 -83.59 34.41 -23.08
N SER CA 90 -82.91 35.02 -24.06
CA SER CA 90 -81.70 35.78 -23.77
C SER CA 90 -81.41 36.70 -24.93
N PHE CA 91 -81.34 38.01 -24.66
CA PHE CA 91 -81.03 39.03 -25.67
C PHE CA 91 -81.97 38.93 -26.86
N GLY CA 92 -83.26 38.78 -26.58
CA GLY CA 92 -84.25 38.67 -27.64
C GLY CA 92 -84.17 37.39 -28.44
N ILE CA 93 -83.72 36.29 -27.83
CA ILE CA 93 -83.61 35.00 -28.50
C ILE CA 93 -84.33 33.97 -27.63
N ASN CA 94 -85.43 33.42 -28.14
CA ASN CA 94 -86.20 32.41 -27.42
C ASN CA 94 -85.68 31.04 -27.84
N ILE CA 95 -84.71 30.53 -27.08
CA ILE CA 95 -84.09 29.24 -27.38
C ILE CA 95 -84.95 28.10 -26.85
N GLY CA 96 -86.13 28.43 -26.35
CA GLY CA 96 -87.03 27.42 -25.82
C GLY CA 96 -88.18 28.08 -25.10
N LYS CA 97 -89.18 27.27 -24.77
CA LYS CA 97 -90.40 27.79 -24.16
C LYS CA 97 -91.15 26.66 -23.48
N ALA CA 98 -91.49 26.87 -22.21
CA ALA CA 98 -92.34 25.96 -21.41
C ALA CA 98 -91.70 24.58 -21.43
N GLY CA 99 -92.44 23.52 -21.76
CA GLY CA 99 -91.90 22.17 -21.69
C GLY CA 99 -91.14 21.73 -22.93
N ASP CA 100 -90.44 22.66 -23.57
CA ASP CA 100 -89.60 22.31 -24.71
C ASP CA 100 -88.45 21.44 -24.25
N THR CA 101 -88.07 20.47 -25.09
CA THR CA 101 -86.93 19.60 -24.84
C THR CA 101 -85.82 20.00 -25.81
N ILE CA 102 -84.98 20.94 -25.39
CA ILE CA 102 -83.98 21.52 -26.26
C ILE CA 102 -82.67 20.77 -26.10
N GLY CA 103 -81.83 20.85 -27.12
CA GLY CA 103 -80.53 20.23 -27.11
C GLY CA 103 -79.42 21.20 -26.75
N ILE CA 104 -78.21 20.66 -26.68
CA ILE CA 104 -77.04 21.47 -26.31
C ILE CA 104 -76.74 22.51 -27.39
N PHE CA 105 -76.97 22.18 -28.66
CA PHE CA 105 -76.69 23.09 -29.76
C PHE CA 105 -77.93 23.86 -30.21
N ASP CA 106 -79.01 23.81 -29.45
CA ASP CA 106 -80.11 24.75 -29.69
C ASP CA 106 -79.75 26.17 -29.26
N LEU CA 107 -78.56 26.36 -28.69
CA LEU CA 107 -78.10 27.69 -28.31
C LEU CA 107 -77.58 28.46 -29.53
N VAL CA 108 -76.57 27.91 -30.19
CA VAL CA 108 -75.98 28.54 -31.37
C VAL CA 108 -76.72 28.09 -32.61
N SER CA 109 -76.25 28.52 -33.78
CA SER CA 109 -76.79 28.11 -35.07
C SER CA 109 -75.73 27.34 -35.84
N LEU CA 110 -76.08 26.13 -36.26
CA LEU CA 110 -75.12 25.27 -36.93
C LEU CA 110 -74.88 25.73 -38.36
N LYS CA 111 -73.62 25.91 -38.72
CA LYS CA 111 -73.21 26.25 -40.07
C LYS CA 111 -72.30 25.15 -40.62
N ALA CA 112 -71.60 25.45 -41.70
CA ALA CA 112 -70.75 24.49 -42.38
C ALA CA 112 -69.37 25.10 -42.62
N LEU CA 113 -68.33 24.42 -42.14
CA LEU CA 113 -66.95 24.82 -42.38
C LEU CA 113 -66.49 24.25 -43.72
N ASP CA 114 -65.87 25.08 -44.54
CA ASP CA 114 -65.47 24.72 -45.88
C ASP CA 114 -63.98 24.94 -46.07
N GLY CA 115 -63.28 23.90 -46.52
CA GLY CA 115 -61.85 24.00 -46.73
C GLY CA 115 -61.25 22.62 -46.97
N VAL CA 116 -59.95 22.53 -46.70
CA VAL CA 116 -59.23 21.27 -46.89
C VAL CA 116 -59.42 20.40 -45.64
N LEU CA 117 -59.90 19.19 -45.84
CA LEU CA 117 -60.10 18.25 -44.72
C LEU CA 117 -58.81 17.49 -44.43
N ASP CA 123 -58.68 4.49 -36.65
CA ASP CA 123 -58.74 3.30 -35.82
C ASP CA 123 -60.18 2.90 -35.56
N ALA CA 124 -60.56 1.70 -36.01
CA ALA CA 124 -61.89 1.16 -35.78
C ALA CA 124 -61.98 0.32 -34.51
N SER CA 125 -60.84 0.05 -33.85
CA SER CA 125 -60.85 -0.70 -32.60
C SER CA 125 -61.22 0.21 -31.43
N ARG CA 126 -62.28 1.00 -31.62
CA ARG CA 126 -62.81 1.89 -30.59
C ARG CA 126 -64.30 1.61 -30.47
N THR CA 127 -64.76 1.35 -29.24
CA THR CA 127 -66.15 1.02 -29.00
C THR CA 127 -66.97 2.30 -28.86
N SER CA 128 -68.25 2.14 -28.50
CA SER CA 128 -69.08 3.28 -28.13
C SER CA 128 -68.85 3.70 -26.68
N ALA CA 129 -68.08 2.94 -25.92
CA ALA CA 129 -67.73 3.30 -24.56
C ALA CA 129 -66.65 4.37 -24.50
N ASP CA 130 -66.14 4.83 -25.64
CA ASP CA 130 -65.19 5.94 -25.68
C ASP CA 130 -65.88 7.28 -25.80
N ASP CA 131 -67.08 7.32 -26.39
CA ASP CA 131 -67.85 8.55 -26.48
C ASP CA 131 -68.37 9.02 -25.14
N LYS CA 132 -68.25 8.20 -24.09
CA LYS CA 132 -68.70 8.60 -22.77
C LYS CA 132 -67.74 9.62 -22.15
N TRP CA 133 -66.44 9.46 -22.42
CA TRP CA 133 -65.41 10.24 -21.74
C TRP CA 133 -64.51 11.05 -22.67
N LEU CA 134 -64.39 10.68 -23.95
CA LEU CA 134 -63.61 11.50 -24.87
C LEU CA 134 -64.08 12.95 -24.95
N PRO CA 135 -65.39 13.25 -25.00
CA PRO CA 135 -65.79 14.67 -24.94
C PRO CA 135 -65.44 15.33 -23.62
N LEU CA 136 -65.63 14.63 -22.49
CA LEU CA 136 -65.18 15.17 -21.22
C LEU CA 136 -63.68 15.46 -21.23
N TYR CA 137 -62.91 14.64 -21.92
CA TYR CA 137 -61.49 14.88 -22.10
C TYR CA 137 -61.27 16.18 -22.88
N LEU CA 138 -61.65 16.17 -24.16
CA LEU CA 138 -61.43 17.33 -25.03
C LEU CA 138 -61.89 18.63 -24.39
N LEU CA 139 -63.01 18.59 -23.66
CA LEU CA 139 -63.48 19.79 -22.99
C LEU CA 139 -62.61 20.13 -21.79
N GLY CA 140 -62.17 19.12 -21.04
CA GLY CA 140 -61.32 19.39 -19.88
C GLY CA 140 -59.96 19.95 -20.26
N LEU CA 141 -59.45 19.61 -21.44
CA LEU CA 141 -58.16 20.15 -21.87
C LEU CA 141 -58.22 21.64 -22.20
N TYR CA 142 -59.40 22.26 -22.16
CA TYR CA 142 -59.46 23.72 -22.27
C TYR CA 142 -59.15 24.39 -20.94
N ARG CA 143 -59.82 23.94 -19.87
CA ARG CA 143 -59.50 24.41 -18.54
C ARG CA 143 -58.06 24.09 -18.19
N VAL CA 144 -57.61 22.87 -18.49
CA VAL CA 144 -56.21 22.55 -18.29
C VAL CA 144 -55.33 23.34 -19.25
N GLY CA 145 -55.87 23.73 -20.40
CA GLY CA 145 -55.06 24.37 -21.43
C GLY CA 145 -54.84 25.86 -21.23
N ARG CA 146 -55.69 26.51 -20.44
CA ARG CA 146 -55.58 27.97 -20.29
C ARG CA 146 -54.48 28.39 -19.33
N THR CA 147 -53.96 27.48 -18.50
CA THR CA 147 -52.97 27.81 -17.50
C THR CA 147 -51.57 27.43 -17.95
N GLN CA 148 -50.57 28.02 -17.31
CA GLN CA 148 -49.18 27.79 -17.64
C GLN CA 148 -48.34 27.33 -16.45
N MET CA 149 -48.92 27.28 -15.26
CA MET CA 149 -48.16 26.92 -14.06
C MET CA 149 -47.92 25.42 -14.03
N PRO CA 150 -46.67 24.95 -14.10
CA PRO CA 150 -46.44 23.50 -14.20
C PRO CA 150 -47.04 22.69 -13.06
N GLU CA 151 -46.90 23.16 -11.81
CA GLU CA 151 -47.44 22.41 -10.69
C GLU CA 151 -48.96 22.48 -10.65
N TYR CA 152 -49.53 23.64 -10.94
CA TYR CA 152 -50.99 23.78 -10.94
C TYR CA 152 -51.61 23.16 -12.18
N ARG CA 153 -50.93 23.22 -13.33
CA ARG CA 153 -51.46 22.61 -14.54
C ARG CA 153 -51.35 21.09 -14.53
N LYS CA 154 -51.00 20.55 -13.35
CA LYS CA 154 -51.23 19.15 -13.06
C LYS CA 154 -52.71 18.99 -12.73
N LYS CA 155 -53.50 19.95 -13.19
CA LYS CA 155 -54.95 19.89 -13.08
C LYS CA 155 -55.54 18.69 -13.81
N LEU CA 156 -54.75 17.99 -14.62
CA LEU CA 156 -55.24 16.79 -15.28
C LEU CA 156 -55.67 15.72 -14.28
N MET CA 157 -55.01 15.68 -13.12
CA MET CA 157 -55.21 14.57 -12.18
C MET CA 157 -56.68 14.34 -11.87
N ASP CA 158 -57.47 15.40 -11.80
CA ASP CA 158 -58.91 15.25 -11.64
C ASP CA 158 -59.64 15.14 -12.96
N GLY CA 159 -58.96 15.36 -14.08
CA GLY CA 159 -59.53 15.02 -15.38
C GLY CA 159 -59.51 13.52 -15.57
N LEU CA 160 -58.33 12.92 -15.42
CA LEU CA 160 -58.15 11.49 -15.31
C LEU CA 160 -59.11 10.92 -14.26
N THR CA 161 -58.87 11.28 -12.99
CA THR CA 161 -59.64 10.71 -11.89
C THR CA 161 -61.14 10.97 -12.05
N ASN CA 162 -61.51 12.06 -12.71
CA ASN CA 162 -62.93 12.35 -12.94
C ASN CA 162 -63.50 11.48 -14.06
N GLN CA 163 -62.69 11.11 -15.05
CA GLN CA 163 -63.15 10.23 -16.12
C GLN CA 163 -63.09 8.76 -15.74
N CYS CA 164 -62.27 8.40 -14.75
CA CYS CA 164 -62.21 7.02 -14.30
C CYS CA 164 -63.52 6.56 -13.68
N LYS CA 165 -64.39 7.51 -13.31
CA LYS CA 165 -65.74 7.17 -12.88
C LYS CA 165 -66.63 6.75 -14.04
N MET CA 166 -66.14 6.88 -15.28
CA MET CA 166 -66.83 6.37 -16.46
C MET CA 166 -66.22 5.04 -16.91
N ILE CA 167 -64.91 5.02 -17.17
CA ILE CA 167 -64.18 3.79 -17.44
C ILE CA 167 -63.02 3.72 -16.46
N ASN CA 168 -62.93 2.60 -15.73
CA ASN CA 168 -61.86 2.43 -14.76
C ASN CA 168 -60.49 2.51 -15.42
N GLU CA 169 -60.33 1.86 -16.57
CA GLU CA 169 -59.03 1.75 -17.24
C GLU CA 169 -58.73 2.94 -18.14
N GLN CA 170 -59.16 4.14 -17.76
CA GLN CA 170 -58.85 5.33 -18.54
C GLN CA 170 -57.42 5.79 -18.23
N PHE CA 171 -56.69 6.12 -19.28
CA PHE CA 171 -55.35 6.70 -19.16
C PHE CA 171 -55.22 7.81 -20.18
N GLU CA 172 -54.37 8.79 -19.85
CA GLU CA 172 -54.16 9.97 -20.69
C GLU CA 172 -53.61 9.57 -22.05
N PRO CA 173 -54.42 9.65 -23.12
CA PRO CA 173 -53.97 9.29 -24.46
C PRO CA 173 -53.13 10.38 -25.13
N LEU CA 174 -52.19 10.94 -24.36
CA LEU CA 174 -51.26 11.94 -24.88
C LEU CA 174 -49.88 11.68 -24.29
N VAL CA 175 -48.89 12.37 -24.84
CA VAL CA 175 -47.50 12.24 -24.40
C VAL CA 175 -47.19 13.34 -23.40
N PRO CA 176 -46.13 13.22 -22.59
CA PRO CA 176 -45.69 14.37 -21.80
C PRO CA 176 -45.42 15.62 -22.63
N GLU CA 177 -45.12 15.46 -23.92
CA GLU CA 177 -45.12 16.59 -24.84
C GLU CA 177 -46.50 17.18 -25.05
N GLY CA 178 -47.55 16.39 -24.81
CA GLY CA 178 -48.93 16.82 -25.00
C GLY CA 178 -49.29 18.13 -24.33
N ARG CA 179 -48.47 18.51 -23.34
CA ARG CA 179 -48.60 19.82 -22.70
C ARG CA 179 -48.72 20.95 -23.72
N ASP CA 180 -48.07 20.80 -24.88
CA ASP CA 180 -48.06 21.85 -25.90
C ASP CA 180 -49.15 21.69 -26.95
N ILE CA 181 -49.89 20.59 -26.94
CA ILE CA 181 -50.82 20.28 -28.02
C ILE CA 181 -52.09 21.12 -27.91
N PHE CA 182 -52.96 20.78 -26.96
CA PHE CA 182 -54.30 21.35 -26.89
C PHE CA 182 -54.31 22.84 -26.58
N ASP CA 183 -53.16 23.45 -26.29
CA ASP CA 183 -53.12 24.88 -25.98
C ASP CA 183 -53.58 25.72 -27.16
N VAL CA 184 -53.40 25.22 -28.39
CA VAL CA 184 -53.85 25.95 -29.57
C VAL CA 184 -55.35 25.82 -29.77
N TRP CA 185 -56.00 24.87 -29.09
CA TRP CA 185 -57.44 24.71 -29.22
C TRP CA 185 -58.18 25.95 -28.75
N GLY CA 186 -57.61 26.69 -27.80
CA GLY CA 186 -58.21 27.95 -27.36
C GLY CA 186 -58.22 29.03 -28.42
N ASN CA 187 -57.48 28.85 -29.51
CA ASN CA 187 -57.46 29.82 -30.59
C ASN CA 187 -58.57 29.60 -31.61
N ASP CA 188 -59.11 28.39 -31.71
CA ASP CA 188 -60.18 28.11 -32.66
C ASP CA 188 -61.50 28.61 -32.09
N SER CA 189 -62.13 29.55 -32.81
CA SER CA 189 -63.37 30.15 -32.34
C SER CA 189 -64.44 29.10 -32.11
N ASN CA 190 -64.58 28.14 -33.03
CA ASN CA 190 -65.64 27.14 -32.93
C ASN CA 190 -65.50 26.29 -31.67
N TYR CA 191 -64.26 26.01 -31.26
CA TYR CA 191 -64.04 25.23 -30.04
C TYR CA 191 -64.52 25.99 -28.81
N THR CA 192 -64.13 27.27 -28.70
CA THR CA 192 -64.59 28.09 -27.58
C THR CA 192 -66.10 28.21 -27.57
N LYS CA 193 -66.73 28.30 -28.75
CA LYS CA 193 -68.18 28.29 -28.81
C LYS CA 193 -68.75 26.95 -28.36
N ILE CA 194 -68.03 25.86 -28.62
CA ILE CA 194 -68.48 24.55 -28.15
C ILE CA 194 -68.48 24.50 -26.63
N VAL CA 195 -67.35 24.85 -26.00
CA VAL CA 195 -67.27 24.77 -24.54
C VAL CA 195 -68.25 25.74 -23.90
N ALA CA 196 -68.44 26.92 -24.51
CA ALA CA 196 -69.39 27.88 -23.98
C ALA CA 196 -70.83 27.36 -24.08
N ALA CA 197 -71.16 26.69 -25.18
CA ALA CA 197 -72.48 26.10 -25.30
C ALA CA 197 -72.68 24.96 -24.30
N VAL CA 198 -71.63 24.18 -24.05
CA VAL CA 198 -71.72 23.09 -23.08
C VAL CA 198 -72.00 23.64 -21.69
N ASP CA 199 -71.15 24.55 -21.21
CA ASP CA 199 -71.32 25.05 -19.85
C ASP CA 199 -72.60 25.86 -19.70
N MET CA 200 -72.93 26.69 -20.69
CA MET CA 200 -74.19 27.42 -20.65
C MET CA 200 -75.37 26.46 -20.60
N PHE CA 201 -75.28 25.35 -21.33
CA PHE CA 201 -76.33 24.33 -21.33
C PHE CA 201 -76.47 23.69 -19.96
N PHE CA 202 -75.43 22.97 -19.52
CA PHE CA 202 -75.50 22.22 -18.26
C PHE CA 202 -75.68 23.13 -17.05
N HIS CA 203 -75.46 24.44 -17.18
CA HIS CA 203 -75.82 25.33 -16.09
C HIS CA 203 -77.33 25.40 -15.94
N MET CA 204 -78.07 25.25 -17.04
CA MET CA 204 -79.53 25.17 -16.96
C MET CA 204 -79.97 23.79 -16.49
N PHE CA 205 -79.37 22.73 -17.04
CA PHE CA 205 -79.68 21.35 -16.66
C PHE CA 205 -78.47 20.77 -15.95
N LYS CA 206 -78.31 21.11 -14.67
CA LYS CA 206 -77.31 20.42 -13.86
C LYS CA 206 -77.76 18.98 -13.61
N LYS CA 207 -78.96 18.83 -13.03
CA LYS CA 207 -79.65 17.56 -12.78
C LYS CA 207 -79.24 16.42 -13.72
N HIS CA 208 -79.06 16.75 -15.00
CA HIS CA 208 -78.75 15.76 -16.02
C HIS CA 208 -77.54 14.91 -15.63
N GLU CA 209 -77.54 13.66 -16.08
CA GLU CA 209 -76.47 12.72 -15.75
C GLU CA 209 -75.16 13.05 -16.45
N CYS CA 210 -75.17 13.93 -17.45
CA CYS CA 210 -73.98 14.28 -18.20
C CYS CA 210 -73.38 15.61 -17.77
N ALA CA 211 -73.67 16.05 -16.55
CA ALA CA 211 -73.27 17.39 -16.12
C ALA CA 211 -71.81 17.48 -15.69
N SER CA 212 -71.16 16.35 -15.40
CA SER CA 212 -69.73 16.39 -15.08
C SER CA 212 -68.92 17.03 -16.20
N PHE CA 213 -69.49 17.09 -17.41
CA PHE CA 213 -68.86 17.75 -18.55
C PHE CA 213 -68.52 19.22 -18.24
N ARG CA 214 -69.22 19.84 -17.30
CA ARG CA 214 -68.88 21.21 -16.92
C ARG CA 214 -67.45 21.33 -16.44
N TYR CA 215 -66.89 20.25 -15.90
CA TYR CA 215 -65.45 20.18 -15.65
C TYR CA 215 -64.72 20.46 -16.96
N GLY CA 216 -63.97 21.57 -16.99
CA GLY CA 216 -63.27 21.95 -18.19
C GLY CA 216 -63.86 23.17 -18.85
N THR CA 217 -65.19 23.29 -18.80
CA THR CA 217 -65.88 24.42 -19.40
C THR CA 217 -66.27 25.48 -18.38
N ILE CA 218 -66.11 25.21 -17.09
CA ILE CA 218 -66.52 26.17 -16.07
C ILE CA 218 -65.62 27.40 -16.05
N VAL CA 219 -64.41 27.29 -16.61
CA VAL CA 219 -63.51 28.45 -16.69
C VAL CA 219 -63.92 29.30 -17.89
N SER CA 220 -65.02 28.92 -18.55
CA SER CA 220 -65.57 29.71 -19.65
C SER CA 220 -66.73 30.60 -19.22
N ARG CA 221 -67.27 30.38 -18.02
CA ARG CA 221 -68.31 31.24 -17.46
C ARG CA 221 -67.65 32.41 -16.76
N PHE CA 222 -68.06 33.63 -17.13
CA PHE CA 222 -67.43 34.86 -16.64
C PHE CA 222 -65.94 34.91 -16.99
N LYS CA 223 -65.56 34.31 -18.11
CA LYS CA 223 -64.18 34.43 -18.58
C LYS CA 223 -63.86 35.88 -18.90
N ASP CA 224 -62.74 36.36 -18.38
CA ASP CA 224 -62.30 37.75 -18.54
C ASP CA 224 -63.32 38.72 -17.93
N CYS CA 225 -63.78 38.39 -16.71
CA CYS CA 225 -64.77 39.20 -16.02
C CYS CA 225 -64.51 39.18 -14.51
N ALA CA 226 -63.25 39.40 -14.12
CA ALA CA 226 -62.88 39.25 -12.71
C ALA CA 226 -63.42 40.40 -11.87
N ALA CA 227 -63.45 41.61 -12.42
CA ALA CA 227 -63.83 42.79 -11.63
C ALA CA 227 -65.23 42.65 -11.05
N LEU CA 228 -66.18 42.17 -11.85
CA LEU CA 228 -67.53 41.94 -11.36
C LEU CA 228 -67.52 40.93 -10.21
N ALA CA 229 -66.74 39.86 -10.34
CA ALA CA 229 -66.64 38.87 -9.27
C ALA CA 229 -66.02 39.46 -8.01
N THR CA 230 -65.16 40.47 -8.15
CA THR CA 230 -64.63 41.14 -6.96
C THR CA 230 -65.65 42.11 -6.38
N PHE CA 231 -66.55 42.65 -7.20
CA PHE CA 231 -67.68 43.40 -6.66
C PHE CA 231 -68.59 42.51 -5.83
N GLY CA 232 -68.86 41.30 -6.31
CA GLY CA 232 -69.61 40.35 -5.52
C GLY CA 232 -68.87 39.90 -4.27
N HIS CA 233 -67.55 39.72 -4.38
CA HIS CA 233 -66.75 39.30 -3.23
C HIS CA 233 -66.71 40.38 -2.16
N LEU CA 234 -66.63 41.65 -2.57
CA LEU CA 234 -66.67 42.74 -1.60
C LEU CA 234 -68.06 42.87 -0.99
N CYS CA 235 -69.10 42.77 -1.82
CA CYS CA 235 -70.47 42.80 -1.30
C CYS CA 235 -70.76 41.64 -0.36
N LYS CA 236 -69.99 40.54 -0.46
CA LYS CA 236 -70.15 39.43 0.46
C LYS CA 236 -69.33 39.58 1.73
N ILE CA 237 -68.09 40.05 1.60
CA ILE CA 237 -67.21 40.20 2.76
C ILE CA 237 -67.73 41.31 3.67
N THR CA 238 -68.09 42.45 3.08
CA THR CA 238 -68.53 43.59 3.89
C THR CA 238 -69.85 43.30 4.58
N GLY CA 239 -70.75 42.58 3.90
CA GLY CA 239 -72.10 42.41 4.38
C GLY CA 239 -73.06 43.52 4.02
N MET CA 240 -72.65 44.43 3.13
CA MET CA 240 -73.46 45.56 2.70
C MET CA 240 -74.06 45.29 1.34
N SER CA 241 -75.16 45.99 1.06
CA SER CA 241 -75.84 45.83 -0.22
C SER CA 241 -74.99 46.40 -1.36
N THR CA 242 -75.40 46.09 -2.59
CA THR CA 242 -74.66 46.57 -3.76
C THR CA 242 -74.63 48.08 -3.82
N GLU CA 243 -75.77 48.73 -3.53
CA GLU CA 243 -75.83 50.18 -3.56
C GLU CA 243 -74.99 50.81 -2.46
N ASP CA 244 -75.13 50.29 -1.23
CA ASP CA 244 -74.33 50.80 -0.11
C ASP CA 244 -72.84 50.66 -0.38
N VAL CA 245 -72.43 49.51 -0.92
CA VAL CA 245 -71.03 49.33 -1.30
C VAL CA 245 -70.63 50.33 -2.38
N THR CA 246 -71.53 50.59 -3.33
CA THR CA 246 -71.23 51.55 -4.40
C THR CA 246 -71.02 52.95 -3.86
N THR CA 247 -71.74 53.32 -2.78
CA THR CA 247 -71.56 54.65 -2.20
C THR CA 247 -70.17 54.82 -1.58
N TRP CA 248 -69.51 53.74 -1.19
CA TRP CA 248 -68.19 53.82 -0.59
C TRP CA 248 -67.07 53.95 -1.61
N ILE CA 249 -67.40 54.19 -2.88
CA ILE CA 249 -66.38 54.46 -3.90
C ILE CA 249 -65.99 55.92 -3.79
N LEU CA 250 -64.72 56.17 -3.44
CA LEU CA 250 -64.24 57.51 -3.17
C LEU CA 250 -63.21 57.98 -4.21
N ASN CA 251 -63.01 57.22 -5.28
CA ASN CA 251 -62.04 57.55 -6.31
C ASN CA 251 -62.76 57.71 -7.64
N ARG CA 252 -62.28 58.66 -8.45
CA ARG CA 252 -62.93 58.96 -9.72
C ARG CA 252 -62.78 57.82 -10.71
N GLU CA 253 -61.57 57.25 -10.82
CA GLU CA 253 -61.34 56.16 -11.75
C GLU CA 253 -62.23 54.97 -11.42
N VAL CA 254 -62.29 54.59 -10.14
CA VAL CA 254 -63.12 53.48 -9.71
C VAL CA 254 -64.59 53.74 -10.00
N ALA CA 255 -65.00 55.01 -9.97
CA ALA CA 255 -66.39 55.34 -10.32
C ALA CA 255 -66.62 55.22 -11.82
N ASP CA 256 -65.64 55.63 -12.63
CA ASP CA 256 -65.76 55.46 -14.08
C ASP CA 256 -65.88 53.99 -14.44
N GLU CA 257 -65.02 53.15 -13.85
CA GLU CA 257 -65.11 51.72 -14.09
C GLU CA 257 -66.41 51.13 -13.54
N MET CA 258 -66.92 51.68 -12.43
CA MET CA 258 -68.15 51.17 -11.86
C MET CA 258 -69.35 51.47 -12.74
N VAL CA 259 -69.38 52.67 -13.34
CA VAL CA 259 -70.43 52.98 -14.30
C VAL CA 259 -70.23 52.18 -15.59
N GLN CA 260 -68.98 51.90 -15.94
CA GLN CA 260 -68.70 51.11 -17.15
C GLN CA 260 -69.17 49.67 -16.99
N MET CA 261 -69.11 49.12 -15.77
CA MET CA 261 -69.55 47.74 -15.56
C MET CA 261 -71.07 47.63 -15.51
N MET CA 262 -71.74 48.59 -14.85
CA MET CA 262 -73.17 48.49 -14.61
C MET CA 262 -73.99 49.14 -15.72
N LEU CA 263 -73.71 48.78 -16.98
CA LEU CA 263 -74.55 49.23 -18.06
C LEU CA 263 -75.89 48.51 -18.00
N PRO CA 264 -77.01 49.18 -18.26
CA PRO CA 264 -78.32 48.63 -17.90
C PRO CA 264 -78.88 47.58 -18.86
N GLY CA 265 -78.16 47.22 -19.92
CA GLY CA 265 -78.71 46.28 -20.87
C GLY CA 265 -77.80 45.13 -21.23
N GLN CA 266 -77.24 44.45 -20.23
CA GLN CA 266 -76.32 43.35 -20.48
C GLN CA 266 -76.70 42.06 -19.75
N GLU CA 267 -77.80 42.06 -18.98
CA GLU CA 267 -78.30 40.85 -18.31
C GLU CA 267 -77.26 40.26 -17.35
N ILE CA 268 -76.52 41.13 -16.65
CA ILE CA 268 -75.54 40.63 -15.70
C ILE CA 268 -76.22 40.05 -14.45
N ASP CA 269 -77.50 40.36 -14.24
CA ASP CA 269 -78.25 39.84 -13.10
C ASP CA 269 -79.04 38.58 -13.42
N LYS CA 270 -79.17 38.23 -14.70
CA LYS CA 270 -79.91 37.03 -15.08
C LYS CA 270 -79.10 35.78 -14.77
N ALA CA 271 -79.80 34.74 -14.31
CA ALA CA 271 -79.13 33.49 -13.95
C ALA CA 271 -78.54 32.82 -15.18
N ASP CA 272 -79.39 32.43 -16.12
CA ASP CA 272 -78.98 31.72 -17.33
C ASP CA 272 -79.10 32.68 -18.52
N SER CA 273 -77.98 33.30 -18.89
CA SER CA 273 -77.93 34.25 -19.99
C SER CA 273 -76.66 34.01 -20.79
N TYR CA 274 -76.61 34.61 -21.99
CA TYR CA 274 -75.43 34.50 -22.84
C TYR CA 274 -74.28 35.37 -22.34
N MET CA 275 -74.55 36.31 -21.44
CA MET CA 275 -73.55 37.29 -21.03
C MET CA 275 -72.28 36.66 -20.45
N PRO CA 276 -72.35 35.72 -19.50
CA PRO CA 276 -71.10 35.20 -18.89
C PRO CA 276 -70.12 34.62 -19.90
N TYR CA 277 -70.59 34.13 -21.04
CA TYR CA 277 -69.74 33.53 -22.06
C TYR CA 277 -69.48 34.48 -23.21
N LEU CA 278 -69.51 35.79 -22.95
CA LEU CA 278 -69.34 36.80 -23.99
C LEU CA 278 -67.99 36.70 -24.70
N ILE CA 279 -67.02 36.00 -24.12
CA ILE CA 279 -65.70 35.88 -24.72
C ILE CA 279 -65.67 34.68 -25.67
N ASP CA 280 -65.97 33.49 -25.14
CA ASP CA 280 -65.89 32.27 -25.94
C ASP CA 280 -66.99 32.18 -26.98
N PHE CA 281 -68.09 32.91 -26.80
CA PHE CA 281 -69.11 33.02 -27.83
C PHE CA 281 -68.77 34.07 -28.88
N GLY CA 282 -67.64 34.75 -28.75
CA GLY CA 282 -67.30 35.81 -29.67
C GLY CA 282 -68.22 37.00 -29.64
N LEU CA 283 -69.10 37.10 -28.63
CA LEU CA 283 -69.95 38.28 -28.50
C LEU CA 283 -69.13 39.54 -28.28
N SER CA 284 -67.96 39.40 -27.64
CA SER CA 284 -67.11 40.53 -27.32
C SER CA 284 -65.66 40.14 -27.49
N SER CA 285 -64.88 41.02 -28.11
CA SER CA 285 -63.44 40.83 -28.23
C SER CA 285 -62.66 41.59 -27.15
N LYS CA 286 -63.32 42.48 -26.42
CA LYS CA 286 -62.72 43.15 -25.26
C LYS CA 286 -63.79 43.22 -24.18
N SER CA 287 -63.49 42.69 -22.99
CA SER CA 287 -64.59 42.57 -22.04
C SER CA 287 -64.74 43.84 -21.20
N PRO CA 288 -65.97 44.24 -20.93
CA PRO CA 288 -66.21 45.42 -20.09
C PRO CA 288 -66.01 45.17 -18.60
N TYR CA 289 -65.89 43.91 -18.18
CA TYR CA 289 -65.94 43.54 -16.77
C TYR CA 289 -64.62 42.96 -16.28
N SER CA 290 -63.52 43.21 -16.98
CA SER CA 290 -62.25 42.60 -16.66
C SER CA 290 -61.51 43.40 -15.58
N SER CA 291 -60.46 42.78 -15.06
CA SER CA 291 -59.51 43.46 -14.18
C SER CA 291 -58.40 44.15 -14.97
N VAL CA 292 -58.54 44.26 -16.30
CA VAL CA 292 -57.54 44.89 -17.15
C VAL CA 292 -58.09 46.22 -17.63
N LYS CA 293 -59.39 46.26 -17.89
CA LYS CA 293 -60.04 47.52 -18.19
C LYS CA 293 -60.63 48.20 -16.96
N ASN CA 294 -60.61 47.54 -15.80
CA ASN CA 294 -61.05 48.12 -14.54
C ASN CA 294 -60.04 47.78 -13.45
N PRO CA 295 -58.83 48.33 -13.53
CA PRO CA 295 -57.78 47.93 -12.58
C PRO CA 295 -57.94 48.56 -11.20
N ALA CA 296 -58.40 49.82 -11.16
CA ALA CA 296 -58.54 50.52 -9.89
C ALA CA 296 -59.65 49.92 -9.03
N PHE CA 297 -60.74 49.48 -9.66
CA PHE CA 297 -61.80 48.81 -8.92
C PHE CA 297 -61.32 47.47 -8.39
N HIS CA 298 -60.58 46.72 -9.21
CA HIS CA 298 -60.05 45.43 -8.78
C HIS CA 298 -59.12 45.59 -7.59
N PHE CA 299 -58.11 46.46 -7.71
CA PHE CA 299 -57.16 46.66 -6.63
C PHE CA 299 -57.83 47.22 -5.39
N TRP CA 300 -58.74 48.19 -5.57
CA TRP CA 300 -59.43 48.80 -4.45
C TRP CA 300 -60.26 47.78 -3.68
N GLY CA 301 -61.20 47.12 -4.38
CA GLY CA 301 -62.07 46.16 -3.71
C GLY CA 301 -61.31 44.97 -3.15
N GLN CA 302 -60.27 44.52 -3.85
CA GLN CA 302 -59.51 43.37 -3.36
C GLN CA 302 -58.71 43.73 -2.12
N LEU CA 303 -58.13 44.94 -2.08
CA LEU CA 303 -57.41 45.37 -0.88
C LEU CA 303 -58.37 45.59 0.29
N THR CA 304 -59.53 46.19 0.02
CA THR CA 304 -60.54 46.36 1.06
C THR CA 304 -60.99 45.02 1.62
N ALA CA 305 -61.13 44.01 0.74
CA ALA CA 305 -61.50 42.69 1.21
C ALA CA 305 -60.36 42.03 1.98
N LEU CA 306 -59.12 42.28 1.57
CA LEU CA 306 -57.98 41.69 2.26
C LEU CA 306 -57.85 42.25 3.68
N LEU CA 307 -57.99 43.57 3.83
CA LEU CA 307 -57.96 44.15 5.17
C LEU CA 307 -59.15 43.68 6.00
N LEU CA 308 -60.26 43.34 5.35
CA LEU CA 308 -61.41 42.73 6.00
C LEU CA 308 -61.29 41.21 6.09
N ARG CA 309 -60.07 40.68 5.96
CA ARG CA 309 -59.75 39.28 6.24
C ARG CA 309 -60.40 38.33 5.22
N SER CA 310 -60.20 38.65 3.94
CA SER CA 310 -60.54 37.70 2.89
C SER CA 310 -59.38 36.73 2.69
N THR CA 311 -59.72 35.50 2.34
CA THR CA 311 -58.69 34.48 2.09
C THR CA 311 -58.21 34.47 0.65
N ARG CA 312 -59.09 34.76 -0.31
CA ARG CA 312 -58.71 34.79 -1.71
C ARG CA 312 -57.99 36.07 -2.12
N ALA CA 313 -58.11 37.13 -1.32
CA ALA CA 313 -57.62 38.44 -1.75
C ALA CA 313 -56.10 38.49 -1.81
N ARG CA 314 -55.40 37.75 -0.95
CA ARG CA 314 -53.94 37.84 -0.90
C ARG CA 314 -53.27 37.26 -2.14
N ASN CA 315 -54.00 36.53 -2.98
CA ASN CA 315 -53.44 35.98 -4.20
C ASN CA 315 -53.83 36.77 -5.44
N ALA CA 316 -54.67 37.79 -5.30
CA ALA CA 316 -55.04 38.62 -6.44
C ALA CA 316 -53.87 39.49 -6.87
N ARG CA 317 -53.73 39.66 -8.18
CA ARG CA 317 -52.58 40.37 -8.72
C ARG CA 317 -52.75 41.87 -8.60
N GLN CA 318 -51.61 42.56 -8.44
CA GLN CA 318 -51.58 44.00 -8.25
C GLN CA 318 -51.50 44.68 -9.61
N PRO CA 319 -52.57 45.32 -10.09
CA PRO CA 319 -52.55 45.90 -11.44
C PRO CA 319 -51.49 46.98 -11.58
N ASP CA 320 -51.10 47.24 -12.83
CA ASP CA 320 -50.09 48.22 -13.15
C ASP CA 320 -50.74 49.54 -13.57
N ASP CA 321 -50.01 50.63 -13.34
CA ASP CA 321 -50.41 51.97 -13.77
C ASP CA 321 -51.78 52.37 -13.21
N ILE CA 322 -51.84 52.43 -11.87
CA ILE CA 322 -53.01 52.91 -11.14
C ILE CA 322 -52.53 53.75 -9.96
N GLU CA 323 -53.46 54.51 -9.38
CA GLU CA 323 -53.17 55.33 -8.21
C GLU CA 323 -53.13 54.42 -6.98
N TYR CA 324 -51.97 53.84 -6.72
CA TYR CA 324 -51.84 52.94 -5.57
C TYR CA 324 -52.12 53.68 -4.26
N THR CA 325 -51.63 54.90 -4.13
CA THR CA 325 -51.74 55.63 -2.87
C THR CA 325 -53.19 55.96 -2.54
N SER CA 326 -53.85 56.73 -3.41
CA SER CA 326 -55.23 57.15 -3.16
C SER CA 326 -56.15 55.94 -2.99
N LEU CA 327 -55.90 54.88 -3.75
CA LEU CA 327 -56.72 53.69 -3.62
C LEU CA 327 -56.46 52.96 -2.30
N THR CA 328 -55.23 53.02 -1.79
CA THR CA 328 -54.95 52.41 -0.50
C THR CA 328 -55.59 53.19 0.64
N THR CA 329 -55.60 54.52 0.54
CA THR CA 329 -56.27 55.31 1.57
C THR CA 329 -57.78 55.12 1.51
N ALA CA 330 -58.34 55.08 0.29
CA ALA CA 330 -59.78 54.86 0.13
C ALA CA 330 -60.21 53.48 0.61
N GLY CA 331 -59.38 52.46 0.38
CA GLY CA 331 -59.67 51.14 0.90
C GLY CA 331 -59.44 51.02 2.39
N LEU CA 332 -58.52 51.83 2.92
CA LEU CA 332 -58.25 51.81 4.36
C LEU CA 332 -59.40 52.45 5.13
N LEU CA 333 -59.96 53.55 4.62
CA LEU CA 333 -61.09 54.18 5.29
C LEU CA 333 -62.30 53.26 5.29
N TYR CA 334 -62.59 52.63 4.14
CA TYR CA 334 -63.69 51.68 4.05
C TYR CA 334 -63.47 50.49 4.96
N ALA CA 335 -62.25 49.93 4.95
CA ALA CA 335 -61.95 48.77 5.78
C ALA CA 335 -62.09 49.10 7.26
N TYR CA 336 -61.61 50.27 7.67
CA TYR CA 336 -61.74 50.69 9.07
C TYR CA 336 -63.20 50.97 9.42
N ALA CA 337 -64.00 51.40 8.45
CA ALA CA 337 -65.42 51.60 8.71
C ALA CA 337 -66.13 50.27 8.96
N VAL CA 338 -65.91 49.28 8.08
CA VAL CA 338 -66.58 48.00 8.24
C VAL CA 338 -66.04 47.24 9.45
N GLY CA 339 -64.76 47.43 9.78
CA GLY CA 339 -64.17 46.77 10.93
C GLY CA 339 -64.59 47.38 12.25
N SER CA 340 -64.62 48.70 12.32
CA SER CA 340 -65.05 49.39 13.53
C SER CA 340 -66.53 49.11 13.81
N SER CA 341 -67.41 49.66 12.98
CA SER CA 341 -68.85 49.48 13.15
C SER CA 341 -69.24 48.04 12.84
N ALA CA 342 -69.16 47.15 13.84
CA ALA CA 342 -69.65 45.80 13.66
C ALA CA 342 -71.17 45.76 13.57
N ASP CA 343 -71.85 46.78 14.09
CA ASP CA 343 -73.31 46.90 14.02
C ASP CA 343 -73.99 45.66 14.60
N LEU CA 344 -73.60 45.30 15.82
CA LEU CA 344 -74.24 44.20 16.51
C LEU CA 344 -75.63 44.61 16.96
N ALA CA 345 -76.61 43.75 16.71
CA ALA CA 345 -77.99 44.03 17.08
C ALA CA 345 -78.70 42.72 17.35
N GLN CA 346 -79.53 42.72 18.40
CA GLN CA 346 -80.29 41.53 18.77
C GLN CA 346 -81.21 41.12 17.62
N GLN CA 347 -81.41 39.80 17.47
CA GLN CA 347 -82.22 39.26 16.41
C GLN CA 347 -83.40 38.43 16.91
N PHE CA 348 -83.27 37.76 18.05
CA PHE CA 348 -84.34 36.97 18.62
C PHE CA 348 -84.51 37.35 20.09
N CYS CA 349 -85.75 37.21 20.59
CA CYS CA 349 -86.07 37.54 21.97
C CYS CA 349 -86.94 36.44 22.56
N VAL CA 350 -86.79 36.21 23.86
CA VAL CA 350 -87.53 35.17 24.56
C VAL CA 350 -88.72 35.78 25.29
N GLY CA 351 -88.45 36.53 26.35
CA GLY CA 351 -89.52 37.11 27.15
C GLY CA 351 -90.07 38.39 26.55
N ASP CA 352 -89.95 38.52 25.23
CA ASP CA 352 -90.27 39.74 24.49
C ASP CA 352 -89.61 40.94 25.17
N ASN CA 353 -88.32 40.80 25.45
CA ASN CA 353 -87.49 41.89 25.93
C ASN CA 353 -86.32 42.06 24.96
N LYS CA 354 -86.25 43.21 24.32
CA LYS CA 354 -85.14 43.55 23.44
C LYS CA 354 -84.21 44.52 24.14
N TYR CA 355 -83.01 44.65 23.60
CA TYR CA 355 -82.06 45.62 24.13
C TYR CA 355 -82.59 47.03 23.87
N THR CA 356 -82.92 47.75 24.94
CA THR CA 356 -83.39 49.12 24.82
C THR CA 356 -82.22 50.06 25.09
N PRO CA 357 -81.69 50.74 24.07
CA PRO CA 357 -80.51 51.60 24.30
C PRO CA 357 -80.84 52.80 25.18
N ASP CA 358 -79.88 53.14 26.04
CA ASP CA 358 -80.05 54.27 26.95
C ASP CA 358 -79.66 55.56 26.25
N ASP CA 359 -80.55 56.54 26.27
CA ASP CA 359 -80.32 57.84 25.65
C ASP CA 359 -79.87 58.91 26.64
N SER CA 360 -79.83 58.59 27.93
CA SER CA 360 -79.47 59.55 28.97
C SER CA 360 -77.97 59.77 29.08
N THR CA 361 -77.17 59.23 28.17
CA THR CA 361 -75.72 59.46 28.16
C THR CA 361 -75.46 60.84 27.57
N GLY CA 362 -75.02 61.78 28.40
CA GLY CA 362 -74.87 63.15 27.96
C GLY CA 362 -73.53 63.79 28.28
N GLY CA 363 -72.52 62.97 28.58
CA GLY CA 363 -71.19 63.51 28.76
C GLY CA 363 -70.54 64.00 27.48
N LEU CA 364 -71.17 63.76 26.33
CA LEU CA 364 -70.68 64.15 25.02
C LEU CA 364 -69.29 63.54 24.76
N THR CA 365 -69.31 62.23 24.52
CA THR CA 365 -68.10 61.49 24.14
C THR CA 365 -67.90 61.66 22.64
N THR CA 366 -67.44 62.84 22.27
CA THR CA 366 -67.17 63.15 20.86
C THR CA 366 -65.75 62.71 20.51
N ASN CA 367 -65.27 63.13 19.34
CA ASN CA 367 -63.97 62.73 18.80
C ASN CA 367 -63.87 61.21 18.64
N ALA CA 368 -65.01 60.52 18.66
CA ALA CA 368 -65.19 59.09 18.49
C ALA CA 368 -65.71 58.80 17.08
N PRO CA 369 -65.23 57.72 16.47
CA PRO CA 369 -65.66 57.38 15.10
C PRO CA 369 -67.16 57.18 15.05
N PRO CA 370 -67.76 57.34 13.86
CA PRO CA 370 -69.21 57.17 13.74
C PRO CA 370 -69.68 55.79 14.16
N GLN CA 371 -70.99 55.64 14.26
CA GLN CA 371 -71.60 54.43 14.80
C GLN CA 371 -71.91 53.39 13.73
N GLY CA 372 -72.20 53.82 12.50
CA GLY CA 372 -72.54 52.89 11.45
C GLY CA 372 -71.57 52.90 10.29
N ARG CA 373 -72.07 52.63 9.08
CA ARG CA 373 -71.26 52.58 7.88
C ARG CA 373 -71.74 53.58 6.84
N ASP CA 374 -72.25 54.72 7.31
CA ASP CA 374 -72.68 55.79 6.42
C ASP CA 374 -71.45 56.56 5.94
N VAL CA 375 -71.22 56.56 4.62
CA VAL CA 375 -70.07 57.27 4.06
C VAL CA 375 -70.17 58.76 4.38
N VAL CA 376 -71.39 59.29 4.45
CA VAL CA 376 -71.60 60.71 4.70
C VAL CA 376 -71.01 61.11 6.05
N GLU CA 377 -71.03 60.19 7.03
CA GLU CA 377 -70.46 60.45 8.34
C GLU CA 377 -68.96 60.16 8.41
N TRP CA 378 -68.53 59.04 7.84
CA TRP CA 378 -67.12 58.67 7.91
C TRP CA 378 -66.23 59.63 7.11
N LEU CA 379 -66.78 60.25 6.07
CA LEU CA 379 -66.01 61.28 5.37
C LEU CA 379 -65.81 62.51 6.26
N GLY CA 380 -66.82 62.89 7.02
CA GLY CA 380 -66.67 63.99 7.96
C GLY CA 380 -65.69 63.68 9.07
N TRP CA 381 -65.79 62.49 9.65
CA TRP CA 381 -64.80 62.07 10.64
C TRP CA 381 -63.40 62.07 10.06
N PHE CA 382 -63.26 61.60 8.82
CA PHE CA 382 -61.95 61.60 8.16
C PHE CA 382 -61.44 63.02 7.93
N GLU CA 383 -62.35 63.97 7.70
CA GLU CA 383 -61.94 65.37 7.61
C GLU CA 383 -61.54 65.92 8.97
N ASP CA 384 -62.14 65.39 10.05
CA ASP CA 384 -61.67 65.75 11.38
C ASP CA 384 -60.30 65.17 11.67
N GLN CA 385 -59.97 64.02 11.08
CA GLN CA 385 -58.63 63.45 11.17
C GLN CA 385 -57.65 64.09 10.19
N ASN CA 386 -58.04 65.19 9.54
CA ASN CA 386 -57.21 65.91 8.59
C ASN CA 386 -56.82 65.05 7.39
N ARG CA 387 -57.70 64.14 6.99
CA ARG CA 387 -57.51 63.29 5.81
C ARG CA 387 -56.19 62.52 5.86
N LYS CA 388 -55.69 62.28 7.06
CA LYS CA 388 -54.53 61.45 7.28
C LYS CA 388 -54.92 60.30 8.20
N PRO CA 389 -54.65 59.06 7.82
CA PRO CA 389 -55.08 57.92 8.66
C PRO CA 389 -54.52 58.01 10.06
N THR CA 390 -55.41 57.85 11.05
CA THR CA 390 -55.01 57.86 12.44
C THR CA 390 -54.15 56.64 12.74
N PRO CA 391 -53.31 56.71 13.78
CA PRO CA 391 -52.51 55.54 14.15
C PRO CA 391 -53.34 54.32 14.49
N ASP CA 392 -54.61 54.49 14.87
CA ASP CA 392 -55.47 53.34 15.10
C ASP CA 392 -55.87 52.67 13.79
N MET CA 393 -56.06 53.46 12.73
CA MET CA 393 -56.35 52.88 11.42
C MET CA 393 -55.15 52.11 10.88
N MET CA 394 -53.97 52.74 10.92
CA MET CA 394 -52.77 52.08 10.42
C MET CA 394 -52.41 50.86 11.27
N GLN CA 395 -52.61 50.95 12.59
CA GLN CA 395 -52.42 49.78 13.44
C GLN CA 395 -53.42 48.68 13.11
N TYR CA 396 -54.66 49.08 12.76
CA TYR CA 396 -55.66 48.10 12.36
C TYR CA 396 -55.22 47.37 11.09
N ALA CA 397 -54.72 48.12 10.10
CA ALA CA 397 -54.24 47.50 8.87
C ALA CA 397 -53.02 46.62 9.14
N LYS CA 398 -52.15 47.04 10.07
CA LYS CA 398 -51.01 46.21 10.44
C LYS CA 398 -51.49 44.88 11.04
N ARG CA 399 -52.45 44.93 11.96
CA ARG CA 399 -53.02 43.70 12.51
C ARG CA 399 -53.68 42.86 11.43
N ALA CA 400 -54.24 43.50 10.40
CA ALA CA 400 -54.91 42.75 9.34
C ALA CA 400 -53.93 42.10 8.38
N VAL CA 401 -52.74 42.66 8.22
CA VAL CA 401 -51.79 42.14 7.24
C VAL CA 401 -50.59 41.43 7.89
N MET CA 402 -50.32 41.66 9.17
CA MET CA 402 -49.28 40.87 9.82
C MET CA 402 -49.77 39.44 10.00
N SER CA 403 -48.81 38.53 10.23
CA SER CA 403 -49.05 37.09 10.30
C SER CA 403 -49.52 36.52 8.98
N LEU CA 404 -49.35 37.26 7.88
CA LEU CA 404 -49.61 36.75 6.54
C LEU CA 404 -48.34 36.10 6.02
N GLN CA 405 -48.42 34.83 5.64
CA GLN CA 405 -47.27 34.07 5.20
C GLN CA 405 -47.55 33.47 3.83
N GLY CA 406 -46.47 33.11 3.13
CA GLY CA 406 -46.56 32.50 1.82
C GLY CA 406 -47.26 33.38 0.80
N LEU CA 407 -46.73 34.58 0.58
CA LEU CA 407 -47.32 35.54 -0.33
C LEU CA 407 -46.54 35.57 -1.64
N ARG CA 408 -47.26 35.38 -2.75
CA ARG CA 408 -46.63 35.44 -4.06
C ARG CA 408 -46.30 36.88 -4.43
N GLU CA 409 -45.28 37.03 -5.28
CA GLU CA 409 -44.90 38.35 -5.74
C GLU CA 409 -45.98 38.95 -6.64
N LYS CA 410 -45.96 40.27 -6.75
CA LYS CA 410 -46.89 41.04 -7.57
C LYS CA 410 -48.35 40.88 -7.16
N THR CA 411 -48.61 40.31 -5.99
CA THR CA 411 -49.95 40.19 -5.46
C THR CA 411 -50.24 41.33 -4.49
N ILE CA 412 -51.53 41.60 -4.28
CA ILE CA 412 -51.91 42.65 -3.35
C ILE CA 412 -51.71 42.23 -1.90
N GLY CA 413 -51.61 40.92 -1.65
CA GLY CA 413 -51.34 40.46 -0.29
C GLY CA 413 -49.95 40.86 0.18
N LYS CA 414 -48.95 40.64 -0.66
CA LYS CA 414 -47.61 41.12 -0.34
C LYS CA 414 -47.54 42.64 -0.37
N TYR CA 415 -48.41 43.29 -1.13
CA TYR CA 415 -48.43 44.75 -1.15
C TYR CA 415 -48.92 45.30 0.18
N ALA CA 416 -50.03 44.75 0.70
CA ALA CA 416 -50.53 45.21 1.99
C ALA CA 416 -49.60 44.79 3.12
N LYS CA 417 -49.03 43.59 3.03
CA LYS CA 417 -48.06 43.14 4.03
C LYS CA 417 -46.86 44.08 4.08
N SER CA 418 -46.30 44.42 2.92
CA SER CA 418 -45.15 45.31 2.85
C SER CA 418 -45.52 46.77 3.02
N GLU CA 419 -46.81 47.10 3.05
CA GLU CA 419 -47.27 48.48 3.16
C GLU CA 419 -47.67 48.87 4.58
N PHE CA 420 -48.35 47.98 5.31
CA PHE CA 420 -48.84 48.31 6.63
C PHE CA 420 -48.06 47.66 7.77
N ASP CA 421 -47.31 46.59 7.51
CA ASP CA 421 -46.62 45.86 8.57
C ASP CA 421 -45.20 46.37 8.71
N LYS CA 422 -45.08 47.50 9.42
CA LYS CA 422 -43.78 48.07 9.80
C LYS CA 422 -43.97 49.21 10.79
N GLN DA 1 -86.33 54.51 15.07
CA GLN DA 1 -86.90 55.53 14.20
C GLN DA 1 -86.47 56.92 14.65
N VAL DA 2 -85.75 57.63 13.78
CA VAL DA 2 -85.20 58.95 14.09
C VAL DA 2 -86.25 60.01 13.76
N GLN DA 3 -86.44 60.95 14.69
CA GLN DA 3 -87.36 62.06 14.46
C GLN DA 3 -87.06 63.18 15.45
N LEU DA 4 -87.43 64.39 15.05
CA LEU DA 4 -87.30 65.59 15.86
C LEU DA 4 -88.70 66.20 16.03
N VAL DA 5 -89.08 66.46 17.27
CA VAL DA 5 -90.41 66.96 17.59
C VAL DA 5 -90.30 68.38 18.11
N GLU DA 6 -91.20 69.25 17.65
CA GLU DA 6 -91.23 70.66 18.03
C GLU DA 6 -92.47 70.94 18.86
N THR DA 7 -92.29 71.63 19.98
CA THR DA 7 -93.39 72.10 20.82
C THR DA 7 -93.11 73.51 21.27
N GLY DA 8 -94.15 74.19 21.75
CA GLY DA 8 -94.00 75.49 22.37
C GLY DA 8 -94.32 76.69 21.50
N GLY DA 9 -95.21 76.55 20.53
CA GLY DA 9 -95.62 77.65 19.68
C GLY DA 9 -96.96 78.23 20.08
N GLY DA 10 -97.43 79.15 19.25
CA GLY DA 10 -98.72 79.77 19.47
C GLY DA 10 -98.71 81.21 18.99
N LEU DA 11 -99.74 81.95 19.43
CA LEU DA 11 -99.93 83.34 19.04
C LEU DA 11 -99.63 84.24 20.22
N VAL DA 12 -98.82 85.27 19.98
CA VAL DA 12 -98.48 86.26 20.99
C VAL DA 12 -98.58 87.65 20.37
N GLN DA 13 -98.55 88.66 21.23
CA GLN DA 13 -98.51 90.04 20.77
C GLN DA 13 -97.07 90.45 20.49
N THR DA 14 -96.92 91.51 19.69
CA THR DA 14 -95.59 92.01 19.35
C THR DA 14 -94.87 92.47 20.61
N GLY DA 15 -93.62 92.03 20.76
CA GLY DA 15 -92.87 92.27 21.97
C GLY DA 15 -92.90 91.15 22.98
N GLY DA 16 -93.88 90.25 22.88
CA GLY DA 16 -93.93 89.08 23.71
C GLY DA 16 -92.78 88.14 23.42
N SER DA 17 -92.79 87.01 24.12
CA SER DA 17 -91.73 86.03 23.98
C SER DA 17 -92.31 84.62 24.01
N LEU DA 18 -91.58 83.71 23.38
CA LEU DA 18 -91.92 82.30 23.35
C LEU DA 18 -90.64 81.50 23.57
N ARG DA 19 -90.81 80.19 23.75
CA ARG DA 19 -89.68 79.27 23.89
C ARG DA 19 -90.04 77.96 23.19
N LEU DA 20 -89.31 77.66 22.11
CA LEU DA 20 -89.54 76.44 21.35
C LEU DA 20 -88.64 75.33 21.86
N SER DA 21 -89.24 74.19 22.18
CA SER DA 21 -88.52 73.00 22.60
C SER DA 21 -88.51 71.97 21.47
N CYS DA 22 -87.38 71.31 21.28
CA CYS DA 22 -87.25 70.29 20.25
C CYS DA 22 -86.65 69.03 20.87
N LYS DA 23 -87.43 67.95 20.89
CA LYS DA 23 -86.98 66.66 21.37
C LYS DA 23 -86.43 65.87 20.19
N ALA DA 24 -85.13 65.61 20.21
CA ALA DA 24 -84.45 64.84 19.16
C ALA DA 24 -84.28 63.40 19.65
N SER DA 25 -84.88 62.46 18.93
CA SER DA 25 -84.82 61.06 19.33
C SER DA 25 -84.57 60.20 18.10
N GLY DA 26 -84.18 58.94 18.36
CA GLY DA 26 -83.98 57.94 17.34
C GLY DA 26 -82.54 57.56 17.10
N ARG DA 27 -81.61 58.45 17.43
CA ARG DA 27 -80.19 58.19 17.20
C ARG DA 27 -79.38 59.06 18.16
N THR DA 28 -78.06 59.00 18.01
CA THR DA 28 -77.14 59.78 18.82
C THR DA 28 -76.72 61.02 18.04
N PHE DA 29 -76.87 62.19 18.68
CA PHE DA 29 -76.50 63.46 18.08
C PHE DA 29 -75.25 64.06 18.74
N SER DA 30 -74.35 63.19 19.19
CA SER DA 30 -73.14 63.68 19.86
C SER DA 30 -72.27 64.51 18.92
N ASN DA 31 -72.03 63.99 17.71
CA ASN DA 31 -71.24 64.72 16.72
C ASN DA 31 -72.14 65.27 15.64
N SER DA 32 -73.22 65.94 16.05
CA SER DA 32 -74.25 66.41 15.13
C SER DA 32 -74.54 67.89 15.38
N ILE DA 33 -74.67 68.64 14.30
CA ILE DA 33 -75.04 70.05 14.39
C ILE DA 33 -76.56 70.15 14.44
N MET DA 34 -77.08 70.69 15.54
CA MET DA 34 -78.50 70.95 15.65
C MET DA 34 -78.80 72.35 15.12
N GLY DA 35 -80.05 72.57 14.74
CA GLY DA 35 -80.39 73.86 14.16
C GLY DA 35 -81.88 74.07 14.11
N TRP DA 36 -82.25 75.33 13.85
CA TRP DA 36 -83.64 75.75 13.67
C TRP DA 36 -83.77 76.42 12.32
N PHE DA 37 -84.93 76.22 11.68
CA PHE DA 37 -85.26 76.88 10.44
C PHE DA 37 -86.66 77.46 10.55
N ARG DA 38 -87.00 78.32 9.59
CA ARG DA 38 -88.26 79.05 9.61
C ARG DA 38 -88.77 79.21 8.18
N GLN DA 39 -90.07 78.97 7.99
CA GLN DA 39 -90.69 79.14 6.69
C GLN DA 39 -92.01 79.86 6.86
N ALA DA 40 -92.12 81.03 6.21
CA ALA DA 40 -93.40 81.72 6.15
C ALA DA 40 -94.27 81.09 5.06
N PRO DA 41 -95.58 80.98 5.29
CA PRO DA 41 -96.45 80.37 4.27
C PRO DA 41 -96.44 81.18 2.99
N GLY DA 42 -96.09 80.52 1.89
CA GLY DA 42 -95.96 81.16 0.60
C GLY DA 42 -94.60 81.76 0.33
N LYS DA 43 -93.65 81.66 1.26
CA LYS DA 43 -92.31 82.19 1.09
C LYS DA 43 -91.29 81.08 1.30
N GLU DA 44 -90.05 81.38 0.92
CA GLU DA 44 -88.98 80.40 1.02
C GLU DA 44 -88.61 80.16 2.49
N ARG DA 45 -87.94 79.03 2.73
CA ARG DA 45 -87.49 78.70 4.07
C ARG DA 45 -86.36 79.64 4.49
N ASP DA 46 -86.34 80.01 5.76
CA ASP DA 46 -85.41 80.99 6.30
C ASP DA 46 -84.58 80.36 7.41
N PHE DA 47 -83.27 80.57 7.36
CA PHE DA 47 -82.39 80.16 8.44
C PHE DA 47 -82.45 81.17 9.57
N VAL DA 48 -82.55 80.69 10.80
CA VAL DA 48 -82.66 81.54 11.98
C VAL DA 48 -81.51 81.33 12.95
N ALA DA 49 -81.12 80.08 13.18
CA ALA DA 49 -80.06 79.79 14.14
C ALA DA 49 -79.62 78.34 13.95
N LYS DA 50 -78.38 78.07 14.37
CA LYS DA 50 -77.85 76.72 14.45
C LYS DA 50 -76.85 76.68 15.58
N ILE DA 51 -76.76 75.53 16.24
CA ILE DA 51 -75.77 75.31 17.29
C ILE DA 51 -75.04 74.01 16.96
N SER DA 52 -73.71 74.08 16.97
CA SER DA 52 -72.88 72.95 16.60
C SER DA 52 -72.71 72.03 17.81
N TRP DA 53 -71.86 71.01 17.66
CA TRP DA 53 -71.39 70.20 18.77
C TRP DA 53 -70.01 70.61 19.24
N ARG DA 54 -69.34 71.48 18.50
CA ARG DA 54 -68.01 71.97 18.86
C ARG DA 54 -68.17 73.22 19.70
N ASN DA 55 -68.09 73.06 21.03
CA ASN DA 55 -68.17 74.16 22.00
C ASN DA 55 -69.46 74.96 21.86
N ASP DA 56 -70.51 74.35 21.33
CA ASP DA 56 -71.82 74.98 21.18
C ASP DA 56 -71.71 76.28 20.37
N TYR DA 57 -70.96 76.22 19.26
CA TYR DA 57 -70.74 77.39 18.43
C TYR DA 57 -72.05 77.80 17.77
N THR DA 58 -72.58 78.95 18.17
CA THR DA 58 -73.88 79.41 17.71
C THR DA 58 -73.74 80.29 16.47
N THR DA 59 -74.67 80.12 15.54
CA THR DA 59 -74.74 80.94 14.34
C THR DA 59 -76.16 81.46 14.20
N TYR DA 60 -76.31 82.77 14.07
CA TYR DA 60 -77.61 83.40 13.97
C TYR DA 60 -77.75 84.12 12.64
N ALA DA 61 -79.00 84.35 12.25
CA ALA DA 61 -79.28 85.22 11.13
C ALA DA 61 -79.32 86.67 11.61
N ASP DA 62 -79.01 87.59 10.70
CA ASP DA 62 -79.07 89.01 11.05
C ASP DA 62 -80.48 89.44 11.43
N SER DA 63 -81.49 88.65 11.06
CA SER DA 63 -82.87 89.02 11.37
C SER DA 63 -83.19 88.83 12.85
N VAL DA 64 -82.48 87.93 13.53
CA VAL DA 64 -82.86 87.56 14.90
C VAL DA 64 -81.68 87.70 15.85
N LYS DA 65 -80.64 88.42 15.45
CA LYS DA 65 -79.52 88.67 16.35
C LYS DA 65 -79.97 89.52 17.53
N GLY DA 66 -79.51 89.15 18.72
CA GLY DA 66 -79.90 89.83 19.93
C GLY DA 66 -81.31 89.55 20.42
N ARG DA 67 -82.15 88.95 19.57
CA ARG DA 67 -83.52 88.61 19.94
C ARG DA 67 -83.68 87.15 20.35
N PHE DA 68 -83.08 86.24 19.57
CA PHE DA 68 -83.22 84.81 19.81
C PHE DA 68 -81.96 84.26 20.46
N THR DA 69 -82.12 83.11 21.12
CA THR DA 69 -81.01 82.44 21.79
C THR DA 69 -81.22 80.94 21.67
N ILE DA 70 -80.40 80.28 20.85
CA ILE DA 70 -80.49 78.84 20.64
C ILE DA 70 -79.56 78.13 21.61
N SER DA 71 -80.02 77.03 22.17
CA SER DA 71 -79.23 76.25 23.12
C SER DA 71 -79.54 74.77 22.92
N ARG DA 72 -78.77 73.92 23.59
CA ARG DA 72 -78.98 72.48 23.49
C ARG DA 72 -78.47 71.79 24.75
N ASP DA 73 -79.15 70.72 25.12
CA ASP DA 73 -78.71 69.80 26.16
C ASP DA 73 -78.65 68.40 25.55
N ASN DA 74 -77.45 67.82 25.55
CA ASN DA 74 -77.26 66.50 24.97
C ASN DA 74 -77.70 65.39 25.90
N ALA DA 75 -77.59 65.60 27.22
CA ALA DA 75 -78.09 64.62 28.17
C ALA DA 75 -79.61 64.49 28.11
N SER DA 76 -80.30 65.60 27.82
CA SER DA 76 -81.74 65.58 27.63
C SER DA 76 -82.13 65.31 26.19
N ASN DA 77 -81.18 65.31 25.26
CA ASN DA 77 -81.45 65.14 23.83
C ASN DA 77 -82.47 66.18 23.35
N MET DA 78 -82.30 67.42 23.79
CA MET DA 78 -83.27 68.46 23.45
C MET DA 78 -82.52 69.73 23.06
N VAL DA 79 -83.10 70.47 22.12
CA VAL DA 79 -82.54 71.73 21.65
C VAL DA 79 -83.62 72.79 21.69
N TYR DA 80 -83.31 73.94 22.27
CA TYR DA 80 -84.28 75.01 22.51
C TYR DA 80 -83.95 76.24 21.68
N LEU DA 81 -85.01 77.00 21.37
CA LEU DA 81 -84.90 78.32 20.75
C LEU DA 81 -85.68 79.30 21.59
N LEU DA 82 -84.98 80.21 22.27
CA LEU DA 82 -85.60 81.25 23.07
C LEU DA 82 -85.90 82.45 22.18
N MET DA 83 -87.18 82.78 22.05
CA MET DA 83 -87.64 83.83 21.13
C MET DA 83 -88.13 85.02 21.96
N ASN DA 84 -87.21 85.90 22.32
CA ASN DA 84 -87.54 87.14 23.01
C ASN DA 84 -87.70 88.28 22.02
N ASN DA 85 -88.40 89.32 22.45
CA ASN DA 85 -88.62 90.54 21.66
C ASN DA 85 -89.11 90.20 20.25
N LEU DA 86 -90.33 89.64 20.22
CA LEU DA 86 -90.88 89.15 18.96
C LEU DA 86 -91.44 90.29 18.12
N LYS DA 87 -91.29 90.14 16.81
CA LYS DA 87 -91.82 91.04 15.80
C LYS DA 87 -92.88 90.31 14.98
N PRO DA 88 -93.76 91.04 14.28
CA PRO DA 88 -94.68 90.37 13.34
C PRO DA 88 -93.94 89.71 12.19
N GLU DA 89 -92.72 90.13 11.89
CA GLU DA 89 -91.97 89.51 10.80
C GLU DA 89 -91.59 88.07 11.11
N ASP DA 90 -91.49 87.72 12.39
CA ASP DA 90 -91.14 86.36 12.80
C ASP DA 90 -92.32 85.40 12.75
N THR DA 91 -93.48 85.84 12.24
CA THR DA 91 -94.66 84.97 12.14
C THR DA 91 -94.46 83.98 11.01
N ALA DA 92 -94.35 82.70 11.37
CA ALA DA 92 -94.14 81.64 10.39
C ALA DA 92 -94.28 80.27 11.03
N VAL DA 93 -93.79 79.24 10.34
CA VAL DA 93 -93.74 77.88 10.86
C VAL DA 93 -92.27 77.52 11.08
N TYR DA 94 -91.93 77.14 12.30
CA TYR DA 94 -90.56 76.85 12.68
C TYR DA 94 -90.31 75.35 12.67
N TYR DA 95 -89.17 74.95 12.10
CA TYR DA 95 -88.80 73.55 11.97
C TYR DA 95 -87.51 73.28 12.72
N CYS DA 96 -87.41 72.09 13.31
CA CYS DA 96 -86.20 71.64 13.98
C CYS DA 96 -85.40 70.77 13.02
N ALA DA 97 -84.10 71.05 12.90
CA ALA DA 97 -83.24 70.38 11.95
C ALA DA 97 -82.04 69.76 12.65
N ALA DA 98 -81.61 68.60 12.15
CA ALA DA 98 -80.46 67.88 12.67
C ALA DA 98 -79.61 67.38 11.52
N THR DA 99 -78.31 67.27 11.77
CA THR DA 99 -77.32 66.96 10.75
C THR DA 99 -76.64 65.63 11.08
N LYS DA 100 -76.38 64.82 10.05
CA LYS DA 100 -75.68 63.56 10.23
C LYS DA 100 -74.33 63.75 10.92
N ALA DA 101 -73.82 62.68 11.54
CA ALA DA 101 -72.62 62.80 12.35
C ALA DA 101 -71.44 63.32 11.54
N TYR DA 102 -70.66 64.20 12.16
CA TYR DA 102 -69.45 64.82 11.58
C TYR DA 102 -69.73 65.54 10.27
N ASN DA 103 -70.98 65.79 9.94
CA ASN DA 103 -71.34 66.50 8.72
C ASN DA 103 -71.64 67.96 9.04
N GLY DA 104 -71.72 68.76 7.98
CA GLY DA 104 -71.91 70.19 8.13
C GLY DA 104 -73.37 70.60 8.14
N GLY DA 105 -73.59 71.83 8.59
CA GLY DA 105 -74.92 72.43 8.56
C GLY DA 105 -74.85 73.85 8.03
N GLU DA 106 -75.37 74.07 6.83
CA GLU DA 106 -75.26 75.35 6.16
C GLU DA 106 -76.61 76.07 6.14
N THR DA 107 -76.53 77.39 5.95
CA THR DA 107 -77.74 78.22 5.98
C THR DA 107 -78.63 77.95 4.77
N SER DA 108 -78.05 77.47 3.66
CA SER DA 108 -78.82 77.25 2.44
C SER DA 108 -79.81 76.11 2.58
N GLY DA 109 -79.65 75.27 3.58
CA GLY DA 109 -80.38 74.03 3.71
C GLY DA 109 -79.51 72.81 3.52
N ARG DA 110 -78.32 72.98 2.97
CA ARG DA 110 -77.37 71.88 2.83
C ARG DA 110 -76.99 71.35 4.21
N GLY DA 111 -76.66 70.07 4.25
CA GLY DA 111 -76.65 69.41 5.53
C GLY DA 111 -78.09 69.26 6.00
N PHE DA 112 -78.24 69.05 7.30
CA PHE DA 112 -79.55 68.93 7.95
C PHE DA 112 -80.41 67.88 7.23
N TYR DA 113 -79.97 66.63 7.38
CA TYR DA 113 -80.69 65.52 6.75
C TYR DA 113 -82.03 65.26 7.42
N TYR DA 114 -82.13 65.52 8.72
CA TYR DA 114 -83.32 65.24 9.49
C TYR DA 114 -84.13 66.51 9.70
N TRP DA 115 -85.46 66.37 9.72
CA TRP DA 115 -86.35 67.51 9.88
C TRP DA 115 -87.58 67.08 10.68
N GLY DA 116 -88.22 68.07 11.29
CA GLY DA 116 -89.45 67.86 12.04
C GLY DA 116 -90.64 68.48 11.35
N GLN DA 117 -91.83 68.14 11.88
CA GLN DA 117 -93.08 68.62 11.28
C GLN DA 117 -93.24 70.12 11.43
N GLY DA 118 -92.76 70.69 12.54
CA GLY DA 118 -92.80 72.12 12.73
C GLY DA 118 -93.86 72.53 13.74
N THR DA 119 -93.65 73.73 14.31
CA THR DA 119 -94.59 74.36 15.22
C THR DA 119 -94.90 75.76 14.72
N GLN DA 120 -96.15 76.19 14.88
CA GLN DA 120 -96.61 77.46 14.35
C GLN DA 120 -96.36 78.58 15.34
N VAL DA 121 -95.82 79.70 14.85
CA VAL DA 121 -95.56 80.88 15.67
C VAL DA 121 -96.19 82.08 14.98
N THR DA 122 -97.16 82.70 15.64
CA THR DA 122 -97.86 83.87 15.11
C THR DA 122 -97.69 85.03 16.08
N VAL DA 123 -97.35 86.20 15.54
CA VAL DA 123 -97.10 87.40 16.34
C VAL DA 123 -97.92 88.54 15.75
N SER DA 124 -98.83 89.09 16.55
CA SER DA 124 -99.72 90.16 16.12
C SER DA 124 -99.48 91.40 16.96
N SER DA 125 -100.19 92.48 16.63
CA SER DA 125 -100.07 93.73 17.36
C SER DA 125 -100.82 93.68 18.68
N SER EA 2 -83.70 47.42 -3.05
CA SER EA 2 -83.50 48.23 -4.26
C SER EA 2 -83.86 49.69 -4.00
N VAL EA 3 -82.88 50.56 -4.13
CA VAL EA 3 -83.06 51.99 -3.92
C VAL EA 3 -82.32 52.75 -5.01
N THR EA 4 -82.88 53.89 -5.42
CA THR EA 4 -82.30 54.69 -6.48
C THR EA 4 -80.94 55.24 -6.05
N VAL EA 5 -79.94 55.04 -6.90
CA VAL EA 5 -78.58 55.51 -6.65
C VAL EA 5 -78.17 56.38 -7.83
N LYS EA 6 -77.57 57.54 -7.53
CA LYS EA 6 -77.18 58.51 -8.55
C LYS EA 6 -75.72 58.87 -8.37
N ARG EA 7 -75.03 59.11 -9.49
CA ARG EA 7 -73.68 59.62 -9.47
C ARG EA 7 -73.73 61.13 -9.28
N ILE EA 8 -73.08 61.62 -8.22
CA ILE EA 8 -73.24 63.02 -7.81
C ILE EA 8 -72.56 64.01 -8.75
N ILE EA 9 -71.66 63.55 -9.62
CA ILE EA 9 -70.95 64.48 -10.49
C ILE EA 9 -71.86 65.01 -11.59
N ASP EA 10 -72.84 64.20 -12.02
CA ASP EA 10 -73.72 64.63 -13.12
C ASP EA 10 -75.15 64.12 -12.98
N ASN EA 11 -75.58 63.74 -11.78
CA ASN EA 11 -76.94 63.24 -11.54
C ASN EA 11 -77.28 62.06 -12.44
N THR EA 12 -76.26 61.30 -12.85
CA THR EA 12 -76.49 60.11 -13.66
C THR EA 12 -76.91 58.96 -12.76
N VAL EA 13 -78.06 58.36 -13.07
CA VAL EA 13 -78.54 57.22 -12.29
C VAL EA 13 -77.71 55.99 -12.61
N ILE EA 14 -77.43 55.18 -11.60
CA ILE EA 14 -76.72 53.93 -11.77
C ILE EA 14 -77.49 52.83 -11.06
N VAL EA 15 -77.51 51.64 -11.65
CA VAL EA 15 -78.22 50.50 -11.05
C VAL EA 15 -77.20 49.43 -10.70
N PRO EA 16 -76.71 49.36 -9.45
CA PRO EA 16 -75.77 48.32 -9.07
C PRO EA 16 -76.49 46.99 -8.87
N LYS EA 17 -76.14 46.00 -9.69
CA LYS EA 17 -76.74 44.67 -9.64
C LYS EA 17 -75.64 43.62 -9.63
N LEU EA 18 -75.98 42.43 -9.18
CA LEU EA 18 -75.01 41.35 -9.05
C LEU EA 18 -75.53 40.08 -9.69
N PRO EA 19 -74.64 39.23 -10.22
CA PRO EA 19 -75.08 37.95 -10.77
C PRO EA 19 -75.73 37.08 -9.71
N ALA EA 20 -76.80 36.39 -10.10
CA ALA EA 20 -77.58 35.58 -9.19
C ALA EA 20 -77.15 34.12 -9.27
N ASN EA 21 -77.23 33.44 -8.13
CA ASN EA 21 -77.06 31.99 -8.05
C ASN EA 21 -78.21 31.46 -7.21
N GLU EA 22 -79.13 30.73 -7.85
CA GLU EA 22 -80.31 30.26 -7.15
C GLU EA 22 -79.93 29.32 -6.03
N ASP EA 23 -79.42 28.14 -6.37
CA ASP EA 23 -79.09 27.10 -5.40
C ASP EA 23 -80.24 26.89 -4.40
N PRO EA 24 -81.43 26.52 -4.86
CA PRO EA 24 -82.56 26.40 -3.95
C PRO EA 24 -82.35 25.27 -2.94
N VAL EA 25 -83.00 25.43 -1.78
CA VAL EA 25 -82.91 24.47 -0.69
C VAL EA 25 -84.14 23.59 -0.71
N GLU EA 26 -83.94 22.28 -0.57
CA GLU EA 26 -85.02 21.30 -0.58
C GLU EA 26 -85.15 20.68 0.80
N TYR EA 27 -86.29 20.89 1.44
CA TYR EA 27 -86.59 20.32 2.75
C TYR EA 27 -87.16 18.91 2.60
N PRO EA 28 -86.93 18.04 3.60
CA PRO EA 28 -87.40 16.65 3.45
C PRO EA 28 -88.91 16.51 3.43
N ALA EA 29 -89.64 17.31 4.22
CA ALA EA 29 -91.09 17.17 4.27
C ALA EA 29 -91.75 17.49 2.94
N ASP EA 30 -91.12 18.31 2.09
CA ASP EA 30 -91.67 18.60 0.78
C ASP EA 30 -91.53 17.44 -0.20
N TYR EA 31 -90.83 16.37 0.18
CA TYR EA 31 -90.74 15.17 -0.63
C TYR EA 31 -91.92 14.23 -0.40
N PHE EA 32 -92.26 13.99 0.87
CA PHE EA 32 -93.27 12.99 1.20
C PHE EA 32 -94.70 13.45 0.93
N ARG EA 33 -94.93 14.77 0.85
CA ARG EA 33 -96.23 15.23 0.37
C ARG EA 33 -96.43 14.93 -1.11
N LYS EA 34 -95.34 14.70 -1.84
CA LYS EA 34 -95.43 14.26 -3.23
C LYS EA 34 -95.60 12.74 -3.31
N SER EA 35 -94.57 11.99 -2.91
CA SER EA 35 -94.58 10.54 -2.96
C SER EA 35 -94.55 10.00 -1.53
N LYS EA 36 -95.55 9.22 -1.17
CA LYS EA 36 -95.65 8.60 0.15
C LYS EA 36 -94.69 7.42 0.31
N GLU EA 37 -93.80 7.20 -0.65
CA GLU EA 37 -92.87 6.08 -0.61
C GLU EA 37 -91.53 6.51 -1.18
N ILE EA 38 -90.52 5.66 -0.98
CA ILE EA 38 -89.17 5.88 -1.48
C ILE EA 38 -88.72 4.63 -2.20
N PRO EA 39 -88.41 4.70 -3.49
CA PRO EA 39 -88.11 3.48 -4.26
C PRO EA 39 -86.64 3.10 -4.24
N LEU EA 40 -86.41 1.78 -4.28
CA LEU EA 40 -85.07 1.21 -4.38
C LEU EA 40 -85.07 0.28 -5.61
N TYR EA 41 -84.34 0.67 -6.64
CA TYR EA 41 -84.29 -0.09 -7.88
C TYR EA 41 -83.30 -1.23 -7.75
N ILE EA 42 -83.77 -2.46 -7.96
CA ILE EA 42 -82.92 -3.64 -7.84
C ILE EA 42 -83.54 -4.77 -8.65
N ASN EA 43 -82.69 -5.65 -9.16
CA ASN EA 43 -83.13 -6.83 -9.88
C ASN EA 43 -82.97 -8.06 -8.98
N THR EA 44 -83.99 -8.93 -9.00
CA THR EA 44 -84.03 -10.11 -8.16
C THR EA 44 -83.76 -11.40 -8.94
N THR EA 45 -83.32 -11.28 -10.19
CA THR EA 45 -83.15 -12.44 -11.07
C THR EA 45 -82.08 -13.39 -10.56
N LYS EA 46 -80.81 -13.02 -10.70
CA LYS EA 46 -79.71 -13.92 -10.38
C LYS EA 46 -79.74 -14.29 -8.90
N SER EA 47 -79.12 -15.42 -8.58
CA SER EA 47 -79.21 -16.02 -7.27
C SER EA 47 -78.16 -15.46 -6.30
N LEU EA 48 -78.38 -15.70 -5.01
CA LEU EA 48 -77.52 -15.15 -3.98
C LEU EA 48 -76.13 -15.77 -4.04
N SER EA 49 -76.04 -17.10 -3.97
CA SER EA 49 -74.75 -17.77 -4.00
C SER EA 49 -73.97 -17.44 -5.27
N ASP EA 50 -74.68 -17.10 -6.35
CA ASP EA 50 -74.03 -16.50 -7.51
C ASP EA 50 -73.43 -15.14 -7.14
N LEU EA 51 -74.29 -14.22 -6.68
CA LEU EA 51 -73.86 -12.86 -6.38
C LEU EA 51 -72.66 -12.82 -5.44
N ARG EA 52 -72.51 -13.85 -4.61
CA ARG EA 52 -71.33 -13.96 -3.76
C ARG EA 52 -70.06 -14.02 -4.59
N GLY EA 53 -69.98 -14.98 -5.52
CA GLY EA 53 -68.84 -15.04 -6.40
C GLY EA 53 -68.75 -13.87 -7.35
N TYR EA 54 -69.90 -13.33 -7.76
CA TYR EA 54 -69.98 -12.06 -8.50
C TYR EA 54 -69.09 -11.03 -7.83
N VAL EA 55 -69.52 -10.59 -6.64
CA VAL EA 55 -68.78 -9.54 -5.97
C VAL EA 55 -67.41 -10.00 -5.50
N TYR EA 56 -67.19 -11.29 -5.24
CA TYR EA 56 -65.88 -11.69 -4.75
C TYR EA 56 -64.85 -11.60 -5.87
N GLN EA 57 -65.09 -12.30 -6.98
CA GLN EA 57 -64.14 -12.27 -8.09
C GLN EA 57 -64.06 -10.88 -8.72
N GLY EA 58 -65.17 -10.15 -8.74
CA GLY EA 58 -65.12 -8.76 -9.15
C GLY EA 58 -64.41 -7.85 -8.18
N LEU EA 59 -64.37 -8.23 -6.90
CA LEU EA 59 -63.62 -7.49 -5.89
C LEU EA 59 -62.11 -7.72 -6.01
N LYS EA 60 -61.66 -8.97 -6.17
CA LYS EA 60 -60.22 -9.22 -6.31
C LYS EA 60 -59.61 -8.48 -7.51
N SER EA 61 -60.42 -8.16 -8.52
CA SER EA 61 -59.98 -7.40 -9.68
C SER EA 61 -60.53 -5.98 -9.63
N GLY EA 62 -60.11 -5.16 -10.58
CA GLY EA 62 -60.55 -3.78 -10.61
C GLY EA 62 -61.97 -3.61 -11.09
N ASN EA 63 -62.47 -4.56 -11.88
CA ASN EA 63 -63.81 -4.46 -12.46
C ASN EA 63 -64.83 -5.04 -11.49
N VAL EA 64 -65.85 -4.25 -11.17
CA VAL EA 64 -66.98 -4.71 -10.36
C VAL EA 64 -68.20 -3.86 -10.72
N SER EA 65 -69.35 -4.52 -10.83
CA SER EA 65 -70.58 -3.85 -11.22
C SER EA 65 -71.36 -3.47 -9.96
N ILE EA 66 -71.77 -2.19 -9.89
CA ILE EA 66 -72.52 -1.72 -8.73
C ILE EA 66 -73.89 -2.40 -8.67
N ILE EA 67 -74.43 -2.83 -9.82
CA ILE EA 67 -75.71 -3.53 -9.80
C ILE EA 67 -75.56 -4.89 -9.13
N HIS EA 68 -74.42 -5.56 -9.35
CA HIS EA 68 -74.17 -6.83 -8.68
C HIS EA 68 -74.02 -6.66 -7.17
N VAL EA 69 -73.33 -5.61 -6.74
CA VAL EA 69 -73.15 -5.39 -5.31
C VAL EA 69 -74.42 -4.87 -4.65
N ASN EA 70 -75.31 -4.24 -5.41
CA ASN EA 70 -76.58 -3.79 -4.85
C ASN EA 70 -77.56 -4.96 -4.74
N SER EA 71 -77.65 -5.78 -5.78
CA SER EA 71 -78.47 -6.99 -5.69
C SER EA 71 -77.95 -7.92 -4.61
N TYR EA 72 -76.62 -8.04 -4.50
CA TYR EA 72 -76.02 -8.89 -3.48
C TYR EA 72 -76.28 -8.34 -2.08
N LEU EA 73 -76.00 -7.04 -1.88
CA LEU EA 73 -76.27 -6.43 -0.58
C LEU EA 73 -77.74 -6.59 -0.20
N TYR EA 74 -78.64 -6.53 -1.18
CA TYR EA 74 -80.04 -6.86 -0.93
C TYR EA 74 -80.20 -8.34 -0.57
N GLY EA 75 -79.33 -9.19 -1.09
CA GLY EA 75 -79.39 -10.62 -0.82
C GLY EA 75 -78.98 -11.02 0.57
N ALA EA 76 -77.83 -10.54 1.04
CA ALA EA 76 -77.31 -10.96 2.33
C ALA EA 76 -78.07 -10.31 3.48
N LEU EA 77 -78.59 -9.11 3.27
CA LEU EA 77 -79.32 -8.38 4.31
C LEU EA 77 -80.83 -8.47 4.14
N LYS EA 78 -81.32 -9.42 3.33
CA LYS EA 78 -82.75 -9.46 3.02
C LYS EA 78 -83.58 -9.77 4.27
N ASP EA 79 -83.23 -10.84 4.98
CA ASP EA 79 -84.06 -11.32 6.09
C ASP EA 79 -83.35 -11.28 7.43
N ILE EA 80 -82.88 -10.09 7.82
CA ILE EA 80 -82.45 -9.82 9.19
C ILE EA 80 -83.44 -8.82 9.77
N ARG EA 81 -84.12 -9.21 10.85
CA ARG EA 81 -85.30 -8.50 11.29
C ARG EA 81 -85.27 -8.29 12.79
N GLY EA 82 -86.08 -7.34 13.24
CA GLY EA 82 -86.17 -7.03 14.65
C GLY EA 82 -87.57 -6.60 15.02
N LYS EA 83 -87.94 -6.87 16.27
CA LYS EA 83 -89.27 -6.52 16.78
C LYS EA 83 -89.20 -5.17 17.47
N LEU EA 84 -89.98 -4.20 16.96
CA LEU EA 84 -90.04 -2.89 17.57
C LEU EA 84 -90.59 -2.98 18.99
N ASP EA 85 -90.02 -2.18 19.89
CA ASP EA 85 -90.57 -2.08 21.23
C ASP EA 85 -91.69 -1.04 21.30
N LYS EA 86 -91.77 -0.14 20.33
CA LYS EA 86 -92.85 0.82 20.24
C LYS EA 86 -93.08 1.18 18.77
N ASP EA 87 -94.15 1.91 18.51
CA ASP EA 87 -94.49 2.31 17.16
C ASP EA 87 -93.38 3.17 16.55
N TRP EA 88 -93.20 3.03 15.24
CA TRP EA 88 -92.17 3.75 14.50
C TRP EA 88 -92.83 4.37 13.27
N SER EA 89 -93.14 5.66 13.35
CA SER EA 89 -93.75 6.38 12.25
C SER EA 89 -92.94 7.64 11.95
N SER EA 90 -92.91 8.03 10.68
CA SER EA 90 -92.10 9.17 10.25
C SER EA 90 -92.63 9.69 8.93
N PHE EA 91 -92.95 10.99 8.90
CA PHE EA 91 -93.48 11.65 7.69
C PHE EA 91 -94.72 10.94 7.16
N GLY EA 92 -95.62 10.56 8.07
CA GLY EA 92 -96.83 9.89 7.67
C GLY EA 92 -96.64 8.48 7.16
N ILE EA 93 -95.53 7.84 7.51
CA ILE EA 93 -95.22 6.48 7.06
C ILE EA 93 -95.06 5.61 8.29
N ASN EA 94 -96.05 4.75 8.55
CA ASN EA 94 -95.98 3.80 9.65
C ASN EA 94 -95.26 2.56 9.16
N ILE EA 95 -93.93 2.62 9.23
CA ILE EA 95 -93.10 1.48 8.83
C ILE EA 95 -93.30 0.30 9.77
N GLY EA 96 -93.73 0.55 11.01
CA GLY EA 96 -94.01 -0.50 11.96
C GLY EA 96 -95.02 -0.02 12.98
N LYS EA 97 -95.33 -0.90 13.93
CA LYS EA 97 -96.33 -0.59 14.94
C LYS EA 97 -96.27 -1.58 16.10
N ALA EA 98 -95.90 -1.11 17.29
CA ALA EA 98 -95.87 -1.90 18.53
C ALA EA 98 -94.92 -3.08 18.31
N GLY EA 99 -95.31 -4.30 18.66
CA GLY EA 99 -94.43 -5.45 18.52
C GLY EA 99 -94.29 -5.96 17.10
N ASP EA 100 -94.33 -5.04 16.13
CA ASP EA 100 -94.10 -5.41 14.74
C ASP EA 100 -92.66 -5.84 14.53
N THR EA 101 -92.47 -7.04 13.99
CA THR EA 101 -91.15 -7.52 13.60
C THR EA 101 -90.92 -7.15 12.14
N ILE EA 102 -90.08 -6.15 11.91
CA ILE EA 102 -89.86 -5.61 10.58
C ILE EA 102 -88.43 -5.93 10.15
N GLY EA 103 -88.20 -5.81 8.83
CA GLY EA 103 -86.90 -6.01 8.25
C GLY EA 103 -86.22 -4.69 7.90
N ILE EA 104 -84.93 -4.81 7.60
CA ILE EA 104 -84.12 -3.63 7.29
C ILE EA 104 -84.60 -2.95 6.02
N PHE EA 105 -85.16 -3.71 5.09
CA PHE EA 105 -85.71 -3.15 3.86
C PHE EA 105 -87.21 -2.87 3.96
N ASP EA 106 -87.80 -2.97 5.15
CA ASP EA 106 -89.16 -2.51 5.34
C ASP EA 106 -89.26 -0.99 5.26
N LEU EA 107 -88.13 -0.29 5.33
CA LEU EA 107 -88.15 1.17 5.28
C LEU EA 107 -88.48 1.67 3.89
N VAL EA 108 -87.76 1.18 2.88
CA VAL EA 108 -87.96 1.61 1.50
C VAL EA 108 -88.92 0.66 0.80
N SER EA 109 -89.41 1.07 -0.36
CA SER EA 109 -90.24 0.22 -1.21
C SER EA 109 -89.38 -0.35 -2.33
N LEU EA 110 -89.61 -1.62 -2.66
CA LEU EA 110 -88.79 -2.34 -3.63
C LEU EA 110 -89.33 -2.14 -5.04
N LYS EA 111 -88.47 -1.69 -5.95
CA LYS EA 111 -88.76 -1.59 -7.36
C LYS EA 111 -87.75 -2.43 -8.15
N ALA EA 112 -87.99 -2.54 -9.45
CA ALA EA 112 -87.20 -3.42 -10.31
C ALA EA 112 -86.34 -2.58 -11.24
N LEU EA 113 -85.02 -2.77 -11.18
CA LEU EA 113 -84.10 -2.15 -12.12
C LEU EA 113 -84.03 -3.00 -13.38
N ASP EA 114 -84.32 -2.41 -14.53
CA ASP EA 114 -84.37 -3.10 -15.80
C ASP EA 114 -83.17 -2.74 -16.65
N GLY EA 115 -82.59 -3.73 -17.31
CA GLY EA 115 -81.51 -3.46 -18.24
C GLY EA 115 -80.54 -4.62 -18.33
N VAL EA 116 -79.30 -4.27 -18.63
CA VAL EA 116 -78.24 -5.25 -18.87
C VAL EA 116 -77.61 -5.66 -17.54
N LEU EA 117 -77.27 -6.94 -17.43
CA LEU EA 117 -76.55 -7.47 -16.27
C LEU EA 117 -75.16 -7.88 -16.70
N PRO EA 118 -74.11 -7.24 -16.19
CA PRO EA 118 -72.75 -7.64 -16.57
C PRO EA 118 -72.45 -9.07 -16.16
N ASP EA 119 -71.40 -9.62 -16.77
CA ASP EA 119 -71.02 -11.02 -16.58
C ASP EA 119 -69.51 -11.11 -16.37
N GLY EA 120 -69.08 -10.96 -15.12
CA GLY EA 120 -67.70 -11.16 -14.75
C GLY EA 120 -67.56 -12.19 -13.64
N VAL EA 121 -68.23 -13.32 -13.79
CA VAL EA 121 -68.39 -14.29 -12.71
C VAL EA 121 -67.81 -15.62 -13.16
N SER EA 122 -66.95 -16.19 -12.32
CA SER EA 122 -66.43 -17.54 -12.50
C SER EA 122 -65.81 -17.97 -11.17
N ASP EA 123 -66.59 -17.88 -10.10
CA ASP EA 123 -66.10 -18.13 -8.76
C ASP EA 123 -67.22 -18.71 -7.91
N ALA EA 124 -66.87 -19.66 -7.05
CA ALA EA 124 -67.81 -20.24 -6.10
C ALA EA 124 -67.08 -20.60 -4.81
N SER EA 125 -67.31 -21.82 -4.32
CA SER EA 125 -66.66 -22.33 -3.11
C SER EA 125 -66.86 -21.39 -1.92
N THR EA 127 -68.68 -19.31 -0.45
CA THR EA 127 -69.10 -20.03 0.74
C THR EA 127 -70.20 -19.26 1.45
N SER EA 128 -70.99 -19.96 2.28
CA SER EA 128 -72.09 -19.30 2.98
C SER EA 128 -71.58 -18.39 4.09
N ALA EA 129 -70.38 -18.67 4.61
CA ALA EA 129 -69.87 -17.87 5.71
C ALA EA 129 -69.37 -16.51 5.24
N ASP EA 130 -69.03 -16.37 3.95
CA ASP EA 130 -68.58 -15.07 3.43
C ASP EA 130 -69.66 -14.01 3.60
N ASP EA 131 -70.93 -14.41 3.66
CA ASP EA 131 -72.03 -13.48 3.88
C ASP EA 131 -71.97 -12.82 5.25
N LYS EA 132 -71.15 -13.32 6.16
CA LYS EA 132 -71.10 -12.76 7.51
C LYS EA 132 -70.44 -11.39 7.51
N TRP EA 133 -69.44 -11.18 6.65
CA TRP EA 133 -68.60 -9.99 6.70
C TRP EA 133 -68.60 -9.18 5.41
N LEU EA 134 -68.89 -9.82 4.27
CA LEU EA 134 -68.82 -9.11 3.00
C LEU EA 134 -69.75 -7.91 2.91
N PRO EA 135 -70.99 -7.96 3.39
CA PRO EA 135 -71.79 -6.72 3.48
C PRO EA 135 -71.15 -5.67 4.38
N LEU EA 136 -70.47 -6.07 5.45
CA LEU EA 136 -69.75 -5.10 6.27
C LEU EA 136 -68.63 -4.44 5.48
N TYR EA 137 -67.95 -5.20 4.63
CA TYR EA 137 -66.93 -4.64 3.75
C TYR EA 137 -67.55 -3.62 2.80
N LEU EA 138 -68.49 -4.07 1.97
CA LEU EA 138 -69.14 -3.19 1.00
C LEU EA 138 -69.74 -1.95 1.65
N LEU EA 139 -70.23 -2.08 2.89
CA LEU EA 139 -70.74 -0.93 3.61
C LEU EA 139 -69.63 -0.08 4.21
N GLY EA 140 -68.42 -0.62 4.33
CA GLY EA 140 -67.30 0.17 4.80
C GLY EA 140 -66.61 0.96 3.70
N LEU EA 141 -66.63 0.44 2.48
CA LEU EA 141 -65.95 1.15 1.39
C LEU EA 141 -66.62 2.48 1.05
N TYR EA 142 -67.87 2.69 1.46
CA TYR EA 142 -68.51 3.99 1.26
C TYR EA 142 -67.87 5.05 2.14
N ARG EA 143 -67.75 4.75 3.44
CA ARG EA 143 -67.11 5.67 4.37
C ARG EA 143 -65.63 5.84 4.08
N VAL EA 144 -64.96 4.75 3.70
CA VAL EA 144 -63.56 4.86 3.28
C VAL EA 144 -63.45 5.69 2.00
N GLY EA 145 -64.48 5.64 1.15
CA GLY EA 145 -64.51 6.33 -0.11
C GLY EA 145 -65.03 7.75 -0.07
N ARG EA 146 -65.48 8.23 1.09
CA ARG EA 146 -65.85 9.63 1.26
C ARG EA 146 -64.70 10.47 1.81
N THR EA 147 -63.45 10.07 1.58
CA THR EA 147 -62.28 10.77 2.07
C THR EA 147 -61.19 10.70 1.00
N GLN EA 148 -60.34 11.72 0.94
CA GLN EA 148 -59.46 11.93 -0.21
C GLN EA 148 -57.97 11.97 0.12
N MET EA 149 -57.56 11.72 1.35
CA MET EA 149 -56.15 11.78 1.69
C MET EA 149 -55.73 10.51 2.43
N PRO EA 150 -54.41 10.17 2.40
CA PRO EA 150 -53.95 8.86 2.90
C PRO EA 150 -54.36 8.50 4.32
N GLU EA 151 -53.70 9.11 5.32
CA GLU EA 151 -53.78 8.61 6.70
C GLU EA 151 -55.20 8.35 7.17
N TYR EA 152 -56.17 9.14 6.71
CA TYR EA 152 -57.56 8.93 7.12
C TYR EA 152 -58.44 8.47 5.97
N ARG EA 153 -57.84 8.02 4.87
CA ARG EA 153 -58.44 6.97 4.06
C ARG EA 153 -57.82 5.62 4.37
N LYS EA 154 -56.66 5.60 5.05
CA LYS EA 154 -56.10 4.41 5.66
C LYS EA 154 -56.88 3.97 6.89
N LYS EA 155 -57.93 4.71 7.25
CA LYS EA 155 -58.92 4.20 8.20
C LYS EA 155 -59.64 2.97 7.65
N LEU EA 156 -59.40 2.63 6.38
CA LEU EA 156 -59.82 1.34 5.83
C LEU EA 156 -59.29 0.17 6.65
N MET EA 157 -58.20 0.38 7.40
CA MET EA 157 -57.71 -0.65 8.31
C MET EA 157 -58.73 -0.98 9.40
N ASP EA 158 -59.56 0.00 9.78
CA ASP EA 158 -60.59 -0.27 10.78
C ASP EA 158 -61.60 -1.29 10.26
N GLY EA 159 -61.89 -1.26 8.96
CA GLY EA 159 -62.69 -2.31 8.38
C GLY EA 159 -62.01 -3.67 8.44
N LEU EA 160 -60.68 -3.68 8.34
CA LEU EA 160 -59.93 -4.93 8.46
C LEU EA 160 -60.02 -5.49 9.87
N THR EA 161 -59.76 -4.64 10.87
CA THR EA 161 -59.84 -5.10 12.26
C THR EA 161 -61.27 -5.51 12.62
N ASN EA 162 -62.26 -4.80 12.08
CA ASN EA 162 -63.65 -5.17 12.29
C ASN EA 162 -64.05 -6.39 11.47
N GLN EA 163 -63.24 -6.79 10.49
CA GLN EA 163 -63.51 -8.03 9.76
C GLN EA 163 -62.93 -9.23 10.48
N CYS EA 164 -61.75 -9.09 11.07
CA CYS EA 164 -61.18 -10.17 11.88
C CYS EA 164 -62.00 -10.49 13.11
N LYS EA 165 -62.95 -9.61 13.48
CA LYS EA 165 -63.91 -9.94 14.54
C LYS EA 165 -64.91 -10.99 14.09
N MET EA 166 -65.02 -11.22 12.78
CA MET EA 166 -65.93 -12.23 12.24
C MET EA 166 -65.20 -13.44 11.66
N ILE EA 167 -64.13 -13.21 10.91
CA ILE EA 167 -63.27 -14.27 10.39
C ILE EA 167 -61.82 -13.85 10.56
N ASN EA 168 -61.06 -14.63 11.33
CA ASN EA 168 -59.69 -14.27 11.66
C ASN EA 168 -58.79 -14.23 10.43
N GLU EA 169 -59.16 -14.90 9.35
CA GLU EA 169 -58.31 -15.01 8.17
C GLU EA 169 -58.71 -14.06 7.04
N GLN EA 170 -59.68 -13.16 7.28
CA GLN EA 170 -60.10 -12.24 6.24
C GLN EA 170 -58.97 -11.30 5.87
N PHE EA 171 -58.91 -10.94 4.59
CA PHE EA 171 -57.97 -9.96 4.10
C PHE EA 171 -58.64 -9.14 3.01
N GLU EA 172 -58.16 -7.90 2.86
CA GLU EA 172 -58.68 -6.92 1.91
C GLU EA 172 -58.71 -7.49 0.49
N PRO EA 173 -59.90 -7.77 -0.05
CA PRO EA 173 -59.97 -8.39 -1.38
C PRO EA 173 -59.83 -7.39 -2.52
N LEU EA 174 -58.97 -6.39 -2.36
CA LEU EA 174 -58.68 -5.43 -3.42
C LEU EA 174 -57.17 -5.25 -3.54
N VAL EA 175 -56.70 -5.10 -4.77
CA VAL EA 175 -55.27 -4.87 -4.99
C VAL EA 175 -54.93 -3.45 -4.53
N PRO EA 176 -53.84 -3.24 -3.73
CA PRO EA 176 -53.77 -2.08 -2.82
C PRO EA 176 -55.10 -1.39 -2.57
N GLU EA 177 -55.43 -0.42 -3.43
CA GLU EA 177 -56.78 0.13 -3.49
C GLU EA 177 -57.25 0.36 -4.92
N GLY EA 178 -56.39 0.32 -5.91
CA GLY EA 178 -56.76 0.70 -7.26
C GLY EA 178 -57.12 2.16 -7.38
N ARG EA 179 -56.32 3.06 -6.78
CA ARG EA 179 -56.64 4.47 -6.69
C ARG EA 179 -57.99 4.69 -6.04
N ASP EA 180 -58.31 3.83 -5.05
CA ASP EA 180 -59.64 3.74 -4.47
C ASP EA 180 -60.69 3.56 -5.57
N ILE EA 181 -60.82 2.33 -6.06
CA ILE EA 181 -61.69 2.03 -7.19
C ILE EA 181 -63.06 1.62 -6.68
N PHE EA 182 -63.61 2.40 -5.75
CA PHE EA 182 -64.98 2.21 -5.28
C PHE EA 182 -65.67 3.53 -4.98
N ASP EA 183 -65.02 4.66 -5.22
CA ASP EA 183 -65.61 5.96 -4.90
C ASP EA 183 -66.83 6.26 -5.75
N VAL EA 184 -66.92 5.68 -6.95
CA VAL EA 184 -68.06 5.89 -7.82
C VAL EA 184 -69.34 5.35 -7.22
N TRP EA 185 -69.25 4.47 -6.22
CA TRP EA 185 -70.44 3.92 -5.60
C TRP EA 185 -71.27 4.98 -4.88
N GLY EA 186 -70.65 6.10 -4.51
CA GLY EA 186 -71.40 7.22 -3.97
C GLY EA 186 -72.33 7.89 -4.97
N ASN EA 187 -72.07 7.70 -6.27
CA ASN EA 187 -72.94 8.25 -7.29
C ASN EA 187 -74.20 7.41 -7.46
N ASP EA 188 -74.08 6.08 -7.38
CA ASP EA 188 -75.23 5.21 -7.57
C ASP EA 188 -76.25 5.44 -6.47
N SER EA 189 -77.46 5.86 -6.87
CA SER EA 189 -78.48 6.22 -5.91
C SER EA 189 -78.90 5.03 -5.04
N ASN EA 190 -79.02 3.85 -5.66
CA ASN EA 190 -79.52 2.68 -4.94
C ASN EA 190 -78.55 2.24 -3.84
N TYR EA 191 -77.25 2.40 -4.06
CA TYR EA 191 -76.28 2.06 -3.02
C TYR EA 191 -76.43 2.98 -1.82
N THR EA 192 -76.54 4.30 -2.07
CA THR EA 192 -76.75 5.25 -0.99
C THR EA 192 -78.04 4.95 -0.24
N LYS EA 193 -79.10 4.58 -0.96
CA LYS EA 193 -80.33 4.16 -0.31
C LYS EA 193 -80.11 2.90 0.53
N ILE EA 194 -79.25 2.00 0.08
CA ILE EA 194 -78.95 0.81 0.88
C ILE EA 194 -78.29 1.19 2.19
N VAL EA 195 -77.19 1.97 2.12
CA VAL EA 195 -76.49 2.31 3.36
C VAL EA 195 -77.36 3.14 4.28
N ALA EA 196 -78.22 4.00 3.72
CA ALA EA 196 -79.09 4.80 4.55
C ALA EA 196 -80.17 3.95 5.22
N ALA EA 197 -80.65 2.92 4.51
CA ALA EA 197 -81.59 1.99 5.13
C ALA EA 197 -80.92 1.16 6.22
N VAL EA 198 -79.66 0.77 6.01
CA VAL EA 198 -78.93 0.02 7.02
C VAL EA 198 -78.74 0.84 8.28
N ASP EA 199 -78.25 2.08 8.14
CA ASP EA 199 -77.98 2.90 9.31
C ASP EA 199 -79.28 3.31 10.00
N MET EA 200 -80.30 3.69 9.23
CA MET EA 200 -81.58 4.01 9.84
C MET EA 200 -82.18 2.82 10.56
N PHE EA 201 -81.94 1.61 10.04
CA PHE EA 201 -82.44 0.41 10.70
C PHE EA 201 -81.70 0.14 12.01
N PHE EA 202 -80.37 0.02 11.95
CA PHE EA 202 -79.61 -0.33 13.13
C PHE EA 202 -79.56 0.79 14.16
N HIS EA 203 -79.92 2.02 13.78
CA HIS EA 203 -79.98 3.09 14.78
C HIS EA 203 -81.10 2.84 15.78
N MET EA 204 -82.13 2.10 15.39
CA MET EA 204 -83.17 1.66 16.32
C MET EA 204 -82.79 0.36 17.03
N PHE EA 205 -82.14 -0.55 16.31
CA PHE EA 205 -81.70 -1.83 16.85
C PHE EA 205 -80.19 -1.77 17.05
N LYS EA 206 -79.77 -1.12 18.12
CA LYS EA 206 -78.36 -0.99 18.44
C LYS EA 206 -77.78 -2.21 19.12
N LYS EA 207 -78.61 -2.99 19.82
CA LYS EA 207 -78.18 -4.22 20.47
C LYS EA 207 -78.28 -5.44 19.58
N HIS EA 208 -78.53 -5.26 18.29
CA HIS EA 208 -78.56 -6.38 17.36
C HIS EA 208 -77.16 -6.95 17.17
N GLU EA 209 -77.09 -8.24 16.88
CA GLU EA 209 -75.80 -8.87 16.67
C GLU EA 209 -75.11 -8.36 15.41
N CYS EA 210 -75.87 -7.80 14.47
CA CYS EA 210 -75.32 -7.23 13.25
C CYS EA 210 -75.13 -5.71 13.35
N ALA EA 211 -75.07 -5.17 14.57
CA ALA EA 211 -74.92 -3.73 14.74
C ALA EA 211 -73.59 -3.22 14.21
N SER EA 212 -72.58 -4.08 14.11
CA SER EA 212 -71.30 -3.66 13.52
C SER EA 212 -71.49 -3.17 12.10
N PHE EA 213 -72.51 -3.66 11.40
CA PHE EA 213 -72.81 -3.20 10.05
C PHE EA 213 -73.08 -1.70 10.00
N ARG EA 214 -73.35 -1.06 11.13
CA ARG EA 214 -73.54 0.38 11.15
C ARG EA 214 -72.26 1.12 10.78
N TYR EA 215 -71.10 0.52 11.07
CA TYR EA 215 -69.83 1.07 10.61
C TYR EA 215 -69.89 1.31 9.10
N GLY EA 216 -69.37 2.46 8.68
CA GLY EA 216 -69.41 2.77 7.27
C GLY EA 216 -70.68 3.50 6.90
N THR EA 217 -71.81 3.09 7.48
CA THR EA 217 -73.09 3.74 7.22
C THR EA 217 -73.34 4.92 8.15
N ILE EA 218 -72.55 5.07 9.23
CA ILE EA 218 -72.78 6.13 10.19
C ILE EA 218 -72.54 7.50 9.57
N VAL EA 219 -71.65 7.58 8.56
CA VAL EA 219 -71.44 8.84 7.86
C VAL EA 219 -72.61 9.22 6.97
N SER EA 220 -73.64 8.36 6.86
CA SER EA 220 -74.86 8.71 6.15
C SER EA 220 -75.87 9.43 7.03
N ARG EA 221 -75.79 9.27 8.35
CA ARG EA 221 -76.65 9.98 9.27
C ARG EA 221 -76.13 11.40 9.45
N PHE EA 222 -77.00 12.38 9.21
CA PHE EA 222 -76.66 13.80 9.24
C PHE EA 222 -75.55 14.13 8.25
N LYS EA 223 -75.51 13.41 7.13
CA LYS EA 223 -74.63 13.75 6.03
C LYS EA 223 -75.08 15.05 5.38
N ASP EA 224 -74.12 15.93 5.11
CA ASP EA 224 -74.40 17.28 4.61
C ASP EA 224 -75.28 18.05 5.58
N CYS EA 225 -75.00 17.91 6.88
CA CYS EA 225 -75.73 18.61 7.93
C CYS EA 225 -74.76 19.01 9.03
N ALA EA 226 -73.81 19.88 8.69
CA ALA EA 226 -72.76 20.23 9.64
C ALA EA 226 -73.19 21.38 10.55
N ALA EA 227 -73.93 22.34 10.01
CA ALA EA 227 -74.29 23.52 10.78
C ALA EA 227 -75.17 23.17 11.98
N LEU EA 228 -76.14 22.27 11.78
CA LEU EA 228 -76.97 21.82 12.89
C LEU EA 228 -76.12 21.19 14.00
N ALA EA 229 -75.13 20.38 13.61
CA ALA EA 229 -74.22 19.80 14.60
C ALA EA 229 -73.37 20.85 15.30
N THR EA 230 -73.15 22.00 14.67
CA THR EA 230 -72.50 23.11 15.36
C THR EA 230 -73.46 23.83 16.29
N PHE EA 231 -74.76 23.80 15.99
CA PHE EA 231 -75.74 24.29 16.95
C PHE EA 231 -75.77 23.41 18.19
N GLY EA 232 -75.71 22.09 18.00
CA GLY EA 232 -75.58 21.20 19.14
C GLY EA 232 -74.26 21.40 19.89
N HIS EA 233 -73.16 21.56 19.14
CA HIS EA 233 -71.86 21.76 19.77
C HIS EA 233 -71.83 23.03 20.60
N LEU EA 234 -72.34 24.13 20.05
CA LEU EA 234 -72.37 25.38 20.81
C LEU EA 234 -73.31 25.28 22.00
N CYS EA 235 -74.47 24.62 21.82
CA CYS EA 235 -75.36 24.40 22.94
C CYS EA 235 -74.73 23.54 24.02
N LYS EA 236 -73.71 22.76 23.68
CA LYS EA 236 -73.03 21.93 24.67
C LYS EA 236 -71.87 22.66 25.35
N ILE EA 237 -71.06 23.40 24.58
CA ILE EA 237 -69.90 24.08 25.15
C ILE EA 237 -70.34 25.29 25.95
N THR EA 238 -71.35 26.02 25.48
CA THR EA 238 -71.83 27.18 26.20
C THR EA 238 -72.53 26.78 27.50
N GLY EA 239 -73.08 25.56 27.56
CA GLY EA 239 -73.88 25.18 28.70
C GLY EA 239 -75.22 25.87 28.78
N MET EA 240 -75.66 26.49 27.69
CA MET EA 240 -76.92 27.23 27.64
C MET EA 240 -77.94 26.46 26.83
N SER EA 241 -79.21 26.81 27.01
CA SER EA 241 -80.29 26.14 26.30
C SER EA 241 -80.35 26.61 24.85
N THR EA 242 -81.05 25.83 24.03
CA THR EA 242 -81.20 26.18 22.62
C THR EA 242 -81.85 27.55 22.44
N GLU EA 243 -82.91 27.82 23.21
CA GLU EA 243 -83.59 29.10 23.11
C GLU EA 243 -82.74 30.24 23.65
N ASP EA 244 -81.90 29.98 24.66
CA ASP EA 244 -81.03 31.02 25.18
C ASP EA 244 -79.87 31.30 24.22
N VAL EA 245 -79.30 30.25 23.62
CA VAL EA 245 -78.25 30.45 22.62
C VAL EA 245 -78.81 31.18 21.40
N THR EA 246 -80.08 30.92 21.04
CA THR EA 246 -80.67 31.58 19.89
C THR EA 246 -80.72 33.09 20.08
N THR EA 247 -80.82 33.57 21.32
CA THR EA 247 -80.90 35.00 21.58
C THR EA 247 -79.56 35.70 21.39
N TRP EA 248 -78.45 34.96 21.46
CA TRP EA 248 -77.13 35.55 21.29
C TRP EA 248 -76.70 35.64 19.83
N ILE EA 249 -77.63 35.43 18.89
CA ILE EA 249 -77.35 35.66 17.47
C ILE EA 249 -77.47 37.15 17.20
N LEU EA 250 -76.34 37.80 16.93
CA LEU EA 250 -76.31 39.25 16.76
C LEU EA 250 -76.08 39.68 15.31
N ASN EA 251 -75.99 38.72 14.39
CA ASN EA 251 -75.84 39.03 12.97
C ASN EA 251 -77.10 38.67 12.23
N ARG EA 252 -77.35 39.37 11.11
CA ARG EA 252 -78.56 39.14 10.33
C ARG EA 252 -78.46 37.85 9.52
N GLU EA 253 -77.31 37.60 8.89
CA GLU EA 253 -77.13 36.38 8.12
C GLU EA 253 -77.35 35.15 8.99
N VAL EA 254 -76.75 35.13 10.18
CA VAL EA 254 -76.93 34.01 11.10
C VAL EA 254 -78.39 33.86 11.48
N ALA EA 255 -79.13 34.97 11.53
CA ALA EA 255 -80.57 34.89 11.83
C ALA EA 255 -81.33 34.26 10.67
N ASP EA 256 -81.02 34.65 9.43
CA ASP EA 256 -81.67 34.04 8.28
C ASP EA 256 -81.39 32.55 8.21
N GLU EA 257 -80.13 32.15 8.43
CA GLU EA 257 -79.77 30.74 8.42
C GLU EA 257 -80.45 29.99 9.55
N MET EA 258 -80.54 30.60 10.74
CA MET EA 258 -81.21 29.96 11.86
C MET EA 258 -82.70 29.76 11.57
N VAL EA 259 -83.33 30.73 10.92
CA VAL EA 259 -84.71 30.55 10.49
C VAL EA 259 -84.80 29.45 9.43
N GLN EA 260 -83.75 29.31 8.61
CA GLN EA 260 -83.76 28.30 7.56
C GLN EA 260 -83.72 26.89 8.15
N MET EA 261 -82.82 26.66 9.10
CA MET EA 261 -82.70 25.32 9.69
C MET EA 261 -83.95 24.95 10.49
N MET EA 262 -84.43 25.86 11.33
CA MET EA 262 -85.51 25.57 12.26
C MET EA 262 -86.90 25.65 11.63
N LEU EA 263 -87.06 25.15 10.41
CA LEU EA 263 -88.38 25.05 9.84
C LEU EA 263 -89.16 23.94 10.55
N PRO EA 264 -90.44 24.19 10.92
CA PRO EA 264 -91.15 23.36 11.90
C PRO EA 264 -91.89 22.16 11.33
N GLY EA 265 -91.23 21.41 10.45
CA GLY EA 265 -91.87 20.27 9.87
C GLY EA 265 -90.95 19.19 9.32
N GLN EA 266 -89.69 19.16 9.77
CA GLN EA 266 -88.70 18.25 9.21
C GLN EA 266 -88.23 17.18 10.20
N GLU EA 267 -88.81 17.13 11.40
CA GLU EA 267 -88.50 16.09 12.39
C GLU EA 267 -87.03 16.08 12.76
N ILE EA 268 -86.45 17.27 12.95
CA ILE EA 268 -85.05 17.33 13.34
C ILE EA 268 -84.85 16.99 14.81
N ASP EA 269 -85.90 17.10 15.63
CA ASP EA 269 -85.83 16.66 17.02
C ASP EA 269 -86.34 15.25 17.23
N LYS EA 270 -86.81 14.58 16.17
CA LYS EA 270 -87.23 13.19 16.28
C LYS EA 270 -86.02 12.29 16.47
N ALA EA 271 -86.21 11.24 17.28
CA ALA EA 271 -85.14 10.29 17.56
C ALA EA 271 -84.78 9.50 16.31
N ASP EA 272 -85.61 8.51 15.96
CA ASP EA 272 -85.40 7.69 14.77
C ASP EA 272 -86.29 8.25 13.66
N SER EA 273 -85.69 8.97 12.73
CA SER EA 273 -86.43 9.65 11.68
C SER EA 273 -85.72 9.47 10.34
N TYR EA 274 -86.48 9.69 9.26
CA TYR EA 274 -85.90 9.70 7.93
C TYR EA 274 -85.05 10.94 7.68
N MET EA 275 -85.22 11.98 8.49
CA MET EA 275 -84.54 13.25 8.24
C MET EA 275 -83.02 13.13 8.21
N PRO EA 276 -82.34 12.50 9.18
CA PRO EA 276 -80.87 12.46 9.14
C PRO EA 276 -80.31 11.89 7.85
N TYR EA 277 -81.09 11.10 7.10
CA TYR EA 277 -80.65 10.47 5.87
C TYR EA 277 -81.30 11.10 4.64
N LEU EA 278 -81.71 12.37 4.75
CA LEU EA 278 -82.41 13.03 3.66
C LEU EA 278 -81.58 13.11 2.38
N ILE EA 279 -80.26 12.91 2.48
CA ILE EA 279 -79.39 13.03 1.32
C ILE EA 279 -79.29 11.70 0.60
N ASP EA 280 -78.81 10.66 1.29
CA ASP EA 280 -78.67 9.36 0.65
C ASP EA 280 -80.01 8.74 0.30
N PHE EA 281 -81.06 9.08 1.04
CA PHE EA 281 -82.42 8.66 0.68
C PHE EA 281 -83.00 9.48 -0.46
N GLY EA 282 -82.24 10.41 -1.01
CA GLY EA 282 -82.74 11.23 -2.10
C GLY EA 282 -83.86 12.18 -1.74
N LEU EA 283 -84.12 12.37 -0.45
CA LEU EA 283 -85.18 13.29 -0.03
C LEU EA 283 -84.86 14.73 -0.37
N SER EA 284 -83.60 15.04 -0.67
CA SER EA 284 -83.17 16.41 -0.92
C SER EA 284 -81.84 16.38 -1.66
N SER EA 285 -81.71 17.25 -2.66
CA SER EA 285 -80.47 17.37 -3.41
C SER EA 285 -79.57 18.50 -2.92
N LYS EA 286 -80.15 19.54 -2.31
CA LYS EA 286 -79.39 20.62 -1.70
C LYS EA 286 -79.85 20.75 -0.25
N SER EA 287 -78.95 20.45 0.68
CA SER EA 287 -79.32 20.36 2.08
C SER EA 287 -79.57 21.74 2.67
N PRO EA 288 -80.51 21.83 3.64
CA PRO EA 288 -80.72 23.10 4.34
C PRO EA 288 -79.85 23.29 5.59
N TYR EA 289 -79.23 22.23 6.09
CA TYR EA 289 -78.54 22.25 7.37
C TYR EA 289 -77.02 22.15 7.20
N SER EA 290 -76.49 22.58 6.07
CA SER EA 290 -75.10 22.39 5.73
C SER EA 290 -74.26 23.61 6.10
N SER EA 291 -72.95 23.40 6.18
CA SER EA 291 -71.97 24.48 6.32
C SER EA 291 -71.72 25.22 5.02
N VAL EA 292 -72.45 24.85 3.98
CA VAL EA 292 -72.39 25.52 2.68
C VAL EA 292 -73.57 26.46 2.49
N LYS EA 293 -74.75 26.09 2.98
CA LYS EA 293 -75.92 26.96 2.96
C LYS EA 293 -76.08 27.75 4.25
N ASN EA 294 -75.24 27.47 5.25
CA ASN EA 294 -75.24 28.23 6.52
C ASN EA 294 -73.80 28.50 6.92
N PRO EA 295 -73.09 29.35 6.17
CA PRO EA 295 -71.67 29.57 6.47
C PRO EA 295 -71.44 30.47 7.68
N ALA EA 296 -72.21 31.56 7.78
CA ALA EA 296 -72.02 32.50 8.88
C ALA EA 296 -72.33 31.86 10.21
N PHE EA 297 -73.32 30.96 10.25
CA PHE EA 297 -73.64 30.24 11.48
C PHE EA 297 -72.51 29.28 11.85
N HIS EA 298 -71.96 28.57 10.87
CA HIS EA 298 -70.85 27.67 11.12
C HIS EA 298 -69.65 28.43 11.69
N PHE EA 299 -69.28 29.52 11.05
CA PHE EA 299 -68.13 30.32 11.50
C PHE EA 299 -68.39 30.92 12.88
N TRP EA 300 -69.61 31.39 13.12
CA TRP EA 300 -69.93 32.06 14.38
C TRP EA 300 -69.94 31.08 15.54
N GLY EA 301 -70.75 30.01 15.42
CA GLY EA 301 -70.84 29.04 16.50
C GLY EA 301 -69.54 28.29 16.71
N GLN EA 302 -68.84 27.95 15.63
CA GLN EA 302 -67.57 27.24 15.77
C GLN EA 302 -66.49 28.15 16.34
N LEU EA 303 -66.52 29.44 16.01
CA LEU EA 303 -65.54 30.37 16.59
C LEU EA 303 -65.82 30.62 18.06
N THR EA 304 -67.09 30.80 18.42
CA THR EA 304 -67.44 30.97 19.82
C THR EA 304 -67.06 29.73 20.63
N ALA EA 305 -67.38 28.54 20.11
CA ALA EA 305 -66.97 27.32 20.78
C ALA EA 305 -65.46 27.23 20.91
N LEU EA 306 -64.73 27.60 19.85
CA LEU EA 306 -63.27 27.57 19.90
C LEU EA 306 -62.74 28.48 20.99
N LEU EA 307 -63.32 29.68 21.14
CA LEU EA 307 -62.92 30.56 22.23
C LEU EA 307 -63.35 30.03 23.59
N LEU EA 308 -64.39 29.20 23.64
CA LEU EA 308 -64.82 28.58 24.89
C LEU EA 308 -64.18 27.20 25.11
N ARG EA 309 -62.94 27.02 24.66
CA ARG EA 309 -62.12 25.85 24.96
C ARG EA 309 -62.66 24.58 24.32
N SER EA 310 -63.14 24.68 23.08
CA SER EA 310 -63.57 23.50 22.35
C SER EA 310 -62.37 22.77 21.78
N THR EA 311 -62.44 21.43 21.80
CA THR EA 311 -61.41 20.61 21.20
C THR EA 311 -61.70 20.26 19.75
N ARG EA 312 -62.96 20.37 19.34
CA ARG EA 312 -63.34 20.06 17.96
C ARG EA 312 -63.25 21.28 17.04
N ALA EA 313 -63.51 22.47 17.58
CA ALA EA 313 -63.65 23.66 16.74
C ALA EA 313 -62.35 24.06 16.06
N ARG EA 314 -61.20 23.65 16.59
CA ARG EA 314 -59.93 24.08 16.03
C ARG EA 314 -59.67 23.54 14.63
N ASN EA 315 -60.39 22.47 14.23
CA ASN EA 315 -60.20 21.86 12.93
C ASN EA 315 -61.35 22.10 11.97
N ALA EA 316 -62.38 22.83 12.39
CA ALA EA 316 -63.45 23.20 11.48
C ALA EA 316 -62.91 24.11 10.38
N ARG EA 317 -63.63 24.14 9.25
CA ARG EA 317 -63.18 24.89 8.10
C ARG EA 317 -63.76 26.30 8.12
N GLN EA 318 -62.94 27.27 7.70
CA GLN EA 318 -63.34 28.66 7.59
C GLN EA 318 -64.08 28.87 6.27
N PRO EA 319 -65.39 29.15 6.30
CA PRO EA 319 -66.13 29.31 5.04
C PRO EA 319 -65.66 30.50 4.21
N ASP EA 320 -66.23 30.65 3.03
CA ASP EA 320 -65.84 31.71 2.10
C ASP EA 320 -66.98 32.71 1.92
N ASP EA 321 -66.60 33.97 1.70
CA ASP EA 321 -67.54 35.06 1.41
C ASP EA 321 -68.57 35.22 2.54
N ILE EA 322 -68.07 35.68 3.69
CA ILE EA 322 -68.89 36.01 4.84
C ILE EA 322 -68.31 37.24 5.52
N GLU EA 323 -69.04 37.75 6.51
CA GLU EA 323 -68.63 38.95 7.26
C GLU EA 323 -67.72 38.53 8.40
N TYR EA 324 -66.46 38.24 8.06
CA TYR EA 324 -65.51 37.77 9.06
C TYR EA 324 -65.40 38.73 10.23
N THR EA 325 -65.38 40.03 9.97
CA THR EA 325 -65.24 41.01 11.04
C THR EA 325 -66.45 41.00 11.96
N SER EA 326 -67.65 41.17 11.41
CA SER EA 326 -68.86 41.20 12.21
C SER EA 326 -69.07 39.88 12.96
N LEU EA 327 -68.88 38.75 12.26
CA LEU EA 327 -69.03 37.46 12.91
C LEU EA 327 -68.03 37.29 14.05
N THR EA 328 -66.79 37.77 13.85
CA THR EA 328 -65.78 37.63 14.89
C THR EA 328 -66.11 38.47 16.12
N THR EA 329 -66.60 39.70 15.92
CA THR EA 329 -66.98 40.52 17.06
C THR EA 329 -68.17 39.92 17.79
N ALA EA 330 -69.20 39.51 17.03
CA ALA EA 330 -70.39 38.92 17.65
C ALA EA 330 -70.06 37.62 18.37
N GLY EA 331 -69.02 36.91 17.94
CA GLY EA 331 -68.56 35.74 18.68
C GLY EA 331 -67.71 36.09 19.88
N LEU EA 332 -66.96 37.19 19.80
CA LEU EA 332 -66.12 37.62 20.91
C LEU EA 332 -66.96 38.08 22.09
N LEU EA 333 -68.03 38.83 21.82
CA LEU EA 333 -68.90 39.27 22.91
C LEU EA 333 -69.56 38.08 23.59
N TYR EA 334 -70.05 37.13 22.81
CA TYR EA 334 -70.70 35.95 23.36
C TYR EA 334 -69.72 35.12 24.19
N ALA EA 335 -68.56 34.79 23.61
CA ALA EA 335 -67.58 33.98 24.31
C ALA EA 335 -67.09 34.67 25.58
N TYR EA 336 -66.90 36.00 25.52
CA TYR EA 336 -66.51 36.74 26.71
C TYR EA 336 -67.62 36.71 27.77
N ALA EA 337 -68.88 36.71 27.34
CA ALA EA 337 -69.97 36.62 28.30
C ALA EA 337 -70.00 35.27 28.99
N VAL EA 338 -69.87 34.18 28.21
CA VAL EA 338 -69.92 32.85 28.80
C VAL EA 338 -68.69 32.58 29.67
N GLY EA 339 -67.53 33.13 29.29
CA GLY EA 339 -66.32 32.91 30.05
C GLY EA 339 -66.22 33.78 31.29
N SER EA 340 -66.83 34.96 31.27
CA SER EA 340 -66.79 35.83 32.44
C SER EA 340 -67.87 35.43 33.45
N SER EA 341 -69.11 35.26 32.99
CA SER EA 341 -70.22 34.88 33.86
C SER EA 341 -70.22 33.36 34.03
N ALA EA 342 -69.33 32.90 34.90
CA ALA EA 342 -69.25 31.47 35.20
C ALA EA 342 -70.54 30.95 35.83
N ASP EA 343 -71.28 31.84 36.51
CA ASP EA 343 -72.58 31.51 37.09
C ASP EA 343 -72.47 30.33 38.06
N LEU EA 344 -71.48 30.41 38.94
CA LEU EA 344 -71.33 29.39 39.99
C LEU EA 344 -72.43 29.57 41.02
N ALA EA 345 -73.07 28.46 41.40
CA ALA EA 345 -74.16 28.49 42.34
C ALA EA 345 -74.18 27.19 43.13
N GLN EA 346 -74.43 27.31 44.44
CA GLN EA 346 -74.47 26.13 45.30
C GLN EA 346 -75.57 25.18 44.87
N GLN EA 347 -75.26 23.88 44.87
CA GLN EA 347 -76.19 22.85 44.45
C GLN EA 347 -76.66 21.95 45.59
N PHE EA 348 -75.80 21.68 46.57
CA PHE EA 348 -76.15 20.82 47.69
C PHE EA 348 -75.75 21.51 49.00
N CYS EA 349 -76.55 21.28 50.04
CA CYS EA 349 -76.30 21.84 51.37
C CYS EA 349 -76.42 20.74 52.41
N VAL EA 350 -75.65 20.88 53.49
CA VAL EA 350 -75.66 19.90 54.57
C VAL EA 350 -76.63 20.33 55.66
N GLY EA 351 -76.24 21.34 56.44
CA GLY EA 351 -77.06 21.77 57.56
C GLY EA 351 -78.15 22.75 57.16
N ASP EA 352 -78.67 22.58 55.94
CA ASP EA 352 -79.65 23.49 55.37
C ASP EA 352 -79.17 24.93 55.44
N ASN EA 353 -77.88 25.12 55.21
CA ASN EA 353 -77.27 26.44 55.10
C ASN EA 353 -76.83 26.62 53.64
N LYS EA 354 -77.61 27.36 52.88
CA LYS EA 354 -77.25 27.74 51.54
C LYS EA 354 -76.67 29.15 51.55
N TYR EA 355 -75.78 29.41 50.60
CA TYR EA 355 -75.15 30.73 50.53
C TYR EA 355 -76.19 31.82 50.37
N THR EA 356 -76.06 32.87 51.17
CA THR EA 356 -76.98 34.01 51.13
C THR EA 356 -76.21 35.25 50.69
N PRO EA 357 -76.44 35.75 49.48
CA PRO EA 357 -75.69 36.93 49.02
C PRO EA 357 -76.02 38.15 49.85
N ASP EA 358 -75.06 39.08 49.89
CA ASP EA 358 -75.17 40.29 50.71
C ASP EA 358 -75.64 41.44 49.82
N ASP EA 359 -76.81 41.99 50.15
CA ASP EA 359 -77.37 43.11 49.40
C ASP EA 359 -76.97 44.46 49.95
N SER EA 360 -76.32 44.52 51.11
CA SER EA 360 -75.92 45.77 51.73
C SER EA 360 -74.64 46.35 51.13
N THR EA 361 -74.19 45.84 49.99
CA THR EA 361 -73.04 46.41 49.30
C THR EA 361 -73.53 47.58 48.45
N GLY EA 362 -73.14 48.80 48.85
CA GLY EA 362 -73.66 49.99 48.21
C GLY EA 362 -72.61 50.99 47.75
N GLY EA 363 -71.36 50.54 47.62
CA GLY EA 363 -70.33 51.41 47.08
C GLY EA 363 -70.51 51.75 45.61
N LEU EA 364 -71.49 51.15 44.94
CA LEU EA 364 -71.79 51.39 43.54
C LEU EA 364 -70.61 50.96 42.64
N THR EA 365 -70.43 49.63 42.58
CA THR EA 365 -69.43 49.04 41.70
C THR EA 365 -70.00 48.93 40.30
N THR EA 366 -70.20 50.09 39.68
CA THR EA 366 -70.69 50.16 38.31
C THR EA 366 -69.51 50.05 37.34
N ASN EA 367 -69.82 50.15 36.05
CA ASN EA 367 -68.84 49.96 34.98
C ASN EA 367 -68.16 48.61 35.09
N ALA EA 368 -68.90 47.60 35.58
CA ALA EA 368 -68.50 46.21 35.68
C ALA EA 368 -69.41 45.37 34.79
N PRO EA 369 -68.91 44.26 34.25
CA PRO EA 369 -69.71 43.46 33.34
C PRO EA 369 -70.97 42.95 34.02
N PRO EA 370 -72.02 42.68 33.26
CA PRO EA 370 -73.24 42.13 33.86
C PRO EA 370 -72.98 40.81 34.56
N GLN EA 371 -73.88 40.47 35.48
CA GLN EA 371 -73.68 39.30 36.34
C GLN EA 371 -74.11 38.00 35.67
N GLY EA 372 -74.97 38.06 34.66
CA GLY EA 372 -75.44 36.86 34.00
C GLY EA 372 -75.03 36.76 32.54
N ARG EA 373 -75.85 36.06 31.74
CA ARG EA 373 -75.60 35.89 30.33
C ARG EA 373 -76.72 36.47 29.47
N ASP EA 374 -77.54 37.34 30.04
CA ASP EA 374 -78.62 37.96 29.30
C ASP EA 374 -78.06 38.84 28.18
N VAL EA 375 -78.48 38.57 26.95
CA VAL EA 375 -78.04 39.37 25.81
C VAL EA 375 -78.41 40.84 26.01
N VAL EA 376 -79.59 41.08 26.59
CA VAL EA 376 -80.11 42.43 26.73
C VAL EA 376 -79.20 43.28 27.60
N GLU EA 377 -78.47 42.67 28.53
CA GLU EA 377 -77.54 43.39 29.38
C GLU EA 377 -76.15 43.53 28.77
N TRP EA 378 -75.67 42.47 28.10
CA TRP EA 378 -74.33 42.52 27.51
C TRP EA 378 -74.28 43.43 26.30
N LEU EA 379 -75.40 43.59 25.58
CA LEU EA 379 -75.42 44.57 24.50
C LEU EA 379 -75.31 45.99 25.06
N GLY EA 380 -75.95 46.24 26.20
CA GLY EA 380 -75.84 47.56 26.82
C GLY EA 380 -74.45 47.82 27.36
N TRP EA 381 -73.85 46.82 28.02
CA TRP EA 381 -72.48 46.96 28.45
C TRP EA 381 -71.55 47.21 27.26
N PHE EA 382 -71.78 46.50 26.15
CA PHE EA 382 -70.99 46.70 24.95
C PHE EA 382 -71.16 48.12 24.41
N GLU EA 383 -72.38 48.67 24.50
CA GLU EA 383 -72.58 50.06 24.12
C GLU EA 383 -71.84 51.01 25.07
N ASP EA 384 -71.75 50.65 26.35
CA ASP EA 384 -70.91 51.40 27.26
C ASP EA 384 -69.43 51.25 26.92
N GLN EA 385 -69.07 50.22 26.16
CA GLN EA 385 -67.71 50.07 25.66
C GLN EA 385 -67.53 50.64 24.25
N ASN EA 386 -68.48 51.47 23.79
CA ASN EA 386 -68.41 52.12 22.49
C ASN EA 386 -68.34 51.12 21.34
N ARG EA 387 -68.94 49.94 21.53
CA ARG EA 387 -69.05 48.90 20.49
C ARG EA 387 -67.68 48.50 19.95
N LYS EA 388 -66.63 48.66 20.76
CA LYS EA 388 -65.30 48.19 20.47
C LYS EA 388 -64.85 47.24 21.59
N PRO EA 389 -64.22 46.12 21.25
CA PRO EA 389 -63.82 45.17 22.28
C PRO EA 389 -62.83 45.78 23.26
N THR EA 390 -63.14 45.68 24.55
CA THR EA 390 -62.23 46.14 25.58
C THR EA 390 -60.93 45.33 25.50
N PRO EA 391 -59.80 45.92 25.94
CA PRO EA 391 -58.55 45.15 25.96
C PRO EA 391 -58.63 43.88 26.80
N ASP EA 392 -59.54 43.81 27.77
CA ASP EA 392 -59.73 42.58 28.51
C ASP EA 392 -60.40 41.50 27.66
N MET EA 393 -61.25 41.90 26.72
CA MET EA 393 -61.86 40.93 25.81
C MET EA 393 -60.81 40.37 24.86
N MET EA 394 -60.03 41.24 24.21
CA MET EA 394 -59.00 40.79 23.30
C MET EA 394 -57.91 40.01 24.04
N GLN EA 395 -57.68 40.31 25.31
CA GLN EA 395 -56.73 39.52 26.09
C GLN EA 395 -57.32 38.17 26.48
N TYR EA 396 -58.65 38.12 26.70
CA TYR EA 396 -59.30 36.84 26.93
C TYR EA 396 -59.17 35.93 25.70
N ALA EA 397 -59.50 36.48 24.53
CA ALA EA 397 -59.36 35.70 23.30
C ALA EA 397 -57.91 35.31 23.05
N LYS EA 398 -56.98 36.24 23.28
CA LYS EA 398 -55.56 35.92 23.14
C LYS EA 398 -55.18 34.76 24.05
N ARG EA 399 -55.62 34.79 25.31
CA ARG EA 399 -55.36 33.68 26.23
C ARG EA 399 -56.05 32.39 25.81
N ALA EA 400 -57.13 32.48 25.03
CA ALA EA 400 -57.83 31.28 24.59
C ALA EA 400 -57.14 30.62 23.40
N VAL EA 401 -56.68 31.43 22.43
CA VAL EA 401 -56.14 30.87 21.19
C VAL EA 401 -54.63 30.68 21.22
N MET EA 402 -53.92 31.34 22.14
CA MET EA 402 -52.49 31.07 22.26
C MET EA 402 -52.27 29.67 22.80
N SER EA 403 -51.05 29.17 22.62
CA SER EA 403 -50.67 27.78 22.94
C SER EA 403 -51.48 26.77 22.13
N LEU EA 404 -51.99 27.18 20.97
CA LEU EA 404 -52.61 26.26 20.02
C LEU EA 404 -51.56 25.90 18.97
N GLN EA 405 -51.27 24.60 18.85
CA GLN EA 405 -50.27 24.12 17.92
C GLN EA 405 -50.88 23.07 17.00
N GLY EA 406 -50.22 22.88 15.85
CA GLY EA 406 -50.70 21.93 14.86
C GLY EA 406 -51.99 22.38 14.20
N LEU EA 407 -51.99 23.61 13.69
CA LEU EA 407 -53.18 24.20 13.08
C LEU EA 407 -53.14 24.02 11.58
N ARG EA 408 -54.22 23.48 11.03
CA ARG EA 408 -54.32 23.29 9.58
C ARG EA 408 -54.74 24.58 8.90
N GLU EA 409 -54.35 24.73 7.65
CA GLU EA 409 -54.71 25.91 6.88
C GLU EA 409 -56.20 25.95 6.60
N LYS EA 410 -56.71 27.17 6.39
CA LYS EA 410 -58.13 27.42 6.09
C LYS EA 410 -59.05 26.94 7.19
N THR EA 411 -58.53 26.70 8.38
CA THR EA 411 -59.33 26.34 9.54
C THR EA 411 -59.57 27.57 10.41
N ILE EA 412 -60.73 27.60 11.06
CA ILE EA 412 -61.05 28.71 11.95
C ILE EA 412 -60.11 28.75 13.14
N GLY EA 413 -59.41 27.65 13.44
CA GLY EA 413 -58.44 27.67 14.50
C GLY EA 413 -57.23 28.54 14.17
N LYS EA 414 -56.66 28.34 12.98
CA LYS EA 414 -55.57 29.20 12.53
C LYS EA 414 -56.04 30.64 12.35
N TYR EA 415 -57.33 30.84 12.06
CA TYR EA 415 -57.83 32.21 11.89
C TYR EA 415 -57.97 32.91 13.24
N ALA EA 416 -58.49 32.21 14.25
CA ALA EA 416 -58.61 32.81 15.58
C ALA EA 416 -57.25 33.01 16.21
N LYS EA 417 -56.36 32.03 16.07
CA LYS EA 417 -54.99 32.19 16.57
C LYS EA 417 -54.29 33.34 15.86
N SER EA 418 -54.40 33.40 14.54
CA SER EA 418 -53.77 34.47 13.77
C SER EA 418 -54.45 35.82 14.01
N GLU EA 419 -55.64 35.83 14.59
CA GLU EA 419 -56.39 37.06 14.81
C GLU EA 419 -56.22 37.62 16.22
N PHE EA 420 -56.05 36.76 17.22
CA PHE EA 420 -55.97 37.23 18.61
C PHE EA 420 -54.61 37.06 19.26
N ASP EA 421 -53.74 36.20 18.72
CA ASP EA 421 -52.44 35.95 19.34
C ASP EA 421 -51.40 36.88 18.72
N LYS EA 422 -51.47 38.15 19.13
CA LYS EA 422 -50.50 39.17 18.73
C LYS EA 422 -50.66 40.42 19.57
N GLN FA 1 -89.02 35.76 42.69
CA GLN FA 1 -87.70 36.14 42.19
C GLN FA 1 -87.32 37.55 42.63
N VAL FA 2 -87.07 38.42 41.67
CA VAL FA 2 -86.81 39.83 41.89
C VAL FA 2 -88.14 40.58 41.94
N GLN FA 3 -88.28 41.46 42.92
CA GLN FA 3 -89.54 42.17 43.13
C GLN FA 3 -89.28 43.57 43.67
N LEU FA 4 -90.26 44.44 43.43
CA LEU FA 4 -90.26 45.82 43.92
C LEU FA 4 -91.54 46.03 44.72
N VAL FA 5 -91.39 46.31 46.01
CA VAL FA 5 -92.52 46.44 46.92
C VAL FA 5 -92.71 47.92 47.24
N GLU FA 6 -93.89 48.44 46.94
CA GLU FA 6 -94.21 49.86 47.12
C GLU FA 6 -95.04 50.07 48.37
N THR FA 7 -94.60 51.01 49.22
CA THR FA 7 -95.36 51.49 50.35
C THR FA 7 -95.46 53.01 50.27
N GLY FA 8 -96.24 53.59 51.16
CA GLY FA 8 -96.33 55.04 51.28
C GLY FA 8 -97.49 55.69 50.59
N GLY FA 9 -98.49 54.94 50.13
CA GLY FA 9 -99.65 55.52 49.51
C GLY FA 9 -100.73 55.90 50.52
N GLY FA 10 -101.68 56.69 50.06
CA GLY FA 10 -102.78 57.10 50.91
C GLY FA 10 -103.61 58.19 50.27
N LEU FA 11 -104.56 58.69 51.06
CA LEU FA 11 -105.45 59.78 50.65
C LEU FA 11 -105.11 61.02 51.47
N VAL FA 12 -104.89 62.13 50.78
CA VAL FA 12 -104.53 63.40 51.42
C VAL FA 12 -105.34 64.52 50.78
N GLN FA 13 -105.44 65.62 51.51
CA GLN FA 13 -106.09 66.82 50.98
C GLN FA 13 -105.16 67.51 49.98
N THR FA 14 -105.75 68.38 49.16
CA THR FA 14 -104.97 69.13 48.19
C THR FA 14 -103.99 70.05 48.90
N GLY FA 15 -102.76 70.09 48.41
CA GLY FA 15 -101.68 70.76 49.09
C GLY FA 15 -100.91 69.88 50.05
N GLY FA 16 -101.43 68.69 50.36
CA GLY FA 16 -100.72 67.75 51.20
C GLY FA 16 -99.54 67.13 50.49
N SER FA 17 -98.89 66.20 51.18
CA SER FA 17 -97.68 65.57 50.66
C SER FA 17 -97.63 64.11 51.08
N LEU FA 18 -97.03 63.30 50.21
CA LEU FA 18 -96.78 61.89 50.47
C LEU FA 18 -95.33 61.59 50.11
N ARG FA 19 -94.88 60.38 50.48
CA ARG FA 19 -93.54 59.92 50.11
C ARG FA 19 -93.63 58.42 49.89
N LEU FA 20 -93.54 58.01 48.63
CA LEU FA 20 -93.62 56.59 48.28
C LEU FA 20 -92.24 55.95 48.39
N SER FA 21 -92.19 54.78 49.02
CA SER FA 21 -90.96 54.02 49.17
C SER FA 21 -91.05 52.75 48.33
N CYS FA 22 -89.96 52.42 47.66
CA CYS FA 22 -89.89 51.22 46.83
C CYS FA 22 -88.70 50.39 47.25
N LYS FA 23 -88.97 49.15 47.68
CA LYS FA 23 -87.94 48.21 48.11
C LYS FA 23 -87.66 47.25 46.95
N ALA FA 24 -86.45 47.30 46.43
CA ALA FA 24 -86.02 46.43 45.34
C ALA FA 24 -85.22 45.27 45.90
N SER FA 25 -85.56 44.05 45.49
CA SER FA 25 -84.87 42.87 45.98
C SER FA 25 -84.87 41.80 44.89
N GLY FA 26 -83.99 40.80 45.08
CA GLY FA 26 -83.92 39.64 44.22
C GLY FA 26 -82.67 39.61 43.34
N ARG FA 27 -82.16 40.77 42.95
CA ARG FA 27 -80.99 40.83 42.08
C ARG FA 27 -80.15 42.03 42.50
N THR FA 28 -79.24 42.46 41.62
CA THR FA 28 -78.43 43.63 41.83
C THR FA 28 -78.86 44.73 40.86
N PHE FA 29 -78.95 45.96 41.36
CA PHE FA 29 -79.39 47.11 40.59
C PHE FA 29 -78.29 48.17 40.50
N SER FA 30 -77.04 47.72 40.40
CA SER FA 30 -75.93 48.67 40.32
C SER FA 30 -75.97 49.45 39.01
N ASN FA 31 -76.05 48.75 37.88
CA ASN FA 31 -76.11 49.37 36.56
C ASN FA 31 -77.54 49.41 36.03
N SER FA 32 -78.50 49.77 36.89
CA SER FA 32 -79.92 49.71 36.56
C SER FA 32 -80.56 51.07 36.77
N ILE FA 33 -81.46 51.42 35.86
CA ILE FA 33 -82.24 52.65 35.97
C ILE FA 33 -83.49 52.35 36.80
N MET FA 34 -83.74 53.16 37.81
CA MET FA 34 -84.93 53.03 38.62
C MET FA 34 -85.91 54.14 38.25
N GLY FA 35 -87.18 53.91 38.52
CA GLY FA 35 -88.16 54.91 38.14
C GLY FA 35 -89.53 54.61 38.71
N TRP FA 36 -90.43 55.57 38.50
CA TRP FA 36 -91.82 55.47 38.91
C TRP FA 36 -92.73 55.69 37.72
N PHE FA 37 -93.92 55.10 37.79
CA PHE FA 37 -94.98 55.34 36.84
C PHE FA 37 -96.29 55.51 37.60
N ARG FA 38 -97.31 55.99 36.91
CA ARG FA 38 -98.64 56.06 37.50
C ARG FA 38 -99.68 55.77 36.43
N GLN FA 39 -100.67 54.97 36.81
CA GLN FA 39 -101.84 54.73 36.00
C GLN FA 39 -103.05 55.17 36.80
N ALA FA 40 -103.78 56.14 36.27
CA ALA FA 40 -105.03 56.54 36.89
C ALA FA 40 -106.13 55.56 36.50
N PRO FA 41 -106.94 55.08 37.43
CA PRO FA 41 -107.97 54.08 37.10
C PRO FA 41 -108.94 54.62 36.07
N GLY FA 42 -108.95 53.99 34.90
CA GLY FA 42 -109.78 54.44 33.78
C GLY FA 42 -109.02 55.13 32.67
N LYS FA 43 -107.70 55.29 32.80
CA LYS FA 43 -106.88 55.93 31.79
C LYS FA 43 -105.61 55.12 31.59
N GLU FA 44 -104.77 55.56 30.67
CA GLU FA 44 -103.57 54.81 30.30
C GLU FA 44 -102.42 55.12 31.25
N ARG FA 45 -101.41 54.26 31.22
CA ARG FA 45 -100.23 54.44 32.06
C ARG FA 45 -99.41 55.63 31.58
N ASP FA 46 -98.94 56.44 32.52
CA ASP FA 46 -98.18 57.64 32.22
C ASP FA 46 -96.93 57.70 33.08
N PHE FA 47 -95.93 58.42 32.57
CA PHE FA 47 -94.62 58.51 33.19
C PHE FA 47 -94.55 59.73 34.11
N VAL FA 48 -93.93 59.55 35.27
CA VAL FA 48 -93.80 60.62 36.27
C VAL FA 48 -92.35 61.03 36.46
N ALA FA 49 -91.48 60.09 36.81
CA ALA FA 49 -90.09 60.42 37.11
C ALA FA 49 -89.24 59.16 36.99
N LYS FA 50 -87.95 59.38 36.77
CA LYS FA 50 -86.97 58.31 36.75
C LYS FA 50 -85.63 58.85 37.21
N ILE FA 51 -84.79 57.93 37.70
CA ILE FA 51 -83.44 58.25 38.14
C ILE FA 51 -82.52 57.15 37.63
N SER FA 52 -81.45 57.56 36.94
CA SER FA 52 -80.49 56.62 36.38
C SER FA 52 -79.42 56.27 37.40
N TRP FA 53 -78.61 55.27 37.06
CA TRP FA 53 -77.44 54.93 37.87
C TRP FA 53 -76.23 55.80 37.54
N ARG FA 54 -76.30 56.58 36.48
CA ARG FA 54 -75.19 57.45 36.06
C ARG FA 54 -75.34 58.79 36.74
N ASN FA 55 -74.57 59.01 37.80
CA ASN FA 55 -74.54 60.26 38.56
C ASN FA 55 -75.92 60.65 39.08
N ASP FA 56 -76.81 59.67 39.23
CA ASP FA 56 -78.18 59.90 39.68
C ASP FA 56 -78.89 60.93 38.80
N TYR FA 57 -78.73 60.78 37.49
CA TYR FA 57 -79.37 61.70 36.55
C TYR FA 57 -80.89 61.48 36.60
N THR FA 58 -81.62 62.55 36.89
CA THR FA 58 -83.06 62.48 37.08
C THR FA 58 -83.79 63.04 35.87
N THR FA 59 -84.94 62.44 35.55
CA THR FA 59 -85.78 62.90 34.45
C THR FA 59 -87.22 62.92 34.94
N TYR FA 60 -87.83 64.10 34.94
CA TYR FA 60 -89.18 64.30 35.43
C TYR FA 60 -90.12 64.63 34.28
N ALA FA 61 -91.41 64.42 34.53
CA ALA FA 61 -92.45 64.79 33.58
C ALA FA 61 -92.90 66.22 33.83
N ASP FA 62 -93.32 66.90 32.76
CA ASP FA 62 -93.77 68.28 32.87
C ASP FA 62 -94.88 68.44 33.89
N SER FA 63 -95.72 67.41 34.06
CA SER FA 63 -96.86 67.49 34.97
C SER FA 63 -96.43 67.57 36.43
N VAL FA 64 -95.22 67.13 36.76
CA VAL FA 64 -94.82 67.02 38.16
C VAL FA 64 -93.51 67.74 38.43
N LYS FA 65 -93.03 68.52 37.46
CA LYS FA 65 -91.81 69.27 37.65
C LYS FA 65 -91.99 70.34 38.73
N GLY FA 66 -91.05 70.38 39.67
CA GLY FA 66 -91.13 71.29 40.79
C GLY FA 66 -91.92 70.78 41.98
N ARG FA 67 -92.51 69.60 41.88
CA ARG FA 67 -93.32 69.03 42.95
C ARG FA 67 -92.81 67.70 43.44
N PHE FA 68 -92.36 66.82 42.55
CA PHE FA 68 -91.86 65.51 42.93
C PHE FA 68 -90.34 65.49 42.93
N THR FA 69 -89.77 64.67 43.81
CA THR FA 69 -88.32 64.56 43.98
C THR FA 69 -87.98 63.09 44.18
N ILE FA 70 -87.41 62.47 43.14
CA ILE FA 70 -87.07 61.05 43.17
C ILE FA 70 -85.63 60.89 43.64
N SER FA 71 -85.36 59.85 44.41
CA SER FA 71 -84.02 59.56 44.89
C SER FA 71 -83.84 58.06 45.01
N ARG FA 72 -82.59 57.62 45.02
CA ARG FA 72 -82.29 56.20 45.17
C ARG FA 72 -81.13 56.01 46.14
N ASP FA 73 -81.24 54.99 46.98
CA ASP FA 73 -80.17 54.55 47.87
C ASP FA 73 -79.84 53.11 47.49
N ASN FA 74 -78.66 52.92 46.90
CA ASN FA 74 -78.25 51.61 46.42
C ASN FA 74 -77.89 50.69 47.58
N ALA FA 75 -77.24 51.22 48.61
CA ALA FA 75 -76.93 50.42 49.78
C ALA FA 75 -78.20 49.97 50.48
N SER FA 76 -79.17 50.88 50.63
CA SER FA 76 -80.47 50.52 51.18
C SER FA 76 -81.34 49.73 50.20
N ASN FA 77 -80.93 49.67 48.92
CA ASN FA 77 -81.68 48.98 47.87
C ASN FA 77 -83.11 49.51 47.79
N MET FA 78 -83.27 50.83 47.91
CA MET FA 78 -84.59 51.44 47.89
C MET FA 78 -84.56 52.67 46.99
N VAL FA 79 -85.74 53.03 46.50
CA VAL FA 79 -85.92 54.24 45.69
C VAL FA 79 -87.20 54.93 46.16
N TYR FA 80 -87.08 56.21 46.51
CA TYR FA 80 -88.17 57.00 47.05
C TYR FA 80 -88.65 58.04 46.05
N LEU FA 81 -89.93 58.39 46.14
CA LEU FA 81 -90.53 59.48 45.39
C LEU FA 81 -91.19 60.43 46.38
N LEU FA 82 -90.74 61.68 46.39
CA LEU FA 82 -91.23 62.69 47.31
C LEU FA 82 -92.28 63.53 46.60
N MET FA 83 -93.53 63.43 47.05
CA MET FA 83 -94.66 64.10 46.41
C MET FA 83 -95.14 65.24 47.31
N ASN FA 84 -94.51 66.40 47.16
CA ASN FA 84 -94.98 67.61 47.81
C ASN FA 84 -95.86 68.40 46.85
N ASN FA 85 -96.69 69.27 47.43
CA ASN FA 85 -97.62 70.13 46.68
C ASN FA 85 -98.47 69.28 45.72
N LEU FA 86 -99.32 68.46 46.34
CA LEU FA 86 -100.12 67.51 45.59
C LEU FA 86 -101.37 68.16 45.00
N LYS FA 87 -101.80 67.64 43.86
CA LYS FA 87 -102.96 68.10 43.13
C LYS FA 87 -103.98 66.98 43.01
N PRO FA 88 -105.24 67.30 42.73
CA PRO FA 88 -106.21 66.23 42.41
C PRO FA 88 -105.85 65.47 41.14
N GLU FA 89 -105.14 66.11 40.20
CA GLU FA 89 -104.73 65.43 38.98
C GLU FA 89 -103.75 64.30 39.24
N ASP FA 90 -103.01 64.35 40.35
CA ASP FA 90 -102.04 63.32 40.69
C ASP FA 90 -102.68 62.06 41.25
N THR FA 91 -104.00 62.03 41.38
CA THR FA 91 -104.70 60.86 41.89
C THR FA 91 -104.54 59.69 40.93
N ALA FA 92 -103.87 58.64 41.37
CA ALA FA 92 -103.61 57.48 40.52
C ALA FA 92 -103.01 56.36 41.36
N VAL FA 93 -102.65 55.28 40.68
CA VAL FA 93 -101.91 54.16 41.28
C VAL FA 93 -100.48 54.23 40.79
N TYR FA 94 -99.53 54.31 41.72
CA TYR FA 94 -98.13 54.50 41.39
C TYR FA 94 -97.38 53.18 41.48
N TYR FA 95 -96.66 52.85 40.41
CA TYR FA 95 -95.90 51.61 40.32
C TYR FA 95 -94.41 51.91 40.29
N CYS FA 96 -93.64 51.05 40.95
CA CYS FA 96 -92.19 51.13 40.91
C CYS FA 96 -91.65 50.28 39.76
N ALA FA 97 -90.68 50.83 39.03
CA ALA FA 97 -90.15 50.19 37.84
C ALA FA 97 -88.63 50.16 37.91
N ALA FA 98 -88.04 49.07 37.40
CA ALA FA 98 -86.61 48.90 37.35
C ALA FA 98 -86.21 48.37 35.97
N THR FA 99 -84.92 48.49 35.66
CA THR FA 99 -84.40 48.21 34.33
C THR FA 99 -83.25 47.21 34.44
N LYS FA 100 -83.14 46.34 33.42
CA LYS FA 100 -82.02 45.42 33.36
C LYS FA 100 -80.69 46.18 33.28
N ALA FA 101 -79.60 45.44 33.47
CA ALA FA 101 -78.28 46.06 33.54
C ALA FA 101 -77.92 46.74 32.22
N TYR FA 102 -77.39 47.95 32.32
CA TYR FA 102 -76.93 48.76 31.19
C TYR FA 102 -78.00 48.99 30.14
N ASN FA 103 -79.25 48.65 30.42
CA ASN FA 103 -80.36 48.94 29.51
C ASN FA 103 -80.95 50.31 29.82
N GLY FA 104 -81.83 50.75 28.91
CA GLY FA 104 -82.44 52.05 29.04
C GLY FA 104 -83.88 51.98 29.54
N GLY FA 105 -84.33 53.09 30.10
CA GLY FA 105 -85.71 53.24 30.51
C GLY FA 105 -86.33 54.45 29.84
N GLU FA 106 -87.37 54.23 29.06
CA GLU FA 106 -88.02 55.30 28.30
C GLU FA 106 -89.32 55.73 28.97
N THR FA 107 -89.75 56.95 28.65
CA THR FA 107 -90.98 57.48 29.21
C THR FA 107 -92.21 56.73 28.74
N SER FA 108 -92.09 55.98 27.64
CA SER FA 108 -93.20 55.19 27.11
C SER FA 108 -93.30 53.82 27.76
N GLY FA 109 -92.49 53.54 28.79
CA GLY FA 109 -92.42 52.23 29.38
C GLY FA 109 -91.44 51.29 28.71
N ARG FA 110 -90.85 51.68 27.58
CA ARG FA 110 -89.83 50.87 26.94
C ARG FA 110 -88.68 50.63 27.91
N GLY FA 111 -88.04 49.47 27.77
CA GLY FA 111 -87.22 49.03 28.87
C GLY FA 111 -88.12 48.70 30.06
N PHE FA 112 -87.61 48.99 31.26
CA PHE FA 112 -88.37 48.80 32.50
C PHE FA 112 -89.01 47.42 32.55
N TYR FA 113 -88.13 46.42 32.66
CA TYR FA 113 -88.56 45.02 32.63
C TYR FA 113 -89.27 44.61 33.91
N TYR FA 114 -88.93 45.24 35.03
CA TYR FA 114 -89.49 44.89 36.33
C TYR FA 114 -90.48 45.96 36.78
N TRP FA 115 -91.62 45.50 37.29
CA TRP FA 115 -92.66 46.38 37.79
C TRP FA 115 -93.19 45.86 39.12
N GLY FA 116 -93.59 46.79 39.98
CA GLY FA 116 -94.20 46.43 41.25
C GLY FA 116 -95.72 46.36 41.14
N GLN FA 117 -96.34 45.94 42.25
CA GLN FA 117 -97.79 45.82 42.30
C GLN FA 117 -98.49 47.16 42.45
N GLY FA 118 -97.80 48.17 42.95
CA GLY FA 118 -98.34 49.52 42.98
C GLY FA 118 -98.93 49.88 44.34
N THR FA 119 -99.07 51.19 44.55
CA THR FA 119 -99.69 51.75 45.74
C THR FA 119 -100.67 52.83 45.33
N GLN FA 120 -101.75 52.96 46.10
CA GLN FA 120 -102.83 53.87 45.77
C GLN FA 120 -102.57 55.25 46.34
N VAL FA 121 -102.74 56.29 45.51
CA VAL FA 121 -102.59 57.68 45.93
C VAL FA 121 -103.83 58.44 45.49
N THR FA 122 -104.57 59.00 46.46
CA THR FA 122 -105.77 59.78 46.18
C THR FA 122 -105.66 61.13 46.88
N VAL FA 123 -105.83 62.19 46.11
CA VAL FA 123 -105.73 63.56 46.62
C VAL FA 123 -107.08 64.23 46.39
N SER FA 124 -107.76 64.59 47.47
CA SER FA 124 -109.06 65.24 47.40
C SER FA 124 -108.92 66.74 47.70
N SER FA 125 -110.01 67.46 47.46
CA SER FA 125 -110.04 68.90 47.66
C SER FA 125 -110.81 69.27 48.93
N SER GA 2 -88.84 24.88 27.71
CA SER GA 2 -89.63 25.23 26.54
C SER GA 2 -90.35 26.57 26.76
N VAL GA 3 -89.83 27.62 26.10
CA VAL GA 3 -90.38 28.96 26.22
C VAL GA 3 -90.39 29.60 24.84
N THR GA 4 -91.36 30.49 24.61
CA THR GA 4 -91.56 31.08 23.30
C THR GA 4 -90.38 31.95 22.89
N VAL GA 5 -89.97 31.83 21.62
CA VAL GA 5 -88.89 32.62 21.05
C VAL GA 5 -89.37 33.26 19.77
N LYS GA 6 -89.19 34.57 19.66
CA LYS GA 6 -89.71 35.35 18.55
C LYS GA 6 -88.58 36.10 17.85
N ARG GA 7 -88.66 36.18 16.53
CA ARG GA 7 -87.71 37.00 15.77
C ARG GA 7 -88.21 38.44 15.76
N ILE GA 8 -87.40 39.35 16.32
CA ILE GA 8 -87.89 40.68 16.63
C ILE GA 8 -88.16 41.53 15.39
N ILE GA 9 -87.64 41.14 14.21
CA ILE GA 9 -87.78 42.00 13.05
C ILE GA 9 -89.20 41.92 12.49
N ASP GA 10 -89.86 40.76 12.63
CA ASP GA 10 -91.22 40.61 12.08
C ASP GA 10 -92.12 39.79 12.99
N ASN GA 11 -91.73 39.59 14.25
CA ASN GA 11 -92.55 38.85 15.24
C ASN GA 11 -92.91 37.45 14.75
N THR GA 12 -92.04 36.86 13.93
CA THR GA 12 -92.24 35.48 13.50
C THR GA 12 -91.76 34.53 14.58
N VAL GA 13 -92.65 33.63 15.01
CA VAL GA 13 -92.30 32.68 16.06
C VAL GA 13 -91.34 31.64 15.50
N ILE GA 14 -90.29 31.35 16.27
CA ILE GA 14 -89.31 30.33 15.90
C ILE GA 14 -89.18 29.36 17.05
N VAL GA 15 -89.05 28.07 16.72
CA VAL GA 15 -88.93 27.03 17.73
C VAL GA 15 -87.59 26.33 17.57
N PRO GA 16 -86.55 26.74 18.29
CA PRO GA 16 -85.27 26.03 18.22
C PRO GA 16 -85.39 24.65 18.87
N LYS GA 17 -84.83 23.65 18.19
CA LYS GA 17 -84.88 22.28 18.66
C LYS GA 17 -83.62 21.56 18.20
N LEU GA 18 -83.30 20.47 18.88
CA LEU GA 18 -82.07 19.73 18.63
C LEU GA 18 -82.37 18.26 18.41
N PRO GA 19 -81.53 17.57 17.62
CA PRO GA 19 -81.65 16.12 17.51
C PRO GA 19 -81.38 15.45 18.85
N ALA GA 20 -82.33 14.67 19.32
CA ALA GA 20 -82.22 14.00 20.60
C ALA GA 20 -81.47 12.68 20.46
N ASN GA 21 -80.88 12.25 21.58
CA ASN GA 21 -80.23 10.95 21.68
C ASN GA 21 -80.59 10.37 23.04
N GLU GA 22 -81.36 9.28 23.06
CA GLU GA 22 -81.83 8.70 24.31
C GLU GA 22 -80.66 8.27 25.18
N ASP GA 23 -80.00 7.18 24.79
CA ASP GA 23 -78.92 6.59 25.57
C ASP GA 23 -79.33 6.39 27.04
N PRO GA 24 -80.36 5.60 27.31
CA PRO GA 24 -80.83 5.43 28.69
C PRO GA 24 -79.76 4.75 29.55
N VAL GA 25 -79.97 4.83 30.85
CA VAL GA 25 -79.04 4.32 31.85
C VAL GA 25 -79.66 3.10 32.51
N GLU GA 26 -78.87 2.03 32.65
CA GLU GA 26 -79.31 0.80 33.27
C GLU GA 26 -78.55 0.58 34.56
N TYR GA 27 -79.27 0.45 35.67
CA TYR GA 27 -78.71 0.18 36.98
C TYR GA 27 -78.66 -1.31 37.25
N PRO GA 28 -77.77 -1.76 38.13
CA PRO GA 28 -77.71 -3.21 38.42
C PRO GA 28 -78.90 -3.75 39.18
N ALA GA 29 -79.51 -2.96 40.08
CA ALA GA 29 -80.61 -3.47 40.90
C ALA GA 29 -81.86 -3.70 40.06
N ASP GA 30 -82.09 -2.88 39.03
CA ASP GA 30 -83.26 -3.07 38.18
C ASP GA 30 -83.22 -4.39 37.43
N TYR GA 31 -82.05 -5.02 37.35
CA TYR GA 31 -81.93 -6.34 36.73
C TYR GA 31 -82.39 -7.45 37.65
N PHE GA 32 -82.21 -7.29 38.96
CA PHE GA 32 -82.51 -8.35 39.91
C PHE GA 32 -83.97 -8.36 40.35
N ARG GA 33 -84.69 -7.27 40.17
CA ARG GA 33 -86.15 -7.32 40.33
C ARG GA 33 -86.81 -8.05 39.16
N LYS GA 34 -86.09 -8.24 38.06
CA LYS GA 34 -86.58 -9.03 36.93
C LYS GA 34 -86.18 -10.49 37.12
N SER GA 35 -84.91 -10.80 36.88
CA SER GA 35 -84.38 -12.15 37.04
C SER GA 35 -83.66 -12.25 38.37
N LYS GA 36 -84.07 -13.19 39.21
CA LYS GA 36 -83.45 -13.40 40.52
C LYS GA 36 -82.14 -14.16 40.46
N GLU GA 37 -81.62 -14.41 39.26
CA GLU GA 37 -80.35 -15.11 39.11
C GLU GA 37 -79.73 -14.73 37.77
N ILE GA 38 -78.44 -14.98 37.65
CA ILE GA 38 -77.66 -14.65 36.46
C ILE GA 38 -77.16 -15.95 35.84
N PRO GA 39 -77.57 -16.29 34.62
CA PRO GA 39 -77.16 -17.58 34.03
C PRO GA 39 -75.84 -17.50 33.30
N LEU GA 40 -75.06 -18.58 33.42
CA LEU GA 40 -73.80 -18.75 32.70
C LEU GA 40 -73.98 -19.95 31.76
N TYR GA 41 -74.02 -19.68 30.46
CA TYR GA 41 -74.22 -20.72 29.46
C TYR GA 41 -72.89 -21.41 29.17
N ILE GA 42 -72.84 -22.72 29.37
CA ILE GA 42 -71.62 -23.50 29.24
C ILE GA 42 -71.94 -24.82 28.54
N ASN GA 43 -70.91 -25.44 27.98
CA ASN GA 43 -71.04 -26.70 27.25
C ASN GA 43 -70.26 -27.76 28.01
N THR GA 44 -70.98 -28.62 28.74
CA THR GA 44 -70.37 -29.64 29.58
C THR GA 44 -70.27 -31.00 28.89
N THR GA 45 -70.29 -31.03 27.56
CA THR GA 45 -70.28 -32.30 26.84
C THR GA 45 -68.90 -32.95 26.87
N LYS GA 46 -67.89 -32.24 26.36
CA LYS GA 46 -66.54 -32.79 26.29
C LYS GA 46 -65.95 -32.97 27.68
N SER GA 47 -64.82 -33.66 27.73
CA SER GA 47 -64.09 -33.88 28.97
C SER GA 47 -62.96 -32.86 29.10
N LEU GA 48 -62.41 -32.77 30.32
CA LEU GA 48 -61.37 -31.77 30.58
C LEU GA 48 -60.09 -32.10 29.83
N SER GA 49 -59.67 -33.37 29.85
CA SER GA 49 -58.40 -33.74 29.21
C SER GA 49 -58.44 -33.51 27.70
N ASP GA 50 -59.63 -33.61 27.10
CA ASP GA 50 -59.76 -33.23 25.70
C ASP GA 50 -59.64 -31.72 25.53
N LEU GA 51 -60.44 -30.95 26.28
CA LEU GA 51 -60.46 -29.50 26.15
C LEU GA 51 -59.08 -28.89 26.36
N ARG GA 52 -58.23 -29.54 27.17
CA ARG GA 52 -56.90 -29.01 27.42
C ARG GA 52 -56.07 -28.94 26.15
N GLY GA 53 -55.96 -30.07 25.45
CA GLY GA 53 -55.26 -30.06 24.17
C GLY GA 53 -56.00 -29.28 23.10
N TYR GA 54 -57.34 -29.32 23.13
CA TYR GA 54 -58.16 -28.51 22.24
C TYR GA 54 -57.72 -27.05 22.29
N VAL GA 55 -57.63 -26.48 23.49
CA VAL GA 55 -57.24 -25.08 23.61
C VAL GA 55 -55.74 -24.90 23.52
N TYR GA 56 -54.94 -25.95 23.70
CA TYR GA 56 -53.49 -25.80 23.56
C TYR GA 56 -53.09 -25.68 22.10
N GLN GA 57 -53.37 -26.73 21.30
CA GLN GA 57 -53.12 -26.63 19.88
C GLN GA 57 -54.05 -25.61 19.21
N GLY GA 58 -55.17 -25.29 19.85
CA GLY GA 58 -55.96 -24.15 19.41
C GLY GA 58 -55.33 -22.82 19.71
N LEU GA 59 -54.43 -22.78 20.70
CA LEU GA 59 -53.70 -21.54 21.00
C LEU GA 59 -52.50 -21.38 20.09
N LYS GA 60 -51.71 -22.44 19.91
CA LYS GA 60 -50.51 -22.32 19.07
C LYS GA 60 -50.87 -21.92 17.64
N SER GA 61 -52.04 -22.33 17.15
CA SER GA 61 -52.57 -21.87 15.89
C SER GA 61 -53.55 -20.72 16.13
N GLY GA 62 -53.85 -19.99 15.07
CA GLY GA 62 -54.71 -18.82 15.21
C GLY GA 62 -56.17 -19.15 15.47
N ASN GA 63 -56.58 -20.39 15.23
CA ASN GA 63 -57.96 -20.80 15.36
C ASN GA 63 -58.21 -21.39 16.74
N VAL GA 64 -59.14 -20.81 17.48
CA VAL GA 64 -59.52 -21.30 18.80
C VAL GA 64 -60.98 -20.93 19.05
N SER GA 65 -61.75 -21.88 19.56
CA SER GA 65 -63.15 -21.66 19.86
C SER GA 65 -63.29 -21.08 21.27
N ILE GA 66 -64.12 -20.05 21.40
CA ILE GA 66 -64.34 -19.44 22.71
C ILE GA 66 -65.16 -20.37 23.60
N ILE GA 67 -65.98 -21.24 23.00
CA ILE GA 67 -66.75 -22.20 23.78
C ILE GA 67 -65.80 -23.19 24.47
N HIS GA 68 -64.73 -23.59 23.79
CA HIS GA 68 -63.76 -24.50 24.40
C HIS GA 68 -63.04 -23.84 25.57
N VAL GA 69 -62.77 -22.53 25.48
CA VAL GA 69 -62.07 -21.87 26.58
C VAL GA 69 -63.03 -21.57 27.73
N ASN GA 70 -64.33 -21.37 27.45
CA ASN GA 70 -65.30 -21.20 28.51
C ASN GA 70 -65.50 -22.51 29.27
N SER GA 71 -65.79 -23.59 28.53
CA SER GA 71 -65.95 -24.90 29.16
C SER GA 71 -64.67 -25.35 29.85
N TYR GA 72 -63.50 -25.02 29.29
CA TYR GA 72 -62.25 -25.39 29.94
C TYR GA 72 -62.02 -24.58 31.20
N LEU GA 73 -62.37 -23.29 31.19
CA LEU GA 73 -62.25 -22.49 32.41
C LEU GA 73 -63.18 -23.02 33.50
N TYR GA 74 -64.41 -23.40 33.12
CA TYR GA 74 -65.31 -24.02 34.09
C TYR GA 74 -64.70 -25.31 34.65
N GLY GA 75 -64.26 -26.20 33.77
CA GLY GA 75 -63.74 -27.48 34.23
C GLY GA 75 -62.48 -27.35 35.06
N ALA GA 76 -61.68 -26.32 34.81
CA ALA GA 76 -60.43 -26.13 35.54
C ALA GA 76 -60.63 -25.36 36.84
N LEU GA 77 -61.66 -24.53 36.93
CA LEU GA 77 -61.87 -23.71 38.11
C LEU GA 77 -63.00 -24.20 38.99
N LYS GA 78 -63.75 -25.24 38.57
CA LYS GA 78 -64.88 -25.72 39.36
C LYS GA 78 -64.47 -26.35 40.68
N ASP GA 79 -63.17 -26.63 40.87
CA ASP GA 79 -62.73 -27.38 42.04
C ASP GA 79 -62.30 -26.50 43.21
N ILE GA 80 -61.81 -25.30 42.94
CA ILE GA 80 -61.34 -24.44 44.03
C ILE GA 80 -62.51 -23.98 44.87
N ARG GA 81 -62.33 -24.00 46.19
CA ARG GA 81 -63.38 -23.67 47.14
C ARG GA 81 -62.89 -22.59 48.08
N GLY GA 82 -63.82 -22.04 48.86
CA GLY GA 82 -63.49 -21.08 49.89
C GLY GA 82 -64.43 -21.16 51.06
N LYS GA 83 -63.89 -21.23 52.28
CA LYS GA 83 -64.71 -21.29 53.49
C LYS GA 83 -65.05 -19.86 53.90
N LEU GA 84 -66.35 -19.55 53.90
CA LEU GA 84 -66.79 -18.18 54.12
C LEU GA 84 -66.52 -17.73 55.55
N ASP GA 85 -66.09 -16.47 55.68
CA ASP GA 85 -65.95 -15.87 57.00
C ASP GA 85 -67.33 -15.67 57.64
N LYS GA 86 -68.23 -15.00 56.93
CA LYS GA 86 -69.58 -14.75 57.40
C LYS GA 86 -70.53 -14.81 56.21
N ASP GA 87 -71.79 -14.41 56.45
CA ASP GA 87 -72.80 -14.45 55.41
C ASP GA 87 -72.40 -13.60 54.22
N TRP GA 88 -72.89 -13.99 53.04
CA TRP GA 88 -72.60 -13.27 51.79
C TRP GA 88 -73.88 -13.16 50.99
N SER GA 89 -74.46 -11.97 50.95
CA SER GA 89 -75.66 -11.70 50.19
C SER GA 89 -75.46 -10.46 49.33
N SER GA 90 -76.14 -10.44 48.18
CA SER GA 90 -76.03 -9.31 47.26
C SER GA 90 -77.29 -9.23 46.43
N PHE GA 91 -77.98 -8.08 46.49
CA PHE GA 91 -79.20 -7.84 45.73
C PHE GA 91 -80.26 -8.92 46.02
N GLY GA 92 -80.35 -9.32 47.28
CA GLY GA 92 -81.29 -10.36 47.67
C GLY GA 92 -80.98 -11.72 47.10
N ILE GA 93 -79.71 -12.13 47.10
CA ILE GA 93 -79.28 -13.42 46.59
C ILE GA 93 -78.28 -13.99 47.58
N ASN GA 94 -78.69 -15.01 48.33
CA ASN GA 94 -77.82 -15.64 49.33
C ASN GA 94 -76.90 -16.62 48.61
N ILE GA 95 -75.72 -16.14 48.22
CA ILE GA 95 -74.73 -17.00 47.59
C ILE GA 95 -73.90 -17.79 48.57
N GLY GA 96 -74.11 -17.58 49.87
CA GLY GA 96 -73.38 -18.31 50.89
C GLY GA 96 -73.74 -17.93 52.31
N LYS GA 97 -73.79 -18.92 53.20
CA LYS GA 97 -74.05 -18.71 54.61
C LYS GA 97 -72.74 -18.66 55.38
N ALA GA 98 -72.86 -18.55 56.70
CA ALA GA 98 -71.68 -18.48 57.57
C ALA GA 98 -71.05 -19.87 57.71
N GLY GA 99 -69.73 -19.92 57.59
CA GLY GA 99 -69.01 -21.18 57.67
C GLY GA 99 -69.09 -22.06 56.45
N ASP GA 100 -69.98 -21.75 55.51
CA ASP GA 100 -70.11 -22.53 54.30
C ASP GA 100 -68.82 -22.47 53.48
N THR GA 101 -68.58 -23.53 52.71
CA THR GA 101 -67.48 -23.59 51.75
C THR GA 101 -68.09 -23.54 50.36
N ILE GA 102 -68.04 -22.36 49.73
CA ILE GA 102 -68.69 -22.15 48.44
C ILE GA 102 -67.64 -22.19 47.34
N GLY GA 103 -68.13 -22.42 46.11
CA GLY GA 103 -67.28 -22.45 44.95
C GLY GA 103 -67.37 -21.17 44.13
N ILE GA 104 -66.52 -21.09 43.11
CA ILE GA 104 -66.43 -19.89 42.29
C ILE GA 104 -67.67 -19.71 41.43
N PHE GA 105 -68.32 -20.81 41.03
CA PHE GA 105 -69.52 -20.74 40.21
C PHE GA 105 -70.79 -20.90 41.03
N ASP GA 106 -70.72 -20.73 42.35
CA ASP GA 106 -71.93 -20.54 43.14
C ASP GA 106 -72.53 -19.16 42.93
N LEU GA 107 -71.73 -18.21 42.42
CA LEU GA 107 -72.25 -16.88 42.13
C LEU GA 107 -73.23 -16.93 40.97
N VAL GA 108 -72.88 -17.64 39.91
CA VAL GA 108 -73.71 -17.74 38.72
C VAL GA 108 -74.48 -19.06 38.76
N SER GA 109 -75.46 -19.19 37.86
CA SER GA 109 -76.23 -20.41 37.71
C SER GA 109 -75.88 -21.04 36.36
N LEU GA 110 -75.53 -22.32 36.39
CA LEU GA 110 -75.06 -23.00 35.18
C LEU GA 110 -76.23 -23.47 34.34
N LYS GA 111 -76.20 -23.13 33.06
CA LYS GA 111 -77.12 -23.66 32.06
C LYS GA 111 -76.31 -24.43 31.01
N ALA GA 112 -76.98 -24.81 29.93
CA ALA GA 112 -76.36 -25.58 28.86
C ALA GA 112 -76.40 -24.79 27.57
N LEU GA 113 -75.27 -24.72 26.87
CA LEU GA 113 -75.19 -24.09 25.57
C LEU GA 113 -75.49 -25.12 24.49
N ASP GA 114 -76.53 -24.86 23.70
CA ASP GA 114 -76.96 -25.80 22.67
C ASP GA 114 -76.39 -25.45 21.29
N VAL GA 121 -58.65 -29.12 16.12
CA VAL GA 121 -57.56 -30.04 16.44
C VAL GA 121 -57.77 -30.64 17.82
N SER GA 122 -56.79 -31.43 18.26
CA SER GA 122 -56.82 -32.07 19.58
C SER GA 122 -55.43 -32.59 19.89
N ASP GA 123 -55.03 -32.51 21.16
CA ASP GA 123 -53.68 -32.88 21.57
C ASP GA 123 -53.73 -33.59 22.91
N ALA GA 124 -53.08 -34.75 23.00
CA ALA GA 124 -52.89 -35.44 24.26
C ALA GA 124 -51.56 -35.00 24.87
N SER GA 125 -51.00 -35.81 25.76
CA SER GA 125 -49.71 -35.57 26.41
C SER GA 125 -49.73 -34.37 27.35
N ARG GA 126 -50.65 -33.42 27.13
CA ARG GA 126 -50.80 -32.29 28.03
C ARG GA 126 -51.25 -32.76 29.40
N THR GA 127 -50.37 -32.63 30.40
CA THR GA 127 -50.58 -33.22 31.71
C THR GA 127 -51.57 -32.39 32.51
N SER GA 128 -51.76 -32.79 33.78
CA SER GA 128 -52.59 -32.04 34.71
C SER GA 128 -51.88 -30.81 35.28
N ALA GA 129 -50.62 -30.61 34.91
CA ALA GA 129 -49.89 -29.41 35.33
C ALA GA 129 -50.26 -28.20 34.49
N ASP GA 130 -50.94 -28.39 33.35
CA ASP GA 130 -51.35 -27.26 32.54
C ASP GA 130 -52.48 -26.48 33.18
N ASP GA 131 -53.38 -27.16 33.90
CA ASP GA 131 -54.48 -26.48 34.59
C ASP GA 131 -53.99 -25.56 35.70
N LYS GA 132 -52.70 -25.60 36.02
CA LYS GA 132 -52.16 -24.68 37.01
C LYS GA 132 -52.09 -23.26 36.47
N TRP GA 133 -51.83 -23.09 35.17
CA TRP GA 133 -51.57 -21.78 34.59
C TRP GA 133 -52.40 -21.46 33.35
N LEU GA 134 -52.98 -22.45 32.67
CA LEU GA 134 -53.79 -22.14 31.50
C LEU GA 134 -55.00 -21.27 31.83
N PRO GA 135 -55.74 -21.47 32.93
CA PRO GA 135 -56.77 -20.48 33.30
C PRO GA 135 -56.20 -19.10 33.57
N LEU GA 136 -55.03 -19.01 34.21
CA LEU GA 136 -54.38 -17.71 34.39
C LEU GA 136 -54.10 -17.05 33.05
N TYR GA 137 -53.66 -17.83 32.07
CA TYR GA 137 -53.47 -17.36 30.71
C TYR GA 137 -54.78 -16.79 30.17
N LEU GA 138 -55.75 -17.69 29.91
CA LEU GA 138 -57.01 -17.30 29.30
C LEU GA 138 -57.66 -16.12 30.00
N LEU GA 139 -57.50 -16.01 31.32
CA LEU GA 139 -58.07 -14.88 32.04
C LEU GA 139 -57.26 -13.61 31.80
N GLY GA 140 -55.93 -13.70 31.78
CA GLY GA 140 -55.12 -12.53 31.54
C GLY GA 140 -55.27 -11.96 30.15
N LEU GA 141 -55.50 -12.82 29.15
CA LEU GA 141 -55.69 -12.31 27.80
C LEU GA 141 -56.94 -11.46 27.66
N TYR GA 142 -57.88 -11.58 28.61
CA TYR GA 142 -59.00 -10.63 28.64
C TYR GA 142 -58.51 -9.21 28.90
N ARG GA 143 -57.60 -9.05 29.87
CA ARG GA 143 -57.05 -7.74 30.16
C ARG GA 143 -56.14 -7.26 29.03
N VAL GA 144 -55.33 -8.16 28.48
CA VAL GA 144 -54.43 -7.75 27.41
C VAL GA 144 -55.21 -7.33 26.16
N GLY GA 145 -56.33 -8.00 25.90
CA GLY GA 145 -57.11 -7.70 24.71
C GLY GA 145 -58.11 -6.57 24.89
N ARG GA 146 -57.69 -5.48 25.54
CA ARG GA 146 -58.56 -4.34 25.79
C ARG GA 146 -57.98 -3.00 25.36
N THR GA 147 -56.68 -2.90 25.14
CA THR GA 147 -56.03 -1.65 24.76
C THR GA 147 -55.25 -1.84 23.47
N GLN GA 148 -55.14 -0.76 22.70
CA GLN GA 148 -54.50 -0.81 21.40
C GLN GA 148 -53.16 -0.07 21.38
N MET GA 149 -52.59 0.24 22.53
CA MET GA 149 -51.27 0.82 22.58
C MET GA 149 -50.21 -0.27 22.45
N PRO GA 150 -49.29 -0.18 21.50
CA PRO GA 150 -48.32 -1.27 21.32
C PRO GA 150 -47.37 -1.43 22.50
N GLU GA 151 -46.91 -0.32 23.09
CA GLU GA 151 -46.09 -0.44 24.29
C GLU GA 151 -46.85 -1.05 25.45
N TYR GA 152 -48.17 -0.86 25.48
CA TYR GA 152 -49.00 -1.45 26.53
C TYR GA 152 -49.09 -2.97 26.40
N ARG GA 153 -48.42 -3.57 25.43
CA ARG GA 153 -48.16 -5.01 25.45
C ARG GA 153 -47.28 -5.40 26.63
N LYS GA 154 -46.79 -4.42 27.39
CA LYS GA 154 -46.14 -4.63 28.69
C LYS GA 154 -46.93 -5.61 29.55
N LYS GA 155 -48.27 -5.56 29.45
CA LYS GA 155 -49.11 -6.50 30.19
C LYS GA 155 -48.78 -7.94 29.83
N LEU GA 156 -48.74 -8.25 28.53
CA LEU GA 156 -48.53 -9.64 28.10
C LEU GA 156 -47.26 -10.22 28.68
N MET GA 157 -46.14 -9.48 28.55
CA MET GA 157 -44.89 -9.91 29.17
C MET GA 157 -45.10 -10.20 30.65
N ASP GA 158 -45.80 -9.31 31.35
CA ASP GA 158 -46.20 -9.58 32.72
C ASP GA 158 -46.95 -10.91 32.80
N GLY GA 159 -48.05 -11.04 32.05
CA GLY GA 159 -48.77 -12.30 32.00
C GLY GA 159 -47.87 -13.47 31.64
N LEU GA 160 -46.75 -13.20 30.98
CA LEU GA 160 -45.74 -14.22 30.77
C LEU GA 160 -45.05 -14.53 32.08
N THR GA 161 -44.31 -13.54 32.60
CA THR GA 161 -43.43 -13.78 33.74
C THR GA 161 -44.20 -14.28 34.95
N ASN GA 162 -45.40 -13.74 35.18
CA ASN GA 162 -46.24 -14.20 36.28
C ASN GA 162 -46.46 -15.71 36.20
N GLN GA 163 -46.84 -16.20 35.01
CA GLN GA 163 -47.05 -17.63 34.85
C GLN GA 163 -45.74 -18.41 34.91
N CYS GA 164 -44.60 -17.76 34.62
CA CYS GA 164 -43.31 -18.39 34.86
C CYS GA 164 -43.08 -18.69 36.34
N LYS GA 165 -43.98 -18.21 37.21
CA LYS GA 165 -43.95 -18.61 38.61
C LYS GA 165 -44.56 -19.98 38.82
N MET GA 166 -45.63 -20.30 38.07
CA MET GA 166 -46.25 -21.62 38.19
C MET GA 166 -45.32 -22.70 37.67
N ILE GA 167 -44.99 -22.64 36.39
CA ILE GA 167 -43.98 -23.51 35.79
C ILE GA 167 -42.90 -22.62 35.20
N ASN GA 168 -41.64 -23.02 35.38
CA ASN GA 168 -40.54 -22.18 34.94
C ASN GA 168 -40.41 -22.16 33.42
N GLU GA 169 -40.88 -23.20 32.73
CA GLU GA 169 -40.70 -23.34 31.30
C GLU GA 169 -41.91 -22.87 30.51
N GLN GA 170 -42.75 -22.01 31.10
CA GLN GA 170 -43.90 -21.50 30.37
C GLN GA 170 -43.45 -20.57 29.25
N PHE GA 171 -44.05 -20.73 28.08
CA PHE GA 171 -43.78 -19.87 26.94
C PHE GA 171 -45.08 -19.66 26.18
N GLU GA 172 -45.39 -18.39 25.91
CA GLU GA 172 -46.60 -17.94 25.24
C GLU GA 172 -46.97 -18.82 24.04
N PRO GA 173 -48.00 -19.67 24.16
CA PRO GA 173 -48.44 -20.50 23.04
C PRO GA 173 -49.28 -19.72 22.03
N LEU GA 174 -48.80 -18.53 21.65
CA LEU GA 174 -49.47 -17.70 20.68
C LEU GA 174 -48.44 -17.14 19.70
N VAL GA 175 -48.94 -16.74 18.54
CA VAL GA 175 -48.13 -16.08 17.52
C VAL GA 175 -48.09 -14.60 17.85
N PRO GA 176 -47.08 -13.85 17.40
CA PRO GA 176 -47.13 -12.38 17.53
C PRO GA 176 -48.36 -11.77 16.88
N GLU GA 177 -48.95 -12.45 15.90
CA GLU GA 177 -50.27 -12.09 15.40
C GLU GA 177 -51.34 -12.28 16.47
N GLY GA 178 -51.05 -13.11 17.48
CA GLY GA 178 -52.02 -13.46 18.53
C GLY GA 178 -52.75 -12.31 19.18
N ARG GA 179 -52.20 -11.10 19.04
CA ARG GA 179 -52.87 -9.90 19.57
C ARG GA 179 -54.30 -9.78 19.02
N ASP GA 180 -54.54 -10.29 17.81
CA ASP GA 180 -55.87 -10.22 17.21
C ASP GA 180 -56.79 -11.34 17.69
N ILE GA 181 -56.25 -12.40 18.27
CA ILE GA 181 -57.04 -13.60 18.56
C ILE GA 181 -58.00 -13.37 19.72
N PHE GA 182 -57.45 -13.17 20.91
CA PHE GA 182 -58.27 -13.09 22.12
C PHE GA 182 -59.09 -11.81 22.20
N ASP GA 183 -58.92 -10.87 21.27
CA ASP GA 183 -59.63 -9.61 21.34
C ASP GA 183 -61.14 -9.80 21.26
N VAL GA 184 -61.59 -10.82 20.53
CA VAL GA 184 -63.03 -11.08 20.43
C VAL GA 184 -63.56 -11.86 21.63
N TRP GA 185 -62.67 -12.36 22.49
CA TRP GA 185 -63.12 -13.11 23.66
C TRP GA 185 -63.97 -12.24 24.57
N GLY GA 186 -63.69 -10.94 24.64
CA GLY GA 186 -64.51 -10.04 25.42
C GLY GA 186 -65.91 -9.84 24.88
N ASN GA 187 -66.17 -10.25 23.64
CA ASN GA 187 -67.50 -10.13 23.06
C ASN GA 187 -68.42 -11.27 23.49
N ASP GA 188 -67.86 -12.42 23.88
CA ASP GA 188 -68.67 -13.53 24.35
C ASP GA 188 -69.15 -13.25 25.77
N SER GA 189 -70.47 -13.25 25.96
CA SER GA 189 -71.03 -12.85 27.25
C SER GA 189 -70.61 -13.81 28.37
N ASN GA 190 -70.65 -15.11 28.10
CA ASN GA 190 -70.31 -16.09 29.13
C ASN GA 190 -68.87 -15.98 29.57
N TYR GA 191 -67.99 -15.49 28.69
CA TYR GA 191 -66.60 -15.26 29.06
C TYR GA 191 -66.50 -14.13 30.08
N THR GA 192 -67.19 -13.01 29.82
CA THR GA 192 -67.20 -11.90 30.77
C THR GA 192 -67.83 -12.31 32.10
N LYS GA 193 -68.88 -13.13 32.04
CA LYS GA 193 -69.44 -13.66 33.28
C LYS GA 193 -68.43 -14.54 34.02
N ILE GA 194 -67.61 -15.29 33.28
CA ILE GA 194 -66.58 -16.11 33.91
C ILE GA 194 -65.57 -15.22 34.63
N VAL GA 195 -65.01 -14.24 33.93
CA VAL GA 195 -63.95 -13.41 34.53
C VAL GA 195 -64.51 -12.61 35.71
N ALA GA 196 -65.74 -12.11 35.60
CA ALA GA 196 -66.34 -11.39 36.71
C ALA GA 196 -66.60 -12.31 37.89
N ALA GA 197 -66.95 -13.58 37.63
CA ALA GA 197 -67.09 -14.54 38.71
C ALA GA 197 -65.75 -14.83 39.38
N VAL GA 198 -64.67 -14.86 38.59
CA VAL GA 198 -63.35 -15.13 39.15
C VAL GA 198 -62.92 -13.99 40.07
N ASP GA 199 -62.98 -12.74 39.58
CA ASP GA 199 -62.55 -11.63 40.40
C ASP GA 199 -63.46 -11.43 41.60
N MET GA 200 -64.78 -11.54 41.38
CA MET GA 200 -65.71 -11.42 42.50
C MET GA 200 -65.47 -12.50 43.55
N PHE GA 201 -65.08 -13.70 43.13
CA PHE GA 201 -64.78 -14.76 44.08
C PHE GA 201 -63.51 -14.46 44.86
N PHE GA 202 -62.41 -14.15 44.15
CA PHE GA 202 -61.14 -13.96 44.81
C PHE GA 202 -61.01 -12.61 45.52
N HIS GA 203 -62.00 -11.72 45.39
CA HIS GA 203 -62.02 -10.52 46.22
C HIS GA 203 -62.37 -10.87 47.66
N MET GA 204 -63.39 -11.71 47.84
CA MET GA 204 -63.73 -12.19 49.18
C MET GA 204 -62.62 -13.05 49.76
N PHE GA 205 -62.01 -13.89 48.91
CA PHE GA 205 -60.97 -14.82 49.33
C PHE GA 205 -59.65 -14.33 48.74
N LYS GA 206 -58.99 -13.43 49.48
CA LYS GA 206 -57.76 -12.79 49.04
C LYS GA 206 -56.51 -13.63 49.34
N LYS GA 207 -56.48 -14.30 50.48
CA LYS GA 207 -55.34 -15.12 50.88
C LYS GA 207 -55.34 -16.50 50.22
N HIS GA 208 -56.23 -16.74 49.26
CA HIS GA 208 -56.29 -18.05 48.63
C HIS GA 208 -55.08 -18.28 47.75
N GLU GA 209 -54.64 -19.53 47.67
CA GLU GA 209 -53.43 -19.88 46.92
C GLU GA 209 -53.56 -19.56 45.44
N CYS GA 210 -54.77 -19.53 44.90
CA CYS GA 210 -55.01 -19.20 43.50
C CYS GA 210 -55.43 -17.76 43.29
N ALA GA 211 -55.04 -16.86 44.20
CA ALA GA 211 -55.38 -15.45 44.06
C ALA GA 211 -54.64 -14.79 42.90
N SER GA 212 -53.51 -15.36 42.48
CA SER GA 212 -52.82 -14.84 41.29
C SER GA 212 -53.74 -14.80 40.08
N PHE GA 213 -54.70 -15.73 40.02
CA PHE GA 213 -55.66 -15.77 38.92
C PHE GA 213 -56.42 -14.46 38.78
N ARG GA 214 -56.43 -13.63 39.82
CA ARG GA 214 -57.12 -12.34 39.75
C ARG GA 214 -56.50 -11.44 38.68
N TYR GA 215 -55.22 -11.62 38.38
CA TYR GA 215 -54.59 -10.88 37.28
C TYR GA 215 -55.36 -11.13 35.99
N GLY GA 216 -55.57 -10.05 35.23
CA GLY GA 216 -56.38 -10.08 34.03
C GLY GA 216 -57.87 -9.94 34.26
N THR GA 217 -58.36 -10.31 35.46
CA THR GA 217 -59.75 -10.14 35.81
C THR GA 217 -60.01 -8.90 36.66
N ILE GA 218 -58.95 -8.27 37.18
CA ILE GA 218 -59.12 -7.10 38.03
C ILE GA 218 -59.63 -5.91 37.23
N VAL GA 219 -59.36 -5.88 35.93
CA VAL GA 219 -59.93 -4.84 35.08
C VAL GA 219 -61.44 -5.01 34.88
N SER GA 220 -62.00 -6.13 35.34
CA SER GA 220 -63.44 -6.32 35.29
C SER GA 220 -64.14 -5.61 36.44
N ARG GA 221 -63.47 -5.46 37.58
CA ARG GA 221 -64.06 -4.79 38.72
C ARG GA 221 -64.14 -3.28 38.45
N PHE GA 222 -65.34 -2.72 38.63
CA PHE GA 222 -65.61 -1.32 38.33
C PHE GA 222 -65.23 -0.97 36.89
N LYS GA 223 -65.49 -1.92 35.99
CA LYS GA 223 -65.38 -1.63 34.57
C LYS GA 223 -66.52 -0.71 34.14
N ASP GA 224 -66.18 0.37 33.44
CA ASP GA 224 -67.13 1.42 33.07
C ASP GA 224 -67.69 2.11 34.30
N CYS GA 225 -66.81 2.39 35.28
CA CYS GA 225 -67.17 3.10 36.50
C CYS GA 225 -66.01 4.03 36.88
N ALA GA 226 -65.84 5.11 36.11
CA ALA GA 226 -64.72 6.02 36.27
C ALA GA 226 -65.06 7.25 37.11
N ALA GA 227 -66.14 7.96 36.75
CA ALA GA 227 -66.50 9.17 37.48
C ALA GA 227 -66.71 8.89 38.97
N LEU GA 228 -67.20 7.70 39.30
CA LEU GA 228 -67.23 7.25 40.69
C LEU GA 228 -65.82 7.18 41.27
N ALA GA 229 -64.88 6.61 40.50
CA ALA GA 229 -63.50 6.49 40.97
C ALA GA 229 -62.83 7.84 41.12
N THR GA 230 -63.23 8.83 40.31
CA THR GA 230 -62.73 10.19 40.49
C THR GA 230 -63.44 10.90 41.64
N PHE GA 231 -64.65 10.48 42.00
CA PHE GA 231 -65.24 10.95 43.24
C PHE GA 231 -64.44 10.46 44.44
N GLY GA 232 -64.03 9.18 44.42
CA GLY GA 232 -63.16 8.69 45.47
C GLY GA 232 -61.80 9.35 45.47
N HIS GA 233 -61.24 9.57 44.28
CA HIS GA 233 -59.94 10.23 44.18
C HIS GA 233 -60.00 11.66 44.69
N LEU GA 234 -61.13 12.34 44.43
CA LEU GA 234 -61.30 13.70 44.95
C LEU GA 234 -61.46 13.68 46.46
N CYS GA 235 -62.28 12.77 46.99
CA CYS GA 235 -62.44 12.65 48.42
C CYS GA 235 -61.15 12.24 49.12
N LYS GA 236 -60.21 11.65 48.39
CA LYS GA 236 -58.92 11.28 48.96
C LYS GA 236 -57.87 12.38 48.82
N ILE GA 237 -57.96 13.20 47.78
CA ILE GA 237 -56.97 14.24 47.56
C ILE GA 237 -57.30 15.49 48.36
N THR GA 238 -58.58 15.88 48.38
CA THR GA 238 -58.97 17.04 49.17
C THR GA 238 -58.81 16.77 50.66
N GLY GA 239 -59.16 15.57 51.10
CA GLY GA 239 -59.17 15.24 52.51
C GLY GA 239 -60.50 15.45 53.20
N MET GA 240 -61.57 15.72 52.46
CA MET GA 240 -62.87 15.99 53.02
C MET GA 240 -63.76 14.74 52.93
N SER GA 241 -64.89 14.81 53.63
CA SER GA 241 -65.87 13.73 53.54
C SER GA 241 -66.61 13.79 52.21
N THR GA 242 -67.28 12.68 51.88
CA THR GA 242 -68.04 12.63 50.64
C THR GA 242 -69.13 13.70 50.60
N GLU GA 243 -69.70 14.03 51.76
CA GLU GA 243 -70.75 15.05 51.82
C GLU GA 243 -70.18 16.44 51.62
N ASP GA 244 -69.07 16.76 52.31
CA ASP GA 244 -68.46 18.06 52.15
C ASP GA 244 -67.99 18.29 50.71
N VAL GA 245 -67.40 17.27 50.10
CA VAL GA 245 -67.05 17.34 48.68
C VAL GA 245 -68.30 17.53 47.84
N THR GA 246 -69.38 16.82 48.20
CA THR GA 246 -70.63 16.93 47.45
C THR GA 246 -71.20 18.34 47.50
N THR GA 247 -70.98 19.06 48.59
CA THR GA 247 -71.50 20.43 48.68
C THR GA 247 -70.75 21.39 47.76
N TRP GA 248 -69.48 21.11 47.48
CA TRP GA 248 -68.67 21.97 46.62
C TRP GA 248 -69.03 21.85 45.14
N ILE GA 249 -70.04 21.05 44.80
CA ILE GA 249 -70.53 20.98 43.43
C ILE GA 249 -71.26 22.27 43.11
N LEU GA 250 -70.71 23.07 42.20
CA LEU GA 250 -71.25 24.38 41.87
C LEU GA 250 -71.81 24.44 40.46
N ASN GA 251 -71.94 23.29 39.78
CA ASN GA 251 -72.47 23.23 38.43
C ASN GA 251 -73.74 22.38 38.42
N ARG GA 252 -74.68 22.77 37.56
CA ARG GA 252 -75.94 22.04 37.47
C ARG GA 252 -75.73 20.65 36.89
N GLU GA 253 -74.90 20.54 35.84
CA GLU GA 253 -74.65 19.24 35.23
C GLU GA 253 -73.98 18.28 36.21
N VAL GA 254 -73.01 18.78 36.97
CA VAL GA 254 -72.31 17.95 37.95
C VAL GA 254 -73.26 17.51 39.06
N ALA GA 255 -74.24 18.36 39.40
CA ALA GA 255 -75.25 17.96 40.37
C ALA GA 255 -76.15 16.87 39.81
N ASP GA 256 -76.55 17.00 38.54
CA ASP GA 256 -77.38 15.98 37.91
C ASP GA 256 -76.65 14.65 37.87
N GLU GA 257 -75.41 14.64 37.40
CA GLU GA 257 -74.64 13.40 37.33
C GLU GA 257 -74.38 12.83 38.72
N MET GA 258 -74.12 13.70 39.69
CA MET GA 258 -73.86 13.22 41.05
C MET GA 258 -75.10 12.57 41.65
N VAL GA 259 -76.28 13.16 41.41
CA VAL GA 259 -77.53 12.52 41.82
C VAL GA 259 -77.70 11.20 41.08
N GLN GA 260 -77.27 11.15 39.82
CA GLN GA 260 -77.42 9.94 39.02
C GLN GA 260 -76.61 8.78 39.59
N MET GA 261 -75.35 9.05 39.97
CA MET GA 261 -74.51 7.99 40.51
C MET GA 261 -75.03 7.50 41.86
N MET GA 262 -75.45 8.42 42.72
CA MET GA 262 -75.77 8.10 44.11
C MET GA 262 -77.23 7.69 44.29
N LEU GA 263 -77.71 6.80 43.42
CA LEU GA 263 -79.02 6.21 43.64
C LEU GA 263 -78.93 5.20 44.79
N PRO GA 264 -79.91 5.17 45.69
CA PRO GA 264 -79.75 4.44 46.94
C PRO GA 264 -80.22 2.99 46.88
N GLY GA 265 -79.88 2.26 45.81
CA GLY GA 265 -80.30 0.88 45.72
C GLY GA 265 -79.34 -0.03 44.99
N GLN GA 266 -78.15 0.45 44.69
CA GLN GA 266 -77.20 -0.28 43.86
C GLN GA 266 -76.01 -0.82 44.63
N GLU GA 267 -75.99 -0.67 45.96
CA GLU GA 267 -74.96 -1.26 46.82
C GLU GA 267 -73.55 -0.82 46.40
N ILE GA 268 -73.40 0.46 46.05
CA ILE GA 268 -72.10 0.94 45.63
C ILE GA 268 -71.11 1.02 46.80
N ASP GA 269 -71.60 0.95 48.04
CA ASP GA 269 -70.73 1.01 49.21
C ASP GA 269 -70.43 -0.35 49.80
N LYS GA 270 -71.23 -1.37 49.49
CA LYS GA 270 -70.95 -2.72 50.00
C LYS GA 270 -69.61 -3.22 49.48
N ALA GA 271 -68.89 -3.95 50.34
CA ALA GA 271 -67.55 -4.42 49.99
C ALA GA 271 -67.61 -5.47 48.89
N ASP GA 272 -68.31 -6.57 49.14
CA ASP GA 272 -68.38 -7.71 48.22
C ASP GA 272 -69.80 -7.79 47.67
N SER GA 273 -69.99 -7.31 46.44
CA SER GA 273 -71.32 -7.24 45.83
C SER GA 273 -71.20 -7.45 44.33
N TYR GA 274 -72.35 -7.70 43.70
CA TYR GA 274 -72.40 -7.84 42.25
C TYR GA 274 -72.23 -6.52 41.52
N MET GA 275 -72.39 -5.39 42.21
CA MET GA 275 -72.41 -4.09 41.54
C MET GA 275 -71.15 -3.79 40.74
N PRO GA 276 -69.93 -3.96 41.26
CA PRO GA 276 -68.73 -3.59 40.48
C PRO GA 276 -68.64 -4.31 39.15
N TYR GA 277 -69.27 -5.46 38.98
CA TYR GA 277 -69.19 -6.26 37.76
C TYR GA 277 -70.48 -6.18 36.95
N LEU GA 278 -71.15 -5.03 36.97
CA LEU GA 278 -72.46 -4.91 36.34
C LEU GA 278 -72.39 -5.08 34.83
N ILE GA 279 -71.25 -4.73 34.22
CA ILE GA 279 -71.14 -4.82 32.77
C ILE GA 279 -70.83 -6.24 32.32
N ASP GA 280 -69.79 -6.85 32.92
CA ASP GA 280 -69.38 -8.18 32.48
C ASP GA 280 -70.39 -9.24 32.89
N PHE GA 281 -71.03 -9.08 34.05
CA PHE GA 281 -72.13 -9.95 34.43
C PHE GA 281 -73.38 -9.69 33.60
N GLY GA 282 -73.40 -8.64 32.79
CA GLY GA 282 -74.58 -8.33 32.01
C GLY GA 282 -75.69 -7.65 32.78
N LEU GA 283 -75.41 -7.15 33.98
CA LEU GA 283 -76.42 -6.45 34.76
C LEU GA 283 -76.80 -5.11 34.15
N SER GA 284 -76.06 -4.63 33.16
CA SER GA 284 -76.32 -3.34 32.53
C SER GA 284 -75.56 -3.28 31.22
N SER GA 285 -76.23 -2.75 30.19
CA SER GA 285 -75.57 -2.48 28.91
C SER GA 285 -75.04 -1.05 28.82
N LYS GA 286 -75.56 -0.14 29.64
CA LYS GA 286 -75.07 1.23 29.74
C LYS GA 286 -74.84 1.54 31.20
N SER GA 287 -73.58 1.78 31.57
CA SER GA 287 -73.24 1.97 32.97
C SER GA 287 -73.69 3.34 33.47
N PRO GA 288 -74.17 3.43 34.71
CA PRO GA 288 -74.50 4.74 35.28
C PRO GA 288 -73.30 5.53 35.78
N TYR GA 289 -72.21 4.85 36.10
CA TYR GA 289 -71.05 5.46 36.77
C TYR GA 289 -69.90 5.71 35.82
N SER GA 290 -70.15 5.73 34.51
CA SER GA 290 -69.10 5.85 33.52
C SER GA 290 -68.75 7.31 33.28
N SER GA 291 -67.49 7.54 32.88
CA SER GA 291 -67.04 8.86 32.47
C SER GA 291 -67.65 9.29 31.13
N VAL GA 292 -68.51 8.46 30.54
CA VAL GA 292 -69.20 8.81 29.30
C VAL GA 292 -70.55 9.44 29.59
N LYS GA 293 -71.30 8.88 30.52
CA LYS GA 293 -72.56 9.47 30.97
C LYS GA 293 -72.36 10.51 32.07
N ASN GA 294 -71.18 10.59 32.66
CA ASN GA 294 -70.84 11.60 33.66
C ASN GA 294 -69.55 12.30 33.25
N PRO GA 295 -69.60 13.15 32.22
CA PRO GA 295 -68.38 13.82 31.76
C PRO GA 295 -68.01 15.03 32.61
N ALA GA 296 -68.99 15.86 32.97
CA ALA GA 296 -68.71 17.09 33.70
C ALA GA 296 -68.16 16.79 35.10
N PHE GA 297 -68.68 15.77 35.76
CA PHE GA 297 -68.12 15.36 37.05
C PHE GA 297 -66.69 14.86 36.90
N HIS GA 298 -66.42 14.16 35.79
CA HIS GA 298 -65.07 13.64 35.55
C HIS GA 298 -64.07 14.77 35.33
N PHE GA 299 -64.40 15.70 34.44
CA PHE GA 299 -63.50 16.81 34.16
C PHE GA 299 -63.34 17.72 35.38
N TRP GA 300 -64.44 17.98 36.10
CA TRP GA 300 -64.39 18.86 37.25
C TRP GA 300 -63.55 18.25 38.37
N GLY GA 301 -63.88 17.02 38.78
CA GLY GA 301 -63.14 16.39 39.86
C GLY GA 301 -61.70 16.12 39.49
N GLN GA 302 -61.45 15.70 38.25
CA GLN GA 302 -60.08 15.39 37.84
C GLN GA 302 -59.24 16.65 37.74
N LEU GA 303 -59.81 17.74 37.20
CA LEU GA 303 -59.09 19.00 37.16
C LEU GA 303 -58.83 19.52 38.57
N THR GA 304 -59.84 19.47 39.43
CA THR GA 304 -59.67 19.92 40.81
C THR GA 304 -58.61 19.10 41.53
N ALA GA 305 -58.48 17.82 41.19
CA ALA GA 305 -57.42 17.01 41.78
C ALA GA 305 -56.06 17.35 41.19
N LEU GA 306 -56.01 17.67 39.90
CA LEU GA 306 -54.74 18.03 39.27
C LEU GA 306 -54.19 19.33 39.83
N LEU GA 307 -55.07 20.31 40.07
CA LEU GA 307 -54.63 21.54 40.71
C LEU GA 307 -54.17 21.29 42.15
N LEU GA 308 -54.68 20.23 42.77
CA LEU GA 308 -54.24 19.80 44.09
C LEU GA 308 -53.06 18.84 44.03
N ARG GA 309 -52.39 18.75 42.87
CA ARG GA 309 -51.13 18.02 42.72
C ARG GA 309 -51.34 16.51 42.80
N SER GA 310 -52.29 16.01 42.02
CA SER GA 310 -52.50 14.58 41.87
C SER GA 310 -51.61 14.03 40.77
N THR GA 311 -50.84 12.99 41.09
CA THR GA 311 -49.95 12.40 40.10
C THR GA 311 -50.72 11.70 38.99
N ARG GA 312 -51.91 11.19 39.30
CA ARG GA 312 -52.71 10.47 38.30
C ARG GA 312 -53.40 11.43 37.34
N ALA GA 313 -54.01 12.49 37.89
CA ALA GA 313 -54.91 13.36 37.14
C ALA GA 313 -54.30 13.87 35.85
N ARG GA 314 -52.97 13.91 35.74
CA ARG GA 314 -52.34 14.38 34.51
C ARG GA 314 -52.84 13.62 33.30
N ASN GA 315 -52.94 12.29 33.40
CA ASN GA 315 -53.22 11.46 32.24
C ASN GA 315 -54.71 11.22 32.01
N ALA GA 316 -55.57 11.76 32.86
CA ALA GA 316 -57.01 11.62 32.65
C ALA GA 316 -57.43 12.36 31.39
N ARG GA 317 -58.23 11.70 30.56
CA ARG GA 317 -58.61 12.27 29.28
C ARG GA 317 -59.68 13.34 29.46
N GLN GA 318 -59.64 14.34 28.57
CA GLN GA 318 -60.55 15.47 28.63
C GLN GA 318 -61.82 15.13 27.86
N PRO GA 319 -63.00 15.11 28.51
CA PRO GA 319 -64.24 14.78 27.80
C PRO GA 319 -64.59 15.79 26.71
N ASP GA 320 -65.70 15.54 26.02
CA ASP GA 320 -66.14 16.39 24.91
C ASP GA 320 -67.55 16.89 25.18
N ASP GA 321 -67.85 18.07 24.61
CA ASP GA 321 -69.17 18.69 24.68
C ASP GA 321 -69.61 18.92 26.13
N ILE GA 322 -68.78 19.69 26.85
CA ILE GA 322 -69.07 20.09 28.23
C ILE GA 322 -68.63 21.54 28.43
N GLU GA 323 -69.18 22.16 29.46
CA GLU GA 323 -68.86 23.56 29.78
C GLU GA 323 -67.47 23.68 30.37
N TYR GA 324 -66.45 23.77 29.51
CA TYR GA 324 -65.08 23.82 30.02
C TYR GA 324 -64.83 25.07 30.86
N THR GA 325 -65.42 26.20 30.47
CA THR GA 325 -65.15 27.45 31.17
C THR GA 325 -65.71 27.41 32.61
N SER GA 326 -67.02 27.21 32.74
CA SER GA 326 -67.65 27.21 34.06
C SER GA 326 -67.07 26.11 34.94
N LEU GA 327 -66.87 24.92 34.39
CA LEU GA 327 -66.28 23.82 35.16
C LEU GA 327 -64.87 24.18 35.62
N THR GA 328 -64.09 24.84 34.76
CA THR GA 328 -62.72 25.21 35.15
C THR GA 328 -62.72 26.26 36.25
N THR GA 329 -63.66 27.21 36.23
CA THR GA 329 -63.72 28.20 37.30
C THR GA 329 -64.18 27.56 38.60
N ALA GA 330 -65.20 26.71 38.54
CA ALA GA 330 -65.69 26.02 39.74
C ALA GA 330 -64.63 25.10 40.32
N GLY GA 331 -63.72 24.58 39.48
CA GLY GA 331 -62.62 23.80 39.99
C GLY GA 331 -61.47 24.63 40.52
N LEU GA 332 -61.24 25.79 39.90
CA LEU GA 332 -60.22 26.72 40.40
C LEU GA 332 -60.58 27.22 41.79
N LEU GA 333 -61.86 27.53 42.01
CA LEU GA 333 -62.29 28.00 43.33
C LEU GA 333 -62.12 26.91 44.39
N TYR GA 334 -62.51 25.68 44.06
CA TYR GA 334 -62.35 24.56 44.99
C TYR GA 334 -60.88 24.32 45.30
N ALA GA 335 -60.03 24.32 44.27
CA ALA GA 335 -58.60 24.11 44.48
C ALA GA 335 -57.98 25.22 45.30
N TYR GA 336 -58.45 26.46 45.12
CA TYR GA 336 -57.92 27.58 45.90
C TYR GA 336 -58.40 27.51 47.34
N ALA GA 337 -59.60 26.98 47.57
CA ALA GA 337 -60.09 26.82 48.94
C ALA GA 337 -59.33 25.72 49.67
N VAL GA 338 -59.10 24.58 49.01
CA VAL GA 338 -58.39 23.48 49.66
C VAL GA 338 -56.91 23.83 49.84
N GLY GA 339 -56.32 24.53 48.85
CA GLY GA 339 -54.92 24.86 48.94
C GLY GA 339 -54.60 26.03 49.85
N SER GA 340 -55.55 26.98 49.97
CA SER GA 340 -55.34 28.10 50.87
C SER GA 340 -55.56 27.71 52.32
N SER GA 341 -56.63 26.95 52.59
CA SER GA 341 -56.99 26.56 53.96
C SER GA 341 -56.32 25.23 54.27
N ALA GA 342 -55.12 25.30 54.84
CA ALA GA 342 -54.42 24.08 55.25
C ALA GA 342 -55.08 23.46 56.47
N ASP GA 343 -55.71 24.27 57.31
CA ASP GA 343 -56.44 23.79 58.49
C ASP GA 343 -55.52 23.01 59.43
N LEU GA 344 -54.30 23.51 59.61
CA LEU GA 344 -53.35 22.87 60.52
C LEU GA 344 -53.84 22.98 61.96
N ALA GA 345 -54.07 21.84 62.59
CA ALA GA 345 -54.54 21.79 63.96
C ALA GA 345 -53.66 20.85 64.77
N GLN GA 346 -53.33 21.24 65.99
CA GLN GA 346 -52.53 20.39 66.85
C GLN GA 346 -53.31 19.13 67.21
N GLN GA 347 -52.62 17.99 67.19
CA GLN GA 347 -53.24 16.69 67.43
C GLN GA 347 -52.89 16.07 68.76
N PHE GA 348 -51.64 16.24 69.22
CA PHE GA 348 -51.19 15.68 70.49
C PHE GA 348 -50.57 16.77 71.35
N CYS GA 349 -50.66 16.59 72.66
CA CYS GA 349 -50.14 17.54 73.62
C CYS GA 349 -49.33 16.80 74.69
N VAL GA 350 -48.20 17.39 75.08
CA VAL GA 350 -47.32 16.78 76.08
C VAL GA 350 -47.76 17.21 77.48
N GLY GA 351 -47.40 18.43 77.87
CA GLY GA 351 -47.72 18.92 79.20
C GLY GA 351 -49.14 19.40 79.31
N ASP GA 352 -50.03 18.82 78.52
CA ASP GA 352 -51.43 19.24 78.41
C ASP GA 352 -51.53 20.73 78.12
N ASN GA 353 -50.60 21.24 77.33
CA ASN GA 353 -50.67 22.58 76.78
C ASN GA 353 -51.02 22.47 75.30
N LYS GA 354 -52.14 23.06 74.92
CA LYS GA 354 -52.58 23.05 73.54
C LYS GA 354 -52.53 24.47 72.98
N TYR GA 355 -52.55 24.56 71.66
CA TYR GA 355 -52.60 25.87 71.03
C TYR GA 355 -53.89 26.59 71.40
N THR GA 356 -53.76 27.80 71.92
CA THR GA 356 -54.90 28.62 72.29
C THR GA 356 -54.92 29.87 71.42
N PRO GA 357 -55.84 29.99 70.46
CA PRO GA 357 -55.83 31.15 69.58
C PRO GA 357 -56.15 32.43 70.31
N ASP GA 358 -55.67 33.54 69.76
CA ASP GA 358 -55.86 34.86 70.34
C ASP GA 358 -57.05 35.52 69.67
N ASP GA 359 -58.08 35.84 70.47
CA ASP GA 359 -59.28 36.49 69.97
C ASP GA 359 -59.22 38.01 70.09
N SER GA 360 -58.14 38.56 70.66
CA SER GA 360 -57.99 40.00 70.83
C SER GA 360 -57.33 40.66 69.63
N THR GA 361 -57.55 40.14 68.42
CA THR GA 361 -57.00 40.73 67.20
C THR GA 361 -58.12 41.51 66.52
N GLY GA 362 -58.15 42.82 66.77
CA GLY GA 362 -59.24 43.65 66.29
C GLY GA 362 -58.87 44.64 65.21
N GLY GA 363 -57.73 44.43 64.54
CA GLY GA 363 -57.34 45.30 63.44
C GLY GA 363 -58.27 45.23 62.23
N LEU GA 364 -59.24 44.31 62.26
CA LEU GA 364 -60.16 44.07 61.13
C LEU GA 364 -59.38 43.65 59.89
N THR GA 365 -58.77 42.47 60.00
CA THR GA 365 -58.11 41.91 58.82
C THR GA 365 -59.19 41.31 57.92
N THR GA 366 -60.02 42.17 57.33
CA THR GA 366 -61.08 41.70 56.46
C THR GA 366 -60.58 41.67 55.01
N ASN GA 367 -61.50 41.44 54.08
CA ASN GA 367 -61.19 41.29 52.65
C ASN GA 367 -60.16 40.20 52.40
N ALA GA 368 -59.98 39.29 53.37
CA ALA GA 368 -59.10 38.14 53.39
C ALA GA 368 -59.91 36.87 53.18
N PRO GA 369 -59.30 35.84 52.57
CA PRO GA 369 -60.05 34.63 52.30
C PRO GA 369 -60.53 33.99 53.59
N PRO GA 370 -61.59 33.19 53.54
CA PRO GA 370 -62.12 32.56 54.76
C PRO GA 370 -61.10 31.66 55.42
N GLN GA 371 -61.46 31.15 56.60
CA GLN GA 371 -60.55 30.39 57.43
C GLN GA 371 -60.65 28.88 57.17
N GLY GA 372 -61.83 28.38 56.85
CA GLY GA 372 -62.02 26.96 56.61
C GLY GA 372 -62.27 26.63 55.15
N ARG GA 373 -63.07 25.60 54.90
CA ARG GA 373 -63.41 25.17 53.55
C ARG GA 373 -64.91 25.08 53.36
N ASP GA 374 -65.65 25.99 53.98
CA ASP GA 374 -67.10 26.01 53.85
C ASP GA 374 -67.49 26.70 52.55
N VAL GA 375 -68.28 26.00 51.72
CA VAL GA 375 -68.71 26.58 50.44
C VAL GA 375 -69.47 27.87 50.67
N VAL GA 376 -70.25 27.93 51.75
CA VAL GA 376 -71.11 29.08 52.03
C VAL GA 376 -70.29 30.36 52.16
N GLU GA 377 -69.07 30.26 52.70
CA GLU GA 377 -68.22 31.44 52.87
C GLU GA 377 -67.37 31.73 51.63
N TRP GA 378 -66.83 30.70 50.99
CA TRP GA 378 -66.01 30.92 49.81
C TRP GA 378 -66.82 31.43 48.63
N LEU GA 379 -68.12 31.12 48.59
CA LEU GA 379 -68.98 31.69 47.55
C LEU GA 379 -69.14 33.18 47.75
N GLY GA 380 -69.39 33.62 48.99
CA GLY GA 380 -69.51 35.04 49.26
C GLY GA 380 -68.22 35.80 49.04
N TRP GA 381 -67.09 35.18 49.43
CA TRP GA 381 -65.79 35.76 49.10
C TRP GA 381 -65.63 35.91 47.60
N PHE GA 382 -65.99 34.87 46.84
CA PHE GA 382 -65.95 34.93 45.39
C PHE GA 382 -66.83 36.06 44.86
N GLU GA 383 -67.96 36.33 45.53
CA GLU GA 383 -68.79 37.45 45.12
C GLU GA 383 -68.16 38.79 45.47
N ASP GA 384 -67.36 38.85 46.54
CA ASP GA 384 -66.58 40.04 46.80
C ASP GA 384 -65.51 40.25 45.73
N GLN GA 385 -64.99 39.17 45.17
CA GLN GA 385 -64.04 39.26 44.07
C GLN GA 385 -64.72 39.45 42.71
N ASN GA 386 -65.99 39.86 42.70
CA ASN GA 386 -66.77 40.07 41.48
C ASN GA 386 -66.82 38.81 40.63
N ARG GA 387 -66.75 37.64 41.26
CA ARG GA 387 -66.79 36.34 40.60
C ARG GA 387 -65.70 36.17 39.54
N LYS GA 388 -64.66 37.00 39.60
CA LYS GA 388 -63.48 36.86 38.75
C LYS GA 388 -62.34 36.30 39.58
N PRO GA 389 -61.65 35.27 39.08
CA PRO GA 389 -60.52 34.70 39.85
C PRO GA 389 -59.44 35.75 40.09
N THR GA 390 -59.12 35.95 41.36
CA THR GA 390 -58.12 36.94 41.74
C THR GA 390 -56.76 36.56 41.16
N PRO GA 391 -55.83 37.53 41.08
CA PRO GA 391 -54.49 37.19 40.58
C PRO GA 391 -53.78 36.14 41.42
N ASP GA 392 -54.10 36.02 42.71
CA ASP GA 392 -53.48 34.99 43.53
C ASP GA 392 -54.07 33.61 43.24
N MET GA 393 -55.34 33.56 42.81
CA MET GA 393 -55.93 32.29 42.41
C MET GA 393 -55.31 31.77 41.12
N MET GA 394 -55.30 32.62 40.08
CA MET GA 394 -54.68 32.22 38.82
C MET GA 394 -53.19 31.95 38.99
N GLN GA 395 -52.53 32.73 39.86
CA GLN GA 395 -51.14 32.45 40.17
C GLN GA 395 -50.99 31.09 40.84
N TYR GA 396 -51.91 30.74 41.73
CA TYR GA 396 -51.88 29.41 42.36
C TYR GA 396 -52.02 28.32 41.32
N ALA GA 397 -52.97 28.46 40.40
CA ALA GA 397 -53.15 27.47 39.35
C ALA GA 397 -51.90 27.37 38.48
N LYS GA 398 -51.25 28.50 38.20
CA LYS GA 398 -50.01 28.47 37.44
C LYS GA 398 -48.93 27.70 38.19
N ARG GA 399 -48.72 28.02 39.47
CA ARG GA 399 -47.75 27.29 40.28
C ARG GA 399 -48.04 25.80 40.28
N ALA GA 400 -49.32 25.42 40.28
CA ALA GA 400 -49.69 24.01 40.34
C ALA GA 400 -49.44 23.29 39.01
N VAL GA 401 -49.80 23.92 37.89
CA VAL GA 401 -49.72 23.23 36.60
C VAL GA 401 -48.37 23.37 35.91
N MET GA 402 -47.57 24.37 36.28
CA MET GA 402 -46.26 24.49 35.67
C MET GA 402 -45.35 23.37 36.16
N SER GA 403 -44.23 23.20 35.47
CA SER GA 403 -43.26 22.13 35.71
C SER GA 403 -43.87 20.74 35.48
N LEU GA 404 -45.01 20.67 34.79
CA LEU GA 404 -45.58 19.41 34.34
C LEU GA 404 -45.01 19.08 32.96
N GLN GA 405 -44.37 17.93 32.85
CA GLN GA 405 -43.71 17.53 31.61
C GLN GA 405 -44.25 16.18 31.15
N GLY GA 406 -44.06 15.91 29.85
CA GLY GA 406 -44.53 14.66 29.27
C GLY GA 406 -46.03 14.52 29.22
N LEU GA 407 -46.74 15.62 28.97
CA LEU GA 407 -48.20 15.60 28.96
C LEU GA 407 -48.73 15.07 27.64
N ARG GA 408 -49.70 14.16 27.72
CA ARG GA 408 -50.31 13.59 26.54
C ARG GA 408 -51.38 14.52 25.98
N GLU GA 409 -51.60 14.45 24.67
CA GLU GA 409 -52.66 15.21 24.04
C GLU GA 409 -54.02 14.71 24.52
N LYS GA 410 -55.01 15.61 24.48
CA LYS GA 410 -56.39 15.31 24.86
C LYS GA 410 -56.52 14.83 26.30
N THR GA 411 -55.60 15.26 27.16
CA THR GA 411 -55.70 15.00 28.59
C THR GA 411 -55.89 16.32 29.33
N ILE GA 412 -56.46 16.22 30.54
CA ILE GA 412 -56.66 17.41 31.37
C ILE GA 412 -55.35 17.94 31.92
N GLY GA 413 -54.27 17.16 31.86
CA GLY GA 413 -52.96 17.70 32.21
C GLY GA 413 -52.51 18.77 31.23
N LYS GA 414 -52.58 18.45 29.93
CA LYS GA 414 -52.28 19.46 28.92
C LYS GA 414 -53.30 20.58 28.92
N TYR GA 415 -54.56 20.27 29.26
CA TYR GA 415 -55.58 21.31 29.32
C TYR GA 415 -55.26 22.32 30.42
N ALA GA 416 -54.95 21.85 31.62
CA ALA GA 416 -54.64 22.75 32.72
C ALA GA 416 -53.32 23.48 32.48
N LYS GA 417 -52.32 22.76 31.96
CA LYS GA 417 -51.03 23.38 31.67
C LYS GA 417 -51.18 24.50 30.63
N SER GA 418 -51.97 24.27 29.59
CA SER GA 418 -52.17 25.28 28.57
C SER GA 418 -53.17 26.35 28.98
N GLU GA 419 -53.96 26.08 30.02
CA GLU GA 419 -54.96 27.03 30.49
C GLU GA 419 -54.43 27.99 31.54
N PHE GA 420 -53.49 27.54 32.39
CA PHE GA 420 -53.04 28.33 33.52
C PHE GA 420 -51.58 28.73 33.48
N ASP GA 421 -50.77 28.15 32.59
CA ASP GA 421 -49.34 28.46 32.53
C ASP GA 421 -49.09 29.38 31.33
N LYS GA 422 -49.26 30.68 31.57
CA LYS GA 422 -48.91 31.71 30.59
C LYS GA 422 -48.94 33.09 31.25
N GLN HA 1 -69.19 24.85 69.09
CA GLN HA 1 -68.32 25.70 69.90
C GLN HA 1 -68.75 27.17 69.81
N VAL HA 2 -69.18 27.58 68.62
CA VAL HA 2 -69.61 28.96 68.42
C VAL HA 2 -70.85 29.24 69.25
N GLN HA 3 -70.81 30.27 70.07
CA GLN HA 3 -71.95 30.66 70.89
C GLN HA 3 -71.98 32.17 71.03
N LEU HA 4 -73.21 32.71 71.04
CA LEU HA 4 -73.46 34.13 71.25
C LEU HA 4 -74.25 34.27 72.54
N VAL HA 5 -73.65 34.91 73.53
CA VAL HA 5 -74.22 35.02 74.87
C VAL HA 5 -74.85 36.40 75.02
N GLU HA 6 -76.09 36.45 75.49
CA GLU HA 6 -76.80 37.70 75.70
C GLU HA 6 -76.97 37.98 77.19
N THR HA 7 -76.62 39.19 77.60
CA THR HA 7 -76.92 39.70 78.94
C THR HA 7 -77.54 41.08 78.78
N GLY HA 8 -77.99 41.64 79.91
CA GLY HA 8 -78.51 42.99 79.93
C GLY HA 8 -80.01 43.14 79.87
N GLY HA 9 -80.76 42.04 79.95
CA GLY HA 9 -82.20 42.11 79.94
C GLY HA 9 -82.79 42.29 81.33
N GLY HA 10 -84.07 42.64 81.37
CA GLY HA 10 -84.74 42.78 82.64
C GLY HA 10 -86.11 43.42 82.46
N LEU HA 11 -86.65 43.87 83.59
CA LEU HA 11 -87.95 44.54 83.65
C LEU HA 11 -87.74 46.02 83.92
N VAL HA 12 -88.34 46.87 83.08
CA VAL HA 12 -88.23 48.31 83.20
C VAL HA 12 -89.59 48.94 82.88
N GLN HA 13 -89.71 50.21 83.24
CA GLN HA 13 -90.92 50.97 83.01
C GLN HA 13 -90.88 51.63 81.63
N THR HA 14 -92.04 52.09 81.17
CA THR HA 14 -92.12 52.76 79.88
C THR HA 14 -91.32 54.05 79.92
N GLY HA 15 -90.39 54.18 78.96
CA GLY HA 15 -89.48 55.30 78.92
C GLY HA 15 -88.10 55.00 79.49
N GLY HA 16 -87.89 53.82 80.05
CA GLY HA 16 -86.61 53.45 80.59
C GLY HA 16 -85.59 53.15 79.52
N SER HA 17 -84.48 52.55 79.94
CA SER HA 17 -83.38 52.25 79.03
C SER HA 17 -82.69 50.97 79.47
N LEU HA 18 -82.19 50.24 78.47
CA LEU HA 18 -81.43 49.01 78.69
C LEU HA 18 -80.25 48.98 77.73
N ARG HA 19 -79.31 48.08 78.00
CA ARG HA 19 -78.14 47.89 77.14
C ARG HA 19 -77.85 46.40 77.07
N LEU HA 20 -78.27 45.78 75.98
CA LEU HA 20 -78.04 44.35 75.78
C LEU HA 20 -76.63 44.12 75.25
N SER HA 21 -75.95 43.12 75.82
CA SER HA 21 -74.59 42.79 75.44
C SER HA 21 -74.55 41.37 74.89
N CYS HA 22 -73.82 41.19 73.78
CA CYS HA 22 -73.69 39.89 73.14
C CYS HA 22 -72.21 39.56 72.99
N LYS HA 23 -71.74 38.58 73.77
CA LYS HA 23 -70.39 38.06 73.66
C LYS HA 23 -70.37 36.95 72.63
N ALA HA 24 -69.64 37.16 71.53
CA ALA HA 24 -69.54 36.19 70.45
C ALA HA 24 -68.23 35.43 70.59
N SER HA 25 -68.31 34.11 70.67
CA SER HA 25 -67.13 33.28 70.82
C SER HA 25 -67.25 32.03 69.95
N GLY HA 26 -66.11 31.39 69.70
CA GLY HA 26 -66.05 30.15 68.98
C GLY HA 26 -65.36 30.23 67.63
N ARG HA 27 -65.28 31.42 67.04
CA ARG HA 27 -64.66 31.58 65.73
C ARG HA 27 -64.25 33.03 65.56
N THR HA 28 -64.00 33.44 64.32
CA THR HA 28 -63.66 34.81 63.97
C THR HA 28 -64.80 35.41 63.17
N PHE HA 29 -65.28 36.58 63.61
CA PHE HA 29 -66.41 37.26 62.97
C PHE HA 29 -65.96 38.51 62.22
N SER HA 30 -64.79 38.44 61.58
CA SER HA 30 -64.25 39.61 60.89
C SER HA 30 -65.12 39.98 59.69
N ASN HA 31 -65.44 39.00 58.84
CA ASN HA 31 -66.27 39.22 57.66
C ASN HA 31 -67.72 38.80 57.90
N SER HA 32 -68.21 39.01 59.13
CA SER HA 32 -69.52 38.52 59.55
C SER HA 32 -70.43 39.69 59.89
N ILE HA 33 -71.71 39.56 59.53
CA ILE HA 33 -72.73 40.52 59.91
C ILE HA 33 -73.34 40.09 61.22
N MET HA 34 -73.39 41.00 62.20
CA MET HA 34 -73.94 40.71 63.50
C MET HA 34 -75.29 41.41 63.64
N GLY HA 35 -76.22 40.79 64.35
CA GLY HA 35 -77.53 41.39 64.44
C GLY HA 35 -78.29 40.94 65.68
N TRP HA 36 -79.48 41.51 65.83
CA TRP HA 36 -80.39 41.15 66.90
C TRP HA 36 -81.77 40.87 66.30
N PHE HA 37 -82.47 39.93 66.93
CA PHE HA 37 -83.87 39.67 66.62
C PHE HA 37 -84.64 39.60 67.93
N ARG HA 38 -85.96 39.68 67.85
CA ARG HA 38 -86.78 39.56 69.06
C ARG HA 38 -88.00 38.70 68.77
N GLN HA 39 -88.40 37.94 69.78
CA GLN HA 39 -89.49 36.99 69.68
C GLN HA 39 -90.47 37.24 70.82
N ALA HA 40 -91.69 37.57 70.48
CA ALA HA 40 -92.74 37.65 71.49
C ALA HA 40 -93.38 36.28 71.65
N PRO HA 41 -93.87 35.94 72.85
CA PRO HA 41 -94.48 34.62 73.05
C PRO HA 41 -95.73 34.48 72.21
N GLY HA 42 -95.80 33.38 71.44
CA GLY HA 42 -96.93 33.14 70.57
C GLY HA 42 -96.96 33.96 69.32
N LYS HA 43 -95.90 34.72 69.03
CA LYS HA 43 -95.83 35.54 67.83
C LYS HA 43 -94.49 35.28 67.14
N GLU HA 44 -94.42 35.69 65.88
CA GLU HA 44 -93.26 35.38 65.05
C GLU HA 44 -92.05 36.23 65.44
N ARG HA 45 -90.88 35.64 65.29
CA ARG HA 45 -89.63 36.36 65.53
C ARG HA 45 -89.47 37.49 64.51
N ASP HA 46 -89.10 38.67 65.00
CA ASP HA 46 -89.02 39.86 64.17
C ASP HA 46 -87.63 40.48 64.23
N PHE HA 47 -87.32 41.26 63.21
CA PHE HA 47 -86.01 41.90 63.07
C PHE HA 47 -86.04 43.29 63.70
N VAL HA 48 -84.97 43.63 64.41
CA VAL HA 48 -84.84 44.91 65.08
C VAL HA 48 -83.67 45.73 64.52
N ALA HA 49 -82.50 45.11 64.41
CA ALA HA 49 -81.32 45.85 63.98
C ALA HA 49 -80.23 44.87 63.59
N LYS HA 50 -79.38 45.30 62.65
CA LYS HA 50 -78.17 44.57 62.29
C LYS HA 50 -77.08 45.56 61.96
N ILE HA 51 -75.84 45.15 62.17
CA ILE HA 51 -74.66 45.92 61.81
C ILE HA 51 -73.73 45.01 61.02
N SER HA 52 -73.19 45.54 59.93
CA SER HA 52 -72.34 44.77 59.04
C SER HA 52 -70.86 44.96 59.41
N TRP HA 53 -70.02 44.17 58.75
CA TRP HA 53 -68.57 44.33 58.91
C TRP HA 53 -68.00 45.39 57.98
N ARG HA 54 -68.73 45.76 56.93
CA ARG HA 54 -68.29 46.79 56.00
C ARG HA 54 -68.67 48.15 56.57
N ASN HA 55 -67.68 48.87 57.11
CA ASN HA 55 -67.86 50.23 57.61
C ASN HA 55 -68.98 50.34 58.64
N ASP HA 56 -69.30 49.22 59.30
CA ASP HA 56 -70.33 49.17 60.33
C ASP HA 56 -71.65 49.71 59.81
N TYR HA 57 -72.05 49.26 58.62
CA TYR HA 57 -73.31 49.67 58.04
C TYR HA 57 -74.47 49.11 58.87
N THR HA 58 -75.35 49.99 59.33
CA THR HA 58 -76.43 49.64 60.23
C THR HA 58 -77.76 49.63 59.48
N THR HA 59 -78.63 48.68 59.86
CA THR HA 59 -79.97 48.57 59.29
C THR HA 59 -80.94 48.32 60.43
N TYR HA 60 -81.89 49.25 60.61
CA TYR HA 60 -82.86 49.19 61.69
C TYR HA 60 -84.25 48.93 61.14
N ALA HA 61 -85.09 48.30 61.96
CA ALA HA 61 -86.50 48.19 61.64
C ALA HA 61 -87.19 49.52 61.90
N ASP HA 62 -88.25 49.79 61.12
CA ASP HA 62 -89.00 51.02 61.28
C ASP HA 62 -89.64 51.12 62.65
N SER HA 63 -89.79 50.00 63.36
CA SER HA 63 -90.40 50.02 64.68
C SER HA 63 -89.46 50.58 65.74
N VAL HA 64 -88.15 50.66 65.46
CA VAL HA 64 -87.17 51.01 66.48
C VAL HA 64 -86.24 52.12 66.00
N LYS HA 65 -86.57 52.75 64.86
CA LYS HA 65 -85.74 53.83 64.37
C LYS HA 65 -85.71 55.00 65.34
N GLY HA 66 -84.51 55.53 65.59
CA GLY HA 66 -84.32 56.64 66.50
C GLY HA 66 -84.27 56.26 67.96
N ARG HA 67 -84.72 55.07 68.33
CA ARG HA 67 -84.73 54.62 69.72
C ARG HA 67 -83.62 53.64 70.04
N PHE HA 68 -83.37 52.66 69.18
CA PHE HA 68 -82.35 51.65 69.40
C PHE HA 68 -81.09 52.00 68.61
N THR HA 69 -79.94 51.63 69.17
CA THR HA 69 -78.64 51.93 68.57
C THR HA 69 -77.76 50.69 68.74
N ILE HA 70 -77.58 49.94 67.65
CA ILE HA 70 -76.74 48.75 67.65
C ILE HA 70 -75.32 49.17 67.35
N SER HA 71 -74.35 48.55 68.03
CA SER HA 71 -72.95 48.79 67.79
C SER HA 71 -72.19 47.48 67.89
N ARG HA 72 -70.96 47.47 67.37
CA ARG HA 72 -70.13 46.29 67.43
C ARG HA 72 -68.70 46.69 67.74
N ASP HA 73 -68.02 45.84 68.50
CA ASP HA 73 -66.59 45.96 68.80
C ASP HA 73 -66.04 44.54 68.77
N ASN HA 74 -65.65 44.09 67.58
CA ASN HA 74 -65.09 42.76 67.43
C ASN HA 74 -63.60 42.71 67.77
N ALA HA 75 -63.02 43.84 68.17
CA ALA HA 75 -61.76 43.78 68.90
C ALA HA 75 -61.96 43.12 70.25
N SER HA 76 -63.14 43.28 70.83
CA SER HA 76 -63.56 42.55 72.02
C SER HA 76 -64.54 41.43 71.71
N ASN HA 77 -64.84 41.21 70.44
CA ASN HA 77 -65.78 40.17 70.00
C ASN HA 77 -67.15 40.35 70.65
N MET HA 78 -67.61 41.59 70.74
CA MET HA 78 -68.88 41.89 71.36
C MET HA 78 -69.74 42.71 70.41
N VAL HA 79 -71.06 42.57 70.55
CA VAL HA 79 -72.01 43.39 69.81
C VAL HA 79 -73.13 43.80 70.77
N TYR HA 80 -73.40 45.10 70.84
CA TYR HA 80 -74.32 45.68 71.80
C TYR HA 80 -75.57 46.23 71.11
N LEU HA 81 -76.66 46.26 71.86
CA LEU HA 81 -77.90 46.91 71.45
C LEU HA 81 -78.32 47.88 72.54
N LEU HA 82 -78.27 49.18 72.23
CA LEU HA 82 -78.69 50.22 73.16
C LEU HA 82 -80.19 50.48 72.97
N MET HA 83 -80.95 50.34 74.05
CA MET HA 83 -82.40 50.44 73.99
C MET HA 83 -82.86 51.64 74.82
N ASN HA 84 -83.05 52.77 74.16
CA ASN HA 84 -83.60 53.97 74.78
C ASN HA 84 -85.01 54.22 74.28
N ASN HA 85 -85.75 55.04 75.04
CA ASN HA 85 -87.14 55.36 74.74
C ASN HA 85 -87.96 54.08 74.55
N LEU HA 86 -87.94 53.24 75.57
CA LEU HA 86 -88.60 51.95 75.49
C LEU HA 86 -90.11 52.10 75.54
N LYS HA 87 -90.80 51.19 74.87
CA LYS HA 87 -92.25 51.10 74.84
C LYS HA 87 -92.69 49.72 75.29
N PRO HA 88 -93.95 49.57 75.73
CA PRO HA 88 -94.47 48.23 75.97
C PRO HA 88 -94.52 47.37 74.73
N GLU HA 89 -94.56 47.98 73.54
CA GLU HA 89 -94.50 47.23 72.30
C GLU HA 89 -93.17 46.51 72.12
N ASP HA 90 -92.12 46.97 72.80
CA ASP HA 90 -90.79 46.38 72.70
C ASP HA 90 -90.59 45.18 73.60
N THR HA 91 -91.61 44.76 74.33
CA THR HA 91 -91.47 43.62 75.25
C THR HA 91 -91.36 42.32 74.47
N ALA HA 92 -90.25 41.61 74.64
CA ALA HA 92 -90.02 40.35 73.94
C ALA HA 92 -88.76 39.70 74.49
N VAL HA 93 -88.36 38.59 73.86
CA VAL HA 93 -87.12 37.90 74.17
C VAL HA 93 -86.14 38.17 73.03
N TYR HA 94 -85.00 38.75 73.37
CA TYR HA 94 -84.05 39.22 72.37
C TYR HA 94 -82.93 38.20 72.18
N TYR HA 95 -82.68 37.85 70.92
CA TYR HA 95 -81.64 36.91 70.54
C TYR HA 95 -80.57 37.63 69.73
N CYS HA 96 -79.32 37.27 69.99
CA CYS HA 96 -78.18 37.76 69.22
C CYS HA 96 -77.86 36.76 68.11
N ALA HA 97 -77.72 37.27 66.88
CA ALA HA 97 -77.47 36.43 65.73
C ALA HA 97 -76.20 36.86 65.02
N ALA HA 98 -75.57 35.90 64.34
CA ALA HA 98 -74.34 36.15 63.59
C ALA HA 98 -74.43 35.45 62.25
N THR HA 99 -73.57 35.86 61.32
CA THR HA 99 -73.61 35.41 59.93
C THR HA 99 -72.27 34.76 59.57
N LYS HA 100 -72.32 33.71 58.77
CA LYS HA 100 -71.10 33.09 58.28
C LYS HA 100 -70.30 34.10 57.44
N ALA HA 101 -69.00 33.82 57.29
CA ALA HA 101 -68.11 34.77 56.65
C ALA HA 101 -68.55 35.07 55.23
N TYR HA 102 -68.50 36.37 54.87
CA TYR HA 102 -68.83 36.87 53.55
C TYR HA 102 -70.24 36.52 53.11
N ASN HA 103 -71.12 36.17 54.05
CA ASN HA 103 -72.51 35.86 53.73
C ASN HA 103 -73.41 37.03 54.10
N GLY HA 104 -74.64 36.96 53.59
CA GLY HA 104 -75.61 38.00 53.82
C GLY HA 104 -76.44 37.77 55.08
N GLY HA 105 -76.84 38.88 55.70
CA GLY HA 105 -77.74 38.84 56.82
C GLY HA 105 -79.03 39.56 56.48
N GLU HA 106 -80.14 38.83 56.46
CA GLU HA 106 -81.41 39.35 55.95
C GLU HA 106 -82.36 39.64 57.10
N THR HA 107 -83.37 40.46 56.80
CA THR HA 107 -84.38 40.82 57.79
C THR HA 107 -85.27 39.62 58.13
N SER HA 108 -85.60 38.81 57.12
CA SER HA 108 -86.48 37.66 57.32
C SER HA 108 -85.84 36.57 58.17
N GLY HA 109 -84.53 36.63 58.38
CA GLY HA 109 -83.81 35.57 59.05
C GLY HA 109 -82.94 34.74 58.14
N ARG HA 110 -83.05 34.93 56.82
CA ARG HA 110 -82.15 34.27 55.89
C ARG HA 110 -80.71 34.64 56.22
N GLY HA 111 -79.79 33.72 55.94
CA GLY HA 111 -78.50 33.87 56.54
C GLY HA 111 -78.62 33.66 58.03
N PHE HA 112 -77.75 34.34 58.79
CA PHE HA 112 -77.75 34.26 60.25
C PHE HA 112 -77.73 32.80 60.73
N TYR HA 113 -76.57 32.17 60.56
CA TYR HA 113 -76.43 30.76 60.89
C TYR HA 113 -76.31 30.53 62.39
N TYR HA 114 -75.76 31.50 63.11
CA TYR HA 114 -75.56 31.37 64.56
C TYR HA 114 -76.59 32.21 65.30
N TRP HA 115 -76.96 31.73 66.48
CA TRP HA 115 -78.00 32.38 67.29
C TRP HA 115 -77.64 32.24 68.76
N GLY HA 116 -78.36 32.99 69.59
CA GLY HA 116 -78.21 32.92 71.02
C GLY HA 116 -79.46 32.35 71.69
N GLN HA 117 -79.31 32.06 72.98
CA GLN HA 117 -80.41 31.48 73.74
C GLN HA 117 -81.45 32.52 74.14
N GLY HA 118 -81.05 33.78 74.28
CA GLY HA 118 -82.00 34.85 74.49
C GLY HA 118 -81.93 35.53 75.84
N THR HA 119 -82.36 36.79 75.89
CA THR HA 119 -82.46 37.55 77.13
C THR HA 119 -83.81 38.26 77.16
N GLN HA 120 -84.48 38.20 78.30
CA GLN HA 120 -85.84 38.72 78.40
C GLN HA 120 -85.84 40.22 78.61
N VAL HA 121 -86.72 40.91 77.88
CA VAL HA 121 -86.93 42.34 78.03
C VAL HA 121 -88.42 42.58 78.22
N THR HA 122 -88.79 43.02 79.41
CA THR HA 122 -90.18 43.33 79.74
C THR HA 122 -90.29 44.81 80.10
N VAL HA 123 -91.22 45.51 79.44
CA VAL HA 123 -91.42 46.94 79.64
C VAL HA 123 -92.88 47.17 80.02
N SER HA 124 -93.12 47.83 81.14
CA SER HA 124 -94.48 48.07 81.63
C SER HA 124 -94.68 49.57 81.86
N SER HA 125 -95.86 49.91 82.36
CA SER HA 125 -96.20 51.30 82.63
C SER HA 125 -95.57 51.79 83.93
N SER IA 2 35.98 -10.65 -79.69
CA SER IA 2 34.71 -10.61 -80.40
C SER IA 2 34.62 -11.74 -81.41
N VAL IA 3 33.62 -12.61 -81.24
CA VAL IA 3 33.42 -13.76 -82.10
C VAL IA 3 31.92 -13.93 -82.34
N THR IA 4 31.59 -14.48 -83.51
CA THR IA 4 30.18 -14.63 -83.89
C THR IA 4 29.53 -15.74 -83.07
N VAL IA 5 28.43 -15.40 -82.39
CA VAL IA 5 27.65 -16.34 -81.60
C VAL IA 5 26.29 -16.49 -82.25
N LYS IA 6 25.80 -17.73 -82.33
CA LYS IA 6 24.52 -18.02 -82.96
C LYS IA 6 23.68 -18.89 -82.04
N ARG IA 7 22.37 -18.87 -82.30
CA ARG IA 7 21.41 -19.67 -81.56
C ARG IA 7 21.08 -20.92 -82.39
N ILE IA 8 21.42 -22.10 -81.86
CA ILE IA 8 21.35 -23.33 -82.64
C ILE IA 8 19.92 -23.69 -83.01
N ILE IA 9 18.91 -23.12 -82.33
CA ILE IA 9 17.53 -23.50 -82.60
C ILE IA 9 17.04 -22.86 -83.90
N ASP IA 10 17.61 -21.71 -84.29
CA ASP IA 10 17.15 -21.04 -85.51
C ASP IA 10 18.25 -20.26 -86.23
N ASN IA 11 19.53 -20.48 -85.90
CA ASN IA 11 20.66 -19.80 -86.53
C ASN IA 11 20.55 -18.29 -86.46
N THR IA 12 19.86 -17.77 -85.45
CA THR IA 12 19.81 -16.33 -85.23
C THR IA 12 21.10 -15.88 -84.55
N VAL IA 13 21.60 -14.72 -84.97
CA VAL IA 13 22.83 -14.17 -84.43
C VAL IA 13 22.52 -13.33 -83.21
N ILE IA 14 23.27 -13.55 -82.13
CA ILE IA 14 23.16 -12.77 -80.90
C ILE IA 14 24.54 -12.21 -80.58
N VAL IA 15 24.58 -10.98 -80.08
CA VAL IA 15 25.81 -10.27 -79.80
C VAL IA 15 25.89 -10.00 -78.31
N PRO IA 16 26.61 -10.82 -77.55
CA PRO IA 16 26.75 -10.56 -76.10
C PRO IA 16 27.67 -9.38 -75.85
N LYS IA 17 27.15 -8.36 -75.16
CA LYS IA 17 27.90 -7.16 -74.84
C LYS IA 17 27.51 -6.67 -73.46
N LEU IA 18 28.46 -6.06 -72.76
CA LEU IA 18 28.29 -5.68 -71.37
C LEU IA 18 28.39 -4.17 -71.20
N PRO IA 19 27.76 -3.61 -70.17
CA PRO IA 19 28.00 -2.20 -69.83
C PRO IA 19 29.47 -1.97 -69.50
N ALA IA 20 30.02 -0.90 -70.06
CA ALA IA 20 31.43 -0.60 -69.95
C ALA IA 20 31.67 0.45 -68.87
N ASN IA 21 32.66 0.19 -68.01
CA ASN IA 21 33.18 1.17 -67.07
C ASN IA 21 34.63 1.42 -67.43
N GLU IA 22 34.93 2.65 -67.86
CA GLU IA 22 36.29 3.00 -68.23
C GLU IA 22 37.22 2.86 -67.04
N ASP IA 23 37.09 3.77 -66.08
CA ASP IA 23 38.00 3.87 -64.95
C ASP IA 23 39.47 3.78 -65.39
N PRO IA 24 39.94 4.73 -66.19
CA PRO IA 24 41.34 4.68 -66.62
C PRO IA 24 42.29 4.88 -65.45
N VAL IA 25 43.55 4.53 -65.68
CA VAL IA 25 44.59 4.57 -64.67
C VAL IA 25 45.58 5.67 -65.05
N GLU IA 26 45.95 6.48 -64.07
CA GLU IA 26 46.87 7.59 -64.27
C GLU IA 26 48.16 7.33 -63.51
N TYR IA 27 49.29 7.46 -64.21
CA TYR IA 27 50.63 7.26 -63.70
C TYR IA 27 51.26 8.59 -63.32
N PRO IA 28 52.15 8.60 -62.32
CA PRO IA 28 52.74 9.87 -61.89
C PRO IA 28 53.62 10.53 -62.94
N ALA IA 29 54.30 9.75 -63.80
CA ALA IA 29 55.17 10.33 -64.81
C ALA IA 29 54.37 11.06 -65.88
N ASP IA 30 53.12 10.65 -66.12
CA ASP IA 30 52.28 11.34 -67.09
C ASP IA 30 51.86 12.73 -66.63
N TYR IA 31 52.14 13.08 -65.37
CA TYR IA 31 51.82 14.40 -64.84
C TYR IA 31 52.98 15.38 -65.01
N PHE IA 32 54.21 14.92 -64.78
CA PHE IA 32 55.37 15.79 -64.83
C PHE IA 32 55.81 16.12 -66.25
N ARG IA 33 55.18 15.53 -67.26
CA ARG IA 33 55.42 15.93 -68.64
C ARG IA 33 54.45 17.00 -69.13
N LYS IA 34 53.36 17.22 -68.42
CA LYS IA 34 52.44 18.30 -68.73
C LYS IA 34 52.77 19.57 -67.93
N SER IA 35 53.07 19.41 -66.64
CA SER IA 35 53.48 20.52 -65.79
C SER IA 35 54.67 20.08 -64.96
N LYS IA 36 55.80 20.76 -65.13
CA LYS IA 36 57.03 20.40 -64.43
C LYS IA 36 57.05 20.93 -62.99
N GLU IA 37 55.92 21.38 -62.46
CA GLU IA 37 55.84 21.83 -61.08
C GLU IA 37 54.50 21.42 -60.51
N ILE IA 38 54.45 21.36 -59.18
CA ILE IA 38 53.23 21.00 -58.46
C ILE IA 38 52.83 22.17 -57.56
N PRO IA 39 51.72 22.84 -57.84
CA PRO IA 39 51.40 24.08 -57.12
C PRO IA 39 50.80 23.83 -55.75
N LEU IA 40 51.09 24.75 -54.82
CA LEU IA 40 50.51 24.74 -53.48
C LEU IA 40 49.83 26.09 -53.30
N TYR IA 41 48.50 26.10 -53.35
CA TYR IA 41 47.74 27.34 -53.21
C TYR IA 41 47.49 27.61 -51.73
N ILE IA 42 47.96 28.77 -51.25
CA ILE IA 42 47.85 29.14 -49.85
C ILE IA 42 47.69 30.66 -49.76
N ASN IA 43 46.79 31.08 -48.87
CA ASN IA 43 46.55 32.49 -48.59
C ASN IA 43 47.39 32.91 -47.39
N THR IA 44 48.39 33.76 -47.63
CA THR IA 44 49.32 34.19 -46.59
C THR IA 44 49.07 35.63 -46.14
N THR IA 45 47.87 36.16 -46.37
CA THR IA 45 47.58 37.55 -46.03
C THR IA 45 47.72 37.80 -44.53
N LYS IA 46 47.01 37.04 -43.72
CA LYS IA 46 47.09 37.18 -42.28
C LYS IA 46 48.47 36.74 -41.78
N SER IA 47 48.69 36.89 -40.48
CA SER IA 47 49.99 36.64 -39.87
C SER IA 47 50.01 35.31 -39.14
N LEU IA 48 51.21 34.91 -38.72
CA LEU IA 48 51.36 33.68 -37.95
C LEU IA 48 50.67 33.78 -36.61
N SER IA 49 51.01 34.83 -35.84
CA SER IA 49 50.46 34.98 -34.49
C SER IA 49 48.94 35.06 -34.50
N ASP IA 50 48.36 35.67 -35.53
CA ASP IA 50 46.91 35.69 -35.66
C ASP IA 50 46.38 34.29 -35.96
N LEU IA 51 46.88 33.66 -37.03
CA LEU IA 51 46.36 32.37 -37.46
C LEU IA 51 46.47 31.32 -36.37
N ARG IA 52 47.43 31.45 -35.46
CA ARG IA 52 47.54 30.52 -34.34
C ARG IA 52 46.28 30.54 -33.49
N GLY IA 53 45.85 31.74 -33.09
CA GLY IA 53 44.60 31.85 -32.34
C GLY IA 53 43.38 31.57 -33.19
N TYR IA 54 43.42 31.94 -34.47
CA TYR IA 54 42.35 31.57 -35.41
C TYR IA 54 42.06 30.08 -35.35
N VAL IA 55 43.09 29.26 -35.55
CA VAL IA 55 42.89 27.82 -35.62
C VAL IA 55 42.79 27.16 -34.26
N TYR IA 56 43.28 27.81 -33.19
CA TYR IA 56 43.08 27.25 -31.85
C TYR IA 56 41.64 27.45 -31.40
N GLN IA 57 41.18 28.71 -31.36
CA GLN IA 57 39.81 28.99 -30.96
C GLN IA 57 38.81 28.42 -31.97
N GLY IA 58 39.22 28.26 -33.23
CA GLY IA 58 38.39 27.54 -34.17
C GLY IA 58 38.37 26.04 -33.93
N LEU IA 59 39.49 25.50 -33.45
CA LEU IA 59 39.55 24.07 -33.14
C LEU IA 59 38.69 23.73 -31.93
N LYS IA 60 38.68 24.61 -30.92
CA LYS IA 60 37.90 24.33 -29.72
C LYS IA 60 36.41 24.21 -30.04
N SER IA 61 35.87 25.17 -30.78
CA SER IA 61 34.52 25.05 -31.30
C SER IA 61 34.50 24.11 -32.50
N GLY IA 62 33.33 23.96 -33.11
CA GLY IA 62 33.23 23.11 -34.28
C GLY IA 62 33.65 23.78 -35.58
N ASN IA 63 33.61 25.11 -35.62
CA ASN IA 63 33.88 25.85 -36.84
C ASN IA 63 35.36 26.12 -36.98
N VAL IA 64 35.94 25.70 -38.11
CA VAL IA 64 37.31 26.03 -38.48
C VAL IA 64 37.41 25.98 -39.99
N SER IA 65 38.24 26.85 -40.55
CA SER IA 65 38.41 26.92 -42.00
C SER IA 65 39.70 26.18 -42.39
N ILE IA 66 39.59 25.34 -43.42
CA ILE IA 66 40.76 24.61 -43.89
C ILE IA 66 41.75 25.59 -44.52
N ILE IA 67 41.26 26.73 -45.01
CA ILE IA 67 42.16 27.79 -45.48
C ILE IA 67 43.06 28.25 -44.34
N HIS IA 68 42.49 28.34 -43.12
CA HIS IA 68 43.25 28.82 -41.98
C HIS IA 68 44.24 27.78 -41.49
N VAL IA 69 43.89 26.50 -41.57
CA VAL IA 69 44.83 25.48 -41.11
C VAL IA 69 45.93 25.28 -42.14
N ASN IA 70 45.63 25.46 -43.44
CA ASN IA 70 46.68 25.40 -44.45
C ASN IA 70 47.64 26.58 -44.32
N SER IA 71 47.09 27.80 -44.25
CA SER IA 71 47.93 28.99 -44.10
C SER IA 71 48.74 28.92 -42.81
N TYR IA 72 48.12 28.50 -41.70
CA TYR IA 72 48.84 28.39 -40.45
C TYR IA 72 49.94 27.34 -40.52
N LEU IA 73 49.64 26.18 -41.11
CA LEU IA 73 50.64 25.12 -41.22
C LEU IA 73 51.83 25.59 -42.05
N TYR IA 74 51.56 26.27 -43.17
CA TYR IA 74 52.66 26.84 -43.94
C TYR IA 74 53.48 27.81 -43.10
N GLY IA 75 52.82 28.79 -42.50
CA GLY IA 75 53.51 29.77 -41.68
C GLY IA 75 54.29 29.16 -40.52
N ALA IA 76 53.91 27.96 -40.09
CA ALA IA 76 54.55 27.34 -38.94
C ALA IA 76 55.66 26.38 -39.32
N LEU IA 77 55.65 25.84 -40.54
CA LEU IA 77 56.66 24.88 -40.97
C LEU IA 77 57.66 25.46 -41.97
N LYS IA 78 57.52 26.74 -42.34
CA LYS IA 78 58.41 27.33 -43.34
C LYS IA 78 59.87 27.21 -42.92
N ASP IA 79 60.21 27.69 -41.73
CA ASP IA 79 61.60 27.86 -41.32
C ASP IA 79 62.31 26.54 -41.03
N ILE IA 80 61.63 25.41 -41.16
CA ILE IA 80 62.29 24.11 -40.98
C ILE IA 80 63.22 23.86 -42.16
N ARG IA 81 64.49 23.60 -41.87
CA ARG IA 81 65.49 23.38 -42.90
C ARG IA 81 66.28 22.12 -42.63
N GLY IA 82 66.85 21.56 -43.69
CA GLY IA 82 67.70 20.39 -43.60
C GLY IA 82 68.72 20.36 -44.72
N LYS IA 83 69.96 19.98 -44.40
CA LYS IA 83 71.03 19.96 -45.37
C LYS IA 83 71.18 18.56 -45.95
N LEU IA 84 71.38 18.50 -47.27
CA LEU IA 84 71.45 17.24 -47.99
C LEU IA 84 72.87 16.69 -47.99
N ASP IA 85 72.99 15.38 -47.78
CA ASP IA 85 74.28 14.72 -47.96
C ASP IA 85 74.57 14.43 -49.42
N LYS IA 86 73.52 14.15 -50.21
CA LYS IA 86 73.67 13.87 -51.62
C LYS IA 86 72.55 14.56 -52.39
N ASP IA 87 72.71 14.58 -53.72
CA ASP IA 87 71.72 15.22 -54.59
C ASP IA 87 70.35 14.58 -54.41
N TRP IA 88 69.31 15.39 -54.63
CA TRP IA 88 67.94 14.93 -54.60
C TRP IA 88 67.27 15.32 -55.90
N SER IA 89 66.85 14.33 -56.67
CA SER IA 89 66.21 14.56 -57.97
C SER IA 89 65.07 13.56 -58.14
N SER IA 90 64.02 14.00 -58.84
CA SER IA 90 62.85 13.15 -59.05
C SER IA 90 62.08 13.68 -60.24
N PHE IA 91 61.88 12.82 -61.26
CA PHE IA 91 61.09 13.15 -62.44
C PHE IA 91 61.60 14.43 -63.11
N GLY IA 92 62.91 14.61 -63.13
CA GLY IA 92 63.49 15.79 -63.74
C GLY IA 92 63.29 17.07 -62.97
N ILE IA 93 63.07 16.99 -61.66
CA ILE IA 93 62.90 18.16 -60.80
C ILE IA 93 64.00 18.10 -59.74
N ASN IA 94 65.13 18.75 -60.03
CA ASN IA 94 66.24 18.78 -59.08
C ASN IA 94 65.90 19.70 -57.91
N ILE IA 95 65.19 19.15 -56.92
CA ILE IA 95 64.78 19.91 -55.74
C ILE IA 95 65.92 20.16 -54.77
N GLY IA 96 67.10 19.61 -55.03
CA GLY IA 96 68.25 19.79 -54.17
C GLY IA 96 69.47 19.19 -54.82
N LYS IA 97 70.64 19.57 -54.29
CA LYS IA 97 71.89 19.14 -54.90
C LYS IA 97 73.03 19.25 -53.89
N ALA IA 98 73.72 18.13 -53.65
CA ALA IA 98 74.96 18.07 -52.87
C ALA IA 98 74.71 18.70 -51.51
N GLY IA 99 75.55 19.64 -51.06
CA GLY IA 99 75.40 20.22 -49.73
C GLY IA 99 74.43 21.38 -49.66
N ASP IA 100 73.38 21.36 -50.48
CA ASP IA 100 72.35 22.38 -50.40
C ASP IA 100 71.51 22.17 -49.15
N THR IA 101 71.10 23.28 -48.53
CA THR IA 101 70.23 23.26 -47.36
C THR IA 101 68.83 23.64 -47.82
N ILE IA 102 67.97 22.63 -47.98
CA ILE IA 102 66.64 22.83 -48.54
C ILE IA 102 65.63 22.83 -47.40
N GLY IA 103 64.46 23.42 -47.67
CA GLY IA 103 63.38 23.45 -46.73
C GLY IA 103 62.30 22.43 -47.06
N ILE IA 104 61.26 22.44 -46.23
CA ILE IA 104 60.19 21.45 -46.38
C ILE IA 104 59.28 21.79 -47.55
N PHE IA 105 59.12 23.07 -47.88
CA PHE IA 105 58.27 23.48 -48.99
C PHE IA 105 59.06 23.73 -50.27
N ASP IA 106 60.33 23.32 -50.31
CA ASP IA 106 61.06 23.28 -51.57
C ASP IA 106 60.65 22.09 -52.44
N LEU IA 107 59.79 21.21 -51.94
CA LEU IA 107 59.31 20.09 -52.73
C LEU IA 107 58.21 20.50 -53.70
N VAL IA 108 57.43 21.53 -53.35
CA VAL IA 108 56.30 21.98 -54.15
C VAL IA 108 56.45 23.48 -54.40
N SER IA 109 55.75 23.95 -55.44
CA SER IA 109 55.78 25.35 -55.83
C SER IA 109 54.67 26.11 -55.11
N LEU IA 110 55.02 27.26 -54.56
CA LEU IA 110 54.07 28.05 -53.78
C LEU IA 110 53.29 28.99 -54.70
N LYS IA 111 51.97 28.82 -54.71
CA LYS IA 111 51.06 29.74 -55.36
C LYS IA 111 50.12 30.35 -54.32
N ALA IA 112 49.51 31.48 -54.67
CA ALA IA 112 48.67 32.22 -53.74
C ALA IA 112 47.20 31.91 -54.01
N LEU IA 113 46.47 31.55 -52.95
CA LEU IA 113 45.04 31.33 -53.05
C LEU IA 113 44.30 32.66 -53.01
N ASP IA 114 43.32 32.81 -53.90
CA ASP IA 114 42.58 34.05 -54.06
C ASP IA 114 41.09 33.81 -53.79
N GLY IA 115 40.46 34.78 -53.14
CA GLY IA 115 39.04 34.72 -52.85
C GLY IA 115 38.75 35.35 -51.51
N VAL IA 116 37.54 35.08 -51.01
CA VAL IA 116 37.11 35.60 -49.72
C VAL IA 116 37.85 34.87 -48.61
N LEU IA 117 38.30 35.64 -47.61
CA LEU IA 117 39.01 35.07 -46.47
C LEU IA 117 38.04 34.90 -45.30
N PRO IA 118 37.78 33.67 -44.85
CA PRO IA 118 36.85 33.44 -43.75
C PRO IA 118 37.51 33.71 -42.40
N ASP IA 119 37.16 34.85 -41.79
CA ASP IA 119 37.70 35.22 -40.49
C ASP IA 119 37.26 34.24 -39.41
N VAL IA 121 36.96 33.73 -35.70
CA VAL IA 121 37.32 34.37 -34.43
C VAL IA 121 38.84 34.52 -34.33
N SER IA 122 39.30 35.10 -33.23
CA SER IA 122 40.73 35.29 -32.99
C SER IA 122 41.03 35.04 -31.52
N ASP IA 123 42.30 35.16 -31.17
CA ASP IA 123 42.76 34.95 -29.80
C ASP IA 123 44.21 35.37 -29.66
N ALA IA 124 44.52 36.15 -28.62
CA ALA IA 124 45.90 36.40 -28.25
C ALA IA 124 46.32 35.36 -27.21
N SER IA 125 47.20 35.75 -26.28
CA SER IA 125 47.58 34.91 -25.16
C SER IA 125 48.21 33.58 -25.58
N ARG IA 126 48.35 33.36 -26.88
CA ARG IA 126 48.92 32.13 -27.42
C ARG IA 126 50.34 32.43 -27.89
N THR IA 127 51.31 31.95 -27.13
CA THR IA 127 52.72 32.22 -27.41
C THR IA 127 53.17 31.41 -28.63
N SER IA 128 54.48 31.36 -28.85
CA SER IA 128 55.04 30.53 -29.90
C SER IA 128 55.15 29.07 -29.49
N ALA IA 129 55.01 28.77 -28.19
CA ALA IA 129 55.13 27.40 -27.73
C ALA IA 129 54.09 26.49 -28.38
N ASP IA 130 52.89 27.02 -28.62
CA ASP IA 130 51.85 26.23 -29.28
C ASP IA 130 52.28 25.79 -30.67
N ASP IA 131 53.17 26.54 -31.31
CA ASP IA 131 53.67 26.17 -32.63
C ASP IA 131 54.54 24.92 -32.61
N LYS IA 132 54.96 24.47 -31.43
CA LYS IA 132 55.76 23.25 -31.36
C LYS IA 132 54.93 22.03 -31.70
N TRP IA 133 53.70 21.97 -31.21
CA TRP IA 133 52.87 20.77 -31.29
C TRP IA 133 51.62 20.92 -32.14
N LEU IA 134 51.03 22.12 -32.20
CA LEU IA 134 49.82 22.29 -33.01
C LEU IA 134 50.00 21.89 -34.47
N PRO IA 135 51.14 22.13 -35.12
CA PRO IA 135 51.34 21.51 -36.45
C PRO IA 135 51.27 19.99 -36.41
N LEU IA 136 51.96 19.35 -35.46
CA LEU IA 136 51.89 17.89 -35.35
C LEU IA 136 50.45 17.43 -35.14
N TYR IA 137 49.67 18.19 -34.37
CA TYR IA 137 48.27 17.91 -34.13
C TYR IA 137 47.51 17.93 -35.46
N LEU IA 138 47.46 19.11 -36.09
CA LEU IA 138 46.73 19.27 -37.34
C LEU IA 138 47.14 18.26 -38.39
N LEU IA 139 48.42 17.87 -38.41
CA LEU IA 139 48.85 16.82 -39.33
C LEU IA 139 48.29 15.47 -38.92
N GLY IA 140 48.25 15.19 -37.61
CA GLY IA 140 47.76 13.92 -37.15
C GLY IA 140 46.28 13.72 -37.38
N LEU IA 141 45.48 14.79 -37.31
CA LEU IA 141 44.06 14.64 -37.58
C LEU IA 141 43.78 14.21 -39.01
N TYR IA 142 44.72 14.41 -39.94
CA TYR IA 142 44.57 13.81 -41.27
C TYR IA 142 44.55 12.29 -41.17
N ARG IA 143 45.41 11.74 -40.32
CA ARG IA 143 45.47 10.29 -40.15
C ARG IA 143 44.27 9.78 -39.36
N VAL IA 144 43.88 10.49 -38.31
CA VAL IA 144 42.75 10.03 -37.49
C VAL IA 144 41.45 10.06 -38.28
N GLY IA 145 41.30 11.03 -39.18
CA GLY IA 145 40.07 11.20 -39.94
C GLY IA 145 39.87 10.29 -41.13
N ARG IA 146 40.84 9.45 -41.48
CA ARG IA 146 40.71 8.57 -42.63
C ARG IA 146 40.02 7.25 -42.31
N THR IA 147 39.79 6.95 -41.04
CA THR IA 147 39.17 5.68 -40.63
C THR IA 147 37.82 5.95 -39.99
N GLN IA 148 36.81 5.18 -40.42
CA GLN IA 148 35.48 5.25 -39.84
C GLN IA 148 35.27 4.23 -38.73
N MET IA 149 36.34 3.57 -38.28
CA MET IA 149 36.23 2.56 -37.24
C MET IA 149 36.37 3.23 -35.88
N PRO IA 150 35.35 3.19 -35.02
CA PRO IA 150 35.45 3.90 -33.73
C PRO IA 150 36.53 3.35 -32.82
N GLU IA 151 36.74 2.03 -32.81
CA GLU IA 151 37.76 1.45 -31.95
C GLU IA 151 39.16 1.79 -32.43
N TYR IA 152 39.36 1.89 -33.75
CA TYR IA 152 40.66 2.25 -34.28
C TYR IA 152 41.01 3.71 -34.01
N ARG IA 153 40.04 4.52 -33.57
CA ARG IA 153 40.32 5.91 -33.23
C ARG IA 153 41.02 6.03 -31.90
N LYS IA 154 41.82 5.02 -31.55
CA LYS IA 154 42.93 5.20 -30.62
C LYS IA 154 44.01 6.08 -31.23
N LYS IA 155 43.91 6.37 -32.53
CA LYS IA 155 44.82 7.31 -33.19
C LYS IA 155 44.83 8.64 -32.47
N LEU IA 156 43.68 9.07 -31.94
CA LEU IA 156 43.64 10.31 -31.19
C LEU IA 156 44.42 10.21 -29.89
N MET IA 157 44.45 9.02 -29.27
CA MET IA 157 45.13 8.86 -27.99
C MET IA 157 46.63 9.10 -28.13
N ASP IA 158 47.27 8.44 -29.10
CA ASP IA 158 48.69 8.68 -29.32
C ASP IA 158 48.93 10.00 -30.05
N GLY IA 159 47.94 10.52 -30.78
CA GLY IA 159 48.01 11.89 -31.22
C GLY IA 159 48.05 12.87 -30.07
N LEU IA 160 47.56 12.46 -28.90
CA LEU IA 160 47.73 13.24 -27.68
C LEU IA 160 49.02 12.90 -26.95
N THR IA 161 49.51 11.66 -27.07
CA THR IA 161 50.71 11.27 -26.34
C THR IA 161 51.95 11.87 -26.97
N ASN IA 162 52.06 11.82 -28.30
CA ASN IA 162 53.25 12.34 -28.97
C ASN IA 162 53.36 13.85 -28.81
N GLN IA 163 52.23 14.56 -28.84
CA GLN IA 163 52.25 15.99 -28.57
C GLN IA 163 52.45 16.26 -27.08
N CYS IA 164 51.98 15.37 -26.21
CA CYS IA 164 52.21 15.52 -24.78
C CYS IA 164 53.67 15.28 -24.41
N LYS IA 165 54.43 14.63 -25.29
CA LYS IA 165 55.87 14.57 -25.10
C LYS IA 165 56.54 15.91 -25.40
N MET IA 166 55.86 16.78 -26.15
CA MET IA 166 56.39 18.12 -26.41
C MET IA 166 56.08 19.05 -25.24
N ILE IA 167 54.80 19.34 -25.01
CA ILE IA 167 54.34 20.09 -23.85
C ILE IA 167 53.55 19.15 -22.95
N ASN IA 168 53.87 19.15 -21.66
CA ASN IA 168 53.29 18.17 -20.75
C ASN IA 168 51.79 18.37 -20.54
N GLU IA 169 51.28 19.59 -20.74
CA GLU IA 169 49.90 19.91 -20.38
C GLU IA 169 48.99 20.05 -21.61
N GLN IA 170 49.35 19.43 -22.72
CA GLN IA 170 48.48 19.47 -23.89
C GLN IA 170 47.23 18.65 -23.65
N PHE IA 171 46.09 19.20 -24.05
CA PHE IA 171 44.81 18.50 -23.96
C PHE IA 171 44.02 18.78 -25.23
N GLU IA 172 43.35 17.74 -25.74
CA GLU IA 172 42.58 17.74 -26.98
C GLU IA 172 41.69 18.97 -27.10
N PRO IA 173 42.04 19.92 -27.97
CA PRO IA 173 41.24 21.14 -28.13
C PRO IA 173 40.14 21.03 -29.18
N LEU IA 174 39.36 19.95 -29.10
CA LEU IA 174 38.17 19.80 -29.92
C LEU IA 174 37.21 18.83 -29.24
N VAL IA 175 35.93 19.02 -29.50
CA VAL IA 175 34.85 18.30 -28.81
C VAL IA 175 34.82 16.85 -29.25
N PRO IA 176 34.14 15.96 -28.52
CA PRO IA 176 33.90 14.61 -29.04
C PRO IA 176 33.14 14.59 -30.35
N GLU IA 177 32.34 15.62 -30.63
CA GLU IA 177 31.82 15.83 -31.97
C GLU IA 177 32.93 16.17 -32.96
N GLY IA 178 34.08 16.63 -32.45
CA GLY IA 178 35.16 17.12 -33.29
C GLY IA 178 35.77 16.09 -34.22
N ARG IA 179 35.55 14.80 -33.95
CA ARG IA 179 36.02 13.79 -34.89
C ARG IA 179 35.31 13.90 -36.23
N ASP IA 180 34.18 14.61 -36.28
CA ASP IA 180 33.48 14.90 -37.51
C ASP IA 180 34.06 16.09 -38.26
N ILE IA 181 34.95 16.86 -37.62
CA ILE IA 181 35.45 18.09 -38.22
C ILE IA 181 36.50 17.80 -39.28
N PHE IA 182 37.63 17.21 -38.85
CA PHE IA 182 38.78 17.04 -39.74
C PHE IA 182 38.62 15.91 -40.74
N ASP IA 183 37.43 15.32 -40.87
CA ASP IA 183 37.21 14.33 -41.92
C ASP IA 183 37.24 14.99 -43.30
N VAL IA 184 36.71 16.21 -43.40
CA VAL IA 184 36.66 16.91 -44.68
C VAL IA 184 37.99 17.58 -45.03
N TRP IA 185 38.91 17.67 -44.07
CA TRP IA 185 40.21 18.27 -44.36
C TRP IA 185 40.95 17.50 -45.46
N GLY IA 186 40.73 16.19 -45.54
CA GLY IA 186 41.32 15.39 -46.59
C GLY IA 186 40.76 15.67 -47.97
N ASN IA 187 39.68 16.43 -48.07
CA ASN IA 187 39.13 16.81 -49.37
C ASN IA 187 39.85 18.01 -49.97
N ASP IA 188 40.55 18.80 -49.16
CA ASP IA 188 41.26 19.98 -49.66
C ASP IA 188 42.59 19.55 -50.28
N SER IA 189 42.79 19.92 -51.55
CA SER IA 189 44.00 19.50 -52.25
C SER IA 189 45.26 20.06 -51.60
N ASN IA 190 45.22 21.33 -51.18
CA ASN IA 190 46.39 21.97 -50.60
C ASN IA 190 46.70 21.46 -49.19
N TYR IA 191 45.79 20.71 -48.57
CA TYR IA 191 46.10 20.05 -47.31
C TYR IA 191 46.84 18.74 -47.56
N THR IA 192 46.33 17.95 -48.51
CA THR IA 192 47.01 16.73 -48.92
C THR IA 192 48.42 17.03 -49.42
N LYS IA 193 48.59 18.15 -50.13
CA LYS IA 193 49.92 18.52 -50.59
C LYS IA 193 50.83 18.90 -49.42
N ILE IA 194 50.26 19.52 -48.38
CA ILE IA 194 51.06 19.87 -47.20
C ILE IA 194 51.53 18.62 -46.49
N VAL IA 195 50.61 17.68 -46.23
CA VAL IA 195 51.01 16.48 -45.48
C VAL IA 195 51.97 15.62 -46.30
N ALA IA 196 51.72 15.49 -47.60
CA ALA IA 196 52.62 14.72 -48.45
C ALA IA 196 54.00 15.37 -48.51
N ALA IA 197 54.04 16.71 -48.52
CA ALA IA 197 55.32 17.41 -48.49
C ALA IA 197 56.04 17.20 -47.17
N VAL IA 198 55.30 17.16 -46.05
CA VAL IA 198 55.92 16.93 -44.76
C VAL IA 198 56.55 15.54 -44.71
N ASP IA 199 55.77 14.52 -45.02
CA ASP IA 199 56.30 13.15 -44.96
C ASP IA 199 57.44 12.95 -45.94
N MET IA 200 57.28 13.44 -47.17
CA MET IA 200 58.36 13.34 -48.15
C MET IA 200 59.62 14.04 -47.67
N PHE IA 201 59.46 15.15 -46.94
CA PHE IA 201 60.62 15.86 -46.41
C PHE IA 201 61.32 15.06 -45.32
N PHE IA 202 60.57 14.64 -44.30
CA PHE IA 202 61.20 13.97 -43.16
C PHE IA 202 61.59 12.53 -43.46
N HIS IA 203 61.19 11.98 -44.61
CA HIS IA 203 61.69 10.67 -45.00
C HIS IA 203 63.18 10.74 -45.33
N MET IA 204 63.61 11.84 -45.95
CA MET IA 204 65.04 12.04 -46.19
C MET IA 204 65.77 12.41 -44.91
N PHE IA 205 65.18 13.28 -44.09
CA PHE IA 205 65.79 13.72 -42.84
C PHE IA 205 65.10 13.02 -41.66
N LYS IA 206 65.38 11.73 -41.53
CA LYS IA 206 64.75 10.92 -40.50
C LYS IA 206 65.28 11.27 -39.11
N LYS IA 207 66.52 11.75 -39.01
CA LYS IA 207 67.13 12.09 -37.74
C LYS IA 207 66.86 13.52 -37.31
N HIS IA 208 65.97 14.23 -38.02
CA HIS IA 208 65.65 15.60 -37.64
C HIS IA 208 64.82 15.63 -36.36
N GLU IA 209 65.05 16.66 -35.55
CA GLU IA 209 64.36 16.77 -34.27
C GLU IA 209 62.85 16.87 -34.43
N CYS IA 210 62.36 17.28 -35.59
CA CYS IA 210 60.94 17.35 -35.87
C CYS IA 210 60.45 16.18 -36.72
N ALA IA 211 61.17 15.06 -36.70
CA ALA IA 211 60.73 13.88 -37.45
C ALA IA 211 59.44 13.30 -36.89
N SER IA 212 59.11 13.61 -35.63
CA SER IA 212 57.85 13.16 -35.05
C SER IA 212 56.64 13.70 -35.81
N PHE IA 213 56.84 14.74 -36.62
CA PHE IA 213 55.76 15.25 -37.46
C PHE IA 213 55.30 14.21 -38.48
N ARG IA 214 56.10 13.19 -38.75
CA ARG IA 214 55.66 12.12 -39.66
C ARG IA 214 54.48 11.35 -39.10
N TYR IA 215 54.28 11.37 -37.78
CA TYR IA 215 53.04 10.84 -37.21
C TYR IA 215 51.86 11.60 -37.80
N GLY IA 216 50.95 10.87 -38.44
CA GLY IA 216 49.82 11.48 -39.09
C GLY IA 216 49.97 11.56 -40.59
N THR IA 217 51.20 11.83 -41.05
CA THR IA 217 51.49 11.94 -42.48
C THR IA 217 52.11 10.67 -43.05
N ILE IA 218 52.35 9.66 -42.22
CA ILE IA 218 52.92 8.41 -42.72
C ILE IA 218 51.90 7.62 -43.54
N VAL IA 219 50.61 7.88 -43.35
CA VAL IA 219 49.58 7.24 -44.17
C VAL IA 219 49.47 7.86 -45.54
N SER IA 220 50.23 8.92 -45.82
CA SER IA 220 50.25 9.54 -47.14
C SER IA 220 51.29 8.91 -48.07
N ARG IA 221 52.22 8.13 -47.54
CA ARG IA 221 53.20 7.43 -48.35
C ARG IA 221 52.64 6.08 -48.77
N PHE IA 222 52.66 5.81 -50.07
CA PHE IA 222 52.11 4.59 -50.67
C PHE IA 222 50.62 4.43 -50.35
N LYS IA 223 49.93 5.53 -50.06
CA LYS IA 223 48.48 5.49 -49.97
C LYS IA 223 47.89 5.14 -51.33
N ASP IA 224 46.88 4.28 -51.33
CA ASP IA 224 46.27 3.75 -52.55
C ASP IA 224 47.26 2.94 -53.38
N CYS IA 225 48.21 2.29 -52.70
CA CYS IA 225 49.21 1.44 -53.33
C CYS IA 225 49.31 0.12 -52.57
N ALA IA 226 48.18 -0.59 -52.48
CA ALA IA 226 48.13 -1.82 -51.70
C ALA IA 226 48.77 -2.98 -52.43
N ALA IA 227 48.38 -3.22 -53.69
CA ALA IA 227 48.88 -4.36 -54.43
C ALA IA 227 50.40 -4.32 -54.57
N LEU IA 228 50.96 -3.13 -54.84
CA LEU IA 228 52.40 -2.99 -54.90
C LEU IA 228 53.05 -3.36 -53.57
N ALA IA 229 52.32 -3.23 -52.46
CA ALA IA 229 52.87 -3.60 -51.16
C ALA IA 229 52.73 -5.10 -50.90
N THR IA 230 51.60 -5.68 -51.29
CA THR IA 230 51.42 -7.13 -51.16
C THR IA 230 52.37 -7.90 -52.06
N PHE IA 231 52.89 -7.25 -53.12
CA PHE IA 231 53.93 -7.88 -53.91
C PHE IA 231 55.21 -8.02 -53.10
N GLY IA 232 55.61 -6.97 -52.39
CA GLY IA 232 56.76 -7.07 -51.51
C GLY IA 232 56.52 -8.03 -50.37
N HIS IA 233 55.28 -8.05 -49.85
CA HIS IA 233 54.94 -9.00 -48.79
C HIS IA 233 55.03 -10.44 -49.29
N LEU IA 234 54.68 -10.67 -50.56
CA LEU IA 234 54.79 -12.00 -51.12
C LEU IA 234 56.26 -12.36 -51.37
N CYS IA 235 57.06 -11.40 -51.83
CA CYS IA 235 58.48 -11.64 -51.98
C CYS IA 235 59.22 -11.78 -50.66
N LYS IA 236 58.60 -11.37 -49.54
CA LYS IA 236 59.19 -11.54 -48.22
C LYS IA 236 58.76 -12.83 -47.55
N ILE IA 237 57.48 -13.18 -47.65
CA ILE IA 237 56.97 -14.37 -46.98
C ILE IA 237 57.48 -15.63 -47.68
N THR IA 238 57.60 -15.60 -48.99
CA THR IA 238 58.09 -16.75 -49.73
C THR IA 238 59.60 -16.91 -49.57
N GLY IA 239 60.34 -15.81 -49.71
CA GLY IA 239 61.79 -15.87 -49.75
C GLY IA 239 62.38 -15.97 -51.14
N MET IA 240 61.61 -15.70 -52.17
CA MET IA 240 62.04 -15.79 -53.55
C MET IA 240 62.22 -14.40 -54.14
N SER IA 241 63.03 -14.31 -55.19
CA SER IA 241 63.30 -13.04 -55.83
C SER IA 241 62.04 -12.52 -56.54
N THR IA 242 62.06 -11.23 -56.87
CA THR IA 242 60.91 -10.62 -57.53
C THR IA 242 60.60 -11.28 -58.86
N GLU IA 243 61.65 -11.68 -59.60
CA GLU IA 243 61.44 -12.38 -60.86
C GLU IA 243 60.90 -13.80 -60.63
N ASP IA 244 61.51 -14.54 -59.70
CA ASP IA 244 61.04 -15.88 -59.38
C ASP IA 244 59.57 -15.85 -58.94
N VAL IA 245 59.19 -14.86 -58.15
CA VAL IA 245 57.79 -14.71 -57.76
C VAL IA 245 56.94 -14.34 -58.96
N THR IA 246 57.46 -13.48 -59.85
CA THR IA 246 56.70 -13.09 -61.04
C THR IA 246 56.41 -14.28 -61.94
N THR IA 247 57.29 -15.27 -61.96
CA THR IA 247 57.05 -16.45 -62.79
C THR IA 247 55.86 -17.26 -62.30
N TRP IA 248 55.70 -17.38 -60.98
CA TRP IA 248 54.61 -18.17 -60.40
C TRP IA 248 53.23 -17.51 -60.58
N ILE IA 249 53.11 -16.50 -61.42
CA ILE IA 249 51.81 -15.94 -61.77
C ILE IA 249 51.16 -16.86 -62.79
N LEU IA 250 49.99 -17.41 -62.43
CA LEU IA 250 49.33 -18.44 -63.22
C LEU IA 250 47.96 -18.02 -63.72
N ASN IA 251 47.64 -16.73 -63.69
CA ASN IA 251 46.35 -16.23 -64.15
C ASN IA 251 46.57 -15.04 -65.07
N ARG IA 252 45.60 -14.83 -65.97
CA ARG IA 252 45.72 -13.75 -66.95
C ARG IA 252 45.54 -12.39 -66.31
N GLU IA 253 44.55 -12.26 -65.42
CA GLU IA 253 44.33 -10.98 -64.73
C GLU IA 253 45.54 -10.58 -63.91
N VAL IA 254 46.12 -11.54 -63.17
CA VAL IA 254 47.29 -11.26 -62.35
C VAL IA 254 48.46 -10.82 -63.21
N ALA IA 255 48.55 -11.32 -64.45
CA ALA IA 255 49.60 -10.90 -65.37
C ALA IA 255 49.34 -9.50 -65.92
N ASP IA 256 48.09 -9.21 -66.29
CA ASP IA 256 47.76 -7.87 -66.76
C ASP IA 256 48.04 -6.82 -65.68
N GLU IA 257 47.64 -7.11 -64.45
CA GLU IA 257 47.87 -6.17 -63.36
C GLU IA 257 49.35 -6.09 -63.01
N MET IA 258 50.06 -7.22 -63.04
CA MET IA 258 51.50 -7.20 -62.78
C MET IA 258 52.23 -6.34 -63.79
N VAL IA 259 51.87 -6.45 -65.08
CA VAL IA 259 52.45 -5.57 -66.08
C VAL IA 259 52.00 -4.14 -65.86
N GLN IA 260 50.78 -3.94 -65.33
CA GLN IA 260 50.27 -2.60 -65.11
C GLN IA 260 51.06 -1.87 -64.02
N MET IA 261 51.50 -2.60 -62.99
CA MET IA 261 52.28 -1.97 -61.93
C MET IA 261 53.73 -1.73 -62.34
N MET IA 262 54.29 -2.64 -63.14
CA MET IA 262 55.72 -2.59 -63.49
C MET IA 262 55.99 -1.75 -64.73
N LEU IA 263 55.33 -0.61 -64.89
CA LEU IA 263 55.67 0.25 -66.01
C LEU IA 263 57.04 0.88 -65.77
N PRO IA 264 57.89 0.95 -66.80
CA PRO IA 264 59.32 1.19 -66.57
C PRO IA 264 59.67 2.62 -66.16
N GLY IA 265 58.76 3.58 -66.24
CA GLY IA 265 59.14 4.95 -65.96
C GLY IA 265 58.34 5.64 -64.87
N GLN IA 266 58.20 4.99 -63.71
CA GLN IA 266 57.41 5.56 -62.61
C GLN IA 266 58.18 5.66 -61.31
N GLU IA 267 59.46 5.30 -61.29
CA GLU IA 267 60.32 5.46 -60.11
C GLU IA 267 59.76 4.73 -58.89
N ILE IA 268 59.25 3.51 -59.10
CA ILE IA 268 58.75 2.73 -57.98
C ILE IA 268 59.85 2.12 -57.14
N ASP IA 269 61.08 2.12 -57.62
CA ASP IA 269 62.21 1.56 -56.88
C ASP IA 269 63.15 2.63 -56.33
N LYS IA 270 62.84 3.91 -56.51
CA LYS IA 270 63.64 4.98 -55.94
C LYS IA 270 63.35 5.11 -54.45
N ALA IA 271 64.40 5.37 -53.67
CA ALA IA 271 64.25 5.50 -52.23
C ALA IA 271 63.40 6.71 -51.86
N ASP IA 272 63.76 7.88 -52.37
CA ASP IA 272 63.11 9.14 -52.03
C ASP IA 272 62.62 9.80 -53.32
N SER IA 273 61.35 9.57 -53.66
CA SER IA 273 60.77 10.07 -54.89
C SER IA 273 59.38 10.62 -54.63
N TYR IA 274 58.85 11.35 -55.61
CA TYR IA 274 57.47 11.84 -55.55
C TYR IA 274 56.45 10.73 -55.74
N MET IA 275 56.90 9.50 -56.03
CA MET IA 275 55.97 8.45 -56.44
C MET IA 275 55.01 8.04 -55.32
N PRO IA 276 55.47 7.70 -54.11
CA PRO IA 276 54.51 7.18 -53.10
C PRO IA 276 53.40 8.15 -52.74
N TYR IA 277 53.57 9.44 -53.03
CA TYR IA 277 52.59 10.46 -52.69
C TYR IA 277 51.82 10.93 -53.91
N LEU IA 278 51.61 10.07 -54.90
CA LEU IA 278 50.99 10.45 -56.16
C LEU IA 278 49.52 10.79 -56.02
N ILE IA 279 48.91 10.50 -54.87
CA ILE IA 279 47.50 10.76 -54.65
C ILE IA 279 47.26 12.08 -53.90
N ASP IA 280 48.03 12.38 -52.86
CA ASP IA 280 47.87 13.63 -52.12
C ASP IA 280 48.51 14.80 -52.85
N PHE IA 281 49.61 14.55 -53.55
CA PHE IA 281 50.22 15.52 -54.45
C PHE IA 281 49.37 15.75 -55.70
N GLY IA 282 48.29 15.01 -55.89
CA GLY IA 282 47.48 15.17 -57.07
C GLY IA 282 48.15 14.74 -58.35
N LEU IA 283 49.18 13.90 -58.26
CA LEU IA 283 49.85 13.41 -59.46
C LEU IA 283 48.97 12.45 -60.24
N SER IA 284 47.94 11.89 -59.61
CA SER IA 284 47.08 10.90 -60.25
C SER IA 284 45.76 10.83 -59.49
N SER IA 285 44.65 10.97 -60.21
CA SER IA 285 43.32 10.84 -59.64
C SER IA 285 42.85 9.39 -59.59
N LYS IA 286 43.71 8.45 -59.95
CA LYS IA 286 43.36 7.02 -59.93
C LYS IA 286 44.67 6.25 -59.90
N SER IA 287 44.87 5.45 -58.85
CA SER IA 287 46.19 4.86 -58.63
C SER IA 287 46.36 3.59 -59.47
N PRO IA 288 47.53 3.40 -60.09
CA PRO IA 288 47.80 2.15 -60.81
C PRO IA 288 48.09 0.97 -59.88
N TYR IA 289 48.46 1.24 -58.64
CA TYR IA 289 48.98 0.23 -57.73
C TYR IA 289 48.00 -0.16 -56.63
N SER IA 290 46.75 0.31 -56.72
CA SER IA 290 45.78 0.07 -55.67
C SER IA 290 45.26 -1.37 -55.73
N SER IA 291 44.55 -1.76 -54.67
CA SER IA 291 43.83 -3.03 -54.62
C SER IA 291 42.44 -2.93 -55.24
N VAL IA 292 42.12 -1.78 -55.84
CA VAL IA 292 40.87 -1.60 -56.57
C VAL IA 292 41.05 -1.71 -58.08
N LYS IA 293 42.25 -1.44 -58.60
CA LYS IA 293 42.59 -1.69 -59.99
C LYS IA 293 43.44 -2.94 -60.17
N ASN IA 294 43.92 -3.52 -59.08
CA ASN IA 294 44.67 -4.78 -59.09
C ASN IA 294 44.08 -5.71 -58.05
N PRO IA 295 42.83 -6.18 -58.26
CA PRO IA 295 42.17 -6.98 -57.23
C PRO IA 295 42.65 -8.43 -57.19
N ALA IA 296 42.76 -9.07 -58.35
CA ALA IA 296 43.13 -10.48 -58.39
C ALA IA 296 44.55 -10.71 -57.90
N PHE IA 297 45.45 -9.74 -58.11
CA PHE IA 297 46.80 -9.85 -57.57
C PHE IA 297 46.80 -9.68 -56.06
N HIS IA 298 45.96 -8.77 -55.55
CA HIS IA 298 45.82 -8.60 -54.11
C HIS IA 298 45.33 -9.88 -53.46
N PHE IA 299 44.21 -10.42 -53.95
CA PHE IA 299 43.66 -11.66 -53.42
C PHE IA 299 44.66 -12.81 -53.57
N TRP IA 300 45.37 -12.85 -54.70
CA TRP IA 300 46.28 -13.97 -54.97
C TRP IA 300 47.48 -13.95 -54.04
N GLY IA 301 48.27 -12.87 -54.11
CA GLY IA 301 49.45 -12.77 -53.25
C GLY IA 301 49.10 -12.78 -51.77
N GLN IA 302 47.96 -12.19 -51.40
CA GLN IA 302 47.57 -12.17 -50.00
C GLN IA 302 47.16 -13.55 -49.52
N LEU IA 303 46.42 -14.30 -50.34
CA LEU IA 303 46.06 -15.67 -49.96
C LEU IA 303 47.29 -16.57 -49.91
N THR IA 304 48.19 -16.42 -50.88
CA THR IA 304 49.43 -17.21 -50.86
C THR IA 304 50.26 -16.90 -49.63
N ALA IA 305 50.32 -15.63 -49.23
CA ALA IA 305 51.02 -15.27 -48.01
C ALA IA 305 50.35 -15.87 -46.79
N LEU IA 306 49.01 -15.79 -46.73
CA LEU IA 306 48.27 -16.33 -45.59
C LEU IA 306 48.53 -17.83 -45.44
N LEU IA 307 48.47 -18.57 -46.55
CA LEU IA 307 48.78 -20.00 -46.50
C LEU IA 307 50.23 -20.27 -46.13
N LEU IA 308 51.11 -19.27 -46.29
CA LEU IA 308 52.52 -19.37 -45.90
C LEU IA 308 52.80 -18.65 -44.58
N ARG IA 309 51.86 -18.76 -43.62
CA ARG IA 309 52.06 -18.33 -42.24
C ARG IA 309 52.19 -16.82 -42.11
N SER IA 310 51.43 -16.06 -42.91
CA SER IA 310 51.40 -14.61 -42.76
C SER IA 310 50.53 -14.22 -41.58
N THR IA 311 50.95 -13.18 -40.86
CA THR IA 311 50.19 -12.65 -39.74
C THR IA 311 49.33 -11.46 -40.12
N ARG IA 312 49.73 -10.69 -41.13
CA ARG IA 312 48.97 -9.54 -41.58
C ARG IA 312 47.95 -9.88 -42.66
N ALA IA 313 48.08 -11.05 -43.30
CA ALA IA 313 47.17 -11.39 -44.40
C ALA IA 313 45.79 -11.79 -43.91
N ARG IA 314 45.66 -12.16 -42.63
CA ARG IA 314 44.36 -12.58 -42.12
C ARG IA 314 43.31 -11.47 -42.26
N ASN IA 315 43.73 -10.22 -42.04
CA ASN IA 315 42.81 -9.09 -42.03
C ASN IA 315 42.69 -8.41 -43.39
N ALA IA 316 43.43 -8.87 -44.40
CA ALA IA 316 43.29 -8.31 -45.74
C ALA IA 316 41.88 -8.59 -46.26
N ARG IA 317 41.29 -7.58 -46.91
CA ARG IA 317 39.91 -7.66 -47.35
C ARG IA 317 39.82 -8.28 -48.75
N GLN IA 318 38.81 -9.11 -48.93
CA GLN IA 318 38.59 -9.91 -50.14
C GLN IA 318 37.93 -9.07 -51.22
N PRO IA 319 38.63 -8.81 -52.33
CA PRO IA 319 38.05 -7.98 -53.39
C PRO IA 319 36.85 -8.65 -54.05
N ASP IA 320 36.10 -7.84 -54.79
CA ASP IA 320 34.88 -8.28 -55.46
C ASP IA 320 35.12 -8.47 -56.95
N ASP IA 321 34.28 -9.32 -57.55
CA ASP IA 321 34.28 -9.57 -58.99
C ASP IA 321 35.65 -10.02 -59.49
N ILE IA 322 36.09 -11.17 -58.99
CA ILE IA 322 37.32 -11.82 -59.44
C ILE IA 322 37.07 -13.33 -59.49
N GLU IA 323 37.95 -14.02 -60.21
CA GLU IA 323 37.87 -15.48 -60.33
C GLU IA 323 38.41 -16.11 -59.05
N TYR IA 324 37.53 -16.27 -58.06
CA TYR IA 324 37.97 -16.81 -56.78
C TYR IA 324 38.52 -18.23 -56.92
N THR IA 325 37.80 -19.09 -57.65
CA THR IA 325 38.17 -20.50 -57.73
C THR IA 325 39.58 -20.68 -58.28
N SER IA 326 39.83 -20.16 -59.48
CA SER IA 326 41.14 -20.33 -60.12
C SER IA 326 42.24 -19.68 -59.31
N LEU IA 327 41.99 -18.51 -58.73
CA LEU IA 327 43.01 -17.81 -57.97
C LEU IA 327 43.37 -18.56 -56.70
N THR IA 328 42.39 -19.16 -56.02
CA THR IA 328 42.70 -19.98 -54.85
C THR IA 328 43.41 -21.27 -55.24
N THR IA 329 43.10 -21.82 -56.42
CA THR IA 329 43.86 -22.97 -56.89
C THR IA 329 45.32 -22.60 -57.15
N ALA IA 330 45.55 -21.42 -57.72
CA ALA IA 330 46.93 -20.99 -58.02
C ALA IA 330 47.70 -20.67 -56.74
N GLY IA 331 47.09 -19.91 -55.83
CA GLY IA 331 47.74 -19.65 -54.56
C GLY IA 331 47.93 -20.90 -53.73
N LEU IA 332 47.06 -21.90 -53.93
CA LEU IA 332 47.23 -23.18 -53.25
C LEU IA 332 48.42 -23.94 -53.82
N LEU IA 333 48.58 -23.91 -55.14
CA LEU IA 333 49.71 -24.61 -55.75
C LEU IA 333 51.03 -23.94 -55.39
N TYR IA 334 51.09 -22.61 -55.49
CA TYR IA 334 52.30 -21.88 -55.12
C TYR IA 334 52.61 -22.08 -53.64
N ALA IA 335 51.59 -21.92 -52.79
CA ALA IA 335 51.79 -22.06 -51.35
C ALA IA 335 52.25 -23.45 -50.98
N TYR IA 336 51.67 -24.48 -51.60
CA TYR IA 336 52.09 -25.86 -51.33
C TYR IA 336 53.51 -26.10 -51.83
N ALA IA 337 53.86 -25.50 -52.97
CA ALA IA 337 55.21 -25.65 -53.51
C ALA IA 337 56.25 -25.06 -52.56
N VAL IA 338 56.01 -23.84 -52.07
CA VAL IA 338 56.96 -23.23 -51.15
C VAL IA 338 56.95 -23.93 -49.81
N GLY IA 339 55.80 -24.49 -49.41
CA GLY IA 339 55.74 -25.20 -48.14
C GLY IA 339 56.46 -26.53 -48.15
N SER IA 340 56.47 -27.21 -49.31
CA SER IA 340 57.17 -28.48 -49.40
C SER IA 340 58.67 -28.27 -49.60
N SER IA 341 59.05 -27.45 -50.57
CA SER IA 341 60.46 -27.22 -50.89
C SER IA 341 61.04 -26.20 -49.89
N ALA IA 342 61.46 -26.72 -48.74
CA ALA IA 342 62.18 -25.88 -47.79
C ALA IA 342 63.53 -25.46 -48.34
N ASP IA 343 64.10 -26.27 -49.23
CA ASP IA 343 65.38 -25.99 -49.87
C ASP IA 343 66.48 -25.74 -48.83
N LEU IA 344 66.47 -26.56 -47.79
CA LEU IA 344 67.52 -26.47 -46.77
C LEU IA 344 68.87 -26.79 -47.38
N ALA IA 345 69.89 -26.06 -46.95
CA ALA IA 345 71.22 -26.24 -47.48
C ALA IA 345 72.23 -25.69 -46.48
N GLN IA 346 73.31 -26.43 -46.26
CA GLN IA 346 74.37 -25.96 -45.38
C GLN IA 346 74.91 -24.62 -45.86
N GLN IA 347 75.21 -23.74 -44.91
CA GLN IA 347 75.69 -22.40 -45.22
C GLN IA 347 77.11 -22.15 -44.74
N PHE IA 348 77.44 -22.64 -43.54
CA PHE IA 348 78.79 -22.55 -43.00
C PHE IA 348 79.34 -23.96 -42.77
N CYS IA 349 80.66 -24.05 -42.64
CA CYS IA 349 81.31 -25.33 -42.41
C CYS IA 349 82.56 -25.12 -41.57
N VAL IA 350 82.92 -26.14 -40.79
CA VAL IA 350 84.07 -26.07 -39.91
C VAL IA 350 85.28 -26.70 -40.58
N GLY IA 351 85.33 -28.03 -40.59
CA GLY IA 351 86.50 -28.73 -41.11
C GLY IA 351 86.57 -28.78 -42.62
N ASP IA 352 86.01 -27.77 -43.27
CA ASP IA 352 85.86 -27.73 -44.73
C ASP IA 352 85.23 -29.02 -45.23
N ASN IA 353 84.20 -29.48 -44.52
CA ASN IA 353 83.41 -30.64 -44.90
C ASN IA 353 81.96 -30.19 -45.06
N LYS IA 354 81.46 -30.23 -46.29
CA LYS IA 354 80.08 -29.86 -46.59
C LYS IA 354 79.28 -31.11 -46.91
N TYR IA 355 77.97 -30.99 -46.76
CA TYR IA 355 77.08 -32.11 -47.07
C TYR IA 355 77.20 -32.48 -48.54
N THR IA 356 77.50 -33.75 -48.81
CA THR IA 356 77.63 -34.24 -50.18
C THR IA 356 76.45 -35.14 -50.50
N PRO IA 357 75.57 -34.75 -51.43
CA PRO IA 357 74.40 -35.58 -51.73
C PRO IA 357 74.79 -36.90 -52.36
N ASP IA 358 73.97 -37.92 -52.08
CA ASP IA 358 74.22 -39.27 -52.59
C ASP IA 358 73.43 -39.45 -53.88
N ASP IA 359 74.15 -39.52 -55.01
CA ASP IA 359 73.53 -39.70 -56.31
C ASP IA 359 73.21 -41.15 -56.63
N SER IA 360 73.69 -42.10 -55.82
CA SER IA 360 73.50 -43.53 -56.06
C SER IA 360 72.13 -44.03 -55.56
N THR IA 361 71.13 -43.16 -55.47
CA THR IA 361 69.78 -43.57 -55.05
C THR IA 361 69.04 -44.11 -56.26
N GLY IA 362 69.19 -45.41 -56.50
CA GLY IA 362 68.58 -46.02 -57.67
C GLY IA 362 67.13 -46.40 -57.50
N GLY IA 363 66.58 -46.22 -56.31
CA GLY IA 363 65.18 -46.52 -56.08
C GLY IA 363 64.28 -45.59 -56.87
N LEU IA 364 63.44 -46.15 -57.74
CA LEU IA 364 62.55 -45.36 -58.58
C LEU IA 364 61.57 -44.57 -57.71
N THR IA 365 62.02 -43.45 -57.18
CA THR IA 365 61.19 -42.60 -56.32
C THR IA 365 60.47 -41.53 -57.15
N THR IA 366 59.79 -41.97 -58.20
CA THR IA 366 59.01 -41.08 -59.05
C THR IA 366 57.67 -40.79 -58.38
N ASN IA 367 56.80 -40.08 -59.09
CA ASN IA 367 55.49 -39.69 -58.61
C ASN IA 367 55.55 -38.89 -57.31
N ALA IA 368 56.72 -38.30 -57.02
CA ALA IA 368 57.04 -37.45 -55.88
C ALA IA 368 57.08 -35.99 -56.30
N PRO IA 369 56.74 -35.08 -55.39
CA PRO IA 369 56.76 -33.65 -55.72
C PRO IA 369 58.15 -33.21 -56.12
N PRO IA 370 58.26 -32.10 -56.87
CA PRO IA 370 59.58 -31.61 -57.28
C PRO IA 370 60.45 -31.24 -56.09
N GLN IA 371 61.73 -31.01 -56.38
CA GLN IA 371 62.72 -30.74 -55.35
C GLN IA 371 62.97 -29.26 -55.13
N GLY IA 372 62.68 -28.41 -56.11
CA GLY IA 372 62.86 -26.98 -55.95
C GLY IA 372 61.56 -26.21 -55.99
N ARG IA 373 61.60 -24.98 -56.49
CA ARG IA 373 60.42 -24.13 -56.61
C ARG IA 373 60.24 -23.65 -58.05
N ASP IA 374 60.62 -24.48 -59.02
CA ASP IA 374 60.50 -24.12 -60.42
C ASP IA 374 59.05 -24.25 -60.87
N VAL IA 375 58.50 -23.18 -61.43
CA VAL IA 375 57.13 -23.22 -61.94
C VAL IA 375 57.01 -24.28 -63.03
N VAL IA 376 58.06 -24.42 -63.85
CA VAL IA 376 58.00 -25.32 -64.99
C VAL IA 376 57.90 -26.77 -64.54
N GLU IA 377 58.45 -27.11 -63.38
CA GLU IA 377 58.36 -28.47 -62.86
C GLU IA 377 57.08 -28.69 -62.07
N TRP IA 378 56.67 -27.71 -61.25
CA TRP IA 378 55.48 -27.88 -60.44
C TRP IA 378 54.21 -27.85 -61.29
N LEU IA 379 54.25 -27.20 -62.44
CA LEU IA 379 53.11 -27.27 -63.36
C LEU IA 379 52.96 -28.66 -63.96
N GLY IA 380 54.09 -29.32 -64.24
CA GLY IA 380 54.02 -30.69 -64.72
C GLY IA 380 53.58 -31.66 -63.64
N TRP IA 381 54.12 -31.49 -62.42
CA TRP IA 381 53.63 -32.28 -61.29
C TRP IA 381 52.14 -32.10 -61.10
N PHE IA 382 51.66 -30.86 -61.17
CA PHE IA 382 50.23 -30.59 -61.06
C PHE IA 382 49.46 -31.23 -62.21
N GLU IA 383 50.07 -31.29 -63.40
CA GLU IA 383 49.43 -31.97 -64.52
C GLU IA 383 49.33 -33.48 -64.27
N ASP IA 384 50.31 -34.05 -63.57
CA ASP IA 384 50.23 -35.46 -63.21
C ASP IA 384 49.06 -35.74 -62.26
N GLN IA 385 48.67 -34.73 -61.47
CA GLN IA 385 47.54 -34.85 -60.55
C GLN IA 385 46.21 -34.49 -61.20
N ASN IA 386 46.15 -34.50 -62.53
CA ASN IA 386 44.93 -34.18 -63.28
C ASN IA 386 44.39 -32.80 -62.93
N ARG IA 387 45.29 -31.85 -62.72
CA ARG IA 387 44.97 -30.44 -62.45
C ARG IA 387 44.01 -30.28 -61.28
N LYS IA 388 43.90 -31.29 -60.42
CA LYS IA 388 43.10 -31.22 -59.21
C LYS IA 388 44.02 -31.30 -58.00
N PRO IA 389 43.82 -30.44 -57.00
CA PRO IA 389 44.70 -30.45 -55.83
C PRO IA 389 44.64 -31.79 -55.10
N THR IA 390 45.82 -32.34 -54.82
CA THR IA 390 45.91 -33.61 -54.12
C THR IA 390 45.38 -33.48 -52.70
N PRO IA 391 44.99 -34.60 -52.07
CA PRO IA 391 44.52 -34.51 -50.68
C PRO IA 391 45.56 -33.96 -49.71
N ASP IA 392 46.85 -34.10 -50.03
CA ASP IA 392 47.88 -33.50 -49.18
C ASP IA 392 48.02 -32.00 -49.42
N MET IA 393 47.61 -31.50 -50.59
CA MET IA 393 47.56 -30.06 -50.80
C MET IA 393 46.44 -29.43 -49.98
N MET IA 394 45.22 -29.93 -50.16
CA MET IA 394 44.09 -29.42 -49.37
C MET IA 394 44.30 -29.65 -47.89
N GLN IA 395 44.96 -30.75 -47.51
CA GLN IA 395 45.26 -30.98 -46.11
C GLN IA 395 46.32 -30.00 -45.61
N TYR IA 396 47.31 -29.69 -46.45
CA TYR IA 396 48.29 -28.67 -46.07
C TYR IA 396 47.64 -27.31 -45.88
N ALA IA 397 46.64 -27.00 -46.70
CA ALA IA 397 45.91 -25.74 -46.53
C ALA IA 397 45.08 -25.77 -45.26
N LYS IA 398 44.43 -26.89 -44.98
CA LYS IA 398 43.68 -27.03 -43.73
C LYS IA 398 44.58 -26.80 -42.53
N ARG IA 399 45.76 -27.42 -42.52
CA ARG IA 399 46.71 -27.23 -41.43
C ARG IA 399 47.27 -25.81 -41.37
N ALA IA 400 46.97 -24.98 -42.36
CA ALA IA 400 47.40 -23.59 -42.35
C ALA IA 400 46.31 -22.62 -41.93
N VAL IA 401 45.05 -22.92 -42.24
CA VAL IA 401 43.94 -22.04 -41.87
C VAL IA 401 43.26 -22.44 -40.56
N MET IA 402 43.42 -23.68 -40.11
CA MET IA 402 42.85 -24.07 -38.84
C MET IA 402 43.60 -23.40 -37.69
N SER IA 403 42.95 -23.35 -36.54
CA SER IA 403 43.45 -22.63 -35.37
C SER IA 403 43.63 -21.13 -35.64
N LEU IA 404 42.83 -20.60 -36.57
CA LEU IA 404 42.75 -19.17 -36.81
C LEU IA 404 41.49 -18.64 -36.12
N GLN IA 405 41.66 -17.66 -35.24
CA GLN IA 405 40.56 -17.13 -34.45
C GLN IA 405 40.51 -15.62 -34.59
N GLY IA 406 39.32 -15.06 -34.38
CA GLY IA 406 39.12 -13.63 -34.50
C GLY IA 406 39.10 -13.12 -35.92
N LEU IA 407 38.57 -13.90 -36.87
CA LEU IA 407 38.56 -13.52 -38.27
C LEU IA 407 37.40 -12.59 -38.56
N ARG IA 408 37.71 -11.40 -39.08
CA ARG IA 408 36.68 -10.44 -39.44
C ARG IA 408 35.95 -10.89 -40.70
N GLU IA 409 34.74 -10.36 -40.88
CA GLU IA 409 33.97 -10.65 -42.08
C GLU IA 409 34.57 -9.94 -43.28
N LYS IA 410 34.24 -10.44 -44.47
CA LYS IA 410 34.66 -9.84 -45.74
C LYS IA 410 36.18 -9.75 -45.87
N THR IA 411 36.89 -10.70 -45.28
CA THR IA 411 38.34 -10.77 -45.37
C THR IA 411 38.76 -12.07 -46.05
N ILE IA 412 40.01 -12.09 -46.50
CA ILE IA 412 40.54 -13.33 -47.07
C ILE IA 412 40.88 -14.34 -45.98
N GLY IA 413 40.97 -13.92 -44.72
CA GLY IA 413 41.24 -14.87 -43.65
C GLY IA 413 40.05 -15.78 -43.39
N LYS IA 414 38.86 -15.20 -43.25
CA LYS IA 414 37.65 -16.01 -43.14
C LYS IA 414 37.34 -16.75 -44.43
N TYR IA 415 37.83 -16.25 -45.56
CA TYR IA 415 37.66 -16.97 -46.82
C TYR IA 415 38.50 -18.24 -46.82
N ALA IA 416 39.79 -18.13 -46.49
CA ALA IA 416 40.65 -19.30 -46.48
C ALA IA 416 40.24 -20.28 -45.38
N LYS IA 417 39.89 -19.77 -44.19
CA LYS IA 417 39.39 -20.64 -43.13
C LYS IA 417 38.12 -21.35 -43.55
N SER IA 418 37.16 -20.61 -44.11
CA SER IA 418 35.90 -21.21 -44.55
C SER IA 418 36.07 -22.13 -45.75
N GLU IA 419 37.19 -22.02 -46.46
CA GLU IA 419 37.41 -22.81 -47.67
C GLU IA 419 38.19 -24.09 -47.41
N PHE IA 420 39.19 -24.05 -46.52
CA PHE IA 420 40.06 -25.19 -46.32
C PHE IA 420 39.86 -25.91 -44.98
N ASP IA 421 39.07 -25.36 -44.07
CA ASP IA 421 38.83 -25.99 -42.77
C ASP IA 421 37.43 -26.61 -42.78
N LYS IA 422 37.37 -27.81 -43.36
CA LYS IA 422 36.15 -28.64 -43.34
C LYS IA 422 36.44 -30.01 -43.92
N GLN JA 1 75.60 -26.23 -62.80
CA GLN JA 1 76.24 -27.43 -62.26
C GLN JA 1 75.77 -28.68 -62.99
N VAL JA 2 74.54 -28.64 -63.50
CA VAL JA 2 73.99 -29.77 -64.23
C VAL JA 2 74.77 -29.96 -65.53
N GLN JA 3 75.13 -31.20 -65.83
CA GLN JA 3 75.85 -31.48 -67.06
C GLN JA 3 75.64 -32.93 -67.47
N LEU JA 4 75.64 -33.14 -68.79
CA LEU JA 4 75.53 -34.46 -69.40
C LEU JA 4 76.76 -34.66 -70.28
N VAL JA 5 77.51 -35.74 -70.02
CA VAL JA 5 78.78 -35.99 -70.69
C VAL JA 5 78.61 -37.17 -71.63
N GLU JA 6 78.89 -36.96 -72.90
CA GLU JA 6 78.79 -38.00 -73.92
C GLU JA 6 80.17 -38.59 -74.21
N THR JA 7 80.27 -39.92 -74.15
CA THR JA 7 81.46 -40.64 -74.53
C THR JA 7 81.07 -41.77 -75.48
N GLY JA 8 82.04 -42.29 -76.21
CA GLY JA 8 81.84 -43.45 -77.05
C GLY JA 8 81.63 -43.19 -78.51
N GLY JA 9 82.08 -42.05 -79.03
CA GLY JA 9 82.00 -41.77 -80.45
C GLY JA 9 83.27 -42.17 -81.19
N GLY JA 10 83.19 -42.10 -82.51
CA GLY JA 10 84.33 -42.43 -83.33
C GLY JA 10 83.92 -42.68 -84.77
N LEU JA 11 84.89 -43.16 -85.55
CA LEU JA 11 84.71 -43.47 -86.95
C LEU JA 11 84.68 -44.98 -87.13
N VAL JA 12 83.69 -45.47 -87.88
CA VAL JA 12 83.52 -46.90 -88.14
C VAL JA 12 83.09 -47.10 -89.59
N GLN JA 13 83.14 -48.35 -90.02
CA GLN JA 13 82.70 -48.73 -91.35
C GLN JA 13 81.20 -49.03 -91.33
N THR JA 14 80.58 -48.98 -92.52
CA THR JA 14 79.16 -49.24 -92.65
C THR JA 14 78.83 -50.64 -92.14
N GLY JA 15 77.73 -50.75 -91.41
CA GLY JA 15 77.34 -51.99 -90.78
C GLY JA 15 77.97 -52.23 -89.43
N GLY JA 16 78.80 -51.32 -88.94
CA GLY JA 16 79.40 -51.43 -87.63
C GLY JA 16 78.44 -51.02 -86.53
N SER JA 17 79.01 -50.83 -85.34
CA SER JA 17 78.19 -50.51 -84.18
C SER JA 17 79.02 -49.70 -83.18
N LEU JA 18 78.32 -48.89 -82.40
CA LEU JA 18 78.92 -48.11 -81.32
C LEU JA 18 77.96 -48.10 -80.15
N ARG JA 19 78.44 -47.62 -79.00
CA ARG JA 19 77.60 -47.43 -77.82
C ARG JA 19 77.93 -46.08 -77.21
N LEU JA 20 76.99 -45.14 -77.32
CA LEU JA 20 77.14 -43.81 -76.73
C LEU JA 20 76.67 -43.83 -75.28
N SER JA 21 77.55 -43.41 -74.38
CA SER JA 21 77.23 -43.29 -72.97
C SER JA 21 77.05 -41.82 -72.61
N CYS JA 22 76.06 -41.53 -71.77
CA CYS JA 22 75.79 -40.17 -71.33
C CYS JA 22 75.68 -40.16 -69.81
N LYS JA 23 76.65 -39.53 -69.15
CA LYS JA 23 76.67 -39.39 -67.71
C LYS JA 23 75.92 -38.13 -67.32
N ALA JA 24 74.80 -38.29 -66.61
CA ALA JA 24 73.95 -37.18 -66.20
C ALA JA 24 74.24 -36.88 -64.74
N SER JA 25 74.80 -35.69 -64.48
CA SER JA 25 75.16 -35.31 -63.12
C SER JA 25 74.71 -33.88 -62.87
N GLY JA 26 74.66 -33.52 -61.58
CA GLY JA 26 74.30 -32.17 -61.18
C GLY JA 26 72.99 -32.09 -60.43
N ARG JA 27 71.98 -32.85 -60.88
CA ARG JA 27 70.66 -32.83 -60.28
C ARG JA 27 70.11 -34.25 -60.27
N THR JA 28 68.83 -34.38 -59.98
CA THR JA 28 68.12 -35.65 -59.99
C THR JA 28 67.21 -35.72 -61.21
N PHE JA 29 67.25 -36.84 -61.92
CA PHE JA 29 66.48 -37.04 -63.15
C PHE JA 29 65.43 -38.13 -62.99
N SER JA 30 64.83 -38.21 -61.79
CA SER JA 30 63.82 -39.25 -61.54
C SER JA 30 62.59 -39.05 -62.41
N ASN JA 31 62.00 -37.86 -62.37
CA ASN JA 31 60.84 -37.52 -63.18
C ASN JA 31 61.25 -36.76 -64.44
N SER JA 32 62.38 -37.14 -65.03
CA SER JA 32 62.95 -36.45 -66.18
C SER JA 32 62.94 -37.38 -67.39
N ILE JA 33 62.72 -36.80 -68.56
CA ILE JA 33 62.76 -37.55 -69.82
C ILE JA 33 64.16 -37.38 -70.42
N MET JA 34 64.87 -38.49 -70.56
CA MET JA 34 66.17 -38.44 -71.20
C MET JA 34 66.02 -38.64 -72.71
N GLY JA 35 67.00 -38.16 -73.46
CA GLY JA 35 66.88 -38.23 -74.90
C GLY JA 35 68.21 -38.04 -75.60
N TRP JA 36 68.21 -38.36 -76.89
CA TRP JA 36 69.37 -38.23 -77.75
C TRP JA 36 69.00 -37.40 -78.97
N PHE JA 37 69.95 -36.60 -79.43
CA PHE JA 37 69.79 -35.81 -80.65
C PHE JA 37 71.05 -35.93 -81.48
N ARG JA 38 70.96 -35.50 -82.73
CA ARG JA 38 72.12 -35.48 -83.61
C ARG JA 38 71.98 -34.34 -84.60
N GLN JA 39 73.12 -33.82 -85.05
CA GLN JA 39 73.16 -32.75 -86.01
C GLN JA 39 74.33 -32.97 -86.96
N ALA JA 40 74.06 -32.87 -88.26
CA ALA JA 40 75.10 -32.87 -89.28
C ALA JA 40 75.39 -31.43 -89.69
N PRO JA 41 76.67 -31.07 -89.83
CA PRO JA 41 77.02 -29.69 -90.23
C PRO JA 41 76.34 -29.32 -91.54
N GLY JA 42 75.74 -28.14 -91.57
CA GLY JA 42 74.92 -27.71 -92.67
C GLY JA 42 73.46 -28.11 -92.57
N LYS JA 43 73.10 -28.96 -91.61
CA LYS JA 43 71.73 -29.37 -91.39
C LYS JA 43 71.38 -29.17 -89.92
N GLU JA 44 70.08 -29.11 -89.66
CA GLU JA 44 69.59 -28.78 -88.33
C GLU JA 44 69.68 -29.99 -87.39
N ARG JA 45 69.41 -29.73 -86.10
CA ARG JA 45 69.42 -30.77 -85.10
C ARG JA 45 68.19 -31.65 -85.25
N ASP JA 46 68.40 -32.95 -85.41
CA ASP JA 46 67.31 -33.89 -85.65
C ASP JA 46 67.19 -34.88 -84.50
N PHE JA 47 65.97 -35.38 -84.30
CA PHE JA 47 65.65 -36.28 -83.20
C PHE JA 47 65.87 -37.73 -83.63
N VAL JA 48 66.42 -38.53 -82.72
CA VAL JA 48 66.72 -39.94 -82.98
C VAL JA 48 65.95 -40.86 -82.03
N ALA JA 49 65.95 -40.54 -80.74
CA ALA JA 49 65.31 -41.41 -79.74
C ALA JA 49 65.21 -40.65 -78.43
N LYS JA 50 64.26 -41.06 -77.60
CA LYS JA 50 64.10 -40.52 -76.26
C LYS JA 50 63.48 -41.59 -75.38
N ILE JA 51 63.95 -41.69 -74.15
CA ILE JA 51 63.41 -42.60 -73.16
C ILE JA 51 62.80 -41.78 -72.03
N SER JA 52 61.61 -42.18 -71.61
CA SER JA 52 60.88 -41.46 -70.58
C SER JA 52 61.22 -42.03 -69.20
N TRP JA 53 60.69 -41.38 -68.16
CA TRP JA 53 60.74 -41.91 -66.81
C TRP JA 53 59.54 -42.79 -66.50
N ARG JA 54 58.51 -42.78 -67.35
CA ARG JA 54 57.33 -43.61 -67.17
C ARG JA 54 57.56 -44.94 -67.89
N ASN JA 55 57.88 -45.98 -67.13
CA ASN JA 55 57.97 -47.35 -67.63
C ASN JA 55 58.97 -47.50 -68.77
N ASP JA 56 59.94 -46.59 -68.87
CA ASP JA 56 60.97 -46.63 -69.92
C ASP JA 56 60.35 -46.65 -71.31
N TYR JA 57 59.35 -45.79 -71.53
CA TYR JA 57 58.71 -45.68 -72.83
C TYR JA 57 59.68 -45.04 -73.82
N THR JA 58 59.99 -45.77 -74.89
CA THR JA 58 61.00 -45.36 -75.86
C THR JA 58 60.33 -44.86 -77.13
N THR JA 59 60.82 -43.73 -77.64
CA THR JA 59 60.35 -43.16 -78.90
C THR JA 59 61.54 -43.07 -79.84
N TYR JA 60 61.41 -43.68 -81.02
CA TYR JA 60 62.49 -43.72 -82.01
C TYR JA 60 62.04 -43.03 -83.29
N ALA JA 61 63.01 -42.45 -83.99
CA ALA JA 61 62.75 -41.88 -85.31
C ALA JA 61 62.71 -42.99 -86.35
N ASP JA 62 61.91 -42.76 -87.39
CA ASP JA 62 61.78 -43.75 -88.47
C ASP JA 62 63.13 -44.04 -89.12
N SER JA 63 64.05 -43.07 -89.09
CA SER JA 63 65.37 -43.27 -89.67
C SER JA 63 66.26 -44.19 -88.85
N VAL JA 64 65.86 -44.51 -87.61
CA VAL JA 64 66.67 -45.34 -86.73
C VAL JA 64 65.91 -46.52 -86.15
N LYS JA 65 64.64 -46.71 -86.53
CA LYS JA 65 63.87 -47.84 -86.02
C LYS JA 65 64.53 -49.16 -86.40
N GLY JA 66 64.67 -50.04 -85.41
CA GLY JA 66 65.27 -51.34 -85.62
C GLY JA 66 66.78 -51.37 -85.65
N ARG JA 67 67.43 -50.22 -85.61
CA ARG JA 67 68.89 -50.14 -85.63
C ARG JA 67 69.48 -49.58 -84.34
N PHE JA 68 68.84 -48.59 -83.74
CA PHE JA 68 69.31 -48.00 -82.49
C PHE JA 68 68.42 -48.45 -81.34
N THR JA 69 69.00 -48.52 -80.15
CA THR JA 69 68.29 -48.99 -78.96
C THR JA 69 68.69 -48.09 -77.79
N ILE JA 70 67.75 -47.29 -77.31
CA ILE JA 70 68.02 -46.37 -76.21
C ILE JA 70 67.73 -47.07 -74.89
N SER JA 71 68.54 -46.78 -73.88
CA SER JA 71 68.32 -47.33 -72.54
C SER JA 71 68.76 -46.30 -71.51
N ARG JA 72 68.30 -46.49 -70.27
CA ARG JA 72 68.68 -45.61 -69.18
C ARG JA 72 68.83 -46.42 -67.90
N ASP JA 73 69.74 -45.95 -67.05
CA ASP JA 73 69.96 -46.51 -65.72
C ASP JA 73 69.97 -45.34 -64.74
N ASN JA 74 68.93 -45.26 -63.91
CA ASN JA 74 68.84 -44.21 -62.90
C ASN JA 74 69.79 -44.46 -61.74
N ALA JA 75 70.12 -45.73 -61.48
CA ALA JA 75 71.05 -46.04 -60.39
C ALA JA 75 72.42 -45.43 -60.63
N SER JA 76 72.92 -45.51 -61.86
CA SER JA 76 74.20 -44.92 -62.23
C SER JA 76 74.06 -43.55 -62.88
N ASN JA 77 72.83 -43.06 -63.05
CA ASN JA 77 72.56 -41.77 -63.68
C ASN JA 77 73.19 -41.68 -65.05
N MET JA 78 72.98 -42.73 -65.86
CA MET JA 78 73.52 -42.77 -67.21
C MET JA 78 72.43 -43.15 -68.19
N VAL JA 79 72.57 -42.67 -69.43
CA VAL JA 79 71.66 -43.04 -70.51
C VAL JA 79 72.49 -43.40 -71.73
N TYR JA 80 72.22 -44.57 -72.30
CA TYR JA 80 73.00 -45.13 -73.39
C TYR JA 80 72.18 -45.17 -74.68
N LEU JA 81 72.90 -45.07 -75.80
CA LEU JA 81 72.35 -45.26 -77.13
C LEU JA 81 73.16 -46.33 -77.83
N LEU JA 82 72.53 -47.46 -78.14
CA LEU JA 82 73.18 -48.56 -78.84
C LEU JA 82 72.96 -48.41 -80.33
N MET JA 83 74.04 -48.23 -81.08
CA MET JA 83 73.98 -47.95 -82.51
C MET JA 83 74.48 -49.18 -83.27
N ASN JA 84 73.54 -50.04 -83.66
CA ASN JA 84 73.83 -51.22 -84.47
C ASN JA 84 73.38 -50.99 -85.90
N ASN JA 85 74.06 -51.66 -86.84
CA ASN JA 85 73.76 -51.56 -88.27
C ASN JA 85 73.79 -50.10 -88.72
N LEU JA 86 75.00 -49.54 -88.69
CA LEU JA 86 75.19 -48.13 -88.99
C LEU JA 86 75.23 -47.87 -90.49
N LYS JA 87 74.73 -46.71 -90.88
CA LYS JA 87 74.75 -46.21 -92.25
C LYS JA 87 75.54 -44.91 -92.31
N PRO JA 88 76.13 -44.59 -93.46
CA PRO JA 88 76.78 -43.26 -93.59
C PRO JA 88 75.81 -42.11 -93.41
N GLU JA 89 74.50 -42.36 -93.59
CA GLU JA 89 73.49 -41.36 -93.28
C GLU JA 89 73.51 -41.01 -91.79
N ASP JA 90 73.98 -41.91 -90.94
CA ASP JA 90 74.07 -41.69 -89.50
C ASP JA 90 75.33 -40.95 -89.07
N THR JA 91 76.06 -40.33 -90.01
CA THR JA 91 77.26 -39.58 -89.67
C THR JA 91 76.86 -38.18 -89.21
N ALA JA 92 77.13 -37.87 -87.94
CA ALA JA 92 76.72 -36.60 -87.36
C ALA JA 92 77.38 -36.45 -85.99
N VAL JA 93 77.01 -35.37 -85.29
CA VAL JA 93 77.43 -35.14 -83.91
C VAL JA 93 76.23 -35.40 -83.02
N TYR JA 94 76.40 -36.23 -82.00
CA TYR JA 94 75.32 -36.68 -81.15
C TYR JA 94 75.38 -35.99 -79.80
N TYR JA 95 74.26 -35.43 -79.38
CA TYR JA 95 74.12 -34.73 -78.11
C TYR JA 95 73.16 -35.48 -77.20
N CYS JA 96 73.39 -35.36 -75.90
CA CYS JA 96 72.53 -35.94 -74.87
C CYS JA 96 71.66 -34.82 -74.29
N ALA JA 97 70.36 -35.08 -74.16
CA ALA JA 97 69.41 -34.07 -73.71
C ALA JA 97 68.61 -34.58 -72.52
N ALA JA 98 68.28 -33.67 -71.61
CA ALA JA 98 67.53 -33.98 -70.41
C ALA JA 98 66.43 -32.95 -70.20
N THR JA 99 65.34 -33.39 -69.59
CA THR JA 99 64.13 -32.59 -69.44
C THR JA 99 63.88 -32.30 -67.98
N LYS JA 100 63.43 -31.07 -67.69
CA LYS JA 100 63.05 -30.71 -66.33
C LYS JA 100 61.99 -31.66 -65.79
N ALA JA 101 61.93 -31.78 -64.46
CA ALA JA 101 61.04 -32.75 -63.83
C ALA JA 101 59.60 -32.55 -64.27
N TYR JA 102 58.93 -33.66 -64.59
CA TYR JA 102 57.52 -33.71 -64.99
C TYR JA 102 57.22 -32.90 -66.25
N ASN JA 103 58.25 -32.47 -66.97
CA ASN JA 103 58.05 -31.68 -68.18
C ASN JA 103 58.08 -32.57 -69.41
N GLY JA 104 57.57 -32.05 -70.51
CA GLY JA 104 57.54 -32.81 -71.74
C GLY JA 104 58.89 -32.86 -72.43
N GLY JA 105 59.06 -33.92 -73.22
CA GLY JA 105 60.24 -34.06 -74.06
C GLY JA 105 59.84 -34.26 -75.50
N GLU JA 106 59.98 -33.23 -76.32
CA GLU JA 106 59.44 -33.24 -77.67
C GLU JA 106 60.52 -33.50 -78.71
N THR JA 107 60.10 -34.03 -79.86
CA THR JA 107 61.03 -34.40 -80.92
C THR JA 107 61.61 -33.18 -81.63
N SER JA 108 61.02 -32.00 -81.45
CA SER JA 108 61.51 -30.77 -82.08
C SER JA 108 62.48 -30.00 -81.20
N GLY JA 109 62.96 -30.60 -80.12
CA GLY JA 109 63.75 -29.88 -79.15
C GLY JA 109 62.96 -29.09 -78.13
N ARG JA 110 61.64 -28.98 -78.32
CA ARG JA 110 60.81 -28.34 -77.31
C ARG JA 110 60.89 -29.11 -76.01
N GLY JA 111 61.15 -28.39 -74.92
CA GLY JA 111 61.58 -29.04 -73.70
C GLY JA 111 63.08 -29.28 -73.74
N PHE JA 112 63.51 -30.34 -73.06
CA PHE JA 112 64.92 -30.73 -73.00
C PHE JA 112 65.81 -29.52 -72.65
N TYR JA 113 65.70 -29.14 -71.37
CA TYR JA 113 66.36 -27.93 -70.91
C TYR JA 113 67.88 -28.07 -70.93
N TYR JA 114 68.39 -29.25 -70.60
CA TYR JA 114 69.81 -29.50 -70.51
C TYR JA 114 70.32 -30.23 -71.74
N TRP JA 115 71.51 -29.84 -72.21
CA TRP JA 115 72.16 -30.47 -73.34
C TRP JA 115 73.63 -30.72 -73.01
N GLY JA 116 74.27 -31.55 -73.83
CA GLY JA 116 75.67 -31.87 -73.66
C GLY JA 116 76.52 -31.33 -74.81
N GLN JA 117 77.83 -31.39 -74.59
CA GLN JA 117 78.76 -30.86 -75.60
C GLN JA 117 78.72 -31.69 -76.88
N GLY JA 118 78.51 -32.99 -76.77
CA GLY JA 118 78.34 -33.85 -77.93
C GLY JA 118 79.57 -34.69 -78.20
N THR JA 119 79.34 -35.77 -78.94
CA THR JA 119 80.42 -36.67 -79.40
C THR JA 119 80.25 -36.91 -80.89
N GLN JA 120 81.38 -37.07 -81.58
CA GLN JA 120 81.39 -37.19 -83.02
C GLN JA 120 81.23 -38.65 -83.44
N VAL JA 121 80.35 -38.90 -84.42
CA VAL JA 121 80.14 -40.23 -84.97
C VAL JA 121 80.26 -40.15 -86.48
N THR JA 122 81.22 -40.88 -87.04
CA THR JA 122 81.46 -40.93 -88.46
C THR JA 122 81.28 -42.35 -88.96
N VAL JA 123 80.48 -42.52 -90.01
CA VAL JA 123 80.23 -43.82 -90.62
C VAL JA 123 80.65 -43.74 -92.08
N SER JA 124 81.71 -44.46 -92.44
CA SER JA 124 82.23 -44.48 -93.79
C SER JA 124 82.08 -45.89 -94.37
N SER JA 125 82.44 -46.02 -95.65
CA SER JA 125 82.36 -47.30 -96.33
C SER JA 125 83.71 -48.02 -96.33
N SER KA 2 -71.85 10.84 59.30
CA SER KA 2 -73.05 10.75 58.47
C SER KA 2 -74.06 11.84 58.83
N VAL KA 3 -74.28 12.77 57.90
CA VAL KA 3 -75.19 13.89 58.10
C VAL KA 3 -75.99 14.10 56.82
N THR KA 4 -77.27 14.45 56.98
CA THR KA 4 -78.17 14.56 55.84
C THR KA 4 -77.73 15.66 54.89
N VAL KA 5 -77.64 15.32 53.61
CA VAL KA 5 -77.30 16.26 52.55
C VAL KA 5 -78.45 16.28 51.55
N LYS KA 6 -78.92 17.47 51.22
CA LYS KA 6 -80.07 17.63 50.33
C LYS KA 6 -79.72 18.59 49.19
N ARG KA 7 -80.42 18.41 48.07
CA ARG KA 7 -80.27 19.26 46.90
C ARG KA 7 -81.20 20.46 47.04
N ILE KA 8 -80.63 21.66 47.02
CA ILE KA 8 -81.39 22.85 47.40
C ILE KA 8 -82.42 23.25 46.34
N ILE KA 9 -82.28 22.77 45.11
CA ILE KA 9 -83.19 23.19 44.05
C ILE KA 9 -84.59 22.62 44.28
N ASP KA 10 -84.68 21.38 44.77
CA ASP KA 10 -85.98 20.75 44.99
C ASP KA 10 -86.04 19.98 46.31
N ASN KA 11 -85.16 20.29 47.25
CA ASN KA 11 -85.12 19.65 48.57
C ASN KA 11 -85.02 18.14 48.49
N THR KA 12 -84.50 17.61 47.37
CA THR KA 12 -84.25 16.18 47.27
C THR KA 12 -83.08 15.79 48.16
N VAL KA 13 -83.25 14.69 48.89
CA VAL KA 13 -82.21 14.20 49.79
C VAL KA 13 -81.29 13.27 49.01
N ILE KA 14 -79.99 13.50 49.12
CA ILE KA 14 -78.97 12.69 48.45
C ILE KA 14 -78.07 12.08 49.51
N VAL KA 15 -77.63 10.85 49.26
CA VAL KA 15 -76.79 10.12 50.21
C VAL KA 15 -75.46 9.80 49.54
N PRO KA 16 -74.47 10.71 49.61
CA PRO KA 16 -73.17 10.44 48.98
C PRO KA 16 -72.43 9.35 49.74
N LYS KA 17 -72.06 8.29 49.02
CA LYS KA 17 -71.34 7.16 49.60
C LYS KA 17 -70.30 6.67 48.60
N LEU KA 18 -69.22 6.08 49.14
CA LEU KA 18 -68.09 5.63 48.34
C LEU KA 18 -67.92 4.12 48.44
N PRO KA 19 -67.33 3.50 47.42
CA PRO KA 19 -66.95 2.08 47.55
C PRO KA 19 -65.88 1.92 48.62
N ALA KA 20 -66.18 1.08 49.60
CA ALA KA 20 -65.28 0.87 50.72
C ALA KA 20 -64.30 -0.27 50.44
N ASN KA 21 -63.22 -0.29 51.20
CA ASN KA 21 -62.26 -1.39 51.18
C ASN KA 21 -61.79 -1.60 52.60
N GLU KA 22 -62.02 -2.80 53.14
CA GLU KA 22 -61.60 -3.12 54.50
C GLU KA 22 -60.09 -2.97 54.62
N ASP KA 23 -59.36 -3.91 54.01
CA ASP KA 23 -57.91 -4.01 54.16
C ASP KA 23 -57.49 -3.87 55.64
N PRO KA 24 -57.99 -4.74 56.52
CA PRO KA 24 -57.68 -4.59 57.94
C PRO KA 24 -56.21 -4.81 58.21
N VAL KA 25 -55.78 -4.36 59.40
CA VAL KA 25 -54.39 -4.45 59.84
C VAL KA 25 -54.30 -5.54 60.89
N GLU KA 26 -53.31 -6.42 60.75
CA GLU KA 26 -53.08 -7.52 61.68
C GLU KA 26 -51.79 -7.24 62.46
N TYR KA 27 -51.94 -7.02 63.77
CA TYR KA 27 -50.80 -6.79 64.63
C TYR KA 27 -50.17 -8.13 65.05
N PRO KA 28 -48.87 -8.13 65.35
CA PRO KA 28 -48.22 -9.42 65.70
C PRO KA 28 -48.73 -10.03 66.98
N ALA KA 29 -48.96 -9.23 68.03
CA ALA KA 29 -49.40 -9.78 69.30
C ALA KA 29 -50.79 -10.41 69.24
N ASP KA 30 -51.60 -10.04 68.24
CA ASP KA 30 -52.89 -10.70 68.07
C ASP KA 30 -52.75 -12.10 67.50
N TYR KA 31 -51.57 -12.46 67.00
CA TYR KA 31 -51.32 -13.81 66.51
C TYR KA 31 -50.94 -14.75 67.67
N PHE KA 32 -50.06 -14.28 68.56
CA PHE KA 32 -49.54 -15.15 69.61
C PHE KA 32 -50.58 -15.47 70.68
N ARG KA 33 -51.63 -14.66 70.81
CA ARG KA 33 -52.71 -15.02 71.72
C ARG KA 33 -53.56 -16.15 71.17
N LYS KA 34 -53.39 -16.51 69.91
CA LYS KA 34 -54.08 -17.64 69.28
C LYS KA 34 -53.21 -18.89 69.25
N SER KA 35 -51.95 -18.74 68.83
CA SER KA 35 -50.98 -19.84 68.79
C SER KA 35 -49.69 -19.37 69.44
N LYS KA 36 -49.19 -20.15 70.40
CA LYS KA 36 -48.00 -19.78 71.14
C LYS KA 36 -46.71 -20.28 70.50
N GLU KA 37 -46.76 -20.73 69.25
CA GLU KA 37 -45.55 -21.13 68.54
C GLU KA 37 -45.81 -21.08 67.04
N ILE KA 38 -44.75 -20.76 66.29
CA ILE KA 38 -44.81 -20.67 64.84
C ILE KA 38 -44.42 -22.03 64.26
N PRO KA 39 -45.18 -22.57 63.29
CA PRO KA 39 -44.80 -23.86 62.70
C PRO KA 39 -43.94 -23.70 61.46
N LEU KA 40 -42.89 -24.51 61.39
CA LEU KA 40 -42.04 -24.61 60.21
C LEU KA 40 -42.24 -25.99 59.60
N TYR KA 41 -42.80 -26.04 58.40
CA TYR KA 41 -43.04 -27.29 57.69
C TYR KA 41 -41.78 -27.67 56.90
N ILE KA 42 -41.16 -28.79 57.29
CA ILE KA 42 -39.91 -29.23 56.68
C ILE KA 42 -40.02 -30.73 56.40
N ASN KA 43 -39.21 -31.18 55.44
CA ASN KA 43 -39.15 -32.58 55.05
C ASN KA 43 -37.81 -33.15 55.50
N THR KA 44 -37.87 -34.18 56.35
CA THR KA 44 -36.68 -34.73 56.98
C THR KA 44 -36.32 -36.12 56.47
N THR KA 45 -36.95 -36.59 55.39
CA THR KA 45 -36.70 -37.95 54.91
C THR KA 45 -35.29 -38.07 54.34
N LYS KA 46 -35.01 -37.34 53.25
CA LYS KA 46 -33.73 -37.47 52.56
C LYS KA 46 -32.59 -37.01 53.46
N SER KA 47 -31.37 -37.45 53.10
CA SER KA 47 -30.19 -37.18 53.89
C SER KA 47 -29.63 -35.79 53.54
N LEU KA 48 -28.47 -35.46 54.09
CA LEU KA 48 -27.83 -34.18 53.80
C LEU KA 48 -27.02 -34.25 52.51
N SER KA 49 -26.14 -35.26 52.40
CA SER KA 49 -25.30 -35.39 51.22
C SER KA 49 -26.12 -35.64 49.96
N ASP KA 50 -27.34 -36.15 50.10
CA ASP KA 50 -28.25 -36.24 48.96
C ASP KA 50 -28.70 -34.84 48.54
N LEU KA 51 -29.38 -34.14 49.44
CA LEU KA 51 -29.95 -32.83 49.10
C LEU KA 51 -28.88 -31.83 48.67
N ARG KA 52 -27.64 -32.03 49.13
CA ARG KA 52 -26.56 -31.12 48.76
C ARG KA 52 -26.31 -31.13 47.25
N GLY KA 53 -26.23 -32.32 46.67
CA GLY KA 53 -26.09 -32.46 45.23
C GLY KA 53 -27.40 -32.19 44.51
N TYR KA 54 -28.51 -32.59 45.14
CA TYR KA 54 -29.84 -32.31 44.61
C TYR KA 54 -29.99 -30.82 44.29
N VAL KA 55 -29.64 -29.95 45.23
CA VAL KA 55 -29.89 -28.52 45.04
C VAL KA 55 -28.82 -27.90 44.15
N TYR KA 56 -27.62 -28.45 44.10
CA TYR KA 56 -26.61 -27.90 43.19
C TYR KA 56 -26.96 -28.19 41.74
N GLN KA 57 -27.14 -29.48 41.41
CA GLN KA 57 -27.56 -29.82 40.06
C GLN KA 57 -28.93 -29.24 39.73
N GLY KA 58 -29.75 -28.97 40.74
CA GLY KA 58 -30.97 -28.24 40.53
C GLY KA 58 -30.74 -26.78 40.18
N LEU KA 59 -29.72 -26.15 40.79
CA LEU KA 59 -29.42 -24.77 40.48
C LEU KA 59 -28.79 -24.62 39.10
N LYS KA 60 -27.88 -25.53 38.75
CA LYS KA 60 -27.23 -25.47 37.43
C LYS KA 60 -28.25 -25.50 36.30
N SER KA 61 -29.38 -26.16 36.52
CA SER KA 61 -30.48 -26.17 35.57
C SER KA 61 -31.56 -25.20 36.04
N GLY KA 62 -32.62 -25.08 35.24
CA GLY KA 62 -33.73 -24.23 35.62
C GLY KA 62 -34.70 -24.84 36.60
N ASN KA 63 -34.58 -26.14 36.88
CA ASN KA 63 -35.50 -26.85 37.74
C ASN KA 63 -34.88 -27.08 39.12
N VAL KA 64 -35.59 -26.63 40.16
CA VAL KA 64 -35.20 -26.90 41.53
C VAL KA 64 -36.46 -26.81 42.39
N SER KA 65 -36.53 -27.62 43.44
CA SER KA 65 -37.69 -27.68 44.31
C SER KA 65 -37.43 -26.86 45.56
N ILE KA 66 -38.38 -25.98 45.90
CA ILE KA 66 -38.24 -25.17 47.11
C ILE KA 66 -38.30 -26.06 48.34
N ILE KA 67 -38.99 -27.21 48.25
CA ILE KA 67 -38.98 -28.18 49.34
C ILE KA 67 -37.57 -28.71 49.56
N HIS KA 68 -36.82 -28.89 48.46
CA HIS KA 68 -35.45 -29.39 48.58
C HIS KA 68 -34.52 -28.34 49.18
N VAL KA 69 -34.74 -27.06 48.88
CA VAL KA 69 -33.85 -26.02 49.41
C VAL KA 69 -34.23 -25.68 50.84
N ASN KA 70 -35.48 -25.87 51.24
CA ASN KA 70 -35.85 -25.71 52.64
C ASN KA 70 -35.34 -26.88 53.46
N SER KA 71 -35.63 -28.10 53.02
CA SER KA 71 -35.15 -29.29 53.71
C SER KA 71 -33.64 -29.36 53.72
N TYR KA 72 -33.00 -28.72 52.74
CA TYR KA 72 -31.53 -28.67 52.73
C TYR KA 72 -31.00 -27.56 53.63
N LEU KA 73 -31.69 -26.42 53.66
CA LEU KA 73 -31.28 -25.33 54.54
C LEU KA 73 -31.41 -25.72 56.01
N TYR KA 74 -32.41 -26.54 56.34
CA TYR KA 74 -32.58 -26.97 57.72
C TYR KA 74 -31.40 -27.81 58.18
N GLY KA 75 -30.99 -28.79 57.38
CA GLY KA 75 -29.90 -29.66 57.79
C GLY KA 75 -28.55 -28.99 57.68
N ALA KA 76 -28.38 -28.15 56.67
CA ALA KA 76 -27.12 -27.44 56.48
C ALA KA 76 -26.94 -26.30 57.46
N LEU KA 77 -28.03 -25.81 58.07
CA LEU KA 77 -27.95 -24.70 59.00
C LEU KA 77 -28.12 -25.13 60.45
N LYS KA 78 -28.42 -26.39 60.72
CA LYS KA 78 -28.51 -26.86 62.09
C LYS KA 78 -27.12 -26.92 62.72
N ASP KA 79 -27.06 -27.41 63.96
CA ASP KA 79 -25.88 -27.42 64.83
C ASP KA 79 -25.10 -26.10 64.78
N ILE KA 80 -25.76 -25.03 64.35
CA ILE KA 80 -25.23 -23.67 64.45
C ILE KA 80 -25.81 -23.09 65.73
N ARG KA 81 -24.98 -22.96 66.76
CA ARG KA 81 -25.47 -22.71 68.10
C ARG KA 81 -24.69 -21.57 68.75
N GLY KA 82 -25.29 -21.02 69.80
CA GLY KA 82 -24.64 -19.97 70.57
C GLY KA 82 -25.22 -19.91 71.96
N LYS KA 83 -24.39 -19.52 72.92
CA LYS KA 83 -24.83 -19.35 74.29
C LYS KA 83 -25.37 -17.93 74.48
N LEU KA 84 -26.51 -17.82 75.15
CA LEU KA 84 -27.16 -16.53 75.35
C LEU KA 84 -26.48 -15.77 76.49
N ASP KA 85 -26.29 -14.47 76.27
CA ASP KA 85 -25.67 -13.63 77.30
C ASP KA 85 -26.63 -13.40 78.46
N LYS KA 86 -27.93 -13.28 78.18
CA LYS KA 86 -28.93 -13.07 79.20
C LYS KA 86 -30.21 -13.82 78.80
N ASP KA 87 -31.25 -13.67 79.62
CA ASP KA 87 -32.52 -14.32 79.33
C ASP KA 87 -33.10 -13.79 78.02
N TRP KA 88 -33.86 -14.66 77.34
CA TRP KA 88 -34.24 -14.44 75.95
C TRP KA 88 -35.72 -14.81 75.81
N SER KA 89 -36.59 -13.79 75.81
CA SER KA 89 -38.03 -13.99 75.74
C SER KA 89 -38.65 -12.95 74.82
N SER KA 90 -39.81 -13.29 74.26
CA SER KA 90 -40.54 -12.41 73.37
C SER KA 90 -41.96 -12.91 73.14
N PHE KA 91 -42.95 -12.04 73.32
CA PHE KA 91 -44.37 -12.38 73.14
C PHE KA 91 -44.76 -13.58 74.00
N GLY KA 92 -44.21 -13.65 75.21
CA GLY KA 92 -44.52 -14.74 76.10
C GLY KA 92 -43.98 -16.09 75.64
N ILE KA 93 -42.83 -16.12 74.98
CA ILE KA 93 -42.19 -17.35 74.53
C ILE KA 93 -40.77 -17.34 75.07
N ASN KA 94 -40.47 -18.24 76.01
CA ASN KA 94 -39.15 -18.35 76.60
C ASN KA 94 -38.33 -19.36 75.81
N ILE KA 95 -37.85 -18.91 74.64
CA ILE KA 95 -37.02 -19.74 73.78
C ILE KA 95 -35.59 -19.85 74.25
N GLY KA 96 -35.20 -19.06 75.25
CA GLY KA 96 -33.87 -19.14 75.84
C GLY KA 96 -33.91 -18.59 77.24
N LYS KA 97 -32.83 -18.87 78.00
CA LYS KA 97 -32.79 -18.46 79.40
C LYS KA 97 -31.35 -18.49 79.89
N ALA KA 98 -30.81 -17.31 80.20
CA ALA KA 98 -29.51 -17.15 80.88
C ALA KA 98 -28.44 -17.83 80.03
N GLY KA 99 -27.61 -18.69 80.61
CA GLY KA 99 -26.51 -19.30 79.88
C GLY KA 99 -26.91 -20.49 79.04
N ASP KA 100 -28.16 -20.51 78.58
CA ASP KA 100 -28.59 -21.57 77.67
C ASP KA 100 -27.89 -21.43 76.33
N THR KA 101 -27.56 -22.57 75.73
CA THR KA 101 -26.98 -22.62 74.38
C THR KA 101 -28.09 -23.02 73.41
N ILE KA 102 -28.60 -22.05 72.67
CA ILE KA 102 -29.71 -22.28 71.77
C ILE KA 102 -29.19 -22.31 70.34
N GLY KA 103 -30.03 -22.82 69.44
CA GLY KA 103 -29.73 -22.90 68.03
C GLY KA 103 -30.65 -22.02 67.20
N ILE KA 104 -30.38 -22.06 65.89
CA ILE KA 104 -31.10 -21.21 64.95
C ILE KA 104 -32.56 -21.61 64.81
N PHE KA 105 -32.91 -22.86 65.09
CA PHE KA 105 -34.28 -23.35 64.92
C PHE KA 105 -35.02 -23.56 66.23
N ASP KA 106 -34.51 -22.99 67.33
CA ASP KA 106 -35.31 -22.95 68.56
C ASP KA 106 -36.36 -21.86 68.52
N LEU KA 107 -36.31 -20.97 67.53
CA LEU KA 107 -37.29 -19.90 67.43
C LEU KA 107 -38.63 -20.43 66.93
N VAL KA 108 -38.59 -21.36 65.98
CA VAL KA 108 -39.80 -21.93 65.41
C VAL KA 108 -39.93 -23.38 65.86
N SER KA 109 -41.16 -23.86 65.86
CA SER KA 109 -41.47 -25.25 66.21
C SER KA 109 -41.42 -26.10 64.95
N LEU KA 110 -40.59 -27.14 64.97
CA LEU KA 110 -40.42 -27.96 63.78
C LEU KA 110 -41.63 -28.86 63.56
N LYS KA 111 -42.17 -28.81 62.36
CA LYS KA 111 -43.26 -29.67 61.91
C LYS KA 111 -42.79 -30.51 60.73
N ALA KA 112 -43.69 -31.32 60.19
CA ALA KA 112 -43.39 -32.22 59.09
C ALA KA 112 -44.27 -31.90 57.89
N LEU KA 113 -43.64 -31.68 56.75
CA LEU KA 113 -44.38 -31.42 55.51
C LEU KA 113 -44.78 -32.74 54.85
N ASP KA 114 -45.97 -32.75 54.25
CA ASP KA 114 -46.51 -33.93 53.61
C ASP KA 114 -46.70 -33.67 52.12
N GLY KA 115 -46.33 -34.64 51.31
CA GLY KA 115 -46.50 -34.55 49.88
C GLY KA 115 -45.49 -35.42 49.15
N VAL KA 116 -45.25 -35.09 47.90
CA VAL KA 116 -44.32 -35.81 47.03
C VAL KA 116 -43.14 -34.90 46.72
N LEU KA 117 -41.93 -35.48 46.70
CA LEU KA 117 -40.73 -34.72 46.42
C LEU KA 117 -40.24 -34.99 45.01
N PRO KA 118 -40.01 -33.96 44.20
CA PRO KA 118 -39.49 -34.19 42.84
C PRO KA 118 -38.09 -34.76 42.87
N ASP KA 119 -37.90 -35.88 42.19
CA ASP KA 119 -36.58 -36.52 42.10
C ASP KA 119 -35.62 -35.66 41.27
N VAL KA 121 -33.05 -34.84 39.26
CA VAL KA 121 -31.61 -35.02 39.11
C VAL KA 121 -30.94 -35.12 40.46
N SER KA 122 -29.64 -35.39 40.48
CA SER KA 122 -28.91 -35.53 41.74
C SER KA 122 -27.42 -35.35 41.46
N ASP KA 123 -26.62 -35.53 42.50
CA ASP KA 123 -25.17 -35.39 42.42
C ASP KA 123 -24.58 -35.97 43.69
N ALA KA 124 -23.29 -36.32 43.62
CA ALA KA 124 -22.59 -36.81 44.79
C ALA KA 124 -21.13 -36.36 44.82
N SER KA 125 -20.65 -35.60 43.84
CA SER KA 125 -19.27 -35.14 43.81
C SER KA 125 -18.97 -34.09 44.89
N ARG KA 126 -20.00 -33.58 45.57
CA ARG KA 126 -19.83 -32.53 46.54
C ARG KA 126 -19.69 -33.10 47.95
N THR KA 127 -19.04 -32.32 48.80
CA THR KA 127 -18.75 -32.71 50.17
C THR KA 127 -19.29 -31.64 51.13
N SER KA 128 -18.89 -31.73 52.39
CA SER KA 128 -19.34 -30.78 53.41
C SER KA 128 -18.88 -29.36 53.12
N ALA KA 129 -17.80 -29.19 52.35
CA ALA KA 129 -17.28 -27.87 52.06
C ALA KA 129 -18.33 -27.00 51.36
N ASP KA 130 -19.15 -27.62 50.51
CA ASP KA 130 -20.19 -26.85 49.82
C ASP KA 130 -21.19 -26.26 50.80
N ASP KA 131 -21.38 -26.91 51.96
CA ASP KA 131 -22.28 -26.37 52.97
C ASP KA 131 -21.75 -25.10 53.61
N LYS KA 132 -20.49 -24.75 53.36
CA LYS KA 132 -19.95 -23.51 53.92
C LYS KA 132 -20.57 -22.27 53.28
N TRP KA 133 -21.07 -22.40 52.05
CA TRP KA 133 -21.56 -21.24 51.30
C TRP KA 133 -22.92 -21.44 50.65
N LEU KA 134 -23.36 -22.67 50.38
CA LEU KA 134 -24.65 -22.87 49.72
C LEU KA 134 -25.82 -22.27 50.48
N PRO KA 135 -25.94 -22.43 51.80
CA PRO KA 135 -27.00 -21.68 52.51
C PRO KA 135 -26.90 -20.18 52.36
N LEU KA 136 -25.68 -19.62 52.39
CA LEU KA 136 -25.52 -18.19 52.14
C LEU KA 136 -26.05 -17.81 50.77
N TYR KA 137 -25.83 -18.66 49.78
CA TYR KA 137 -26.35 -18.44 48.43
C TYR KA 137 -27.88 -18.44 48.41
N LEU KA 138 -28.48 -19.52 48.91
CA LEU KA 138 -29.94 -19.64 48.93
C LEU KA 138 -30.59 -18.51 49.71
N LEU KA 139 -29.94 -18.04 50.78
CA LEU KA 139 -30.50 -16.94 51.57
C LEU KA 139 -30.37 -15.61 50.83
N GLY KA 140 -29.21 -15.35 50.22
CA GLY KA 140 -29.02 -14.12 49.50
C GLY KA 140 -29.93 -13.99 48.29
N LEU KA 141 -30.29 -15.12 47.68
CA LEU KA 141 -31.20 -15.09 46.55
C LEU KA 141 -32.58 -14.57 46.92
N TYR KA 142 -32.89 -14.44 48.20
CA TYR KA 142 -34.11 -13.75 48.62
C TYR KA 142 -33.95 -12.24 48.45
N ARG KA 143 -32.85 -11.70 48.97
CA ARG KA 143 -32.55 -10.28 48.78
C ARG KA 143 -32.49 -9.93 47.30
N VAL KA 144 -31.75 -10.72 46.51
CA VAL KA 144 -31.70 -10.48 45.07
C VAL KA 144 -33.08 -10.66 44.46
N GLY KA 145 -33.86 -11.61 44.95
CA GLY KA 145 -35.19 -11.86 44.45
C GLY KA 145 -36.24 -10.85 44.84
N ARG KA 146 -35.92 -9.92 45.72
CA ARG KA 146 -36.90 -8.93 46.19
C ARG KA 146 -36.98 -7.69 45.29
N THR KA 147 -35.87 -7.26 44.70
CA THR KA 147 -35.83 -6.05 43.89
C THR KA 147 -35.73 -6.44 42.41
N GLN KA 148 -36.63 -5.90 41.59
CA GLN KA 148 -36.68 -6.26 40.19
C GLN KA 148 -36.32 -5.09 39.28
N MET KA 149 -35.25 -4.37 39.62
CA MET KA 149 -34.68 -3.43 38.66
C MET KA 149 -33.50 -4.09 37.97
N PRO KA 150 -33.48 -4.18 36.64
CA PRO KA 150 -32.42 -4.94 35.97
C PRO KA 150 -31.01 -4.47 36.31
N GLU KA 151 -30.82 -3.17 36.52
CA GLU KA 151 -29.51 -2.67 36.91
C GLU KA 151 -29.23 -2.94 38.38
N TYR KA 152 -30.24 -2.80 39.24
CA TYR KA 152 -30.05 -3.03 40.66
C TYR KA 152 -30.08 -4.51 41.01
N ARG KA 153 -30.79 -5.32 40.22
CA ARG KA 153 -30.77 -6.77 40.44
C ARG KA 153 -29.38 -7.34 40.22
N LYS KA 154 -28.57 -6.71 39.37
CA LYS KA 154 -27.20 -7.16 39.17
C LYS KA 154 -26.31 -6.64 40.29
N LYS KA 155 -26.79 -6.80 41.53
CA LYS KA 155 -25.93 -6.71 42.70
C LYS KA 155 -25.85 -8.06 43.40
N LEU KA 156 -26.32 -9.12 42.72
CA LEU KA 156 -25.91 -10.48 43.03
C LEU KA 156 -24.39 -10.62 43.05
N MET KA 157 -23.68 -9.72 42.34
CA MET KA 157 -22.23 -9.66 42.41
C MET KA 157 -21.73 -9.55 43.85
N ASP KA 158 -22.56 -9.02 44.75
CA ASP KA 158 -22.20 -9.01 46.17
C ASP KA 158 -22.39 -10.40 46.78
N GLY KA 159 -23.47 -11.08 46.43
CA GLY KA 159 -23.62 -12.47 46.82
C GLY KA 159 -22.55 -13.36 46.22
N LEU KA 160 -22.03 -12.98 45.07
CA LEU KA 160 -20.88 -13.67 44.48
C LEU KA 160 -19.61 -13.40 45.28
N THR KA 161 -19.34 -12.12 45.54
CA THR KA 161 -18.07 -11.74 46.17
C THR KA 161 -17.99 -12.22 47.61
N ASN KA 162 -19.12 -12.22 48.33
CA ASN KA 162 -19.12 -12.65 49.72
C ASN KA 162 -18.86 -14.14 49.87
N GLN KA 163 -19.06 -14.92 48.81
CA GLN KA 163 -18.75 -16.34 48.84
C GLN KA 163 -17.46 -16.68 48.13
N CYS KA 164 -16.99 -15.80 47.23
CA CYS KA 164 -15.62 -15.91 46.75
C CYS KA 164 -14.62 -15.70 47.88
N LYS KA 165 -15.06 -15.09 48.98
CA LYS KA 165 -14.26 -15.02 50.19
C LYS KA 165 -14.21 -16.38 50.89
N MET KA 166 -15.35 -17.08 50.94
CA MET KA 166 -15.37 -18.39 51.59
C MET KA 166 -14.62 -19.43 50.77
N ILE KA 167 -14.81 -19.44 49.46
CA ILE KA 167 -14.04 -20.25 48.54
C ILE KA 167 -13.69 -19.39 47.33
N ASN KA 168 -12.39 -19.23 47.06
CA ASN KA 168 -11.94 -18.33 46.01
C ASN KA 168 -12.52 -18.71 44.64
N GLU KA 169 -12.83 -20.00 44.45
CA GLU KA 169 -13.29 -20.49 43.15
C GLU KA 169 -14.81 -20.68 43.10
N GLN KA 170 -15.56 -19.96 43.93
CA GLN KA 170 -17.01 -20.01 43.84
C GLN KA 170 -17.48 -19.29 42.58
N PHE KA 171 -18.51 -19.84 41.95
CA PHE KA 171 -19.10 -19.23 40.77
C PHE KA 171 -20.58 -19.56 40.72
N GLU KA 172 -21.38 -18.57 40.35
CA GLU KA 172 -22.85 -18.63 40.31
C GLU KA 172 -23.33 -19.88 39.59
N PRO KA 173 -23.89 -20.85 40.31
CA PRO KA 173 -24.48 -22.04 39.67
C PRO KA 173 -25.90 -21.79 39.17
N LEU KA 174 -26.09 -20.66 38.49
CA LEU KA 174 -27.37 -20.33 37.88
C LEU KA 174 -27.14 -19.63 36.55
N VAL KA 175 -28.05 -19.88 35.62
CA VAL KA 175 -27.98 -19.29 34.28
C VAL KA 175 -28.18 -17.78 34.40
N PRO KA 176 -27.57 -16.97 33.51
CA PRO KA 176 -27.82 -15.52 33.56
C PRO KA 176 -29.29 -15.17 33.40
N GLU KA 177 -30.09 -16.03 32.76
CA GLU KA 177 -31.53 -15.86 32.76
C GLU KA 177 -32.17 -16.27 34.08
N GLY KA 178 -31.42 -16.96 34.94
CA GLY KA 178 -31.91 -17.45 36.22
C GLY KA 178 -32.58 -16.42 37.11
N ARG KA 179 -32.64 -15.16 36.64
CA ARG KA 179 -33.38 -14.11 37.34
C ARG KA 179 -34.78 -14.57 37.76
N ASP KA 180 -35.36 -15.53 37.04
CA ASP KA 180 -36.69 -16.02 37.38
C ASP KA 180 -36.65 -17.01 38.54
N ILE KA 181 -35.70 -17.95 38.52
CA ILE KA 181 -35.77 -19.19 39.31
C ILE KA 181 -36.07 -18.88 40.77
N PHE KA 182 -35.12 -18.25 41.47
CA PHE KA 182 -35.29 -18.04 42.91
C PHE KA 182 -36.37 -17.01 43.22
N ASP KA 183 -36.84 -16.25 42.23
CA ASP KA 183 -38.01 -15.41 42.46
C ASP KA 183 -39.22 -16.22 42.87
N VAL KA 184 -39.25 -17.51 42.50
CA VAL KA 184 -40.35 -18.37 42.93
C VAL KA 184 -40.30 -18.59 44.43
N TRP KA 185 -39.10 -18.59 45.02
CA TRP KA 185 -38.95 -19.01 46.41
C TRP KA 185 -39.59 -18.03 47.40
N GLY KA 186 -39.87 -16.80 46.97
CA GLY KA 186 -40.47 -15.83 47.86
C GLY KA 186 -41.88 -16.18 48.30
N ASN KA 187 -42.56 -17.07 47.58
CA ASN KA 187 -43.93 -17.46 47.90
C ASN KA 187 -44.01 -18.77 48.69
N ASP KA 188 -42.89 -19.26 49.21
CA ASP KA 188 -42.90 -20.42 50.09
C ASP KA 188 -42.84 -19.93 51.52
N SER KA 189 -43.90 -20.20 52.29
CA SER KA 189 -43.98 -19.71 53.66
C SER KA 189 -42.81 -20.21 54.50
N ASN KA 190 -42.41 -21.48 54.31
CA ASN KA 190 -41.34 -22.05 55.11
C ASN KA 190 -39.99 -21.42 54.79
N TYR KA 191 -39.79 -21.01 53.54
CA TYR KA 191 -38.55 -20.31 53.18
C TYR KA 191 -38.46 -18.97 53.91
N THR KA 192 -39.56 -18.20 53.91
CA THR KA 192 -39.58 -16.94 54.62
C THR KA 192 -39.38 -17.14 56.11
N LYS KA 193 -40.02 -18.17 56.69
CA LYS KA 193 -39.78 -18.48 58.09
C LYS KA 193 -38.34 -18.85 58.36
N ILE KA 194 -37.68 -19.50 57.39
CA ILE KA 194 -36.28 -19.87 57.57
C ILE KA 194 -35.39 -18.64 57.58
N VAL KA 195 -35.53 -17.77 56.56
CA VAL KA 195 -34.68 -16.58 56.49
C VAL KA 195 -34.94 -15.68 57.71
N ALA KA 196 -36.20 -15.59 58.14
CA ALA KA 196 -36.51 -14.82 59.34
C ALA KA 196 -35.90 -15.44 60.59
N ALA KA 197 -35.81 -16.77 60.64
CA ALA KA 197 -35.14 -17.42 61.76
C ALA KA 197 -33.64 -17.14 61.73
N VAL KA 198 -33.05 -17.09 60.53
CA VAL KA 198 -31.62 -16.81 60.42
C VAL KA 198 -31.32 -15.39 60.89
N ASP KA 199 -32.07 -14.40 60.38
CA ASP KA 199 -31.79 -13.02 60.79
C ASP KA 199 -32.12 -12.80 62.26
N MET KA 200 -33.23 -13.38 62.74
CA MET KA 200 -33.58 -13.23 64.15
C MET KA 200 -32.54 -13.86 65.06
N PHE KA 201 -31.96 -14.98 64.63
CA PHE KA 201 -30.90 -15.61 65.42
C PHE KA 201 -29.64 -14.77 65.42
N PHE KA 202 -29.13 -14.45 64.23
CA PHE KA 202 -27.85 -13.77 64.13
C PHE KA 202 -27.91 -12.31 64.56
N HIS KA 203 -29.11 -11.74 64.75
CA HIS KA 203 -29.17 -10.38 65.29
C HIS KA 203 -28.81 -10.38 66.77
N MET KA 204 -29.09 -11.48 67.48
CA MET KA 204 -28.64 -11.63 68.85
C MET KA 204 -27.17 -12.03 68.90
N PHE KA 205 -26.74 -12.93 68.02
CA PHE KA 205 -25.36 -13.40 67.96
C PHE KA 205 -24.66 -12.72 66.81
N LYS KA 206 -24.18 -11.51 67.09
CA LYS KA 206 -23.50 -10.68 66.09
C LYS KA 206 -22.03 -11.03 65.93
N LYS KA 207 -21.41 -11.61 66.97
CA LYS KA 207 -20.01 -11.99 66.93
C LYS KA 207 -19.78 -13.40 66.41
N HIS KA 208 -20.85 -14.10 66.01
CA HIS KA 208 -20.71 -15.46 65.51
C HIS KA 208 -19.95 -15.48 64.19
N GLU KA 209 -19.35 -16.63 63.88
CA GLU KA 209 -18.54 -16.73 62.67
C GLU KA 209 -19.41 -16.82 61.42
N CYS KA 210 -20.64 -17.31 61.54
CA CYS KA 210 -21.56 -17.40 60.43
C CYS KA 210 -22.44 -16.17 60.29
N ALA KA 211 -22.03 -15.03 60.88
CA ALA KA 211 -22.85 -13.83 60.82
C ALA KA 211 -22.98 -13.31 59.40
N SER KA 212 -22.01 -13.62 58.53
CA SER KA 212 -22.12 -13.25 57.12
C SER KA 212 -23.33 -13.89 56.46
N PHE KA 213 -23.86 -14.97 57.04
CA PHE KA 213 -25.10 -15.56 56.55
C PHE KA 213 -26.26 -14.58 56.60
N ARG KA 214 -26.15 -13.52 57.40
CA ARG KA 214 -27.21 -12.52 57.47
C ARG KA 214 -27.35 -11.74 56.17
N TYR KA 215 -26.36 -11.80 55.28
CA TYR KA 215 -26.53 -11.19 53.97
C TYR KA 215 -27.69 -11.86 53.25
N GLY KA 216 -28.61 -11.06 52.75
CA GLY KA 216 -29.80 -11.55 52.08
C GLY KA 216 -30.99 -11.68 52.99
N THR KA 217 -30.76 -12.09 54.23
CA THR KA 217 -31.83 -12.19 55.23
C THR KA 217 -32.05 -10.90 56.00
N ILE KA 218 -31.34 -9.82 55.63
CA ILE KA 218 -31.50 -8.56 56.35
C ILE KA 218 -32.70 -7.76 55.86
N VAL KA 219 -33.18 -8.02 54.64
CA VAL KA 219 -34.41 -7.38 54.16
C VAL KA 219 -35.64 -8.01 54.77
N SER KA 220 -35.49 -9.07 55.56
CA SER KA 220 -36.61 -9.63 56.29
C SER KA 220 -36.88 -8.90 57.60
N ARG KA 221 -35.89 -8.18 58.13
CA ARG KA 221 -36.07 -7.40 59.35
C ARG KA 221 -36.78 -6.10 58.99
N PHE KA 222 -37.90 -5.84 59.66
CA PHE KA 222 -38.76 -4.70 59.38
C PHE KA 222 -39.19 -4.65 57.92
N LYS KA 223 -39.39 -5.83 57.33
CA LYS KA 223 -39.96 -5.92 55.99
C LYS KA 223 -41.39 -5.39 56.01
N ASP KA 224 -41.69 -4.45 55.12
CA ASP KA 224 -42.98 -3.76 55.07
C ASP KA 224 -43.20 -2.96 56.37
N CYS KA 225 -42.17 -2.23 56.78
CA CYS KA 225 -42.23 -1.35 57.94
C CYS KA 225 -41.49 -0.05 57.62
N ALA KA 226 -41.97 0.66 56.59
CA ALA KA 226 -41.28 1.87 56.14
C ALA KA 226 -41.57 3.06 57.04
N ALA KA 227 -42.85 3.35 57.28
CA ALA KA 227 -43.22 4.53 58.07
C ALA KA 227 -42.60 4.48 59.46
N LEU KA 228 -42.48 3.28 60.03
CA LEU KA 228 -41.81 3.15 61.32
C LEU KA 228 -40.34 3.51 61.24
N ALA KA 229 -39.72 3.34 60.06
CA ALA KA 229 -38.34 3.77 59.87
C ALA KA 229 -38.25 5.26 59.56
N THR KA 230 -39.27 5.83 58.93
CA THR KA 230 -39.30 7.27 58.69
C THR KA 230 -39.54 8.04 59.97
N PHE KA 231 -40.22 7.43 60.95
CA PHE KA 231 -40.38 8.08 62.24
C PHE KA 231 -39.03 8.23 62.93
N GLY KA 232 -38.23 7.16 62.96
CA GLY KA 232 -36.90 7.26 63.53
C GLY KA 232 -35.98 8.16 62.72
N HIS KA 233 -36.13 8.13 61.39
CA HIS KA 233 -35.35 9.03 60.54
C HIS KA 233 -35.65 10.48 60.86
N LEU KA 234 -36.94 10.81 61.02
CA LEU KA 234 -37.31 12.18 61.39
C LEU KA 234 -36.80 12.53 62.78
N CYS KA 235 -36.88 11.58 63.73
CA CYS KA 235 -36.35 11.81 65.06
C CYS KA 235 -34.84 11.90 65.09
N LYS KA 236 -34.16 11.52 64.02
CA LYS KA 236 -32.71 11.68 63.93
C LYS KA 236 -32.32 12.97 63.22
N ILE KA 237 -33.01 13.32 62.14
CA ILE KA 237 -32.70 14.54 61.41
C ILE KA 237 -33.09 15.78 62.21
N THR KA 238 -34.31 15.78 62.75
CA THR KA 238 -34.79 16.93 63.53
C THR KA 238 -34.01 17.07 64.83
N GLY KA 239 -33.45 15.98 65.34
CA GLY KA 239 -32.80 15.98 66.64
C GLY KA 239 -33.73 16.08 67.82
N MET KA 240 -35.02 15.84 67.62
CA MET KA 240 -36.02 15.91 68.67
C MET KA 240 -36.40 14.51 69.15
N SER KA 241 -37.05 14.45 70.30
CA SER KA 241 -37.50 13.18 70.84
C SER KA 241 -38.80 12.75 70.16
N THR KA 242 -39.13 11.46 70.32
CA THR KA 242 -40.35 10.93 69.71
C THR KA 242 -41.60 11.62 70.27
N GLU KA 243 -41.60 11.89 71.57
CA GLU KA 243 -42.74 12.58 72.18
C GLU KA 243 -42.86 14.01 71.68
N ASP KA 244 -41.74 14.72 71.56
CA ASP KA 244 -41.78 16.08 71.04
C ASP KA 244 -42.17 16.10 69.57
N VAL KA 245 -41.62 15.17 68.78
CA VAL KA 245 -41.96 15.10 67.37
C VAL KA 245 -43.44 14.81 67.18
N THR KA 246 -44.00 13.93 68.02
CA THR KA 246 -45.40 13.55 67.87
C THR KA 246 -46.34 14.75 67.97
N THR KA 247 -45.96 15.77 68.74
CA THR KA 247 -46.79 16.96 68.86
C THR KA 247 -46.78 17.81 67.59
N TRP KA 248 -45.82 17.60 66.70
CA TRP KA 248 -45.73 18.35 65.46
C TRP KA 248 -46.57 17.75 64.34
N ILE KA 249 -47.40 16.75 64.65
CA ILE KA 249 -48.34 16.20 63.68
C ILE KA 249 -49.56 17.12 63.65
N LEU KA 250 -49.76 17.82 62.53
CA LEU KA 250 -50.81 18.83 62.43
C LEU KA 250 -51.93 18.39 61.49
N ASN KA 251 -51.98 17.11 61.12
CA ASN KA 251 -53.00 16.59 60.21
C ASN KA 251 -53.71 15.41 60.86
N ARG KA 252 -54.99 15.25 60.52
CA ARG KA 252 -55.81 14.23 61.16
C ARG KA 252 -55.37 12.83 60.77
N GLU KA 253 -55.24 12.58 59.47
CA GLU KA 253 -54.86 11.26 58.99
C GLU KA 253 -53.52 10.83 59.57
N VAL KA 254 -52.56 11.75 59.64
CA VAL KA 254 -51.24 11.44 60.20
C VAL KA 254 -51.37 11.08 61.68
N ALA KA 255 -52.31 11.70 62.38
CA ALA KA 255 -52.54 11.35 63.78
C ALA KA 255 -53.16 9.95 63.90
N ASP KA 256 -54.13 9.64 63.03
CA ASP KA 256 -54.71 8.30 63.02
C ASP KA 256 -53.64 7.23 62.76
N GLU KA 257 -52.75 7.50 61.80
CA GLU KA 257 -51.69 6.55 61.50
C GLU KA 257 -50.66 6.46 62.63
N MET KA 258 -50.38 7.57 63.30
CA MET KA 258 -49.44 7.56 64.42
C MET KA 258 -49.99 6.78 65.60
N VAL KA 259 -51.30 6.90 65.85
CA VAL KA 259 -51.93 6.04 66.86
C VAL KA 259 -51.97 4.60 66.37
N GLN KA 260 -52.05 4.40 65.06
CA GLN KA 260 -52.08 3.05 64.50
C GLN KA 260 -50.76 2.31 64.72
N MET KA 261 -49.64 3.00 64.52
CA MET KA 261 -48.35 2.35 64.67
C MET KA 261 -47.99 2.11 66.13
N MET KA 262 -48.44 2.98 67.03
CA MET KA 262 -47.97 2.97 68.42
C MET KA 262 -48.90 2.20 69.34
N LEU KA 263 -49.42 1.06 68.89
CA LEU KA 263 -50.17 0.19 69.78
C LEU KA 263 -49.23 -0.38 70.85
N PRO KA 264 -49.67 -0.46 72.11
CA PRO KA 264 -48.72 -0.72 73.20
C PRO KA 264 -48.58 -2.19 73.58
N GLY KA 265 -48.52 -3.08 72.59
CA GLY KA 265 -48.37 -4.49 72.92
C GLY KA 265 -47.59 -5.29 71.89
N GLN KA 266 -46.87 -4.60 71.00
CA GLN KA 266 -46.19 -5.24 69.89
C GLN KA 266 -44.68 -5.26 70.01
N GLU KA 267 -44.13 -4.78 71.14
CA GLU KA 267 -42.69 -4.83 71.41
C GLU KA 267 -41.86 -4.11 70.34
N ILE KA 268 -42.42 -3.05 69.74
CA ILE KA 268 -41.70 -2.33 68.70
C ILE KA 268 -40.48 -1.59 69.22
N ASP KA 269 -40.28 -1.56 70.54
CA ASP KA 269 -39.07 -1.01 71.13
C ASP KA 269 -38.11 -2.06 71.66
N LYS KA 270 -38.51 -3.34 71.65
CA LYS KA 270 -37.64 -4.41 72.14
C LYS KA 270 -36.40 -4.51 71.27
N ALA KA 271 -35.29 -4.90 71.90
CA ALA KA 271 -34.00 -5.01 71.22
C ALA KA 271 -34.09 -6.01 70.07
N ASP KA 272 -34.16 -7.30 70.39
CA ASP KA 272 -34.38 -8.35 69.42
C ASP KA 272 -35.69 -9.05 69.77
N SER KA 273 -36.59 -9.14 68.81
CA SER KA 273 -37.91 -9.69 69.08
C SER KA 273 -38.49 -10.29 67.81
N TYR KA 274 -39.68 -10.89 67.95
CA TYR KA 274 -40.41 -11.44 66.81
C TYR KA 274 -41.06 -10.35 65.96
N MET KA 275 -41.25 -9.16 66.52
CA MET KA 275 -41.97 -8.09 65.81
C MET KA 275 -41.32 -7.70 64.49
N PRO KA 276 -40.00 -7.46 64.40
CA PRO KA 276 -39.43 -7.04 63.11
C PRO KA 276 -39.66 -8.00 61.96
N TYR KA 277 -40.06 -9.26 62.25
CA TYR KA 277 -40.23 -10.28 61.23
C TYR KA 277 -41.68 -10.73 61.12
N LEU KA 278 -42.62 -9.82 61.39
CA LEU KA 278 -44.03 -10.20 61.40
C LEU KA 278 -44.56 -10.59 60.03
N ILE KA 279 -43.81 -10.34 58.96
CA ILE KA 279 -44.26 -10.63 57.60
C ILE KA 279 -43.72 -11.99 57.12
N ASP KA 280 -42.43 -12.24 57.29
CA ASP KA 280 -41.85 -13.49 56.83
C ASP KA 280 -42.10 -14.64 57.79
N PHE KA 281 -42.29 -14.34 59.07
CA PHE KA 281 -42.65 -15.37 60.04
C PHE KA 281 -44.13 -15.72 60.00
N GLY KA 282 -44.91 -15.09 59.12
CA GLY KA 282 -46.33 -15.38 59.04
C GLY KA 282 -47.14 -14.78 60.16
N LEU KA 283 -46.58 -13.83 60.91
CA LEU KA 283 -47.32 -13.23 62.01
C LEU KA 283 -48.42 -12.30 61.52
N SER KA 284 -48.27 -11.73 60.33
CA SER KA 284 -49.24 -10.77 59.82
C SER KA 284 -49.20 -10.78 58.30
N SER KA 285 -50.39 -10.73 57.69
CA SER KA 285 -50.51 -10.63 56.24
C SER KA 285 -50.64 -9.20 55.75
N LYS KA 286 -50.96 -8.26 56.64
CA LYS KA 286 -51.03 -6.84 56.31
C LYS KA 286 -50.35 -6.07 57.43
N SER KA 287 -49.20 -5.48 57.14
CA SER KA 287 -48.39 -4.87 58.19
C SER KA 287 -49.01 -3.55 58.66
N PRO KA 288 -48.92 -3.25 59.96
CA PRO KA 288 -49.44 -1.98 60.46
C PRO KA 288 -48.50 -0.81 60.20
N TYR KA 289 -47.20 -1.10 60.12
CA TYR KA 289 -46.16 -0.09 60.13
C TYR KA 289 -45.64 0.22 58.72
N SER KA 290 -46.44 -0.06 57.69
CA SER KA 290 -45.99 0.11 56.32
C SER KA 290 -46.28 1.51 55.81
N SER KA 291 -45.74 1.81 54.63
CA SER KA 291 -46.05 3.05 53.92
C SER KA 291 -47.30 2.95 53.06
N VAL KA 292 -47.91 1.76 52.99
CA VAL KA 292 -49.16 1.60 52.27
C VAL KA 292 -50.37 1.85 53.18
N LYS KA 293 -50.27 1.46 54.44
CA LYS KA 293 -51.30 1.75 55.42
C LYS KA 293 -51.01 3.00 56.24
N ASN KA 294 -49.85 3.61 56.05
CA ASN KA 294 -49.52 4.91 56.65
C ASN KA 294 -48.89 5.78 55.58
N PRO KA 295 -49.69 6.24 54.61
CA PRO KA 295 -49.13 7.04 53.50
C PRO KA 295 -48.83 8.48 53.89
N ALA KA 296 -49.76 9.13 54.58
CA ALA KA 296 -49.61 10.54 54.92
C ALA KA 296 -48.46 10.77 55.90
N PHE KA 297 -48.20 9.80 56.78
CA PHE KA 297 -47.05 9.92 57.67
C PHE KA 297 -45.74 9.72 56.91
N HIS KA 298 -45.74 8.84 55.90
CA HIS KA 298 -44.55 8.64 55.09
C HIS KA 298 -44.23 9.90 54.28
N PHE KA 299 -45.23 10.45 53.59
CA PHE KA 299 -45.02 11.66 52.81
C PHE KA 299 -44.68 12.84 53.72
N TRP KA 300 -45.34 12.94 54.86
CA TRP KA 300 -45.09 14.04 55.79
C TRP KA 300 -43.67 13.99 56.36
N GLY KA 301 -43.33 12.87 57.00
CA GLY KA 301 -42.02 12.76 57.61
C GLY KA 301 -40.89 12.79 56.59
N GLN KA 302 -41.11 12.20 55.42
CA GLN KA 302 -40.06 12.18 54.40
C GLN KA 302 -39.86 13.54 53.77
N LEU KA 303 -40.94 14.24 53.44
CA LEU KA 303 -40.82 15.60 52.90
C LEU KA 303 -40.18 16.53 53.93
N THR KA 304 -40.65 16.46 55.18
CA THR KA 304 -40.09 17.30 56.22
C THR KA 304 -38.61 17.02 56.43
N ALA KA 305 -38.22 15.74 56.42
CA ALA KA 305 -36.81 15.40 56.55
C ALA KA 305 -36.01 15.89 55.35
N LEU KA 306 -36.59 15.85 54.15
CA LEU KA 306 -35.91 16.34 52.97
C LEU KA 306 -35.64 17.84 53.07
N LEU KA 307 -36.67 18.60 53.48
CA LEU KA 307 -36.49 20.03 53.66
C LEU KA 307 -35.43 20.34 54.70
N LEU KA 308 -35.22 19.43 55.65
CA LEU KA 308 -34.14 19.53 56.63
C LEU KA 308 -32.84 18.92 56.12
N ARG KA 309 -32.68 18.81 54.79
CA ARG KA 309 -31.40 18.46 54.18
C ARG KA 309 -31.00 17.02 54.48
N SER KA 310 -31.95 16.10 54.31
CA SER KA 310 -31.66 14.67 54.40
C SER KA 310 -31.19 14.16 53.04
N THR KA 311 -30.31 13.16 53.07
CA THR KA 311 -29.79 12.55 51.85
C THR KA 311 -30.67 11.42 51.35
N ARG KA 312 -31.26 10.66 52.27
CA ARG KA 312 -32.11 9.54 51.87
C ARG KA 312 -33.47 10.03 51.36
N ALA KA 313 -34.03 11.05 52.01
CA ALA KA 313 -35.42 11.42 51.78
C ALA KA 313 -35.71 11.73 50.31
N ARG KA 314 -34.71 12.23 49.59
CA ARG KA 314 -34.93 12.59 48.18
C ARG KA 314 -35.37 11.41 47.33
N ASN KA 315 -35.04 10.19 47.74
CA ASN KA 315 -35.36 9.00 46.95
C ASN KA 315 -36.64 8.30 47.41
N ALA KA 316 -37.25 8.75 48.50
CA ALA KA 316 -38.50 8.15 48.96
C ALA KA 316 -39.63 8.46 48.00
N ARG KA 317 -40.46 7.46 47.73
CA ARG KA 317 -41.50 7.60 46.72
C ARG KA 317 -42.72 8.31 47.30
N GLN KA 318 -43.54 8.83 46.39
CA GLN KA 318 -44.68 9.67 46.71
C GLN KA 318 -45.97 8.85 46.68
N PRO KA 319 -46.54 8.51 47.84
CA PRO KA 319 -47.76 7.69 47.84
C PRO KA 319 -48.93 8.42 47.16
N ASP KA 320 -49.93 7.63 46.78
CA ASP KA 320 -51.11 8.14 46.09
C ASP KA 320 -52.25 8.35 47.09
N ASP KA 321 -53.19 9.20 46.68
CA ASP KA 321 -54.44 9.45 47.39
C ASP KA 321 -54.18 9.91 48.84
N ILE KA 322 -53.58 11.10 48.93
CA ILE KA 322 -53.36 11.79 50.20
C ILE KA 322 -53.52 13.28 49.99
N GLU KA 323 -53.64 14.01 51.10
CA GLU KA 323 -53.80 15.46 51.07
C GLU KA 323 -52.43 16.11 50.86
N TYR KA 324 -52.03 16.21 49.59
CA TYR KA 324 -50.69 16.70 49.29
C TYR KA 324 -50.50 18.13 49.80
N THR KA 325 -51.49 19.00 49.60
CA THR KA 325 -51.35 20.39 50.01
C THR KA 325 -51.28 20.51 51.53
N SER KA 326 -52.29 20.00 52.23
CA SER KA 326 -52.33 20.10 53.69
C SER KA 326 -51.11 19.46 54.34
N LEU KA 327 -50.59 18.38 53.75
CA LEU KA 327 -49.40 17.75 54.29
C LEU KA 327 -48.15 18.60 54.04
N THR KA 328 -48.03 19.18 52.83
CA THR KA 328 -46.84 19.96 52.51
C THR KA 328 -46.77 21.25 53.30
N THR KA 329 -47.92 21.86 53.62
CA THR KA 329 -47.89 23.06 54.44
C THR KA 329 -47.43 22.74 55.86
N ALA KA 330 -47.89 21.62 56.41
CA ALA KA 330 -47.45 21.20 57.74
C ALA KA 330 -45.96 20.87 57.76
N GLY KA 331 -45.50 20.11 56.77
CA GLY KA 331 -44.07 19.84 56.68
C GLY KA 331 -43.24 21.08 56.44
N LEU KA 332 -43.84 22.10 55.82
CA LEU KA 332 -43.14 23.36 55.60
C LEU KA 332 -43.01 24.14 56.91
N LEU KA 333 -44.08 24.19 57.70
CA LEU KA 333 -44.01 24.89 58.98
C LEU KA 333 -43.08 24.17 59.95
N TYR KA 334 -43.15 22.83 59.98
CA TYR KA 334 -42.24 22.06 60.82
C TYR KA 334 -40.80 22.26 60.38
N ALA KA 335 -40.55 22.14 59.07
CA ALA KA 335 -39.18 22.26 58.56
C ALA KA 335 -38.62 23.65 58.79
N TYR KA 336 -39.46 24.69 58.65
CA TYR KA 336 -39.00 26.05 58.89
C TYR KA 336 -38.77 26.30 60.38
N ALA KA 337 -39.59 25.67 61.23
CA ALA KA 337 -39.40 25.81 62.67
C ALA KA 337 -38.09 25.18 63.12
N VAL KA 338 -37.77 24.00 62.60
CA VAL KA 338 -36.50 23.37 62.95
C VAL KA 338 -35.33 24.11 62.30
N GLY KA 339 -35.54 24.67 61.11
CA GLY KA 339 -34.46 25.38 60.44
C GLY KA 339 -34.10 26.68 61.14
N SER KA 340 -35.10 27.48 61.51
CA SER KA 340 -34.84 28.72 62.22
C SER KA 340 -34.29 28.45 63.62
N SER KA 341 -35.06 27.74 64.44
CA SER KA 341 -34.65 27.44 65.82
C SER KA 341 -33.54 26.40 65.79
N ALA KA 342 -32.31 26.88 65.59
CA ALA KA 342 -31.15 26.02 65.76
C ALA KA 342 -30.91 25.67 67.22
N ASP KA 343 -31.40 26.50 68.14
CA ASP KA 343 -31.32 26.24 69.58
C ASP KA 343 -29.89 25.99 70.02
N LEU KA 344 -28.96 26.80 69.51
CA LEU KA 344 -27.58 26.71 69.95
C LEU KA 344 -27.47 27.07 71.42
N ALA KA 345 -26.66 26.31 72.15
CA ALA KA 345 -26.49 26.53 73.57
C ALA KA 345 -25.10 26.05 73.99
N GLN KA 346 -24.44 26.84 74.85
CA GLN KA 346 -23.12 26.47 75.33
C GLN KA 346 -23.18 25.15 76.07
N GLN KA 347 -22.14 24.34 75.90
CA GLN KA 347 -22.05 23.02 76.51
C GLN KA 347 -20.89 22.89 77.49
N PHE KA 348 -19.72 23.39 77.15
CA PHE KA 348 -18.54 23.30 77.99
C PHE KA 348 -18.03 24.70 78.31
N CYS KA 349 -17.50 24.85 79.53
CA CYS KA 349 -16.99 26.13 80.00
C CYS KA 349 -15.64 25.93 80.67
N VAL KA 350 -14.74 26.91 80.49
CA VAL KA 350 -13.41 26.84 81.06
C VAL KA 350 -13.42 27.38 82.48
N GLY KA 351 -13.22 28.68 82.64
CA GLY KA 351 -13.14 29.30 83.95
C GLY KA 351 -14.47 29.38 84.66
N ASP KA 352 -15.32 28.37 84.45
CA ASP KA 352 -16.69 28.33 84.96
C ASP KA 352 -17.43 29.62 84.59
N ASN KA 353 -17.32 30.00 83.33
CA ASN KA 353 -18.06 31.13 82.78
C ASN KA 353 -18.98 30.61 81.68
N LYS KA 354 -20.27 30.81 81.87
CA LYS KA 354 -21.28 30.39 80.90
C LYS KA 354 -21.90 31.60 80.23
N TYR KA 355 -22.61 31.35 79.14
CA TYR KA 355 -23.33 32.43 78.48
C TYR KA 355 -24.48 32.89 79.36
N THR KA 356 -24.51 34.18 79.66
CA THR KA 356 -25.58 34.77 80.47
C THR KA 356 -26.40 35.72 79.59
N PRO KA 357 -27.61 35.33 79.17
CA PRO KA 357 -28.38 36.20 78.28
C PRO KA 357 -28.77 37.51 78.96
N ASP KA 358 -29.18 38.46 78.14
CA ASP KA 358 -29.54 39.80 78.59
C ASP KA 358 -31.06 39.97 78.49
N ASP KA 359 -31.69 40.25 79.62
CA ASP KA 359 -33.14 40.47 79.67
C ASP KA 359 -33.52 41.94 79.66
N SER KA 360 -32.56 42.84 79.49
CA SER KA 360 -32.82 44.27 79.43
C SER KA 360 -33.13 44.75 78.01
N THR KA 361 -33.59 43.86 77.14
CA THR KA 361 -33.96 44.21 75.76
C THR KA 361 -35.47 44.41 75.72
N GLY KA 362 -35.90 45.66 75.82
CA GLY KA 362 -37.31 45.97 75.94
C GLY KA 362 -37.89 46.82 74.82
N GLY KA 363 -37.17 46.94 73.71
CA GLY KA 363 -37.70 47.64 72.55
C GLY KA 363 -38.85 46.94 71.87
N LEU KA 364 -39.23 45.74 72.34
CA LEU KA 364 -40.34 44.96 71.82
C LEU KA 364 -40.11 44.59 70.36
N THR KA 365 -39.14 43.69 70.17
CA THR KA 365 -38.87 43.08 68.86
C THR KA 365 -39.88 41.96 68.65
N THR KA 366 -41.11 42.35 68.35
CA THR KA 366 -42.19 41.40 68.14
C THR KA 366 -42.29 41.03 66.67
N ASN KA 367 -43.36 40.31 66.31
CA ASN KA 367 -43.60 39.84 64.95
C ASN KA 367 -42.44 39.01 64.41
N ALA KA 368 -41.58 38.52 65.30
CA ALA KA 368 -40.47 37.61 65.09
C ALA KA 368 -40.87 36.19 65.44
N PRO KA 369 -40.40 35.20 64.69
CA PRO KA 369 -40.81 33.81 64.94
C PRO KA 369 -40.45 33.38 66.35
N PRO KA 370 -41.14 32.37 66.89
CA PRO KA 370 -40.83 31.89 68.24
C PRO KA 370 -39.38 31.44 68.36
N GLN KA 371 -38.93 31.34 69.60
CA GLN KA 371 -37.51 31.14 69.89
C GLN KA 371 -37.12 29.67 69.92
N GLY KA 372 -37.95 28.81 70.48
CA GLY KA 372 -37.70 27.39 70.54
C GLY KA 372 -38.36 26.65 69.40
N ARG KA 373 -38.64 25.37 69.63
CA ARG KA 373 -39.34 24.52 68.67
C ARG KA 373 -40.69 24.08 69.21
N ASP KA 374 -41.27 24.86 70.11
CA ASP KA 374 -42.56 24.52 70.71
C ASP KA 374 -43.66 24.61 69.65
N VAL KA 375 -44.52 23.60 69.61
CA VAL KA 375 -45.64 23.60 68.67
C VAL KA 375 -46.64 24.69 69.05
N VAL KA 376 -46.89 24.85 70.35
CA VAL KA 376 -47.91 25.79 70.81
C VAL KA 376 -47.56 27.22 70.41
N GLU KA 377 -46.27 27.56 70.32
CA GLU KA 377 -45.88 28.90 69.93
C GLU KA 377 -45.85 29.05 68.40
N TRP KA 378 -45.42 28.01 67.69
CA TRP KA 378 -45.29 28.11 66.24
C TRP KA 378 -46.64 28.11 65.55
N LEU KA 379 -47.63 27.38 66.09
CA LEU KA 379 -48.98 27.49 65.55
C LEU KA 379 -49.54 28.89 65.73
N GLY KA 380 -49.24 29.52 66.87
CA GLY KA 380 -49.69 30.87 67.09
C GLY KA 380 -49.03 31.86 66.15
N TRP KA 381 -47.72 31.72 65.94
CA TRP KA 381 -47.04 32.56 64.96
C TRP KA 381 -47.61 32.34 63.56
N PHE KA 382 -47.89 31.09 63.21
CA PHE KA 382 -48.49 30.79 61.92
C PHE KA 382 -49.90 31.34 61.79
N GLU KA 383 -50.58 31.59 62.92
CA GLU KA 383 -51.88 32.24 62.88
C GLU KA 383 -51.77 33.76 62.72
N ASP KA 384 -50.62 34.35 63.06
CA ASP KA 384 -50.40 35.76 62.74
C ASP KA 384 -50.16 35.99 61.26
N GLN KA 385 -49.73 34.96 60.53
CA GLN KA 385 -49.48 35.04 59.10
C GLN KA 385 -50.70 34.66 58.27
N ASN KA 386 -51.90 34.67 58.86
CA ASN KA 386 -53.14 34.28 58.19
C ASN KA 386 -53.08 32.84 57.67
N ARG KA 387 -52.28 32.00 58.34
CA ARG KA 387 -52.10 30.59 57.99
C ARG KA 387 -51.63 30.43 56.55
N LYS KA 388 -50.92 31.43 56.03
CA LYS KA 388 -50.29 31.38 54.72
C LYS KA 388 -48.78 31.48 54.87
N PRO KA 389 -48.01 30.59 54.25
CA PRO KA 389 -46.55 30.61 54.44
C PRO KA 389 -45.94 31.92 53.96
N THR KA 390 -45.13 32.52 54.82
CA THR KA 390 -44.48 33.79 54.50
C THR KA 390 -43.45 33.59 53.39
N PRO KA 391 -43.06 34.67 52.71
CA PRO KA 391 -42.04 34.54 51.66
C PRO KA 391 -40.73 33.95 52.14
N ASP KA 392 -40.36 34.16 53.41
CA ASP KA 392 -39.10 33.59 53.90
C ASP KA 392 -39.21 32.08 54.12
N MET KA 393 -40.42 31.58 54.36
CA MET KA 393 -40.61 30.14 54.45
C MET KA 393 -40.47 29.49 53.08
N MET KA 394 -41.21 30.00 52.10
CA MET KA 394 -41.11 29.47 50.74
C MET KA 394 -39.70 29.63 50.18
N GLN KA 395 -39.00 30.69 50.57
CA GLN KA 395 -37.60 30.84 50.16
C GLN KA 395 -36.71 29.85 50.89
N TYR KA 396 -37.03 29.55 52.15
CA TYR KA 396 -36.26 28.53 52.87
C TYR KA 396 -36.41 27.17 52.20
N ALA KA 397 -37.62 26.85 51.73
CA ALA KA 397 -37.81 25.59 51.03
C ALA KA 397 -37.14 25.59 49.66
N LYS KA 398 -37.24 26.72 48.94
CA LYS KA 398 -36.58 26.83 47.64
C LYS KA 398 -35.07 26.64 47.78
N ARG KA 399 -34.47 27.22 48.81
CA ARG KA 399 -33.03 27.08 49.02
C ARG KA 399 -32.63 25.71 49.55
N ALA KA 400 -33.59 24.83 49.81
CA ALA KA 400 -33.30 23.46 50.23
C ALA KA 400 -33.61 22.43 49.16
N VAL KA 401 -34.54 22.73 48.23
CA VAL KA 401 -34.84 21.81 47.15
C VAL KA 401 -34.05 22.11 45.88
N MET KA 402 -33.56 23.35 45.71
CA MET KA 402 -32.71 23.65 44.58
C MET KA 402 -31.33 23.01 44.80
N SER KA 403 -30.55 22.97 43.71
CA SER KA 403 -29.28 22.23 43.67
C SER KA 403 -29.48 20.74 43.93
N LEU KA 404 -30.68 20.23 43.65
CA LEU KA 404 -30.96 18.80 43.70
C LEU KA 404 -31.05 18.29 42.27
N GLN KA 405 -30.18 17.35 41.92
CA GLN KA 405 -30.11 16.83 40.56
C GLN KA 405 -30.23 15.30 40.59
N GLY KA 406 -30.62 14.76 39.44
CA GLY KA 406 -30.79 13.31 39.32
C GLY KA 406 -31.98 12.77 40.08
N LEU KA 407 -33.10 13.48 40.04
CA LEU KA 407 -34.29 13.08 40.79
C LEU KA 407 -35.09 12.04 40.01
N ARG KA 408 -35.52 11.00 40.72
CA ARG KA 408 -36.32 9.95 40.12
C ARG KA 408 -37.79 10.35 40.07
N GLU KA 409 -38.49 9.86 39.06
CA GLU KA 409 -39.91 10.15 38.94
C GLU KA 409 -40.69 9.49 40.06
N LYS KA 410 -41.79 10.13 40.45
CA LYS KA 410 -42.68 9.62 41.50
C LYS KA 410 -41.98 9.54 42.85
N THR KA 411 -41.09 10.49 43.13
CA THR KA 411 -40.44 10.58 44.42
C THR KA 411 -40.80 11.91 45.07
N ILE KA 412 -40.73 11.94 46.41
CA ILE KA 412 -40.98 13.18 47.13
C ILE KA 412 -39.89 14.20 46.89
N GLY KA 413 -38.71 13.76 46.46
CA GLY KA 413 -37.66 14.70 46.13
C GLY KA 413 -38.01 15.54 44.91
N LYS KA 414 -38.45 14.88 43.84
CA LYS KA 414 -38.91 15.61 42.67
C LYS KA 414 -40.18 16.40 42.97
N TYR KA 415 -41.00 15.93 43.91
CA TYR KA 415 -42.17 16.70 44.31
C TYR KA 415 -41.76 18.01 44.97
N ALA KA 416 -40.83 17.95 45.93
CA ALA KA 416 -40.40 19.16 46.62
C ALA KA 416 -39.65 20.10 45.67
N LYS KA 417 -38.81 19.53 44.79
CA LYS KA 417 -38.13 20.34 43.79
C LYS KA 417 -39.12 21.05 42.88
N SER KA 418 -40.06 20.29 42.29
CA SER KA 418 -41.05 20.88 41.41
C SER KA 418 -42.07 21.73 42.15
N GLU KA 419 -42.07 21.72 43.47
CA GLU KA 419 -43.02 22.49 44.27
C GLU KA 419 -42.45 23.82 44.75
N PHE KA 420 -41.20 23.85 45.22
CA PHE KA 420 -40.64 25.04 45.82
C PHE KA 420 -39.59 25.74 44.96
N ASP KA 421 -39.10 25.09 43.90
CA ASP KA 421 -38.07 25.69 43.05
C ASP KA 421 -38.72 26.38 41.85
N LYS KA 422 -39.36 27.51 42.14
CA LYS KA 422 -39.94 28.37 41.10
C LYS KA 422 -40.36 29.70 41.71
N GLN LA 1 -34.93 28.21 84.74
CA GLN LA 1 -36.26 28.13 85.35
C GLN LA 1 -37.06 29.39 85.06
N VAL LA 2 -38.29 29.21 84.58
CA VAL LA 2 -39.21 30.30 84.29
C VAL LA 2 -40.21 30.42 85.42
N GLN LA 3 -40.43 31.64 85.89
CA GLN LA 3 -41.28 31.84 87.06
C GLN LA 3 -41.81 33.27 87.08
N LEU LA 4 -42.93 33.44 87.77
CA LEU LA 4 -43.57 34.72 88.02
C LEU LA 4 -43.67 34.94 89.52
N VAL LA 5 -43.19 36.08 90.00
CA VAL LA 5 -43.13 36.37 91.43
C VAL LA 5 -44.01 37.58 91.73
N GLU LA 6 -45.02 37.38 92.57
CA GLU LA 6 -45.93 38.44 92.96
C GLU LA 6 -45.54 38.99 94.33
N THR LA 7 -45.45 40.32 94.43
CA THR LA 7 -45.23 41.02 95.69
C THR LA 7 -46.20 42.19 95.77
N GLY LA 8 -46.32 42.75 96.96
CA GLY LA 8 -47.13 43.93 97.17
C GLY LA 8 -48.52 43.71 97.72
N GLY LA 9 -48.76 42.58 98.38
CA GLY LA 9 -50.05 42.33 99.01
C GLY LA 9 -50.01 42.68 100.50
N GLY LA 10 -51.21 42.66 101.09
CA GLY LA 10 -51.31 42.94 102.51
C GLY LA 10 -52.75 43.20 102.92
N LEU LA 11 -52.89 43.69 104.14
CA LEU LA 11 -54.18 43.97 104.76
C LEU LA 11 -54.43 45.48 104.75
N VAL LA 12 -55.53 45.89 104.13
CA VAL LA 12 -55.92 47.30 104.05
C VAL LA 12 -57.40 47.42 104.42
N GLN LA 13 -57.81 48.66 104.66
CA GLN LA 13 -59.20 48.95 104.99
C GLN LA 13 -60.00 49.22 103.72
N THR LA 14 -61.32 49.17 103.85
CA THR LA 14 -62.21 49.37 102.70
C THR LA 14 -62.03 50.77 102.13
N GLY LA 15 -61.82 50.85 100.81
CA GLY LA 15 -61.52 52.09 100.15
C GLY LA 15 -60.04 52.39 100.01
N GLY LA 16 -59.17 51.46 100.40
CA GLY LA 16 -57.74 51.65 100.32
C GLY LA 16 -57.21 51.43 98.92
N SER LA 17 -55.91 51.13 98.85
CA SER LA 17 -55.24 50.96 97.57
C SER LA 17 -53.94 50.20 97.78
N LEU LA 18 -53.72 49.17 96.97
CA LEU LA 18 -52.47 48.43 96.92
C LEU LA 18 -51.93 48.46 95.49
N ARG LA 19 -50.69 48.02 95.33
CA ARG LA 19 -50.09 47.89 94.00
C ARG LA 19 -49.32 46.58 93.95
N LEU LA 20 -49.87 45.59 93.26
CA LEU LA 20 -49.22 44.32 93.07
C LEU LA 20 -48.18 44.42 91.95
N SER LA 21 -47.02 43.83 92.18
CA SER LA 21 -45.97 43.73 91.17
C SER LA 21 -45.70 42.27 90.89
N CYS LA 22 -45.39 41.97 89.62
CA CYS LA 22 -45.09 40.61 89.19
C CYS LA 22 -43.83 40.62 88.34
N LYS LA 23 -42.80 39.93 88.80
CA LYS LA 23 -41.54 39.81 88.09
C LYS LA 23 -41.54 38.48 87.33
N ALA LA 24 -41.45 38.57 86.01
CA ALA LA 24 -41.43 37.40 85.15
C ALA LA 24 -39.99 37.15 84.67
N SER LA 25 -39.52 35.93 84.87
CA SER LA 25 -38.14 35.59 84.51
C SER LA 25 -38.10 34.18 83.93
N GLY LA 26 -36.98 33.85 83.29
CA GLY LA 26 -36.77 32.53 82.74
C GLY LA 26 -36.77 32.48 81.23
N ARG LA 27 -37.62 33.28 80.60
CA ARG LA 27 -37.74 33.29 79.15
C ARG LA 27 -37.94 34.73 78.70
N THR LA 28 -38.40 34.90 77.46
CA THR LA 28 -38.74 36.20 76.90
C THR LA 28 -40.25 36.27 76.68
N PHE LA 29 -40.86 37.39 77.09
CA PHE LA 29 -42.30 37.56 77.06
C PHE LA 29 -42.72 38.64 76.06
N SER LA 30 -41.90 38.88 75.03
CA SER LA 30 -42.19 39.94 74.08
C SER LA 30 -43.49 39.70 73.33
N ASN LA 31 -43.75 38.45 72.94
CA ASN LA 31 -44.98 38.07 72.26
C ASN LA 31 -45.91 37.29 73.18
N SER LA 32 -45.89 37.62 74.47
CA SER LA 32 -46.61 36.86 75.49
C SER LA 32 -47.63 37.74 76.18
N ILE LA 33 -48.85 37.23 76.31
CA ILE LA 33 -49.89 37.91 77.06
C ILE LA 33 -49.69 37.66 78.54
N MET LA 34 -49.68 38.73 79.34
CA MET LA 34 -49.58 38.63 80.78
C MET LA 34 -50.95 38.91 81.39
N GLY LA 35 -51.10 38.57 82.66
CA GLY LA 35 -52.39 38.80 83.31
C GLY LA 35 -52.33 38.46 84.77
N TRP LA 36 -53.48 38.70 85.43
CA TRP LA 36 -53.65 38.44 86.84
C TRP LA 36 -54.91 37.62 87.06
N PHE LA 37 -54.89 36.79 88.09
CA PHE LA 37 -56.07 36.04 88.52
C PHE LA 37 -56.15 36.13 90.04
N ARG LA 38 -57.32 35.80 90.57
CA ARG LA 38 -57.50 35.77 92.01
C ARG LA 38 -58.31 34.55 92.41
N GLN LA 39 -58.14 34.15 93.66
CA GLN LA 39 -58.76 32.92 94.18
C GLN LA 39 -59.05 33.11 95.65
N ALA LA 40 -60.32 32.92 96.02
CA ALA LA 40 -60.71 32.92 97.43
C ALA LA 40 -60.89 31.49 97.91
N PRO LA 41 -60.46 31.18 99.14
CA PRO LA 41 -60.62 29.82 99.65
C PRO LA 41 -62.09 29.41 99.67
N GLY LA 42 -62.36 28.22 99.14
CA GLY LA 42 -63.72 27.75 98.98
C GLY LA 42 -64.43 28.25 97.75
N LYS LA 43 -63.86 29.23 97.04
CA LYS LA 43 -64.42 29.74 95.80
C LYS LA 43 -63.45 29.49 94.66
N GLU LA 44 -63.97 29.55 93.43
CA GLU LA 44 -63.17 29.22 92.27
C GLU LA 44 -62.25 30.37 91.87
N ARG LA 45 -61.20 30.04 91.13
CA ARG LA 45 -60.30 31.05 90.58
C ARG LA 45 -61.06 31.99 89.66
N ASP LA 46 -60.77 33.28 89.76
CA ASP LA 46 -61.48 34.30 89.02
C ASP LA 46 -60.51 35.14 88.20
N PHE LA 47 -61.06 35.75 87.14
CA PHE LA 47 -60.31 36.61 86.24
C PHE LA 47 -60.54 38.07 86.64
N VAL LA 48 -59.46 38.85 86.68
CA VAL LA 48 -59.50 40.26 87.05
C VAL LA 48 -59.05 41.16 85.91
N ALA LA 49 -57.90 40.84 85.30
CA ALA LA 49 -57.35 41.68 84.26
C ALA LA 49 -56.30 40.90 83.49
N LYS LA 50 -56.17 41.23 82.20
CA LYS LA 50 -55.09 40.72 81.37
C LYS LA 50 -54.64 41.83 80.44
N ILE LA 51 -53.34 41.84 80.16
CA ILE LA 51 -52.75 42.78 79.21
C ILE LA 51 -51.95 41.98 78.19
N SER LA 52 -52.21 42.26 76.92
CA SER LA 52 -51.58 41.52 75.83
C SER LA 52 -50.27 42.21 75.43
N TRP LA 53 -49.64 41.69 74.38
CA TRP LA 53 -48.49 42.34 73.76
C TRP LA 53 -48.88 43.18 72.56
N ARG LA 54 -50.16 43.18 72.19
CA ARG LA 54 -50.66 43.96 71.05
C ARG LA 54 -51.17 45.30 71.57
N ASN LA 55 -50.35 46.33 71.42
CA ASN LA 55 -50.71 47.70 71.79
C ASN LA 55 -51.10 47.83 73.26
N ASP LA 56 -50.63 46.90 74.09
CA ASP LA 56 -50.99 46.82 75.51
C ASP LA 56 -52.51 46.83 75.68
N TYR LA 57 -53.17 45.97 74.90
CA TYR LA 57 -54.63 45.87 74.94
C TYR LA 57 -55.06 45.25 76.26
N THR LA 58 -55.67 46.07 77.12
CA THR LA 58 -56.09 45.62 78.44
C THR LA 58 -57.54 45.16 78.40
N THR LA 59 -57.81 44.05 79.10
CA THR LA 59 -59.16 43.53 79.26
C THR LA 59 -59.40 43.28 80.74
N TYR LA 60 -60.44 43.89 81.30
CA TYR LA 60 -60.74 43.80 82.71
C TYR LA 60 -62.03 43.04 82.94
N ALA LA 61 -62.21 42.58 84.18
CA ALA LA 61 -63.46 41.96 84.60
C ALA LA 61 -64.43 43.04 85.06
N ASP LA 62 -65.72 42.78 84.83
CA ASP LA 62 -66.75 43.75 85.19
C ASP LA 62 -66.74 44.12 86.67
N SER LA 63 -66.19 43.24 87.52
CA SER LA 63 -66.15 43.54 88.95
C SER LA 63 -65.09 44.57 89.31
N VAL LA 64 -64.09 44.79 88.45
CA VAL LA 64 -62.94 45.61 88.79
C VAL LA 64 -62.76 46.77 87.81
N LYS LA 65 -63.71 47.00 86.91
CA LYS LA 65 -63.58 48.10 85.97
C LYS LA 65 -63.74 49.43 86.69
N GLY LA 66 -62.82 50.35 86.42
CA GLY LA 66 -62.78 51.64 87.09
C GLY LA 66 -62.03 51.66 88.39
N ARG LA 67 -61.67 50.51 88.93
CA ARG LA 67 -60.94 50.41 90.19
C ARG LA 67 -59.53 49.86 90.02
N PHE LA 68 -59.33 48.91 89.11
CA PHE LA 68 -58.02 48.32 88.87
C PHE LA 68 -57.44 48.83 87.56
N THR LA 69 -56.12 48.78 87.45
CA THR LA 69 -55.41 49.24 86.26
C THR LA 69 -54.16 48.39 86.07
N ILE LA 70 -54.17 47.54 85.07
CA ILE LA 70 -53.05 46.63 84.80
C ILE LA 70 -52.11 47.29 83.81
N SER LA 71 -50.81 47.05 83.97
CA SER LA 71 -49.81 47.58 83.07
C SER LA 71 -48.66 46.59 82.97
N ARG LA 72 -47.78 46.83 82.00
CA ARG LA 72 -46.62 45.97 81.80
C ARG LA 72 -45.45 46.79 81.27
N ASP LA 73 -44.25 46.40 81.71
CA ASP LA 73 -43.00 46.93 81.19
C ASP LA 73 -42.15 45.74 80.74
N ASN LA 74 -41.89 45.67 79.44
CA ASN LA 74 -41.13 44.57 78.87
C ASN LA 74 -39.63 44.72 79.12
N ALA LA 75 -39.13 45.96 79.21
CA ALA LA 75 -37.71 46.16 79.47
C ALA LA 75 -37.34 45.68 80.87
N SER LA 76 -38.20 45.95 81.85
CA SER LA 76 -37.98 45.50 83.22
C SER LA 76 -38.50 44.08 83.47
N ASN LA 77 -39.16 43.48 82.49
CA ASN LA 77 -39.75 42.15 82.64
C ASN LA 77 -40.72 42.11 83.82
N MET LA 78 -41.53 43.16 83.96
CA MET LA 78 -42.43 43.26 85.09
C MET LA 78 -43.83 43.61 84.59
N VAL LA 79 -44.84 43.12 85.32
CA VAL LA 79 -46.24 43.45 85.04
C VAL LA 79 -46.91 43.83 86.36
N TYR LA 80 -47.53 45.00 86.38
CA TYR LA 80 -48.11 45.57 87.58
C TYR LA 80 -49.63 45.57 87.52
N LEU LA 81 -50.24 45.56 88.70
CA LEU LA 81 -51.68 45.72 88.86
C LEU LA 81 -51.91 46.76 89.95
N LEU LA 82 -52.46 47.91 89.57
CA LEU LA 82 -52.77 48.97 90.52
C LEU LA 82 -54.20 48.79 90.99
N MET LA 83 -54.38 48.61 92.29
CA MET LA 83 -55.68 48.35 92.90
C MET LA 83 -56.08 49.57 93.71
N ASN LA 84 -56.95 50.41 93.14
CA ASN LA 84 -57.51 51.56 93.81
C ASN LA 84 -58.98 51.29 94.12
N ASN LA 85 -59.50 52.00 95.13
CA ASN LA 85 -60.88 51.87 95.58
C ASN LA 85 -61.24 50.41 95.85
N LEU LA 86 -60.46 49.81 96.74
CA LEU LA 86 -60.64 48.39 97.06
C LEU LA 86 -61.95 48.14 97.78
N LYS LA 87 -62.40 46.90 97.72
CA LYS LA 87 -63.62 46.43 98.34
C LYS LA 87 -63.34 45.16 99.12
N PRO LA 88 -64.18 44.83 100.11
CA PRO LA 88 -64.05 43.51 100.76
C PRO LA 88 -64.27 42.36 99.81
N GLU LA 89 -65.05 42.56 98.74
CA GLU LA 89 -65.23 41.51 97.74
C GLU LA 89 -63.95 41.27 96.94
N ASP LA 90 -63.00 42.20 97.00
CA ASP LA 90 -61.71 42.02 96.34
C ASP LA 90 -60.71 41.22 97.17
N THR LA 91 -61.10 40.80 98.38
CA THR LA 91 -60.22 40.02 99.24
C THR LA 91 -59.98 38.65 98.62
N ALA LA 92 -58.73 38.32 98.33
CA ALA LA 92 -58.39 37.05 97.69
C ALA LA 92 -56.89 36.85 97.66
N VAL LA 93 -56.48 35.74 97.06
CA VAL LA 93 -55.08 35.44 96.78
C VAL LA 93 -54.86 35.67 95.29
N TYR LA 94 -53.94 36.56 94.95
CA TYR LA 94 -53.72 36.98 93.57
C TYR LA 94 -52.49 36.28 93.00
N TYR LA 95 -52.66 35.71 91.80
CA TYR LA 95 -51.60 35.01 91.08
C TYR LA 95 -51.30 35.72 89.77
N CYS LA 96 -50.02 35.79 89.44
CA CYS LA 96 -49.60 36.26 88.13
C CYS LA 96 -49.69 35.11 87.12
N ALA LA 97 -50.06 35.45 85.88
CA ALA LA 97 -50.21 34.47 84.82
C ALA LA 97 -49.53 34.96 83.56
N ALA LA 98 -48.89 34.05 82.82
CA ALA LA 98 -48.16 34.38 81.61
C ALA LA 98 -48.50 33.37 80.52
N THR LA 99 -48.61 33.86 79.29
CA THR LA 99 -49.00 33.06 78.14
C THR LA 99 -47.77 32.70 77.31
N LYS LA 100 -47.81 31.53 76.67
CA LYS LA 100 -46.78 31.18 75.72
C LYS LA 100 -46.81 32.13 74.53
N ALA LA 101 -45.71 32.14 73.77
CA ALA LA 101 -45.55 33.08 72.69
C ALA LA 101 -46.62 32.88 71.62
N TYR LA 102 -47.20 33.98 71.17
CA TYR LA 102 -48.23 34.03 70.12
C TYR LA 102 -49.50 33.26 70.50
N ASN LA 103 -49.59 32.78 71.72
CA ASN LA 103 -50.79 32.10 72.18
C ASN LA 103 -51.74 33.08 72.87
N GLY LA 104 -52.99 32.63 73.04
CA GLY LA 104 -54.02 33.45 73.63
C GLY LA 104 -54.16 33.22 75.12
N GLY LA 105 -54.90 34.13 75.75
CA GLY LA 105 -55.19 34.04 77.17
C GLY LA 105 -56.64 34.38 77.47
N GLU LA 106 -57.49 33.36 77.56
CA GLU LA 106 -58.91 33.59 77.77
C GLU LA 106 -59.19 33.83 79.26
N THR LA 107 -60.45 34.19 79.54
CA THR LA 107 -60.84 34.52 80.91
C THR LA 107 -60.84 33.28 81.79
N SER LA 108 -61.40 32.17 81.29
CA SER LA 108 -61.59 30.98 82.09
C SER LA 108 -60.26 30.38 82.59
N GLY LA 109 -59.15 30.79 82.00
CA GLY LA 109 -57.86 30.22 82.35
C GLY LA 109 -57.21 29.45 81.23
N ARG LA 110 -57.89 29.29 80.09
CA ARG LA 110 -57.28 28.67 78.93
C ARG LA 110 -56.06 29.48 78.50
N GLY LA 111 -55.04 28.79 78.02
CA GLY LA 111 -53.76 29.44 77.89
C GLY LA 111 -53.14 29.63 79.27
N PHE LA 112 -52.29 30.64 79.39
CA PHE LA 112 -51.60 30.95 80.64
C PHE LA 112 -50.90 29.72 81.20
N TYR LA 113 -49.85 29.31 80.50
CA TYR LA 113 -49.10 28.13 80.91
C TYR LA 113 -48.34 28.36 82.20
N TYR LA 114 -47.91 29.59 82.46
CA TYR LA 114 -47.14 29.93 83.64
C TYR LA 114 -48.04 30.55 84.71
N TRP LA 115 -47.80 30.17 85.96
CA TRP LA 115 -48.60 30.65 87.07
C TRP LA 115 -47.68 30.92 88.25
N GLY LA 116 -48.00 31.98 89.01
CA GLY LA 116 -47.20 32.32 90.17
C GLY LA 116 -47.70 31.66 91.43
N GLN LA 117 -46.86 31.75 92.47
CA GLN LA 117 -47.23 31.18 93.77
C GLN LA 117 -48.32 32.01 94.44
N GLY LA 118 -48.35 33.31 94.20
CA GLY LA 118 -49.43 34.17 94.65
C GLY LA 118 -49.01 35.08 95.79
N THR LA 119 -49.90 36.01 96.10
CA THR LA 119 -49.74 36.93 97.22
C THR LA 119 -51.11 37.20 97.81
N GLN LA 120 -51.13 37.54 99.11
CA GLN LA 120 -52.37 37.71 99.83
C GLN LA 120 -52.82 39.16 99.80
N VAL LA 121 -54.11 39.37 99.53
CA VAL LA 121 -54.73 40.70 99.57
C VAL LA 121 -55.99 40.60 100.43
N THR LA 122 -55.96 41.22 101.60
CA THR LA 122 -57.09 41.23 102.53
C THR LA 122 -57.59 42.66 102.67
N VAL LA 123 -58.90 42.85 102.50
CA VAL LA 123 -59.53 44.16 102.59
C VAL LA 123 -60.66 44.06 103.61
N SER LA 124 -60.60 44.90 104.63
CA SER LA 124 -61.54 44.85 105.75
C SER LA 124 -62.24 46.20 105.90
N SER LA 125 -63.03 46.32 106.97
CA SER LA 125 -63.77 47.54 107.25
C SER LA 125 -62.97 48.50 108.12
N SER MA 2 -39.04 10.45 78.93
CA SER MA 2 -40.38 9.87 78.86
C SER MA 2 -41.39 10.74 79.61
N VAL MA 3 -42.22 11.45 78.85
CA VAL MA 3 -43.25 12.32 79.40
C VAL MA 3 -44.57 11.96 78.74
N THR MA 4 -45.66 12.02 79.50
CA THR MA 4 -46.96 11.56 79.03
C THR MA 4 -47.44 12.38 77.85
N VAL MA 5 -47.84 11.69 76.78
CA VAL MA 5 -48.36 12.31 75.56
C VAL MA 5 -49.73 11.74 75.26
N LYS MA 6 -50.67 12.61 74.91
CA LYS MA 6 -52.05 12.21 74.67
C LYS MA 6 -52.60 12.96 73.48
N ARG MA 7 -53.56 12.31 72.80
CA ARG MA 7 -54.27 12.90 71.68
C ARG MA 7 -55.38 13.81 72.20
N ILE MA 8 -55.39 15.07 71.73
CA ILE MA 8 -56.29 16.06 72.29
C ILE MA 8 -57.73 15.89 71.84
N ILE MA 9 -58.00 15.07 70.82
CA ILE MA 9 -59.38 14.93 70.34
C ILE MA 9 -60.22 14.11 71.32
N ASP MA 10 -59.59 13.16 72.03
CA ASP MA 10 -60.37 12.31 72.93
C ASP MA 10 -59.60 11.87 74.17
N ASN MA 11 -58.53 12.56 74.55
CA ASN MA 11 -57.76 12.28 75.76
C ASN MA 11 -57.19 10.86 75.79
N THR MA 12 -57.04 10.23 74.63
CA THR MA 12 -56.37 8.92 74.58
C THR MA 12 -54.88 9.10 74.83
N VAL MA 13 -54.29 8.12 75.51
CA VAL MA 13 -52.86 8.14 75.81
C VAL MA 13 -52.11 7.42 74.70
N ILE MA 14 -51.00 8.02 74.27
CA ILE MA 14 -50.16 7.43 73.23
C ILE MA 14 -48.72 7.37 73.75
N VAL MA 15 -48.03 6.29 73.41
CA VAL MA 15 -46.66 6.07 73.86
C VAL MA 15 -45.73 6.03 72.66
N PRO MA 16 -45.21 7.17 72.19
CA PRO MA 16 -44.29 7.15 71.05
C PRO MA 16 -42.97 6.47 71.38
N LYS MA 17 -42.72 5.33 70.77
CA LYS MA 17 -41.51 4.55 71.00
C LYS MA 17 -40.91 4.13 69.66
N LEU MA 18 -39.59 3.97 69.65
CA LEU MA 18 -38.85 3.66 68.44
C LEU MA 18 -38.07 2.36 68.59
N PRO MA 19 -37.87 1.61 67.51
CA PRO MA 19 -36.99 0.44 67.56
C PRO MA 19 -35.57 0.84 67.91
N ALA MA 20 -35.12 0.47 69.10
CA ALA MA 20 -33.79 0.85 69.54
C ALA MA 20 -32.74 -0.05 68.90
N ASN MA 21 -31.51 0.48 68.84
CA ASN MA 21 -30.35 -0.30 68.43
C ASN MA 21 -29.25 -0.07 69.45
N GLU MA 22 -28.78 -1.15 70.08
CA GLU MA 22 -27.75 -1.06 71.09
C GLU MA 22 -26.48 -0.46 70.52
N ASP MA 23 -25.75 -1.24 69.73
CA ASP MA 23 -24.42 -0.89 69.24
C ASP MA 23 -23.54 -0.33 70.37
N PRO MA 24 -23.25 -1.12 71.40
CA PRO MA 24 -22.38 -0.64 72.47
C PRO MA 24 -20.98 -0.36 71.95
N VAL MA 25 -20.26 0.48 72.68
CA VAL MA 25 -18.92 0.91 72.31
C VAL MA 25 -17.93 0.29 73.29
N GLU MA 26 -16.86 -0.29 72.75
CA GLU MA 26 -15.85 -0.98 73.53
C GLU MA 26 -14.58 -0.16 73.56
N TYR MA 27 -14.14 0.22 74.77
CA TYR MA 27 -12.91 0.97 75.00
C TYR MA 27 -11.73 0.03 75.13
N PRO MA 28 -10.53 0.46 74.71
CA PRO MA 28 -9.38 -0.45 74.70
C PRO MA 28 -8.91 -0.90 76.08
N ALA MA 29 -9.03 -0.05 77.09
CA ALA MA 29 -8.53 -0.41 78.41
C ALA MA 29 -9.42 -1.43 79.11
N ASP MA 30 -10.72 -1.46 78.78
CA ASP MA 30 -11.61 -2.46 79.33
C ASP MA 30 -11.27 -3.88 78.85
N TYR MA 31 -10.28 -4.02 77.98
CA TYR MA 31 -9.77 -5.32 77.56
C TYR MA 31 -8.55 -5.76 78.35
N PHE MA 32 -7.73 -4.82 78.81
CA PHE MA 32 -6.53 -5.16 79.58
C PHE MA 32 -6.82 -5.40 81.05
N ARG MA 33 -8.03 -5.13 81.52
CA ARG MA 33 -8.43 -5.54 82.86
C ARG MA 33 -8.95 -6.97 82.90
N LYS MA 34 -9.41 -7.49 81.76
CA LYS MA 34 -9.84 -8.88 81.65
C LYS MA 34 -8.67 -9.81 81.35
N SER MA 35 -7.86 -9.46 80.34
CA SER MA 35 -6.67 -10.21 79.99
C SER MA 35 -5.49 -9.27 79.96
N LYS MA 36 -4.41 -9.64 80.65
CA LYS MA 36 -3.21 -8.81 80.70
C LYS MA 36 -2.26 -9.06 79.54
N GLU MA 37 -2.73 -9.73 78.48
CA GLU MA 37 -1.91 -9.94 77.29
C GLU MA 37 -2.81 -10.31 76.11
N ILE MA 38 -2.35 -9.91 74.92
CA ILE MA 38 -3.03 -10.17 73.66
C ILE MA 38 -2.35 -11.34 72.97
N PRO MA 39 -3.06 -12.43 72.67
CA PRO MA 39 -2.41 -13.59 72.04
C PRO MA 39 -2.40 -13.50 70.51
N LEU MA 40 -1.43 -14.22 69.94
CA LEU MA 40 -1.30 -14.37 68.49
C LEU MA 40 -1.22 -15.86 68.18
N TYR MA 41 -2.27 -16.40 67.55
CA TYR MA 41 -2.30 -17.81 67.19
C TYR MA 41 -1.56 -18.01 65.87
N ILE MA 42 -0.58 -18.91 65.87
CA ILE MA 42 0.26 -19.13 64.70
C ILE MA 42 0.79 -20.55 64.71
N ASN MA 43 1.16 -21.05 63.53
CA ASN MA 43 1.63 -22.42 63.35
C ASN MA 43 3.12 -22.38 63.07
N THR MA 44 3.91 -22.91 64.01
CA THR MA 44 5.36 -22.91 63.91
C THR MA 44 5.93 -24.26 63.50
N THR MA 45 5.12 -25.10 62.84
CA THR MA 45 5.59 -26.43 62.47
C THR MA 45 6.57 -26.38 61.31
N LYS MA 46 6.12 -25.88 60.16
CA LYS MA 46 6.95 -25.92 58.96
C LYS MA 46 8.11 -24.94 59.06
N SER MA 47 9.07 -25.11 58.15
CA SER MA 47 10.30 -24.33 58.15
C SER MA 47 10.14 -23.06 57.33
N LEU MA 48 11.15 -22.19 57.44
CA LEU MA 48 11.11 -20.91 56.74
C LEU MA 48 11.25 -21.11 55.23
N SER MA 49 12.30 -21.83 54.81
CA SER MA 49 12.52 -22.05 53.37
C SER MA 49 11.38 -22.83 52.74
N ASP MA 50 10.59 -23.55 53.53
CA ASP MA 50 9.36 -24.15 53.01
C ASP MA 50 8.30 -23.08 52.78
N LEU MA 51 8.10 -22.19 53.75
CA LEU MA 51 7.03 -21.21 53.66
C LEU MA 51 7.31 -20.15 52.60
N ARG MA 52 8.59 -19.87 52.33
CA ARG MA 52 8.92 -18.88 51.30
C ARG MA 52 8.43 -19.34 49.93
N GLY MA 53 8.64 -20.62 49.60
CA GLY MA 53 8.09 -21.15 48.37
C GLY MA 53 6.60 -21.41 48.44
N TYR MA 54 6.11 -21.81 49.62
CA TYR MA 54 4.66 -21.95 49.83
C TYR MA 54 3.93 -20.68 49.41
N VAL MA 55 4.41 -19.52 49.87
CA VAL MA 55 3.74 -18.26 49.57
C VAL MA 55 4.21 -17.63 48.27
N TYR MA 56 5.36 -18.04 47.74
CA TYR MA 56 5.74 -17.55 46.41
C TYR MA 56 4.88 -18.19 45.34
N GLN MA 57 4.79 -19.53 45.35
CA GLN MA 57 3.93 -20.21 44.38
C GLN MA 57 2.46 -19.99 44.71
N GLY MA 58 2.11 -19.97 46.00
CA GLY MA 58 0.75 -19.60 46.37
C GLY MA 58 0.40 -18.18 45.95
N LEU MA 59 1.40 -17.31 45.84
CA LEU MA 59 1.19 -15.97 45.34
C LEU MA 59 1.00 -15.96 43.82
N LYS MA 60 1.86 -16.68 43.10
CA LYS MA 60 1.71 -16.75 41.65
C LYS MA 60 0.32 -17.27 41.26
N SER MA 61 -0.16 -18.29 41.96
CA SER MA 61 -1.51 -18.78 41.76
C SER MA 61 -2.50 -17.92 42.55
N GLY MA 62 -3.79 -18.21 42.38
CA GLY MA 62 -4.79 -17.58 43.21
C GLY MA 62 -4.98 -18.26 44.55
N ASN MA 63 -4.50 -19.50 44.68
CA ASN MA 63 -4.67 -20.27 45.91
C ASN MA 63 -3.51 -20.02 46.86
N VAL MA 64 -3.85 -19.80 48.14
CA VAL MA 64 -2.85 -19.61 49.19
C VAL MA 64 -3.61 -19.61 50.51
N SER MA 65 -2.91 -19.95 51.58
CA SER MA 65 -3.52 -20.01 52.91
C SER MA 65 -3.02 -18.86 53.77
N ILE MA 66 -3.94 -18.26 54.53
CA ILE MA 66 -3.56 -17.18 55.43
C ILE MA 66 -2.69 -17.70 56.56
N ILE MA 67 -2.85 -18.97 56.92
CA ILE MA 67 -1.99 -19.56 57.94
C ILE MA 67 -0.55 -19.65 57.43
N HIS MA 68 -0.37 -19.78 56.12
CA HIS MA 68 0.97 -19.79 55.54
C HIS MA 68 1.58 -18.40 55.50
N VAL MA 69 0.76 -17.36 55.28
CA VAL MA 69 1.31 -16.01 55.25
C VAL MA 69 1.58 -15.49 56.65
N ASN MA 70 0.78 -15.89 57.63
CA ASN MA 70 1.07 -15.52 59.02
C ASN MA 70 2.26 -16.30 59.54
N SER MA 71 2.21 -17.63 59.40
CA SER MA 71 3.31 -18.48 59.85
C SER MA 71 4.62 -18.11 59.16
N TYR MA 72 4.56 -17.70 57.89
CA TYR MA 72 5.77 -17.25 57.21
C TYR MA 72 6.19 -15.87 57.70
N LEU MA 73 5.23 -14.96 57.89
CA LEU MA 73 5.56 -13.61 58.32
C LEU MA 73 6.25 -13.60 59.67
N TYR MA 74 5.84 -14.49 60.58
CA TYR MA 74 6.53 -14.58 61.87
C TYR MA 74 7.99 -14.96 61.69
N GLY MA 75 8.26 -16.04 60.96
CA GLY MA 75 9.62 -16.48 60.74
C GLY MA 75 10.44 -15.52 59.90
N ALA MA 76 9.79 -14.62 59.17
CA ALA MA 76 10.49 -13.64 58.37
C ALA MA 76 10.77 -12.34 59.13
N LEU MA 77 9.98 -12.05 60.18
CA LEU MA 77 10.18 -10.88 61.02
C LEU MA 77 10.62 -11.26 62.42
N LYS MA 78 11.15 -12.47 62.59
CA LYS MA 78 11.53 -12.96 63.92
C LYS MA 78 12.89 -12.42 64.37
N ASP MA 79 13.81 -12.19 63.42
CA ASP MA 79 15.18 -11.82 63.73
C ASP MA 79 15.45 -10.32 63.63
N ILE MA 80 14.41 -9.50 63.63
CA ILE MA 80 14.58 -8.05 63.65
C ILE MA 80 14.55 -7.58 65.10
N ARG MA 81 15.44 -6.66 65.44
CA ARG MA 81 15.61 -6.22 66.82
C ARG MA 81 15.70 -4.70 66.87
N GLY MA 82 15.56 -4.17 68.09
CA GLY MA 82 15.64 -2.74 68.32
C GLY MA 82 15.90 -2.40 69.77
N LYS MA 83 16.83 -1.47 70.02
CA LYS MA 83 17.21 -1.08 71.35
C LYS MA 83 16.45 0.17 71.77
N LEU MA 84 15.92 0.16 72.99
CA LEU MA 84 15.08 1.26 73.47
C LEU MA 84 15.95 2.36 74.09
N ASP MA 85 15.59 3.61 73.80
CA ASP MA 85 16.23 4.73 74.47
C ASP MA 85 15.70 4.90 75.89
N LYS MA 86 14.39 4.71 76.07
CA LYS MA 86 13.77 4.77 77.39
C LYS MA 86 12.76 3.64 77.51
N ASP MA 87 12.17 3.53 78.70
CA ASP MA 87 11.20 2.48 78.97
C ASP MA 87 10.00 2.60 78.02
N TRP MA 88 9.27 1.50 77.88
CA TRP MA 88 8.10 1.46 77.02
C TRP MA 88 7.08 0.53 77.67
N SER MA 89 6.06 1.13 78.28
CA SER MA 89 4.96 0.39 78.90
C SER MA 89 3.63 0.94 78.41
N SER MA 90 2.63 0.07 78.38
CA SER MA 90 1.31 0.46 77.90
C SER MA 90 0.26 -0.42 78.53
N PHE MA 91 -0.79 0.22 79.09
CA PHE MA 91 -1.91 -0.49 79.70
C PHE MA 91 -1.46 -1.50 80.75
N GLY MA 92 -0.39 -1.16 81.46
CA GLY MA 92 0.15 -2.06 82.46
C GLY MA 92 0.96 -3.21 81.91
N ILE MA 93 1.51 -3.08 80.71
CA ILE MA 93 2.31 -4.12 80.08
C ILE MA 93 3.68 -3.52 79.79
N ASN MA 94 4.66 -3.84 80.63
CA ASN MA 94 6.04 -3.39 80.42
C ASN MA 94 6.65 -4.27 79.34
N ILE MA 95 6.34 -3.92 78.09
CA ILE MA 95 6.86 -4.68 76.95
C ILE MA 95 8.35 -4.47 76.78
N GLY MA 96 8.92 -3.45 77.41
CA GLY MA 96 10.35 -3.21 77.32
C GLY MA 96 10.82 -2.11 78.26
N LYS MA 97 12.04 -2.25 78.76
CA LYS MA 97 12.66 -1.26 79.62
C LYS MA 97 13.78 -0.55 78.84
N ALA MA 98 14.45 0.39 79.51
CA ALA MA 98 15.43 1.24 78.84
C ALA MA 98 16.54 0.41 78.21
N GLY MA 99 17.27 -0.36 79.03
CA GLY MA 99 18.38 -1.14 78.54
C GLY MA 99 18.02 -2.31 77.65
N ASP MA 100 16.74 -2.60 77.48
CA ASP MA 100 16.32 -3.77 76.72
C ASP MA 100 16.45 -3.54 75.22
N THR MA 101 16.75 -4.62 74.50
CA THR MA 101 16.75 -4.63 73.03
C THR MA 101 15.74 -5.69 72.59
N ILE MA 102 14.58 -5.23 72.13
CA ILE MA 102 13.44 -6.11 71.90
C ILE MA 102 13.17 -6.21 70.41
N GLY MA 103 12.23 -7.10 70.07
CA GLY MA 103 11.77 -7.29 68.71
C GLY MA 103 10.28 -7.03 68.59
N ILE MA 104 9.79 -7.22 67.36
CA ILE MA 104 8.40 -6.89 67.04
C ILE MA 104 7.44 -7.78 67.84
N PHE MA 105 7.77 -9.05 68.00
CA PHE MA 105 6.86 -10.01 68.61
C PHE MA 105 6.97 -10.08 70.13
N ASP MA 106 7.55 -9.05 70.75
CA ASP MA 106 7.42 -8.88 72.19
C ASP MA 106 6.16 -8.11 72.57
N LEU MA 107 5.50 -7.48 71.60
CA LEU MA 107 4.25 -6.77 71.87
C LEU MA 107 3.12 -7.75 72.18
N VAL MA 108 3.02 -8.82 71.40
CA VAL MA 108 1.99 -9.83 71.57
C VAL MA 108 2.63 -11.13 72.02
N SER MA 109 1.80 -12.01 72.57
CA SER MA 109 2.25 -13.31 73.05
C SER MA 109 1.98 -14.38 72.01
N LEU MA 110 2.97 -15.26 71.79
CA LEU MA 110 2.84 -16.33 70.83
C LEU MA 110 2.07 -17.50 71.44
N LYS MA 111 1.08 -18.00 70.70
CA LYS MA 111 0.39 -19.22 71.08
C LYS MA 111 0.60 -20.27 69.99
N ALA MA 112 -0.43 -21.06 69.70
CA ALA MA 112 -0.33 -22.09 68.68
C ALA MA 112 -1.67 -22.25 67.99
N LEU MA 113 -1.64 -22.35 66.66
CA LEU MA 113 -2.84 -22.60 65.87
C LEU MA 113 -2.93 -24.09 65.59
N ASP MA 114 -3.84 -24.77 66.28
CA ASP MA 114 -4.05 -26.19 66.11
C ASP MA 114 -5.10 -26.46 65.05
N GLY MA 115 -4.99 -27.61 64.40
CA GLY MA 115 -5.86 -28.02 63.33
C GLY MA 115 -5.07 -28.47 62.12
N VAL MA 116 -5.76 -28.66 61.01
CA VAL MA 116 -5.10 -29.10 59.79
C VAL MA 116 -4.22 -28.00 59.23
N LEU MA 117 -3.25 -28.40 58.42
CA LEU MA 117 -2.33 -27.46 57.77
C LEU MA 117 -2.39 -27.67 56.26
N PRO MA 118 -2.66 -26.63 55.48
CA PRO MA 118 -2.81 -26.69 54.02
C PRO MA 118 -1.57 -27.19 53.29
N SER MA 122 4.73 -26.33 47.20
CA SER MA 122 6.17 -26.40 47.45
C SER MA 122 6.96 -25.71 46.36
N ASP MA 123 8.11 -25.16 46.73
CA ASP MA 123 9.01 -24.48 45.80
C ASP MA 123 10.35 -24.27 46.48
N ALA MA 124 11.40 -24.16 45.67
CA ALA MA 124 12.74 -23.93 46.18
C ALA MA 124 13.41 -22.88 45.27
N SER MA 125 14.74 -22.85 45.29
CA SER MA 125 15.53 -21.89 44.53
C SER MA 125 15.15 -20.45 44.88
N SER MA 128 16.62 -16.85 49.90
CA SER MA 128 16.59 -16.09 51.14
C SER MA 128 16.60 -14.59 50.86
N ALA MA 129 16.91 -14.21 49.63
CA ALA MA 129 16.87 -12.81 49.24
C ALA MA 129 15.43 -12.30 49.23
N ASP MA 130 14.51 -13.10 48.68
CA ASP MA 130 13.10 -12.71 48.64
C ASP MA 130 12.55 -12.39 50.02
N ASP MA 131 13.15 -12.96 51.07
CA ASP MA 131 12.76 -12.68 52.44
C ASP MA 131 12.81 -11.20 52.78
N LYS MA 132 13.46 -10.37 51.96
CA LYS MA 132 13.53 -8.95 52.24
C LYS MA 132 12.39 -8.15 51.63
N TRP MA 133 11.58 -8.74 50.75
CA TRP MA 133 10.41 -8.06 50.21
C TRP MA 133 9.13 -8.89 50.26
N LEU MA 134 9.21 -10.21 50.37
CA LEU MA 134 8.00 -11.02 50.53
C LEU MA 134 7.17 -10.60 51.74
N PRO MA 135 7.73 -10.28 52.91
CA PRO MA 135 6.89 -9.70 53.97
C PRO MA 135 6.31 -8.35 53.57
N LEU MA 136 7.14 -7.43 53.07
CA LEU MA 136 6.66 -6.13 52.63
C LEU MA 136 5.50 -6.29 51.65
N TYR MA 137 5.59 -7.29 50.78
CA TYR MA 137 4.46 -7.63 49.91
C TYR MA 137 3.25 -8.01 50.76
N LEU MA 138 3.37 -9.09 51.54
CA LEU MA 138 2.24 -9.61 52.30
C LEU MA 138 1.65 -8.54 53.23
N LEU MA 139 2.48 -7.63 53.73
CA LEU MA 139 1.96 -6.54 54.56
C LEU MA 139 1.26 -5.49 53.71
N GLY MA 140 1.89 -5.07 52.61
CA GLY MA 140 1.31 -4.01 51.78
C GLY MA 140 -0.09 -4.33 51.29
N LEU MA 141 -0.32 -5.58 50.88
CA LEU MA 141 -1.64 -5.96 50.38
C LEU MA 141 -2.74 -5.78 51.42
N TYR MA 142 -2.39 -5.55 52.69
CA TYR MA 142 -3.41 -5.16 53.66
C TYR MA 142 -4.02 -3.82 53.28
N ARG MA 143 -3.18 -2.80 53.09
CA ARG MA 143 -3.66 -1.48 52.70
C ARG MA 143 -4.49 -1.55 51.43
N VAL MA 144 -3.88 -2.06 50.34
CA VAL MA 144 -4.59 -2.24 49.07
C VAL MA 144 -5.83 -3.08 49.27
N GLY MA 145 -5.84 -3.94 50.29
CA GLY MA 145 -6.99 -4.80 50.50
C GLY MA 145 -8.23 -4.06 50.98
N ARG MA 146 -8.04 -2.94 51.68
CA ARG MA 146 -9.14 -2.26 52.33
C ARG MA 146 -9.70 -1.09 51.52
N THR MA 147 -9.43 -1.05 50.22
CA THR MA 147 -9.97 -0.05 49.33
C THR MA 147 -10.69 -0.72 48.18
N GLN MA 148 -11.66 -0.02 47.59
CA GLN MA 148 -12.44 -0.56 46.48
C GLN MA 148 -12.41 0.33 45.24
N MET MA 149 -11.91 1.56 45.35
CA MET MA 149 -11.76 2.41 44.18
C MET MA 149 -10.64 1.84 43.30
N PRO MA 150 -10.95 1.40 42.07
CA PRO MA 150 -9.92 0.70 41.28
C PRO MA 150 -8.69 1.55 40.97
N GLU MA 151 -8.83 2.88 40.95
CA GLU MA 151 -7.67 3.72 40.66
C GLU MA 151 -6.82 3.95 41.91
N TYR MA 152 -7.48 4.15 43.06
CA TYR MA 152 -6.75 4.18 44.33
C TYR MA 152 -6.06 2.85 44.59
N ARG MA 153 -6.71 1.75 44.21
CA ARG MA 153 -6.06 0.44 44.22
C ARG MA 153 -4.84 0.43 43.31
N LYS MA 154 -5.04 0.86 42.06
CA LYS MA 154 -3.98 0.80 41.05
C LYS MA 154 -2.76 1.59 41.45
N LYS MA 155 -2.96 2.73 42.12
CA LYS MA 155 -1.82 3.55 42.53
C LYS MA 155 -1.01 2.87 43.64
N LEU MA 156 -1.68 2.07 44.48
CA LEU MA 156 -0.99 1.42 45.59
C LEU MA 156 -0.15 0.23 45.16
N MET MA 157 -0.30 -0.23 43.92
CA MET MA 157 0.62 -1.23 43.39
C MET MA 157 1.91 -0.60 42.89
N ASP MA 158 1.85 0.61 42.36
CA ASP MA 158 3.07 1.40 42.18
C ASP MA 158 3.69 1.71 43.54
N GLY MA 159 2.84 1.97 44.54
CA GLY MA 159 3.31 1.96 45.91
C GLY MA 159 3.94 0.64 46.30
N LEU MA 160 3.52 -0.45 45.65
CA LEU MA 160 4.24 -1.72 45.72
C LEU MA 160 5.29 -1.85 44.62
N THR MA 161 5.64 -0.75 43.96
CA THR MA 161 6.92 -0.64 43.27
C THR MA 161 7.89 0.23 44.05
N ASN MA 162 7.43 0.89 45.12
CA ASN MA 162 8.33 1.19 46.23
C ASN MA 162 8.93 -0.09 46.79
N GLN MA 163 8.25 -1.22 46.57
CA GLN MA 163 8.76 -2.53 46.97
C GLN MA 163 10.09 -2.83 46.29
N CYS MA 164 10.09 -2.85 44.95
CA CYS MA 164 11.27 -3.22 44.18
C CYS MA 164 12.43 -2.24 44.34
N LYS MA 165 12.32 -1.27 45.25
CA LYS MA 165 13.46 -0.39 45.52
C LYS MA 165 14.61 -1.13 46.20
N MET MA 166 14.37 -2.30 46.77
CA MET MA 166 15.44 -3.08 47.38
C MET MA 166 16.06 -4.06 46.39
N ILE MA 167 15.25 -4.62 45.49
CA ILE MA 167 15.73 -5.33 44.32
C ILE MA 167 14.76 -5.02 43.18
N ASN MA 168 15.27 -4.40 42.12
CA ASN MA 168 14.39 -3.90 41.07
C ASN MA 168 13.78 -5.03 40.25
N GLU MA 169 14.34 -6.23 40.32
CA GLU MA 169 13.81 -7.37 39.57
C GLU MA 169 12.46 -7.83 40.11
N GLN MA 170 11.98 -7.26 41.21
CA GLN MA 170 10.71 -7.67 41.78
C GLN MA 170 9.57 -7.33 40.84
N PHE MA 171 8.73 -8.32 40.57
CA PHE MA 171 7.55 -8.14 39.73
C PHE MA 171 6.38 -8.87 40.37
N GLU MA 172 5.20 -8.26 40.28
CA GLU MA 172 3.99 -8.67 41.00
C GLU MA 172 3.65 -10.14 40.74
N PRO MA 173 3.83 -11.00 41.74
CA PRO MA 173 3.39 -12.41 41.61
C PRO MA 173 1.92 -12.56 41.92
N LEU MA 174 1.07 -12.13 40.97
CA LEU MA 174 -0.36 -12.22 41.14
C LEU MA 174 -1.03 -12.03 39.78
N VAL MA 175 -2.21 -12.62 39.64
CA VAL MA 175 -3.04 -12.55 38.43
C VAL MA 175 -3.43 -11.09 38.23
N PRO MA 176 -3.87 -10.67 37.03
CA PRO MA 176 -4.54 -9.37 36.92
C PRO MA 176 -5.64 -9.19 37.95
N GLU MA 177 -6.63 -10.09 37.95
CA GLU MA 177 -7.51 -10.16 39.09
C GLU MA 177 -6.73 -10.68 40.30
N GLY MA 178 -7.33 -10.53 41.47
CA GLY MA 178 -6.61 -10.57 42.72
C GLY MA 178 -6.83 -9.33 43.55
N ARG MA 179 -7.34 -8.27 42.92
CA ARG MA 179 -8.02 -7.20 43.63
C ARG MA 179 -9.00 -7.78 44.65
N ASP MA 180 -9.51 -8.98 44.37
CA ASP MA 180 -10.39 -9.68 45.29
C ASP MA 180 -9.76 -10.95 45.85
N ILE MA 181 -8.43 -11.00 45.96
CA ILE MA 181 -7.74 -12.15 46.55
C ILE MA 181 -7.18 -11.81 47.92
N PHE MA 182 -6.26 -10.84 47.99
CA PHE MA 182 -5.69 -10.50 49.30
C PHE MA 182 -6.69 -9.77 50.19
N ASP MA 183 -7.83 -9.32 49.64
CA ASP MA 183 -8.91 -8.81 50.46
C ASP MA 183 -9.32 -9.80 51.54
N VAL MA 184 -9.09 -11.09 51.31
CA VAL MA 184 -9.41 -12.10 52.30
C VAL MA 184 -8.63 -11.85 53.58
N TRP MA 185 -7.34 -11.51 53.45
CA TRP MA 185 -6.43 -11.50 54.60
C TRP MA 185 -6.88 -10.53 55.69
N GLY MA 186 -7.80 -9.61 55.37
CA GLY MA 186 -8.26 -8.68 56.38
C GLY MA 186 -9.13 -9.30 57.46
N ASN MA 187 -9.74 -10.46 57.19
CA ASN MA 187 -10.65 -11.06 58.16
C ASN MA 187 -9.96 -12.08 59.06
N ASP MA 188 -8.70 -12.42 58.81
CA ASP MA 188 -7.97 -13.30 59.70
C ASP MA 188 -7.51 -12.52 60.92
N SER MA 189 -7.95 -12.95 62.10
CA SER MA 189 -7.67 -12.21 63.33
C SER MA 189 -6.18 -12.12 63.63
N ASN MA 190 -5.37 -13.04 63.09
CA ASN MA 190 -3.95 -13.08 63.40
C ASN MA 190 -3.10 -12.30 62.40
N TYR MA 191 -3.64 -11.98 61.22
CA TYR MA 191 -2.93 -11.15 60.27
C TYR MA 191 -2.99 -9.67 60.66
N THR MA 192 -4.19 -9.22 61.07
CA THR MA 192 -4.34 -7.85 61.56
C THR MA 192 -3.44 -7.58 62.75
N LYS MA 193 -3.31 -8.56 63.65
CA LYS MA 193 -2.38 -8.41 64.78
C LYS MA 193 -0.94 -8.33 64.30
N ILE MA 194 -0.61 -9.00 63.20
CA ILE MA 194 0.76 -8.94 62.68
C ILE MA 194 1.06 -7.56 62.11
N VAL MA 195 0.19 -7.04 61.26
CA VAL MA 195 0.44 -5.71 60.69
C VAL MA 195 0.39 -4.65 61.79
N ALA MA 196 -0.49 -4.82 62.76
CA ALA MA 196 -0.58 -3.86 63.86
C ALA MA 196 0.67 -3.86 64.72
N ALA MA 197 1.21 -5.06 65.01
CA ALA MA 197 2.47 -5.13 65.73
C ALA MA 197 3.63 -4.58 64.90
N VAL MA 198 3.56 -4.72 63.57
CA VAL MA 198 4.56 -4.13 62.69
C VAL MA 198 4.57 -2.62 62.85
N ASP MA 199 3.41 -1.99 62.69
CA ASP MA 199 3.35 -0.53 62.76
C ASP MA 199 3.67 -0.02 64.15
N MET MA 200 3.15 -0.70 65.18
CA MET MA 200 3.45 -0.29 66.55
C MET MA 200 4.95 -0.42 66.85
N PHE MA 201 5.61 -1.42 66.28
CA PHE MA 201 7.05 -1.55 66.45
C PHE MA 201 7.79 -0.43 65.73
N PHE MA 202 7.54 -0.26 64.43
CA PHE MA 202 8.23 0.74 63.64
C PHE MA 202 7.76 2.17 63.93
N HIS MA 203 6.86 2.36 64.90
CA HIS MA 203 6.57 3.71 65.37
C HIS MA 203 7.57 4.15 66.43
N MET MA 204 7.98 3.22 67.30
CA MET MA 204 9.06 3.51 68.25
C MET MA 204 10.40 3.67 67.53
N PHE MA 205 10.64 2.87 66.50
CA PHE MA 205 11.88 2.91 65.72
C PHE MA 205 11.55 3.49 64.36
N LYS MA 206 11.74 4.81 64.22
CA LYS MA 206 11.45 5.48 62.95
C LYS MA 206 12.55 5.26 61.93
N LYS MA 207 13.81 5.30 62.35
CA LYS MA 207 14.96 5.14 61.44
C LYS MA 207 15.46 3.69 61.56
N HIS MA 208 14.87 2.82 60.75
CA HIS MA 208 15.28 1.42 60.66
C HIS MA 208 15.50 1.08 59.19
N GLU MA 209 16.40 0.12 58.94
CA GLU MA 209 16.61 -0.30 57.55
C GLU MA 209 15.38 -1.01 56.99
N CYS MA 210 14.52 -1.55 57.86
CA CYS MA 210 13.27 -2.18 57.45
C CYS MA 210 12.06 -1.30 57.76
N ALA MA 211 12.28 -0.01 58.05
CA ALA MA 211 11.16 0.88 58.38
C ALA MA 211 10.20 1.02 57.20
N SER MA 212 10.69 0.83 55.98
CA SER MA 212 9.83 0.85 54.80
C SER MA 212 8.71 -0.17 54.90
N PHE MA 213 8.88 -1.20 55.74
CA PHE MA 213 7.84 -2.18 56.00
C PHE MA 213 6.56 -1.56 56.53
N ARG MA 214 6.61 -0.30 56.96
CA ARG MA 214 5.41 0.36 57.49
C ARG MA 214 4.44 0.76 56.40
N TYR MA 215 4.88 0.78 55.14
CA TYR MA 215 3.94 0.95 54.03
C TYR MA 215 2.93 -0.19 54.04
N GLY MA 216 1.65 0.17 54.06
CA GLY MA 216 0.58 -0.80 54.13
C GLY MA 216 0.14 -1.14 55.54
N THR MA 217 1.07 -1.16 56.50
CA THR MA 217 0.72 -1.32 57.90
C THR MA 217 0.34 -0.01 58.56
N ILE MA 218 0.38 1.11 57.83
CA ILE MA 218 0.09 2.40 58.42
C ILE MA 218 -1.42 2.63 58.52
N VAL MA 219 -2.21 2.03 57.63
CA VAL MA 219 -3.66 2.17 57.70
C VAL MA 219 -4.23 1.46 58.92
N SER MA 220 -3.40 0.73 59.66
CA SER MA 220 -3.84 0.14 60.92
C SER MA 220 -3.78 1.14 62.06
N ARG MA 221 -2.85 2.09 62.02
CA ARG MA 221 -2.75 3.10 63.06
C ARG MA 221 -3.95 4.04 63.00
N PHE MA 222 -4.64 4.17 64.13
CA PHE MA 222 -5.86 4.98 64.24
C PHE MA 222 -6.92 4.52 63.23
N LYS MA 223 -6.92 3.22 62.93
CA LYS MA 223 -7.96 2.64 62.10
C LYS MA 223 -9.30 2.70 62.83
N ASP MA 224 -10.34 3.14 62.13
CA ASP MA 224 -11.66 3.37 62.71
C ASP MA 224 -11.62 4.45 63.79
N CYS MA 225 -10.76 5.46 63.61
CA CYS MA 225 -10.63 6.57 64.56
C CYS MA 225 -10.65 7.90 63.79
N ALA MA 226 -11.74 8.15 63.07
CA ALA MA 226 -11.80 9.33 62.22
C ALA MA 226 -12.13 10.59 63.00
N ALA MA 227 -13.15 10.52 63.87
CA ALA MA 227 -13.64 11.71 64.56
C ALA MA 227 -12.54 12.39 65.37
N LEU MA 228 -11.69 11.58 66.02
CA LEU MA 228 -10.56 12.15 66.75
C LEU MA 228 -9.61 12.88 65.80
N ALA MA 229 -9.38 12.33 64.61
CA ALA MA 229 -8.54 13.00 63.62
C ALA MA 229 -9.15 14.31 63.16
N THR MA 230 -10.48 14.40 63.07
CA THR MA 230 -11.11 15.67 62.74
C THR MA 230 -11.05 16.63 63.93
N PHE MA 231 -10.96 16.10 65.15
CA PHE MA 231 -10.77 16.97 66.31
C PHE MA 231 -9.39 17.61 66.27
N GLY MA 232 -8.35 16.80 66.08
CA GLY MA 232 -7.01 17.37 65.92
C GLY MA 232 -6.93 18.29 64.72
N HIS MA 233 -7.60 17.93 63.63
CA HIS MA 233 -7.64 18.78 62.44
C HIS MA 233 -8.23 20.14 62.77
N LEU MA 234 -9.41 20.15 63.39
CA LEU MA 234 -10.05 21.42 63.75
C LEU MA 234 -9.15 22.24 64.68
N CYS MA 235 -8.54 21.58 65.67
CA CYS MA 235 -7.61 22.28 66.56
C CYS MA 235 -6.34 22.73 65.85
N LYS MA 236 -6.09 22.25 64.63
CA LYS MA 236 -4.96 22.72 63.84
C LYS MA 236 -5.33 23.83 62.86
N ILE MA 237 -6.58 23.84 62.39
CA ILE MA 237 -7.01 24.84 61.42
C ILE MA 237 -7.46 26.11 62.13
N THR MA 238 -8.23 25.96 63.22
CA THR MA 238 -8.65 27.14 63.97
C THR MA 238 -7.46 27.81 64.65
N GLY MA 239 -6.49 27.02 65.10
CA GLY MA 239 -5.38 27.53 65.87
C GLY MA 239 -5.66 27.69 67.35
N MET MA 240 -6.77 27.13 67.85
CA MET MA 240 -7.16 27.24 69.24
C MET MA 240 -6.80 25.98 70.00
N SER MA 241 -6.64 26.12 71.31
CA SER MA 241 -6.27 24.99 72.15
C SER MA 241 -7.38 23.95 72.20
N THR MA 242 -7.02 22.74 72.63
CA THR MA 242 -7.97 21.63 72.65
C THR MA 242 -9.15 21.89 73.59
N GLU MA 243 -9.00 22.79 74.55
CA GLU MA 243 -10.09 23.14 75.45
C GLU MA 243 -10.97 24.25 74.89
N ASP MA 244 -10.36 25.29 74.32
CA ASP MA 244 -11.13 26.38 73.73
C ASP MA 244 -12.01 25.88 72.59
N VAL MA 245 -11.48 24.94 71.79
CA VAL MA 245 -12.30 24.32 70.76
C VAL MA 245 -13.44 23.52 71.39
N THR MA 246 -13.16 22.84 72.51
CA THR MA 246 -14.20 22.10 73.21
C THR MA 246 -15.30 23.01 73.73
N THR MA 247 -14.97 24.28 74.01
CA THR MA 247 -15.98 25.21 74.46
C THR MA 247 -16.91 25.66 73.34
N TRP MA 248 -16.49 25.55 72.09
CA TRP MA 248 -17.30 25.96 70.95
C TRP MA 248 -18.26 24.87 70.48
N ILE MA 249 -18.36 23.77 71.21
CA ILE MA 249 -19.38 22.76 70.94
C ILE MA 249 -20.71 23.30 71.46
N LEU MA 250 -21.62 23.62 70.54
CA LEU MA 250 -22.90 24.21 70.89
C LEU MA 250 -24.08 23.26 70.68
N ASN MA 251 -23.81 21.96 70.51
CA ASN MA 251 -24.84 20.98 70.24
C ASN MA 251 -24.77 19.86 71.27
N ARG MA 252 -25.93 19.28 71.58
CA ARG MA 252 -26.00 18.24 72.60
C ARG MA 252 -25.32 16.96 72.13
N GLU MA 253 -25.62 16.52 70.91
CA GLU MA 253 -25.04 15.27 70.40
C GLU MA 253 -23.53 15.37 70.30
N VAL MA 254 -23.02 16.48 69.75
CA VAL MA 254 -21.58 16.67 69.64
C VAL MA 254 -20.92 16.68 71.02
N ALA MA 255 -21.64 17.14 72.04
CA ALA MA 255 -21.10 17.11 73.39
C ALA MA 255 -21.07 15.68 73.94
N ASP MA 256 -22.13 14.90 73.68
CA ASP MA 256 -22.13 13.50 74.12
C ASP MA 256 -21.03 12.71 73.45
N GLU MA 257 -20.79 12.97 72.16
CA GLU MA 257 -19.72 12.27 71.45
C GLU MA 257 -18.36 12.74 71.91
N MET MA 258 -18.21 14.03 72.21
CA MET MA 258 -16.94 14.54 72.73
C MET MA 258 -16.63 13.94 74.09
N VAL MA 259 -17.66 13.73 74.92
CA VAL MA 259 -17.46 13.04 76.19
C VAL MA 259 -17.15 11.57 75.95
N GLN MA 260 -17.78 10.97 74.93
CA GLN MA 260 -17.53 9.56 74.63
C GLN MA 260 -16.08 9.33 74.20
N MET MA 261 -15.51 10.27 73.43
CA MET MA 261 -14.11 10.15 73.05
C MET MA 261 -13.18 10.41 74.23
N MET MA 262 -13.57 11.30 75.13
CA MET MA 262 -12.69 11.77 76.19
C MET MA 262 -12.89 11.01 77.51
N LEU MA 263 -12.89 9.68 77.43
CA LEU MA 263 -12.79 8.92 78.68
C LEU MA 263 -11.34 8.94 79.16
N PRO MA 264 -11.12 9.08 80.46
CA PRO MA 264 -9.79 9.44 80.97
C PRO MA 264 -8.83 8.28 81.15
N GLY MA 265 -9.10 7.10 80.61
CA GLY MA 265 -8.21 5.97 80.82
C GLY MA 265 -7.94 5.13 79.60
N GLN MA 266 -7.68 5.77 78.46
CA GLN MA 266 -7.45 5.03 77.22
C GLN MA 266 -6.15 5.41 76.51
N GLU MA 267 -5.35 6.30 77.08
CA GLU MA 267 -4.04 6.67 76.53
C GLU MA 267 -4.13 7.21 75.11
N ILE MA 268 -5.16 8.02 74.84
CA ILE MA 268 -5.29 8.65 73.53
C ILE MA 268 -4.31 9.79 73.33
N ASP MA 269 -3.51 10.13 74.35
CA ASP MA 269 -2.47 11.13 74.23
C ASP MA 269 -1.07 10.53 74.28
N LYS MA 270 -0.94 9.24 74.59
CA LYS MA 270 0.37 8.61 74.65
C LYS MA 270 0.96 8.45 73.25
N ALA MA 271 2.27 8.62 73.15
CA ALA MA 271 2.93 8.57 71.85
C ALA MA 271 2.96 7.16 71.30
N ASP MA 272 3.47 6.20 72.08
CA ASP MA 272 3.69 4.83 71.64
C ASP MA 272 2.86 3.89 72.51
N SER MA 273 1.60 3.71 72.15
CA SER MA 273 0.67 2.91 72.91
C SER MA 273 -0.06 1.92 71.99
N TYR MA 274 -0.76 0.98 72.62
CA TYR MA 274 -1.61 0.06 71.88
C TYR MA 274 -2.90 0.71 71.39
N MET MA 275 -3.21 1.92 71.86
CA MET MA 275 -4.49 2.55 71.56
C MET MA 275 -4.73 2.73 70.06
N PRO MA 276 -3.80 3.27 69.26
CA PRO MA 276 -4.10 3.48 67.83
C PRO MA 276 -4.44 2.19 67.09
N TYR MA 277 -4.10 1.03 67.65
CA TYR MA 277 -4.31 -0.25 67.00
C TYR MA 277 -5.39 -1.07 67.72
N LEU MA 278 -6.37 -0.40 68.32
CA LEU MA 278 -7.39 -1.09 69.12
C LEU MA 278 -8.32 -1.96 68.28
N ILE MA 279 -8.26 -1.86 66.95
CA ILE MA 279 -9.11 -2.65 66.08
C ILE MA 279 -8.40 -3.92 65.60
N ASP MA 280 -7.19 -3.76 65.05
CA ASP MA 280 -6.44 -4.89 64.53
C ASP MA 280 -5.77 -5.71 65.63
N PHE MA 281 -5.70 -5.18 66.85
CA PHE MA 281 -5.23 -5.92 68.01
C PHE MA 281 -6.38 -6.59 68.76
N GLY MA 282 -7.57 -6.64 68.18
CA GLY MA 282 -8.71 -7.23 68.84
C GLY MA 282 -9.04 -6.62 70.18
N LEU MA 283 -8.58 -5.40 70.45
CA LEU MA 283 -8.90 -4.74 71.71
C LEU MA 283 -10.34 -4.22 71.72
N SER MA 284 -10.89 -3.91 70.55
CA SER MA 284 -12.22 -3.35 70.45
C SER MA 284 -12.86 -3.79 69.14
N SER MA 285 -14.09 -4.28 69.23
CA SER MA 285 -14.87 -4.67 68.05
C SER MA 285 -15.81 -3.56 67.60
N LYS MA 286 -15.76 -2.39 68.24
CA LYS MA 286 -16.60 -1.25 67.87
C LYS MA 286 -15.91 -0.01 68.44
N SER MA 287 -15.26 0.76 67.56
CA SER MA 287 -14.36 1.81 68.02
C SER MA 287 -15.15 2.97 68.64
N PRO MA 288 -14.61 3.60 69.69
CA PRO MA 288 -15.27 4.76 70.28
C PRO MA 288 -15.04 6.05 69.51
N TYR MA 289 -13.89 6.12 68.83
CA TYR MA 289 -13.42 7.36 68.22
C TYR MA 289 -13.69 7.43 66.73
N SER MA 290 -14.69 6.68 66.25
CA SER MA 290 -14.96 6.59 64.82
C SER MA 290 -16.00 7.62 64.38
N SER MA 291 -16.07 7.82 63.07
CA SER MA 291 -17.07 8.70 62.48
C SER MA 291 -18.44 8.05 62.34
N VAL MA 292 -18.59 6.80 62.78
CA VAL MA 292 -19.87 6.11 62.72
C VAL MA 292 -20.54 6.16 64.09
N LYS MA 293 -19.75 6.18 65.15
CA LYS MA 293 -20.26 6.38 66.50
C LYS MA 293 -20.14 7.82 66.97
N ASN MA 294 -19.47 8.68 66.22
CA ASN MA 294 -19.43 10.11 66.46
C ASN MA 294 -19.70 10.84 65.14
N PRO MA 295 -20.93 10.78 64.64
CA PRO MA 295 -21.21 11.39 63.33
C PRO MA 295 -21.37 12.90 63.40
N ALA MA 296 -22.08 13.39 64.41
CA ALA MA 296 -22.32 14.82 64.53
C ALA MA 296 -21.03 15.60 64.75
N PHE MA 297 -20.07 15.01 65.48
CA PHE MA 297 -18.78 15.67 65.64
C PHE MA 297 -17.99 15.65 64.34
N HIS MA 298 -18.07 14.55 63.59
CA HIS MA 298 -17.38 14.47 62.31
C HIS MA 298 -17.89 15.55 61.35
N PHE MA 299 -19.21 15.61 61.16
CA PHE MA 299 -19.80 16.62 60.28
C PHE MA 299 -19.54 18.03 60.80
N TRP MA 300 -19.66 18.23 62.11
CA TRP MA 300 -19.49 19.57 62.68
C TRP MA 300 -18.07 20.07 62.49
N GLY MA 301 -17.09 19.32 63.00
CA GLY MA 301 -15.71 19.75 62.88
C GLY MA 301 -15.22 19.82 61.45
N GLN MA 302 -15.68 18.88 60.61
CA GLN MA 302 -15.25 18.88 59.21
C GLN MA 302 -15.82 20.06 58.45
N LEU MA 303 -17.10 20.37 58.65
CA LEU MA 303 -17.70 21.52 57.99
C LEU MA 303 -17.07 22.82 58.49
N THR MA 304 -16.84 22.91 59.81
CA THR MA 304 -16.18 24.08 60.37
C THR MA 304 -14.79 24.27 59.79
N ALA MA 305 -14.05 23.18 59.62
CA ALA MA 305 -12.72 23.29 59.01
C ALA MA 305 -12.80 23.63 57.54
N LEU MA 306 -13.84 23.17 56.84
CA LEU MA 306 -14.00 23.51 55.44
C LEU MA 306 -14.27 25.00 55.26
N LEU MA 307 -15.19 25.55 56.05
CA LEU MA 307 -15.47 26.99 55.97
C LEU MA 307 -14.22 27.80 56.31
N LEU MA 308 -13.37 27.29 57.20
CA LEU MA 308 -12.08 27.90 57.49
C LEU MA 308 -11.02 27.55 56.46
N ARG MA 309 -11.44 27.06 55.30
CA ARG MA 309 -10.58 26.89 54.12
C ARG MA 309 -9.55 25.78 54.34
N SER MA 310 -10.04 24.59 54.71
CA SER MA 310 -9.22 23.40 54.71
C SER MA 310 -9.19 22.80 53.31
N THR MA 311 -8.14 22.02 53.05
CA THR MA 311 -8.00 21.34 51.77
C THR MA 311 -8.41 19.87 51.83
N ARG MA 312 -8.58 19.30 53.02
CA ARG MA 312 -8.97 17.91 53.16
C ARG MA 312 -10.42 17.74 53.55
N ALA MA 313 -11.10 18.81 53.97
CA ALA MA 313 -12.50 18.70 54.36
C ALA MA 313 -13.44 18.59 53.16
N ARG MA 314 -12.94 18.83 51.94
CA ARG MA 314 -13.79 18.77 50.76
C ARG MA 314 -14.27 17.36 50.47
N ASN MA 315 -13.45 16.36 50.77
CA ASN MA 315 -13.78 14.97 50.48
C ASN MA 315 -14.27 14.21 51.71
N ALA MA 316 -14.41 14.89 52.85
CA ALA MA 316 -14.95 14.24 54.05
C ALA MA 316 -16.42 13.93 53.85
N ARG MA 317 -16.79 12.67 54.07
CA ARG MA 317 -18.12 12.20 53.74
C ARG MA 317 -19.16 12.73 54.72
N GLN MA 318 -20.39 12.86 54.23
CA GLN MA 318 -21.48 13.46 55.00
C GLN MA 318 -22.24 12.35 55.73
N PRO MA 319 -22.16 12.27 57.06
CA PRO MA 319 -22.85 11.20 57.79
C PRO MA 319 -24.36 11.31 57.64
N ASP MA 320 -25.04 10.23 58.01
CA ASP MA 320 -26.49 10.15 57.92
C ASP MA 320 -27.13 10.20 59.30
N ASP MA 321 -28.42 10.56 59.31
CA ASP MA 321 -29.23 10.58 60.53
C ASP MA 321 -28.59 11.44 61.62
N ILE MA 322 -28.29 12.69 61.25
CA ILE MA 322 -27.79 13.69 62.19
C ILE MA 322 -28.49 15.00 61.90
N GLU MA 323 -28.42 15.92 62.87
CA GLU MA 323 -28.99 17.26 62.72
C GLU MA 323 -28.12 18.04 61.76
N TYR MA 324 -28.57 18.20 60.51
CA TYR MA 324 -27.79 18.98 59.56
C TYR MA 324 -27.97 20.48 59.76
N THR MA 325 -29.20 20.93 60.02
CA THR MA 325 -29.46 22.35 60.14
C THR MA 325 -28.74 22.95 61.34
N SER MA 326 -29.01 22.40 62.54
CA SER MA 326 -28.42 22.95 63.75
C SER MA 326 -26.89 22.89 63.71
N LEU MA 327 -26.34 21.81 63.18
CA LEU MA 327 -24.88 21.68 63.11
C LEU MA 327 -24.29 22.65 62.08
N THR MA 328 -25.01 22.92 60.99
CA THR MA 328 -24.52 23.89 60.02
C THR MA 328 -24.54 25.31 60.58
N THR MA 329 -25.57 25.65 61.36
CA THR MA 329 -25.58 26.95 62.01
C THR MA 329 -24.47 27.05 63.05
N ALA MA 330 -24.28 25.99 63.84
CA ALA MA 330 -23.24 25.98 64.84
C ALA MA 330 -21.84 25.99 64.23
N GLY MA 331 -21.68 25.52 63.00
CA GLY MA 331 -20.40 25.60 62.31
C GLY MA 331 -20.24 26.92 61.61
N LEU MA 332 -21.37 27.56 61.29
CA LEU MA 332 -21.32 28.87 60.66
C LEU MA 332 -20.93 29.94 61.66
N LEU MA 333 -21.49 29.90 62.87
CA LEU MA 333 -21.11 30.86 63.89
C LEU MA 333 -19.65 30.69 64.30
N TYR MA 334 -19.23 29.44 64.52
CA TYR MA 334 -17.84 29.16 64.86
C TYR MA 334 -16.90 29.62 63.75
N ALA MA 335 -17.19 29.19 62.52
CA ALA MA 335 -16.32 29.51 61.39
C ALA MA 335 -16.23 31.03 61.17
N TYR MA 336 -17.38 31.70 61.25
CA TYR MA 336 -17.38 33.16 61.08
C TYR MA 336 -16.65 33.85 62.22
N ALA MA 337 -16.69 33.25 63.42
CA ALA MA 337 -15.97 33.83 64.55
C ALA MA 337 -14.46 33.73 64.35
N VAL MA 338 -13.97 32.54 63.96
CA VAL MA 338 -12.54 32.38 63.74
C VAL MA 338 -12.08 33.16 62.51
N GLY MA 339 -12.97 33.37 61.54
CA GLY MA 339 -12.63 34.10 60.34
C GLY MA 339 -12.58 35.60 60.56
N SER MA 340 -13.47 36.11 61.40
CA SER MA 340 -13.48 37.55 61.69
C SER MA 340 -12.37 37.94 62.65
N SER MA 341 -12.27 37.25 63.78
CA SER MA 341 -11.30 37.58 64.83
C SER MA 341 -9.98 36.88 64.51
N ALA MA 342 -9.20 37.49 63.62
CA ALA MA 342 -7.88 36.98 63.30
C ALA MA 342 -6.92 37.13 64.48
N ASP MA 343 -7.22 38.02 65.42
CA ASP MA 343 -6.41 38.22 66.62
C ASP MA 343 -4.95 38.51 66.28
N LEU MA 344 -4.76 39.43 65.34
CA LEU MA 344 -3.40 39.84 64.98
C LEU MA 344 -2.79 40.62 66.14
N ALA MA 345 -1.58 40.23 66.53
CA ALA MA 345 -0.89 40.87 67.63
C ALA MA 345 0.62 40.79 67.39
N GLN MA 346 1.30 41.91 67.60
CA GLN MA 346 2.74 41.97 67.37
C GLN MA 346 3.47 40.94 68.22
N GLN MA 347 4.55 40.40 67.67
CA GLN MA 347 5.36 39.38 68.33
C GLN MA 347 6.80 39.79 68.55
N PHE MA 348 7.37 40.62 67.68
CA PHE MA 348 8.75 41.07 67.79
C PHE MA 348 8.81 42.58 67.68
N CYS MA 349 9.71 43.19 68.45
CA CYS MA 349 9.91 44.63 68.46
C CYS MA 349 11.39 44.95 68.32
N VAL MA 350 11.69 46.12 67.75
CA VAL MA 350 13.07 46.55 67.56
C VAL MA 350 13.52 47.38 68.76
N GLY MA 351 13.25 48.68 68.72
CA GLY MA 351 13.74 49.59 69.75
C GLY MA 351 12.87 49.60 71.00
N ASP MA 352 12.34 48.42 71.36
CA ASP MA 352 11.47 48.26 72.51
C ASP MA 352 10.27 49.21 72.42
N ASN MA 353 9.62 49.21 71.28
CA ASN MA 353 8.33 49.88 71.10
C ASN MA 353 7.35 48.87 70.52
N LYS MA 354 6.25 48.67 71.23
CA LYS MA 354 5.20 47.76 70.79
C LYS MA 354 3.98 48.58 70.36
N TYR MA 355 3.01 47.88 69.77
CA TYR MA 355 1.73 48.52 69.49
C TYR MA 355 1.01 48.83 70.79
N THR MA 356 0.65 50.09 70.98
CA THR MA 356 -0.08 50.51 72.16
C THR MA 356 -1.49 50.90 71.76
N PRO MA 357 -2.52 50.18 72.19
CA PRO MA 357 -3.88 50.45 71.72
C PRO MA 357 -4.43 51.75 72.29
N ASP MA 358 -5.22 52.44 71.48
CA ASP MA 358 -5.83 53.71 71.87
C ASP MA 358 -7.16 53.41 72.54
N ASP MA 359 -7.19 53.53 73.87
CA ASP MA 359 -8.41 53.32 74.64
C ASP MA 359 -9.32 54.54 74.66
N SER MA 360 -8.90 55.64 74.05
CA SER MA 360 -9.67 56.89 74.06
C SER MA 360 -10.76 56.91 72.99
N THR MA 361 -11.02 55.80 72.31
CA THR MA 361 -12.09 55.70 71.33
C THR MA 361 -13.42 55.58 72.09
N GLY MA 362 -14.24 56.61 72.02
CA GLY MA 362 -15.45 56.66 72.84
C GLY MA 362 -16.74 56.94 72.09
N GLY MA 363 -16.73 56.79 70.77
CA GLY MA 363 -17.94 56.97 69.99
C GLY MA 363 -18.98 55.89 70.14
N LEU MA 364 -18.69 54.85 70.94
CA LEU MA 364 -19.58 53.72 71.17
C LEU MA 364 -19.89 52.99 69.86
N THR MA 365 -18.84 52.33 69.34
CA THR MA 365 -18.97 51.50 68.14
C THR MA 365 -19.54 50.14 68.55
N THR MA 366 -20.81 50.16 68.93
CA THR MA 366 -21.51 48.95 69.32
C THR MA 366 -22.13 48.29 68.09
N ASN MA 367 -22.93 47.25 68.31
CA ASN MA 367 -23.57 46.47 67.26
C ASN MA 367 -22.56 45.90 66.27
N ALA MA 368 -21.31 45.77 66.69
CA ALA MA 368 -20.21 45.15 65.97
C ALA MA 368 -19.83 43.83 66.65
N PRO MA 369 -19.34 42.85 65.91
CA PRO MA 369 -19.03 41.54 66.50
C PRO MA 369 -18.00 41.65 67.61
N PRO MA 370 -17.94 40.66 68.50
CA PRO MA 370 -16.94 40.68 69.57
C PRO MA 370 -15.52 40.73 69.01
N GLN MA 371 -14.57 41.00 69.91
CA GLN MA 371 -13.18 41.22 69.54
C GLN MA 371 -12.30 39.99 69.68
N GLY MA 372 -12.81 38.90 70.25
CA GLY MA 372 -12.02 37.69 70.34
C GLY MA 372 -12.77 36.47 69.82
N ARG MA 373 -12.42 35.29 70.34
CA ARG MA 373 -13.11 34.06 69.99
C ARG MA 373 -13.82 33.44 71.19
N ASP MA 374 -14.11 34.25 72.20
CA ASP MA 374 -14.81 33.76 73.38
C ASP MA 374 -16.23 33.35 72.99
N VAL MA 375 -16.61 32.13 73.35
CA VAL MA 375 -17.96 31.66 73.07
C VAL MA 375 -19.00 32.50 73.81
N VAL MA 376 -18.66 32.94 75.02
CA VAL MA 376 -19.62 33.65 75.86
C VAL MA 376 -20.05 34.96 75.23
N GLU MA 377 -19.17 35.58 74.42
CA GLU MA 377 -19.50 36.83 73.76
C GLU MA 377 -20.16 36.63 72.41
N TRP MA 378 -19.74 35.61 71.65
CA TRP MA 378 -20.32 35.37 70.34
C TRP MA 378 -21.72 34.77 70.45
N LEU MA 379 -22.00 34.04 71.52
CA LEU MA 379 -23.38 33.59 71.77
C LEU MA 379 -24.29 34.78 72.04
N GLY MA 380 -23.80 35.77 72.79
CA GLY MA 380 -24.59 36.95 73.08
C GLY MA 380 -24.81 37.82 71.86
N TRP MA 381 -23.74 38.03 71.07
CA TRP MA 381 -23.90 38.76 69.81
C TRP MA 381 -24.86 38.04 68.87
N PHE MA 382 -24.73 36.71 68.77
CA PHE MA 382 -25.64 35.92 67.97
C PHE MA 382 -27.08 36.04 68.48
N GLU MA 383 -27.25 36.21 69.80
CA GLU MA 383 -28.57 36.47 70.35
C GLU MA 383 -29.07 37.86 69.98
N ASP MA 384 -28.16 38.84 69.89
CA ASP MA 384 -28.54 40.14 69.36
C ASP MA 384 -28.99 40.05 67.91
N GLN MA 385 -28.44 39.10 67.15
CA GLN MA 385 -28.86 38.86 65.78
C GLN MA 385 -30.04 37.89 65.69
N ASN MA 386 -30.79 37.72 66.77
CA ASN MA 386 -32.01 36.90 66.79
C ASN MA 386 -31.73 35.43 66.47
N ARG MA 387 -30.51 34.96 66.76
CA ARG MA 387 -30.10 33.58 66.51
C ARG MA 387 -30.28 33.17 65.05
N LYS MA 388 -30.45 34.13 64.16
CA LYS MA 388 -30.50 33.92 62.73
C LYS MA 388 -29.23 34.45 62.10
N PRO MA 389 -28.55 33.66 61.26
CA PRO MA 389 -27.28 34.11 60.68
C PRO MA 389 -27.46 35.39 59.87
N THR MA 390 -26.62 36.39 60.16
CA THR MA 390 -26.67 37.65 59.44
C THR MA 390 -26.24 37.46 57.99
N PRO MA 391 -26.59 38.41 57.11
CA PRO MA 391 -26.16 38.27 55.70
C PRO MA 391 -24.66 38.26 55.52
N ASP MA 392 -23.89 38.90 56.40
CA ASP MA 392 -22.44 38.88 56.25
C ASP MA 392 -21.86 37.52 56.59
N MET MA 393 -22.50 36.78 57.50
CA MET MA 393 -22.04 35.42 57.79
C MET MA 393 -22.28 34.50 56.60
N MET MA 394 -23.48 34.56 56.01
CA MET MA 394 -23.77 33.75 54.84
C MET MA 394 -22.92 34.16 53.65
N GLN MA 395 -22.57 35.44 53.55
CA GLN MA 395 -21.68 35.88 52.48
C GLN MA 395 -20.25 35.40 52.71
N TYR MA 396 -19.81 35.36 53.97
CA TYR MA 396 -18.52 34.78 54.30
C TYR MA 396 -18.48 33.30 53.90
N ALA MA 397 -19.51 32.55 54.30
CA ALA MA 397 -19.55 31.13 53.96
C ALA MA 397 -19.60 30.91 52.45
N LYS MA 398 -20.39 31.73 51.75
CA LYS MA 398 -20.40 31.66 50.29
C LYS MA 398 -19.01 31.89 49.72
N ARG MA 399 -18.35 32.96 50.16
CA ARG MA 399 -16.99 33.24 49.71
C ARG MA 399 -16.01 32.15 50.12
N ALA MA 400 -16.38 31.29 51.06
CA ALA MA 400 -15.53 30.16 51.43
C ALA MA 400 -15.77 28.93 50.57
N VAL MA 401 -17.03 28.66 50.21
CA VAL MA 401 -17.36 27.46 49.45
C VAL MA 401 -17.46 27.69 47.94
N MET MA 402 -17.63 28.94 47.50
CA MET MA 402 -17.54 29.20 46.08
C MET MA 402 -16.11 28.99 45.61
N SER MA 403 -15.97 28.75 44.31
CA SER MA 403 -14.69 28.38 43.69
C SER MA 403 -14.14 27.08 44.28
N LEU MA 404 -15.04 26.16 44.63
CA LEU MA 404 -14.68 24.79 44.98
C LEU MA 404 -15.13 23.89 43.83
N GLN MA 405 -14.17 23.31 43.13
CA GLN MA 405 -14.45 22.50 41.95
C GLN MA 405 -14.02 21.05 42.20
N GLY MA 406 -14.61 20.15 41.43
CA GLY MA 406 -14.35 18.73 41.59
C GLY MA 406 -14.84 18.20 42.93
N LEU MA 407 -16.14 18.30 43.16
CA LEU MA 407 -16.74 17.93 44.42
C LEU MA 407 -17.39 16.56 44.31
N ARG MA 408 -16.96 15.63 45.16
CA ARG MA 408 -17.53 14.30 45.16
C ARG MA 408 -18.92 14.31 45.78
N GLU MA 409 -19.76 13.39 45.32
CA GLU MA 409 -21.09 13.24 45.90
C GLU MA 409 -20.99 12.74 47.34
N LYS MA 410 -22.04 13.03 48.11
CA LYS MA 410 -22.17 12.58 49.50
C LYS MA 410 -21.03 13.07 50.39
N THR MA 411 -20.36 14.15 50.00
CA THR MA 411 -19.32 14.76 50.82
C THR MA 411 -19.81 16.09 51.36
N ILE MA 412 -19.23 16.51 52.48
CA ILE MA 412 -19.59 17.79 53.08
C ILE MA 412 -19.11 18.98 52.27
N GLY MA 413 -18.23 18.77 51.29
CA GLY MA 413 -17.85 19.85 50.41
C GLY MA 413 -18.94 20.20 49.42
N LYS MA 414 -19.54 19.19 48.79
CA LYS MA 414 -20.70 19.42 47.95
C LYS MA 414 -21.89 19.84 48.78
N TYR MA 415 -21.98 19.37 50.03
CA TYR MA 415 -23.05 19.83 50.92
C TYR MA 415 -22.92 21.31 51.20
N ALA MA 416 -21.74 21.76 51.64
CA ALA MA 416 -21.53 23.17 51.96
C ALA MA 416 -21.68 24.04 50.72
N LYS MA 417 -21.03 23.65 49.62
CA LYS MA 417 -21.15 24.41 48.38
C LYS MA 417 -22.61 24.52 47.94
N SER MA 418 -23.35 23.42 48.02
CA SER MA 418 -24.77 23.44 47.67
C SER MA 418 -25.62 24.12 48.73
N GLU MA 419 -25.04 24.48 49.87
CA GLU MA 419 -25.77 25.10 50.96
C GLU MA 419 -25.58 26.62 51.04
N PHE MA 420 -24.40 27.13 50.64
CA PHE MA 420 -24.09 28.53 50.80
C PHE MA 420 -23.84 29.27 49.49
N ASP MA 421 -23.63 28.56 48.38
CA ASP MA 421 -23.32 29.19 47.10
C ASP MA 421 -24.60 29.27 46.27
N LYS MA 422 -25.33 30.37 46.46
CA LYS MA 422 -26.48 30.73 45.61
C LYS MA 422 -26.98 32.13 45.99
N GLN NA 1 -4.80 41.48 83.15
CA GLN NA 1 -4.54 42.82 82.63
C GLN NA 1 -5.78 43.69 82.72
N VAL NA 2 -6.94 43.05 82.77
CA VAL NA 2 -8.22 43.74 82.90
C VAL NA 2 -8.54 43.89 84.39
N GLN NA 3 -8.90 45.11 84.79
CA GLN NA 3 -9.12 45.40 86.20
C GLN NA 3 -10.01 46.61 86.34
N LEU NA 4 -10.79 46.62 87.42
CA LEU NA 4 -11.71 47.71 87.74
C LEU NA 4 -11.26 48.35 89.05
N VAL NA 5 -10.79 49.58 88.98
CA VAL NA 5 -10.22 50.27 90.13
C VAL NA 5 -11.27 51.22 90.70
N GLU NA 6 -11.54 51.10 92.00
CA GLU NA 6 -12.52 51.93 92.67
C GLU NA 6 -11.82 52.98 93.53
N THR NA 7 -12.30 54.23 93.43
CA THR NA 7 -11.90 55.31 94.33
C THR NA 7 -13.14 56.05 94.79
N GLY NA 8 -13.03 56.70 95.95
CA GLY NA 8 -14.08 57.57 96.44
C GLY NA 8 -14.81 57.13 97.69
N GLY NA 9 -14.33 56.10 98.39
CA GLY NA 9 -14.94 55.68 99.63
C GLY NA 9 -14.62 56.62 100.77
N GLY NA 10 -15.11 56.25 101.95
CA GLY NA 10 -14.82 57.01 103.15
C GLY NA 10 -15.95 56.91 104.16
N LEU NA 11 -15.81 57.70 105.22
CA LEU NA 11 -16.76 57.76 106.32
C LEU NA 11 -17.47 59.10 106.30
N VAL NA 12 -18.80 59.07 106.42
CA VAL NA 12 -19.63 60.28 106.45
C VAL NA 12 -20.72 60.11 107.49
N GLN NA 13 -21.39 61.22 107.77
CA GLN NA 13 -22.55 61.23 108.66
C GLN NA 13 -23.82 61.00 107.86
N THR NA 14 -24.88 60.60 108.56
CA THR NA 14 -26.16 60.35 107.91
C THR NA 14 -26.66 61.61 107.21
N GLY NA 15 -27.16 61.43 105.99
CA GLY NA 15 -27.60 62.54 105.16
C GLY NA 15 -26.53 63.12 104.27
N GLY NA 16 -25.28 62.69 104.41
CA GLY NA 16 -24.20 63.19 103.58
C GLY NA 16 -24.25 62.63 102.17
N SER NA 17 -23.09 62.60 101.50
CA SER NA 17 -23.04 62.13 100.13
C SER NA 17 -21.62 61.72 99.79
N LEU NA 18 -21.52 60.75 98.89
CA LEU NA 18 -20.24 60.30 98.33
C LEU NA 18 -20.40 60.11 96.84
N ARG NA 19 -19.28 60.04 96.13
CA ARG NA 19 -19.27 59.78 94.69
C ARG NA 19 -18.20 58.74 94.42
N LEU NA 20 -18.63 57.53 94.09
CA LEU NA 20 -17.71 56.46 93.72
C LEU NA 20 -17.34 56.58 92.25
N SER NA 21 -16.07 56.34 91.94
CA SER NA 21 -15.57 56.38 90.58
C SER NA 21 -14.80 55.10 90.29
N CYS NA 22 -15.15 54.44 89.20
CA CYS NA 22 -14.55 53.16 88.82
C CYS NA 22 -13.88 53.31 87.46
N LYS NA 23 -12.56 53.18 87.44
CA LYS NA 23 -11.78 53.21 86.22
C LYS NA 23 -11.65 51.79 85.69
N ALA NA 24 -12.14 51.57 84.47
CA ALA NA 24 -12.11 50.27 83.82
C ALA NA 24 -11.02 50.27 82.75
N SER NA 25 -10.20 49.21 82.75
CA SER NA 25 -9.07 49.14 81.84
C SER NA 25 -8.68 47.69 81.63
N GLY NA 26 -7.99 47.44 80.51
CA GLY NA 26 -7.52 46.13 80.14
C GLY NA 26 -8.19 45.54 78.92
N ARG NA 27 -9.35 46.07 78.53
CA ARG NA 27 -10.08 45.56 77.39
C ARG NA 27 -11.09 46.62 76.96
N THR NA 28 -11.96 46.26 76.02
CA THR NA 28 -13.02 47.14 75.54
C THR NA 28 -14.34 46.77 76.22
N PHE NA 29 -15.08 47.78 76.66
CA PHE NA 29 -16.36 47.60 77.34
C PHE NA 29 -17.51 48.23 76.55
N SER NA 30 -17.40 48.22 75.22
CA SER NA 30 -18.40 48.90 74.39
C SER NA 30 -19.76 48.24 74.51
N ASN NA 31 -19.82 46.92 74.36
CA ASN NA 31 -21.06 46.16 74.48
C ASN NA 31 -21.16 45.46 75.82
N SER NA 32 -20.72 46.12 76.88
CA SER NA 32 -20.65 45.52 78.21
C SER NA 32 -21.58 46.26 79.17
N ILE NA 33 -22.15 45.52 80.10
CA ILE NA 33 -22.98 46.10 81.16
C ILE NA 33 -22.10 46.31 82.38
N MET NA 34 -22.08 47.55 82.88
CA MET NA 34 -21.35 47.87 84.09
C MET NA 34 -22.31 47.88 85.28
N GLY NA 35 -21.75 47.83 86.48
CA GLY NA 35 -22.60 47.82 87.66
C GLY NA 35 -21.81 47.92 88.94
N TRP NA 36 -22.55 48.09 90.03
CA TRP NA 36 -22.00 48.19 91.37
C TRP NA 36 -22.64 47.13 92.26
N PHE NA 37 -21.87 46.64 93.22
CA PHE NA 37 -22.36 45.74 94.26
C PHE NA 37 -21.79 46.22 95.59
N ARG NA 38 -22.13 45.48 96.65
CA ARG NA 38 -21.59 45.83 97.97
C ARG NA 38 -21.66 44.61 98.87
N GLN NA 39 -20.75 44.57 99.84
CA GLN NA 39 -20.60 43.47 100.77
C GLN NA 39 -20.47 44.04 102.17
N ALA NA 40 -21.45 43.78 103.01
CA ALA NA 40 -21.30 44.15 104.41
C ALA NA 40 -20.73 42.98 105.19
N PRO NA 41 -19.69 43.19 106.01
CA PRO NA 41 -19.10 42.07 106.77
C PRO NA 41 -20.14 41.37 107.61
N GLY NA 42 -20.31 40.07 107.36
CA GLY NA 42 -21.29 39.27 108.05
C GLY NA 42 -22.63 39.13 107.36
N LYS NA 43 -22.80 39.75 106.19
CA LYS NA 43 -24.03 39.68 105.42
C LYS NA 43 -23.72 39.14 104.03
N GLU NA 44 -24.76 39.05 103.21
CA GLU NA 44 -24.62 38.59 101.83
C GLU NA 44 -24.28 39.77 100.91
N ARG NA 45 -23.61 39.46 99.81
CA ARG NA 45 -23.31 40.49 98.82
C ARG NA 45 -24.60 40.96 98.17
N ASP NA 46 -24.73 42.29 98.03
CA ASP NA 46 -25.98 42.90 97.61
C ASP NA 46 -25.77 43.69 96.32
N PHE NA 47 -26.84 43.76 95.53
CA PHE NA 47 -26.88 44.52 94.29
C PHE NA 47 -27.45 45.90 94.56
N VAL NA 48 -26.91 46.91 93.89
CA VAL NA 48 -27.34 48.29 94.12
C VAL NA 48 -27.74 48.96 92.81
N ALA NA 49 -26.91 48.82 91.78
CA ALA NA 49 -27.20 49.48 90.52
C ALA NA 49 -26.44 48.80 89.40
N LYS NA 50 -26.98 48.92 88.18
CA LYS NA 50 -26.28 48.49 86.98
C LYS NA 50 -26.73 49.39 85.84
N ILE NA 51 -25.79 49.70 84.94
CA ILE NA 51 -26.08 50.49 83.76
C ILE NA 51 -25.59 49.71 82.54
N SER NA 52 -26.47 49.53 81.57
CA SER NA 52 -26.17 48.72 80.40
C SER NA 52 -25.40 49.55 79.37
N TRP NA 53 -25.26 48.99 78.16
CA TRP NA 53 -24.74 49.73 77.03
C TRP NA 53 -25.82 50.13 76.04
N ARG NA 54 -27.01 49.53 76.15
CA ARG NA 54 -28.15 49.88 75.31
C ARG NA 54 -28.85 51.08 75.93
N ASN NA 55 -28.54 52.28 75.44
CA ASN NA 55 -29.17 53.52 75.86
C ASN NA 55 -28.98 53.80 77.35
N ASP NA 56 -27.95 53.23 77.95
CA ASP NA 56 -27.63 53.44 79.37
C ASP NA 56 -28.82 53.11 80.27
N TYR NA 57 -29.41 51.94 80.03
CA TYR NA 57 -30.56 51.49 80.79
C TYR NA 57 -30.15 51.22 82.24
N THR NA 58 -30.61 52.07 83.15
CA THR NA 58 -30.22 51.99 84.55
C THR NA 58 -31.24 51.17 85.33
N THR NA 59 -30.74 50.16 86.05
CA THR NA 59 -31.54 49.33 86.93
C THR NA 59 -31.03 49.51 88.35
N TYR NA 60 -31.90 49.92 89.26
CA TYR NA 60 -31.53 50.23 90.63
C TYR NA 60 -32.19 49.23 91.59
N ALA NA 61 -31.52 49.00 92.72
CA ALA NA 61 -32.13 48.24 93.80
C ALA NA 61 -33.20 49.08 94.48
N ASP NA 62 -34.19 48.40 95.04
CA ASP NA 62 -35.26 49.10 95.75
C ASP NA 62 -34.74 49.82 97.00
N SER NA 63 -33.58 49.43 97.50
CA SER NA 63 -33.02 50.03 98.70
C SER NA 63 -32.31 51.35 98.43
N VAL NA 64 -32.06 51.71 97.17
CA VAL NA 64 -31.20 52.84 96.87
C VAL NA 64 -31.80 53.74 95.80
N LYS NA 65 -32.84 53.28 95.12
CA LYS NA 65 -33.40 54.04 94.01
C LYS NA 65 -34.01 55.35 94.52
N GLY NA 66 -33.81 56.41 93.75
CA GLY NA 66 -34.13 57.75 94.17
C GLY NA 66 -32.98 58.44 94.88
N ARG NA 67 -32.10 57.67 95.53
CA ARG NA 67 -30.94 58.22 96.23
C ARG NA 67 -29.66 58.10 95.40
N PHE NA 68 -29.40 56.93 94.82
CA PHE NA 68 -28.19 56.70 94.05
C PHE NA 68 -28.45 56.91 92.57
N THR NA 69 -27.38 57.26 91.85
CA THR NA 69 -27.46 57.53 90.40
C THR NA 69 -26.21 56.98 89.75
N ILE NA 70 -26.35 55.92 88.96
CA ILE NA 70 -25.21 55.30 88.30
C ILE NA 70 -25.07 55.89 86.89
N SER NA 71 -23.83 56.16 86.50
CA SER NA 71 -23.54 56.73 85.19
C SER NA 71 -22.29 56.06 84.63
N ARG NA 72 -22.11 56.16 83.32
CA ARG NA 72 -20.93 55.64 82.66
C ARG NA 72 -20.48 56.59 81.56
N ASP NA 73 -19.16 56.69 81.39
CA ASP NA 73 -18.55 57.42 80.29
C ASP NA 73 -17.63 56.46 79.54
N ASN NA 74 -17.95 56.22 78.27
CA ASN NA 74 -17.16 55.29 77.47
C ASN NA 74 -15.89 55.93 76.93
N ALA NA 75 -15.94 57.22 76.61
CA ALA NA 75 -14.75 57.91 76.12
C ALA NA 75 -13.65 57.95 77.17
N SER NA 76 -14.02 57.96 78.45
CA SER NA 76 -13.07 57.93 79.55
C SER NA 76 -12.98 56.55 80.21
N ASN NA 77 -13.82 55.60 79.79
CA ASN NA 77 -13.80 54.24 80.31
C ASN NA 77 -13.97 54.22 81.82
N MET NA 78 -14.99 54.93 82.32
CA MET NA 78 -15.25 54.97 83.74
C MET NA 78 -16.74 54.80 84.00
N VAL NA 79 -17.06 54.39 85.22
CA VAL NA 79 -18.45 54.26 85.68
C VAL NA 79 -18.52 54.81 87.10
N TYR NA 80 -19.40 55.79 87.30
CA TYR NA 80 -19.55 56.48 88.58
C TYR NA 80 -20.85 56.05 89.25
N LEU NA 81 -20.83 56.05 90.58
CA LEU NA 81 -22.02 55.82 91.40
C LEU NA 81 -22.17 57.00 92.34
N LEU NA 82 -23.17 57.84 92.08
CA LEU NA 82 -23.42 59.03 92.89
C LEU NA 82 -24.36 58.67 94.03
N MET NA 83 -23.87 58.74 95.25
CA MET NA 83 -24.60 58.34 96.44
C MET NA 83 -25.00 59.58 97.23
N ASN NA 84 -26.27 59.98 97.11
CA ASN NA 84 -26.81 61.08 97.88
C ASN NA 84 -27.80 60.54 98.92
N ASN NA 85 -28.01 61.34 99.96
CA ASN NA 85 -28.92 61.00 101.06
C ASN NA 85 -28.59 59.62 101.64
N LEU NA 86 -27.40 59.57 102.24
CA LEU NA 86 -26.87 58.30 102.71
C LEU NA 86 -27.57 57.86 103.99
N LYS NA 87 -27.40 56.58 104.31
CA LYS NA 87 -27.97 55.94 105.49
C LYS NA 87 -26.95 54.96 106.04
N PRO NA 88 -26.99 54.68 107.35
CA PRO NA 88 -26.12 53.63 107.90
C PRO NA 88 -26.41 52.25 107.34
N GLU NA 89 -27.62 52.01 106.81
CA GLU NA 89 -27.92 50.75 106.16
C GLU NA 89 -27.07 50.53 104.91
N ASP NA 90 -26.54 51.60 104.33
CA ASP NA 90 -25.69 51.52 103.14
C ASP NA 90 -24.22 51.30 103.46
N THR NA 91 -23.87 51.13 104.74
CA THR NA 91 -22.46 50.98 105.13
C THR NA 91 -21.98 49.59 104.77
N ALA NA 92 -21.03 49.51 103.83
CA ALA NA 92 -20.52 48.23 103.35
C ALA NA 92 -19.29 48.52 102.48
N VAL NA 93 -18.81 47.49 101.78
CA VAL NA 93 -17.70 47.61 100.85
C VAL NA 93 -18.24 47.52 99.43
N TYR NA 94 -18.13 48.61 98.68
CA TYR NA 94 -18.71 48.69 97.36
C TYR NA 94 -17.72 48.19 96.30
N TYR NA 95 -18.22 47.41 95.37
CA TYR NA 95 -17.43 46.80 94.31
C TYR NA 95 -17.93 47.24 92.94
N CYS NA 96 -16.99 47.35 92.00
CA CYS NA 96 -17.31 47.65 90.61
C CYS NA 96 -17.25 46.36 89.80
N ALA NA 97 -18.23 46.17 88.93
CA ALA NA 97 -18.37 44.92 88.18
C ALA NA 97 -18.63 45.20 86.71
N ALA NA 98 -17.96 44.43 85.85
CA ALA NA 98 -18.11 44.53 84.41
C ALA NA 98 -18.52 43.18 83.84
N THR NA 99 -19.09 43.20 82.64
CA THR NA 99 -19.70 42.04 82.02
C THR NA 99 -19.05 41.79 80.65
N LYS NA 100 -18.90 40.52 80.30
CA LYS NA 100 -18.37 40.17 78.98
C LYS NA 100 -19.25 40.76 77.88
N ALA NA 101 -18.69 40.82 76.66
CA ALA NA 101 -19.36 41.48 75.55
C ALA NA 101 -20.68 40.79 75.23
N TYR NA 102 -21.74 41.59 75.07
CA TYR NA 102 -23.07 41.12 74.72
C TYR NA 102 -23.65 40.16 75.75
N ASN NA 103 -22.94 39.95 76.86
CA ASN NA 103 -23.46 39.13 77.93
C ASN NA 103 -24.37 39.94 78.85
N GLY NA 104 -25.05 39.23 79.74
CA GLY NA 104 -25.99 39.85 80.65
C GLY NA 104 -25.40 40.08 82.04
N GLY NA 105 -26.05 40.98 82.76
CA GLY NA 105 -25.71 41.24 84.15
C GLY NA 105 -26.94 41.23 85.01
N GLU NA 106 -27.05 40.24 85.90
CA GLU NA 106 -28.24 40.05 86.72
C GLU NA 106 -27.97 40.50 88.15
N THR NA 107 -29.07 40.69 88.89
CA THR NA 107 -28.96 41.16 90.27
C THR NA 107 -28.27 40.15 91.17
N SER NA 108 -28.53 38.86 90.95
CA SER NA 108 -27.93 37.80 91.75
C SER NA 108 -26.42 37.70 91.56
N GLY NA 109 -25.84 38.47 90.66
CA GLY NA 109 -24.43 38.37 90.33
C GLY NA 109 -24.13 37.51 89.13
N ARG NA 110 -25.15 36.84 88.57
CA ARG NA 110 -24.96 36.07 87.37
C ARG NA 110 -24.41 36.96 86.25
N GLY NA 111 -23.56 36.38 85.41
CA GLY NA 111 -22.78 37.24 84.55
C GLY NA 111 -21.72 37.95 85.38
N PHE NA 112 -21.34 39.15 84.92
CA PHE NA 112 -20.33 39.96 85.59
C PHE NA 112 -19.05 39.15 85.83
N TYR NA 113 -18.23 39.04 84.78
CA TYR NA 113 -17.01 38.26 84.88
C TYR NA 113 -15.94 39.01 85.68
N TYR NA 114 -15.80 40.30 85.48
CA TYR NA 114 -14.75 41.10 86.09
C TYR NA 114 -15.26 41.77 87.35
N TRP NA 115 -14.36 41.90 88.33
CA TRP NA 115 -14.70 42.50 89.61
C TRP NA 115 -13.50 43.30 90.11
N GLY NA 116 -13.80 44.35 90.89
CA GLY NA 116 -12.75 45.13 91.51
C GLY NA 116 -12.45 44.65 92.92
N GLN NA 117 -11.43 45.25 93.52
CA GLN NA 117 -11.10 44.97 94.91
C GLN NA 117 -11.99 45.71 95.88
N GLY NA 118 -12.66 46.77 95.43
CA GLY NA 118 -13.65 47.45 96.24
C GLY NA 118 -13.10 48.63 97.02
N THR NA 119 -14.03 49.40 97.59
CA THR NA 119 -13.70 50.54 98.43
C THR NA 119 -14.71 50.62 99.56
N GLN NA 120 -14.25 51.02 100.74
CA GLN NA 120 -15.08 51.00 101.93
C GLN NA 120 -15.93 52.26 102.03
N VAL NA 121 -17.20 52.08 102.36
CA VAL NA 121 -18.13 53.17 102.60
C VAL NA 121 -18.77 52.97 103.97
N THR NA 122 -18.56 53.93 104.87
CA THR NA 122 -19.09 53.88 106.23
C THR NA 122 -19.94 55.12 106.47
N VAL NA 123 -21.16 54.90 106.95
CA VAL NA 123 -22.13 55.98 107.20
C VAL NA 123 -22.58 55.87 108.64
N SER NA 124 -22.19 56.82 109.48
CA SER NA 124 -22.58 56.86 110.88
C SER NA 124 -23.55 58.01 111.12
N SER NA 125 -23.91 58.20 112.39
CA SER NA 125 -24.83 59.26 112.77
C SER NA 125 -24.08 60.46 113.32
#